data_8XL0
#
_entry.id   8XL0
#
_cell.length_a   1.00
_cell.length_b   1.00
_cell.length_c   1.00
_cell.angle_alpha   90.00
_cell.angle_beta   90.00
_cell.angle_gamma   90.00
#
_symmetry.space_group_name_H-M   'P 1'
#
loop_
_entity.id
_entity.type
_entity.pdbx_description
1 polymer 'Acetyl-CoA carboxylase 1'
2 non-polymer BIOTIN
#
_entity_poly.entity_id   1
_entity_poly.type   'polypeptide(L)'
_entity_poly.pdbx_seq_one_letter_code
;MDEPSPLAQPLELNQHSRFIIGSVSEDNSEDEISNLVKLDLLEEKEGSLSPASVGSDTLSDLGISSLQDGLALHIRSSMS
GLHLVKQGRDRKKIDSQRDFTVASPAEFVTRFGGNKVIEKVLIANNGIAAVKCMRSIRRWSYEMFRNERAIRFVVMVTPE
DLKANAEYIKMADHYVPVPGGPNNNNYANVELILDIAKRIPVQAVWAGWGHASENPKLPELLLKNGIAFMGPPSQAMWAL
GDKIASSIVAQTAGIPTLPWSGSGLRVDWQENDFSKRILNVPQELYEKGYVKDVDDGLQAAEEVGYPVMIKASEGGGGKG
IRKVNNADDFPNLFRQVQAEVPGSPIFVMRLAKQSRHLEVQILADQYGNAISLFGRDCSVQRRHQKIIEEAPATIATPAV
FEHMEQCAVKLAKMVGYVSAGTVEYLYSQDGSFYFLELNPRLQVEHPCTEMVADVNLPAAQLQIAMGIPLYRIKDIRMMY
GVSPWGDSPIDFEDSAHVPCPRGHVIAARITSENPDEGFKPSSGTVQELNFRSNKNVWGYFSVAAAGGLHEFADSQFGHC
FSWGENREEAISNMVVALKELSIRGDFRTTVEYLIKLLETESFQMNRIDTGWLDRLIAEKVQAERPDTMLGVVCGALHVA
DVSLRNSVSNFLHSLERGQVLPAHTLLNTVDVELIYEGVKYVLKVTRQSPNSYVVIMNGSCVEVDVHRLSDGGLLLSYDG
SSYTTYMKEEVDRYRITIGNKTCVFEKENDPSVMRSPSAGKLIQYIVEDGGHVFAGQCYAEIEVMKMVMTLTAVESGCIH
YVKRPGAALDPGCVLAKMQLDNPSKVQQAELHTGSLPRIQSTALRGEKLHRVFHYVLDNLVNVMNGYCLPDPFFSSKVKD
WVERLMKTLRDPSLPLLELQDIMTSVSGRIPPNVEKSIKKEMAQYASNITSVLCQFPSQQIANILDSHAATLNRKSEREV
FFMNTQSIVQLVQRYRSGIRGHMKAVVMDLLRQYLRVETQFQNGHYDKCVFALREENKSDMNTVLNYIFSHAQVTKKNLL
VTMLIDQLCGRDPTLTDELLNILTELTQLSKTTNAKVALRARQVLIASHLPSYELRHNQVESIFLSAIDMYGHQFCIENL
QKLILSETSIFDVLPNFFYHSNQVVRMAALEVYVRRAYIAYELNSVQHRQLKDNTCVVEFQFMLPTSHPNRGNIPTLNRM
SFSSNLNHYGMTHVASVSDVLLDNSFTPPCQRMGGMVSFRTFEDFVRIFDEVMGCFSDSPPQSPTFPEAGHTSLYDEDKV
PRDEPIHILNVAIKTDCDIEDDRLAAMFREFTQQNKATLVDHGIRRLTFLVAQKDFRKQVNYEVDRRFHREFPKFFTFRA
RDKFEEDRIYRHLEPALAFQLELNRMRNFDLTAIPCANHKMHLYLGAAKVEVGTEVTDYRFFVRAIIRHSDLVTKEASFE
YLQNEGERLLLEAMDELEVAFNNTNVRTDCNHIFLNFVPTVIMDPSKIEESVRSMVMRYGSRLWKLRVLQAELKINIRLT
PTGKAIPIRLFLTNESGYYLDISLYKEVTDSRTAQIMFQAYGDKQGPLHGMLINTPYVTKDLLQSKRFQAQSLGTTYIYD
IPEMFRQSLIKLWESMSTQAFLPSPPLPSDMLTYTELVLDDQGQLVHMNRLPGGNEIGMVAWKMTFKSPEYPEGRDIIVI
GNDITYRIGSFGPQEDLLFLRASELARAEGIPRIYVSANSGARIGLAEEIRHMFHVAWVDPEDPYKGYRYLYLTPQDYKR
VSALNSVHCEHVEDEGESRYKITDIIGKEEGIGPENLRGSGMIAGESSLAYNEIITISLVTCRAIGIGAYLVRLGQRTIQ
VENSHLILTGAGALNKVLGREVYTSNNQLGGIQIMHNNGVTHCTVCDDFEGVFTVLHWLSYMPKSVHSSVPLLNSKDPID
RIIEFVPTKTPYDPRWMLAGRPHPTQKGQWLSGFFDYGSFSEIMQPWAQTVVVGRARLGGIPVGVVAVETRTVELSIPAD
PANLDSEAKIIQQAGQVWFPDSAFKTYQAIKDFNREGLPLMVFANWRGFSGGMKDMYDQVLKFGAYIVDGLRECCQPVLV
YIPPQAELRGGSWVVIDSSINPRHMEMYADRESRGSVLEPEGTVEIKFRRKDLVKTMRRVDPVYIHLAERLGTPELSTAE
RKELENKLKEREEFLIPIYHQVAVQFADLHDTPGRMQEKGVISDILDWKTSRTFFYWRLRRLLLEDLVKKKIHNANPELT
DGQIQAMLRRWFVEVEGTVKAYVWDNNKDLAEWLEKQLTEEDGVHSVIEENIKCISRDYVLKQIRSLVQANPEVAMDSII
HMTQHISPTQRAEVIRILSTMDSPST
;
_entity_poly.pdbx_strand_id   A,B,C,D,E,F
#
# COMPACT_ATOMS: atom_id res chain seq x y z
N ARG A 98 20.28 -123.34 73.23
CA ARG A 98 19.34 -122.84 74.20
C ARG A 98 20.01 -121.80 75.07
N ASP A 99 20.76 -120.91 74.41
CA ASP A 99 21.54 -119.87 75.09
C ASP A 99 21.24 -118.50 74.50
N PHE A 100 20.15 -118.36 73.75
CA PHE A 100 19.81 -117.10 73.13
C PHE A 100 19.03 -116.25 74.13
N THR A 101 19.49 -115.03 74.34
CA THR A 101 18.95 -114.13 75.34
C THR A 101 18.71 -112.78 74.67
N VAL A 102 17.53 -112.65 74.05
CA VAL A 102 17.12 -111.41 73.41
C VAL A 102 15.96 -110.85 74.19
N ALA A 103 15.87 -109.52 74.16
CA ALA A 103 14.76 -108.80 74.79
C ALA A 103 14.19 -107.71 73.91
N SER A 104 14.97 -107.25 72.93
CA SER A 104 14.59 -106.17 72.03
C SER A 104 14.86 -106.60 70.60
N PRO A 105 14.15 -106.04 69.63
CA PRO A 105 14.44 -106.40 68.24
C PRO A 105 15.86 -106.10 67.80
N ALA A 106 16.48 -105.08 68.39
CA ALA A 106 17.84 -104.72 68.01
C ALA A 106 18.79 -105.88 68.29
N GLU A 107 18.68 -106.48 69.47
CA GLU A 107 19.55 -107.60 69.81
C GLU A 107 19.31 -108.78 68.91
N PHE A 108 18.03 -109.03 68.57
CA PHE A 108 17.70 -110.13 67.68
C PHE A 108 18.34 -109.94 66.31
N VAL A 109 18.28 -108.73 65.79
CA VAL A 109 18.88 -108.44 64.50
C VAL A 109 20.38 -108.61 64.57
N THR A 110 20.98 -108.16 65.66
CA THR A 110 22.43 -108.30 65.80
C THR A 110 22.81 -109.77 65.80
N ARG A 111 22.10 -110.59 66.56
CA ARG A 111 22.50 -111.97 66.74
C ARG A 111 22.26 -112.78 65.47
N PHE A 112 21.17 -112.53 64.76
CA PHE A 112 20.79 -113.34 63.60
C PHE A 112 21.31 -112.76 62.29
N GLY A 113 22.10 -111.70 62.34
CA GLY A 113 22.77 -111.24 61.14
C GLY A 113 21.93 -110.43 60.19
N GLY A 114 21.06 -109.57 60.71
CA GLY A 114 20.29 -108.67 59.89
C GLY A 114 20.92 -107.28 59.83
N ASN A 115 20.18 -106.36 59.20
CA ASN A 115 20.70 -105.03 58.94
C ASN A 115 19.67 -103.93 59.14
N LYS A 116 18.49 -104.23 59.65
CA LYS A 116 17.45 -103.24 59.84
C LYS A 116 16.59 -103.68 61.01
N VAL A 117 16.45 -102.81 61.99
CA VAL A 117 15.65 -103.07 63.17
C VAL A 117 14.25 -102.52 62.90
N ILE A 118 13.24 -103.33 63.19
CA ILE A 118 11.85 -102.95 63.06
C ILE A 118 11.22 -103.06 64.43
N GLU A 119 10.70 -101.93 64.91
CA GLU A 119 9.96 -101.87 66.17
C GLU A 119 8.51 -101.45 65.99
N LYS A 120 8.19 -100.79 64.89
CA LYS A 120 6.82 -100.43 64.57
C LYS A 120 6.51 -100.77 63.12
N VAL A 121 5.32 -101.33 62.96
CA VAL A 121 4.82 -101.79 61.67
C VAL A 121 3.48 -101.11 61.47
N LEU A 122 3.29 -100.55 60.29
CA LEU A 122 1.99 -100.05 59.88
C LEU A 122 1.30 -101.11 59.05
N ILE A 123 0.03 -101.33 59.33
CA ILE A 123 -0.82 -102.23 58.56
C ILE A 123 -1.69 -101.35 57.69
N ALA A 124 -1.50 -101.46 56.39
CA ALA A 124 -2.29 -100.73 55.40
C ALA A 124 -3.42 -101.61 54.89
N ASN A 125 -4.25 -102.05 55.82
CA ASN A 125 -5.28 -103.01 55.51
C ASN A 125 -6.27 -103.01 56.65
N ASN A 126 -7.28 -103.86 56.53
CA ASN A 126 -8.31 -103.94 57.53
C ASN A 126 -8.91 -105.33 57.52
N GLY A 127 -9.84 -105.54 58.44
CA GLY A 127 -10.51 -106.82 58.54
C GLY A 127 -9.57 -107.95 58.85
N ILE A 128 -9.74 -109.00 58.07
CA ILE A 128 -9.11 -110.28 58.36
C ILE A 128 -7.61 -110.16 58.27
N ALA A 129 -7.15 -109.45 57.25
CA ALA A 129 -5.72 -109.32 57.02
C ALA A 129 -5.03 -108.69 58.22
N ALA A 130 -5.62 -107.62 58.73
CA ALA A 130 -5.06 -106.94 59.89
C ALA A 130 -5.04 -107.87 61.09
N VAL A 131 -6.17 -108.54 61.34
CA VAL A 131 -6.27 -109.46 62.47
C VAL A 131 -5.18 -110.51 62.40
N LYS A 132 -5.05 -111.16 61.24
CA LYS A 132 -4.14 -112.28 61.10
C LYS A 132 -2.70 -111.84 61.26
N CYS A 133 -2.33 -110.72 60.62
CA CYS A 133 -0.97 -110.22 60.74
C CYS A 133 -0.61 -109.99 62.18
N MET A 134 -1.44 -109.22 62.90
CA MET A 134 -1.12 -108.89 64.29
C MET A 134 -0.98 -110.15 65.13
N ARG A 135 -1.91 -111.10 64.94
CA ARG A 135 -1.92 -112.27 65.81
C ARG A 135 -0.69 -113.13 65.61
N SER A 136 -0.37 -113.45 64.35
CA SER A 136 0.75 -114.33 64.08
C SER A 136 2.05 -113.72 64.55
N ILE A 137 2.24 -112.43 64.28
CA ILE A 137 3.52 -111.83 64.64
C ILE A 137 3.63 -111.70 66.14
N ARG A 138 2.53 -111.45 66.85
CA ARG A 138 2.63 -111.35 68.29
C ARG A 138 2.95 -112.69 68.93
N ARG A 139 2.39 -113.77 68.40
CA ARG A 139 2.78 -115.10 68.86
C ARG A 139 4.29 -115.29 68.74
N TRP A 140 4.83 -114.98 67.56
CA TRP A 140 6.26 -115.11 67.34
C TRP A 140 7.05 -114.21 68.29
N SER A 141 6.53 -113.02 68.55
CA SER A 141 7.21 -112.06 69.39
C SER A 141 7.34 -112.57 70.80
N TYR A 142 6.28 -113.19 71.32
CA TYR A 142 6.38 -113.79 72.64
C TYR A 142 7.37 -114.95 72.64
N GLU A 143 7.38 -115.71 71.54
CA GLU A 143 8.29 -116.84 71.47
C GLU A 143 9.74 -116.39 71.60
N MET A 144 10.08 -115.29 70.93
CA MET A 144 11.49 -114.89 70.88
C MET A 144 11.89 -113.94 72.01
N PHE A 145 11.02 -113.00 72.36
CA PHE A 145 11.35 -111.92 73.29
C PHE A 145 10.73 -112.08 74.67
N ARG A 146 9.86 -113.06 74.87
CA ARG A 146 9.10 -113.17 76.11
C ARG A 146 8.30 -111.91 76.37
N ASN A 147 7.82 -111.30 75.29
CA ASN A 147 7.02 -110.09 75.34
C ASN A 147 6.08 -110.15 74.15
N GLU A 148 4.79 -110.36 74.40
CA GLU A 148 3.84 -110.49 73.31
C GLU A 148 3.63 -109.20 72.55
N ARG A 149 4.15 -108.07 73.04
CA ARG A 149 3.92 -106.75 72.47
C ARG A 149 5.26 -106.05 72.23
N ALA A 150 6.22 -106.82 71.75
CA ALA A 150 7.53 -106.28 71.43
C ALA A 150 7.54 -105.53 70.10
N ILE A 151 6.61 -105.86 69.22
CA ILE A 151 6.44 -105.18 67.93
C ILE A 151 5.08 -104.51 67.95
N ARG A 152 5.08 -103.21 67.77
CA ARG A 152 3.87 -102.43 67.85
C ARG A 152 3.27 -102.25 66.47
N PHE A 153 1.95 -102.28 66.42
CA PHE A 153 1.20 -102.27 65.18
C PHE A 153 0.30 -101.05 65.15
N VAL A 154 0.41 -100.30 64.09
CA VAL A 154 -0.42 -99.13 63.83
C VAL A 154 -1.41 -99.51 62.74
N VAL A 155 -2.65 -99.06 62.90
CA VAL A 155 -3.70 -99.33 61.95
C VAL A 155 -4.37 -98.03 61.57
N MET A 156 -4.92 -98.02 60.37
CA MET A 156 -5.71 -96.90 59.88
C MET A 156 -7.18 -97.26 59.96
N VAL A 157 -7.94 -96.39 60.58
CA VAL A 157 -9.33 -96.64 60.93
C VAL A 157 -10.19 -95.65 60.19
N THR A 158 -11.18 -96.14 59.51
CA THR A 158 -12.23 -95.33 58.95
C THR A 158 -13.38 -95.22 59.94
N PRO A 159 -14.23 -94.20 59.81
CA PRO A 159 -15.42 -94.15 60.66
C PRO A 159 -16.36 -95.32 60.45
N GLU A 160 -16.38 -95.89 59.25
CA GLU A 160 -17.25 -97.05 59.01
C GLU A 160 -16.78 -98.25 59.81
N ASP A 161 -15.48 -98.52 59.80
CA ASP A 161 -14.96 -99.64 60.57
C ASP A 161 -15.11 -99.40 62.07
N LEU A 162 -15.02 -98.15 62.51
CA LEU A 162 -15.16 -97.86 63.92
C LEU A 162 -16.61 -98.09 64.36
N LYS A 163 -17.56 -97.59 63.57
CA LYS A 163 -18.96 -97.76 63.94
C LYS A 163 -19.36 -99.23 63.88
N ALA A 164 -18.80 -99.97 62.95
CA ALA A 164 -19.08 -101.39 62.86
C ALA A 164 -18.32 -102.22 63.89
N ASN A 165 -17.49 -101.59 64.72
CA ASN A 165 -16.74 -102.29 65.76
C ASN A 165 -15.87 -103.39 65.16
N ALA A 166 -15.07 -103.02 64.19
CA ALA A 166 -14.17 -103.97 63.54
C ALA A 166 -13.24 -104.58 64.56
N GLU A 167 -12.92 -105.85 64.35
CA GLU A 167 -12.19 -106.62 65.34
C GLU A 167 -10.76 -106.15 65.47
N TYR A 168 -10.17 -105.69 64.39
CA TYR A 168 -8.76 -105.35 64.39
C TYR A 168 -8.46 -104.11 65.20
N ILE A 169 -9.46 -103.25 65.41
CA ILE A 169 -9.27 -102.00 66.11
C ILE A 169 -8.82 -102.25 67.53
N LYS A 170 -9.52 -103.12 68.25
CA LYS A 170 -9.21 -103.43 69.63
C LYS A 170 -7.88 -104.13 69.79
N MET A 171 -7.42 -104.85 68.78
CA MET A 171 -6.15 -105.54 68.84
C MET A 171 -4.96 -104.61 68.64
N ALA A 172 -5.15 -103.53 67.90
CA ALA A 172 -4.05 -102.67 67.54
C ALA A 172 -3.47 -102.00 68.77
N ASP A 173 -2.21 -101.61 68.65
CA ASP A 173 -1.56 -100.82 69.67
C ASP A 173 -1.91 -99.35 69.55
N HIS A 174 -1.86 -98.81 68.33
CA HIS A 174 -2.18 -97.44 68.05
C HIS A 174 -3.09 -97.42 66.84
N TYR A 175 -3.96 -96.43 66.78
CA TYR A 175 -4.79 -96.20 65.61
C TYR A 175 -4.68 -94.75 65.20
N VAL A 176 -4.83 -94.52 63.90
CA VAL A 176 -4.92 -93.18 63.35
C VAL A 176 -6.18 -93.13 62.48
N PRO A 177 -7.03 -92.13 62.62
CA PRO A 177 -8.19 -92.04 61.71
C PRO A 177 -7.78 -91.62 60.32
N VAL A 178 -8.56 -92.05 59.35
CA VAL A 178 -8.36 -91.67 57.95
C VAL A 178 -9.72 -91.43 57.32
N PRO A 179 -9.76 -90.76 56.17
CA PRO A 179 -11.05 -90.54 55.51
C PRO A 179 -11.67 -91.84 55.02
N GLY A 180 -12.98 -91.92 55.18
CA GLY A 180 -13.73 -93.11 54.81
C GLY A 180 -14.14 -93.12 53.36
N GLY A 181 -14.94 -94.12 53.02
CA GLY A 181 -15.47 -94.26 51.69
C GLY A 181 -14.77 -95.37 50.94
N PRO A 182 -14.65 -95.27 49.61
CA PRO A 182 -14.00 -96.33 48.86
C PRO A 182 -12.52 -96.43 49.19
N ASN A 183 -11.90 -97.48 48.66
CA ASN A 183 -10.55 -97.83 49.09
C ASN A 183 -9.53 -96.77 48.72
N ASN A 184 -9.81 -95.96 47.70
CA ASN A 184 -8.83 -95.01 47.21
C ASN A 184 -8.65 -93.81 48.11
N ASN A 185 -9.48 -93.67 49.15
CA ASN A 185 -9.30 -92.62 50.13
C ASN A 185 -8.56 -93.06 51.39
N ASN A 186 -8.51 -94.36 51.66
CA ASN A 186 -8.10 -94.85 52.97
C ASN A 186 -6.93 -95.81 52.94
N TYR A 187 -6.95 -96.76 52.00
CA TYR A 187 -6.03 -97.89 52.00
C TYR A 187 -5.32 -98.11 50.69
N ALA A 188 -5.93 -97.76 49.57
CA ALA A 188 -5.27 -97.84 48.28
C ALA A 188 -4.54 -96.56 47.91
N ASN A 189 -4.54 -95.57 48.79
CA ASN A 189 -3.80 -94.33 48.60
C ASN A 189 -2.39 -94.53 49.13
N VAL A 190 -1.45 -94.76 48.22
CA VAL A 190 -0.07 -95.05 48.60
C VAL A 190 0.59 -93.81 49.22
N GLU A 191 0.26 -92.63 48.71
CA GLU A 191 0.84 -91.41 49.26
C GLU A 191 0.37 -91.18 50.68
N LEU A 192 -0.89 -91.53 50.95
CA LEU A 192 -1.40 -91.43 52.30
C LEU A 192 -0.69 -92.42 53.21
N ILE A 193 -0.41 -93.62 52.70
CA ILE A 193 0.32 -94.62 53.48
C ILE A 193 1.67 -94.07 53.87
N LEU A 194 2.37 -93.46 52.91
CA LEU A 194 3.68 -92.86 53.22
C LEU A 194 3.53 -91.75 54.23
N ASP A 195 2.48 -90.94 54.08
CA ASP A 195 2.27 -89.81 54.98
C ASP A 195 2.10 -90.27 56.41
N ILE A 196 1.33 -91.35 56.60
CA ILE A 196 1.17 -91.90 57.93
C ILE A 196 2.47 -92.52 58.42
N ALA A 197 3.17 -93.23 57.52
CA ALA A 197 4.35 -93.95 57.92
C ALA A 197 5.46 -93.02 58.38
N LYS A 198 5.47 -91.80 57.88
CA LYS A 198 6.46 -90.81 58.30
C LYS A 198 5.95 -89.93 59.42
N ARG A 199 4.65 -89.62 59.42
CA ARG A 199 4.05 -88.89 60.51
C ARG A 199 4.23 -89.63 61.82
N ILE A 200 3.84 -90.90 61.84
CA ILE A 200 4.11 -91.79 62.96
C ILE A 200 5.36 -92.58 62.61
N PRO A 201 6.48 -92.37 63.28
CA PRO A 201 7.70 -93.04 62.82
C PRO A 201 7.62 -94.54 62.98
N VAL A 202 7.42 -95.20 61.86
CA VAL A 202 7.40 -96.65 61.78
C VAL A 202 8.59 -97.06 60.94
N GLN A 203 9.00 -98.31 61.12
CA GLN A 203 10.09 -98.88 60.37
C GLN A 203 9.64 -99.81 59.27
N ALA A 204 8.41 -100.32 59.31
CA ALA A 204 7.96 -101.09 58.15
C ALA A 204 6.48 -100.91 57.89
N VAL A 205 6.07 -101.38 56.71
CA VAL A 205 4.70 -101.36 56.26
C VAL A 205 4.37 -102.74 55.71
N TRP A 206 3.26 -103.30 56.16
CA TRP A 206 2.74 -104.57 55.69
C TRP A 206 1.41 -104.31 55.01
N ALA A 207 1.27 -104.85 53.80
CA ALA A 207 0.09 -104.65 52.99
C ALA A 207 -0.75 -105.91 52.83
N GLY A 208 -0.11 -107.07 52.67
CA GLY A 208 -0.84 -108.30 52.56
C GLY A 208 -1.65 -108.37 51.28
N TRP A 209 -2.86 -108.90 51.41
CA TRP A 209 -3.74 -109.14 50.27
C TRP A 209 -4.87 -108.13 50.21
N GLY A 210 -4.60 -106.90 50.61
CA GLY A 210 -5.65 -105.90 50.61
C GLY A 210 -5.76 -105.21 49.28
N HIS A 211 -5.52 -103.91 49.27
CA HIS A 211 -5.75 -103.07 48.11
C HIS A 211 -4.51 -102.36 47.59
N ALA A 212 -3.45 -102.26 48.38
CA ALA A 212 -2.24 -101.57 47.98
C ALA A 212 -1.14 -102.51 47.51
N SER A 213 -1.25 -103.81 47.78
CA SER A 213 -0.21 -104.76 47.39
C SER A 213 -0.26 -105.12 45.91
N GLU A 214 -1.18 -104.53 45.15
CA GLU A 214 -1.21 -104.66 43.71
C GLU A 214 -0.75 -103.39 43.01
N ASN A 215 -0.26 -102.40 43.77
CA ASN A 215 0.20 -101.12 43.24
C ASN A 215 1.72 -101.11 43.30
N PRO A 216 2.43 -101.22 42.18
CA PRO A 216 3.90 -101.25 42.24
C PRO A 216 4.55 -99.96 42.69
N LYS A 217 3.80 -98.88 42.88
CA LYS A 217 4.41 -97.61 43.24
C LYS A 217 4.70 -97.50 44.73
N LEU A 218 4.05 -98.32 45.56
CA LEU A 218 4.22 -98.18 47.00
C LEU A 218 5.63 -98.54 47.46
N PRO A 219 6.24 -99.66 47.04
CA PRO A 219 7.60 -99.95 47.49
C PRO A 219 8.59 -98.86 47.15
N GLU A 220 8.42 -98.21 46.01
CA GLU A 220 9.31 -97.11 45.64
C GLU A 220 9.20 -95.97 46.63
N LEU A 221 7.96 -95.53 46.88
CA LEU A 221 7.74 -94.43 47.81
C LEU A 221 8.29 -94.75 49.19
N LEU A 222 8.19 -96.01 49.61
CA LEU A 222 8.64 -96.35 50.95
C LEU A 222 10.15 -96.50 51.02
N LEU A 223 10.76 -97.06 49.98
CA LEU A 223 12.20 -97.26 50.02
C LEU A 223 12.94 -95.95 49.89
N LYS A 224 12.37 -94.98 49.16
CA LYS A 224 13.01 -93.68 49.06
C LYS A 224 13.08 -92.95 50.39
N ASN A 225 12.27 -93.34 51.37
CA ASN A 225 12.26 -92.73 52.69
C ASN A 225 12.80 -93.65 53.78
N GLY A 226 13.45 -94.75 53.42
CA GLY A 226 14.07 -95.61 54.41
C GLY A 226 13.10 -96.49 55.15
N ILE A 227 12.00 -96.86 54.52
CA ILE A 227 10.95 -97.66 55.13
C ILE A 227 10.91 -99.00 54.42
N ALA A 228 10.91 -100.07 55.21
CA ALA A 228 10.98 -101.42 54.66
C ALA A 228 9.59 -101.95 54.35
N PHE A 229 9.35 -102.24 53.09
CA PHE A 229 8.10 -102.86 52.66
C PHE A 229 8.22 -104.36 52.76
N MET A 230 7.26 -104.98 53.43
CA MET A 230 7.24 -106.43 53.60
C MET A 230 6.67 -107.07 52.33
N GLY A 231 7.44 -106.96 51.27
CA GLY A 231 7.04 -107.52 50.01
C GLY A 231 8.09 -107.29 48.95
N PRO A 232 7.72 -107.54 47.70
CA PRO A 232 8.70 -107.46 46.63
C PRO A 232 9.11 -106.02 46.38
N PRO A 233 10.26 -105.80 45.76
CA PRO A 233 10.55 -104.47 45.23
C PRO A 233 9.68 -104.20 44.02
N SER A 234 9.64 -102.92 43.64
CA SER A 234 8.76 -102.53 42.55
C SER A 234 9.24 -103.07 41.22
N GLN A 235 10.55 -103.31 41.09
CA GLN A 235 11.07 -103.78 39.81
C GLN A 235 10.52 -105.15 39.47
N ALA A 236 10.41 -106.01 40.47
CA ALA A 236 9.75 -107.29 40.26
C ALA A 236 8.31 -107.09 39.86
N MET A 237 7.56 -106.30 40.65
CA MET A 237 6.14 -106.08 40.36
C MET A 237 5.92 -105.47 38.98
N TRP A 238 6.92 -104.76 38.47
CA TRP A 238 6.86 -104.25 37.11
C TRP A 238 7.11 -105.38 36.12
N ALA A 239 8.25 -106.06 36.27
CA ALA A 239 8.54 -107.24 35.48
C ALA A 239 7.42 -108.27 35.57
N LEU A 240 6.80 -108.37 36.73
CA LEU A 240 5.52 -109.04 36.91
C LEU A 240 4.37 -108.09 36.67
N GLY A 241 4.32 -107.49 35.48
CA GLY A 241 3.37 -106.45 35.22
C GLY A 241 2.03 -107.01 34.86
N ASP A 242 1.58 -106.67 33.65
CA ASP A 242 0.35 -107.19 33.10
C ASP A 242 0.63 -108.60 32.60
N LYS A 243 -0.22 -109.11 31.72
CA LYS A 243 -0.27 -110.53 31.38
C LYS A 243 0.70 -110.91 30.28
N ILE A 244 0.88 -110.04 29.28
CA ILE A 244 1.80 -110.34 28.19
C ILE A 244 3.21 -110.45 28.73
N ALA A 245 3.62 -109.48 29.54
CA ALA A 245 4.97 -109.48 30.09
C ALA A 245 5.19 -110.69 30.98
N SER A 246 4.14 -111.10 31.69
CA SER A 246 4.26 -112.25 32.58
C SER A 246 4.48 -113.53 31.78
N SER A 247 3.65 -113.74 30.76
CA SER A 247 3.80 -114.93 29.93
C SER A 247 5.14 -114.95 29.22
N ILE A 248 5.64 -113.79 28.80
CA ILE A 248 6.95 -113.76 28.16
C ILE A 248 8.04 -114.10 29.15
N VAL A 249 8.05 -113.43 30.30
CA VAL A 249 9.18 -113.54 31.20
C VAL A 249 9.26 -114.95 31.78
N ALA A 250 8.13 -115.64 31.88
CA ALA A 250 8.18 -117.01 32.39
C ALA A 250 9.01 -117.92 31.51
N GLN A 251 9.22 -117.57 30.25
CA GLN A 251 9.86 -118.43 29.26
C GLN A 251 11.35 -118.18 29.12
N THR A 252 11.94 -117.32 29.96
CA THR A 252 13.36 -117.02 29.88
C THR A 252 14.23 -118.02 30.62
N ALA A 253 13.63 -118.82 31.51
CA ALA A 253 14.31 -119.89 32.21
C ALA A 253 13.48 -121.13 31.89
N GLY A 254 13.64 -122.19 32.71
CA GLY A 254 12.93 -123.44 32.50
C GLY A 254 11.48 -123.21 32.15
N ILE A 255 11.17 -123.50 30.89
CA ILE A 255 10.01 -122.91 30.23
C ILE A 255 8.78 -123.68 30.69
N PRO A 256 7.83 -123.06 31.39
CA PRO A 256 6.55 -123.72 31.58
C PRO A 256 5.73 -123.60 30.32
N THR A 257 4.91 -124.61 30.09
CA THR A 257 3.97 -124.55 28.99
C THR A 257 3.02 -123.37 29.19
N LEU A 258 2.60 -122.76 28.09
CA LEU A 258 1.66 -121.66 28.10
C LEU A 258 0.65 -121.84 26.97
N PRO A 259 -0.64 -121.55 27.20
CA PRO A 259 -1.62 -121.75 26.10
C PRO A 259 -1.69 -120.58 25.14
N TRP A 260 -0.59 -120.35 24.42
CA TRP A 260 -0.52 -119.31 23.39
C TRP A 260 -0.91 -117.92 23.89
N SER A 261 -0.11 -117.34 24.78
CA SER A 261 -0.42 -116.03 25.35
C SER A 261 -0.18 -114.97 24.27
N GLY A 262 -1.11 -114.93 23.31
CA GLY A 262 -0.92 -114.18 22.09
C GLY A 262 -0.25 -115.06 21.06
N SER A 263 0.77 -115.78 21.49
CA SER A 263 1.44 -116.81 20.71
C SER A 263 2.33 -117.59 21.67
N GLY A 264 2.99 -118.61 21.13
CA GLY A 264 3.95 -119.39 21.88
C GLY A 264 5.38 -118.93 21.71
N LEU A 265 5.60 -117.73 21.17
CA LEU A 265 6.94 -117.25 20.90
C LEU A 265 7.54 -116.63 22.16
N ARG A 266 8.87 -116.69 22.25
CA ARG A 266 9.58 -116.29 23.46
C ARG A 266 10.77 -115.41 23.09
N VAL A 267 11.62 -115.13 24.08
CA VAL A 267 12.80 -114.30 23.94
C VAL A 267 14.02 -115.15 24.29
N ASP A 268 15.19 -114.52 24.32
CA ASP A 268 16.45 -115.23 24.55
C ASP A 268 16.48 -115.80 25.97
N TRP A 269 17.54 -116.55 26.26
CA TRP A 269 17.68 -117.25 27.53
C TRP A 269 18.36 -116.34 28.55
N GLN A 270 17.75 -116.24 29.72
CA GLN A 270 18.37 -115.60 30.89
C GLN A 270 17.99 -116.51 32.06
N GLU A 271 18.82 -117.53 32.32
CA GLU A 271 18.43 -118.59 33.23
C GLU A 271 18.37 -118.09 34.67
N ASN A 272 19.38 -117.32 35.09
CA ASN A 272 19.49 -116.84 36.46
C ASN A 272 19.94 -115.38 36.54
N ASP A 273 19.79 -114.62 35.45
CA ASP A 273 20.20 -113.22 35.41
C ASP A 273 18.99 -112.32 35.57
N PHE A 274 19.20 -111.22 36.30
CA PHE A 274 18.16 -110.20 36.43
C PHE A 274 18.01 -109.43 35.14
N SER A 275 16.78 -109.09 34.79
CA SER A 275 16.50 -108.33 33.59
C SER A 275 15.19 -107.58 33.74
N LYS A 276 15.12 -106.42 33.08
CA LYS A 276 13.91 -105.63 33.00
C LYS A 276 13.21 -105.87 31.67
N ARG A 277 11.91 -105.56 31.66
CA ARG A 277 11.07 -105.77 30.48
C ARG A 277 11.24 -104.61 29.50
N ILE A 278 12.44 -104.54 28.94
CA ILE A 278 12.74 -103.51 27.94
C ILE A 278 12.05 -103.88 26.64
N LEU A 279 11.39 -102.89 26.02
CA LEU A 279 10.65 -103.11 24.79
C LEU A 279 11.54 -102.93 23.56
N ASN A 280 12.57 -103.76 23.49
CA ASN A 280 13.43 -103.84 22.30
C ASN A 280 13.39 -105.22 21.67
N VAL A 281 13.64 -106.27 22.43
CA VAL A 281 13.50 -107.66 21.98
C VAL A 281 12.04 -108.10 22.09
N PRO A 282 11.41 -108.06 23.27
CA PRO A 282 10.03 -108.57 23.36
C PRO A 282 8.99 -107.71 22.68
N GLN A 283 9.36 -106.52 22.19
CA GLN A 283 8.43 -105.68 21.45
C GLN A 283 7.74 -106.46 20.33
N GLU A 284 8.52 -107.25 19.58
CA GLU A 284 7.96 -108.17 18.59
C GLU A 284 6.84 -109.00 19.18
N LEU A 285 7.12 -109.68 20.31
CA LEU A 285 6.09 -110.44 21.00
C LEU A 285 4.91 -109.56 21.39
N TYR A 286 5.16 -108.34 21.90
CA TYR A 286 4.04 -107.44 22.18
C TYR A 286 3.26 -107.15 20.91
N GLU A 287 3.96 -106.93 19.80
CA GLU A 287 3.28 -106.71 18.54
C GLU A 287 2.45 -107.92 18.14
N LYS A 288 2.92 -109.12 18.50
CA LYS A 288 2.11 -110.31 18.27
C LYS A 288 1.13 -110.54 19.40
N GLY A 289 1.46 -110.07 20.60
CA GLY A 289 0.56 -110.25 21.73
C GLY A 289 -0.64 -109.34 21.64
N TYR A 290 -0.47 -108.17 21.01
CA TYR A 290 -1.54 -107.23 20.80
C TYR A 290 -1.89 -107.13 19.32
N VAL A 291 -3.15 -106.77 19.07
CA VAL A 291 -3.73 -106.76 17.73
C VAL A 291 -4.27 -105.36 17.45
N LYS A 292 -4.27 -104.99 16.17
CA LYS A 292 -4.74 -103.69 15.72
C LYS A 292 -5.89 -103.79 14.74
N ASP A 293 -5.75 -104.62 13.70
CA ASP A 293 -6.74 -104.70 12.64
C ASP A 293 -7.83 -105.71 13.00
N VAL A 294 -8.78 -105.88 12.08
CA VAL A 294 -9.89 -106.81 12.30
C VAL A 294 -9.43 -108.26 12.13
N ASP A 295 -8.46 -108.51 11.24
CA ASP A 295 -8.02 -109.86 10.92
C ASP A 295 -6.71 -110.24 11.60
N ASP A 296 -6.21 -109.42 12.53
CA ASP A 296 -5.01 -109.80 13.27
C ASP A 296 -5.30 -110.95 14.24
N GLY A 297 -6.43 -110.87 14.96
CA GLY A 297 -6.73 -111.89 15.95
C GLY A 297 -6.95 -113.26 15.37
N LEU A 298 -7.45 -113.34 14.13
CA LEU A 298 -7.68 -114.62 13.48
C LEU A 298 -6.41 -115.45 13.39
N GLN A 299 -5.25 -114.81 13.26
CA GLN A 299 -3.98 -115.54 13.19
C GLN A 299 -3.73 -116.35 14.45
N ALA A 300 -4.29 -115.95 15.59
CA ALA A 300 -4.25 -116.79 16.77
C ALA A 300 -5.29 -117.89 16.70
N ALA A 301 -6.50 -117.55 16.25
CA ALA A 301 -7.62 -118.50 16.24
C ALA A 301 -7.28 -119.71 15.38
N GLU A 302 -6.50 -119.52 14.32
CA GLU A 302 -6.16 -120.61 13.43
C GLU A 302 -5.28 -121.66 14.12
N GLU A 303 -4.55 -121.28 15.16
CA GLU A 303 -3.64 -122.19 15.86
C GLU A 303 -4.21 -122.70 17.18
N VAL A 304 -4.90 -121.85 17.94
CA VAL A 304 -5.38 -122.28 19.25
C VAL A 304 -6.62 -123.15 19.13
N GLY A 305 -7.48 -122.89 18.17
CA GLY A 305 -8.72 -123.61 17.99
C GLY A 305 -9.94 -122.79 18.36
N TYR A 306 -11.05 -123.50 18.54
CA TYR A 306 -12.35 -122.87 18.77
C TYR A 306 -12.44 -122.05 20.04
N PRO A 307 -12.05 -122.55 21.22
CA PRO A 307 -12.34 -121.80 22.44
C PRO A 307 -11.40 -120.62 22.61
N VAL A 308 -11.72 -119.50 21.98
CA VAL A 308 -10.85 -118.33 21.94
C VAL A 308 -11.40 -117.30 22.91
N MET A 309 -10.52 -116.70 23.71
CA MET A 309 -10.90 -115.61 24.61
C MET A 309 -10.18 -114.35 24.18
N ILE A 310 -10.95 -113.29 23.92
CA ILE A 310 -10.41 -112.02 23.47
C ILE A 310 -10.69 -111.00 24.56
N LYS A 311 -9.67 -110.26 24.95
CA LYS A 311 -9.80 -109.28 26.02
C LYS A 311 -8.99 -108.04 25.69
N ALA A 312 -9.53 -106.90 26.09
CA ALA A 312 -8.82 -105.64 25.96
C ALA A 312 -7.77 -105.53 27.05
N SER A 313 -6.77 -104.68 26.79
CA SER A 313 -5.73 -104.45 27.78
C SER A 313 -6.27 -103.82 29.05
N GLU A 314 -7.43 -103.17 28.98
CA GLU A 314 -8.14 -102.64 30.13
C GLU A 314 -9.47 -103.34 30.38
N GLY A 315 -9.65 -104.54 29.84
CA GLY A 315 -10.90 -105.25 30.03
C GLY A 315 -11.07 -105.75 31.45
N GLY A 316 -12.31 -105.90 31.84
CA GLY A 316 -12.68 -106.34 33.18
C GLY A 316 -13.90 -105.60 33.66
N GLY A 317 -14.52 -106.16 34.71
CA GLY A 317 -15.72 -105.57 35.26
C GLY A 317 -16.97 -105.81 34.44
N GLY A 318 -17.02 -106.89 33.66
CA GLY A 318 -18.16 -107.19 32.82
C GLY A 318 -18.06 -106.70 31.40
N LYS A 319 -17.09 -105.84 31.08
CA LYS A 319 -16.90 -105.29 29.75
C LYS A 319 -15.50 -105.63 29.25
N GLY A 320 -15.31 -105.51 27.94
CA GLY A 320 -14.02 -105.74 27.34
C GLY A 320 -13.60 -107.20 27.24
N ILE A 321 -14.53 -108.12 27.49
CA ILE A 321 -14.25 -109.56 27.47
C ILE A 321 -15.26 -110.20 26.53
N ARG A 322 -14.77 -110.99 25.57
CA ARG A 322 -15.67 -111.78 24.73
C ARG A 322 -15.11 -113.18 24.55
N LYS A 323 -15.99 -114.17 24.71
CA LYS A 323 -15.68 -115.58 24.57
C LYS A 323 -16.23 -116.08 23.25
N VAL A 324 -15.35 -116.52 22.36
CA VAL A 324 -15.72 -117.03 21.04
C VAL A 324 -15.69 -118.54 21.12
N ASN A 325 -16.83 -119.15 20.81
CA ASN A 325 -16.98 -120.60 20.79
C ASN A 325 -16.92 -121.18 19.38
N ASN A 326 -17.14 -120.35 18.35
CA ASN A 326 -17.14 -120.79 16.97
C ASN A 326 -15.82 -120.41 16.31
N ALA A 327 -15.67 -120.81 15.05
CA ALA A 327 -14.56 -120.38 14.21
C ALA A 327 -14.91 -119.20 13.33
N ASP A 328 -16.12 -119.15 12.79
CA ASP A 328 -16.54 -118.10 11.87
C ASP A 328 -17.16 -116.90 12.55
N ASP A 329 -17.53 -117.01 13.83
CA ASP A 329 -18.07 -115.88 14.58
C ASP A 329 -16.99 -115.09 15.30
N PHE A 330 -15.72 -115.43 15.13
CA PHE A 330 -14.64 -114.67 15.74
C PHE A 330 -14.65 -113.20 15.35
N PRO A 331 -14.79 -112.82 14.07
CA PRO A 331 -14.75 -111.39 13.73
C PRO A 331 -15.78 -110.56 14.46
N ASN A 332 -16.97 -111.11 14.70
CA ASN A 332 -18.02 -110.39 15.39
C ASN A 332 -17.61 -109.99 16.80
N LEU A 333 -17.37 -110.98 17.66
CA LEU A 333 -17.00 -110.68 19.04
C LEU A 333 -15.63 -110.01 19.13
N PHE A 334 -14.75 -110.26 18.16
CA PHE A 334 -13.45 -109.62 18.16
C PHE A 334 -13.58 -108.12 17.95
N ARG A 335 -14.33 -107.73 16.92
CA ARG A 335 -14.60 -106.32 16.70
C ARG A 335 -15.37 -105.72 17.87
N GLN A 336 -16.23 -106.52 18.51
CA GLN A 336 -16.90 -106.04 19.71
C GLN A 336 -15.89 -105.65 20.77
N VAL A 337 -14.92 -106.52 21.06
CA VAL A 337 -13.90 -106.19 22.07
C VAL A 337 -13.13 -104.96 21.65
N GLN A 338 -12.85 -104.82 20.36
CA GLN A 338 -12.16 -103.61 19.89
C GLN A 338 -13.01 -102.36 20.14
N ALA A 339 -14.33 -102.51 20.15
CA ALA A 339 -15.23 -101.41 20.47
C ALA A 339 -15.51 -101.26 21.96
N GLU A 340 -15.22 -102.28 22.77
CA GLU A 340 -15.49 -102.21 24.21
C GLU A 340 -14.59 -101.20 24.87
N VAL A 341 -13.32 -101.15 24.45
CA VAL A 341 -12.35 -100.18 24.95
C VAL A 341 -11.71 -99.53 23.72
N PRO A 342 -12.38 -98.56 23.08
CA PRO A 342 -11.82 -97.97 21.87
C PRO A 342 -10.48 -97.30 22.11
N GLY A 343 -9.57 -97.50 21.16
CA GLY A 343 -8.26 -96.87 21.20
C GLY A 343 -7.21 -97.64 21.95
N SER A 344 -7.58 -98.71 22.72
CA SER A 344 -6.62 -99.47 23.49
C SER A 344 -6.20 -100.72 22.73
N PRO A 345 -4.99 -101.26 22.97
CA PRO A 345 -4.62 -102.51 22.33
C PRO A 345 -5.40 -103.68 22.92
N ILE A 346 -5.70 -104.63 22.06
CA ILE A 346 -6.47 -105.82 22.41
C ILE A 346 -5.53 -107.00 22.31
N PHE A 347 -5.81 -108.06 23.07
CA PHE A 347 -5.03 -109.29 22.96
C PHE A 347 -5.98 -110.48 22.90
N VAL A 348 -5.43 -111.56 22.35
CA VAL A 348 -6.16 -112.79 22.08
C VAL A 348 -5.38 -113.91 22.73
N MET A 349 -6.08 -114.79 23.45
CA MET A 349 -5.44 -115.93 24.07
C MET A 349 -6.37 -117.13 23.99
N ARG A 350 -5.79 -118.31 24.16
CA ARG A 350 -6.56 -119.54 24.17
C ARG A 350 -7.22 -119.71 25.52
N LEU A 351 -8.48 -120.14 25.50
CA LEU A 351 -9.22 -120.31 26.73
C LEU A 351 -8.84 -121.62 27.39
N ALA A 352 -8.90 -121.63 28.71
CA ALA A 352 -8.51 -122.81 29.47
C ALA A 352 -9.54 -123.92 29.32
N LYS A 353 -9.06 -125.15 29.44
CA LYS A 353 -9.95 -126.29 29.57
C LYS A 353 -10.42 -126.42 31.02
N GLN A 354 -11.35 -127.33 31.25
CA GLN A 354 -11.86 -127.59 32.60
C GLN A 354 -10.93 -128.60 33.26
N SER A 355 -10.07 -128.11 34.14
CA SER A 355 -9.08 -128.92 34.82
C SER A 355 -8.81 -128.27 36.18
N ARG A 356 -7.67 -128.60 36.79
CA ARG A 356 -7.41 -128.19 38.16
C ARG A 356 -6.54 -126.94 38.23
N HIS A 357 -6.73 -126.20 39.31
CA HIS A 357 -5.96 -124.98 39.60
C HIS A 357 -5.09 -125.25 40.81
N LEU A 358 -3.78 -125.29 40.59
CA LEU A 358 -2.82 -125.51 41.65
C LEU A 358 -1.99 -124.27 41.88
N GLU A 359 -1.37 -124.23 43.04
CA GLU A 359 -0.57 -123.09 43.45
C GLU A 359 0.67 -123.60 44.16
N VAL A 360 1.75 -122.86 43.99
CA VAL A 360 2.98 -123.06 44.73
C VAL A 360 3.26 -121.81 45.53
N GLN A 361 3.60 -122.01 46.79
CA GLN A 361 3.96 -120.93 47.70
C GLN A 361 5.47 -120.79 47.68
N ILE A 362 5.94 -119.60 47.34
CA ILE A 362 7.36 -119.30 47.23
C ILE A 362 7.70 -118.34 48.34
N LEU A 363 8.87 -118.53 48.94
CA LEU A 363 9.35 -117.65 49.98
C LEU A 363 10.81 -117.33 49.70
N ALA A 364 11.20 -116.08 49.85
CA ALA A 364 12.58 -115.73 49.49
C ALA A 364 13.12 -114.58 50.33
N ASP A 365 14.45 -114.59 50.53
CA ASP A 365 15.12 -113.56 51.29
C ASP A 365 15.74 -112.54 50.35
N GLN A 366 16.36 -111.52 50.94
CA GLN A 366 16.97 -110.42 50.21
C GLN A 366 18.40 -110.72 49.80
N TYR A 367 18.86 -111.96 49.96
CA TYR A 367 20.21 -112.38 49.57
C TYR A 367 20.21 -113.36 48.40
N GLY A 368 19.10 -113.48 47.69
CA GLY A 368 19.06 -114.34 46.52
C GLY A 368 18.65 -115.78 46.77
N ASN A 369 18.33 -116.15 48.01
CA ASN A 369 17.89 -117.50 48.32
C ASN A 369 16.37 -117.56 48.25
N ALA A 370 15.85 -118.41 47.36
CA ALA A 370 14.42 -118.61 47.18
C ALA A 370 14.13 -120.09 47.34
N ILE A 371 13.07 -120.41 48.06
CA ILE A 371 12.67 -121.79 48.27
C ILE A 371 11.18 -121.93 48.03
N SER A 372 10.79 -123.15 47.67
CA SER A 372 9.40 -123.54 47.56
C SER A 372 8.97 -124.15 48.87
N LEU A 373 7.85 -123.67 49.40
CA LEU A 373 7.40 -124.23 50.66
C LEU A 373 6.65 -125.51 50.39
N PHE A 374 5.42 -125.39 49.88
CA PHE A 374 4.58 -126.48 49.42
C PHE A 374 3.48 -125.87 48.56
N GLY A 375 2.62 -126.73 48.04
CA GLY A 375 1.56 -126.30 47.15
C GLY A 375 0.19 -126.22 47.80
N ARG A 376 -0.79 -125.91 46.96
CA ARG A 376 -2.19 -125.87 47.32
C ARG A 376 -3.02 -126.26 46.11
N ASP A 377 -4.17 -126.83 46.38
CA ASP A 377 -5.15 -127.19 45.35
C ASP A 377 -6.39 -126.35 45.63
N CYS A 378 -6.68 -125.43 44.71
CA CYS A 378 -7.68 -124.40 44.90
C CYS A 378 -8.73 -124.44 43.81
N SER A 379 -9.23 -125.64 43.52
CA SER A 379 -10.09 -125.88 42.38
C SER A 379 -11.57 -125.79 42.69
N VAL A 380 -11.94 -125.34 43.88
CA VAL A 380 -13.33 -125.12 44.25
C VAL A 380 -13.59 -123.63 44.12
N GLN A 381 -14.14 -123.24 42.97
CA GLN A 381 -14.34 -121.85 42.63
C GLN A 381 -15.72 -121.60 42.06
N ARG A 382 -16.26 -120.44 42.41
CA ARG A 382 -17.56 -119.98 41.94
C ARG A 382 -17.33 -118.66 41.24
N ARG A 383 -17.57 -118.64 39.92
CA ARG A 383 -17.32 -117.46 39.10
C ARG A 383 -15.89 -116.96 39.30
N HIS A 384 -14.96 -117.90 39.33
CA HIS A 384 -13.54 -117.63 39.51
C HIS A 384 -13.24 -117.01 40.86
N GLN A 385 -14.02 -117.35 41.89
CA GLN A 385 -13.78 -116.92 43.26
C GLN A 385 -13.56 -118.15 44.13
N LYS A 386 -12.45 -118.17 44.87
CA LYS A 386 -12.11 -119.31 45.70
C LYS A 386 -13.09 -119.46 46.85
N ILE A 387 -13.39 -120.72 47.20
CA ILE A 387 -14.35 -121.04 48.25
C ILE A 387 -13.72 -121.98 49.27
N ILE A 388 -13.11 -123.04 48.78
CA ILE A 388 -12.49 -124.08 49.56
C ILE A 388 -11.10 -124.31 48.99
N GLU A 389 -10.11 -124.39 49.87
CA GLU A 389 -8.75 -124.67 49.49
C GLU A 389 -8.25 -125.86 50.28
N GLU A 390 -7.32 -126.60 49.68
CA GLU A 390 -6.74 -127.79 50.30
C GLU A 390 -5.23 -127.77 50.12
N ALA A 391 -4.53 -128.05 51.19
CA ALA A 391 -3.10 -127.81 51.28
C ALA A 391 -2.25 -128.82 50.51
N PRO A 392 -2.20 -130.11 50.87
CA PRO A 392 -1.46 -131.04 50.00
C PRO A 392 -2.07 -131.08 48.61
N ALA A 393 -1.22 -130.89 47.62
CA ALA A 393 -1.63 -130.90 46.22
C ALA A 393 -1.61 -132.36 45.76
N THR A 394 -2.64 -133.09 46.17
CA THR A 394 -2.65 -134.54 46.05
C THR A 394 -2.99 -135.03 44.66
N ILE A 395 -3.44 -134.15 43.77
CA ILE A 395 -3.80 -134.57 42.43
C ILE A 395 -2.56 -134.78 41.59
N ALA A 396 -1.55 -133.94 41.77
CA ALA A 396 -0.34 -134.00 40.98
C ALA A 396 0.58 -135.08 41.52
N THR A 397 1.11 -135.87 40.61
CA THR A 397 2.04 -136.91 40.99
C THR A 397 3.35 -136.26 41.44
N PRO A 398 4.19 -136.99 42.19
CA PRO A 398 5.43 -136.38 42.70
C PRO A 398 6.33 -135.77 41.65
N ALA A 399 6.51 -136.46 40.52
CA ALA A 399 7.44 -136.00 39.50
C ALA A 399 7.00 -134.66 38.94
N VAL A 400 5.77 -134.60 38.42
CA VAL A 400 5.28 -133.39 37.79
C VAL A 400 5.17 -132.25 38.80
N PHE A 401 4.79 -132.57 40.04
CA PHE A 401 4.64 -131.52 41.03
C PHE A 401 5.99 -130.93 41.42
N GLU A 402 7.00 -131.78 41.58
CA GLU A 402 8.33 -131.28 41.85
C GLU A 402 8.82 -130.42 40.70
N HIS A 403 8.49 -130.81 39.47
CA HIS A 403 8.84 -129.98 38.32
C HIS A 403 8.20 -128.60 38.44
N MET A 404 6.93 -128.55 38.82
CA MET A 404 6.24 -127.27 38.95
C MET A 404 6.89 -126.41 40.02
N GLU A 405 7.30 -127.04 41.12
CA GLU A 405 7.99 -126.30 42.17
C GLU A 405 9.30 -125.71 41.65
N GLN A 406 10.05 -126.51 40.89
CA GLN A 406 11.32 -126.03 40.37
C GLN A 406 11.12 -124.84 39.45
N CYS A 407 10.14 -124.92 38.56
CA CYS A 407 9.84 -123.80 37.66
C CYS A 407 9.50 -122.54 38.44
N ALA A 408 8.64 -122.67 39.46
CA ALA A 408 8.25 -121.51 40.25
C ALA A 408 9.46 -120.87 40.90
N VAL A 409 10.36 -121.69 41.44
CA VAL A 409 11.52 -121.15 42.13
C VAL A 409 12.44 -120.46 41.14
N LYS A 410 12.61 -121.04 39.96
CA LYS A 410 13.49 -120.42 38.97
C LYS A 410 12.97 -119.06 38.57
N LEU A 411 11.66 -118.95 38.39
CA LEU A 411 11.07 -117.68 38.06
C LEU A 411 11.34 -116.66 39.16
N ALA A 412 11.11 -117.05 40.41
CA ALA A 412 11.29 -116.11 41.51
C ALA A 412 12.75 -115.67 41.60
N LYS A 413 13.69 -116.57 41.32
CA LYS A 413 15.09 -116.20 41.46
C LYS A 413 15.49 -115.24 40.35
N MET A 414 15.10 -115.54 39.11
CA MET A 414 15.60 -114.73 38.02
C MET A 414 14.97 -113.34 38.02
N VAL A 415 13.72 -113.24 38.47
CA VAL A 415 13.08 -111.94 38.45
C VAL A 415 13.49 -111.08 39.64
N GLY A 416 13.85 -111.69 40.75
CA GLY A 416 14.30 -110.94 41.91
C GLY A 416 13.17 -110.65 42.88
N TYR A 417 12.48 -111.70 43.29
CA TYR A 417 11.33 -111.59 44.17
C TYR A 417 11.78 -111.87 45.59
N VAL A 418 11.29 -111.06 46.52
CA VAL A 418 11.55 -111.27 47.94
C VAL A 418 10.25 -111.38 48.70
N SER A 419 10.40 -111.90 49.89
CA SER A 419 9.49 -112.17 50.99
C SER A 419 8.55 -113.35 50.76
N ALA A 420 7.69 -113.31 49.75
CA ALA A 420 6.67 -114.34 49.66
C ALA A 420 5.71 -114.06 48.52
N GLY A 421 5.24 -115.12 47.87
CA GLY A 421 4.31 -114.94 46.78
C GLY A 421 3.82 -116.28 46.31
N THR A 422 2.95 -116.24 45.32
CA THR A 422 2.34 -117.46 44.82
C THR A 422 2.47 -117.56 43.32
N VAL A 423 2.68 -118.77 42.84
CA VAL A 423 2.71 -119.08 41.41
C VAL A 423 1.56 -120.02 41.12
N GLU A 424 0.71 -119.63 40.17
CA GLU A 424 -0.43 -120.43 39.79
C GLU A 424 -0.11 -121.28 38.58
N TYR A 425 -0.66 -122.48 38.56
CA TYR A 425 -0.55 -123.39 37.45
C TYR A 425 -1.91 -123.99 37.16
N LEU A 426 -2.13 -124.31 35.90
CA LEU A 426 -3.30 -125.03 35.45
C LEU A 426 -2.88 -126.46 35.14
N TYR A 427 -3.40 -127.39 35.91
CA TYR A 427 -3.00 -128.79 35.86
C TYR A 427 -4.04 -129.56 35.09
N SER A 428 -3.61 -130.14 33.97
CA SER A 428 -4.47 -130.96 33.15
C SER A 428 -4.41 -132.40 33.62
N GLN A 429 -5.48 -133.12 33.33
CA GLN A 429 -5.67 -134.46 33.89
C GLN A 429 -4.64 -135.46 33.40
N ASP A 430 -3.97 -135.17 32.29
CA ASP A 430 -2.98 -136.08 31.73
C ASP A 430 -1.57 -135.81 32.22
N GLY A 431 -1.41 -135.02 33.29
CA GLY A 431 -0.11 -134.75 33.84
C GLY A 431 0.67 -133.66 33.12
N SER A 432 -0.02 -132.62 32.66
CA SER A 432 0.61 -131.52 31.94
C SER A 432 0.12 -130.22 32.55
N PHE A 433 1.07 -129.37 32.97
CA PHE A 433 0.75 -128.11 33.61
C PHE A 433 1.02 -126.93 32.68
N TYR A 434 0.32 -125.83 32.95
CA TYR A 434 0.45 -124.58 32.21
C TYR A 434 0.63 -123.45 33.20
N PHE A 435 1.49 -122.50 32.84
CA PHE A 435 1.66 -121.31 33.65
C PHE A 435 0.44 -120.41 33.52
N LEU A 436 0.03 -119.82 34.64
CA LEU A 436 -1.06 -118.85 34.67
C LEU A 436 -0.59 -117.46 35.09
N GLU A 437 -0.01 -117.33 36.28
CA GLU A 437 0.39 -116.00 36.74
C GLU A 437 1.08 -116.12 38.09
N LEU A 438 1.89 -115.09 38.38
CA LEU A 438 2.52 -114.91 39.68
C LEU A 438 1.78 -113.80 40.42
N ASN A 439 1.38 -114.10 41.64
CA ASN A 439 0.75 -113.13 42.53
C ASN A 439 1.80 -112.62 43.48
N PRO A 440 2.17 -111.33 43.42
CA PRO A 440 3.29 -110.82 44.24
C PRO A 440 2.85 -110.34 45.62
N ARG A 441 2.29 -111.26 46.40
CA ARG A 441 1.88 -110.92 47.76
C ARG A 441 1.37 -112.17 48.44
N LEU A 442 1.35 -112.10 49.76
CA LEU A 442 0.81 -113.17 50.58
C LEU A 442 -0.68 -113.30 50.38
N GLN A 443 -1.15 -114.53 50.24
CA GLN A 443 -2.55 -114.80 49.99
C GLN A 443 -3.29 -115.04 51.30
N VAL A 444 -4.61 -114.88 51.23
CA VAL A 444 -5.45 -115.07 52.40
C VAL A 444 -5.46 -116.53 52.84
N GLU A 445 -5.34 -117.45 51.90
CA GLU A 445 -5.35 -118.87 52.17
C GLU A 445 -3.97 -119.41 52.52
N HIS A 446 -3.03 -118.54 52.87
CA HIS A 446 -1.69 -118.99 53.25
C HIS A 446 -1.62 -119.87 54.48
N PRO A 447 -2.55 -119.86 55.45
CA PRO A 447 -2.42 -120.79 56.58
C PRO A 447 -2.41 -122.25 56.17
N CYS A 448 -3.01 -122.57 55.02
CA CYS A 448 -3.03 -123.93 54.53
C CYS A 448 -1.63 -124.53 54.50
N THR A 449 -0.65 -123.77 54.02
CA THR A 449 0.72 -124.24 53.96
C THR A 449 1.48 -124.02 55.25
N GLU A 450 0.97 -123.17 56.12
CA GLU A 450 1.56 -123.06 57.45
C GLU A 450 1.30 -124.34 58.23
N MET A 451 0.05 -124.76 58.27
CA MET A 451 -0.37 -125.83 59.15
C MET A 451 0.30 -127.15 58.82
N VAL A 452 0.71 -127.35 57.56
CA VAL A 452 1.37 -128.58 57.13
C VAL A 452 2.87 -128.44 57.03
N ALA A 453 3.42 -127.24 57.22
CA ALA A 453 4.85 -127.03 57.21
C ALA A 453 5.42 -126.61 58.54
N ASP A 454 4.58 -126.29 59.52
CA ASP A 454 5.01 -125.79 60.81
C ASP A 454 5.89 -124.56 60.64
N VAL A 455 5.38 -123.60 59.88
CA VAL A 455 6.03 -122.32 59.66
C VAL A 455 5.05 -121.21 60.04
N ASN A 456 5.57 -119.99 60.01
CA ASN A 456 4.79 -118.79 60.24
C ASN A 456 5.23 -117.83 59.15
N LEU A 457 4.34 -117.57 58.20
CA LEU A 457 4.71 -116.77 57.04
C LEU A 457 4.78 -115.28 57.33
N PRO A 458 3.82 -114.64 57.99
CA PRO A 458 3.97 -113.20 58.24
C PRO A 458 5.15 -112.87 59.14
N ALA A 459 5.43 -113.71 60.12
CA ALA A 459 6.63 -113.54 60.92
C ALA A 459 7.87 -113.72 60.06
N ALA A 460 7.83 -114.64 59.11
CA ALA A 460 8.94 -114.83 58.21
C ALA A 460 9.15 -113.58 57.36
N GLN A 461 8.04 -112.92 57.00
CA GLN A 461 8.14 -111.68 56.25
C GLN A 461 8.80 -110.61 57.08
N LEU A 462 8.45 -110.54 58.36
CA LEU A 462 9.07 -109.56 59.24
C LEU A 462 10.58 -109.81 59.34
N GLN A 463 10.96 -111.07 59.52
CA GLN A 463 12.38 -111.38 59.65
C GLN A 463 13.13 -111.15 58.36
N ILE A 464 12.48 -111.35 57.21
CA ILE A 464 13.11 -111.05 55.94
C ILE A 464 13.30 -109.56 55.80
N ALA A 465 12.29 -108.78 56.17
CA ALA A 465 12.38 -107.33 56.07
C ALA A 465 13.51 -106.78 56.90
N MET A 466 13.84 -107.43 58.02
CA MET A 466 14.99 -107.04 58.81
C MET A 466 16.31 -107.49 58.19
N GLY A 467 16.28 -108.14 57.03
CA GLY A 467 17.49 -108.52 56.35
C GLY A 467 18.13 -109.79 56.87
N ILE A 468 17.33 -110.73 57.34
CA ILE A 468 17.82 -111.99 57.89
C ILE A 468 17.74 -113.04 56.78
N PRO A 469 18.81 -113.76 56.48
CA PRO A 469 18.72 -114.77 55.43
C PRO A 469 17.94 -115.99 55.90
N LEU A 470 17.60 -116.83 54.92
CA LEU A 470 16.70 -117.95 55.19
C LEU A 470 17.32 -118.98 56.11
N TYR A 471 18.63 -119.14 56.06
CA TYR A 471 19.29 -120.18 56.84
C TYR A 471 19.50 -119.81 58.29
N ARG A 472 18.93 -118.68 58.73
CA ARG A 472 18.96 -118.30 60.14
C ARG A 472 17.58 -118.23 60.75
N ILE A 473 16.52 -118.29 59.96
CA ILE A 473 15.17 -118.28 60.50
C ILE A 473 14.88 -119.68 61.05
N LYS A 474 14.33 -119.71 62.26
CA LYS A 474 14.20 -120.94 63.03
C LYS A 474 13.40 -122.00 62.29
N ASP A 475 12.17 -121.67 61.89
CA ASP A 475 11.27 -122.67 61.36
C ASP A 475 11.78 -123.27 60.06
N ILE A 476 12.40 -122.45 59.22
CA ILE A 476 13.01 -122.96 57.99
C ILE A 476 14.10 -123.95 58.34
N ARG A 477 14.91 -123.62 59.34
CA ARG A 477 16.01 -124.50 59.73
C ARG A 477 15.48 -125.84 60.21
N MET A 478 14.38 -125.81 60.96
CA MET A 478 13.79 -127.08 61.38
C MET A 478 13.23 -127.84 60.20
N MET A 479 12.68 -127.12 59.23
CA MET A 479 12.04 -127.77 58.10
C MET A 479 13.03 -128.58 57.29
N TYR A 480 14.30 -128.14 57.23
CA TYR A 480 15.35 -128.84 56.50
C TYR A 480 16.21 -129.70 57.41
N GLY A 481 15.74 -129.99 58.63
CA GLY A 481 16.42 -130.96 59.45
C GLY A 481 17.69 -130.46 60.08
N VAL A 482 17.76 -129.17 60.37
CA VAL A 482 18.94 -128.55 60.96
C VAL A 482 18.53 -128.01 62.32
N SER A 483 19.48 -127.99 63.24
CA SER A 483 19.23 -127.46 64.56
C SER A 483 18.78 -126.01 64.46
N PRO A 484 17.70 -125.61 65.14
CA PRO A 484 17.29 -124.20 65.07
C PRO A 484 18.31 -123.24 65.61
N TRP A 485 18.95 -123.58 66.72
CA TRP A 485 19.86 -122.67 67.40
C TRP A 485 21.26 -122.93 66.86
N GLY A 486 21.55 -122.24 65.78
CA GLY A 486 22.82 -122.34 65.10
C GLY A 486 22.88 -121.29 64.02
N ASP A 487 23.97 -121.32 63.25
CA ASP A 487 24.13 -120.40 62.14
C ASP A 487 24.67 -121.07 60.88
N SER A 488 24.65 -122.40 60.81
CA SER A 488 25.23 -123.08 59.67
C SER A 488 24.37 -122.83 58.43
N PRO A 489 24.98 -122.69 57.25
CA PRO A 489 24.17 -122.49 56.05
C PRO A 489 23.47 -123.77 55.63
N ILE A 490 22.41 -123.59 54.88
CA ILE A 490 21.62 -124.68 54.32
C ILE A 490 21.84 -124.68 52.81
N ASP A 491 22.15 -125.85 52.27
CA ASP A 491 22.22 -126.05 50.83
C ASP A 491 20.83 -126.40 50.35
N PHE A 492 20.06 -125.38 49.97
CA PHE A 492 18.65 -125.58 49.69
C PHE A 492 18.43 -126.48 48.48
N GLU A 493 19.38 -126.52 47.55
CA GLU A 493 19.21 -127.36 46.37
C GLU A 493 19.51 -128.81 46.69
N ASP A 494 20.49 -129.07 47.56
CA ASP A 494 20.88 -130.44 47.86
C ASP A 494 19.92 -131.10 48.84
N SER A 495 19.25 -130.32 49.68
CA SER A 495 18.35 -130.85 50.71
C SER A 495 16.90 -130.53 50.41
N ALA A 496 16.56 -130.29 49.14
CA ALA A 496 15.19 -129.94 48.76
C ALA A 496 14.22 -131.10 48.92
N HIS A 497 14.71 -132.32 49.10
CA HIS A 497 13.86 -133.49 49.32
C HIS A 497 13.52 -133.70 50.80
N VAL A 498 14.15 -132.97 51.70
CA VAL A 498 13.92 -133.10 53.14
C VAL A 498 12.53 -132.62 53.54
N PRO A 499 12.05 -131.45 53.08
CA PRO A 499 10.72 -131.01 53.52
C PRO A 499 9.65 -132.01 53.11
N CYS A 500 8.66 -132.15 53.98
CA CYS A 500 7.60 -133.08 53.76
C CYS A 500 6.35 -132.58 54.45
N PRO A 501 5.19 -132.56 53.79
CA PRO A 501 3.99 -132.09 54.47
C PRO A 501 3.58 -133.04 55.57
N ARG A 502 2.95 -132.47 56.58
CA ARG A 502 2.44 -133.21 57.73
C ARG A 502 0.93 -133.08 57.70
N GLY A 503 0.28 -134.11 57.23
CA GLY A 503 -1.14 -134.17 57.26
C GLY A 503 -1.77 -133.52 56.06
N HIS A 504 -3.03 -133.13 56.25
CA HIS A 504 -3.84 -132.57 55.19
C HIS A 504 -4.80 -131.58 55.81
N VAL A 505 -4.96 -130.44 55.15
CA VAL A 505 -5.70 -129.32 55.70
C VAL A 505 -6.76 -128.92 54.71
N ILE A 506 -7.93 -128.58 55.24
CA ILE A 506 -9.01 -127.99 54.45
C ILE A 506 -9.32 -126.63 55.05
N ALA A 507 -9.40 -125.63 54.18
CA ALA A 507 -9.72 -124.28 54.55
C ALA A 507 -10.99 -123.89 53.84
N ALA A 508 -12.01 -123.55 54.61
CA ALA A 508 -13.31 -123.16 54.09
C ALA A 508 -13.52 -121.71 54.47
N ARG A 509 -13.85 -120.88 53.49
CA ARG A 509 -14.09 -119.48 53.77
C ARG A 509 -15.57 -119.19 53.90
N ILE A 510 -15.91 -118.40 54.89
CA ILE A 510 -17.28 -118.01 55.15
C ILE A 510 -17.50 -116.64 54.54
N THR A 511 -18.37 -116.58 53.57
CA THR A 511 -18.70 -115.36 52.86
C THR A 511 -20.01 -114.80 53.37
N SER A 512 -20.30 -113.58 52.94
CA SER A 512 -21.52 -112.88 53.29
C SER A 512 -22.55 -112.87 52.16
N GLU A 513 -22.39 -113.71 51.15
CA GLU A 513 -23.34 -113.72 50.05
C GLU A 513 -24.62 -114.44 50.48
N ASN A 514 -25.59 -114.44 49.57
CA ASN A 514 -26.91 -115.03 49.80
C ASN A 514 -27.12 -116.08 48.71
N PRO A 515 -26.96 -117.38 49.03
CA PRO A 515 -27.24 -118.40 48.01
C PRO A 515 -28.66 -118.38 47.50
N ASP A 516 -29.60 -117.87 48.28
CA ASP A 516 -30.97 -117.71 47.80
C ASP A 516 -31.00 -116.55 46.82
N GLU A 517 -31.53 -116.79 45.63
CA GLU A 517 -31.58 -115.79 44.57
C GLU A 517 -30.16 -115.32 44.21
N GLY A 518 -29.34 -116.27 43.78
CA GLY A 518 -28.01 -115.96 43.32
C GLY A 518 -27.00 -115.94 44.44
N PHE A 519 -26.10 -114.95 44.41
CA PHE A 519 -25.11 -114.78 45.45
C PHE A 519 -24.91 -113.30 45.74
N LYS A 520 -26.02 -112.57 45.87
CA LYS A 520 -25.92 -111.14 46.09
C LYS A 520 -25.27 -110.87 47.44
N PRO A 521 -24.22 -110.05 47.52
CA PRO A 521 -23.65 -109.72 48.83
C PRO A 521 -24.67 -109.01 49.72
N SER A 522 -24.71 -109.43 50.97
CA SER A 522 -25.60 -108.86 51.97
C SER A 522 -24.78 -108.23 53.08
N SER A 523 -25.46 -107.48 53.94
CA SER A 523 -24.78 -106.78 55.00
C SER A 523 -25.77 -106.45 56.10
N GLY A 524 -25.24 -106.14 57.26
CA GLY A 524 -26.04 -105.81 58.41
C GLY A 524 -25.30 -106.12 59.69
N THR A 525 -26.07 -106.18 60.77
CA THR A 525 -25.55 -106.36 62.11
C THR A 525 -25.44 -107.83 62.48
N VAL A 526 -24.50 -108.13 63.38
CA VAL A 526 -24.33 -109.44 63.98
C VAL A 526 -25.07 -109.48 65.29
N GLN A 527 -25.77 -110.59 65.53
CA GLN A 527 -26.44 -110.86 66.79
C GLN A 527 -25.73 -111.94 67.59
N GLU A 528 -25.13 -112.90 66.91
CA GLU A 528 -24.37 -113.95 67.58
C GLU A 528 -23.32 -114.49 66.63
N LEU A 529 -22.13 -114.70 67.17
CA LEU A 529 -21.02 -115.35 66.46
C LEU A 529 -20.33 -116.29 67.43
N ASN A 530 -20.63 -117.57 67.31
CA ASN A 530 -20.06 -118.59 68.18
C ASN A 530 -19.50 -119.68 67.29
N PHE A 531 -18.18 -119.75 67.22
CA PHE A 531 -17.47 -120.83 66.54
C PHE A 531 -16.93 -121.76 67.60
N ARG A 532 -17.46 -122.98 67.64
CA ARG A 532 -17.05 -123.96 68.62
C ARG A 532 -15.83 -124.68 68.07
N SER A 533 -14.67 -124.32 68.57
CA SER A 533 -13.47 -124.97 68.12
C SER A 533 -13.30 -126.30 68.84
N ASN A 534 -12.37 -127.08 68.34
CA ASN A 534 -12.16 -128.43 68.80
C ASN A 534 -10.75 -128.81 68.41
N LYS A 535 -10.39 -130.03 68.75
CA LYS A 535 -9.11 -130.57 68.35
C LYS A 535 -8.97 -130.54 66.85
N ASN A 536 -7.87 -129.98 66.37
CA ASN A 536 -7.51 -129.91 64.96
C ASN A 536 -8.42 -129.00 64.15
N VAL A 537 -9.24 -128.17 64.78
CA VAL A 537 -10.11 -127.24 64.07
C VAL A 537 -9.99 -125.88 64.72
N TRP A 538 -9.87 -124.85 63.90
CA TRP A 538 -9.83 -123.50 64.41
C TRP A 538 -10.38 -122.56 63.36
N GLY A 539 -10.47 -121.30 63.71
CA GLY A 539 -10.92 -120.32 62.76
C GLY A 539 -11.02 -118.97 63.42
N TYR A 540 -11.19 -117.97 62.58
CA TYR A 540 -11.18 -116.61 63.07
C TYR A 540 -11.94 -115.70 62.12
N PHE A 541 -12.44 -114.63 62.69
CA PHE A 541 -13.38 -113.74 62.07
C PHE A 541 -12.94 -112.31 62.29
N SER A 542 -13.39 -111.44 61.40
CA SER A 542 -13.07 -110.04 61.46
C SER A 542 -14.11 -109.22 62.21
N VAL A 543 -15.13 -109.86 62.75
CA VAL A 543 -16.21 -109.17 63.44
C VAL A 543 -16.60 -110.02 64.62
N ALA A 544 -17.06 -109.36 65.68
CA ALA A 544 -17.49 -110.00 66.90
C ALA A 544 -19.01 -110.00 66.96
N ALA A 545 -19.54 -110.58 68.05
CA ALA A 545 -20.99 -110.67 68.22
C ALA A 545 -21.64 -109.30 68.21
N ALA A 546 -21.00 -108.33 68.82
CA ALA A 546 -21.38 -106.94 68.69
C ALA A 546 -20.54 -106.36 67.57
N GLY A 547 -21.19 -105.66 66.66
CA GLY A 547 -20.56 -105.19 65.45
C GLY A 547 -21.28 -105.73 64.23
N GLY A 548 -20.81 -105.27 63.08
CA GLY A 548 -21.49 -105.63 61.87
C GLY A 548 -20.63 -105.49 60.65
N LEU A 549 -21.28 -105.65 59.52
CA LEU A 549 -20.67 -105.52 58.20
C LEU A 549 -21.35 -104.37 57.48
N HIS A 550 -20.55 -103.43 57.02
CA HIS A 550 -21.05 -102.22 56.38
C HIS A 550 -20.83 -102.32 54.88
N GLU A 551 -21.18 -101.24 54.17
CA GLU A 551 -21.27 -101.29 52.72
C GLU A 551 -19.90 -101.54 52.09
N PHE A 552 -18.88 -100.84 52.57
CA PHE A 552 -17.54 -100.97 52.03
C PHE A 552 -16.77 -102.13 52.65
N ALA A 553 -17.40 -102.93 53.49
CA ALA A 553 -16.74 -104.03 54.16
C ALA A 553 -16.91 -105.25 53.28
N ASP A 554 -15.80 -105.79 52.79
CA ASP A 554 -15.84 -106.83 51.79
C ASP A 554 -16.49 -108.08 52.38
N SER A 555 -16.80 -109.02 51.50
CA SER A 555 -17.18 -110.36 51.89
C SER A 555 -15.99 -111.04 52.54
N GLN A 556 -16.14 -112.31 52.85
CA GLN A 556 -15.09 -113.07 53.49
C GLN A 556 -14.74 -112.47 54.85
N PHE A 557 -15.69 -112.64 55.75
CA PHE A 557 -15.59 -112.18 57.13
C PHE A 557 -15.10 -113.25 58.09
N GLY A 558 -14.65 -114.40 57.61
CA GLY A 558 -14.04 -115.35 58.48
C GLY A 558 -13.61 -116.59 57.75
N HIS A 559 -12.72 -117.33 58.40
CA HIS A 559 -12.11 -118.50 57.81
C HIS A 559 -12.05 -119.62 58.84
N CYS A 560 -12.43 -120.83 58.42
CA CYS A 560 -12.32 -122.02 59.23
C CYS A 560 -11.28 -122.95 58.62
N PHE A 561 -10.52 -123.62 59.47
CA PHE A 561 -9.49 -124.54 59.06
C PHE A 561 -9.60 -125.83 59.85
N SER A 562 -9.36 -126.95 59.17
CA SER A 562 -9.37 -128.26 59.79
C SER A 562 -8.19 -129.09 59.30
N TRP A 563 -7.52 -129.73 60.25
CA TRP A 563 -6.40 -130.62 59.98
C TRP A 563 -6.81 -132.07 60.18
N GLY A 564 -6.17 -132.96 59.42
CA GLY A 564 -6.33 -134.38 59.59
C GLY A 564 -5.09 -135.07 59.10
N GLU A 565 -5.02 -136.38 59.33
CA GLU A 565 -3.91 -137.16 58.82
C GLU A 565 -3.99 -137.34 57.32
N ASN A 566 -5.22 -137.40 56.80
CA ASN A 566 -5.43 -137.63 55.38
C ASN A 566 -6.63 -136.79 54.96
N ARG A 567 -7.03 -136.97 53.70
CA ARG A 567 -8.14 -136.19 53.15
C ARG A 567 -9.44 -136.44 53.91
N GLU A 568 -9.76 -137.70 54.17
CA GLU A 568 -11.08 -138.05 54.70
C GLU A 568 -11.27 -137.49 56.10
N GLU A 569 -10.25 -137.60 56.94
CA GLU A 569 -10.35 -137.09 58.30
C GLU A 569 -10.55 -135.59 58.30
N ALA A 570 -9.83 -134.89 57.43
CA ALA A 570 -9.94 -133.45 57.34
C ALA A 570 -11.35 -133.04 56.94
N ILE A 571 -11.90 -133.73 55.93
CA ILE A 571 -13.27 -133.48 55.53
C ILE A 571 -14.21 -133.66 56.71
N SER A 572 -14.06 -134.77 57.44
CA SER A 572 -14.99 -135.07 58.52
C SER A 572 -14.96 -133.98 59.58
N ASN A 573 -13.75 -133.55 59.96
CA ASN A 573 -13.61 -132.48 60.94
C ASN A 573 -14.29 -131.21 60.47
N MET A 574 -14.03 -130.82 59.22
CA MET A 574 -14.62 -129.60 58.68
C MET A 574 -16.13 -129.67 58.69
N VAL A 575 -16.69 -130.79 58.26
CA VAL A 575 -18.15 -130.91 58.13
C VAL A 575 -18.80 -130.77 59.49
N VAL A 576 -18.28 -131.49 60.48
CA VAL A 576 -18.87 -131.45 61.81
C VAL A 576 -18.79 -130.05 62.37
N ALA A 577 -17.60 -129.44 62.29
CA ALA A 577 -17.39 -128.11 62.83
C ALA A 577 -18.34 -127.11 62.20
N LEU A 578 -18.51 -127.17 60.90
CA LEU A 578 -19.44 -126.26 60.24
C LEU A 578 -20.86 -126.49 60.69
N LYS A 579 -21.26 -127.75 60.87
CA LYS A 579 -22.60 -127.98 61.36
C LYS A 579 -22.82 -127.51 62.77
N GLU A 580 -21.76 -127.29 63.55
CA GLU A 580 -21.92 -126.90 64.93
C GLU A 580 -21.85 -125.39 65.19
N LEU A 581 -21.43 -124.59 64.23
CA LEU A 581 -21.29 -123.17 64.48
C LEU A 581 -22.62 -122.47 64.35
N SER A 582 -22.71 -121.29 64.95
CA SER A 582 -23.92 -120.48 64.94
C SER A 582 -23.56 -119.06 64.54
N ILE A 583 -24.10 -118.62 63.42
CA ILE A 583 -23.99 -117.24 62.97
C ILE A 583 -25.40 -116.74 62.74
N ARG A 584 -25.75 -115.68 63.44
CA ARG A 584 -27.07 -115.08 63.34
C ARG A 584 -26.93 -113.58 63.19
N GLY A 585 -27.64 -113.01 62.24
CA GLY A 585 -27.68 -111.58 62.09
C GLY A 585 -28.68 -111.15 61.05
N ASP A 586 -28.55 -109.91 60.60
CA ASP A 586 -29.43 -109.41 59.56
C ASP A 586 -29.03 -109.92 58.18
N PHE A 587 -27.74 -110.12 57.95
CA PHE A 587 -27.22 -110.61 56.69
C PHE A 587 -27.41 -112.13 56.63
N ARG A 588 -26.97 -112.74 55.52
CA ARG A 588 -27.44 -114.08 55.20
C ARG A 588 -26.48 -115.22 55.53
N THR A 589 -25.17 -115.06 55.35
CA THR A 589 -24.22 -116.10 55.78
C THR A 589 -24.26 -117.44 55.06
N THR A 590 -23.52 -117.55 53.96
CA THR A 590 -23.26 -118.80 53.26
C THR A 590 -22.39 -119.76 54.10
N VAL A 591 -23.05 -120.67 54.82
CA VAL A 591 -22.40 -121.82 55.45
C VAL A 591 -23.00 -123.14 55.01
N GLU A 592 -24.33 -123.20 54.97
CA GLU A 592 -25.02 -124.46 54.68
C GLU A 592 -24.66 -124.98 53.29
N TYR A 593 -24.43 -124.07 52.36
CA TYR A 593 -24.04 -124.46 51.02
C TYR A 593 -22.68 -125.15 51.04
N LEU A 594 -21.75 -124.63 51.84
CA LEU A 594 -20.44 -125.26 51.97
C LEU A 594 -20.57 -126.68 52.50
N ILE A 595 -21.48 -126.88 53.46
CA ILE A 595 -21.71 -128.21 54.00
C ILE A 595 -22.21 -129.13 52.91
N LYS A 596 -23.17 -128.67 52.13
CA LYS A 596 -23.72 -129.49 51.07
C LYS A 596 -22.65 -129.86 50.07
N LEU A 597 -21.73 -128.95 49.81
CA LEU A 597 -20.65 -129.24 48.86
C LEU A 597 -19.70 -130.28 49.42
N LEU A 598 -19.38 -130.17 50.69
CA LEU A 598 -18.42 -131.11 51.28
C LEU A 598 -19.00 -132.50 51.40
N GLU A 599 -20.32 -132.63 51.50
CA GLU A 599 -20.98 -133.93 51.55
C GLU A 599 -21.28 -134.49 50.18
N THR A 600 -20.93 -133.79 49.11
CA THR A 600 -21.17 -134.27 47.77
C THR A 600 -20.07 -135.24 47.40
N GLU A 601 -20.47 -136.37 46.80
CA GLU A 601 -19.51 -137.43 46.52
C GLU A 601 -18.44 -137.00 45.53
N SER A 602 -18.77 -136.10 44.60
CA SER A 602 -17.79 -135.65 43.62
C SER A 602 -16.64 -134.95 44.30
N PHE A 603 -16.92 -134.15 45.31
CA PHE A 603 -15.86 -133.53 46.08
C PHE A 603 -15.03 -134.59 46.79
N GLN A 604 -15.70 -135.46 47.56
CA GLN A 604 -15.01 -136.40 48.40
C GLN A 604 -14.14 -137.35 47.60
N MET A 605 -14.59 -137.73 46.41
CA MET A 605 -13.77 -138.52 45.52
C MET A 605 -12.78 -137.68 44.73
N ASN A 606 -12.79 -136.37 44.92
CA ASN A 606 -11.80 -135.48 44.33
C ASN A 606 -11.90 -135.46 42.81
N ARG A 607 -13.14 -135.61 42.32
CA ARG A 607 -13.47 -135.51 40.91
C ARG A 607 -14.11 -134.17 40.57
N ILE A 608 -13.34 -133.09 40.66
CA ILE A 608 -13.86 -131.75 40.48
C ILE A 608 -12.94 -130.97 39.56
N ASP A 609 -13.47 -129.86 39.05
CA ASP A 609 -12.68 -128.95 38.24
C ASP A 609 -13.18 -127.54 38.48
N THR A 610 -12.52 -126.57 37.85
CA THR A 610 -12.82 -125.17 38.04
C THR A 610 -14.23 -124.79 37.63
N GLY A 611 -14.93 -125.63 36.88
CA GLY A 611 -16.31 -125.41 36.48
C GLY A 611 -17.31 -126.25 37.24
N TRP A 612 -16.90 -126.96 38.28
CA TRP A 612 -17.79 -127.80 39.06
C TRP A 612 -18.97 -127.00 39.63
N LEU A 613 -18.68 -125.96 40.38
CA LEU A 613 -19.73 -125.27 41.11
C LEU A 613 -20.66 -124.52 40.18
N ASP A 614 -20.14 -124.04 39.05
CA ASP A 614 -21.00 -123.31 38.13
C ASP A 614 -22.08 -124.24 37.59
N ARG A 615 -21.68 -125.43 37.15
CA ARG A 615 -22.62 -126.44 36.72
C ARG A 615 -23.62 -126.78 37.81
N LEU A 616 -23.15 -126.97 39.05
CA LEU A 616 -24.08 -127.30 40.12
C LEU A 616 -25.06 -126.15 40.39
N ILE A 617 -24.59 -124.91 40.26
CA ILE A 617 -25.47 -123.76 40.47
C ILE A 617 -26.60 -123.78 39.46
N ALA A 618 -26.27 -124.05 38.20
CA ALA A 618 -27.31 -124.06 37.19
C ALA A 618 -28.31 -125.19 37.40
N GLU A 619 -27.94 -126.24 38.13
CA GLU A 619 -28.84 -127.34 38.43
C GLU A 619 -29.71 -127.11 39.66
N LYS A 620 -29.63 -125.94 40.30
CA LYS A 620 -30.52 -125.59 41.40
C LYS A 620 -30.40 -126.56 42.57
N VAL A 621 -29.24 -126.49 43.22
CA VAL A 621 -28.85 -127.44 44.27
C VAL A 621 -29.00 -126.83 45.66
N GLN A 622 -29.69 -125.70 45.80
CA GLN A 622 -29.81 -125.07 47.10
C GLN A 622 -30.78 -125.90 47.94
N ALA A 623 -30.26 -127.01 48.44
CA ALA A 623 -30.93 -127.94 49.34
C ALA A 623 -30.61 -127.59 50.79
N GLU A 624 -30.75 -128.57 51.69
CA GLU A 624 -30.51 -128.41 53.13
C GLU A 624 -31.61 -127.57 53.77
N ARG A 625 -32.83 -128.02 53.54
CA ARG A 625 -34.03 -127.46 54.11
C ARG A 625 -34.61 -128.44 55.13
N PRO A 626 -35.25 -127.96 56.19
CA PRO A 626 -35.92 -128.88 57.11
C PRO A 626 -37.19 -129.43 56.48
N ASP A 627 -37.74 -130.44 57.13
CA ASP A 627 -39.02 -130.98 56.69
C ASP A 627 -40.10 -129.92 56.79
N THR A 628 -41.04 -129.96 55.84
CA THR A 628 -42.05 -128.92 55.73
C THR A 628 -42.92 -128.84 56.98
N MET A 629 -43.39 -129.99 57.48
CA MET A 629 -44.32 -129.98 58.59
C MET A 629 -43.70 -129.34 59.82
N LEU A 630 -42.46 -129.69 60.12
CA LEU A 630 -41.77 -129.07 61.24
C LEU A 630 -41.61 -127.57 61.04
N GLY A 631 -41.22 -127.15 59.83
CA GLY A 631 -41.05 -125.74 59.59
C GLY A 631 -42.34 -124.96 59.77
N VAL A 632 -43.44 -125.52 59.28
CA VAL A 632 -44.74 -124.88 59.42
C VAL A 632 -45.07 -124.69 60.89
N VAL A 633 -44.90 -125.75 61.69
CA VAL A 633 -45.22 -125.67 63.11
C VAL A 633 -44.34 -124.63 63.80
N CYS A 634 -43.05 -124.64 63.50
CA CYS A 634 -42.13 -123.72 64.18
C CYS A 634 -42.42 -122.27 63.84
N GLY A 635 -42.67 -121.98 62.56
CA GLY A 635 -43.01 -120.62 62.18
C GLY A 635 -44.30 -120.16 62.81
N ALA A 636 -45.30 -121.04 62.85
CA ALA A 636 -46.54 -120.72 63.53
C ALA A 636 -46.30 -120.34 64.97
N LEU A 637 -45.48 -121.12 65.67
CA LEU A 637 -45.21 -120.83 67.07
C LEU A 637 -44.53 -119.49 67.25
N HIS A 638 -43.57 -119.16 66.38
CA HIS A 638 -42.87 -117.89 66.54
C HIS A 638 -43.81 -116.71 66.33
N VAL A 639 -44.59 -116.75 65.25
CA VAL A 639 -45.53 -115.67 64.98
C VAL A 639 -46.49 -115.49 66.14
N ALA A 640 -47.14 -116.59 66.55
CA ALA A 640 -48.11 -116.52 67.62
C ALA A 640 -47.50 -116.03 68.91
N ASP A 641 -46.27 -116.46 69.21
CA ASP A 641 -45.66 -116.03 70.46
C ASP A 641 -45.37 -114.54 70.46
N VAL A 642 -44.95 -114.00 69.32
CA VAL A 642 -44.72 -112.56 69.26
C VAL A 642 -46.03 -111.82 69.46
N SER A 643 -47.09 -112.28 68.80
CA SER A 643 -48.38 -111.60 68.93
C SER A 643 -48.87 -111.63 70.36
N LEU A 644 -48.74 -112.78 71.01
CA LEU A 644 -49.21 -112.94 72.38
C LEU A 644 -48.41 -112.07 73.34
N ARG A 645 -47.09 -112.03 73.18
CA ARG A 645 -46.29 -111.22 74.08
C ARG A 645 -46.56 -109.73 73.88
N ASN A 646 -46.78 -109.31 72.64
CA ASN A 646 -47.12 -107.91 72.41
C ASN A 646 -48.46 -107.56 73.04
N SER A 647 -49.44 -108.45 72.90
CA SER A 647 -50.73 -108.21 73.55
C SER A 647 -50.56 -108.03 75.05
N VAL A 648 -49.82 -108.93 75.68
CA VAL A 648 -49.61 -108.85 77.12
C VAL A 648 -48.92 -107.55 77.48
N SER A 649 -47.89 -107.17 76.74
CA SER A 649 -47.10 -106.00 77.10
C SER A 649 -47.94 -104.73 76.97
N ASN A 650 -48.65 -104.59 75.86
CA ASN A 650 -49.45 -103.38 75.65
C ASN A 650 -50.58 -103.30 76.64
N PHE A 651 -51.26 -104.41 76.90
CA PHE A 651 -52.35 -104.42 77.86
C PHE A 651 -51.87 -104.06 79.25
N LEU A 652 -50.75 -104.63 79.66
CA LEU A 652 -50.24 -104.35 80.99
C LEU A 652 -49.78 -102.91 81.11
N HIS A 653 -49.18 -102.39 80.04
CA HIS A 653 -48.77 -101.00 80.04
C HIS A 653 -49.97 -100.09 80.19
N SER A 654 -51.06 -100.41 79.51
CA SER A 654 -52.30 -99.65 79.66
C SER A 654 -52.79 -99.70 81.10
N LEU A 655 -52.70 -100.87 81.74
CA LEU A 655 -53.17 -100.95 83.12
C LEU A 655 -52.31 -100.10 84.04
N GLU A 656 -51.01 -100.02 83.78
CA GLU A 656 -50.15 -99.24 84.65
C GLU A 656 -50.51 -97.76 84.57
N ARG A 657 -50.93 -97.30 83.40
CA ARG A 657 -51.26 -95.91 83.19
C ARG A 657 -52.66 -95.54 83.65
N GLY A 658 -53.43 -96.50 84.15
CA GLY A 658 -54.78 -96.24 84.60
C GLY A 658 -55.85 -96.45 83.56
N GLN A 659 -55.50 -96.96 82.39
CA GLN A 659 -56.49 -97.30 81.38
C GLN A 659 -56.89 -98.76 81.50
N VAL A 660 -58.15 -99.00 81.17
CA VAL A 660 -58.73 -100.34 81.17
C VAL A 660 -59.15 -100.64 79.74
N LEU A 661 -58.56 -101.58 79.19
CA LEU A 661 -58.96 -102.11 77.90
C LEU A 661 -59.92 -103.28 78.09
N PRO A 662 -60.79 -103.54 77.14
CA PRO A 662 -61.71 -104.67 77.28
C PRO A 662 -60.99 -105.99 77.16
N ALA A 663 -61.64 -107.03 77.66
CA ALA A 663 -61.06 -108.36 77.67
C ALA A 663 -61.30 -109.10 76.36
N HIS A 664 -60.94 -108.47 75.26
CA HIS A 664 -60.77 -109.15 73.99
C HIS A 664 -59.54 -108.64 73.23
N THR A 665 -58.72 -107.81 73.88
CA THR A 665 -57.42 -107.40 73.37
C THR A 665 -56.28 -108.14 74.05
N LEU A 666 -56.59 -109.16 74.85
CA LEU A 666 -55.62 -109.94 75.60
C LEU A 666 -55.82 -111.39 75.20
N LEU A 667 -55.78 -111.63 73.91
CA LEU A 667 -56.24 -112.90 73.37
C LEU A 667 -55.21 -113.99 73.62
N ASN A 668 -55.71 -115.23 73.66
CA ASN A 668 -54.90 -116.42 73.80
C ASN A 668 -54.85 -117.25 72.53
N THR A 669 -55.49 -116.80 71.47
CA THR A 669 -55.49 -117.50 70.19
C THR A 669 -54.99 -116.56 69.11
N VAL A 670 -54.09 -117.05 68.27
CA VAL A 670 -53.54 -116.30 67.15
C VAL A 670 -53.78 -117.09 65.88
N ASP A 671 -54.18 -116.39 64.82
CA ASP A 671 -54.25 -116.96 63.49
C ASP A 671 -52.97 -116.62 62.74
N VAL A 672 -52.35 -117.64 62.15
CA VAL A 672 -51.10 -117.49 61.43
C VAL A 672 -51.30 -118.03 60.03
N GLU A 673 -50.75 -117.32 59.05
CA GLU A 673 -50.81 -117.71 57.65
C GLU A 673 -49.40 -117.67 57.08
N LEU A 674 -49.00 -118.74 56.42
CA LEU A 674 -47.64 -118.86 55.92
C LEU A 674 -47.65 -119.57 54.59
N ILE A 675 -46.96 -119.00 53.62
CA ILE A 675 -46.84 -119.58 52.30
C ILE A 675 -45.44 -120.18 52.17
N TYR A 676 -45.39 -121.43 51.73
CA TYR A 676 -44.16 -122.16 51.50
C TYR A 676 -44.26 -122.86 50.16
N GLU A 677 -43.36 -122.51 49.25
CA GLU A 677 -43.29 -123.12 47.92
C GLU A 677 -44.64 -123.06 47.22
N GLY A 678 -45.30 -121.91 47.31
CA GLY A 678 -46.56 -121.69 46.65
C GLY A 678 -47.77 -122.20 47.41
N VAL A 679 -47.58 -123.02 48.43
CA VAL A 679 -48.69 -123.61 49.19
C VAL A 679 -48.96 -122.74 50.40
N LYS A 680 -50.21 -122.34 50.59
CA LYS A 680 -50.61 -121.57 51.75
C LYS A 680 -51.06 -122.50 52.87
N TYR A 681 -50.59 -122.22 54.08
CA TYR A 681 -50.97 -122.94 55.28
C TYR A 681 -51.60 -121.94 56.24
N VAL A 682 -52.74 -122.31 56.79
CA VAL A 682 -53.50 -121.48 57.72
C VAL A 682 -53.64 -122.27 59.00
N LEU A 683 -53.22 -121.68 60.11
CA LEU A 683 -53.18 -122.35 61.39
C LEU A 683 -53.70 -121.45 62.49
N LYS A 684 -54.22 -122.09 63.52
CA LYS A 684 -54.51 -121.44 64.79
C LYS A 684 -53.52 -121.93 65.83
N VAL A 685 -53.09 -121.03 66.69
CA VAL A 685 -52.21 -121.35 67.79
C VAL A 685 -52.88 -120.90 69.08
N THR A 686 -52.96 -121.82 70.03
CA THR A 686 -53.43 -121.50 71.37
C THR A 686 -52.52 -122.12 72.41
N ARG A 687 -52.90 -122.01 73.67
CA ARG A 687 -52.12 -122.51 74.78
C ARG A 687 -53.00 -123.24 75.78
N GLN A 688 -52.49 -124.35 76.28
CA GLN A 688 -53.05 -125.03 77.44
C GLN A 688 -52.33 -124.69 78.71
N SER A 689 -51.17 -124.05 78.62
CA SER A 689 -50.45 -123.56 79.78
C SER A 689 -49.49 -122.49 79.29
N PRO A 690 -48.78 -121.82 80.19
CA PRO A 690 -47.77 -120.86 79.75
C PRO A 690 -46.70 -121.47 78.86
N ASN A 691 -46.46 -122.77 78.97
CA ASN A 691 -45.43 -123.47 78.20
C ASN A 691 -45.97 -124.47 77.20
N SER A 692 -47.25 -124.83 77.30
CA SER A 692 -47.83 -125.84 76.43
C SER A 692 -48.61 -125.14 75.35
N TYR A 693 -48.16 -125.27 74.11
CA TYR A 693 -48.80 -124.68 72.95
C TYR A 693 -49.47 -125.77 72.14
N VAL A 694 -50.52 -125.37 71.43
CA VAL A 694 -51.30 -126.25 70.60
C VAL A 694 -51.44 -125.58 69.24
N VAL A 695 -51.07 -126.31 68.20
CA VAL A 695 -51.15 -125.84 66.83
C VAL A 695 -52.25 -126.64 66.16
N ILE A 696 -53.19 -125.93 65.55
CA ILE A 696 -54.38 -126.53 64.97
C ILE A 696 -54.44 -126.16 63.49
N MET A 697 -54.62 -127.17 62.65
CA MET A 697 -54.80 -126.99 61.22
C MET A 697 -55.82 -128.00 60.72
N ASN A 698 -56.85 -127.50 60.05
CA ASN A 698 -57.86 -128.32 59.39
C ASN A 698 -58.50 -129.34 60.35
N GLY A 699 -58.70 -128.90 61.59
CA GLY A 699 -59.35 -129.73 62.57
C GLY A 699 -58.45 -130.69 63.30
N SER A 700 -57.15 -130.72 62.99
CA SER A 700 -56.20 -131.58 63.67
C SER A 700 -55.29 -130.73 64.53
N CYS A 701 -54.95 -131.24 65.72
CA CYS A 701 -54.12 -130.52 66.68
C CYS A 701 -52.85 -131.30 67.00
N VAL A 702 -51.79 -130.56 67.27
CA VAL A 702 -50.56 -131.09 67.81
C VAL A 702 -50.16 -130.25 69.02
N GLU A 703 -49.56 -130.91 70.01
CA GLU A 703 -49.08 -130.27 71.21
C GLU A 703 -47.58 -130.14 71.18
N VAL A 704 -47.09 -128.99 71.63
CA VAL A 704 -45.66 -128.69 71.64
C VAL A 704 -45.32 -128.07 72.98
N ASP A 705 -44.19 -128.47 73.53
CA ASP A 705 -43.69 -127.88 74.77
C ASP A 705 -42.70 -126.80 74.39
N VAL A 706 -42.98 -125.57 74.78
CA VAL A 706 -42.21 -124.41 74.37
C VAL A 706 -41.66 -123.73 75.61
N HIS A 707 -40.38 -123.44 75.58
CA HIS A 707 -39.69 -122.70 76.62
C HIS A 707 -38.97 -121.54 75.98
N ARG A 708 -39.05 -120.38 76.63
CA ARG A 708 -38.40 -119.19 76.15
C ARG A 708 -36.96 -119.18 76.60
N LEU A 709 -36.05 -118.95 75.65
CA LEU A 709 -34.63 -118.86 75.94
C LEU A 709 -34.25 -117.40 76.13
N SER A 710 -33.23 -117.19 76.94
CA SER A 710 -32.80 -115.84 77.24
C SER A 710 -32.21 -115.14 76.03
N ASP A 711 -31.79 -115.89 75.00
CA ASP A 711 -31.13 -115.33 73.84
C ASP A 711 -32.09 -114.93 72.72
N GLY A 712 -33.40 -114.97 72.97
CA GLY A 712 -34.39 -114.59 71.99
C GLY A 712 -35.03 -115.72 71.23
N GLY A 713 -34.46 -116.93 71.28
CA GLY A 713 -35.01 -118.07 70.59
C GLY A 713 -35.95 -118.87 71.46
N LEU A 714 -36.44 -119.97 70.89
CA LEU A 714 -37.35 -120.88 71.55
C LEU A 714 -36.79 -122.28 71.58
N LEU A 715 -37.01 -122.95 72.69
CA LEU A 715 -36.72 -124.36 72.85
C LEU A 715 -38.04 -125.12 72.73
N LEU A 716 -38.10 -126.01 71.75
CA LEU A 716 -39.28 -126.80 71.44
C LEU A 716 -39.04 -128.24 71.78
N SER A 717 -40.12 -128.92 72.15
CA SER A 717 -40.21 -130.37 72.13
C SER A 717 -41.50 -130.72 71.40
N TYR A 718 -41.36 -131.46 70.31
CA TYR A 718 -42.41 -131.63 69.30
C TYR A 718 -42.93 -133.04 69.18
N ASP A 719 -42.07 -134.00 68.86
CA ASP A 719 -42.47 -135.38 68.64
C ASP A 719 -41.46 -136.30 69.30
N GLY A 720 -41.11 -135.96 70.55
CA GLY A 720 -39.93 -136.47 71.19
C GLY A 720 -38.71 -135.61 70.97
N SER A 721 -38.36 -135.34 69.72
CA SER A 721 -37.20 -134.54 69.41
C SER A 721 -37.36 -133.12 69.92
N SER A 722 -36.27 -132.56 70.42
CA SER A 722 -36.19 -131.17 70.81
C SER A 722 -35.51 -130.36 69.72
N TYR A 723 -35.84 -129.08 69.67
CA TYR A 723 -35.30 -128.17 68.67
C TYR A 723 -35.06 -126.80 69.27
N THR A 724 -34.01 -126.15 68.79
CA THR A 724 -33.74 -124.75 69.12
C THR A 724 -34.00 -123.93 67.87
N THR A 725 -34.86 -122.92 67.99
CA THR A 725 -35.34 -122.20 66.84
C THR A 725 -35.26 -120.70 67.05
N TYR A 726 -35.09 -119.99 65.94
CA TYR A 726 -35.05 -118.55 65.92
C TYR A 726 -35.86 -118.04 64.75
N MET A 727 -36.37 -116.81 64.88
CA MET A 727 -37.15 -116.19 63.84
C MET A 727 -36.70 -114.75 63.66
N LYS A 728 -36.69 -114.31 62.41
CA LYS A 728 -36.52 -112.91 62.09
C LYS A 728 -37.61 -112.49 61.12
N GLU A 729 -38.34 -111.43 61.50
CA GLU A 729 -39.40 -110.89 60.69
C GLU A 729 -38.83 -109.82 59.77
N GLU A 730 -39.04 -110.00 58.48
CA GLU A 730 -38.66 -109.06 57.46
C GLU A 730 -39.91 -108.35 56.95
N VAL A 731 -39.73 -107.56 55.90
CA VAL A 731 -40.83 -106.76 55.37
C VAL A 731 -41.94 -107.65 54.83
N ASP A 732 -41.57 -108.69 54.09
CA ASP A 732 -42.54 -109.58 53.45
C ASP A 732 -42.20 -111.04 53.64
N ARG A 733 -41.28 -111.37 54.55
CA ARG A 733 -40.85 -112.75 54.74
C ARG A 733 -40.62 -113.00 56.21
N TYR A 734 -40.66 -114.28 56.56
CA TYR A 734 -40.26 -114.77 57.86
C TYR A 734 -39.12 -115.73 57.65
N ARG A 735 -38.00 -115.47 58.32
CA ARG A 735 -36.83 -116.32 58.25
C ARG A 735 -36.82 -117.16 59.52
N ILE A 736 -36.99 -118.46 59.36
CA ILE A 736 -37.07 -119.40 60.46
C ILE A 736 -35.82 -120.26 60.43
N THR A 737 -35.09 -120.25 61.51
CA THR A 737 -33.92 -121.10 61.70
C THR A 737 -34.30 -122.21 62.64
N ILE A 738 -34.08 -123.45 62.21
CA ILE A 738 -34.33 -124.65 63.00
C ILE A 738 -32.98 -125.36 63.09
N GLY A 739 -32.39 -125.31 64.27
CA GLY A 739 -31.09 -125.93 64.45
C GLY A 739 -30.07 -125.16 63.64
N ASN A 740 -29.57 -125.82 62.60
CA ASN A 740 -28.59 -125.24 61.68
C ASN A 740 -29.13 -125.18 60.26
N LYS A 741 -30.44 -125.34 60.08
CA LYS A 741 -31.07 -125.28 58.78
C LYS A 741 -32.05 -124.12 58.76
N THR A 742 -32.22 -123.54 57.58
CA THR A 742 -33.03 -122.35 57.40
C THR A 742 -34.19 -122.64 56.47
N CYS A 743 -35.34 -122.08 56.82
CA CYS A 743 -36.55 -122.17 56.02
C CYS A 743 -37.19 -120.79 55.99
N VAL A 744 -37.60 -120.38 54.80
CA VAL A 744 -38.10 -119.04 54.57
C VAL A 744 -39.56 -119.13 54.14
N PHE A 745 -40.43 -118.42 54.85
CA PHE A 745 -41.84 -118.37 54.55
C PHE A 745 -42.21 -117.00 54.03
N GLU A 746 -43.08 -116.97 53.02
CA GLU A 746 -43.53 -115.71 52.44
C GLU A 746 -44.75 -115.19 53.18
N LYS A 747 -44.75 -113.89 53.44
CA LYS A 747 -45.88 -113.20 54.03
C LYS A 747 -46.73 -112.66 52.90
N GLU A 748 -47.97 -113.13 52.82
CA GLU A 748 -48.84 -112.80 51.70
C GLU A 748 -49.13 -111.30 51.66
N ASN A 749 -48.76 -110.66 50.55
CA ASN A 749 -49.18 -109.30 50.23
C ASN A 749 -49.54 -109.18 48.75
N ASP A 750 -49.74 -110.29 48.07
CA ASP A 750 -49.83 -110.41 46.62
C ASP A 750 -51.16 -110.03 45.97
N PRO A 751 -52.33 -110.30 46.57
CA PRO A 751 -53.60 -110.10 45.83
C PRO A 751 -53.85 -108.68 45.33
N SER A 752 -53.06 -107.69 45.74
CA SER A 752 -53.20 -106.32 45.25
C SER A 752 -54.59 -105.77 45.55
N VAL A 753 -55.06 -106.01 46.77
CA VAL A 753 -56.34 -105.50 47.26
C VAL A 753 -56.03 -104.34 48.20
N MET A 754 -56.66 -103.20 47.94
CA MET A 754 -56.47 -102.06 48.81
C MET A 754 -57.29 -102.27 50.08
N ARG A 755 -56.67 -102.01 51.21
CA ARG A 755 -57.27 -102.29 52.51
C ARG A 755 -57.12 -101.09 53.42
N SER A 756 -58.08 -100.94 54.30
CA SER A 756 -58.03 -99.85 55.25
C SER A 756 -56.96 -100.17 56.31
N PRO A 757 -56.02 -99.27 56.57
CA PRO A 757 -55.03 -99.58 57.61
C PRO A 757 -55.59 -99.56 59.01
N SER A 758 -56.75 -98.95 59.22
CA SER A 758 -57.30 -98.74 60.55
C SER A 758 -58.80 -98.95 60.50
N ALA A 759 -59.42 -98.83 61.67
CA ALA A 759 -60.85 -98.66 61.75
C ALA A 759 -61.23 -97.26 61.31
N GLY A 760 -62.52 -97.02 61.18
CA GLY A 760 -63.02 -95.69 60.93
C GLY A 760 -64.23 -95.70 60.04
N LYS A 761 -64.31 -94.66 59.22
CA LYS A 761 -65.42 -94.45 58.30
C LYS A 761 -64.86 -94.01 56.98
N LEU A 762 -65.49 -94.45 55.90
CA LEU A 762 -65.21 -93.98 54.56
C LEU A 762 -66.04 -92.75 54.29
N ILE A 763 -65.42 -91.68 53.83
CA ILE A 763 -66.16 -90.47 53.45
C ILE A 763 -66.45 -90.47 51.96
N GLN A 764 -65.43 -90.65 51.15
CA GLN A 764 -65.58 -90.56 49.71
C GLN A 764 -64.38 -91.21 49.06
N TYR A 765 -64.49 -91.40 47.75
CA TYR A 765 -63.38 -91.80 46.90
C TYR A 765 -62.94 -90.63 46.06
N ILE A 766 -61.63 -90.58 45.78
CA ILE A 766 -61.06 -89.44 45.08
C ILE A 766 -61.17 -89.59 43.57
N VAL A 767 -61.10 -90.81 43.06
CA VAL A 767 -61.03 -91.06 41.62
C VAL A 767 -62.25 -91.89 41.22
N GLU A 768 -62.44 -92.01 39.91
CA GLU A 768 -63.60 -92.70 39.37
C GLU A 768 -63.44 -94.20 39.50
N ASP A 769 -64.56 -94.87 39.72
CA ASP A 769 -64.57 -96.33 39.70
C ASP A 769 -64.30 -96.81 38.29
N GLY A 770 -63.22 -97.57 38.11
CA GLY A 770 -62.76 -97.97 36.81
C GLY A 770 -61.65 -97.11 36.23
N GLY A 771 -61.28 -96.02 36.89
CA GLY A 771 -60.18 -95.22 36.43
C GLY A 771 -58.84 -95.80 36.81
N HIS A 772 -57.83 -95.44 36.03
CA HIS A 772 -56.47 -95.87 36.32
C HIS A 772 -55.88 -95.00 37.41
N VAL A 773 -55.17 -95.65 38.32
CA VAL A 773 -54.47 -94.96 39.41
C VAL A 773 -53.01 -95.37 39.33
N PHE A 774 -52.14 -94.47 39.76
CA PHE A 774 -50.71 -94.70 39.82
C PHE A 774 -50.27 -94.78 41.27
N ALA A 775 -49.17 -95.50 41.50
CA ALA A 775 -48.67 -95.69 42.85
C ALA A 775 -48.25 -94.36 43.46
N GLY A 776 -48.66 -94.14 44.71
CA GLY A 776 -48.43 -92.88 45.38
C GLY A 776 -49.56 -91.87 45.25
N GLN A 777 -50.49 -92.07 44.33
CA GLN A 777 -51.64 -91.19 44.18
C GLN A 777 -52.72 -91.56 45.20
N CYS A 778 -53.32 -90.55 45.80
CA CYS A 778 -54.43 -90.79 46.72
C CYS A 778 -55.66 -91.23 45.95
N TYR A 779 -56.30 -92.31 46.42
CA TYR A 779 -57.50 -92.85 45.80
C TYR A 779 -58.74 -92.75 46.68
N ALA A 780 -58.59 -92.51 47.98
CA ALA A 780 -59.74 -92.52 48.87
C ALA A 780 -59.49 -91.59 50.05
N GLU A 781 -60.60 -91.15 50.65
CA GLU A 781 -60.58 -90.31 51.83
C GLU A 781 -61.42 -90.98 52.92
N ILE A 782 -60.78 -91.26 54.05
CA ILE A 782 -61.43 -91.87 55.19
C ILE A 782 -61.17 -90.98 56.39
N GLU A 783 -62.00 -91.16 57.40
CA GLU A 783 -61.86 -90.46 58.66
C GLU A 783 -61.97 -91.47 59.79
N VAL A 784 -60.95 -91.49 60.61
CA VAL A 784 -61.00 -92.08 61.93
C VAL A 784 -60.57 -90.97 62.88
N MET A 785 -60.88 -91.12 64.16
CA MET A 785 -60.41 -90.21 65.20
C MET A 785 -61.01 -88.80 65.07
N LYS A 786 -62.04 -88.63 64.24
CA LYS A 786 -62.51 -87.30 63.82
C LYS A 786 -61.40 -86.53 63.11
N MET A 787 -60.42 -87.24 62.56
CA MET A 787 -59.29 -86.62 61.88
C MET A 787 -59.06 -87.34 60.57
N VAL A 788 -59.06 -86.58 59.49
CA VAL A 788 -59.13 -87.15 58.16
C VAL A 788 -57.75 -87.61 57.72
N MET A 789 -57.73 -88.78 57.09
CA MET A 789 -56.51 -89.40 56.58
C MET A 789 -56.82 -89.94 55.20
N THR A 790 -56.00 -89.58 54.23
CA THR A 790 -56.18 -90.04 52.86
C THR A 790 -55.62 -91.46 52.72
N LEU A 791 -55.58 -91.98 51.50
CA LEU A 791 -55.07 -93.32 51.24
C LEU A 791 -54.39 -93.35 49.89
N THR A 792 -53.09 -93.63 49.89
CA THR A 792 -52.31 -93.69 48.67
C THR A 792 -52.33 -95.11 48.10
N ALA A 793 -52.34 -95.20 46.77
CA ALA A 793 -52.27 -96.50 46.13
C ALA A 793 -50.84 -97.04 46.20
N VAL A 794 -50.73 -98.36 46.28
CA VAL A 794 -49.43 -99.02 46.32
C VAL A 794 -48.92 -99.31 44.92
N GLU A 795 -49.81 -99.78 44.05
CA GLU A 795 -49.48 -100.23 42.71
C GLU A 795 -50.28 -99.42 41.69
N SER A 796 -49.77 -99.40 40.48
CA SER A 796 -50.43 -98.69 39.38
C SER A 796 -51.34 -99.66 38.63
N GLY A 797 -52.61 -99.30 38.52
CA GLY A 797 -53.56 -100.18 37.87
C GLY A 797 -54.94 -99.57 37.87
N CYS A 798 -55.91 -100.38 37.46
CA CYS A 798 -57.28 -99.92 37.32
C CYS A 798 -58.07 -100.32 38.56
N ILE A 799 -58.60 -99.32 39.26
CA ILE A 799 -59.21 -99.52 40.57
C ILE A 799 -60.72 -99.69 40.41
N HIS A 800 -61.28 -100.69 41.09
CA HIS A 800 -62.71 -100.85 41.25
C HIS A 800 -63.01 -100.94 42.74
N TYR A 801 -64.01 -100.19 43.18
CA TYR A 801 -64.31 -100.06 44.59
C TYR A 801 -65.34 -101.10 45.04
N VAL A 802 -65.13 -101.63 46.24
CA VAL A 802 -66.01 -102.60 46.85
C VAL A 802 -67.06 -101.91 47.73
N LYS A 803 -66.61 -101.08 48.66
CA LYS A 803 -67.51 -100.38 49.56
C LYS A 803 -68.04 -99.11 48.91
N ARG A 804 -69.30 -98.82 49.16
CA ARG A 804 -69.88 -97.61 48.62
C ARG A 804 -69.53 -96.41 49.53
N PRO A 805 -69.48 -95.20 48.99
CA PRO A 805 -69.13 -94.04 49.82
C PRO A 805 -70.05 -93.87 51.01
N GLY A 806 -69.44 -93.90 52.19
CA GLY A 806 -70.17 -93.91 53.44
C GLY A 806 -70.25 -95.34 53.89
N ALA A 807 -69.36 -95.74 54.79
CA ALA A 807 -69.28 -97.14 55.18
C ALA A 807 -68.38 -97.26 56.38
N ALA A 808 -68.60 -98.30 57.16
CA ALA A 808 -67.77 -98.57 58.32
C ALA A 808 -66.54 -99.34 57.88
N LEU A 809 -65.39 -98.92 58.39
CA LEU A 809 -64.11 -99.51 58.04
C LEU A 809 -63.53 -100.22 59.25
N ASP A 810 -63.05 -101.42 59.01
CA ASP A 810 -62.31 -102.21 59.95
C ASP A 810 -60.86 -102.33 59.47
N PRO A 811 -59.90 -102.45 60.38
CA PRO A 811 -58.51 -102.61 59.94
C PRO A 811 -58.33 -103.90 59.15
N GLY A 812 -57.62 -103.79 58.03
CA GLY A 812 -57.43 -104.92 57.14
C GLY A 812 -58.63 -105.31 56.31
N CYS A 813 -59.68 -104.49 56.29
CA CYS A 813 -60.86 -104.83 55.51
C CYS A 813 -60.59 -104.61 54.03
N VAL A 814 -61.53 -105.05 53.21
CA VAL A 814 -61.45 -104.94 51.76
C VAL A 814 -62.17 -103.67 51.35
N LEU A 815 -61.43 -102.74 50.76
CA LEU A 815 -61.98 -101.48 50.31
C LEU A 815 -62.10 -101.40 48.80
N ALA A 816 -61.04 -101.77 48.08
CA ALA A 816 -61.01 -101.59 46.64
C ALA A 816 -59.97 -102.53 46.04
N LYS A 817 -60.36 -103.23 44.99
CA LYS A 817 -59.44 -104.06 44.25
C LYS A 817 -58.86 -103.28 43.09
N MET A 818 -57.66 -103.66 42.69
CA MET A 818 -56.99 -103.07 41.55
C MET A 818 -56.51 -104.15 40.60
N GLN A 819 -56.81 -103.95 39.33
CA GLN A 819 -56.31 -104.82 38.27
C GLN A 819 -54.93 -104.32 37.86
N LEU A 820 -53.97 -105.25 37.88
CA LEU A 820 -52.60 -105.04 37.45
C LEU A 820 -52.30 -105.96 36.27
N ASP A 821 -51.06 -105.92 35.81
CA ASP A 821 -50.61 -106.79 34.72
C ASP A 821 -50.12 -108.15 35.20
N ASN A 822 -50.28 -108.45 36.48
CA ASN A 822 -49.90 -109.75 37.06
C ASN A 822 -48.50 -110.20 36.65
N PRO A 823 -47.46 -109.49 37.10
CA PRO A 823 -46.09 -109.93 36.77
C PRO A 823 -45.78 -111.35 37.23
N SER A 824 -46.27 -111.72 38.41
CA SER A 824 -46.00 -113.03 38.99
C SER A 824 -46.92 -113.20 40.19
N LYS A 825 -46.67 -114.25 40.97
CA LYS A 825 -47.43 -114.51 42.20
C LYS A 825 -48.91 -114.71 41.89
N VAL A 826 -49.17 -115.49 40.85
CA VAL A 826 -50.53 -115.82 40.44
C VAL A 826 -50.94 -117.12 41.10
N GLN A 827 -52.06 -117.08 41.83
CA GLN A 827 -52.67 -118.28 42.41
C GLN A 827 -51.72 -118.99 43.35
N GLN A 828 -51.10 -118.23 44.25
CA GLN A 828 -50.18 -118.79 45.23
C GLN A 828 -50.94 -119.23 46.48
N ALA A 829 -52.00 -120.01 46.27
CA ALA A 829 -52.82 -120.47 47.41
C ALA A 829 -52.82 -121.97 47.62
N GLU A 830 -53.52 -122.70 46.74
CA GLU A 830 -53.73 -124.15 46.83
C GLU A 830 -53.80 -124.63 48.27
N LEU A 831 -54.73 -124.04 49.03
CA LEU A 831 -54.79 -124.15 50.49
C LEU A 831 -54.66 -125.57 50.97
N HIS A 832 -53.64 -125.81 51.79
CA HIS A 832 -53.40 -127.14 52.30
C HIS A 832 -54.57 -127.60 53.14
N THR A 833 -55.06 -128.80 52.85
CA THR A 833 -56.18 -129.41 53.56
C THR A 833 -55.77 -130.84 53.87
N GLY A 834 -55.13 -131.01 55.02
CA GLY A 834 -54.69 -132.31 55.45
C GLY A 834 -54.68 -132.41 56.94
N SER A 835 -53.61 -132.95 57.49
CA SER A 835 -53.49 -133.10 58.92
C SER A 835 -52.03 -133.08 59.29
N LEU A 836 -51.68 -132.50 60.43
CA LEU A 836 -50.28 -132.43 60.85
C LEU A 836 -49.86 -133.71 61.56
N PRO A 837 -48.57 -133.99 61.61
CA PRO A 837 -48.06 -135.19 62.27
C PRO A 837 -48.75 -135.44 63.61
N ARG A 838 -48.56 -136.64 64.16
CA ARG A 838 -49.16 -136.99 65.44
C ARG A 838 -48.93 -138.46 65.76
N ILE A 839 -48.23 -138.72 66.87
CA ILE A 839 -47.95 -140.09 67.29
C ILE A 839 -47.88 -140.19 68.81
N GLN A 840 -47.42 -139.12 69.45
CA GLN A 840 -47.30 -139.09 70.91
C GLN A 840 -48.24 -138.06 71.51
N SER A 841 -47.92 -137.61 72.73
CA SER A 841 -48.74 -136.62 73.42
C SER A 841 -48.33 -136.50 74.89
N THR A 842 -47.59 -137.48 75.37
CA THR A 842 -47.13 -137.49 76.76
C THR A 842 -48.30 -137.47 77.72
N ALA A 843 -49.31 -138.29 77.45
CA ALA A 843 -50.49 -138.37 78.29
C ALA A 843 -50.23 -139.22 79.53
N LEU A 844 -49.08 -139.88 79.55
CA LEU A 844 -48.70 -140.73 80.69
C LEU A 844 -49.70 -141.88 80.86
N ARG A 845 -49.97 -142.57 79.75
CA ARG A 845 -50.96 -143.63 79.74
C ARG A 845 -50.40 -144.82 80.51
N GLY A 846 -50.78 -144.94 81.77
CA GLY A 846 -50.35 -146.06 82.60
C GLY A 846 -48.98 -145.90 83.20
N GLU A 847 -48.48 -144.67 83.30
CA GLU A 847 -47.13 -144.42 83.82
C GLU A 847 -47.20 -143.99 85.27
N LYS A 848 -47.04 -144.96 86.18
CA LYS A 848 -46.78 -144.78 87.60
C LYS A 848 -47.92 -144.28 88.49
N LEU A 849 -48.95 -143.69 87.89
CA LEU A 849 -50.16 -143.21 88.55
C LEU A 849 -50.04 -141.99 89.46
N HIS A 850 -48.85 -141.68 89.97
CA HIS A 850 -48.69 -140.49 90.81
C HIS A 850 -48.13 -139.33 90.02
N ARG A 851 -47.51 -139.63 88.88
CA ARG A 851 -47.16 -138.62 87.92
C ARG A 851 -48.38 -138.18 87.12
N VAL A 852 -49.31 -139.11 86.90
CA VAL A 852 -50.56 -138.79 86.23
C VAL A 852 -51.37 -137.79 87.06
N PHE A 853 -51.33 -137.94 88.38
CA PHE A 853 -51.98 -136.99 89.28
C PHE A 853 -51.52 -135.58 88.98
N HIS A 854 -50.20 -135.36 88.99
CA HIS A 854 -49.65 -134.04 88.73
C HIS A 854 -50.02 -133.57 87.34
N TYR A 855 -49.97 -134.47 86.36
CA TYR A 855 -50.25 -134.07 84.98
C TYR A 855 -51.67 -133.53 84.84
N VAL A 856 -52.67 -134.35 85.21
CA VAL A 856 -54.06 -133.96 85.02
C VAL A 856 -54.40 -132.77 85.90
N LEU A 857 -53.93 -132.77 87.15
CA LEU A 857 -54.25 -131.66 88.04
C LEU A 857 -53.69 -130.35 87.50
N ASP A 858 -52.46 -130.35 87.02
CA ASP A 858 -51.89 -129.12 86.50
C ASP A 858 -52.64 -128.65 85.27
N ASN A 859 -53.07 -129.58 84.42
CA ASN A 859 -53.88 -129.17 83.28
C ASN A 859 -55.18 -128.50 83.73
N LEU A 860 -55.78 -129.03 84.78
CA LEU A 860 -57.07 -128.48 85.20
C LEU A 860 -56.88 -127.14 85.88
N VAL A 861 -55.81 -126.99 86.64
CA VAL A 861 -55.48 -125.72 87.24
C VAL A 861 -55.28 -124.68 86.16
N ASN A 862 -54.58 -125.04 85.10
CA ASN A 862 -54.35 -124.08 84.03
C ASN A 862 -55.64 -123.74 83.31
N VAL A 863 -56.58 -124.67 83.25
CA VAL A 863 -57.91 -124.33 82.75
C VAL A 863 -58.53 -123.28 83.64
N MET A 864 -58.43 -123.46 84.95
CA MET A 864 -59.00 -122.50 85.88
C MET A 864 -58.34 -121.14 85.78
N ASN A 865 -57.10 -121.06 85.30
CA ASN A 865 -56.41 -119.80 85.12
C ASN A 865 -56.60 -119.20 83.73
N GLY A 866 -57.44 -119.78 82.90
CA GLY A 866 -57.82 -119.19 81.63
C GLY A 866 -57.22 -119.82 80.40
N TYR A 867 -56.42 -120.87 80.54
CA TYR A 867 -55.81 -121.56 79.41
C TYR A 867 -56.73 -122.68 78.98
N CYS A 868 -57.39 -122.48 77.85
CA CYS A 868 -58.47 -123.35 77.40
C CYS A 868 -58.41 -123.53 75.90
N LEU A 869 -58.68 -124.74 75.46
CA LEU A 869 -58.68 -125.04 74.06
C LEU A 869 -59.88 -124.36 73.39
N PRO A 870 -59.95 -124.39 72.05
CA PRO A 870 -61.12 -123.85 71.36
C PRO A 870 -62.34 -124.74 71.46
N ASP A 871 -63.36 -124.42 70.68
CA ASP A 871 -64.70 -124.95 70.86
C ASP A 871 -64.77 -126.47 70.71
N PRO A 872 -64.45 -127.06 69.56
CA PRO A 872 -64.60 -128.51 69.44
C PRO A 872 -63.58 -129.32 70.21
N PHE A 873 -62.51 -128.68 70.66
CA PHE A 873 -61.47 -129.37 71.43
C PHE A 873 -61.68 -129.28 72.92
N PHE A 874 -62.28 -128.20 73.40
CA PHE A 874 -62.58 -128.09 74.81
C PHE A 874 -63.75 -128.98 75.15
N SER A 875 -63.66 -129.63 76.30
CA SER A 875 -64.58 -130.66 76.79
C SER A 875 -64.44 -131.97 76.03
N SER A 876 -63.57 -132.05 75.04
CA SER A 876 -63.18 -133.31 74.45
C SER A 876 -62.02 -133.96 75.19
N LYS A 877 -61.21 -133.17 75.90
CA LYS A 877 -60.11 -133.66 76.72
C LYS A 877 -60.30 -133.37 78.19
N VAL A 878 -61.07 -132.34 78.51
CA VAL A 878 -61.23 -131.95 79.90
C VAL A 878 -62.00 -133.00 80.68
N LYS A 879 -63.04 -133.55 80.07
CA LYS A 879 -63.78 -134.64 80.70
C LYS A 879 -62.85 -135.78 81.05
N ASP A 880 -61.90 -136.08 80.17
CA ASP A 880 -60.95 -137.15 80.42
C ASP A 880 -60.02 -136.79 81.56
N TRP A 881 -59.59 -135.54 81.62
CA TRP A 881 -58.77 -135.09 82.73
C TRP A 881 -59.49 -135.29 84.05
N VAL A 882 -60.78 -134.94 84.09
CA VAL A 882 -61.54 -135.11 85.33
C VAL A 882 -61.64 -136.58 85.69
N GLU A 883 -62.01 -137.42 84.73
CA GLU A 883 -62.20 -138.84 85.01
C GLU A 883 -60.91 -139.47 85.51
N ARG A 884 -59.80 -139.14 84.86
CA ARG A 884 -58.52 -139.70 85.27
C ARG A 884 -58.12 -139.22 86.65
N LEU A 885 -58.43 -137.96 86.98
CA LEU A 885 -58.12 -137.48 88.31
C LEU A 885 -58.95 -138.19 89.37
N MET A 886 -60.23 -138.40 89.08
CA MET A 886 -61.09 -139.08 90.04
C MET A 886 -60.62 -140.50 90.27
N LYS A 887 -60.21 -141.19 89.21
CA LYS A 887 -59.70 -142.54 89.38
C LYS A 887 -58.41 -142.54 90.17
N THR A 888 -57.52 -141.59 89.91
CA THR A 888 -56.26 -141.56 90.62
C THR A 888 -56.45 -141.28 92.10
N LEU A 889 -57.35 -140.37 92.44
CA LEU A 889 -57.47 -139.97 93.83
C LEU A 889 -58.14 -141.03 94.69
N ARG A 890 -58.84 -141.98 94.09
CA ARG A 890 -59.45 -143.08 94.82
C ARG A 890 -58.58 -144.32 94.85
N ASP A 891 -57.41 -144.29 94.25
CA ASP A 891 -56.52 -145.43 94.26
C ASP A 891 -55.71 -145.41 95.54
N PRO A 892 -55.74 -146.46 96.37
CA PRO A 892 -54.97 -146.41 97.63
C PRO A 892 -53.47 -146.38 97.45
N SER A 893 -52.95 -146.66 96.25
CA SER A 893 -51.51 -146.74 96.07
C SER A 893 -50.86 -145.39 95.84
N LEU A 894 -51.62 -144.32 95.71
CA LEU A 894 -51.04 -143.01 95.43
C LEU A 894 -50.11 -142.49 96.52
N PRO A 895 -50.53 -142.40 97.78
CA PRO A 895 -49.66 -141.76 98.78
C PRO A 895 -48.37 -142.49 99.03
N LEU A 896 -48.35 -143.82 98.92
CA LEU A 896 -47.09 -144.51 99.12
C LEU A 896 -46.12 -144.25 97.98
N LEU A 897 -46.62 -144.11 96.75
CA LEU A 897 -45.77 -143.73 95.63
C LEU A 897 -45.13 -142.38 95.87
N GLU A 898 -45.94 -141.41 96.31
CA GLU A 898 -45.37 -140.13 96.70
C GLU A 898 -44.30 -140.29 97.77
N LEU A 899 -44.57 -141.15 98.76
CA LEU A 899 -43.61 -141.38 99.82
C LEU A 899 -42.31 -141.96 99.27
N GLN A 900 -42.43 -142.88 98.32
CA GLN A 900 -41.26 -143.49 97.72
C GLN A 900 -40.37 -142.43 97.11
N ASP A 901 -40.95 -141.56 96.30
CA ASP A 901 -40.15 -140.53 95.65
C ASP A 901 -39.50 -139.60 96.68
N ILE A 902 -40.25 -139.15 97.69
CA ILE A 902 -39.65 -138.15 98.57
C ILE A 902 -38.63 -138.78 99.52
N MET A 903 -38.80 -140.05 99.85
CA MET A 903 -37.88 -140.72 100.76
C MET A 903 -36.60 -141.11 100.04
N THR A 904 -36.73 -141.60 98.81
CA THR A 904 -35.56 -142.04 98.06
C THR A 904 -34.66 -140.87 97.68
N SER A 905 -35.26 -139.70 97.40
CA SER A 905 -34.46 -138.55 97.01
C SER A 905 -33.56 -138.08 98.14
N VAL A 906 -33.85 -138.45 99.38
CA VAL A 906 -33.05 -138.04 100.54
C VAL A 906 -32.72 -139.32 101.30
N SER A 907 -31.59 -139.93 100.95
CA SER A 907 -31.07 -141.09 101.67
C SER A 907 -30.16 -140.64 102.80
N GLY A 908 -29.21 -139.76 102.49
CA GLY A 908 -28.36 -139.20 103.50
C GLY A 908 -29.06 -138.12 104.29
N ARG A 909 -28.42 -137.70 105.38
CA ARG A 909 -28.91 -136.69 106.31
C ARG A 909 -30.17 -137.12 107.04
N ILE A 910 -30.56 -138.39 106.95
CA ILE A 910 -31.71 -138.93 107.66
C ILE A 910 -31.17 -139.92 108.69
N PRO A 911 -31.52 -139.80 109.97
CA PRO A 911 -31.05 -140.78 110.96
C PRO A 911 -31.47 -142.19 110.58
N PRO A 912 -30.59 -143.19 110.75
CA PRO A 912 -30.99 -144.56 110.34
C PRO A 912 -32.21 -145.08 111.06
N ASN A 913 -32.42 -144.69 112.32
CA ASN A 913 -33.56 -145.18 113.07
C ASN A 913 -34.89 -144.85 112.38
N VAL A 914 -35.08 -143.57 112.06
CA VAL A 914 -36.32 -143.14 111.44
C VAL A 914 -36.45 -143.70 110.03
N GLU A 915 -35.32 -143.82 109.34
CA GLU A 915 -35.33 -144.37 107.99
C GLU A 915 -35.86 -145.80 107.99
N LYS A 916 -35.32 -146.64 108.87
CA LYS A 916 -35.75 -148.02 108.95
C LYS A 916 -37.22 -148.10 109.34
N SER A 917 -37.64 -147.30 110.31
CA SER A 917 -39.04 -147.35 110.74
C SER A 917 -39.98 -146.99 109.62
N ILE A 918 -39.66 -145.93 108.87
CA ILE A 918 -40.51 -145.48 107.78
C ILE A 918 -40.63 -146.56 106.72
N LYS A 919 -39.49 -147.14 106.32
CA LYS A 919 -39.53 -148.20 105.33
C LYS A 919 -40.41 -149.34 105.79
N LYS A 920 -40.33 -149.70 107.07
CA LYS A 920 -41.14 -150.79 107.58
C LYS A 920 -42.63 -150.45 107.53
N GLU A 921 -42.99 -149.23 107.94
CA GLU A 921 -44.39 -148.85 107.98
C GLU A 921 -45.00 -148.81 106.59
N MET A 922 -44.29 -148.24 105.63
CA MET A 922 -44.84 -148.18 104.28
C MET A 922 -44.93 -149.58 103.67
N ALA A 923 -44.02 -150.49 104.06
CA ALA A 923 -44.15 -151.86 103.58
C ALA A 923 -45.41 -152.51 104.13
N GLN A 924 -45.72 -152.28 105.40
CA GLN A 924 -46.95 -152.81 105.98
C GLN A 924 -48.17 -152.28 105.23
N TYR A 925 -48.19 -150.97 104.98
CA TYR A 925 -49.29 -150.37 104.22
C TYR A 925 -49.45 -151.04 102.86
N ALA A 926 -48.33 -151.33 102.21
CA ALA A 926 -48.41 -151.99 100.91
C ALA A 926 -48.99 -153.38 101.04
N SER A 927 -48.64 -154.08 102.12
CA SER A 927 -49.16 -155.43 102.31
C SER A 927 -50.66 -155.43 102.50
N ASN A 928 -51.24 -154.35 103.04
CA ASN A 928 -52.67 -154.31 103.31
C ASN A 928 -53.52 -153.71 102.18
N ILE A 929 -52.96 -153.48 101.00
CA ILE A 929 -53.76 -152.92 99.91
C ILE A 929 -54.87 -153.88 99.55
N THR A 930 -56.00 -153.32 99.10
CA THR A 930 -57.22 -154.08 98.86
C THR A 930 -57.70 -154.68 100.16
N SER A 931 -58.00 -153.83 101.13
CA SER A 931 -58.64 -154.25 102.36
C SER A 931 -59.39 -153.06 102.91
N VAL A 932 -60.62 -153.32 103.39
CA VAL A 932 -61.48 -152.25 103.90
C VAL A 932 -60.90 -151.54 105.09
N LEU A 933 -60.00 -152.19 105.82
CA LEU A 933 -59.31 -151.58 106.95
C LEU A 933 -57.97 -150.98 106.56
N CYS A 934 -57.72 -150.82 105.26
CA CYS A 934 -56.44 -150.29 104.79
C CYS A 934 -56.45 -148.77 104.92
N GLN A 935 -55.51 -148.25 105.69
CA GLN A 935 -55.36 -146.82 105.91
C GLN A 935 -53.90 -146.44 105.84
N PHE A 936 -53.63 -145.29 105.26
CA PHE A 936 -52.26 -144.85 105.07
C PHE A 936 -51.65 -144.46 106.42
N PRO A 937 -50.49 -145.01 106.80
CA PRO A 937 -49.97 -144.74 108.16
C PRO A 937 -49.28 -143.37 108.28
N SER A 938 -50.04 -142.30 108.05
CA SER A 938 -49.47 -140.97 108.17
C SER A 938 -49.09 -140.68 109.61
N GLN A 939 -49.95 -141.06 110.56
CA GLN A 939 -49.70 -140.76 111.96
C GLN A 939 -48.47 -141.50 112.47
N GLN A 940 -48.21 -142.71 111.97
CA GLN A 940 -47.11 -143.50 112.49
C GLN A 940 -45.77 -142.95 112.03
N ILE A 941 -45.71 -142.55 110.75
CA ILE A 941 -44.53 -141.85 110.25
C ILE A 941 -44.29 -140.59 111.06
N ALA A 942 -45.34 -139.81 111.29
CA ALA A 942 -45.21 -138.60 112.07
C ALA A 942 -44.75 -138.93 113.49
N ASN A 943 -45.21 -140.06 114.03
CA ASN A 943 -44.85 -140.45 115.39
C ASN A 943 -43.36 -140.71 115.51
N ILE A 944 -42.79 -141.48 114.57
CA ILE A 944 -41.38 -141.79 114.71
C ILE A 944 -40.53 -140.54 114.49
N LEU A 945 -40.93 -139.69 113.54
CA LEU A 945 -40.15 -138.47 113.32
C LEU A 945 -40.22 -137.56 114.55
N ASP A 946 -41.40 -137.49 115.18
CA ASP A 946 -41.54 -136.66 116.37
C ASP A 946 -40.85 -137.30 117.56
N SER A 947 -40.69 -138.62 117.56
CA SER A 947 -39.91 -139.27 118.61
C SER A 947 -38.45 -138.84 118.52
N HIS A 948 -37.88 -138.91 117.31
CA HIS A 948 -36.51 -138.44 117.14
C HIS A 948 -36.39 -136.96 117.48
N ALA A 949 -37.39 -136.16 117.13
CA ALA A 949 -37.36 -134.75 117.49
C ALA A 949 -37.57 -134.54 118.98
N ALA A 950 -38.17 -135.52 119.67
CA ALA A 950 -38.33 -135.43 121.11
C ALA A 950 -37.01 -135.71 121.80
N THR A 951 -36.19 -136.58 121.22
CA THR A 951 -34.80 -136.66 121.63
C THR A 951 -34.11 -135.31 121.42
N LEU A 952 -34.37 -134.67 120.28
CA LEU A 952 -33.91 -133.31 120.02
C LEU A 952 -32.40 -133.16 120.11
N ASN A 953 -31.67 -133.73 119.18
CA ASN A 953 -30.26 -133.40 119.05
C ASN A 953 -30.09 -131.90 118.85
N ARG A 954 -29.09 -131.33 119.51
CA ARG A 954 -28.80 -129.90 119.43
C ARG A 954 -27.74 -129.60 118.37
N LYS A 955 -27.66 -128.31 118.00
CA LYS A 955 -26.48 -127.75 117.33
C LYS A 955 -26.12 -128.35 115.98
N SER A 956 -26.92 -128.05 114.95
CA SER A 956 -26.74 -128.49 113.56
C SER A 956 -27.20 -129.92 113.32
N GLU A 957 -27.40 -130.68 114.39
CA GLU A 957 -28.13 -131.93 114.35
C GLU A 957 -29.59 -131.72 114.70
N ARG A 958 -29.97 -130.50 115.11
CA ARG A 958 -31.36 -130.12 115.21
C ARG A 958 -31.93 -129.77 113.84
N GLU A 959 -31.35 -128.74 113.21
CA GLU A 959 -31.98 -128.14 112.03
C GLU A 959 -31.94 -129.07 110.84
N VAL A 960 -30.86 -129.85 110.71
CA VAL A 960 -30.74 -130.80 109.61
C VAL A 960 -31.93 -131.76 109.59
N PHE A 961 -32.34 -132.23 110.77
CA PHE A 961 -33.44 -133.17 110.86
C PHE A 961 -34.76 -132.52 110.51
N PHE A 962 -35.02 -131.33 111.05
CA PHE A 962 -36.28 -130.66 110.77
C PHE A 962 -36.39 -130.27 109.31
N MET A 963 -35.27 -130.01 108.64
CA MET A 963 -35.32 -129.54 107.26
C MET A 963 -35.35 -130.68 106.26
N ASN A 964 -34.54 -131.72 106.45
CA ASN A 964 -34.50 -132.80 105.49
C ASN A 964 -35.69 -133.74 105.60
N THR A 965 -36.63 -133.47 106.51
CA THR A 965 -37.83 -134.27 106.68
C THR A 965 -39.09 -133.50 106.25
N GLN A 966 -38.94 -132.33 105.65
CA GLN A 966 -40.09 -131.48 105.38
C GLN A 966 -41.01 -132.09 104.34
N SER A 967 -40.43 -132.75 103.33
CA SER A 967 -41.26 -133.40 102.33
C SER A 967 -42.17 -134.44 102.96
N ILE A 968 -41.63 -135.23 103.90
CA ILE A 968 -42.41 -136.26 104.56
C ILE A 968 -43.54 -135.62 105.37
N VAL A 969 -43.22 -134.51 106.04
CA VAL A 969 -44.22 -133.79 106.82
C VAL A 969 -45.36 -133.33 105.92
N GLN A 970 -45.03 -132.77 104.77
CA GLN A 970 -46.05 -132.34 103.82
C GLN A 970 -46.92 -133.50 103.39
N LEU A 971 -46.29 -134.63 103.05
CA LEU A 971 -47.05 -135.78 102.59
C LEU A 971 -48.01 -136.27 103.66
N VAL A 972 -47.53 -136.42 104.89
CA VAL A 972 -48.40 -136.94 105.94
C VAL A 972 -49.49 -135.93 106.27
N GLN A 973 -49.20 -134.64 106.15
CA GLN A 973 -50.22 -133.65 106.42
C GLN A 973 -51.32 -133.71 105.38
N ARG A 974 -50.96 -134.01 104.13
CA ARG A 974 -51.98 -134.11 103.10
C ARG A 974 -52.92 -135.29 103.35
N TYR A 975 -52.40 -136.37 103.91
CA TYR A 975 -53.16 -137.60 104.07
C TYR A 975 -53.44 -137.91 105.54
N ARG A 976 -53.82 -136.89 106.30
CA ARG A 976 -54.23 -137.13 107.68
C ARG A 976 -55.53 -137.89 107.77
N SER A 977 -56.47 -137.61 106.87
CA SER A 977 -57.76 -138.28 106.83
C SER A 977 -57.84 -139.34 105.76
N GLY A 978 -56.74 -139.68 105.12
CA GLY A 978 -56.74 -140.69 104.09
C GLY A 978 -57.02 -140.13 102.73
N ILE A 979 -57.08 -141.07 101.78
CA ILE A 979 -57.26 -140.72 100.39
C ILE A 979 -58.60 -140.02 100.17
N ARG A 980 -59.59 -140.33 101.00
CA ARG A 980 -60.90 -139.69 100.88
C ARG A 980 -60.79 -138.19 101.15
N GLY A 981 -60.27 -137.85 102.32
CA GLY A 981 -60.09 -136.45 102.66
C GLY A 981 -59.21 -135.72 101.66
N HIS A 982 -58.14 -136.37 101.21
CA HIS A 982 -57.28 -135.76 100.20
C HIS A 982 -58.02 -135.47 98.90
N MET A 983 -58.80 -136.44 98.41
CA MET A 983 -59.60 -136.25 97.20
C MET A 983 -60.51 -135.04 97.34
N LYS A 984 -61.26 -134.98 98.44
CA LYS A 984 -62.17 -133.87 98.65
C LYS A 984 -61.41 -132.56 98.71
N ALA A 985 -60.22 -132.59 99.30
CA ALA A 985 -59.42 -131.38 99.45
C ALA A 985 -59.03 -130.83 98.09
N VAL A 986 -58.59 -131.71 97.20
CA VAL A 986 -58.16 -131.29 95.87
C VAL A 986 -59.30 -130.63 95.12
N VAL A 987 -60.46 -131.30 95.08
CA VAL A 987 -61.56 -130.77 94.29
C VAL A 987 -62.04 -129.44 94.88
N MET A 988 -62.15 -129.38 96.20
CA MET A 988 -62.48 -128.13 96.87
C MET A 988 -61.53 -127.00 96.49
N ASP A 989 -60.23 -127.30 96.42
CA ASP A 989 -59.27 -126.26 96.14
C ASP A 989 -59.49 -125.68 94.75
N LEU A 990 -59.86 -126.53 93.81
CA LEU A 990 -60.19 -126.02 92.48
C LEU A 990 -61.41 -125.10 92.52
N LEU A 991 -62.45 -125.53 93.25
CA LEU A 991 -63.63 -124.68 93.37
C LEU A 991 -63.29 -123.33 94.01
N ARG A 992 -62.34 -123.33 94.93
CA ARG A 992 -61.92 -122.08 95.56
C ARG A 992 -61.22 -121.19 94.56
N GLN A 993 -60.44 -121.77 93.65
CA GLN A 993 -59.85 -120.98 92.58
C GLN A 993 -60.91 -120.21 91.80
N TYR A 994 -61.95 -120.94 91.40
CA TYR A 994 -63.08 -120.33 90.71
C TYR A 994 -63.60 -119.12 91.49
N LEU A 995 -63.91 -119.33 92.77
CA LEU A 995 -64.47 -118.23 93.55
C LEU A 995 -63.48 -117.11 93.76
N ARG A 996 -62.20 -117.44 93.81
CA ARG A 996 -61.19 -116.41 94.03
C ARG A 996 -61.21 -115.41 92.92
N VAL A 997 -61.49 -115.85 91.70
CA VAL A 997 -61.60 -114.92 90.58
C VAL A 997 -63.01 -114.34 90.46
N GLU A 998 -64.04 -115.17 90.42
CA GLU A 998 -65.34 -114.69 89.98
C GLU A 998 -66.12 -113.89 91.02
N THR A 999 -65.70 -113.89 92.28
CA THR A 999 -66.34 -113.00 93.24
C THR A 999 -65.86 -111.57 93.11
N GLN A 1000 -64.79 -111.34 92.36
CA GLN A 1000 -64.26 -109.99 92.18
C GLN A 1000 -64.92 -109.25 91.03
N PHE A 1001 -65.54 -109.96 90.09
CA PHE A 1001 -66.17 -109.35 88.94
C PHE A 1001 -67.69 -109.34 89.04
N GLN A 1002 -68.22 -109.53 90.24
CA GLN A 1002 -69.61 -109.23 90.49
C GLN A 1002 -69.70 -107.75 90.82
N ASN A 1003 -70.90 -107.27 91.09
CA ASN A 1003 -71.11 -105.91 91.55
C ASN A 1003 -70.63 -104.90 90.51
N GLY A 1004 -71.27 -104.95 89.35
CA GLY A 1004 -71.18 -103.88 88.39
C GLY A 1004 -70.48 -104.28 87.12
N HIS A 1005 -69.98 -103.26 86.44
CA HIS A 1005 -69.45 -103.40 85.09
C HIS A 1005 -67.98 -103.81 85.14
N TYR A 1006 -67.48 -104.18 83.96
CA TYR A 1006 -66.13 -104.70 83.83
C TYR A 1006 -65.11 -103.69 84.35
N ASP A 1007 -65.17 -102.46 83.83
CA ASP A 1007 -64.14 -101.48 84.14
C ASP A 1007 -64.14 -101.12 85.62
N LYS A 1008 -65.31 -101.05 86.24
CA LYS A 1008 -65.37 -100.72 87.66
C LYS A 1008 -64.69 -101.80 88.49
N CYS A 1009 -64.97 -103.05 88.17
CA CYS A 1009 -64.33 -104.16 88.86
C CYS A 1009 -62.81 -104.15 88.66
N VAL A 1010 -62.38 -103.83 87.45
CA VAL A 1010 -60.95 -103.77 87.18
C VAL A 1010 -60.31 -102.66 87.98
N PHE A 1011 -61.01 -101.53 88.13
CA PHE A 1011 -60.43 -100.43 88.88
C PHE A 1011 -60.34 -100.77 90.34
N ALA A 1012 -61.33 -101.51 90.85
CA ALA A 1012 -61.24 -102.01 92.21
C ALA A 1012 -60.00 -102.86 92.38
N LEU A 1013 -59.76 -103.78 91.45
CA LEU A 1013 -58.58 -104.63 91.54
C LEU A 1013 -57.30 -103.84 91.44
N ARG A 1014 -57.28 -102.84 90.57
CA ARG A 1014 -56.10 -102.01 90.41
C ARG A 1014 -55.80 -101.25 91.69
N GLU A 1015 -56.84 -100.78 92.37
CA GLU A 1015 -56.64 -99.99 93.58
C GLU A 1015 -56.33 -100.86 94.79
N GLU A 1016 -56.69 -102.14 94.74
CA GLU A 1016 -56.23 -103.05 95.79
C GLU A 1016 -54.78 -103.46 95.55
N ASN A 1017 -54.48 -104.00 94.38
CA ASN A 1017 -53.14 -104.45 94.04
C ASN A 1017 -52.36 -103.29 93.42
N LYS A 1018 -51.96 -102.37 94.29
CA LYS A 1018 -51.27 -101.18 93.83
C LYS A 1018 -49.87 -101.49 93.32
N SER A 1019 -49.18 -102.42 93.96
CA SER A 1019 -47.76 -102.65 93.71
C SER A 1019 -47.49 -103.73 92.68
N ASP A 1020 -48.52 -104.29 92.05
CA ASP A 1020 -48.32 -105.34 91.05
C ASP A 1020 -49.51 -105.37 90.12
N MET A 1021 -49.25 -105.17 88.83
CA MET A 1021 -50.28 -105.20 87.81
C MET A 1021 -50.41 -106.55 87.13
N ASN A 1022 -49.47 -107.46 87.34
CA ASN A 1022 -49.62 -108.80 86.76
C ASN A 1022 -50.75 -109.57 87.42
N THR A 1023 -50.95 -109.34 88.71
CA THR A 1023 -52.08 -109.94 89.42
C THR A 1023 -53.40 -109.54 88.77
N VAL A 1024 -53.56 -108.23 88.53
CA VAL A 1024 -54.77 -107.72 87.89
C VAL A 1024 -54.96 -108.36 86.53
N LEU A 1025 -53.88 -108.46 85.76
CA LEU A 1025 -53.96 -109.06 84.45
C LEU A 1025 -54.40 -110.50 84.54
N ASN A 1026 -53.89 -111.22 85.55
CA ASN A 1026 -54.25 -112.62 85.70
C ASN A 1026 -55.73 -112.77 85.97
N TYR A 1027 -56.26 -111.92 86.85
CA TYR A 1027 -57.70 -111.92 87.10
C TYR A 1027 -58.48 -111.71 85.81
N ILE A 1028 -58.08 -110.72 85.02
CA ILE A 1028 -58.81 -110.41 83.80
C ILE A 1028 -58.72 -111.58 82.83
N PHE A 1029 -57.52 -112.09 82.63
CA PHE A 1029 -57.29 -113.14 81.66
C PHE A 1029 -58.13 -114.37 81.99
N SER A 1030 -58.12 -114.79 83.25
CA SER A 1030 -58.90 -115.95 83.62
C SER A 1030 -60.39 -115.66 83.56
N HIS A 1031 -60.81 -114.43 83.86
CA HIS A 1031 -62.22 -114.10 83.78
C HIS A 1031 -62.73 -114.13 82.35
N ALA A 1032 -61.85 -113.90 81.38
CA ALA A 1032 -62.29 -113.85 80.00
C ALA A 1032 -62.91 -115.16 79.54
N GLN A 1033 -62.39 -116.27 80.01
CA GLN A 1033 -62.88 -117.60 79.69
C GLN A 1033 -63.80 -118.13 80.78
N VAL A 1034 -64.89 -117.43 81.07
CA VAL A 1034 -65.71 -117.78 82.22
C VAL A 1034 -66.62 -118.96 81.89
N THR A 1035 -67.09 -119.05 80.66
CA THR A 1035 -68.06 -120.07 80.29
C THR A 1035 -67.44 -121.46 80.31
N LYS A 1036 -66.27 -121.58 79.71
CA LYS A 1036 -65.54 -122.84 79.71
C LYS A 1036 -65.20 -123.28 81.13
N LYS A 1037 -64.82 -122.32 81.96
CA LYS A 1037 -64.58 -122.59 83.35
C LYS A 1037 -65.81 -123.13 84.04
N ASN A 1038 -66.97 -122.58 83.71
CA ASN A 1038 -68.21 -123.04 84.35
C ASN A 1038 -68.52 -124.47 83.98
N LEU A 1039 -68.26 -124.85 82.73
CA LEU A 1039 -68.41 -126.25 82.35
C LEU A 1039 -67.57 -127.14 83.26
N LEU A 1040 -66.31 -126.76 83.46
CA LEU A 1040 -65.47 -127.56 84.34
C LEU A 1040 -66.03 -127.60 85.76
N VAL A 1041 -66.55 -126.47 86.24
CA VAL A 1041 -67.07 -126.42 87.61
C VAL A 1041 -68.18 -127.42 87.79
N THR A 1042 -69.10 -127.46 86.85
CA THR A 1042 -70.23 -128.38 86.97
C THR A 1042 -69.74 -129.82 86.94
N MET A 1043 -68.76 -130.12 86.08
CA MET A 1043 -68.26 -131.48 86.04
C MET A 1043 -67.59 -131.86 87.36
N LEU A 1044 -66.98 -130.91 88.04
CA LEU A 1044 -66.34 -131.20 89.31
C LEU A 1044 -67.32 -131.23 90.47
N ILE A 1045 -68.48 -130.61 90.33
CA ILE A 1045 -69.50 -130.77 91.35
C ILE A 1045 -70.12 -132.14 91.24
N ASP A 1046 -70.43 -132.56 90.01
CA ASP A 1046 -71.14 -133.82 89.82
C ASP A 1046 -70.30 -135.01 90.24
N GLN A 1047 -68.98 -134.92 90.17
CA GLN A 1047 -68.12 -136.02 90.56
C GLN A 1047 -67.80 -136.02 92.05
N LEU A 1048 -68.23 -135.00 92.78
CA LEU A 1048 -67.97 -134.88 94.20
C LEU A 1048 -69.21 -135.03 95.05
N CYS A 1049 -70.31 -134.39 94.65
CA CYS A 1049 -71.56 -134.40 95.38
C CYS A 1049 -72.66 -134.99 94.52
N GLY A 1050 -72.35 -136.09 93.84
CA GLY A 1050 -73.31 -136.75 92.99
C GLY A 1050 -74.06 -137.78 93.78
N ARG A 1051 -73.78 -139.05 93.56
CA ARG A 1051 -74.47 -140.13 94.27
C ARG A 1051 -73.89 -140.30 95.69
N ASP A 1052 -74.00 -139.23 96.47
CA ASP A 1052 -73.57 -139.21 97.86
C ASP A 1052 -74.18 -137.98 98.53
N PRO A 1053 -75.49 -137.98 98.79
CA PRO A 1053 -76.14 -136.71 99.22
C PRO A 1053 -75.77 -136.31 100.64
N THR A 1054 -74.53 -135.88 100.82
CA THR A 1054 -74.05 -135.39 102.10
C THR A 1054 -73.08 -134.25 101.86
N LEU A 1055 -73.08 -133.30 102.79
CA LEU A 1055 -72.27 -132.09 102.66
C LEU A 1055 -71.64 -131.76 104.00
N THR A 1056 -70.32 -131.74 104.03
CA THR A 1056 -69.58 -131.34 105.21
C THR A 1056 -69.53 -129.82 105.30
N ASP A 1057 -69.08 -129.32 106.44
CA ASP A 1057 -69.00 -127.87 106.65
C ASP A 1057 -67.68 -127.29 106.17
N GLU A 1058 -67.27 -127.69 105.00
CA GLU A 1058 -66.26 -127.08 104.16
C GLU A 1058 -66.76 -126.93 102.74
N LEU A 1059 -67.58 -127.87 102.27
CA LEU A 1059 -68.26 -127.76 101.00
C LEU A 1059 -69.49 -126.88 101.08
N LEU A 1060 -70.10 -126.79 102.25
CA LEU A 1060 -71.26 -125.95 102.39
C LEU A 1060 -70.90 -124.49 102.20
N ASN A 1061 -69.74 -124.09 102.73
CA ASN A 1061 -69.31 -122.71 102.56
C ASN A 1061 -69.11 -122.40 101.09
N ILE A 1062 -68.49 -123.32 100.35
CA ILE A 1062 -68.24 -123.09 98.94
C ILE A 1062 -69.56 -123.02 98.19
N LEU A 1063 -70.47 -123.94 98.47
CA LEU A 1063 -71.71 -123.99 97.71
C LEU A 1063 -72.57 -122.76 97.97
N THR A 1064 -72.63 -122.34 99.23
CA THR A 1064 -73.43 -121.16 99.56
C THR A 1064 -72.78 -119.89 99.07
N GLU A 1065 -71.46 -119.86 98.92
CA GLU A 1065 -70.83 -118.71 98.30
C GLU A 1065 -71.06 -118.72 96.80
N LEU A 1066 -71.09 -119.92 96.22
CA LEU A 1066 -71.18 -120.05 94.78
C LEU A 1066 -72.58 -119.69 94.29
N THR A 1067 -73.59 -119.99 95.09
CA THR A 1067 -74.95 -119.64 94.71
C THR A 1067 -75.22 -118.14 94.76
N GLN A 1068 -74.29 -117.35 95.31
CA GLN A 1068 -74.46 -115.92 95.41
C GLN A 1068 -73.91 -115.16 94.20
N LEU A 1069 -73.40 -115.86 93.20
CA LEU A 1069 -72.92 -115.20 91.99
C LEU A 1069 -74.15 -114.84 91.16
N SER A 1070 -74.56 -113.59 91.26
CA SER A 1070 -75.83 -113.17 90.68
C SER A 1070 -75.74 -112.84 89.20
N LYS A 1071 -74.54 -112.61 88.67
CA LYS A 1071 -74.41 -112.28 87.27
C LYS A 1071 -74.83 -113.46 86.41
N THR A 1072 -75.45 -113.17 85.27
CA THR A 1072 -76.05 -114.21 84.46
C THR A 1072 -75.02 -115.07 83.75
N THR A 1073 -73.76 -114.62 83.69
CA THR A 1073 -72.74 -115.42 83.06
C THR A 1073 -72.44 -116.67 83.86
N ASN A 1074 -72.59 -116.59 85.18
CA ASN A 1074 -72.30 -117.68 86.10
C ASN A 1074 -73.58 -118.34 86.62
N ALA A 1075 -74.58 -118.47 85.76
CA ALA A 1075 -75.85 -119.02 86.21
C ALA A 1075 -75.79 -120.53 86.37
N LYS A 1076 -75.23 -121.22 85.38
CA LYS A 1076 -75.19 -122.67 85.39
C LYS A 1076 -74.56 -123.22 86.65
N VAL A 1077 -73.47 -122.61 87.11
CA VAL A 1077 -72.82 -123.08 88.31
C VAL A 1077 -73.66 -122.75 89.53
N ALA A 1078 -74.29 -121.58 89.55
CA ALA A 1078 -75.07 -121.21 90.71
C ALA A 1078 -76.34 -122.03 90.79
N LEU A 1079 -76.87 -122.40 89.63
CA LEU A 1079 -78.03 -123.26 89.59
C LEU A 1079 -77.70 -124.63 90.13
N ARG A 1080 -76.69 -125.28 89.55
CA ARG A 1080 -76.39 -126.65 89.90
C ARG A 1080 -76.03 -126.77 91.37
N ALA A 1081 -75.24 -125.83 91.87
CA ALA A 1081 -74.89 -125.83 93.28
C ALA A 1081 -76.14 -125.80 94.14
N ARG A 1082 -77.09 -124.94 93.77
CA ARG A 1082 -78.35 -124.90 94.49
C ARG A 1082 -79.00 -126.26 94.50
N GLN A 1083 -79.05 -126.92 93.34
CA GLN A 1083 -79.65 -128.25 93.25
C GLN A 1083 -78.96 -129.22 94.19
N VAL A 1084 -77.66 -129.07 94.37
CA VAL A 1084 -76.98 -129.94 95.31
C VAL A 1084 -77.41 -129.59 96.71
N LEU A 1085 -77.33 -128.31 97.06
CA LEU A 1085 -77.49 -127.89 98.43
C LEU A 1085 -78.90 -128.18 98.93
N ILE A 1086 -79.89 -128.03 98.05
CA ILE A 1086 -81.26 -128.30 98.45
C ILE A 1086 -81.53 -129.79 98.43
N ALA A 1087 -80.86 -130.52 97.54
CA ALA A 1087 -81.12 -131.95 97.45
C ALA A 1087 -80.48 -132.72 98.59
N SER A 1088 -79.49 -132.13 99.25
CA SER A 1088 -78.78 -132.82 100.32
C SER A 1088 -79.42 -132.52 101.66
N HIS A 1089 -80.73 -132.70 101.72
CA HIS A 1089 -81.47 -132.77 102.97
C HIS A 1089 -82.41 -133.96 103.02
N LEU A 1090 -82.68 -134.60 101.91
CA LEU A 1090 -83.61 -135.70 101.86
C LEU A 1090 -82.85 -136.99 102.13
N PRO A 1091 -83.36 -137.90 102.96
CA PRO A 1091 -82.63 -139.15 103.17
C PRO A 1091 -82.53 -139.94 101.88
N SER A 1092 -81.40 -140.63 101.70
CA SER A 1092 -81.08 -141.27 100.42
C SER A 1092 -81.70 -142.66 100.31
N TYR A 1093 -82.99 -142.73 100.66
CA TYR A 1093 -83.90 -143.83 100.41
C TYR A 1093 -83.62 -145.10 101.20
N GLU A 1094 -82.46 -145.22 101.83
CA GLU A 1094 -82.20 -146.37 102.67
C GLU A 1094 -82.78 -146.15 104.05
N LEU A 1095 -82.67 -144.92 104.54
CA LEU A 1095 -83.22 -144.60 105.84
C LEU A 1095 -84.72 -144.71 105.83
N ARG A 1096 -85.36 -144.23 104.77
CA ARG A 1096 -86.81 -144.30 104.69
C ARG A 1096 -87.27 -145.75 104.58
N HIS A 1097 -86.61 -146.54 103.72
CA HIS A 1097 -86.96 -147.95 103.61
C HIS A 1097 -86.85 -148.64 104.95
N ASN A 1098 -85.75 -148.41 105.66
CA ASN A 1098 -85.52 -149.13 106.90
C ASN A 1098 -86.50 -148.72 107.98
N GLN A 1099 -86.68 -147.41 108.19
CA GLN A 1099 -87.60 -146.96 109.22
C GLN A 1099 -89.03 -147.43 108.94
N VAL A 1100 -89.49 -147.23 107.71
CA VAL A 1100 -90.86 -147.53 107.37
C VAL A 1100 -91.12 -149.02 107.46
N GLU A 1101 -90.20 -149.83 106.91
CA GLU A 1101 -90.41 -151.26 106.94
C GLU A 1101 -90.25 -151.80 108.35
N SER A 1102 -89.39 -151.20 109.17
CA SER A 1102 -89.26 -151.61 110.56
C SER A 1102 -90.59 -151.46 111.28
N ILE A 1103 -91.21 -150.28 111.17
CA ILE A 1103 -92.49 -150.08 111.84
C ILE A 1103 -93.54 -151.02 111.26
N PHE A 1104 -93.62 -151.11 109.93
CA PHE A 1104 -94.72 -151.85 109.32
C PHE A 1104 -94.59 -153.34 109.51
N LEU A 1105 -93.37 -153.86 109.74
CA LEU A 1105 -93.14 -155.28 109.88
C LEU A 1105 -93.03 -155.75 111.31
N SER A 1106 -92.65 -154.87 112.24
CA SER A 1106 -92.55 -155.26 113.64
C SER A 1106 -93.89 -155.23 114.35
N ALA A 1107 -94.83 -154.41 113.89
CA ALA A 1107 -96.18 -154.43 114.44
C ALA A 1107 -96.90 -155.75 114.14
N ILE A 1108 -96.42 -156.51 113.16
CA ILE A 1108 -97.24 -157.57 112.57
C ILE A 1108 -97.32 -158.78 113.47
N ASP A 1109 -96.19 -159.13 114.12
CA ASP A 1109 -96.09 -160.35 114.93
C ASP A 1109 -97.25 -160.50 115.90
N MET A 1110 -97.49 -159.48 116.71
CA MET A 1110 -98.70 -159.40 117.53
C MET A 1110 -99.06 -157.92 117.62
N TYR A 1111 -100.05 -157.51 116.84
CA TYR A 1111 -100.48 -156.12 116.84
C TYR A 1111 -101.05 -155.74 118.20
N GLY A 1112 -100.68 -154.55 118.67
CA GLY A 1112 -101.12 -154.04 119.96
C GLY A 1112 -100.10 -154.17 121.06
N HIS A 1113 -98.85 -153.80 120.78
CA HIS A 1113 -97.82 -153.71 121.81
C HIS A 1113 -97.83 -152.37 122.54
N GLN A 1114 -98.71 -151.43 122.16
CA GLN A 1114 -98.88 -150.11 122.77
C GLN A 1114 -97.74 -149.15 122.42
N PHE A 1115 -96.76 -149.55 121.62
CA PHE A 1115 -95.85 -148.62 120.96
C PHE A 1115 -95.95 -148.69 119.44
N CYS A 1116 -96.38 -149.82 118.88
CA CYS A 1116 -96.52 -149.94 117.45
C CYS A 1116 -97.60 -149.00 116.93
N ILE A 1117 -98.68 -148.85 117.70
CA ILE A 1117 -99.78 -147.97 117.33
C ILE A 1117 -99.25 -146.55 117.11
N GLU A 1118 -98.48 -146.06 118.08
CA GLU A 1118 -97.95 -144.71 117.99
C GLU A 1118 -96.99 -144.57 116.82
N ASN A 1119 -96.24 -145.62 116.51
CA ASN A 1119 -95.30 -145.54 115.40
C ASN A 1119 -96.04 -145.46 114.07
N LEU A 1120 -97.14 -146.19 113.95
CA LEU A 1120 -97.97 -146.05 112.75
C LEU A 1120 -98.53 -144.64 112.66
N GLN A 1121 -98.95 -144.09 113.80
CA GLN A 1121 -99.45 -142.72 113.82
C GLN A 1121 -98.38 -141.74 113.38
N LYS A 1122 -97.15 -141.97 113.82
CA LYS A 1122 -96.03 -141.13 113.39
C LYS A 1122 -95.86 -141.19 111.90
N LEU A 1123 -95.93 -142.39 111.32
CA LEU A 1123 -95.84 -142.48 109.87
C LEU A 1123 -96.97 -141.72 109.19
N ILE A 1124 -98.13 -141.63 109.84
CA ILE A 1124 -99.21 -140.85 109.24
C ILE A 1124 -98.94 -139.36 109.38
N LEU A 1125 -98.50 -138.93 110.56
CA LEU A 1125 -98.39 -137.52 110.92
C LEU A 1125 -96.95 -137.07 111.12
N SER A 1126 -96.06 -137.44 110.22
CA SER A 1126 -94.71 -136.93 110.22
C SER A 1126 -94.50 -136.06 109.00
N GLU A 1127 -93.41 -135.29 109.06
CA GLU A 1127 -93.09 -134.39 107.97
C GLU A 1127 -92.61 -135.16 106.74
N THR A 1128 -91.82 -136.22 106.97
CA THR A 1128 -91.18 -136.92 105.86
C THR A 1128 -92.21 -137.66 105.02
N SER A 1129 -92.10 -137.48 103.70
CA SER A 1129 -92.93 -138.24 102.78
C SER A 1129 -92.46 -139.66 102.69
N ILE A 1130 -93.37 -140.59 102.89
CA ILE A 1130 -93.12 -142.02 102.76
C ILE A 1130 -93.88 -142.63 101.59
N PHE A 1131 -94.48 -141.79 100.77
CA PHE A 1131 -95.20 -142.25 99.59
C PHE A 1131 -94.28 -142.87 98.54
N ASP A 1132 -92.96 -142.76 98.72
CA ASP A 1132 -92.02 -143.50 97.91
C ASP A 1132 -91.75 -144.90 98.44
N VAL A 1133 -92.32 -145.27 99.59
CA VAL A 1133 -92.12 -146.58 100.20
C VAL A 1133 -93.44 -147.33 100.35
N LEU A 1134 -94.49 -146.64 100.78
CA LEU A 1134 -95.80 -147.28 101.01
C LEU A 1134 -96.32 -148.13 99.86
N PRO A 1135 -96.16 -147.78 98.58
CA PRO A 1135 -96.67 -148.70 97.55
C PRO A 1135 -95.90 -149.99 97.43
N ASN A 1136 -94.73 -150.10 98.06
CA ASN A 1136 -93.98 -151.35 98.04
C ASN A 1136 -94.62 -152.43 98.89
N PHE A 1137 -95.50 -152.09 99.82
CA PHE A 1137 -96.25 -153.09 100.57
C PHE A 1137 -97.49 -153.53 99.81
N PHE A 1138 -97.26 -153.99 98.58
CA PHE A 1138 -98.33 -154.69 97.89
C PHE A 1138 -98.75 -155.91 98.68
N TYR A 1139 -97.79 -156.75 99.06
CA TYR A 1139 -98.00 -157.83 100.03
C TYR A 1139 -96.79 -158.03 100.95
N HIS A 1140 -95.62 -157.89 100.33
CA HIS A 1140 -94.24 -157.97 100.81
C HIS A 1140 -93.74 -159.32 101.29
N SER A 1141 -94.44 -159.97 102.23
CA SER A 1141 -94.57 -161.41 102.36
C SER A 1141 -95.63 -161.80 103.39
N ASN A 1142 -95.91 -160.91 104.35
CA ASN A 1142 -96.69 -161.27 105.53
C ASN A 1142 -98.17 -161.39 105.22
N GLN A 1143 -98.67 -160.58 104.29
CA GLN A 1143 -100.07 -160.49 103.87
C GLN A 1143 -100.95 -159.78 104.88
N VAL A 1144 -100.41 -159.50 106.07
CA VAL A 1144 -101.09 -158.68 107.05
C VAL A 1144 -100.61 -157.24 106.95
N VAL A 1145 -99.39 -157.04 106.43
CA VAL A 1145 -98.84 -155.70 106.27
C VAL A 1145 -99.59 -154.93 105.21
N ARG A 1146 -100.25 -155.62 104.29
CA ARG A 1146 -101.15 -154.96 103.36
C ARG A 1146 -102.13 -154.07 104.09
N MET A 1147 -102.78 -154.63 105.10
CA MET A 1147 -103.76 -153.90 105.91
C MET A 1147 -103.14 -152.65 106.52
N ALA A 1148 -102.00 -152.80 107.18
CA ALA A 1148 -101.37 -151.67 107.86
C ALA A 1148 -100.97 -150.59 106.87
N ALA A 1149 -100.34 -151.00 105.77
CA ALA A 1149 -99.87 -150.04 104.79
C ALA A 1149 -101.03 -149.28 104.16
N LEU A 1150 -102.11 -149.98 103.83
CA LEU A 1150 -103.27 -149.28 103.28
C LEU A 1150 -103.85 -148.30 104.29
N GLU A 1151 -103.87 -148.69 105.56
CA GLU A 1151 -104.37 -147.77 106.59
C GLU A 1151 -103.55 -146.50 106.60
N VAL A 1152 -102.22 -146.65 106.62
CA VAL A 1152 -101.36 -145.48 106.74
C VAL A 1152 -101.44 -144.64 105.48
N TYR A 1153 -101.49 -145.28 104.32
CA TYR A 1153 -101.54 -144.56 103.07
C TYR A 1153 -102.78 -143.70 102.99
N VAL A 1154 -103.94 -144.31 103.20
CA VAL A 1154 -105.18 -143.55 103.07
C VAL A 1154 -105.26 -142.50 104.16
N ARG A 1155 -104.83 -142.83 105.37
CA ARG A 1155 -104.94 -141.86 106.46
C ARG A 1155 -104.00 -140.67 106.26
N ARG A 1156 -102.86 -140.89 105.61
CA ARG A 1156 -101.94 -139.79 105.38
C ARG A 1156 -102.40 -138.96 104.19
N ALA A 1157 -102.88 -139.63 103.14
CA ALA A 1157 -103.34 -138.91 101.96
C ALA A 1157 -104.64 -138.17 102.24
N TYR A 1158 -105.55 -138.80 102.97
CA TYR A 1158 -106.84 -138.20 103.31
C TYR A 1158 -106.75 -137.52 104.67
N ILE A 1159 -105.72 -136.69 104.82
CA ILE A 1159 -105.58 -135.96 106.06
C ILE A 1159 -106.74 -135.00 106.23
N ALA A 1160 -107.18 -134.38 105.15
CA ALA A 1160 -108.12 -133.29 105.26
C ALA A 1160 -109.53 -133.81 105.44
N TYR A 1161 -109.86 -134.89 104.75
CA TYR A 1161 -111.15 -135.54 104.95
C TYR A 1161 -111.21 -136.06 106.37
N GLU A 1162 -112.37 -135.92 106.99
CA GLU A 1162 -112.59 -136.41 108.35
C GLU A 1162 -113.01 -137.87 108.27
N LEU A 1163 -112.08 -138.76 108.58
CA LEU A 1163 -112.36 -140.20 108.63
C LEU A 1163 -112.94 -140.58 109.97
N ASN A 1164 -113.89 -141.52 109.95
CA ASN A 1164 -114.52 -142.01 111.16
C ASN A 1164 -114.52 -143.53 111.25
N SER A 1165 -114.69 -144.24 110.13
CA SER A 1165 -114.86 -145.69 110.19
C SER A 1165 -114.08 -146.37 109.08
N VAL A 1166 -113.02 -147.08 109.47
CA VAL A 1166 -112.16 -147.80 108.55
C VAL A 1166 -112.26 -149.28 108.89
N GLN A 1167 -112.18 -150.13 107.86
CA GLN A 1167 -112.28 -151.57 108.09
C GLN A 1167 -111.52 -152.33 107.02
N HIS A 1168 -110.94 -153.45 107.44
CA HIS A 1168 -110.10 -154.30 106.60
C HIS A 1168 -110.88 -155.54 106.20
N ARG A 1169 -110.91 -155.83 104.90
CA ARG A 1169 -111.59 -157.00 104.35
C ARG A 1169 -110.62 -157.77 103.47
N GLN A 1170 -110.86 -159.08 103.40
CA GLN A 1170 -109.98 -160.02 102.75
C GLN A 1170 -110.76 -160.85 101.74
N LEU A 1171 -110.04 -161.41 100.78
CA LEU A 1171 -110.53 -162.48 99.93
C LEU A 1171 -109.45 -163.55 99.85
N LYS A 1172 -109.83 -164.76 99.40
CA LYS A 1172 -109.00 -165.95 99.56
C LYS A 1172 -108.10 -166.15 98.33
N ASP A 1173 -107.44 -165.06 98.01
CA ASP A 1173 -106.65 -164.91 96.80
C ASP A 1173 -105.86 -163.64 97.11
N ASN A 1174 -105.56 -162.84 96.09
CA ASN A 1174 -104.68 -161.69 96.25
C ASN A 1174 -105.51 -160.42 96.15
N THR A 1175 -106.22 -160.07 97.24
CA THR A 1175 -107.11 -158.91 97.18
C THR A 1175 -107.34 -158.17 98.50
N CYS A 1176 -106.32 -157.71 99.19
CA CYS A 1176 -106.58 -156.93 100.41
C CYS A 1176 -107.37 -155.68 100.08
N VAL A 1177 -108.61 -155.61 100.59
CA VAL A 1177 -109.48 -154.46 100.40
C VAL A 1177 -109.61 -153.75 101.74
N VAL A 1178 -109.74 -152.43 101.70
CA VAL A 1178 -110.03 -151.65 102.89
C VAL A 1178 -111.09 -150.63 102.54
N GLU A 1179 -112.12 -150.55 103.37
CA GLU A 1179 -113.21 -149.60 103.20
C GLU A 1179 -113.07 -148.49 104.23
N PHE A 1180 -113.48 -147.30 103.80
CA PHE A 1180 -113.36 -146.07 104.56
C PHE A 1180 -114.68 -145.33 104.49
N GLN A 1181 -115.09 -144.77 105.63
CA GLN A 1181 -116.24 -143.90 105.69
C GLN A 1181 -115.85 -142.62 106.40
N PHE A 1182 -115.99 -141.51 105.68
CA PHE A 1182 -115.55 -140.19 106.06
C PHE A 1182 -116.64 -139.20 105.70
N MET A 1183 -116.33 -137.91 105.90
CA MET A 1183 -117.21 -136.83 105.51
C MET A 1183 -116.36 -135.64 105.08
N LEU A 1184 -117.04 -134.61 104.56
CA LEU A 1184 -116.41 -133.42 104.01
C LEU A 1184 -116.67 -132.24 104.94
N PRO A 1185 -115.68 -131.76 105.72
CA PRO A 1185 -115.98 -130.71 106.71
C PRO A 1185 -116.50 -129.41 106.12
N THR A 1186 -115.70 -128.72 105.30
CA THR A 1186 -116.13 -127.51 104.63
C THR A 1186 -115.61 -127.53 103.19
N SER A 1187 -116.31 -128.28 102.35
CA SER A 1187 -116.03 -128.30 100.92
C SER A 1187 -117.16 -129.06 100.24
N HIS A 1188 -117.94 -128.38 99.40
CA HIS A 1188 -119.13 -128.91 98.76
C HIS A 1188 -120.00 -129.74 99.73
N PRO A 1189 -120.31 -129.20 100.92
CA PRO A 1189 -121.02 -130.07 101.86
C PRO A 1189 -122.51 -130.16 101.54
N GLN A 1231 -121.81 -137.00 102.90
CA GLN A 1231 -121.04 -138.08 103.50
C GLN A 1231 -120.68 -139.13 102.46
N ARG A 1232 -119.42 -139.11 102.05
CA ARG A 1232 -118.91 -140.01 101.03
C ARG A 1232 -118.26 -141.23 101.68
N MET A 1233 -118.03 -142.24 100.85
CA MET A 1233 -117.39 -143.48 101.26
C MET A 1233 -116.33 -143.82 100.25
N GLY A 1234 -115.41 -144.71 100.61
CA GLY A 1234 -114.36 -145.07 99.71
C GLY A 1234 -113.70 -146.37 100.08
N GLY A 1235 -112.69 -146.73 99.30
CA GLY A 1235 -111.92 -147.92 99.61
C GLY A 1235 -110.70 -148.00 98.73
N MET A 1236 -109.82 -148.93 99.08
CA MET A 1236 -108.55 -149.09 98.38
C MET A 1236 -108.17 -150.55 98.33
N VAL A 1237 -107.54 -150.92 97.21
CA VAL A 1237 -107.11 -152.29 96.92
C VAL A 1237 -105.90 -152.21 96.01
N SER A 1238 -104.99 -153.17 96.15
CA SER A 1238 -103.84 -153.32 95.27
C SER A 1238 -104.01 -154.51 94.33
N PHE A 1239 -103.22 -154.52 93.26
CA PHE A 1239 -103.24 -155.61 92.28
C PHE A 1239 -101.81 -155.84 91.77
N ARG A 1240 -101.70 -156.70 90.77
CA ARG A 1240 -100.42 -157.05 90.16
C ARG A 1240 -100.52 -156.97 88.63
N THR A 1241 -99.56 -156.26 88.07
CA THR A 1241 -99.16 -156.06 86.67
C THR A 1241 -100.08 -155.26 85.77
N PHE A 1242 -101.31 -155.73 85.54
CA PHE A 1242 -102.45 -154.91 85.10
C PHE A 1242 -103.71 -155.75 85.01
N GLU A 1243 -103.54 -157.01 84.57
CA GLU A 1243 -104.66 -157.87 84.22
C GLU A 1243 -105.33 -158.42 85.46
N ASP A 1244 -104.57 -158.53 86.54
CA ASP A 1244 -105.15 -158.92 87.81
C ASP A 1244 -106.23 -157.93 88.23
N PHE A 1245 -106.12 -156.67 87.80
CA PHE A 1245 -107.19 -155.71 88.09
C PHE A 1245 -108.50 -156.14 87.44
N VAL A 1246 -108.49 -156.35 86.11
CA VAL A 1246 -109.74 -156.66 85.44
C VAL A 1246 -110.23 -158.05 85.82
N ARG A 1247 -109.32 -158.94 86.24
CA ARG A 1247 -109.69 -160.33 86.47
C ARG A 1247 -110.78 -160.46 87.51
N ILE A 1248 -110.65 -159.69 88.59
CA ILE A 1248 -111.57 -159.77 89.73
C ILE A 1248 -112.16 -158.39 89.98
N PHE A 1249 -112.24 -157.57 88.93
CA PHE A 1249 -112.73 -156.21 89.08
C PHE A 1249 -114.16 -156.20 89.59
N ASP A 1250 -114.98 -157.15 89.17
CA ASP A 1250 -116.36 -157.20 89.63
C ASP A 1250 -116.47 -157.71 91.05
N GLU A 1251 -115.48 -158.48 91.51
CA GLU A 1251 -115.54 -159.01 92.87
C GLU A 1251 -115.18 -157.95 93.90
N VAL A 1252 -114.15 -157.16 93.62
CA VAL A 1252 -113.70 -156.15 94.57
C VAL A 1252 -114.72 -155.07 94.78
N MET A 1253 -115.62 -154.86 93.82
CA MET A 1253 -116.66 -153.85 93.96
C MET A 1253 -117.82 -154.31 94.80
N GLY A 1254 -117.85 -155.58 95.20
CA GLY A 1254 -118.92 -156.10 96.03
C GLY A 1254 -118.71 -155.81 97.50
N CYS A 1255 -118.53 -154.54 97.83
CA CYS A 1255 -118.32 -154.11 99.20
C CYS A 1255 -119.65 -153.87 99.89
N GLU A 1284 -126.79 -141.79 94.36
CA GLU A 1284 -125.73 -140.84 94.07
C GLU A 1284 -124.37 -141.55 94.06
N PRO A 1285 -123.46 -141.20 93.11
CA PRO A 1285 -122.14 -141.88 93.12
C PRO A 1285 -121.20 -141.27 94.15
N ILE A 1286 -121.34 -141.70 95.40
CA ILE A 1286 -120.52 -141.17 96.49
C ILE A 1286 -119.28 -142.00 96.74
N HIS A 1287 -119.12 -143.14 96.07
CA HIS A 1287 -118.00 -144.02 96.36
C HIS A 1287 -116.75 -143.55 95.63
N ILE A 1288 -115.61 -143.77 96.27
CA ILE A 1288 -114.29 -143.48 95.70
C ILE A 1288 -113.48 -144.75 95.80
N LEU A 1289 -112.87 -145.15 94.70
CA LEU A 1289 -112.03 -146.34 94.67
C LEU A 1289 -110.61 -145.95 94.27
N ASN A 1290 -109.65 -146.42 95.07
CA ASN A 1290 -108.23 -146.28 94.77
C ASN A 1290 -107.68 -147.65 94.41
N VAL A 1291 -106.85 -147.68 93.37
CA VAL A 1291 -106.30 -148.91 92.83
C VAL A 1291 -104.80 -148.71 92.68
N ALA A 1292 -104.02 -149.64 93.21
CA ALA A 1292 -102.56 -149.57 93.17
C ALA A 1292 -102.03 -150.81 92.48
N ILE A 1293 -101.24 -150.62 91.43
CA ILE A 1293 -100.87 -151.71 90.53
C ILE A 1293 -99.35 -151.75 90.42
N LYS A 1294 -98.79 -152.90 90.77
CA LYS A 1294 -97.36 -153.17 90.73
C LYS A 1294 -96.87 -153.29 89.29
N THR A 1295 -96.21 -152.25 88.78
CA THR A 1295 -95.59 -152.26 87.45
C THR A 1295 -94.18 -151.66 87.52
N ASP A 1296 -93.36 -152.17 88.43
CA ASP A 1296 -92.11 -151.53 88.82
C ASP A 1296 -91.07 -151.61 87.70
N CYS A 1297 -91.36 -150.91 86.60
CA CYS A 1297 -90.45 -150.86 85.45
C CYS A 1297 -90.84 -149.80 84.42
N ASP A 1298 -89.90 -148.91 84.07
CA ASP A 1298 -89.98 -148.09 82.85
C ASP A 1298 -91.19 -147.17 82.71
N ILE A 1299 -91.13 -146.00 83.36
CA ILE A 1299 -92.18 -144.98 83.26
C ILE A 1299 -92.51 -144.75 81.78
N GLU A 1300 -93.75 -145.09 81.40
CA GLU A 1300 -94.28 -144.85 80.05
C GLU A 1300 -95.69 -144.32 80.24
N ASP A 1301 -95.81 -143.00 80.41
CA ASP A 1301 -97.08 -142.41 80.81
C ASP A 1301 -98.14 -142.55 79.73
N ASP A 1302 -97.75 -142.40 78.47
CA ASP A 1302 -98.71 -142.53 77.38
C ASP A 1302 -99.32 -143.92 77.34
N ARG A 1303 -98.48 -144.96 77.38
CA ARG A 1303 -98.96 -146.33 77.35
C ARG A 1303 -99.86 -146.62 78.55
N LEU A 1304 -99.42 -146.19 79.74
CA LEU A 1304 -100.22 -146.40 80.95
C LEU A 1304 -101.60 -145.78 80.78
N ALA A 1305 -101.64 -144.52 80.34
CA ALA A 1305 -102.91 -143.82 80.22
C ALA A 1305 -103.81 -144.51 79.20
N ALA A 1306 -103.23 -144.97 78.09
CA ALA A 1306 -104.02 -145.68 77.08
C ALA A 1306 -104.65 -146.94 77.68
N MET A 1307 -103.84 -147.73 78.39
CA MET A 1307 -104.33 -148.94 79.01
C MET A 1307 -105.50 -148.65 79.95
N PHE A 1308 -105.38 -147.60 80.77
CA PHE A 1308 -106.44 -147.31 81.73
C PHE A 1308 -107.69 -146.80 81.04
N ARG A 1309 -107.51 -146.02 79.98
CA ARG A 1309 -108.65 -145.50 79.24
C ARG A 1309 -109.46 -146.62 78.63
N GLU A 1310 -108.80 -147.68 78.17
CA GLU A 1310 -109.53 -148.79 77.58
C GLU A 1310 -110.52 -149.38 78.57
N PHE A 1311 -110.05 -149.69 79.78
CA PHE A 1311 -110.92 -150.24 80.81
C PHE A 1311 -112.04 -149.28 81.17
N THR A 1312 -111.70 -148.01 81.40
CA THR A 1312 -112.73 -147.10 81.89
C THR A 1312 -113.74 -146.74 80.81
N GLN A 1313 -113.38 -146.85 79.53
CA GLN A 1313 -114.31 -146.56 78.45
C GLN A 1313 -115.17 -147.74 78.09
N GLN A 1314 -114.66 -148.96 78.25
CA GLN A 1314 -115.47 -150.15 77.96
C GLN A 1314 -116.34 -150.56 79.14
N ASN A 1315 -115.75 -150.63 80.32
CA ASN A 1315 -116.43 -151.16 81.51
C ASN A 1315 -116.98 -149.98 82.31
N LYS A 1316 -118.32 -149.98 82.49
CA LYS A 1316 -119.01 -148.92 83.21
C LYS A 1316 -119.60 -149.42 84.51
N ALA A 1317 -118.93 -150.37 85.15
CA ALA A 1317 -119.35 -150.85 86.47
C ALA A 1317 -119.42 -149.71 87.48
N THR A 1318 -118.58 -148.69 87.30
CA THR A 1318 -118.57 -147.54 88.21
C THR A 1318 -119.90 -146.83 88.28
N LEU A 1319 -120.73 -146.94 87.25
CA LEU A 1319 -122.04 -146.29 87.20
C LEU A 1319 -123.18 -147.21 87.55
N VAL A 1320 -123.10 -148.46 87.09
CA VAL A 1320 -124.24 -149.37 87.17
C VAL A 1320 -124.25 -150.20 88.45
N ASP A 1321 -123.09 -150.44 89.07
CA ASP A 1321 -123.06 -151.26 90.27
C ASP A 1321 -123.61 -150.50 91.47
N HIS A 1322 -122.91 -149.44 91.90
CA HIS A 1322 -123.37 -148.61 93.00
C HIS A 1322 -123.15 -147.11 92.76
N GLY A 1323 -122.16 -146.75 91.94
CA GLY A 1323 -121.82 -145.35 91.70
C GLY A 1323 -120.50 -144.93 92.31
N ILE A 1324 -119.44 -144.90 91.51
CA ILE A 1324 -118.12 -144.42 91.93
C ILE A 1324 -117.88 -143.09 91.23
N ARG A 1325 -117.59 -142.05 92.02
CA ARG A 1325 -117.34 -140.73 91.48
C ARG A 1325 -116.07 -140.69 90.65
N ARG A 1326 -114.96 -141.18 91.21
CA ARG A 1326 -113.68 -141.16 90.54
C ARG A 1326 -112.92 -142.44 90.84
N LEU A 1327 -112.12 -142.86 89.86
CA LEU A 1327 -111.24 -144.02 89.99
C LEU A 1327 -109.81 -143.56 89.77
N THR A 1328 -108.97 -143.77 90.77
CA THR A 1328 -107.59 -143.32 90.75
C THR A 1328 -106.66 -144.51 90.75
N PHE A 1329 -105.73 -144.52 89.79
CA PHE A 1329 -104.72 -145.56 89.67
C PHE A 1329 -103.39 -145.03 90.14
N LEU A 1330 -102.75 -145.79 91.02
CA LEU A 1330 -101.39 -145.51 91.46
C LEU A 1330 -100.45 -146.44 90.72
N VAL A 1331 -99.49 -145.86 90.01
CA VAL A 1331 -98.45 -146.60 89.34
C VAL A 1331 -97.18 -146.41 90.16
N ALA A 1332 -96.47 -147.50 90.42
CA ALA A 1332 -95.24 -147.45 91.19
C ALA A 1332 -94.03 -147.32 90.28
N PHE A 1352 -91.55 -140.58 92.82
CA PHE A 1352 -91.67 -141.97 92.43
C PHE A 1352 -93.10 -142.36 92.00
N PRO A 1353 -94.12 -142.15 92.85
CA PRO A 1353 -95.46 -142.56 92.43
C PRO A 1353 -95.96 -141.73 91.27
N LYS A 1354 -96.71 -142.38 90.40
CA LYS A 1354 -97.30 -141.76 89.22
C LYS A 1354 -98.80 -142.03 89.25
N PHE A 1355 -99.56 -141.01 89.61
CA PHE A 1355 -101.00 -141.11 89.72
C PHE A 1355 -101.67 -140.79 88.40
N PHE A 1356 -102.74 -141.53 88.09
CA PHE A 1356 -103.58 -141.27 86.93
C PHE A 1356 -105.03 -141.36 87.38
N THR A 1357 -105.78 -140.29 87.20
CA THR A 1357 -107.15 -140.18 87.70
C THR A 1357 -108.11 -140.19 86.52
N PHE A 1358 -109.18 -140.97 86.64
CA PHE A 1358 -110.18 -141.11 85.59
C PHE A 1358 -111.56 -141.02 86.22
N ARG A 1359 -112.37 -140.09 85.72
CA ARG A 1359 -113.76 -139.95 86.13
C ARG A 1359 -114.65 -140.44 85.00
N ALA A 1360 -115.30 -141.57 85.22
CA ALA A 1360 -116.20 -142.17 84.24
C ALA A 1360 -117.64 -141.83 84.62
N ARG A 1361 -117.93 -140.53 84.70
CA ARG A 1361 -119.28 -140.08 85.02
C ARG A 1361 -119.87 -139.09 84.03
N ASP A 1362 -119.17 -137.97 83.79
CA ASP A 1362 -119.70 -136.90 82.94
C ASP A 1362 -118.71 -136.45 81.88
N LYS A 1363 -117.44 -136.33 82.27
CA LYS A 1363 -116.39 -135.86 81.37
C LYS A 1363 -115.64 -137.05 80.80
N PHE A 1364 -114.80 -136.77 79.81
CA PHE A 1364 -113.96 -137.82 79.25
C PHE A 1364 -113.06 -138.38 80.33
N GLU A 1365 -112.84 -139.69 80.28
CA GLU A 1365 -112.10 -140.39 81.33
C GLU A 1365 -110.63 -140.01 81.19
N GLU A 1366 -110.30 -138.84 81.73
CA GLU A 1366 -108.94 -138.35 81.77
C GLU A 1366 -108.92 -137.15 82.71
N ASP A 1367 -107.75 -136.90 83.30
CA ASP A 1367 -107.54 -135.71 84.11
C ASP A 1367 -106.09 -135.29 83.93
N ARG A 1368 -105.91 -134.15 83.26
CA ARG A 1368 -104.59 -133.59 83.04
C ARG A 1368 -104.10 -132.75 84.21
N ILE A 1369 -105.00 -132.35 85.11
CA ILE A 1369 -104.63 -131.48 86.20
C ILE A 1369 -103.93 -132.26 87.30
N TYR A 1370 -104.50 -133.40 87.69
CA TYR A 1370 -104.01 -134.19 88.81
C TYR A 1370 -103.12 -135.34 88.37
N ARG A 1371 -102.56 -135.26 87.16
CA ARG A 1371 -101.54 -136.21 86.77
C ARG A 1371 -100.37 -136.13 87.74
N HIS A 1372 -99.95 -137.29 88.22
CA HIS A 1372 -98.87 -137.42 89.19
C HIS A 1372 -99.20 -136.76 90.52
N LEU A 1373 -100.48 -136.52 90.80
CA LEU A 1373 -100.92 -136.03 92.10
C LEU A 1373 -102.21 -136.72 92.50
N GLU A 1374 -102.24 -137.23 93.71
CA GLU A 1374 -103.46 -137.82 94.24
C GLU A 1374 -104.50 -136.73 94.47
N PRO A 1375 -105.74 -136.85 93.92
CA PRO A 1375 -106.73 -135.79 94.10
C PRO A 1375 -107.44 -135.81 95.45
N ALA A 1376 -106.92 -136.60 96.39
CA ALA A 1376 -107.32 -136.47 97.78
C ALA A 1376 -106.81 -135.19 98.40
N LEU A 1377 -105.76 -134.60 97.82
CA LEU A 1377 -105.19 -133.34 98.28
C LEU A 1377 -105.76 -132.15 97.51
N ALA A 1378 -106.96 -132.29 96.95
CA ALA A 1378 -107.61 -131.22 96.22
C ALA A 1378 -108.24 -130.17 97.12
N PHE A 1379 -108.41 -130.47 98.41
CA PHE A 1379 -108.90 -129.52 99.40
C PHE A 1379 -107.79 -129.03 100.29
N GLN A 1380 -106.77 -129.86 100.51
CA GLN A 1380 -105.61 -129.42 101.28
C GLN A 1380 -104.94 -128.25 100.58
N LEU A 1381 -104.86 -128.32 99.27
CA LEU A 1381 -104.32 -127.26 98.42
C LEU A 1381 -105.44 -126.71 97.55
N GLU A 1382 -105.69 -125.42 97.66
CA GLU A 1382 -106.86 -124.79 97.08
C GLU A 1382 -106.62 -124.60 95.58
N LEU A 1383 -106.79 -125.69 94.84
CA LEU A 1383 -106.62 -125.64 93.39
C LEU A 1383 -107.86 -125.17 92.66
N ASN A 1384 -109.00 -125.06 93.33
CA ASN A 1384 -110.19 -124.51 92.69
C ASN A 1384 -110.10 -123.00 92.48
N ARG A 1385 -109.12 -122.34 93.09
CA ARG A 1385 -108.94 -120.90 92.96
C ARG A 1385 -108.08 -120.53 91.75
N MET A 1386 -108.07 -121.38 90.73
CA MET A 1386 -107.20 -121.22 89.58
C MET A 1386 -107.96 -121.43 88.28
N ARG A 1387 -109.26 -121.13 88.30
CA ARG A 1387 -110.08 -121.25 87.11
C ARG A 1387 -109.62 -120.33 85.99
N ASN A 1388 -108.96 -119.22 86.32
CA ASN A 1388 -108.55 -118.22 85.35
C ASN A 1388 -107.21 -118.52 84.69
N PHE A 1389 -106.59 -119.65 85.04
CA PHE A 1389 -105.24 -119.97 84.58
C PHE A 1389 -105.22 -121.37 84.01
N ASP A 1390 -104.32 -121.57 83.06
CA ASP A 1390 -103.95 -122.88 82.56
C ASP A 1390 -102.63 -123.25 83.23
N LEU A 1391 -102.63 -124.38 83.93
CA LEU A 1391 -101.52 -124.76 84.79
C LEU A 1391 -100.72 -125.90 84.20
N THR A 1392 -99.42 -125.86 84.44
CA THR A 1392 -98.53 -126.97 84.22
C THR A 1392 -97.75 -127.20 85.51
N ALA A 1393 -97.82 -128.40 86.03
CA ALA A 1393 -97.03 -128.72 87.20
C ALA A 1393 -95.58 -128.89 86.80
N ILE A 1394 -94.69 -128.50 87.70
CA ILE A 1394 -93.25 -128.60 87.52
C ILE A 1394 -92.73 -129.57 88.58
N PRO A 1395 -92.08 -130.66 88.20
CA PRO A 1395 -91.54 -131.55 89.24
C PRO A 1395 -90.36 -130.91 89.94
N CYS A 1396 -90.11 -131.36 91.16
CA CYS A 1396 -89.03 -130.82 91.95
C CYS A 1396 -88.66 -131.85 93.01
N ALA A 1397 -87.46 -131.68 93.57
CA ALA A 1397 -87.10 -132.42 94.76
C ALA A 1397 -88.02 -132.03 95.91
N ASN A 1398 -88.05 -132.87 96.93
CA ASN A 1398 -88.94 -132.75 98.09
C ASN A 1398 -90.35 -132.35 97.66
N HIS A 1399 -91.04 -133.29 97.02
CA HIS A 1399 -92.33 -132.96 96.44
C HIS A 1399 -93.46 -132.90 97.47
N LYS A 1400 -93.20 -132.25 98.60
CA LYS A 1400 -94.20 -131.60 99.42
C LYS A 1400 -94.38 -130.14 99.02
N MET A 1401 -93.50 -129.60 98.19
CA MET A 1401 -93.58 -128.24 97.68
C MET A 1401 -94.02 -128.33 96.23
N HIS A 1402 -95.33 -128.45 96.01
CA HIS A 1402 -95.88 -128.64 94.69
C HIS A 1402 -95.85 -127.32 93.94
N LEU A 1403 -95.04 -127.25 92.90
CA LEU A 1403 -94.90 -126.06 92.09
C LEU A 1403 -95.72 -126.17 90.81
N TYR A 1404 -96.44 -125.10 90.50
CA TYR A 1404 -97.18 -124.97 89.27
C TYR A 1404 -96.80 -123.67 88.59
N LEU A 1405 -96.75 -123.70 87.26
CA LEU A 1405 -96.64 -122.50 86.45
C LEU A 1405 -97.97 -122.29 85.76
N GLY A 1406 -98.54 -121.12 85.94
CA GLY A 1406 -99.87 -120.80 85.46
C GLY A 1406 -99.80 -119.67 84.45
N ALA A 1407 -100.56 -119.81 83.38
CA ALA A 1407 -100.67 -118.80 82.35
C ALA A 1407 -102.11 -118.32 82.30
N ALA A 1408 -102.29 -117.01 82.32
CA ALA A 1408 -103.62 -116.45 82.31
C ALA A 1408 -104.38 -116.90 81.07
N LYS A 1409 -105.66 -117.18 81.25
CA LYS A 1409 -106.52 -117.52 80.13
C LYS A 1409 -106.89 -116.26 79.37
N VAL A 1410 -106.63 -116.27 78.06
CA VAL A 1410 -106.89 -115.15 77.19
C VAL A 1410 -107.78 -115.63 76.05
N GLU A 1411 -108.31 -114.68 75.30
CA GLU A 1411 -109.14 -115.01 74.14
C GLU A 1411 -108.25 -115.41 72.97
N VAL A 1412 -108.88 -115.70 71.84
CA VAL A 1412 -108.16 -116.00 70.61
C VAL A 1412 -107.51 -114.78 69.98
N GLY A 1413 -107.70 -113.60 70.56
CA GLY A 1413 -107.15 -112.37 70.06
C GLY A 1413 -105.87 -112.07 70.80
N THR A 1414 -105.98 -111.27 71.85
CA THR A 1414 -104.83 -110.93 72.68
C THR A 1414 -104.07 -112.17 73.15
N GLU A 1415 -102.75 -112.08 73.07
CA GLU A 1415 -101.87 -113.17 73.48
C GLU A 1415 -101.78 -113.24 74.99
N VAL A 1416 -100.87 -114.10 75.45
CA VAL A 1416 -100.63 -114.31 76.87
C VAL A 1416 -99.43 -113.49 77.28
N THR A 1417 -99.59 -112.68 78.33
CA THR A 1417 -98.52 -111.91 78.93
C THR A 1417 -98.35 -112.13 80.42
N ASP A 1418 -99.33 -112.74 81.10
CA ASP A 1418 -99.29 -112.98 82.52
C ASP A 1418 -98.94 -114.44 82.79
N TYR A 1419 -97.75 -114.67 83.33
CA TYR A 1419 -97.27 -115.97 83.75
C TYR A 1419 -96.87 -115.87 85.21
N ARG A 1420 -97.29 -116.83 86.02
CA ARG A 1420 -96.99 -116.77 87.45
C ARG A 1420 -96.69 -118.16 87.98
N PHE A 1421 -95.71 -118.23 88.88
CA PHE A 1421 -95.46 -119.44 89.64
C PHE A 1421 -96.33 -119.46 90.88
N PHE A 1422 -96.76 -120.65 91.27
CA PHE A 1422 -97.48 -120.88 92.50
C PHE A 1422 -96.82 -122.03 93.23
N VAL A 1423 -96.42 -121.80 94.46
CA VAL A 1423 -95.90 -122.82 95.35
C VAL A 1423 -97.02 -123.17 96.30
N ARG A 1424 -97.43 -124.43 96.28
CA ARG A 1424 -98.46 -124.93 97.16
C ARG A 1424 -97.84 -126.07 97.94
N ALA A 1425 -97.69 -125.87 99.24
CA ALA A 1425 -97.02 -126.82 100.10
C ALA A 1425 -97.96 -127.38 101.15
N ILE A 1426 -97.66 -128.60 101.58
CA ILE A 1426 -98.39 -129.26 102.65
C ILE A 1426 -97.38 -129.58 103.75
N ILE A 1427 -97.72 -129.14 104.95
CA ILE A 1427 -96.89 -129.35 106.13
C ILE A 1427 -97.65 -130.29 107.03
N ARG A 1428 -97.11 -131.50 107.17
CA ARG A 1428 -97.71 -132.51 108.00
C ARG A 1428 -96.93 -132.60 109.30
N HIS A 1429 -97.66 -132.69 110.40
CA HIS A 1429 -97.08 -132.79 111.73
C HIS A 1429 -98.22 -132.99 112.70
N SER A 1430 -97.91 -133.61 113.84
CA SER A 1430 -98.92 -133.85 114.85
C SER A 1430 -99.31 -132.54 115.52
N ASP A 1431 -100.45 -132.55 116.18
CA ASP A 1431 -100.94 -131.36 116.85
C ASP A 1431 -100.01 -131.00 118.00
N LEU A 1432 -100.01 -129.72 118.35
CA LEU A 1432 -99.16 -129.20 119.40
C LEU A 1432 -99.99 -128.83 120.63
N VAL A 1433 -99.42 -129.11 121.78
CA VAL A 1433 -99.92 -128.61 123.05
C VAL A 1433 -98.95 -127.52 123.50
N THR A 1434 -99.47 -126.32 123.68
CA THR A 1434 -98.65 -125.16 123.98
C THR A 1434 -98.57 -124.96 125.48
N LYS A 1435 -97.34 -124.85 125.98
CA LYS A 1435 -97.04 -124.39 127.33
C LYS A 1435 -96.07 -123.23 127.21
N GLU A 1436 -96.42 -122.32 126.30
CA GLU A 1436 -95.50 -121.31 125.78
C GLU A 1436 -94.29 -121.97 125.12
N ALA A 1437 -94.52 -123.12 124.51
CA ALA A 1437 -93.46 -123.95 123.94
C ALA A 1437 -93.64 -124.18 122.44
N SER A 1438 -94.60 -123.52 121.80
CA SER A 1438 -94.81 -123.63 120.38
C SER A 1438 -94.17 -122.50 119.58
N PHE A 1439 -93.52 -121.54 120.25
CA PHE A 1439 -92.90 -120.44 119.53
C PHE A 1439 -91.77 -120.95 118.64
N GLU A 1440 -90.95 -121.85 119.18
CA GLU A 1440 -89.83 -122.36 118.42
C GLU A 1440 -90.31 -123.15 117.21
N TYR A 1441 -91.42 -123.87 117.37
CA TYR A 1441 -91.98 -124.62 116.25
C TYR A 1441 -92.39 -123.68 115.14
N LEU A 1442 -93.16 -122.65 115.47
CA LEU A 1442 -93.63 -121.71 114.46
C LEU A 1442 -92.46 -121.02 113.79
N GLN A 1443 -91.49 -120.55 114.57
CA GLN A 1443 -90.36 -119.85 113.99
C GLN A 1443 -89.54 -120.76 113.10
N ASN A 1444 -89.21 -121.96 113.58
CA ASN A 1444 -88.35 -122.85 112.83
C ASN A 1444 -89.04 -123.35 111.57
N GLU A 1445 -90.31 -123.74 111.68
CA GLU A 1445 -91.01 -124.21 110.50
C GLU A 1445 -91.22 -123.09 109.51
N GLY A 1446 -91.54 -121.89 109.99
CA GLY A 1446 -91.69 -120.76 109.09
C GLY A 1446 -90.42 -120.52 108.30
N GLU A 1447 -89.29 -120.44 109.00
CA GLU A 1447 -88.02 -120.19 108.33
C GLU A 1447 -87.68 -121.32 107.36
N ARG A 1448 -87.75 -122.56 107.83
CA ARG A 1448 -87.40 -123.71 107.01
C ARG A 1448 -88.26 -123.77 105.75
N LEU A 1449 -89.57 -123.68 105.90
CA LEU A 1449 -90.45 -123.79 104.75
C LEU A 1449 -90.28 -122.62 103.80
N LEU A 1450 -90.07 -121.41 104.34
CA LEU A 1450 -89.87 -120.26 103.48
C LEU A 1450 -88.61 -120.41 102.65
N LEU A 1451 -87.53 -120.86 103.29
CA LEU A 1451 -86.28 -121.04 102.55
C LEU A 1451 -86.41 -122.13 101.50
N GLU A 1452 -87.09 -123.22 101.82
CA GLU A 1452 -87.25 -124.28 100.84
C GLU A 1452 -88.11 -123.82 99.67
N ALA A 1453 -89.15 -123.06 99.97
CA ALA A 1453 -89.99 -122.51 98.92
C ALA A 1453 -89.18 -121.64 97.99
N MET A 1454 -88.37 -120.76 98.57
CA MET A 1454 -87.56 -119.86 97.75
C MET A 1454 -86.55 -120.64 96.92
N ASP A 1455 -85.99 -121.70 97.48
CA ASP A 1455 -84.97 -122.45 96.76
C ASP A 1455 -85.55 -123.20 95.57
N GLU A 1456 -86.64 -123.92 95.79
CA GLU A 1456 -87.29 -124.63 94.69
C GLU A 1456 -87.76 -123.66 93.64
N LEU A 1457 -88.29 -122.51 94.06
CA LEU A 1457 -88.73 -121.53 93.10
C LEU A 1457 -87.56 -120.94 92.33
N GLU A 1458 -86.43 -120.77 93.00
CA GLU A 1458 -85.25 -120.26 92.31
C GLU A 1458 -84.87 -121.17 91.16
N VAL A 1459 -84.79 -122.47 91.45
CA VAL A 1459 -84.42 -123.44 90.42
C VAL A 1459 -85.40 -123.37 89.27
N ALA A 1460 -86.69 -123.44 89.56
CA ALA A 1460 -87.66 -123.49 88.47
C ALA A 1460 -87.79 -122.15 87.77
N PHE A 1461 -87.47 -121.07 88.46
CA PHE A 1461 -87.53 -119.74 87.87
C PHE A 1461 -86.44 -119.57 86.83
N ASN A 1462 -85.24 -120.06 87.13
CA ASN A 1462 -84.15 -119.95 86.17
C ASN A 1462 -84.22 -120.98 85.05
N ASN A 1463 -84.98 -122.05 85.21
CA ASN A 1463 -85.04 -123.07 84.16
C ASN A 1463 -85.90 -122.67 82.97
N THR A 1464 -86.67 -121.59 83.06
CA THR A 1464 -87.57 -121.20 81.99
C THR A 1464 -87.44 -119.71 81.76
N ASN A 1465 -88.03 -119.25 80.64
CA ASN A 1465 -88.06 -117.85 80.27
C ASN A 1465 -89.48 -117.53 79.80
N VAL A 1466 -90.32 -117.13 80.76
CA VAL A 1466 -91.63 -116.59 80.49
C VAL A 1466 -91.84 -115.24 81.15
N ARG A 1467 -90.90 -114.80 81.98
CA ARG A 1467 -90.93 -113.47 82.59
C ARG A 1467 -92.18 -113.29 83.43
N THR A 1468 -92.21 -114.05 84.53
CA THR A 1468 -93.30 -113.95 85.47
C THR A 1468 -93.20 -112.69 86.29
N ASP A 1469 -94.35 -112.26 86.83
CA ASP A 1469 -94.43 -111.06 87.64
C ASP A 1469 -94.81 -111.34 89.09
N CYS A 1470 -95.96 -111.95 89.35
CA CYS A 1470 -96.52 -112.00 90.70
C CYS A 1470 -96.56 -113.43 91.18
N ASN A 1471 -95.45 -113.88 91.72
CA ASN A 1471 -95.35 -115.22 92.24
C ASN A 1471 -95.92 -115.27 93.65
N HIS A 1472 -96.48 -116.43 93.96
CA HIS A 1472 -97.28 -116.67 95.15
C HIS A 1472 -96.80 -117.92 95.86
N ILE A 1473 -96.82 -117.87 97.19
CA ILE A 1473 -96.46 -119.00 98.03
C ILE A 1473 -97.62 -119.25 98.97
N PHE A 1474 -98.05 -120.50 99.04
CA PHE A 1474 -99.11 -120.92 99.96
C PHE A 1474 -98.60 -122.07 100.82
N LEU A 1475 -98.64 -121.88 102.12
CA LEU A 1475 -98.21 -122.87 103.09
C LEU A 1475 -99.42 -123.26 103.94
N ASN A 1476 -99.87 -124.49 103.77
CA ASN A 1476 -100.97 -125.05 104.55
C ASN A 1476 -100.39 -125.93 105.63
N PHE A 1477 -100.59 -125.55 106.89
CA PHE A 1477 -100.12 -126.31 108.03
C PHE A 1477 -101.26 -127.16 108.56
N VAL A 1478 -101.06 -128.47 108.54
CA VAL A 1478 -102.02 -129.44 109.07
C VAL A 1478 -102.19 -129.28 110.58
N PRO A 1479 -101.14 -129.24 111.39
CA PRO A 1479 -101.35 -129.28 112.84
C PRO A 1479 -101.99 -128.01 113.35
N THR A 1480 -102.73 -128.18 114.43
CA THR A 1480 -103.29 -127.07 115.17
C THR A 1480 -102.33 -126.65 116.26
N VAL A 1481 -102.19 -125.34 116.44
CA VAL A 1481 -101.30 -124.75 117.43
C VAL A 1481 -102.11 -123.81 118.31
N ILE A 1482 -101.78 -123.78 119.59
CA ILE A 1482 -102.37 -122.83 120.52
C ILE A 1482 -101.41 -121.65 120.57
N MET A 1483 -101.88 -120.50 120.08
CA MET A 1483 -101.05 -119.30 120.06
C MET A 1483 -101.97 -118.12 119.84
N ASP A 1484 -101.57 -116.98 120.37
CA ASP A 1484 -102.30 -115.77 120.10
C ASP A 1484 -101.99 -115.36 118.66
N PRO A 1485 -103.00 -115.04 117.83
CA PRO A 1485 -102.69 -114.69 116.44
C PRO A 1485 -101.71 -113.53 116.28
N SER A 1486 -101.70 -112.56 117.20
CA SER A 1486 -100.78 -111.45 117.09
C SER A 1486 -99.34 -111.90 117.14
N LYS A 1487 -99.05 -112.94 117.94
CA LYS A 1487 -97.70 -113.45 118.01
C LYS A 1487 -97.29 -114.13 116.72
N ILE A 1488 -98.23 -114.84 116.09
CA ILE A 1488 -97.95 -115.42 114.78
C ILE A 1488 -97.65 -114.31 113.79
N GLU A 1489 -98.39 -113.20 113.89
CA GLU A 1489 -98.14 -112.08 113.01
C GLU A 1489 -96.73 -111.55 113.18
N GLU A 1490 -96.29 -111.39 114.42
CA GLU A 1490 -94.94 -110.92 114.68
C GLU A 1490 -93.89 -111.84 114.10
N SER A 1491 -94.07 -113.15 114.33
CA SER A 1491 -93.10 -114.13 113.85
C SER A 1491 -92.99 -114.10 112.33
N VAL A 1492 -94.14 -114.15 111.64
CA VAL A 1492 -94.12 -114.13 110.18
C VAL A 1492 -93.53 -112.83 109.68
N ARG A 1493 -93.84 -111.72 110.35
CA ARG A 1493 -93.33 -110.43 109.92
C ARG A 1493 -91.81 -110.43 109.93
N SER A 1494 -91.21 -110.85 111.04
CA SER A 1494 -89.76 -110.85 111.13
C SER A 1494 -89.14 -111.78 110.10
N MET A 1495 -89.70 -112.97 109.94
CA MET A 1495 -89.14 -113.93 109.00
C MET A 1495 -89.19 -113.41 107.58
N VAL A 1496 -90.28 -112.75 107.21
CA VAL A 1496 -90.40 -112.24 105.86
C VAL A 1496 -89.46 -111.07 105.64
N MET A 1497 -89.35 -110.18 106.64
CA MET A 1497 -88.51 -109.00 106.47
C MET A 1497 -87.05 -109.37 106.31
N ARG A 1498 -86.56 -110.33 107.10
CA ARG A 1498 -85.13 -110.63 107.03
C ARG A 1498 -84.75 -111.24 105.70
N TYR A 1499 -85.64 -112.00 105.08
CA TYR A 1499 -85.43 -112.59 103.77
C TYR A 1499 -86.19 -111.85 102.68
N GLY A 1500 -86.53 -110.59 102.92
CA GLY A 1500 -87.31 -109.84 101.95
C GLY A 1500 -86.57 -109.58 100.66
N SER A 1501 -85.24 -109.49 100.74
CA SER A 1501 -84.45 -109.23 99.54
C SER A 1501 -84.55 -110.38 98.54
N ARG A 1502 -84.42 -111.62 99.04
CA ARG A 1502 -84.51 -112.77 98.14
C ARG A 1502 -85.90 -112.90 97.54
N LEU A 1503 -86.93 -112.67 98.36
CA LEU A 1503 -88.28 -112.72 97.84
C LEU A 1503 -88.50 -111.66 96.77
N TRP A 1504 -87.87 -110.51 96.94
CA TRP A 1504 -87.96 -109.46 95.94
C TRP A 1504 -87.31 -109.89 94.65
N LYS A 1505 -86.11 -110.46 94.74
CA LYS A 1505 -85.41 -110.92 93.54
C LYS A 1505 -86.20 -111.98 92.80
N LEU A 1506 -86.91 -112.84 93.53
CA LEU A 1506 -87.70 -113.90 92.93
C LEU A 1506 -89.10 -113.46 92.59
N ARG A 1507 -89.44 -112.20 92.80
CA ARG A 1507 -90.72 -111.64 92.40
C ARG A 1507 -91.87 -112.31 93.13
N VAL A 1508 -91.67 -112.60 94.40
CA VAL A 1508 -92.71 -113.15 95.26
C VAL A 1508 -93.43 -111.98 95.89
N LEU A 1509 -94.67 -111.74 95.46
CA LEU A 1509 -95.40 -110.57 95.90
C LEU A 1509 -96.56 -110.88 96.84
N GLN A 1510 -97.14 -112.07 96.73
CA GLN A 1510 -98.24 -112.48 97.58
C GLN A 1510 -97.83 -113.72 98.33
N ALA A 1511 -98.37 -113.87 99.53
CA ALA A 1511 -98.17 -115.11 100.27
C ALA A 1511 -99.36 -115.35 101.16
N GLU A 1512 -99.69 -116.62 101.37
CA GLU A 1512 -100.78 -117.00 102.24
C GLU A 1512 -100.33 -118.11 103.16
N LEU A 1513 -100.80 -118.05 104.39
CA LEU A 1513 -100.53 -119.07 105.38
C LEU A 1513 -101.82 -119.43 106.08
N LYS A 1514 -102.12 -120.73 106.10
CA LYS A 1514 -103.28 -121.27 106.78
C LYS A 1514 -102.82 -121.98 108.04
N ILE A 1515 -103.46 -121.69 109.16
CA ILE A 1515 -103.13 -122.39 110.38
C ILE A 1515 -104.33 -122.35 111.31
N ASN A 1516 -104.55 -123.43 112.03
CA ASN A 1516 -105.64 -123.51 112.99
C ASN A 1516 -105.15 -123.11 114.38
N ILE A 1517 -106.00 -122.37 115.08
CA ILE A 1517 -105.77 -121.97 116.46
C ILE A 1517 -106.53 -122.93 117.35
N ARG A 1518 -105.79 -123.56 118.28
CA ARG A 1518 -106.31 -124.35 119.41
C ARG A 1518 -106.90 -125.71 119.09
N ALA A 1525 -111.17 -125.80 117.30
CA ALA A 1525 -110.11 -125.05 116.65
C ALA A 1525 -110.66 -124.14 115.58
N ILE A 1526 -110.17 -122.90 115.53
CA ILE A 1526 -110.66 -121.90 114.58
C ILE A 1526 -109.57 -121.67 113.54
N PRO A 1527 -109.87 -121.76 112.24
CA PRO A 1527 -108.82 -121.46 111.26
C PRO A 1527 -108.58 -119.97 111.14
N ILE A 1528 -107.31 -119.63 110.92
CA ILE A 1528 -106.93 -118.28 110.56
C ILE A 1528 -106.11 -118.34 109.28
N ARG A 1529 -106.24 -117.28 108.49
CA ARG A 1529 -105.54 -117.15 107.21
C ARG A 1529 -104.81 -115.82 107.13
N LEU A 1530 -103.49 -115.90 107.06
CA LEU A 1530 -102.61 -114.74 106.97
C LEU A 1530 -102.36 -114.44 105.51
N PHE A 1531 -102.56 -113.19 105.13
CA PHE A 1531 -102.42 -112.75 103.76
C PHE A 1531 -101.38 -111.65 103.73
N LEU A 1532 -100.31 -111.88 102.98
CA LEU A 1532 -99.20 -110.94 102.91
C LEU A 1532 -99.03 -110.41 101.51
N THR A 1533 -98.89 -109.10 101.43
CA THR A 1533 -98.55 -108.39 100.20
C THR A 1533 -97.19 -107.72 100.41
N ASN A 1534 -96.26 -107.99 99.50
CA ASN A 1534 -94.89 -107.50 99.59
C ASN A 1534 -94.52 -107.02 98.19
N GLU A 1535 -94.86 -105.78 97.93
CA GLU A 1535 -94.52 -105.05 96.72
C GLU A 1535 -93.20 -104.36 97.01
N SER A 1536 -93.00 -103.18 96.40
CA SER A 1536 -91.80 -102.35 96.57
C SER A 1536 -91.16 -102.49 97.95
N GLY A 1537 -89.86 -102.75 97.93
CA GLY A 1537 -89.16 -103.26 99.09
C GLY A 1537 -88.83 -102.23 100.14
N TYR A 1538 -89.88 -101.63 100.70
CA TYR A 1538 -89.75 -100.81 101.90
C TYR A 1538 -90.87 -101.12 102.89
N TYR A 1539 -91.98 -101.67 102.41
CA TYR A 1539 -93.18 -101.83 103.22
C TYR A 1539 -93.76 -103.21 102.99
N LEU A 1540 -94.07 -103.89 104.09
CA LEU A 1540 -94.68 -105.21 104.06
C LEU A 1540 -96.05 -105.11 104.71
N ASP A 1541 -97.06 -105.58 103.99
CA ASP A 1541 -98.44 -105.51 104.46
C ASP A 1541 -98.89 -106.90 104.88
N ILE A 1542 -99.30 -107.02 106.13
CA ILE A 1542 -99.81 -108.26 106.68
C ILE A 1542 -101.25 -108.02 107.08
N SER A 1543 -102.13 -108.90 106.60
CA SER A 1543 -103.52 -108.93 107.00
C SER A 1543 -103.84 -110.30 107.56
N LEU A 1544 -104.91 -110.33 108.34
CA LEU A 1544 -105.34 -111.54 109.02
C LEU A 1544 -106.85 -111.63 108.94
N TYR A 1545 -107.35 -112.81 108.59
CA TYR A 1545 -108.78 -113.04 108.51
C TYR A 1545 -109.11 -114.37 109.15
N LYS A 1546 -110.32 -114.45 109.69
CA LYS A 1546 -110.92 -115.70 110.11
C LYS A 1546 -111.92 -116.14 109.06
N GLU A 1547 -112.04 -117.45 108.89
CA GLU A 1547 -113.07 -118.01 108.06
C GLU A 1547 -114.32 -118.18 108.89
N VAL A 1548 -115.42 -117.59 108.44
CA VAL A 1548 -116.69 -117.63 109.15
C VAL A 1548 -117.72 -118.26 108.23
N THR A 1549 -118.43 -119.23 108.78
CA THR A 1549 -119.44 -120.02 108.10
C THR A 1549 -120.85 -119.50 108.35
N ASP A 1550 -121.01 -118.52 109.24
CA ASP A 1550 -122.33 -117.98 109.57
C ASP A 1550 -122.83 -117.18 108.38
N SER A 1551 -123.36 -117.90 107.40
CA SER A 1551 -123.94 -117.33 106.20
C SER A 1551 -125.30 -117.98 106.00
N ARG A 1552 -126.02 -117.54 104.97
CA ARG A 1552 -127.33 -118.10 104.66
C ARG A 1552 -127.23 -119.33 103.77
N THR A 1553 -126.17 -119.43 102.97
CA THR A 1553 -125.95 -120.53 102.06
C THR A 1553 -124.77 -121.36 102.58
N ALA A 1554 -124.38 -122.36 101.80
CA ALA A 1554 -123.22 -123.18 102.12
C ALA A 1554 -121.90 -122.47 101.83
N GLN A 1555 -121.92 -121.22 101.39
CA GLN A 1555 -120.71 -120.47 101.11
C GLN A 1555 -120.11 -119.93 102.40
N ILE A 1556 -118.79 -119.89 102.44
CA ILE A 1556 -118.02 -119.42 103.59
C ILE A 1556 -117.33 -118.14 103.18
N MET A 1557 -117.16 -117.22 104.14
CA MET A 1557 -116.55 -115.95 103.82
C MET A 1557 -115.58 -115.52 104.91
N PHE A 1558 -114.73 -114.57 104.56
CA PHE A 1558 -113.76 -114.04 105.51
C PHE A 1558 -114.40 -112.95 106.35
N GLN A 1559 -114.00 -112.93 107.61
CA GLN A 1559 -114.31 -111.85 108.52
C GLN A 1559 -113.03 -111.49 109.23
N ALA A 1560 -112.67 -110.23 109.17
CA ALA A 1560 -111.46 -109.71 109.79
C ALA A 1560 -111.77 -109.40 111.26
N TYR A 1561 -110.87 -108.67 111.90
CA TYR A 1561 -110.94 -108.37 113.32
C TYR A 1561 -111.39 -106.94 113.61
N GLY A 1562 -112.05 -106.29 112.66
CA GLY A 1562 -112.58 -104.96 112.88
C GLY A 1562 -111.55 -103.89 112.62
N ASP A 1563 -110.39 -104.01 113.27
CA ASP A 1563 -109.29 -103.07 113.10
C ASP A 1563 -108.58 -103.44 111.81
N LYS A 1564 -108.66 -102.56 110.81
CA LYS A 1564 -108.07 -102.81 109.49
C LYS A 1564 -108.67 -104.06 108.86
N GLN A 1565 -109.96 -103.94 108.54
CA GLN A 1565 -110.70 -105.04 107.95
C GLN A 1565 -110.05 -105.55 106.67
N GLY A 1566 -109.71 -104.63 105.77
CA GLY A 1566 -108.94 -104.98 104.61
C GLY A 1566 -109.78 -105.41 103.42
N PRO A 1567 -109.13 -105.63 102.27
CA PRO A 1567 -109.91 -105.88 101.04
C PRO A 1567 -110.73 -107.14 101.04
N LEU A 1568 -110.33 -108.17 101.77
CA LEU A 1568 -110.99 -109.46 101.70
C LEU A 1568 -112.10 -109.60 102.72
N HIS A 1569 -112.43 -108.54 103.44
CA HIS A 1569 -113.50 -108.59 104.41
C HIS A 1569 -114.81 -108.86 103.70
N GLY A 1570 -115.55 -109.85 104.20
CA GLY A 1570 -116.81 -110.24 103.58
C GLY A 1570 -116.68 -110.91 102.24
N MET A 1571 -115.46 -111.23 101.81
CA MET A 1571 -115.23 -111.89 100.54
C MET A 1571 -115.26 -113.40 100.71
N LEU A 1572 -115.68 -114.09 99.66
CA LEU A 1572 -115.73 -115.55 99.70
C LEU A 1572 -114.32 -116.12 99.74
N ILE A 1573 -114.16 -117.21 100.50
CA ILE A 1573 -112.85 -117.83 100.64
C ILE A 1573 -112.38 -118.50 99.37
N ASN A 1574 -113.30 -118.80 98.44
CA ASN A 1574 -112.99 -119.42 97.17
C ASN A 1574 -112.82 -118.42 96.04
N THR A 1575 -112.51 -117.18 96.35
CA THR A 1575 -112.28 -116.20 95.30
C THR A 1575 -111.07 -116.62 94.48
N PRO A 1576 -111.17 -116.70 93.16
CA PRO A 1576 -110.00 -117.10 92.37
C PRO A 1576 -108.96 -116.00 92.32
N TYR A 1577 -107.80 -116.37 91.79
CA TYR A 1577 -106.73 -115.41 91.58
C TYR A 1577 -106.94 -114.69 90.26
N VAL A 1578 -106.83 -113.37 90.30
CA VAL A 1578 -107.06 -112.51 89.16
C VAL A 1578 -105.83 -112.48 88.26
N THR A 1579 -106.03 -111.82 87.12
CA THR A 1579 -105.05 -111.67 86.06
C THR A 1579 -104.73 -110.20 85.89
N LYS A 1580 -103.50 -109.77 86.21
CA LYS A 1580 -103.11 -108.41 86.63
C LYS A 1580 -104.07 -107.24 86.40
N ASP A 1581 -103.70 -106.04 86.86
CA ASP A 1581 -104.67 -104.96 86.96
C ASP A 1581 -104.18 -103.70 86.28
N LEU A 1582 -104.90 -102.60 86.53
CA LEU A 1582 -104.51 -101.30 86.02
C LEU A 1582 -103.03 -101.01 86.30
N LEU A 1583 -102.66 -100.97 87.57
CA LEU A 1583 -101.31 -100.56 87.96
C LEU A 1583 -100.26 -101.53 87.49
N GLN A 1584 -100.51 -102.83 87.65
CA GLN A 1584 -99.57 -103.81 87.15
C GLN A 1584 -99.52 -103.77 85.64
N SER A 1585 -98.41 -104.28 85.11
CA SER A 1585 -98.00 -104.25 83.71
C SER A 1585 -97.46 -102.87 83.32
N LYS A 1586 -97.58 -101.89 84.20
CA LYS A 1586 -96.85 -100.64 84.16
C LYS A 1586 -95.88 -100.54 85.31
N ARG A 1587 -96.32 -100.96 86.49
CA ARG A 1587 -95.44 -101.06 87.64
C ARG A 1587 -94.35 -102.09 87.37
N PHE A 1588 -94.71 -103.15 86.67
CA PHE A 1588 -93.76 -104.22 86.36
C PHE A 1588 -92.67 -103.73 85.42
N GLN A 1589 -93.05 -103.00 84.38
CA GLN A 1589 -92.07 -102.45 83.45
C GLN A 1589 -91.10 -101.52 84.16
N ALA A 1590 -91.64 -100.62 84.98
CA ALA A 1590 -90.80 -99.66 85.69
C ALA A 1590 -89.82 -100.37 86.60
N GLN A 1591 -90.29 -101.37 87.35
CA GLN A 1591 -89.38 -102.13 88.18
C GLN A 1591 -88.40 -102.93 87.36
N SER A 1592 -88.80 -103.34 86.16
CA SER A 1592 -87.90 -104.06 85.28
C SER A 1592 -86.80 -103.18 84.73
N LEU A 1593 -86.95 -101.86 84.83
CA LEU A 1593 -85.89 -100.95 84.47
C LEU A 1593 -85.03 -100.52 85.65
N GLY A 1594 -85.29 -101.05 86.85
CA GLY A 1594 -84.52 -100.68 88.02
C GLY A 1594 -84.95 -99.41 88.69
N THR A 1595 -86.19 -98.97 88.47
CA THR A 1595 -86.71 -97.77 89.07
C THR A 1595 -88.12 -98.03 89.56
N THR A 1596 -88.53 -97.22 90.52
CA THR A 1596 -89.85 -97.33 91.11
C THR A 1596 -90.88 -96.70 90.19
N TYR A 1597 -92.07 -97.27 90.21
CA TYR A 1597 -93.18 -96.71 89.46
C TYR A 1597 -93.62 -95.42 90.11
N ILE A 1598 -94.07 -94.49 89.27
CA ILE A 1598 -94.29 -93.12 89.72
C ILE A 1598 -95.34 -93.05 90.82
N TYR A 1599 -96.45 -93.77 90.65
CA TYR A 1599 -97.56 -93.70 91.59
C TYR A 1599 -97.30 -94.46 92.88
N ASP A 1600 -96.11 -95.03 93.05
CA ASP A 1600 -95.66 -95.53 94.34
C ASP A 1600 -94.89 -94.50 95.14
N ILE A 1601 -94.66 -93.32 94.58
CA ILE A 1601 -93.85 -92.32 95.26
C ILE A 1601 -94.52 -91.78 96.52
N PRO A 1602 -95.80 -91.42 96.51
CA PRO A 1602 -96.42 -90.92 97.74
C PRO A 1602 -96.28 -91.85 98.93
N GLU A 1603 -96.56 -93.13 98.73
CA GLU A 1603 -96.42 -94.10 99.80
C GLU A 1603 -95.03 -94.08 100.40
N MET A 1604 -93.98 -94.07 99.57
CA MET A 1604 -92.62 -94.00 100.07
C MET A 1604 -92.46 -92.85 101.03
N PHE A 1605 -93.00 -91.67 100.66
CA PHE A 1605 -92.88 -90.50 101.52
C PHE A 1605 -93.42 -90.80 102.89
N ARG A 1606 -94.62 -91.39 102.94
CA ARG A 1606 -95.24 -91.68 104.21
C ARG A 1606 -94.35 -92.56 105.04
N GLN A 1607 -93.85 -93.64 104.45
CA GLN A 1607 -93.05 -94.56 105.23
C GLN A 1607 -91.75 -93.91 105.63
N SER A 1608 -91.20 -93.09 104.75
CA SER A 1608 -89.95 -92.43 105.10
C SER A 1608 -90.16 -91.49 106.26
N LEU A 1609 -91.31 -90.81 106.31
CA LEU A 1609 -91.58 -89.91 107.41
C LEU A 1609 -91.57 -90.66 108.72
N ILE A 1610 -92.11 -91.87 108.72
CA ILE A 1610 -92.10 -92.68 109.93
C ILE A 1610 -90.68 -92.85 110.40
N LYS A 1611 -89.80 -93.26 109.48
CA LYS A 1611 -88.40 -93.43 109.81
C LYS A 1611 -87.81 -92.13 110.32
N LEU A 1612 -88.21 -91.01 109.71
CA LEU A 1612 -87.69 -89.72 110.14
C LEU A 1612 -88.07 -89.45 111.59
N TRP A 1613 -89.34 -89.67 111.93
CA TRP A 1613 -89.77 -89.41 113.30
C TRP A 1613 -89.05 -90.31 114.28
N GLU A 1614 -88.59 -91.47 113.83
CA GLU A 1614 -87.79 -92.31 114.70
C GLU A 1614 -86.37 -91.80 114.77
N SER A 1615 -85.82 -91.45 113.61
CA SER A 1615 -84.40 -91.13 113.52
C SER A 1615 -84.07 -89.90 114.34
N MET A 1616 -84.94 -88.90 114.30
CA MET A 1616 -84.74 -87.66 115.02
C MET A 1616 -85.13 -87.76 116.49
N SER A 1617 -85.60 -88.92 116.96
CA SER A 1617 -85.98 -88.99 118.36
C SER A 1617 -84.80 -88.94 119.30
N THR A 1618 -83.59 -89.23 118.82
CA THR A 1618 -82.39 -89.18 119.64
C THR A 1618 -81.73 -87.81 119.66
N GLN A 1619 -82.28 -86.84 118.95
CA GLN A 1619 -81.68 -85.52 118.80
C GLN A 1619 -82.48 -84.45 119.52
N ALA A 1620 -83.78 -84.61 119.61
CA ALA A 1620 -84.65 -83.55 120.10
C ALA A 1620 -85.83 -84.15 120.83
N PHE A 1621 -86.43 -83.32 121.68
CA PHE A 1621 -87.62 -83.68 122.44
C PHE A 1621 -88.83 -83.47 121.57
N LEU A 1622 -89.31 -84.52 120.98
CA LEU A 1622 -90.39 -84.45 120.02
C LEU A 1622 -91.71 -84.86 120.65
N PRO A 1623 -92.84 -84.33 120.18
CA PRO A 1623 -94.13 -84.81 120.67
C PRO A 1623 -94.43 -86.20 120.14
N SER A 1624 -95.52 -86.76 120.63
CA SER A 1624 -95.91 -88.08 120.19
C SER A 1624 -96.27 -88.03 118.71
N PRO A 1625 -95.78 -88.94 117.88
CA PRO A 1625 -96.08 -88.85 116.45
C PRO A 1625 -97.54 -89.18 116.19
N PRO A 1626 -98.15 -88.57 115.19
CA PRO A 1626 -99.51 -88.97 114.82
C PRO A 1626 -99.50 -90.33 114.13
N LEU A 1627 -100.70 -90.85 113.94
CA LEU A 1627 -100.80 -92.12 113.26
C LEU A 1627 -100.42 -91.94 111.80
N PRO A 1628 -99.95 -93.00 111.13
CA PRO A 1628 -99.55 -92.85 109.72
C PRO A 1628 -100.62 -92.29 108.81
N SER A 1629 -101.89 -92.52 109.11
CA SER A 1629 -102.95 -92.03 108.25
C SER A 1629 -103.08 -90.51 108.30
N ASP A 1630 -102.48 -89.86 109.29
CA ASP A 1630 -102.52 -88.41 109.43
C ASP A 1630 -101.17 -87.75 109.17
N MET A 1631 -100.17 -88.50 108.70
CA MET A 1631 -98.85 -87.94 108.46
C MET A 1631 -98.69 -87.34 107.07
N LEU A 1632 -99.45 -87.82 106.10
CA LEU A 1632 -99.32 -87.31 104.74
C LEU A 1632 -100.66 -87.37 104.03
N THR A 1633 -101.05 -86.26 103.43
CA THR A 1633 -102.20 -86.21 102.54
C THR A 1633 -101.81 -85.43 101.29
N TYR A 1634 -102.27 -85.90 100.15
CA TYR A 1634 -101.87 -85.32 98.88
C TYR A 1634 -103.03 -85.26 97.91
N THR A 1635 -102.88 -84.36 96.95
CA THR A 1635 -103.82 -84.24 95.85
C THR A 1635 -103.03 -84.18 94.55
N GLU A 1636 -103.58 -84.83 93.52
CA GLU A 1636 -102.90 -84.89 92.25
C GLU A 1636 -103.17 -83.61 91.49
N LEU A 1637 -102.17 -83.14 90.78
CA LEU A 1637 -102.24 -81.94 89.98
C LEU A 1637 -102.31 -82.37 88.53
N VAL A 1638 -103.41 -82.02 87.86
CA VAL A 1638 -103.61 -82.40 86.48
C VAL A 1638 -103.90 -81.16 85.67
N LEU A 1639 -103.82 -81.30 84.37
CA LEU A 1639 -104.12 -80.20 83.46
C LEU A 1639 -105.55 -80.29 82.99
N ASP A 1640 -106.19 -79.14 82.87
CA ASP A 1640 -107.50 -79.05 82.28
C ASP A 1640 -107.33 -78.93 80.77
N ASP A 1641 -108.42 -78.62 80.07
CA ASP A 1641 -108.36 -78.45 78.63
C ASP A 1641 -107.70 -77.15 78.22
N GLN A 1642 -107.58 -76.18 79.14
CA GLN A 1642 -106.98 -74.89 78.84
C GLN A 1642 -105.50 -74.82 79.13
N GLY A 1643 -104.98 -75.72 79.95
CA GLY A 1643 -103.59 -75.71 80.37
C GLY A 1643 -103.36 -75.27 81.79
N GLN A 1644 -104.42 -75.14 82.60
CA GLN A 1644 -104.31 -74.75 83.99
C GLN A 1644 -104.37 -75.98 84.88
N LEU A 1645 -103.96 -75.78 86.13
CA LEU A 1645 -103.90 -76.88 87.07
C LEU A 1645 -105.26 -77.10 87.72
N VAL A 1646 -105.57 -78.37 87.95
CA VAL A 1646 -106.74 -78.80 88.67
C VAL A 1646 -106.28 -79.72 89.78
N HIS A 1647 -106.79 -79.47 90.98
CA HIS A 1647 -106.60 -80.34 92.12
C HIS A 1647 -107.62 -81.45 92.03
N MET A 1648 -107.16 -82.68 91.83
CA MET A 1648 -108.02 -83.81 91.57
C MET A 1648 -107.62 -84.96 92.47
N ASN A 1649 -108.64 -85.67 92.92
CA ASN A 1649 -108.50 -86.90 93.68
C ASN A 1649 -109.04 -88.01 92.79
N ARG A 1650 -108.17 -88.94 92.41
CA ARG A 1650 -108.55 -90.02 91.53
C ARG A 1650 -107.68 -91.21 91.84
N LEU A 1651 -107.99 -92.32 91.19
CA LEU A 1651 -107.23 -93.52 91.42
C LEU A 1651 -105.88 -93.42 90.73
N PRO A 1652 -104.86 -94.10 91.24
CA PRO A 1652 -103.56 -94.06 90.57
C PRO A 1652 -103.55 -94.78 89.24
N GLY A 1653 -102.63 -94.36 88.39
CA GLY A 1653 -102.44 -94.97 87.10
C GLY A 1653 -103.30 -94.42 86.00
N GLY A 1654 -103.95 -93.27 86.21
CA GLY A 1654 -104.84 -92.70 85.24
C GLY A 1654 -104.25 -91.58 84.42
N ASN A 1655 -102.92 -91.48 84.42
CA ASN A 1655 -102.26 -90.42 83.68
C ASN A 1655 -102.29 -90.70 82.19
N GLU A 1656 -102.64 -89.67 81.42
CA GLU A 1656 -102.61 -89.72 79.96
C GLU A 1656 -101.33 -89.12 79.38
N ILE A 1657 -100.47 -88.53 80.20
CA ILE A 1657 -99.20 -87.99 79.78
C ILE A 1657 -98.10 -88.59 80.65
N GLY A 1658 -96.87 -88.33 80.27
CA GLY A 1658 -95.73 -88.91 80.93
C GLY A 1658 -95.26 -88.20 82.19
N MET A 1659 -95.97 -87.18 82.63
CA MET A 1659 -95.59 -86.37 83.77
C MET A 1659 -96.72 -86.40 84.78
N VAL A 1660 -96.37 -86.53 86.05
CA VAL A 1660 -97.35 -86.51 87.12
C VAL A 1660 -96.83 -85.60 88.22
N ALA A 1661 -97.74 -84.94 88.91
CA ALA A 1661 -97.37 -84.08 90.00
C ALA A 1661 -98.41 -84.14 91.11
N TRP A 1662 -97.94 -83.85 92.31
CA TRP A 1662 -98.77 -83.83 93.50
C TRP A 1662 -98.42 -82.62 94.34
N LYS A 1663 -99.43 -82.14 95.04
CA LYS A 1663 -99.23 -81.28 96.19
C LYS A 1663 -99.39 -82.13 97.43
N MET A 1664 -98.36 -82.14 98.26
CA MET A 1664 -98.28 -82.98 99.44
C MET A 1664 -98.20 -82.11 100.67
N THR A 1665 -99.03 -82.42 101.66
CA THR A 1665 -98.97 -81.81 102.97
C THR A 1665 -98.62 -82.90 103.96
N PHE A 1666 -97.62 -82.65 104.79
CA PHE A 1666 -97.20 -83.65 105.74
C PHE A 1666 -96.67 -83.02 107.01
N LYS A 1667 -96.69 -83.81 108.08
CA LYS A 1667 -96.24 -83.39 109.39
C LYS A 1667 -94.87 -83.99 109.65
N SER A 1668 -93.93 -83.13 110.00
CA SER A 1668 -92.56 -83.50 110.29
C SER A 1668 -92.23 -83.12 111.73
N PRO A 1669 -91.15 -83.68 112.28
CA PRO A 1669 -90.79 -83.36 113.67
C PRO A 1669 -90.58 -81.88 113.93
N GLU A 1670 -90.00 -81.18 112.96
CA GLU A 1670 -89.75 -79.75 113.08
C GLU A 1670 -90.99 -78.91 112.80
N TYR A 1671 -91.91 -79.41 111.98
CA TYR A 1671 -93.17 -78.73 111.68
C TYR A 1671 -94.30 -79.74 111.83
N PRO A 1672 -94.72 -80.00 113.06
CA PRO A 1672 -95.77 -81.00 113.28
C PRO A 1672 -97.19 -80.48 113.08
N GLU A 1673 -97.34 -79.34 112.39
CA GLU A 1673 -98.63 -78.82 112.00
C GLU A 1673 -98.91 -78.94 110.51
N GLY A 1674 -97.92 -79.30 109.71
CA GLY A 1674 -98.11 -79.47 108.30
C GLY A 1674 -97.25 -78.51 107.50
N ARG A 1675 -96.49 -79.06 106.57
CA ARG A 1675 -95.74 -78.30 105.60
C ARG A 1675 -96.05 -78.86 104.23
N ASP A 1676 -95.98 -77.98 103.24
CA ASP A 1676 -96.37 -78.30 101.88
C ASP A 1676 -95.14 -78.45 101.00
N ILE A 1677 -95.25 -79.35 100.03
CA ILE A 1677 -94.26 -79.48 98.96
C ILE A 1677 -94.98 -79.83 97.67
N ILE A 1678 -94.31 -79.55 96.57
CA ILE A 1678 -94.74 -79.94 95.25
C ILE A 1678 -93.78 -81.00 94.74
N VAL A 1679 -94.33 -82.10 94.29
CA VAL A 1679 -93.56 -83.23 93.80
C VAL A 1679 -93.91 -83.41 92.34
N ILE A 1680 -92.89 -83.49 91.50
CA ILE A 1680 -93.05 -83.68 90.07
C ILE A 1680 -92.21 -84.87 89.68
N GLY A 1681 -92.75 -85.73 88.81
CA GLY A 1681 -92.06 -86.93 88.41
C GLY A 1681 -92.39 -87.37 87.00
N ASN A 1682 -91.41 -88.00 86.40
CA ASN A 1682 -91.53 -88.62 85.09
C ASN A 1682 -92.05 -90.04 85.23
N ASP A 1683 -92.92 -90.42 84.30
CA ASP A 1683 -93.39 -91.79 84.18
C ASP A 1683 -92.52 -92.45 83.12
N ILE A 1684 -91.64 -93.34 83.57
CA ILE A 1684 -90.67 -93.96 82.66
C ILE A 1684 -91.35 -94.86 81.65
N THR A 1685 -92.55 -95.33 81.93
CA THR A 1685 -93.23 -96.30 81.10
C THR A 1685 -94.10 -95.68 80.02
N TYR A 1686 -94.28 -94.37 80.03
CA TYR A 1686 -95.14 -93.69 79.08
C TYR A 1686 -94.29 -93.17 77.92
N ARG A 1687 -94.34 -93.86 76.79
CA ARG A 1687 -93.62 -93.44 75.59
C ARG A 1687 -92.16 -93.17 75.90
N ILE A 1688 -91.41 -94.24 76.14
CA ILE A 1688 -90.28 -94.35 77.06
C ILE A 1688 -89.70 -92.98 77.40
N GLY A 1689 -89.73 -92.62 78.68
CA GLY A 1689 -89.33 -91.29 79.15
C GLY A 1689 -90.00 -90.14 78.41
N SER A 1690 -89.19 -89.34 77.71
CA SER A 1690 -89.66 -88.46 76.63
C SER A 1690 -90.57 -87.28 76.95
N PHE A 1691 -90.01 -86.17 77.40
CA PHE A 1691 -90.71 -84.90 77.48
C PHE A 1691 -91.41 -84.59 76.16
N GLY A 1692 -92.73 -84.43 76.23
CA GLY A 1692 -93.50 -83.86 75.17
C GLY A 1692 -93.94 -82.46 75.52
N PRO A 1693 -94.80 -81.85 74.71
CA PRO A 1693 -95.26 -80.50 75.02
C PRO A 1693 -96.15 -80.44 76.25
N GLN A 1694 -97.00 -81.44 76.44
CA GLN A 1694 -97.91 -81.43 77.58
C GLN A 1694 -97.17 -81.72 78.88
N GLU A 1695 -96.18 -82.60 78.81
CA GLU A 1695 -95.36 -82.88 79.98
C GLU A 1695 -94.62 -81.62 80.41
N ASP A 1696 -94.08 -80.90 79.43
CA ASP A 1696 -93.42 -79.64 79.70
C ASP A 1696 -94.37 -78.64 80.32
N LEU A 1697 -95.58 -78.55 79.80
CA LEU A 1697 -96.55 -77.61 80.32
C LEU A 1697 -96.91 -77.93 81.77
N LEU A 1698 -97.10 -79.20 82.10
CA LEU A 1698 -97.43 -79.55 83.47
C LEU A 1698 -96.29 -79.20 84.39
N PHE A 1699 -95.05 -79.49 83.97
CA PHE A 1699 -93.89 -79.15 84.76
C PHE A 1699 -93.88 -77.65 85.06
N LEU A 1700 -94.12 -76.86 84.01
CA LEU A 1700 -94.10 -75.41 84.17
C LEU A 1700 -95.15 -74.95 85.15
N ARG A 1701 -96.38 -75.43 84.99
CA ARG A 1701 -97.47 -74.93 85.83
C ARG A 1701 -97.28 -75.34 87.28
N ALA A 1702 -96.77 -76.53 87.52
CA ALA A 1702 -96.52 -76.93 88.89
C ALA A 1702 -95.40 -76.11 89.51
N SER A 1703 -94.38 -75.80 88.72
CA SER A 1703 -93.30 -74.96 89.24
C SER A 1703 -93.81 -73.57 89.55
N GLU A 1704 -94.70 -73.06 88.69
CA GLU A 1704 -95.34 -71.77 88.93
C GLU A 1704 -96.10 -71.79 90.24
N LEU A 1705 -96.83 -72.88 90.50
CA LEU A 1705 -97.55 -73.01 91.76
C LEU A 1705 -96.58 -72.94 92.94
N ALA A 1706 -95.49 -73.70 92.85
CA ALA A 1706 -94.52 -73.71 93.94
C ALA A 1706 -93.96 -72.33 94.21
N ARG A 1707 -93.67 -71.58 93.15
CA ARG A 1707 -93.13 -70.24 93.36
C ARG A 1707 -94.20 -69.31 93.94
N ALA A 1708 -95.43 -69.46 93.48
CA ALA A 1708 -96.52 -68.61 93.96
C ALA A 1708 -96.76 -68.81 95.44
N GLU A 1709 -96.64 -70.05 95.91
CA GLU A 1709 -96.78 -70.33 97.34
C GLU A 1709 -95.49 -70.20 98.10
N GLY A 1710 -94.34 -70.23 97.43
CA GLY A 1710 -93.08 -70.10 98.13
C GLY A 1710 -92.62 -71.34 98.84
N ILE A 1711 -92.92 -72.51 98.29
CA ILE A 1711 -92.67 -73.78 98.95
C ILE A 1711 -91.70 -74.58 98.10
N PRO A 1712 -91.13 -75.65 98.65
CA PRO A 1712 -90.16 -76.41 97.89
C PRO A 1712 -90.75 -77.15 96.71
N ARG A 1713 -89.87 -77.44 95.76
CA ARG A 1713 -90.18 -78.21 94.58
C ARG A 1713 -89.25 -79.40 94.51
N ILE A 1714 -89.82 -80.59 94.46
CA ILE A 1714 -89.09 -81.83 94.37
C ILE A 1714 -89.32 -82.41 92.99
N TYR A 1715 -88.23 -82.78 92.32
CA TYR A 1715 -88.28 -83.32 90.98
C TYR A 1715 -87.66 -84.70 90.96
N VAL A 1716 -88.41 -85.68 90.49
CA VAL A 1716 -87.95 -87.05 90.39
C VAL A 1716 -87.71 -87.35 88.92
N SER A 1717 -86.45 -87.55 88.56
CA SER A 1717 -86.03 -87.61 87.18
C SER A 1717 -85.91 -89.06 86.75
N ALA A 1718 -86.72 -89.45 85.79
CA ALA A 1718 -86.53 -90.70 85.09
C ALA A 1718 -87.05 -90.54 83.68
N ASN A 1719 -86.19 -90.16 82.75
CA ASN A 1719 -86.61 -89.72 81.44
C ASN A 1719 -85.53 -90.01 80.44
N SER A 1720 -85.83 -89.68 79.19
CA SER A 1720 -84.97 -89.97 78.05
C SER A 1720 -84.72 -88.72 77.22
N GLY A 1721 -84.96 -87.55 77.77
CA GLY A 1721 -84.68 -86.32 77.08
C GLY A 1721 -85.87 -85.90 76.25
N ALA A 1722 -85.61 -85.02 75.30
CA ALA A 1722 -86.66 -84.49 74.48
C ALA A 1722 -87.24 -85.59 73.60
N ARG A 1723 -88.53 -85.46 73.34
CA ARG A 1723 -89.22 -86.44 72.52
C ARG A 1723 -88.93 -86.16 71.06
N ILE A 1724 -88.70 -87.22 70.31
CA ILE A 1724 -88.44 -87.14 68.88
C ILE A 1724 -89.42 -88.07 68.18
N GLY A 1725 -89.45 -87.95 66.86
CA GLY A 1725 -90.25 -88.85 66.09
C GLY A 1725 -90.05 -88.59 64.62
N LEU A 1726 -90.76 -89.40 63.84
CA LEU A 1726 -90.71 -89.34 62.40
C LEU A 1726 -92.12 -89.39 61.85
N ALA A 1727 -92.34 -88.73 60.73
CA ALA A 1727 -93.65 -88.61 60.10
C ALA A 1727 -93.93 -89.89 59.33
N GLU A 1728 -94.59 -90.83 59.99
CA GLU A 1728 -94.80 -92.15 59.41
C GLU A 1728 -95.79 -92.14 58.26
N GLU A 1729 -96.70 -91.18 58.25
CA GLU A 1729 -97.66 -91.07 57.15
C GLU A 1729 -97.02 -90.79 55.80
N ILE A 1730 -95.77 -90.33 55.77
CA ILE A 1730 -95.05 -90.01 54.54
C ILE A 1730 -94.05 -91.12 54.26
N ARG A 1731 -93.61 -91.81 55.31
CA ARG A 1731 -92.56 -92.80 55.19
C ARG A 1731 -92.94 -93.93 54.25
N HIS A 1732 -94.23 -94.25 54.19
CA HIS A 1732 -94.76 -95.33 53.38
C HIS A 1732 -95.36 -94.87 52.06
N MET A 1733 -95.16 -93.61 51.68
CA MET A 1733 -95.73 -93.06 50.47
C MET A 1733 -94.71 -92.54 49.48
N PHE A 1734 -93.57 -92.06 49.95
CA PHE A 1734 -92.66 -91.35 49.07
C PHE A 1734 -91.98 -92.30 48.10
N HIS A 1735 -91.62 -91.74 46.95
CA HIS A 1735 -90.83 -92.41 45.93
C HIS A 1735 -89.58 -91.60 45.64
N VAL A 1736 -88.52 -92.30 45.30
CA VAL A 1736 -87.23 -91.74 44.97
C VAL A 1736 -87.20 -91.43 43.48
N ALA A 1737 -86.79 -90.22 43.14
CA ALA A 1737 -86.52 -89.84 41.76
C ALA A 1737 -85.04 -90.10 41.50
N TRP A 1738 -84.76 -91.22 40.86
CA TRP A 1738 -83.39 -91.64 40.63
C TRP A 1738 -82.77 -90.89 39.47
N VAL A 1739 -81.45 -90.72 39.56
CA VAL A 1739 -80.71 -90.21 38.41
C VAL A 1739 -80.74 -91.22 37.29
N ASP A 1740 -80.48 -92.49 37.61
CA ASP A 1740 -80.62 -93.61 36.69
C ASP A 1740 -81.56 -94.62 37.34
N PRO A 1741 -82.82 -94.72 36.91
CA PRO A 1741 -83.73 -95.67 37.58
C PRO A 1741 -83.29 -97.12 37.51
N GLU A 1742 -82.43 -97.46 36.55
CA GLU A 1742 -81.93 -98.82 36.43
C GLU A 1742 -80.67 -99.06 37.24
N ASP A 1743 -79.84 -98.03 37.42
CA ASP A 1743 -78.64 -98.10 38.25
C ASP A 1743 -78.80 -97.09 39.38
N PRO A 1744 -79.29 -97.49 40.56
CA PRO A 1744 -79.52 -96.50 41.61
C PRO A 1744 -78.27 -95.95 42.26
N TYR A 1745 -77.09 -96.40 41.86
CA TYR A 1745 -75.85 -96.02 42.54
C TYR A 1745 -75.17 -94.82 41.89
N LYS A 1746 -75.90 -94.07 41.06
CA LYS A 1746 -75.43 -92.79 40.55
C LYS A 1746 -76.26 -91.65 41.12
N GLY A 1747 -76.87 -91.88 42.28
CA GLY A 1747 -77.57 -90.83 42.98
C GLY A 1747 -79.03 -90.75 42.64
N TYR A 1748 -79.71 -89.95 43.46
CA TYR A 1748 -81.09 -89.56 43.22
C TYR A 1748 -81.16 -88.05 43.33
N ARG A 1749 -82.18 -87.49 42.71
CA ARG A 1749 -82.36 -86.05 42.70
C ARG A 1749 -83.28 -85.55 43.80
N TYR A 1750 -84.37 -86.26 44.08
CA TYR A 1750 -85.33 -85.78 45.05
C TYR A 1750 -86.24 -86.91 45.46
N LEU A 1751 -87.08 -86.61 46.44
CA LEU A 1751 -88.16 -87.49 46.88
C LEU A 1751 -89.48 -86.81 46.57
N TYR A 1752 -90.47 -87.61 46.22
CA TYR A 1752 -91.71 -87.06 45.73
C TYR A 1752 -92.88 -87.95 46.12
N LEU A 1753 -94.06 -87.36 46.00
CA LEU A 1753 -95.31 -88.07 46.12
C LEU A 1753 -96.01 -88.06 44.78
N THR A 1754 -96.73 -89.11 44.53
CA THR A 1754 -97.61 -89.16 43.38
C THR A 1754 -98.91 -88.46 43.72
N PRO A 1755 -99.71 -88.10 42.73
CA PRO A 1755 -100.99 -87.44 43.03
C PRO A 1755 -101.90 -88.25 43.95
N GLN A 1756 -101.87 -89.57 43.82
CA GLN A 1756 -102.75 -90.42 44.62
C GLN A 1756 -102.43 -90.28 46.09
N ASP A 1757 -101.17 -90.02 46.43
CA ASP A 1757 -100.77 -89.83 47.81
C ASP A 1757 -100.91 -88.37 48.23
N TYR A 1758 -100.53 -87.45 47.36
CA TYR A 1758 -100.56 -86.04 47.69
C TYR A 1758 -101.97 -85.57 47.99
N LYS A 1759 -102.94 -86.07 47.24
CA LYS A 1759 -104.32 -85.64 47.44
C LYS A 1759 -104.86 -86.06 48.80
N ARG A 1760 -104.25 -87.06 49.44
CA ARG A 1760 -104.72 -87.56 50.73
C ARG A 1760 -104.03 -86.90 51.91
N VAL A 1761 -103.01 -86.07 51.67
CA VAL A 1761 -102.27 -85.41 52.74
C VAL A 1761 -102.28 -83.90 52.62
N SER A 1762 -102.58 -83.36 51.43
CA SER A 1762 -102.50 -81.92 51.23
C SER A 1762 -103.47 -81.17 52.12
N ALA A 1763 -104.57 -81.81 52.49
CA ALA A 1763 -105.56 -81.20 53.35
C ALA A 1763 -105.18 -81.25 54.83
N LEU A 1764 -104.06 -81.88 55.17
CA LEU A 1764 -103.62 -81.99 56.55
C LEU A 1764 -102.51 -81.02 56.92
N ASN A 1765 -101.85 -80.41 55.94
CA ASN A 1765 -100.66 -79.60 56.17
C ASN A 1765 -99.58 -80.44 56.85
N SER A 1766 -99.48 -81.69 56.43
CA SER A 1766 -98.43 -82.59 56.92
C SER A 1766 -97.17 -82.53 56.06
N VAL A 1767 -97.28 -82.07 54.83
CA VAL A 1767 -96.14 -81.98 53.93
C VAL A 1767 -96.32 -80.78 53.02
N HIS A 1768 -95.19 -80.20 52.62
CA HIS A 1768 -95.15 -79.12 51.63
C HIS A 1768 -94.41 -79.63 50.40
N CYS A 1769 -95.12 -79.64 49.28
CA CYS A 1769 -94.58 -80.13 48.03
C CYS A 1769 -94.87 -79.08 46.95
N GLU A 1770 -94.16 -79.23 45.84
CA GLU A 1770 -94.38 -78.41 44.66
C GLU A 1770 -94.57 -79.31 43.45
N HIS A 1771 -95.53 -78.96 42.62
CA HIS A 1771 -95.82 -79.77 41.44
C HIS A 1771 -94.72 -79.59 40.41
N VAL A 1772 -94.27 -80.71 39.87
CA VAL A 1772 -93.27 -80.75 38.81
C VAL A 1772 -93.69 -81.79 37.79
N GLU A 1773 -93.16 -81.62 36.59
CA GLU A 1773 -93.28 -82.57 35.51
C GLU A 1773 -91.91 -83.18 35.28
N ASP A 1774 -91.80 -84.49 35.44
CA ASP A 1774 -90.50 -85.13 35.27
C ASP A 1774 -90.67 -86.55 34.81
N GLU A 1775 -89.87 -86.94 33.82
CA GLU A 1775 -89.94 -88.26 33.21
C GLU A 1775 -91.33 -88.53 32.65
N GLY A 1776 -92.00 -87.47 32.18
CA GLY A 1776 -93.34 -87.60 31.68
C GLY A 1776 -94.37 -87.92 32.73
N GLU A 1777 -94.06 -87.69 34.01
CA GLU A 1777 -94.96 -87.98 35.11
C GLU A 1777 -95.24 -86.71 35.90
N SER A 1778 -96.47 -86.65 36.41
CA SER A 1778 -96.88 -85.63 37.36
C SER A 1778 -96.38 -86.02 38.74
N ARG A 1779 -95.57 -85.17 39.36
CA ARG A 1779 -94.98 -85.47 40.66
C ARG A 1779 -95.11 -84.25 41.55
N TYR A 1780 -95.18 -84.50 42.85
CA TYR A 1780 -95.17 -83.45 43.86
C TYR A 1780 -93.87 -83.64 44.63
N LYS A 1781 -92.89 -82.82 44.30
CA LYS A 1781 -91.58 -82.91 44.91
C LYS A 1781 -91.65 -82.38 46.33
N ILE A 1782 -91.14 -83.15 47.28
CA ILE A 1782 -91.18 -82.80 48.69
C ILE A 1782 -90.09 -81.78 48.95
N THR A 1783 -90.44 -80.68 49.62
CA THR A 1783 -89.46 -79.70 50.05
C THR A 1783 -89.39 -79.58 51.57
N ASP A 1784 -90.50 -79.76 52.25
CA ASP A 1784 -90.55 -79.75 53.70
C ASP A 1784 -91.57 -80.75 54.19
N ILE A 1785 -91.26 -81.40 55.31
CA ILE A 1785 -92.19 -82.27 56.00
C ILE A 1785 -92.50 -81.63 57.34
N ILE A 1786 -93.78 -81.53 57.65
CA ILE A 1786 -94.25 -80.97 58.90
C ILE A 1786 -94.62 -82.06 59.88
N GLY A 1787 -95.44 -83.00 59.45
CA GLY A 1787 -95.95 -84.04 60.31
C GLY A 1787 -97.29 -83.69 60.91
N LYS A 1788 -98.29 -84.56 60.74
CA LYS A 1788 -99.60 -84.32 61.31
C LYS A 1788 -99.63 -84.57 62.81
N GLU A 1789 -98.70 -85.36 63.32
CA GLU A 1789 -98.65 -85.70 64.74
C GLU A 1789 -97.94 -84.60 65.49
N GLU A 1790 -98.58 -84.10 66.55
CA GLU A 1790 -98.02 -83.09 67.41
C GLU A 1790 -97.22 -83.74 68.52
N GLY A 1791 -96.14 -83.07 68.92
CA GLY A 1791 -95.31 -83.52 70.01
C GLY A 1791 -94.03 -84.17 69.60
N ILE A 1792 -93.71 -84.19 68.31
CA ILE A 1792 -92.47 -84.77 67.81
C ILE A 1792 -91.60 -83.76 67.09
N GLY A 1793 -92.11 -82.56 66.83
CA GLY A 1793 -91.41 -81.61 66.01
C GLY A 1793 -90.62 -80.61 66.84
N PRO A 1794 -90.22 -79.51 66.22
CA PRO A 1794 -89.41 -78.51 66.94
C PRO A 1794 -90.12 -77.85 68.10
N GLU A 1795 -91.43 -78.03 68.23
CA GLU A 1795 -92.14 -77.50 69.39
C GLU A 1795 -91.57 -78.04 70.70
N ASN A 1796 -90.94 -79.20 70.67
CA ASN A 1796 -90.31 -79.76 71.86
C ASN A 1796 -89.02 -79.06 72.23
N LEU A 1797 -88.41 -78.34 71.29
CA LEU A 1797 -87.24 -77.57 71.63
C LEU A 1797 -87.64 -76.36 72.46
N ARG A 1798 -88.55 -75.54 71.92
CA ARG A 1798 -89.12 -74.43 72.65
C ARG A 1798 -89.55 -74.85 74.05
N GLY A 1799 -90.48 -75.78 74.13
CA GLY A 1799 -90.95 -76.30 75.41
C GLY A 1799 -89.82 -76.66 76.35
N SER A 1800 -88.80 -77.36 75.85
CA SER A 1800 -87.71 -77.74 76.71
C SER A 1800 -87.02 -76.49 77.26
N GLY A 1801 -86.66 -75.58 76.35
CA GLY A 1801 -86.06 -74.34 76.78
C GLY A 1801 -86.93 -73.62 77.77
N MET A 1802 -88.25 -73.61 77.53
CA MET A 1802 -89.17 -72.94 78.42
C MET A 1802 -88.99 -73.44 79.85
N ILE A 1803 -89.04 -74.76 80.03
CA ILE A 1803 -89.00 -75.26 81.39
C ILE A 1803 -87.63 -75.07 81.97
N ALA A 1804 -86.59 -75.05 81.12
CA ALA A 1804 -85.26 -74.82 81.63
C ALA A 1804 -85.19 -73.46 82.28
N GLY A 1805 -85.72 -72.44 81.61
CA GLY A 1805 -85.77 -71.12 82.19
C GLY A 1805 -86.50 -71.12 83.51
N GLU A 1806 -87.61 -71.86 83.59
CA GLU A 1806 -88.38 -71.92 84.82
C GLU A 1806 -87.52 -72.42 85.97
N SER A 1807 -86.73 -73.46 85.71
CA SER A 1807 -85.90 -74.00 86.77
C SER A 1807 -84.91 -72.96 87.23
N SER A 1808 -84.34 -72.22 86.29
CA SER A 1808 -83.36 -71.20 86.63
C SER A 1808 -83.98 -70.14 87.53
N LEU A 1809 -85.26 -69.88 87.35
CA LEU A 1809 -85.92 -68.91 88.19
C LEU A 1809 -86.25 -69.52 89.54
N ALA A 1810 -86.66 -70.78 89.53
CA ALA A 1810 -87.14 -71.41 90.75
C ALA A 1810 -86.05 -71.48 91.79
N TYR A 1811 -84.83 -71.75 91.35
CA TYR A 1811 -83.70 -71.87 92.25
C TYR A 1811 -83.47 -70.59 93.03
N ASN A 1812 -83.84 -69.45 92.46
CA ASN A 1812 -83.60 -68.17 93.11
C ASN A 1812 -84.79 -67.67 93.92
N GLU A 1813 -85.85 -68.44 94.02
CA GLU A 1813 -87.02 -68.06 94.80
C GLU A 1813 -87.43 -69.08 95.84
N ILE A 1814 -87.27 -70.37 95.54
CA ILE A 1814 -87.73 -71.43 96.39
C ILE A 1814 -86.61 -72.43 96.60
N ILE A 1815 -86.93 -73.47 97.34
CA ILE A 1815 -86.07 -74.64 97.46
C ILE A 1815 -86.35 -75.56 96.28
N THR A 1816 -85.29 -76.09 95.71
CA THR A 1816 -85.39 -77.04 94.62
C THR A 1816 -84.51 -78.23 94.97
N ILE A 1817 -85.09 -79.42 94.94
CA ILE A 1817 -84.36 -80.65 95.18
C ILE A 1817 -84.71 -81.62 94.08
N SER A 1818 -83.69 -82.32 93.58
CA SER A 1818 -83.84 -83.27 92.50
C SER A 1818 -83.34 -84.63 92.95
N LEU A 1819 -84.06 -85.67 92.57
CA LEU A 1819 -83.69 -87.04 92.80
C LEU A 1819 -83.65 -87.79 91.48
N VAL A 1820 -82.54 -88.46 91.24
CA VAL A 1820 -82.29 -89.21 90.01
C VAL A 1820 -82.44 -90.68 90.33
N THR A 1821 -83.49 -91.29 89.80
CA THR A 1821 -83.82 -92.68 90.11
C THR A 1821 -83.46 -93.65 89.01
N CYS A 1822 -83.68 -93.29 87.74
CA CYS A 1822 -83.40 -94.19 86.63
C CYS A 1822 -82.30 -93.66 85.74
N ARG A 1823 -82.53 -92.49 85.14
CA ARG A 1823 -81.60 -91.90 84.20
C ARG A 1823 -82.18 -90.55 83.78
N ALA A 1824 -81.30 -89.67 83.35
CA ALA A 1824 -81.71 -88.44 82.71
C ALA A 1824 -80.79 -88.16 81.53
N ILE A 1825 -81.39 -87.83 80.39
CA ILE A 1825 -80.68 -87.57 79.16
C ILE A 1825 -81.03 -86.16 78.71
N GLY A 1826 -80.02 -85.38 78.40
CA GLY A 1826 -80.22 -84.11 77.74
C GLY A 1826 -80.88 -83.12 78.66
N ILE A 1827 -82.06 -82.66 78.25
CA ILE A 1827 -82.81 -81.66 78.98
C ILE A 1827 -83.04 -82.11 80.42
N GLY A 1828 -83.31 -83.40 80.60
CA GLY A 1828 -83.50 -83.93 81.94
C GLY A 1828 -82.33 -83.61 82.84
N ALA A 1829 -81.11 -83.83 82.36
CA ALA A 1829 -79.95 -83.53 83.16
C ALA A 1829 -79.90 -82.06 83.51
N TYR A 1830 -80.19 -81.19 82.55
CA TYR A 1830 -80.19 -79.77 82.84
C TYR A 1830 -81.20 -79.44 83.91
N LEU A 1831 -82.37 -80.07 83.84
CA LEU A 1831 -83.40 -79.80 84.82
C LEU A 1831 -82.94 -80.20 86.21
N VAL A 1832 -82.13 -81.23 86.28
CA VAL A 1832 -81.53 -81.62 87.54
C VAL A 1832 -80.52 -80.57 87.98
N ARG A 1833 -79.62 -80.21 87.07
CA ARG A 1833 -78.53 -79.31 87.38
C ARG A 1833 -79.05 -77.95 87.82
N LEU A 1834 -80.08 -77.45 87.15
CA LEU A 1834 -80.59 -76.14 87.48
C LEU A 1834 -81.21 -76.08 88.86
N GLY A 1835 -81.52 -77.24 89.46
CA GLY A 1835 -81.89 -77.28 90.85
C GLY A 1835 -80.72 -77.23 91.80
N GLN A 1836 -79.55 -77.66 91.35
CA GLN A 1836 -78.29 -77.61 92.07
C GLN A 1836 -78.32 -78.37 93.38
N ARG A 1837 -79.31 -79.23 93.60
CA ARG A 1837 -79.36 -80.09 94.78
C ARG A 1837 -79.80 -81.46 94.31
N THR A 1838 -78.83 -82.32 94.07
CA THR A 1838 -79.03 -83.56 93.35
C THR A 1838 -78.73 -84.73 94.26
N ILE A 1839 -79.65 -85.67 94.30
CA ILE A 1839 -79.46 -86.98 94.90
C ILE A 1839 -79.47 -87.97 93.76
N GLN A 1840 -78.49 -88.87 93.76
CA GLN A 1840 -78.30 -89.80 92.66
C GLN A 1840 -78.32 -91.21 93.19
N VAL A 1841 -79.23 -92.01 92.69
CA VAL A 1841 -79.32 -93.41 93.10
C VAL A 1841 -78.18 -94.18 92.45
N GLU A 1842 -77.70 -95.18 93.16
CA GLU A 1842 -76.71 -96.10 92.61
C GLU A 1842 -77.22 -96.75 91.34
N ASN A 1843 -76.33 -96.85 90.36
CA ASN A 1843 -76.65 -97.37 89.05
C ASN A 1843 -77.71 -96.52 88.38
N SER A 1844 -77.44 -95.22 88.32
CA SER A 1844 -78.18 -94.28 87.50
C SER A 1844 -77.19 -93.27 86.97
N HIS A 1845 -77.57 -92.60 85.89
CA HIS A 1845 -76.62 -91.74 85.18
C HIS A 1845 -77.29 -90.50 84.63
N LEU A 1846 -76.51 -89.43 84.61
CA LEU A 1846 -76.87 -88.15 84.01
C LEU A 1846 -75.95 -87.90 82.83
N ILE A 1847 -76.50 -87.94 81.63
CA ILE A 1847 -75.71 -87.79 80.43
C ILE A 1847 -76.37 -86.78 79.51
N LEU A 1848 -75.59 -86.30 78.56
CA LEU A 1848 -76.08 -85.51 77.45
C LEU A 1848 -76.08 -86.29 76.16
N THR A 1849 -75.15 -87.21 76.01
CA THR A 1849 -75.02 -88.06 74.84
C THR A 1849 -74.77 -89.48 75.30
N GLY A 1850 -75.44 -90.42 74.68
CA GLY A 1850 -75.26 -91.80 75.01
C GLY A 1850 -73.96 -92.37 74.48
N ALA A 1851 -73.56 -93.48 75.08
CA ALA A 1851 -72.32 -94.15 74.69
C ALA A 1851 -72.38 -94.60 73.25
N GLY A 1852 -73.53 -95.10 72.82
CA GLY A 1852 -73.64 -95.61 71.46
C GLY A 1852 -73.47 -94.52 70.42
N ALA A 1853 -74.07 -93.37 70.65
CA ALA A 1853 -73.89 -92.23 69.76
C ALA A 1853 -72.43 -91.84 69.67
N LEU A 1854 -71.74 -91.78 70.81
CA LEU A 1854 -70.35 -91.40 70.81
C LEU A 1854 -69.49 -92.41 70.07
N ASN A 1855 -69.80 -93.70 70.23
CA ASN A 1855 -69.06 -94.70 69.50
C ASN A 1855 -69.29 -94.57 68.01
N LYS A 1856 -70.52 -94.24 67.61
CA LYS A 1856 -70.80 -94.04 66.20
C LYS A 1856 -70.02 -92.86 65.64
N VAL A 1857 -69.94 -91.78 66.41
CA VAL A 1857 -69.25 -90.59 65.97
C VAL A 1857 -67.76 -90.84 65.87
N LEU A 1858 -67.18 -91.46 66.90
CA LEU A 1858 -65.74 -91.62 66.97
C LEU A 1858 -65.24 -92.73 66.06
N GLY A 1859 -66.07 -93.71 65.76
CA GLY A 1859 -65.73 -94.76 64.84
C GLY A 1859 -65.27 -96.05 65.46
N ARG A 1860 -65.22 -96.15 66.78
CA ARG A 1860 -64.84 -97.39 67.42
C ARG A 1860 -65.57 -97.51 68.75
N GLU A 1861 -65.56 -98.72 69.29
CA GLU A 1861 -66.24 -99.00 70.55
C GLU A 1861 -65.38 -98.46 71.68
N VAL A 1862 -65.53 -97.17 71.92
CA VAL A 1862 -64.79 -96.50 72.97
C VAL A 1862 -65.43 -96.77 74.32
N TYR A 1863 -66.73 -96.53 74.39
CA TYR A 1863 -67.50 -96.61 75.61
C TYR A 1863 -68.39 -97.84 75.57
N THR A 1864 -68.56 -98.45 76.73
CA THR A 1864 -69.38 -99.63 76.91
C THR A 1864 -70.70 -99.32 77.59
N SER A 1865 -70.65 -98.52 78.63
CA SER A 1865 -71.81 -98.23 79.46
C SER A 1865 -72.00 -96.74 79.58
N ASN A 1866 -73.25 -96.33 79.71
CA ASN A 1866 -73.57 -94.94 79.99
C ASN A 1866 -73.09 -94.52 81.37
N ASN A 1867 -72.87 -95.48 82.28
CA ASN A 1867 -72.36 -95.12 83.59
C ASN A 1867 -70.94 -94.59 83.52
N GLN A 1868 -70.21 -94.94 82.47
CA GLN A 1868 -68.90 -94.35 82.28
C GLN A 1868 -68.99 -92.86 81.98
N LEU A 1869 -70.13 -92.40 81.48
CA LEU A 1869 -70.31 -91.00 81.08
C LEU A 1869 -70.96 -90.15 82.16
N GLY A 1870 -71.88 -90.69 82.92
CA GLY A 1870 -72.66 -89.91 83.85
C GLY A 1870 -72.98 -90.57 85.17
N GLY A 1871 -72.26 -91.62 85.50
CA GLY A 1871 -72.51 -92.35 86.72
C GLY A 1871 -71.94 -91.65 87.93
N ILE A 1872 -72.08 -92.32 89.07
CA ILE A 1872 -71.66 -91.75 90.34
C ILE A 1872 -70.18 -91.43 90.34
N GLN A 1873 -69.37 -92.28 89.72
CA GLN A 1873 -67.93 -92.11 89.81
C GLN A 1873 -67.45 -90.84 89.13
N ILE A 1874 -68.30 -90.22 88.33
CA ILE A 1874 -68.05 -88.93 87.71
C ILE A 1874 -68.84 -87.83 88.41
N MET A 1875 -70.14 -88.02 88.53
CA MET A 1875 -71.02 -86.94 88.97
C MET A 1875 -70.82 -86.59 90.43
N HIS A 1876 -70.47 -87.56 91.26
CA HIS A 1876 -70.30 -87.33 92.68
C HIS A 1876 -68.93 -86.79 93.03
N ASN A 1877 -67.95 -87.01 92.16
CA ASN A 1877 -66.59 -86.57 92.40
C ASN A 1877 -66.27 -85.23 91.75
N ASN A 1878 -67.08 -84.76 90.81
CA ASN A 1878 -66.90 -83.47 90.18
C ASN A 1878 -67.82 -82.38 90.74
N GLY A 1879 -68.63 -82.71 91.73
CA GLY A 1879 -69.43 -81.71 92.41
C GLY A 1879 -70.85 -81.55 91.91
N VAL A 1880 -71.34 -82.43 91.06
CA VAL A 1880 -72.70 -82.32 90.54
C VAL A 1880 -73.70 -82.94 91.50
N THR A 1881 -73.44 -84.16 91.92
CA THR A 1881 -74.27 -84.86 92.88
C THR A 1881 -73.81 -84.53 94.29
N HIS A 1882 -74.75 -84.17 95.14
CA HIS A 1882 -74.45 -83.90 96.53
C HIS A 1882 -74.38 -85.15 97.37
N CYS A 1883 -75.34 -86.05 97.18
CA CYS A 1883 -75.47 -87.26 97.97
C CYS A 1883 -75.84 -88.42 97.09
N THR A 1884 -75.34 -89.59 97.45
CA THR A 1884 -75.66 -90.85 96.79
C THR A 1884 -76.42 -91.74 97.74
N VAL A 1885 -77.38 -92.48 97.19
CA VAL A 1885 -78.22 -93.39 97.95
C VAL A 1885 -78.28 -94.69 97.20
N CYS A 1886 -78.71 -95.73 97.90
CA CYS A 1886 -78.72 -97.08 97.35
C CYS A 1886 -79.97 -97.39 96.55
N ASP A 1887 -81.10 -96.76 96.88
CA ASP A 1887 -82.34 -97.05 96.22
C ASP A 1887 -83.23 -95.81 96.26
N ASP A 1888 -84.43 -95.95 95.71
CA ASP A 1888 -85.37 -94.84 95.66
C ASP A 1888 -85.86 -94.47 97.04
N PHE A 1889 -86.09 -95.48 97.90
CA PHE A 1889 -86.67 -95.22 99.20
C PHE A 1889 -85.73 -94.41 100.08
N GLU A 1890 -84.46 -94.79 100.08
CA GLU A 1890 -83.45 -94.02 100.79
C GLU A 1890 -83.35 -92.61 100.22
N GLY A 1891 -83.59 -92.47 98.92
CA GLY A 1891 -83.52 -91.15 98.31
C GLY A 1891 -84.61 -90.24 98.83
N VAL A 1892 -85.83 -90.77 98.89
CA VAL A 1892 -86.95 -90.04 99.47
C VAL A 1892 -86.64 -89.65 100.90
N PHE A 1893 -86.06 -90.57 101.64
CA PHE A 1893 -85.70 -90.30 103.02
C PHE A 1893 -84.71 -89.15 103.11
N THR A 1894 -83.74 -89.15 102.21
CA THR A 1894 -82.71 -88.12 102.21
C THR A 1894 -83.32 -86.75 101.92
N VAL A 1895 -84.25 -86.71 100.98
CA VAL A 1895 -84.97 -85.48 100.68
C VAL A 1895 -85.62 -84.94 101.94
N LEU A 1896 -86.35 -85.79 102.63
CA LEU A 1896 -87.04 -85.36 103.84
C LEU A 1896 -86.06 -84.92 104.91
N HIS A 1897 -84.93 -85.63 105.00
CA HIS A 1897 -83.91 -85.32 105.96
C HIS A 1897 -83.36 -83.92 105.74
N TRP A 1898 -83.00 -83.61 104.50
CA TRP A 1898 -82.55 -82.27 104.17
C TRP A 1898 -83.60 -81.22 104.50
N LEU A 1899 -84.86 -81.52 104.18
CA LEU A 1899 -85.91 -80.56 104.46
C LEU A 1899 -86.06 -80.27 105.94
N SER A 1900 -85.62 -81.18 106.80
CA SER A 1900 -85.79 -80.92 108.21
C SER A 1900 -84.88 -79.82 108.75
N TYR A 1901 -83.97 -79.27 107.96
CA TYR A 1901 -83.09 -78.21 108.43
C TYR A 1901 -83.55 -76.83 108.04
N MET A 1902 -84.48 -76.71 107.11
CA MET A 1902 -84.75 -75.46 106.42
C MET A 1902 -86.17 -74.99 106.65
N PRO A 1903 -86.47 -73.73 106.32
CA PRO A 1903 -87.83 -73.22 106.51
C PRO A 1903 -88.85 -73.97 105.68
N LYS A 1904 -90.08 -73.97 106.18
CA LYS A 1904 -91.17 -74.58 105.44
C LYS A 1904 -91.55 -73.79 104.21
N SER A 1905 -91.27 -72.50 104.19
CA SER A 1905 -91.58 -71.65 103.06
C SER A 1905 -90.58 -70.51 103.05
N VAL A 1906 -90.51 -69.81 101.92
CA VAL A 1906 -89.62 -68.68 101.80
C VAL A 1906 -90.01 -67.53 102.73
N HIS A 1907 -91.21 -67.55 103.30
CA HIS A 1907 -91.70 -66.51 104.20
C HIS A 1907 -91.67 -66.93 105.66
N SER A 1908 -90.95 -68.00 105.99
CA SER A 1908 -90.92 -68.55 107.34
C SER A 1908 -89.50 -68.52 107.87
N SER A 1909 -89.40 -68.57 109.20
CA SER A 1909 -88.11 -68.59 109.85
C SER A 1909 -87.53 -69.99 109.82
N VAL A 1910 -86.30 -70.09 110.30
CA VAL A 1910 -85.62 -71.38 110.33
C VAL A 1910 -86.24 -72.24 111.43
N PRO A 1911 -86.47 -73.54 111.21
CA PRO A 1911 -87.07 -74.36 112.26
C PRO A 1911 -86.11 -74.65 113.38
N LEU A 1912 -86.55 -74.38 114.61
CA LEU A 1912 -85.80 -74.67 115.81
C LEU A 1912 -86.38 -75.88 116.51
N LEU A 1913 -85.49 -76.69 117.05
CA LEU A 1913 -85.86 -77.88 117.81
C LEU A 1913 -85.45 -77.73 119.26
N ASN A 1914 -86.16 -78.45 120.11
CA ASN A 1914 -85.79 -78.60 121.51
C ASN A 1914 -84.81 -79.76 121.57
N SER A 1915 -83.52 -79.44 121.59
CA SER A 1915 -82.48 -80.45 121.46
C SER A 1915 -82.26 -81.19 122.76
N LYS A 1916 -81.87 -82.45 122.62
CA LYS A 1916 -81.43 -83.26 123.73
C LYS A 1916 -79.94 -83.11 124.02
N ASP A 1917 -79.22 -82.32 123.21
CA ASP A 1917 -77.83 -82.02 123.49
C ASP A 1917 -77.79 -80.67 124.19
N PRO A 1918 -77.35 -80.58 125.44
CA PRO A 1918 -77.39 -79.28 126.13
C PRO A 1918 -76.52 -78.23 125.46
N ILE A 1919 -76.97 -76.99 125.56
CA ILE A 1919 -76.20 -75.87 125.03
C ILE A 1919 -75.09 -75.49 125.98
N ASP A 1920 -75.28 -75.71 127.28
CA ASP A 1920 -74.37 -75.20 128.29
C ASP A 1920 -73.18 -76.09 128.53
N ARG A 1921 -73.02 -77.16 127.76
CA ARG A 1921 -71.87 -78.01 127.97
C ARG A 1921 -70.64 -77.35 127.40
N ILE A 1922 -69.52 -78.05 127.50
CA ILE A 1922 -68.28 -77.64 126.88
C ILE A 1922 -67.96 -78.62 125.76
N ILE A 1923 -66.98 -78.25 124.97
CA ILE A 1923 -66.49 -79.11 123.91
C ILE A 1923 -65.35 -79.93 124.46
N GLU A 1924 -65.45 -81.24 124.28
CA GLU A 1924 -64.48 -82.17 124.83
C GLU A 1924 -63.33 -82.46 123.88
N PHE A 1925 -63.52 -82.21 122.59
CA PHE A 1925 -62.46 -82.37 121.61
C PHE A 1925 -61.81 -81.01 121.38
N VAL A 1926 -60.49 -80.99 121.42
CA VAL A 1926 -59.71 -79.77 121.26
C VAL A 1926 -58.91 -79.91 119.97
N PRO A 1927 -58.99 -78.97 119.03
CA PRO A 1927 -58.13 -79.05 117.86
C PRO A 1927 -56.68 -78.89 118.24
N THR A 1928 -55.84 -79.72 117.65
CA THR A 1928 -54.44 -79.77 117.98
C THR A 1928 -53.64 -79.04 116.90
N LYS A 1929 -52.33 -79.01 117.11
CA LYS A 1929 -51.42 -78.40 116.16
C LYS A 1929 -51.10 -79.33 115.01
N THR A 1930 -51.22 -80.63 115.22
CA THR A 1930 -50.98 -81.60 114.18
C THR A 1930 -52.23 -81.81 113.35
N PRO A 1931 -52.11 -82.46 112.19
CA PRO A 1931 -53.28 -82.65 111.35
C PRO A 1931 -54.34 -83.47 112.04
N TYR A 1932 -55.59 -83.14 111.74
CA TYR A 1932 -56.73 -83.81 112.33
C TYR A 1932 -57.88 -83.80 111.34
N ASP A 1933 -58.82 -84.68 111.56
CA ASP A 1933 -60.04 -84.69 110.77
C ASP A 1933 -60.92 -83.52 111.22
N PRO A 1934 -61.35 -82.64 110.32
CA PRO A 1934 -62.24 -81.54 110.75
C PRO A 1934 -63.57 -81.98 111.30
N ARG A 1935 -63.97 -83.23 111.03
CA ARG A 1935 -65.24 -83.71 111.52
C ARG A 1935 -65.22 -83.89 113.03
N TRP A 1936 -64.05 -84.20 113.59
CA TRP A 1936 -63.95 -84.46 115.01
C TRP A 1936 -64.35 -83.23 115.82
N MET A 1937 -64.04 -82.03 115.35
CA MET A 1937 -64.44 -80.84 116.08
C MET A 1937 -65.87 -80.45 115.78
N LEU A 1938 -66.38 -80.81 114.59
CA LEU A 1938 -67.74 -80.45 114.23
C LEU A 1938 -68.75 -81.34 114.94
N ALA A 1939 -68.59 -82.64 114.81
CA ALA A 1939 -69.53 -83.61 115.33
C ALA A 1939 -69.07 -84.27 116.61
N GLY A 1940 -67.78 -84.54 116.72
CA GLY A 1940 -67.21 -85.28 117.81
C GLY A 1940 -66.70 -86.61 117.32
N ARG A 1941 -66.03 -87.32 118.22
CA ARG A 1941 -65.43 -88.60 117.87
C ARG A 1941 -65.69 -89.63 118.94
N PRO A 1942 -65.60 -90.92 118.63
CA PRO A 1942 -65.59 -91.93 119.68
C PRO A 1942 -64.39 -91.74 120.58
N HIS A 1943 -64.63 -91.85 121.89
CA HIS A 1943 -63.55 -91.65 122.85
C HIS A 1943 -62.47 -92.70 122.60
N PRO A 1944 -61.26 -92.31 122.19
CA PRO A 1944 -60.27 -93.31 121.77
C PRO A 1944 -59.72 -94.14 122.91
N THR A 1945 -59.80 -93.65 124.14
CA THR A 1945 -59.25 -94.38 125.27
C THR A 1945 -60.06 -95.64 125.56
N GLN A 1946 -61.38 -95.50 125.63
CA GLN A 1946 -62.31 -96.52 126.06
C GLN A 1946 -62.96 -97.17 124.83
N LYS A 1947 -64.03 -97.94 125.06
CA LYS A 1947 -64.86 -98.50 124.02
C LYS A 1947 -66.15 -97.72 123.82
N GLY A 1948 -66.79 -97.23 124.88
CA GLY A 1948 -67.91 -96.31 124.78
C GLY A 1948 -67.43 -94.87 124.77
N GLN A 1949 -68.27 -93.97 125.31
CA GLN A 1949 -67.80 -92.60 125.56
C GLN A 1949 -67.48 -91.81 124.29
N TRP A 1950 -68.38 -90.91 123.91
CA TRP A 1950 -68.17 -90.02 122.78
C TRP A 1950 -67.65 -88.65 123.24
N LEU A 1951 -66.55 -88.19 122.64
CA LEU A 1951 -66.07 -86.84 122.83
C LEU A 1951 -66.87 -85.87 121.99
N SER A 1952 -67.52 -84.92 122.66
CA SER A 1952 -68.44 -84.02 122.01
C SER A 1952 -67.69 -82.99 121.18
N GLY A 1953 -68.36 -82.52 120.13
CA GLY A 1953 -67.86 -81.47 119.28
C GLY A 1953 -68.62 -80.18 119.46
N PHE A 1954 -68.46 -79.30 118.48
CA PHE A 1954 -69.09 -77.99 118.51
C PHE A 1954 -70.60 -78.11 118.36
N PHE A 1955 -71.04 -78.92 117.43
CA PHE A 1955 -72.44 -78.97 117.05
C PHE A 1955 -73.16 -80.09 117.77
N ASP A 1956 -74.49 -80.03 117.71
CA ASP A 1956 -75.33 -81.02 118.37
C ASP A 1956 -74.98 -82.41 117.89
N TYR A 1957 -74.95 -83.35 118.83
CA TYR A 1957 -74.60 -84.71 118.54
C TYR A 1957 -75.56 -85.34 117.54
N GLY A 1958 -74.99 -85.90 116.48
CA GLY A 1958 -75.76 -86.57 115.45
C GLY A 1958 -76.39 -85.70 114.41
N SER A 1959 -76.26 -84.37 114.51
CA SER A 1959 -76.92 -83.47 113.60
C SER A 1959 -76.13 -83.17 112.33
N PHE A 1960 -74.85 -83.49 112.30
CA PHE A 1960 -74.00 -83.12 111.18
C PHE A 1960 -74.20 -84.04 109.98
N SER A 1961 -74.41 -83.44 108.81
CA SER A 1961 -74.58 -84.19 107.56
C SER A 1961 -73.74 -83.52 106.48
N GLU A 1962 -72.74 -84.22 106.00
CA GLU A 1962 -71.85 -83.71 104.98
C GLU A 1962 -72.39 -83.97 103.59
N ILE A 1963 -72.08 -83.06 102.67
CA ILE A 1963 -72.48 -83.14 101.28
C ILE A 1963 -71.26 -82.96 100.41
N MET A 1964 -71.33 -83.48 99.19
CA MET A 1964 -70.27 -83.34 98.21
C MET A 1964 -68.94 -83.82 98.78
N GLN A 1965 -68.98 -84.90 99.54
CA GLN A 1965 -67.85 -85.33 100.34
C GLN A 1965 -66.58 -85.57 99.52
N PRO A 1966 -66.58 -86.37 98.45
CA PRO A 1966 -65.33 -86.70 97.79
C PRO A 1966 -64.81 -85.64 96.84
N TRP A 1967 -65.58 -84.60 96.56
CA TRP A 1967 -65.14 -83.53 95.68
C TRP A 1967 -64.43 -82.45 96.46
N ALA A 1968 -63.24 -82.10 96.01
CA ALA A 1968 -62.45 -81.03 96.60
C ALA A 1968 -62.30 -81.25 98.10
N GLN A 1969 -61.61 -82.34 98.44
CA GLN A 1969 -61.62 -82.81 99.80
C GLN A 1969 -60.83 -81.95 100.78
N THR A 1970 -60.23 -80.85 100.33
CA THR A 1970 -59.54 -79.96 101.24
C THR A 1970 -60.47 -79.04 102.01
N VAL A 1971 -61.76 -79.06 101.71
CA VAL A 1971 -62.74 -78.26 102.40
C VAL A 1971 -63.92 -79.15 102.68
N VAL A 1972 -64.56 -78.92 103.82
CA VAL A 1972 -65.70 -79.70 104.28
C VAL A 1972 -66.88 -78.76 104.38
N VAL A 1973 -68.00 -79.18 103.84
CA VAL A 1973 -69.22 -78.39 103.88
C VAL A 1973 -70.35 -79.30 104.28
N GLY A 1974 -71.32 -78.72 104.98
CA GLY A 1974 -72.46 -79.52 105.36
C GLY A 1974 -73.49 -78.72 106.11
N ARG A 1975 -74.40 -79.45 106.70
CA ARG A 1975 -75.46 -78.92 107.52
C ARG A 1975 -75.33 -79.46 108.93
N ALA A 1976 -75.74 -78.67 109.90
CA ALA A 1976 -75.70 -79.13 111.27
C ALA A 1976 -76.66 -78.29 112.09
N ARG A 1977 -76.77 -78.64 113.37
CA ARG A 1977 -77.57 -77.89 114.31
C ARG A 1977 -76.73 -77.51 115.51
N LEU A 1978 -76.89 -76.27 115.95
CA LEU A 1978 -76.25 -75.73 117.13
C LEU A 1978 -77.38 -75.41 118.11
N GLY A 1979 -77.49 -76.22 119.15
CA GLY A 1979 -78.54 -76.03 120.13
C GLY A 1979 -79.93 -76.12 119.54
N GLY A 1980 -80.10 -76.94 118.51
CA GLY A 1980 -81.35 -77.03 117.81
C GLY A 1980 -81.55 -75.99 116.74
N ILE A 1981 -80.56 -75.17 116.45
CA ILE A 1981 -80.66 -74.13 115.42
C ILE A 1981 -79.92 -74.65 114.19
N PRO A 1982 -80.61 -74.90 113.08
CA PRO A 1982 -79.91 -75.33 111.87
C PRO A 1982 -79.00 -74.26 111.32
N VAL A 1983 -77.84 -74.70 110.87
CA VAL A 1983 -76.83 -73.84 110.29
C VAL A 1983 -76.17 -74.58 109.15
N GLY A 1984 -75.64 -73.79 108.23
CA GLY A 1984 -74.70 -74.28 107.26
C GLY A 1984 -73.31 -74.21 107.85
N VAL A 1985 -72.47 -75.14 107.43
CA VAL A 1985 -71.16 -75.37 108.02
C VAL A 1985 -70.14 -75.35 106.91
N VAL A 1986 -69.08 -74.59 107.13
CA VAL A 1986 -67.88 -74.66 106.31
C VAL A 1986 -66.70 -74.88 107.25
N ALA A 1987 -65.81 -75.76 106.85
CA ALA A 1987 -64.64 -76.09 107.62
C ALA A 1987 -63.52 -76.50 106.69
N VAL A 1988 -62.32 -76.62 107.25
CA VAL A 1988 -61.10 -76.75 106.48
C VAL A 1988 -60.37 -78.01 106.89
N GLU A 1989 -59.93 -78.76 105.90
CA GLU A 1989 -59.09 -79.92 106.13
C GLU A 1989 -57.66 -79.48 106.28
N THR A 1990 -56.98 -80.05 107.26
CA THR A 1990 -55.59 -79.78 107.54
C THR A 1990 -54.68 -80.94 107.18
N ARG A 1991 -55.25 -82.11 106.94
CA ARG A 1991 -54.50 -83.23 106.44
C ARG A 1991 -54.30 -83.10 104.95
N THR A 1992 -53.25 -83.74 104.47
CA THR A 1992 -53.03 -83.86 103.04
C THR A 1992 -53.96 -84.91 102.46
N VAL A 1993 -54.47 -84.64 101.26
CA VAL A 1993 -55.39 -85.51 100.57
C VAL A 1993 -54.83 -85.80 99.19
N GLU A 1994 -55.32 -86.87 98.60
CA GLU A 1994 -54.90 -87.34 97.28
C GLU A 1994 -56.06 -87.21 96.32
N LEU A 1995 -55.86 -86.41 95.28
CA LEU A 1995 -56.84 -86.27 94.22
C LEU A 1995 -56.47 -87.22 93.10
N SER A 1996 -57.38 -88.13 92.80
CA SER A 1996 -57.21 -89.09 91.71
C SER A 1996 -58.00 -88.62 90.51
N ILE A 1997 -57.32 -88.47 89.38
CA ILE A 1997 -57.90 -88.01 88.13
C ILE A 1997 -57.88 -89.19 87.15
N PRO A 1998 -59.02 -89.62 86.62
CA PRO A 1998 -59.03 -90.78 85.73
C PRO A 1998 -58.58 -90.43 84.32
N ALA A 1999 -58.30 -91.49 83.58
CA ALA A 1999 -57.87 -91.39 82.20
C ALA A 1999 -59.06 -91.56 81.28
N ASP A 2000 -59.13 -90.72 80.26
CA ASP A 2000 -60.20 -90.80 79.30
C ASP A 2000 -59.95 -91.99 78.37
N PRO A 2001 -60.88 -92.95 78.27
CA PRO A 2001 -60.67 -94.05 77.31
C PRO A 2001 -60.74 -93.65 75.87
N ALA A 2002 -61.22 -92.44 75.56
CA ALA A 2002 -61.24 -91.97 74.18
C ALA A 2002 -59.91 -91.41 73.72
N ASN A 2003 -58.94 -91.28 74.62
CA ASN A 2003 -57.62 -90.74 74.29
C ASN A 2003 -56.62 -91.75 74.83
N LEU A 2004 -56.12 -92.61 73.96
CA LEU A 2004 -55.24 -93.68 74.39
C LEU A 2004 -53.89 -93.19 74.89
N ASP A 2005 -53.56 -91.93 74.67
CA ASP A 2005 -52.32 -91.34 75.15
C ASP A 2005 -52.49 -90.61 76.47
N SER A 2006 -53.64 -90.76 77.13
CA SER A 2006 -53.86 -90.14 78.42
C SER A 2006 -53.47 -91.09 79.54
N GLU A 2007 -53.27 -90.50 80.71
CA GLU A 2007 -52.86 -91.23 81.90
C GLU A 2007 -53.64 -90.71 83.10
N ALA A 2008 -53.90 -91.61 84.03
CA ALA A 2008 -54.46 -91.23 85.31
C ALA A 2008 -53.37 -90.60 86.17
N LYS A 2009 -53.78 -89.70 87.05
CA LYS A 2009 -52.84 -88.96 87.87
C LYS A 2009 -53.31 -88.87 89.31
N ILE A 2010 -52.34 -88.86 90.22
CA ILE A 2010 -52.57 -88.59 91.62
C ILE A 2010 -51.86 -87.29 91.94
N ILE A 2011 -52.58 -86.37 92.54
CA ILE A 2011 -52.06 -85.06 92.90
C ILE A 2011 -52.22 -84.91 94.40
N GLN A 2012 -51.15 -84.50 95.06
CA GLN A 2012 -51.21 -84.24 96.48
C GLN A 2012 -51.72 -82.83 96.69
N GLN A 2013 -52.73 -82.70 97.53
CA GLN A 2013 -53.30 -81.42 97.90
C GLN A 2013 -53.10 -81.24 99.39
N ALA A 2014 -52.41 -80.17 99.76
CA ALA A 2014 -52.21 -79.87 101.16
C ALA A 2014 -53.45 -79.22 101.75
N GLY A 2015 -53.52 -79.28 103.06
CA GLY A 2015 -54.59 -78.62 103.78
C GLY A 2015 -54.26 -77.18 104.05
N GLN A 2016 -55.28 -76.45 104.44
CA GLN A 2016 -55.19 -75.02 104.73
C GLN A 2016 -54.79 -74.23 103.49
N VAL A 2017 -55.27 -74.66 102.34
CA VAL A 2017 -54.98 -74.02 101.08
C VAL A 2017 -56.26 -74.01 100.28
N TRP A 2018 -56.45 -72.96 99.50
CA TRP A 2018 -57.55 -72.84 98.58
C TRP A 2018 -57.05 -73.15 97.18
N PHE A 2019 -57.54 -74.11 96.64
CA PHE A 2019 -57.36 -74.58 95.30
C PHE A 2019 -58.55 -74.19 94.45
N PRO A 2020 -58.47 -74.33 93.13
CA PRO A 2020 -59.63 -74.00 92.31
C PRO A 2020 -60.87 -74.79 92.64
N ASP A 2021 -60.71 -76.10 92.83
CA ASP A 2021 -61.85 -76.94 93.15
C ASP A 2021 -62.46 -76.58 94.50
N SER A 2022 -61.64 -76.43 95.53
CA SER A 2022 -62.17 -76.16 96.86
C SER A 2022 -62.75 -74.77 96.94
N ALA A 2023 -62.17 -73.81 96.24
CA ALA A 2023 -62.74 -72.48 96.19
C ALA A 2023 -64.10 -72.49 95.51
N PHE A 2024 -64.22 -73.25 94.42
CA PHE A 2024 -65.50 -73.30 93.73
C PHE A 2024 -66.55 -74.01 94.57
N LYS A 2025 -66.14 -75.04 95.29
CA LYS A 2025 -67.03 -75.75 96.20
C LYS A 2025 -67.54 -74.82 97.28
N THR A 2026 -66.65 -74.02 97.86
CA THR A 2026 -67.04 -73.07 98.88
C THR A 2026 -68.04 -72.06 98.32
N TYR A 2027 -67.82 -71.59 97.10
CA TYR A 2027 -68.77 -70.68 96.48
C TYR A 2027 -70.13 -71.33 96.34
N GLN A 2028 -70.14 -72.59 95.91
CA GLN A 2028 -71.39 -73.30 95.71
C GLN A 2028 -72.14 -73.45 97.02
N ALA A 2029 -71.41 -73.79 98.08
CA ALA A 2029 -72.04 -73.96 99.38
C ALA A 2029 -72.64 -72.66 99.87
N ILE A 2030 -71.88 -71.57 99.77
CA ILE A 2030 -72.36 -70.29 100.23
C ILE A 2030 -73.62 -69.90 99.47
N LYS A 2031 -73.60 -70.03 98.15
CA LYS A 2031 -74.74 -69.59 97.37
C LYS A 2031 -75.95 -70.46 97.66
N ASP A 2032 -75.73 -71.76 97.82
CA ASP A 2032 -76.83 -72.68 98.06
C ASP A 2032 -77.45 -72.45 99.42
N PHE A 2033 -76.64 -72.19 100.44
CA PHE A 2033 -77.19 -71.92 101.77
C PHE A 2033 -77.83 -70.55 101.85
N ASN A 2034 -77.36 -69.57 101.09
CA ASN A 2034 -78.03 -68.29 101.07
C ASN A 2034 -79.42 -68.44 100.50
N ARG A 2035 -79.57 -69.29 99.48
CA ARG A 2035 -80.89 -69.50 98.91
C ARG A 2035 -81.74 -70.38 99.80
N GLU A 2036 -81.12 -71.32 100.49
CA GLU A 2036 -81.84 -72.22 101.37
C GLU A 2036 -82.44 -71.47 102.54
N GLY A 2037 -81.72 -70.50 103.07
CA GLY A 2037 -82.21 -69.62 104.11
C GLY A 2037 -81.58 -69.86 105.47
N LEU A 2038 -80.36 -70.36 105.49
CA LEU A 2038 -79.69 -70.74 106.71
C LEU A 2038 -78.50 -69.83 107.02
N PRO A 2039 -78.21 -69.58 108.29
CA PRO A 2039 -76.96 -68.90 108.62
C PRO A 2039 -75.77 -69.79 108.41
N LEU A 2040 -74.62 -69.15 108.27
CA LEU A 2040 -73.37 -69.82 108.01
C LEU A 2040 -72.48 -69.73 109.23
N MET A 2041 -71.85 -70.85 109.54
CA MET A 2041 -70.82 -70.95 110.55
C MET A 2041 -69.59 -71.44 109.82
N VAL A 2042 -68.58 -70.58 109.77
CA VAL A 2042 -67.36 -70.83 109.02
C VAL A 2042 -66.24 -71.00 110.01
N PHE A 2043 -65.51 -72.10 109.90
CA PHE A 2043 -64.33 -72.37 110.70
C PHE A 2043 -63.14 -72.19 109.79
N ALA A 2044 -62.62 -70.97 109.78
CA ALA A 2044 -61.67 -70.51 108.77
C ALA A 2044 -60.25 -70.80 109.20
N ASN A 2045 -59.55 -71.62 108.43
CA ASN A 2045 -58.18 -71.99 108.69
C ASN A 2045 -57.36 -72.09 107.41
N TRP A 2046 -57.42 -71.07 106.57
CA TRP A 2046 -56.71 -71.07 105.28
C TRP A 2046 -55.46 -70.23 105.39
N ARG A 2047 -54.34 -70.79 104.93
CA ARG A 2047 -53.08 -70.08 104.87
C ARG A 2047 -52.89 -69.28 103.60
N GLY A 2048 -53.87 -69.28 102.71
CA GLY A 2048 -53.84 -68.54 101.48
C GLY A 2048 -54.22 -69.40 100.32
N PHE A 2049 -54.14 -68.80 99.14
CA PHE A 2049 -54.42 -69.48 97.89
C PHE A 2049 -53.17 -70.09 97.31
N SER A 2050 -53.38 -71.13 96.51
CA SER A 2050 -52.32 -71.71 95.72
C SER A 2050 -51.90 -70.75 94.62
N GLY A 2051 -50.60 -70.46 94.55
CA GLY A 2051 -50.05 -69.61 93.52
C GLY A 2051 -49.23 -70.34 92.48
N GLY A 2052 -49.21 -71.67 92.49
CA GLY A 2052 -48.44 -72.39 91.52
C GLY A 2052 -48.97 -72.22 90.12
N MET A 2053 -48.12 -72.58 89.16
CA MET A 2053 -48.46 -72.41 87.75
C MET A 2053 -49.75 -73.14 87.39
N LYS A 2054 -49.94 -74.33 87.94
CA LYS A 2054 -51.02 -75.17 87.43
C LYS A 2054 -52.36 -74.74 87.99
N ASP A 2055 -52.37 -74.19 89.20
CA ASP A 2055 -53.61 -73.67 89.76
C ASP A 2055 -53.92 -72.29 89.23
N MET A 2056 -52.89 -71.51 88.88
CA MET A 2056 -53.11 -70.25 88.20
C MET A 2056 -53.65 -70.46 86.79
N TYR A 2057 -53.18 -71.50 86.13
CA TYR A 2057 -53.70 -71.83 84.81
C TYR A 2057 -55.13 -72.35 84.91
N ASP A 2058 -55.42 -73.08 85.98
CA ASP A 2058 -56.75 -73.60 86.23
C ASP A 2058 -57.62 -72.63 87.00
N GLN A 2059 -57.34 -71.34 86.89
CA GLN A 2059 -58.32 -70.29 87.17
C GLN A 2059 -58.65 -70.17 88.65
N VAL A 2060 -57.63 -70.23 89.51
CA VAL A 2060 -57.89 -70.08 90.94
C VAL A 2060 -58.37 -68.68 91.26
N LEU A 2061 -57.85 -67.69 90.55
CA LEU A 2061 -58.17 -66.30 90.80
C LEU A 2061 -59.66 -66.02 90.57
N LYS A 2062 -60.22 -66.61 89.53
CA LYS A 2062 -61.63 -66.39 89.21
C LYS A 2062 -62.53 -66.87 90.33
N PHE A 2063 -62.28 -68.08 90.80
CA PHE A 2063 -63.11 -68.66 91.84
C PHE A 2063 -62.93 -67.93 93.17
N GLY A 2064 -61.72 -67.45 93.42
CA GLY A 2064 -61.51 -66.60 94.58
C GLY A 2064 -62.35 -65.34 94.53
N ALA A 2065 -62.53 -64.78 93.34
CA ALA A 2065 -63.43 -63.64 93.19
C ALA A 2065 -64.88 -64.03 93.43
N TYR A 2066 -65.26 -65.22 92.95
CA TYR A 2066 -66.62 -65.68 93.14
C TYR A 2066 -66.99 -65.79 94.61
N ILE A 2067 -66.02 -66.13 95.46
CA ILE A 2067 -66.30 -66.22 96.89
C ILE A 2067 -66.80 -64.88 97.41
N VAL A 2068 -66.13 -63.81 97.01
CA VAL A 2068 -66.50 -62.47 97.43
C VAL A 2068 -67.89 -62.14 96.94
N ASP A 2069 -68.16 -62.45 95.67
CA ASP A 2069 -69.47 -62.11 95.15
C ASP A 2069 -70.57 -62.92 95.81
N GLY A 2070 -70.24 -64.12 96.30
CA GLY A 2070 -71.22 -64.89 97.04
C GLY A 2070 -71.52 -64.26 98.38
N LEU A 2071 -70.47 -63.89 99.11
CA LEU A 2071 -70.68 -63.35 100.45
C LEU A 2071 -71.36 -62.01 100.43
N ARG A 2072 -71.18 -61.23 99.38
CA ARG A 2072 -71.82 -59.93 99.33
C ARG A 2072 -73.34 -60.04 99.26
N GLU A 2073 -73.87 -61.18 98.85
CA GLU A 2073 -75.31 -61.37 98.69
C GLU A 2073 -75.94 -62.20 99.80
N CYS A 2074 -75.25 -62.39 100.91
CA CYS A 2074 -75.85 -63.07 102.02
C CYS A 2074 -76.94 -62.21 102.65
N CYS A 2075 -78.03 -62.85 103.05
CA CYS A 2075 -79.10 -62.22 103.80
C CYS A 2075 -79.28 -62.79 105.18
N GLN A 2076 -78.53 -63.83 105.55
CA GLN A 2076 -78.58 -64.49 106.83
C GLN A 2076 -77.30 -64.24 107.60
N PRO A 2077 -77.30 -64.44 108.92
CA PRO A 2077 -76.07 -64.23 109.69
C PRO A 2077 -74.94 -65.15 109.25
N VAL A 2078 -73.76 -64.56 109.18
CA VAL A 2078 -72.54 -65.24 108.78
C VAL A 2078 -71.55 -65.01 109.89
N LEU A 2079 -71.17 -66.09 110.56
CA LEU A 2079 -70.29 -66.04 111.71
C LEU A 2079 -69.03 -66.82 111.37
N VAL A 2080 -67.91 -66.12 111.34
CA VAL A 2080 -66.62 -66.70 111.05
C VAL A 2080 -65.90 -66.82 112.37
N TYR A 2081 -65.34 -67.99 112.62
CA TYR A 2081 -64.61 -68.27 113.83
C TYR A 2081 -63.30 -68.91 113.46
N ILE A 2082 -62.21 -68.39 114.00
CA ILE A 2082 -60.89 -68.96 113.81
C ILE A 2082 -60.65 -69.94 114.94
N PRO A 2083 -60.59 -71.25 114.69
CA PRO A 2083 -60.40 -72.18 115.77
C PRO A 2083 -59.02 -72.06 116.39
N PRO A 2084 -58.77 -72.77 117.47
CA PRO A 2084 -57.42 -72.80 118.02
C PRO A 2084 -56.46 -73.51 117.09
N GLN A 2085 -55.21 -73.07 117.11
CA GLN A 2085 -54.17 -73.60 116.23
C GLN A 2085 -54.58 -73.43 114.77
N ALA A 2086 -55.22 -72.30 114.48
CA ALA A 2086 -55.63 -71.95 113.13
C ALA A 2086 -55.17 -70.54 112.82
N GLU A 2087 -55.00 -70.29 111.52
CA GLU A 2087 -54.48 -69.02 111.08
C GLU A 2087 -55.13 -68.59 109.77
N LEU A 2088 -55.27 -67.28 109.62
CA LEU A 2088 -55.63 -66.68 108.35
C LEU A 2088 -54.58 -65.71 107.85
N ARG A 2089 -54.16 -65.93 106.62
CA ARG A 2089 -53.01 -65.26 106.04
C ARG A 2089 -53.39 -64.66 104.72
N GLY A 2090 -53.29 -63.33 104.63
CA GLY A 2090 -53.21 -62.67 103.34
C GLY A 2090 -54.48 -62.79 102.53
N GLY A 2091 -54.37 -63.46 101.38
CA GLY A 2091 -55.48 -63.52 100.45
C GLY A 2091 -56.69 -64.19 101.04
N SER A 2092 -56.49 -65.11 101.98
CA SER A 2092 -57.59 -65.85 102.54
C SER A 2092 -58.44 -65.03 103.50
N TRP A 2093 -57.91 -63.92 104.01
CA TRP A 2093 -58.68 -63.04 104.87
C TRP A 2093 -59.54 -62.11 104.04
N VAL A 2094 -58.92 -61.45 103.06
CA VAL A 2094 -59.57 -60.37 102.33
C VAL A 2094 -60.80 -60.81 101.56
N VAL A 2095 -61.03 -62.12 101.42
CA VAL A 2095 -62.18 -62.64 100.71
C VAL A 2095 -63.32 -63.04 101.64
N ILE A 2096 -63.09 -63.10 102.95
CA ILE A 2096 -64.13 -63.41 103.92
C ILE A 2096 -64.19 -62.32 104.99
N ASP A 2097 -63.57 -61.20 104.73
CA ASP A 2097 -63.56 -60.13 105.71
C ASP A 2097 -64.96 -59.58 105.88
N SER A 2098 -65.29 -59.22 107.10
CA SER A 2098 -66.62 -58.74 107.43
C SER A 2098 -66.99 -57.46 106.71
N SER A 2099 -66.03 -56.74 106.14
CA SER A 2099 -66.33 -55.52 105.41
C SER A 2099 -67.09 -55.78 104.13
N ILE A 2100 -67.10 -57.02 103.65
CA ILE A 2100 -67.81 -57.34 102.43
C ILE A 2100 -69.31 -57.13 102.62
N ASN A 2101 -69.84 -57.68 103.70
CA ASN A 2101 -71.27 -57.59 104.03
C ASN A 2101 -71.34 -57.24 105.50
N PRO A 2102 -71.18 -55.96 105.83
CA PRO A 2102 -71.06 -55.58 107.24
C PRO A 2102 -72.32 -55.81 108.06
N ARG A 2103 -73.48 -55.89 107.42
CA ARG A 2103 -74.71 -56.02 108.17
C ARG A 2103 -74.88 -57.40 108.78
N HIS A 2104 -74.30 -58.42 108.16
CA HIS A 2104 -74.52 -59.81 108.50
C HIS A 2104 -73.28 -60.55 108.94
N MET A 2105 -72.10 -60.10 108.53
CA MET A 2105 -70.88 -60.84 108.78
C MET A 2105 -70.22 -60.41 110.07
N GLU A 2106 -69.72 -61.39 110.81
CA GLU A 2106 -68.93 -61.15 112.00
C GLU A 2106 -67.78 -62.13 112.05
N MET A 2107 -66.70 -61.70 112.68
CA MET A 2107 -65.49 -62.50 112.84
C MET A 2107 -65.13 -62.59 114.32
N TYR A 2108 -64.79 -63.79 114.74
CA TYR A 2108 -64.29 -64.04 116.08
C TYR A 2108 -63.06 -64.93 115.99
N ALA A 2109 -62.20 -64.78 116.99
CA ALA A 2109 -60.95 -65.50 117.06
C ALA A 2109 -60.80 -66.18 118.41
N ASP A 2110 -60.15 -67.33 118.40
CA ASP A 2110 -59.73 -67.98 119.62
C ASP A 2110 -58.46 -67.30 120.14
N ARG A 2111 -58.03 -67.68 121.35
CA ARG A 2111 -56.78 -67.21 121.89
C ARG A 2111 -55.57 -67.87 121.26
N GLU A 2112 -55.74 -69.06 120.71
CA GLU A 2112 -54.66 -69.78 120.02
C GLU A 2112 -54.75 -69.61 118.51
N SER A 2113 -55.19 -68.44 118.07
CA SER A 2113 -55.37 -68.14 116.66
C SER A 2113 -54.29 -67.20 116.19
N ARG A 2114 -54.15 -67.10 114.87
CA ARG A 2114 -53.26 -66.12 114.27
C ARG A 2114 -53.89 -65.51 113.04
N GLY A 2115 -53.49 -64.29 112.76
CA GLY A 2115 -53.96 -63.68 111.55
C GLY A 2115 -53.14 -62.50 111.11
N SER A 2116 -52.76 -62.49 109.86
CA SER A 2116 -51.94 -61.39 109.35
C SER A 2116 -51.93 -61.45 107.84
N VAL A 2117 -51.09 -60.62 107.24
CA VAL A 2117 -50.89 -60.65 105.81
C VAL A 2117 -49.95 -61.79 105.43
N LEU A 2118 -48.80 -61.84 106.09
CA LEU A 2118 -47.78 -62.83 105.82
C LEU A 2118 -47.44 -63.61 107.08
N GLU A 2119 -47.12 -64.88 106.88
CA GLU A 2119 -46.64 -65.70 107.95
C GLU A 2119 -45.32 -65.11 108.48
N PRO A 2120 -44.89 -65.54 109.66
CA PRO A 2120 -43.65 -64.98 110.23
C PRO A 2120 -42.42 -65.14 109.34
N GLU A 2121 -42.26 -66.30 108.70
CA GLU A 2121 -41.11 -66.51 107.82
C GLU A 2121 -41.10 -65.50 106.69
N GLY A 2122 -42.25 -65.29 106.06
CA GLY A 2122 -42.33 -64.33 104.98
C GLY A 2122 -42.09 -62.91 105.42
N THR A 2123 -42.34 -62.61 106.70
CA THR A 2123 -42.08 -61.27 107.21
C THR A 2123 -40.61 -61.07 107.50
N VAL A 2124 -39.96 -62.07 108.10
CA VAL A 2124 -38.55 -61.89 108.43
C VAL A 2124 -37.71 -61.87 107.17
N GLU A 2125 -38.13 -62.60 106.13
CA GLU A 2125 -37.37 -62.58 104.90
C GLU A 2125 -37.34 -61.21 104.24
N ILE A 2126 -38.24 -60.32 104.63
CA ILE A 2126 -38.32 -58.98 104.07
C ILE A 2126 -37.71 -57.96 105.02
N LYS A 2127 -38.13 -57.98 106.28
CA LYS A 2127 -37.81 -56.91 107.21
C LYS A 2127 -36.71 -57.24 108.19
N PHE A 2128 -36.31 -58.51 108.32
CA PHE A 2128 -35.38 -58.94 109.37
C PHE A 2128 -34.33 -59.87 108.78
N ARG A 2129 -33.70 -59.42 107.70
CA ARG A 2129 -32.66 -60.19 107.04
C ARG A 2129 -31.41 -60.27 107.92
N ARG A 2130 -30.41 -60.99 107.41
CA ARG A 2130 -29.23 -61.35 108.18
C ARG A 2130 -28.52 -60.14 108.78
N LYS A 2131 -28.42 -59.06 108.01
CA LYS A 2131 -27.73 -57.85 108.49
C LYS A 2131 -28.32 -57.37 109.80
N ASP A 2132 -29.64 -57.32 109.88
CA ASP A 2132 -30.32 -56.88 111.09
C ASP A 2132 -30.23 -57.91 112.20
N LEU A 2133 -30.22 -59.19 111.85
CA LEU A 2133 -30.01 -60.23 112.84
C LEU A 2133 -28.66 -60.06 113.53
N VAL A 2134 -27.62 -59.77 112.75
CA VAL A 2134 -26.31 -59.54 113.31
C VAL A 2134 -26.34 -58.31 114.22
N LYS A 2135 -27.04 -57.26 113.78
CA LYS A 2135 -27.15 -56.08 114.63
C LYS A 2135 -27.79 -56.42 115.96
N THR A 2136 -28.77 -57.33 115.96
CA THR A 2136 -29.37 -57.77 117.20
C THR A 2136 -28.35 -58.51 118.05
N MET A 2137 -27.61 -59.43 117.43
CA MET A 2137 -26.62 -60.21 118.18
C MET A 2137 -25.59 -59.31 118.83
N ARG A 2138 -25.32 -58.17 118.21
CA ARG A 2138 -24.32 -57.24 118.74
C ARG A 2138 -24.61 -56.81 120.17
N ARG A 2139 -25.87 -56.82 120.58
CA ARG A 2139 -26.26 -56.33 121.91
C ARG A 2139 -26.82 -57.41 122.82
N VAL A 2140 -26.64 -58.69 122.48
CA VAL A 2140 -27.24 -59.79 123.23
C VAL A 2140 -26.18 -60.80 123.67
N ASP A 2141 -25.49 -61.42 122.73
CA ASP A 2141 -24.65 -62.57 123.04
C ASP A 2141 -23.43 -62.13 123.83
N PRO A 2142 -23.25 -62.60 125.08
CA PRO A 2142 -22.06 -62.15 125.85
C PRO A 2142 -20.74 -62.44 125.17
N VAL A 2143 -20.61 -63.59 124.49
CA VAL A 2143 -19.36 -63.92 123.84
C VAL A 2143 -19.07 -62.94 122.70
N TYR A 2144 -20.06 -62.75 121.84
CA TYR A 2144 -19.90 -61.83 120.73
C TYR A 2144 -19.66 -60.42 121.22
N ILE A 2145 -20.31 -60.03 122.31
CA ILE A 2145 -20.11 -58.70 122.88
C ILE A 2145 -18.68 -58.55 123.36
N HIS A 2146 -18.18 -59.55 124.11
CA HIS A 2146 -16.84 -59.47 124.65
C HIS A 2146 -15.81 -59.37 123.52
N LEU A 2147 -16.00 -60.17 122.48
CA LEU A 2147 -15.05 -60.14 121.37
C LEU A 2147 -15.12 -58.80 120.64
N ALA A 2148 -16.34 -58.29 120.44
CA ALA A 2148 -16.51 -57.04 119.70
C ALA A 2148 -15.92 -55.87 120.47
N GLU A 2149 -16.07 -55.90 121.80
CA GLU A 2149 -15.48 -54.84 122.62
C GLU A 2149 -13.97 -54.95 122.65
N ARG A 2150 -13.44 -56.17 122.69
CA ARG A 2150 -11.99 -56.32 122.70
C ARG A 2150 -11.39 -55.82 121.39
N LEU A 2151 -12.03 -56.13 120.26
CA LEU A 2151 -11.51 -55.64 118.99
C LEU A 2151 -11.61 -54.13 118.87
N GLY A 2152 -12.43 -53.48 119.70
CA GLY A 2152 -12.55 -52.04 119.66
C GLY A 2152 -11.43 -51.29 120.32
N THR A 2153 -10.50 -51.99 120.97
CA THR A 2153 -9.37 -51.33 121.62
C THR A 2153 -8.36 -50.91 120.57
N PRO A 2154 -7.91 -49.64 120.55
CA PRO A 2154 -6.95 -49.23 119.51
C PRO A 2154 -5.59 -49.90 119.67
N GLU A 2155 -5.05 -50.37 118.55
CA GLU A 2155 -3.65 -50.78 118.40
C GLU A 2155 -3.25 -51.83 119.44
N LEU A 2156 -3.94 -52.95 119.40
CA LEU A 2156 -3.54 -54.07 120.24
C LEU A 2156 -2.35 -54.78 119.61
N SER A 2157 -2.56 -55.39 118.46
CA SER A 2157 -1.53 -56.02 117.65
C SER A 2157 -2.21 -56.56 116.40
N THR A 2158 -1.41 -56.78 115.36
CA THR A 2158 -1.95 -57.31 114.11
C THR A 2158 -2.50 -58.72 114.32
N ALA A 2159 -1.69 -59.58 114.92
CA ALA A 2159 -2.08 -60.97 115.13
C ALA A 2159 -3.34 -61.07 115.98
N GLU A 2160 -3.40 -60.27 117.04
CA GLU A 2160 -4.55 -60.34 117.94
C GLU A 2160 -5.81 -59.89 117.24
N ARG A 2161 -5.72 -58.82 116.44
CA ARG A 2161 -6.89 -58.36 115.69
C ARG A 2161 -7.37 -59.42 114.71
N LYS A 2162 -6.45 -60.07 114.02
CA LYS A 2162 -6.82 -61.15 113.11
C LYS A 2162 -7.56 -62.27 113.84
N GLU A 2163 -7.01 -62.70 114.97
CA GLU A 2163 -7.66 -63.76 115.75
C GLU A 2163 -9.05 -63.33 116.21
N LEU A 2164 -9.17 -62.09 116.71
CA LEU A 2164 -10.46 -61.61 117.17
C LEU A 2164 -11.49 -61.59 116.05
N GLU A 2165 -11.06 -61.16 114.85
CA GLU A 2165 -11.98 -61.13 113.72
C GLU A 2165 -12.45 -62.52 113.37
N ASN A 2166 -11.54 -63.49 113.35
CA ASN A 2166 -11.97 -64.85 113.04
C ASN A 2166 -12.93 -65.39 114.11
N LYS A 2167 -12.66 -65.08 115.38
CA LYS A 2167 -13.55 -65.52 116.44
C LYS A 2167 -14.92 -64.90 116.28
N LEU A 2168 -14.98 -63.63 115.90
CA LEU A 2168 -16.26 -62.95 115.70
C LEU A 2168 -17.01 -63.58 114.54
N LYS A 2169 -16.31 -63.85 113.44
CA LYS A 2169 -16.97 -64.47 112.29
C LYS A 2169 -17.55 -65.82 112.66
N GLU A 2170 -16.77 -66.65 113.34
CA GLU A 2170 -17.26 -67.97 113.71
C GLU A 2170 -18.44 -67.88 114.67
N ARG A 2171 -18.36 -66.96 115.64
CA ARG A 2171 -19.44 -66.88 116.63
C ARG A 2171 -20.72 -66.38 115.99
N GLU A 2172 -20.64 -65.29 115.22
CA GLU A 2172 -21.84 -64.74 114.60
C GLU A 2172 -22.45 -65.72 113.62
N GLU A 2173 -21.63 -66.49 112.90
CA GLU A 2173 -22.20 -67.47 111.98
C GLU A 2173 -22.83 -68.62 112.74
N PHE A 2174 -22.22 -69.01 113.86
CA PHE A 2174 -22.72 -70.14 114.62
C PHE A 2174 -24.09 -69.85 115.21
N LEU A 2175 -24.35 -68.59 115.53
CA LEU A 2175 -25.57 -68.21 116.22
C LEU A 2175 -26.72 -67.85 115.32
N ILE A 2176 -26.61 -68.05 114.01
CA ILE A 2176 -27.67 -67.60 113.12
C ILE A 2176 -28.97 -68.37 113.33
N PRO A 2177 -28.99 -69.70 113.35
CA PRO A 2177 -30.28 -70.40 113.44
C PRO A 2177 -31.07 -70.07 114.69
N ILE A 2178 -30.41 -69.87 115.81
CA ILE A 2178 -31.10 -69.60 117.05
C ILE A 2178 -31.73 -68.21 117.01
N TYR A 2179 -30.99 -67.22 116.51
CA TYR A 2179 -31.56 -65.88 116.43
C TYR A 2179 -32.56 -65.77 115.29
N HIS A 2180 -32.50 -66.68 114.33
CA HIS A 2180 -33.55 -66.77 113.32
C HIS A 2180 -34.85 -67.24 113.95
N GLN A 2181 -34.79 -68.27 114.78
CA GLN A 2181 -35.98 -68.68 115.52
C GLN A 2181 -36.50 -67.55 116.39
N VAL A 2182 -35.59 -66.79 117.01
CA VAL A 2182 -36.01 -65.63 117.79
C VAL A 2182 -36.72 -64.62 116.91
N ALA A 2183 -36.19 -64.40 115.72
CA ALA A 2183 -36.75 -63.40 114.82
C ALA A 2183 -38.16 -63.78 114.40
N VAL A 2184 -38.38 -65.05 114.07
CA VAL A 2184 -39.73 -65.44 113.67
C VAL A 2184 -40.67 -65.41 114.86
N GLN A 2185 -40.16 -65.67 116.06
CA GLN A 2185 -40.98 -65.50 117.26
C GLN A 2185 -41.40 -64.05 117.43
N PHE A 2186 -40.47 -63.14 117.23
CA PHE A 2186 -40.75 -61.71 117.34
C PHE A 2186 -41.82 -61.31 116.34
N ALA A 2187 -41.68 -61.78 115.11
CA ALA A 2187 -42.67 -61.48 114.09
C ALA A 2187 -44.01 -62.13 114.41
N ASP A 2188 -43.98 -63.27 115.09
CA ASP A 2188 -45.23 -63.91 115.47
C ASP A 2188 -45.98 -63.09 116.50
N LEU A 2189 -45.25 -62.35 117.32
CA LEU A 2189 -45.93 -61.49 118.29
C LEU A 2189 -46.72 -60.35 117.65
N HIS A 2190 -46.55 -60.12 116.36
CA HIS A 2190 -47.29 -59.12 115.62
C HIS A 2190 -48.59 -59.65 115.05
N ASP A 2191 -48.80 -60.97 115.10
CA ASP A 2191 -49.93 -61.63 114.47
C ASP A 2191 -50.93 -62.15 115.47
N THR A 2192 -50.89 -61.65 116.70
CA THR A 2192 -51.73 -62.19 117.75
C THR A 2192 -53.13 -61.59 117.69
N PRO A 2193 -54.12 -62.25 118.28
CA PRO A 2193 -55.46 -61.67 118.32
C PRO A 2193 -55.59 -60.47 119.21
N GLY A 2194 -54.64 -60.23 120.11
CA GLY A 2194 -54.68 -58.99 120.88
C GLY A 2194 -54.56 -57.78 119.99
N ARG A 2195 -53.68 -57.84 119.01
CA ARG A 2195 -53.53 -56.74 118.06
C ARG A 2195 -54.78 -56.57 117.22
N MET A 2196 -55.36 -57.68 116.76
CA MET A 2196 -56.58 -57.60 115.97
C MET A 2196 -57.72 -57.00 116.76
N GLN A 2197 -57.77 -57.32 118.05
CA GLN A 2197 -58.81 -56.75 118.91
C GLN A 2197 -58.59 -55.27 119.09
N GLU A 2198 -57.35 -54.84 119.26
CA GLU A 2198 -57.09 -53.42 119.44
C GLU A 2198 -57.44 -52.65 118.19
N LYS A 2199 -57.13 -53.20 117.02
CA LYS A 2199 -57.36 -52.50 115.77
C LYS A 2199 -58.81 -52.56 115.31
N GLY A 2200 -59.59 -53.48 115.84
CA GLY A 2200 -61.01 -53.51 115.55
C GLY A 2200 -61.39 -54.31 114.34
N VAL A 2201 -60.58 -55.29 113.95
CA VAL A 2201 -60.87 -56.15 112.81
C VAL A 2201 -61.62 -57.40 113.20
N ILE A 2202 -61.63 -57.76 114.49
CA ILE A 2202 -62.45 -58.84 115.01
C ILE A 2202 -63.37 -58.26 116.07
N SER A 2203 -64.44 -58.99 116.35
CA SER A 2203 -65.40 -58.55 117.33
C SER A 2203 -64.96 -58.89 118.75
N ASP A 2204 -64.41 -60.08 118.95
CA ASP A 2204 -64.06 -60.51 120.30
C ASP A 2204 -63.07 -61.66 120.21
N ILE A 2205 -62.52 -62.02 121.37
CA ILE A 2205 -61.67 -63.19 121.51
C ILE A 2205 -62.39 -64.18 122.39
N LEU A 2206 -62.54 -65.40 121.91
CA LEU A 2206 -63.32 -66.44 122.56
C LEU A 2206 -62.44 -67.57 123.02
N ASP A 2207 -62.97 -68.35 123.95
CA ASP A 2207 -62.38 -69.61 124.37
C ASP A 2207 -63.06 -70.75 123.63
N TRP A 2208 -62.26 -71.77 123.31
CA TRP A 2208 -62.76 -72.87 122.51
C TRP A 2208 -63.78 -73.70 123.27
N LYS A 2209 -63.47 -74.04 124.52
CA LYS A 2209 -64.30 -74.96 125.27
C LYS A 2209 -65.72 -74.46 125.44
N THR A 2210 -65.91 -73.15 125.54
CA THR A 2210 -67.21 -72.54 125.76
C THR A 2210 -67.77 -71.87 124.53
N SER A 2211 -67.21 -72.13 123.36
CA SER A 2211 -67.67 -71.46 122.16
C SER A 2211 -69.09 -71.88 121.79
N ARG A 2212 -69.46 -73.12 122.09
CA ARG A 2212 -70.80 -73.61 121.79
C ARG A 2212 -71.87 -72.71 122.38
N THR A 2213 -71.74 -72.41 123.66
CA THR A 2213 -72.71 -71.58 124.36
C THR A 2213 -72.75 -70.18 123.79
N PHE A 2214 -71.58 -69.60 123.59
CA PHE A 2214 -71.51 -68.23 123.08
C PHE A 2214 -72.21 -68.13 121.75
N PHE A 2215 -71.84 -68.99 120.81
CA PHE A 2215 -72.38 -68.87 119.46
C PHE A 2215 -73.85 -69.21 119.43
N TYR A 2216 -74.31 -70.10 120.32
CA TYR A 2216 -75.75 -70.33 120.40
C TYR A 2216 -76.48 -69.05 120.75
N TRP A 2217 -76.09 -68.41 121.85
CA TRP A 2217 -76.84 -67.23 122.29
C TRP A 2217 -76.69 -66.08 121.31
N ARG A 2218 -75.51 -65.96 120.69
CA ARG A 2218 -75.29 -64.90 119.72
C ARG A 2218 -76.17 -65.09 118.50
N LEU A 2219 -76.23 -66.31 117.97
CA LEU A 2219 -77.04 -66.54 116.79
C LEU A 2219 -78.51 -66.32 117.10
N ARG A 2220 -78.93 -66.71 118.30
CA ARG A 2220 -80.31 -66.50 118.70
C ARG A 2220 -80.65 -65.02 118.72
N ARG A 2221 -79.77 -64.22 119.31
CA ARG A 2221 -79.93 -62.77 119.30
C ARG A 2221 -80.04 -62.24 117.88
N LEU A 2222 -79.14 -62.69 117.01
CA LEU A 2222 -79.06 -62.09 115.68
C LEU A 2222 -80.30 -62.42 114.87
N LEU A 2223 -80.82 -63.62 115.04
CA LEU A 2223 -82.03 -64.02 114.31
C LEU A 2223 -83.23 -63.22 114.78
N LEU A 2224 -83.39 -63.05 116.09
CA LEU A 2224 -84.49 -62.24 116.61
C LEU A 2224 -84.37 -60.79 116.14
N GLU A 2225 -83.16 -60.25 116.17
CA GLU A 2225 -82.93 -58.90 115.68
C GLU A 2225 -83.28 -58.79 114.21
N ASP A 2226 -82.99 -59.83 113.42
CA ASP A 2226 -83.35 -59.81 112.02
C ASP A 2226 -84.85 -59.71 111.85
N LEU A 2227 -85.61 -60.44 112.67
CA LEU A 2227 -87.06 -60.36 112.58
C LEU A 2227 -87.55 -58.94 112.81
N VAL A 2228 -87.12 -58.33 113.91
CA VAL A 2228 -87.63 -57.01 114.21
C VAL A 2228 -87.14 -55.98 113.21
N LYS A 2229 -85.91 -56.16 112.70
CA LYS A 2229 -85.37 -55.23 111.74
C LYS A 2229 -86.13 -55.30 110.43
N LYS A 2230 -86.55 -56.50 110.03
CA LYS A 2230 -87.36 -56.64 108.84
C LYS A 2230 -88.67 -55.92 109.00
N LYS A 2231 -89.28 -56.03 110.18
CA LYS A 2231 -90.52 -55.29 110.41
C LYS A 2231 -90.30 -53.79 110.28
N ILE A 2232 -89.22 -53.28 110.88
CA ILE A 2232 -88.92 -51.86 110.78
C ILE A 2232 -88.74 -51.45 109.33
N HIS A 2233 -88.01 -52.26 108.56
CA HIS A 2233 -87.74 -51.91 107.17
C HIS A 2233 -89.01 -51.87 106.36
N ASN A 2234 -89.92 -52.80 106.61
CA ASN A 2234 -91.18 -52.78 105.89
C ASN A 2234 -92.03 -51.58 106.29
N ALA A 2235 -91.90 -51.11 107.54
CA ALA A 2235 -92.63 -49.92 107.93
C ALA A 2235 -92.15 -48.69 107.16
N ASN A 2236 -90.84 -48.59 106.94
CA ASN A 2236 -90.25 -47.47 106.22
C ASN A 2236 -89.10 -48.03 105.40
N PRO A 2237 -89.36 -48.48 104.17
CA PRO A 2237 -88.27 -49.04 103.34
C PRO A 2237 -87.18 -48.05 102.97
N GLU A 2238 -87.35 -46.76 103.25
CA GLU A 2238 -86.34 -45.76 102.91
C GLU A 2238 -85.33 -45.53 104.01
N LEU A 2239 -85.39 -46.29 105.10
CA LEU A 2239 -84.38 -46.20 106.13
C LEU A 2239 -83.16 -47.02 105.75
N THR A 2240 -82.03 -46.63 106.30
CA THR A 2240 -80.78 -47.37 106.14
C THR A 2240 -80.52 -48.19 107.39
N ASP A 2241 -79.37 -48.87 107.40
CA ASP A 2241 -79.10 -49.85 108.44
C ASP A 2241 -78.78 -49.18 109.77
N GLY A 2242 -77.97 -48.13 109.73
CA GLY A 2242 -77.65 -47.41 110.95
C GLY A 2242 -78.88 -46.87 111.63
N GLN A 2243 -79.82 -46.34 110.83
CA GLN A 2243 -81.05 -45.80 111.39
C GLN A 2243 -81.86 -46.89 112.09
N ILE A 2244 -81.98 -48.05 111.46
CA ILE A 2244 -82.76 -49.14 112.04
C ILE A 2244 -82.13 -49.60 113.35
N GLN A 2245 -80.82 -49.83 113.35
CA GLN A 2245 -80.15 -50.30 114.54
C GLN A 2245 -80.26 -49.27 115.66
N ALA A 2246 -80.13 -47.99 115.32
CA ALA A 2246 -80.26 -46.95 116.32
C ALA A 2246 -81.65 -46.92 116.92
N MET A 2247 -82.68 -47.12 116.09
CA MET A 2247 -84.04 -47.17 116.60
C MET A 2247 -84.20 -48.29 117.61
N LEU A 2248 -83.66 -49.47 117.31
CA LEU A 2248 -83.80 -50.57 118.25
C LEU A 2248 -83.08 -50.29 119.56
N ARG A 2249 -81.87 -49.72 119.47
CA ARG A 2249 -81.11 -49.45 120.67
C ARG A 2249 -81.83 -48.44 121.56
N ARG A 2250 -82.32 -47.36 120.93
CA ARG A 2250 -83.04 -46.34 121.68
C ARG A 2250 -84.31 -46.90 122.30
N TRP A 2251 -85.06 -47.72 121.56
CA TRP A 2251 -86.29 -48.25 122.12
C TRP A 2251 -86.02 -49.15 123.31
N PHE A 2252 -84.95 -49.95 123.23
CA PHE A 2252 -84.60 -50.79 124.37
C PHE A 2252 -84.33 -49.95 125.61
N VAL A 2253 -83.51 -48.91 125.46
CA VAL A 2253 -83.19 -48.09 126.62
C VAL A 2253 -84.44 -47.37 127.12
N GLU A 2254 -85.22 -46.79 126.21
CA GLU A 2254 -86.38 -45.99 126.59
C GLU A 2254 -87.39 -46.82 127.35
N VAL A 2255 -87.57 -48.08 126.97
CA VAL A 2255 -88.56 -48.91 127.64
C VAL A 2255 -88.00 -49.46 128.94
N GLU A 2256 -86.78 -50.00 128.92
CA GLU A 2256 -86.26 -50.64 130.12
C GLU A 2256 -85.74 -49.65 131.14
N GLY A 2257 -85.17 -48.52 130.68
CA GLY A 2257 -84.58 -47.54 131.55
C GLY A 2257 -83.10 -47.39 131.31
N THR A 2258 -82.53 -46.26 131.73
CA THR A 2258 -81.13 -45.98 131.46
C THR A 2258 -80.20 -46.81 132.32
N VAL A 2259 -80.64 -47.18 133.53
CA VAL A 2259 -79.81 -48.00 134.39
C VAL A 2259 -79.58 -49.37 133.76
N LYS A 2260 -80.59 -49.88 133.05
CA LYS A 2260 -80.51 -51.16 132.37
C LYS A 2260 -79.87 -51.05 131.00
N ALA A 2261 -79.38 -49.89 130.61
CA ALA A 2261 -78.83 -49.71 129.28
C ALA A 2261 -77.59 -50.56 129.05
N TYR A 2262 -76.89 -50.97 130.11
CA TYR A 2262 -75.74 -51.84 129.91
C TYR A 2262 -76.15 -53.24 129.47
N VAL A 2263 -77.43 -53.59 129.58
CA VAL A 2263 -77.87 -54.93 129.24
C VAL A 2263 -78.15 -54.91 127.75
N TRP A 2264 -77.08 -54.84 126.96
CA TRP A 2264 -77.18 -54.85 125.52
C TRP A 2264 -76.13 -55.76 124.91
N ASP A 2265 -74.93 -55.74 125.49
CA ASP A 2265 -73.86 -56.64 125.10
C ASP A 2265 -73.93 -57.87 125.99
N ASN A 2266 -75.13 -58.45 126.05
CA ASN A 2266 -75.43 -59.65 126.81
C ASN A 2266 -76.44 -60.40 125.96
N ASN A 2267 -75.96 -61.43 125.25
CA ASN A 2267 -76.78 -62.03 124.21
C ASN A 2267 -77.99 -62.74 124.80
N LYS A 2268 -77.82 -63.41 125.93
CA LYS A 2268 -78.92 -64.13 126.56
C LYS A 2268 -80.04 -63.19 126.97
N ASP A 2269 -79.70 -62.17 127.76
CA ASP A 2269 -80.69 -61.27 128.32
C ASP A 2269 -81.46 -60.55 127.21
N LEU A 2270 -80.74 -60.04 126.23
CA LEU A 2270 -81.38 -59.24 125.19
C LEU A 2270 -82.17 -60.14 124.24
N ALA A 2271 -81.73 -61.38 124.05
CA ALA A 2271 -82.52 -62.30 123.25
C ALA A 2271 -83.85 -62.57 123.93
N GLU A 2272 -83.83 -62.75 125.25
CA GLU A 2272 -85.08 -63.01 125.96
C GLU A 2272 -86.02 -61.82 125.85
N TRP A 2273 -85.49 -60.61 126.02
CA TRP A 2273 -86.31 -59.41 125.86
C TRP A 2273 -86.93 -59.32 124.46
N LEU A 2274 -86.13 -59.54 123.42
CA LEU A 2274 -86.64 -59.47 122.06
C LEU A 2274 -87.71 -60.53 121.83
N GLU A 2275 -87.49 -61.72 122.35
CA GLU A 2275 -88.47 -62.80 122.18
C GLU A 2275 -89.78 -62.41 122.83
N LYS A 2276 -89.71 -61.79 124.01
CA LYS A 2276 -90.94 -61.37 124.66
C LYS A 2276 -91.67 -60.33 123.83
N GLN A 2277 -90.94 -59.45 123.17
CA GLN A 2277 -91.61 -58.45 122.34
C GLN A 2277 -92.17 -59.05 121.06
N LEU A 2278 -91.63 -60.17 120.57
CA LEU A 2278 -92.05 -60.72 119.29
C LEU A 2278 -93.07 -61.83 119.38
N THR A 2279 -93.09 -62.59 120.47
CA THR A 2279 -93.90 -63.81 120.56
C THR A 2279 -95.21 -63.62 121.31
N GLU A 2280 -95.35 -62.56 122.10
CA GLU A 2280 -96.50 -62.36 122.97
C GLU A 2280 -97.43 -61.32 122.36
N GLU A 2281 -98.72 -61.66 122.28
CA GLU A 2281 -99.75 -60.76 121.77
C GLU A 2281 -100.97 -60.85 122.67
N ASP A 2282 -101.80 -59.81 122.62
CA ASP A 2282 -103.05 -59.74 123.38
C ASP A 2282 -102.78 -59.97 124.87
N GLY A 2283 -102.08 -59.00 125.46
CA GLY A 2283 -101.35 -59.25 126.68
C GLY A 2283 -100.48 -58.06 126.98
N VAL A 2284 -99.16 -58.27 127.07
CA VAL A 2284 -98.23 -57.15 127.10
C VAL A 2284 -98.42 -56.22 125.90
N HIS A 2285 -98.85 -56.77 124.75
CA HIS A 2285 -99.13 -56.05 123.50
C HIS A 2285 -97.89 -55.54 122.77
N SER A 2286 -96.68 -55.81 123.27
CA SER A 2286 -95.46 -55.59 122.51
C SER A 2286 -95.25 -54.15 122.06
N VAL A 2287 -94.92 -53.27 123.01
CA VAL A 2287 -94.70 -51.84 122.78
C VAL A 2287 -93.86 -51.55 121.53
N ILE A 2288 -92.90 -52.43 121.24
CA ILE A 2288 -92.09 -52.27 120.04
C ILE A 2288 -92.96 -52.32 118.81
N GLU A 2289 -94.01 -53.15 118.82
CA GLU A 2289 -94.91 -53.18 117.67
C GLU A 2289 -95.61 -51.84 117.51
N GLU A 2290 -95.94 -51.19 118.62
CA GLU A 2290 -96.59 -49.89 118.53
C GLU A 2290 -95.65 -48.86 117.91
N ASN A 2291 -94.38 -48.86 118.32
CA ASN A 2291 -93.44 -47.95 117.68
C ASN A 2291 -93.29 -48.24 116.19
N ILE A 2292 -93.27 -49.52 115.81
CA ILE A 2292 -93.15 -49.86 114.39
C ILE A 2292 -94.36 -49.33 113.64
N LYS A 2293 -95.53 -49.46 114.25
CA LYS A 2293 -96.76 -48.98 113.62
C LYS A 2293 -96.73 -47.48 113.43
N CYS A 2294 -96.16 -46.76 114.41
CA CYS A 2294 -95.98 -45.32 114.26
C CYS A 2294 -95.14 -45.01 113.03
N ILE A 2295 -94.01 -45.73 112.88
CA ILE A 2295 -93.16 -45.53 111.71
C ILE A 2295 -93.95 -45.74 110.42
N SER A 2296 -94.72 -46.83 110.37
CA SER A 2296 -95.44 -47.18 109.15
C SER A 2296 -96.45 -46.10 108.78
N ARG A 2297 -97.20 -45.65 109.78
CA ARG A 2297 -98.19 -44.60 109.59
C ARG A 2297 -97.55 -43.34 109.02
N ASP A 2298 -96.49 -42.87 109.67
CA ASP A 2298 -95.85 -41.64 109.19
C ASP A 2298 -95.27 -41.83 107.79
N TYR A 2299 -94.78 -43.02 107.48
CA TYR A 2299 -94.18 -43.24 106.16
C TYR A 2299 -95.21 -43.12 105.06
N VAL A 2300 -96.35 -43.80 105.23
CA VAL A 2300 -97.38 -43.71 104.21
C VAL A 2300 -97.90 -42.29 104.11
N LEU A 2301 -97.94 -41.57 105.22
CA LEU A 2301 -98.38 -40.18 105.17
C LEU A 2301 -97.42 -39.35 104.34
N LYS A 2302 -96.12 -39.60 104.51
CA LYS A 2302 -95.13 -38.87 103.74
C LYS A 2302 -95.24 -39.18 102.27
N GLN A 2303 -95.55 -40.43 101.92
CA GLN A 2303 -95.73 -40.77 100.53
C GLN A 2303 -96.91 -40.01 99.93
N ILE A 2304 -98.01 -39.93 100.67
CA ILE A 2304 -99.17 -39.20 100.19
C ILE A 2304 -98.80 -37.75 99.93
N ARG A 2305 -98.21 -37.10 100.94
CA ARG A 2305 -97.84 -35.69 100.80
C ARG A 2305 -96.86 -35.51 99.66
N SER A 2306 -95.90 -36.41 99.52
CA SER A 2306 -94.90 -36.30 98.47
C SER A 2306 -95.54 -36.35 97.09
N LEU A 2307 -96.46 -37.29 96.91
CA LEU A 2307 -97.08 -37.44 95.60
C LEU A 2307 -97.91 -36.22 95.25
N VAL A 2308 -98.69 -35.72 96.19
CA VAL A 2308 -99.53 -34.56 95.86
C VAL A 2308 -98.68 -33.32 95.65
N GLN A 2309 -97.62 -33.15 96.44
CA GLN A 2309 -96.82 -31.94 96.31
C GLN A 2309 -95.99 -31.95 95.05
N ALA A 2310 -95.48 -33.12 94.67
CA ALA A 2310 -94.76 -33.25 93.41
C ALA A 2310 -95.68 -33.19 92.21
N ASN A 2311 -96.99 -33.38 92.41
CA ASN A 2311 -97.95 -33.42 91.30
C ASN A 2311 -99.27 -32.84 91.80
N PRO A 2312 -99.39 -31.51 91.88
CA PRO A 2312 -100.64 -30.92 92.36
C PRO A 2312 -101.85 -31.23 91.48
N GLU A 2313 -101.63 -31.55 90.20
CA GLU A 2313 -102.73 -31.72 89.25
C GLU A 2313 -103.69 -32.86 89.60
N VAL A 2314 -103.33 -33.74 90.54
CA VAL A 2314 -104.19 -34.84 90.96
C VAL A 2314 -104.83 -34.58 92.32
N ALA A 2315 -104.46 -33.47 92.98
CA ALA A 2315 -104.85 -33.23 94.35
C ALA A 2315 -106.37 -33.26 94.52
N MET A 2316 -107.09 -32.73 93.55
CA MET A 2316 -108.54 -32.62 93.61
C MET A 2316 -109.27 -33.84 93.06
N ASP A 2317 -108.54 -34.82 92.54
CA ASP A 2317 -109.16 -36.07 92.10
C ASP A 2317 -109.25 -37.09 93.22
N SER A 2318 -108.33 -37.02 94.18
CA SER A 2318 -108.35 -37.89 95.35
C SER A 2318 -108.99 -37.23 96.56
N ILE A 2319 -109.15 -35.91 96.55
CA ILE A 2319 -109.65 -35.18 97.70
C ILE A 2319 -111.03 -35.68 98.10
N ILE A 2320 -111.82 -36.14 97.14
CA ILE A 2320 -113.18 -36.58 97.42
C ILE A 2320 -113.16 -37.90 98.14
N HIS A 2321 -112.46 -38.89 97.57
CA HIS A 2321 -112.54 -40.26 98.07
C HIS A 2321 -112.05 -40.38 99.50
N MET A 2322 -111.06 -39.59 99.88
CA MET A 2322 -110.51 -39.65 101.23
C MET A 2322 -111.35 -38.86 102.23
N THR A 2323 -112.38 -38.16 101.77
CA THR A 2323 -113.33 -37.46 102.64
C THR A 2323 -114.69 -38.16 102.66
N GLN A 2324 -114.74 -39.43 102.26
CA GLN A 2324 -115.97 -40.20 102.26
C GLN A 2324 -116.08 -41.10 103.49
N HIS A 2325 -115.08 -41.93 103.73
CA HIS A 2325 -115.09 -42.86 104.85
C HIS A 2325 -114.50 -42.21 106.09
N ILE A 2326 -115.15 -41.12 106.51
CA ILE A 2326 -114.73 -40.34 107.65
C ILE A 2326 -115.94 -40.08 108.54
N SER A 2327 -115.66 -39.68 109.78
CA SER A 2327 -116.73 -39.34 110.69
C SER A 2327 -117.34 -38.00 110.28
N PRO A 2328 -118.61 -37.74 110.65
CA PRO A 2328 -119.20 -36.44 110.31
C PRO A 2328 -118.45 -35.26 110.90
N THR A 2329 -117.86 -35.39 112.09
CA THR A 2329 -117.06 -34.31 112.65
C THR A 2329 -115.82 -34.04 111.80
N GLN A 2330 -115.22 -35.10 111.27
CA GLN A 2330 -114.08 -34.92 110.37
C GLN A 2330 -114.51 -34.18 109.11
N ARG A 2331 -115.70 -34.50 108.60
CA ARG A 2331 -116.22 -33.78 107.45
C ARG A 2331 -116.48 -32.33 107.80
N ALA A 2332 -116.94 -32.06 109.02
CA ALA A 2332 -117.15 -30.70 109.46
C ALA A 2332 -115.85 -29.93 109.47
N GLU A 2333 -114.77 -30.57 109.90
CA GLU A 2333 -113.46 -29.92 109.86
C GLU A 2333 -113.02 -29.66 108.43
N VAL A 2334 -113.29 -30.60 107.52
CA VAL A 2334 -112.94 -30.39 106.12
C VAL A 2334 -113.69 -29.19 105.56
N ILE A 2335 -114.98 -29.08 105.86
CA ILE A 2335 -115.77 -27.96 105.36
C ILE A 2335 -115.32 -26.65 105.98
N ARG A 2336 -115.03 -26.68 107.29
CA ARG A 2336 -114.76 -25.44 108.01
C ARG A 2336 -113.48 -24.79 107.54
N ILE A 2337 -112.41 -25.57 107.42
CA ILE A 2337 -111.11 -25.02 107.11
C ILE A 2337 -111.08 -24.58 105.64
N ARG B 98 -11.13 -150.51 53.39
CA ARG B 98 -11.95 -149.37 52.97
C ARG B 98 -13.20 -149.90 52.28
N ASP B 99 -13.79 -150.92 52.90
CA ASP B 99 -14.97 -151.59 52.38
C ASP B 99 -16.07 -151.70 53.43
N PHE B 100 -15.96 -150.97 54.53
CA PHE B 100 -16.95 -151.02 55.59
C PHE B 100 -18.08 -150.09 55.20
N THR B 101 -19.31 -150.61 55.28
CA THR B 101 -20.51 -149.89 54.85
C THR B 101 -21.55 -150.04 55.94
N VAL B 102 -21.48 -149.15 56.93
CA VAL B 102 -22.40 -149.16 58.05
C VAL B 102 -23.23 -147.88 57.98
N ALA B 103 -24.47 -147.99 58.44
CA ALA B 103 -25.39 -146.87 58.46
C ALA B 103 -26.11 -146.75 59.79
N SER B 104 -26.19 -147.85 60.54
CA SER B 104 -26.93 -147.93 61.78
C SER B 104 -26.05 -148.60 62.82
N PRO B 105 -26.28 -148.32 64.11
CA PRO B 105 -25.45 -148.98 65.13
C PRO B 105 -25.55 -150.49 65.13
N ALA B 106 -26.70 -151.04 64.73
CA ALA B 106 -26.86 -152.49 64.67
C ALA B 106 -25.83 -153.12 63.76
N GLU B 107 -25.70 -152.60 62.54
CA GLU B 107 -24.74 -153.14 61.58
C GLU B 107 -23.32 -153.01 62.10
N PHE B 108 -23.02 -151.91 62.78
CA PHE B 108 -21.69 -151.72 63.33
C PHE B 108 -21.38 -152.78 64.37
N VAL B 109 -22.33 -153.03 65.27
CA VAL B 109 -22.13 -154.03 66.30
C VAL B 109 -21.94 -155.39 65.66
N THR B 110 -22.71 -155.69 64.62
CA THR B 110 -22.58 -156.98 63.95
C THR B 110 -21.18 -157.13 63.37
N ARG B 111 -20.71 -156.11 62.67
CA ARG B 111 -19.46 -156.26 61.93
C ARG B 111 -18.26 -156.30 62.87
N PHE B 112 -18.31 -155.54 63.96
CA PHE B 112 -17.16 -155.42 64.85
C PHE B 112 -17.23 -156.38 66.03
N GLY B 113 -18.21 -157.28 66.05
CA GLY B 113 -18.21 -158.32 67.04
C GLY B 113 -18.61 -157.88 68.43
N GLY B 114 -19.65 -157.06 68.55
CA GLY B 114 -20.25 -156.74 69.82
C GLY B 114 -21.50 -157.56 70.08
N ASN B 115 -22.19 -157.21 71.16
CA ASN B 115 -23.35 -157.96 71.61
C ASN B 115 -24.49 -157.09 72.12
N LYS B 116 -24.36 -155.77 72.05
CA LYS B 116 -25.43 -154.88 72.50
C LYS B 116 -25.45 -153.67 71.59
N VAL B 117 -26.62 -153.33 71.11
CA VAL B 117 -26.82 -152.17 70.25
C VAL B 117 -27.26 -151.02 71.13
N ILE B 118 -26.65 -149.86 70.91
CA ILE B 118 -26.98 -148.64 71.64
C ILE B 118 -27.38 -147.60 70.61
N GLU B 119 -28.61 -147.13 70.71
CA GLU B 119 -29.12 -146.05 69.88
C GLU B 119 -29.50 -144.81 70.66
N LYS B 120 -29.74 -144.97 71.96
CA LYS B 120 -30.04 -143.84 72.83
C LYS B 120 -29.27 -143.95 74.13
N VAL B 121 -28.71 -142.82 74.50
CA VAL B 121 -27.86 -142.67 75.65
C VAL B 121 -28.46 -141.56 76.50
N LEU B 122 -28.60 -141.83 77.78
CA LEU B 122 -28.96 -140.83 78.76
C LEU B 122 -27.69 -140.30 79.38
N ILE B 123 -27.61 -138.98 79.50
CA ILE B 123 -26.54 -138.31 80.22
C ILE B 123 -27.10 -137.88 81.56
N ALA B 124 -26.57 -138.47 82.62
CA ALA B 124 -26.93 -138.10 83.98
C ALA B 124 -25.93 -137.09 84.52
N ASN B 125 -25.79 -136.01 83.78
CA ASN B 125 -24.83 -134.99 84.13
C ASN B 125 -25.26 -133.69 83.45
N ASN B 126 -24.48 -132.65 83.69
CA ASN B 126 -24.78 -131.36 83.14
C ASN B 126 -23.49 -130.59 82.94
N GLY B 127 -23.61 -129.40 82.40
CA GLY B 127 -22.46 -128.55 82.19
C GLY B 127 -21.48 -129.16 81.22
N ILE B 128 -20.22 -129.15 81.65
CA ILE B 128 -19.11 -129.42 80.75
C ILE B 128 -19.14 -130.86 80.32
N ALA B 129 -19.44 -131.74 81.27
CA ALA B 129 -19.46 -133.16 81.00
C ALA B 129 -20.44 -133.50 79.91
N ALA B 130 -21.63 -132.93 80.00
CA ALA B 130 -22.66 -133.18 79.00
C ALA B 130 -22.23 -132.68 77.65
N VAL B 131 -21.70 -131.45 77.62
CA VAL B 131 -21.20 -130.86 76.38
C VAL B 131 -20.18 -131.78 75.74
N LYS B 132 -19.18 -132.19 76.51
CA LYS B 132 -18.04 -132.93 75.98
C LYS B 132 -18.46 -134.30 75.48
N CYS B 133 -19.30 -134.98 76.25
CA CYS B 133 -19.78 -136.30 75.84
C CYS B 133 -20.46 -136.22 74.49
N MET B 134 -21.46 -135.34 74.39
CA MET B 134 -22.23 -135.23 73.15
C MET B 134 -21.32 -134.91 71.98
N ARG B 135 -20.42 -133.95 72.16
CA ARG B 135 -19.60 -133.51 71.03
C ARG B 135 -18.67 -134.61 70.53
N SER B 136 -17.92 -135.25 71.45
CA SER B 136 -16.96 -136.25 71.02
C SER B 136 -17.66 -137.42 70.34
N ILE B 137 -18.77 -137.87 70.91
CA ILE B 137 -19.42 -139.03 70.35
C ILE B 137 -20.02 -138.69 69.00
N ARG B 138 -20.53 -137.47 68.84
CA ARG B 138 -21.14 -137.12 67.57
C ARG B 138 -20.12 -137.03 66.47
N ARG B 139 -18.92 -136.57 66.79
CA ARG B 139 -17.83 -136.60 65.81
C ARG B 139 -17.57 -138.03 65.38
N TRP B 140 -17.46 -138.94 66.34
CA TRP B 140 -17.22 -140.34 65.99
C TRP B 140 -18.36 -140.91 65.17
N SER B 141 -19.59 -140.52 65.49
CA SER B 141 -20.76 -141.01 64.80
C SER B 141 -20.74 -140.61 63.35
N TYR B 142 -20.40 -139.36 63.07
CA TYR B 142 -20.26 -138.94 61.68
C TYR B 142 -19.16 -139.74 61.00
N GLU B 143 -18.07 -140.00 61.72
CA GLU B 143 -16.95 -140.70 61.10
C GLU B 143 -17.35 -142.09 60.63
N MET B 144 -18.13 -142.80 61.44
CA MET B 144 -18.47 -144.18 61.10
C MET B 144 -19.73 -144.30 60.24
N PHE B 145 -20.77 -143.55 60.56
CA PHE B 145 -22.07 -143.71 59.93
C PHE B 145 -22.39 -142.68 58.87
N ARG B 146 -21.59 -141.64 58.74
CA ARG B 146 -21.90 -140.52 57.86
C ARG B 146 -23.19 -139.83 58.30
N ASN B 147 -23.44 -139.86 59.61
CA ASN B 147 -24.61 -139.25 60.21
C ASN B 147 -24.17 -138.75 61.58
N GLU B 148 -24.12 -137.44 61.73
CA GLU B 148 -23.66 -136.86 62.98
C GLU B 148 -24.62 -137.09 64.15
N ARG B 149 -25.83 -137.58 63.88
CA ARG B 149 -26.88 -137.73 64.87
C ARG B 149 -27.41 -139.15 64.86
N ALA B 150 -26.49 -140.11 64.72
CA ALA B 150 -26.85 -141.51 64.71
C ALA B 150 -27.14 -142.03 66.11
N ILE B 151 -26.55 -141.40 67.12
CA ILE B 151 -26.76 -141.74 68.52
C ILE B 151 -27.42 -140.54 69.16
N ARG B 152 -28.61 -140.77 69.69
CA ARG B 152 -29.38 -139.71 70.29
C ARG B 152 -29.04 -139.60 71.77
N PHE B 153 -29.09 -138.37 72.27
CA PHE B 153 -28.68 -138.06 73.63
C PHE B 153 -29.84 -137.40 74.34
N VAL B 154 -30.20 -137.95 75.49
CA VAL B 154 -31.24 -137.41 76.34
C VAL B 154 -30.55 -136.77 77.54
N VAL B 155 -31.04 -135.62 77.95
CA VAL B 155 -30.49 -134.89 79.07
C VAL B 155 -31.59 -134.56 80.05
N MET B 156 -31.21 -134.42 81.30
CA MET B 156 -32.10 -134.03 82.37
C MET B 156 -31.85 -132.57 82.71
N VAL B 157 -32.92 -131.78 82.69
CA VAL B 157 -32.84 -130.33 82.76
C VAL B 157 -33.56 -129.87 84.01
N THR B 158 -32.86 -129.17 84.84
CA THR B 158 -33.47 -128.46 85.94
C THR B 158 -33.96 -127.10 85.48
N PRO B 159 -34.88 -126.47 86.21
CA PRO B 159 -35.26 -125.10 85.88
C PRO B 159 -34.11 -124.12 85.99
N GLU B 160 -33.16 -124.38 86.89
CA GLU B 160 -32.02 -123.47 87.02
C GLU B 160 -31.18 -123.48 85.75
N ASP B 161 -30.82 -124.67 85.27
CA ASP B 161 -30.02 -124.75 84.05
C ASP B 161 -30.76 -124.22 82.84
N LEU B 162 -32.09 -124.33 82.83
CA LEU B 162 -32.86 -123.79 81.72
C LEU B 162 -32.85 -122.27 81.75
N LYS B 163 -33.08 -121.69 82.93
CA LYS B 163 -33.08 -120.24 83.04
C LYS B 163 -31.71 -119.67 82.76
N ALA B 164 -30.66 -120.40 83.14
CA ALA B 164 -29.30 -119.96 82.89
C ALA B 164 -28.83 -120.24 81.48
N ASN B 165 -29.69 -120.81 80.63
CA ASN B 165 -29.35 -121.09 79.24
C ASN B 165 -28.09 -121.93 79.14
N ALA B 166 -28.07 -123.03 79.89
CA ALA B 166 -26.95 -123.95 79.85
C ALA B 166 -26.72 -124.44 78.43
N GLU B 167 -25.45 -124.60 78.10
CA GLU B 167 -25.07 -124.87 76.72
C GLU B 167 -25.53 -126.24 76.26
N TYR B 168 -25.52 -127.23 77.16
CA TYR B 168 -25.83 -128.59 76.77
C TYR B 168 -27.28 -128.76 76.34
N ILE B 169 -28.16 -127.86 76.78
CA ILE B 169 -29.58 -128.01 76.50
C ILE B 169 -29.83 -127.95 75.00
N LYS B 170 -29.24 -126.96 74.33
CA LYS B 170 -29.44 -126.79 72.91
C LYS B 170 -28.82 -127.90 72.10
N MET B 171 -27.76 -128.53 72.59
CA MET B 171 -27.10 -129.60 71.85
C MET B 171 -27.87 -130.90 71.91
N ALA B 172 -28.59 -131.13 73.00
CA ALA B 172 -29.25 -132.41 73.20
C ALA B 172 -30.31 -132.66 72.15
N ASP B 173 -30.60 -133.92 71.95
CA ASP B 173 -31.66 -134.32 71.06
C ASP B 173 -33.02 -134.27 71.73
N HIS B 174 -33.10 -134.74 72.97
CA HIS B 174 -34.32 -134.72 73.75
C HIS B 174 -33.94 -134.24 75.14
N TYR B 175 -34.88 -133.60 75.81
CA TYR B 175 -34.70 -133.23 77.21
C TYR B 175 -35.92 -133.67 77.99
N VAL B 176 -35.68 -133.98 79.26
CA VAL B 176 -36.75 -134.28 80.20
C VAL B 176 -36.54 -133.36 81.40
N PRO B 177 -37.57 -132.69 81.92
CA PRO B 177 -37.37 -131.90 83.13
C PRO B 177 -37.29 -132.78 84.36
N VAL B 178 -36.54 -132.31 85.34
CA VAL B 178 -36.43 -132.97 86.64
C VAL B 178 -36.53 -131.91 87.72
N PRO B 179 -36.73 -132.31 88.97
CA PRO B 179 -36.75 -131.33 90.05
C PRO B 179 -35.39 -130.73 90.28
N GLY B 180 -35.38 -129.44 90.62
CA GLY B 180 -34.15 -128.69 90.82
C GLY B 180 -33.68 -128.75 92.25
N GLY B 181 -32.64 -127.95 92.50
CA GLY B 181 -32.05 -127.86 93.81
C GLY B 181 -30.72 -128.57 93.87
N PRO B 182 -30.37 -129.14 95.02
CA PRO B 182 -29.07 -129.82 95.12
C PRO B 182 -29.04 -131.08 94.28
N ASN B 183 -27.84 -131.67 94.22
CA ASN B 183 -27.62 -132.76 93.29
C ASN B 183 -28.45 -133.99 93.61
N ASN B 184 -28.92 -134.13 94.85
CA ASN B 184 -29.61 -135.33 95.27
C ASN B 184 -31.05 -135.38 94.79
N ASN B 185 -31.55 -134.32 94.16
CA ASN B 185 -32.89 -134.30 93.58
C ASN B 185 -32.89 -134.52 92.08
N ASN B 186 -31.76 -134.33 91.41
CA ASN B 186 -31.73 -134.23 89.97
C ASN B 186 -30.78 -135.21 89.29
N TYR B 187 -29.57 -135.37 89.83
CA TYR B 187 -28.48 -136.05 89.16
C TYR B 187 -27.79 -137.10 90.01
N ALA B 188 -27.76 -136.94 91.32
CA ALA B 188 -27.21 -137.94 92.20
C ALA B 188 -28.26 -138.94 92.68
N ASN B 189 -29.50 -138.83 92.18
CA ASN B 189 -30.58 -139.74 92.54
C ASN B 189 -30.57 -140.88 91.53
N VAL B 190 -29.97 -141.99 91.93
CA VAL B 190 -29.81 -143.13 91.03
C VAL B 190 -31.15 -143.72 90.65
N GLU B 191 -32.12 -143.72 91.58
CA GLU B 191 -33.42 -144.30 91.28
C GLU B 191 -34.15 -143.45 90.25
N LEU B 192 -33.99 -142.14 90.34
CA LEU B 192 -34.54 -141.26 89.33
C LEU B 192 -33.90 -141.50 87.97
N ILE B 193 -32.58 -141.71 87.95
CA ILE B 193 -31.89 -141.99 86.70
C ILE B 193 -32.48 -143.24 86.07
N LEU B 194 -32.69 -144.29 86.87
CA LEU B 194 -33.30 -145.50 86.34
C LEU B 194 -34.71 -145.21 85.82
N ASP B 195 -35.45 -144.40 86.56
CA ASP B 195 -36.82 -144.11 86.20
C ASP B 195 -36.89 -143.43 84.85
N ILE B 196 -35.97 -142.51 84.60
CA ILE B 196 -35.93 -141.84 83.30
C ILE B 196 -35.45 -142.80 82.23
N ALA B 197 -34.46 -143.62 82.56
CA ALA B 197 -33.88 -144.52 81.56
C ALA B 197 -34.90 -145.54 81.07
N LYS B 198 -35.86 -145.89 81.91
CA LYS B 198 -36.91 -146.82 81.50
C LYS B 198 -38.14 -146.11 80.96
N ARG B 199 -38.46 -144.95 81.50
CA ARG B 199 -39.56 -144.15 80.97
C ARG B 199 -39.31 -143.79 79.52
N ILE B 200 -38.14 -143.25 79.24
CA ILE B 200 -37.68 -143.01 77.88
C ILE B 200 -36.78 -144.18 77.51
N PRO B 201 -37.17 -145.06 76.59
CA PRO B 201 -36.37 -146.27 76.39
C PRO B 201 -35.01 -145.94 75.80
N VAL B 202 -34.00 -146.03 76.65
CA VAL B 202 -32.62 -145.82 76.29
C VAL B 202 -31.90 -147.12 76.51
N GLN B 203 -30.81 -147.29 75.78
CA GLN B 203 -29.96 -148.45 75.92
C GLN B 203 -28.74 -148.21 76.79
N ALA B 204 -28.36 -146.97 77.03
CA ALA B 204 -27.21 -146.78 77.92
C ALA B 204 -27.31 -145.49 78.71
N VAL B 205 -26.45 -145.40 79.71
CA VAL B 205 -26.37 -144.26 80.63
C VAL B 205 -24.91 -143.93 80.84
N TRP B 206 -24.55 -142.69 80.57
CA TRP B 206 -23.22 -142.17 80.81
C TRP B 206 -23.29 -141.21 81.98
N ALA B 207 -22.34 -141.32 82.89
CA ALA B 207 -22.29 -140.49 84.09
C ALA B 207 -21.07 -139.60 84.16
N GLY B 208 -19.94 -140.05 83.64
CA GLY B 208 -18.76 -139.21 83.61
C GLY B 208 -18.26 -138.88 85.00
N TRP B 209 -17.87 -137.62 85.18
CA TRP B 209 -17.27 -137.12 86.40
C TRP B 209 -18.21 -136.21 87.16
N GLY B 210 -19.50 -136.49 87.10
CA GLY B 210 -20.46 -135.67 87.80
C GLY B 210 -20.65 -136.14 89.22
N HIS B 211 -21.86 -136.58 89.53
CA HIS B 211 -22.26 -136.85 90.90
C HIS B 211 -22.70 -138.28 91.14
N ALA B 212 -23.12 -139.00 90.11
CA ALA B 212 -23.56 -140.39 90.27
C ALA B 212 -22.45 -141.41 90.05
N SER B 213 -21.32 -141.02 89.48
CA SER B 213 -20.27 -141.98 89.15
C SER B 213 -19.43 -142.35 90.36
N GLU B 214 -19.75 -141.81 91.53
CA GLU B 214 -19.14 -142.19 92.78
C GLU B 214 -20.09 -143.02 93.65
N ASN B 215 -21.24 -143.41 93.10
CA ASN B 215 -22.25 -144.18 93.80
C ASN B 215 -22.25 -145.59 93.22
N PRO B 216 -21.73 -146.60 93.92
CA PRO B 216 -21.68 -147.95 93.32
C PRO B 216 -23.03 -148.62 93.12
N LYS B 217 -24.12 -148.01 93.56
CA LYS B 217 -25.43 -148.64 93.44
C LYS B 217 -26.03 -148.47 92.06
N LEU B 218 -25.56 -147.50 91.28
CA LEU B 218 -26.19 -147.22 90.00
C LEU B 218 -25.96 -148.34 88.98
N PRO B 219 -24.74 -148.87 88.81
CA PRO B 219 -24.57 -149.97 87.85
C PRO B 219 -25.46 -151.16 88.15
N GLU B 220 -25.70 -151.46 89.42
CA GLU B 220 -26.58 -152.57 89.78
C GLU B 220 -28.00 -152.30 89.30
N LEU B 221 -28.53 -151.12 89.63
CA LEU B 221 -29.89 -150.77 89.25
C LEU B 221 -30.06 -150.81 87.75
N LEU B 222 -29.02 -150.43 87.01
CA LEU B 222 -29.16 -150.40 85.56
C LEU B 222 -29.01 -151.78 84.95
N LEU B 223 -28.08 -152.57 85.46
CA LEU B 223 -27.84 -153.88 84.87
C LEU B 223 -29.00 -154.81 85.15
N LYS B 224 -29.68 -154.62 86.28
CA LYS B 224 -30.84 -155.45 86.56
C LYS B 224 -31.96 -155.24 85.57
N ASN B 225 -32.01 -154.08 84.91
CA ASN B 225 -33.04 -153.77 83.92
C ASN B 225 -32.53 -153.82 82.48
N GLY B 226 -31.33 -154.34 82.25
CA GLY B 226 -30.84 -154.51 80.89
C GLY B 226 -30.29 -153.25 80.28
N ILE B 227 -29.77 -152.34 81.09
CA ILE B 227 -29.27 -151.05 80.64
C ILE B 227 -27.77 -151.05 80.84
N ALA B 228 -27.03 -150.70 79.79
CA ALA B 228 -25.59 -150.72 79.83
C ALA B 228 -25.06 -149.43 80.43
N PHE B 229 -24.32 -149.56 81.52
CA PHE B 229 -23.65 -148.44 82.12
C PHE B 229 -22.28 -148.30 81.48
N MET B 230 -21.94 -147.08 81.10
CA MET B 230 -20.64 -146.80 80.51
C MET B 230 -19.63 -146.57 81.63
N GLY B 231 -19.37 -147.65 82.35
CA GLY B 231 -18.43 -147.60 83.43
C GLY B 231 -18.25 -148.93 84.09
N PRO B 232 -17.55 -148.94 85.22
CA PRO B 232 -17.23 -150.21 85.85
C PRO B 232 -18.47 -150.86 86.41
N PRO B 233 -18.42 -152.17 86.67
CA PRO B 233 -19.48 -152.78 87.45
C PRO B 233 -19.36 -152.39 88.92
N SER B 234 -20.43 -152.64 89.65
CA SER B 234 -20.45 -152.24 91.04
C SER B 234 -19.46 -153.05 91.87
N GLN B 235 -19.15 -154.27 91.45
CA GLN B 235 -18.25 -155.10 92.25
C GLN B 235 -16.87 -154.49 92.32
N ALA B 236 -16.41 -153.93 91.20
CA ALA B 236 -15.15 -153.20 91.22
C ALA B 236 -15.25 -151.99 92.12
N MET B 237 -16.27 -151.16 91.91
CA MET B 237 -16.45 -149.95 92.72
C MET B 237 -16.55 -150.27 94.21
N TRP B 238 -17.00 -151.48 94.55
CA TRP B 238 -17.03 -151.93 95.94
C TRP B 238 -15.64 -152.31 96.40
N ALA B 239 -15.02 -153.25 95.68
CA ALA B 239 -13.62 -153.60 95.90
C ALA B 239 -12.73 -152.37 95.88
N LEU B 240 -13.05 -151.41 95.02
CA LEU B 240 -12.52 -150.05 95.11
C LEU B 240 -13.38 -149.17 96.00
N GLY B 241 -13.54 -149.58 97.25
CA GLY B 241 -14.45 -148.89 98.12
C GLY B 241 -13.81 -147.67 98.73
N ASP B 242 -13.73 -147.66 100.06
CA ASP B 242 -13.07 -146.61 100.82
C ASP B 242 -11.57 -146.84 100.72
N LYS B 243 -10.80 -146.25 101.61
CA LYS B 243 -9.37 -146.11 101.50
C LYS B 243 -8.61 -147.31 102.03
N ILE B 244 -9.07 -147.89 103.13
CA ILE B 244 -8.41 -149.07 103.69
C ILE B 244 -8.44 -150.21 102.69
N ALA B 245 -9.61 -150.46 102.11
CA ALA B 245 -9.73 -151.57 101.16
C ALA B 245 -8.90 -151.31 99.93
N SER B 246 -8.80 -150.04 99.51
CA SER B 246 -8.03 -149.71 98.33
C SER B 246 -6.55 -149.99 98.55
N SER B 247 -6.02 -149.50 99.66
CA SER B 247 -4.63 -149.75 99.99
C SER B 247 -4.34 -151.23 100.16
N ILE B 248 -5.29 -151.99 100.71
CA ILE B 248 -5.05 -153.42 100.88
C ILE B 248 -5.03 -154.11 99.53
N VAL B 249 -6.04 -153.84 98.71
CA VAL B 249 -6.22 -154.61 97.49
C VAL B 249 -5.10 -154.31 96.51
N ALA B 250 -4.52 -153.11 96.59
CA ALA B 250 -3.42 -152.79 95.69
C ALA B 250 -2.22 -153.71 95.87
N GLN B 251 -2.10 -154.37 97.03
CA GLN B 251 -0.93 -155.14 97.40
C GLN B 251 -1.05 -156.62 97.08
N THR B 252 -2.13 -157.04 96.43
CA THR B 252 -2.34 -158.44 96.11
C THR B 252 -1.64 -158.88 94.83
N ALA B 253 -1.23 -157.92 94.00
CA ALA B 253 -0.46 -158.17 92.80
C ALA B 253 0.77 -157.29 92.99
N GLY B 254 1.49 -157.01 91.89
CA GLY B 254 2.73 -156.24 91.94
C GLY B 254 2.61 -155.04 92.84
N ILE B 255 3.29 -155.12 93.98
CA ILE B 255 2.96 -154.34 95.15
C ILE B 255 3.47 -152.93 94.95
N PRO B 256 2.62 -151.92 94.83
CA PRO B 256 3.11 -150.54 94.88
C PRO B 256 3.38 -150.15 96.31
N THR B 257 4.42 -149.36 96.49
CA THR B 257 4.73 -148.82 97.80
C THR B 257 3.55 -148.02 98.30
N LEU B 258 3.34 -148.04 99.62
CA LEU B 258 2.25 -147.33 100.27
C LEU B 258 2.77 -146.71 101.55
N PRO B 259 2.36 -145.48 101.90
CA PRO B 259 2.91 -144.87 103.13
C PRO B 259 2.15 -145.28 104.39
N TRP B 260 2.22 -146.57 104.71
CA TRP B 260 1.59 -147.12 105.92
C TRP B 260 0.12 -146.80 106.04
N SER B 261 -0.71 -147.34 105.16
CA SER B 261 -2.15 -147.07 105.19
C SER B 261 -2.77 -147.80 106.38
N GLY B 262 -2.47 -147.25 107.56
CA GLY B 262 -2.77 -147.91 108.82
C GLY B 262 -1.58 -148.75 109.24
N SER B 263 -1.03 -149.47 108.29
CA SER B 263 0.24 -150.17 108.43
C SER B 263 0.68 -150.60 107.04
N GLY B 264 1.84 -151.25 106.97
CA GLY B 264 2.34 -151.80 105.73
C GLY B 264 1.98 -153.26 105.52
N LEU B 265 1.05 -153.79 106.30
CA LEU B 265 0.72 -155.21 106.24
C LEU B 265 -0.26 -155.45 105.10
N ARG B 266 -0.15 -156.64 104.49
CA ARG B 266 -0.93 -157.00 103.32
C ARG B 266 -1.61 -158.35 103.54
N VAL B 267 -2.21 -158.86 102.46
CA VAL B 267 -2.90 -160.15 102.45
C VAL B 267 -2.17 -161.07 101.47
N ASP B 268 -2.72 -162.25 101.23
CA ASP B 268 -2.07 -163.24 100.39
C ASP B 268 -1.99 -162.74 98.96
N TRP B 269 -1.38 -163.54 98.08
CA TRP B 269 -1.20 -163.19 96.69
C TRP B 269 -2.40 -163.64 95.86
N GLN B 270 -2.91 -162.72 95.04
CA GLN B 270 -3.88 -163.03 93.99
C GLN B 270 -3.46 -162.18 92.80
N GLU B 271 -2.58 -162.73 91.97
CA GLU B 271 -1.90 -161.92 90.96
C GLU B 271 -2.85 -161.49 89.86
N ASN B 272 -3.70 -162.41 89.39
CA ASN B 272 -4.60 -162.16 88.27
C ASN B 272 -5.97 -162.79 88.51
N ASP B 273 -6.32 -163.07 89.75
CA ASP B 273 -7.60 -163.66 90.10
C ASP B 273 -8.54 -162.59 90.63
N PHE B 274 -9.81 -162.73 90.28
CA PHE B 274 -10.84 -161.86 90.83
C PHE B 274 -11.14 -162.25 92.27
N SER B 275 -11.34 -161.24 93.12
CA SER B 275 -11.68 -161.47 94.51
C SER B 275 -12.51 -160.31 95.03
N LYS B 276 -13.35 -160.61 96.00
CA LYS B 276 -14.11 -159.61 96.72
C LYS B 276 -13.42 -159.31 98.05
N ARG B 277 -13.78 -158.16 98.63
CA ARG B 277 -13.20 -157.72 99.90
C ARG B 277 -13.97 -158.37 101.04
N ILE B 278 -13.75 -159.66 101.22
CA ILE B 278 -14.39 -160.40 102.29
C ILE B 278 -13.63 -160.11 103.58
N LEU B 279 -14.37 -159.82 104.64
CA LEU B 279 -13.78 -159.46 105.93
C LEU B 279 -13.49 -160.70 106.78
N ASN B 280 -12.66 -161.59 106.21
CA ASN B 280 -12.15 -162.74 106.95
C ASN B 280 -10.64 -162.70 107.10
N VAL B 281 -9.90 -162.58 106.00
CA VAL B 281 -8.45 -162.39 106.03
C VAL B 281 -8.10 -160.93 106.28
N PRO B 282 -8.57 -159.97 105.47
CA PRO B 282 -8.17 -158.58 105.69
C PRO B 282 -8.77 -157.93 106.91
N GLN B 283 -9.71 -158.58 107.60
CA GLN B 283 -10.26 -158.04 108.84
C GLN B 283 -9.16 -157.65 109.81
N GLU B 284 -8.14 -158.50 109.95
CA GLU B 284 -6.96 -158.17 110.75
C GLU B 284 -6.41 -156.80 110.34
N LEU B 285 -6.17 -156.62 109.04
CA LEU B 285 -5.72 -155.33 108.54
C LEU B 285 -6.70 -154.22 108.87
N TYR B 286 -8.01 -154.45 108.72
CA TYR B 286 -8.97 -153.44 109.14
C TYR B 286 -8.83 -153.15 110.62
N GLU B 287 -8.63 -154.19 111.43
CA GLU B 287 -8.45 -153.97 112.85
C GLU B 287 -7.20 -153.16 113.12
N LYS B 288 -6.19 -153.31 112.27
CA LYS B 288 -5.01 -152.45 112.37
C LYS B 288 -5.24 -151.13 111.65
N GLY B 289 -6.07 -151.13 110.61
CA GLY B 289 -6.31 -149.91 109.88
C GLY B 289 -7.20 -148.96 110.63
N TYR B 290 -8.06 -149.49 111.49
CA TYR B 290 -8.91 -148.69 112.36
C TYR B 290 -8.48 -148.83 113.82
N VAL B 291 -8.78 -147.79 114.60
CA VAL B 291 -8.35 -147.67 115.98
C VAL B 291 -9.58 -147.45 116.85
N LYS B 292 -9.50 -147.92 118.10
CA LYS B 292 -10.58 -147.79 119.07
C LYS B 292 -10.16 -147.02 120.32
N ASP B 293 -9.03 -147.38 120.92
CA ASP B 293 -8.59 -146.77 122.16
C ASP B 293 -7.76 -145.51 121.88
N VAL B 294 -7.38 -144.83 122.97
CA VAL B 294 -6.61 -143.60 122.86
C VAL B 294 -5.18 -143.87 122.41
N ASP B 295 -4.60 -145.00 122.80
CA ASP B 295 -3.21 -145.31 122.49
C ASP B 295 -3.04 -146.26 121.31
N ASP B 296 -4.13 -146.57 120.59
CA ASP B 296 -3.99 -147.42 119.41
C ASP B 296 -3.28 -146.68 118.28
N GLY B 297 -3.62 -145.41 118.06
CA GLY B 297 -3.03 -144.67 116.97
C GLY B 297 -1.54 -144.46 117.13
N LEU B 298 -1.06 -144.31 118.37
CA LEU B 298 0.37 -144.14 118.62
C LEU B 298 1.23 -145.23 118.01
N GLN B 299 0.70 -146.47 117.94
CA GLN B 299 1.44 -147.57 117.34
C GLN B 299 1.80 -147.30 115.87
N ALA B 300 1.02 -146.48 115.18
CA ALA B 300 1.40 -146.04 113.84
C ALA B 300 2.44 -144.92 113.93
N ALA B 301 2.21 -143.97 114.84
CA ALA B 301 3.07 -142.80 114.94
C ALA B 301 4.51 -143.20 115.22
N GLU B 302 4.72 -144.30 115.94
CA GLU B 302 6.06 -144.75 116.28
C GLU B 302 6.84 -145.17 115.04
N GLU B 303 6.15 -145.62 113.99
CA GLU B 303 6.79 -146.12 112.79
C GLU B 303 6.81 -145.10 111.65
N VAL B 304 5.73 -144.33 111.48
CA VAL B 304 5.65 -143.42 110.33
C VAL B 304 6.47 -142.16 110.58
N GLY B 305 6.52 -141.67 111.80
CA GLY B 305 7.25 -140.47 112.15
C GLY B 305 6.32 -139.32 112.52
N TYR B 306 6.89 -138.12 112.51
CA TYR B 306 6.19 -136.93 112.95
C TYR B 306 4.97 -136.56 112.12
N PRO B 307 5.04 -136.50 110.78
CA PRO B 307 3.90 -135.95 110.03
C PRO B 307 2.76 -136.94 109.92
N VAL B 308 1.92 -137.01 110.95
CA VAL B 308 0.87 -138.02 111.06
C VAL B 308 -0.46 -137.37 110.72
N MET B 309 -1.26 -138.03 109.88
CA MET B 309 -2.59 -137.55 109.53
C MET B 309 -3.62 -138.52 110.07
N ILE B 310 -4.52 -138.03 110.93
CA ILE B 310 -5.55 -138.85 111.53
C ILE B 310 -6.89 -138.37 110.99
N LYS B 311 -7.70 -139.33 110.51
CA LYS B 311 -8.99 -139.01 109.92
C LYS B 311 -10.01 -140.05 110.32
N ALA B 312 -11.24 -139.58 110.52
CA ALA B 312 -12.36 -140.46 110.77
C ALA B 312 -12.80 -141.11 109.49
N SER B 313 -13.48 -142.26 109.63
CA SER B 313 -14.01 -142.96 108.46
C SER B 313 -15.05 -142.12 107.71
N GLU B 314 -15.66 -141.15 108.39
CA GLU B 314 -16.60 -140.22 107.78
C GLU B 314 -16.06 -138.78 107.80
N GLY B 315 -14.75 -138.62 107.96
CA GLY B 315 -14.18 -137.29 107.99
C GLY B 315 -14.23 -136.62 106.63
N GLY B 316 -14.23 -135.30 106.66
CA GLY B 316 -14.27 -134.48 105.46
C GLY B 316 -15.21 -133.30 105.65
N GLY B 317 -15.00 -132.28 104.84
CA GLY B 317 -15.80 -131.07 104.94
C GLY B 317 -15.35 -130.14 106.05
N GLY B 318 -14.06 -130.17 106.39
CA GLY B 318 -13.51 -129.32 107.42
C GLY B 318 -13.51 -129.93 108.81
N LYS B 319 -14.22 -131.05 109.01
CA LYS B 319 -14.27 -131.73 110.30
C LYS B 319 -13.76 -133.16 110.14
N GLY B 320 -13.36 -133.75 111.25
CA GLY B 320 -12.91 -135.13 111.26
C GLY B 320 -11.50 -135.34 110.80
N ILE B 321 -10.72 -134.27 110.62
CA ILE B 321 -9.37 -134.34 110.08
C ILE B 321 -8.47 -133.60 111.06
N ARG B 322 -7.36 -134.23 111.44
CA ARG B 322 -6.37 -133.54 112.25
C ARG B 322 -4.97 -133.94 111.81
N LYS B 323 -4.12 -132.91 111.67
CA LYS B 323 -2.74 -133.06 111.24
C LYS B 323 -1.83 -132.87 112.44
N VAL B 324 -1.11 -133.92 112.79
CA VAL B 324 -0.18 -133.91 113.92
C VAL B 324 1.21 -133.69 113.35
N ASN B 325 1.87 -132.65 113.83
CA ASN B 325 3.23 -132.30 113.44
C ASN B 325 4.26 -132.71 114.49
N ASN B 326 3.84 -132.89 115.75
CA ASN B 326 4.72 -133.27 116.84
C ASN B 326 4.62 -134.78 117.08
N ALA B 327 5.42 -135.27 118.03
CA ALA B 327 5.33 -136.64 118.53
C ALA B 327 4.50 -136.75 119.80
N ASP B 328 4.64 -135.80 120.73
CA ASP B 328 3.97 -135.87 122.01
C ASP B 328 2.57 -135.26 122.00
N ASP B 329 2.22 -134.46 120.99
CA ASP B 329 0.90 -133.89 120.85
C ASP B 329 -0.07 -134.80 120.11
N PHE B 330 0.37 -135.98 119.66
CA PHE B 330 -0.53 -136.91 118.98
C PHE B 330 -1.77 -137.24 119.79
N PRO B 331 -1.70 -137.55 121.09
CA PRO B 331 -2.94 -137.90 121.80
C PRO B 331 -4.00 -136.81 121.78
N ASN B 332 -3.59 -135.53 121.82
CA ASN B 332 -4.55 -134.44 121.81
C ASN B 332 -5.40 -134.44 120.54
N LEU B 333 -4.76 -134.25 119.39
CA LEU B 333 -5.49 -134.21 118.12
C LEU B 333 -6.12 -135.56 117.78
N PHE B 334 -5.52 -136.66 118.25
CA PHE B 334 -6.08 -137.98 118.03
C PHE B 334 -7.42 -138.12 118.72
N ARG B 335 -7.46 -137.81 120.01
CA ARG B 335 -8.71 -137.83 120.75
C ARG B 335 -9.70 -136.83 120.17
N GLN B 336 -9.19 -135.71 119.64
CA GLN B 336 -10.08 -134.78 118.97
C GLN B 336 -10.78 -135.43 117.79
N VAL B 337 -10.03 -136.12 116.93
CA VAL B 337 -10.66 -136.80 115.80
C VAL B 337 -11.67 -137.83 116.29
N GLN B 338 -11.34 -138.53 117.38
CA GLN B 338 -12.28 -139.50 117.92
C GLN B 338 -13.56 -138.82 118.40
N ALA B 339 -13.47 -137.54 118.79
CA ALA B 339 -14.65 -136.77 119.15
C ALA B 339 -15.31 -136.06 117.98
N GLU B 340 -14.62 -135.95 116.84
CA GLU B 340 -15.18 -135.25 115.68
C GLU B 340 -16.35 -136.03 115.10
N VAL B 341 -16.22 -137.35 115.07
CA VAL B 341 -17.26 -138.25 114.59
C VAL B 341 -17.42 -139.32 115.66
N PRO B 342 -18.13 -139.04 116.75
CA PRO B 342 -18.24 -140.03 117.83
C PRO B 342 -18.94 -141.31 117.36
N GLY B 343 -18.42 -142.44 117.82
CA GLY B 343 -18.98 -143.73 117.52
C GLY B 343 -18.41 -144.41 116.29
N SER B 344 -17.73 -143.65 115.38
CA SER B 344 -17.26 -144.21 114.12
C SER B 344 -15.81 -144.64 114.25
N PRO B 345 -15.36 -145.63 113.47
CA PRO B 345 -13.95 -146.01 113.53
C PRO B 345 -13.06 -144.96 112.88
N ILE B 346 -11.89 -144.76 113.48
CA ILE B 346 -10.92 -143.77 113.04
C ILE B 346 -9.74 -144.52 112.44
N PHE B 347 -9.02 -143.86 111.53
CA PHE B 347 -7.80 -144.44 110.97
C PHE B 347 -6.69 -143.41 110.97
N VAL B 348 -5.46 -143.93 111.00
CA VAL B 348 -4.24 -143.16 111.09
C VAL B 348 -3.37 -143.53 109.90
N MET B 349 -2.83 -142.52 109.22
CA MET B 349 -1.95 -142.78 108.09
C MET B 349 -0.82 -141.76 108.10
N ARG B 350 0.23 -142.08 107.37
CA ARG B 350 1.36 -141.18 107.25
C ARG B 350 1.04 -140.10 106.24
N LEU B 351 1.43 -138.87 106.56
CA LEU B 351 1.16 -137.76 105.68
C LEU B 351 2.19 -137.73 104.55
N ALA B 352 1.74 -137.23 103.39
CA ALA B 352 2.57 -137.21 102.22
C ALA B 352 3.66 -136.15 102.35
N LYS B 353 4.76 -136.35 101.62
CA LYS B 353 5.77 -135.33 101.47
C LYS B 353 5.38 -134.41 100.30
N GLN B 354 6.15 -133.34 100.13
CA GLN B 354 5.92 -132.39 99.05
C GLN B 354 6.66 -132.90 97.82
N SER B 355 5.90 -133.51 96.92
CA SER B 355 6.44 -134.12 95.72
C SER B 355 5.37 -134.05 94.65
N ARG B 356 5.51 -134.88 93.60
CA ARG B 356 4.66 -134.75 92.43
C ARG B 356 3.51 -135.73 92.46
N HIS B 357 2.43 -135.34 91.79
CA HIS B 357 1.22 -136.14 91.68
C HIS B 357 1.05 -136.54 90.22
N LEU B 358 1.24 -137.82 89.94
CA LEU B 358 1.10 -138.36 88.60
C LEU B 358 -0.13 -139.24 88.51
N GLU B 359 -0.56 -139.48 87.28
CA GLU B 359 -1.72 -140.28 86.99
C GLU B 359 -1.44 -141.15 85.80
N VAL B 360 -2.11 -142.29 85.77
CA VAL B 360 -2.11 -143.18 84.63
C VAL B 360 -3.55 -143.39 84.21
N GLN B 361 -3.79 -143.29 82.92
CA GLN B 361 -5.10 -143.49 82.34
C GLN B 361 -5.18 -144.93 81.87
N ILE B 362 -6.17 -145.65 82.38
CA ILE B 362 -6.34 -147.07 82.13
C ILE B 362 -7.63 -147.21 81.35
N LEU B 363 -7.61 -148.09 80.36
CA LEU B 363 -8.79 -148.34 79.54
C LEU B 363 -8.95 -149.84 79.38
N ALA B 364 -10.18 -150.34 79.48
CA ALA B 364 -10.34 -151.78 79.44
C ALA B 364 -11.69 -152.19 78.88
N ASP B 365 -11.70 -153.35 78.22
CA ASP B 365 -12.91 -153.91 77.63
C ASP B 365 -13.53 -154.92 78.58
N GLN B 366 -14.68 -155.44 78.18
CA GLN B 366 -15.42 -156.42 78.94
C GLN B 366 -14.96 -157.85 78.71
N TYR B 367 -13.82 -158.05 78.04
CA TYR B 367 -13.26 -159.36 77.78
C TYR B 367 -11.92 -159.58 78.49
N GLY B 368 -11.63 -158.80 79.52
CA GLY B 368 -10.42 -158.99 80.29
C GLY B 368 -9.16 -158.35 79.74
N ASN B 369 -9.26 -157.56 78.67
CA ASN B 369 -8.10 -156.85 78.10
C ASN B 369 -8.07 -155.45 78.68
N ALA B 370 -6.95 -155.09 79.31
CA ALA B 370 -6.75 -153.78 79.90
C ALA B 370 -5.41 -153.24 79.46
N ILE B 371 -5.41 -151.97 79.01
CA ILE B 371 -4.19 -151.33 78.55
C ILE B 371 -4.03 -149.98 79.24
N SER B 372 -2.78 -149.57 79.32
CA SER B 372 -2.41 -148.25 79.81
C SER B 372 -2.26 -147.33 78.62
N LEU B 373 -2.95 -146.20 78.67
CA LEU B 373 -2.87 -145.33 77.52
C LEU B 373 -1.60 -144.51 77.63
N PHE B 374 -1.59 -143.54 78.53
CA PHE B 374 -0.43 -142.73 78.88
C PHE B 374 -0.76 -142.07 80.21
N GLY B 375 0.17 -141.27 80.71
CA GLY B 375 0.02 -140.63 82.00
C GLY B 375 -0.29 -139.15 81.93
N ARG B 376 -0.30 -138.55 83.11
CA ARG B 376 -0.51 -137.13 83.29
C ARG B 376 0.24 -136.65 84.52
N ASP B 377 0.72 -135.42 84.44
CA ASP B 377 1.34 -134.73 85.56
C ASP B 377 0.38 -133.63 85.98
N CYS B 378 -0.12 -133.73 87.21
CA CYS B 378 -1.20 -132.89 87.70
C CYS B 378 -0.82 -132.24 89.02
N SER B 379 0.38 -131.68 89.09
CA SER B 379 0.97 -131.22 90.33
C SER B 379 0.75 -129.74 90.59
N VAL B 380 -0.10 -129.08 89.81
CA VAL B 380 -0.48 -127.70 90.03
C VAL B 380 -1.83 -127.73 90.71
N GLN B 381 -1.81 -127.62 92.03
CA GLN B 381 -3.01 -127.75 92.84
C GLN B 381 -3.08 -126.69 93.91
N ARG B 382 -4.29 -126.20 94.12
CA ARG B 382 -4.60 -125.20 95.13
C ARG B 382 -5.61 -125.83 96.08
N ARG B 383 -5.18 -126.03 97.33
CA ARG B 383 -6.01 -126.69 98.35
C ARG B 383 -6.52 -128.03 97.83
N HIS B 384 -5.61 -128.77 97.19
CA HIS B 384 -5.92 -130.09 96.62
C HIS B 384 -6.98 -130.00 95.52
N GLN B 385 -6.97 -128.92 94.75
CA GLN B 385 -7.83 -128.76 93.59
C GLN B 385 -6.95 -128.53 92.36
N LYS B 386 -7.15 -129.36 91.34
CA LYS B 386 -6.38 -129.26 90.11
C LYS B 386 -6.64 -127.93 89.41
N ILE B 387 -5.58 -127.36 88.82
CA ILE B 387 -5.68 -126.07 88.12
C ILE B 387 -5.14 -126.20 86.71
N ILE B 388 -3.94 -126.77 86.61
CA ILE B 388 -3.25 -126.99 85.35
C ILE B 388 -2.81 -128.44 85.32
N GLU B 389 -2.98 -129.08 84.18
CA GLU B 389 -2.57 -130.45 83.94
C GLU B 389 -1.69 -130.49 82.71
N GLU B 390 -0.75 -131.43 82.70
CA GLU B 390 0.15 -131.63 81.57
C GLU B 390 0.23 -133.10 81.23
N ALA B 391 0.20 -133.39 79.94
CA ALA B 391 -0.04 -134.74 79.48
C ALA B 391 1.20 -135.64 79.53
N PRO B 392 2.30 -135.35 78.82
CA PRO B 392 3.47 -136.20 79.01
C PRO B 392 4.00 -136.09 80.43
N ALA B 393 4.14 -137.24 81.08
CA ALA B 393 4.64 -137.30 82.44
C ALA B 393 6.16 -137.25 82.38
N THR B 394 6.67 -136.04 82.13
CA THR B 394 8.07 -135.85 81.80
C THR B 394 8.99 -135.93 83.01
N ILE B 395 8.46 -135.85 84.21
CA ILE B 395 9.31 -135.88 85.39
C ILE B 395 9.83 -137.27 85.65
N ALA B 396 9.01 -138.28 85.42
CA ALA B 396 9.39 -139.66 85.69
C ALA B 396 10.25 -140.19 84.57
N THR B 397 11.31 -140.87 84.94
CA THR B 397 12.17 -141.48 83.95
C THR B 397 11.44 -142.65 83.30
N PRO B 398 11.92 -143.11 82.14
CA PRO B 398 11.22 -144.21 81.44
C PRO B 398 11.04 -145.48 82.26
N ALA B 399 12.08 -145.90 82.98
CA ALA B 399 12.00 -147.17 83.71
C ALA B 399 10.91 -147.12 84.76
N VAL B 400 10.98 -146.12 85.63
CA VAL B 400 10.06 -146.05 86.75
C VAL B 400 8.65 -145.78 86.24
N PHE B 401 8.51 -145.01 85.17
CA PHE B 401 7.18 -144.69 84.68
C PHE B 401 6.52 -145.91 84.06
N GLU B 402 7.29 -146.68 83.30
CA GLU B 402 6.77 -147.93 82.77
C GLU B 402 6.37 -148.87 83.91
N HIS B 403 7.15 -148.86 84.99
CA HIS B 403 6.78 -149.66 86.15
C HIS B 403 5.43 -149.23 86.71
N MET B 404 5.20 -147.92 86.78
CA MET B 404 3.95 -147.42 87.32
C MET B 404 2.79 -147.82 86.42
N GLU B 405 3.01 -147.79 85.12
CA GLU B 405 1.99 -148.21 84.18
C GLU B 405 1.65 -149.69 84.37
N GLN B 406 2.67 -150.53 84.51
CA GLN B 406 2.45 -151.95 84.71
C GLN B 406 1.63 -152.21 85.96
N CYS B 407 1.97 -151.52 87.05
CA CYS B 407 1.24 -151.70 88.30
C CYS B 407 -0.22 -151.31 88.15
N ALA B 408 -0.47 -150.16 87.52
CA ALA B 408 -1.84 -149.71 87.31
C ALA B 408 -2.65 -150.74 86.52
N VAL B 409 -2.06 -151.30 85.46
CA VAL B 409 -2.78 -152.26 84.64
C VAL B 409 -3.06 -153.53 85.42
N LYS B 410 -2.08 -154.01 86.19
CA LYS B 410 -2.29 -155.22 86.98
C LYS B 410 -3.44 -155.06 87.93
N LEU B 411 -3.53 -153.89 88.56
CA LEU B 411 -4.65 -153.63 89.45
C LEU B 411 -5.98 -153.69 88.71
N ALA B 412 -6.06 -152.99 87.57
CA ALA B 412 -7.30 -152.99 86.79
C ALA B 412 -7.71 -154.40 86.39
N LYS B 413 -6.73 -155.23 86.02
CA LYS B 413 -7.06 -156.57 85.55
C LYS B 413 -7.57 -157.42 86.68
N MET B 414 -6.87 -157.42 87.81
CA MET B 414 -7.25 -158.33 88.87
C MET B 414 -8.56 -157.93 89.53
N VAL B 415 -8.87 -156.64 89.57
CA VAL B 415 -10.10 -156.22 90.23
C VAL B 415 -11.32 -156.35 89.32
N GLY B 416 -11.13 -156.26 88.01
CA GLY B 416 -12.23 -156.44 87.09
C GLY B 416 -12.87 -155.12 86.70
N TYR B 417 -12.06 -154.20 86.23
CA TYR B 417 -12.49 -152.87 85.89
C TYR B 417 -12.68 -152.81 84.38
N VAL B 418 -13.78 -152.19 83.95
CA VAL B 418 -14.02 -151.93 82.55
C VAL B 418 -14.22 -150.45 82.31
N SER B 419 -14.13 -150.14 81.04
CA SER B 419 -14.29 -148.90 80.31
C SER B 419 -13.13 -147.93 80.44
N ALA B 420 -12.83 -147.44 81.64
CA ALA B 420 -11.86 -146.36 81.74
C ALA B 420 -11.77 -145.85 83.16
N GLY B 421 -10.57 -145.46 83.56
CA GLY B 421 -10.36 -144.98 84.92
C GLY B 421 -8.97 -144.45 85.07
N THR B 422 -8.69 -143.94 86.26
CA THR B 422 -7.39 -143.35 86.54
C THR B 422 -6.77 -143.94 87.80
N VAL B 423 -5.46 -144.13 87.77
CA VAL B 423 -4.68 -144.55 88.92
C VAL B 423 -3.76 -143.41 89.30
N GLU B 424 -3.80 -143.00 90.55
CA GLU B 424 -2.99 -141.90 91.04
C GLU B 424 -1.77 -142.44 91.76
N TYR B 425 -0.65 -141.79 91.53
CA TYR B 425 0.59 -142.10 92.20
C TYR B 425 1.20 -140.82 92.73
N LEU B 426 1.93 -140.96 93.83
CA LEU B 426 2.73 -139.90 94.41
C LEU B 426 4.18 -140.20 94.09
N TYR B 427 4.79 -139.34 93.30
CA TYR B 427 6.13 -139.54 92.77
C TYR B 427 7.09 -138.68 93.57
N SER B 428 8.04 -139.35 94.22
CA SER B 428 9.07 -138.68 94.99
C SER B 428 10.25 -138.35 94.09
N GLN B 429 11.04 -137.38 94.52
CA GLN B 429 12.08 -136.82 93.67
C GLN B 429 13.22 -137.79 93.43
N ASP B 430 13.36 -138.83 94.26
CA ASP B 430 14.43 -139.81 94.12
C ASP B 430 14.05 -141.00 93.27
N GLY B 431 12.92 -140.95 92.56
CA GLY B 431 12.52 -142.04 91.70
C GLY B 431 11.77 -143.14 92.40
N SER B 432 10.91 -142.78 93.36
CA SER B 432 10.16 -143.74 94.16
C SER B 432 8.71 -143.31 94.20
N PHE B 433 7.80 -144.17 93.76
CA PHE B 433 6.39 -143.86 93.71
C PHE B 433 5.61 -144.57 94.81
N TYR B 434 4.48 -143.98 95.16
CA TYR B 434 3.56 -144.49 96.16
C TYR B 434 2.16 -144.51 95.58
N PHE B 435 1.40 -145.56 95.91
CA PHE B 435 0.03 -145.66 95.47
C PHE B 435 -0.82 -144.70 96.30
N LEU B 436 -1.77 -144.05 95.63
CA LEU B 436 -2.73 -143.17 96.28
C LEU B 436 -4.15 -143.69 96.19
N GLU B 437 -4.66 -143.89 94.99
CA GLU B 437 -6.05 -144.31 94.84
C GLU B 437 -6.38 -144.51 93.36
N LEU B 438 -7.45 -145.27 93.14
CA LEU B 438 -8.03 -145.47 91.82
C LEU B 438 -9.36 -144.73 91.75
N ASN B 439 -9.50 -143.89 90.73
CA ASN B 439 -10.73 -143.18 90.46
C ASN B 439 -11.51 -143.97 89.42
N PRO B 440 -12.70 -144.51 89.75
CA PRO B 440 -13.42 -145.38 88.81
C PRO B 440 -14.35 -144.63 87.87
N ARG B 441 -13.76 -143.74 87.08
CA ARG B 441 -14.56 -142.97 86.14
C ARG B 441 -13.65 -142.10 85.31
N LEU B 442 -14.18 -141.65 84.19
CA LEU B 442 -13.48 -140.74 83.32
C LEU B 442 -13.33 -139.39 84.00
N GLN B 443 -12.12 -138.83 83.91
CA GLN B 443 -11.82 -137.55 84.50
C GLN B 443 -12.10 -136.42 83.51
N VAL B 444 -12.26 -135.22 84.07
CA VAL B 444 -12.49 -134.04 83.25
C VAL B 444 -11.27 -133.73 82.40
N GLU B 445 -10.08 -133.95 82.93
CA GLU B 445 -8.83 -133.66 82.22
C GLU B 445 -8.41 -134.77 81.28
N HIS B 446 -9.33 -135.65 80.89
CA HIS B 446 -9.00 -136.71 79.95
C HIS B 446 -8.58 -136.26 78.56
N PRO B 447 -8.95 -135.08 78.04
CA PRO B 447 -8.45 -134.73 76.69
C PRO B 447 -6.95 -134.65 76.61
N CYS B 448 -6.27 -134.40 77.73
CA CYS B 448 -4.82 -134.33 77.76
C CYS B 448 -4.18 -135.55 77.15
N THR B 449 -4.70 -136.73 77.44
CA THR B 449 -4.21 -137.97 76.87
C THR B 449 -4.81 -138.30 75.53
N GLU B 450 -5.96 -137.72 75.20
CA GLU B 450 -6.49 -137.86 73.85
C GLU B 450 -5.57 -137.17 72.87
N MET B 451 -5.20 -135.94 73.18
CA MET B 451 -4.51 -135.08 72.22
C MET B 451 -3.13 -135.61 71.87
N VAL B 452 -2.53 -136.42 72.74
CA VAL B 452 -1.21 -137.00 72.49
C VAL B 452 -1.27 -138.47 72.12
N ALA B 453 -2.46 -139.07 72.11
CA ALA B 453 -2.62 -140.46 71.72
C ALA B 453 -3.47 -140.65 70.47
N ASP B 454 -4.12 -139.59 69.98
CA ASP B 454 -5.00 -139.68 68.83
C ASP B 454 -6.08 -140.73 69.06
N VAL B 455 -6.76 -140.61 70.21
CA VAL B 455 -7.84 -141.48 70.60
C VAL B 455 -9.04 -140.61 70.95
N ASN B 456 -10.17 -141.29 71.16
CA ASN B 456 -11.41 -140.66 71.61
C ASN B 456 -11.95 -141.54 72.73
N LEU B 457 -11.88 -141.04 73.96
CA LEU B 457 -12.21 -141.88 75.10
C LEU B 457 -13.70 -142.06 75.29
N PRO B 458 -14.54 -141.03 75.26
CA PRO B 458 -15.98 -141.29 75.43
C PRO B 458 -16.59 -142.16 74.34
N ALA B 459 -16.14 -142.01 73.10
CA ALA B 459 -16.52 -142.93 72.04
C ALA B 459 -16.02 -144.33 72.31
N ALA B 460 -14.81 -144.45 72.87
CA ALA B 460 -14.30 -145.76 73.24
C ALA B 460 -15.16 -146.39 74.32
N GLN B 461 -15.66 -145.58 75.26
CA GLN B 461 -16.57 -146.07 76.27
C GLN B 461 -17.85 -146.59 75.63
N LEU B 462 -18.34 -145.87 74.64
CA LEU B 462 -19.54 -146.32 73.96
C LEU B 462 -19.31 -147.66 73.28
N GLN B 463 -18.16 -147.79 72.61
CA GLN B 463 -17.89 -149.03 71.88
C GLN B 463 -17.66 -150.19 72.82
N ILE B 464 -17.06 -149.92 73.98
CA ILE B 464 -16.91 -150.95 74.99
C ILE B 464 -18.27 -151.38 75.51
N ALA B 465 -19.15 -150.42 75.75
CA ALA B 465 -20.46 -150.72 76.29
C ALA B 465 -21.26 -151.60 75.35
N MET B 466 -21.00 -151.51 74.06
CA MET B 466 -21.63 -152.38 73.09
C MET B 466 -20.99 -153.75 73.04
N GLY B 467 -19.93 -153.98 73.81
CA GLY B 467 -19.31 -155.29 73.87
C GLY B 467 -18.26 -155.53 72.83
N ILE B 468 -17.59 -154.49 72.38
CA ILE B 468 -16.56 -154.59 71.35
C ILE B 468 -15.21 -154.72 72.06
N PRO B 469 -14.38 -155.71 71.74
CA PRO B 469 -13.07 -155.79 72.39
C PRO B 469 -12.12 -154.74 71.86
N LEU B 470 -11.00 -154.60 72.56
CA LEU B 470 -10.08 -153.51 72.28
C LEU B 470 -9.40 -153.66 70.94
N TYR B 471 -9.22 -154.88 70.46
CA TYR B 471 -8.48 -155.10 69.23
C TYR B 471 -9.33 -154.86 67.99
N ARG B 472 -10.58 -154.43 68.14
CA ARG B 472 -11.43 -154.07 67.03
C ARG B 472 -11.78 -152.60 66.99
N ILE B 473 -11.41 -151.84 68.00
CA ILE B 473 -11.62 -150.40 67.97
C ILE B 473 -10.51 -149.77 67.15
N LYS B 474 -10.90 -148.86 66.26
CA LYS B 474 -10.00 -148.31 65.25
C LYS B 474 -8.79 -147.62 65.86
N ASP B 475 -9.03 -146.66 66.74
CA ASP B 475 -7.94 -145.82 67.22
C ASP B 475 -6.90 -146.62 68.00
N ILE B 476 -7.36 -147.58 68.81
CA ILE B 476 -6.44 -148.47 69.50
C ILE B 476 -5.60 -149.24 68.49
N ARG B 477 -6.25 -149.74 67.44
CA ARG B 477 -5.54 -150.52 66.43
C ARG B 477 -4.45 -149.70 65.77
N MET B 478 -4.72 -148.42 65.50
CA MET B 478 -3.69 -147.58 64.95
C MET B 478 -2.59 -147.31 65.96
N MET B 479 -2.96 -147.19 67.23
CA MET B 479 -1.97 -146.84 68.25
C MET B 479 -0.90 -147.91 68.37
N TYR B 480 -1.26 -149.17 68.13
CA TYR B 480 -0.34 -150.28 68.19
C TYR B 480 0.21 -150.68 66.82
N GLY B 481 0.01 -149.84 65.81
CA GLY B 481 0.64 -150.08 64.53
C GLY B 481 0.00 -151.16 63.71
N VAL B 482 -1.32 -151.30 63.79
CA VAL B 482 -2.07 -152.31 63.08
C VAL B 482 -3.08 -151.61 62.19
N SER B 483 -3.37 -152.22 61.05
CA SER B 483 -4.29 -151.63 60.11
C SER B 483 -5.66 -151.43 60.76
N PRO B 484 -6.26 -150.25 60.68
CA PRO B 484 -7.55 -150.06 61.35
C PRO B 484 -8.65 -150.95 60.82
N TRP B 485 -8.67 -151.20 59.52
CA TRP B 485 -9.71 -152.00 58.90
C TRP B 485 -9.21 -153.44 58.84
N GLY B 486 -9.47 -154.15 59.93
CA GLY B 486 -9.12 -155.54 60.07
C GLY B 486 -9.69 -156.05 61.37
N ASP B 487 -9.42 -157.33 61.64
CA ASP B 487 -9.93 -157.96 62.84
C ASP B 487 -8.86 -158.77 63.57
N SER B 488 -7.60 -158.67 63.15
CA SER B 488 -6.54 -159.43 63.77
C SER B 488 -6.39 -159.03 65.23
N PRO B 489 -6.10 -159.97 66.13
CA PRO B 489 -5.90 -159.59 67.53
C PRO B 489 -4.59 -158.88 67.73
N ILE B 490 -4.52 -158.16 68.85
CA ILE B 490 -3.32 -157.46 69.27
C ILE B 490 -2.80 -158.14 70.52
N ASP B 491 -1.51 -158.45 70.52
CA ASP B 491 -0.83 -158.93 71.71
C ASP B 491 -0.38 -157.70 72.49
N PHE B 492 -1.19 -157.28 73.45
CA PHE B 492 -0.96 -156.01 74.11
C PHE B 492 0.30 -156.04 74.96
N GLU B 493 0.67 -157.22 75.48
CA GLU B 493 1.86 -157.31 76.30
C GLU B 493 3.13 -157.26 75.46
N ASP B 494 3.09 -157.86 74.27
CA ASP B 494 4.29 -157.93 73.45
C ASP B 494 4.55 -156.64 72.69
N SER B 495 3.50 -155.89 72.38
CA SER B 495 3.59 -154.65 71.62
C SER B 495 3.38 -153.42 72.49
N ALA B 496 3.57 -153.55 73.81
CA ALA B 496 3.34 -152.44 74.74
C ALA B 496 4.36 -151.31 74.59
N HIS B 497 5.44 -151.53 73.85
CA HIS B 497 6.42 -150.48 73.59
C HIS B 497 6.09 -149.66 72.35
N VAL B 498 5.14 -150.09 71.53
CA VAL B 498 4.75 -149.40 70.31
C VAL B 498 4.12 -148.03 70.59
N PRO B 499 3.18 -147.89 71.53
CA PRO B 499 2.56 -146.59 71.73
C PRO B 499 3.59 -145.55 72.16
N CYS B 500 3.41 -144.34 71.65
CA CYS B 500 4.33 -143.28 71.94
C CYS B 500 3.59 -141.96 71.90
N PRO B 501 3.76 -141.08 72.90
CA PRO B 501 3.05 -139.81 72.86
C PRO B 501 3.56 -138.92 71.75
N ARG B 502 2.65 -138.14 71.21
CA ARG B 502 2.94 -137.18 70.16
C ARG B 502 2.79 -135.80 70.77
N GLY B 503 3.91 -135.17 71.07
CA GLY B 503 3.91 -133.81 71.52
C GLY B 503 3.72 -133.69 73.02
N HIS B 504 3.26 -132.51 73.40
CA HIS B 504 3.08 -132.13 74.78
C HIS B 504 1.90 -131.19 74.84
N VAL B 505 1.07 -131.39 75.84
CA VAL B 505 -0.21 -130.70 75.96
C VAL B 505 -0.29 -130.07 77.33
N ILE B 506 -0.81 -128.86 77.37
CA ILE B 506 -1.14 -128.18 78.62
C ILE B 506 -2.62 -127.92 78.62
N ALA B 507 -3.25 -128.23 79.73
CA ALA B 507 -4.66 -127.99 79.96
C ALA B 507 -4.79 -127.06 81.14
N ALA B 508 -5.44 -125.94 80.90
CA ALA B 508 -5.65 -124.93 81.92
C ALA B 508 -7.15 -124.81 82.11
N ARG B 509 -7.61 -124.94 83.35
CA ARG B 509 -9.02 -124.83 83.61
C ARG B 509 -9.37 -123.46 84.11
N ILE B 510 -10.48 -122.92 83.61
CA ILE B 510 -10.93 -121.59 83.94
C ILE B 510 -12.04 -121.75 84.98
N THR B 511 -11.80 -121.25 86.17
CA THR B 511 -12.71 -121.36 87.27
C THR B 511 -13.44 -120.05 87.47
N SER B 512 -14.44 -120.08 88.35
CA SER B 512 -15.25 -118.92 88.68
C SER B 512 -14.92 -118.32 90.02
N GLU B 513 -13.80 -118.69 90.61
CA GLU B 513 -13.43 -118.16 91.91
C GLU B 513 -12.95 -116.72 91.76
N ASN B 514 -12.67 -116.08 92.90
CA ASN B 514 -12.21 -114.70 92.97
C ASN B 514 -10.86 -114.68 93.65
N PRO B 515 -9.76 -114.55 92.90
CA PRO B 515 -8.45 -114.44 93.56
C PRO B 515 -8.33 -113.26 94.50
N ASP B 516 -9.15 -112.22 94.30
CA ASP B 516 -9.17 -111.11 95.24
C ASP B 516 -9.92 -111.54 96.49
N GLU B 517 -9.27 -111.39 97.63
CA GLU B 517 -9.84 -111.83 98.90
C GLU B 517 -10.12 -113.33 98.87
N GLY B 518 -9.05 -114.10 98.70
CA GLY B 518 -9.16 -115.54 98.77
C GLY B 518 -9.54 -116.14 97.45
N PHE B 519 -10.44 -117.13 97.48
CA PHE B 519 -10.92 -117.78 96.27
C PHE B 519 -12.40 -118.09 96.40
N LYS B 520 -13.18 -117.13 96.86
CA LYS B 520 -14.59 -117.36 97.07
C LYS B 520 -15.26 -117.60 95.72
N PRO B 521 -16.06 -118.65 95.56
CA PRO B 521 -16.79 -118.82 94.29
C PRO B 521 -17.77 -117.67 94.07
N SER B 522 -17.82 -117.20 92.84
CA SER B 522 -18.70 -116.12 92.42
C SER B 522 -19.66 -116.64 91.36
N SER B 523 -20.70 -115.86 91.09
CA SER B 523 -21.71 -116.28 90.16
C SER B 523 -22.44 -115.06 89.62
N GLY B 524 -23.10 -115.26 88.50
CA GLY B 524 -23.86 -114.20 87.86
C GLY B 524 -23.94 -114.42 86.37
N THR B 525 -24.30 -113.35 85.68
CA THR B 525 -24.58 -113.38 84.26
C THR B 525 -23.32 -113.13 83.45
N VAL B 526 -23.30 -113.68 82.25
CA VAL B 526 -22.25 -113.44 81.28
C VAL B 526 -22.69 -112.31 80.36
N GLN B 527 -21.73 -111.47 79.98
CA GLN B 527 -21.94 -110.41 79.02
C GLN B 527 -21.17 -110.66 77.73
N GLU B 528 -20.01 -111.31 77.84
CA GLU B 528 -19.23 -111.68 76.67
C GLU B 528 -18.39 -112.89 76.99
N LEU B 529 -18.33 -113.80 76.01
CA LEU B 529 -17.45 -114.96 76.08
C LEU B 529 -16.88 -115.18 74.68
N ASN B 530 -15.64 -114.75 74.48
CA ASN B 530 -14.97 -114.83 73.20
C ASN B 530 -13.63 -115.49 73.44
N PHE B 531 -13.53 -116.74 73.03
CA PHE B 531 -12.26 -117.47 73.05
C PHE B 531 -11.74 -117.52 71.63
N ARG B 532 -10.63 -116.86 71.39
CA ARG B 532 -10.03 -116.77 70.07
C ARG B 532 -9.12 -117.98 69.90
N SER B 533 -9.60 -118.97 69.18
CA SER B 533 -8.79 -120.14 68.97
C SER B 533 -7.72 -119.85 67.94
N ASN B 534 -6.78 -120.77 67.84
CA ASN B 534 -5.67 -120.65 66.92
C ASN B 534 -5.17 -122.05 66.62
N LYS B 535 -4.15 -122.11 65.79
CA LYS B 535 -3.47 -123.35 65.53
C LYS B 535 -2.97 -123.95 66.82
N ASN B 536 -3.31 -125.22 67.05
CA ASN B 536 -2.88 -125.99 68.20
C ASN B 536 -3.44 -125.48 69.52
N VAL B 537 -4.51 -124.71 69.48
CA VAL B 537 -5.18 -124.26 70.70
C VAL B 537 -6.67 -124.42 70.50
N TRP B 538 -7.35 -124.88 71.54
CA TRP B 538 -8.79 -124.97 71.48
C TRP B 538 -9.32 -124.94 72.90
N GLY B 539 -10.63 -124.97 73.02
CA GLY B 539 -11.23 -124.91 74.33
C GLY B 539 -12.73 -124.85 74.19
N TYR B 540 -13.38 -125.05 75.32
CA TYR B 540 -14.82 -125.06 75.32
C TYR B 540 -15.37 -124.79 76.70
N PHE B 541 -16.61 -124.31 76.70
CA PHE B 541 -17.26 -123.74 77.84
C PHE B 541 -18.68 -124.29 77.95
N SER B 542 -19.19 -124.26 79.17
CA SER B 542 -20.53 -124.73 79.48
C SER B 542 -21.56 -123.62 79.47
N VAL B 543 -21.17 -122.41 79.10
CA VAL B 543 -22.07 -121.27 79.08
C VAL B 543 -21.71 -120.43 77.87
N ALA B 544 -22.71 -119.79 77.30
CA ALA B 544 -22.53 -118.91 76.17
C ALA B 544 -22.63 -117.46 76.63
N ALA B 545 -22.46 -116.54 75.68
CA ALA B 545 -22.49 -115.12 75.98
C ALA B 545 -23.81 -114.73 76.64
N ALA B 546 -24.92 -115.24 76.13
CA ALA B 546 -26.19 -115.14 76.80
C ALA B 546 -26.31 -116.33 77.74
N GLY B 547 -26.66 -116.06 78.98
CA GLY B 547 -26.71 -117.07 80.01
C GLY B 547 -25.78 -116.73 81.15
N GLY B 548 -25.75 -117.63 82.12
CA GLY B 548 -24.98 -117.35 83.29
C GLY B 548 -24.71 -118.58 84.12
N LEU B 549 -24.23 -118.32 85.32
CA LEU B 549 -23.88 -119.34 86.30
C LEU B 549 -24.71 -119.09 87.54
N HIS B 550 -25.45 -120.11 87.96
CA HIS B 550 -26.37 -119.99 89.07
C HIS B 550 -25.75 -120.64 90.31
N GLU B 551 -26.54 -120.66 91.38
CA GLU B 551 -26.01 -121.03 92.69
C GLU B 551 -25.52 -122.47 92.71
N PHE B 552 -26.30 -123.37 92.15
CA PHE B 552 -25.95 -124.79 92.11
C PHE B 552 -25.07 -125.17 90.94
N ALA B 553 -24.63 -124.20 90.15
CA ALA B 553 -23.79 -124.45 89.00
C ALA B 553 -22.35 -124.38 89.46
N ASP B 554 -21.64 -125.49 89.35
CA ASP B 554 -20.31 -125.61 89.90
C ASP B 554 -19.37 -124.62 89.22
N SER B 555 -18.19 -124.49 89.80
CA SER B 555 -17.08 -123.80 89.16
C SER B 555 -16.62 -124.63 87.98
N GLN B 556 -15.52 -124.22 87.38
CA GLN B 556 -15.01 -124.91 86.20
C GLN B 556 -16.03 -124.89 85.09
N PHE B 557 -16.19 -123.70 84.54
CA PHE B 557 -17.09 -123.42 83.42
C PHE B 557 -16.37 -123.45 82.08
N GLY B 558 -15.08 -123.75 82.04
CA GLY B 558 -14.44 -123.90 80.76
C GLY B 558 -13.05 -124.46 80.87
N HIS B 559 -12.59 -125.01 79.74
CA HIS B 559 -11.28 -125.63 79.67
C HIS B 559 -10.58 -125.22 78.38
N CYS B 560 -9.33 -124.78 78.51
CA CYS B 560 -8.47 -124.46 77.38
C CYS B 560 -7.35 -125.48 77.30
N PHE B 561 -7.00 -125.85 76.07
CA PHE B 561 -5.97 -126.82 75.78
C PHE B 561 -5.04 -126.27 74.71
N SER B 562 -3.75 -126.54 74.87
CA SER B 562 -2.75 -126.15 73.90
C SER B 562 -1.74 -127.27 73.69
N TRP B 563 -1.44 -127.52 72.42
CA TRP B 563 -0.48 -128.51 71.99
C TRP B 563 0.80 -127.86 71.47
N GLY B 564 1.92 -128.51 71.73
CA GLY B 564 3.20 -128.13 71.16
C GLY B 564 4.04 -129.37 70.97
N GLU B 565 5.18 -129.18 70.32
CA GLU B 565 6.11 -130.29 70.14
C GLU B 565 6.81 -130.64 71.44
N ASN B 566 6.96 -129.68 72.34
CA ASN B 566 7.65 -129.89 73.59
C ASN B 566 6.97 -129.04 74.65
N ARG B 567 7.59 -128.97 75.82
CA ARG B 567 7.03 -128.23 76.92
C ARG B 567 6.95 -126.74 76.60
N GLU B 568 8.04 -126.18 76.08
CA GLU B 568 8.15 -124.74 75.93
C GLU B 568 7.12 -124.19 74.95
N GLU B 569 6.96 -124.87 73.82
CA GLU B 569 6.01 -124.42 72.81
C GLU B 569 4.60 -124.44 73.34
N ALA B 570 4.26 -125.46 74.11
CA ALA B 570 2.92 -125.57 74.65
C ALA B 570 2.65 -124.46 75.64
N ILE B 571 3.63 -124.16 76.49
CA ILE B 571 3.50 -123.03 77.40
C ILE B 571 3.25 -121.75 76.62
N SER B 572 4.06 -121.50 75.59
CA SER B 572 3.93 -120.28 74.81
C SER B 572 2.54 -120.13 74.23
N ASN B 573 2.04 -121.20 73.60
CA ASN B 573 0.71 -121.18 73.02
C ASN B 573 -0.34 -120.87 74.08
N MET B 574 -0.25 -121.53 75.24
CA MET B 574 -1.25 -121.33 76.27
C MET B 574 -1.23 -119.91 76.77
N VAL B 575 -0.05 -119.35 76.99
CA VAL B 575 0.06 -118.01 77.55
C VAL B 575 -0.56 -117.00 76.61
N VAL B 576 -0.19 -117.08 75.34
CA VAL B 576 -0.71 -116.14 74.36
C VAL B 576 -2.22 -116.25 74.27
N ALA B 577 -2.72 -117.47 74.16
CA ALA B 577 -4.16 -117.66 74.00
C ALA B 577 -4.92 -117.14 75.20
N LEU B 578 -4.40 -117.37 76.40
CA LEU B 578 -5.07 -116.85 77.58
C LEU B 578 -5.04 -115.33 77.59
N LYS B 579 -3.94 -114.73 77.19
CA LYS B 579 -3.90 -113.28 77.13
C LYS B 579 -4.83 -112.71 76.09
N GLU B 580 -5.28 -113.50 75.12
CA GLU B 580 -6.14 -112.98 74.06
C GLU B 580 -7.63 -113.18 74.28
N LEU B 581 -8.04 -114.00 75.24
CA LEU B 581 -9.47 -114.22 75.43
C LEU B 581 -10.09 -113.12 76.24
N SER B 582 -11.41 -113.00 76.10
CA SER B 582 -12.20 -111.98 76.77
C SER B 582 -13.39 -112.65 77.45
N ILE B 583 -13.42 -112.56 78.77
CA ILE B 583 -14.56 -112.99 79.56
C ILE B 583 -14.98 -111.80 80.39
N ARG B 584 -16.23 -111.42 80.25
CA ARG B 584 -16.80 -110.30 81.00
C ARG B 584 -18.16 -110.71 81.53
N GLY B 585 -18.40 -110.39 82.79
CA GLY B 585 -19.69 -110.64 83.37
C GLY B 585 -19.76 -110.11 84.77
N ASP B 586 -20.79 -110.53 85.49
CA ASP B 586 -20.96 -110.12 86.87
C ASP B 586 -20.00 -110.83 87.80
N PHE B 587 -19.68 -112.08 87.49
CA PHE B 587 -18.77 -112.89 88.28
C PHE B 587 -17.33 -112.52 87.92
N ARG B 588 -16.36 -113.17 88.56
CA ARG B 588 -15.00 -112.65 88.59
C ARG B 588 -14.01 -113.29 87.62
N THR B 589 -14.07 -114.60 87.38
CA THR B 589 -13.22 -115.20 86.36
C THR B 589 -11.71 -115.18 86.56
N THR B 590 -11.20 -116.18 87.27
CA THR B 590 -9.77 -116.46 87.41
C THR B 590 -9.16 -116.88 86.08
N VAL B 591 -8.55 -115.91 85.37
CA VAL B 591 -7.66 -116.18 84.24
C VAL B 591 -6.30 -115.55 84.45
N GLU B 592 -6.26 -114.31 84.91
CA GLU B 592 -5.01 -113.57 85.02
C GLU B 592 -4.03 -114.26 85.95
N TYR B 593 -4.57 -114.91 86.97
CA TYR B 593 -3.73 -115.65 87.91
C TYR B 593 -3.05 -116.81 87.21
N LEU B 594 -3.78 -117.52 86.34
CA LEU B 594 -3.20 -118.60 85.59
C LEU B 594 -2.05 -118.11 84.72
N ILE B 595 -2.22 -116.93 84.14
CA ILE B 595 -1.16 -116.38 83.31
C ILE B 595 0.06 -116.10 84.16
N LYS B 596 -0.16 -115.52 85.34
CA LYS B 596 0.97 -115.20 86.20
C LYS B 596 1.71 -116.45 86.62
N LEU B 597 0.98 -117.55 86.78
CA LEU B 597 1.63 -118.80 87.16
C LEU B 597 2.45 -119.35 86.01
N LEU B 598 1.89 -119.33 84.80
CA LEU B 598 2.62 -119.88 83.66
C LEU B 598 3.86 -119.09 83.32
N GLU B 599 3.89 -117.82 83.64
CA GLU B 599 5.07 -116.99 83.42
C GLU B 599 6.10 -117.10 84.53
N THR B 600 5.78 -117.81 85.61
CA THR B 600 6.69 -117.95 86.72
C THR B 600 7.76 -118.96 86.37
N GLU B 601 9.01 -118.63 86.70
CA GLU B 601 10.14 -119.47 86.31
C GLU B 601 10.08 -120.84 86.98
N SER B 602 9.53 -120.92 88.19
CA SER B 602 9.45 -122.20 88.88
C SER B 602 8.63 -123.19 88.09
N PHE B 603 7.53 -122.73 87.50
CA PHE B 603 6.73 -123.58 86.64
C PHE B 603 7.51 -123.96 85.39
N GLN B 604 8.04 -122.96 84.69
CA GLN B 604 8.67 -123.20 83.39
C GLN B 604 9.87 -124.12 83.51
N MET B 605 10.60 -124.06 84.60
CA MET B 605 11.67 -125.01 84.86
C MET B 605 11.17 -126.29 85.48
N ASN B 606 9.87 -126.39 85.76
CA ASN B 606 9.25 -127.64 86.18
C ASN B 606 9.71 -128.01 87.59
N ARG B 607 9.98 -126.99 88.39
CA ARG B 607 10.41 -127.13 89.78
C ARG B 607 9.26 -126.84 90.73
N ILE B 608 8.23 -127.69 90.72
CA ILE B 608 7.02 -127.46 91.47
C ILE B 608 6.66 -128.72 92.24
N ASP B 609 5.74 -128.55 93.18
CA ASP B 609 5.19 -129.67 93.92
C ASP B 609 3.75 -129.33 94.30
N THR B 610 3.10 -130.27 94.97
CA THR B 610 1.69 -130.12 95.32
C THR B 610 1.43 -129.00 96.32
N GLY B 611 2.48 -128.44 96.93
CA GLY B 611 2.36 -127.31 97.81
C GLY B 611 2.88 -126.00 97.23
N TRP B 612 3.14 -125.96 95.93
CA TRP B 612 3.69 -124.75 95.31
C TRP B 612 2.72 -123.58 95.45
N LEU B 613 1.48 -123.76 95.00
CA LEU B 613 0.54 -122.65 94.95
C LEU B 613 0.15 -122.19 96.33
N ASP B 614 0.09 -123.10 97.30
CA ASP B 614 -0.27 -122.70 98.65
C ASP B 614 0.75 -121.71 99.20
N ARG B 615 2.03 -122.05 99.07
CA ARG B 615 3.09 -121.14 99.47
C ARG B 615 2.98 -119.81 98.74
N LEU B 616 2.73 -119.84 97.43
CA LEU B 616 2.65 -118.59 96.69
C LEU B 616 1.46 -117.75 97.13
N ILE B 617 0.36 -118.40 97.48
CA ILE B 617 -0.81 -117.67 97.96
C ILE B 617 -0.47 -116.93 99.24
N ALA B 618 0.22 -117.61 100.16
CA ALA B 618 0.53 -116.93 101.42
C ALA B 618 1.50 -115.77 101.22
N GLU B 619 2.24 -115.75 100.11
CA GLU B 619 3.16 -114.65 99.81
C GLU B 619 2.50 -113.48 99.09
N LYS B 620 1.17 -113.53 98.86
CA LYS B 620 0.43 -112.40 98.29
C LYS B 620 0.94 -112.02 96.91
N VAL B 621 0.70 -112.92 95.97
CA VAL B 621 1.24 -112.82 94.62
C VAL B 621 0.18 -112.34 93.61
N GLN B 622 -0.95 -111.80 94.07
CA GLN B 622 -1.98 -111.37 93.13
C GLN B 622 -1.52 -110.08 92.48
N ALA B 623 -0.63 -110.24 91.50
CA ALA B 623 -0.08 -109.19 90.65
C ALA B 623 -0.89 -109.11 89.36
N GLU B 624 -0.30 -108.57 88.30
CA GLU B 624 -0.94 -108.36 86.99
C GLU B 624 -1.97 -107.24 87.07
N ARG B 625 -1.51 -106.11 87.55
CA ARG B 625 -2.27 -104.87 87.65
C ARG B 625 -1.73 -103.85 86.64
N PRO B 626 -2.57 -103.00 86.05
CA PRO B 626 -2.03 -101.95 85.18
C PRO B 626 -1.32 -100.88 86.00
N ASP B 627 -0.62 -100.00 85.29
CA ASP B 627 0.03 -98.89 85.97
C ASP B 627 -1.04 -97.99 86.57
N THR B 628 -0.70 -97.40 87.72
CA THR B 628 -1.70 -96.64 88.47
C THR B 628 -2.21 -95.46 87.67
N MET B 629 -1.31 -94.67 87.09
CA MET B 629 -1.72 -93.44 86.41
C MET B 629 -2.73 -93.74 85.31
N LEU B 630 -2.49 -94.78 84.53
CA LEU B 630 -3.42 -95.17 83.49
C LEU B 630 -4.76 -95.57 84.08
N GLY B 631 -4.74 -96.36 85.14
CA GLY B 631 -5.98 -96.82 85.74
C GLY B 631 -6.81 -95.67 86.28
N VAL B 632 -6.14 -94.71 86.91
CA VAL B 632 -6.82 -93.54 87.44
C VAL B 632 -7.51 -92.80 86.30
N VAL B 633 -6.77 -92.56 85.21
CA VAL B 633 -7.34 -91.83 84.08
C VAL B 633 -8.53 -92.57 83.50
N CYS B 634 -8.41 -93.88 83.31
CA CYS B 634 -9.48 -94.65 82.69
C CYS B 634 -10.73 -94.67 83.56
N GLY B 635 -10.55 -94.88 84.87
CA GLY B 635 -11.70 -94.88 85.76
C GLY B 635 -12.39 -93.54 85.78
N ALA B 636 -11.60 -92.47 85.78
CA ALA B 636 -12.17 -91.13 85.69
C ALA B 636 -13.04 -90.99 84.45
N LEU B 637 -12.52 -91.44 83.30
CA LEU B 637 -13.27 -91.28 82.06
C LEU B 637 -14.56 -92.07 82.09
N HIS B 638 -14.54 -93.26 82.65
CA HIS B 638 -15.76 -94.06 82.66
C HIS B 638 -16.82 -93.42 83.55
N VAL B 639 -16.44 -92.99 84.75
CA VAL B 639 -17.38 -92.37 85.65
C VAL B 639 -17.98 -91.11 85.01
N ALA B 640 -17.12 -90.24 84.52
CA ALA B 640 -17.58 -88.99 83.94
C ALA B 640 -18.47 -89.23 82.73
N ASP B 641 -18.15 -90.23 81.92
CA ASP B 641 -18.95 -90.47 80.73
C ASP B 641 -20.33 -90.95 81.09
N VAL B 642 -20.43 -91.79 82.12
CA VAL B 642 -21.75 -92.23 82.57
C VAL B 642 -22.55 -91.04 83.05
N SER B 643 -21.94 -90.17 83.86
CA SER B 643 -22.66 -89.03 84.39
C SER B 643 -23.14 -88.11 83.27
N LEU B 644 -22.26 -87.84 82.31
CA LEU B 644 -22.60 -86.96 81.20
C LEU B 644 -23.72 -87.55 80.35
N ARG B 645 -23.65 -88.84 80.03
CA ARG B 645 -24.69 -89.46 79.22
C ARG B 645 -26.02 -89.47 79.95
N ASN B 646 -26.02 -89.72 81.26
CA ASN B 646 -27.26 -89.68 82.01
C ASN B 646 -27.85 -88.28 82.02
N SER B 647 -27.00 -87.26 82.17
CA SER B 647 -27.49 -85.88 82.13
C SER B 647 -28.17 -85.60 80.81
N VAL B 648 -27.51 -85.96 79.71
CA VAL B 648 -28.08 -85.74 78.40
C VAL B 648 -29.41 -86.45 78.25
N SER B 649 -29.47 -87.73 78.66
CA SER B 649 -30.67 -88.52 78.46
C SER B 649 -31.84 -87.95 79.25
N ASN B 650 -31.60 -87.61 80.51
CA ASN B 650 -32.70 -87.13 81.36
C ASN B 650 -33.15 -85.76 80.92
N PHE B 651 -32.22 -84.90 80.53
CA PHE B 651 -32.57 -83.56 80.08
C PHE B 651 -33.38 -83.62 78.79
N LEU B 652 -32.96 -84.48 77.86
CA LEU B 652 -33.65 -84.59 76.60
C LEU B 652 -35.03 -85.18 76.79
N HIS B 653 -35.14 -86.15 77.70
CA HIS B 653 -36.44 -86.72 78.02
C HIS B 653 -37.37 -85.66 78.57
N SER B 654 -36.85 -84.81 79.46
CA SER B 654 -37.65 -83.71 79.98
C SER B 654 -38.12 -82.80 78.87
N LEU B 655 -37.25 -82.51 77.91
CA LEU B 655 -37.64 -81.63 76.81
C LEU B 655 -38.74 -82.25 75.97
N GLU B 656 -38.68 -83.57 75.76
CA GLU B 656 -39.70 -84.22 74.95
C GLU B 656 -41.07 -84.10 75.60
N ARG B 657 -41.12 -84.17 76.92
CA ARG B 657 -42.37 -84.11 77.67
C ARG B 657 -42.89 -82.71 77.87
N GLY B 658 -42.18 -81.70 77.39
CA GLY B 658 -42.62 -80.34 77.52
C GLY B 658 -42.11 -79.61 78.74
N GLN B 659 -41.23 -80.22 79.51
CA GLN B 659 -40.59 -79.55 80.61
C GLN B 659 -39.27 -78.93 80.19
N VAL B 660 -38.95 -77.81 80.81
CA VAL B 660 -37.71 -77.09 80.60
C VAL B 660 -36.96 -77.11 81.91
N LEU B 661 -35.84 -77.69 81.90
CA LEU B 661 -34.93 -77.64 83.03
C LEU B 661 -33.91 -76.53 82.83
N PRO B 662 -33.35 -75.98 83.90
CA PRO B 662 -32.37 -74.90 83.74
C PRO B 662 -31.07 -75.42 83.15
N ALA B 663 -30.29 -74.49 82.61
CA ALA B 663 -29.04 -74.85 81.97
C ALA B 663 -27.88 -74.98 82.96
N HIS B 664 -28.11 -75.75 84.02
CA HIS B 664 -27.04 -76.20 84.89
C HIS B 664 -27.25 -77.65 85.31
N THR B 665 -28.24 -78.33 84.74
CA THR B 665 -28.41 -79.77 84.88
C THR B 665 -27.92 -80.53 83.66
N LEU B 666 -27.23 -79.84 82.75
CA LEU B 666 -26.73 -80.41 81.51
C LEU B 666 -25.24 -80.13 81.46
N LEU B 667 -24.55 -80.52 82.51
CA LEU B 667 -23.20 -80.07 82.75
C LEU B 667 -22.23 -80.77 81.81
N ASN B 668 -21.09 -80.13 81.60
CA ASN B 668 -20.00 -80.67 80.81
C ASN B 668 -18.76 -80.97 81.66
N THR B 669 -18.85 -80.82 82.98
CA THR B 669 -17.75 -81.12 83.87
C THR B 669 -18.25 -82.06 84.95
N VAL B 670 -17.46 -83.07 85.27
CA VAL B 670 -17.79 -84.04 86.30
C VAL B 670 -16.62 -84.14 87.26
N ASP B 671 -16.92 -84.15 88.54
CA ASP B 671 -15.94 -84.43 89.59
C ASP B 671 -15.95 -85.91 89.91
N VAL B 672 -14.78 -86.52 89.92
CA VAL B 672 -14.64 -87.96 90.16
C VAL B 672 -13.63 -88.14 91.29
N GLU B 673 -13.95 -89.05 92.20
CA GLU B 673 -13.10 -89.40 93.32
C GLU B 673 -12.91 -90.91 93.32
N LEU B 674 -11.65 -91.34 93.45
CA LEU B 674 -11.34 -92.76 93.40
C LEU B 674 -10.19 -93.06 94.34
N ILE B 675 -10.37 -94.10 95.14
CA ILE B 675 -9.37 -94.53 96.11
C ILE B 675 -8.72 -95.79 95.58
N TYR B 676 -7.40 -95.78 95.53
CA TYR B 676 -6.61 -96.92 95.10
C TYR B 676 -5.51 -97.15 96.11
N GLU B 677 -5.51 -98.33 96.73
CA GLU B 677 -4.48 -98.73 97.68
C GLU B 677 -4.35 -97.72 98.81
N GLY B 678 -5.49 -97.21 99.27
CA GLY B 678 -5.52 -96.26 100.36
C GLY B 678 -5.34 -94.81 99.95
N VAL B 679 -4.87 -94.55 98.74
CA VAL B 679 -4.61 -93.19 98.28
C VAL B 679 -5.84 -92.67 97.54
N LYS B 680 -6.29 -91.48 97.91
CA LYS B 680 -7.44 -90.86 97.28
C LYS B 680 -6.98 -89.95 96.16
N TYR B 681 -7.65 -90.05 95.01
CA TYR B 681 -7.40 -89.22 93.85
C TYR B 681 -8.68 -88.48 93.52
N VAL B 682 -8.55 -87.17 93.32
CA VAL B 682 -9.67 -86.30 93.00
C VAL B 682 -9.37 -85.65 91.66
N LEU B 683 -10.26 -85.83 90.71
CA LEU B 683 -10.07 -85.35 89.35
C LEU B 683 -11.33 -84.67 88.84
N LYS B 684 -11.11 -83.78 87.88
CA LYS B 684 -12.16 -83.19 87.08
C LYS B 684 -12.06 -83.70 85.66
N VAL B 685 -13.20 -83.95 85.03
CA VAL B 685 -13.25 -84.42 83.66
C VAL B 685 -14.14 -83.48 82.89
N THR B 686 -13.61 -82.94 81.79
CA THR B 686 -14.38 -82.12 80.87
C THR B 686 -14.12 -82.56 79.44
N ARG B 687 -14.63 -81.80 78.49
CA ARG B 687 -14.50 -82.12 77.08
C ARG B 687 -14.18 -80.87 76.28
N GLN B 688 -13.32 -81.04 75.30
CA GLN B 688 -13.09 -80.06 74.25
C GLN B 688 -13.83 -80.40 72.96
N SER B 689 -14.41 -81.58 72.89
CA SER B 689 -15.22 -81.99 71.74
C SER B 689 -16.02 -83.21 72.17
N PRO B 690 -16.93 -83.68 71.34
CA PRO B 690 -17.65 -84.91 71.69
C PRO B 690 -16.75 -86.10 71.94
N ASN B 691 -15.56 -86.12 71.32
CA ASN B 691 -14.62 -87.21 71.45
C ASN B 691 -13.37 -86.87 72.23
N SER B 692 -13.07 -85.60 72.44
CA SER B 692 -11.85 -85.18 73.09
C SER B 692 -12.15 -84.87 74.55
N TYR B 693 -11.58 -85.65 75.45
CA TYR B 693 -11.79 -85.49 76.87
C TYR B 693 -10.52 -84.97 77.51
N VAL B 694 -10.69 -84.24 78.60
CA VAL B 694 -9.59 -83.66 79.35
C VAL B 694 -9.76 -84.05 80.79
N VAL B 695 -8.71 -84.62 81.37
CA VAL B 695 -8.68 -85.04 82.76
C VAL B 695 -7.73 -84.11 83.48
N ILE B 696 -8.21 -83.51 84.57
CA ILE B 696 -7.46 -82.50 85.30
C ILE B 696 -7.29 -82.96 86.74
N MET B 697 -6.06 -82.92 87.22
CA MET B 697 -5.74 -83.23 88.61
C MET B 697 -4.65 -82.28 89.07
N ASN B 698 -4.93 -81.57 90.17
CA ASN B 698 -3.96 -80.72 90.85
C ASN B 698 -3.34 -79.71 89.90
N GLY B 699 -4.16 -79.17 89.01
CA GLY B 699 -3.73 -78.14 88.10
C GLY B 699 -3.04 -78.63 86.85
N SER B 700 -2.86 -79.93 86.69
CA SER B 700 -2.28 -80.51 85.49
C SER B 700 -3.38 -81.20 84.70
N CYS B 701 -3.28 -81.11 83.37
CA CYS B 701 -4.28 -81.64 82.46
C CYS B 701 -3.65 -82.60 81.47
N VAL B 702 -4.44 -83.60 81.09
CA VAL B 702 -4.07 -84.54 80.04
C VAL B 702 -5.26 -84.67 79.09
N GLU B 703 -4.95 -84.79 77.81
CA GLU B 703 -5.95 -84.98 76.78
C GLU B 703 -6.01 -86.43 76.34
N VAL B 704 -7.21 -86.90 76.11
CA VAL B 704 -7.47 -88.27 75.71
C VAL B 704 -8.48 -88.25 74.58
N ASP B 705 -8.23 -89.06 73.55
CA ASP B 705 -9.21 -89.25 72.51
C ASP B 705 -10.04 -90.46 72.87
N VAL B 706 -11.34 -90.27 72.99
CA VAL B 706 -12.27 -91.29 73.45
C VAL B 706 -13.31 -91.51 72.37
N HIS B 707 -13.56 -92.77 72.07
CA HIS B 707 -14.62 -93.18 71.17
C HIS B 707 -15.46 -94.23 71.85
N ARG B 708 -16.76 -94.16 71.64
CA ARG B 708 -17.69 -95.09 72.23
C ARG B 708 -17.82 -96.30 71.33
N LEU B 709 -17.71 -97.47 71.93
CA LEU B 709 -17.84 -98.73 71.22
C LEU B 709 -19.24 -99.25 71.36
N SER B 710 -19.70 -99.97 70.35
CA SER B 710 -21.06 -100.49 70.36
C SER B 710 -21.27 -101.54 71.44
N ASP B 711 -20.21 -102.12 71.97
CA ASP B 711 -20.31 -103.18 72.98
C ASP B 711 -20.37 -102.66 74.41
N GLY B 712 -20.44 -101.35 74.62
CA GLY B 712 -20.50 -100.77 75.94
C GLY B 712 -19.18 -100.25 76.47
N GLY B 713 -18.07 -100.55 75.81
CA GLY B 713 -16.76 -100.11 76.25
C GLY B 713 -16.28 -98.89 75.52
N LEU B 714 -15.10 -98.42 75.92
CA LEU B 714 -14.48 -97.22 75.37
C LEU B 714 -13.14 -97.54 74.73
N LEU B 715 -12.90 -96.88 73.61
CA LEU B 715 -11.62 -96.91 72.93
C LEU B 715 -10.90 -95.62 73.24
N LEU B 716 -9.75 -95.72 73.87
CA LEU B 716 -8.94 -94.60 74.31
C LEU B 716 -7.67 -94.51 73.50
N SER B 717 -7.22 -93.28 73.31
CA SER B 717 -5.87 -92.98 72.85
C SER B 717 -5.32 -91.96 73.83
N TYR B 718 -4.26 -92.33 74.54
CA TYR B 718 -3.81 -91.65 75.74
C TYR B 718 -2.45 -90.99 75.58
N ASP B 719 -1.42 -91.76 75.28
CA ASP B 719 -0.05 -91.27 75.17
C ASP B 719 0.60 -91.88 73.94
N GLY B 720 -0.14 -91.88 72.84
CA GLY B 720 0.16 -92.71 71.70
C GLY B 720 -0.51 -94.05 71.75
N SER B 721 -0.34 -94.79 72.84
CA SER B 721 -0.92 -96.11 72.96
C SER B 721 -2.42 -96.02 73.03
N SER B 722 -3.09 -96.95 72.35
CA SER B 722 -4.52 -97.10 72.44
C SER B 722 -4.87 -98.19 73.43
N TYR B 723 -6.11 -98.12 73.93
CA TYR B 723 -6.61 -99.07 74.91
C TYR B 723 -8.09 -99.28 74.69
N THR B 724 -8.55 -100.47 75.03
CA THR B 724 -9.96 -100.81 75.07
C THR B 724 -10.30 -101.08 76.53
N THR B 725 -11.33 -100.41 77.03
CA THR B 725 -11.63 -100.43 78.44
C THR B 725 -13.11 -100.66 78.68
N TYR B 726 -13.39 -101.23 79.84
CA TYR B 726 -14.75 -101.49 80.28
C TYR B 726 -14.84 -101.20 81.77
N MET B 727 -16.03 -100.81 82.21
CA MET B 727 -16.28 -100.52 83.61
C MET B 727 -17.55 -101.21 84.06
N LYS B 728 -17.52 -101.71 85.28
CA LYS B 728 -18.73 -102.15 85.97
C LYS B 728 -18.80 -101.48 87.33
N GLU B 729 -19.92 -100.83 87.57
CA GLU B 729 -20.18 -100.16 88.84
C GLU B 729 -20.85 -101.13 89.79
N GLU B 730 -20.25 -101.33 90.95
CA GLU B 730 -20.80 -102.14 92.01
C GLU B 730 -21.35 -101.21 93.09
N VAL B 731 -21.79 -101.82 94.19
CA VAL B 731 -22.36 -101.07 95.31
C VAL B 731 -21.36 -100.08 95.86
N ASP B 732 -20.11 -100.51 96.07
CA ASP B 732 -19.10 -99.68 96.71
C ASP B 732 -17.76 -99.75 95.98
N ARG B 733 -17.74 -100.22 94.74
CA ARG B 733 -16.50 -100.38 94.00
C ARG B 733 -16.75 -100.13 92.53
N TYR B 734 -15.67 -99.77 91.85
CA TYR B 734 -15.63 -99.65 90.41
C TYR B 734 -14.62 -100.67 89.90
N ARG B 735 -15.06 -101.53 89.00
CA ARG B 735 -14.21 -102.54 88.40
C ARG B 735 -13.86 -102.07 87.00
N ILE B 736 -12.59 -101.75 86.79
CA ILE B 736 -12.10 -101.18 85.54
C ILE B 736 -11.24 -102.23 84.88
N THR B 737 -11.63 -102.64 83.69
CA THR B 737 -10.86 -103.54 82.86
C THR B 737 -10.15 -102.73 81.80
N ILE B 738 -8.83 -102.87 81.74
CA ILE B 738 -7.99 -102.22 80.75
C ILE B 738 -7.32 -103.35 80.00
N GLY B 739 -7.71 -103.53 78.74
CA GLY B 739 -7.17 -104.61 77.95
C GLY B 739 -7.58 -105.94 78.53
N ASN B 740 -6.59 -106.64 79.09
CA ASN B 740 -6.80 -107.92 79.76
C ASN B 740 -6.37 -107.87 81.22
N LYS B 741 -6.18 -106.68 81.78
CA LYS B 741 -5.82 -106.50 83.18
C LYS B 741 -6.96 -105.77 83.87
N THR B 742 -7.09 -106.03 85.16
CA THR B 742 -8.19 -105.49 85.96
C THR B 742 -7.62 -104.65 87.09
N CYS B 743 -8.28 -103.55 87.36
CA CYS B 743 -7.97 -102.66 88.46
C CYS B 743 -9.27 -102.28 89.15
N VAL B 744 -9.26 -102.34 90.47
CA VAL B 744 -10.45 -102.12 91.29
C VAL B 744 -10.23 -100.86 92.11
N PHE B 745 -11.18 -99.94 92.02
CA PHE B 745 -11.16 -98.71 92.79
C PHE B 745 -12.28 -98.74 93.81
N GLU B 746 -12.01 -98.21 95.00
CA GLU B 746 -12.99 -98.15 96.06
C GLU B 746 -13.78 -96.86 95.99
N LYS B 747 -15.08 -96.98 96.14
CA LYS B 747 -15.97 -95.83 96.23
C LYS B 747 -16.10 -95.46 97.70
N GLU B 748 -15.73 -94.23 98.03
CA GLU B 748 -15.66 -93.81 99.42
C GLU B 748 -17.04 -93.76 100.04
N ASN B 749 -17.25 -94.56 101.09
CA ASN B 749 -18.43 -94.47 101.94
C ASN B 749 -18.06 -94.62 103.40
N ASP B 750 -16.78 -94.48 103.73
CA ASP B 750 -16.17 -94.83 105.00
C ASP B 750 -16.35 -93.83 106.16
N PRO B 751 -16.35 -92.51 105.94
CA PRO B 751 -16.30 -91.59 107.10
C PRO B 751 -17.48 -91.69 108.06
N SER B 752 -18.52 -92.46 107.76
CA SER B 752 -19.66 -92.67 108.67
C SER B 752 -20.32 -91.35 109.03
N VAL B 753 -20.50 -90.49 108.04
CA VAL B 753 -21.19 -89.21 108.19
C VAL B 753 -22.58 -89.37 107.61
N MET B 754 -23.58 -89.07 108.42
CA MET B 754 -24.96 -89.13 107.96
C MET B 754 -25.20 -87.95 107.03
N ARG B 755 -25.80 -88.20 105.87
CA ARG B 755 -26.02 -87.19 104.86
C ARG B 755 -27.47 -87.21 104.37
N SER B 756 -27.93 -86.06 103.98
CA SER B 756 -29.29 -85.96 103.47
C SER B 756 -29.35 -86.55 102.07
N PRO B 757 -30.24 -87.51 101.80
CA PRO B 757 -30.28 -88.07 100.44
C PRO B 757 -30.79 -87.10 99.40
N SER B 758 -31.47 -86.02 99.81
CA SER B 758 -32.13 -85.12 98.89
C SER B 758 -31.98 -83.70 99.41
N ALA B 759 -32.45 -82.76 98.60
CA ALA B 759 -32.69 -81.42 99.08
C ALA B 759 -33.88 -81.41 100.05
N GLY B 760 -34.09 -80.28 100.69
CA GLY B 760 -35.28 -80.07 101.47
C GLY B 760 -35.00 -79.20 102.68
N LYS B 761 -35.70 -79.51 103.75
CA LYS B 761 -35.61 -78.79 105.01
C LYS B 761 -35.57 -79.79 106.14
N LEU B 762 -34.78 -79.48 107.16
CA LEU B 762 -34.78 -80.25 108.40
C LEU B 762 -35.86 -79.70 109.31
N ILE B 763 -36.71 -80.58 109.84
CA ILE B 763 -37.72 -80.18 110.80
C ILE B 763 -37.23 -80.37 112.22
N GLN B 764 -36.76 -81.57 112.53
CA GLN B 764 -36.32 -81.89 113.88
C GLN B 764 -35.45 -83.14 113.82
N TYR B 765 -34.84 -83.43 114.95
CA TYR B 765 -34.16 -84.69 115.19
C TYR B 765 -34.98 -85.53 116.15
N ILE B 766 -34.87 -86.85 116.00
CA ILE B 766 -35.69 -87.77 116.79
C ILE B 766 -35.02 -88.11 118.12
N VAL B 767 -33.70 -88.14 118.17
CA VAL B 767 -32.96 -88.61 119.33
C VAL B 767 -32.08 -87.48 119.86
N GLU B 768 -31.56 -87.69 121.06
CA GLU B 768 -30.76 -86.68 121.72
C GLU B 768 -29.38 -86.60 121.08
N ASP B 769 -28.83 -85.39 121.06
CA ASP B 769 -27.46 -85.20 120.61
C ASP B 769 -26.52 -85.84 121.63
N GLY B 770 -25.70 -86.77 121.16
CA GLY B 770 -24.84 -87.57 122.02
C GLY B 770 -25.43 -88.89 122.44
N GLY B 771 -26.69 -89.17 122.09
CA GLY B 771 -27.26 -90.47 122.36
C GLY B 771 -26.79 -91.52 121.37
N HIS B 772 -26.79 -92.76 121.84
CA HIS B 772 -26.45 -93.88 120.98
C HIS B 772 -27.64 -94.24 120.09
N VAL B 773 -27.35 -94.55 118.83
CA VAL B 773 -28.34 -94.95 117.86
C VAL B 773 -27.89 -96.29 117.30
N PHE B 774 -28.86 -97.10 116.88
CA PHE B 774 -28.62 -98.39 116.28
C PHE B 774 -29.04 -98.35 114.82
N ALA B 775 -28.35 -99.16 114.01
CA ALA B 775 -28.63 -99.22 112.58
C ALA B 775 -30.08 -99.60 112.33
N GLY B 776 -30.73 -98.89 111.41
CA GLY B 776 -32.13 -99.06 111.14
C GLY B 776 -33.06 -98.18 111.93
N GLN B 777 -32.58 -97.55 113.00
CA GLN B 777 -33.40 -96.64 113.79
C GLN B 777 -33.43 -95.26 113.15
N CYS B 778 -34.62 -94.64 113.16
CA CYS B 778 -34.76 -93.29 112.63
C CYS B 778 -34.17 -92.28 113.60
N TYR B 779 -33.29 -91.42 113.08
CA TYR B 779 -32.62 -90.41 113.87
C TYR B 779 -33.05 -88.99 113.56
N ALA B 780 -33.72 -88.75 112.44
CA ALA B 780 -34.05 -87.38 112.03
C ALA B 780 -35.33 -87.37 111.22
N GLU B 781 -35.95 -86.20 111.19
CA GLU B 781 -37.15 -85.95 110.39
C GLU B 781 -36.92 -84.72 109.52
N ILE B 782 -36.99 -84.93 108.21
CA ILE B 782 -36.85 -83.86 107.24
C ILE B 782 -38.11 -83.85 106.39
N GLU B 783 -38.33 -82.73 105.72
CA GLU B 783 -39.40 -82.59 104.74
C GLU B 783 -38.83 -82.00 103.47
N VAL B 784 -39.08 -82.69 102.37
CA VAL B 784 -38.96 -82.16 101.03
C VAL B 784 -40.33 -82.40 100.40
N MET B 785 -40.61 -81.70 99.30
CA MET B 785 -41.81 -81.97 98.51
C MET B 785 -43.10 -81.68 99.26
N LYS B 786 -42.97 -81.07 100.44
CA LYS B 786 -44.14 -80.85 101.28
C LYS B 786 -44.60 -82.23 101.78
N MET B 787 -43.69 -83.21 101.77
CA MET B 787 -43.98 -84.57 102.19
C MET B 787 -42.84 -85.07 103.06
N VAL B 788 -43.19 -85.55 104.24
CA VAL B 788 -42.20 -85.79 105.27
C VAL B 788 -41.58 -87.16 105.06
N MET B 789 -40.26 -87.22 105.25
CA MET B 789 -39.48 -88.43 105.06
C MET B 789 -38.48 -88.51 106.21
N THR B 790 -38.48 -89.64 106.90
CA THR B 790 -37.58 -89.86 108.03
C THR B 790 -36.21 -90.24 107.51
N LEU B 791 -35.29 -90.57 108.43
CA LEU B 791 -33.92 -90.92 108.05
C LEU B 791 -33.40 -91.97 109.01
N THR B 792 -33.11 -93.15 108.48
CA THR B 792 -32.61 -94.26 109.27
C THR B 792 -31.10 -94.22 109.33
N ALA B 793 -30.55 -94.58 110.49
CA ALA B 793 -29.11 -94.69 110.64
C ALA B 793 -28.59 -95.92 109.92
N VAL B 794 -27.37 -95.82 109.40
CA VAL B 794 -26.73 -96.93 108.71
C VAL B 794 -25.94 -97.80 109.68
N GLU B 795 -25.25 -97.17 110.62
CA GLU B 795 -24.38 -97.84 111.57
C GLU B 795 -24.82 -97.51 112.98
N SER B 796 -24.41 -98.37 113.92
CA SER B 796 -24.70 -98.18 115.33
C SER B 796 -23.55 -97.44 116.00
N GLY B 797 -23.87 -96.36 116.71
CA GLY B 797 -22.85 -95.55 117.32
C GLY B 797 -23.45 -94.31 117.93
N CYS B 798 -22.57 -93.40 118.34
CA CYS B 798 -23.00 -92.21 119.07
C CYS B 798 -23.09 -91.03 118.12
N ILE B 799 -24.29 -90.46 118.00
CA ILE B 799 -24.58 -89.44 116.99
C ILE B 799 -24.42 -88.05 117.60
N HIS B 800 -23.72 -87.17 116.87
CA HIS B 800 -23.66 -85.76 117.18
C HIS B 800 -24.07 -84.98 115.92
N TYR B 801 -24.96 -84.01 116.11
CA TYR B 801 -25.59 -83.31 115.01
C TYR B 801 -24.83 -82.05 114.65
N VAL B 802 -24.74 -81.79 113.35
CA VAL B 802 -24.05 -80.63 112.82
C VAL B 802 -25.02 -79.48 112.59
N LYS B 803 -26.10 -79.75 111.87
CA LYS B 803 -27.11 -78.74 111.59
C LYS B 803 -28.08 -78.63 112.75
N ARG B 804 -28.51 -77.42 113.03
CA ARG B 804 -29.47 -77.23 114.10
C ARG B 804 -30.88 -77.46 113.55
N PRO B 805 -31.84 -77.81 114.42
CA PRO B 805 -33.20 -78.04 113.92
C PRO B 805 -33.79 -76.82 113.22
N GLY B 806 -34.14 -77.01 111.96
CA GLY B 806 -34.59 -75.94 111.11
C GLY B 806 -33.40 -75.49 110.29
N ALA B 807 -33.31 -75.97 109.06
CA ALA B 807 -32.13 -75.73 108.26
C ALA B 807 -32.41 -76.21 106.84
N ALA B 808 -31.73 -75.60 105.89
CA ALA B 808 -31.85 -76.00 104.50
C ALA B 808 -30.92 -77.17 104.25
N LEU B 809 -31.43 -78.16 103.52
CA LEU B 809 -30.72 -79.39 103.23
C LEU B 809 -30.45 -79.46 101.74
N ASP B 810 -29.22 -79.81 101.42
CA ASP B 810 -28.78 -80.12 100.07
C ASP B 810 -28.46 -81.61 99.96
N PRO B 811 -28.63 -82.22 98.79
CA PRO B 811 -28.30 -83.64 98.66
C PRO B 811 -26.81 -83.87 98.88
N GLY B 812 -26.49 -84.88 99.69
CA GLY B 812 -25.12 -85.17 100.02
C GLY B 812 -24.51 -84.25 101.05
N CYS B 813 -25.29 -83.35 101.66
CA CYS B 813 -24.76 -82.46 102.67
C CYS B 813 -24.47 -83.23 103.96
N VAL B 814 -23.79 -82.55 104.87
CA VAL B 814 -23.39 -83.11 106.16
C VAL B 814 -24.47 -82.77 107.16
N LEU B 815 -25.12 -83.79 107.72
CA LEU B 815 -26.17 -83.62 108.70
C LEU B 815 -25.73 -84.00 110.10
N ALA B 816 -25.08 -85.15 110.26
CA ALA B 816 -24.74 -85.63 111.59
C ALA B 816 -23.63 -86.65 111.48
N LYS B 817 -22.61 -86.49 112.31
CA LYS B 817 -21.55 -87.48 112.40
C LYS B 817 -21.89 -88.50 113.48
N MET B 818 -21.39 -89.71 113.28
CA MET B 818 -21.52 -90.76 114.27
C MET B 818 -20.15 -91.32 114.60
N GLN B 819 -19.91 -91.49 115.89
CA GLN B 819 -18.70 -92.15 116.38
C GLN B 819 -18.98 -93.64 116.43
N LEU B 820 -18.11 -94.41 115.77
CA LEU B 820 -18.14 -95.86 115.76
C LEU B 820 -16.86 -96.38 116.42
N ASP B 821 -16.71 -97.69 116.44
CA ASP B 821 -15.52 -98.34 116.96
C ASP B 821 -14.39 -98.43 115.94
N ASN B 822 -14.56 -97.85 114.75
CA ASN B 822 -13.54 -97.82 113.70
C ASN B 822 -12.92 -99.20 113.44
N PRO B 823 -13.70 -100.15 112.93
CA PRO B 823 -13.13 -101.47 112.63
C PRO B 823 -11.94 -101.42 111.67
N SER B 824 -12.00 -100.55 110.67
CA SER B 824 -10.97 -100.44 109.64
C SER B 824 -11.24 -99.16 108.87
N LYS B 825 -10.55 -98.99 107.74
CA LYS B 825 -10.74 -97.86 106.84
C LYS B 825 -10.48 -96.54 107.56
N VAL B 826 -9.42 -96.52 108.36
CA VAL B 826 -9.00 -95.33 109.07
C VAL B 826 -8.02 -94.56 108.19
N GLN B 827 -8.31 -93.27 107.99
CA GLN B 827 -7.41 -92.34 107.30
C GLN B 827 -7.04 -92.84 105.91
N GLN B 828 -8.05 -93.25 105.16
CA GLN B 828 -7.86 -93.70 103.78
C GLN B 828 -7.94 -92.51 102.84
N ALA B 829 -7.14 -91.49 103.11
CA ALA B 829 -7.12 -90.30 102.25
C ALA B 829 -5.79 -90.03 101.57
N GLU B 830 -4.80 -89.58 102.34
CA GLU B 830 -3.48 -89.15 101.87
C GLU B 830 -3.53 -88.56 100.46
N LEU B 831 -4.38 -87.54 100.30
CA LEU B 831 -4.77 -86.99 99.00
C LEU B 831 -3.58 -86.76 98.09
N HIS B 832 -3.58 -87.42 96.95
CA HIS B 832 -2.49 -87.30 96.00
C HIS B 832 -2.38 -85.86 95.52
N THR B 833 -1.16 -85.32 95.57
CA THR B 833 -0.87 -83.96 95.11
C THR B 833 0.37 -84.03 94.25
N GLY B 834 0.17 -84.29 92.97
CA GLY B 834 1.27 -84.37 92.03
C GLY B 834 0.86 -83.86 90.67
N SER B 835 1.16 -84.63 89.65
CA SER B 835 0.81 -84.26 88.29
C SER B 835 0.72 -85.54 87.47
N LEU B 836 -0.21 -85.55 86.51
CA LEU B 836 -0.40 -86.73 85.67
C LEU B 836 0.57 -86.73 84.49
N PRO B 837 0.84 -87.92 83.93
CA PRO B 837 1.76 -88.01 82.79
C PRO B 837 1.60 -86.84 81.84
N ARG B 838 2.53 -86.71 80.90
CA ARG B 838 2.50 -85.62 79.93
C ARG B 838 3.76 -85.60 79.08
N ILE B 839 3.59 -85.76 77.77
CA ILE B 839 4.72 -85.77 76.84
C ILE B 839 4.27 -85.45 75.42
N GLN B 840 3.21 -86.13 74.98
CA GLN B 840 2.68 -85.94 73.64
C GLN B 840 1.37 -85.15 73.68
N SER B 841 1.44 -83.88 73.29
CA SER B 841 0.25 -83.02 73.28
C SER B 841 -0.50 -83.14 71.96
N THR B 842 0.14 -83.74 70.97
CA THR B 842 -0.48 -83.91 69.66
C THR B 842 -1.16 -82.63 69.19
N ALA B 843 -0.35 -81.62 68.88
CA ALA B 843 -0.88 -80.34 68.42
C ALA B 843 -0.52 -80.08 66.97
N LEU B 844 0.23 -81.01 66.38
CA LEU B 844 0.65 -80.88 64.98
C LEU B 844 1.65 -79.75 64.81
N ARG B 845 2.66 -79.74 65.66
CA ARG B 845 3.63 -78.64 65.68
C ARG B 845 4.51 -78.75 64.42
N GLY B 846 4.19 -77.94 63.42
CA GLY B 846 4.95 -77.94 62.19
C GLY B 846 4.64 -79.06 61.22
N GLU B 847 3.48 -79.70 61.36
CA GLU B 847 3.11 -80.84 60.53
C GLU B 847 2.19 -80.40 59.39
N LYS B 848 2.80 -80.12 58.23
CA LYS B 848 2.15 -79.95 56.92
C LYS B 848 1.37 -78.67 56.68
N LEU B 849 0.99 -77.97 57.76
CA LEU B 849 0.26 -76.70 57.73
C LEU B 849 -1.18 -76.73 57.25
N HIS B 850 -1.62 -77.74 56.49
CA HIS B 850 -3.01 -77.80 56.07
C HIS B 850 -3.81 -78.76 56.93
N ARG B 851 -3.12 -79.63 57.65
CA ARG B 851 -3.74 -80.40 58.71
C ARG B 851 -3.91 -79.57 59.97
N VAL B 852 -2.99 -78.63 60.19
CA VAL B 852 -3.11 -77.69 61.29
C VAL B 852 -4.37 -76.85 61.15
N PHE B 853 -4.67 -76.44 59.92
CA PHE B 853 -5.90 -75.70 59.64
C PHE B 853 -7.12 -76.42 60.20
N HIS B 854 -7.27 -77.68 59.82
CA HIS B 854 -8.40 -78.48 60.28
C HIS B 854 -8.38 -78.64 61.79
N TYR B 855 -7.20 -78.90 62.36
CA TYR B 855 -7.09 -79.10 63.80
C TYR B 855 -7.60 -77.87 64.55
N VAL B 856 -7.02 -76.71 64.27
CA VAL B 856 -7.34 -75.52 65.04
C VAL B 856 -8.76 -75.07 64.76
N LEU B 857 -9.20 -75.16 63.50
CA LEU B 857 -10.54 -74.71 63.17
C LEU B 857 -11.58 -75.55 63.86
N ASP B 858 -11.37 -76.87 63.91
CA ASP B 858 -12.34 -77.73 64.57
C ASP B 858 -12.37 -77.48 66.06
N ASN B 859 -11.21 -77.24 66.67
CA ASN B 859 -11.22 -76.88 68.08
C ASN B 859 -12.02 -75.61 68.32
N LEU B 860 -11.88 -74.63 67.43
CA LEU B 860 -12.59 -73.37 67.63
C LEU B 860 -14.08 -73.54 67.42
N VAL B 861 -14.46 -74.34 66.43
CA VAL B 861 -15.87 -74.62 66.20
C VAL B 861 -16.48 -75.29 67.41
N ASN B 862 -15.77 -76.25 67.98
CA ASN B 862 -16.28 -76.95 69.16
C ASN B 862 -16.41 -75.99 70.33
N VAL B 863 -15.53 -75.00 70.41
CA VAL B 863 -15.72 -73.96 71.42
C VAL B 863 -17.03 -73.24 71.16
N MET B 864 -17.32 -72.92 69.90
CA MET B 864 -18.56 -72.23 69.58
C MET B 864 -19.79 -73.08 69.83
N ASN B 865 -19.65 -74.39 69.95
CA ASN B 865 -20.77 -75.26 70.24
C ASN B 865 -20.86 -75.62 71.72
N GLY B 866 -20.08 -74.96 72.57
CA GLY B 866 -20.20 -75.10 74.00
C GLY B 866 -19.20 -75.99 74.68
N TYR B 867 -18.18 -76.46 73.98
CA TYR B 867 -17.15 -77.33 74.55
C TYR B 867 -15.97 -76.45 74.91
N CYS B 868 -15.81 -76.17 76.19
CA CYS B 868 -14.85 -75.22 76.69
C CYS B 868 -14.15 -75.77 77.92
N LEU B 869 -12.87 -75.45 78.03
CA LEU B 869 -12.11 -75.84 79.19
C LEU B 869 -12.53 -75.01 80.39
N PRO B 870 -12.06 -75.37 81.59
CA PRO B 870 -12.36 -74.56 82.77
C PRO B 870 -11.58 -73.26 82.83
N ASP B 871 -11.66 -72.58 83.96
CA ASP B 871 -11.26 -71.20 84.12
C ASP B 871 -9.78 -70.96 83.80
N PRO B 872 -8.82 -71.55 84.52
CA PRO B 872 -7.41 -71.22 84.22
C PRO B 872 -6.92 -71.81 82.92
N PHE B 873 -7.61 -72.78 82.35
CA PHE B 873 -7.20 -73.42 81.12
C PHE B 873 -7.81 -72.77 79.89
N PHE B 874 -9.01 -72.24 80.01
CA PHE B 874 -9.61 -71.55 78.88
C PHE B 874 -8.93 -70.20 78.70
N SER B 875 -8.66 -69.86 77.44
CA SER B 875 -7.91 -68.69 77.00
C SER B 875 -6.42 -68.85 77.24
N SER B 876 -5.97 -69.98 77.79
CA SER B 876 -4.57 -70.33 77.80
C SER B 876 -4.18 -71.07 76.53
N LYS B 877 -5.14 -71.74 75.89
CA LYS B 877 -4.95 -72.42 74.63
C LYS B 877 -5.72 -71.81 73.48
N VAL B 878 -6.83 -71.12 73.77
CA VAL B 878 -7.68 -70.61 72.72
C VAL B 878 -6.98 -69.50 71.96
N LYS B 879 -6.28 -68.63 72.68
CA LYS B 879 -5.50 -67.58 72.03
C LYS B 879 -4.51 -68.18 71.05
N ASP B 880 -3.90 -69.31 71.42
CA ASP B 880 -2.95 -69.97 70.52
C ASP B 880 -3.66 -70.53 69.31
N TRP B 881 -4.82 -71.13 69.51
CA TRP B 881 -5.61 -71.61 68.38
C TRP B 881 -5.90 -70.49 67.40
N VAL B 882 -6.27 -69.32 67.92
CA VAL B 882 -6.56 -68.19 67.04
C VAL B 882 -5.32 -67.76 66.30
N GLU B 883 -4.20 -67.60 67.01
CA GLU B 883 -2.98 -67.13 66.37
C GLU B 883 -2.52 -68.08 65.29
N ARG B 884 -2.57 -69.39 65.57
CA ARG B 884 -2.15 -70.37 64.60
C ARG B 884 -3.06 -70.38 63.39
N LEU B 885 -4.37 -70.21 63.61
CA LEU B 885 -5.27 -70.15 62.47
C LEU B 885 -4.98 -68.93 61.61
N MET B 886 -4.72 -67.79 62.24
CA MET B 886 -4.45 -66.59 61.48
C MET B 886 -3.18 -66.72 60.66
N LYS B 887 -2.15 -67.34 61.24
CA LYS B 887 -0.93 -67.55 60.48
C LYS B 887 -1.15 -68.52 59.33
N THR B 888 -1.93 -69.58 59.57
CA THR B 888 -2.18 -70.56 58.52
C THR B 888 -2.94 -69.94 57.36
N LEU B 889 -3.94 -69.12 57.66
CA LEU B 889 -4.82 -68.61 56.62
C LEU B 889 -4.16 -67.55 55.74
N ARG B 890 -3.03 -67.00 56.17
CA ARG B 890 -2.28 -66.05 55.37
C ARG B 890 -1.10 -66.67 54.65
N ASP B 891 -0.90 -67.97 54.80
CA ASP B 891 0.20 -68.64 54.14
C ASP B 891 -0.23 -69.02 52.72
N PRO B 892 0.46 -68.56 51.68
CA PRO B 892 0.00 -68.91 50.31
C PRO B 892 0.08 -70.38 49.98
N SER B 893 0.77 -71.21 50.78
CA SER B 893 0.95 -72.61 50.45
C SER B 893 -0.22 -73.48 50.86
N LEU B 894 -1.20 -72.94 51.57
CA LEU B 894 -2.32 -73.76 52.03
C LEU B 894 -3.14 -74.37 50.89
N PRO B 895 -3.68 -73.60 49.94
CA PRO B 895 -4.60 -74.18 48.97
C PRO B 895 -3.98 -75.23 48.09
N LEU B 896 -2.69 -75.10 47.75
CA LEU B 896 -2.07 -76.12 46.94
C LEU B 896 -1.89 -77.43 47.70
N LEU B 897 -1.59 -77.36 49.00
CA LEU B 897 -1.55 -78.58 49.79
C LEU B 897 -2.89 -79.29 49.79
N GLU B 898 -3.96 -78.52 49.97
CA GLU B 898 -5.30 -79.08 49.84
C GLU B 898 -5.47 -79.75 48.47
N LEU B 899 -5.01 -79.07 47.42
CA LEU B 899 -5.12 -79.62 46.07
C LEU B 899 -4.36 -80.93 45.95
N GLN B 900 -3.16 -80.97 46.52
CA GLN B 900 -2.34 -82.18 46.47
C GLN B 900 -3.11 -83.35 47.03
N ASP B 901 -3.70 -83.16 48.21
CA ASP B 901 -4.42 -84.27 48.84
C ASP B 901 -5.61 -84.70 48.00
N ILE B 902 -6.41 -83.76 47.51
CA ILE B 902 -7.63 -84.18 46.83
C ILE B 902 -7.34 -84.72 45.44
N MET B 903 -6.24 -84.30 44.81
CA MET B 903 -5.90 -84.79 43.49
C MET B 903 -5.24 -86.16 43.56
N THR B 904 -4.38 -86.36 44.55
CA THR B 904 -3.68 -87.62 44.68
C THR B 904 -4.62 -88.75 45.09
N SER B 905 -5.64 -88.43 45.89
CA SER B 905 -6.56 -89.47 46.32
C SER B 905 -7.41 -90.01 45.18
N VAL B 906 -7.47 -89.32 44.05
CA VAL B 906 -8.20 -89.76 42.88
C VAL B 906 -7.25 -89.66 41.70
N SER B 907 -6.53 -90.72 41.42
CA SER B 907 -5.69 -90.83 40.24
C SER B 907 -6.48 -91.39 39.07
N GLY B 908 -7.16 -92.51 39.28
CA GLY B 908 -8.03 -93.07 38.27
C GLY B 908 -9.35 -92.34 38.18
N ARG B 909 -10.07 -92.65 37.10
CA ARG B 909 -11.35 -92.03 36.75
C ARG B 909 -11.25 -90.57 36.40
N ILE B 910 -10.04 -90.04 36.25
CA ILE B 910 -9.81 -88.66 35.83
C ILE B 910 -9.23 -88.71 34.42
N PRO B 911 -9.76 -87.97 33.44
CA PRO B 911 -9.16 -87.99 32.10
C PRO B 911 -7.72 -87.52 32.15
N PRO B 912 -6.81 -88.15 31.37
CA PRO B 912 -5.41 -87.72 31.43
C PRO B 912 -5.19 -86.26 31.06
N ASN B 913 -5.98 -85.72 30.14
CA ASN B 913 -5.81 -84.34 29.72
C ASN B 913 -5.94 -83.38 30.89
N VAL B 914 -7.04 -83.47 31.63
CA VAL B 914 -7.28 -82.57 32.74
C VAL B 914 -6.26 -82.81 33.86
N GLU B 915 -5.88 -84.07 34.07
CA GLU B 915 -4.89 -84.41 35.08
C GLU B 915 -3.57 -83.69 34.80
N LYS B 916 -3.10 -83.80 33.56
CA LYS B 916 -1.83 -83.17 33.19
C LYS B 916 -1.92 -81.66 33.34
N SER B 917 -3.01 -81.07 32.88
CA SER B 917 -3.16 -79.62 32.95
C SER B 917 -3.15 -79.14 34.40
N ILE B 918 -3.84 -79.87 35.28
CA ILE B 918 -3.92 -79.46 36.68
C ILE B 918 -2.55 -79.52 37.32
N LYS B 919 -1.82 -80.62 37.09
CA LYS B 919 -0.49 -80.74 37.65
C LYS B 919 0.41 -79.59 37.19
N LYS B 920 0.30 -79.20 35.92
CA LYS B 920 1.11 -78.11 35.41
C LYS B 920 0.75 -76.80 36.09
N GLU B 921 -0.55 -76.52 36.22
CA GLU B 921 -0.97 -75.24 36.78
C GLU B 921 -0.53 -75.11 38.23
N MET B 922 -0.69 -76.17 39.02
CA MET B 922 -0.29 -76.07 40.40
C MET B 922 1.22 -75.98 40.54
N ALA B 923 1.98 -76.60 39.62
CA ALA B 923 3.42 -76.42 39.64
C ALA B 923 3.80 -74.97 39.39
N GLN B 924 3.14 -74.32 38.44
CA GLN B 924 3.39 -72.90 38.20
C GLN B 924 3.12 -72.07 39.45
N TYR B 925 1.97 -72.32 40.08
CA TYR B 925 1.63 -71.62 41.33
C TYR B 925 2.73 -71.79 42.36
N ALA B 926 3.25 -73.01 42.49
CA ALA B 926 4.34 -73.24 43.45
C ALA B 926 5.57 -72.45 43.07
N SER B 927 5.84 -72.33 41.77
CA SER B 927 7.02 -71.58 41.36
C SER B 927 6.92 -70.11 41.70
N ASN B 928 5.70 -69.56 41.80
CA ASN B 928 5.54 -68.13 42.07
C ASN B 928 5.36 -67.77 43.54
N ILE B 929 5.57 -68.70 44.47
CA ILE B 929 5.37 -68.38 45.88
C ILE B 929 6.39 -67.32 46.30
N THR B 930 5.98 -66.47 47.24
CA THR B 930 6.73 -65.29 47.65
C THR B 930 6.85 -64.33 46.48
N SER B 931 5.72 -63.91 45.94
CA SER B 931 5.66 -62.87 44.93
C SER B 931 4.34 -62.14 45.08
N VAL B 932 4.39 -60.81 44.97
CA VAL B 932 3.19 -60.00 45.17
C VAL B 932 2.12 -60.29 44.13
N LEU B 933 2.49 -60.83 42.98
CA LEU B 933 1.57 -61.19 41.92
C LEU B 933 1.16 -62.66 41.98
N CYS B 934 1.51 -63.35 43.05
CA CYS B 934 1.20 -64.77 43.19
C CYS B 934 -0.26 -64.93 43.59
N GLN B 935 -1.03 -65.65 42.76
CA GLN B 935 -2.44 -65.89 42.99
C GLN B 935 -2.77 -67.34 42.65
N PHE B 936 -3.64 -67.93 43.46
CA PHE B 936 -3.95 -69.35 43.29
C PHE B 936 -4.75 -69.55 42.01
N PRO B 937 -4.33 -70.43 41.10
CA PRO B 937 -5.04 -70.55 39.81
C PRO B 937 -6.32 -71.38 39.92
N SER B 938 -7.27 -70.88 40.71
CA SER B 938 -8.55 -71.56 40.82
C SER B 938 -9.32 -71.50 39.50
N GLN B 939 -9.32 -70.34 38.86
CA GLN B 939 -10.06 -70.17 37.62
C GLN B 939 -9.51 -71.06 36.52
N GLN B 940 -8.19 -71.28 36.49
CA GLN B 940 -7.59 -72.03 35.39
C GLN B 940 -7.92 -73.52 35.51
N ILE B 941 -7.84 -74.04 36.74
CA ILE B 941 -8.29 -75.40 37.00
C ILE B 941 -9.75 -75.56 36.59
N ALA B 942 -10.58 -74.60 37.00
CA ALA B 942 -11.98 -74.65 36.63
C ALA B 942 -12.15 -74.60 35.12
N ASN B 943 -11.26 -73.86 34.44
CA ASN B 943 -11.37 -73.71 33.00
C ASN B 943 -11.10 -75.02 32.29
N ILE B 944 -10.04 -75.74 32.68
CA ILE B 944 -9.76 -76.98 31.98
C ILE B 944 -10.83 -78.02 32.28
N LEU B 945 -11.31 -78.09 33.53
CA LEU B 945 -12.37 -79.04 33.82
C LEU B 945 -13.63 -78.71 33.05
N ASP B 946 -13.98 -77.42 32.95
CA ASP B 946 -15.16 -77.04 32.20
C ASP B 946 -14.96 -77.21 30.70
N SER B 947 -13.71 -77.21 30.23
CA SER B 947 -13.45 -77.51 28.83
C SER B 947 -13.78 -78.96 28.55
N HIS B 948 -13.30 -79.87 29.40
CA HIS B 948 -13.64 -81.27 29.23
C HIS B 948 -15.14 -81.47 29.34
N ALA B 949 -15.79 -80.79 30.29
CA ALA B 949 -17.23 -80.87 30.39
C ALA B 949 -17.94 -80.25 29.19
N ALA B 950 -17.28 -79.32 28.49
CA ALA B 950 -17.85 -78.76 27.28
C ALA B 950 -17.81 -79.77 26.16
N THR B 951 -16.75 -80.58 26.10
CA THR B 951 -16.78 -81.74 25.22
C THR B 951 -17.95 -82.65 25.59
N LEU B 952 -18.17 -82.86 26.87
CA LEU B 952 -19.35 -83.56 27.38
C LEU B 952 -19.48 -84.96 26.82
N ASN B 953 -18.59 -85.86 27.20
CA ASN B 953 -18.82 -87.28 26.95
C ASN B 953 -20.15 -87.71 27.53
N ARG B 954 -20.88 -88.54 26.78
CA ARG B 954 -22.20 -89.03 27.18
C ARG B 954 -22.10 -90.41 27.84
N LYS B 955 -23.17 -90.79 28.54
CA LYS B 955 -23.44 -92.17 28.94
C LYS B 955 -22.37 -92.82 29.83
N SER B 956 -22.34 -92.42 31.11
CA SER B 956 -21.48 -92.96 32.17
C SER B 956 -20.06 -92.42 32.12
N GLU B 957 -19.69 -91.80 31.00
CA GLU B 957 -18.53 -90.95 30.91
C GLU B 957 -18.89 -89.50 31.20
N ARG B 958 -20.18 -89.20 31.28
CA ARG B 958 -20.62 -87.91 31.78
C ARG B 958 -20.53 -87.85 33.30
N GLU B 959 -21.25 -88.74 33.99
CA GLU B 959 -21.43 -88.59 35.43
C GLU B 959 -20.13 -88.85 36.17
N VAL B 960 -19.32 -89.78 35.68
CA VAL B 960 -18.05 -90.11 36.34
C VAL B 960 -17.18 -88.87 36.44
N PHE B 961 -17.14 -88.06 35.38
CA PHE B 961 -16.31 -86.86 35.37
C PHE B 961 -16.85 -85.83 36.35
N PHE B 962 -18.16 -85.60 36.33
CA PHE B 962 -18.73 -84.60 37.21
C PHE B 962 -18.62 -85.00 38.68
N MET B 963 -18.57 -86.30 38.97
CA MET B 963 -18.55 -86.75 40.35
C MET B 963 -17.13 -86.84 40.89
N ASN B 964 -16.20 -87.42 40.14
CA ASN B 964 -14.85 -87.59 40.62
C ASN B 964 -14.03 -86.31 40.57
N THR B 965 -14.64 -85.18 40.18
CA THR B 965 -13.99 -83.88 40.24
C THR B 965 -14.60 -82.95 41.29
N GLN B 966 -15.52 -83.46 42.12
CA GLN B 966 -16.25 -82.58 43.04
C GLN B 966 -15.33 -81.96 44.07
N SER B 967 -14.35 -82.73 44.56
CA SER B 967 -13.41 -82.19 45.53
C SER B 967 -12.67 -80.98 44.98
N ILE B 968 -12.25 -81.06 43.73
CA ILE B 968 -11.55 -79.95 43.10
C ILE B 968 -12.46 -78.75 42.97
N VAL B 969 -13.72 -78.99 42.58
CA VAL B 969 -14.70 -77.92 42.46
C VAL B 969 -14.85 -77.19 43.79
N GLN B 970 -14.99 -77.96 44.87
CA GLN B 970 -15.09 -77.35 46.20
C GLN B 970 -13.88 -76.51 46.52
N LEU B 971 -12.69 -77.05 46.24
CA LEU B 971 -11.47 -76.31 46.55
C LEU B 971 -11.42 -74.99 45.79
N VAL B 972 -11.68 -75.02 44.49
CA VAL B 972 -11.58 -73.80 43.70
C VAL B 972 -12.65 -72.81 44.11
N GLN B 973 -13.84 -73.31 44.45
CA GLN B 973 -14.89 -72.41 44.90
C GLN B 973 -14.51 -71.71 46.19
N ARG B 974 -13.78 -72.40 47.06
CA ARG B 974 -13.36 -71.74 48.30
C ARG B 974 -12.37 -70.63 48.04
N TYR B 975 -11.52 -70.77 47.01
CA TYR B 975 -10.43 -69.84 46.76
C TYR B 975 -10.64 -69.09 45.46
N ARG B 976 -11.85 -68.62 45.23
CA ARG B 976 -12.12 -67.78 44.07
C ARG B 976 -11.49 -66.41 44.21
N SER B 977 -11.43 -65.89 45.43
CA SER B 977 -10.85 -64.58 45.71
C SER B 977 -9.48 -64.69 46.38
N GLY B 978 -8.91 -65.88 46.43
CA GLY B 978 -7.61 -66.05 47.02
C GLY B 978 -7.67 -66.30 48.52
N ILE B 979 -6.46 -66.39 49.07
CA ILE B 979 -6.30 -66.70 50.48
C ILE B 979 -6.93 -65.61 51.34
N ARG B 980 -6.93 -64.38 50.82
CA ARG B 980 -7.51 -63.25 51.53
C ARG B 980 -8.99 -63.50 51.76
N GLY B 981 -9.74 -63.70 50.68
CA GLY B 981 -11.16 -63.95 50.76
C GLY B 981 -11.47 -65.18 51.58
N HIS B 982 -10.66 -66.23 51.44
CA HIS B 982 -10.90 -67.45 52.20
C HIS B 982 -10.75 -67.21 53.70
N MET B 983 -9.71 -66.46 54.09
CA MET B 983 -9.50 -66.09 55.49
C MET B 983 -10.73 -65.40 56.05
N LYS B 984 -11.17 -64.35 55.36
CA LYS B 984 -12.33 -63.61 55.84
C LYS B 984 -13.56 -64.49 55.92
N ALA B 985 -13.70 -65.41 54.96
CA ALA B 985 -14.85 -66.31 54.94
C ALA B 985 -14.89 -67.19 56.18
N VAL B 986 -13.75 -67.77 56.54
CA VAL B 986 -13.67 -68.63 57.71
C VAL B 986 -14.10 -67.87 58.96
N VAL B 987 -13.48 -66.71 59.18
CA VAL B 987 -13.74 -65.99 60.42
C VAL B 987 -15.20 -65.55 60.49
N MET B 988 -15.72 -65.07 59.37
CA MET B 988 -17.12 -64.70 59.29
C MET B 988 -18.03 -65.86 59.65
N ASP B 989 -17.69 -67.06 59.19
CA ASP B 989 -18.55 -68.21 59.45
C ASP B 989 -18.61 -68.50 60.94
N LEU B 990 -17.50 -68.34 61.62
CA LEU B 990 -17.52 -68.52 63.08
C LEU B 990 -18.43 -67.48 63.74
N LEU B 991 -18.33 -66.23 63.29
CA LEU B 991 -19.19 -65.20 63.86
C LEU B 991 -20.67 -65.52 63.61
N ARG B 992 -20.97 -66.11 62.46
CA ARG B 992 -22.34 -66.50 62.18
C ARG B 992 -22.80 -67.61 63.10
N GLN B 993 -21.90 -68.50 63.49
CA GLN B 993 -22.25 -69.53 64.46
C GLN B 993 -22.75 -68.89 65.75
N TYR B 994 -21.96 -67.93 66.25
CA TYR B 994 -22.35 -67.16 67.42
C TYR B 994 -23.76 -66.62 67.27
N LEU B 995 -24.01 -65.90 66.18
CA LEU B 995 -25.33 -65.29 66.02
C LEU B 995 -26.42 -66.33 65.88
N ARG B 996 -26.12 -67.45 65.23
CA ARG B 996 -27.11 -68.49 65.04
C ARG B 996 -27.68 -68.97 66.35
N VAL B 997 -26.85 -69.00 67.39
CA VAL B 997 -27.34 -69.39 68.70
C VAL B 997 -27.90 -68.21 69.48
N GLU B 998 -27.16 -67.12 69.56
CA GLU B 998 -27.47 -66.12 70.57
C GLU B 998 -28.61 -65.19 70.21
N THR B 999 -29.02 -65.15 68.95
CA THR B 999 -30.20 -64.38 68.59
C THR B 999 -31.50 -65.09 68.98
N GLN B 1000 -31.43 -66.37 69.35
CA GLN B 1000 -32.62 -67.09 69.75
C GLN B 1000 -32.94 -66.94 71.22
N PHE B 1001 -31.97 -66.54 72.05
CA PHE B 1001 -32.16 -66.39 73.47
C PHE B 1001 -32.25 -64.93 73.91
N GLN B 1002 -32.49 -64.04 72.97
CA GLN B 1002 -32.89 -62.68 73.32
C GLN B 1002 -34.39 -62.72 73.56
N ASN B 1003 -34.97 -61.56 73.86
CA ASN B 1003 -36.42 -61.43 73.96
C ASN B 1003 -36.99 -62.36 75.03
N GLY B 1004 -36.59 -62.09 76.26
CA GLY B 1004 -37.27 -62.65 77.41
C GLY B 1004 -36.43 -63.65 78.16
N HIS B 1005 -37.12 -64.49 78.91
CA HIS B 1005 -36.49 -65.39 79.86
C HIS B 1005 -36.09 -66.69 79.19
N TYR B 1006 -35.29 -67.47 79.93
CA TYR B 1006 -34.75 -68.72 79.41
C TYR B 1006 -35.85 -69.65 78.93
N ASP B 1007 -36.83 -69.94 79.80
CA ASP B 1007 -37.83 -70.94 79.48
C ASP B 1007 -38.68 -70.53 78.29
N LYS B 1008 -38.99 -69.24 78.17
CA LYS B 1008 -39.79 -68.78 77.04
C LYS B 1008 -39.05 -69.02 75.74
N CYS B 1009 -37.77 -68.69 75.71
CA CYS B 1009 -36.96 -68.89 74.51
C CYS B 1009 -36.85 -70.38 74.17
N VAL B 1010 -36.67 -71.21 75.20
CA VAL B 1010 -36.61 -72.65 74.98
C VAL B 1010 -37.91 -73.14 74.39
N PHE B 1011 -39.04 -72.65 74.87
CA PHE B 1011 -40.33 -73.11 74.35
C PHE B 1011 -40.49 -72.67 72.90
N ALA B 1012 -40.01 -71.49 72.58
CA ALA B 1012 -40.01 -71.05 71.20
C ALA B 1012 -39.24 -72.02 70.32
N LEU B 1013 -38.06 -72.42 70.77
CA LEU B 1013 -37.27 -73.38 70.01
C LEU B 1013 -37.98 -74.72 69.90
N ARG B 1014 -38.58 -75.17 71.01
CA ARG B 1014 -39.27 -76.45 71.00
C ARG B 1014 -40.42 -76.44 70.01
N GLU B 1015 -41.11 -75.30 69.91
CA GLU B 1015 -42.25 -75.22 69.02
C GLU B 1015 -41.83 -75.02 67.58
N GLU B 1016 -40.61 -74.55 67.34
CA GLU B 1016 -40.11 -74.49 65.98
C GLU B 1016 -39.60 -75.86 65.52
N ASN B 1017 -38.70 -76.45 66.30
CA ASN B 1017 -38.11 -77.74 65.98
C ASN B 1017 -38.93 -78.85 66.62
N LYS B 1018 -40.09 -79.09 66.02
CA LYS B 1018 -41.04 -80.05 66.56
C LYS B 1018 -40.52 -81.47 66.45
N SER B 1019 -39.84 -81.79 65.36
CA SER B 1019 -39.49 -83.16 65.02
C SER B 1019 -38.11 -83.57 65.51
N ASP B 1020 -37.41 -82.73 66.26
CA ASP B 1020 -36.08 -83.07 66.75
C ASP B 1020 -35.78 -82.24 67.98
N MET B 1021 -35.53 -82.93 69.10
CA MET B 1021 -35.18 -82.27 70.35
C MET B 1021 -33.68 -82.18 70.57
N ASN B 1022 -32.86 -82.80 69.73
CA ASN B 1022 -31.43 -82.67 69.88
C ASN B 1022 -30.94 -81.32 69.42
N THR B 1023 -31.62 -80.73 68.43
CA THR B 1023 -31.33 -79.37 68.01
C THR B 1023 -31.55 -78.40 69.17
N VAL B 1024 -32.67 -78.56 69.87
CA VAL B 1024 -32.99 -77.71 71.01
C VAL B 1024 -31.92 -77.85 72.08
N LEU B 1025 -31.51 -79.09 72.33
CA LEU B 1025 -30.50 -79.34 73.34
C LEU B 1025 -29.19 -78.68 72.96
N ASN B 1026 -28.84 -78.73 71.68
CA ASN B 1026 -27.59 -78.15 71.23
C ASN B 1026 -27.60 -76.64 71.45
N TYR B 1027 -28.74 -76.00 71.14
CA TYR B 1027 -28.85 -74.57 71.40
C TYR B 1027 -28.64 -74.27 72.88
N ILE B 1028 -29.31 -75.03 73.75
CA ILE B 1028 -29.18 -74.77 75.18
C ILE B 1028 -27.74 -74.98 75.64
N PHE B 1029 -27.15 -76.09 75.23
CA PHE B 1029 -25.82 -76.44 75.69
C PHE B 1029 -24.81 -75.39 75.30
N SER B 1030 -24.88 -74.92 74.06
CA SER B 1030 -23.91 -73.93 73.62
C SER B 1030 -24.20 -72.58 74.24
N HIS B 1031 -25.46 -72.30 74.54
CA HIS B 1031 -25.78 -71.04 75.20
C HIS B 1031 -25.27 -70.99 76.62
N ALA B 1032 -25.14 -72.14 77.27
CA ALA B 1032 -24.73 -72.15 78.66
C ALA B 1032 -23.34 -71.55 78.86
N GLN B 1033 -22.45 -71.72 77.90
CA GLN B 1033 -21.09 -71.19 77.96
C GLN B 1033 -20.97 -69.91 77.17
N VAL B 1034 -21.79 -68.92 77.49
CA VAL B 1034 -21.87 -67.74 76.63
C VAL B 1034 -20.70 -66.81 76.88
N THR B 1035 -20.23 -66.70 78.12
CA THR B 1035 -19.17 -65.75 78.44
C THR B 1035 -17.86 -66.13 77.78
N LYS B 1036 -17.51 -67.41 77.87
CA LYS B 1036 -16.32 -67.92 77.22
C LYS B 1036 -16.39 -67.72 75.70
N LYS B 1037 -17.56 -68.00 75.12
CA LYS B 1037 -17.75 -67.74 73.71
C LYS B 1037 -17.52 -66.29 73.38
N ASN B 1038 -17.95 -65.39 74.26
CA ASN B 1038 -17.78 -63.97 74.00
C ASN B 1038 -16.31 -63.59 73.97
N LEU B 1039 -15.53 -64.18 74.86
CA LEU B 1039 -14.08 -63.97 74.80
C LEU B 1039 -13.53 -64.34 73.44
N LEU B 1040 -13.95 -65.50 72.92
CA LEU B 1040 -13.49 -65.89 71.60
C LEU B 1040 -13.95 -64.90 70.52
N VAL B 1041 -15.17 -64.39 70.65
CA VAL B 1041 -15.71 -63.50 69.63
C VAL B 1041 -14.88 -62.25 69.55
N THR B 1042 -14.50 -61.71 70.69
CA THR B 1042 -13.72 -60.48 70.67
C THR B 1042 -12.35 -60.73 70.08
N MET B 1043 -11.74 -61.87 70.41
CA MET B 1043 -10.44 -62.16 69.82
C MET B 1043 -10.53 -62.30 68.30
N LEU B 1044 -11.62 -62.86 67.81
CA LEU B 1044 -11.77 -63.00 66.37
C LEU B 1044 -12.15 -61.71 65.68
N ILE B 1045 -12.76 -60.77 66.39
CA ILE B 1045 -12.98 -59.47 65.78
C ILE B 1045 -11.66 -58.73 65.67
N ASP B 1046 -10.86 -58.72 66.74
CA ASP B 1046 -9.64 -57.94 66.74
C ASP B 1046 -8.65 -58.42 65.69
N GLN B 1047 -8.64 -59.71 65.38
CA GLN B 1047 -7.73 -60.23 64.37
C GLN B 1047 -8.24 -60.08 62.95
N LEU B 1048 -9.45 -59.59 62.77
CA LEU B 1048 -10.06 -59.42 61.45
C LEU B 1048 -10.24 -57.96 61.07
N CYS B 1049 -10.71 -57.15 61.99
CA CYS B 1049 -10.99 -55.74 61.77
C CYS B 1049 -10.18 -54.88 62.73
N GLY B 1050 -8.92 -55.23 62.88
CA GLY B 1050 -8.03 -54.51 63.77
C GLY B 1050 -7.35 -53.40 63.00
N ARG B 1051 -6.07 -53.57 62.70
CA ARG B 1051 -5.31 -52.55 61.97
C ARG B 1051 -5.61 -52.61 60.46
N ASP B 1052 -6.90 -52.43 60.14
CA ASP B 1052 -7.38 -52.37 58.77
C ASP B 1052 -8.78 -51.77 58.78
N PRO B 1053 -8.93 -50.46 59.00
CA PRO B 1053 -10.28 -49.90 59.23
C PRO B 1053 -11.15 -49.85 57.98
N THR B 1054 -11.53 -51.02 57.48
CA THR B 1054 -12.42 -51.15 56.35
C THR B 1054 -13.39 -52.29 56.59
N LEU B 1055 -14.61 -52.13 56.09
CA LEU B 1055 -15.68 -53.10 56.31
C LEU B 1055 -16.44 -53.32 55.02
N THR B 1056 -16.41 -54.55 54.52
CA THR B 1056 -17.17 -54.93 53.35
C THR B 1056 -18.62 -55.17 53.74
N ASP B 1057 -19.47 -55.32 52.73
CA ASP B 1057 -20.90 -55.54 52.96
C ASP B 1057 -21.24 -57.01 53.11
N GLU B 1058 -20.45 -57.70 53.88
CA GLU B 1058 -20.72 -58.99 54.48
C GLU B 1058 -20.41 -58.97 55.96
N LEU B 1059 -19.36 -58.24 56.35
CA LEU B 1059 -19.05 -58.02 57.75
C LEU B 1059 -19.96 -56.98 58.37
N LEU B 1060 -20.44 -56.02 57.58
CA LEU B 1060 -21.33 -55.01 58.12
C LEU B 1060 -22.62 -55.64 58.61
N ASN B 1061 -23.15 -56.59 57.85
CA ASN B 1061 -24.36 -57.28 58.28
C ASN B 1061 -24.15 -57.97 59.62
N ILE B 1062 -23.04 -58.68 59.76
CA ILE B 1062 -22.74 -59.37 61.02
C ILE B 1062 -22.59 -58.37 62.15
N LEU B 1063 -21.85 -57.30 61.92
CA LEU B 1063 -21.57 -56.37 63.01
C LEU B 1063 -22.84 -55.66 63.46
N THR B 1064 -23.67 -55.26 62.50
CA THR B 1064 -24.90 -54.58 62.86
C THR B 1064 -25.90 -55.52 63.48
N GLU B 1065 -25.85 -56.81 63.14
CA GLU B 1065 -26.68 -57.76 63.85
C GLU B 1065 -26.15 -58.03 65.24
N LEU B 1066 -24.84 -57.97 65.40
CA LEU B 1066 -24.22 -58.33 66.65
C LEU B 1066 -24.41 -57.24 67.69
N THR B 1067 -24.46 -55.99 67.26
CA THR B 1067 -24.71 -54.90 68.18
C THR B 1067 -26.14 -54.87 68.69
N GLN B 1068 -27.03 -55.66 68.11
CA GLN B 1068 -28.42 -55.69 68.52
C GLN B 1068 -28.70 -56.68 69.64
N LEU B 1069 -27.70 -57.39 70.13
CA LEU B 1069 -27.89 -58.29 71.26
C LEU B 1069 -27.96 -57.44 72.51
N SER B 1070 -29.19 -57.22 72.98
CA SER B 1070 -29.42 -56.26 74.05
C SER B 1070 -29.19 -56.85 75.43
N LYS B 1071 -29.25 -58.16 75.58
CA LYS B 1071 -29.08 -58.77 76.88
C LYS B 1071 -27.67 -58.50 77.39
N THR B 1072 -27.56 -58.30 78.71
CA THR B 1072 -26.32 -57.85 79.32
C THR B 1072 -25.24 -58.92 79.30
N THR B 1073 -25.59 -60.17 79.08
CA THR B 1073 -24.58 -61.23 79.02
C THR B 1073 -23.68 -61.06 77.81
N ASN B 1074 -24.22 -60.50 76.73
CA ASN B 1074 -23.51 -60.32 75.48
C ASN B 1074 -23.16 -58.85 75.25
N ALA B 1075 -22.81 -58.15 76.31
CA ALA B 1075 -22.45 -56.75 76.18
C ALA B 1075 -21.08 -56.56 75.54
N LYS B 1076 -20.07 -57.30 76.01
CA LYS B 1076 -18.70 -57.10 75.55
C LYS B 1076 -18.59 -57.24 74.05
N VAL B 1077 -19.30 -58.19 73.46
CA VAL B 1077 -19.24 -58.37 72.02
C VAL B 1077 -19.98 -57.25 71.32
N ALA B 1078 -21.10 -56.82 71.88
CA ALA B 1078 -21.88 -55.78 71.23
C ALA B 1078 -21.19 -54.44 71.35
N LEU B 1079 -20.49 -54.23 72.47
CA LEU B 1079 -19.67 -53.05 72.61
C LEU B 1079 -18.54 -53.03 71.59
N ARG B 1080 -17.73 -54.07 71.58
CA ARG B 1080 -16.53 -54.07 70.74
C ARG B 1080 -16.90 -53.94 69.27
N ALA B 1081 -17.91 -54.69 68.84
CA ALA B 1081 -18.42 -54.56 67.48
C ALA B 1081 -18.76 -53.12 67.16
N ARG B 1082 -19.48 -52.44 68.07
CA ARG B 1082 -19.81 -51.05 67.87
C ARG B 1082 -18.55 -50.23 67.66
N GLN B 1083 -17.54 -50.45 68.49
CA GLN B 1083 -16.29 -49.71 68.37
C GLN B 1083 -15.67 -49.90 67.01
N VAL B 1084 -15.80 -51.10 66.46
CA VAL B 1084 -15.30 -51.31 65.11
C VAL B 1084 -16.13 -50.50 64.14
N LEU B 1085 -17.45 -50.67 64.19
CA LEU B 1085 -18.32 -50.15 63.15
C LEU B 1085 -18.26 -48.64 63.09
N ILE B 1086 -18.14 -47.99 64.24
CA ILE B 1086 -18.07 -46.53 64.26
C ILE B 1086 -16.66 -46.09 63.92
N ALA B 1087 -15.65 -46.88 64.26
CA ALA B 1087 -14.28 -46.45 64.00
C ALA B 1087 -13.93 -46.61 62.53
N SER B 1088 -14.65 -47.44 61.80
CA SER B 1088 -14.37 -47.66 60.39
C SER B 1088 -15.12 -46.67 59.52
N HIS B 1089 -15.02 -45.39 59.86
CA HIS B 1089 -15.39 -44.29 58.98
C HIS B 1089 -14.32 -43.22 58.88
N LEU B 1090 -13.37 -43.21 59.79
CA LEU B 1090 -12.34 -42.19 59.79
C LEU B 1090 -11.21 -42.65 58.89
N PRO B 1091 -10.65 -41.78 58.04
CA PRO B 1091 -9.52 -42.22 57.22
C PRO B 1091 -8.35 -42.63 58.08
N SER B 1092 -7.61 -43.65 57.63
CA SER B 1092 -6.55 -44.26 58.44
C SER B 1092 -5.21 -43.50 58.29
N TYR B 1093 -5.31 -42.18 58.38
CA TYR B 1093 -4.22 -41.24 58.57
C TYR B 1093 -3.27 -41.06 57.40
N GLU B 1094 -3.34 -41.95 56.40
CA GLU B 1094 -2.53 -41.75 55.21
C GLU B 1094 -3.22 -40.80 54.27
N LEU B 1095 -4.54 -40.94 54.15
CA LEU B 1095 -5.31 -40.06 53.29
C LEU B 1095 -5.23 -38.62 53.79
N ARG B 1096 -5.40 -38.43 55.09
CA ARG B 1096 -5.33 -37.08 55.64
C ARG B 1096 -3.94 -36.48 55.45
N HIS B 1097 -2.89 -37.24 55.78
CA HIS B 1097 -1.52 -36.75 55.54
C HIS B 1097 -1.34 -36.33 54.10
N ASN B 1098 -1.72 -37.19 53.16
CA ASN B 1098 -1.49 -36.90 51.75
C ASN B 1098 -2.28 -35.70 51.27
N GLN B 1099 -3.58 -35.65 51.56
CA GLN B 1099 -4.40 -34.54 51.08
C GLN B 1099 -3.94 -33.22 51.67
N VAL B 1100 -3.76 -33.19 53.00
CA VAL B 1100 -3.38 -31.95 53.67
C VAL B 1100 -2.01 -31.48 53.20
N GLU B 1101 -1.03 -32.37 53.18
CA GLU B 1101 0.30 -31.96 52.76
C GLU B 1101 0.32 -31.59 51.28
N SER B 1102 -0.49 -32.24 50.45
CA SER B 1102 -0.56 -31.89 49.04
C SER B 1102 -0.98 -30.44 48.88
N ILE B 1103 -2.07 -30.06 49.56
CA ILE B 1103 -2.52 -28.67 49.47
C ILE B 1103 -1.47 -27.73 50.06
N PHE B 1104 -0.94 -28.04 51.24
CA PHE B 1104 -0.06 -27.10 51.92
C PHE B 1104 1.29 -26.96 51.23
N LEU B 1105 1.70 -27.96 50.45
CA LEU B 1105 3.02 -27.94 49.82
C LEU B 1105 2.97 -27.54 48.35
N SER B 1106 1.84 -27.74 47.67
CA SER B 1106 1.73 -27.32 46.27
C SER B 1106 1.41 -25.84 46.13
N ALA B 1107 0.80 -25.23 47.15
CA ALA B 1107 0.56 -23.79 47.12
C ALA B 1107 1.86 -23.00 47.21
N ILE B 1108 2.94 -23.64 47.66
CA ILE B 1108 4.12 -22.90 48.12
C ILE B 1108 4.95 -22.39 46.96
N ASP B 1109 5.03 -23.17 45.86
CA ASP B 1109 5.91 -22.86 44.74
C ASP B 1109 5.70 -21.43 44.24
N MET B 1110 4.47 -21.09 43.89
CA MET B 1110 4.09 -19.71 43.60
C MET B 1110 2.66 -19.52 44.08
N TYR B 1111 2.51 -18.94 45.26
CA TYR B 1111 1.19 -18.73 45.84
C TYR B 1111 0.35 -17.83 44.94
N GLY B 1112 -0.92 -18.20 44.77
CA GLY B 1112 -1.85 -17.46 43.97
C GLY B 1112 -2.10 -18.06 42.60
N HIS B 1113 -2.26 -19.38 42.54
CA HIS B 1113 -2.68 -20.04 41.31
C HIS B 1113 -4.19 -20.00 41.10
N GLN B 1114 -4.96 -19.40 42.01
CA GLN B 1114 -6.41 -19.26 41.97
C GLN B 1114 -7.17 -20.56 42.19
N PHE B 1115 -6.48 -21.68 42.45
CA PHE B 1115 -7.10 -22.86 43.02
C PHE B 1115 -6.54 -23.22 44.39
N CYS B 1116 -5.29 -22.86 44.66
CA CYS B 1116 -4.68 -23.16 45.96
C CYS B 1116 -5.38 -22.42 47.08
N ILE B 1117 -5.85 -21.20 46.81
CA ILE B 1117 -6.58 -20.43 47.80
C ILE B 1117 -7.83 -21.18 48.23
N GLU B 1118 -8.57 -21.71 47.26
CA GLU B 1118 -9.81 -22.42 47.58
C GLU B 1118 -9.52 -23.71 48.32
N ASN B 1119 -8.40 -24.37 48.00
CA ASN B 1119 -8.06 -25.59 48.70
C ASN B 1119 -7.72 -25.31 50.16
N LEU B 1120 -7.01 -24.21 50.42
CA LEU B 1120 -6.75 -23.83 51.81
C LEU B 1120 -8.06 -23.51 52.53
N GLN B 1121 -8.98 -22.84 51.84
CA GLN B 1121 -10.29 -22.57 52.43
C GLN B 1121 -11.02 -23.87 52.75
N LYS B 1122 -10.89 -24.86 51.87
CA LYS B 1122 -11.52 -26.15 52.12
C LYS B 1122 -10.94 -26.79 53.36
N LEU B 1123 -9.62 -26.67 53.54
CA LEU B 1123 -9.03 -27.22 54.76
C LEU B 1123 -9.52 -26.50 55.99
N ILE B 1124 -9.87 -25.23 55.87
CA ILE B 1124 -10.47 -24.54 57.00
C ILE B 1124 -11.91 -25.02 57.21
N LEU B 1125 -12.69 -25.08 56.14
CA LEU B 1125 -14.14 -25.26 56.22
C LEU B 1125 -14.60 -26.61 55.68
N SER B 1126 -13.90 -27.68 56.04
CA SER B 1126 -14.33 -29.04 55.73
C SER B 1126 -14.72 -29.75 57.02
N GLU B 1127 -15.50 -30.81 56.84
CA GLU B 1127 -15.97 -31.58 57.99
C GLU B 1127 -14.82 -32.30 58.68
N THR B 1128 -13.86 -32.80 57.90
CA THR B 1128 -12.82 -33.66 58.46
C THR B 1128 -11.86 -32.85 59.32
N SER B 1129 -11.58 -33.38 60.51
CA SER B 1129 -10.57 -32.77 61.37
C SER B 1129 -9.20 -33.04 60.79
N ILE B 1130 -8.40 -31.98 60.65
CA ILE B 1130 -7.01 -32.07 60.24
C ILE B 1130 -6.08 -31.61 61.35
N PHE B 1131 -6.60 -31.45 62.56
CA PHE B 1131 -5.77 -31.09 63.71
C PHE B 1131 -4.81 -32.18 64.12
N ASP B 1132 -4.91 -33.37 63.54
CA ASP B 1132 -3.91 -34.41 63.71
C ASP B 1132 -2.76 -34.29 62.71
N VAL B 1133 -2.84 -33.35 61.77
CA VAL B 1133 -1.82 -33.17 60.74
C VAL B 1133 -1.21 -31.77 60.80
N LEU B 1134 -2.03 -30.75 61.04
CA LEU B 1134 -1.55 -29.37 61.08
C LEU B 1134 -0.36 -29.13 62.00
N PRO B 1135 -0.25 -29.71 63.21
CA PRO B 1135 0.95 -29.42 64.01
C PRO B 1135 2.23 -29.97 63.43
N ASN B 1136 2.16 -30.88 62.44
CA ASN B 1136 3.36 -31.40 61.81
C ASN B 1136 4.07 -30.37 60.93
N PHE B 1137 3.40 -29.30 60.54
CA PHE B 1137 4.04 -28.22 59.81
C PHE B 1137 4.70 -27.23 60.76
N PHE B 1138 5.55 -27.77 61.62
CA PHE B 1138 6.42 -26.90 62.40
C PHE B 1138 7.29 -26.06 61.47
N TYR B 1139 8.00 -26.72 60.55
CA TYR B 1139 8.65 -26.09 59.41
C TYR B 1139 8.56 -26.90 58.12
N HIS B 1140 8.69 -28.23 58.31
CA HIS B 1140 8.62 -29.36 57.39
C HIS B 1140 9.75 -29.50 56.37
N SER B 1141 10.02 -28.46 55.57
CA SER B 1141 11.33 -28.09 55.05
C SER B 1141 11.30 -26.71 54.37
N ASN B 1142 10.12 -26.28 53.90
CA ASN B 1142 10.02 -25.15 52.99
C ASN B 1142 10.20 -23.83 53.73
N GLN B 1143 9.74 -23.76 54.98
CA GLN B 1143 9.76 -22.60 55.86
C GLN B 1143 8.72 -21.55 55.49
N VAL B 1144 8.06 -21.71 54.34
CA VAL B 1144 6.94 -20.88 53.94
C VAL B 1144 5.64 -21.58 54.31
N VAL B 1145 5.65 -22.91 54.38
CA VAL B 1145 4.47 -23.66 54.79
C VAL B 1145 4.10 -23.40 56.24
N ARG B 1146 5.04 -22.94 57.06
CA ARG B 1146 4.71 -22.49 58.40
C ARG B 1146 3.60 -21.47 58.37
N MET B 1147 3.77 -20.44 57.53
CA MET B 1147 2.77 -19.38 57.38
C MET B 1147 1.40 -19.95 57.02
N ALA B 1148 1.35 -20.79 55.99
CA ALA B 1148 0.08 -21.34 55.52
C ALA B 1148 -0.58 -22.20 56.60
N ALA B 1149 0.21 -23.06 57.25
CA ALA B 1149 -0.33 -23.96 58.26
C ALA B 1149 -0.87 -23.19 59.45
N LEU B 1150 -0.14 -22.16 59.89
CA LEU B 1150 -0.63 -21.35 61.00
C LEU B 1150 -1.92 -20.65 60.63
N GLU B 1151 -2.00 -20.12 59.40
CA GLU B 1151 -3.23 -19.48 58.94
C GLU B 1151 -4.40 -20.44 59.04
N VAL B 1152 -4.24 -21.65 58.47
CA VAL B 1152 -5.35 -22.59 58.45
C VAL B 1152 -5.71 -23.04 59.86
N TYR B 1153 -4.70 -23.26 60.71
CA TYR B 1153 -4.95 -23.74 62.05
C TYR B 1153 -5.78 -22.73 62.84
N VAL B 1154 -5.32 -21.48 62.87
CA VAL B 1154 -6.03 -20.48 63.65
C VAL B 1154 -7.41 -20.22 63.04
N ARG B 1155 -7.49 -20.18 61.70
CA ARG B 1155 -8.78 -19.89 61.07
C ARG B 1155 -9.79 -21.00 61.32
N ARG B 1156 -9.33 -22.25 61.40
CA ARG B 1156 -10.26 -23.34 61.66
C ARG B 1156 -10.63 -23.41 63.13
N ALA B 1157 -9.66 -23.21 64.02
CA ALA B 1157 -9.91 -23.25 65.44
C ALA B 1157 -10.76 -22.05 65.88
N TYR B 1158 -10.44 -20.87 65.35
CA TYR B 1158 -11.17 -19.65 65.69
C TYR B 1158 -12.27 -19.41 64.66
N ILE B 1159 -13.07 -20.44 64.44
CA ILE B 1159 -14.17 -20.26 63.51
C ILE B 1159 -15.16 -19.25 64.06
N ALA B 1160 -15.40 -19.27 65.36
CA ALA B 1160 -16.47 -18.49 65.92
C ALA B 1160 -16.07 -17.03 66.09
N TYR B 1161 -14.81 -16.79 66.41
CA TYR B 1161 -14.31 -15.43 66.49
C TYR B 1161 -14.30 -14.81 65.11
N GLU B 1162 -14.72 -13.56 65.02
CA GLU B 1162 -14.75 -12.84 63.75
C GLU B 1162 -13.35 -12.26 63.50
N LEU B 1163 -12.59 -12.93 62.64
CA LEU B 1163 -11.27 -12.44 62.24
C LEU B 1163 -11.40 -11.39 61.15
N ASN B 1164 -10.52 -10.40 61.20
CA ASN B 1164 -10.48 -9.37 60.16
C ASN B 1164 -9.08 -9.13 59.61
N SER B 1165 -8.04 -9.19 60.44
CA SER B 1165 -6.70 -8.79 59.99
C SER B 1165 -5.65 -9.78 60.47
N VAL B 1166 -5.10 -10.56 59.55
CA VAL B 1166 -4.07 -11.55 59.85
C VAL B 1166 -2.81 -11.15 59.10
N GLN B 1167 -1.66 -11.42 59.71
CA GLN B 1167 -0.39 -11.04 59.09
C GLN B 1167 0.72 -11.99 59.53
N HIS B 1168 1.61 -12.28 58.60
CA HIS B 1168 2.74 -13.17 58.84
C HIS B 1168 4.04 -12.40 59.05
N ARG B 1169 4.73 -12.72 60.14
CA ARG B 1169 5.99 -12.09 60.50
C ARG B 1169 7.06 -13.16 60.70
N GLN B 1170 8.30 -12.77 60.41
CA GLN B 1170 9.43 -13.67 60.38
C GLN B 1170 10.53 -13.13 61.27
N LEU B 1171 11.41 -14.03 61.71
CA LEU B 1171 12.69 -13.68 62.30
C LEU B 1171 13.76 -14.56 61.65
N LYS B 1172 15.03 -14.19 61.80
CA LYS B 1172 16.12 -14.75 60.99
C LYS B 1172 16.75 -15.95 61.70
N ASP B 1173 15.85 -16.82 62.14
CA ASP B 1173 16.13 -17.97 62.96
C ASP B 1173 14.84 -18.78 62.84
N ASN B 1174 14.46 -19.50 63.90
CA ASN B 1174 13.36 -20.45 63.82
C ASN B 1174 12.18 -19.89 64.61
N THR B 1175 11.44 -18.93 64.00
CA THR B 1175 10.35 -18.29 64.73
C THR B 1175 9.21 -17.74 63.88
N CYS B 1176 8.57 -18.54 63.04
CA CYS B 1176 7.42 -18.03 62.30
C CYS B 1176 6.34 -17.56 63.27
N VAL B 1177 6.06 -16.25 63.25
CA VAL B 1177 5.02 -15.65 64.08
C VAL B 1177 3.91 -15.20 63.15
N VAL B 1178 2.67 -15.28 63.62
CA VAL B 1178 1.54 -14.77 62.87
C VAL B 1178 0.64 -14.05 63.85
N GLU B 1179 0.30 -12.80 63.53
CA GLU B 1179 -0.58 -11.99 64.35
C GLU B 1179 -1.98 -11.98 63.75
N PHE B 1180 -2.97 -11.88 64.64
CA PHE B 1180 -4.37 -11.94 64.31
C PHE B 1180 -5.09 -10.85 65.06
N GLN B 1181 -6.01 -10.17 64.36
CA GLN B 1181 -6.90 -9.20 64.98
C GLN B 1181 -8.33 -9.56 64.60
N PHE B 1182 -9.13 -9.77 65.64
CA PHE B 1182 -10.50 -10.27 65.56
C PHE B 1182 -11.34 -9.50 66.56
N MET B 1183 -12.61 -9.90 66.67
CA MET B 1183 -13.50 -9.35 67.68
C MET B 1183 -14.45 -10.45 68.15
N LEU B 1184 -15.23 -10.13 69.18
CA LEU B 1184 -16.15 -11.08 69.82
C LEU B 1184 -17.57 -10.70 69.43
N PRO B 1185 -18.26 -11.47 68.53
CA PRO B 1185 -19.59 -11.03 68.08
C PRO B 1185 -20.64 -10.90 69.19
N THR B 1186 -20.99 -12.02 69.85
CA THR B 1186 -21.92 -11.99 70.98
C THR B 1186 -21.38 -12.91 72.08
N SER B 1187 -20.40 -12.41 72.82
CA SER B 1187 -19.90 -13.10 74.01
C SER B 1187 -19.00 -12.14 74.76
N HIS B 1188 -19.39 -11.77 75.97
CA HIS B 1188 -18.70 -10.78 76.79
C HIS B 1188 -18.30 -9.54 75.98
N PRO B 1189 -19.22 -8.96 75.19
CA PRO B 1189 -18.77 -7.87 74.34
C PRO B 1189 -18.62 -6.56 75.11
N GLN B 1231 -12.63 -5.85 71.54
CA GLN B 1231 -11.77 -6.20 70.41
C GLN B 1231 -10.42 -6.71 70.91
N ARG B 1232 -10.24 -8.02 70.83
CA ARG B 1232 -9.02 -8.67 71.28
C ARG B 1232 -8.08 -8.90 70.11
N MET B 1233 -6.85 -9.27 70.44
CA MET B 1233 -5.81 -9.55 69.46
C MET B 1233 -5.11 -10.84 69.89
N GLY B 1234 -4.36 -11.42 68.97
CA GLY B 1234 -3.65 -12.63 69.30
C GLY B 1234 -2.55 -12.95 68.33
N GLY B 1235 -1.92 -14.09 68.55
CA GLY B 1235 -0.88 -14.54 67.65
C GLY B 1235 -0.51 -15.98 67.96
N MET B 1236 0.29 -16.54 67.05
CA MET B 1236 0.74 -17.92 67.19
C MET B 1236 2.16 -18.08 66.67
N VAL B 1237 2.89 -18.97 67.33
CA VAL B 1237 4.28 -19.27 67.04
C VAL B 1237 4.55 -20.70 67.43
N SER B 1238 5.44 -21.37 66.69
CA SER B 1238 5.90 -22.71 67.03
C SER B 1238 7.33 -22.68 67.56
N PHE B 1239 7.73 -23.79 68.21
CA PHE B 1239 9.08 -23.93 68.76
C PHE B 1239 9.51 -25.38 68.65
N ARG B 1240 10.68 -25.68 69.24
CA ARG B 1240 11.25 -27.02 69.23
C ARG B 1240 11.70 -27.42 70.63
N THR B 1241 11.24 -28.59 71.04
CA THR B 1241 11.56 -29.44 72.18
C THR B 1241 11.10 -28.99 73.56
N PHE B 1242 11.57 -27.84 74.05
CA PHE B 1242 10.92 -27.01 75.06
C PHE B 1242 11.70 -25.73 75.29
N GLU B 1243 13.04 -25.85 75.25
CA GLU B 1243 13.93 -24.77 75.69
C GLU B 1243 14.02 -23.69 74.63
N ASP B 1244 13.75 -24.05 73.39
CA ASP B 1244 13.64 -23.05 72.33
C ASP B 1244 12.54 -22.05 72.64
N PHE B 1245 11.52 -22.45 73.41
CA PHE B 1245 10.48 -21.51 73.79
C PHE B 1245 11.04 -20.40 74.68
N VAL B 1246 11.70 -20.79 75.78
CA VAL B 1246 12.19 -19.78 76.71
C VAL B 1246 13.36 -19.01 76.10
N ARG B 1247 14.07 -19.60 75.15
CA ARG B 1247 15.29 -18.99 74.62
C ARG B 1247 15.01 -17.61 74.04
N ILE B 1248 13.92 -17.49 73.29
CA ILE B 1248 13.60 -16.27 72.57
C ILE B 1248 12.19 -15.84 72.96
N PHE B 1249 11.77 -16.21 74.17
CA PHE B 1249 10.43 -15.89 74.64
C PHE B 1249 10.21 -14.39 74.66
N ASP B 1250 11.21 -13.63 75.06
CA ASP B 1250 11.07 -12.18 75.11
C ASP B 1250 11.07 -11.57 73.72
N GLU B 1251 11.64 -12.25 72.72
CA GLU B 1251 11.68 -11.70 71.38
C GLU B 1251 10.35 -11.86 70.66
N VAL B 1252 9.73 -13.04 70.79
CA VAL B 1252 8.47 -13.30 70.10
C VAL B 1252 7.36 -12.41 70.62
N MET B 1253 7.45 -11.93 71.84
CA MET B 1253 6.44 -11.05 72.39
C MET B 1253 6.57 -9.62 71.90
N GLY B 1254 7.62 -9.31 71.15
CA GLY B 1254 7.79 -7.97 70.60
C GLY B 1254 7.00 -7.77 69.32
N CYS B 1255 5.70 -8.00 69.39
CA CYS B 1255 4.83 -7.84 68.23
C CYS B 1255 4.32 -6.40 68.12
N GLU B 1284 -5.36 -3.11 79.32
CA GLU B 1284 -6.12 -4.34 79.50
C GLU B 1284 -5.35 -5.50 78.83
N PRO B 1285 -5.31 -6.70 79.47
CA PRO B 1285 -4.64 -7.85 78.80
C PRO B 1285 -5.53 -8.51 77.76
N ILE B 1286 -5.58 -7.91 76.56
CA ILE B 1286 -6.43 -8.43 75.49
C ILE B 1286 -5.71 -9.42 74.59
N HIS B 1287 -4.40 -9.59 74.74
CA HIS B 1287 -3.64 -10.44 73.83
C HIS B 1287 -3.81 -11.91 74.19
N ILE B 1288 -3.81 -12.76 73.16
CA ILE B 1288 -3.85 -14.21 73.31
C ILE B 1288 -2.67 -14.76 72.53
N LEU B 1289 -1.90 -15.65 73.17
CA LEU B 1289 -0.74 -16.26 72.54
C LEU B 1289 -0.91 -17.76 72.50
N ASN B 1290 -0.72 -18.33 71.30
CA ASN B 1290 -0.69 -19.77 71.10
C ASN B 1290 0.74 -20.21 70.84
N VAL B 1291 1.13 -21.31 71.48
CA VAL B 1291 2.50 -21.83 71.41
C VAL B 1291 2.39 -23.32 71.09
N ALA B 1292 3.07 -23.74 70.01
CA ALA B 1292 3.10 -25.13 69.59
C ALA B 1292 4.53 -25.63 69.66
N ILE B 1293 4.74 -26.76 70.34
CA ILE B 1293 6.08 -27.22 70.69
C ILE B 1293 6.20 -28.68 70.26
N LYS B 1294 7.17 -28.93 69.38
CA LYS B 1294 7.50 -30.26 68.87
C LYS B 1294 8.11 -31.16 69.94
N THR B 1295 7.32 -32.10 70.46
CA THR B 1295 7.79 -33.07 71.44
C THR B 1295 7.25 -34.47 71.08
N ASP B 1296 7.45 -34.88 69.83
CA ASP B 1296 6.75 -36.04 69.27
C ASP B 1296 7.24 -37.36 69.88
N CYS B 1297 6.96 -37.53 71.17
CA CYS B 1297 7.32 -38.76 71.87
C CYS B 1297 6.66 -38.87 73.26
N ASP B 1298 5.97 -39.98 73.52
CA ASP B 1298 5.65 -40.39 74.90
C ASP B 1298 4.78 -39.43 75.71
N ILE B 1299 3.47 -39.46 75.49
CA ILE B 1299 2.52 -38.65 76.25
C ILE B 1299 2.78 -38.83 77.73
N GLU B 1300 3.22 -37.75 78.39
CA GLU B 1300 3.41 -37.72 79.84
C GLU B 1300 2.81 -36.41 80.33
N ASP B 1301 1.51 -36.42 80.61
CA ASP B 1301 0.79 -35.19 80.88
C ASP B 1301 1.28 -34.50 82.16
N ASP B 1302 1.57 -35.29 83.19
CA ASP B 1302 2.03 -34.71 84.45
C ASP B 1302 3.33 -33.95 84.28
N ARG B 1303 4.30 -34.56 83.61
CA ARG B 1303 5.59 -33.92 83.39
C ARG B 1303 5.44 -32.66 82.54
N LEU B 1304 4.62 -32.75 81.48
CA LEU B 1304 4.39 -31.60 80.62
C LEU B 1304 3.82 -30.44 81.41
N ALA B 1305 2.77 -30.70 82.20
CA ALA B 1305 2.14 -29.66 82.99
C ALA B 1305 3.12 -29.05 83.99
N ALA B 1306 3.93 -29.90 84.63
CA ALA B 1306 4.93 -29.38 85.57
C ALA B 1306 5.90 -28.42 84.87
N MET B 1307 6.41 -28.84 83.72
CA MET B 1307 7.33 -28.00 82.95
C MET B 1307 6.71 -26.67 82.60
N PHE B 1308 5.45 -26.67 82.16
CA PHE B 1308 4.82 -25.41 81.77
C PHE B 1308 4.56 -24.53 82.99
N ARG B 1309 4.17 -25.14 84.11
CA ARG B 1309 3.88 -24.37 85.31
C ARG B 1309 5.11 -23.64 85.79
N GLU B 1310 6.28 -24.25 85.66
CA GLU B 1310 7.50 -23.57 86.09
C GLU B 1310 7.68 -22.25 85.35
N PHE B 1311 7.58 -22.27 84.03
CA PHE B 1311 7.72 -21.05 83.24
C PHE B 1311 6.66 -20.03 83.62
N THR B 1312 5.40 -20.46 83.68
CA THR B 1312 4.34 -19.49 83.87
C THR B 1312 4.29 -18.94 85.30
N GLN B 1313 4.89 -19.65 86.26
CA GLN B 1313 4.96 -19.15 87.63
C GLN B 1313 6.18 -18.27 87.88
N GLN B 1314 7.27 -18.50 87.15
CA GLN B 1314 8.46 -17.68 87.33
C GLN B 1314 8.43 -16.43 86.45
N ASN B 1315 8.17 -16.62 85.17
CA ASN B 1315 8.20 -15.55 84.18
C ASN B 1315 6.81 -14.94 84.05
N LYS B 1316 6.70 -13.65 84.36
CA LYS B 1316 5.43 -12.91 84.29
C LYS B 1316 5.47 -11.87 83.18
N ALA B 1317 6.15 -12.18 82.07
CA ALA B 1317 6.12 -11.31 80.91
C ALA B 1317 4.71 -11.09 80.40
N THR B 1318 3.83 -12.07 80.59
CA THR B 1318 2.46 -11.98 80.13
C THR B 1318 1.70 -10.81 80.76
N LEU B 1319 2.16 -10.31 81.91
CA LEU B 1319 1.51 -9.20 82.61
C LEU B 1319 2.24 -7.88 82.42
N VAL B 1320 3.57 -7.91 82.40
CA VAL B 1320 4.36 -6.70 82.44
C VAL B 1320 4.70 -6.16 81.06
N ASP B 1321 4.75 -7.01 80.03
CA ASP B 1321 5.11 -6.53 78.70
C ASP B 1321 3.96 -5.76 78.06
N HIS B 1322 2.85 -6.44 77.76
CA HIS B 1322 1.67 -5.78 77.21
C HIS B 1322 0.36 -6.29 77.82
N GLY B 1323 0.33 -7.53 78.31
CA GLY B 1323 -0.87 -8.14 78.83
C GLY B 1323 -1.45 -9.24 77.97
N ILE B 1324 -1.18 -10.50 78.32
CA ILE B 1324 -1.75 -11.67 77.65
C ILE B 1324 -2.76 -12.29 78.60
N ARG B 1325 -3.98 -12.50 78.11
CA ARG B 1325 -5.02 -13.07 78.95
C ARG B 1325 -4.76 -14.53 79.27
N ARG B 1326 -4.49 -15.33 78.23
CA ARG B 1326 -4.24 -16.76 78.40
C ARG B 1326 -3.11 -17.17 77.49
N LEU B 1327 -2.35 -18.16 77.95
CA LEU B 1327 -1.29 -18.78 77.16
C LEU B 1327 -1.62 -20.25 76.99
N THR B 1328 -1.74 -20.68 75.74
CA THR B 1328 -2.13 -22.04 75.40
C THR B 1328 -0.96 -22.75 74.72
N PHE B 1329 -0.62 -23.92 75.25
CA PHE B 1329 0.45 -24.76 74.71
C PHE B 1329 -0.16 -25.95 73.98
N LEU B 1330 0.29 -26.18 72.76
CA LEU B 1330 -0.12 -27.34 71.98
C LEU B 1330 1.03 -28.34 71.97
N VAL B 1331 0.77 -29.52 72.52
CA VAL B 1331 1.72 -30.62 72.51
C VAL B 1331 1.29 -31.59 71.42
N ALA B 1332 2.24 -32.00 70.59
CA ALA B 1332 1.95 -32.92 69.50
C ALA B 1332 2.18 -34.36 69.97
N PHE B 1352 -4.89 -36.94 68.89
CA PHE B 1352 -3.45 -36.71 68.89
C PHE B 1352 -3.02 -35.46 69.66
N PRO B 1353 -3.54 -34.27 69.33
CA PRO B 1353 -3.08 -33.07 70.03
C PRO B 1353 -3.46 -33.07 71.49
N LYS B 1354 -2.57 -32.51 72.31
CA LYS B 1354 -2.77 -32.41 73.76
C LYS B 1354 -2.57 -30.95 74.13
N PHE B 1355 -3.68 -30.26 74.37
CA PHE B 1355 -3.65 -28.86 74.77
C PHE B 1355 -3.50 -28.71 76.27
N PHE B 1356 -2.74 -27.69 76.67
CA PHE B 1356 -2.59 -27.31 78.07
C PHE B 1356 -2.71 -25.80 78.14
N THR B 1357 -3.67 -25.30 78.90
CA THR B 1357 -3.97 -23.88 78.98
C THR B 1357 -3.57 -23.35 80.35
N PHE B 1358 -2.92 -22.19 80.37
CA PHE B 1358 -2.46 -21.56 81.60
C PHE B 1358 -2.79 -20.08 81.54
N ARG B 1359 -3.52 -19.60 82.55
CA ARG B 1359 -3.84 -18.18 82.71
C ARG B 1359 -3.02 -17.64 83.86
N ALA B 1360 -2.04 -16.80 83.53
CA ALA B 1360 -1.17 -16.18 84.53
C ALA B 1360 -1.67 -14.76 84.78
N ARG B 1361 -2.93 -14.64 85.21
CA ARG B 1361 -3.50 -13.34 85.52
C ARG B 1361 -4.10 -13.24 86.91
N ASP B 1362 -5.05 -14.14 87.24
CA ASP B 1362 -5.75 -14.06 88.52
C ASP B 1362 -5.79 -15.40 89.25
N LYS B 1363 -6.01 -16.48 88.52
CA LYS B 1363 -6.12 -17.81 89.10
C LYS B 1363 -4.79 -18.52 88.95
N PHE B 1364 -4.66 -19.64 89.67
CA PHE B 1364 -3.47 -20.46 89.54
C PHE B 1364 -3.29 -20.90 88.09
N GLU B 1365 -2.04 -20.94 87.66
CA GLU B 1365 -1.72 -21.21 86.26
C GLU B 1365 -2.00 -22.69 85.99
N GLU B 1366 -3.28 -22.99 85.79
CA GLU B 1366 -3.74 -24.31 85.43
C GLU B 1366 -5.18 -24.20 84.95
N ASP B 1367 -5.58 -25.15 84.13
CA ASP B 1367 -6.98 -25.25 83.68
C ASP B 1367 -7.27 -26.72 83.49
N ARG B 1368 -8.09 -27.28 84.37
CA ARG B 1368 -8.49 -28.67 84.28
C ARG B 1368 -9.65 -28.88 83.32
N ILE B 1369 -10.34 -27.82 82.93
CA ILE B 1369 -11.54 -27.94 82.12
C ILE B 1369 -11.18 -28.13 80.66
N TYR B 1370 -10.28 -27.29 80.14
CA TYR B 1370 -9.90 -27.31 78.74
C TYR B 1370 -8.66 -28.15 78.50
N ARG B 1371 -8.31 -29.04 79.41
CA ARG B 1371 -7.25 -29.99 79.14
C ARG B 1371 -7.61 -30.81 77.91
N HIS B 1372 -6.68 -30.90 76.97
CA HIS B 1372 -6.86 -31.58 75.71
C HIS B 1372 -7.95 -30.97 74.84
N LEU B 1373 -8.26 -29.70 75.07
CA LEU B 1373 -9.19 -28.96 74.22
C LEU B 1373 -8.72 -27.52 74.10
N GLU B 1374 -8.72 -27.01 72.89
CA GLU B 1374 -8.35 -25.63 72.66
C GLU B 1374 -9.47 -24.72 73.17
N PRO B 1375 -9.19 -23.72 74.03
CA PRO B 1375 -10.29 -22.88 74.53
C PRO B 1375 -10.73 -21.80 73.56
N ALA B 1376 -10.28 -21.87 72.31
CA ALA B 1376 -10.87 -21.08 71.25
C ALA B 1376 -12.28 -21.56 70.89
N LEU B 1377 -12.61 -22.80 71.26
CA LEU B 1377 -13.94 -23.36 71.08
C LEU B 1377 -14.80 -23.23 72.33
N ALA B 1378 -14.52 -22.24 73.17
CA ALA B 1378 -15.28 -22.01 74.39
C ALA B 1378 -16.56 -21.23 74.15
N PHE B 1379 -16.75 -20.68 72.95
CA PHE B 1379 -18.00 -20.07 72.54
C PHE B 1379 -18.75 -20.91 71.53
N GLN B 1380 -18.02 -21.68 70.71
CA GLN B 1380 -18.68 -22.60 69.79
C GLN B 1380 -19.52 -23.60 70.55
N LEU B 1381 -18.99 -24.09 71.68
CA LEU B 1381 -19.67 -25.02 72.56
C LEU B 1381 -19.93 -24.34 73.89
N GLU B 1382 -21.20 -24.26 74.26
CA GLU B 1382 -21.64 -23.44 75.38
C GLU B 1382 -21.30 -24.14 76.69
N LEU B 1383 -20.01 -24.08 77.05
CA LEU B 1383 -19.55 -24.68 78.30
C LEU B 1383 -19.79 -23.80 79.52
N ASN B 1384 -20.20 -22.55 79.35
CA ASN B 1384 -20.52 -21.72 80.50
C ASN B 1384 -21.87 -22.06 81.12
N ARG B 1385 -22.66 -22.91 80.47
CA ARG B 1385 -23.97 -23.31 80.97
C ARG B 1385 -23.87 -24.55 81.86
N MET B 1386 -22.72 -24.77 82.48
CA MET B 1386 -22.44 -25.98 83.24
C MET B 1386 -21.85 -25.66 84.61
N ARG B 1387 -22.17 -24.47 85.12
CA ARG B 1387 -21.67 -24.06 86.42
C ARG B 1387 -22.12 -25.00 87.52
N ASN B 1388 -23.26 -25.66 87.36
CA ASN B 1388 -23.83 -26.51 88.39
C ASN B 1388 -23.29 -27.93 88.38
N PHE B 1389 -22.33 -28.23 87.51
CA PHE B 1389 -21.80 -29.58 87.36
C PHE B 1389 -20.28 -29.58 87.41
N ASP B 1390 -19.75 -30.67 87.93
CA ASP B 1390 -18.33 -31.00 87.82
C ASP B 1390 -18.18 -31.96 86.66
N LEU B 1391 -17.38 -31.57 85.68
CA LEU B 1391 -17.28 -32.28 84.42
C LEU B 1391 -15.97 -33.05 84.33
N THR B 1392 -16.06 -34.21 83.69
CA THR B 1392 -14.90 -34.94 83.21
C THR B 1392 -15.13 -35.23 81.74
N ALA B 1393 -14.17 -34.85 80.90
CA ALA B 1393 -14.27 -35.18 79.50
C ALA B 1393 -13.93 -36.64 79.30
N ILE B 1394 -14.61 -37.26 78.34
CA ILE B 1394 -14.38 -38.65 77.97
C ILE B 1394 -13.81 -38.65 76.56
N PRO B 1395 -12.63 -39.23 76.33
CA PRO B 1395 -12.14 -39.31 74.95
C PRO B 1395 -12.97 -40.26 74.14
N CYS B 1396 -12.90 -40.09 72.82
CA CYS B 1396 -13.68 -40.92 71.92
C CYS B 1396 -13.08 -40.78 70.53
N ALA B 1397 -13.41 -41.74 69.67
CA ALA B 1397 -13.10 -41.60 68.26
C ALA B 1397 -13.88 -40.42 67.70
N ASN B 1398 -13.43 -39.96 66.52
CA ASN B 1398 -13.98 -38.78 65.84
C ASN B 1398 -14.25 -37.65 66.82
N HIS B 1399 -13.15 -37.07 67.31
CA HIS B 1399 -13.29 -36.09 68.39
C HIS B 1399 -13.73 -34.71 67.88
N LYS B 1400 -14.73 -34.68 67.01
CA LYS B 1400 -15.65 -33.58 66.85
C LYS B 1400 -16.87 -33.72 67.75
N MET B 1401 -17.10 -34.92 68.30
CA MET B 1401 -18.22 -35.21 69.18
C MET B 1401 -17.67 -35.23 70.61
N HIS B 1402 -17.51 -34.04 71.19
CA HIS B 1402 -16.92 -33.91 72.51
C HIS B 1402 -17.92 -34.38 73.55
N LEU B 1403 -17.57 -35.43 74.26
CA LEU B 1403 -18.41 -35.99 75.29
C LEU B 1403 -17.88 -35.60 76.67
N TYR B 1404 -18.79 -35.20 77.54
CA TYR B 1404 -18.50 -34.91 78.93
C TYR B 1404 -19.48 -35.65 79.83
N LEU B 1405 -18.98 -36.15 80.94
CA LEU B 1405 -19.82 -36.68 82.01
C LEU B 1405 -19.80 -35.67 83.14
N GLY B 1406 -20.99 -35.21 83.53
CA GLY B 1406 -21.16 -34.18 84.52
C GLY B 1406 -21.87 -34.76 85.74
N ALA B 1407 -21.42 -34.34 86.91
CA ALA B 1407 -22.03 -34.70 88.18
C ALA B 1407 -22.51 -33.44 88.84
N ALA B 1408 -23.75 -33.47 89.31
CA ALA B 1408 -24.32 -32.30 89.97
C ALA B 1408 -23.50 -31.92 91.19
N LYS B 1409 -23.29 -30.62 91.36
CA LYS B 1409 -22.63 -30.10 92.55
C LYS B 1409 -23.57 -30.17 93.74
N VAL B 1410 -23.10 -30.80 94.82
CA VAL B 1410 -23.88 -30.99 96.03
C VAL B 1410 -23.06 -30.45 97.19
N GLU B 1411 -23.72 -30.31 98.34
CA GLU B 1411 -23.04 -29.88 99.54
C GLU B 1411 -22.25 -31.04 100.13
N VAL B 1412 -21.55 -30.75 101.24
CA VAL B 1412 -20.82 -31.76 102.00
C VAL B 1412 -21.73 -32.75 102.71
N GLY B 1413 -23.04 -32.55 102.64
CA GLY B 1413 -24.00 -33.41 103.28
C GLY B 1413 -24.50 -34.41 102.26
N THR B 1414 -25.61 -34.09 101.62
CA THR B 1414 -26.19 -34.97 100.61
C THR B 1414 -25.17 -35.36 99.55
N GLU B 1415 -25.20 -36.63 99.19
CA GLU B 1415 -24.32 -37.21 98.19
C GLU B 1415 -24.76 -36.81 96.80
N VAL B 1416 -24.06 -37.36 95.80
CA VAL B 1416 -24.36 -37.10 94.40
C VAL B 1416 -25.24 -38.22 93.87
N THR B 1417 -26.37 -37.85 93.27
CA THR B 1417 -27.26 -38.80 92.61
C THR B 1417 -27.55 -38.45 91.16
N ASP B 1418 -27.25 -37.23 90.72
CA ASP B 1418 -27.49 -36.79 89.35
C ASP B 1418 -26.19 -36.84 88.56
N TYR B 1419 -26.14 -37.75 87.59
CA TYR B 1419 -25.04 -37.88 86.64
C TYR B 1419 -25.60 -37.81 85.23
N ARG B 1420 -24.97 -37.03 84.36
CA ARG B 1420 -25.51 -36.82 83.03
C ARG B 1420 -24.40 -36.74 81.99
N PHE B 1421 -24.66 -37.36 80.83
CA PHE B 1421 -23.78 -37.25 79.68
C PHE B 1421 -24.20 -36.09 78.81
N PHE B 1422 -23.22 -35.35 78.30
CA PHE B 1422 -23.44 -34.22 77.40
C PHE B 1422 -22.60 -34.44 76.16
N VAL B 1423 -23.25 -34.45 75.02
CA VAL B 1423 -22.59 -34.51 73.72
C VAL B 1423 -22.64 -33.11 73.14
N ARG B 1424 -21.47 -32.57 72.87
CA ARG B 1424 -21.32 -31.23 72.32
C ARG B 1424 -20.51 -31.42 71.05
N ALA B 1425 -21.16 -31.24 69.91
CA ALA B 1425 -20.53 -31.47 68.62
C ALA B 1425 -20.42 -30.18 67.84
N ILE B 1426 -19.34 -30.10 67.08
CA ILE B 1426 -19.10 -29.00 66.16
C ILE B 1426 -19.19 -29.58 64.76
N ILE B 1427 -19.99 -28.93 63.91
CA ILE B 1427 -20.15 -29.31 62.52
C ILE B 1427 -19.58 -28.17 61.70
N ARG B 1428 -18.47 -28.44 61.03
CA ARG B 1428 -17.83 -27.48 60.16
C ARG B 1428 -18.17 -27.79 58.71
N HIS B 1429 -18.52 -26.75 57.97
CA HIS B 1429 -18.83 -26.86 56.55
C HIS B 1429 -18.99 -25.45 56.01
N SER B 1430 -18.79 -25.30 54.71
CA SER B 1430 -18.95 -23.99 54.09
C SER B 1430 -20.44 -23.63 54.00
N ASP B 1431 -20.70 -22.34 53.83
CA ASP B 1431 -22.07 -21.87 53.77
C ASP B 1431 -22.78 -22.43 52.54
N LEU B 1432 -24.10 -22.53 52.64
CA LEU B 1432 -24.92 -23.08 51.57
C LEU B 1432 -25.73 -21.98 50.91
N VAL B 1433 -25.80 -22.06 49.58
CA VAL B 1433 -26.74 -21.28 48.79
C VAL B 1433 -27.88 -22.21 48.42
N THR B 1434 -29.09 -21.82 48.79
CA THR B 1434 -30.27 -22.67 48.64
C THR B 1434 -30.97 -22.30 47.33
N LYS B 1435 -31.17 -23.31 46.48
CA LYS B 1435 -32.06 -23.24 45.34
C LYS B 1435 -33.08 -24.38 45.48
N GLU B 1436 -33.63 -24.48 46.68
CA GLU B 1436 -34.38 -25.63 47.15
C GLU B 1436 -33.52 -26.89 47.10
N ALA B 1437 -32.22 -26.72 47.35
CA ALA B 1437 -31.23 -27.79 47.26
C ALA B 1437 -30.54 -28.08 48.58
N SER B 1438 -30.94 -27.40 49.66
CA SER B 1438 -30.37 -27.61 50.97
C SER B 1438 -31.13 -28.63 51.81
N PHE B 1439 -32.25 -29.16 51.31
CA PHE B 1439 -33.01 -30.14 52.06
C PHE B 1439 -32.19 -31.40 52.31
N GLU B 1440 -31.51 -31.89 51.27
CA GLU B 1440 -30.74 -33.11 51.42
C GLU B 1440 -29.59 -32.91 52.40
N TYR B 1441 -29.01 -31.72 52.40
CA TYR B 1441 -27.92 -31.44 53.34
C TYR B 1441 -28.43 -31.51 54.77
N LEU B 1442 -29.53 -30.83 55.05
CA LEU B 1442 -30.08 -30.83 56.40
C LEU B 1442 -30.48 -32.23 56.83
N GLN B 1443 -31.17 -32.97 55.96
CA GLN B 1443 -31.58 -34.32 56.31
C GLN B 1443 -30.40 -35.24 56.54
N ASN B 1444 -29.44 -35.25 55.61
CA ASN B 1444 -28.32 -36.16 55.70
C ASN B 1444 -27.43 -35.84 56.88
N GLU B 1445 -27.13 -34.56 57.09
CA GLU B 1445 -26.31 -34.18 58.23
C GLU B 1445 -27.03 -34.46 59.53
N GLY B 1446 -28.33 -34.19 59.60
CA GLY B 1446 -29.08 -34.48 60.80
C GLY B 1446 -29.02 -35.96 61.15
N GLU B 1447 -29.29 -36.81 60.16
CA GLU B 1447 -29.26 -38.24 60.39
C GLU B 1447 -27.87 -38.70 60.78
N ARG B 1448 -26.86 -38.25 60.05
CA ARG B 1448 -25.49 -38.69 60.28
C ARG B 1448 -25.02 -38.31 61.67
N LEU B 1449 -25.21 -37.04 62.04
CA LEU B 1449 -24.72 -36.57 63.32
C LEU B 1449 -25.50 -37.20 64.47
N LEU B 1450 -26.81 -37.39 64.29
CA LEU B 1450 -27.59 -38.01 65.35
C LEU B 1450 -27.14 -39.44 65.58
N LEU B 1451 -26.86 -40.17 64.50
CA LEU B 1451 -26.41 -41.55 64.65
C LEU B 1451 -25.04 -41.62 65.28
N GLU B 1452 -24.13 -40.72 64.88
CA GLU B 1452 -22.80 -40.74 65.46
C GLU B 1452 -22.84 -40.38 66.94
N ALA B 1453 -23.69 -39.42 67.29
CA ALA B 1453 -23.86 -39.04 68.67
C ALA B 1453 -24.35 -40.22 69.49
N MET B 1454 -25.36 -40.93 68.98
CA MET B 1454 -25.89 -42.07 69.71
C MET B 1454 -24.86 -43.17 69.84
N ASP B 1455 -24.02 -43.37 68.82
CA ASP B 1455 -23.05 -44.46 68.88
C ASP B 1455 -21.96 -44.17 69.90
N GLU B 1456 -21.41 -42.96 69.86
CA GLU B 1456 -20.38 -42.61 70.83
C GLU B 1456 -20.94 -42.63 72.23
N LEU B 1457 -22.16 -42.15 72.41
CA LEU B 1457 -22.76 -42.17 73.72
C LEU B 1457 -23.03 -43.58 74.16
N GLU B 1458 -23.38 -44.48 73.24
CA GLU B 1458 -23.60 -45.86 73.61
C GLU B 1458 -22.35 -46.47 74.20
N VAL B 1459 -21.23 -46.28 73.50
CA VAL B 1459 -19.95 -46.80 73.96
C VAL B 1459 -19.65 -46.25 75.36
N ALA B 1460 -19.70 -44.93 75.51
CA ALA B 1460 -19.32 -44.36 76.79
C ALA B 1460 -20.33 -44.67 77.87
N PHE B 1461 -21.57 -44.94 77.49
CA PHE B 1461 -22.62 -45.22 78.46
C PHE B 1461 -22.43 -46.60 79.06
N ASN B 1462 -22.00 -47.55 78.23
CA ASN B 1462 -21.76 -48.89 78.75
C ASN B 1462 -20.41 -49.03 79.45
N ASN B 1463 -19.49 -48.08 79.26
CA ASN B 1463 -18.18 -48.19 79.88
C ASN B 1463 -18.17 -47.82 81.35
N THR B 1464 -19.23 -47.22 81.88
CA THR B 1464 -19.27 -46.78 83.26
C THR B 1464 -20.58 -47.19 83.90
N ASN B 1465 -20.63 -47.06 85.23
CA ASN B 1465 -21.83 -47.34 86.01
C ASN B 1465 -22.01 -46.19 87.01
N VAL B 1466 -22.72 -45.17 86.56
CA VAL B 1466 -23.18 -44.07 87.40
C VAL B 1466 -24.69 -43.86 87.30
N ARG B 1467 -25.35 -44.55 86.38
CA ARG B 1467 -26.80 -44.54 86.26
C ARG B 1467 -27.31 -43.12 85.99
N THR B 1468 -26.95 -42.64 84.80
CA THR B 1468 -27.41 -41.34 84.36
C THR B 1468 -28.87 -41.38 83.98
N ASP B 1469 -29.50 -40.20 84.03
CA ASP B 1469 -30.92 -40.05 83.77
C ASP B 1469 -31.21 -39.21 82.54
N CYS B 1470 -30.73 -37.97 82.49
CA CYS B 1470 -31.16 -36.99 81.49
C CYS B 1470 -29.98 -36.60 80.63
N ASN B 1471 -29.73 -37.39 79.61
CA ASN B 1471 -28.63 -37.14 78.70
C ASN B 1471 -29.06 -36.16 77.63
N HIS B 1472 -28.08 -35.35 77.18
CA HIS B 1472 -28.30 -34.20 76.33
C HIS B 1472 -27.36 -34.26 75.14
N ILE B 1473 -27.88 -33.86 73.99
CA ILE B 1473 -27.11 -33.74 72.75
C ILE B 1473 -27.24 -32.32 72.26
N PHE B 1474 -26.11 -31.71 71.92
CA PHE B 1474 -26.06 -30.38 71.34
C PHE B 1474 -25.27 -30.43 70.04
N LEU B 1475 -25.87 -29.95 68.96
CA LEU B 1475 -25.26 -29.93 67.64
C LEU B 1475 -25.22 -28.50 67.16
N ASN B 1476 -24.02 -27.92 67.15
CA ASN B 1476 -23.79 -26.57 66.67
C ASN B 1476 -23.31 -26.65 65.24
N PHE B 1477 -24.10 -26.11 64.31
CA PHE B 1477 -23.76 -26.10 62.90
C PHE B 1477 -23.17 -24.75 62.56
N VAL B 1478 -21.94 -24.76 62.07
CA VAL B 1478 -21.22 -23.58 61.63
C VAL B 1478 -21.90 -22.95 60.42
N PRO B 1479 -22.17 -23.68 59.34
CA PRO B 1479 -22.63 -23.01 58.13
C PRO B 1479 -24.02 -22.44 58.28
N THR B 1480 -24.26 -21.37 57.53
CA THR B 1480 -25.57 -20.80 57.42
C THR B 1480 -26.30 -21.43 56.24
N VAL B 1481 -27.60 -21.66 56.42
CA VAL B 1481 -28.45 -22.28 55.43
C VAL B 1481 -29.67 -21.39 55.23
N ILE B 1482 -30.13 -21.30 53.99
CA ILE B 1482 -31.37 -20.59 53.67
C ILE B 1482 -32.45 -21.64 53.67
N MET B 1483 -33.37 -21.55 54.63
CA MET B 1483 -34.46 -22.50 54.74
C MET B 1483 -35.53 -21.88 55.62
N ASP B 1484 -36.77 -22.24 55.35
CA ASP B 1484 -37.84 -21.82 56.23
C ASP B 1484 -37.75 -22.61 57.52
N PRO B 1485 -37.81 -21.97 58.70
CA PRO B 1485 -37.67 -22.73 59.95
C PRO B 1485 -38.64 -23.88 60.12
N SER B 1486 -39.86 -23.74 59.59
CA SER B 1486 -40.84 -24.81 59.72
C SER B 1486 -40.38 -26.08 59.03
N LYS B 1487 -39.67 -25.95 57.91
CA LYS B 1487 -39.16 -27.13 57.22
C LYS B 1487 -38.07 -27.81 58.01
N ILE B 1488 -37.22 -27.03 58.68
CA ILE B 1488 -36.23 -27.61 59.57
C ILE B 1488 -36.92 -28.35 60.70
N GLU B 1489 -38.02 -27.78 61.21
CA GLU B 1489 -38.77 -28.46 62.26
C GLU B 1489 -39.26 -29.81 61.79
N GLU B 1490 -39.83 -29.86 60.57
CA GLU B 1490 -40.33 -31.13 60.04
C GLU B 1490 -39.20 -32.15 59.89
N SER B 1491 -38.08 -31.72 59.33
CA SER B 1491 -36.94 -32.62 59.15
C SER B 1491 -36.48 -33.22 60.47
N VAL B 1492 -36.25 -32.36 61.47
CA VAL B 1492 -35.76 -32.83 62.75
C VAL B 1492 -36.79 -33.73 63.42
N ARG B 1493 -38.08 -33.38 63.29
CA ARG B 1493 -39.14 -34.18 63.85
C ARG B 1493 -39.09 -35.61 63.34
N SER B 1494 -39.04 -35.75 62.01
CA SER B 1494 -39.02 -37.10 61.45
C SER B 1494 -37.77 -37.86 61.88
N MET B 1495 -36.60 -37.21 61.80
CA MET B 1495 -35.37 -37.91 62.13
C MET B 1495 -35.36 -38.37 63.58
N VAL B 1496 -35.90 -37.55 64.48
CA VAL B 1496 -35.93 -37.93 65.88
C VAL B 1496 -36.92 -39.07 66.10
N MET B 1497 -38.07 -39.00 65.44
CA MET B 1497 -39.11 -39.99 65.70
C MET B 1497 -38.70 -41.37 65.22
N ARG B 1498 -38.03 -41.45 64.07
CA ARG B 1498 -37.69 -42.77 63.55
C ARG B 1498 -36.67 -43.47 64.44
N TYR B 1499 -35.75 -42.69 65.02
CA TYR B 1499 -34.73 -43.21 65.93
C TYR B 1499 -35.08 -42.95 67.39
N GLY B 1500 -36.36 -42.73 67.69
CA GLY B 1500 -36.75 -42.42 69.05
C GLY B 1500 -36.54 -43.57 70.01
N SER B 1501 -36.62 -44.80 69.50
CA SER B 1501 -36.43 -45.95 70.37
C SER B 1501 -35.02 -46.01 70.92
N ARG B 1502 -34.03 -45.77 70.07
CA ARG B 1502 -32.64 -45.79 70.52
C ARG B 1502 -32.37 -44.67 71.50
N LEU B 1503 -32.89 -43.48 71.21
CA LEU B 1503 -32.70 -42.35 72.12
C LEU B 1503 -33.33 -42.63 73.47
N TRP B 1504 -34.45 -43.36 73.46
CA TRP B 1504 -35.09 -43.74 74.71
C TRP B 1504 -34.20 -44.69 75.48
N LYS B 1505 -33.63 -45.68 74.80
CA LYS B 1505 -32.79 -46.65 75.48
C LYS B 1505 -31.54 -46.01 76.05
N LEU B 1506 -31.04 -44.97 75.40
CA LEU B 1506 -29.87 -44.25 75.87
C LEU B 1506 -30.21 -43.10 76.81
N ARG B 1507 -31.48 -42.92 77.14
CA ARG B 1507 -31.90 -41.93 78.12
C ARG B 1507 -31.55 -40.52 77.68
N VAL B 1508 -31.68 -40.26 76.39
CA VAL B 1508 -31.49 -38.94 75.83
C VAL B 1508 -32.84 -38.24 75.87
N LEU B 1509 -32.96 -37.25 76.74
CA LEU B 1509 -34.23 -36.59 76.96
C LEU B 1509 -34.30 -35.18 76.40
N GLN B 1510 -33.17 -34.50 76.30
CA GLN B 1510 -33.11 -33.13 75.82
C GLN B 1510 -32.18 -33.08 74.63
N ALA B 1511 -32.47 -32.17 73.71
CA ALA B 1511 -31.59 -31.97 72.57
C ALA B 1511 -31.70 -30.53 72.11
N GLU B 1512 -30.58 -29.97 71.66
CA GLU B 1512 -30.56 -28.62 71.15
C GLU B 1512 -29.79 -28.57 69.85
N LEU B 1513 -30.31 -27.79 68.91
CA LEU B 1513 -29.66 -27.58 67.63
C LEU B 1513 -29.59 -26.10 67.36
N LYS B 1514 -28.39 -25.62 67.04
CA LYS B 1514 -28.15 -24.24 66.67
C LYS B 1514 -27.89 -24.19 65.17
N ILE B 1515 -28.61 -23.30 64.47
CA ILE B 1515 -28.35 -23.12 63.05
C ILE B 1515 -28.74 -21.70 62.67
N ASN B 1516 -27.99 -21.15 61.72
CA ASN B 1516 -28.25 -19.80 61.22
C ASN B 1516 -29.11 -19.87 59.96
N ILE B 1517 -30.04 -18.93 59.85
CA ILE B 1517 -30.91 -18.79 58.70
C ILE B 1517 -30.35 -17.65 57.86
N ARG B 1518 -30.06 -17.96 56.59
CA ARG B 1518 -29.69 -17.01 55.52
C ARG B 1518 -28.30 -16.40 55.63
N ALA B 1525 -27.66 -12.93 58.62
CA ALA B 1525 -28.15 -14.24 59.06
C ALA B 1525 -28.67 -14.16 60.48
N ILE B 1526 -29.79 -14.82 60.75
CA ILE B 1526 -30.42 -14.81 62.07
C ILE B 1526 -30.24 -16.20 62.69
N PRO B 1527 -29.71 -16.32 63.90
CA PRO B 1527 -29.64 -17.64 64.52
C PRO B 1527 -30.99 -18.11 65.01
N ILE B 1528 -31.21 -19.42 64.90
CA ILE B 1528 -32.36 -20.07 65.50
C ILE B 1528 -31.85 -21.25 66.32
N ARG B 1529 -32.57 -21.52 67.40
CA ARG B 1529 -32.24 -22.59 68.33
C ARG B 1529 -33.46 -23.49 68.56
N LEU B 1530 -33.30 -24.74 68.17
CA LEU B 1530 -34.34 -25.75 68.29
C LEU B 1530 -34.11 -26.49 69.59
N PHE B 1531 -35.18 -26.61 70.39
CA PHE B 1531 -35.13 -27.24 71.69
C PHE B 1531 -36.11 -28.39 71.69
N LEU B 1532 -35.62 -29.60 71.94
CA LEU B 1532 -36.43 -30.79 71.90
C LEU B 1532 -36.44 -31.48 73.24
N THR B 1533 -37.64 -31.82 73.68
CA THR B 1533 -37.86 -32.63 74.87
C THR B 1533 -38.53 -33.93 74.44
N ASN B 1534 -37.91 -35.05 74.80
CA ASN B 1534 -38.39 -36.37 74.44
C ASN B 1534 -38.37 -37.22 75.70
N GLU B 1535 -39.45 -37.11 76.45
CA GLU B 1535 -39.73 -37.92 77.62
C GLU B 1535 -40.45 -39.17 77.11
N SER B 1536 -41.34 -39.72 77.95
CA SER B 1536 -42.10 -40.94 77.67
C SER B 1536 -42.42 -41.13 76.19
N GLY B 1537 -42.11 -42.32 75.69
CA GLY B 1537 -42.05 -42.58 74.26
C GLY B 1537 -43.39 -42.67 73.58
N TYR B 1538 -44.16 -41.58 73.63
CA TYR B 1538 -45.32 -41.43 72.78
C TYR B 1538 -45.41 -40.03 72.19
N TYR B 1539 -44.74 -39.06 72.80
CA TYR B 1539 -44.88 -37.66 72.44
C TYR B 1539 -43.51 -37.01 72.39
N LEU B 1540 -43.27 -36.26 71.32
CA LEU B 1540 -42.05 -35.50 71.12
C LEU B 1540 -42.40 -34.03 71.07
N ASP B 1541 -41.77 -33.24 71.91
CA ASP B 1541 -42.03 -31.81 71.99
C ASP B 1541 -40.88 -31.06 71.34
N ILE B 1542 -41.22 -30.21 70.38
CA ILE B 1542 -40.27 -29.38 69.66
C ILE B 1542 -40.67 -27.94 69.87
N SER B 1543 -39.72 -27.14 70.36
CA SER B 1543 -39.86 -25.70 70.45
C SER B 1543 -38.77 -25.05 69.62
N LEU B 1544 -39.03 -23.79 69.30
CA LEU B 1544 -38.15 -23.01 68.43
C LEU B 1544 -38.08 -21.60 68.98
N TYR B 1545 -36.85 -21.07 69.10
CA TYR B 1545 -36.66 -19.72 69.57
C TYR B 1545 -35.61 -19.03 68.73
N LYS B 1546 -35.76 -17.70 68.63
CA LYS B 1546 -34.73 -16.83 68.07
C LYS B 1546 -33.98 -16.15 69.20
N GLU B 1547 -32.71 -15.92 68.97
CA GLU B 1547 -31.91 -15.13 69.89
C GLU B 1547 -32.08 -13.67 69.54
N VAL B 1548 -32.55 -12.88 70.50
CA VAL B 1548 -32.81 -11.46 70.32
C VAL B 1548 -31.92 -10.68 71.28
N THR B 1549 -31.22 -9.71 70.71
CA THR B 1549 -30.26 -8.86 71.40
C THR B 1549 -30.86 -7.52 71.80
N ASP B 1550 -32.11 -7.24 71.44
CA ASP B 1550 -32.75 -5.97 71.76
C ASP B 1550 -33.09 -5.99 73.24
N SER B 1551 -32.08 -5.67 74.04
CA SER B 1551 -32.21 -5.58 75.49
C SER B 1551 -31.57 -4.28 75.93
N ARG B 1552 -31.69 -3.98 77.21
CA ARG B 1552 -31.08 -2.78 77.77
C ARG B 1552 -29.62 -2.98 78.14
N THR B 1553 -29.22 -4.21 78.46
CA THR B 1553 -27.87 -4.55 78.84
C THR B 1553 -27.23 -5.38 77.71
N ALA B 1554 -26.02 -5.86 77.97
CA ALA B 1554 -25.33 -6.74 77.03
C ALA B 1554 -25.82 -8.18 77.09
N GLN B 1555 -26.87 -8.47 77.85
CA GLN B 1555 -27.44 -9.82 77.90
C GLN B 1555 -28.37 -10.04 76.72
N ILE B 1556 -28.40 -11.28 76.24
CA ILE B 1556 -29.21 -11.70 75.11
C ILE B 1556 -30.25 -12.67 75.63
N MET B 1557 -31.44 -12.67 75.01
CA MET B 1557 -32.51 -13.52 75.49
C MET B 1557 -33.25 -14.14 74.33
N PHE B 1558 -34.00 -15.19 74.63
CA PHE B 1558 -34.79 -15.86 73.63
C PHE B 1558 -36.13 -15.17 73.45
N GLN B 1559 -36.58 -15.11 72.20
CA GLN B 1559 -37.92 -14.71 71.85
C GLN B 1559 -38.47 -15.75 70.90
N ALA B 1560 -39.66 -16.24 71.20
CA ALA B 1560 -40.31 -17.26 70.42
C ALA B 1560 -41.11 -16.57 69.31
N TYR B 1561 -41.99 -17.33 68.67
CA TYR B 1561 -42.75 -16.86 67.51
C TYR B 1561 -44.20 -16.55 67.87
N GLY B 1562 -44.49 -16.30 69.15
CA GLY B 1562 -45.84 -15.97 69.57
C GLY B 1562 -46.71 -17.19 69.77
N ASP B 1563 -46.82 -18.02 68.74
CA ASP B 1563 -47.60 -19.25 68.82
C ASP B 1563 -46.78 -20.27 69.61
N LYS B 1564 -47.26 -20.63 70.79
CA LYS B 1564 -46.58 -21.56 71.68
C LYS B 1564 -45.19 -21.02 72.05
N GLN B 1565 -45.24 -19.94 72.82
CA GLN B 1565 -44.00 -19.27 73.24
C GLN B 1565 -43.07 -20.21 73.97
N GLY B 1566 -43.60 -20.97 74.93
CA GLY B 1566 -42.85 -21.99 75.59
C GLY B 1566 -42.08 -21.51 76.82
N PRO B 1567 -41.47 -22.44 77.56
CA PRO B 1567 -40.84 -22.07 78.84
C PRO B 1567 -39.67 -21.13 78.73
N LEU B 1568 -38.95 -21.11 77.61
CA LEU B 1568 -37.73 -20.32 77.49
C LEU B 1568 -37.98 -18.93 76.91
N HIS B 1569 -39.24 -18.54 76.76
CA HIS B 1569 -39.55 -17.24 76.22
C HIS B 1569 -39.07 -16.16 77.18
N GLY B 1570 -38.30 -15.21 76.67
CA GLY B 1570 -37.76 -14.15 77.50
C GLY B 1570 -36.70 -14.61 78.47
N MET B 1571 -36.20 -15.82 78.32
CA MET B 1571 -35.16 -16.36 79.19
C MET B 1571 -33.80 -16.09 78.59
N LEU B 1572 -32.80 -15.91 79.46
CA LEU B 1572 -31.46 -15.63 79.01
C LEU B 1572 -30.88 -16.85 78.30
N ILE B 1573 -30.13 -16.59 77.23
CA ILE B 1573 -29.56 -17.68 76.44
C ILE B 1573 -28.47 -18.43 77.19
N ASN B 1574 -27.93 -17.86 78.26
CA ASN B 1574 -26.88 -18.47 79.06
C ASN B 1574 -27.42 -19.14 80.31
N THR B 1575 -28.70 -19.49 80.33
CA THR B 1575 -29.26 -20.16 81.50
C THR B 1575 -28.56 -21.51 81.68
N PRO B 1576 -28.00 -21.79 82.86
CA PRO B 1576 -27.32 -23.08 83.03
C PRO B 1576 -28.30 -24.23 83.10
N TYR B 1577 -27.75 -25.44 82.97
CA TYR B 1577 -28.54 -26.64 83.13
C TYR B 1577 -28.78 -26.92 84.60
N VAL B 1578 -30.03 -27.24 84.91
CA VAL B 1578 -30.46 -27.50 86.28
C VAL B 1578 -30.15 -28.94 86.67
N THR B 1579 -30.40 -29.20 87.95
CA THR B 1579 -30.13 -30.48 88.60
C THR B 1579 -31.44 -31.04 89.12
N LYS B 1580 -31.93 -32.16 88.56
CA LYS B 1580 -33.33 -32.59 88.48
C LYS B 1580 -34.38 -31.95 89.41
N ASP B 1581 -35.65 -32.31 89.23
CA ASP B 1581 -36.72 -31.52 89.81
C ASP B 1581 -37.68 -32.37 90.63
N LEU B 1582 -38.82 -31.77 90.97
CA LEU B 1582 -39.86 -32.46 91.73
C LEU B 1582 -40.20 -33.80 91.08
N LEU B 1583 -40.59 -33.77 89.81
CA LEU B 1583 -41.08 -34.97 89.14
C LEU B 1583 -39.98 -35.97 88.89
N GLN B 1584 -38.82 -35.51 88.41
CA GLN B 1584 -37.70 -36.40 88.23
C GLN B 1584 -37.25 -36.96 89.57
N SER B 1585 -36.55 -38.09 89.48
CA SER B 1585 -36.10 -38.92 90.59
C SER B 1585 -37.23 -39.74 91.19
N LYS B 1586 -38.47 -39.48 90.76
CA LYS B 1586 -39.61 -40.35 90.95
C LYS B 1586 -40.09 -40.91 89.63
N ARG B 1587 -40.13 -40.05 88.61
CA ARG B 1587 -40.36 -40.51 87.25
C ARG B 1587 -39.28 -41.47 86.82
N PHE B 1588 -38.04 -41.20 87.21
CA PHE B 1588 -36.92 -42.03 86.81
C PHE B 1588 -37.01 -43.41 87.42
N GLN B 1589 -37.40 -43.47 88.69
CA GLN B 1589 -37.55 -44.77 89.36
C GLN B 1589 -38.63 -45.60 88.69
N ALA B 1590 -39.76 -44.98 88.41
CA ALA B 1590 -40.88 -45.69 87.79
C ALA B 1590 -40.49 -46.22 86.43
N GLN B 1591 -39.80 -45.40 85.63
CA GLN B 1591 -39.36 -45.88 84.33
C GLN B 1591 -38.27 -46.95 84.47
N SER B 1592 -37.49 -46.87 85.54
CA SER B 1592 -36.49 -47.88 85.81
C SER B 1592 -37.11 -49.22 86.17
N LEU B 1593 -38.37 -49.23 86.58
CA LEU B 1593 -39.10 -50.48 86.81
C LEU B 1593 -39.90 -50.94 85.60
N GLY B 1594 -39.78 -50.27 84.46
CA GLY B 1594 -40.53 -50.70 83.30
C GLY B 1594 -41.97 -50.29 83.29
N THR B 1595 -42.31 -49.21 83.98
CA THR B 1595 -43.68 -48.71 84.02
C THR B 1595 -43.65 -47.21 83.98
N THR B 1596 -44.76 -46.64 83.55
CA THR B 1596 -44.88 -45.20 83.44
C THR B 1596 -45.18 -44.60 84.80
N TYR B 1597 -44.67 -43.39 85.02
CA TYR B 1597 -44.99 -42.67 86.23
C TYR B 1597 -46.44 -42.23 86.19
N ILE B 1598 -47.04 -42.19 87.37
CA ILE B 1598 -48.49 -42.06 87.46
C ILE B 1598 -48.95 -40.73 86.89
N TYR B 1599 -48.25 -39.65 87.19
CA TYR B 1599 -48.66 -38.32 86.76
C TYR B 1599 -48.39 -38.05 85.29
N ASP B 1600 -47.89 -39.04 84.56
CA ASP B 1600 -47.82 -38.98 83.11
C ASP B 1600 -49.04 -39.60 82.46
N ILE B 1601 -49.95 -40.18 83.24
CA ILE B 1601 -51.10 -40.86 82.65
C ILE B 1601 -52.05 -39.92 81.94
N PRO B 1602 -52.42 -38.77 82.52
CA PRO B 1602 -53.35 -37.88 81.80
C PRO B 1602 -52.88 -37.49 80.42
N GLU B 1603 -51.62 -37.09 80.29
CA GLU B 1603 -51.07 -36.76 78.99
C GLU B 1603 -51.26 -37.88 77.98
N MET B 1604 -50.95 -39.12 78.38
CA MET B 1604 -51.14 -40.26 77.49
C MET B 1604 -52.54 -40.28 76.94
N PHE B 1605 -53.54 -40.07 77.80
CA PHE B 1605 -54.93 -40.09 77.37
C PHE B 1605 -55.13 -39.11 76.23
N ARG B 1606 -54.65 -37.89 76.44
CA ARG B 1606 -54.81 -36.85 75.43
C ARG B 1606 -54.25 -37.31 74.11
N GLN B 1607 -53.01 -37.79 74.13
CA GLN B 1607 -52.38 -38.16 72.87
C GLN B 1607 -53.08 -39.36 72.27
N SER B 1608 -53.53 -40.29 73.11
CA SER B 1608 -54.23 -41.44 72.58
C SER B 1608 -55.52 -41.01 71.92
N LEU B 1609 -56.20 -40.01 72.50
CA LEU B 1609 -57.45 -39.56 71.90
C LEU B 1609 -57.21 -39.05 70.51
N ILE B 1610 -56.09 -38.37 70.30
CA ILE B 1610 -55.76 -37.88 68.97
C ILE B 1610 -55.72 -39.04 68.01
N LYS B 1611 -54.96 -40.08 68.38
CA LYS B 1611 -54.90 -41.28 67.56
C LYS B 1611 -56.27 -41.87 67.33
N LEU B 1612 -57.12 -41.85 68.36
CA LEU B 1612 -58.46 -42.38 68.21
C LEU B 1612 -59.22 -41.62 67.14
N TRP B 1613 -59.20 -40.29 67.20
CA TRP B 1613 -59.91 -39.50 66.21
C TRP B 1613 -59.38 -39.76 64.82
N GLU B 1614 -58.10 -40.14 64.70
CA GLU B 1614 -57.57 -40.49 63.40
C GLU B 1614 -58.06 -41.88 63.00
N SER B 1615 -57.97 -42.83 63.93
CA SER B 1615 -58.22 -44.22 63.60
C SER B 1615 -59.65 -44.44 63.13
N MET B 1616 -60.60 -43.81 63.81
CA MET B 1616 -62.00 -43.93 63.47
C MET B 1616 -62.41 -43.07 62.29
N SER B 1617 -61.49 -42.33 61.68
CA SER B 1617 -61.90 -41.51 60.55
C SER B 1617 -62.21 -42.34 59.32
N THR B 1618 -61.77 -43.57 59.26
CA THR B 1618 -62.07 -44.47 58.16
C THR B 1618 -63.35 -45.27 58.37
N GLN B 1619 -63.99 -45.14 59.52
CA GLN B 1619 -65.17 -45.91 59.85
C GLN B 1619 -66.44 -45.09 59.85
N ALA B 1620 -66.36 -43.81 60.18
CA ALA B 1620 -67.54 -43.00 60.35
C ALA B 1620 -67.28 -41.57 59.92
N PHE B 1621 -68.37 -40.88 59.61
CA PHE B 1621 -68.35 -39.48 59.19
C PHE B 1621 -68.29 -38.62 60.43
N LEU B 1622 -67.12 -38.19 60.79
CA LEU B 1622 -66.90 -37.47 62.03
C LEU B 1622 -66.78 -35.98 61.80
N PRO B 1623 -67.15 -35.14 62.77
CA PRO B 1623 -66.89 -33.71 62.63
C PRO B 1623 -65.42 -33.41 62.76
N SER B 1624 -65.08 -32.17 62.50
CA SER B 1624 -63.69 -31.74 62.62
C SER B 1624 -63.25 -31.89 64.08
N PRO B 1625 -62.10 -32.51 64.36
CA PRO B 1625 -61.70 -32.69 65.74
C PRO B 1625 -61.32 -31.36 66.37
N PRO B 1626 -61.58 -31.16 67.65
CA PRO B 1626 -61.13 -29.94 68.30
C PRO B 1626 -59.62 -29.95 68.48
N LEU B 1627 -59.09 -28.83 68.90
CA LEU B 1627 -57.66 -28.76 69.15
C LEU B 1627 -57.33 -29.59 70.38
N PRO B 1628 -56.08 -30.08 70.48
CA PRO B 1628 -55.73 -30.93 71.63
C PRO B 1628 -55.97 -30.29 72.98
N SER B 1629 -55.91 -28.97 73.07
CA SER B 1629 -56.09 -28.32 74.36
C SER B 1629 -57.53 -28.42 74.86
N ASP B 1630 -58.47 -28.75 73.97
CA ASP B 1630 -59.88 -28.87 74.33
C ASP B 1630 -60.37 -30.30 74.34
N MET B 1631 -59.47 -31.28 74.14
CA MET B 1631 -59.89 -32.67 74.05
C MET B 1631 -59.98 -33.36 75.39
N LEU B 1632 -59.28 -32.86 76.40
CA LEU B 1632 -59.29 -33.49 77.71
C LEU B 1632 -59.03 -32.43 78.77
N THR B 1633 -59.85 -32.43 79.81
CA THR B 1633 -59.61 -31.65 81.01
C THR B 1633 -59.90 -32.51 82.21
N TYR B 1634 -59.07 -32.39 83.24
CA TYR B 1634 -59.17 -33.25 84.40
C TYR B 1634 -58.96 -32.46 85.67
N THR B 1635 -59.49 -33.01 86.76
CA THR B 1635 -59.22 -32.50 88.09
C THR B 1635 -58.82 -33.64 88.99
N GLU B 1636 -57.86 -33.39 89.86
CA GLU B 1636 -57.35 -34.43 90.74
C GLU B 1636 -58.27 -34.56 91.92
N LEU B 1637 -58.47 -35.80 92.35
CA LEU B 1637 -59.30 -36.13 93.49
C LEU B 1637 -58.39 -36.44 94.66
N VAL B 1638 -58.54 -35.69 95.74
CA VAL B 1638 -57.70 -35.87 96.91
C VAL B 1638 -58.62 -36.05 98.11
N LEU B 1639 -58.03 -36.55 99.18
CA LEU B 1639 -58.76 -36.70 100.44
C LEU B 1639 -58.54 -35.48 101.32
N ASP B 1640 -59.61 -35.07 102.00
CA ASP B 1640 -59.52 -34.03 103.00
C ASP B 1640 -59.13 -34.67 104.33
N ASP B 1641 -59.20 -33.89 105.40
CA ASP B 1641 -58.87 -34.41 106.73
C ASP B 1641 -59.96 -35.30 107.30
N GLN B 1642 -61.15 -35.32 106.71
CA GLN B 1642 -62.25 -36.16 107.18
C GLN B 1642 -62.37 -37.48 106.44
N GLY B 1643 -61.79 -37.59 105.25
CA GLY B 1643 -61.92 -38.76 104.42
C GLY B 1643 -62.79 -38.59 103.20
N GLN B 1644 -63.22 -37.37 102.89
CA GLN B 1644 -64.06 -37.09 101.74
C GLN B 1644 -63.21 -36.56 100.59
N LEU B 1645 -63.79 -36.61 99.40
CA LEU B 1645 -63.09 -36.20 98.21
C LEU B 1645 -63.14 -34.69 98.04
N VAL B 1646 -62.05 -34.15 97.53
CA VAL B 1646 -61.93 -32.75 97.17
C VAL B 1646 -61.43 -32.72 95.73
N HIS B 1647 -62.11 -31.94 94.90
CA HIS B 1647 -61.66 -31.64 93.55
C HIS B 1647 -60.62 -30.54 93.66
N MET B 1648 -59.40 -30.86 93.28
CA MET B 1648 -58.27 -29.96 93.44
C MET B 1648 -57.50 -29.87 92.13
N ASN B 1649 -56.99 -28.67 91.88
CA ASN B 1649 -56.07 -28.40 90.78
C ASN B 1649 -54.75 -28.00 91.40
N ARG B 1650 -53.73 -28.83 91.19
CA ARG B 1650 -52.43 -28.57 91.76
C ARG B 1650 -51.39 -29.12 90.79
N LEU B 1651 -50.14 -28.90 91.16
CA LEU B 1651 -49.06 -29.37 90.32
C LEU B 1651 -48.86 -30.87 90.50
N PRO B 1652 -48.39 -31.57 89.48
CA PRO B 1652 -48.17 -33.00 89.62
C PRO B 1652 -47.02 -33.30 90.57
N GLY B 1653 -47.07 -34.49 91.15
CA GLY B 1653 -46.04 -34.95 92.04
C GLY B 1653 -46.23 -34.55 93.49
N GLY B 1654 -47.41 -34.07 93.86
CA GLY B 1654 -47.67 -33.61 95.21
C GLY B 1654 -48.44 -34.59 96.06
N ASN B 1655 -48.48 -35.85 95.65
CA ASN B 1655 -49.20 -36.86 96.41
C ASN B 1655 -48.41 -37.24 97.64
N GLU B 1656 -49.12 -37.33 98.77
CA GLU B 1656 -48.56 -37.80 100.03
C GLU B 1656 -48.85 -39.28 100.28
N ILE B 1657 -49.69 -39.91 99.46
CA ILE B 1657 -50.02 -41.31 99.56
C ILE B 1657 -49.74 -41.98 98.23
N GLY B 1658 -49.83 -43.30 98.23
CA GLY B 1658 -49.48 -44.11 97.08
C GLY B 1658 -50.54 -44.24 96.03
N MET B 1659 -51.66 -43.56 96.18
CA MET B 1659 -52.81 -43.69 95.30
C MET B 1659 -53.15 -42.31 94.78
N VAL B 1660 -53.50 -42.24 93.50
CA VAL B 1660 -53.90 -40.99 92.89
C VAL B 1660 -55.10 -41.27 92.02
N ALA B 1661 -55.96 -40.29 91.89
CA ALA B 1661 -57.15 -40.44 91.07
C ALA B 1661 -57.53 -39.10 90.46
N TRP B 1662 -58.20 -39.21 89.33
CA TRP B 1662 -58.65 -38.06 88.57
C TRP B 1662 -60.07 -38.29 88.11
N LYS B 1663 -60.80 -37.20 87.97
CA LYS B 1663 -61.99 -37.15 87.15
C LYS B 1663 -61.62 -36.46 85.85
N MET B 1664 -61.80 -37.19 84.75
CA MET B 1664 -61.44 -36.73 83.43
C MET B 1664 -62.69 -36.55 82.59
N THR B 1665 -62.75 -35.43 81.89
CA THR B 1665 -63.77 -35.15 80.90
C THR B 1665 -63.08 -35.02 79.55
N PHE B 1666 -63.58 -35.75 78.57
CA PHE B 1666 -62.96 -35.72 77.25
C PHE B 1666 -63.97 -35.90 76.15
N LYS B 1667 -63.61 -35.43 74.97
CA LYS B 1667 -64.42 -35.48 73.78
C LYS B 1667 -63.93 -36.59 72.87
N SER B 1668 -64.82 -37.50 72.52
CA SER B 1668 -64.52 -38.64 71.67
C SER B 1668 -65.37 -38.56 70.40
N PRO B 1669 -65.02 -39.34 69.37
CA PRO B 1669 -65.78 -39.27 68.11
C PRO B 1669 -67.25 -39.61 68.27
N GLU B 1670 -67.55 -40.58 69.10
CA GLU B 1670 -68.92 -40.97 69.39
C GLU B 1670 -69.63 -39.98 70.33
N TYR B 1671 -68.89 -39.32 71.22
CA TYR B 1671 -69.46 -38.33 72.14
C TYR B 1671 -68.60 -37.07 72.08
N PRO B 1672 -68.80 -36.25 71.06
CA PRO B 1672 -67.98 -35.04 70.91
C PRO B 1672 -68.44 -33.85 71.75
N GLU B 1673 -69.28 -34.11 72.76
CA GLU B 1673 -69.69 -33.10 73.71
C GLU B 1673 -69.10 -33.28 75.09
N GLY B 1674 -68.42 -34.39 75.35
CA GLY B 1674 -67.79 -34.64 76.62
C GLY B 1674 -68.40 -35.83 77.32
N ARG B 1675 -67.56 -36.78 77.67
CA ARG B 1675 -67.92 -37.87 78.55
C ARG B 1675 -66.92 -37.91 79.69
N ASP B 1676 -67.38 -38.45 80.81
CA ASP B 1676 -66.63 -38.46 82.06
C ASP B 1676 -66.14 -39.86 82.35
N ILE B 1677 -64.95 -39.94 82.94
CA ILE B 1677 -64.46 -41.16 83.55
C ILE B 1677 -63.74 -40.83 84.83
N ILE B 1678 -63.57 -41.86 85.66
CA ILE B 1678 -62.76 -41.81 86.86
C ILE B 1678 -61.58 -42.72 86.65
N VAL B 1679 -60.39 -42.19 86.87
CA VAL B 1679 -59.15 -42.92 86.71
C VAL B 1679 -58.52 -43.04 88.08
N ILE B 1680 -58.09 -44.24 88.42
CA ILE B 1680 -57.43 -44.52 89.68
C ILE B 1680 -56.15 -45.26 89.37
N GLY B 1681 -55.06 -44.90 90.04
CA GLY B 1681 -53.80 -45.53 89.81
C GLY B 1681 -52.91 -45.55 91.02
N ASN B 1682 -52.09 -46.58 91.06
CA ASN B 1682 -51.05 -46.76 92.05
C ASN B 1682 -49.78 -46.02 91.66
N ASP B 1683 -49.13 -45.45 92.66
CA ASP B 1683 -47.80 -44.85 92.53
C ASP B 1683 -46.80 -45.89 92.98
N ILE B 1684 -46.08 -46.46 92.01
CA ILE B 1684 -45.17 -47.55 92.29
C ILE B 1684 -43.99 -47.10 93.15
N THR B 1685 -43.65 -45.82 93.11
CA THR B 1685 -42.48 -45.31 93.80
C THR B 1685 -42.72 -44.93 95.24
N TYR B 1686 -43.97 -44.92 95.70
CA TYR B 1686 -44.29 -44.51 97.05
C TYR B 1686 -44.37 -45.75 97.93
N ARG B 1687 -43.33 -45.99 98.71
CA ARG B 1687 -43.31 -47.10 99.65
C ARG B 1687 -43.63 -48.41 98.96
N ILE B 1688 -42.69 -48.90 98.16
CA ILE B 1688 -42.85 -49.65 96.93
C ILE B 1688 -44.24 -50.31 96.87
N GLY B 1689 -45.03 -49.93 95.85
CA GLY B 1689 -46.42 -50.35 95.73
C GLY B 1689 -47.26 -50.11 96.98
N SER B 1690 -47.77 -51.20 97.57
CA SER B 1690 -48.23 -51.23 98.97
C SER B 1690 -49.47 -50.43 99.37
N PHE B 1691 -50.65 -50.98 99.14
CA PHE B 1691 -51.89 -50.47 99.70
C PHE B 1691 -51.78 -50.24 101.20
N GLY B 1692 -52.01 -49.00 101.63
CA GLY B 1692 -52.23 -48.69 103.02
C GLY B 1692 -53.67 -48.36 103.28
N PRO B 1693 -54.00 -47.91 104.49
CA PRO B 1693 -55.39 -47.55 104.77
C PRO B 1693 -55.86 -46.33 103.99
N GLN B 1694 -55.00 -45.34 103.84
CA GLN B 1694 -55.40 -44.12 103.13
C GLN B 1694 -55.56 -44.37 101.65
N GLU B 1695 -54.69 -45.19 101.08
CA GLU B 1695 -54.82 -45.57 99.69
C GLU B 1695 -56.12 -46.31 99.45
N ASP B 1696 -56.44 -47.25 100.35
CA ASP B 1696 -57.70 -47.96 100.29
C ASP B 1696 -58.87 -47.02 100.38
N LEU B 1697 -58.79 -46.03 101.25
CA LEU B 1697 -59.88 -45.10 101.41
C LEU B 1697 -60.11 -44.28 100.16
N LEU B 1698 -59.02 -43.82 99.53
CA LEU B 1698 -59.17 -43.02 98.32
C LEU B 1698 -59.79 -43.85 97.21
N PHE B 1699 -59.32 -45.08 97.05
CA PHE B 1699 -59.92 -45.98 96.08
C PHE B 1699 -61.41 -46.10 96.32
N LEU B 1700 -61.79 -46.35 97.58
CA LEU B 1700 -63.20 -46.54 97.90
C LEU B 1700 -64.01 -45.31 97.54
N ARG B 1701 -63.54 -44.14 97.95
CA ARG B 1701 -64.33 -42.93 97.71
C ARG B 1701 -64.44 -42.60 96.24
N ALA B 1702 -63.39 -42.86 95.47
CA ALA B 1702 -63.47 -42.58 94.05
C ALA B 1702 -64.42 -43.54 93.35
N SER B 1703 -64.39 -44.80 93.76
CA SER B 1703 -65.33 -45.77 93.22
C SER B 1703 -66.76 -45.38 93.57
N GLU B 1704 -66.97 -44.88 94.78
CA GLU B 1704 -68.28 -44.39 95.18
C GLU B 1704 -68.73 -43.25 94.30
N LEU B 1705 -67.82 -42.34 93.97
CA LEU B 1705 -68.16 -41.25 93.08
C LEU B 1705 -68.60 -41.77 91.73
N ALA B 1706 -67.86 -42.74 91.20
CA ALA B 1706 -68.19 -43.31 89.90
C ALA B 1706 -69.57 -43.95 89.91
N ARG B 1707 -69.88 -44.69 90.98
CA ARG B 1707 -71.19 -45.32 91.05
C ARG B 1707 -72.29 -44.30 91.18
N ALA B 1708 -72.04 -43.24 91.94
CA ALA B 1708 -73.04 -42.20 92.13
C ALA B 1708 -73.34 -41.50 90.82
N GLU B 1709 -72.32 -41.27 90.01
CA GLU B 1709 -72.53 -40.65 88.71
C GLU B 1709 -72.85 -41.64 87.60
N GLY B 1710 -72.62 -42.93 87.85
CA GLY B 1710 -72.92 -43.92 86.83
C GLY B 1710 -71.99 -43.91 85.65
N ILE B 1711 -70.71 -43.65 85.88
CA ILE B 1711 -69.74 -43.48 84.79
C ILE B 1711 -68.66 -44.55 84.97
N PRO B 1712 -67.83 -44.75 83.95
CA PRO B 1712 -66.82 -45.81 84.04
C PRO B 1712 -65.77 -45.55 85.09
N ARG B 1713 -65.14 -46.63 85.52
CA ARG B 1713 -64.01 -46.61 86.42
C ARG B 1713 -62.86 -47.34 85.78
N ILE B 1714 -61.73 -46.65 85.67
CA ILE B 1714 -60.51 -47.17 85.09
C ILE B 1714 -59.50 -47.29 86.20
N TYR B 1715 -58.92 -48.48 86.35
CA TYR B 1715 -57.95 -48.76 87.38
C TYR B 1715 -56.63 -49.16 86.75
N VAL B 1716 -55.56 -48.46 87.12
CA VAL B 1716 -54.22 -48.72 86.63
C VAL B 1716 -53.45 -49.38 87.76
N SER B 1717 -53.10 -50.64 87.58
CA SER B 1717 -52.51 -51.45 88.63
C SER B 1717 -51.00 -51.42 88.51
N ALA B 1718 -50.34 -50.93 89.54
CA ALA B 1718 -48.92 -51.11 89.72
C ALA B 1718 -48.61 -51.10 91.20
N ASN B 1719 -48.61 -52.27 91.83
CA ASN B 1719 -48.60 -52.35 93.27
C ASN B 1719 -47.94 -53.64 93.70
N SER B 1720 -47.86 -53.82 95.00
CA SER B 1720 -47.18 -54.94 95.62
C SER B 1720 -48.05 -55.61 96.67
N GLY B 1721 -49.35 -55.43 96.58
CA GLY B 1721 -50.25 -56.06 97.52
C GLY B 1721 -50.38 -55.23 98.78
N ALA B 1722 -50.86 -55.90 99.82
CA ALA B 1722 -51.11 -55.24 101.08
C ALA B 1722 -49.81 -54.83 101.74
N ARG B 1723 -49.85 -53.67 102.38
CA ARG B 1723 -48.70 -53.15 103.08
C ARG B 1723 -48.47 -53.95 104.35
N ILE B 1724 -47.20 -54.23 104.62
CA ILE B 1724 -46.78 -54.94 105.81
C ILE B 1724 -45.73 -54.10 106.51
N GLY B 1725 -45.38 -54.53 107.71
CA GLY B 1725 -44.30 -53.87 108.41
C GLY B 1725 -43.99 -54.59 109.69
N LEU B 1726 -43.01 -54.05 110.39
CA LEU B 1726 -42.58 -54.55 111.66
C LEU B 1726 -42.35 -53.38 112.61
N ALA B 1727 -42.58 -53.64 113.89
CA ALA B 1727 -42.51 -52.60 114.92
C ALA B 1727 -41.05 -52.40 115.31
N GLU B 1728 -40.42 -51.44 114.65
CA GLU B 1728 -38.99 -51.24 114.82
C GLU B 1728 -38.64 -50.65 116.18
N GLU B 1729 -39.58 -49.95 116.81
CA GLU B 1729 -39.35 -49.38 118.13
C GLU B 1729 -39.14 -50.44 119.20
N ILE B 1730 -39.52 -51.69 118.94
CA ILE B 1730 -39.35 -52.80 119.87
C ILE B 1730 -38.17 -53.64 119.44
N ARG B 1731 -37.89 -53.64 118.14
CA ARG B 1731 -36.89 -54.53 117.58
C ARG B 1731 -35.52 -54.31 118.16
N HIS B 1732 -35.23 -53.08 118.60
CA HIS B 1732 -33.93 -52.72 119.12
C HIS B 1732 -33.91 -52.64 120.64
N MET B 1733 -34.99 -53.03 121.30
CA MET B 1733 -35.08 -52.99 122.76
C MET B 1733 -35.16 -54.34 123.42
N PHE B 1734 -35.74 -55.34 122.76
CA PHE B 1734 -36.10 -56.56 123.46
C PHE B 1734 -34.87 -57.37 123.84
N HIS B 1735 -35.02 -58.16 124.89
CA HIS B 1735 -34.02 -59.11 125.32
C HIS B 1735 -34.65 -60.49 125.40
N VAL B 1736 -33.80 -61.49 125.19
CA VAL B 1736 -34.21 -62.89 125.18
C VAL B 1736 -33.98 -63.47 126.56
N ALA B 1737 -35.02 -64.07 127.14
CA ALA B 1737 -34.90 -64.80 128.39
C ALA B 1737 -34.53 -66.22 128.03
N TRP B 1738 -33.25 -66.53 128.12
CA TRP B 1738 -32.75 -67.84 127.72
C TRP B 1738 -33.02 -68.90 128.77
N VAL B 1739 -33.17 -70.13 128.30
CA VAL B 1739 -33.22 -71.28 129.19
C VAL B 1739 -31.88 -71.47 129.88
N ASP B 1740 -30.80 -71.36 129.11
CA ASP B 1740 -29.43 -71.39 129.64
C ASP B 1740 -28.72 -70.18 129.05
N PRO B 1741 -28.52 -69.10 129.81
CA PRO B 1741 -27.89 -67.90 129.23
C PRO B 1741 -26.49 -68.14 128.71
N GLU B 1742 -25.82 -69.20 129.14
CA GLU B 1742 -24.49 -69.53 128.66
C GLU B 1742 -24.52 -70.40 127.43
N ASP B 1743 -25.54 -71.27 127.33
CA ASP B 1743 -25.74 -72.12 126.16
C ASP B 1743 -27.08 -71.74 125.54
N PRO B 1744 -27.12 -70.88 124.53
CA PRO B 1744 -28.41 -70.47 123.96
C PRO B 1744 -29.09 -71.52 123.11
N TYR B 1745 -28.51 -72.70 122.94
CA TYR B 1745 -29.04 -73.72 122.05
C TYR B 1745 -29.91 -74.73 122.77
N LYS B 1746 -30.35 -74.44 123.99
CA LYS B 1746 -31.38 -75.22 124.67
C LYS B 1746 -32.64 -74.39 124.83
N GLY B 1747 -32.82 -73.41 123.96
CA GLY B 1747 -34.06 -72.68 123.89
C GLY B 1747 -34.05 -71.40 124.67
N TYR B 1748 -35.14 -70.66 124.48
CA TYR B 1748 -35.46 -69.51 125.29
C TYR B 1748 -36.92 -69.63 125.68
N ARG B 1749 -37.29 -68.91 126.73
CA ARG B 1749 -38.65 -68.99 127.26
C ARG B 1749 -39.52 -67.86 126.77
N TYR B 1750 -38.99 -66.65 126.66
CA TYR B 1750 -39.80 -65.52 126.28
C TYR B 1750 -38.91 -64.36 125.89
N LEU B 1751 -39.55 -63.33 125.37
CA LEU B 1751 -38.92 -62.04 125.10
C LEU B 1751 -39.49 -61.00 126.04
N TYR B 1752 -38.63 -60.06 126.42
CA TYR B 1752 -39.01 -59.12 127.46
C TYR B 1752 -38.32 -57.80 127.26
N LEU B 1753 -38.89 -56.79 127.92
CA LEU B 1753 -38.29 -55.48 128.05
C LEU B 1753 -37.86 -55.26 129.48
N THR B 1754 -36.83 -54.49 129.61
CA THR B 1754 -36.40 -54.02 130.91
C THR B 1754 -37.21 -52.79 131.27
N PRO B 1755 -37.23 -52.39 132.54
CA PRO B 1755 -37.98 -51.18 132.93
C PRO B 1755 -37.57 -49.94 132.17
N GLN B 1756 -36.29 -49.80 131.87
CA GLN B 1756 -35.78 -48.62 131.18
C GLN B 1756 -36.39 -48.49 129.80
N ASP B 1757 -36.75 -49.61 129.18
CA ASP B 1757 -37.39 -49.61 127.87
C ASP B 1757 -38.91 -49.57 128.00
N TYR B 1758 -39.44 -50.33 128.94
CA TYR B 1758 -40.89 -50.42 129.10
C TYR B 1758 -41.48 -49.06 129.46
N LYS B 1759 -40.80 -48.29 130.31
CA LYS B 1759 -41.31 -47.00 130.71
C LYS B 1759 -41.39 -46.01 129.56
N ARG B 1760 -40.64 -46.24 128.49
CA ARG B 1760 -40.61 -45.34 127.35
C ARG B 1760 -41.59 -45.71 126.26
N VAL B 1761 -42.32 -46.81 126.41
CA VAL B 1761 -43.27 -47.27 125.41
C VAL B 1761 -44.65 -47.53 125.99
N SER B 1762 -44.77 -47.66 127.31
CA SER B 1762 -46.04 -48.01 127.92
C SER B 1762 -47.08 -46.91 127.70
N ALA B 1763 -46.64 -45.67 127.51
CA ALA B 1763 -47.55 -44.56 127.27
C ALA B 1763 -48.02 -44.48 125.82
N LEU B 1764 -47.47 -45.32 124.93
CA LEU B 1764 -47.82 -45.29 123.52
C LEU B 1764 -48.81 -46.37 123.11
N ASN B 1765 -49.08 -47.33 123.99
CA ASN B 1765 -49.89 -48.50 123.65
C ASN B 1765 -49.30 -49.23 122.45
N SER B 1766 -47.97 -49.26 122.38
CA SER B 1766 -47.27 -49.96 121.31
C SER B 1766 -47.04 -51.42 121.63
N VAL B 1767 -46.98 -51.77 122.91
CA VAL B 1767 -46.70 -53.13 123.33
C VAL B 1767 -47.53 -53.43 124.57
N HIS B 1768 -47.91 -54.70 124.70
CA HIS B 1768 -48.56 -55.21 125.90
C HIS B 1768 -47.64 -56.20 126.57
N CYS B 1769 -47.27 -55.88 127.80
CA CYS B 1769 -46.40 -56.72 128.60
C CYS B 1769 -47.01 -56.90 129.97
N GLU B 1770 -46.48 -57.89 130.67
CA GLU B 1770 -46.86 -58.16 132.05
C GLU B 1770 -45.61 -58.24 132.91
N HIS B 1771 -45.65 -57.64 134.09
CA HIS B 1771 -44.50 -57.64 134.97
C HIS B 1771 -44.29 -59.03 135.55
N VAL B 1772 -43.04 -59.48 135.51
CA VAL B 1772 -42.62 -60.72 136.12
C VAL B 1772 -41.30 -60.50 136.83
N GLU B 1773 -41.03 -61.40 137.76
CA GLU B 1773 -39.76 -61.48 138.47
C GLU B 1773 -39.07 -62.75 138.02
N ASP B 1774 -37.90 -62.63 137.41
CA ASP B 1774 -37.21 -63.81 136.93
C ASP B 1774 -35.71 -63.57 136.96
N GLU B 1775 -34.98 -64.59 137.42
CA GLU B 1775 -33.53 -64.51 137.57
C GLU B 1775 -33.13 -63.35 138.47
N GLY B 1776 -33.98 -63.02 139.43
CA GLY B 1776 -33.72 -61.90 140.31
C GLY B 1776 -33.83 -60.55 139.64
N GLU B 1777 -34.47 -60.47 138.47
CA GLU B 1777 -34.62 -59.23 137.73
C GLU B 1777 -36.09 -58.91 137.52
N SER B 1778 -36.36 -57.62 137.49
CA SER B 1778 -37.66 -57.08 137.11
C SER B 1778 -37.76 -57.05 135.59
N ARG B 1779 -38.72 -57.77 135.03
CA ARG B 1779 -38.86 -57.87 133.58
C ARG B 1779 -40.31 -57.66 133.21
N TYR B 1780 -40.51 -57.12 132.01
CA TYR B 1780 -41.85 -56.98 131.45
C TYR B 1780 -41.91 -57.93 130.26
N LYS B 1781 -42.59 -59.04 130.46
CA LYS B 1781 -42.66 -60.08 129.44
C LYS B 1781 -43.64 -59.65 128.37
N ILE B 1782 -43.20 -59.74 127.12
CA ILE B 1782 -44.01 -59.31 125.99
C ILE B 1782 -45.02 -60.41 125.69
N THR B 1783 -46.29 -60.02 125.58
CA THR B 1783 -47.34 -60.95 125.16
C THR B 1783 -47.95 -60.58 123.83
N ASP B 1784 -48.07 -59.29 123.55
CA ASP B 1784 -48.58 -58.79 122.28
C ASP B 1784 -47.82 -57.54 121.90
N ILE B 1785 -47.59 -57.38 120.60
CA ILE B 1785 -47.03 -56.15 120.05
C ILE B 1785 -48.09 -55.52 119.16
N ILE B 1786 -48.36 -54.25 119.39
CA ILE B 1786 -49.32 -53.49 118.62
C ILE B 1786 -48.63 -52.69 117.54
N GLY B 1787 -47.65 -51.88 117.93
CA GLY B 1787 -46.95 -51.00 117.03
C GLY B 1787 -47.53 -49.60 117.04
N LYS B 1788 -46.68 -48.59 117.24
CA LYS B 1788 -47.15 -47.22 117.24
C LYS B 1788 -47.42 -46.70 115.84
N GLU B 1789 -46.85 -47.32 114.81
CA GLU B 1789 -47.01 -46.87 113.44
C GLU B 1789 -48.29 -47.45 112.86
N GLU B 1790 -49.13 -46.58 112.32
CA GLU B 1790 -50.37 -46.99 111.67
C GLU B 1790 -50.10 -47.30 110.21
N GLY B 1791 -50.83 -48.28 109.70
CA GLY B 1791 -50.74 -48.66 108.31
C GLY B 1791 -49.97 -49.92 108.03
N ILE B 1792 -49.49 -50.61 109.06
CA ILE B 1792 -48.71 -51.84 108.89
C ILE B 1792 -49.39 -53.05 109.51
N GLY B 1793 -50.46 -52.87 110.27
CA GLY B 1793 -51.04 -53.93 111.02
C GLY B 1793 -52.26 -54.52 110.36
N PRO B 1794 -53.08 -55.24 111.13
CA PRO B 1794 -54.25 -55.89 110.55
C PRO B 1794 -55.30 -54.95 110.01
N GLU B 1795 -55.17 -53.64 110.26
CA GLU B 1795 -56.09 -52.68 109.66
C GLU B 1795 -56.02 -52.69 108.15
N ASN B 1796 -54.91 -53.16 107.59
CA ASN B 1796 -54.78 -53.29 106.14
C ASN B 1796 -55.53 -54.49 105.62
N LEU B 1797 -55.87 -55.45 106.46
CA LEU B 1797 -56.67 -56.56 106.01
C LEU B 1797 -58.10 -56.11 105.78
N ARG B 1798 -58.70 -55.54 106.82
CA ARG B 1798 -60.01 -54.92 106.72
C ARG B 1798 -60.12 -54.04 105.48
N GLY B 1799 -59.25 -53.03 105.43
CA GLY B 1799 -59.23 -52.12 104.29
C GLY B 1799 -59.21 -52.85 102.97
N SER B 1800 -58.33 -53.85 102.83
CA SER B 1800 -58.26 -54.57 101.57
C SER B 1800 -59.60 -55.20 101.26
N GLY B 1801 -60.15 -55.93 102.24
CA GLY B 1801 -61.45 -56.55 102.04
C GLY B 1801 -62.50 -55.54 101.67
N MET B 1802 -62.45 -54.37 102.33
CA MET B 1802 -63.41 -53.32 102.06
C MET B 1802 -63.43 -52.98 100.57
N ILE B 1803 -62.25 -52.68 100.02
CA ILE B 1803 -62.24 -52.22 98.65
C ILE B 1803 -62.61 -53.35 97.72
N ALA B 1804 -62.29 -54.58 98.10
CA ALA B 1804 -62.66 -55.72 97.28
C ALA B 1804 -64.17 -55.76 97.12
N GLY B 1805 -64.88 -55.58 98.23
CA GLY B 1805 -66.32 -55.54 98.16
C GLY B 1805 -66.80 -54.45 97.24
N GLU B 1806 -66.19 -53.27 97.31
CA GLU B 1806 -66.56 -52.17 96.45
C GLU B 1806 -66.45 -52.57 94.99
N SER B 1807 -65.34 -53.21 94.63
CA SER B 1807 -65.16 -53.59 93.23
C SER B 1807 -66.26 -54.54 92.79
N SER B 1808 -66.64 -55.47 93.68
CA SER B 1808 -67.68 -56.43 93.35
C SER B 1808 -68.98 -55.71 93.08
N LEU B 1809 -69.22 -54.63 93.80
CA LEU B 1809 -70.43 -53.88 93.58
C LEU B 1809 -70.33 -53.09 92.29
N ALA B 1810 -69.16 -52.51 92.03
CA ALA B 1810 -69.01 -51.58 90.92
C ALA B 1810 -69.28 -52.27 89.59
N TYR B 1811 -68.86 -53.53 89.49
CA TYR B 1811 -69.03 -54.28 88.27
C TYR B 1811 -70.48 -54.45 87.90
N ASN B 1812 -71.38 -54.43 88.87
CA ASN B 1812 -72.78 -54.64 88.63
C ASN B 1812 -73.57 -53.35 88.46
N GLU B 1813 -72.92 -52.20 88.53
CA GLU B 1813 -73.57 -50.91 88.34
C GLU B 1813 -72.95 -50.08 87.24
N ILE B 1814 -71.63 -50.14 87.05
CA ILE B 1814 -70.94 -49.29 86.12
C ILE B 1814 -70.01 -50.14 85.25
N ILE B 1815 -69.31 -49.46 84.36
CA ILE B 1815 -68.23 -50.05 83.61
C ILE B 1815 -66.97 -50.02 84.46
N THR B 1816 -66.28 -51.15 84.50
CA THR B 1816 -64.99 -51.26 85.16
C THR B 1816 -63.99 -51.79 84.16
N ILE B 1817 -62.88 -51.10 84.01
CA ILE B 1817 -61.79 -51.54 83.15
C ILE B 1817 -60.51 -51.43 83.97
N SER B 1818 -59.62 -52.39 83.77
CA SER B 1818 -58.38 -52.47 84.50
C SER B 1818 -57.22 -52.61 83.52
N LEU B 1819 -56.17 -51.85 83.77
CA LEU B 1819 -54.93 -51.91 83.01
C LEU B 1819 -53.78 -52.26 83.93
N VAL B 1820 -53.02 -53.28 83.55
CA VAL B 1820 -51.90 -53.78 84.31
C VAL B 1820 -50.64 -53.34 83.61
N THR B 1821 -49.86 -52.48 84.27
CA THR B 1821 -48.69 -51.85 83.68
C THR B 1821 -47.38 -52.37 84.24
N CYS B 1822 -47.30 -52.62 85.54
CA CYS B 1822 -46.06 -53.10 86.16
C CYS B 1822 -46.22 -54.49 86.75
N ARG B 1823 -47.12 -54.63 87.72
CA ARG B 1823 -47.35 -55.89 88.40
C ARG B 1823 -48.50 -55.69 89.37
N ALA B 1824 -49.12 -56.80 89.75
CA ALA B 1824 -50.07 -56.80 90.86
C ALA B 1824 -49.88 -58.06 91.68
N ILE B 1825 -49.87 -57.89 93.00
CA ILE B 1825 -49.67 -58.99 93.93
C ILE B 1825 -50.83 -59.00 94.90
N GLY B 1826 -51.37 -60.18 95.14
CA GLY B 1826 -52.38 -60.35 96.17
C GLY B 1826 -53.62 -59.58 95.86
N ILE B 1827 -53.94 -58.64 96.75
CA ILE B 1827 -55.17 -57.87 96.67
C ILE B 1827 -55.26 -57.15 95.34
N GLY B 1828 -54.14 -56.64 94.86
CA GLY B 1828 -54.13 -55.96 93.59
C GLY B 1828 -54.70 -56.81 92.47
N ALA B 1829 -54.28 -58.07 92.42
CA ALA B 1829 -54.81 -58.99 91.42
C ALA B 1829 -56.31 -59.12 91.54
N TYR B 1830 -56.81 -59.26 92.77
CA TYR B 1830 -58.25 -59.39 92.94
C TYR B 1830 -58.96 -58.16 92.44
N LEU B 1831 -58.36 -56.99 92.69
CA LEU B 1831 -58.99 -55.76 92.27
C LEU B 1831 -59.08 -55.70 90.76
N VAL B 1832 -58.13 -56.31 90.09
CA VAL B 1832 -58.20 -56.38 88.64
C VAL B 1832 -59.30 -57.35 88.24
N ARG B 1833 -59.30 -58.51 88.88
CA ARG B 1833 -60.21 -59.58 88.49
C ARG B 1833 -61.66 -59.17 88.71
N LEU B 1834 -61.92 -58.47 89.81
CA LEU B 1834 -63.28 -58.08 90.11
C LEU B 1834 -63.82 -57.06 89.13
N GLY B 1835 -62.96 -56.43 88.33
CA GLY B 1835 -63.43 -55.63 87.21
C GLY B 1835 -63.76 -56.43 85.98
N GLN B 1836 -63.17 -57.60 85.84
CA GLN B 1836 -63.44 -58.56 84.77
C GLN B 1836 -63.18 -58.00 83.38
N ARG B 1837 -62.43 -56.92 83.26
CA ARG B 1837 -62.01 -56.41 81.96
C ARG B 1837 -60.57 -55.95 82.10
N THR B 1838 -59.65 -56.83 81.76
CA THR B 1838 -58.24 -56.67 82.04
C THR B 1838 -57.47 -56.49 80.75
N ILE B 1839 -56.62 -55.47 80.74
CA ILE B 1839 -55.60 -55.27 79.73
C ILE B 1839 -54.27 -55.48 80.43
N GLN B 1840 -53.40 -56.28 79.84
CA GLN B 1840 -52.13 -56.67 80.44
C GLN B 1840 -51.00 -56.26 79.52
N VAL B 1841 -50.10 -55.44 80.02
CA VAL B 1841 -48.94 -55.04 79.25
C VAL B 1841 -47.96 -56.20 79.21
N GLU B 1842 -47.25 -56.32 78.09
CA GLU B 1842 -46.17 -57.29 77.98
C GLU B 1842 -45.16 -57.09 79.11
N ASN B 1843 -44.66 -58.21 79.61
CA ASN B 1843 -43.73 -58.23 80.72
C ASN B 1843 -44.34 -57.57 81.95
N SER B 1844 -45.52 -58.04 82.32
CA SER B 1844 -46.13 -57.75 83.60
C SER B 1844 -46.84 -59.01 84.05
N HIS B 1845 -47.17 -59.07 85.33
CA HIS B 1845 -47.68 -60.31 85.89
C HIS B 1845 -48.67 -60.05 87.02
N LEU B 1846 -49.66 -60.93 87.08
CA LEU B 1846 -50.68 -60.96 88.12
C LEU B 1846 -50.52 -62.22 88.93
N ILE B 1847 -50.08 -62.07 90.17
CA ILE B 1847 -49.77 -63.21 91.01
C ILE B 1847 -50.42 -63.01 92.37
N LEU B 1848 -50.49 -64.12 93.10
CA LEU B 1848 -50.87 -64.14 94.49
C LEU B 1848 -49.70 -64.43 95.40
N THR B 1849 -48.75 -65.23 94.92
CA THR B 1849 -47.54 -65.58 95.64
C THR B 1849 -46.36 -65.44 94.72
N GLY B 1850 -45.27 -64.90 95.24
CA GLY B 1850 -44.08 -64.74 94.45
C GLY B 1850 -43.32 -66.04 94.30
N ALA B 1851 -42.46 -66.05 93.28
CA ALA B 1851 -41.67 -67.24 92.99
C ALA B 1851 -40.73 -67.58 94.14
N GLY B 1852 -40.14 -66.56 94.75
CA GLY B 1852 -39.21 -66.82 95.84
C GLY B 1852 -39.88 -67.47 97.03
N ALA B 1853 -41.08 -67.00 97.36
CA ALA B 1853 -41.84 -67.62 98.45
C ALA B 1853 -42.16 -69.07 98.14
N LEU B 1854 -42.56 -69.35 96.91
CA LEU B 1854 -42.91 -70.72 96.57
C LEU B 1854 -41.68 -71.61 96.60
N ASN B 1855 -40.54 -71.09 96.19
CA ASN B 1855 -39.31 -71.87 96.26
C ASN B 1855 -38.93 -72.13 97.70
N LYS B 1856 -39.20 -71.17 98.58
CA LYS B 1856 -38.87 -71.37 99.99
C LYS B 1856 -39.78 -72.42 100.59
N VAL B 1857 -41.05 -72.42 100.20
CA VAL B 1857 -42.00 -73.39 100.74
C VAL B 1857 -41.66 -74.78 100.22
N LEU B 1858 -41.41 -74.91 98.93
CA LEU B 1858 -41.23 -76.21 98.31
C LEU B 1858 -39.85 -76.79 98.57
N GLY B 1859 -38.88 -75.96 98.87
CA GLY B 1859 -37.55 -76.42 99.24
C GLY B 1859 -36.54 -76.48 98.13
N ARG B 1860 -36.90 -76.11 96.90
CA ARG B 1860 -35.93 -76.08 95.81
C ARG B 1860 -36.30 -74.95 94.86
N GLU B 1861 -35.37 -74.63 93.97
CA GLU B 1861 -35.56 -73.56 93.01
C GLU B 1861 -36.43 -74.08 91.87
N VAL B 1862 -37.73 -74.04 92.10
CA VAL B 1862 -38.70 -74.51 91.13
C VAL B 1862 -38.94 -73.46 90.07
N TYR B 1863 -39.23 -72.25 90.53
CA TYR B 1863 -39.59 -71.14 89.67
C TYR B 1863 -38.44 -70.13 89.64
N THR B 1864 -38.29 -69.51 88.48
CA THR B 1864 -37.26 -68.52 88.23
C THR B 1864 -37.80 -67.11 88.17
N SER B 1865 -38.93 -66.93 87.50
CA SER B 1865 -39.51 -65.64 87.26
C SER B 1865 -40.95 -65.64 87.71
N ASN B 1866 -41.42 -64.47 88.12
CA ASN B 1866 -42.83 -64.32 88.41
C ASN B 1866 -43.68 -64.40 87.16
N ASN B 1867 -43.10 -64.19 85.99
CA ASN B 1867 -43.87 -64.31 84.75
C ASN B 1867 -44.29 -65.75 84.50
N GLN B 1868 -43.57 -66.70 85.08
CA GLN B 1868 -44.00 -68.09 85.02
C GLN B 1868 -45.29 -68.32 85.78
N LEU B 1869 -45.61 -67.45 86.73
CA LEU B 1869 -46.77 -67.60 87.58
C LEU B 1869 -47.97 -66.79 87.14
N GLY B 1870 -47.76 -65.59 86.60
CA GLY B 1870 -48.85 -64.72 86.25
C GLY B 1870 -48.68 -63.89 85.01
N GLY B 1871 -47.77 -64.29 84.14
CA GLY B 1871 -47.54 -63.55 82.92
C GLY B 1871 -48.58 -63.84 81.87
N ILE B 1872 -48.33 -63.27 80.70
CA ILE B 1872 -49.31 -63.34 79.60
C ILE B 1872 -49.57 -64.78 79.22
N GLN B 1873 -48.53 -65.60 79.19
CA GLN B 1873 -48.67 -66.96 78.69
C GLN B 1873 -49.60 -67.80 79.55
N ILE B 1874 -49.95 -67.32 80.74
CA ILE B 1874 -50.94 -67.93 81.60
C ILE B 1874 -52.23 -67.13 81.60
N MET B 1875 -52.15 -65.84 81.87
CA MET B 1875 -53.34 -65.04 82.10
C MET B 1875 -54.15 -64.82 80.83
N HIS B 1876 -53.49 -64.76 79.69
CA HIS B 1876 -54.17 -64.50 78.44
C HIS B 1876 -54.75 -65.76 77.82
N ASN B 1877 -54.26 -66.92 78.24
CA ASN B 1877 -54.71 -68.20 77.72
C ASN B 1877 -55.74 -68.88 78.60
N ASN B 1878 -55.88 -68.46 79.85
CA ASN B 1878 -56.89 -68.99 80.76
C ASN B 1878 -58.07 -68.06 80.95
N GLY B 1879 -58.15 -66.99 80.18
CA GLY B 1879 -59.34 -66.17 80.17
C GLY B 1879 -59.40 -65.05 81.18
N VAL B 1880 -58.29 -64.71 81.81
CA VAL B 1880 -58.25 -63.62 82.77
C VAL B 1880 -58.03 -62.29 82.05
N THR B 1881 -57.00 -62.23 81.24
CA THR B 1881 -56.70 -61.08 80.42
C THR B 1881 -57.52 -61.14 79.15
N HIS B 1882 -58.15 -60.02 78.81
CA HIS B 1882 -58.90 -59.90 77.58
C HIS B 1882 -58.01 -59.51 76.40
N CYS B 1883 -57.08 -58.59 76.62
CA CYS B 1883 -56.25 -58.06 75.57
C CYS B 1883 -54.86 -57.80 76.10
N THR B 1884 -53.87 -57.96 75.25
CA THR B 1884 -52.49 -57.68 75.56
C THR B 1884 -52.02 -56.52 74.70
N VAL B 1885 -51.13 -55.72 75.28
CA VAL B 1885 -50.57 -54.56 74.62
C VAL B 1885 -49.08 -54.55 74.89
N CYS B 1886 -48.37 -53.76 74.10
CA CYS B 1886 -46.92 -53.75 74.16
C CYS B 1886 -46.40 -52.79 75.21
N ASP B 1887 -47.11 -51.70 75.47
CA ASP B 1887 -46.65 -50.70 76.41
C ASP B 1887 -47.85 -50.05 77.09
N ASP B 1888 -47.56 -49.03 77.90
CA ASP B 1888 -48.62 -48.34 78.62
C ASP B 1888 -49.46 -47.48 77.68
N PHE B 1889 -48.83 -46.86 76.69
CA PHE B 1889 -49.54 -45.94 75.80
C PHE B 1889 -50.58 -46.69 74.97
N GLU B 1890 -50.17 -47.83 74.43
CA GLU B 1890 -51.11 -48.67 73.71
C GLU B 1890 -52.22 -49.15 74.63
N GLY B 1891 -51.90 -49.37 75.90
CA GLY B 1891 -52.93 -49.78 76.84
C GLY B 1891 -54.00 -48.72 77.01
N VAL B 1892 -53.56 -47.47 77.20
CA VAL B 1892 -54.47 -46.36 77.32
C VAL B 1892 -55.34 -46.26 76.06
N PHE B 1893 -54.73 -46.46 74.91
CA PHE B 1893 -55.46 -46.38 73.66
C PHE B 1893 -56.51 -47.47 73.59
N THR B 1894 -56.16 -48.66 74.03
CA THR B 1894 -57.09 -49.78 74.02
C THR B 1894 -58.29 -49.49 74.91
N VAL B 1895 -58.03 -48.87 76.06
CA VAL B 1895 -59.11 -48.50 76.96
C VAL B 1895 -60.09 -47.57 76.26
N LEU B 1896 -59.55 -46.54 75.63
CA LEU B 1896 -60.41 -45.58 74.95
C LEU B 1896 -61.15 -46.22 73.78
N HIS B 1897 -60.49 -47.14 73.11
CA HIS B 1897 -61.10 -47.86 72.00
C HIS B 1897 -62.31 -48.64 72.46
N TRP B 1898 -62.15 -49.41 73.52
CA TRP B 1898 -63.28 -50.13 74.09
C TRP B 1898 -64.39 -49.18 74.48
N LEU B 1899 -64.05 -48.05 75.07
CA LEU B 1899 -65.07 -47.11 75.49
C LEU B 1899 -65.85 -46.55 74.32
N SER B 1900 -65.28 -46.56 73.12
CA SER B 1900 -66.03 -46.01 72.00
C SER B 1900 -67.24 -46.84 71.60
N TYR B 1901 -67.42 -48.04 72.14
CA TYR B 1901 -68.54 -48.88 71.78
C TYR B 1901 -69.72 -48.77 72.71
N MET B 1902 -69.55 -48.19 73.89
CA MET B 1902 -70.50 -48.34 74.98
C MET B 1902 -71.06 -47.00 75.42
N PRO B 1903 -72.13 -47.01 76.20
CA PRO B 1903 -72.72 -45.75 76.65
C PRO B 1903 -71.78 -44.93 77.50
N LYS B 1904 -71.98 -43.62 77.46
CA LYS B 1904 -71.19 -42.74 78.30
C LYS B 1904 -71.52 -42.91 79.77
N SER B 1905 -72.72 -43.35 80.08
CA SER B 1905 -73.14 -43.56 81.45
C SER B 1905 -74.17 -44.66 81.47
N VAL B 1906 -74.44 -45.16 82.66
CA VAL B 1906 -75.44 -46.20 82.83
C VAL B 1906 -76.85 -45.71 82.52
N HIS B 1907 -77.05 -44.41 82.41
CA HIS B 1907 -78.35 -43.82 82.11
C HIS B 1907 -78.47 -43.33 80.67
N SER B 1908 -77.53 -43.71 79.81
CA SER B 1908 -77.51 -43.25 78.43
C SER B 1908 -77.73 -44.43 77.50
N SER B 1909 -78.04 -44.10 76.26
CA SER B 1909 -78.21 -45.10 75.22
C SER B 1909 -76.87 -45.44 74.60
N VAL B 1910 -76.89 -46.46 73.77
CA VAL B 1910 -75.67 -46.88 73.08
C VAL B 1910 -75.30 -45.82 72.05
N PRO B 1911 -74.02 -45.48 71.89
CA PRO B 1911 -73.64 -44.48 70.88
C PRO B 1911 -73.74 -45.03 69.47
N LEU B 1912 -74.40 -44.27 68.61
CA LEU B 1912 -74.51 -44.58 67.20
C LEU B 1912 -73.63 -43.63 66.40
N LEU B 1913 -73.01 -44.17 65.36
CA LEU B 1913 -72.17 -43.42 64.46
C LEU B 1913 -72.80 -43.36 63.07
N ASN B 1914 -72.41 -42.32 62.35
CA ASN B 1914 -72.73 -42.20 60.92
C ASN B 1914 -71.64 -42.94 60.17
N SER B 1915 -71.91 -44.19 59.85
CA SER B 1915 -70.89 -45.06 59.29
C SER B 1915 -70.64 -44.76 57.83
N LYS B 1916 -69.39 -44.98 57.42
CA LYS B 1916 -69.00 -44.94 56.03
C LYS B 1916 -69.22 -46.26 55.31
N ASP B 1917 -69.61 -47.32 56.03
CA ASP B 1917 -69.97 -48.57 55.41
C ASP B 1917 -71.49 -48.57 55.21
N PRO B 1918 -72.01 -48.60 53.98
CA PRO B 1918 -73.45 -48.53 53.80
C PRO B 1918 -74.16 -49.71 54.44
N ILE B 1919 -75.38 -49.45 54.90
CA ILE B 1919 -76.22 -50.50 55.45
C ILE B 1919 -76.86 -51.31 54.33
N ASP B 1920 -77.13 -50.68 53.20
CA ASP B 1920 -77.94 -51.26 52.14
C ASP B 1920 -77.16 -52.21 51.24
N ARG B 1921 -75.86 -52.40 51.48
CA ARG B 1921 -75.10 -53.32 50.66
C ARG B 1921 -75.47 -54.75 50.99
N ILE B 1922 -74.84 -55.67 50.26
CA ILE B 1922 -74.96 -57.09 50.51
C ILE B 1922 -73.66 -57.60 51.09
N ILE B 1923 -73.69 -58.83 51.57
CA ILE B 1923 -72.52 -59.49 52.09
C ILE B 1923 -71.90 -60.28 50.95
N GLU B 1924 -70.61 -60.06 50.72
CA GLU B 1924 -69.90 -60.66 49.61
C GLU B 1924 -69.28 -61.99 49.96
N PHE B 1925 -69.04 -62.24 51.23
CA PHE B 1925 -68.55 -63.53 51.69
C PHE B 1925 -69.74 -64.39 52.06
N VAL B 1926 -69.71 -65.66 51.65
CA VAL B 1926 -70.78 -66.60 51.88
C VAL B 1926 -70.20 -67.76 52.69
N PRO B 1927 -70.73 -68.09 53.86
CA PRO B 1927 -70.24 -69.27 54.57
C PRO B 1927 -70.46 -70.52 53.76
N THR B 1928 -69.48 -71.39 53.78
CA THR B 1928 -69.48 -72.59 52.99
C THR B 1928 -69.78 -73.77 53.90
N LYS B 1929 -69.86 -74.93 53.27
CA LYS B 1929 -70.09 -76.16 54.00
C LYS B 1929 -68.82 -76.68 54.64
N THR B 1930 -67.68 -76.33 54.07
CA THR B 1930 -66.40 -76.75 54.60
C THR B 1930 -65.95 -75.80 55.71
N PRO B 1931 -64.95 -76.19 56.49
CA PRO B 1931 -64.50 -75.32 57.57
C PRO B 1931 -64.00 -73.99 57.06
N TYR B 1932 -64.30 -72.95 57.84
CA TYR B 1932 -63.88 -71.60 57.48
C TYR B 1932 -63.62 -70.82 58.76
N ASP B 1933 -62.91 -69.71 58.60
CA ASP B 1933 -62.67 -68.83 59.71
C ASP B 1933 -63.92 -68.01 59.98
N PRO B 1934 -64.45 -67.99 61.19
CA PRO B 1934 -65.65 -67.16 61.46
C PRO B 1934 -65.44 -65.68 61.23
N ARG B 1935 -64.19 -65.23 61.32
CA ARG B 1935 -63.89 -63.83 61.14
C ARG B 1935 -64.22 -63.38 59.73
N TRP B 1936 -64.09 -64.28 58.77
CA TRP B 1936 -64.36 -63.93 57.38
C TRP B 1936 -65.81 -63.49 57.20
N MET B 1937 -66.75 -64.14 57.87
CA MET B 1937 -68.13 -63.71 57.77
C MET B 1937 -68.40 -62.53 58.69
N LEU B 1938 -67.69 -62.42 59.79
CA LEU B 1938 -67.93 -61.29 60.67
C LEU B 1938 -67.43 -59.99 60.07
N ALA B 1939 -66.13 -59.91 59.78
CA ALA B 1939 -65.51 -58.69 59.31
C ALA B 1939 -65.26 -58.65 57.82
N GLY B 1940 -65.07 -59.78 57.17
CA GLY B 1940 -64.69 -59.86 55.78
C GLY B 1940 -63.26 -60.33 55.64
N ARG B 1941 -62.87 -60.51 54.38
CA ARG B 1941 -61.53 -61.02 54.07
C ARG B 1941 -60.95 -60.32 52.88
N PRO B 1942 -59.62 -60.31 52.73
CA PRO B 1942 -59.03 -59.84 51.47
C PRO B 1942 -59.47 -60.71 50.31
N HIS B 1943 -59.81 -60.08 49.19
CA HIS B 1943 -60.29 -60.81 48.05
C HIS B 1943 -59.21 -61.76 47.56
N PRO B 1944 -59.38 -63.08 47.69
CA PRO B 1944 -58.28 -64.00 47.37
C PRO B 1944 -57.88 -64.02 45.92
N THR B 1945 -58.78 -63.63 45.01
CA THR B 1945 -58.46 -63.69 43.59
C THR B 1945 -57.41 -62.65 43.21
N GLN B 1946 -57.61 -61.41 43.65
CA GLN B 1946 -56.80 -60.25 43.29
C GLN B 1946 -55.81 -59.93 44.40
N LYS B 1947 -55.18 -58.76 44.31
CA LYS B 1947 -54.32 -58.21 45.36
C LYS B 1947 -55.02 -57.19 46.24
N GLY B 1948 -55.82 -56.29 45.66
CA GLY B 1948 -56.70 -55.42 46.42
C GLY B 1948 -58.03 -56.09 46.70
N GLN B 1949 -59.10 -55.29 46.76
CA GLN B 1949 -60.46 -55.83 46.82
C GLN B 1949 -60.76 -56.63 48.09
N TRP B 1950 -61.48 -56.02 49.02
CA TRP B 1950 -61.93 -56.70 50.23
C TRP B 1950 -63.35 -57.23 50.07
N LEU B 1951 -63.56 -58.52 50.36
CA LEU B 1951 -64.89 -59.09 50.45
C LEU B 1951 -65.52 -58.72 51.78
N SER B 1952 -66.67 -58.06 51.70
CA SER B 1952 -67.32 -57.54 52.88
C SER B 1952 -68.03 -58.64 53.64
N GLY B 1953 -68.15 -58.41 54.95
CA GLY B 1953 -68.82 -59.31 55.84
C GLY B 1953 -70.09 -58.71 56.42
N PHE B 1954 -70.52 -59.29 57.53
CA PHE B 1954 -71.78 -58.89 58.13
C PHE B 1954 -71.67 -57.52 58.76
N PHE B 1955 -70.62 -57.28 59.52
CA PHE B 1955 -70.47 -56.08 60.30
C PHE B 1955 -69.71 -55.02 59.53
N ASP B 1956 -69.78 -53.80 60.05
CA ASP B 1956 -69.11 -52.67 59.44
C ASP B 1956 -67.63 -52.95 59.28
N TYR B 1957 -67.09 -52.54 58.13
CA TYR B 1957 -65.69 -52.77 57.82
C TYR B 1957 -64.80 -52.11 58.87
N GLY B 1958 -63.88 -52.89 59.43
CA GLY B 1958 -62.93 -52.40 60.39
C GLY B 1958 -63.44 -52.26 61.81
N SER B 1959 -64.71 -52.56 62.08
CA SER B 1959 -65.28 -52.35 63.39
C SER B 1959 -65.10 -53.51 64.34
N PHE B 1960 -64.69 -54.68 63.86
CA PHE B 1960 -64.63 -55.87 64.69
C PHE B 1960 -63.37 -55.87 65.53
N SER B 1961 -63.52 -56.22 66.80
CA SER B 1961 -62.40 -56.31 67.73
C SER B 1961 -62.62 -57.49 68.66
N GLU B 1962 -61.78 -58.50 68.51
CA GLU B 1962 -61.90 -59.73 69.26
C GLU B 1962 -61.20 -59.61 70.60
N ILE B 1963 -61.74 -60.28 71.60
CA ILE B 1963 -61.17 -60.34 72.94
C ILE B 1963 -60.99 -61.79 73.33
N MET B 1964 -60.06 -62.03 74.25
CA MET B 1964 -59.83 -63.35 74.80
C MET B 1964 -59.52 -64.37 73.71
N GLN B 1965 -58.78 -63.94 72.70
CA GLN B 1965 -58.63 -64.72 71.47
C GLN B 1965 -58.08 -66.11 71.69
N PRO B 1966 -56.97 -66.32 72.39
CA PRO B 1966 -56.39 -67.66 72.47
C PRO B 1966 -57.02 -68.58 73.50
N TRP B 1967 -58.00 -68.12 74.26
CA TRP B 1967 -58.67 -68.95 75.23
C TRP B 1967 -59.93 -69.53 74.63
N ALA B 1968 -60.07 -70.84 74.72
CA ALA B 1968 -61.25 -71.55 74.27
C ALA B 1968 -61.57 -71.18 72.83
N GLN B 1969 -60.66 -71.55 71.95
CA GLN B 1969 -60.67 -71.07 70.58
C GLN B 1969 -61.80 -71.63 69.74
N THR B 1970 -62.65 -72.51 70.28
CA THR B 1970 -63.78 -73.00 69.51
C THR B 1970 -64.91 -72.00 69.42
N VAL B 1971 -64.82 -70.88 70.13
CA VAL B 1971 -65.84 -69.86 70.12
C VAL B 1971 -65.13 -68.52 70.01
N VAL B 1972 -65.75 -67.61 69.26
CA VAL B 1972 -65.21 -66.29 68.99
C VAL B 1972 -66.17 -65.29 69.59
N VAL B 1973 -65.64 -64.34 70.33
CA VAL B 1973 -66.43 -63.31 70.98
C VAL B 1973 -65.74 -61.98 70.77
N GLY B 1974 -66.56 -60.95 70.67
CA GLY B 1974 -65.97 -59.65 70.50
C GLY B 1974 -67.03 -58.57 70.40
N ARG B 1975 -66.58 -57.43 69.94
CA ARG B 1975 -67.39 -56.26 69.74
C ARG B 1975 -67.35 -55.87 68.27
N ALA B 1976 -68.40 -55.19 67.83
CA ALA B 1976 -68.43 -54.77 66.44
C ALA B 1976 -69.52 -53.72 66.30
N ARG B 1977 -69.66 -53.20 65.08
CA ARG B 1977 -70.73 -52.28 64.75
C ARG B 1977 -71.47 -52.75 63.52
N LEU B 1978 -72.79 -52.66 63.58
CA LEU B 1978 -73.69 -52.94 62.47
C LEU B 1978 -74.34 -51.63 62.10
N GLY B 1979 -73.95 -51.08 60.95
CA GLY B 1979 -74.50 -49.82 60.50
C GLY B 1979 -74.27 -48.68 61.47
N GLY B 1980 -73.16 -48.72 62.20
CA GLY B 1980 -72.89 -47.74 63.23
C GLY B 1980 -73.48 -48.06 64.57
N ILE B 1981 -74.15 -49.19 64.72
CA ILE B 1981 -74.76 -49.58 65.99
C ILE B 1981 -73.82 -50.58 66.66
N PRO B 1982 -73.22 -50.25 67.80
CA PRO B 1982 -72.37 -51.22 68.48
C PRO B 1982 -73.15 -52.41 68.99
N VAL B 1983 -72.52 -53.57 68.89
CA VAL B 1983 -73.11 -54.83 69.30
C VAL B 1983 -72.02 -55.72 69.85
N GLY B 1984 -72.45 -56.60 70.76
CA GLY B 1984 -71.64 -57.74 71.13
C GLY B 1984 -71.86 -58.85 70.12
N VAL B 1985 -70.82 -59.65 69.95
CA VAL B 1985 -70.76 -60.65 68.90
C VAL B 1985 -70.35 -61.95 69.52
N VAL B 1986 -71.12 -63.00 69.22
CA VAL B 1986 -70.74 -64.36 69.53
C VAL B 1986 -70.83 -65.17 68.25
N ALA B 1987 -69.82 -65.98 67.99
CA ALA B 1987 -69.74 -66.78 66.79
C ALA B 1987 -68.98 -68.05 67.09
N VAL B 1988 -69.08 -69.01 66.19
CA VAL B 1988 -68.61 -70.36 66.42
C VAL B 1988 -67.55 -70.71 65.40
N GLU B 1989 -66.48 -71.32 65.87
CA GLU B 1989 -65.45 -71.88 65.01
C GLU B 1989 -65.90 -73.25 64.52
N THR B 1990 -65.69 -73.51 63.24
CA THR B 1990 -65.97 -74.77 62.60
C THR B 1990 -64.74 -75.57 62.26
N ARG B 1991 -63.57 -74.93 62.27
CA ARG B 1991 -62.32 -75.65 62.11
C ARG B 1991 -61.91 -76.31 63.41
N THR B 1992 -61.09 -77.33 63.28
CA THR B 1992 -60.50 -77.99 64.43
C THR B 1992 -59.34 -77.15 64.94
N VAL B 1993 -59.24 -77.08 66.27
CA VAL B 1993 -58.18 -76.32 66.92
C VAL B 1993 -57.43 -77.24 67.86
N GLU B 1994 -56.24 -76.80 68.24
CA GLU B 1994 -55.35 -77.54 69.11
C GLU B 1994 -55.17 -76.78 70.40
N LEU B 1995 -55.56 -77.39 71.50
CA LEU B 1995 -55.36 -76.82 72.82
C LEU B 1995 -54.07 -77.39 73.39
N SER B 1996 -53.14 -76.50 73.70
CA SER B 1996 -51.85 -76.88 74.27
C SER B 1996 -51.87 -76.57 75.75
N ILE B 1997 -51.66 -77.60 76.57
CA ILE B 1997 -51.66 -77.50 78.02
C ILE B 1997 -50.21 -77.64 78.48
N PRO B 1998 -49.66 -76.67 79.20
CA PRO B 1998 -48.27 -76.77 79.64
C PRO B 1998 -48.11 -77.73 80.81
N ALA B 1999 -46.86 -78.03 81.08
CA ALA B 1999 -46.47 -78.86 82.19
C ALA B 1999 -46.07 -77.99 83.36
N ASP B 2000 -46.47 -78.41 84.55
CA ASP B 2000 -46.10 -77.69 85.75
C ASP B 2000 -44.67 -78.05 86.12
N PRO B 2001 -43.75 -77.08 86.22
CA PRO B 2001 -42.38 -77.41 86.63
C PRO B 2001 -42.25 -77.87 88.07
N ALA B 2002 -43.27 -77.68 88.89
CA ALA B 2002 -43.25 -78.14 90.27
C ALA B 2002 -43.61 -79.61 90.41
N ASN B 2003 -43.99 -80.27 89.32
CA ASN B 2003 -44.33 -81.69 89.33
C ASN B 2003 -43.55 -82.31 88.18
N LEU B 2004 -42.42 -82.92 88.52
CA LEU B 2004 -41.52 -83.45 87.51
C LEU B 2004 -42.12 -84.64 86.76
N ASP B 2005 -43.24 -85.18 87.22
CA ASP B 2005 -43.91 -86.28 86.56
C ASP B 2005 -45.05 -85.82 85.66
N SER B 2006 -45.18 -84.53 85.44
CA SER B 2006 -46.22 -84.00 84.58
C SER B 2006 -45.71 -83.89 83.15
N GLU B 2007 -46.65 -83.78 82.23
CA GLU B 2007 -46.37 -83.70 80.81
C GLU B 2007 -47.29 -82.67 80.17
N ALA B 2008 -46.77 -82.03 79.14
CA ALA B 2008 -47.58 -81.16 78.32
C ALA B 2008 -48.43 -81.99 77.39
N LYS B 2009 -49.59 -81.47 77.02
CA LYS B 2009 -50.54 -82.20 76.20
C LYS B 2009 -51.12 -81.32 75.11
N ILE B 2010 -51.43 -81.96 74.00
CA ILE B 2010 -52.17 -81.34 72.90
C ILE B 2010 -53.47 -82.09 72.78
N ILE B 2011 -54.58 -81.35 72.80
CA ILE B 2011 -55.91 -81.92 72.70
C ILE B 2011 -56.58 -81.30 71.49
N GLN B 2012 -57.12 -82.14 70.63
CA GLN B 2012 -57.87 -81.66 69.50
C GLN B 2012 -59.27 -81.31 69.94
N GLN B 2013 -59.70 -80.10 69.61
CA GLN B 2013 -61.05 -79.64 69.87
C GLN B 2013 -61.73 -79.39 68.54
N ALA B 2014 -62.80 -80.14 68.30
CA ALA B 2014 -63.61 -79.94 67.11
C ALA B 2014 -64.45 -78.68 67.23
N GLY B 2015 -64.83 -78.18 66.08
CA GLY B 2015 -65.74 -77.07 66.02
C GLY B 2015 -67.18 -77.50 66.11
N GLN B 2016 -68.04 -76.51 66.31
CA GLN B 2016 -69.47 -76.72 66.45
C GLN B 2016 -69.80 -77.56 67.66
N VAL B 2017 -69.00 -77.44 68.71
CA VAL B 2017 -69.18 -78.19 69.95
C VAL B 2017 -68.93 -77.22 71.10
N TRP B 2018 -69.62 -77.48 72.20
CA TRP B 2018 -69.44 -76.73 73.43
C TRP B 2018 -68.66 -77.57 74.41
N PHE B 2019 -67.57 -77.16 74.71
CA PHE B 2019 -66.68 -77.68 75.70
C PHE B 2019 -66.80 -76.84 76.97
N PRO B 2020 -66.24 -77.32 78.09
CA PRO B 2020 -66.29 -76.53 79.31
C PRO B 2020 -65.67 -75.14 79.17
N ASP B 2021 -64.53 -75.05 78.51
CA ASP B 2021 -63.85 -73.77 78.36
C ASP B 2021 -64.65 -72.82 77.49
N SER B 2022 -65.17 -73.30 76.36
CA SER B 2022 -65.91 -72.43 75.46
C SER B 2022 -67.26 -72.06 76.02
N ALA B 2023 -67.90 -72.97 76.76
CA ALA B 2023 -69.15 -72.64 77.42
C ALA B 2023 -68.94 -71.56 78.46
N PHE B 2024 -67.87 -71.68 79.24
CA PHE B 2024 -67.61 -70.69 80.27
C PHE B 2024 -67.26 -69.34 79.65
N LYS B 2025 -66.52 -69.37 78.55
CA LYS B 2025 -66.18 -68.14 77.85
C LYS B 2025 -67.44 -67.45 77.33
N THR B 2026 -68.37 -68.24 76.80
CA THR B 2026 -69.63 -67.68 76.32
C THR B 2026 -70.41 -67.06 77.46
N TYR B 2027 -70.42 -67.71 78.62
CA TYR B 2027 -71.12 -67.14 79.77
C TYR B 2027 -70.49 -65.81 80.17
N GLN B 2028 -69.16 -65.79 80.22
CA GLN B 2028 -68.45 -64.56 80.57
C GLN B 2028 -68.79 -63.45 79.60
N ALA B 2029 -68.78 -63.73 78.31
CA ALA B 2029 -69.10 -62.72 77.32
C ALA B 2029 -70.52 -62.20 77.50
N ILE B 2030 -71.47 -63.10 77.69
CA ILE B 2030 -72.86 -62.69 77.81
C ILE B 2030 -73.03 -61.79 79.03
N LYS B 2031 -72.51 -62.23 80.16
CA LYS B 2031 -72.64 -61.45 81.39
C LYS B 2031 -71.97 -60.09 81.24
N ASP B 2032 -70.78 -60.07 80.65
CA ASP B 2032 -70.02 -58.83 80.53
C ASP B 2032 -70.70 -57.85 79.61
N PHE B 2033 -71.28 -58.32 78.50
CA PHE B 2033 -71.97 -57.43 77.59
C PHE B 2033 -73.32 -56.99 78.13
N ASN B 2034 -73.97 -57.81 78.95
CA ASN B 2034 -75.18 -57.36 79.61
C ASN B 2034 -74.87 -56.20 80.52
N ARG B 2035 -73.78 -56.29 81.26
CA ARG B 2035 -73.42 -55.20 82.16
C ARG B 2035 -72.93 -53.99 81.37
N GLU B 2036 -72.26 -54.23 80.26
CA GLU B 2036 -71.74 -53.13 79.46
C GLU B 2036 -72.88 -52.35 78.81
N GLY B 2037 -73.99 -53.00 78.51
CA GLY B 2037 -75.16 -52.35 77.99
C GLY B 2037 -75.32 -52.42 76.49
N LEU B 2038 -74.86 -53.51 75.89
CA LEU B 2038 -74.90 -53.69 74.45
C LEU B 2038 -75.80 -54.84 74.05
N PRO B 2039 -76.47 -54.76 72.90
CA PRO B 2039 -77.19 -55.92 72.41
C PRO B 2039 -76.24 -56.98 71.91
N LEU B 2040 -76.78 -58.18 71.78
CA LEU B 2040 -76.03 -59.36 71.39
C LEU B 2040 -76.50 -59.85 70.05
N MET B 2041 -75.53 -60.17 69.20
CA MET B 2041 -75.77 -60.80 67.92
C MET B 2041 -75.03 -62.11 67.97
N VAL B 2042 -75.79 -63.20 67.94
CA VAL B 2042 -75.27 -64.54 68.13
C VAL B 2042 -75.41 -65.26 66.82
N PHE B 2043 -74.31 -65.82 66.34
CA PHE B 2043 -74.25 -66.61 65.12
C PHE B 2043 -74.07 -68.05 65.56
N ALA B 2044 -75.18 -68.72 65.78
CA ALA B 2044 -75.20 -69.96 66.51
C ALA B 2044 -75.07 -71.15 65.57
N ASN B 2045 -74.01 -71.92 65.75
CA ASN B 2045 -73.71 -73.07 64.92
C ASN B 2045 -73.17 -74.23 65.75
N TRP B 2046 -73.86 -74.57 66.84
CA TRP B 2046 -73.43 -75.63 67.73
C TRP B 2046 -74.22 -76.90 67.47
N ARG B 2047 -73.50 -78.01 67.33
CA ARG B 2047 -74.10 -79.32 67.15
C ARG B 2047 -74.41 -80.01 68.47
N GLY B 2048 -74.11 -79.39 69.59
CA GLY B 2048 -74.37 -79.93 70.90
C GLY B 2048 -73.17 -79.87 71.78
N PHE B 2049 -73.34 -80.40 72.98
CA PHE B 2049 -72.30 -80.39 73.98
C PHE B 2049 -71.48 -81.67 73.91
N SER B 2050 -70.24 -81.55 74.36
CA SER B 2050 -69.40 -82.72 74.49
C SER B 2050 -69.87 -83.58 75.64
N GLY B 2051 -70.12 -84.85 75.35
CA GLY B 2051 -70.55 -85.82 76.33
C GLY B 2051 -69.49 -86.81 76.74
N GLY B 2052 -68.24 -86.62 76.33
CA GLY B 2052 -67.21 -87.53 76.69
C GLY B 2052 -66.88 -87.49 78.16
N MET B 2053 -66.21 -88.55 78.61
CA MET B 2053 -65.88 -88.71 80.02
C MET B 2053 -65.12 -87.50 80.55
N LYS B 2054 -64.19 -86.97 79.76
CA LYS B 2054 -63.26 -86.00 80.32
C LYS B 2054 -63.90 -84.63 80.44
N ASP B 2055 -64.78 -84.28 79.51
CA ASP B 2055 -65.52 -83.03 79.61
C ASP B 2055 -66.64 -83.12 80.62
N MET B 2056 -67.22 -84.30 80.81
CA MET B 2056 -68.20 -84.48 81.87
C MET B 2056 -67.54 -84.38 83.24
N TYR B 2057 -66.31 -84.87 83.35
CA TYR B 2057 -65.56 -84.76 84.58
C TYR B 2057 -65.15 -83.32 84.83
N ASP B 2058 -64.85 -82.60 83.76
CA ASP B 2058 -64.46 -81.19 83.85
C ASP B 2058 -65.66 -80.25 83.80
N GLN B 2059 -66.83 -80.74 84.19
CA GLN B 2059 -67.97 -79.90 84.55
C GLN B 2059 -68.57 -79.16 83.36
N VAL B 2060 -68.81 -79.86 82.26
CA VAL B 2060 -69.43 -79.21 81.12
C VAL B 2060 -70.88 -78.84 81.44
N LEU B 2061 -71.53 -79.67 82.24
CA LEU B 2061 -72.95 -79.49 82.54
C LEU B 2061 -73.18 -78.21 83.33
N LYS B 2062 -72.34 -77.95 84.32
CA LYS B 2062 -72.44 -76.76 85.14
C LYS B 2062 -72.38 -75.49 84.31
N PHE B 2063 -71.40 -75.40 83.42
CA PHE B 2063 -71.24 -74.22 82.59
C PHE B 2063 -72.37 -74.09 81.57
N GLY B 2064 -72.87 -75.21 81.06
CA GLY B 2064 -74.05 -75.16 80.23
C GLY B 2064 -75.24 -74.56 80.95
N ALA B 2065 -75.36 -74.83 82.24
CA ALA B 2065 -76.43 -74.19 83.02
C ALA B 2065 -76.18 -72.71 83.19
N TYR B 2066 -74.92 -72.33 83.39
CA TYR B 2066 -74.57 -70.92 83.54
C TYR B 2066 -74.99 -70.11 82.33
N ILE B 2067 -74.93 -70.70 81.15
CA ILE B 2067 -75.35 -69.97 79.95
C ILE B 2067 -76.81 -69.54 80.07
N VAL B 2068 -77.65 -70.45 80.55
CA VAL B 2068 -79.07 -70.16 80.71
C VAL B 2068 -79.26 -69.05 81.71
N ASP B 2069 -78.59 -69.17 82.85
CA ASP B 2069 -78.73 -68.16 83.88
C ASP B 2069 -78.24 -66.80 83.40
N GLY B 2070 -77.28 -66.79 82.49
CA GLY B 2070 -76.83 -65.53 81.93
C GLY B 2070 -77.87 -64.91 81.03
N LEU B 2071 -78.44 -65.70 80.14
CA LEU B 2071 -79.42 -65.15 79.20
C LEU B 2071 -80.68 -64.71 79.89
N ARG B 2072 -81.03 -65.31 81.02
CA ARG B 2072 -82.27 -64.94 81.68
C ARG B 2072 -82.22 -63.52 82.23
N GLU B 2073 -81.02 -62.98 82.43
CA GLU B 2073 -80.84 -61.65 83.01
C GLU B 2073 -80.48 -60.60 81.98
N CYS B 2074 -80.69 -60.87 80.70
CA CYS B 2074 -80.44 -59.87 79.69
C CYS B 2074 -81.49 -58.78 79.77
N CYS B 2075 -81.06 -57.54 79.58
CA CYS B 2075 -81.94 -56.39 79.48
C CYS B 2075 -81.88 -55.71 78.11
N GLN B 2076 -81.01 -56.17 77.23
CA GLN B 2076 -80.82 -55.61 75.91
C GLN B 2076 -81.28 -56.61 74.85
N PRO B 2077 -81.50 -56.16 73.62
CA PRO B 2077 -81.92 -57.10 72.58
C PRO B 2077 -80.89 -58.16 72.29
N VAL B 2078 -81.38 -59.38 72.14
CA VAL B 2078 -80.57 -60.55 71.87
C VAL B 2078 -81.14 -61.17 70.62
N LEU B 2079 -80.34 -61.18 69.56
CA LEU B 2079 -80.76 -61.65 68.25
C LEU B 2079 -79.88 -62.81 67.86
N VAL B 2080 -80.50 -63.97 67.73
CA VAL B 2080 -79.83 -65.20 67.36
C VAL B 2080 -80.14 -65.44 65.90
N TYR B 2081 -79.11 -65.71 65.12
CA TYR B 2081 -79.23 -65.97 63.70
C TYR B 2081 -78.45 -67.20 63.38
N ILE B 2082 -79.10 -68.13 62.69
CA ILE B 2082 -78.45 -69.37 62.27
C ILE B 2082 -77.90 -69.12 60.86
N PRO B 2083 -76.58 -69.08 60.67
CA PRO B 2083 -76.06 -68.78 59.36
C PRO B 2083 -76.35 -69.89 58.37
N PRO B 2084 -76.04 -69.68 57.10
CA PRO B 2084 -76.18 -70.77 56.14
C PRO B 2084 -75.15 -71.86 56.40
N GLN B 2085 -75.54 -73.09 56.08
CA GLN B 2085 -74.73 -74.26 56.35
C GLN B 2085 -74.40 -74.37 57.83
N ALA B 2086 -75.36 -74.03 58.67
CA ALA B 2086 -75.23 -74.14 60.11
C ALA B 2086 -76.43 -74.87 60.66
N GLU B 2087 -76.22 -75.47 61.84
CA GLU B 2087 -77.26 -76.25 62.47
C GLU B 2087 -77.24 -76.09 63.98
N LEU B 2088 -78.41 -76.22 64.58
CA LEU B 2088 -78.56 -76.35 66.02
C LEU B 2088 -79.24 -77.65 66.39
N ARG B 2089 -78.62 -78.38 67.31
CA ARG B 2089 -79.01 -79.74 67.63
C ARG B 2089 -79.12 -79.92 69.12
N GLY B 2090 -80.32 -80.11 69.60
CA GLY B 2090 -80.52 -80.70 70.90
C GLY B 2090 -80.18 -79.76 72.03
N GLY B 2091 -79.16 -80.14 72.80
CA GLY B 2091 -78.80 -79.37 73.97
C GLY B 2091 -78.41 -77.95 73.65
N SER B 2092 -77.86 -77.73 72.47
CA SER B 2092 -77.39 -76.41 72.11
C SER B 2092 -78.52 -75.46 71.79
N TRP B 2093 -79.71 -75.95 71.47
CA TRP B 2093 -80.86 -75.09 71.26
C TRP B 2093 -81.47 -74.69 72.60
N VAL B 2094 -81.74 -75.66 73.46
CA VAL B 2094 -82.51 -75.44 74.67
C VAL B 2094 -81.87 -74.48 75.64
N VAL B 2095 -80.59 -74.11 75.43
CA VAL B 2095 -79.90 -73.16 76.29
C VAL B 2095 -79.91 -71.75 75.73
N ILE B 2096 -80.24 -71.56 74.47
CA ILE B 2096 -80.34 -70.23 73.87
C ILE B 2096 -81.73 -69.99 73.30
N ASP B 2097 -82.68 -70.84 73.65
CA ASP B 2097 -84.02 -70.68 73.11
C ASP B 2097 -84.63 -69.39 73.62
N SER B 2098 -85.42 -68.75 72.77
CA SER B 2098 -85.99 -67.46 73.09
C SER B 2098 -86.96 -67.51 74.26
N SER B 2099 -87.40 -68.70 74.66
CA SER B 2099 -88.31 -68.83 75.79
C SER B 2099 -87.66 -68.49 77.10
N ILE B 2100 -86.33 -68.49 77.17
CA ILE B 2100 -85.64 -68.11 78.39
C ILE B 2100 -85.95 -66.68 78.75
N ASN B 2101 -85.83 -65.77 77.80
CA ASN B 2101 -86.07 -64.35 78.01
C ASN B 2101 -86.92 -63.88 76.84
N PRO B 2102 -88.22 -64.11 76.89
CA PRO B 2102 -89.07 -63.82 75.73
C PRO B 2102 -89.15 -62.35 75.38
N ARG B 2103 -88.91 -61.46 76.32
CA ARG B 2103 -89.08 -60.04 76.05
C ARG B 2103 -88.00 -59.50 75.11
N HIS B 2104 -86.82 -60.08 75.17
CA HIS B 2104 -85.65 -59.56 74.49
C HIS B 2104 -85.12 -60.47 73.40
N MET B 2105 -85.25 -61.78 73.57
CA MET B 2105 -84.61 -62.73 72.68
C MET B 2105 -85.46 -63.00 71.44
N GLU B 2106 -84.79 -63.10 70.30
CA GLU B 2106 -85.40 -63.52 69.06
C GLU B 2106 -84.48 -64.45 68.32
N MET B 2107 -85.06 -65.32 67.51
CA MET B 2107 -84.34 -66.29 66.71
C MET B 2107 -84.75 -66.17 65.26
N TYR B 2108 -83.76 -66.23 64.37
CA TYR B 2108 -83.95 -66.20 62.95
C TYR B 2108 -83.05 -67.23 62.31
N ALA B 2109 -83.50 -67.73 61.16
CA ALA B 2109 -82.81 -68.80 60.46
C ALA B 2109 -82.64 -68.43 59.00
N ASP B 2110 -81.55 -68.90 58.42
CA ASP B 2110 -81.34 -68.80 57.00
C ASP B 2110 -82.12 -69.91 56.31
N ARG B 2111 -82.10 -69.90 54.97
CA ARG B 2111 -82.73 -70.98 54.22
C ARG B 2111 -81.86 -72.23 54.18
N GLU B 2112 -80.55 -72.08 54.32
CA GLU B 2112 -79.61 -73.20 54.35
C GLU B 2112 -79.28 -73.63 55.76
N SER B 2113 -80.22 -73.51 56.68
CA SER B 2113 -80.01 -73.82 58.09
C SER B 2113 -80.74 -75.09 58.46
N ARG B 2114 -80.36 -75.64 59.61
CA ARG B 2114 -81.03 -76.81 60.13
C ARG B 2114 -81.19 -76.71 61.64
N GLY B 2115 -82.26 -77.30 62.12
CA GLY B 2115 -82.43 -77.33 63.55
C GLY B 2115 -83.36 -78.41 64.03
N SER B 2116 -82.92 -79.16 65.01
CA SER B 2116 -83.74 -80.25 65.53
C SER B 2116 -83.15 -80.72 66.84
N VAL B 2117 -83.69 -81.83 67.34
CA VAL B 2117 -83.16 -82.46 68.53
C VAL B 2117 -81.94 -83.30 68.19
N LEU B 2118 -82.09 -84.16 67.18
CA LEU B 2118 -81.06 -85.08 66.76
C LEU B 2118 -80.75 -84.89 65.29
N GLU B 2119 -79.49 -85.07 64.95
CA GLU B 2119 -79.09 -85.06 63.57
C GLU B 2119 -79.79 -86.21 62.83
N PRO B 2120 -79.75 -86.20 61.50
CA PRO B 2120 -80.44 -87.25 60.76
C PRO B 2120 -79.95 -88.66 61.05
N GLU B 2121 -78.65 -88.83 61.23
CA GLU B 2121 -78.10 -90.15 61.51
C GLU B 2121 -78.65 -90.69 62.82
N GLY B 2122 -78.69 -89.85 63.85
CA GLY B 2122 -79.18 -90.28 65.14
C GLY B 2122 -80.66 -90.55 65.13
N THR B 2123 -81.39 -89.95 64.19
CA THR B 2123 -82.80 -90.22 64.08
C THR B 2123 -83.06 -91.54 63.37
N VAL B 2124 -82.34 -91.81 62.28
CA VAL B 2124 -82.56 -93.06 61.57
C VAL B 2124 -82.11 -94.24 62.40
N GLU B 2125 -81.10 -94.05 63.25
CA GLU B 2125 -80.67 -95.16 64.09
C GLU B 2125 -81.72 -95.58 65.10
N ILE B 2126 -82.73 -94.75 65.33
CA ILE B 2126 -83.80 -95.05 66.28
C ILE B 2126 -85.07 -95.47 65.55
N LYS B 2127 -85.48 -94.70 64.55
CA LYS B 2127 -86.79 -94.84 63.96
C LYS B 2127 -86.79 -95.50 62.59
N PHE B 2128 -85.64 -95.71 61.96
CA PHE B 2128 -85.56 -96.20 60.59
C PHE B 2128 -84.45 -97.24 60.48
N ARG B 2129 -84.49 -98.21 61.36
CA ARG B 2129 -83.50 -99.28 61.33
C ARG B 2129 -83.71 -100.16 60.09
N ARG B 2130 -82.82 -101.16 59.97
CA ARG B 2130 -82.73 -101.97 58.76
C ARG B 2130 -84.07 -102.60 58.38
N LYS B 2131 -84.83 -103.06 59.37
CA LYS B 2131 -86.09 -103.74 59.08
C LYS B 2131 -87.02 -102.84 58.26
N ASP B 2132 -87.12 -101.59 58.65
CA ASP B 2132 -87.97 -100.64 57.95
C ASP B 2132 -87.38 -100.23 56.62
N LEU B 2133 -86.05 -100.20 56.53
CA LEU B 2133 -85.39 -99.94 55.25
C LEU B 2133 -85.75 -101.01 54.23
N VAL B 2134 -85.70 -102.27 54.65
CA VAL B 2134 -86.09 -103.37 53.78
C VAL B 2134 -87.55 -103.22 53.38
N LYS B 2135 -88.40 -102.87 54.33
CA LYS B 2135 -89.81 -102.65 54.00
C LYS B 2135 -89.97 -101.58 52.94
N THR B 2136 -89.12 -100.56 52.98
CA THR B 2136 -89.16 -99.53 51.95
C THR B 2136 -88.74 -100.11 50.61
N MET B 2137 -87.66 -100.88 50.61
CA MET B 2137 -87.14 -101.46 49.37
C MET B 2137 -88.19 -102.35 48.72
N ARG B 2138 -89.05 -102.95 49.52
CA ARG B 2138 -90.06 -103.87 49.01
C ARG B 2138 -90.96 -103.21 47.98
N ARG B 2139 -91.13 -101.88 48.03
CA ARG B 2139 -92.05 -101.17 47.15
C ARG B 2139 -91.38 -100.21 46.20
N VAL B 2140 -90.05 -100.26 46.07
CA VAL B 2140 -89.30 -99.33 45.24
C VAL B 2140 -88.48 -100.05 44.18
N ASP B 2141 -87.57 -100.91 44.59
CA ASP B 2141 -86.56 -101.42 43.68
C ASP B 2141 -87.20 -102.39 42.69
N PRO B 2142 -87.16 -102.11 41.38
CA PRO B 2142 -87.81 -103.03 40.43
C PRO B 2142 -87.28 -104.46 40.49
N VAL B 2143 -85.97 -104.63 40.65
CA VAL B 2143 -85.39 -105.96 40.70
C VAL B 2143 -85.92 -106.72 41.92
N TYR B 2144 -85.85 -106.09 43.09
CA TYR B 2144 -86.33 -106.75 44.30
C TYR B 2144 -87.82 -107.00 44.23
N ILE B 2145 -88.56 -106.10 43.59
CA ILE B 2145 -90.00 -106.31 43.44
C ILE B 2145 -90.26 -107.53 42.57
N HIS B 2146 -89.60 -107.60 41.41
CA HIS B 2146 -89.79 -108.72 40.50
C HIS B 2146 -89.46 -110.04 41.18
N LEU B 2147 -88.35 -110.09 41.91
CA LEU B 2147 -87.98 -111.32 42.61
C LEU B 2147 -88.98 -111.66 43.71
N ALA B 2148 -89.43 -110.65 44.46
CA ALA B 2148 -90.36 -110.90 45.56
C ALA B 2148 -91.71 -111.37 45.03
N GLU B 2149 -92.15 -110.83 43.89
CA GLU B 2149 -93.39 -111.26 43.30
C GLU B 2149 -93.27 -112.67 42.72
N ARG B 2150 -92.11 -112.98 42.13
CA ARG B 2150 -91.92 -114.32 41.59
C ARG B 2150 -91.94 -115.36 42.70
N LEU B 2151 -91.27 -115.09 43.82
CA LEU B 2151 -91.26 -116.04 44.91
C LEU B 2151 -92.64 -116.23 45.52
N GLY B 2152 -93.55 -115.28 45.30
CA GLY B 2152 -94.90 -115.40 45.82
C GLY B 2152 -95.79 -116.37 45.08
N THR B 2153 -95.32 -116.93 43.97
CA THR B 2153 -96.13 -117.87 43.20
C THR B 2153 -96.17 -119.22 43.92
N PRO B 2154 -97.33 -119.81 44.17
CA PRO B 2154 -97.35 -121.10 44.89
C PRO B 2154 -96.74 -122.23 44.07
N GLU B 2155 -95.90 -123.02 44.74
CA GLU B 2155 -95.42 -124.31 44.26
C GLU B 2155 -94.78 -124.23 42.88
N LEU B 2156 -93.71 -123.44 42.80
CA LEU B 2156 -92.95 -123.37 41.56
C LEU B 2156 -92.04 -124.58 41.48
N SER B 2157 -91.08 -124.66 42.39
CA SER B 2157 -90.17 -125.78 42.55
C SER B 2157 -89.27 -125.45 43.72
N THR B 2158 -88.71 -126.49 44.34
CA THR B 2158 -87.79 -126.29 45.45
C THR B 2158 -86.56 -125.50 45.00
N ALA B 2159 -85.92 -125.96 43.93
CA ALA B 2159 -84.69 -125.35 43.46
C ALA B 2159 -84.90 -123.88 43.09
N GLU B 2160 -85.99 -123.59 42.39
CA GLU B 2160 -86.27 -122.22 41.98
C GLU B 2160 -86.49 -121.33 43.19
N ARG B 2161 -87.22 -121.83 44.20
CA ARG B 2161 -87.43 -121.03 45.41
C ARG B 2161 -86.12 -120.72 46.10
N LYS B 2162 -85.24 -121.72 46.20
CA LYS B 2162 -83.92 -121.48 46.80
C LYS B 2162 -83.15 -120.41 46.04
N GLU B 2163 -83.12 -120.52 44.72
CA GLU B 2163 -82.43 -119.51 43.91
C GLU B 2163 -83.03 -118.13 44.10
N LEU B 2164 -84.37 -118.03 44.12
CA LEU B 2164 -85.02 -116.73 44.31
C LEU B 2164 -84.68 -116.14 45.67
N GLU B 2165 -84.65 -116.99 46.71
CA GLU B 2165 -84.33 -116.48 48.04
C GLU B 2165 -82.92 -115.95 48.10
N ASN B 2166 -81.97 -116.65 47.47
CA ASN B 2166 -80.60 -116.15 47.47
C ASN B 2166 -80.49 -114.85 46.68
N LYS B 2167 -81.20 -114.75 45.55
CA LYS B 2167 -81.20 -113.51 44.79
C LYS B 2167 -81.76 -112.36 45.60
N LEU B 2168 -82.83 -112.62 46.34
CA LEU B 2168 -83.43 -111.57 47.17
C LEU B 2168 -82.47 -111.13 48.26
N LYS B 2169 -81.82 -112.09 48.92
CA LYS B 2169 -80.87 -111.75 49.96
C LYS B 2169 -79.74 -110.90 49.42
N GLU B 2170 -79.22 -111.27 48.26
CA GLU B 2170 -78.09 -110.52 47.71
C GLU B 2170 -78.52 -109.13 47.28
N ARG B 2171 -79.71 -109.02 46.68
CA ARG B 2171 -80.16 -107.71 46.20
C ARG B 2171 -80.45 -106.78 47.36
N GLU B 2172 -81.19 -107.27 48.37
CA GLU B 2172 -81.52 -106.43 49.49
C GLU B 2172 -80.28 -106.02 50.27
N GLU B 2173 -79.29 -106.90 50.39
CA GLU B 2173 -78.07 -106.52 51.08
C GLU B 2173 -77.29 -105.50 50.26
N PHE B 2174 -77.27 -105.69 48.94
CA PHE B 2174 -76.48 -104.82 48.09
C PHE B 2174 -77.02 -103.39 48.09
N LEU B 2175 -78.31 -103.24 48.33
CA LEU B 2175 -78.96 -101.93 48.23
C LEU B 2175 -79.02 -101.18 49.55
N ILE B 2176 -78.35 -101.65 50.59
CA ILE B 2176 -78.50 -101.00 51.89
C ILE B 2176 -77.88 -99.60 51.90
N PRO B 2177 -76.63 -99.39 51.49
CA PRO B 2177 -76.04 -98.05 51.63
C PRO B 2177 -76.81 -96.96 50.91
N ILE B 2178 -77.37 -97.26 49.76
CA ILE B 2178 -78.06 -96.24 48.98
C ILE B 2178 -79.37 -95.87 49.67
N TYR B 2179 -80.11 -96.87 50.14
CA TYR B 2179 -81.35 -96.58 50.85
C TYR B 2179 -81.10 -95.99 52.22
N HIS B 2180 -79.90 -96.21 52.78
CA HIS B 2180 -79.50 -95.54 54.00
C HIS B 2180 -79.33 -94.04 53.77
N GLN B 2181 -78.63 -93.68 52.70
CA GLN B 2181 -78.55 -92.27 52.33
C GLN B 2181 -79.93 -91.69 52.09
N VAL B 2182 -80.81 -92.46 51.47
CA VAL B 2182 -82.19 -92.00 51.26
C VAL B 2182 -82.86 -91.74 52.60
N ALA B 2183 -82.68 -92.64 53.54
CA ALA B 2183 -83.30 -92.53 54.84
C ALA B 2183 -82.86 -91.26 55.55
N VAL B 2184 -81.56 -91.00 55.56
CA VAL B 2184 -81.10 -89.80 56.26
C VAL B 2184 -81.56 -88.56 55.54
N GLN B 2185 -81.69 -88.61 54.21
CA GLN B 2185 -82.28 -87.50 53.49
C GLN B 2185 -83.73 -87.26 53.92
N PHE B 2186 -84.48 -88.35 54.06
CA PHE B 2186 -85.86 -88.26 54.52
C PHE B 2186 -85.92 -87.61 55.89
N ALA B 2187 -85.07 -88.05 56.80
CA ALA B 2187 -85.02 -87.46 58.12
C ALA B 2187 -84.61 -86.01 58.06
N ASP B 2188 -83.73 -85.66 57.12
CA ASP B 2188 -83.29 -84.28 56.98
C ASP B 2188 -84.45 -83.39 56.60
N LEU B 2189 -85.38 -83.90 55.81
CA LEU B 2189 -86.54 -83.09 55.46
C LEU B 2189 -87.40 -82.71 56.65
N HIS B 2190 -87.18 -83.32 57.81
CA HIS B 2190 -87.89 -82.97 59.02
C HIS B 2190 -87.24 -81.84 59.79
N ASP B 2191 -86.00 -81.49 59.46
CA ASP B 2191 -85.20 -80.54 60.21
C ASP B 2191 -85.06 -79.20 59.50
N THR B 2192 -85.96 -78.90 58.59
CA THR B 2192 -85.82 -77.71 57.79
C THR B 2192 -86.40 -76.50 58.51
N PRO B 2193 -86.05 -75.29 58.06
CA PRO B 2193 -86.63 -74.09 58.67
C PRO B 2193 -88.08 -73.86 58.32
N GLY B 2194 -88.60 -74.50 57.28
CA GLY B 2194 -90.02 -74.40 57.00
C GLY B 2194 -90.86 -74.96 58.12
N ARG B 2195 -90.45 -76.09 58.66
CA ARG B 2195 -91.13 -76.69 59.79
C ARG B 2195 -91.06 -75.79 61.02
N MET B 2196 -89.87 -75.25 61.30
CA MET B 2196 -89.71 -74.36 62.44
C MET B 2196 -90.56 -73.13 62.30
N GLN B 2197 -90.75 -72.64 61.08
CA GLN B 2197 -91.60 -71.49 60.86
C GLN B 2197 -93.06 -71.85 61.04
N GLU B 2198 -93.46 -73.05 60.64
CA GLU B 2198 -94.85 -73.44 60.81
C GLU B 2198 -95.18 -73.63 62.28
N LYS B 2199 -94.23 -74.15 63.05
CA LYS B 2199 -94.45 -74.42 64.46
C LYS B 2199 -94.26 -73.19 65.33
N GLY B 2200 -93.64 -72.14 64.82
CA GLY B 2200 -93.53 -70.90 65.56
C GLY B 2200 -92.35 -70.80 66.49
N VAL B 2201 -91.29 -71.58 66.26
CA VAL B 2201 -90.11 -71.55 67.12
C VAL B 2201 -89.06 -70.58 66.64
N ILE B 2202 -89.15 -70.12 65.39
CA ILE B 2202 -88.36 -69.01 64.89
C ILE B 2202 -89.31 -67.90 64.47
N SER B 2203 -88.77 -66.71 64.36
CA SER B 2203 -89.57 -65.57 63.94
C SER B 2203 -89.73 -65.50 62.44
N ASP B 2204 -88.64 -65.72 61.69
CA ASP B 2204 -88.69 -65.56 60.24
C ASP B 2204 -87.54 -66.33 59.63
N ILE B 2205 -87.59 -66.46 58.31
CA ILE B 2205 -86.54 -67.05 57.51
C ILE B 2205 -85.93 -65.95 56.67
N LEU B 2206 -84.62 -65.80 56.77
CA LEU B 2206 -83.89 -64.72 56.13
C LEU B 2206 -82.96 -65.25 55.06
N ASP B 2207 -82.56 -64.35 54.17
CA ASP B 2207 -81.51 -64.61 53.20
C ASP B 2207 -80.20 -64.04 53.74
N TRP B 2208 -79.11 -64.74 53.45
CA TRP B 2208 -77.81 -64.34 53.97
C TRP B 2208 -77.39 -63.01 53.40
N LYS B 2209 -77.45 -62.88 52.07
CA LYS B 2209 -76.85 -61.75 51.38
C LYS B 2209 -77.41 -60.42 51.84
N THR B 2210 -78.65 -60.39 52.31
CA THR B 2210 -79.32 -59.18 52.73
C THR B 2210 -79.54 -59.11 54.23
N SER B 2211 -78.92 -60.02 54.99
CA SER B 2211 -79.16 -60.05 56.42
C SER B 2211 -78.70 -58.77 57.10
N ARG B 2212 -77.62 -58.16 56.60
CA ARG B 2212 -77.11 -56.91 57.17
C ARG B 2212 -78.20 -55.86 57.27
N THR B 2213 -78.89 -55.60 56.16
CA THR B 2213 -79.96 -54.60 56.12
C THR B 2213 -81.06 -54.95 57.11
N PHE B 2214 -81.53 -56.19 57.06
CA PHE B 2214 -82.63 -56.62 57.90
C PHE B 2214 -82.31 -56.40 59.36
N PHE B 2215 -81.17 -56.92 59.81
CA PHE B 2215 -80.85 -56.84 61.22
C PHE B 2215 -80.56 -55.41 61.63
N TYR B 2216 -80.04 -54.58 60.72
CA TYR B 2216 -79.87 -53.18 61.06
C TYR B 2216 -81.20 -52.55 61.42
N TRP B 2217 -82.19 -52.69 60.53
CA TRP B 2217 -83.45 -51.99 60.78
C TRP B 2217 -84.19 -52.62 61.94
N ARG B 2218 -84.05 -53.93 62.12
CA ARG B 2218 -84.70 -54.59 63.24
C ARG B 2218 -84.14 -54.12 64.56
N LEU B 2219 -82.81 -54.06 64.67
CA LEU B 2219 -82.20 -53.64 65.91
C LEU B 2219 -82.52 -52.19 66.21
N ARG B 2220 -82.55 -51.36 65.17
CA ARG B 2220 -82.96 -49.98 65.35
C ARG B 2220 -84.36 -49.88 65.93
N ARG B 2221 -85.29 -50.64 65.34
CA ARG B 2221 -86.66 -50.70 65.84
C ARG B 2221 -86.68 -51.09 67.30
N LEU B 2222 -85.99 -52.17 67.64
CA LEU B 2222 -86.08 -52.72 68.99
C LEU B 2222 -85.52 -51.75 70.01
N LEU B 2223 -84.46 -51.04 69.66
CA LEU B 2223 -83.89 -50.08 70.58
C LEU B 2223 -84.84 -48.91 70.84
N LEU B 2224 -85.44 -48.38 69.78
CA LEU B 2224 -86.42 -47.31 69.97
C LEU B 2224 -87.60 -47.79 70.80
N GLU B 2225 -88.09 -49.00 70.51
CA GLU B 2225 -89.16 -49.57 71.30
C GLU B 2225 -88.77 -49.71 72.75
N ASP B 2226 -87.52 -50.06 73.03
CA ASP B 2226 -87.08 -50.17 74.41
C ASP B 2226 -87.14 -48.83 75.11
N LEU B 2227 -86.77 -47.76 74.41
CA LEU B 2227 -86.84 -46.43 75.01
C LEU B 2227 -88.27 -46.09 75.41
N VAL B 2228 -89.20 -46.24 74.48
CA VAL B 2228 -90.58 -45.85 74.80
C VAL B 2228 -91.17 -46.78 75.85
N LYS B 2229 -90.81 -48.06 75.82
CA LYS B 2229 -91.33 -49.01 76.79
C LYS B 2229 -90.83 -48.70 78.18
N LYS B 2230 -89.58 -48.26 78.30
CA LYS B 2230 -89.06 -47.85 79.61
C LYS B 2230 -89.84 -46.67 80.13
N LYS B 2231 -90.16 -45.72 79.25
CA LYS B 2231 -90.97 -44.59 79.69
C LYS B 2231 -92.32 -45.05 80.21
N ILE B 2232 -92.97 -45.95 79.47
CA ILE B 2232 -94.27 -46.46 79.90
C ILE B 2232 -94.14 -47.14 81.26
N HIS B 2233 -93.10 -47.94 81.43
CA HIS B 2233 -92.94 -48.70 82.67
C HIS B 2233 -92.73 -47.77 83.84
N ASN B 2234 -91.99 -46.69 83.64
CA ASN B 2234 -91.81 -45.73 84.72
C ASN B 2234 -93.09 -44.98 85.02
N ALA B 2235 -93.94 -44.77 84.02
CA ALA B 2235 -95.22 -44.13 84.29
C ALA B 2235 -96.11 -45.00 85.17
N ASN B 2236 -96.07 -46.32 84.97
CA ASN B 2236 -96.85 -47.25 85.78
C ASN B 2236 -96.02 -48.51 85.93
N PRO B 2237 -95.19 -48.60 86.98
CA PRO B 2237 -94.37 -49.80 87.17
C PRO B 2237 -95.13 -51.07 87.45
N GLU B 2238 -96.45 -51.02 87.61
CA GLU B 2238 -97.25 -52.20 87.90
C GLU B 2238 -97.81 -52.86 86.65
N LEU B 2239 -97.48 -52.35 85.46
CA LEU B 2239 -97.87 -52.99 84.23
C LEU B 2239 -96.93 -54.14 83.89
N THR B 2240 -97.46 -55.10 83.15
CA THR B 2240 -96.67 -56.20 82.64
C THR B 2240 -96.29 -55.92 81.19
N ASP B 2241 -95.62 -56.90 80.58
CA ASP B 2241 -95.04 -56.69 79.26
C ASP B 2241 -96.12 -56.66 78.18
N GLY B 2242 -97.07 -57.59 78.26
CA GLY B 2242 -98.15 -57.61 77.28
C GLY B 2242 -98.94 -56.32 77.28
N GLN B 2243 -99.20 -55.77 78.46
CA GLN B 2243 -99.94 -54.52 78.56
C GLN B 2243 -99.19 -53.39 77.88
N ILE B 2244 -97.89 -53.30 78.12
CA ILE B 2244 -97.07 -52.24 77.53
C ILE B 2244 -97.09 -52.36 76.01
N GLN B 2245 -96.84 -53.55 75.50
CA GLN B 2245 -96.78 -53.74 74.06
C GLN B 2245 -98.12 -53.44 73.41
N ALA B 2246 -99.21 -53.84 74.08
CA ALA B 2246 -100.55 -53.55 73.59
C ALA B 2246 -100.79 -52.06 73.51
N MET B 2247 -100.36 -51.32 74.54
CA MET B 2247 -100.52 -49.87 74.53
C MET B 2247 -99.82 -49.26 73.34
N LEU B 2248 -98.59 -49.71 73.06
CA LEU B 2248 -97.87 -49.14 71.93
C LEU B 2248 -98.57 -49.44 70.61
N ARG B 2249 -99.04 -50.68 70.45
CA ARG B 2249 -99.71 -51.06 69.21
C ARG B 2249 -100.97 -50.23 69.01
N ARG B 2250 -101.78 -50.11 70.05
CA ARG B 2250 -103.01 -49.35 69.96
C ARG B 2250 -102.74 -47.88 69.66
N TRP B 2251 -101.72 -47.31 70.29
CA TRP B 2251 -101.45 -45.90 70.07
C TRP B 2251 -101.01 -45.65 68.64
N PHE B 2252 -100.18 -46.54 68.10
CA PHE B 2252 -99.78 -46.41 66.71
C PHE B 2252 -101.00 -46.40 65.79
N VAL B 2253 -101.91 -47.36 65.99
CA VAL B 2253 -103.06 -47.43 65.09
C VAL B 2253 -103.97 -46.23 65.28
N GLU B 2254 -104.22 -45.84 66.53
CA GLU B 2254 -105.14 -44.76 66.81
C GLU B 2254 -104.66 -43.46 66.21
N VAL B 2255 -103.34 -43.24 66.23
CA VAL B 2255 -102.82 -41.97 65.74
C VAL B 2255 -102.72 -42.00 64.23
N GLU B 2256 -102.16 -43.05 63.67
CA GLU B 2256 -101.94 -43.08 62.22
C GLU B 2256 -103.21 -43.40 61.47
N GLY B 2257 -104.06 -44.27 62.02
CA GLY B 2257 -105.28 -44.71 61.36
C GLY B 2257 -105.32 -46.22 61.18
N THR B 2258 -106.51 -46.76 60.94
CA THR B 2258 -106.65 -48.20 60.78
C THR B 2258 -106.15 -48.66 59.41
N VAL B 2259 -106.21 -47.81 58.40
CA VAL B 2259 -105.72 -48.20 57.09
C VAL B 2259 -104.22 -48.39 57.14
N LYS B 2260 -103.52 -47.60 57.95
CA LYS B 2260 -102.08 -47.71 58.14
C LYS B 2260 -101.70 -48.73 59.19
N ALA B 2261 -102.65 -49.51 59.70
CA ALA B 2261 -102.35 -50.48 60.74
C ALA B 2261 -101.42 -51.58 60.25
N TYR B 2262 -101.40 -51.86 58.95
CA TYR B 2262 -100.47 -52.86 58.44
C TYR B 2262 -99.02 -52.42 58.54
N VAL B 2263 -98.77 -51.12 58.73
CA VAL B 2263 -97.40 -50.63 58.76
C VAL B 2263 -96.92 -50.84 60.19
N TRP B 2264 -96.69 -52.08 60.55
CA TRP B 2264 -96.17 -52.43 61.88
C TRP B 2264 -95.07 -53.47 61.76
N ASP B 2265 -95.26 -54.42 60.86
CA ASP B 2265 -94.26 -55.43 60.55
C ASP B 2265 -93.39 -54.92 59.42
N ASN B 2266 -92.89 -53.70 59.60
CA ASN B 2266 -92.04 -53.02 58.65
C ASN B 2266 -91.06 -52.23 59.52
N ASN B 2267 -89.85 -52.76 59.68
CA ASN B 2267 -88.95 -52.22 60.69
C ASN B 2267 -88.55 -50.78 60.36
N LYS B 2268 -88.35 -50.49 59.08
CA LYS B 2268 -87.89 -49.16 58.68
C LYS B 2268 -88.94 -48.11 58.99
N ASP B 2269 -90.14 -48.29 58.43
CA ASP B 2269 -91.21 -47.32 58.57
C ASP B 2269 -91.53 -47.06 60.04
N LEU B 2270 -91.65 -48.13 60.82
CA LEU B 2270 -92.07 -47.97 62.21
C LEU B 2270 -90.96 -47.38 63.04
N ALA B 2271 -89.71 -47.72 62.72
CA ALA B 2271 -88.60 -47.12 63.45
C ALA B 2271 -88.56 -45.62 63.21
N GLU B 2272 -88.84 -45.21 61.97
CA GLU B 2272 -88.89 -43.78 61.66
C GLU B 2272 -89.98 -43.08 62.46
N TRP B 2273 -91.17 -43.68 62.51
CA TRP B 2273 -92.27 -43.11 63.28
C TRP B 2273 -91.90 -42.97 64.76
N LEU B 2274 -91.33 -44.02 65.34
CA LEU B 2274 -90.95 -43.97 66.74
C LEU B 2274 -89.90 -42.90 66.98
N GLU B 2275 -88.95 -42.77 66.05
CA GLU B 2275 -87.92 -41.75 66.20
C GLU B 2275 -88.53 -40.37 66.22
N LYS B 2276 -89.51 -40.15 65.34
CA LYS B 2276 -90.18 -38.86 65.32
C LYS B 2276 -90.87 -38.58 66.63
N GLN B 2277 -91.46 -39.60 67.24
CA GLN B 2277 -92.11 -39.37 68.52
C GLN B 2277 -91.13 -39.14 69.66
N LEU B 2278 -89.90 -39.67 69.55
CA LEU B 2278 -88.95 -39.59 70.67
C LEU B 2278 -87.98 -38.45 70.59
N THR B 2279 -87.65 -37.96 69.39
CA THR B 2279 -86.57 -37.00 69.23
C THR B 2279 -87.04 -35.57 69.07
N GLU B 2280 -88.30 -35.34 68.74
CA GLU B 2280 -88.81 -34.02 68.40
C GLU B 2280 -89.64 -33.47 69.55
N GLU B 2281 -89.31 -32.26 69.98
CA GLU B 2281 -90.00 -31.58 71.06
C GLU B 2281 -90.27 -30.14 70.66
N ASP B 2282 -91.26 -29.54 71.31
CA ASP B 2282 -91.62 -28.14 71.10
C ASP B 2282 -91.90 -27.87 69.62
N GLY B 2283 -92.97 -28.49 69.14
CA GLY B 2283 -93.15 -28.75 67.74
C GLY B 2283 -94.36 -29.64 67.55
N VAL B 2284 -94.15 -30.82 66.96
CA VAL B 2284 -95.19 -31.86 66.96
C VAL B 2284 -95.63 -32.18 68.39
N HIS B 2285 -94.75 -32.06 69.37
CA HIS B 2285 -94.99 -32.28 70.81
C HIS B 2285 -95.19 -33.75 71.19
N SER B 2286 -95.07 -34.69 70.24
CA SER B 2286 -95.00 -36.11 70.57
C SER B 2286 -96.21 -36.64 71.35
N VAL B 2287 -97.35 -36.76 70.68
CA VAL B 2287 -98.61 -37.27 71.26
C VAL B 2287 -98.40 -38.50 72.16
N ILE B 2288 -97.46 -39.37 71.80
CA ILE B 2288 -97.17 -40.53 72.63
C ILE B 2288 -96.73 -40.09 74.01
N GLU B 2289 -95.97 -38.99 74.10
CA GLU B 2289 -95.57 -38.51 75.41
C GLU B 2289 -96.78 -38.09 76.22
N GLU B 2290 -97.78 -37.51 75.56
CA GLU B 2290 -99.00 -37.14 76.28
C GLU B 2290 -99.71 -38.36 76.82
N ASN B 2291 -99.80 -39.44 76.02
CA ASN B 2291 -100.43 -40.65 76.54
C ASN B 2291 -99.64 -41.22 77.72
N ILE B 2292 -98.31 -41.17 77.65
CA ILE B 2292 -97.50 -41.65 78.77
C ILE B 2292 -97.79 -40.82 80.01
N LYS B 2293 -97.91 -39.51 79.83
CA LYS B 2293 -98.18 -38.62 80.96
C LYS B 2293 -99.53 -38.92 81.57
N CYS B 2294 -100.51 -39.28 80.74
CA CYS B 2294 -101.81 -39.69 81.26
C CYS B 2294 -101.67 -40.91 82.16
N ILE B 2295 -100.90 -41.89 81.70
CA ILE B 2295 -100.68 -43.10 82.51
C ILE B 2295 -100.05 -42.72 83.84
N SER B 2296 -99.02 -41.88 83.81
CA SER B 2296 -98.28 -41.53 85.03
C SER B 2296 -99.20 -40.84 86.03
N ARG B 2297 -99.99 -39.89 85.54
CA ARG B 2297 -100.95 -39.18 86.38
C ARG B 2297 -101.91 -40.15 87.06
N ASP B 2298 -102.53 -41.03 86.27
CA ASP B 2298 -103.51 -41.94 86.86
C ASP B 2298 -102.85 -42.89 87.85
N TYR B 2299 -101.61 -43.28 87.60
CA TYR B 2299 -100.94 -44.22 88.50
C TYR B 2299 -100.70 -43.59 89.86
N VAL B 2300 -100.15 -42.36 89.87
CA VAL B 2300 -99.91 -41.73 91.16
C VAL B 2300 -101.23 -41.47 91.88
N LEU B 2301 -102.29 -41.18 91.12
CA LEU B 2301 -103.60 -41.00 91.74
C LEU B 2301 -104.06 -42.29 92.41
N LYS B 2302 -103.88 -43.42 91.74
CA LYS B 2302 -104.26 -44.70 92.31
C LYS B 2302 -103.46 -44.99 93.56
N GLN B 2303 -102.18 -44.64 93.58
CA GLN B 2303 -101.38 -44.85 94.78
C GLN B 2303 -101.94 -44.06 95.95
N ILE B 2304 -102.29 -42.80 95.70
CA ILE B 2304 -102.85 -41.96 96.75
C ILE B 2304 -104.11 -42.59 97.32
N ARG B 2305 -105.04 -42.95 96.42
CA ARG B 2305 -106.30 -43.54 96.85
C ARG B 2305 -106.06 -44.83 97.60
N SER B 2306 -105.10 -45.63 97.14
CA SER B 2306 -104.84 -46.92 97.73
C SER B 2306 -104.32 -46.77 99.15
N LEU B 2307 -103.43 -45.81 99.36
CA LEU B 2307 -102.88 -45.61 100.68
C LEU B 2307 -103.93 -45.11 101.65
N VAL B 2308 -104.77 -44.16 101.22
CA VAL B 2308 -105.75 -43.64 102.16
C VAL B 2308 -106.82 -44.69 102.45
N GLN B 2309 -107.23 -45.45 101.43
CA GLN B 2309 -108.28 -46.43 101.64
C GLN B 2309 -107.80 -47.62 102.44
N ALA B 2310 -106.55 -48.01 102.26
CA ALA B 2310 -105.97 -49.06 103.07
C ALA B 2310 -105.65 -48.58 104.48
N ASN B 2311 -105.57 -47.28 104.70
CA ASN B 2311 -105.19 -46.71 105.99
C ASN B 2311 -105.92 -45.40 106.20
N PRO B 2312 -107.21 -45.46 106.59
CA PRO B 2312 -107.96 -44.22 106.78
C PRO B 2312 -107.41 -43.32 107.87
N GLU B 2313 -106.68 -43.86 108.83
CA GLU B 2313 -106.23 -43.11 110.00
C GLU B 2313 -105.32 -41.93 109.66
N VAL B 2314 -104.76 -41.87 108.46
CA VAL B 2314 -103.89 -40.77 108.02
C VAL B 2314 -104.63 -39.79 107.12
N ALA B 2315 -105.88 -40.10 106.74
CA ALA B 2315 -106.59 -39.32 105.73
C ALA B 2315 -106.66 -37.85 106.09
N MET B 2316 -106.87 -37.54 107.36
CA MET B 2316 -107.03 -36.17 107.82
C MET B 2316 -105.71 -35.50 108.18
N ASP B 2317 -104.58 -36.22 108.11
CA ASP B 2317 -103.29 -35.57 108.32
C ASP B 2317 -102.73 -34.99 107.04
N SER B 2318 -103.10 -35.56 105.89
CA SER B 2318 -102.70 -35.05 104.59
C SER B 2318 -103.75 -34.15 103.95
N ILE B 2319 -104.98 -34.19 104.44
CA ILE B 2319 -106.07 -33.47 103.81
C ILE B 2319 -105.79 -31.98 103.77
N ILE B 2320 -105.04 -31.48 104.75
CA ILE B 2320 -104.77 -30.05 104.81
C ILE B 2320 -103.76 -29.65 103.76
N HIS B 2321 -102.63 -30.36 103.71
CA HIS B 2321 -101.51 -29.94 102.87
C HIS B 2321 -101.87 -29.91 101.41
N MET B 2322 -102.70 -30.84 100.96
CA MET B 2322 -103.10 -30.92 99.57
C MET B 2322 -104.21 -29.94 99.21
N THR B 2323 -104.74 -29.22 100.20
CA THR B 2323 -105.71 -28.16 99.99
C THR B 2323 -105.11 -26.77 100.22
N GLN B 2324 -103.78 -26.66 100.23
CA GLN B 2324 -103.08 -25.39 100.40
C GLN B 2324 -102.67 -24.77 99.07
N HIS B 2325 -101.98 -25.53 98.23
CA HIS B 2325 -101.48 -25.04 96.96
C HIS B 2325 -102.50 -25.30 95.85
N ILE B 2326 -103.67 -24.67 96.03
CA ILE B 2326 -104.79 -24.84 95.12
C ILE B 2326 -105.40 -23.48 94.84
N SER B 2327 -106.18 -23.41 93.76
CA SER B 2327 -106.84 -22.17 93.42
C SER B 2327 -107.99 -21.91 94.38
N PRO B 2328 -108.39 -20.65 94.58
CA PRO B 2328 -109.52 -20.38 95.50
C PRO B 2328 -110.81 -21.07 95.09
N THR B 2329 -111.07 -21.22 93.79
CA THR B 2329 -112.25 -21.96 93.35
C THR B 2329 -112.17 -23.43 93.76
N GLN B 2330 -110.97 -24.02 93.69
CA GLN B 2330 -110.80 -25.39 94.16
C GLN B 2330 -111.07 -25.48 95.65
N ARG B 2331 -110.63 -24.48 96.41
CA ARG B 2331 -110.91 -24.46 97.84
C ARG B 2331 -112.40 -24.31 98.09
N ALA B 2332 -113.08 -23.55 97.24
CA ALA B 2332 -114.53 -23.40 97.35
C ALA B 2332 -115.21 -24.73 97.13
N GLU B 2333 -114.72 -25.52 96.18
CA GLU B 2333 -115.27 -26.85 95.98
C GLU B 2333 -115.00 -27.75 97.17
N VAL B 2334 -113.84 -27.61 97.80
CA VAL B 2334 -113.53 -28.42 98.98
C VAL B 2334 -114.50 -28.08 100.10
N ILE B 2335 -114.73 -26.78 100.32
CA ILE B 2335 -115.63 -26.36 101.39
C ILE B 2335 -117.06 -26.79 101.07
N ARG B 2336 -117.48 -26.63 99.82
CA ARG B 2336 -118.87 -26.83 99.45
C ARG B 2336 -119.29 -28.28 99.65
N ILE B 2337 -118.48 -29.21 99.15
CA ILE B 2337 -118.86 -30.61 99.15
C ILE B 2337 -118.75 -31.14 100.57
N ARG C 98 -0.94 73.40 34.78
CA ARG C 98 -1.62 72.26 34.18
C ARG C 98 -2.76 72.76 33.32
N ASP C 99 -2.46 73.79 32.53
CA ASP C 99 -3.44 74.44 31.67
C ASP C 99 -2.95 74.53 30.23
N PHE C 100 -1.91 73.78 29.88
CA PHE C 100 -1.35 73.83 28.54
C PHE C 100 -2.14 72.89 27.65
N THR C 101 -2.61 73.43 26.53
CA THR C 101 -3.47 72.71 25.60
C THR C 101 -2.91 72.89 24.20
N VAL C 102 -1.97 72.01 23.85
CA VAL C 102 -1.37 71.99 22.53
C VAL C 102 -1.81 70.74 21.82
N ALA C 103 -1.89 70.83 20.49
CA ALA C 103 -2.22 69.69 19.64
C ALA C 103 -1.31 69.59 18.43
N SER C 104 -0.68 70.71 18.04
CA SER C 104 0.18 70.79 16.87
C SER C 104 1.49 71.44 17.26
N PRO C 105 2.57 71.16 16.54
CA PRO C 105 3.84 71.83 16.87
C PRO C 105 3.78 73.34 16.77
N ALA C 106 2.92 73.88 15.89
CA ALA C 106 2.80 75.32 15.75
C ALA C 106 2.38 75.96 17.06
N GLU C 107 1.36 75.40 17.70
CA GLU C 107 0.87 75.95 18.96
C GLU C 107 1.94 75.85 20.04
N PHE C 108 2.67 74.74 20.06
CA PHE C 108 3.73 74.56 21.04
C PHE C 108 4.80 75.63 20.88
N VAL C 109 5.19 75.90 19.64
CA VAL C 109 6.20 76.93 19.39
C VAL C 109 5.68 78.28 19.81
N THR C 110 4.41 78.55 19.52
CA THR C 110 3.85 79.84 19.90
C THR C 110 3.88 80.01 21.41
N ARG C 111 3.48 78.98 22.14
CA ARG C 111 3.33 79.11 23.58
C ARG C 111 4.68 79.19 24.27
N PHE C 112 5.66 78.43 23.80
CA PHE C 112 6.95 78.34 24.48
C PHE C 112 7.98 79.32 23.92
N GLY C 113 7.58 80.18 23.00
CA GLY C 113 8.44 81.28 22.60
C GLY C 113 9.53 80.90 21.61
N GLY C 114 9.22 80.04 20.65
CA GLY C 114 10.13 79.70 19.59
C GLY C 114 9.86 80.49 18.32
N ASN C 115 10.59 80.14 17.26
CA ASN C 115 10.53 80.89 16.01
C ASN C 115 10.55 80.00 14.77
N LYS C 116 10.47 78.69 14.92
CA LYS C 116 10.50 77.79 13.78
C LYS C 116 9.71 76.54 14.14
N VAL C 117 8.73 76.23 13.31
CA VAL C 117 7.90 75.05 13.50
C VAL C 117 8.52 73.91 12.72
N ILE C 118 8.65 72.76 13.37
CA ILE C 118 9.18 71.55 12.77
C ILE C 118 8.07 70.50 12.84
N GLU C 119 7.67 70.00 11.67
CA GLU C 119 6.71 68.92 11.56
C GLU C 119 7.28 67.68 10.92
N LYS C 120 8.35 67.82 10.15
CA LYS C 120 9.04 66.69 9.55
C LYS C 120 10.54 66.82 9.75
N VAL C 121 11.13 65.69 10.10
CA VAL C 121 12.55 65.56 10.40
C VAL C 121 13.08 64.47 9.50
N LEU C 122 14.20 64.74 8.87
CA LEU C 122 14.94 63.73 8.13
C LEU C 122 16.05 63.20 9.02
N ILE C 123 16.19 61.89 9.04
CA ILE C 123 17.28 61.23 9.75
C ILE C 123 18.28 60.80 8.70
N ALA C 124 19.46 61.41 8.76
CA ALA C 124 20.57 61.08 7.86
C ALA C 124 21.49 60.07 8.53
N ASN C 125 20.92 58.93 8.87
CA ASN C 125 21.63 57.94 9.64
C ASN C 125 20.86 56.64 9.55
N ASN C 126 21.37 55.62 10.21
CA ASN C 126 20.75 54.31 10.17
C ASN C 126 21.10 53.56 11.44
N GLY C 127 20.54 52.36 11.55
CA GLY C 127 20.79 51.53 12.70
C GLY C 127 20.32 52.17 13.98
N ILE C 128 21.22 52.11 14.95
CA ILE C 128 20.88 52.44 16.34
C ILE C 128 20.49 53.89 16.45
N ALA C 129 21.23 54.74 15.78
CA ALA C 129 20.99 56.17 15.86
C ALA C 129 19.59 56.52 15.41
N ALA C 130 19.17 55.94 14.29
CA ALA C 130 17.83 56.18 13.78
C ALA C 130 16.79 55.69 14.76
N VAL C 131 16.97 54.47 15.27
CA VAL C 131 16.03 53.88 16.21
C VAL C 131 15.87 54.78 17.42
N LYS C 132 16.99 55.19 18.01
CA LYS C 132 16.95 55.93 19.26
C LYS C 132 16.31 57.30 19.06
N CYS C 133 16.68 57.99 17.99
CA CYS C 133 16.10 59.29 17.72
C CYS C 133 14.59 59.21 17.63
N MET C 134 14.09 58.31 16.78
CA MET C 134 12.66 58.19 16.59
C MET C 134 11.95 57.88 17.90
N ARG C 135 12.51 56.94 18.67
CA ARG C 135 11.80 56.50 19.87
C ARG C 135 11.71 57.60 20.91
N SER C 136 12.84 58.26 21.20
CA SER C 136 12.83 59.28 22.24
C SER C 136 11.92 60.42 21.87
N ILE C 137 11.99 60.87 20.61
CA ILE C 137 11.19 62.03 20.25
C ILE C 137 9.72 61.67 20.22
N ARG C 138 9.37 60.44 19.84
CA ARG C 138 7.96 60.08 19.83
C ARG C 138 7.39 59.99 21.24
N ARG C 139 8.19 59.50 22.19
CA ARG C 139 7.76 59.54 23.59
C ARG C 139 7.44 60.96 24.00
N TRP C 140 8.35 61.88 23.72
CA TRP C 140 8.12 63.28 24.08
C TRP C 140 6.89 63.83 23.37
N SER C 141 6.68 63.42 22.13
CA SER C 141 5.58 63.93 21.33
C SER C 141 4.25 63.52 21.95
N TYR C 142 4.16 62.28 22.40
CA TYR C 142 2.94 61.86 23.08
C TYR C 142 2.76 62.62 24.38
N GLU C 143 3.86 62.89 25.07
CA GLU C 143 3.76 63.61 26.34
C GLU C 143 3.16 64.99 26.13
N MET C 144 3.56 65.68 25.07
CA MET C 144 3.13 67.06 24.89
C MET C 144 1.85 67.20 24.09
N PHE C 145 1.68 66.41 23.04
CA PHE C 145 0.58 66.56 22.09
C PHE C 145 -0.51 65.52 22.22
N ARG C 146 -0.32 64.50 23.05
CA ARG C 146 -1.25 63.37 23.11
C ARG C 146 -1.38 62.70 21.74
N ASN C 147 -0.27 62.69 21.01
CA ASN C 147 -0.20 62.08 19.70
C ASN C 147 1.23 61.58 19.54
N GLU C 148 1.41 60.28 19.55
CA GLU C 148 2.75 59.71 19.47
C GLU C 148 3.40 59.94 18.11
N ARG C 149 2.66 60.41 17.11
CA ARG C 149 3.13 60.57 15.74
C ARG C 149 2.87 61.99 15.26
N ALA C 150 3.10 62.95 16.15
CA ALA C 150 2.95 64.36 15.80
C ALA C 150 4.12 64.88 15.00
N ILE C 151 5.29 64.25 15.12
CA ILE C 151 6.48 64.61 14.36
C ILE C 151 6.81 63.42 13.48
N ARG C 152 6.85 63.66 12.18
CA ARG C 152 7.07 62.60 11.22
C ARG C 152 8.53 62.50 10.87
N PHE C 153 9.00 61.27 10.69
CA PHE C 153 10.40 60.98 10.48
C PHE C 153 10.58 60.31 9.14
N VAL C 154 11.47 60.86 8.35
CA VAL C 154 11.86 60.32 7.06
C VAL C 154 13.23 59.70 7.21
N VAL C 155 13.42 58.55 6.58
CA VAL C 155 14.67 57.83 6.62
C VAL C 155 15.11 57.51 5.21
N MET C 156 16.41 57.37 5.04
CA MET C 156 16.99 56.96 3.79
C MET C 156 17.42 55.51 3.90
N VAL C 157 16.98 54.70 2.95
CA VAL C 157 17.11 53.25 3.01
C VAL C 157 17.97 52.82 1.84
N THR C 158 18.96 52.05 2.13
CA THR C 158 19.74 51.35 1.13
C THR C 158 19.15 49.97 0.89
N PRO C 159 19.44 49.36 -0.26
CA PRO C 159 18.99 47.97 -0.45
C PRO C 159 19.60 47.00 0.53
N GLU C 160 20.80 47.29 1.03
CA GLU C 160 21.42 46.41 2.01
C GLU C 160 20.64 46.42 3.31
N ASP C 161 20.28 47.60 3.80
CA ASP C 161 19.50 47.69 5.02
C ASP C 161 18.11 47.09 4.85
N LEU C 162 17.53 47.22 3.65
CA LEU C 162 16.22 46.66 3.42
C LEU C 162 16.28 45.14 3.44
N LYS C 163 17.26 44.56 2.75
CA LYS C 163 17.37 43.11 2.71
C LYS C 163 17.70 42.55 4.09
N ALA C 164 18.48 43.28 4.87
CA ALA C 164 18.80 42.85 6.22
C ALA C 164 17.68 43.12 7.21
N ASN C 165 16.57 43.71 6.77
CA ASN C 165 15.43 43.98 7.63
C ASN C 165 15.84 44.84 8.83
N ALA C 166 16.47 45.97 8.53
CA ALA C 166 16.90 46.87 9.58
C ALA C 166 15.71 47.34 10.39
N GLU C 167 15.95 47.54 11.69
CA GLU C 167 14.85 47.79 12.62
C GLU C 167 14.24 49.16 12.39
N TYR C 168 15.04 50.12 11.97
CA TYR C 168 14.56 51.49 11.86
C TYR C 168 13.57 51.67 10.74
N ILE C 169 13.60 50.77 9.75
CA ILE C 169 12.75 50.92 8.58
C ILE C 169 11.28 50.84 8.98
N LYS C 170 10.92 49.83 9.76
CA LYS C 170 9.55 49.63 10.18
C LYS C 170 9.05 50.73 11.10
N MET C 171 9.95 51.40 11.83
CA MET C 171 9.57 52.47 12.71
C MET C 171 9.28 53.76 11.98
N ALA C 172 9.94 53.98 10.85
CA ALA C 172 9.84 55.24 10.16
C ALA C 172 8.43 55.48 9.65
N ASP C 173 8.11 56.75 9.47
CA ASP C 173 6.86 57.14 8.85
C ASP C 173 6.93 57.06 7.34
N HIS C 174 8.01 57.57 6.76
CA HIS C 174 8.25 57.55 5.33
C HIS C 174 9.67 57.09 5.10
N TYR C 175 9.88 56.42 3.99
CA TYR C 175 11.23 56.05 3.56
C TYR C 175 11.43 56.49 2.13
N VAL C 176 12.68 56.80 1.81
CA VAL C 176 13.10 57.08 0.44
C VAL C 176 14.30 56.18 0.14
N PRO C 177 14.34 55.48 -0.98
CA PRO C 177 15.53 54.70 -1.30
C PRO C 177 16.68 55.59 -1.73
N VAL C 178 17.89 55.12 -1.49
CA VAL C 178 19.10 55.80 -1.90
C VAL C 178 20.10 54.76 -2.39
N PRO C 179 21.13 55.18 -3.13
CA PRO C 179 22.13 54.22 -3.58
C PRO C 179 22.91 53.62 -2.43
N GLY C 180 23.19 52.32 -2.55
CA GLY C 180 23.89 51.59 -1.53
C GLY C 180 25.39 51.68 -1.67
N GLY C 181 26.06 50.90 -0.83
CA GLY C 181 27.50 50.81 -0.85
C GLY C 181 28.11 51.56 0.32
N PRO C 182 29.30 52.11 0.16
CA PRO C 182 29.93 52.82 1.27
C PRO C 182 29.16 54.07 1.64
N ASN C 183 29.58 54.70 2.74
CA ASN C 183 28.79 55.77 3.32
C ASN C 183 28.72 56.99 2.43
N ASN C 184 29.68 57.16 1.53
CA ASN C 184 29.75 58.37 0.72
C ASN C 184 28.71 58.42 -0.38
N ASN C 185 27.97 57.33 -0.60
CA ASN C 185 26.88 57.32 -1.55
C ASN C 185 25.51 57.54 -0.93
N ASN C 186 25.37 57.32 0.38
CA ASN C 186 24.05 57.22 0.99
C ASN C 186 23.82 58.19 2.14
N TYR C 187 24.81 58.34 3.01
CA TYR C 187 24.64 59.06 4.27
C TYR C 187 25.68 60.11 4.53
N ALA C 188 26.90 59.95 4.03
CA ALA C 188 27.93 60.97 4.15
C ALA C 188 27.91 61.95 2.98
N ASN C 189 26.98 61.80 2.05
CA ASN C 189 26.80 62.73 0.93
C ASN C 189 25.87 63.85 1.39
N VAL C 190 26.47 64.99 1.73
CA VAL C 190 25.71 66.12 2.24
C VAL C 190 24.80 66.70 1.17
N GLU C 191 25.26 66.72 -0.08
CA GLU C 191 24.42 67.26 -1.15
C GLU C 191 23.21 66.38 -1.37
N LEU C 192 23.39 65.07 -1.22
CA LEU C 192 22.25 64.17 -1.31
C LEU C 192 21.27 64.41 -0.17
N ILE C 193 21.80 64.67 1.02
CA ILE C 193 20.95 64.97 2.16
C ILE C 193 20.10 66.19 1.87
N LEU C 194 20.71 67.24 1.32
CA LEU C 194 19.96 68.43 0.96
C LEU C 194 18.93 68.12 -0.10
N ASP C 195 19.31 67.30 -1.08
CA ASP C 195 18.42 66.98 -2.18
C ASP C 195 17.17 66.27 -1.66
N ILE C 196 17.34 65.36 -0.72
CA ILE C 196 16.18 64.69 -0.13
C ILE C 196 15.40 65.67 0.71
N ALA C 197 16.08 66.51 1.47
CA ALA C 197 15.42 67.41 2.41
C ALA C 197 14.55 68.41 1.69
N LYS C 198 14.89 68.76 0.46
CA LYS C 198 14.08 69.68 -0.33
C LYS C 198 13.09 68.96 -1.22
N ARG C 199 13.46 67.79 -1.73
CA ARG C 199 12.54 66.98 -2.49
C ARG C 199 11.32 66.63 -1.66
N ILE C 200 11.55 66.08 -0.47
CA ILE C 200 10.50 65.83 0.51
C ILE C 200 10.54 67.03 1.46
N PRO C 201 9.53 67.88 1.49
CA PRO C 201 9.66 69.08 2.31
C PRO C 201 9.68 68.74 3.79
N VAL C 202 10.88 68.83 4.34
CA VAL C 202 11.10 68.65 5.76
C VAL C 202 11.57 69.98 6.32
N GLN C 203 11.41 70.13 7.62
CA GLN C 203 11.83 71.32 8.32
C GLN C 203 13.12 71.13 9.10
N ALA C 204 13.52 69.90 9.41
CA ALA C 204 14.82 69.74 10.03
C ALA C 204 15.51 68.46 9.60
N VAL C 205 16.79 68.40 9.93
CA VAL C 205 17.65 67.25 9.67
C VAL C 205 18.42 66.95 10.95
N TRP C 206 18.39 65.67 11.34
CA TRP C 206 19.13 65.16 12.48
C TRP C 206 20.16 64.19 11.97
N ALA C 207 21.40 64.36 12.42
CA ALA C 207 22.52 63.55 11.99
C ALA C 207 23.05 62.65 13.08
N GLY C 208 23.13 63.14 14.31
CA GLY C 208 23.59 62.32 15.40
C GLY C 208 25.05 61.98 15.27
N TRP C 209 25.37 60.73 15.61
CA TRP C 209 26.73 60.23 15.63
C TRP C 209 27.04 59.33 14.45
N GLY C 210 26.46 59.62 13.30
CA GLY C 210 26.66 58.77 12.15
C GLY C 210 27.89 59.20 11.38
N HIS C 211 27.69 59.60 10.14
CA HIS C 211 28.78 59.87 9.21
C HIS C 211 28.81 61.30 8.68
N ALA C 212 27.72 62.05 8.80
CA ALA C 212 27.65 63.40 8.30
C ALA C 212 27.85 64.46 9.37
N SER C 213 27.77 64.09 10.65
CA SER C 213 27.91 65.06 11.73
C SER C 213 29.36 65.44 12.00
N GLU C 214 30.30 64.91 11.22
CA GLU C 214 31.69 65.32 11.27
C GLU C 214 32.07 66.17 10.05
N ASN C 215 31.09 66.51 9.21
CA ASN C 215 31.32 67.29 7.99
C ASN C 215 30.79 68.68 8.23
N PRO C 216 31.65 69.70 8.38
CA PRO C 216 31.13 71.05 8.66
C PRO C 216 30.37 71.70 7.51
N LYS C 217 30.31 71.07 6.34
CA LYS C 217 29.65 71.70 5.20
C LYS C 217 28.15 71.51 5.22
N LEU C 218 27.65 70.52 5.96
CA LEU C 218 26.22 70.24 5.95
C LEU C 218 25.37 71.35 6.56
N PRO C 219 25.71 71.91 7.73
CA PRO C 219 24.88 72.99 8.26
C PRO C 219 24.79 74.18 7.33
N GLU C 220 25.85 74.49 6.60
CA GLU C 220 25.81 75.58 5.64
C GLU C 220 24.79 75.31 4.55
N LEU C 221 24.89 74.14 3.92
CA LEU C 221 23.97 73.77 2.86
C LEU C 221 22.53 73.80 3.34
N LEU C 222 22.29 73.41 4.60
CA LEU C 222 20.92 73.34 5.07
C LEU C 222 20.41 74.72 5.47
N LEU C 223 21.24 75.55 6.07
CA LEU C 223 20.80 76.86 6.50
C LEU C 223 20.54 77.77 5.30
N LYS C 224 21.31 77.60 4.23
CA LYS C 224 21.07 78.41 3.05
C LYS C 224 19.72 78.14 2.42
N ASN C 225 19.08 77.01 2.72
CA ASN C 225 17.77 76.66 2.19
C ASN C 225 16.67 76.70 3.24
N GLY C 226 16.94 77.27 4.41
CA GLY C 226 15.89 77.42 5.41
C GLY C 226 15.58 76.15 6.16
N ILE C 227 16.56 75.27 6.32
CA ILE C 227 16.38 73.99 6.97
C ILE C 227 17.21 73.99 8.24
N ALA C 228 16.58 73.59 9.35
CA ALA C 228 17.22 73.66 10.65
C ALA C 228 17.99 72.39 10.92
N PHE C 229 19.29 72.52 11.12
CA PHE C 229 20.14 71.40 11.49
C PHE C 229 20.17 71.28 13.00
N MET C 230 19.91 70.08 13.49
CA MET C 230 19.90 69.80 14.93
C MET C 230 21.34 69.60 15.39
N GLY C 231 22.10 70.69 15.35
CA GLY C 231 23.46 70.64 15.77
C GLY C 231 24.13 71.99 15.66
N PRO C 232 25.44 72.01 15.78
CA PRO C 232 26.13 73.29 15.80
C PRO C 232 26.09 73.94 14.43
N PRO C 233 26.30 75.25 14.36
CA PRO C 233 26.57 75.87 13.07
C PRO C 233 27.96 75.49 12.59
N SER C 234 28.20 75.74 11.32
CA SER C 234 29.46 75.32 10.72
C SER C 234 30.63 76.14 11.26
N GLN C 235 30.38 77.38 11.70
CA GLN C 235 31.46 78.21 12.17
C GLN C 235 32.09 77.62 13.42
N ALA C 236 31.27 77.07 14.31
CA ALA C 236 31.80 76.35 15.45
C ALA C 236 32.61 75.16 14.98
N MET C 237 32.03 74.31 14.14
CA MET C 237 32.72 73.10 13.68
C MET C 237 34.02 73.42 12.97
N TRP C 238 34.12 74.61 12.39
CA TRP C 238 35.38 75.08 11.80
C TRP C 238 36.35 75.47 12.90
N ALA C 239 35.92 76.39 13.77
CA ALA C 239 36.70 76.77 14.94
C ALA C 239 37.07 75.55 15.77
N LEU C 240 36.17 74.57 15.84
CA LEU C 240 36.48 73.23 16.30
C LEU C 240 36.96 72.36 15.15
N GLY C 241 38.03 72.78 14.50
CA GLY C 241 38.46 72.12 13.30
C GLY C 241 39.29 70.90 13.62
N ASP C 242 40.53 70.92 13.15
CA ASP C 242 41.50 69.87 13.43
C ASP C 242 42.03 70.10 14.84
N LYS C 243 43.17 69.52 15.16
CA LYS C 243 43.65 69.39 16.52
C LYS C 243 44.42 70.60 16.99
N ILE C 244 45.23 71.21 16.12
CA ILE C 244 46.00 72.38 16.50
C ILE C 244 45.07 73.52 16.87
N ALA C 245 44.08 73.78 16.02
CA ALA C 245 43.14 74.86 16.27
C ALA C 245 42.35 74.61 17.55
N SER C 246 42.04 73.35 17.83
CA SER C 246 41.29 73.01 19.02
C SER C 246 42.11 73.30 20.27
N SER C 247 43.35 72.83 20.30
CA SER C 247 44.21 73.06 21.44
C SER C 247 44.46 74.55 21.64
N ILE C 248 44.59 75.31 20.56
CA ILE C 248 44.80 76.76 20.70
C ILE C 248 43.55 77.40 21.27
N VAL C 249 42.39 77.14 20.66
CA VAL C 249 41.19 77.88 21.01
C VAL C 249 40.77 77.58 22.44
N ALA C 250 41.10 76.40 22.94
CA ALA C 250 40.74 76.09 24.33
C ALA C 250 41.41 77.03 25.32
N GLN C 251 42.50 77.68 24.93
CA GLN C 251 43.33 78.48 25.82
C GLN C 251 42.98 79.97 25.81
N THR C 252 41.91 80.36 25.12
CA THR C 252 41.51 81.76 25.04
C THR C 252 40.64 82.20 26.21
N ALA C 253 40.07 81.25 26.94
CA ALA C 253 39.30 81.51 28.16
C ALA C 253 40.00 80.67 29.23
N GLY C 254 39.29 80.41 30.33
CA GLY C 254 39.84 79.64 31.44
C GLY C 254 40.60 78.42 30.97
N ILE C 255 41.91 78.50 31.13
CA ILE C 255 42.84 77.71 30.33
C ILE C 255 42.86 76.31 30.91
N PRO C 256 42.43 75.27 30.19
CA PRO C 256 42.71 73.93 30.64
C PRO C 256 44.15 73.58 30.31
N THR C 257 44.72 72.74 31.17
CA THR C 257 46.05 72.23 30.89
C THR C 257 46.03 71.44 29.59
N LEU C 258 47.15 71.47 28.87
CA LEU C 258 47.30 70.75 27.63
C LEU C 258 48.71 70.14 27.57
N PRO C 259 48.86 68.89 27.09
CA PRO C 259 50.22 68.31 27.08
C PRO C 259 51.04 68.71 25.85
N TRP C 260 51.35 70.01 25.76
CA TRP C 260 52.19 70.55 24.70
C TRP C 260 51.70 70.20 23.30
N SER C 261 50.55 70.74 22.90
CA SER C 261 49.97 70.45 21.59
C SER C 261 50.80 71.16 20.52
N GLY C 262 51.98 70.61 20.28
CA GLY C 262 53.01 71.28 19.51
C GLY C 262 53.87 72.14 20.42
N SER C 263 53.21 72.85 21.32
CA SER C 263 53.85 73.59 22.39
C SER C 263 52.76 74.01 23.36
N GLY C 264 53.17 74.66 24.45
CA GLY C 264 52.24 75.21 25.41
C GLY C 264 51.91 76.66 25.18
N LEU C 265 52.23 77.21 24.01
CA LEU C 265 52.01 78.61 23.73
C LEU C 265 50.57 78.85 23.29
N ARG C 266 50.08 80.06 23.58
CA ARG C 266 48.68 80.39 23.37
C ARG C 266 48.56 81.74 22.66
N VAL C 267 47.33 82.25 22.58
CA VAL C 267 47.01 83.53 21.95
C VAL C 267 46.40 84.44 23.00
N ASP C 268 45.94 85.61 22.58
CA ASP C 268 45.40 86.61 23.48
C ASP C 268 44.11 86.11 24.13
N TRP C 269 43.58 86.90 25.06
CA TRP C 269 42.41 86.54 25.84
C TRP C 269 41.15 86.97 25.11
N GLN C 270 40.21 86.03 24.98
CA GLN C 270 38.85 86.32 24.52
C GLN C 270 37.96 85.45 25.41
N GLU C 271 37.57 86.03 26.55
CA GLU C 271 36.93 85.21 27.59
C GLU C 271 35.54 84.76 27.18
N ASN C 272 34.75 85.69 26.60
CA ASN C 272 33.37 85.39 26.22
C ASN C 272 33.01 85.99 24.86
N ASP C 273 33.99 86.31 24.03
CA ASP C 273 33.77 86.89 22.72
C ASP C 273 33.89 85.83 21.63
N PHE C 274 33.03 85.95 20.63
CA PHE C 274 33.12 85.07 19.47
C PHE C 274 34.31 85.46 18.60
N SER C 275 34.99 84.45 18.05
CA SER C 275 36.13 84.69 17.19
C SER C 275 36.32 83.52 16.25
N LYS C 276 36.84 83.81 15.07
CA LYS C 276 37.21 82.81 14.08
C LYS C 276 38.71 82.56 14.14
N ARG C 277 39.10 81.39 13.62
CA ARG C 277 40.49 80.94 13.62
C ARG C 277 41.24 81.59 12.45
N ILE C 278 41.39 82.90 12.55
CA ILE C 278 42.12 83.65 11.53
C ILE C 278 43.61 83.36 11.71
N LEU C 279 44.30 83.08 10.60
CA LEU C 279 45.72 82.75 10.60
C LEU C 279 46.58 84.01 10.52
N ASN C 280 46.42 84.89 11.51
CA ASN C 280 47.28 86.05 11.66
C ASN C 280 48.04 86.05 12.97
N VAL C 281 47.35 85.89 14.09
CA VAL C 281 47.96 85.71 15.40
C VAL C 281 48.36 84.25 15.62
N PRO C 282 47.43 83.28 15.54
CA PRO C 282 47.82 81.89 15.81
C PRO C 282 48.71 81.26 14.76
N GLN C 283 48.93 81.93 13.63
CA GLN C 283 49.83 81.39 12.61
C GLN C 283 51.18 81.01 13.21
N GLU C 284 51.73 81.88 14.07
CA GLU C 284 52.94 81.55 14.82
C GLU C 284 52.80 80.19 15.50
N LEU C 285 51.74 80.00 16.28
CA LEU C 285 51.47 78.71 16.89
C LEU C 285 51.38 77.60 15.86
N TYR C 286 50.70 77.84 14.72
CA TYR C 286 50.69 76.82 13.67
C TYR C 286 52.10 76.53 13.20
N GLU C 287 52.90 77.58 13.03
CA GLU C 287 54.29 77.39 12.62
C GLU C 287 55.05 76.57 13.66
N LYS C 288 54.69 76.72 14.95
CA LYS C 288 55.28 75.88 15.98
C LYS C 288 54.54 74.56 16.11
N GLY C 289 53.25 74.54 15.76
CA GLY C 289 52.49 73.32 15.85
C GLY C 289 52.84 72.35 14.76
N TYR C 290 53.26 72.87 13.60
CA TYR C 290 53.70 72.06 12.48
C TYR C 290 55.20 72.22 12.25
N VAL C 291 55.78 71.18 11.68
CA VAL C 291 57.23 71.08 11.50
C VAL C 291 57.52 70.84 10.02
N LYS C 292 58.69 71.30 9.58
CA LYS C 292 59.13 71.19 8.20
C LYS C 292 60.42 70.42 8.06
N ASP C 293 61.45 70.77 8.83
CA ASP C 293 62.76 70.17 8.70
C ASP C 293 62.86 68.90 9.55
N VAL C 294 64.05 68.28 9.51
CA VAL C 294 64.28 67.05 10.26
C VAL C 294 64.44 67.34 11.75
N ASP C 295 65.01 68.49 12.10
CA ASP C 295 65.33 68.83 13.49
C ASP C 295 64.32 69.79 14.12
N ASP C 296 63.20 70.05 13.44
CA ASP C 296 62.17 70.89 14.04
C ASP C 296 61.46 70.16 15.18
N GLY C 297 61.13 68.89 14.97
CA GLY C 297 60.38 68.14 15.96
C GLY C 297 61.14 67.94 17.25
N LEU C 298 62.47 67.86 17.18
CA LEU C 298 63.29 67.67 18.37
C LEU C 298 63.07 68.78 19.39
N GLN C 299 62.76 70.00 18.93
CA GLN C 299 62.51 71.10 19.85
C GLN C 299 61.33 70.82 20.78
N ALA C 300 60.38 69.99 20.34
CA ALA C 300 59.34 69.52 21.25
C ALA C 300 59.86 68.42 22.16
N ALA C 301 60.61 67.48 21.60
CA ALA C 301 61.06 66.32 22.36
C ALA C 301 61.90 66.74 23.56
N GLU C 302 62.64 67.85 23.43
CA GLU C 302 63.49 68.30 24.52
C GLU C 302 62.68 68.77 25.73
N GLU C 303 61.42 69.16 25.53
CA GLU C 303 60.58 69.66 26.61
C GLU C 303 59.57 68.63 27.10
N VAL C 304 58.96 67.86 26.19
CA VAL C 304 57.91 66.92 26.60
C VAL C 304 58.51 65.68 27.26
N GLY C 305 59.67 65.22 26.81
CA GLY C 305 60.30 64.02 27.31
C GLY C 305 60.23 62.87 26.32
N TYR C 306 60.48 61.68 26.86
CA TYR C 306 60.60 60.47 26.04
C TYR C 306 59.34 60.08 25.29
N PRO C 307 58.16 59.99 25.91
CA PRO C 307 57.02 59.44 25.18
C PRO C 307 56.43 60.42 24.18
N VAL C 308 57.02 60.48 22.98
CA VAL C 308 56.66 61.47 21.99
C VAL C 308 55.82 60.79 20.93
N MET C 309 54.72 61.43 20.52
CA MET C 309 53.87 60.94 19.44
C MET C 309 53.93 61.92 18.29
N ILE C 310 54.30 61.42 17.11
CA ILE C 310 54.43 62.24 15.91
C ILE C 310 53.38 61.76 14.92
N LYS C 311 52.61 62.70 14.38
CA LYS C 311 51.55 62.36 13.46
C LYS C 311 51.47 63.39 12.35
N ALA C 312 51.16 62.92 11.15
CA ALA C 312 50.92 63.79 10.03
C ALA C 312 49.55 64.45 10.15
N SER C 313 49.40 65.58 9.46
CA SER C 313 48.12 66.28 9.46
C SER C 313 47.02 65.43 8.82
N GLU C 314 47.39 64.46 7.98
CA GLU C 314 46.45 63.50 7.40
C GLU C 314 46.71 62.07 7.90
N GLY C 315 47.41 61.92 9.03
CA GLY C 315 47.69 60.60 9.53
C GLY C 315 46.45 59.91 10.07
N GLY C 316 46.48 58.58 10.04
CA GLY C 316 45.37 57.76 10.49
C GLY C 316 45.22 56.55 9.59
N GLY C 317 44.47 55.56 10.09
CA GLY C 317 44.27 54.33 9.35
C GLY C 317 45.46 53.40 9.34
N GLY C 318 46.32 53.47 10.35
CA GLY C 318 47.50 52.62 10.43
C GLY C 318 48.76 53.24 9.87
N LYS C 319 48.67 54.37 9.17
CA LYS C 319 49.81 55.05 8.58
C LYS C 319 49.88 56.48 9.12
N GLY C 320 51.05 57.09 8.96
CA GLY C 320 51.23 58.46 9.37
C GLY C 320 51.36 58.69 10.86
N ILE C 321 51.51 57.62 11.64
CA ILE C 321 51.59 57.69 13.09
C ILE C 321 52.85 56.96 13.51
N ARG C 322 53.69 57.62 14.32
CA ARG C 322 54.84 56.94 14.90
C ARG C 322 54.99 57.34 16.35
N LYS C 323 55.22 56.32 17.19
CA LYS C 323 55.40 56.48 18.63
C LYS C 323 56.87 56.31 18.96
N VAL C 324 57.49 57.36 19.48
CA VAL C 324 58.89 57.37 19.86
C VAL C 324 58.96 57.17 21.36
N ASN C 325 59.67 56.12 21.77
CA ASN C 325 59.90 55.79 23.15
C ASN C 325 61.27 56.22 23.66
N ASN C 326 62.22 56.46 22.76
CA ASN C 326 63.58 56.84 23.11
C ASN C 326 63.75 58.35 22.92
N ALA C 327 64.94 58.85 23.27
CA ALA C 327 65.34 60.21 22.97
C ALA C 327 66.15 60.33 21.70
N ASP C 328 67.04 59.37 21.43
CA ASP C 328 67.93 59.43 20.28
C ASP C 328 67.35 58.78 19.03
N ASP C 329 66.27 58.01 19.14
CA ASP C 329 65.62 57.42 17.99
C ASP C 329 64.51 58.31 17.42
N PHE C 330 64.32 59.51 17.96
CA PHE C 330 63.32 60.42 17.41
C PHE C 330 63.54 60.74 15.94
N PRO C 331 64.76 61.06 15.48
CA PRO C 331 64.91 61.41 14.06
C PRO C 331 64.45 60.32 13.12
N ASN C 332 64.66 59.06 13.49
CA ASN C 332 64.27 57.94 12.64
C ASN C 332 62.77 57.92 12.39
N LEU C 333 61.98 57.73 13.45
CA LEU C 333 60.53 57.68 13.30
C LEU C 333 59.94 59.02 12.85
N PHE C 334 60.61 60.12 13.19
CA PHE C 334 60.14 61.44 12.77
C PHE C 334 60.22 61.59 11.26
N ARG C 335 61.39 61.27 10.70
CA ARG C 335 61.54 61.28 9.25
C ARG C 335 60.62 60.26 8.60
N GLN C 336 60.36 59.14 9.29
CA GLN C 336 59.38 58.19 8.77
C GLN C 336 58.02 58.84 8.60
N VAL C 337 57.54 59.54 9.64
CA VAL C 337 56.23 60.21 9.54
C VAL C 337 56.25 61.25 8.42
N GLN C 338 57.38 61.94 8.25
CA GLN C 338 57.48 62.90 7.15
C GLN C 338 57.38 62.20 5.81
N ALA C 339 57.80 60.94 5.73
CA ALA C 339 57.66 60.15 4.53
C ALA C 339 56.32 59.41 4.41
N GLU C 340 55.57 59.28 5.51
CA GLU C 340 54.30 58.58 5.48
C GLU C 340 53.28 59.35 4.66
N VAL C 341 53.28 60.68 4.79
CA VAL C 341 52.41 61.56 4.03
C VAL C 341 53.31 62.64 3.42
N PRO C 342 54.00 62.35 2.32
CA PRO C 342 54.93 63.34 1.76
C PRO C 342 54.21 64.61 1.33
N GLY C 343 54.84 65.75 1.62
CA GLY C 343 54.33 67.04 1.22
C GLY C 343 53.38 67.69 2.19
N SER C 344 52.88 66.94 3.22
CA SER C 344 51.93 67.49 4.17
C SER C 344 52.64 67.97 5.43
N PRO C 345 52.10 68.94 6.16
CA PRO C 345 52.72 69.33 7.42
C PRO C 345 52.52 68.25 8.48
N ILE C 346 53.53 68.11 9.32
CA ILE C 346 53.57 67.12 10.39
C ILE C 346 53.49 67.88 11.70
N PHE C 347 52.97 67.23 12.73
CA PHE C 347 52.95 67.81 14.06
C PHE C 347 53.43 66.78 15.08
N VAL C 348 53.90 67.33 16.21
CA VAL C 348 54.50 66.57 17.28
C VAL C 348 53.77 66.93 18.56
N MET C 349 53.39 65.93 19.34
CA MET C 349 52.73 66.17 20.61
C MET C 349 53.22 65.16 21.64
N ARG C 350 53.00 65.50 22.90
CA ARG C 350 53.35 64.61 23.99
C ARG C 350 52.30 63.52 24.12
N LEU C 351 52.76 62.31 24.35
CA LEU C 351 51.84 61.17 24.46
C LEU C 351 51.24 61.15 25.85
N ALA C 352 50.00 60.66 25.92
CA ALA C 352 49.29 60.62 27.18
C ALA C 352 49.86 59.56 28.10
N LYS C 353 49.73 59.79 29.40
CA LYS C 353 49.99 58.76 30.39
C LYS C 353 48.78 57.84 30.52
N GLN C 354 48.95 56.77 31.28
CA GLN C 354 47.87 55.82 31.53
C GLN C 354 47.06 56.34 32.71
N SER C 355 45.91 56.93 32.41
CA SER C 355 45.04 57.53 33.41
C SER C 355 43.61 57.43 32.89
N ARG C 356 42.72 58.26 33.42
CA ARG C 356 41.30 58.12 33.15
C ARG C 356 40.83 59.08 32.06
N HIS C 357 39.79 58.65 31.35
CA HIS C 357 39.15 59.43 30.29
C HIS C 357 37.77 59.84 30.76
N LEU C 358 37.57 61.12 31.01
CA LEU C 358 36.30 61.65 31.44
C LEU C 358 35.70 62.51 30.36
N GLU C 359 34.39 62.74 30.48
CA GLU C 359 33.64 63.51 29.52
C GLU C 359 32.65 64.37 30.25
N VAL C 360 32.39 65.54 29.68
CA VAL C 360 31.33 66.43 30.14
C VAL C 360 30.36 66.59 28.99
N GLN C 361 29.08 66.48 29.31
CA GLN C 361 28.01 66.67 28.36
C GLN C 361 27.54 68.11 28.47
N ILE C 362 27.58 68.83 27.35
CA ILE C 362 27.22 70.22 27.27
C ILE C 362 25.96 70.32 26.44
N LEU C 363 25.06 71.20 26.85
CA LEU C 363 23.83 71.44 26.12
C LEU C 363 23.62 72.93 26.03
N ALA C 364 23.20 73.42 24.86
CA ALA C 364 23.08 74.87 24.73
C ALA C 364 22.01 75.28 23.73
N ASP C 365 21.41 76.44 23.96
CA ASP C 365 20.38 76.97 23.10
C ASP C 365 20.96 77.98 22.13
N GLN C 366 20.11 78.52 21.27
CA GLN C 366 20.49 79.48 20.25
C GLN C 366 20.46 80.91 20.75
N TYR C 367 20.31 81.11 22.05
CA TYR C 367 20.30 82.45 22.66
C TYR C 367 21.49 82.70 23.56
N GLY C 368 22.54 81.87 23.46
CA GLY C 368 23.74 82.08 24.23
C GLY C 368 23.78 81.44 25.60
N ASN C 369 22.75 80.68 25.99
CA ASN C 369 22.74 79.98 27.26
C ASN C 369 23.28 78.57 27.08
N ALA C 370 24.36 78.26 27.78
CA ALA C 370 24.99 76.96 27.74
C ALA C 370 25.10 76.43 29.15
N ILE C 371 24.76 75.16 29.35
CA ILE C 371 24.85 74.52 30.65
C ILE C 371 25.55 73.18 30.53
N SER C 372 26.15 72.79 31.64
CA SER C 372 26.71 71.47 31.80
C SER C 372 25.67 70.55 32.41
N LEU C 373 25.46 69.40 31.79
CA LEU C 373 24.48 68.50 32.32
C LEU C 373 25.11 67.69 33.45
N PHE C 374 25.95 66.73 33.10
CA PHE C 374 26.76 65.94 34.03
C PHE C 374 27.84 65.28 33.20
N GLY C 375 28.70 64.52 33.87
CA GLY C 375 29.82 63.87 33.23
C GLY C 375 29.61 62.39 32.97
N ARG C 376 30.68 61.79 32.46
CA ARG C 376 30.79 60.36 32.21
C ARG C 376 32.23 59.93 32.39
N ASP C 377 32.40 58.68 32.79
CA ASP C 377 33.70 58.04 32.91
C ASP C 377 33.73 56.90 31.90
N CYS C 378 34.59 57.05 30.90
CA CYS C 378 34.61 56.19 29.73
C CYS C 378 35.98 55.56 29.55
N SER C 379 36.53 55.02 30.64
CA SER C 379 37.91 54.56 30.67
C SER C 379 38.06 53.08 30.36
N VAL C 380 37.00 52.41 29.93
CA VAL C 380 37.07 51.02 29.49
C VAL C 380 37.12 51.03 27.98
N GLN C 381 38.33 50.93 27.44
CA GLN C 381 38.56 51.04 26.01
C GLN C 381 39.50 49.97 25.52
N ARG C 382 39.23 49.50 24.32
CA ARG C 382 40.02 48.51 23.62
C ARG C 382 40.49 49.13 22.31
N ARG C 383 41.79 49.32 22.19
CA ARG C 383 42.37 49.98 21.02
C ARG C 383 41.69 51.32 20.77
N HIS C 384 41.47 52.06 21.84
CA HIS C 384 40.83 53.37 21.82
C HIS C 384 39.39 53.30 21.33
N GLN C 385 38.70 52.18 21.60
CA GLN C 385 37.29 52.03 21.29
C GLN C 385 36.52 51.80 22.59
N LYS C 386 35.49 52.59 22.82
CA LYS C 386 34.71 52.48 24.05
C LYS C 386 33.94 51.17 24.11
N ILE C 387 33.83 50.62 25.32
CA ILE C 387 33.18 49.32 25.54
C ILE C 387 32.10 49.46 26.62
N ILE C 388 32.51 50.05 27.73
CA ILE C 388 31.67 50.24 28.89
C ILE C 388 31.80 51.69 29.32
N GLU C 389 30.68 52.32 29.60
CA GLU C 389 30.64 53.69 30.08
C GLU C 389 29.86 53.74 31.39
N GLU C 390 30.22 54.69 32.23
CA GLU C 390 29.57 54.89 33.52
C GLU C 390 29.27 56.35 33.75
N ALA C 391 28.07 56.62 34.19
CA ALA C 391 27.53 57.97 34.19
C ALA C 391 28.09 58.87 35.28
N PRO C 392 27.87 58.64 36.58
CA PRO C 392 28.55 59.47 37.56
C PRO C 392 30.07 59.35 37.44
N ALA C 393 30.71 60.50 37.32
CA ALA C 393 32.16 60.56 37.20
C ALA C 393 32.75 60.53 38.60
N THR C 394 32.75 59.33 39.18
CA THR C 394 33.03 59.16 40.61
C THR C 394 34.50 59.23 40.95
N ILE C 395 35.38 59.21 39.97
CA ILE C 395 36.80 59.25 40.26
C ILE C 395 37.24 60.66 40.60
N ALA C 396 36.66 61.66 39.95
CA ALA C 396 37.05 63.03 40.17
C ALA C 396 36.36 63.57 41.41
N THR C 397 37.13 64.26 42.22
CA THR C 397 36.59 64.87 43.42
C THR C 397 35.70 66.04 43.02
N PRO C 398 34.81 66.49 43.91
CA PRO C 398 33.86 67.56 43.54
C PRO C 398 34.53 68.83 43.03
N ALA C 399 35.60 69.28 43.68
CA ALA C 399 36.23 70.54 43.31
C ALA C 399 36.77 70.48 41.89
N VAL C 400 37.61 69.50 41.61
CA VAL C 400 38.24 69.42 40.30
C VAL C 400 37.21 69.15 39.22
N PHE C 401 36.19 68.34 39.53
CA PHE C 401 35.19 68.02 38.53
C PHE C 401 34.35 69.24 38.19
N GLU C 402 33.96 70.02 39.20
CA GLU C 402 33.24 71.25 38.94
C GLU C 402 34.09 72.19 38.11
N HIS C 403 35.39 72.23 38.37
CA HIS C 403 36.28 73.04 37.54
C HIS C 403 36.22 72.59 36.09
N MET C 404 36.25 71.28 35.85
CA MET C 404 36.21 70.77 34.49
C MET C 404 34.91 71.15 33.81
N GLU C 405 33.81 71.10 34.55
CA GLU C 405 32.53 71.50 34.00
C GLU C 405 32.55 72.97 33.60
N GLN C 406 33.12 73.82 34.46
CA GLN C 406 33.16 75.24 34.17
C GLN C 406 33.98 75.52 32.92
N CYS C 407 35.13 74.87 32.79
CA CYS C 407 35.95 75.03 31.59
C CYS C 407 35.19 74.63 30.33
N ALA C 408 34.51 73.48 30.38
CA ALA C 408 33.77 73.02 29.21
C ALA C 408 32.70 74.03 28.81
N VAL C 409 32.00 74.59 29.79
CA VAL C 409 30.93 75.52 29.49
C VAL C 409 31.50 76.80 28.91
N LYS C 410 32.64 77.26 29.44
CA LYS C 410 33.23 78.48 28.92
C LYS C 410 33.63 78.32 27.46
N LEU C 411 34.21 77.16 27.14
CA LEU C 411 34.56 76.88 25.77
C LEU C 411 33.34 76.92 24.87
N ALA C 412 32.26 76.24 25.29
CA ALA C 412 31.06 76.19 24.45
C ALA C 412 30.48 77.58 24.25
N LYS C 413 30.54 78.43 25.28
CA LYS C 413 29.96 79.75 25.15
C LYS C 413 30.77 80.62 24.21
N MET C 414 32.09 80.62 24.38
CA MET C 414 32.88 81.54 23.59
C MET C 414 32.95 81.14 22.14
N VAL C 415 32.88 79.84 21.84
CA VAL C 415 32.97 79.42 20.46
C VAL C 415 31.63 79.53 19.74
N GLY C 416 30.53 79.45 20.46
CA GLY C 416 29.21 79.58 19.87
C GLY C 416 28.63 78.25 19.45
N TYR C 417 28.56 77.33 20.40
CA TYR C 417 28.08 75.98 20.16
C TYR C 417 26.63 75.91 20.58
N VAL C 418 25.81 75.26 19.76
CA VAL C 418 24.41 75.02 20.08
C VAL C 418 24.11 73.53 20.02
N SER C 419 22.99 73.22 20.62
CA SER C 419 22.27 71.98 20.80
C SER C 419 22.89 71.01 21.80
N ALA C 420 24.11 70.55 21.57
CA ALA C 420 24.62 69.48 22.42
C ALA C 420 25.96 68.99 21.91
N GLY C 421 26.82 68.60 22.85
CA GLY C 421 28.13 68.12 22.47
C GLY C 421 28.87 67.62 23.68
N THR C 422 30.07 67.13 23.45
CA THR C 422 30.86 66.56 24.53
C THR C 422 32.25 67.15 24.55
N VAL C 423 32.77 67.33 25.76
CA VAL C 423 34.14 67.78 25.99
C VAL C 423 34.87 66.67 26.71
N GLU C 424 35.99 66.24 26.14
CA GLU C 424 36.78 65.18 26.71
C GLU C 424 37.91 65.76 27.54
N TYR C 425 38.22 65.08 28.63
CA TYR C 425 39.34 65.43 29.48
C TYR C 425 40.10 64.16 29.84
N LEU C 426 41.39 64.32 30.05
CA LEU C 426 42.26 63.27 30.55
C LEU C 426 42.56 63.57 32.00
N TYR C 427 42.09 62.70 32.88
CA TYR C 427 42.15 62.91 34.31
C TYR C 427 43.30 62.08 34.87
N SER C 428 44.27 62.76 35.44
CA SER C 428 45.41 62.11 36.07
C SER C 428 45.10 61.82 37.52
N GLN C 429 45.77 60.80 38.06
CA GLN C 429 45.45 60.27 39.37
C GLN C 429 45.69 61.26 40.49
N ASP C 430 46.51 62.28 40.26
CA ASP C 430 46.82 63.28 41.28
C ASP C 430 45.88 64.47 41.27
N GLY C 431 44.75 64.37 40.57
CA GLY C 431 43.79 65.46 40.54
C GLY C 431 44.12 66.57 39.57
N SER C 432 44.66 66.21 38.40
CA SER C 432 45.04 67.17 37.38
C SER C 432 44.47 66.70 36.05
N PHE C 433 43.69 67.57 35.39
CA PHE C 433 43.05 67.24 34.13
C PHE C 433 43.72 67.94 32.96
N TYR C 434 43.58 67.35 31.78
CA TYR C 434 44.10 67.89 30.54
C TYR C 434 43.00 67.89 29.51
N PHE C 435 42.97 68.94 28.68
CA PHE C 435 42.03 69.00 27.59
C PHE C 435 42.45 68.03 26.50
N LEU C 436 41.45 67.36 25.90
CA LEU C 436 41.66 66.46 24.78
C LEU C 436 40.97 66.95 23.52
N GLU C 437 39.65 67.13 23.53
CA GLU C 437 38.95 67.54 22.32
C GLU C 437 37.48 67.73 22.62
N LEU C 438 36.85 68.53 21.76
CA LEU C 438 35.40 68.73 21.75
C LEU C 438 34.81 67.95 20.58
N ASN C 439 33.81 67.14 20.87
CA ASN C 439 33.08 66.38 19.86
C ASN C 439 31.79 67.15 19.58
N PRO C 440 31.59 67.69 18.37
CA PRO C 440 30.43 68.53 18.09
C PRO C 440 29.20 67.74 17.63
N ARG C 441 28.73 66.85 18.48
CA ARG C 441 27.56 66.07 18.16
C ARG C 441 27.19 65.20 19.35
N LEU C 442 25.95 64.76 19.34
CA LEU C 442 25.45 63.85 20.36
C LEU C 442 26.12 62.49 20.23
N GLN C 443 26.52 61.93 21.37
CA GLN C 443 27.22 60.66 21.40
C GLN C 443 26.24 59.52 21.59
N VAL C 444 26.70 58.32 21.21
CA VAL C 444 25.87 57.13 21.32
C VAL C 444 25.60 56.79 22.77
N GLU C 445 26.56 57.07 23.65
CA GLU C 445 26.45 56.79 25.08
C GLU C 445 25.75 57.90 25.84
N HIS C 446 25.04 58.78 25.16
CA HIS C 446 24.31 59.85 25.83
C HIS C 446 23.21 59.40 26.79
N PRO C 447 22.59 58.21 26.67
CA PRO C 447 21.58 57.86 27.67
C PRO C 447 22.11 57.79 29.09
N CYS C 448 23.41 57.55 29.24
CA CYS C 448 24.04 57.52 30.56
C CYS C 448 23.69 58.75 31.38
N THR C 449 23.76 59.92 30.76
CA THR C 449 23.43 61.17 31.44
C THR C 449 21.96 61.48 31.42
N GLU C 450 21.20 60.85 30.53
CA GLU C 450 19.75 60.99 30.61
C GLU C 450 19.23 60.33 31.86
N MET C 451 19.63 59.08 32.08
CA MET C 451 19.03 58.25 33.11
C MET C 451 19.28 58.81 34.50
N VAL C 452 20.36 59.57 34.69
CA VAL C 452 20.68 60.16 35.99
C VAL C 452 20.30 61.62 36.09
N ALA C 453 19.82 62.23 35.01
CA ALA C 453 19.37 63.61 35.04
C ALA C 453 17.88 63.77 34.79
N ASP C 454 17.19 62.71 34.39
CA ASP C 454 15.78 62.76 34.03
C ASP C 454 15.55 63.82 32.96
N VAL C 455 16.32 63.71 31.89
CA VAL C 455 16.20 64.56 30.72
C VAL C 455 16.02 63.67 29.50
N ASN C 456 15.77 64.33 28.37
CA ASN C 456 15.67 63.69 27.06
C ASN C 456 16.46 64.59 26.13
N LEU C 457 17.61 64.09 25.69
CA LEU C 457 18.51 64.93 24.89
C LEU C 457 18.06 65.11 23.46
N PRO C 458 17.67 64.08 22.70
CA PRO C 458 17.24 64.33 21.33
C PRO C 458 15.98 65.18 21.23
N ALA C 459 15.05 65.02 22.17
CA ALA C 459 13.92 65.92 22.23
C ALA C 459 14.35 67.33 22.56
N ALA C 460 15.37 67.46 23.41
CA ALA C 460 15.89 68.78 23.72
C ALA C 460 16.50 69.40 22.49
N GLN C 461 17.11 68.58 21.65
CA GLN C 461 17.66 69.08 20.39
C GLN C 461 16.56 69.58 19.48
N LEU C 462 15.44 68.84 19.43
CA LEU C 462 14.32 69.28 18.62
C LEU C 462 13.79 70.62 19.11
N GLN C 463 13.64 70.76 20.42
CA GLN C 463 13.11 71.99 20.97
C GLN C 463 14.07 73.15 20.79
N ILE C 464 15.37 72.88 20.83
CA ILE C 464 16.34 73.92 20.55
C ILE C 464 16.27 74.36 19.10
N ALA C 465 16.14 73.39 18.20
CA ALA C 465 16.06 73.70 16.78
C ALA C 465 14.86 74.57 16.47
N MET C 466 13.78 74.43 17.21
CA MET C 466 12.64 75.31 17.07
C MET C 466 12.86 76.67 17.69
N GLY C 467 14.03 76.93 18.26
CA GLY C 467 14.33 78.24 18.79
C GLY C 467 13.79 78.49 20.17
N ILE C 468 13.68 77.47 21.00
CA ILE C 468 13.14 77.58 22.35
C ILE C 468 14.32 77.72 23.30
N PRO C 469 14.35 78.73 24.17
CA PRO C 469 15.47 78.83 25.11
C PRO C 469 15.41 77.79 26.20
N LEU C 470 16.51 77.67 26.93
CA LEU C 470 16.65 76.59 27.88
C LEU C 470 15.70 76.74 29.06
N TYR C 471 15.35 77.96 29.43
CA TYR C 471 14.53 78.19 30.60
C TYR C 471 13.05 77.96 30.35
N ARG C 472 12.68 77.44 29.17
CA ARG C 472 11.32 77.06 28.87
C ARG C 472 11.16 75.57 28.62
N ILE C 473 12.24 74.84 28.47
CA ILE C 473 12.14 73.40 28.27
C ILE C 473 11.86 72.77 29.62
N LYS C 474 10.90 71.85 29.63
CA LYS C 474 10.33 71.32 30.86
C LYS C 474 11.39 70.66 31.74
N ASP C 475 12.11 69.69 31.19
CA ASP C 475 13.00 68.87 32.00
C ASP C 475 14.12 69.69 32.60
N ILE C 476 14.65 70.66 31.84
CA ILE C 476 15.67 71.55 32.39
C ILE C 476 15.10 72.33 33.56
N ARG C 477 13.87 72.81 33.41
CA ARG C 477 13.26 73.59 34.48
C ARG C 477 13.11 72.76 35.74
N MET C 478 12.75 71.49 35.59
CA MET C 478 12.65 70.63 36.76
C MET C 478 14.02 70.38 37.36
N MET C 479 15.03 70.28 36.51
CA MET C 479 16.37 69.95 36.98
C MET C 479 16.91 71.04 37.90
N TYR C 480 16.54 72.30 37.66
CA TYR C 480 16.96 73.42 38.48
C TYR C 480 15.92 73.82 39.52
N GLY C 481 14.96 72.96 39.79
CA GLY C 481 14.06 73.19 40.91
C GLY C 481 13.03 74.24 40.65
N VAL C 482 12.60 74.39 39.41
CA VAL C 482 11.61 75.39 39.02
C VAL C 482 10.39 74.64 38.50
N SER C 483 9.23 75.24 38.68
CA SER C 483 8.00 74.65 38.19
C SER C 483 8.09 74.45 36.67
N PRO C 484 7.73 73.27 36.15
CA PRO C 484 7.79 73.10 34.68
C PRO C 484 6.85 74.01 33.94
N TRP C 485 5.65 74.21 34.43
CA TRP C 485 4.62 74.98 33.72
C TRP C 485 4.72 76.42 34.18
N GLY C 486 5.59 77.14 33.49
CA GLY C 486 5.85 78.54 33.76
C GLY C 486 6.74 79.07 32.67
N ASP C 487 7.14 80.34 32.83
CA ASP C 487 8.03 80.98 31.89
C ASP C 487 9.12 81.79 32.57
N SER C 488 9.33 81.61 33.87
CA SER C 488 10.30 82.43 34.57
C SER C 488 11.73 82.07 34.12
N PRO C 489 12.63 83.03 34.01
CA PRO C 489 14.00 82.70 33.62
C PRO C 489 14.74 82.01 34.76
N ILE C 490 15.77 81.28 34.35
CA ILE C 490 16.65 80.56 35.27
C ILE C 490 18.00 81.26 35.23
N ASP C 491 18.54 81.57 36.39
CA ASP C 491 19.90 82.08 36.52
C ASP C 491 20.82 80.87 36.62
N PHE C 492 21.31 80.42 35.47
CA PHE C 492 22.04 79.16 35.42
C PHE C 492 23.35 79.22 36.21
N GLU C 493 23.93 80.40 36.35
CA GLU C 493 25.18 80.52 37.09
C GLU C 493 24.94 80.49 38.59
N ASP C 494 23.85 81.09 39.04
CA ASP C 494 23.58 81.18 40.48
C ASP C 494 23.03 79.87 41.02
N SER C 495 22.35 79.08 40.20
CA SER C 495 21.72 77.84 40.62
C SER C 495 22.43 76.62 40.06
N ALA C 496 23.70 76.74 39.69
CA ALA C 496 24.45 75.63 39.10
C ALA C 496 24.72 74.51 40.11
N HIS C 497 24.51 74.74 41.40
CA HIS C 497 24.70 73.71 42.41
C HIS C 497 23.44 72.89 42.65
N VAL C 498 22.30 73.30 42.09
CA VAL C 498 21.04 72.59 42.26
C VAL C 498 21.03 71.23 41.58
N PRO C 499 21.50 71.08 40.33
CA PRO C 499 21.45 69.75 39.70
C PRO C 499 22.26 68.75 40.49
N CYS C 500 21.76 67.52 40.52
CA CYS C 500 22.40 66.47 41.26
C CYS C 500 22.08 65.15 40.59
N PRO C 501 23.07 64.28 40.35
CA PRO C 501 22.75 62.99 39.73
C PRO C 501 21.94 62.13 40.66
N ARG C 502 21.11 61.30 40.05
CA ARG C 502 20.26 60.35 40.77
C ARG C 502 20.75 58.96 40.39
N GLY C 503 21.51 58.37 41.28
CA GLY C 503 21.92 57.00 41.10
C GLY C 503 23.18 56.89 40.28
N HIS C 504 23.36 55.71 39.72
CA HIS C 504 24.55 55.37 38.97
C HIS C 504 24.16 54.40 37.88
N VAL C 505 24.71 54.62 36.70
CA VAL C 505 24.31 53.90 35.50
C VAL C 505 25.54 53.28 34.88
N ILE C 506 25.37 52.07 34.38
CA ILE C 506 26.38 51.39 33.59
C ILE C 506 25.77 51.09 32.23
N ALA C 507 26.51 51.42 31.19
CA ALA C 507 26.12 51.20 29.81
C ALA C 507 27.15 50.29 29.18
N ALA C 508 26.70 49.12 28.74
CA ALA C 508 27.56 48.14 28.11
C ALA C 508 27.11 48.01 26.67
N ARG C 509 28.05 48.13 25.75
CA ARG C 509 27.71 48.00 24.35
C ARG C 509 28.02 46.62 23.83
N ILE C 510 27.11 46.08 23.04
CA ILE C 510 27.24 44.77 22.45
C ILE C 510 27.75 44.94 21.03
N THR C 511 28.94 44.46 20.78
CA THR C 511 29.58 44.55 19.48
C THR C 511 29.45 43.23 18.74
N SER C 512 29.81 43.26 17.47
CA SER C 512 29.79 42.09 16.61
C SER C 512 31.18 41.50 16.37
N GLU C 513 32.17 41.86 17.16
CA GLU C 513 33.51 41.33 16.97
C GLU C 513 33.58 39.89 17.48
N ASN C 514 34.73 39.27 17.28
CA ASN C 514 34.99 37.89 17.66
C ASN C 514 36.19 37.90 18.61
N PRO C 515 35.98 37.76 19.92
CA PRO C 515 37.13 37.70 20.83
C PRO C 515 38.05 36.53 20.55
N ASP C 516 37.56 35.46 19.94
CA ASP C 516 38.42 34.36 19.54
C ASP C 516 39.23 34.81 18.33
N GLU C 517 40.54 34.66 18.42
CA GLU C 517 41.46 35.10 17.37
C GLU C 517 41.31 36.59 17.12
N GLY C 518 41.56 37.38 18.16
CA GLY C 518 41.55 38.82 18.05
C GLY C 518 40.18 39.41 18.25
N PHE C 519 39.83 40.38 17.42
CA PHE C 519 38.51 41.01 17.47
C PHE C 519 38.02 41.29 16.06
N LYS C 520 38.17 40.32 15.17
CA LYS C 520 37.79 40.54 13.78
C LYS C 520 36.27 40.74 13.69
N PRO C 521 35.79 41.82 13.07
CA PRO C 521 34.34 41.97 12.91
C PRO C 521 33.75 40.83 12.09
N SER C 522 32.62 40.33 12.56
CA SER C 522 31.89 39.24 11.92
C SER C 522 30.52 39.75 11.49
N SER C 523 29.85 38.93 10.70
CA SER C 523 28.55 39.32 10.16
C SER C 523 27.79 38.08 9.74
N GLY C 524 26.49 38.25 9.58
CA GLY C 524 25.62 37.17 9.19
C GLY C 524 24.22 37.41 9.69
N THR C 525 23.44 36.34 9.69
CA THR C 525 22.02 36.36 10.02
C THR C 525 21.81 36.14 11.50
N VAL C 526 20.69 36.69 12.00
CA VAL C 526 20.21 36.49 13.36
C VAL C 526 19.20 35.35 13.34
N GLN C 527 19.31 34.48 14.34
CA GLN C 527 18.35 33.41 14.57
C GLN C 527 17.49 33.66 15.78
N GLU C 528 18.05 34.31 16.80
CA GLU C 528 17.29 34.66 17.99
C GLU C 528 17.92 35.88 18.64
N LEU C 529 17.06 36.80 19.06
CA LEU C 529 17.46 37.97 19.84
C LEU C 529 16.41 38.17 20.93
N ASN C 530 16.76 37.77 22.14
CA ASN C 530 15.87 37.87 23.29
C ASN C 530 16.65 38.54 24.41
N PHE C 531 16.31 39.79 24.69
CA PHE C 531 16.84 40.52 25.82
C PHE C 531 15.77 40.57 26.89
N ARG C 532 16.02 39.90 28.00
CA ARG C 532 15.07 39.83 29.10
C ARG C 532 15.28 41.04 29.97
N SER C 533 14.42 42.03 29.83
CA SER C 533 14.53 43.21 30.65
C SER C 533 13.94 42.95 32.01
N ASN C 534 14.21 43.88 32.91
CA ASN C 534 13.84 43.74 34.30
C ASN C 534 13.81 45.14 34.88
N LYS C 535 13.51 45.20 36.16
CA LYS C 535 13.54 46.46 36.87
C LYS C 535 14.93 47.07 36.78
N ASN C 536 14.98 48.34 36.40
CA ASN C 536 16.19 49.14 36.29
C ASN C 536 17.14 48.66 35.21
N VAL C 537 16.71 47.81 34.29
CA VAL C 537 17.56 47.35 33.20
C VAL C 537 16.77 47.44 31.92
N TRP C 538 17.39 47.95 30.87
CA TRP C 538 16.76 48.01 29.58
C TRP C 538 17.83 47.97 28.51
N GLY C 539 17.39 47.93 27.26
CA GLY C 539 18.32 47.96 26.18
C GLY C 539 17.59 47.84 24.87
N TYR C 540 18.34 48.08 23.80
CA TYR C 540 17.74 48.12 22.49
C TYR C 540 18.78 47.83 21.43
N PHE C 541 18.28 47.33 20.32
CA PHE C 541 19.06 46.76 19.26
C PHE C 541 18.57 47.30 17.93
N SER C 542 19.46 47.29 16.96
CA SER C 542 19.17 47.75 15.62
C SER C 542 18.70 46.66 14.69
N VAL C 543 18.57 45.44 15.19
CA VAL C 543 18.18 44.30 14.38
C VAL C 543 17.25 43.43 15.20
N ALA C 544 16.34 42.75 14.55
CA ALA C 544 15.39 41.86 15.17
C ALA C 544 15.79 40.42 14.93
N ALA C 545 15.00 39.50 15.46
CA ALA C 545 15.30 38.07 15.35
C ALA C 545 15.36 37.65 13.89
N ALA C 546 14.48 38.19 13.06
CA ALA C 546 14.59 38.06 11.62
C ALA C 546 15.32 39.29 11.13
N GLY C 547 16.31 39.07 10.29
CA GLY C 547 17.21 40.11 9.86
C GLY C 547 18.63 39.76 10.21
N GLY C 548 19.53 40.63 9.77
CA GLY C 548 20.92 40.34 9.95
C GLY C 548 21.79 41.56 9.87
N LEU C 549 23.08 41.30 9.87
CA LEU C 549 24.13 42.30 9.76
C LEU C 549 24.90 42.06 8.48
N HIS C 550 24.99 43.09 7.66
CA HIS C 550 25.62 42.98 6.35
C HIS C 550 26.99 43.66 6.40
N GLU C 551 27.64 43.71 5.24
CA GLU C 551 29.05 44.09 5.21
C GLU C 551 29.25 45.53 5.63
N PHE C 552 28.41 46.43 5.13
CA PHE C 552 28.50 47.85 5.45
C PHE C 552 27.81 48.22 6.75
N ALA C 553 27.29 47.24 7.47
CA ALA C 553 26.57 47.49 8.71
C ALA C 553 27.58 47.45 9.84
N ASP C 554 27.75 48.58 10.52
CA ASP C 554 28.82 48.73 11.48
C ASP C 554 28.59 47.75 12.64
N SER C 555 29.62 47.62 13.47
CA SER C 555 29.50 46.95 14.74
C SER C 555 28.59 47.77 15.64
N GLN C 556 28.48 47.36 16.90
CA GLN C 556 27.62 48.04 17.85
C GLN C 556 26.17 48.00 17.38
N PHE C 557 25.64 46.79 17.46
CA PHE C 557 24.25 46.50 17.09
C PHE C 557 23.30 46.51 18.27
N GLY C 558 23.74 46.93 19.45
CA GLY C 558 22.81 47.10 20.54
C GLY C 558 23.50 47.57 21.80
N HIS C 559 22.69 48.09 22.70
CA HIS C 559 23.18 48.68 23.92
C HIS C 559 22.30 48.26 25.09
N CYS C 560 22.94 47.87 26.19
CA CYS C 560 22.27 47.56 27.44
C CYS C 560 22.63 48.60 28.48
N PHE C 561 21.66 48.95 29.31
CA PHE C 561 21.82 49.92 30.37
C PHE C 561 21.24 49.37 31.66
N SER C 562 21.92 49.67 32.76
CA SER C 562 21.47 49.29 34.08
C SER C 562 21.66 50.43 35.06
N TRP C 563 20.63 50.68 35.86
CA TRP C 563 20.62 51.70 36.90
C TRP C 563 20.70 51.04 38.27
N GLY C 564 21.31 51.76 39.20
CA GLY C 564 21.35 51.36 40.59
C GLY C 564 21.51 52.60 41.45
N GLU C 565 21.40 52.40 42.77
CA GLU C 565 21.62 53.51 43.68
C GLU C 565 23.08 53.89 43.76
N ASN C 566 23.96 52.91 43.60
CA ASN C 566 25.39 53.13 43.71
C ASN C 566 26.08 52.25 42.67
N ARG C 567 27.41 52.25 42.71
CA ARG C 567 28.19 51.51 41.74
C ARG C 567 27.89 50.01 41.81
N GLU C 568 27.89 49.46 43.02
CA GLU C 568 27.83 48.01 43.18
C GLU C 568 26.51 47.45 42.66
N GLU C 569 25.41 48.11 42.99
CA GLU C 569 24.10 47.65 42.55
C GLU C 569 24.01 47.67 41.03
N ALA C 570 24.54 48.72 40.42
CA ALA C 570 24.51 48.84 38.97
C ALA C 570 25.28 47.71 38.32
N ILE C 571 26.46 47.42 38.86
CA ILE C 571 27.25 46.30 38.36
C ILE C 571 26.45 45.01 38.46
N SER C 572 25.83 44.76 39.61
CA SER C 572 25.12 43.51 39.81
C SER C 572 24.00 43.34 38.80
N ASN C 573 23.23 44.41 38.60
CA ASN C 573 22.14 44.37 37.63
C ASN C 573 22.67 44.07 36.23
N MET C 574 23.73 44.76 35.82
CA MET C 574 24.29 44.55 34.49
C MET C 574 24.76 43.11 34.31
N VAL C 575 25.47 42.58 35.30
CA VAL C 575 26.04 41.24 35.19
C VAL C 575 24.95 40.20 35.02
N VAL C 576 23.92 40.29 35.86
CA VAL C 576 22.85 39.31 35.80
C VAL C 576 22.14 39.39 34.46
N ALA C 577 21.80 40.62 34.06
CA ALA C 577 21.08 40.82 32.81
C ALA C 577 21.86 40.26 31.63
N LEU C 578 23.17 40.51 31.59
CA LEU C 578 23.97 39.99 30.51
C LEU C 578 24.02 38.48 30.54
N LYS C 579 24.09 37.87 31.71
CA LYS C 579 24.08 36.43 31.76
C LYS C 579 22.75 35.83 31.33
N GLU C 580 21.68 36.59 31.34
CA GLU C 580 20.36 36.06 30.99
C GLU C 580 19.95 36.24 29.54
N LEU C 581 20.64 37.06 28.76
CA LEU C 581 20.20 37.30 27.39
C LEU C 581 20.69 36.19 26.48
N SER C 582 20.02 36.08 25.34
CA SER C 582 20.32 35.06 24.35
C SER C 582 20.43 35.71 22.99
N ILE C 583 21.62 35.62 22.40
CA ILE C 583 21.87 36.06 21.04
C ILE C 583 22.47 34.88 20.31
N ARG C 584 21.81 34.48 19.24
CA ARG C 584 22.26 33.35 18.43
C ARG C 584 22.19 33.74 16.96
N GLY C 585 23.26 33.46 16.23
CA GLY C 585 23.25 33.67 14.81
C GLY C 585 24.51 33.11 14.18
N ASP C 586 24.76 33.55 12.94
CA ASP C 586 25.97 33.14 12.24
C ASP C 586 27.20 33.88 12.75
N PHE C 587 27.04 35.13 13.13
CA PHE C 587 28.12 35.97 13.63
C PHE C 587 28.39 35.60 15.10
N ARG C 588 29.36 36.29 15.71
CA ARG C 588 29.95 35.77 16.94
C ARG C 588 29.46 36.40 18.24
N THR C 589 29.20 37.71 18.29
CA THR C 589 28.62 38.32 19.48
C THR C 589 29.45 38.33 20.76
N THR C 590 30.27 39.37 20.92
CA THR C 590 30.98 39.67 22.16
C THR C 590 30.01 40.07 23.28
N VAL C 591 29.64 39.11 24.12
CA VAL C 591 28.95 39.37 25.39
C VAL C 591 29.69 38.76 26.57
N GLU C 592 30.16 37.51 26.42
CA GLU C 592 30.77 36.79 27.52
C GLU C 592 32.02 37.51 28.02
N TYR C 593 32.74 38.15 27.11
CA TYR C 593 33.93 38.89 27.49
C TYR C 593 33.56 40.07 28.38
N LEU C 594 32.46 40.75 28.07
CA LEU C 594 31.98 41.85 28.91
C LEU C 594 31.68 41.35 30.32
N ILE C 595 31.08 40.17 30.42
CA ILE C 595 30.77 39.60 31.72
C ILE C 595 32.06 39.37 32.49
N LYS C 596 33.04 38.77 31.83
CA LYS C 596 34.30 38.49 32.50
C LYS C 596 34.95 39.77 32.98
N LEU C 597 34.82 40.84 32.21
CA LEU C 597 35.41 42.11 32.62
C LEU C 597 34.70 42.68 33.83
N LEU C 598 33.36 42.59 33.85
CA LEU C 598 32.62 43.17 34.96
C LEU C 598 32.83 42.39 36.25
N GLU C 599 33.16 41.12 36.17
CA GLU C 599 33.46 40.31 37.34
C GLU C 599 34.91 40.39 37.77
N THR C 600 35.73 41.16 37.07
CA THR C 600 37.13 41.30 37.44
C THR C 600 37.23 42.32 38.56
N GLU C 601 38.04 41.98 39.57
CA GLU C 601 38.12 42.83 40.76
C GLU C 601 38.66 44.21 40.44
N SER C 602 39.57 44.31 39.46
CA SER C 602 40.14 45.62 39.12
C SER C 602 39.07 46.58 38.64
N PHE C 603 38.12 46.09 37.86
CA PHE C 603 36.99 46.92 37.47
C PHE C 603 36.18 47.32 38.69
N GLN C 604 35.75 46.33 39.47
CA GLN C 604 34.83 46.57 40.57
C GLN C 604 35.42 47.52 41.60
N MET C 605 36.73 47.42 41.84
CA MET C 605 37.39 48.38 42.70
C MET C 605 37.75 49.68 41.98
N ASN C 606 37.43 49.79 40.70
CA ASN C 606 37.59 51.03 39.96
C ASN C 606 39.06 51.41 39.83
N ARG C 607 39.91 50.40 39.76
CA ARG C 607 41.35 50.55 39.53
C ARG C 607 41.73 50.25 38.09
N ILE C 608 41.30 51.08 37.15
CA ILE C 608 41.47 50.84 35.74
C ILE C 608 41.99 52.10 35.07
N ASP C 609 42.51 51.93 33.87
CA ASP C 609 42.93 53.05 33.05
C ASP C 609 42.71 52.69 31.58
N THR C 610 43.01 53.65 30.72
CA THR C 610 42.77 53.50 29.29
C THR C 610 43.56 52.36 28.66
N GLY C 611 44.58 51.83 29.34
CA GLY C 611 45.35 50.70 28.88
C GLY C 611 45.04 49.39 29.58
N TRP C 612 43.99 49.36 30.40
CA TRP C 612 43.63 48.15 31.14
C TRP C 612 43.39 46.98 30.19
N LEU C 613 42.46 47.15 29.24
CA LEU C 613 42.03 46.02 28.43
C LEU C 613 43.12 45.55 27.49
N ASP C 614 43.97 46.47 27.04
CA ASP C 614 45.05 46.05 26.14
C ASP C 614 45.99 45.09 26.84
N ARG C 615 46.39 45.45 28.06
CA ARG C 615 47.20 44.56 28.88
C ARG C 615 46.51 43.23 29.10
N LEU C 616 45.22 43.25 29.43
CA LEU C 616 44.53 41.99 29.66
C LEU C 616 44.45 41.15 28.40
N ILE C 617 44.31 41.79 27.25
CA ILE C 617 44.26 41.05 25.99
C ILE C 617 45.57 40.32 25.77
N ALA C 618 46.69 41.00 26.02
CA ALA C 618 47.97 40.34 25.79
C ALA C 618 48.19 39.18 26.76
N GLU C 619 47.49 39.17 27.89
CA GLU C 619 47.60 38.08 28.85
C GLU C 619 46.69 36.90 28.56
N LYS C 620 45.95 36.92 27.45
CA LYS C 620 45.14 35.77 27.01
C LYS C 620 44.10 35.37 28.06
N VAL C 621 43.12 36.26 28.21
CA VAL C 621 42.11 36.16 29.26
C VAL C 621 40.78 35.66 28.72
N GLN C 622 40.74 35.12 27.51
CA GLN C 622 39.47 34.67 26.93
C GLN C 622 39.08 33.38 27.64
N ALA C 623 38.55 33.56 28.85
CA ALA C 623 38.01 32.50 29.70
C ALA C 623 36.51 32.39 29.49
N GLU C 624 35.80 31.83 30.49
CA GLU C 624 34.34 31.62 30.44
C GLU C 624 34.00 30.49 29.47
N ARG C 625 34.64 29.36 29.71
CA ARG C 625 34.42 28.13 29.00
C ARG C 625 33.74 27.12 29.91
N PRO C 626 32.89 26.25 29.40
CA PRO C 626 32.32 25.20 30.25
C PRO C 626 33.36 24.14 30.56
N ASP C 627 33.03 23.27 31.50
CA ASP C 627 33.90 22.14 31.80
C ASP C 627 34.02 21.24 30.58
N THR C 628 35.21 20.67 30.42
CA THR C 628 35.53 19.90 29.23
C THR C 628 34.61 18.70 29.08
N MET C 629 34.41 17.93 30.15
CA MET C 629 33.64 16.70 30.06
C MET C 629 32.22 16.98 29.59
N LEU C 630 31.59 18.00 30.15
CA LEU C 630 30.25 18.36 29.72
C LEU C 630 30.23 18.78 28.26
N GLY C 631 31.21 19.58 27.85
CA GLY C 631 31.25 20.03 26.46
C GLY C 631 31.39 18.87 25.50
N VAL C 632 32.25 17.91 25.84
CA VAL C 632 32.46 16.73 25.01
C VAL C 632 31.15 15.98 24.85
N VAL C 633 30.46 15.75 25.97
CA VAL C 633 29.21 15.00 25.91
C VAL C 633 28.17 15.72 25.07
N CYS C 634 28.05 17.04 25.27
CA CYS C 634 27.04 17.81 24.55
C CYS C 634 27.30 17.84 23.06
N GLY C 635 28.55 18.06 22.66
CA GLY C 635 28.87 18.05 21.25
C GLY C 635 28.62 16.70 20.62
N ALA C 636 28.99 15.63 21.33
CA ALA C 636 28.71 14.29 20.85
C ALA C 636 27.23 14.09 20.59
N LEU C 637 26.39 14.54 21.53
CA LEU C 637 24.95 14.38 21.36
C LEU C 637 24.44 15.15 20.16
N HIS C 638 24.93 16.36 19.95
CA HIS C 638 24.42 17.13 18.81
C HIS C 638 24.79 16.49 17.49
N VAL C 639 26.06 16.10 17.35
CA VAL C 639 26.51 15.45 16.11
C VAL C 639 25.69 14.21 15.86
N ALA C 640 25.61 13.32 16.84
CA ALA C 640 24.89 12.07 16.68
C ALA C 640 23.43 12.29 16.37
N ASP C 641 22.81 13.28 17.00
CA ASP C 641 21.38 13.52 16.76
C ASP C 641 21.16 13.98 15.33
N VAL C 642 22.05 14.83 14.80
CA VAL C 642 21.87 15.25 13.42
C VAL C 642 22.01 14.06 12.49
N SER C 643 23.01 13.22 12.73
CA SER C 643 23.23 12.06 11.86
C SER C 643 22.03 11.14 11.89
N LEU C 644 21.49 10.89 13.09
CA LEU C 644 20.37 9.99 13.23
C LEU C 644 19.12 10.54 12.56
N ARG C 645 18.85 11.84 12.74
CA ARG C 645 17.67 12.41 12.10
C ARG C 645 17.79 12.43 10.59
N ASN C 646 18.98 12.67 10.07
CA ASN C 646 19.16 12.63 8.62
C ASN C 646 18.95 11.22 8.09
N SER C 647 19.48 10.21 8.80
CA SER C 647 19.24 8.82 8.40
C SER C 647 17.75 8.53 8.32
N VAL C 648 17.02 8.90 9.38
CA VAL C 648 15.58 8.65 9.41
C VAL C 648 14.90 9.35 8.25
N SER C 649 15.23 10.61 8.01
CA SER C 649 14.53 11.38 6.99
C SER C 649 14.77 10.81 5.61
N ASN C 650 16.03 10.52 5.29
CA ASN C 650 16.36 10.01 3.96
C ASN C 650 15.76 8.63 3.75
N PHE C 651 15.84 7.77 4.76
CA PHE C 651 15.28 6.43 4.64
C PHE C 651 13.78 6.48 4.44
N LEU C 652 13.10 7.32 5.19
CA LEU C 652 11.65 7.41 5.09
C LEU C 652 11.26 8.00 3.75
N HIS C 653 12.01 8.97 3.26
CA HIS C 653 11.75 9.55 1.96
C HIS C 653 11.88 8.50 0.88
N SER C 654 12.91 7.65 0.99
CA SER C 654 13.06 6.55 0.05
C SER C 654 11.86 5.62 0.10
N LEU C 655 11.35 5.33 1.29
CA LEU C 655 10.20 4.45 1.38
C LEU C 655 8.97 5.06 0.73
N GLU C 656 8.81 6.38 0.85
CA GLU C 656 7.64 7.01 0.26
C GLU C 656 7.67 6.90 -1.26
N ARG C 657 8.86 6.94 -1.85
CA ARG C 657 9.02 6.89 -3.29
C ARG C 657 8.98 5.48 -3.84
N GLY C 658 8.84 4.47 -3.00
CA GLY C 658 8.81 3.10 -3.45
C GLY C 658 10.14 2.40 -3.47
N GLN C 659 11.20 3.04 -2.98
CA GLN C 659 12.50 2.39 -2.85
C GLN C 659 12.66 1.77 -1.48
N VAL C 660 13.38 0.66 -1.46
CA VAL C 660 13.71 -0.06 -0.24
C VAL C 660 15.22 -0.03 -0.09
N LEU C 661 15.66 0.58 0.91
CA LEU C 661 17.05 0.54 1.29
C LEU C 661 17.30 -0.57 2.30
N PRO C 662 18.50 -1.11 2.37
CA PRO C 662 18.76 -2.18 3.33
C PRO C 662 18.78 -1.65 4.74
N ALA C 663 18.62 -2.56 5.69
CA ALA C 663 18.57 -2.21 7.10
C ALA C 663 19.95 -2.10 7.72
N HIS C 664 20.82 -1.32 7.09
CA HIS C 664 22.04 -0.85 7.72
C HIS C 664 22.31 0.61 7.37
N THR C 665 21.36 1.30 6.73
CA THR C 665 21.40 2.74 6.51
C THR C 665 20.48 3.48 7.45
N LEU C 666 19.93 2.79 8.45
CA LEU C 666 19.00 3.35 9.42
C LEU C 666 19.58 3.09 10.79
N LEU C 667 20.83 3.51 10.97
CA LEU C 667 21.60 3.10 12.11
C LEU C 667 21.17 3.82 13.37
N ASN C 668 21.41 3.17 14.51
CA ASN C 668 21.14 3.73 15.82
C ASN C 668 22.42 4.07 16.58
N THR C 669 23.58 3.87 15.97
CA THR C 669 24.85 4.20 16.59
C THR C 669 25.62 5.13 15.69
N VAL C 670 26.18 6.18 16.27
CA VAL C 670 27.00 7.16 15.55
C VAL C 670 28.35 7.24 16.22
N ASP C 671 29.40 7.30 15.42
CA ASP C 671 30.75 7.59 15.89
C ASP C 671 31.01 9.07 15.72
N VAL C 672 31.49 9.70 16.79
CA VAL C 672 31.76 11.14 16.81
C VAL C 672 33.21 11.33 17.24
N GLU C 673 33.89 12.25 16.57
CA GLU C 673 35.27 12.60 16.88
C GLU C 673 35.36 14.11 17.02
N LEU C 674 35.97 14.56 18.11
CA LEU C 674 36.04 15.97 18.42
C LEU C 674 37.37 16.29 19.05
N ILE C 675 38.02 17.32 18.53
CA ILE C 675 39.30 17.80 19.06
C ILE C 675 39.04 19.06 19.86
N TYR C 676 39.57 19.07 21.09
CA TYR C 676 39.48 20.20 21.99
C TYR C 676 40.85 20.45 22.58
N GLU C 677 41.40 21.64 22.34
CA GLU C 677 42.69 22.04 22.87
C GLU C 677 43.77 21.02 22.57
N GLY C 678 43.77 20.53 21.33
CA GLY C 678 44.76 19.59 20.88
C GLY C 678 44.47 18.14 21.22
N VAL C 679 43.52 17.87 22.11
CA VAL C 679 43.21 16.52 22.55
C VAL C 679 42.06 15.99 21.72
N LYS C 680 42.23 14.80 21.14
CA LYS C 680 41.18 14.17 20.38
C LYS C 680 40.36 13.26 21.27
N TYR C 681 39.05 13.34 21.15
CA TYR C 681 38.10 12.50 21.86
C TYR C 681 37.30 11.73 20.83
N VAL C 682 37.16 10.43 21.04
CA VAL C 682 36.44 9.54 20.15
C VAL C 682 35.35 8.88 20.98
N LEU C 683 34.10 9.01 20.52
CA LEU C 683 32.96 8.53 21.26
C LEU C 683 31.98 7.81 20.34
N LYS C 684 31.23 6.91 20.95
CA LYS C 684 30.06 6.32 20.34
C LYS C 684 28.83 6.85 21.03
N VAL C 685 27.79 7.09 20.26
CA VAL C 685 26.49 7.52 20.79
C VAL C 685 25.45 6.54 20.31
N THR C 686 24.66 6.03 21.25
CA THR C 686 23.52 5.21 20.93
C THR C 686 22.32 5.63 21.74
N ARG C 687 21.23 4.89 21.65
CA ARG C 687 19.99 5.19 22.34
C ARG C 687 19.40 3.94 22.95
N GLN C 688 18.88 4.10 24.17
CA GLN C 688 18.03 3.12 24.80
C GLN C 688 16.57 3.43 24.66
N SER C 689 16.23 4.63 24.20
CA SER C 689 14.87 5.00 23.91
C SER C 689 14.92 6.20 22.98
N PRO C 690 13.78 6.65 22.48
CA PRO C 690 13.78 7.88 21.68
C PRO C 690 14.35 9.09 22.40
N ASN C 691 14.30 9.10 23.73
CA ASN C 691 14.78 10.21 24.53
C ASN C 691 15.99 9.89 25.39
N SER C 692 16.35 8.63 25.55
CA SER C 692 17.45 8.23 26.39
C SER C 692 18.65 7.93 25.52
N TYR C 693 19.69 8.74 25.65
CA TYR C 693 20.91 8.58 24.90
C TYR C 693 22.00 8.08 25.82
N VAL C 694 22.95 7.38 25.22
CA VAL C 694 24.08 6.80 25.92
C VAL C 694 25.32 7.19 25.16
N VAL C 695 26.27 7.78 25.88
CA VAL C 695 27.55 8.21 25.33
C VAL C 695 28.60 7.29 25.89
N ILE C 696 29.40 6.70 25.02
CA ILE C 696 30.39 5.69 25.39
C ILE C 696 31.75 6.16 24.92
N MET C 697 32.71 6.12 25.84
CA MET C 697 34.10 6.44 25.55
C MET C 697 34.99 5.52 26.36
N ASN C 698 35.89 4.83 25.66
CA ASN C 698 36.92 3.99 26.28
C ASN C 698 36.31 2.95 27.23
N GLY C 699 35.17 2.41 26.83
CA GLY C 699 34.52 1.37 27.60
C GLY C 699 33.65 1.85 28.74
N SER C 700 33.55 3.17 28.96
CA SER C 700 32.69 3.73 29.99
C SER C 700 31.50 4.41 29.35
N CYS C 701 30.34 4.28 29.97
CA CYS C 701 29.10 4.83 29.45
C CYS C 701 28.48 5.81 30.44
N VAL C 702 27.82 6.82 29.89
CA VAL C 702 26.98 7.74 30.65
C VAL C 702 25.63 7.83 29.96
N GLU C 703 24.58 7.98 30.76
CA GLU C 703 23.22 8.13 30.27
C GLU C 703 22.77 9.57 30.38
N VAL C 704 22.08 10.04 29.36
CA VAL C 704 21.60 11.41 29.29
C VAL C 704 20.16 11.38 28.81
N ASP C 705 19.32 12.21 29.42
CA ASP C 705 17.95 12.36 28.98
C ASP C 705 17.88 13.56 28.06
N VAL C 706 17.47 13.34 26.83
CA VAL C 706 17.50 14.35 25.79
C VAL C 706 16.08 14.55 25.26
N HIS C 707 15.69 15.81 25.19
CA HIS C 707 14.41 16.21 24.62
C HIS C 707 14.66 17.25 23.56
N ARG C 708 13.97 17.12 22.45
CA ARG C 708 14.10 18.05 21.35
C ARG C 708 13.22 19.27 21.61
N LEU C 709 13.81 20.44 21.48
CA LEU C 709 13.09 21.68 21.62
C LEU C 709 12.64 22.17 20.27
N SER C 710 11.53 22.90 20.26
CA SER C 710 10.97 23.40 19.01
C SER C 710 11.86 24.44 18.36
N ASP C 711 12.78 25.05 19.10
CA ASP C 711 13.62 26.13 18.60
C ASP C 711 14.92 25.64 17.99
N GLY C 712 15.11 24.33 17.83
CA GLY C 712 16.30 23.77 17.24
C GLY C 712 17.34 23.27 18.21
N GLY C 713 17.23 23.62 19.49
CA GLY C 713 18.17 23.17 20.49
C GLY C 713 17.74 21.90 21.18
N LEU C 714 18.54 21.48 22.15
CA LEU C 714 18.28 20.28 22.93
C LEU C 714 18.23 20.61 24.40
N LEU C 715 17.31 19.96 25.10
CA LEU C 715 17.23 19.98 26.54
C LEU C 715 17.83 18.69 27.06
N LEU C 716 18.86 18.82 27.88
CA LEU C 716 19.60 17.71 28.44
C LEU C 716 19.36 17.63 29.93
N SER C 717 19.41 16.40 30.44
CA SER C 717 19.61 16.13 31.85
C SER C 717 20.73 15.11 31.96
N TYR C 718 21.81 15.49 32.65
CA TYR C 718 23.09 14.82 32.57
C TYR C 718 23.52 14.17 33.88
N ASP C 719 23.66 14.95 34.95
CA ASP C 719 24.13 14.46 36.24
C ASP C 719 23.29 15.07 37.33
N GLY C 720 21.96 15.04 37.13
CA GLY C 720 21.05 15.87 37.86
C GLY C 720 20.78 17.20 37.19
N SER C 721 21.83 17.96 36.92
CA SER C 721 21.68 19.27 36.29
C SER C 721 21.10 19.14 34.91
N SER C 722 20.23 20.08 34.56
CA SER C 722 19.71 20.21 33.22
C SER C 722 20.43 21.31 32.47
N TYR C 723 20.44 21.20 31.15
CA TYR C 723 21.13 22.15 30.29
C TYR C 723 20.35 22.36 29.02
N THR C 724 20.40 23.59 28.51
CA THR C 724 19.86 23.93 27.20
C THR C 724 21.04 24.20 26.28
N THR C 725 21.09 23.49 25.16
CA THR C 725 22.26 23.51 24.30
C THR C 725 21.87 23.72 22.85
N TYR C 726 22.80 24.33 22.11
CA TYR C 726 22.64 24.57 20.70
C TYR C 726 23.96 24.27 19.99
N MET C 727 23.86 23.91 18.73
CA MET C 727 25.02 23.60 17.92
C MET C 727 24.90 24.27 16.56
N LYS C 728 26.04 24.74 16.06
CA LYS C 728 26.15 25.21 14.69
C LYS C 728 27.34 24.54 14.05
N GLU C 729 27.10 23.89 12.92
CA GLU C 729 28.15 23.23 12.16
C GLU C 729 28.73 24.20 11.15
N GLU C 730 30.03 24.40 11.23
CA GLU C 730 30.79 25.22 10.30
C GLU C 730 31.57 24.31 9.37
N VAL C 731 32.43 24.92 8.56
CA VAL C 731 33.20 24.17 7.57
C VAL C 731 34.13 23.18 8.24
N ASP C 732 34.83 23.62 9.29
CA ASP C 732 35.82 22.80 9.96
C ASP C 732 35.70 22.86 11.47
N ARG C 733 34.59 23.37 11.99
CA ARG C 733 34.41 23.54 13.42
C ARG C 733 32.97 23.25 13.79
N TYR C 734 32.79 22.92 15.06
CA TYR C 734 31.48 22.81 15.68
C TYR C 734 31.43 23.82 16.81
N ARG C 735 30.43 24.69 16.77
CA ARG C 735 30.23 25.68 17.80
C ARG C 735 29.11 25.18 18.70
N ILE C 736 29.45 24.89 19.95
CA ILE C 736 28.52 24.33 20.92
C ILE C 736 28.26 25.39 21.96
N THR C 737 26.99 25.73 22.14
CA THR C 737 26.56 26.65 23.16
C THR C 737 25.90 25.84 24.25
N ILE C 738 26.37 26.01 25.48
CA ILE C 738 25.81 25.37 26.66
C ILE C 738 25.38 26.49 27.58
N GLY C 739 24.08 26.68 27.71
CA GLY C 739 23.58 27.76 28.53
C GLY C 739 23.94 29.07 27.90
N ASN C 740 24.84 29.80 28.57
CA ASN C 740 25.35 31.08 28.11
C ASN C 740 26.85 31.05 27.87
N LYS C 741 27.44 29.86 27.81
CA LYS C 741 28.86 29.69 27.58
C LYS C 741 29.07 28.94 26.28
N THR C 742 30.17 29.24 25.61
CA THR C 742 30.47 28.71 24.30
C THR C 742 31.73 27.87 24.35
N CYS C 743 31.71 26.76 23.64
CA CYS C 743 32.84 25.87 23.48
C CYS C 743 32.93 25.48 22.02
N VAL C 744 34.14 25.52 21.48
CA VAL C 744 34.38 25.31 20.06
C VAL C 744 35.24 24.08 19.90
N PHE C 745 34.77 23.13 19.09
CA PHE C 745 35.48 21.90 18.80
C PHE C 745 35.95 21.92 17.36
N GLU C 746 37.17 21.43 17.13
CA GLU C 746 37.73 21.37 15.79
C GLU C 746 37.36 20.06 15.12
N LYS C 747 36.96 20.15 13.85
CA LYS C 747 36.69 19.00 13.03
C LYS C 747 37.97 18.63 12.29
N GLU C 748 38.48 17.43 12.54
CA GLU C 748 39.77 17.02 12.02
C GLU C 748 39.74 16.97 10.49
N ASN C 749 40.61 17.77 9.86
CA ASN C 749 40.90 17.65 8.44
C ASN C 749 42.40 17.82 8.17
N ASP C 750 43.21 17.70 9.21
CA ASP C 750 44.62 18.07 9.22
C ASP C 750 45.62 17.08 8.60
N PRO C 751 45.43 15.75 8.71
CA PRO C 751 46.51 14.84 8.27
C PRO C 751 46.92 14.95 6.81
N SER C 752 46.19 15.69 5.97
CA SER C 752 46.54 15.90 4.58
C SER C 752 46.64 14.58 3.83
N VAL C 753 45.65 13.72 4.05
CA VAL C 753 45.54 12.43 3.38
C VAL C 753 44.44 12.56 2.33
N MET C 754 44.76 12.22 1.09
CA MET C 754 43.75 12.28 0.04
C MET C 754 42.84 11.07 0.18
N ARG C 755 41.54 11.32 0.10
CA ARG C 755 40.54 10.31 0.35
C ARG C 755 39.50 10.31 -0.76
N SER C 756 38.96 9.15 -1.02
CA SER C 756 37.93 9.04 -2.03
C SER C 756 36.64 9.65 -1.48
N PRO C 757 35.99 10.56 -2.21
CA PRO C 757 34.74 11.13 -1.69
C PRO C 757 33.58 10.14 -1.71
N SER C 758 33.69 9.07 -2.50
CA SER C 758 32.58 8.16 -2.71
C SER C 758 33.11 6.74 -2.76
N ALA C 759 32.19 5.80 -2.91
CA ALA C 759 32.54 4.45 -3.29
C ALA C 759 32.93 4.44 -4.76
N GLY C 760 33.43 3.30 -5.22
CA GLY C 760 33.67 3.10 -6.62
C GLY C 760 34.89 2.24 -6.86
N LYS C 761 35.59 2.57 -7.94
CA LYS C 761 36.78 1.86 -8.38
C LYS C 761 37.82 2.88 -8.80
N LEU C 762 39.08 2.57 -8.51
CA LEU C 762 40.20 3.34 -9.01
C LEU C 762 40.59 2.80 -10.37
N ILE C 763 40.72 3.68 -11.37
CA ILE C 763 41.18 3.27 -12.68
C ILE C 763 42.68 3.47 -12.82
N GLN C 764 43.15 4.68 -12.52
CA GLN C 764 44.55 5.00 -12.71
C GLN C 764 44.86 6.26 -11.91
N TYR C 765 46.14 6.55 -11.81
CA TYR C 765 46.64 7.80 -11.28
C TYR C 765 47.18 8.66 -12.41
N ILE C 766 47.04 9.97 -12.27
CA ILE C 766 47.39 10.88 -13.34
C ILE C 766 48.88 11.26 -13.29
N VAL C 767 49.46 11.33 -12.11
CA VAL C 767 50.83 11.82 -11.92
C VAL C 767 51.67 10.69 -11.33
N GLU C 768 52.98 10.93 -11.32
CA GLU C 768 53.91 9.91 -10.86
C GLU C 768 53.90 9.82 -9.34
N ASP C 769 54.11 8.60 -8.84
CA ASP C 769 54.28 8.40 -7.41
C ASP C 769 55.59 9.05 -6.98
N GLY C 770 55.50 10.01 -6.06
CA GLY C 770 56.63 10.81 -5.66
C GLY C 770 56.74 12.15 -6.35
N GLY C 771 55.89 12.43 -7.33
CA GLY C 771 55.90 13.72 -7.98
C GLY C 771 55.18 14.77 -7.17
N HIS C 772 55.57 16.03 -7.41
CA HIS C 772 54.92 17.15 -6.74
C HIS C 772 53.61 17.47 -7.44
N VAL C 773 52.59 17.75 -6.64
CA VAL C 773 51.28 18.14 -7.13
C VAL C 773 50.94 19.49 -6.50
N PHE C 774 50.17 20.28 -7.24
CA PHE C 774 49.71 21.58 -6.76
C PHE C 774 48.20 21.51 -6.54
N ALA C 775 47.72 22.35 -5.64
CA ALA C 775 46.30 22.37 -5.29
C ALA C 775 45.46 22.74 -6.50
N GLY C 776 44.39 22.00 -6.72
CA GLY C 776 43.55 22.16 -7.90
C GLY C 776 43.91 21.29 -9.08
N GLN C 777 45.10 20.68 -9.08
CA GLN C 777 45.51 19.76 -10.14
C GLN C 777 44.92 18.38 -9.89
N CYS C 778 44.43 17.75 -10.95
CA CYS C 778 43.93 16.40 -10.84
C CYS C 778 45.09 15.42 -10.66
N TYR C 779 44.95 14.53 -9.67
CA TYR C 779 45.96 13.53 -9.36
C TYR C 779 45.51 12.10 -9.62
N ALA C 780 44.21 11.86 -9.75
CA ALA C 780 43.72 10.49 -9.87
C ALA C 780 42.45 10.46 -10.69
N GLU C 781 42.18 9.29 -11.27
CA GLU C 781 40.96 9.03 -12.03
C GLU C 781 40.26 7.81 -11.44
N ILE C 782 39.03 8.01 -11.01
CA ILE C 782 38.21 6.95 -10.45
C ILE C 782 36.90 6.93 -11.21
N GLU C 783 36.23 5.80 -11.12
CA GLU C 783 34.92 5.63 -11.72
C GLU C 783 34.00 5.01 -10.68
N VAL C 784 32.90 5.70 -10.44
CA VAL C 784 31.73 5.15 -9.79
C VAL C 784 30.59 5.40 -10.77
N MET C 785 29.49 4.67 -10.60
CA MET C 785 28.27 4.90 -11.38
C MET C 785 28.42 4.58 -12.85
N LYS C 786 29.50 3.89 -13.24
CA LYS C 786 29.91 3.77 -14.65
C LYS C 786 30.17 5.15 -15.27
N MET C 787 30.46 6.15 -14.45
CA MET C 787 30.67 7.51 -14.90
C MET C 787 31.93 8.06 -14.23
N VAL C 788 32.86 8.50 -15.04
CA VAL C 788 34.20 8.78 -14.56
C VAL C 788 34.24 10.16 -13.91
N MET C 789 34.94 10.22 -12.79
CA MET C 789 35.11 11.44 -12.01
C MET C 789 36.57 11.52 -11.59
N THR C 790 37.19 12.66 -11.87
CA THR C 790 38.59 12.88 -11.53
C THR C 790 38.69 13.24 -10.05
N LEU C 791 39.89 13.61 -9.60
CA LEU C 791 40.12 13.98 -8.21
C LEU C 791 41.20 15.05 -8.15
N THR C 792 40.82 16.24 -7.66
CA THR C 792 41.74 17.35 -7.53
C THR C 792 42.42 17.33 -6.18
N ALA C 793 43.69 17.73 -6.15
CA ALA C 793 44.41 17.83 -4.89
C ALA C 793 43.97 19.07 -4.14
N VAL C 794 43.98 18.97 -2.81
CA VAL C 794 43.61 20.09 -1.95
C VAL C 794 44.81 20.97 -1.67
N GLU C 795 45.95 20.35 -1.38
CA GLU C 795 47.15 21.04 -0.96
C GLU C 795 48.27 20.73 -1.95
N SER C 796 49.28 21.60 -1.95
CA SER C 796 50.44 21.43 -2.82
C SER C 796 51.53 20.69 -2.05
N GLY C 797 52.00 19.58 -2.61
CA GLY C 797 52.99 18.79 -1.94
C GLY C 797 53.36 17.57 -2.77
N CYS C 798 54.14 16.69 -2.15
CA CYS C 798 54.65 15.51 -2.82
C CYS C 798 53.76 14.32 -2.49
N ILE C 799 53.16 13.73 -3.52
CA ILE C 799 52.13 12.71 -3.35
C ILE C 799 52.77 11.33 -3.44
N HIS C 800 52.40 10.45 -2.51
CA HIS C 800 52.71 9.03 -2.57
C HIS C 800 51.41 8.26 -2.45
N TYR C 801 51.22 7.29 -3.32
CA TYR C 801 49.97 6.55 -3.42
C TYR C 801 49.97 5.31 -2.55
N VAL C 802 48.84 5.05 -1.92
CA VAL C 802 48.62 3.89 -1.08
C VAL C 802 48.06 2.73 -1.87
N LYS C 803 46.95 2.96 -2.58
CA LYS C 803 46.31 1.92 -3.36
C LYS C 803 46.95 1.81 -4.72
N ARG C 804 47.07 0.58 -5.21
CA ARG C 804 47.64 0.38 -6.53
C ARG C 804 46.56 0.58 -7.59
N PRO C 805 46.92 0.96 -8.82
CA PRO C 805 45.90 1.18 -9.85
C PRO C 805 45.03 -0.05 -10.10
N GLY C 806 43.73 0.13 -9.92
CA GLY C 806 42.78 -0.94 -9.95
C GLY C 806 42.54 -1.37 -8.52
N ALA C 807 41.46 -0.88 -7.94
CA ALA C 807 41.20 -1.12 -6.53
C ALA C 807 39.81 -0.66 -6.19
N ALA C 808 39.25 -1.27 -5.16
CA ALA C 808 37.92 -0.91 -4.70
C ALA C 808 38.04 0.28 -3.77
N LEU C 809 37.15 1.26 -3.97
CA LEU C 809 37.15 2.48 -3.19
C LEU C 809 35.90 2.54 -2.34
N ASP C 810 36.10 2.91 -1.09
CA ASP C 810 35.06 3.19 -0.15
C ASP C 810 35.07 4.68 0.19
N PRO C 811 33.93 5.28 0.52
CA PRO C 811 33.94 6.70 0.87
C PRO C 811 34.76 6.94 2.13
N GLY C 812 35.59 7.98 2.06
CA GLY C 812 36.48 8.30 3.16
C GLY C 812 37.67 7.39 3.31
N CYS C 813 37.94 6.53 2.34
CA CYS C 813 39.07 5.62 2.44
C CYS C 813 40.37 6.39 2.18
N VAL C 814 41.49 5.70 2.42
CA VAL C 814 42.82 6.26 2.25
C VAL C 814 43.30 5.90 0.86
N LEU C 815 43.52 6.90 0.01
CA LEU C 815 43.99 6.71 -1.34
C LEU C 815 45.45 7.09 -1.51
N ALA C 816 45.83 8.27 -1.02
CA ALA C 816 47.17 8.79 -1.27
C ALA C 816 47.50 9.82 -0.21
N LYS C 817 48.70 9.70 0.35
CA LYS C 817 49.19 10.69 1.30
C LYS C 817 50.02 11.72 0.55
N MET C 818 50.08 12.92 1.09
CA MET C 818 50.89 14.00 0.55
C MET C 818 51.74 14.60 1.65
N GLN C 819 53.02 14.77 1.33
CA GLN C 819 53.95 15.45 2.21
C GLN C 819 53.86 16.94 1.92
N LEU C 820 53.63 17.71 2.99
CA LEU C 820 53.60 19.16 2.98
C LEU C 820 54.72 19.70 3.86
N ASP C 821 54.77 21.02 4.01
CA ASP C 821 55.74 21.67 4.87
C ASP C 821 55.28 21.78 6.32
N ASN C 822 54.14 21.19 6.67
CA ASN C 822 53.62 21.17 8.04
C ASN C 822 53.61 22.56 8.68
N PRO C 823 52.80 23.49 8.18
CA PRO C 823 52.73 24.81 8.81
C PRO C 823 52.34 24.76 10.28
N SER C 824 51.42 23.87 10.64
CA SER C 824 50.92 23.76 12.01
C SER C 824 50.10 22.49 12.09
N LYS C 825 49.39 22.32 13.21
CA LYS C 825 48.48 21.19 13.41
C LYS C 825 49.26 19.88 13.36
N VAL C 826 50.41 19.86 14.02
CA VAL C 826 51.26 18.67 14.10
C VAL C 826 50.89 17.89 15.36
N GLN C 827 50.55 16.62 15.18
CA GLN C 827 50.31 15.69 16.29
C GLN C 827 49.20 16.19 17.21
N GLN C 828 48.08 16.57 16.59
CA GLN C 828 46.92 17.06 17.35
C GLN C 828 46.02 15.87 17.72
N ALA C 829 46.63 14.84 18.32
CA ALA C 829 45.87 13.65 18.69
C ALA C 829 45.82 13.37 20.19
N GLU C 830 46.94 12.91 20.75
CA GLU C 830 47.07 12.48 22.15
C GLU C 830 45.77 11.89 22.68
N LEU C 831 45.29 10.85 22.00
CA LEU C 831 43.95 10.30 22.16
C LEU C 831 43.60 10.08 23.63
N HIS C 832 42.52 10.73 24.06
CA HIS C 832 42.10 10.62 25.45
C HIS C 832 41.72 9.18 25.75
N THR C 833 42.27 8.65 26.84
CA THR C 833 42.02 7.30 27.30
C THR C 833 41.75 7.39 28.79
N GLY C 834 40.48 7.59 29.12
CA GLY C 834 40.07 7.68 30.51
C GLY C 834 38.67 7.19 30.68
N SER C 835 37.88 7.95 31.42
CA SER C 835 36.51 7.58 31.67
C SER C 835 35.70 8.85 31.91
N LEU C 836 34.44 8.87 31.45
CA LEU C 836 33.62 10.07 31.64
C LEU C 836 32.94 10.04 33.00
N PRO C 837 32.52 11.21 33.48
CA PRO C 837 31.86 11.31 34.79
C PRO C 837 30.91 10.14 35.04
N ARG C 838 30.37 10.06 36.25
CA ARG C 838 29.44 8.99 36.60
C ARG C 838 29.21 8.94 38.11
N ILE C 839 27.95 9.15 38.51
CA ILE C 839 27.59 9.12 39.92
C ILE C 839 26.14 8.70 40.11
N GLN C 840 25.34 8.87 39.07
CA GLN C 840 23.93 8.50 39.11
C GLN C 840 23.52 7.68 37.90
N SER C 841 22.22 7.52 37.69
CA SER C 841 21.70 6.76 36.56
C SER C 841 20.18 6.62 36.64
N THR C 842 19.59 7.23 37.66
CA THR C 842 18.15 7.17 37.85
C THR C 842 17.62 5.74 37.71
N ALA C 843 18.22 4.82 38.46
CA ALA C 843 17.82 3.42 38.42
C ALA C 843 16.66 3.15 39.37
N LEU C 844 16.33 4.14 40.20
CA LEU C 844 15.24 4.01 41.16
C LEU C 844 15.51 2.87 42.13
N ARG C 845 16.71 2.87 42.70
CA ARG C 845 17.13 1.80 43.60
C ARG C 845 16.37 1.92 44.91
N GLY C 846 15.29 1.13 45.03
CA GLY C 846 14.50 1.12 46.25
C GLY C 846 13.49 2.24 46.35
N GLU C 847 13.11 2.83 45.23
CA GLU C 847 12.18 3.97 45.22
C GLU C 847 10.78 3.49 44.86
N LYS C 848 9.98 3.22 45.90
CA LYS C 848 8.52 3.02 45.84
C LYS C 848 7.99 1.74 45.21
N LEU C 849 8.82 1.05 44.43
CA LEU C 849 8.52 -0.24 43.79
C LEU C 849 7.50 -0.25 42.66
N HIS C 850 6.61 0.75 42.58
CA HIS C 850 5.65 0.79 41.47
C HIS C 850 6.11 1.72 40.39
N ARG C 851 7.01 2.63 40.72
CA ARG C 851 7.71 3.41 39.72
C ARG C 851 8.79 2.58 39.05
N VAL C 852 9.39 1.65 39.80
CA VAL C 852 10.38 0.73 39.25
C VAL C 852 9.75 -0.14 38.19
N PHE C 853 8.50 -0.56 38.41
CA PHE C 853 7.76 -1.33 37.42
C PHE C 853 7.75 -0.61 36.08
N HIS C 854 7.30 0.65 36.09
CA HIS C 854 7.24 1.43 34.86
C HIS C 854 8.62 1.60 34.25
N TYR C 855 9.62 1.84 35.08
CA TYR C 855 10.97 2.07 34.59
C TYR C 855 11.50 0.86 33.82
N VAL C 856 11.54 -0.30 34.48
CA VAL C 856 12.10 -1.48 33.86
C VAL C 856 11.25 -1.93 32.68
N LEU C 857 9.92 -1.89 32.82
CA LEU C 857 9.07 -2.32 31.73
C LEU C 857 9.28 -1.46 30.50
N ASP C 858 9.35 -0.14 30.67
CA ASP C 858 9.53 0.72 29.52
C ASP C 858 10.88 0.48 28.87
N ASN C 859 11.91 0.23 29.67
CA ASN C 859 13.20 -0.10 29.07
C ASN C 859 13.11 -1.37 28.23
N LEU C 860 12.35 -2.36 28.71
CA LEU C 860 12.29 -3.62 27.99
C LEU C 860 11.46 -3.49 26.73
N VAL C 861 10.39 -2.70 26.81
CA VAL C 861 9.59 -2.42 25.63
C VAL C 861 10.44 -1.74 24.58
N ASN C 862 11.28 -0.79 24.99
CA ASN C 862 12.11 -0.10 24.02
C ASN C 862 13.16 -1.03 23.43
N VAL C 863 13.60 -2.01 24.21
CA VAL C 863 14.45 -3.05 23.63
C VAL C 863 13.69 -3.78 22.53
N MET C 864 12.44 -4.13 22.81
CA MET C 864 11.64 -4.84 21.81
C MET C 864 11.38 -4.00 20.57
N ASN C 865 11.45 -2.69 20.67
CA ASN C 865 11.28 -1.80 19.53
C ASN C 865 12.58 -1.45 18.83
N GLY C 866 13.69 -2.05 19.23
CA GLY C 866 14.94 -1.91 18.51
C GLY C 866 15.99 -1.04 19.16
N TYR C 867 15.71 -0.48 20.32
CA TYR C 867 16.66 0.36 21.05
C TYR C 867 17.48 -0.52 21.98
N CYS C 868 18.73 -0.74 21.62
CA CYS C 868 19.57 -1.72 22.26
C CYS C 868 20.99 -1.19 22.38
N LEU C 869 21.62 -1.48 23.50
CA LEU C 869 22.97 -1.07 23.72
C LEU C 869 23.91 -1.88 22.81
N PRO C 870 25.19 -1.52 22.77
CA PRO C 870 26.15 -2.32 22.01
C PRO C 870 26.53 -3.61 22.70
N ASP C 871 27.56 -4.27 22.16
CA ASP C 871 27.86 -5.66 22.48
C ASP C 871 28.17 -5.89 23.95
N PRO C 872 29.23 -5.29 24.52
CA PRO C 872 29.54 -5.60 25.92
C PRO C 872 28.57 -4.99 26.93
N PHE C 873 27.74 -4.05 26.51
CA PHE C 873 26.78 -3.42 27.39
C PHE C 873 25.42 -4.08 27.35
N PHE C 874 25.05 -4.65 26.21
CA PHE C 874 23.80 -5.37 26.13
C PHE C 874 23.93 -6.71 26.84
N SER C 875 22.88 -7.08 27.56
CA SER C 875 22.80 -8.24 28.45
C SER C 875 23.61 -8.04 29.72
N SER C 876 24.30 -6.92 29.89
CA SER C 876 24.86 -6.53 31.17
C SER C 876 23.87 -5.77 32.03
N LYS C 877 22.87 -5.13 31.42
CA LYS C 877 21.80 -4.43 32.12
C LYS C 877 20.43 -5.04 31.89
N VAL C 878 20.26 -5.73 30.77
CA VAL C 878 18.96 -6.28 30.43
C VAL C 878 18.57 -7.38 31.39
N LYS C 879 19.53 -8.25 31.73
CA LYS C 879 19.27 -9.29 32.71
C LYS C 879 18.77 -8.69 34.02
N ASP C 880 19.35 -7.55 34.42
CA ASP C 880 18.92 -6.91 35.64
C ASP C 880 17.52 -6.35 35.50
N TRP C 881 17.20 -5.80 34.33
CA TRP C 881 15.85 -5.31 34.09
C TRP C 881 14.84 -6.44 34.23
N VAL C 882 15.17 -7.61 33.69
CA VAL C 882 14.26 -8.75 33.79
C VAL C 882 14.10 -9.16 35.24
N GLU C 883 15.22 -9.32 35.97
CA GLU C 883 15.14 -9.76 37.34
C GLU C 883 14.34 -8.81 38.20
N ARG C 884 14.57 -7.51 38.02
CA ARG C 884 13.85 -6.53 38.80
C ARG C 884 12.37 -6.53 38.48
N LEU C 885 12.03 -6.76 37.20
CA LEU C 885 10.62 -6.83 36.85
C LEU C 885 9.96 -8.04 37.48
N MET C 886 10.65 -9.19 37.46
CA MET C 886 10.07 -10.38 38.03
C MET C 886 9.86 -10.22 39.53
N LYS C 887 10.81 -9.59 40.21
CA LYS C 887 10.63 -9.35 41.64
C LYS C 887 9.48 -8.39 41.90
N THR C 888 9.36 -7.35 41.08
CA THR C 888 8.29 -6.39 41.30
C THR C 888 6.92 -7.01 41.08
N LEU C 889 6.78 -7.84 40.05
CA LEU C 889 5.47 -8.35 39.71
C LEU C 889 4.97 -9.39 40.69
N ARG C 890 5.85 -9.98 41.48
CA ARG C 890 5.48 -10.94 42.51
C ARG C 890 5.30 -10.31 43.88
N ASP C 891 5.49 -9.00 44.00
CA ASP C 891 5.33 -8.33 45.27
C ASP C 891 3.86 -7.99 45.45
N PRO C 892 3.20 -8.43 46.53
CA PRO C 892 1.77 -8.11 46.68
C PRO C 892 1.46 -6.63 46.88
N SER C 893 2.46 -5.80 47.17
CA SER C 893 2.20 -4.41 47.47
C SER C 893 2.07 -3.53 46.23
N LEU C 894 2.32 -4.06 45.05
CA LEU C 894 2.27 -3.26 43.84
C LEU C 894 0.89 -2.66 43.55
N PRO C 895 -0.18 -3.46 43.45
CA PRO C 895 -1.45 -2.87 43.01
C PRO C 895 -2.01 -1.85 43.96
N LEU C 896 -1.78 -1.97 45.26
CA LEU C 896 -2.29 -0.95 46.17
C LEU C 896 -1.54 0.36 45.99
N LEU C 897 -0.23 0.31 45.71
CA LEU C 897 0.52 1.53 45.43
C LEU C 897 -0.04 2.24 44.20
N GLU C 898 -0.31 1.46 43.14
CA GLU C 898 -0.99 2.04 41.98
C GLU C 898 -2.31 2.67 42.38
N LEU C 899 -3.08 1.98 43.23
CA LEU C 899 -4.36 2.52 43.68
C LEU C 899 -4.17 3.83 44.42
N GLN C 900 -3.14 3.90 45.26
CA GLN C 900 -2.87 5.10 46.02
C GLN C 900 -2.69 6.29 45.09
N ASP C 901 -1.83 6.11 44.08
CA ASP C 901 -1.58 7.22 43.16
C ASP C 901 -2.85 7.62 42.43
N ILE C 902 -3.61 6.65 41.90
CA ILE C 902 -4.74 7.07 41.06
C ILE C 902 -5.88 7.62 41.90
N MET C 903 -6.01 7.19 43.15
CA MET C 903 -7.10 7.67 44.00
C MET C 903 -6.77 9.04 44.56
N THR C 904 -5.52 9.26 44.96
CA THR C 904 -5.13 10.54 45.53
C THR C 904 -5.17 11.65 44.50
N SER C 905 -4.83 11.34 43.24
CA SER C 905 -4.84 12.38 42.22
C SER C 905 -6.23 12.92 41.95
N VAL C 906 -7.27 12.21 42.35
CA VAL C 906 -8.65 12.62 42.14
C VAL C 906 -9.34 12.52 43.49
N SER C 907 -9.30 13.61 44.26
CA SER C 907 -10.02 13.71 45.52
C SER C 907 -11.42 14.25 45.29
N GLY C 908 -11.51 15.36 44.56
CA GLY C 908 -12.80 15.90 44.20
C GLY C 908 -13.43 15.14 43.06
N ARG C 909 -14.70 15.45 42.82
CA ARG C 909 -15.53 14.83 41.79
C ARG C 909 -15.79 13.35 42.05
N ILE C 910 -15.45 12.84 43.23
CA ILE C 910 -15.71 11.46 43.62
C ILE C 910 -16.75 11.50 44.74
N PRO C 911 -17.86 10.77 44.64
CA PRO C 911 -18.84 10.76 45.73
C PRO C 911 -18.20 10.31 47.03
N PRO C 912 -18.53 10.93 48.16
CA PRO C 912 -17.88 10.51 49.42
C PRO C 912 -18.13 9.06 49.79
N ASN C 913 -19.29 8.51 49.44
CA ASN C 913 -19.60 7.13 49.77
C ASN C 913 -18.56 6.17 49.20
N VAL C 914 -18.35 6.25 47.88
CA VAL C 914 -17.41 5.35 47.22
C VAL C 914 -15.99 5.61 47.68
N GLU C 915 -15.66 6.87 47.94
CA GLU C 915 -14.33 7.23 48.42
C GLU C 915 -14.01 6.53 49.73
N LYS C 916 -14.93 6.65 50.69
CA LYS C 916 -14.73 6.02 51.99
C LYS C 916 -14.63 4.52 51.86
N SER C 917 -15.51 3.91 51.04
CA SER C 917 -15.48 2.46 50.90
C SER C 917 -14.15 1.99 50.33
N ILE C 918 -13.66 2.67 49.29
CA ILE C 918 -12.41 2.28 48.65
C ILE C 918 -11.26 2.38 49.63
N LYS C 919 -11.19 3.49 50.38
CA LYS C 919 -10.13 3.63 51.36
C LYS C 919 -10.16 2.50 52.37
N LYS C 920 -11.36 2.12 52.80
CA LYS C 920 -11.48 1.03 53.78
C LYS C 920 -10.99 -0.29 53.19
N GLU C 921 -11.41 -0.59 51.96
CA GLU C 921 -11.05 -1.87 51.36
C GLU C 921 -9.55 -1.99 51.15
N MET C 922 -8.92 -0.92 50.64
CA MET C 922 -7.48 -1.00 50.43
C MET C 922 -6.74 -1.09 51.76
N ALA C 923 -7.29 -0.49 52.81
CA ALA C 923 -6.65 -0.63 54.12
C ALA C 923 -6.71 -2.08 54.59
N GLN C 924 -7.84 -2.74 54.38
CA GLN C 924 -7.95 -4.16 54.73
C GLN C 924 -6.91 -4.98 53.97
N TYR C 925 -6.81 -4.75 52.66
CA TYR C 925 -5.82 -5.45 51.85
C TYR C 925 -4.41 -5.25 52.41
N ALA C 926 -4.11 -4.03 52.85
CA ALA C 926 -2.79 -3.77 53.41
C ALA C 926 -2.59 -4.55 54.69
N SER C 927 -3.65 -4.66 55.50
CA SER C 927 -3.53 -5.39 56.75
C SER C 927 -3.25 -6.86 56.52
N ASN C 928 -3.68 -7.43 55.39
CA ASN C 928 -3.48 -8.86 55.15
C ASN C 928 -2.23 -9.21 54.34
N ILE C 929 -1.31 -8.27 54.15
CA ILE C 929 -0.09 -8.59 53.40
C ILE C 929 0.70 -9.64 54.15
N THR C 930 1.41 -10.47 53.39
CA THR C 930 2.10 -11.65 53.93
C THR C 930 1.08 -12.60 54.53
N SER C 931 0.17 -13.08 53.69
CA SER C 931 -0.75 -14.13 54.06
C SER C 931 -1.16 -14.86 52.80
N VAL C 932 -1.20 -16.19 52.88
CA VAL C 932 -1.52 -17.02 51.72
C VAL C 932 -2.91 -16.76 51.18
N LEU C 933 -3.81 -16.24 52.00
CA LEU C 933 -5.16 -15.88 51.58
C LEU C 933 -5.26 -14.42 51.18
N CYS C 934 -4.14 -13.73 50.99
CA CYS C 934 -4.14 -12.33 50.65
C CYS C 934 -4.41 -12.17 49.16
N GLN C 935 -5.49 -11.46 48.84
CA GLN C 935 -5.89 -11.20 47.47
C GLN C 935 -6.32 -9.75 47.34
N PHE C 936 -5.97 -9.15 46.20
CA PHE C 936 -6.27 -7.76 45.98
C PHE C 936 -7.77 -7.57 45.77
N PRO C 937 -8.44 -6.68 46.52
CA PRO C 937 -9.91 -6.60 46.41
C PRO C 937 -10.37 -5.80 45.19
N SER C 938 -10.03 -6.30 44.00
CA SER C 938 -10.47 -5.61 42.79
C SER C 938 -11.98 -5.68 42.64
N GLN C 939 -12.56 -6.84 42.93
CA GLN C 939 -14.00 -7.02 42.75
C GLN C 939 -14.78 -6.14 43.71
N GLN C 940 -14.26 -5.90 44.90
CA GLN C 940 -15.02 -5.14 45.89
C GLN C 940 -15.05 -3.67 45.55
N ILE C 941 -13.91 -3.14 45.08
CA ILE C 941 -13.87 -1.79 44.57
C ILE C 941 -14.84 -1.64 43.40
N ALA C 942 -14.80 -2.60 42.49
CA ALA C 942 -15.73 -2.57 41.36
C ALA C 942 -17.17 -2.64 41.83
N ASN C 943 -17.42 -3.39 42.90
CA ASN C 943 -18.78 -3.55 43.42
C ASN C 943 -19.32 -2.22 43.92
N ILE C 944 -18.53 -1.50 44.71
CA ILE C 944 -19.08 -0.26 45.26
C ILE C 944 -19.25 0.78 44.16
N LEU C 945 -18.32 0.83 43.21
CA LEU C 945 -18.50 1.79 42.11
C LEU C 945 -19.71 1.45 41.27
N ASP C 946 -19.95 0.15 41.05
CA ASP C 946 -21.12 -0.24 40.27
C ASP C 946 -22.39 -0.08 41.08
N SER C 947 -22.31 -0.11 42.40
CA SER C 947 -23.47 0.20 43.23
C SER C 947 -23.89 1.65 43.03
N HIS C 948 -22.92 2.57 43.14
CA HIS C 948 -23.23 3.97 42.89
C HIS C 948 -23.74 4.18 41.46
N ALA C 949 -23.17 3.46 40.49
CA ALA C 949 -23.68 3.57 39.13
C ALA C 949 -25.04 2.91 38.97
N ALA C 950 -25.41 1.99 39.87
CA ALA C 950 -26.73 1.40 39.84
C ALA C 950 -27.77 2.37 40.36
N THR C 951 -27.38 3.20 41.33
CA THR C 951 -28.18 4.37 41.65
C THR C 951 -28.34 5.27 40.42
N LEU C 952 -27.26 5.47 39.68
CA LEU C 952 -27.28 6.17 38.40
C LEU C 952 -27.86 7.57 38.51
N ASN C 953 -27.14 8.50 39.14
CA ASN C 953 -27.50 9.90 39.03
C ASN C 953 -27.52 10.32 37.57
N ARG C 954 -28.50 11.13 37.21
CA ARG C 954 -28.68 11.61 35.84
C ARG C 954 -28.03 13.00 35.65
N LYS C 955 -27.84 13.36 34.38
CA LYS C 955 -27.63 14.75 33.97
C LYS C 955 -26.41 15.45 34.57
N SER C 956 -25.22 15.08 34.08
CA SER C 956 -23.91 15.63 34.46
C SER C 956 -23.40 15.09 35.78
N GLU C 957 -24.27 14.45 36.55
CA GLU C 957 -23.88 13.61 37.66
C GLU C 957 -23.77 12.16 37.24
N ARG C 958 -24.17 11.84 36.01
CA ARG C 958 -23.86 10.55 35.41
C ARG C 958 -22.43 10.51 34.89
N GLU C 959 -22.12 11.40 33.94
CA GLU C 959 -20.88 11.27 33.18
C GLU C 959 -19.66 11.56 34.05
N VAL C 960 -19.79 12.50 34.98
CA VAL C 960 -18.69 12.85 35.87
C VAL C 960 -18.21 11.62 36.63
N PHE C 961 -19.15 10.77 37.09
CA PHE C 961 -18.80 9.59 37.85
C PHE C 961 -18.12 8.56 36.97
N PHE C 962 -18.68 8.31 35.78
CA PHE C 962 -18.08 7.31 34.90
C PHE C 962 -16.72 7.72 34.41
N MET C 963 -16.45 9.02 34.30
CA MET C 963 -15.19 9.49 33.76
C MET C 963 -14.11 9.62 34.82
N ASN C 964 -14.44 10.18 35.99
CA ASN C 964 -13.43 10.38 37.01
C ASN C 964 -13.07 9.10 37.75
N THR C 965 -13.67 7.96 37.38
CA THR C 965 -13.37 6.68 37.98
C THR C 965 -12.66 5.75 37.01
N GLN C 966 -12.25 6.24 35.84
CA GLN C 966 -11.72 5.37 34.80
C GLN C 966 -10.39 4.75 35.19
N SER C 967 -9.55 5.53 35.88
CA SER C 967 -8.28 4.99 36.34
C SER C 967 -8.50 3.79 37.25
N ILE C 968 -9.46 3.89 38.16
CA ILE C 968 -9.74 2.80 39.08
C ILE C 968 -10.21 1.58 38.31
N VAL C 969 -11.06 1.80 37.31
CA VAL C 969 -11.55 0.71 36.48
C VAL C 969 -10.40 0.00 35.80
N GLN C 970 -9.48 0.76 35.23
CA GLN C 970 -8.31 0.16 34.59
C GLN C 970 -7.51 -0.67 35.58
N LEU C 971 -7.27 -0.12 36.77
CA LEU C 971 -6.49 -0.83 37.75
C LEU C 971 -7.15 -2.14 38.14
N VAL C 972 -8.44 -2.13 38.43
CA VAL C 972 -9.10 -3.34 38.86
C VAL C 972 -9.18 -4.34 37.71
N GLN C 973 -9.29 -3.85 36.48
CA GLN C 973 -9.34 -4.76 35.36
C GLN C 973 -8.00 -5.46 35.18
N ARG C 974 -6.91 -4.77 35.46
CA ARG C 974 -5.61 -5.40 35.33
C ARG C 974 -5.43 -6.52 36.36
N TYR C 975 -6.00 -6.36 37.54
CA TYR C 975 -5.80 -7.29 38.65
C TYR C 975 -7.06 -8.07 38.99
N ARG C 976 -7.77 -8.53 37.96
CA ARG C 976 -8.92 -9.39 38.20
C ARG C 976 -8.52 -10.75 38.74
N SER C 977 -7.41 -11.29 38.27
CA SER C 977 -6.91 -12.58 38.72
C SER C 977 -5.75 -12.45 39.69
N GLY C 978 -5.46 -11.26 40.17
CA GLY C 978 -4.38 -11.08 41.10
C GLY C 978 -3.06 -10.82 40.43
N ILE C 979 -2.05 -10.70 41.29
CA ILE C 979 -0.71 -10.37 40.84
C ILE C 979 -0.17 -11.46 39.93
N ARG C 980 -0.63 -12.69 40.14
CA ARG C 980 -0.20 -13.81 39.31
C ARG C 980 -0.61 -13.57 37.86
N GLY C 981 -1.91 -13.42 37.64
CA GLY C 981 -2.42 -13.16 36.31
C GLY C 981 -1.83 -11.92 35.68
N HIS C 982 -1.67 -10.87 36.47
CA HIS C 982 -1.06 -9.65 35.94
C HIS C 982 0.37 -9.89 35.46
N MET C 983 1.18 -10.59 36.27
CA MET C 983 2.55 -10.93 35.89
C MET C 983 2.58 -11.65 34.56
N LYS C 984 1.77 -12.70 34.44
CA LYS C 984 1.74 -13.47 33.21
C LYS C 984 1.31 -12.60 32.04
N ALA C 985 0.38 -11.68 32.29
CA ALA C 985 -0.13 -10.82 31.24
C ALA C 985 0.97 -9.93 30.68
N VAL C 986 1.78 -9.37 31.58
CA VAL C 986 2.85 -8.47 31.16
C VAL C 986 3.84 -9.22 30.28
N VAL C 987 4.31 -10.37 30.75
CA VAL C 987 5.34 -11.07 30.00
C VAL C 987 4.80 -11.54 28.66
N MET C 988 3.57 -12.05 28.65
CA MET C 988 2.92 -12.41 27.40
C MET C 988 2.87 -11.24 26.43
N ASP C 989 2.56 -10.05 26.93
CA ASP C 989 2.41 -8.92 26.03
C ASP C 989 3.74 -8.59 25.36
N LEU C 990 4.84 -8.75 26.08
CA LEU C 990 6.14 -8.57 25.45
C LEU C 990 6.38 -9.60 24.36
N LEU C 991 6.05 -10.85 24.64
CA LEU C 991 6.22 -11.88 23.62
C LEU C 991 5.38 -11.59 22.38
N ARG C 992 4.21 -11.00 22.59
CA ARG C 992 3.36 -10.64 21.47
C ARG C 992 3.98 -9.54 20.64
N GLN C 993 4.67 -8.60 21.29
CA GLN C 993 5.41 -7.59 20.55
C GLN C 993 6.40 -8.23 19.58
N TYR C 994 7.18 -9.17 20.11
CA TYR C 994 8.11 -9.93 19.27
C TYR C 994 7.42 -10.49 18.05
N LEU C 995 6.33 -11.23 18.27
CA LEU C 995 5.65 -11.87 17.15
C LEU C 995 5.03 -10.84 16.21
N ARG C 996 4.62 -9.70 16.74
CA ARG C 996 3.99 -8.70 15.91
C ARG C 996 4.95 -8.22 14.85
N VAL C 997 6.23 -8.15 15.18
CA VAL C 997 7.22 -7.77 14.19
C VAL C 997 7.71 -8.97 13.38
N GLU C 998 8.15 -10.04 14.03
CA GLU C 998 8.93 -11.05 13.32
C GLU C 998 8.10 -11.99 12.46
N THR C 999 6.78 -12.01 12.60
CA THR C 999 5.97 -12.81 11.67
C THR C 999 5.80 -12.12 10.33
N GLN C 1000 6.15 -10.84 10.23
CA GLN C 1000 6.03 -10.10 8.99
C GLN C 1000 7.24 -10.24 8.08
N PHE C 1001 8.39 -10.61 8.64
CA PHE C 1001 9.61 -10.75 7.87
C PHE C 1001 9.98 -12.21 7.62
N GLN C 1002 9.04 -13.12 7.78
CA GLN C 1002 9.20 -14.47 7.27
C GLN C 1002 8.76 -14.45 5.83
N ASN C 1003 8.84 -15.60 5.17
CA ASN C 1003 8.32 -15.76 3.82
C ASN C 1003 9.05 -14.83 2.84
N GLY C 1004 10.35 -15.07 2.73
CA GLY C 1004 11.12 -14.53 1.62
C GLY C 1004 12.15 -13.52 2.07
N HIS C 1005 12.53 -12.69 1.11
CA HIS C 1005 13.64 -11.77 1.27
C HIS C 1005 13.19 -10.47 1.90
N TYR C 1006 14.18 -9.68 2.29
CA TYR C 1006 13.94 -8.44 3.00
C TYR C 1006 13.03 -7.51 2.20
N ASP C 1007 13.41 -7.24 0.96
CA ASP C 1007 12.69 -6.24 0.18
C ASP C 1007 11.26 -6.66 -0.09
N LYS C 1008 11.03 -7.95 -0.33
CA LYS C 1008 9.68 -8.42 -0.58
C LYS C 1008 8.79 -8.20 0.63
N CYS C 1009 9.31 -8.52 1.82
CA CYS C 1009 8.57 -8.31 3.05
C CYS C 1009 8.29 -6.82 3.26
N VAL C 1010 9.27 -5.97 2.97
CA VAL C 1010 9.08 -4.54 3.12
C VAL C 1010 8.00 -4.04 2.16
N PHE C 1011 7.96 -4.60 0.95
CA PHE C 1011 6.96 -4.15 0.01
C PHE C 1011 5.58 -4.59 0.43
N ALA C 1012 5.49 -5.77 1.04
CA ALA C 1012 4.23 -6.20 1.61
C ALA C 1012 3.77 -5.21 2.67
N LEU C 1013 4.67 -4.81 3.56
CA LEU C 1013 4.30 -3.85 4.60
C LEU C 1013 3.92 -2.50 4.00
N ARG C 1014 4.64 -2.07 2.97
CA ARG C 1014 4.33 -0.80 2.33
C ARG C 1014 2.95 -0.83 1.72
N GLU C 1015 2.58 -1.96 1.12
CA GLU C 1015 1.29 -2.05 0.45
C GLU C 1015 0.15 -2.28 1.42
N GLU C 1016 0.43 -2.77 2.62
CA GLU C 1016 -0.60 -2.80 3.64
C GLU C 1016 -0.78 -1.43 4.27
N ASN C 1017 0.29 -0.84 4.79
CA ASN C 1017 0.24 0.47 5.43
C ASN C 1017 0.46 1.56 4.39
N LYS C 1018 -0.58 1.78 3.59
CA LYS C 1018 -0.50 2.74 2.50
C LYS C 1018 -0.40 4.16 3.00
N SER C 1019 -1.13 4.48 4.06
CA SER C 1019 -1.31 5.86 4.50
C SER C 1019 -0.31 6.30 5.56
N ASP C 1020 0.67 5.46 5.91
CA ASP C 1020 1.65 5.83 6.92
C ASP C 1020 2.91 5.01 6.71
N MET C 1021 4.02 5.70 6.48
CA MET C 1021 5.31 5.06 6.29
C MET C 1021 6.15 4.98 7.56
N ASN C 1022 5.74 5.65 8.63
CA ASN C 1022 6.47 5.53 9.88
C ASN C 1022 6.28 4.16 10.50
N THR C 1023 5.11 3.57 10.31
CA THR C 1023 4.85 2.21 10.75
C THR C 1023 5.82 1.23 10.11
N VAL C 1024 5.97 1.34 8.79
CA VAL C 1024 6.90 0.49 8.04
C VAL C 1024 8.31 0.66 8.56
N LEU C 1025 8.71 1.90 8.80
CA LEU C 1025 10.03 2.17 9.31
C LEU C 1025 10.22 1.54 10.67
N ASN C 1026 9.20 1.59 11.51
CA ASN C 1026 9.31 1.01 12.84
C ASN C 1026 9.52 -0.48 12.77
N TYR C 1027 8.77 -1.15 11.89
CA TYR C 1027 8.98 -2.58 11.68
C TYR C 1027 10.41 -2.86 11.27
N ILE C 1028 10.94 -2.10 10.30
CA ILE C 1028 12.29 -2.35 9.82
C ILE C 1028 13.30 -2.11 10.92
N PHE C 1029 13.17 -0.99 11.62
CA PHE C 1029 14.12 -0.60 12.65
C PHE C 1029 14.20 -1.65 13.72
N SER C 1030 13.05 -2.12 14.21
CA SER C 1030 13.07 -3.13 15.25
C SER C 1030 13.56 -4.47 14.72
N HIS C 1031 13.27 -4.79 13.46
CA HIS C 1031 13.75 -6.03 12.89
C HIS C 1031 15.27 -6.06 12.77
N ALA C 1032 15.88 -4.89 12.63
CA ALA C 1032 17.32 -4.85 12.44
C ALA C 1032 18.09 -5.46 13.60
N GLN C 1033 17.59 -5.28 14.81
CA GLN C 1033 18.18 -5.81 16.02
C GLN C 1033 17.49 -7.09 16.45
N VAL C 1034 17.49 -8.11 15.60
CA VAL C 1034 16.69 -9.30 15.88
C VAL C 1034 17.41 -10.21 16.87
N THR C 1035 18.72 -10.26 16.82
CA THR C 1035 19.48 -11.19 17.64
C THR C 1035 19.41 -10.81 19.12
N LYS C 1036 19.62 -9.53 19.40
CA LYS C 1036 19.54 -9.02 20.76
C LYS C 1036 18.14 -9.22 21.32
N LYS C 1037 17.14 -8.99 20.48
CA LYS C 1037 15.76 -9.25 20.86
C LYS C 1037 15.56 -10.71 21.24
N ASN C 1038 16.17 -11.62 20.49
CA ASN C 1038 15.99 -13.04 20.77
C ASN C 1038 16.59 -13.42 22.11
N LEU C 1039 17.73 -12.82 22.45
CA LEU C 1039 18.28 -13.02 23.79
C LEU C 1039 17.26 -12.65 24.86
N LEU C 1040 16.64 -11.48 24.69
CA LEU C 1040 15.62 -11.09 25.67
C LEU C 1040 14.46 -12.07 25.69
N VAL C 1041 14.05 -12.57 24.52
CA VAL C 1041 12.92 -13.48 24.46
C VAL C 1041 13.19 -14.72 25.28
N THR C 1042 14.38 -15.28 25.12
CA THR C 1042 14.70 -16.50 25.86
C THR C 1042 14.73 -16.24 27.34
N MET C 1043 15.27 -15.09 27.75
CA MET C 1043 15.29 -14.78 29.17
C MET C 1043 13.88 -14.65 29.73
N LEU C 1044 12.95 -14.15 28.92
CA LEU C 1044 11.58 -14.01 29.39
C LEU C 1044 10.79 -15.30 29.33
N ILE C 1045 11.22 -16.25 28.51
CA ILE C 1045 10.58 -17.57 28.57
C ILE C 1045 11.03 -18.29 29.82
N ASP C 1046 12.33 -18.24 30.10
CA ASP C 1046 12.86 -19.01 31.22
C ASP C 1046 12.32 -18.54 32.56
N GLN C 1047 11.98 -17.26 32.67
CA GLN C 1047 11.45 -16.73 33.93
C GLN C 1047 9.95 -16.91 34.06
N LEU C 1048 9.29 -17.41 33.02
CA LEU C 1048 7.85 -17.60 33.02
C LEU C 1048 7.45 -19.07 33.01
N CYS C 1049 8.10 -19.86 32.18
CA CYS C 1049 7.80 -21.28 32.03
C CYS C 1049 9.02 -22.12 32.39
N GLY C 1050 9.67 -21.76 33.48
CA GLY C 1050 10.84 -22.47 33.92
C GLY C 1050 10.43 -23.58 34.86
N ARG C 1051 10.70 -23.42 36.16
CA ARG C 1051 10.35 -24.43 37.14
C ARG C 1051 8.85 -24.37 37.48
N ASP C 1052 8.03 -24.58 36.45
CA ASP C 1052 6.58 -24.62 36.59
C ASP C 1052 6.02 -25.24 35.31
N PRO C 1053 6.17 -26.55 35.11
CA PRO C 1053 5.83 -27.13 33.78
C PRO C 1053 4.34 -27.19 33.52
N THR C 1054 3.74 -26.02 33.30
CA THR C 1054 2.33 -25.93 32.97
C THR C 1054 2.14 -24.78 31.99
N LEU C 1055 1.15 -24.94 31.11
CA LEU C 1055 0.90 -23.98 30.04
C LEU C 1055 -0.60 -23.78 29.90
N THR C 1056 -1.04 -22.55 30.09
CA THR C 1056 -2.42 -22.18 29.88
C THR C 1056 -2.68 -21.96 28.39
N ASP C 1057 -3.96 -21.84 28.04
CA ASP C 1057 -4.32 -21.64 26.63
C ASP C 1057 -4.34 -20.17 26.25
N GLU C 1058 -3.33 -19.46 26.64
CA GLU C 1058 -2.90 -18.16 26.16
C GLU C 1058 -1.43 -18.16 25.84
N LEU C 1059 -0.63 -18.90 26.62
CA LEU C 1059 0.78 -19.11 26.33
C LEU C 1059 0.99 -20.16 25.27
N LEU C 1060 0.06 -21.10 25.15
CA LEU C 1060 0.19 -22.13 24.13
C LEU C 1060 0.11 -21.53 22.75
N ASN C 1061 -0.78 -20.56 22.57
CA ASN C 1061 -0.90 -19.91 21.28
C ASN C 1061 0.40 -19.20 20.92
N ILE C 1062 0.99 -18.51 21.89
CA ILE C 1062 2.24 -17.79 21.62
C ILE C 1062 3.34 -18.77 21.30
N LEU C 1063 3.45 -19.85 22.07
CA LEU C 1063 4.57 -20.76 21.88
C LEU C 1063 4.45 -21.48 20.54
N THR C 1064 3.24 -21.90 20.18
CA THR C 1064 3.05 -22.59 18.91
C THR C 1064 3.18 -21.65 17.73
N GLU C 1065 2.91 -20.36 17.91
CA GLU C 1065 3.18 -19.42 16.85
C GLU C 1065 4.67 -19.14 16.75
N LEU C 1066 5.35 -19.15 17.88
CA LEU C 1066 6.76 -18.80 17.91
C LEU C 1066 7.61 -19.88 17.32
N THR C 1067 7.21 -21.14 17.49
CA THR C 1067 7.96 -22.24 16.90
C THR C 1067 7.83 -22.30 15.39
N GLN C 1068 6.95 -21.51 14.79
CA GLN C 1068 6.75 -21.50 13.35
C GLN C 1068 7.64 -20.49 12.63
N LEU C 1069 8.51 -19.79 13.34
CA LEU C 1069 9.43 -18.87 12.70
C LEU C 1069 10.57 -19.69 12.12
N SER C 1070 10.47 -19.94 10.82
CA SER C 1070 11.36 -20.88 10.16
C SER C 1070 12.70 -20.28 9.77
N LYS C 1071 12.80 -18.95 9.71
CA LYS C 1071 14.05 -18.33 9.32
C LYS C 1071 15.11 -18.61 10.37
N THR C 1072 16.35 -18.78 9.92
CA THR C 1072 17.41 -19.22 10.81
C THR C 1072 17.85 -18.15 11.79
N THR C 1073 17.48 -16.89 11.54
CA THR C 1073 17.84 -15.83 12.46
C THR C 1073 17.12 -15.99 13.79
N ASN C 1074 15.91 -16.54 13.75
CA ASN C 1074 15.07 -16.71 14.92
C ASN C 1074 15.03 -18.16 15.40
N ALA C 1075 16.17 -18.85 15.32
CA ALA C 1075 16.20 -20.25 15.68
C ALA C 1075 16.19 -20.46 17.18
N LYS C 1076 17.02 -19.71 17.90
CA LYS C 1076 17.15 -19.87 19.34
C LYS C 1076 15.82 -19.75 20.05
N VAL C 1077 14.99 -18.81 19.64
CA VAL C 1077 13.69 -18.65 20.28
C VAL C 1077 12.77 -19.78 19.89
N ALA C 1078 12.83 -20.23 18.64
CA ALA C 1078 11.93 -21.27 18.20
C ALA C 1078 12.33 -22.60 18.81
N LEU C 1079 13.63 -22.78 19.03
CA LEU C 1079 14.13 -23.96 19.69
C LEU C 1079 13.65 -24.02 21.12
N ARG C 1080 13.96 -22.97 21.89
CA ARG C 1080 13.67 -22.99 23.31
C ARG C 1080 12.18 -23.15 23.57
N ALA C 1081 11.37 -22.44 22.80
CA ALA C 1081 9.93 -22.56 22.93
C ALA C 1081 9.49 -24.00 22.74
N ARG C 1082 10.05 -24.66 21.73
CA ARG C 1082 9.76 -26.07 21.52
C ARG C 1082 10.10 -26.88 22.76
N GLN C 1083 11.28 -26.63 23.34
CA GLN C 1083 11.68 -27.34 24.55
C GLN C 1083 10.69 -27.13 25.66
N VAL C 1084 10.10 -25.95 25.74
CA VAL C 1084 9.08 -25.73 26.76
C VAL C 1084 7.86 -26.55 26.42
N LEU C 1085 7.38 -26.41 25.18
CA LEU C 1085 6.08 -26.95 24.82
C LEU C 1085 6.08 -28.46 24.90
N ILE C 1086 7.20 -29.08 24.56
CA ILE C 1086 7.28 -30.53 24.61
C ILE C 1086 7.54 -30.98 26.04
N ALA C 1087 8.25 -30.16 26.83
CA ALA C 1087 8.56 -30.58 28.18
C ALA C 1087 7.36 -30.45 29.10
N SER C 1088 6.36 -29.66 28.72
CA SER C 1088 5.20 -29.43 29.57
C SER C 1088 4.11 -30.42 29.25
N HIS C 1089 4.48 -31.70 29.22
CA HIS C 1089 3.54 -32.80 29.25
C HIS C 1089 3.89 -33.86 30.26
N LEU C 1090 5.11 -33.84 30.79
CA LEU C 1090 5.55 -34.84 31.72
C LEU C 1090 5.19 -34.39 33.13
N PRO C 1091 4.66 -35.26 33.98
CA PRO C 1091 4.37 -34.82 35.35
C PRO C 1091 5.63 -34.41 36.07
N SER C 1092 5.53 -33.39 36.92
CA SER C 1092 6.70 -32.75 37.53
C SER C 1092 7.14 -33.50 38.80
N TYR C 1093 7.23 -34.82 38.67
CA TYR C 1093 7.85 -35.75 39.61
C TYR C 1093 7.15 -35.92 40.95
N GLU C 1094 6.20 -35.05 41.28
CA GLU C 1094 5.45 -35.23 42.51
C GLU C 1094 4.32 -36.20 42.27
N LEU C 1095 3.68 -36.07 41.11
CA LEU C 1095 2.59 -36.96 40.77
C LEU C 1095 3.08 -38.39 40.63
N ARG C 1096 4.23 -38.58 39.99
CA ARG C 1096 4.77 -39.92 39.84
C ARG C 1096 5.16 -40.51 41.17
N HIS C 1097 5.86 -39.72 42.02
CA HIS C 1097 6.21 -40.21 43.35
C HIS C 1097 4.98 -40.63 44.12
N ASN C 1098 3.94 -39.80 44.10
CA ASN C 1098 2.77 -40.07 44.91
C ASN C 1098 2.02 -41.29 44.41
N GLN C 1099 1.75 -41.35 43.11
CA GLN C 1099 1.00 -42.48 42.57
C GLN C 1099 1.76 -43.79 42.78
N VAL C 1100 3.05 -43.80 42.45
CA VAL C 1100 3.83 -45.02 42.50
C VAL C 1100 3.97 -45.49 43.94
N GLU C 1101 4.29 -44.57 44.84
CA GLU C 1101 4.48 -44.96 46.23
C GLU C 1101 3.15 -45.35 46.86
N SER C 1102 2.05 -44.71 46.45
CA SER C 1102 0.75 -45.10 46.95
C SER C 1102 0.46 -46.56 46.63
N ILE C 1103 0.64 -46.94 45.37
CA ILE C 1103 0.38 -48.33 45.01
C ILE C 1103 1.35 -49.26 45.72
N PHE C 1104 2.63 -48.92 45.73
CA PHE C 1104 3.62 -49.86 46.25
C PHE C 1104 3.57 -49.99 47.75
N LEU C 1105 3.02 -48.99 48.46
CA LEU C 1105 2.98 -49.02 49.91
C LEU C 1105 1.62 -49.44 50.46
N SER C 1106 0.54 -49.26 49.72
CA SER C 1106 -0.78 -49.68 50.19
C SER C 1106 -1.03 -51.16 49.98
N ALA C 1107 -0.39 -51.78 49.00
CA ALA C 1107 -0.49 -53.22 48.83
C ALA C 1107 0.15 -53.98 49.99
N ILE C 1108 1.02 -53.32 50.77
CA ILE C 1108 1.93 -54.03 51.65
C ILE C 1108 1.23 -54.56 52.88
N ASP C 1109 0.31 -53.77 53.44
CA ASP C 1109 -0.36 -54.10 54.70
C ASP C 1109 -0.91 -55.52 54.73
N MET C 1110 -1.70 -55.87 53.72
CA MET C 1110 -2.11 -57.25 53.48
C MET C 1110 -2.24 -57.42 51.98
N TYR C 1111 -1.24 -58.03 51.37
CA TYR C 1111 -1.24 -58.26 49.94
C TYR C 1111 -2.40 -59.18 49.54
N GLY C 1112 -3.07 -58.81 48.46
CA GLY C 1112 -4.20 -59.58 47.95
C GLY C 1112 -5.55 -58.99 48.30
N HIS C 1113 -5.71 -57.68 48.12
CA HIS C 1113 -7.02 -57.03 48.25
C HIS C 1113 -7.84 -57.10 46.98
N GLN C 1114 -7.31 -57.67 45.89
CA GLN C 1114 -7.97 -57.84 44.60
C GLN C 1114 -8.09 -56.54 43.81
N PHE C 1115 -7.59 -55.42 44.33
CA PHE C 1115 -7.34 -54.23 43.52
C PHE C 1115 -5.88 -53.84 43.48
N CYS C 1116 -5.11 -54.21 44.50
CA CYS C 1116 -3.69 -53.90 44.51
C CYS C 1116 -2.95 -54.62 43.40
N ILE C 1117 -3.37 -55.85 43.11
CA ILE C 1117 -2.77 -56.64 42.04
C ILE C 1117 -2.87 -55.89 40.72
N GLU C 1118 -4.08 -55.41 40.41
CA GLU C 1118 -4.30 -54.70 39.16
C GLU C 1118 -3.50 -53.40 39.11
N ASN C 1119 -3.34 -52.74 40.26
CA ASN C 1119 -2.58 -51.50 40.27
C ASN C 1119 -1.11 -51.76 39.99
N LEU C 1120 -0.57 -52.85 40.53
CA LEU C 1120 0.79 -53.21 40.18
C LEU C 1120 0.91 -53.52 38.70
N GLN C 1121 -0.10 -54.20 38.16
CA GLN C 1121 -0.10 -54.49 36.73
C GLN C 1121 -0.12 -53.21 35.91
N LYS C 1122 -0.89 -52.23 36.36
CA LYS C 1122 -0.93 -50.94 35.69
C LYS C 1122 0.45 -50.30 35.70
N LEU C 1123 1.13 -50.34 36.83
CA LEU C 1123 2.48 -49.80 36.86
C LEU C 1123 3.39 -50.53 35.89
N ILE C 1124 3.15 -51.82 35.65
CA ILE C 1124 3.96 -52.54 34.67
C ILE C 1124 3.59 -52.12 33.26
N LEU C 1125 2.30 -52.03 32.97
CA LEU C 1125 1.78 -51.85 31.62
C LEU C 1125 1.09 -50.52 31.41
N SER C 1126 1.69 -49.45 31.87
CA SER C 1126 1.23 -48.10 31.59
C SER C 1126 2.22 -47.38 30.70
N GLU C 1127 1.75 -46.29 30.12
CA GLU C 1127 2.59 -45.51 29.23
C GLU C 1127 3.67 -44.77 30.01
N THR C 1128 3.33 -44.24 31.18
CA THR C 1128 4.26 -43.39 31.90
C THR C 1128 5.44 -44.17 32.42
N SER C 1129 6.64 -43.63 32.21
CA SER C 1129 7.84 -44.22 32.75
C SER C 1129 7.93 -43.93 34.24
N ILE C 1130 8.12 -44.99 35.02
CA ILE C 1130 8.30 -44.90 36.46
C ILE C 1130 9.72 -45.31 36.87
N PHE C 1131 10.60 -45.50 35.90
CA PHE C 1131 11.98 -45.85 36.17
C PHE C 1131 12.74 -44.74 36.87
N ASP C 1132 12.16 -43.55 36.98
CA ASP C 1132 12.71 -42.50 37.82
C ASP C 1132 12.27 -42.61 39.28
N VAL C 1133 11.39 -43.56 39.61
CA VAL C 1133 10.90 -43.75 40.97
C VAL C 1133 11.23 -45.15 41.50
N LEU C 1134 11.09 -46.17 40.67
CA LEU C 1134 11.34 -47.55 41.10
C LEU C 1134 12.68 -47.79 41.79
N PRO C 1135 13.81 -47.18 41.42
CA PRO C 1135 15.03 -47.45 42.18
C PRO C 1135 15.04 -46.86 43.57
N ASN C 1136 14.08 -45.99 43.90
CA ASN C 1136 14.01 -45.45 45.25
C ASN C 1136 13.51 -46.46 46.27
N PHE C 1137 12.89 -47.55 45.83
CA PHE C 1137 12.49 -48.62 46.73
C PHE C 1137 13.66 -49.60 46.92
N PHE C 1138 14.79 -49.06 47.36
CA PHE C 1138 15.84 -49.92 47.84
C PHE C 1138 15.36 -50.75 49.01
N TYR C 1139 14.78 -50.09 50.01
CA TYR C 1139 14.05 -50.73 51.08
C TYR C 1139 12.83 -49.93 51.54
N HIS C 1140 13.03 -48.61 51.55
CA HIS C 1140 12.15 -47.49 51.88
C HIS C 1140 11.69 -47.36 53.33
N SER C 1141 11.08 -48.40 53.89
CA SER C 1141 11.15 -48.76 55.31
C SER C 1141 10.54 -50.14 55.58
N ASN C 1142 9.64 -50.60 54.70
CA ASN C 1142 8.80 -51.75 54.99
C ASN C 1142 9.56 -53.06 54.86
N GLN C 1143 10.52 -53.10 53.93
CA GLN C 1143 11.34 -54.27 53.60
C GLN C 1143 10.58 -55.33 52.81
N VAL C 1144 9.27 -55.17 52.68
CA VAL C 1144 8.46 -56.00 51.81
C VAL C 1144 8.26 -55.32 50.47
N VAL C 1145 8.34 -53.99 50.44
CA VAL C 1145 8.18 -53.25 49.21
C VAL C 1145 9.34 -53.50 48.26
N ARG C 1146 10.50 -53.91 48.79
CA ARG C 1146 11.59 -54.37 47.93
C ARG C 1146 11.10 -55.40 46.94
N MET C 1147 10.41 -56.41 47.45
CA MET C 1147 9.87 -57.49 46.62
C MET C 1147 8.98 -56.95 45.51
N ALA C 1148 8.02 -56.11 45.88
CA ALA C 1148 7.06 -55.58 44.91
C ALA C 1148 7.75 -54.74 43.85
N ALA C 1149 8.64 -53.85 44.29
CA ALA C 1149 9.33 -52.96 43.37
C ALA C 1149 10.20 -53.74 42.41
N LEU C 1150 10.91 -54.75 42.90
CA LEU C 1150 11.72 -55.56 42.00
C LEU C 1150 10.85 -56.30 41.00
N GLU C 1151 9.69 -56.78 41.44
CA GLU C 1151 8.79 -57.45 40.52
C GLU C 1151 8.38 -56.51 39.39
N VAL C 1152 7.96 -55.30 39.75
CA VAL C 1152 7.46 -54.36 38.74
C VAL C 1152 8.59 -53.92 37.83
N TYR C 1153 9.77 -53.68 38.40
CA TYR C 1153 10.90 -53.22 37.61
C TYR C 1153 11.27 -54.25 36.55
N VAL C 1154 11.49 -55.49 36.98
CA VAL C 1154 11.93 -56.50 36.03
C VAL C 1154 10.82 -56.80 35.04
N ARG C 1155 9.56 -56.82 35.50
CA ARG C 1155 8.47 -57.14 34.59
C ARG C 1155 8.25 -56.04 33.57
N ARG C 1156 8.52 -54.79 33.92
CA ARG C 1156 8.34 -53.71 32.97
C ARG C 1156 9.53 -53.63 32.02
N ALA C 1157 10.73 -53.84 32.54
CA ALA C 1157 11.92 -53.79 31.70
C ALA C 1157 11.97 -54.99 30.78
N TYR C 1158 11.64 -56.18 31.28
CA TYR C 1158 11.65 -57.41 30.50
C TYR C 1158 10.27 -57.67 29.92
N ILE C 1159 9.72 -56.64 29.28
CA ILE C 1159 8.43 -56.81 28.65
C ILE C 1159 8.53 -57.82 27.53
N ALA C 1160 9.63 -57.80 26.79
CA ALA C 1160 9.71 -58.57 25.56
C ALA C 1160 10.03 -60.01 25.86
N TYR C 1161 10.89 -60.26 26.83
CA TYR C 1161 11.17 -61.60 27.27
C TYR C 1161 9.90 -62.20 27.86
N GLU C 1162 9.66 -63.47 27.57
CA GLU C 1162 8.50 -64.17 28.09
C GLU C 1162 8.84 -64.75 29.45
N LEU C 1163 8.36 -64.09 30.50
CA LEU C 1163 8.55 -64.57 31.86
C LEU C 1163 7.50 -65.60 32.22
N ASN C 1164 7.92 -66.61 32.99
CA ASN C 1164 7.01 -67.65 33.44
C ASN C 1164 7.09 -67.89 34.94
N SER C 1165 8.27 -67.78 35.55
CA SER C 1165 8.42 -68.16 36.96
C SER C 1165 9.29 -67.16 37.69
N VAL C 1166 8.69 -66.39 38.59
CA VAL C 1166 9.36 -65.39 39.39
C VAL C 1166 9.22 -65.79 40.85
N GLN C 1167 10.25 -65.51 41.64
CA GLN C 1167 10.21 -65.85 43.05
C GLN C 1167 11.06 -64.91 43.87
N HIS C 1168 10.61 -64.64 45.09
CA HIS C 1168 11.24 -63.71 46.01
C HIS C 1168 11.98 -64.48 47.10
N ARG C 1169 13.25 -64.13 47.30
CA ARG C 1169 14.10 -64.74 48.31
C ARG C 1169 14.72 -63.65 49.18
N GLN C 1170 14.99 -64.04 50.43
CA GLN C 1170 15.43 -63.12 51.46
C GLN C 1170 16.71 -63.66 52.09
N LEU C 1171 17.44 -62.74 52.71
CA LEU C 1171 18.52 -63.07 53.64
C LEU C 1171 18.37 -62.18 54.87
N LYS C 1172 19.04 -62.56 55.96
CA LYS C 1172 18.74 -61.99 57.29
C LYS C 1172 19.65 -60.79 57.56
N ASP C 1173 19.64 -59.89 56.58
CA ASP C 1173 20.52 -58.75 56.48
C ASP C 1173 19.85 -57.94 55.38
N ASN C 1174 20.63 -57.23 54.59
CA ASN C 1174 20.09 -56.29 53.60
C ASN C 1174 20.31 -56.87 52.21
N THR C 1175 19.47 -57.83 51.81
CA THR C 1175 19.69 -58.49 50.53
C THR C 1175 18.44 -59.04 49.84
N CYS C 1176 17.40 -58.24 49.59
CA CYS C 1176 16.26 -58.77 48.84
C CYS C 1176 16.69 -59.23 47.46
N VAL C 1177 16.59 -60.55 47.22
CA VAL C 1177 16.92 -61.14 45.93
C VAL C 1177 15.62 -61.60 45.29
N VAL C 1178 15.56 -61.54 43.96
CA VAL C 1178 14.44 -62.09 43.21
C VAL C 1178 14.99 -62.83 42.02
N GLU C 1179 14.52 -64.05 41.82
CA GLU C 1179 14.92 -64.89 40.70
C GLU C 1179 13.80 -64.94 39.68
N PHE C 1180 14.20 -65.03 38.42
CA PHE C 1180 13.31 -64.98 37.27
C PHE C 1180 13.71 -66.10 36.32
N GLN C 1181 12.71 -66.77 35.76
CA GLN C 1181 12.92 -67.77 34.73
C GLN C 1181 11.99 -67.44 33.57
N PHE C 1182 12.61 -67.19 32.42
CA PHE C 1182 11.96 -66.72 31.21
C PHE C 1182 12.54 -67.49 30.02
N MET C 1183 12.12 -67.10 28.82
CA MET C 1183 12.66 -67.65 27.60
C MET C 1183 12.67 -66.55 26.54
N LEU C 1184 13.27 -66.89 25.39
CA LEU C 1184 13.47 -65.95 24.29
C LEU C 1184 12.56 -66.33 23.13
N PRO C 1185 11.46 -65.59 22.85
CA PRO C 1185 10.51 -66.05 21.83
C PRO C 1185 11.09 -66.18 20.43
N THR C 1186 11.55 -65.06 19.84
CA THR C 1186 12.18 -65.08 18.53
C THR C 1186 13.39 -64.14 18.57
N SER C 1187 14.48 -64.61 19.15
CA SER C 1187 15.75 -63.90 19.13
C SER C 1187 16.81 -64.84 19.66
N HIS C 1188 17.77 -65.21 18.81
CA HIS C 1188 18.81 -66.20 19.12
C HIS C 1188 18.24 -67.43 19.84
N PRO C 1189 17.17 -68.03 19.33
CA PRO C 1189 16.58 -69.12 20.12
C PRO C 1189 17.35 -70.43 19.96
N GLN C 1231 16.58 -71.14 26.87
CA GLN C 1231 15.88 -70.76 28.10
C GLN C 1231 16.86 -70.22 29.13
N ARG C 1232 16.86 -68.90 29.29
CA ARG C 1232 17.74 -68.22 30.21
C ARG C 1232 17.06 -68.00 31.55
N MET C 1233 17.88 -67.64 32.54
CA MET C 1233 17.41 -67.35 33.89
C MET C 1233 18.09 -66.07 34.33
N GLY C 1234 17.54 -65.45 35.38
CA GLY C 1234 18.11 -64.22 35.85
C GLY C 1234 17.68 -63.90 37.26
N GLY C 1235 18.14 -62.75 37.73
CA GLY C 1235 17.73 -62.29 39.05
C GLY C 1235 18.20 -60.87 39.28
N MET C 1236 17.69 -60.29 40.35
CA MET C 1236 17.97 -58.90 40.68
C MET C 1236 18.06 -58.72 42.19
N VAL C 1237 18.96 -57.82 42.59
CA VAL C 1237 19.25 -57.51 43.99
C VAL C 1237 19.71 -56.07 44.05
N SER C 1238 19.41 -55.40 45.16
CA SER C 1238 19.88 -54.06 45.44
C SER C 1238 20.95 -54.07 46.53
N PHE C 1239 21.72 -52.99 46.61
CA PHE C 1239 22.76 -52.84 47.63
C PHE C 1239 22.82 -51.38 48.06
N ARG C 1240 23.84 -51.06 48.88
CA ARG C 1240 24.05 -49.71 49.39
C ARG C 1240 25.51 -49.30 49.21
N THR C 1241 25.67 -48.11 48.63
CA THR C 1241 26.84 -47.27 48.43
C THR C 1241 27.90 -47.73 47.44
N PHE C 1242 28.56 -48.87 47.69
CA PHE C 1242 29.23 -49.68 46.67
C PHE C 1242 29.80 -50.95 47.30
N GLU C 1243 30.29 -50.82 48.54
CA GLU C 1243 31.07 -51.87 49.18
C GLU C 1243 30.16 -52.97 49.69
N ASP C 1244 28.91 -52.62 49.98
CA ASP C 1244 27.93 -53.64 50.33
C ASP C 1244 27.76 -54.65 49.21
N PHE C 1245 28.01 -54.24 47.96
CA PHE C 1245 27.97 -55.19 46.86
C PHE C 1245 29.03 -56.27 47.03
N VAL C 1246 30.30 -55.87 47.17
CA VAL C 1246 31.36 -56.86 47.24
C VAL C 1246 31.29 -57.64 48.55
N ARG C 1247 30.71 -57.03 49.59
CA ARG C 1247 30.75 -57.64 50.93
C ARG C 1247 30.11 -59.01 50.93
N ILE C 1248 28.98 -59.14 50.25
CA ILE C 1248 28.20 -60.38 50.24
C ILE C 1248 28.00 -60.84 48.80
N PHE C 1249 28.94 -60.46 47.93
CA PHE C 1249 28.80 -60.78 46.51
C PHE C 1249 28.76 -62.29 46.29
N ASP C 1250 29.52 -63.04 47.08
CA ASP C 1250 29.51 -64.48 46.92
C ASP C 1250 28.26 -65.12 47.50
N GLU C 1251 27.59 -64.45 48.43
CA GLU C 1251 26.39 -65.01 49.03
C GLU C 1251 25.18 -64.87 48.10
N VAL C 1252 25.05 -63.70 47.47
CA VAL C 1252 23.91 -63.44 46.60
C VAL C 1252 23.92 -64.32 45.37
N MET C 1253 25.08 -64.82 44.97
CA MET C 1253 25.17 -65.71 43.82
C MET C 1253 24.78 -67.14 44.14
N GLY C 1254 24.54 -67.46 45.40
CA GLY C 1254 24.15 -68.81 45.77
C GLY C 1254 22.66 -69.04 45.61
N CYS C 1255 22.16 -68.80 44.41
CA CYS C 1255 20.75 -69.00 44.09
C CYS C 1255 20.50 -70.44 43.68
N GLU C 1284 26.68 -73.69 30.32
CA GLU C 1284 26.52 -72.47 29.53
C GLU C 1284 26.19 -71.30 30.46
N PRO C 1285 26.76 -70.09 30.21
CA PRO C 1285 26.42 -68.95 31.08
C PRO C 1285 25.10 -68.31 30.70
N ILE C 1286 24.00 -68.91 31.17
CA ILE C 1286 22.66 -68.43 30.84
C ILE C 1286 22.12 -67.46 31.87
N HIS C 1287 22.81 -67.24 32.98
CA HIS C 1287 22.30 -66.41 34.05
C HIS C 1287 22.55 -64.94 33.75
N ILE C 1288 21.61 -64.10 34.18
CA ILE C 1288 21.71 -62.65 34.07
C ILE C 1288 21.49 -62.09 35.47
N LEU C 1289 22.38 -61.21 35.90
CA LEU C 1289 22.28 -60.58 37.21
C LEU C 1289 22.17 -59.08 37.04
N ASN C 1290 21.17 -58.50 37.68
CA ASN C 1290 21.00 -57.06 37.77
C ASN C 1290 21.30 -56.61 39.18
N VAL C 1291 22.03 -55.50 39.28
CA VAL C 1291 22.51 -54.97 40.56
C VAL C 1291 22.15 -53.50 40.59
N ALA C 1292 21.51 -53.05 41.67
CA ALA C 1292 21.09 -51.68 41.84
C ALA C 1292 21.71 -51.13 43.11
N ILE C 1293 22.43 -50.02 42.99
CA ILE C 1293 23.28 -49.52 44.06
C ILE C 1293 22.91 -48.07 44.35
N LYS C 1294 22.53 -47.82 45.60
CA LYS C 1294 22.16 -46.51 46.08
C LYS C 1294 23.37 -45.60 46.21
N THR C 1295 23.55 -44.67 45.27
CA THR C 1295 24.61 -43.66 45.30
C THR C 1295 24.05 -42.28 44.94
N ASP C 1296 22.98 -41.88 45.64
CA ASP C 1296 22.16 -40.75 45.23
C ASP C 1296 22.90 -39.42 45.40
N CYS C 1297 23.96 -39.24 44.60
CA CYS C 1297 24.75 -38.01 44.64
C CYS C 1297 25.74 -37.90 43.48
N ASP C 1298 25.69 -36.79 42.72
CA ASP C 1298 26.79 -36.35 41.85
C ASP C 1298 27.19 -37.32 40.73
N ILE C 1299 26.43 -37.32 39.63
CA ILE C 1299 26.75 -38.13 38.45
C ILE C 1299 28.22 -37.92 38.09
N GLU C 1300 29.01 -39.00 38.20
CA GLU C 1300 30.43 -39.03 37.81
C GLU C 1300 30.63 -40.35 37.06
N ASP C 1301 30.37 -40.33 35.75
CA ASP C 1301 30.32 -41.57 34.99
C ASP C 1301 31.69 -42.24 34.90
N ASP C 1302 32.74 -41.44 34.75
CA ASP C 1302 34.08 -42.01 34.65
C ASP C 1302 34.45 -42.76 35.92
N ARG C 1303 34.26 -42.13 37.08
CA ARG C 1303 34.57 -42.75 38.36
C ARG C 1303 33.75 -44.01 38.56
N LEU C 1304 32.45 -43.94 38.28
CA LEU C 1304 31.58 -45.10 38.42
C LEU C 1304 32.09 -46.26 37.58
N ALA C 1305 32.39 -45.99 36.31
CA ALA C 1305 32.85 -47.04 35.41
C ALA C 1305 34.15 -47.65 35.89
N ALA C 1306 35.07 -46.81 36.36
CA ALA C 1306 36.34 -47.32 36.89
C ALA C 1306 36.11 -48.27 38.06
N MET C 1307 35.26 -47.85 39.00
CA MET C 1307 34.94 -48.68 40.15
C MET C 1307 34.38 -50.04 39.73
N PHE C 1308 33.47 -50.04 38.76
CA PHE C 1308 32.86 -51.30 38.36
C PHE C 1308 33.85 -52.18 37.61
N ARG C 1309 34.72 -51.56 36.81
CA ARG C 1309 35.72 -52.32 36.07
C ARG C 1309 36.66 -53.04 37.02
N GLU C 1310 37.00 -52.40 38.14
CA GLU C 1310 37.91 -53.06 39.08
C GLU C 1310 37.33 -54.39 39.56
N PHE C 1311 36.08 -54.38 40.01
CA PHE C 1311 35.43 -55.60 40.47
C PHE C 1311 35.34 -56.63 39.36
N THR C 1312 34.88 -56.22 38.17
CA THR C 1312 34.65 -57.22 37.14
C THR C 1312 35.94 -57.77 36.55
N GLN C 1313 37.05 -57.04 36.67
CA GLN C 1313 38.32 -57.52 36.15
C GLN C 1313 39.06 -58.37 37.18
N GLN C 1314 38.89 -58.10 38.47
CA GLN C 1314 39.54 -58.92 39.48
C GLN C 1314 38.73 -60.18 39.81
N ASN C 1315 37.43 -60.03 40.04
CA ASN C 1315 36.58 -61.11 40.51
C ASN C 1315 35.88 -61.73 39.31
N LYS C 1316 36.11 -63.03 39.10
CA LYS C 1316 35.54 -63.77 37.98
C LYS C 1316 34.54 -64.82 38.46
N ALA C 1317 33.83 -64.52 39.54
CA ALA C 1317 32.77 -65.40 40.02
C ALA C 1317 31.72 -65.63 38.94
N THR C 1318 31.52 -64.66 38.04
CA THR C 1318 30.53 -64.79 36.98
C THR C 1318 30.80 -65.97 36.07
N LEU C 1319 32.05 -66.42 35.99
CA LEU C 1319 32.43 -67.53 35.12
C LEU C 1319 32.55 -68.85 35.88
N VAL C 1320 33.10 -68.80 37.09
CA VAL C 1320 33.47 -70.01 37.80
C VAL C 1320 32.35 -70.55 38.69
N ASP C 1321 31.43 -69.70 39.14
CA ASP C 1321 30.37 -70.17 40.03
C ASP C 1321 29.33 -70.97 39.25
N HIS C 1322 28.60 -70.29 38.35
CA HIS C 1322 27.62 -70.97 37.51
C HIS C 1322 27.61 -70.49 36.06
N GLY C 1323 28.05 -69.25 35.82
CA GLY C 1323 28.02 -68.67 34.49
C GLY C 1323 26.99 -67.56 34.31
N ILE C 1324 27.42 -66.30 34.42
CA ILE C 1324 26.56 -65.15 34.18
C ILE C 1324 27.00 -64.52 32.87
N ARG C 1325 26.05 -64.36 31.94
CA ARG C 1325 26.36 -63.77 30.64
C ARG C 1325 26.74 -62.30 30.77
N ARG C 1326 25.91 -61.52 31.45
CA ARG C 1326 26.15 -60.09 31.60
C ARG C 1326 25.77 -59.65 33.01
N LEU C 1327 26.49 -58.64 33.50
CA LEU C 1327 26.21 -58.03 34.79
C LEU C 1327 25.93 -56.55 34.55
N THR C 1328 24.74 -56.11 34.95
CA THR C 1328 24.29 -54.75 34.74
C THR C 1328 24.12 -54.03 36.06
N PHE C 1329 24.74 -52.87 36.16
CA PHE C 1329 24.65 -52.02 37.34
C PHE C 1329 23.73 -50.85 37.07
N LEU C 1330 22.78 -50.63 37.96
CA LEU C 1330 21.91 -49.47 37.93
C LEU C 1330 22.42 -48.47 38.96
N VAL C 1331 22.73 -47.27 38.51
CA VAL C 1331 23.12 -46.17 39.38
C VAL C 1331 21.93 -45.22 39.42
N ALA C 1332 21.58 -44.80 40.63
CA ALA C 1332 20.46 -43.89 40.83
C ALA C 1332 20.94 -42.45 40.85
N PHE C 1352 17.07 -40.02 34.74
CA PHE C 1352 17.62 -40.20 36.08
C PHE C 1352 18.50 -41.45 36.21
N PRO C 1353 18.00 -42.64 35.87
CA PRO C 1353 18.85 -43.83 36.04
C PRO C 1353 20.02 -43.80 35.08
N LYS C 1354 21.14 -44.33 35.55
CA LYS C 1354 22.39 -44.40 34.77
C LYS C 1354 22.84 -45.85 34.81
N PHE C 1355 22.63 -46.54 33.70
CA PHE C 1355 22.98 -47.95 33.56
C PHE C 1355 24.41 -48.11 33.07
N PHE C 1356 25.11 -49.11 33.61
CA PHE C 1356 26.44 -49.48 33.14
C PHE C 1356 26.47 -50.99 33.04
N THR C 1357 26.76 -51.50 31.84
CA THR C 1357 26.71 -52.93 31.54
C THR C 1357 28.12 -53.44 31.34
N PHE C 1358 28.42 -54.59 31.94
CA PHE C 1358 29.74 -55.21 31.86
C PHE C 1358 29.56 -56.69 31.57
N ARG C 1359 30.19 -57.17 30.51
CA ARG C 1359 30.22 -58.58 30.16
C ARG C 1359 31.62 -59.11 30.43
N ALA C 1360 31.73 -59.95 31.46
CA ALA C 1360 32.99 -60.56 31.85
C ALA C 1360 33.05 -61.98 31.30
N ARG C 1361 32.93 -62.10 29.98
CA ARG C 1361 32.99 -63.41 29.33
C ARG C 1361 34.01 -63.50 28.20
N ASP C 1362 33.91 -62.62 27.20
CA ASP C 1362 34.76 -62.70 26.02
C ASP C 1362 35.41 -61.36 25.67
N LYS C 1363 34.64 -60.29 25.80
CA LYS C 1363 35.11 -58.96 25.44
C LYS C 1363 35.54 -58.23 26.70
N PHE C 1364 36.18 -57.08 26.51
CA PHE C 1364 36.56 -56.27 27.65
C PHE C 1364 35.32 -55.84 28.41
N GLU C 1365 35.43 -55.80 29.74
CA GLU C 1365 34.28 -55.53 30.59
C GLU C 1365 33.92 -54.06 30.45
N GLU C 1366 33.19 -53.78 29.38
CA GLU C 1366 32.67 -52.45 29.12
C GLU C 1366 31.65 -52.56 28.00
N ASP C 1367 30.71 -51.62 27.98
CA ASP C 1367 29.75 -51.53 26.88
C ASP C 1367 29.44 -50.06 26.69
N ARG C 1368 29.89 -49.51 25.57
CA ARG C 1368 29.63 -48.13 25.22
C ARG C 1368 28.29 -47.94 24.53
N ILE C 1369 27.68 -49.02 24.03
CA ILE C 1369 26.43 -48.90 23.30
C ILE C 1369 25.26 -48.72 24.24
N TYR C 1370 25.20 -49.52 25.29
CA TYR C 1370 24.07 -49.52 26.21
C TYR C 1370 24.32 -48.71 27.45
N ARG C 1371 25.28 -47.79 27.40
CA ARG C 1371 25.44 -46.83 28.49
C ARG C 1371 24.15 -46.04 28.65
N HIS C 1372 23.68 -45.95 29.89
CA HIS C 1372 22.44 -45.28 30.24
C HIS C 1372 21.21 -45.93 29.62
N LEU C 1373 21.33 -47.18 29.18
CA LEU C 1373 20.19 -47.95 28.71
C LEU C 1373 20.28 -49.38 29.19
N GLU C 1374 19.20 -49.87 29.75
CA GLU C 1374 19.13 -51.26 30.17
C GLU C 1374 19.14 -52.16 28.95
N PRO C 1375 20.05 -53.16 28.84
CA PRO C 1375 20.07 -54.00 27.63
C PRO C 1375 19.03 -55.11 27.62
N ALA C 1376 18.06 -55.03 28.53
CA ALA C 1376 16.85 -55.83 28.42
C ALA C 1376 15.98 -55.38 27.26
N LEU C 1377 16.13 -54.14 26.83
CA LEU C 1377 15.40 -53.59 25.70
C LEU C 1377 16.17 -53.70 24.39
N ALA C 1378 17.08 -54.67 24.31
CA ALA C 1378 17.88 -54.89 23.12
C ALA C 1378 17.10 -55.63 22.03
N PHE C 1379 15.98 -56.25 22.36
CA PHE C 1379 15.09 -56.90 21.40
C PHE C 1379 13.84 -56.08 21.14
N GLN C 1380 13.41 -55.30 22.14
CA GLN C 1380 12.29 -54.41 21.94
C GLN C 1380 12.61 -53.39 20.86
N LEU C 1381 13.84 -52.91 20.86
CA LEU C 1381 14.36 -51.99 19.86
C LEU C 1381 15.47 -52.68 19.10
N GLU C 1382 15.31 -52.76 17.77
CA GLU C 1382 16.16 -53.59 16.94
C GLU C 1382 17.48 -52.86 16.71
N LEU C 1383 18.35 -52.93 17.72
CA LEU C 1383 19.66 -52.30 17.62
C LEU C 1383 20.68 -53.15 16.90
N ASN C 1384 20.39 -54.42 16.65
CA ASN C 1384 21.31 -55.25 15.89
C ASN C 1384 21.32 -54.90 14.41
N ARG C 1385 20.38 -54.08 13.93
CA ARG C 1385 20.30 -53.68 12.54
C ARG C 1385 21.13 -52.45 12.26
N MET C 1386 22.18 -52.21 13.03
CA MET C 1386 22.98 -51.01 12.96
C MET C 1386 24.47 -51.33 12.96
N ARG C 1387 24.81 -52.52 12.46
CA ARG C 1387 26.21 -52.91 12.37
C ARG C 1387 27.02 -51.99 11.49
N ASN C 1388 26.39 -51.32 10.52
CA ASN C 1388 27.08 -50.49 9.56
C ASN C 1388 27.32 -49.07 10.03
N PHE C 1389 26.92 -48.75 11.25
CA PHE C 1389 26.96 -47.39 11.77
C PHE C 1389 27.65 -47.38 13.12
N ASP C 1390 28.29 -46.25 13.40
CA ASP C 1390 28.77 -45.93 14.73
C ASP C 1390 27.77 -44.95 15.35
N LEU C 1391 27.23 -45.33 16.50
CA LEU C 1391 26.11 -44.62 17.10
C LEU C 1391 26.54 -43.83 18.32
N THR C 1392 25.90 -42.69 18.50
CA THR C 1392 25.95 -41.94 19.73
C THR C 1392 24.52 -41.66 20.14
N ALA C 1393 24.16 -42.05 21.36
CA ALA C 1393 22.84 -41.73 21.86
C ALA C 1393 22.79 -40.27 22.24
N ILE C 1394 21.62 -39.68 22.05
CA ILE C 1394 21.36 -38.28 22.38
C ILE C 1394 20.30 -38.27 23.47
N PRO C 1395 20.56 -37.69 24.64
CA PRO C 1395 19.52 -37.62 25.65
C PRO C 1395 18.42 -36.66 25.24
N CYS C 1396 17.23 -36.89 25.80
CA CYS C 1396 16.09 -36.05 25.50
C CYS C 1396 15.08 -36.19 26.63
N ALA C 1397 14.17 -35.23 26.69
CA ALA C 1397 13.01 -35.37 27.54
C ALA C 1397 12.17 -36.55 27.05
N ASN C 1398 11.30 -37.03 27.94
CA ASN C 1398 10.47 -38.22 27.74
C ASN C 1398 11.26 -39.34 27.09
N HIS C 1399 12.18 -39.91 27.88
CA HIS C 1399 13.11 -40.89 27.31
C HIS C 1399 12.47 -42.27 27.13
N LYS C 1400 11.25 -42.30 26.59
CA LYS C 1400 10.72 -43.41 25.82
C LYS C 1400 11.00 -43.26 24.34
N MET C 1401 11.45 -42.10 23.90
CA MET C 1401 11.82 -41.82 22.52
C MET C 1401 13.34 -41.77 22.47
N HIS C 1402 13.97 -42.94 22.35
CA HIS C 1402 15.42 -43.06 22.38
C HIS C 1402 15.98 -42.62 21.04
N LEU C 1403 16.69 -41.51 21.05
CA LEU C 1403 17.29 -40.94 19.86
C LEU C 1403 18.76 -41.32 19.76
N TYR C 1404 19.17 -41.75 18.57
CA TYR C 1404 20.56 -42.03 18.25
C TYR C 1404 20.94 -41.27 17.00
N LEU C 1405 22.18 -40.80 16.96
CA LEU C 1405 22.79 -40.28 15.75
C LEU C 1405 23.83 -41.28 15.29
N GLY C 1406 23.72 -41.71 14.05
CA GLY C 1406 24.55 -42.75 13.51
C GLY C 1406 25.36 -42.20 12.34
N ALA C 1407 26.63 -42.59 12.30
CA ALA C 1407 27.53 -42.23 11.22
C ALA C 1407 27.97 -43.49 10.54
N ALA C 1408 27.87 -43.49 9.21
CA ALA C 1408 28.25 -44.66 8.44
C ALA C 1408 29.70 -45.03 8.68
N LYS C 1409 29.96 -46.33 8.77
CA LYS C 1409 31.32 -46.82 8.90
C LYS C 1409 32.02 -46.75 7.56
N VAL C 1410 33.17 -46.08 7.54
CA VAL C 1410 33.97 -45.90 6.34
C VAL C 1410 35.36 -46.42 6.61
N GLU C 1411 36.14 -46.55 5.55
CA GLU C 1411 37.52 -46.99 5.67
C GLU C 1411 38.38 -45.84 6.15
N VAL C 1412 39.69 -46.10 6.27
CA VAL C 1412 40.66 -45.07 6.61
C VAL C 1412 40.93 -44.10 5.48
N GLY C 1413 40.31 -44.30 4.33
CA GLY C 1413 40.49 -43.46 3.17
C GLY C 1413 39.36 -42.46 3.13
N THR C 1414 38.31 -42.79 2.37
CA THR C 1414 37.15 -41.93 2.26
C THR C 1414 36.60 -41.55 3.64
N GLU C 1415 36.25 -40.27 3.77
CA GLU C 1415 35.71 -39.72 5.00
C GLU C 1415 34.25 -40.13 5.17
N VAL C 1416 33.62 -39.55 6.19
CA VAL C 1416 32.23 -39.81 6.52
C VAL C 1416 31.38 -38.70 5.92
N THR C 1417 30.35 -39.09 5.16
CA THR C 1417 29.38 -38.17 4.60
C THR C 1417 27.95 -38.53 4.93
N ASP C 1418 27.68 -39.75 5.40
CA ASP C 1418 26.34 -40.19 5.73
C ASP C 1418 26.12 -40.17 7.24
N TYR C 1419 25.28 -39.24 7.69
CA TYR C 1419 24.85 -39.11 9.07
C TYR C 1419 23.34 -39.19 9.12
N ARG C 1420 22.81 -39.98 10.04
CA ARG C 1420 21.36 -40.15 10.11
C ARG C 1420 20.91 -40.23 11.55
N PHE C 1421 19.77 -39.62 11.83
CA PHE C 1421 19.09 -39.79 13.10
C PHE C 1421 18.20 -41.01 13.04
N PHE C 1422 18.08 -41.69 14.17
CA PHE C 1422 17.16 -42.80 14.36
C PHE C 1422 16.40 -42.57 15.65
N VAL C 1423 15.08 -42.55 15.54
CA VAL C 1423 14.19 -42.50 16.68
C VAL C 1423 13.67 -43.90 16.89
N ARG C 1424 13.94 -44.45 18.07
CA ARG C 1424 13.49 -45.78 18.44
C ARG C 1424 12.68 -45.61 19.71
N ALA C 1425 11.38 -45.85 19.61
CA ALA C 1425 10.45 -45.62 20.69
C ALA C 1425 9.82 -46.93 21.16
N ILE C 1426 9.45 -46.94 22.43
CA ILE C 1426 8.73 -48.06 23.03
C ILE C 1426 7.41 -47.52 23.55
N ILE C 1427 6.33 -48.16 23.14
CA ILE C 1427 4.99 -47.79 23.55
C ILE C 1427 4.46 -48.92 24.40
N ARG C 1428 4.30 -48.63 25.68
CA ARG C 1428 3.80 -49.60 26.64
C ARG C 1428 2.34 -49.30 26.92
N HIS C 1429 1.53 -50.35 26.94
CA HIS C 1429 0.10 -50.25 27.21
C HIS C 1429 -0.44 -51.66 27.29
N SER C 1430 -1.54 -51.82 28.00
CA SER C 1430 -2.16 -53.12 28.13
C SER C 1430 -2.81 -53.52 26.81
N ASP C 1431 -3.08 -54.81 26.68
CA ASP C 1431 -3.68 -55.32 25.46
C ASP C 1431 -5.10 -54.78 25.32
N LEU C 1432 -5.56 -54.71 24.08
CA LEU C 1432 -6.87 -54.18 23.76
C LEU C 1432 -7.80 -55.30 23.33
N VAL C 1433 -9.05 -55.19 23.77
CA VAL C 1433 -10.15 -55.99 23.25
C VAL C 1433 -10.98 -55.09 22.37
N THR C 1434 -11.12 -55.47 21.10
CA THR C 1434 -11.77 -54.64 20.11
C THR C 1434 -13.24 -55.02 20.02
N LYS C 1435 -14.10 -54.01 20.14
CA LYS C 1435 -15.51 -54.11 19.80
C LYS C 1435 -15.83 -53.01 18.80
N GLU C 1436 -14.96 -52.91 17.80
CA GLU C 1436 -14.84 -51.75 16.93
C GLU C 1436 -14.54 -50.49 17.74
N ALA C 1437 -13.77 -50.66 18.81
CA ALA C 1437 -13.46 -49.60 19.77
C ALA C 1437 -11.97 -49.31 19.88
N SER C 1438 -11.14 -49.91 19.04
CA SER C 1438 -9.71 -49.67 19.03
C SER C 1438 -9.28 -48.66 17.97
N PHE C 1439 -10.22 -48.14 17.17
CA PHE C 1439 -9.84 -47.17 16.15
C PHE C 1439 -9.31 -45.89 16.78
N GLU C 1440 -9.97 -45.42 17.85
CA GLU C 1440 -9.54 -44.20 18.48
C GLU C 1440 -8.17 -44.37 19.11
N TYR C 1441 -7.91 -45.55 19.65
CA TYR C 1441 -6.60 -45.82 20.24
C TYR C 1441 -5.51 -45.72 19.18
N LEU C 1442 -5.70 -46.41 18.06
CA LEU C 1442 -4.69 -46.39 17.01
C LEU C 1442 -4.49 -44.99 16.48
N GLN C 1443 -5.58 -44.27 16.22
CA GLN C 1443 -5.46 -42.93 15.67
C GLN C 1443 -4.77 -41.99 16.66
N ASN C 1444 -5.20 -42.01 17.91
CA ASN C 1444 -4.67 -41.08 18.89
C ASN C 1444 -3.22 -41.39 19.20
N GLU C 1445 -2.89 -42.66 19.39
CA GLU C 1445 -1.51 -43.00 19.68
C GLU C 1445 -0.62 -42.72 18.48
N GLY C 1446 -1.10 -43.02 17.27
CA GLY C 1446 -0.32 -42.71 16.09
C GLY C 1446 0.00 -41.23 16.01
N GLU C 1447 -1.01 -40.39 16.16
CA GLU C 1447 -0.80 -38.96 16.08
C GLU C 1447 0.12 -38.47 17.19
N ARG C 1448 -0.16 -38.86 18.43
CA ARG C 1448 0.62 -38.42 19.57
C ARG C 1448 2.08 -38.82 19.43
N LEU C 1449 2.34 -40.09 19.12
CA LEU C 1449 3.71 -40.56 19.03
C LEU C 1449 4.43 -39.94 17.85
N LEU C 1450 3.73 -39.75 16.73
CA LEU C 1450 4.37 -39.14 15.58
C LEU C 1450 4.77 -37.70 15.88
N LEU C 1451 3.89 -36.95 16.55
CA LEU C 1451 4.20 -35.58 16.88
C LEU C 1451 5.36 -35.50 17.87
N GLU C 1452 5.37 -36.39 18.86
CA GLU C 1452 6.46 -36.37 19.83
C GLU C 1452 7.78 -36.73 19.17
N ALA C 1453 7.74 -37.70 18.27
CA ALA C 1453 8.94 -38.08 17.53
C ALA C 1453 9.48 -36.90 16.75
N MET C 1454 8.59 -36.20 16.05
CA MET C 1454 9.02 -35.06 15.25
C MET C 1454 9.57 -33.96 16.13
N ASP C 1455 8.97 -33.75 17.30
CA ASP C 1455 9.42 -32.66 18.16
C ASP C 1455 10.81 -32.93 18.73
N GLU C 1456 11.00 -34.12 19.29
CA GLU C 1456 12.32 -34.48 19.82
C GLU C 1456 13.37 -34.43 18.73
N LEU C 1457 13.00 -34.92 17.55
CA LEU C 1457 13.96 -34.89 16.45
C LEU C 1457 14.24 -33.47 16.01
N GLU C 1458 13.25 -32.59 16.06
CA GLU C 1458 13.48 -31.19 15.72
C GLU C 1458 14.55 -30.59 16.61
N VAL C 1459 14.38 -30.78 17.92
CA VAL C 1459 15.34 -30.24 18.87
C VAL C 1459 16.73 -30.78 18.59
N ALA C 1460 16.86 -32.10 18.46
CA ALA C 1460 18.20 -32.66 18.29
C ALA C 1460 18.77 -32.36 16.92
N PHE C 1461 17.89 -32.15 15.94
CA PHE C 1461 18.33 -31.83 14.58
C PHE C 1461 18.95 -30.45 14.53
N ASN C 1462 18.35 -29.49 15.23
CA ASN C 1462 18.91 -28.14 15.25
C ASN C 1462 20.09 -27.98 16.19
N ASN C 1463 20.30 -28.90 17.13
CA ASN C 1463 21.41 -28.76 18.07
C ASN C 1463 22.75 -29.11 17.47
N THR C 1464 22.80 -29.72 16.29
CA THR C 1464 24.05 -30.17 15.69
C THR C 1464 24.08 -29.76 14.23
N ASN C 1465 25.26 -29.90 13.64
CA ASN C 1465 25.48 -29.62 12.22
C ASN C 1465 26.33 -30.75 11.64
N VAL C 1466 25.65 -31.78 11.17
CA VAL C 1466 26.25 -32.87 10.41
C VAL C 1466 25.56 -33.08 9.08
N ARG C 1467 24.43 -32.42 8.85
CA ARG C 1467 23.73 -32.45 7.57
C ARG C 1467 23.30 -33.88 7.24
N THR C 1468 22.35 -34.35 8.03
CA THR C 1468 21.80 -35.67 7.83
C THR C 1468 20.85 -35.68 6.64
N ASP C 1469 20.65 -36.87 6.07
CA ASP C 1469 19.79 -37.04 4.91
C ASP C 1469 18.57 -37.90 5.20
N CYS C 1470 18.74 -39.14 5.63
CA CYS C 1470 17.65 -40.12 5.66
C CYS C 1470 17.36 -40.50 7.09
N ASN C 1471 16.55 -39.69 7.75
CA ASN C 1471 16.16 -39.95 9.10
C ASN C 1471 15.02 -40.95 9.15
N HIS C 1472 15.01 -41.74 10.22
CA HIS C 1472 14.16 -42.90 10.39
C HIS C 1472 13.47 -42.84 11.73
N ILE C 1473 12.22 -43.27 11.76
CA ILE C 1473 11.42 -43.37 12.97
C ILE C 1473 10.93 -44.80 13.08
N PHE C 1474 11.13 -45.40 14.25
CA PHE C 1474 10.63 -46.74 14.53
C PHE C 1474 9.78 -46.70 15.80
N LEU C 1475 8.53 -47.13 15.68
CA LEU C 1475 7.59 -47.18 16.78
C LEU C 1475 7.21 -48.63 17.02
N ASN C 1476 7.64 -49.18 18.15
CA ASN C 1476 7.30 -50.52 18.56
C ASN C 1476 6.19 -50.44 19.59
N PHE C 1477 5.03 -50.98 19.25
CA PHE C 1477 3.87 -51.02 20.14
C PHE C 1477 3.83 -52.38 20.82
N VAL C 1478 3.91 -52.36 22.14
CA VAL C 1478 3.80 -53.55 22.96
C VAL C 1478 2.42 -54.19 22.86
N PRO C 1479 1.32 -53.46 23.04
CA PRO C 1479 0.03 -54.13 23.12
C PRO C 1479 -0.40 -54.72 21.80
N THR C 1480 -1.17 -55.79 21.91
CA THR C 1480 -1.81 -56.39 20.76
C THR C 1480 -3.19 -55.79 20.57
N VAL C 1481 -3.53 -55.54 19.31
CA VAL C 1481 -4.80 -54.95 18.93
C VAL C 1481 -5.47 -55.86 17.91
N ILE C 1482 -6.79 -55.96 18.00
CA ILE C 1482 -7.60 -56.68 17.03
C ILE C 1482 -8.06 -55.64 16.02
N MET C 1483 -7.58 -55.77 14.79
CA MET C 1483 -7.92 -54.83 13.74
C MET C 1483 -7.56 -55.46 12.42
N ASP C 1484 -8.31 -55.10 11.39
CA ASP C 1484 -7.94 -55.53 10.05
C ASP C 1484 -6.72 -54.72 9.63
N PRO C 1485 -5.67 -55.35 9.11
CA PRO C 1485 -4.48 -54.56 8.73
C PRO C 1485 -4.74 -53.43 7.74
N SER C 1486 -5.72 -53.60 6.84
CA SER C 1486 -6.01 -52.55 5.88
C SER C 1486 -6.47 -51.27 6.57
N LYS C 1487 -7.20 -51.41 7.68
CA LYS C 1487 -7.64 -50.23 8.41
C LYS C 1487 -6.48 -49.52 9.07
N ILE C 1488 -5.52 -50.29 9.58
CA ILE C 1488 -4.31 -49.69 10.13
C ILE C 1488 -3.57 -48.94 9.03
N GLU C 1489 -3.56 -49.51 7.82
CA GLU C 1489 -2.92 -48.85 6.70
C GLU C 1489 -3.57 -47.50 6.43
N GLU C 1490 -4.90 -47.47 6.41
CA GLU C 1490 -5.61 -46.22 6.16
C GLU C 1490 -5.29 -45.18 7.23
N SER C 1491 -5.32 -45.60 8.50
CA SER C 1491 -5.06 -44.68 9.59
C SER C 1491 -3.67 -44.07 9.49
N VAL C 1492 -2.66 -44.93 9.32
CA VAL C 1492 -1.29 -44.44 9.23
C VAL C 1492 -1.13 -43.55 8.01
N ARG C 1493 -1.78 -43.90 6.91
CA ARG C 1493 -1.68 -43.11 5.69
C ARG C 1493 -2.14 -41.69 5.93
N SER C 1494 -3.34 -41.55 6.51
CA SER C 1494 -3.88 -40.22 6.74
C SER C 1494 -2.99 -39.43 7.70
N MET C 1495 -2.55 -40.07 8.79
CA MET C 1495 -1.74 -39.37 9.77
C MET C 1495 -0.43 -38.89 9.17
N VAL C 1496 0.18 -39.70 8.32
CA VAL C 1496 1.45 -39.31 7.73
C VAL C 1496 1.23 -38.19 6.72
N MET C 1497 0.17 -38.29 5.91
CA MET C 1497 -0.06 -37.29 4.87
C MET C 1497 -0.32 -35.92 5.47
N ARG C 1498 -1.11 -35.85 6.54
CA ARG C 1498 -1.47 -34.54 7.06
C ARG C 1498 -0.26 -33.82 7.64
N TYR C 1499 0.68 -34.56 8.22
CA TYR C 1499 1.92 -34.02 8.76
C TYR C 1499 3.11 -34.28 7.84
N GLY C 1500 2.85 -34.51 6.56
CA GLY C 1500 3.93 -34.82 5.64
C GLY C 1500 4.88 -33.68 5.44
N SER C 1501 4.40 -32.44 5.57
CA SER C 1501 5.26 -31.28 5.37
C SER C 1501 6.35 -31.21 6.44
N ARG C 1502 5.98 -31.41 7.70
CA ARG C 1502 6.96 -31.37 8.78
C ARG C 1502 7.97 -32.50 8.65
N LEU C 1503 7.50 -33.69 8.29
CA LEU C 1503 8.42 -34.80 8.10
C LEU C 1503 9.38 -34.51 6.97
N TRP C 1504 8.90 -33.82 5.93
CA TRP C 1504 9.77 -33.45 4.83
C TRP C 1504 10.84 -32.47 5.30
N LYS C 1505 10.44 -31.46 6.06
CA LYS C 1505 11.40 -30.48 6.55
C LYS C 1505 12.46 -31.12 7.44
N LEU C 1506 12.07 -32.13 8.21
CA LEU C 1506 12.99 -32.83 9.09
C LEU C 1506 13.71 -33.97 8.41
N ARG C 1507 13.48 -34.19 7.12
CA ARG C 1507 14.20 -35.18 6.34
C ARG C 1507 13.95 -36.59 6.85
N VAL C 1508 12.71 -36.84 7.25
CA VAL C 1508 12.28 -38.17 7.67
C VAL C 1508 11.78 -38.89 6.42
N LEU C 1509 12.55 -39.88 5.97
CA LEU C 1509 12.23 -40.55 4.72
C LEU C 1509 11.74 -41.98 4.89
N GLN C 1510 12.15 -42.65 5.96
CA GLN C 1510 11.74 -44.01 6.23
C GLN C 1510 11.03 -44.03 7.57
N ALA C 1511 10.08 -44.95 7.69
CA ALA C 1511 9.44 -45.16 8.98
C ALA C 1511 8.99 -46.60 9.08
N GLU C 1512 9.03 -47.15 10.29
CA GLU C 1512 8.59 -48.50 10.53
C GLU C 1512 7.70 -48.53 11.75
N LEU C 1513 6.66 -49.37 11.68
CA LEU C 1513 5.75 -49.56 12.79
C LEU C 1513 5.53 -51.05 12.98
N LYS C 1514 5.74 -51.51 14.20
CA LYS C 1514 5.52 -52.89 14.59
C LYS C 1514 4.26 -52.95 15.42
N ILE C 1515 3.37 -53.89 15.10
CA ILE C 1515 2.18 -54.06 15.92
C ILE C 1515 1.67 -55.48 15.72
N ASN C 1516 1.18 -56.07 16.81
CA ASN C 1516 0.61 -57.41 16.76
C ASN C 1516 -0.89 -57.35 16.52
N ILE C 1517 -1.38 -58.27 15.69
CA ILE C 1517 -2.79 -58.44 15.41
C ILE C 1517 -3.29 -59.57 16.29
N ARG C 1518 -4.33 -59.27 17.07
CA ARG C 1518 -5.16 -60.23 17.83
C ARG C 1518 -4.53 -60.86 19.05
N ALA C 1525 -1.51 -64.31 18.36
CA ALA C 1525 -1.31 -62.99 17.76
C ALA C 1525 -0.21 -63.04 16.71
N ILE C 1526 -0.44 -62.40 15.56
CA ILE C 1526 0.50 -62.42 14.45
C ILE C 1526 1.12 -61.02 14.34
N PRO C 1527 2.45 -60.89 14.30
CA PRO C 1527 3.02 -59.55 14.13
C PRO C 1527 2.91 -59.09 12.69
N ILE C 1528 2.68 -57.78 12.54
CA ILE C 1528 2.77 -57.12 11.26
C ILE C 1528 3.72 -55.95 11.38
N ARG C 1529 4.41 -55.67 10.27
CA ARG C 1529 5.38 -54.59 10.19
C ARG C 1529 5.09 -53.70 8.99
N LEU C 1530 4.76 -52.44 9.27
CA LEU C 1530 4.45 -51.44 8.28
C LEU C 1530 5.72 -50.70 7.95
N PHE C 1531 6.00 -50.60 6.65
CA PHE C 1531 7.22 -49.96 6.15
C PHE C 1531 6.81 -48.82 5.24
N LEU C 1532 7.20 -47.61 5.61
CA LEU C 1532 6.83 -46.42 4.87
C LEU C 1532 8.05 -45.74 4.29
N THR C 1533 7.94 -45.40 3.01
CA THR C 1533 8.93 -44.58 2.31
C THR C 1533 8.24 -43.30 1.87
N ASN C 1534 8.83 -42.17 2.25
CA ASN C 1534 8.28 -40.84 1.98
C ASN C 1534 9.43 -39.97 1.49
N GLU C 1535 9.65 -40.05 0.20
CA GLU C 1535 10.61 -39.24 -0.53
C GLU C 1535 9.86 -38.00 -0.98
N SER C 1536 10.25 -37.46 -2.14
CA SER C 1536 9.63 -36.28 -2.77
C SER C 1536 8.14 -36.15 -2.44
N GLY C 1537 7.78 -34.96 -1.98
CA GLY C 1537 6.53 -34.73 -1.29
C GLY C 1537 5.32 -34.63 -2.20
N TYR C 1538 5.06 -35.71 -2.93
CA TYR C 1538 3.81 -35.87 -3.65
C TYR C 1538 3.24 -37.27 -3.47
N TYR C 1539 4.09 -38.23 -3.14
CA TYR C 1539 3.72 -39.64 -3.12
C TYR C 1539 4.26 -40.30 -1.87
N LEU C 1540 3.40 -41.04 -1.19
CA LEU C 1540 3.74 -41.78 0.01
C LEU C 1540 3.55 -43.25 -0.28
N ASP C 1541 4.59 -44.04 -0.03
CA ASP C 1541 4.57 -45.47 -0.28
C ASP C 1541 4.46 -46.22 1.03
N ILE C 1542 3.42 -47.02 1.15
CA ILE C 1542 3.18 -47.85 2.33
C ILE C 1542 3.24 -49.29 1.88
N SER C 1543 4.04 -50.08 2.57
CA SER C 1543 4.10 -51.51 2.40
C SER C 1543 3.81 -52.18 3.73
N LEU C 1544 3.41 -53.44 3.63
CA LEU C 1544 3.02 -54.22 4.79
C LEU C 1544 3.58 -55.62 4.63
N TYR C 1545 4.18 -56.14 5.69
CA TYR C 1545 4.73 -57.49 5.68
C TYR C 1545 4.37 -58.18 6.97
N LYS C 1546 4.25 -59.51 6.88
CA LYS C 1546 4.16 -60.36 8.06
C LYS C 1546 5.52 -61.02 8.26
N GLU C 1547 5.84 -61.26 9.52
CA GLU C 1547 7.02 -62.03 9.86
C GLU C 1547 6.63 -63.50 9.88
N VAL C 1548 7.33 -64.30 9.08
CA VAL C 1548 7.06 -65.72 8.96
C VAL C 1548 8.32 -66.47 9.36
N THR C 1549 8.12 -67.45 10.24
CA THR C 1549 9.17 -68.29 10.81
C THR C 1549 9.30 -69.62 10.09
N ASP C 1550 8.42 -69.92 9.14
CA ASP C 1550 8.45 -71.19 8.42
C ASP C 1550 9.65 -71.16 7.48
N SER C 1551 10.82 -71.44 8.06
CA SER C 1551 12.07 -71.53 7.33
C SER C 1551 12.74 -72.83 7.74
N ARG C 1552 13.90 -73.10 7.13
CA ARG C 1552 14.66 -74.30 7.47
C ARG C 1552 15.60 -74.09 8.63
N THR C 1553 16.03 -72.86 8.86
CA THR C 1553 16.94 -72.51 9.94
C THR C 1553 16.18 -71.68 10.96
N ALA C 1554 16.89 -71.20 11.97
CA ALA C 1554 16.31 -70.32 12.98
C ALA C 1554 16.10 -68.90 12.48
N GLN C 1555 16.39 -68.61 11.22
CA GLN C 1555 16.20 -67.28 10.66
C GLN C 1555 14.73 -67.06 10.31
N ILE C 1556 14.29 -65.83 10.48
CA ILE C 1556 12.91 -65.42 10.21
C ILE C 1556 12.96 -64.47 9.03
N MET C 1557 11.90 -64.49 8.21
CA MET C 1557 11.88 -63.64 7.03
C MET C 1557 10.50 -63.03 6.82
N PHE C 1558 10.47 -61.98 6.01
CA PHE C 1558 9.22 -61.32 5.69
C PHE C 1558 8.51 -62.03 4.57
N GLN C 1559 7.19 -62.07 4.68
CA GLN C 1559 6.32 -62.50 3.62
C GLN C 1559 5.21 -61.48 3.51
N ALA C 1560 5.03 -60.96 2.31
CA ALA C 1560 4.01 -59.96 2.04
C ALA C 1560 2.70 -60.67 1.76
N TYR C 1561 1.72 -59.94 1.22
CA TYR C 1561 0.38 -60.44 1.00
C TYR C 1561 0.09 -60.75 -0.46
N GLY C 1562 1.13 -60.98 -1.27
CA GLY C 1562 0.95 -61.35 -2.66
C GLY C 1562 0.76 -60.16 -3.56
N ASP C 1563 -0.21 -59.31 -3.22
CA ASP C 1563 -0.47 -58.09 -3.97
C ASP C 1563 0.56 -57.05 -3.56
N LYS C 1564 1.44 -56.69 -4.49
CA LYS C 1564 2.52 -55.75 -4.23
C LYS C 1564 3.44 -56.28 -3.13
N GLN C 1565 4.13 -57.37 -3.47
CA GLN C 1565 5.03 -58.02 -2.54
C GLN C 1565 6.09 -57.07 -2.01
N GLY C 1566 6.74 -56.34 -2.90
CA GLY C 1566 7.63 -55.28 -2.50
C GLY C 1566 9.06 -55.74 -2.28
N PRO C 1567 9.97 -54.81 -2.01
CA PRO C 1567 11.40 -55.15 -1.97
C PRO C 1567 11.79 -56.10 -0.85
N LEU C 1568 11.08 -56.10 0.26
CA LEU C 1568 11.47 -56.88 1.43
C LEU C 1568 10.88 -58.26 1.45
N HIS C 1569 10.19 -58.65 0.38
CA HIS C 1569 9.61 -59.98 0.31
C HIS C 1569 10.72 -61.02 0.32
N GLY C 1570 10.58 -62.01 1.20
CA GLY C 1570 11.59 -63.04 1.35
C GLY C 1570 12.89 -62.57 1.95
N MET C 1571 12.96 -61.34 2.46
CA MET C 1571 14.15 -60.79 3.06
C MET C 1571 14.15 -61.09 4.56
N LEU C 1572 15.35 -61.23 5.12
CA LEU C 1572 15.47 -61.49 6.55
C LEU C 1572 15.07 -60.26 7.34
N ILE C 1573 14.41 -60.50 8.47
CA ILE C 1573 13.94 -59.41 9.31
C ILE C 1573 15.06 -58.66 9.99
N ASN C 1574 16.25 -59.25 10.06
CA ASN C 1574 17.42 -58.63 10.67
C ASN C 1574 18.33 -57.97 9.65
N THR C 1575 17.81 -57.62 8.48
CA THR C 1575 18.63 -56.93 7.51
C THR C 1575 19.07 -55.59 8.07
N PRO C 1576 20.37 -55.26 8.06
CA PRO C 1576 20.78 -53.97 8.60
C PRO C 1576 20.39 -52.83 7.68
N TYR C 1577 20.58 -51.62 8.20
CA TYR C 1577 20.35 -50.43 7.42
C TYR C 1577 21.58 -50.08 6.60
N VAL C 1578 21.36 -49.83 5.32
CA VAL C 1578 22.43 -49.55 4.37
C VAL C 1578 22.90 -48.11 4.48
N THR C 1579 23.96 -47.84 3.75
CA THR C 1579 24.65 -46.56 3.70
C THR C 1579 24.55 -46.01 2.29
N LYS C 1580 23.82 -44.90 2.08
CA LYS C 1580 23.16 -44.48 0.83
C LYS C 1580 23.56 -45.14 -0.49
N ASP C 1581 22.88 -44.78 -1.59
CA ASP C 1581 22.99 -45.59 -2.80
C ASP C 1581 23.34 -44.73 -4.00
N LEU C 1582 23.22 -45.33 -5.19
CA LEU C 1582 23.44 -44.63 -6.43
C LEU C 1582 22.68 -43.30 -6.46
N LEU C 1583 21.36 -43.35 -6.37
CA LEU C 1583 20.54 -42.16 -6.54
C LEU C 1583 20.76 -41.16 -5.42
N GLN C 1584 20.81 -41.62 -4.19
CA GLN C 1584 21.10 -40.71 -3.10
C GLN C 1584 22.51 -40.17 -3.22
N SER C 1585 22.72 -39.04 -2.55
CA SER C 1585 23.90 -38.18 -2.60
C SER C 1585 23.96 -37.36 -3.89
N LYS C 1586 23.06 -37.63 -4.83
CA LYS C 1586 22.75 -36.77 -5.94
C LYS C 1586 21.35 -36.22 -5.82
N ARG C 1587 20.41 -37.07 -5.41
CA ARG C 1587 19.07 -36.62 -5.10
C ARG C 1587 19.08 -35.66 -3.93
N PHE C 1588 19.99 -35.91 -2.98
CA PHE C 1588 20.09 -35.07 -1.80
C PHE C 1588 20.58 -33.69 -2.15
N GLN C 1589 21.60 -33.60 -2.99
CA GLN C 1589 22.13 -32.31 -3.43
C GLN C 1589 21.06 -31.49 -4.14
N ALA C 1590 20.36 -32.14 -5.08
CA ALA C 1590 19.33 -31.46 -5.84
C ALA C 1590 18.23 -30.94 -4.93
N GLN C 1591 17.78 -31.75 -3.99
CA GLN C 1591 16.78 -31.27 -3.05
C GLN C 1591 17.34 -30.19 -2.14
N SER C 1592 18.64 -30.24 -1.87
CA SER C 1592 19.27 -29.21 -1.06
C SER C 1592 19.36 -27.89 -1.79
N LEU C 1593 19.18 -27.88 -3.11
CA LEU C 1593 19.09 -26.64 -3.85
C LEU C 1593 17.65 -26.16 -4.06
N GLY C 1594 16.66 -26.86 -3.52
CA GLY C 1594 15.28 -26.47 -3.70
C GLY C 1594 14.64 -26.93 -4.99
N THR C 1595 15.19 -27.94 -5.62
CA THR C 1595 14.66 -28.47 -6.86
C THR C 1595 14.66 -29.97 -6.81
N THR C 1596 13.80 -30.56 -7.61
CA THR C 1596 13.66 -32.00 -7.69
C THR C 1596 14.79 -32.59 -8.52
N TYR C 1597 15.20 -33.79 -8.15
CA TYR C 1597 16.20 -34.51 -8.93
C TYR C 1597 15.58 -34.95 -10.24
N ILE C 1598 16.41 -34.99 -11.27
CA ILE C 1598 15.92 -35.15 -12.63
C ILE C 1598 15.20 -36.47 -12.80
N TYR C 1599 15.78 -37.55 -12.29
CA TYR C 1599 15.23 -38.88 -12.48
C TYR C 1599 14.01 -39.16 -11.63
N ASP C 1600 13.53 -38.18 -10.87
CA ASP C 1600 12.23 -38.25 -10.22
C ASP C 1600 11.13 -37.64 -11.07
N ILE C 1601 11.46 -37.09 -12.24
CA ILE C 1601 10.47 -36.41 -13.04
C ILE C 1601 9.43 -37.36 -13.61
N PRO C 1602 9.80 -38.52 -14.18
CA PRO C 1602 8.78 -39.43 -14.70
C PRO C 1602 7.71 -39.81 -13.70
N GLU C 1603 8.12 -40.17 -12.49
CA GLU C 1603 7.15 -40.52 -11.46
C GLU C 1603 6.15 -39.42 -11.21
N MET C 1604 6.62 -38.16 -11.11
CA MET C 1604 5.71 -37.04 -10.92
C MET C 1604 4.63 -37.04 -11.99
N PHE C 1605 5.03 -37.27 -13.25
CA PHE C 1605 4.07 -37.27 -14.33
C PHE C 1605 2.96 -38.26 -14.05
N ARG C 1606 3.35 -39.48 -13.66
CA ARG C 1606 2.38 -40.52 -13.40
C ARG C 1606 1.40 -40.06 -12.35
N GLN C 1607 1.92 -39.55 -11.24
CA GLN C 1607 1.03 -39.19 -10.16
C GLN C 1607 0.18 -38.01 -10.57
N SER C 1608 0.76 -37.10 -11.34
CA SER C 1608 -0.02 -35.95 -11.76
C SER C 1608 -1.16 -36.39 -12.66
N LEU C 1609 -0.92 -37.39 -13.51
CA LEU C 1609 -1.97 -37.87 -14.39
C LEU C 1609 -3.13 -38.40 -13.57
N ILE C 1610 -2.84 -39.06 -12.46
CA ILE C 1610 -3.90 -39.56 -11.60
C ILE C 1610 -4.77 -38.39 -11.18
N LYS C 1611 -4.13 -37.33 -10.69
CA LYS C 1611 -4.86 -36.15 -10.27
C LYS C 1611 -5.65 -35.59 -11.43
N LEU C 1612 -5.08 -35.61 -12.63
CA LEU C 1612 -5.78 -35.10 -13.79
C LEU C 1612 -7.05 -35.87 -14.04
N TRP C 1613 -6.96 -37.21 -14.01
CA TRP C 1613 -8.15 -38.02 -14.27
C TRP C 1613 -9.21 -37.78 -13.21
N GLU C 1614 -8.80 -37.37 -12.01
CA GLU C 1614 -9.78 -37.02 -10.99
C GLU C 1614 -10.34 -35.63 -11.27
N SER C 1615 -9.45 -34.69 -11.59
CA SER C 1615 -9.84 -33.30 -11.68
C SER C 1615 -10.85 -33.08 -12.80
N MET C 1616 -10.63 -33.75 -13.93
CA MET C 1616 -11.52 -33.62 -15.07
C MET C 1616 -12.77 -34.48 -14.96
N SER C 1617 -12.95 -35.23 -13.87
CA SER C 1617 -14.14 -36.04 -13.78
C SER C 1617 -15.41 -35.24 -13.58
N THR C 1618 -15.31 -33.99 -13.13
CA THR C 1618 -16.46 -33.12 -12.95
C THR C 1618 -16.82 -32.32 -14.18
N GLN C 1619 -16.07 -32.47 -15.27
CA GLN C 1619 -16.26 -31.69 -16.48
C GLN C 1619 -16.80 -32.51 -17.63
N ALA C 1620 -16.47 -33.79 -17.68
CA ALA C 1620 -16.77 -34.62 -18.82
C ALA C 1620 -17.03 -36.04 -18.39
N PHE C 1621 -17.74 -36.77 -19.25
CA PHE C 1621 -18.05 -38.17 -19.05
C PHE C 1621 -16.87 -39.00 -19.50
N LEU C 1622 -16.06 -39.39 -18.58
CA LEU C 1622 -14.82 -40.09 -18.88
C LEU C 1622 -14.96 -41.59 -18.66
N PRO C 1623 -14.22 -42.43 -19.39
CA PRO C 1623 -14.23 -43.86 -19.10
C PRO C 1623 -13.51 -44.15 -17.80
N SER C 1624 -13.57 -45.41 -17.39
CA SER C 1624 -12.89 -45.81 -16.19
C SER C 1624 -11.38 -45.67 -16.37
N PRO C 1625 -10.65 -45.06 -15.45
CA PRO C 1625 -9.23 -44.86 -15.65
C PRO C 1625 -8.50 -46.19 -15.57
N PRO C 1626 -7.41 -46.36 -16.33
CA PRO C 1626 -6.61 -47.57 -16.18
C PRO C 1626 -5.81 -47.52 -14.89
N LEU C 1627 -5.21 -48.65 -14.57
CA LEU C 1627 -4.41 -48.70 -13.37
C LEU C 1627 -3.16 -47.86 -13.58
N PRO C 1628 -2.56 -47.34 -12.50
CA PRO C 1628 -1.37 -46.49 -12.65
C PRO C 1628 -0.23 -47.11 -13.42
N SER C 1629 -0.11 -48.44 -13.38
CA SER C 1629 0.98 -49.09 -14.08
C SER C 1629 0.82 -49.03 -15.60
N ASP C 1630 -0.37 -48.69 -16.10
CA ASP C 1630 -0.63 -48.57 -17.52
C ASP C 1630 -0.89 -47.14 -17.97
N MET C 1631 -0.67 -46.15 -17.10
CA MET C 1631 -0.91 -44.76 -17.45
C MET C 1631 0.29 -44.08 -18.08
N LEU C 1632 1.50 -44.55 -17.79
CA LEU C 1632 2.69 -43.92 -18.35
C LEU C 1632 3.78 -44.96 -18.54
N THR C 1633 4.35 -44.97 -19.74
CA THR C 1633 5.55 -45.75 -20.02
C THR C 1633 6.52 -44.88 -20.79
N TYR C 1634 7.80 -45.00 -20.46
CA TYR C 1634 8.81 -44.14 -21.04
C TYR C 1634 10.08 -44.90 -21.34
N THR C 1635 10.85 -44.34 -22.26
CA THR C 1635 12.17 -44.84 -22.59
C THR C 1635 13.15 -43.68 -22.58
N GLU C 1636 14.35 -43.94 -22.09
CA GLU C 1636 15.35 -42.90 -21.99
C GLU C 1636 16.02 -42.74 -23.34
N LEU C 1637 16.33 -41.50 -23.68
CA LEU C 1637 16.99 -41.15 -24.92
C LEU C 1637 18.42 -40.82 -24.59
N VAL C 1638 19.36 -41.57 -25.14
CA VAL C 1638 20.77 -41.38 -24.87
C VAL C 1638 21.49 -41.20 -26.19
N LEU C 1639 22.71 -40.73 -26.11
CA LEU C 1639 23.54 -40.57 -27.29
C LEU C 1639 24.45 -41.77 -27.47
N ASP C 1640 24.64 -42.17 -28.71
CA ASP C 1640 25.59 -43.20 -29.04
C ASP C 1640 26.95 -42.55 -29.21
N ASP C 1641 27.92 -43.30 -29.73
CA ASP C 1641 29.25 -42.75 -29.97
C ASP C 1641 29.30 -41.82 -31.18
N GLN C 1642 28.29 -41.87 -32.06
CA GLN C 1642 28.26 -41.04 -33.25
C GLN C 1642 27.52 -39.73 -33.06
N GLY C 1643 26.66 -39.64 -32.04
CA GLY C 1643 25.84 -38.48 -31.81
C GLY C 1643 24.37 -38.67 -32.13
N GLN C 1644 23.93 -39.89 -32.39
CA GLN C 1644 22.54 -40.18 -32.67
C GLN C 1644 21.84 -40.70 -31.42
N LEU C 1645 20.52 -40.69 -31.48
CA LEU C 1645 19.72 -41.09 -30.34
C LEU C 1645 19.55 -42.59 -30.30
N VAL C 1646 19.57 -43.13 -29.09
CA VAL C 1646 19.30 -44.52 -28.82
C VAL C 1646 18.19 -44.57 -27.77
N HIS C 1647 17.20 -45.41 -28.05
CA HIS C 1647 16.15 -45.71 -27.09
C HIS C 1647 16.67 -46.80 -26.16
N MET C 1648 16.84 -46.45 -24.89
CA MET C 1648 17.47 -47.33 -23.94
C MET C 1648 16.62 -47.41 -22.69
N ASN C 1649 16.58 -48.61 -22.11
CA ASN C 1649 15.95 -48.88 -20.84
C ASN C 1649 17.07 -49.25 -19.89
N ARG C 1650 17.25 -48.45 -18.84
CA ARG C 1650 18.32 -48.67 -17.89
C ARG C 1650 17.88 -48.11 -16.56
N LEU C 1651 18.70 -48.34 -15.56
CA LEU C 1651 18.37 -47.87 -14.24
C LEU C 1651 18.60 -46.37 -14.15
N PRO C 1652 17.88 -45.66 -13.29
CA PRO C 1652 18.08 -44.23 -13.16
C PRO C 1652 19.42 -43.89 -12.52
N GLY C 1653 19.90 -42.69 -12.83
CA GLY C 1653 21.12 -42.18 -12.27
C GLY C 1653 22.37 -42.56 -13.02
N GLY C 1654 22.24 -43.08 -14.24
CA GLY C 1654 23.39 -43.53 -15.00
C GLY C 1654 23.86 -42.55 -16.05
N ASN C 1655 23.44 -41.30 -15.94
CA ASN C 1655 23.82 -40.30 -16.92
C ASN C 1655 25.27 -39.87 -16.72
N GLU C 1656 25.99 -39.82 -17.84
CA GLU C 1656 27.37 -39.32 -17.86
C GLU C 1656 27.47 -37.86 -18.27
N ILE C 1657 26.36 -37.24 -18.68
CA ILE C 1657 26.30 -35.83 -19.03
C ILE C 1657 25.20 -35.18 -18.21
N GLY C 1658 25.15 -33.85 -18.29
CA GLY C 1658 24.22 -33.08 -17.50
C GLY C 1658 22.83 -32.95 -18.05
N MET C 1659 22.53 -33.62 -19.15
CA MET C 1659 21.24 -33.53 -19.82
C MET C 1659 20.66 -34.91 -19.91
N VAL C 1660 19.35 -35.01 -19.67
CA VAL C 1660 18.64 -36.27 -19.79
C VAL C 1660 17.34 -36.01 -20.52
N ALA C 1661 16.91 -37.00 -21.29
CA ALA C 1661 15.67 -36.89 -22.02
C ALA C 1661 14.96 -38.23 -22.06
N TRP C 1662 13.64 -38.14 -22.21
CA TRP C 1662 12.78 -39.30 -22.30
C TRP C 1662 11.75 -39.08 -23.39
N LYS C 1663 11.34 -40.18 -23.98
CA LYS C 1663 10.11 -40.25 -24.74
C LYS C 1663 9.07 -40.92 -23.86
N MET C 1664 7.97 -40.22 -23.63
CA MET C 1664 6.91 -40.64 -22.73
C MET C 1664 5.64 -40.85 -23.51
N THR C 1665 5.00 -41.98 -23.29
CA THR C 1665 3.68 -42.27 -23.80
C THR C 1665 2.75 -42.41 -22.62
N PHE C 1666 1.63 -41.70 -22.66
CA PHE C 1666 0.71 -41.75 -21.55
C PHE C 1666 -0.73 -41.58 -22.02
N LYS C 1667 -1.65 -42.05 -21.19
CA LYS C 1667 -3.07 -42.00 -21.45
C LYS C 1667 -3.68 -40.87 -20.63
N SER C 1668 -4.40 -40.00 -21.30
CA SER C 1668 -5.05 -38.85 -20.69
C SER C 1668 -6.55 -38.95 -20.94
N PRO C 1669 -7.36 -38.20 -20.18
CA PRO C 1669 -8.81 -38.27 -20.37
C PRO C 1669 -9.28 -37.96 -21.78
N GLU C 1670 -8.62 -37.00 -22.43
CA GLU C 1670 -8.96 -36.62 -23.78
C GLU C 1670 -8.39 -37.57 -24.83
N TYR C 1671 -7.28 -38.23 -24.54
CA TYR C 1671 -6.67 -39.22 -25.42
C TYR C 1671 -6.36 -40.48 -24.60
N PRO C 1672 -7.36 -41.30 -24.35
CA PRO C 1672 -7.14 -42.49 -23.52
C PRO C 1672 -6.55 -43.68 -24.27
N GLU C 1673 -5.99 -43.45 -25.45
CA GLU C 1673 -5.27 -44.46 -26.20
C GLU C 1673 -3.77 -44.26 -26.21
N GLY C 1674 -3.28 -43.12 -25.73
CA GLY C 1674 -1.86 -42.86 -25.68
C GLY C 1674 -1.48 -41.67 -26.53
N ARG C 1675 -0.78 -40.74 -25.91
CA ARG C 1675 -0.18 -39.62 -26.60
C ARG C 1675 1.28 -39.53 -26.17
N ASP C 1676 2.10 -39.03 -27.08
CA ASP C 1676 3.54 -39.00 -26.91
C ASP C 1676 4.00 -37.58 -26.60
N ILE C 1677 5.05 -37.50 -25.78
CA ILE C 1677 5.76 -36.25 -25.56
C ILE C 1677 7.24 -36.55 -25.40
N ILE C 1678 8.04 -35.53 -25.64
CA ILE C 1678 9.48 -35.56 -25.39
C ILE C 1678 9.75 -34.64 -24.22
N VAL C 1679 10.46 -35.16 -23.24
CA VAL C 1679 10.81 -34.44 -22.03
C VAL C 1679 12.32 -34.31 -22.01
N ILE C 1680 12.80 -33.10 -21.80
CA ILE C 1680 14.23 -32.81 -21.72
C ILE C 1680 14.46 -32.05 -20.43
N GLY C 1681 15.54 -32.39 -19.72
CA GLY C 1681 15.82 -31.79 -18.45
C GLY C 1681 17.30 -31.71 -18.15
N ASN C 1682 17.64 -30.67 -17.39
CA ASN C 1682 18.97 -30.45 -16.87
C ASN C 1682 19.15 -31.18 -15.56
N ASP C 1683 20.33 -31.74 -15.37
CA ASP C 1683 20.74 -32.33 -14.11
C ASP C 1683 21.54 -31.27 -13.37
N ILE C 1684 20.94 -30.70 -12.32
CA ILE C 1684 21.55 -29.60 -11.62
C ILE C 1684 22.82 -30.02 -10.89
N THR C 1685 22.97 -31.31 -10.60
CA THR C 1685 24.07 -31.80 -9.80
C THR C 1685 25.29 -32.19 -10.61
N TYR C 1686 25.20 -32.17 -11.94
CA TYR C 1686 26.30 -32.58 -12.80
C TYR C 1686 27.07 -31.35 -13.23
N ARG C 1687 28.23 -31.12 -12.62
CA ARG C 1687 29.10 -30.00 -12.98
C ARG C 1687 28.32 -28.69 -13.00
N ILE C 1688 27.98 -28.21 -11.81
CA ILE C 1688 26.76 -27.47 -11.46
C ILE C 1688 26.12 -26.85 -12.70
N GLY C 1689 24.88 -27.25 -13.00
CA GLY C 1689 24.17 -26.84 -14.21
C GLY C 1689 24.97 -27.07 -15.49
N SER C 1690 25.30 -25.97 -16.19
CA SER C 1690 26.37 -25.95 -17.19
C SER C 1690 26.22 -26.74 -18.49
N PHE C 1691 25.51 -26.21 -19.46
CA PHE C 1691 25.52 -26.72 -20.83
C PHE C 1691 26.95 -26.91 -21.31
N GLY C 1692 27.28 -28.15 -21.68
CA GLY C 1692 28.47 -28.46 -22.43
C GLY C 1692 28.11 -28.77 -23.86
N PRO C 1693 29.09 -29.24 -24.64
CA PRO C 1693 28.80 -29.58 -26.03
C PRO C 1693 27.92 -30.81 -26.16
N GLN C 1694 28.10 -31.82 -25.31
CA GLN C 1694 27.30 -33.02 -25.41
C GLN C 1694 25.88 -32.79 -24.93
N GLU C 1695 25.73 -31.96 -23.90
CA GLU C 1695 24.39 -31.61 -23.44
C GLU C 1695 23.63 -30.88 -24.53
N ASP C 1696 24.31 -29.97 -25.21
CA ASP C 1696 23.72 -29.26 -26.32
C ASP C 1696 23.33 -30.21 -27.43
N LEU C 1697 24.20 -31.17 -27.75
CA LEU C 1697 23.89 -32.12 -28.81
C LEU C 1697 22.67 -32.97 -28.46
N LEU C 1698 22.56 -33.42 -27.22
CA LEU C 1698 21.40 -34.23 -26.86
C LEU C 1698 20.13 -33.40 -26.96
N PHE C 1699 20.18 -32.15 -26.49
CA PHE C 1699 19.02 -31.28 -26.61
C PHE C 1699 18.60 -31.16 -28.07
N LEU C 1700 19.56 -30.94 -28.94
CA LEU C 1700 19.27 -30.77 -30.35
C LEU C 1700 18.62 -32.02 -30.92
N ARG C 1701 19.20 -33.18 -30.65
CA ARG C 1701 18.70 -34.39 -31.29
C ARG C 1701 17.31 -34.74 -30.78
N ALA C 1702 17.05 -34.51 -29.50
CA ALA C 1702 15.72 -34.77 -28.98
C ALA C 1702 14.71 -33.81 -29.59
N SER C 1703 15.09 -32.56 -29.76
CA SER C 1703 14.18 -31.60 -30.39
C SER C 1703 13.91 -31.98 -31.83
N GLU C 1704 14.94 -32.46 -32.53
CA GLU C 1704 14.77 -32.97 -33.88
C GLU C 1704 13.77 -34.11 -33.91
N LEU C 1705 13.87 -35.02 -32.95
CA LEU C 1705 12.92 -36.12 -32.86
C LEU C 1705 11.50 -35.59 -32.71
N ALA C 1706 11.32 -34.64 -31.80
CA ALA C 1706 9.99 -34.09 -31.55
C ALA C 1706 9.42 -33.45 -32.82
N ARG C 1707 10.24 -32.75 -33.57
CA ARG C 1707 9.75 -32.13 -34.79
C ARG C 1707 9.44 -33.18 -35.85
N ALA C 1708 10.27 -34.22 -35.92
CA ALA C 1708 10.06 -35.26 -36.91
C ALA C 1708 8.76 -36.00 -36.66
N GLU C 1709 8.41 -36.21 -35.40
CA GLU C 1709 7.13 -36.84 -35.08
C GLU C 1709 5.99 -35.85 -34.95
N GLY C 1710 6.27 -34.57 -34.76
CA GLY C 1710 5.21 -33.60 -34.66
C GLY C 1710 4.53 -33.57 -33.32
N ILE C 1711 5.26 -33.84 -32.25
CA ILE C 1711 4.68 -33.98 -30.92
C ILE C 1711 5.27 -32.91 -30.02
N PRO C 1712 4.69 -32.70 -28.84
CA PRO C 1712 5.18 -31.64 -27.97
C PRO C 1712 6.56 -31.91 -27.40
N ARG C 1713 7.21 -30.82 -27.04
CA ARG C 1713 8.51 -30.84 -26.38
C ARG C 1713 8.39 -30.10 -25.08
N ILE C 1714 8.76 -30.79 -24.00
CA ILE C 1714 8.73 -30.24 -22.66
C ILE C 1714 10.17 -30.09 -22.20
N TYR C 1715 10.50 -28.91 -21.70
CA TYR C 1715 11.85 -28.59 -21.25
C TYR C 1715 11.82 -28.18 -19.79
N VAL C 1716 12.59 -28.88 -18.97
CA VAL C 1716 12.69 -28.60 -17.54
C VAL C 1716 14.03 -27.94 -17.30
N SER C 1717 14.00 -26.67 -16.91
CA SER C 1717 15.19 -25.84 -16.86
C SER C 1717 15.70 -25.77 -15.44
N ALA C 1718 16.91 -26.28 -15.25
CA ALA C 1718 17.63 -26.05 -14.02
C ALA C 1718 19.12 -26.06 -14.33
N ASN C 1719 19.68 -24.90 -14.62
CA ASN C 1719 21.00 -24.82 -15.19
C ASN C 1719 21.65 -23.51 -14.78
N SER C 1720 22.88 -23.35 -15.23
CA SER C 1720 23.73 -22.22 -14.88
C SER C 1720 24.30 -21.54 -16.12
N GLY C 1721 23.73 -21.79 -17.27
CA GLY C 1721 24.19 -21.14 -18.46
C GLY C 1721 25.28 -21.93 -19.12
N ALA C 1722 26.00 -21.25 -20.01
CA ALA C 1722 27.06 -21.90 -20.74
C ALA C 1722 28.18 -22.31 -19.81
N ARG C 1723 28.81 -23.43 -20.15
CA ARG C 1723 29.90 -23.93 -19.34
C ARG C 1723 31.16 -23.15 -19.65
N ILE C 1724 31.92 -22.83 -18.61
CA ILE C 1724 33.17 -22.13 -18.73
C ILE C 1724 34.23 -22.94 -18.01
N GLY C 1725 35.48 -22.53 -18.20
CA GLY C 1725 36.55 -23.15 -17.48
C GLY C 1725 37.86 -22.46 -17.78
N LEU C 1726 38.89 -22.97 -17.15
CA LEU C 1726 40.23 -22.46 -17.29
C LEU C 1726 41.20 -23.61 -17.48
N ALA C 1727 42.26 -23.36 -18.24
CA ALA C 1727 43.24 -24.37 -18.60
C ALA C 1727 44.19 -24.56 -17.43
N GLU C 1728 43.87 -25.51 -16.57
CA GLU C 1728 44.61 -25.70 -15.34
C GLU C 1728 46.00 -26.26 -15.57
N GLU C 1729 46.21 -26.97 -16.67
CA GLU C 1729 47.52 -27.51 -16.99
C GLU C 1729 48.58 -26.43 -17.24
N ILE C 1730 48.17 -25.19 -17.49
CA ILE C 1730 49.08 -24.08 -17.75
C ILE C 1730 49.15 -23.20 -16.51
N ARG C 1731 48.08 -23.22 -15.70
CA ARG C 1731 47.97 -22.34 -14.56
C ARG C 1731 49.10 -22.54 -13.58
N HIS C 1732 49.60 -23.77 -13.47
CA HIS C 1732 50.63 -24.15 -12.53
C HIS C 1732 52.02 -24.23 -13.16
N MET C 1733 52.18 -23.75 -14.39
CA MET C 1733 53.45 -23.82 -15.09
C MET C 1733 54.00 -22.47 -15.49
N PHE C 1734 53.16 -21.49 -15.76
CA PHE C 1734 53.63 -20.25 -16.35
C PHE C 1734 54.44 -19.43 -15.36
N HIS C 1735 55.36 -18.64 -15.91
CA HIS C 1735 56.14 -17.67 -15.17
C HIS C 1735 55.95 -16.30 -15.80
N VAL C 1736 56.01 -15.30 -14.95
CA VAL C 1736 55.86 -13.90 -15.31
C VAL C 1736 57.23 -13.36 -15.70
N ALA C 1737 57.30 -12.68 -16.84
CA ALA C 1737 58.49 -11.93 -17.24
C ALA C 1737 58.31 -10.51 -16.77
N TRP C 1738 58.94 -10.19 -15.65
CA TRP C 1738 58.76 -8.89 -15.03
C TRP C 1738 59.59 -7.82 -15.73
N VAL C 1739 59.09 -6.60 -15.69
CA VAL C 1739 59.88 -5.46 -16.12
C VAL C 1739 61.06 -5.26 -15.20
N ASP C 1740 60.81 -5.30 -13.89
CA ASP C 1740 61.84 -5.28 -12.86
C ASP C 1740 61.61 -6.51 -11.99
N PRO C 1741 62.42 -7.57 -12.10
CA PRO C 1741 62.17 -8.76 -11.28
C PRO C 1741 62.26 -8.54 -9.79
N GLU C 1742 62.92 -7.47 -9.36
CA GLU C 1742 63.03 -7.14 -7.94
C GLU C 1742 61.89 -6.25 -7.46
N ASP C 1743 61.36 -5.40 -8.33
CA ASP C 1743 60.22 -4.55 -8.02
C ASP C 1743 59.09 -4.92 -8.98
N PRO C 1744 58.17 -5.82 -8.61
CA PRO C 1744 57.15 -6.25 -9.56
C PRO C 1744 56.08 -5.20 -9.87
N TYR C 1745 56.13 -4.03 -9.25
CA TYR C 1745 55.08 -3.03 -9.39
C TYR C 1745 55.35 -2.03 -10.50
N LYS C 1746 56.28 -2.34 -11.40
CA LYS C 1746 56.49 -1.56 -12.61
C LYS C 1746 56.09 -2.37 -13.84
N GLY C 1747 55.21 -3.34 -13.65
CA GLY C 1747 54.65 -4.08 -14.75
C GLY C 1747 55.42 -5.33 -15.09
N TYR C 1748 54.78 -6.12 -15.94
CA TYR C 1748 55.39 -7.28 -16.55
C TYR C 1748 55.14 -7.18 -18.05
N ARG C 1749 55.99 -7.86 -18.81
CA ARG C 1749 55.91 -7.83 -20.26
C ARG C 1749 55.11 -8.98 -20.84
N TYR C 1750 55.26 -10.19 -20.30
CA TYR C 1750 54.59 -11.33 -20.87
C TYR C 1750 54.60 -12.47 -19.88
N LEU C 1751 53.90 -13.54 -20.26
CA LEU C 1751 53.92 -14.80 -19.56
C LEU C 1751 54.53 -15.85 -20.45
N TYR C 1752 55.27 -16.77 -19.84
CA TYR C 1752 56.06 -17.71 -20.61
C TYR C 1752 56.15 -19.04 -19.90
N LEU C 1753 56.55 -20.03 -20.67
CA LEU C 1753 56.91 -21.34 -20.18
C LEU C 1753 58.40 -21.56 -20.36
N THR C 1754 58.96 -22.29 -19.47
CA THR C 1754 60.32 -22.76 -19.62
C THR C 1754 60.33 -23.99 -20.50
N PRO C 1755 61.48 -24.37 -21.05
CA PRO C 1755 61.53 -25.58 -21.88
C PRO C 1755 61.03 -26.82 -21.19
N GLN C 1756 61.28 -26.94 -19.89
CA GLN C 1756 60.88 -28.14 -19.15
C GLN C 1756 59.37 -28.30 -19.15
N ASP C 1757 58.64 -27.20 -19.18
CA ASP C 1757 57.18 -27.23 -19.23
C ASP C 1757 56.68 -27.30 -20.66
N TYR C 1758 57.30 -26.54 -21.56
CA TYR C 1758 56.84 -26.48 -22.95
C TYR C 1758 56.95 -27.84 -23.61
N LYS C 1759 58.01 -28.57 -23.32
CA LYS C 1759 58.20 -29.88 -23.95
C LYS C 1759 57.13 -30.87 -23.55
N ARG C 1760 56.45 -30.65 -22.43
CA ARG C 1760 55.43 -31.57 -21.94
C ARG C 1760 54.02 -31.21 -22.41
N VAL C 1761 53.84 -30.07 -23.07
CA VAL C 1761 52.54 -29.64 -23.56
C VAL C 1761 52.51 -29.41 -25.05
N SER C 1762 53.66 -29.23 -25.70
CA SER C 1762 53.67 -28.89 -27.12
C SER C 1762 53.06 -29.99 -27.96
N ALA C 1763 53.12 -31.21 -27.49
CA ALA C 1763 52.55 -32.35 -28.20
C ALA C 1763 51.04 -32.47 -28.02
N LEU C 1764 50.43 -31.61 -27.20
CA LEU C 1764 49.00 -31.66 -26.93
C LEU C 1764 48.21 -30.61 -27.69
N ASN C 1765 48.87 -29.59 -28.24
CA ASN C 1765 48.20 -28.45 -28.84
C ASN C 1765 47.31 -27.77 -27.80
N SER C 1766 47.79 -27.70 -26.56
CA SER C 1766 47.11 -27.01 -25.48
C SER C 1766 47.52 -25.54 -25.40
N VAL C 1767 48.67 -25.17 -25.93
CA VAL C 1767 49.16 -23.81 -25.88
C VAL C 1767 49.95 -23.52 -27.13
N HIS C 1768 49.92 -22.26 -27.55
CA HIS C 1768 50.72 -21.75 -28.65
C HIS C 1768 51.71 -20.73 -28.11
N CYS C 1769 52.99 -21.03 -28.26
CA CYS C 1769 54.06 -20.19 -27.79
C CYS C 1769 55.06 -19.97 -28.91
N GLU C 1770 55.90 -18.97 -28.71
CA GLU C 1770 57.00 -18.69 -29.63
C GLU C 1770 58.29 -18.59 -28.83
N HIS C 1771 59.35 -19.18 -29.37
CA HIS C 1771 60.63 -19.18 -28.69
C HIS C 1771 61.24 -17.79 -28.74
N VAL C 1772 61.73 -17.35 -27.59
CA VAL C 1772 62.42 -16.07 -27.46
C VAL C 1772 63.62 -16.28 -26.55
N GLU C 1773 64.57 -15.36 -26.71
CA GLU C 1773 65.74 -15.27 -25.84
C GLU C 1773 65.59 -13.99 -25.04
N ASP C 1774 65.54 -14.11 -23.71
CA ASP C 1774 65.36 -12.93 -22.90
C ASP C 1774 66.00 -13.14 -21.53
N GLU C 1775 66.72 -12.11 -21.08
CA GLU C 1775 67.46 -12.16 -19.83
C GLU C 1775 68.46 -13.32 -19.82
N GLY C 1776 68.98 -13.65 -20.99
CA GLY C 1776 69.89 -14.77 -21.11
C GLY C 1776 69.25 -16.12 -20.90
N GLU C 1777 67.93 -16.21 -21.01
CA GLU C 1777 67.20 -17.45 -20.82
C GLU C 1777 66.40 -17.79 -22.06
N SER C 1778 66.29 -19.09 -22.29
CA SER C 1778 65.41 -19.65 -23.31
C SER C 1778 64.01 -19.68 -22.77
N ARG C 1779 63.08 -18.99 -23.44
CA ARG C 1779 61.71 -18.91 -22.99
C ARG C 1779 60.77 -19.16 -24.15
N TYR C 1780 59.59 -19.68 -23.85
CA TYR C 1780 58.52 -19.84 -24.83
C TYR C 1780 57.42 -18.90 -24.39
N LYS C 1781 57.34 -17.76 -25.05
CA LYS C 1781 56.35 -16.76 -24.72
C LYS C 1781 54.99 -17.21 -25.18
N ILE C 1782 54.01 -17.14 -24.28
CA ILE C 1782 52.65 -17.58 -24.56
C ILE C 1782 51.96 -16.50 -25.37
N THR C 1783 51.33 -16.90 -26.48
CA THR C 1783 50.50 -15.99 -27.25
C THR C 1783 49.04 -16.39 -27.28
N ASP C 1784 48.76 -17.69 -27.24
CA ASP C 1784 47.40 -18.20 -27.18
C ASP C 1784 47.37 -19.45 -26.33
N ILE C 1785 46.28 -19.61 -25.59
CA ILE C 1785 46.00 -20.81 -24.83
C ILE C 1785 44.76 -21.45 -25.45
N ILE C 1786 44.86 -22.74 -25.73
CA ILE C 1786 43.76 -23.51 -26.29
C ILE C 1786 43.07 -24.32 -25.23
N GLY C 1787 43.83 -25.08 -24.46
CA GLY C 1787 43.29 -25.98 -23.47
C GLY C 1787 43.10 -27.37 -24.00
N LYS C 1788 43.66 -28.36 -23.31
CA LYS C 1788 43.50 -29.75 -23.72
C LYS C 1788 42.12 -30.30 -23.40
N GLU C 1789 41.43 -29.69 -22.44
CA GLU C 1789 40.11 -30.16 -22.03
C GLU C 1789 39.06 -29.58 -22.96
N GLU C 1790 38.21 -30.46 -23.49
CA GLU C 1790 37.12 -30.06 -24.35
C GLU C 1790 35.88 -29.78 -23.52
N GLY C 1791 35.11 -28.80 -23.97
CA GLY C 1791 33.87 -28.44 -23.34
C GLY C 1791 33.92 -27.19 -22.51
N ILE C 1792 35.04 -26.48 -22.52
CA ILE C 1792 35.20 -25.23 -21.77
C ILE C 1792 35.49 -24.05 -22.67
N GLY C 1793 35.78 -24.28 -23.95
CA GLY C 1793 36.24 -23.23 -24.81
C GLY C 1793 35.10 -22.62 -25.62
N PRO C 1794 35.45 -21.89 -26.68
CA PRO C 1794 34.41 -21.23 -27.49
C PRO C 1794 33.47 -22.18 -28.19
N GLU C 1795 33.77 -23.48 -28.23
CA GLU C 1795 32.85 -24.45 -28.79
C GLU C 1795 31.48 -24.41 -28.10
N ASN C 1796 31.43 -23.96 -26.85
CA ASN C 1796 30.17 -23.83 -26.14
C ASN C 1796 29.36 -22.65 -26.59
N LEU C 1797 29.97 -21.69 -27.26
CA LEU C 1797 29.21 -20.59 -27.81
C LEU C 1797 28.43 -21.06 -29.02
N ARG C 1798 29.14 -21.63 -30.00
CA ARG C 1798 28.51 -22.25 -31.15
C ARG C 1798 27.36 -23.15 -30.73
N GLY C 1799 27.67 -24.19 -29.95
CA GLY C 1799 26.67 -25.10 -29.46
C GLY C 1799 25.46 -24.40 -28.86
N SER C 1800 25.70 -23.38 -28.04
CA SER C 1800 24.56 -22.69 -27.44
C SER C 1800 23.71 -22.05 -28.52
N GLY C 1801 24.36 -21.30 -29.41
CA GLY C 1801 23.64 -20.71 -30.52
C GLY C 1801 22.90 -21.74 -31.31
N MET C 1802 23.53 -22.89 -31.54
CA MET C 1802 22.91 -23.96 -32.31
C MET C 1802 21.57 -24.32 -31.70
N ILE C 1803 21.54 -24.61 -30.41
CA ILE C 1803 20.30 -25.07 -29.83
C ILE C 1803 19.30 -23.94 -29.76
N ALA C 1804 19.78 -22.70 -29.66
CA ALA C 1804 18.86 -21.59 -29.65
C ALA C 1804 18.08 -21.55 -30.94
N GLY C 1805 18.79 -21.69 -32.06
CA GLY C 1805 18.11 -21.75 -33.34
C GLY C 1805 17.08 -22.85 -33.39
N GLU C 1806 17.43 -24.02 -32.84
CA GLU C 1806 16.52 -25.14 -32.84
C GLU C 1806 15.22 -24.78 -32.14
N SER C 1807 15.32 -24.10 -31.01
CA SER C 1807 14.12 -23.75 -30.27
C SER C 1807 13.26 -22.82 -31.11
N SER C 1808 13.90 -21.88 -31.81
CA SER C 1808 13.16 -20.93 -32.63
C SER C 1808 12.41 -21.65 -33.73
N LEU C 1809 12.95 -22.76 -34.20
CA LEU C 1809 12.25 -23.52 -35.22
C LEU C 1809 11.14 -24.34 -34.60
N ALA C 1810 11.41 -24.90 -33.42
CA ALA C 1810 10.48 -25.83 -32.82
C ALA C 1810 9.16 -25.16 -32.50
N TYR C 1811 9.23 -23.90 -32.07
CA TYR C 1811 8.03 -23.16 -31.72
C TYR C 1811 7.09 -23.02 -32.90
N ASN C 1812 7.62 -23.02 -34.11
CA ASN C 1812 6.81 -22.84 -35.30
C ASN C 1812 6.36 -24.14 -35.94
N GLU C 1813 6.67 -25.27 -35.34
CA GLU C 1813 6.26 -26.57 -35.86
C GLU C 1813 5.51 -27.42 -34.86
N ILE C 1814 5.88 -27.35 -33.60
CA ILE C 1814 5.33 -28.21 -32.58
C ILE C 1814 4.89 -27.36 -31.40
N ILE C 1815 4.39 -28.04 -30.39
CA ILE C 1815 4.14 -27.43 -29.09
C ILE C 1815 5.42 -27.44 -28.29
N THR C 1816 5.70 -26.33 -27.63
CA THR C 1816 6.85 -26.20 -26.76
C THR C 1816 6.39 -25.65 -25.43
N ILE C 1817 6.72 -26.35 -24.35
CA ILE C 1817 6.38 -25.91 -23.02
C ILE C 1817 7.64 -26.01 -22.17
N SER C 1818 7.86 -25.00 -21.35
CA SER C 1818 9.02 -24.92 -20.49
C SER C 1818 8.59 -24.77 -19.05
N LEU C 1819 9.29 -25.47 -18.17
CA LEU C 1819 9.09 -25.38 -16.74
C LEU C 1819 10.40 -25.02 -16.06
N VAL C 1820 10.35 -23.99 -15.23
CA VAL C 1820 11.52 -23.46 -14.52
C VAL C 1820 11.41 -23.90 -13.07
N THR C 1821 12.30 -24.80 -12.67
CA THR C 1821 12.25 -25.40 -11.35
C THR C 1821 13.29 -24.85 -10.40
N CYS C 1822 14.52 -24.59 -10.86
CA CYS C 1822 15.57 -24.09 -9.97
C CYS C 1822 16.02 -22.70 -10.38
N ARG C 1823 16.53 -22.57 -11.59
CA ARG C 1823 17.06 -21.31 -12.09
C ARG C 1823 17.50 -21.53 -13.52
N ALA C 1824 17.55 -20.45 -14.28
CA ALA C 1824 18.16 -20.46 -15.60
C ALA C 1824 18.95 -19.18 -15.80
N ILE C 1825 20.17 -19.33 -16.27
CA ILE C 1825 21.10 -18.23 -16.48
C ILE C 1825 21.49 -18.22 -17.96
N GLY C 1826 21.38 -17.06 -18.57
CA GLY C 1826 21.93 -16.87 -19.89
C GLY C 1826 21.17 -17.66 -20.93
N ILE C 1827 21.88 -18.57 -21.58
CA ILE C 1827 21.31 -19.37 -22.66
C ILE C 1827 20.08 -20.10 -22.17
N GLY C 1828 20.13 -20.60 -20.94
CA GLY C 1828 18.97 -21.27 -20.36
C GLY C 1828 17.72 -20.43 -20.44
N ALA C 1829 17.83 -19.16 -20.05
CA ALA C 1829 16.67 -18.29 -20.12
C ALA C 1829 16.16 -18.16 -21.55
N TYR C 1830 17.08 -18.00 -22.50
CA TYR C 1830 16.65 -17.90 -23.88
C TYR C 1830 15.93 -19.15 -24.31
N LEU C 1831 16.42 -20.31 -23.88
CA LEU C 1831 15.79 -21.55 -24.26
C LEU C 1831 14.38 -21.63 -23.73
N VAL C 1832 14.16 -21.02 -22.56
CA VAL C 1832 12.82 -20.93 -22.02
C VAL C 1832 11.99 -19.98 -22.87
N ARG C 1833 12.53 -18.79 -23.12
CA ARG C 1833 11.81 -17.75 -23.83
C ARG C 1833 11.41 -18.19 -25.22
N LEU C 1834 12.31 -18.87 -25.91
CA LEU C 1834 12.02 -19.28 -27.27
C LEU C 1834 10.90 -20.30 -27.35
N GLY C 1835 10.56 -20.94 -26.23
CA GLY C 1835 9.35 -21.74 -26.17
C GLY C 1835 8.09 -20.94 -25.98
N GLN C 1836 8.20 -19.76 -25.39
CA GLN C 1836 7.12 -18.81 -25.20
C GLN C 1836 5.97 -19.37 -24.38
N ARG C 1837 6.16 -20.48 -23.68
CA ARG C 1837 5.15 -21.02 -22.78
C ARG C 1837 5.88 -21.47 -21.52
N THR C 1838 5.89 -20.60 -20.53
CA THR C 1838 6.76 -20.73 -19.39
C THR C 1838 5.93 -20.90 -18.13
N ILE C 1839 6.27 -21.90 -17.35
CA ILE C 1839 5.78 -22.09 -16.00
C ILE C 1839 6.96 -21.86 -15.08
N GLN C 1840 6.76 -21.08 -14.04
CA GLN C 1840 7.83 -20.66 -13.15
C GLN C 1840 7.48 -21.05 -11.74
N VAL C 1841 8.32 -21.85 -11.12
CA VAL C 1841 8.11 -22.25 -9.74
C VAL C 1841 8.45 -21.09 -8.83
N GLU C 1842 7.73 -20.99 -7.72
CA GLU C 1842 8.04 -20.01 -6.70
C GLU C 1842 9.47 -20.17 -6.21
N ASN C 1843 10.12 -19.03 -6.01
CA ASN C 1843 11.53 -18.98 -5.62
C ASN C 1843 12.40 -19.64 -6.68
N SER C 1844 12.23 -19.18 -7.92
CA SER C 1844 13.13 -19.50 -9.00
C SER C 1844 13.23 -18.25 -9.87
N HIS C 1845 14.30 -18.17 -10.65
CA HIS C 1845 14.57 -16.94 -11.37
C HIS C 1845 15.18 -17.23 -12.73
N LEU C 1846 14.85 -16.34 -13.68
CA LEU C 1846 15.39 -16.31 -15.03
C LEU C 1846 16.19 -15.03 -15.19
N ILE C 1847 17.50 -15.16 -15.30
CA ILE C 1847 18.38 -14.02 -15.38
C ILE C 1847 19.34 -14.20 -16.53
N LEU C 1848 19.95 -13.10 -16.93
CA LEU C 1848 21.07 -13.10 -17.85
C LEU C 1848 22.37 -12.78 -17.16
N THR C 1849 22.31 -11.98 -16.11
CA THR C 1849 23.46 -11.60 -15.32
C THR C 1849 23.10 -11.71 -13.85
N GLY C 1850 24.01 -12.26 -13.07
CA GLY C 1850 23.77 -12.38 -11.66
C GLY C 1850 23.93 -11.08 -10.93
N ALA C 1851 23.35 -11.05 -9.73
CA ALA C 1851 23.41 -9.85 -8.89
C ALA C 1851 24.84 -9.50 -8.53
N GLY C 1852 25.65 -10.51 -8.25
CA GLY C 1852 27.02 -10.25 -7.84
C GLY C 1852 27.83 -9.60 -8.93
N ALA C 1853 27.68 -10.09 -10.17
CA ALA C 1853 28.35 -9.47 -11.30
C ALA C 1853 27.94 -8.02 -11.46
N LEU C 1854 26.64 -7.74 -11.35
CA LEU C 1854 26.17 -6.37 -11.50
C LEU C 1854 26.71 -5.48 -10.40
N ASN C 1855 26.79 -6.00 -9.18
CA ASN C 1855 27.35 -5.20 -8.09
C ASN C 1855 28.82 -4.91 -8.34
N LYS C 1856 29.54 -5.89 -8.90
CA LYS C 1856 30.95 -5.67 -9.22
C LYS C 1856 31.10 -4.60 -10.28
N VAL C 1857 30.24 -4.63 -11.29
CA VAL C 1857 30.32 -3.67 -12.39
C VAL C 1857 29.98 -2.28 -11.90
N LEU C 1858 28.90 -2.16 -11.14
CA LEU C 1858 28.40 -0.86 -10.75
C LEU C 1858 29.20 -0.24 -9.62
N GLY C 1859 29.86 -1.05 -8.81
CA GLY C 1859 30.73 -0.57 -7.77
C GLY C 1859 30.14 -0.52 -6.38
N ARG C 1860 28.88 -0.92 -6.21
CA ARG C 1860 28.28 -0.94 -4.88
C ARG C 1860 27.27 -2.06 -4.81
N GLU C 1861 26.88 -2.40 -3.59
CA GLU C 1861 25.94 -3.49 -3.36
C GLU C 1861 24.55 -2.97 -3.68
N VAL C 1862 24.23 -3.01 -4.97
CA VAL C 1862 22.93 -2.57 -5.44
C VAL C 1862 21.89 -3.64 -5.22
N TYR C 1863 22.20 -4.84 -5.66
CA TYR C 1863 21.29 -5.97 -5.63
C TYR C 1863 21.74 -6.96 -4.57
N THR C 1864 20.76 -7.57 -3.93
CA THR C 1864 20.96 -8.56 -2.90
C THR C 1864 20.70 -9.96 -3.37
N SER C 1865 19.61 -10.16 -4.10
CA SER C 1865 19.16 -11.47 -4.52
C SER C 1865 18.95 -11.48 -6.02
N ASN C 1866 19.19 -12.64 -6.61
CA ASN C 1866 18.87 -12.83 -8.01
C ASN C 1866 17.37 -12.78 -8.27
N ASN C 1867 16.54 -12.99 -7.26
CA ASN C 1867 15.10 -12.90 -7.45
C ASN C 1867 14.68 -11.48 -7.74
N GLN C 1868 15.48 -10.50 -7.35
CA GLN C 1868 15.19 -9.13 -7.73
C GLN C 1868 15.36 -8.91 -9.22
N LEU C 1869 16.13 -9.76 -9.89
CA LEU C 1869 16.41 -9.60 -11.31
C LEU C 1869 15.51 -10.44 -12.20
N GLY C 1870 15.13 -11.63 -11.77
CA GLY C 1870 14.42 -12.56 -12.62
C GLY C 1870 13.33 -13.36 -11.94
N GLY C 1871 12.91 -12.94 -10.77
CA GLY C 1871 11.91 -13.67 -10.03
C GLY C 1871 10.53 -13.43 -10.56
N ILE C 1872 9.56 -14.02 -9.86
CA ILE C 1872 8.17 -13.96 -10.29
C ILE C 1872 7.67 -12.53 -10.36
N GLN C 1873 8.09 -11.69 -9.42
CA GLN C 1873 7.54 -10.35 -9.35
C GLN C 1873 7.91 -9.50 -10.57
N ILE C 1874 8.86 -9.96 -11.36
CA ILE C 1874 9.23 -9.35 -12.62
C ILE C 1874 8.71 -10.16 -13.79
N MET C 1875 9.02 -11.44 -13.82
CA MET C 1875 8.76 -12.26 -14.99
C MET C 1875 7.28 -12.50 -15.23
N HIS C 1876 6.49 -12.57 -14.17
CA HIS C 1876 5.07 -12.85 -14.30
C HIS C 1876 4.27 -11.60 -14.58
N ASN C 1877 4.80 -10.43 -14.26
CA ASN C 1877 4.11 -9.17 -14.46
C ASN C 1877 4.48 -8.48 -15.76
N ASN C 1878 5.57 -8.88 -16.41
CA ASN C 1878 5.97 -8.33 -17.69
C ASN C 1878 5.62 -9.22 -18.86
N GLY C 1879 4.96 -10.34 -18.63
CA GLY C 1879 4.48 -11.18 -19.70
C GLY C 1879 5.37 -12.32 -20.13
N VAL C 1880 6.42 -12.62 -19.37
CA VAL C 1880 7.31 -13.71 -19.74
C VAL C 1880 6.79 -15.05 -19.24
N THR C 1881 6.44 -15.11 -17.97
CA THR C 1881 5.87 -16.29 -17.36
C THR C 1881 4.36 -16.26 -17.52
N HIS C 1882 3.81 -17.38 -17.98
CA HIS C 1882 2.36 -17.50 -18.14
C HIS C 1882 1.68 -17.89 -16.85
N CYS C 1883 2.26 -18.84 -16.12
CA CYS C 1883 1.67 -19.38 -14.91
C CYS C 1883 2.74 -19.60 -13.87
N THR C 1884 2.37 -19.41 -12.61
CA THR C 1884 3.23 -19.67 -11.47
C THR C 1884 2.65 -20.81 -10.65
N VAL C 1885 3.54 -21.63 -10.11
CA VAL C 1885 3.18 -22.78 -9.32
C VAL C 1885 4.04 -22.77 -8.07
N CYS C 1886 3.62 -23.55 -7.09
CA CYS C 1886 4.29 -23.56 -5.80
C CYS C 1886 5.46 -24.52 -5.73
N ASP C 1887 5.44 -25.58 -6.51
CA ASP C 1887 6.48 -26.58 -6.48
C ASP C 1887 6.59 -27.26 -7.83
N ASP C 1888 7.50 -28.22 -7.92
CA ASP C 1888 7.71 -28.93 -9.16
C ASP C 1888 6.52 -29.81 -9.53
N PHE C 1889 5.89 -30.41 -8.53
CA PHE C 1889 4.81 -31.36 -8.81
C PHE C 1889 3.61 -30.64 -9.41
N GLU C 1890 3.25 -29.50 -8.82
CA GLU C 1890 2.19 -28.68 -9.38
C GLU C 1890 2.55 -28.22 -10.78
N GLY C 1891 3.84 -27.99 -11.04
CA GLY C 1891 4.26 -27.57 -12.36
C GLY C 1891 4.00 -28.64 -13.40
N VAL C 1892 4.38 -29.87 -13.07
CA VAL C 1892 4.11 -31.00 -13.94
C VAL C 1892 2.63 -31.12 -14.20
N PHE C 1893 1.84 -30.93 -13.16
CA PHE C 1893 0.39 -31.01 -13.30
C PHE C 1893 -0.12 -29.95 -14.25
N THR C 1894 0.44 -28.75 -14.14
CA THR C 1894 0.01 -27.65 -15.00
C THR C 1894 0.33 -27.93 -16.45
N VAL C 1895 1.50 -28.51 -16.69
CA VAL C 1895 1.88 -28.91 -18.05
C VAL C 1895 0.84 -29.85 -18.62
N LEU C 1896 0.50 -30.89 -17.87
CA LEU C 1896 -0.49 -31.86 -18.33
C LEU C 1896 -1.84 -31.22 -18.55
N HIS C 1897 -2.19 -30.29 -17.66
CA HIS C 1897 -3.47 -29.60 -17.75
C HIS C 1897 -3.56 -28.83 -19.05
N TRP C 1898 -2.54 -28.05 -19.37
CA TRP C 1898 -2.50 -27.33 -20.64
C TRP C 1898 -2.59 -28.28 -21.80
N LEU C 1899 -1.88 -29.39 -21.74
CA LEU C 1899 -1.91 -30.35 -22.84
C LEU C 1899 -3.30 -30.92 -23.06
N SER C 1900 -4.15 -30.91 -22.06
CA SER C 1900 -5.47 -31.49 -22.26
C SER C 1900 -6.37 -30.67 -23.17
N TYR C 1901 -5.95 -29.48 -23.60
CA TYR C 1901 -6.79 -28.66 -24.48
C TYR C 1901 -6.42 -28.78 -25.95
N MET C 1902 -5.26 -29.34 -26.26
CA MET C 1902 -4.66 -29.19 -27.57
C MET C 1902 -4.48 -30.54 -28.25
N PRO C 1903 -4.21 -30.54 -29.56
CA PRO C 1903 -4.02 -31.81 -30.27
C PRO C 1903 -2.84 -32.60 -29.74
N LYS C 1904 -2.92 -33.91 -29.91
CA LYS C 1904 -1.83 -34.79 -29.53
C LYS C 1904 -0.62 -34.62 -30.43
N SER C 1905 -0.84 -34.18 -31.67
CA SER C 1905 0.25 -33.99 -32.62
C SER C 1905 -0.17 -32.90 -33.57
N VAL C 1906 0.80 -32.39 -34.31
CA VAL C 1906 0.51 -31.35 -35.30
C VAL C 1906 -0.36 -31.86 -36.44
N HIS C 1907 -0.53 -33.17 -36.57
CA HIS C 1907 -1.33 -33.78 -37.63
C HIS C 1907 -2.67 -34.28 -37.13
N SER C 1908 -3.11 -33.86 -35.95
CA SER C 1908 -4.32 -34.34 -35.33
C SER C 1908 -5.27 -33.18 -35.10
N SER C 1909 -6.55 -33.52 -34.96
CA SER C 1909 -7.56 -32.52 -34.70
C SER C 1909 -7.58 -32.16 -33.22
N VAL C 1910 -8.40 -31.17 -32.89
CA VAL C 1910 -8.51 -30.71 -31.51
C VAL C 1910 -9.26 -31.77 -30.71
N PRO C 1911 -8.85 -32.09 -29.48
CA PRO C 1911 -9.56 -33.12 -28.71
C PRO C 1911 -10.90 -32.61 -28.20
N LEU C 1912 -11.94 -33.39 -28.48
CA LEU C 1912 -13.28 -33.10 -28.01
C LEU C 1912 -13.63 -34.04 -26.87
N LEU C 1913 -14.34 -33.50 -25.89
CA LEU C 1913 -14.82 -34.23 -24.74
C LEU C 1913 -16.34 -34.30 -24.74
N ASN C 1914 -16.85 -35.34 -24.09
CA ASN C 1914 -18.26 -35.47 -23.81
C ASN C 1914 -18.51 -34.73 -22.50
N SER C 1915 -18.95 -33.48 -22.62
CA SER C 1915 -19.04 -32.61 -21.47
C SER C 1915 -20.27 -32.91 -20.62
N LYS C 1916 -20.13 -32.68 -19.33
CA LYS C 1916 -21.24 -32.73 -18.39
C LYS C 1916 -21.98 -31.41 -18.28
N ASP C 1917 -21.53 -30.38 -18.98
CA ASP C 1917 -22.25 -29.12 -19.05
C ASP C 1917 -23.06 -29.12 -20.33
N PRO C 1918 -24.39 -29.11 -20.28
CA PRO C 1918 -25.16 -29.19 -21.53
C PRO C 1918 -24.91 -28.01 -22.46
N ILE C 1919 -24.99 -28.30 -23.75
CA ILE C 1919 -24.85 -27.27 -24.75
C ILE C 1919 -26.13 -26.47 -24.91
N ASP C 1920 -27.28 -27.10 -24.64
CA ASP C 1920 -28.57 -26.51 -24.95
C ASP C 1920 -29.08 -25.58 -23.86
N ARG C 1921 -28.28 -25.33 -22.83
CA ARG C 1921 -28.75 -24.44 -21.78
C ARG C 1921 -28.67 -23.00 -22.27
N ILE C 1922 -29.04 -22.09 -21.39
CA ILE C 1922 -28.87 -20.67 -21.63
C ILE C 1922 -27.83 -20.15 -20.68
N ILE C 1923 -27.41 -18.92 -20.91
CA ILE C 1923 -26.47 -18.24 -20.06
C ILE C 1923 -27.27 -17.47 -19.02
N GLU C 1924 -26.92 -17.67 -17.77
CA GLU C 1924 -27.65 -17.07 -16.66
C GLU C 1924 -27.07 -15.73 -16.25
N PHE C 1925 -25.82 -15.45 -16.59
CA PHE C 1925 -25.22 -14.16 -16.33
C PHE C 1925 -25.34 -13.30 -17.56
N VAL C 1926 -25.78 -12.06 -17.37
CA VAL C 1926 -26.00 -11.11 -18.45
C VAL C 1926 -25.02 -9.97 -18.26
N PRO C 1927 -24.20 -9.62 -19.25
CA PRO C 1927 -23.35 -8.44 -19.09
C PRO C 1927 -24.19 -7.18 -18.99
N THR C 1928 -23.80 -6.33 -18.08
CA THR C 1928 -24.54 -5.12 -17.78
C THR C 1928 -23.85 -3.93 -18.42
N LYS C 1929 -24.45 -2.77 -18.24
CA LYS C 1929 -23.90 -1.52 -18.74
C LYS C 1929 -22.82 -0.98 -17.84
N THR C 1930 -22.85 -1.35 -16.56
CA THR C 1930 -21.85 -0.90 -15.63
C THR C 1930 -20.64 -1.83 -15.67
N PRO C 1931 -19.52 -1.43 -15.08
CA PRO C 1931 -18.34 -2.29 -15.12
C PRO C 1931 -18.58 -3.63 -14.45
N TYR C 1932 -17.94 -4.65 -15.00
CA TYR C 1932 -18.08 -5.99 -14.48
C TYR C 1932 -16.78 -6.74 -14.74
N ASP C 1933 -16.61 -7.82 -14.01
CA ASP C 1933 -15.49 -8.71 -14.24
C ASP C 1933 -15.75 -9.52 -15.50
N PRO C 1934 -14.86 -9.52 -16.50
CA PRO C 1934 -15.10 -10.34 -17.70
C PRO C 1934 -15.16 -11.82 -17.45
N ARG C 1935 -14.66 -12.28 -16.31
CA ARG C 1935 -14.68 -13.70 -16.01
C ARG C 1935 -16.09 -14.19 -15.74
N TRP C 1936 -16.95 -13.31 -15.21
CA TRP C 1936 -18.30 -13.70 -14.87
C TRP C 1936 -19.07 -14.18 -16.08
N MET C 1937 -18.83 -13.57 -17.25
CA MET C 1937 -19.53 -14.02 -18.45
C MET C 1937 -18.83 -15.22 -19.08
N LEU C 1938 -17.53 -15.35 -18.88
CA LEU C 1938 -16.79 -16.45 -19.47
C LEU C 1938 -17.07 -17.76 -18.72
N ALA C 1939 -16.85 -17.74 -17.42
CA ALA C 1939 -16.95 -18.93 -16.59
C ALA C 1939 -18.24 -18.99 -15.78
N GLY C 1940 -18.71 -17.86 -15.31
CA GLY C 1940 -19.84 -17.79 -14.43
C GLY C 1940 -19.40 -17.32 -13.06
N ARG C 1941 -20.39 -17.08 -12.21
CA ARG C 1941 -20.11 -16.58 -10.86
C ARG C 1941 -20.94 -17.31 -9.84
N PRO C 1942 -20.53 -17.29 -8.57
CA PRO C 1942 -21.42 -17.77 -7.51
C PRO C 1942 -22.68 -16.91 -7.45
N HIS C 1943 -23.82 -17.57 -7.32
CA HIS C 1943 -25.09 -16.84 -7.28
C HIS C 1943 -25.07 -15.89 -6.09
N PRO C 1944 -25.10 -14.57 -6.30
CA PRO C 1944 -24.90 -13.65 -5.18
C PRO C 1944 -26.06 -13.62 -4.20
N THR C 1945 -27.25 -14.02 -4.64
CA THR C 1945 -28.42 -13.97 -3.76
C THR C 1945 -28.32 -14.99 -2.64
N GLN C 1946 -27.99 -16.23 -2.99
CA GLN C 1946 -27.99 -17.38 -2.11
C GLN C 1946 -26.57 -17.69 -1.64
N LYS C 1947 -26.38 -18.85 -1.04
CA LYS C 1947 -25.07 -19.38 -0.69
C LYS C 1947 -24.56 -20.41 -1.68
N GLY C 1948 -25.42 -21.29 -2.20
CA GLY C 1948 -25.06 -22.19 -3.29
C GLY C 1948 -25.35 -21.53 -4.63
N GLN C 1949 -25.70 -22.37 -5.63
CA GLN C 1949 -26.23 -21.83 -6.88
C GLN C 1949 -25.21 -21.02 -7.69
N TRP C 1950 -24.66 -21.61 -8.74
CA TRP C 1950 -23.75 -20.92 -9.64
C TRP C 1950 -24.49 -20.41 -10.87
N LEU C 1951 -24.31 -19.12 -11.18
CA LEU C 1951 -24.78 -18.54 -12.43
C LEU C 1951 -23.84 -18.90 -13.56
N SER C 1952 -24.37 -19.58 -14.56
CA SER C 1952 -23.56 -20.12 -15.64
C SER C 1952 -23.11 -19.01 -16.58
N GLY C 1953 -21.96 -19.23 -17.21
CA GLY C 1953 -21.43 -18.35 -18.21
C GLY C 1953 -21.49 -18.94 -19.60
N PHE C 1954 -20.70 -18.35 -20.49
CA PHE C 1954 -20.69 -18.78 -21.87
C PHE C 1954 -20.06 -20.15 -22.01
N PHE C 1955 -18.95 -20.38 -21.33
CA PHE C 1955 -18.16 -21.58 -21.54
C PHE C 1955 -18.51 -22.64 -20.51
N ASP C 1956 -18.03 -23.85 -20.79
CA ASP C 1956 -18.29 -24.98 -19.92
C ASP C 1956 -17.81 -24.69 -18.51
N TYR C 1957 -18.60 -25.10 -17.53
CA TYR C 1957 -18.30 -24.86 -16.14
C TYR C 1957 -16.98 -25.51 -15.74
N GLY C 1958 -16.10 -24.72 -15.14
CA GLY C 1958 -14.82 -25.19 -14.66
C GLY C 1958 -13.73 -25.34 -15.70
N SER C 1959 -14.01 -25.07 -16.97
CA SER C 1959 -13.04 -25.27 -18.02
C SER C 1959 -12.12 -24.08 -18.25
N PHE C 1960 -12.45 -22.90 -17.73
CA PHE C 1960 -11.69 -21.71 -18.03
C PHE C 1960 -10.41 -21.64 -17.21
N SER C 1961 -9.30 -21.37 -17.90
CA SER C 1961 -7.99 -21.23 -17.27
C SER C 1961 -7.30 -20.01 -17.85
N GLU C 1962 -7.09 -19.00 -17.01
CA GLU C 1962 -6.45 -17.76 -17.43
C GLU C 1962 -4.94 -17.87 -17.34
N ILE C 1963 -4.26 -17.16 -18.24
CA ILE C 1963 -2.80 -17.09 -18.30
C ILE C 1963 -2.39 -15.64 -18.33
N MET C 1964 -1.15 -15.39 -17.90
CA MET C 1964 -0.57 -14.05 -17.92
C MET C 1964 -1.47 -13.06 -17.20
N GLN C 1965 -2.06 -13.49 -16.09
CA GLN C 1965 -3.14 -12.74 -15.45
C GLN C 1965 -2.73 -11.33 -15.04
N PRO C 1966 -1.63 -11.09 -14.32
CA PRO C 1966 -1.37 -9.75 -13.83
C PRO C 1966 -0.75 -8.81 -14.84
N TRP C 1967 -0.35 -9.31 -16.01
CA TRP C 1967 0.24 -8.46 -17.03
C TRP C 1967 -0.83 -7.90 -17.95
N ALA C 1968 -0.81 -6.59 -18.12
CA ALA C 1968 -1.73 -5.90 -19.01
C ALA C 1968 -3.17 -6.27 -18.69
N GLN C 1969 -3.59 -5.89 -17.50
CA GLN C 1969 -4.83 -6.41 -16.94
C GLN C 1969 -6.07 -5.86 -17.62
N THR C 1970 -5.96 -5.00 -18.62
CA THR C 1970 -7.12 -4.53 -19.34
C THR C 1970 -7.66 -5.51 -20.36
N VAL C 1971 -6.98 -6.63 -20.55
CA VAL C 1971 -7.40 -7.66 -21.47
C VAL C 1971 -7.21 -8.99 -20.76
N VAL C 1972 -8.11 -9.93 -21.03
CA VAL C 1972 -8.11 -11.24 -20.42
C VAL C 1972 -7.93 -12.25 -21.54
N VAL C 1973 -7.02 -13.19 -21.34
CA VAL C 1973 -6.78 -14.24 -22.32
C VAL C 1973 -6.70 -15.55 -21.58
N GLY C 1974 -7.12 -16.60 -22.26
CA GLY C 1974 -7.05 -17.89 -21.63
C GLY C 1974 -7.52 -18.99 -22.55
N ARG C 1975 -7.71 -20.14 -21.94
CA ARG C 1975 -8.21 -21.33 -22.60
C ARG C 1975 -9.53 -21.73 -21.96
N ALA C 1976 -10.41 -22.32 -22.76
CA ALA C 1976 -11.66 -22.79 -22.22
C ALA C 1976 -12.23 -23.83 -23.15
N ARG C 1977 -13.36 -24.39 -22.76
CA ARG C 1977 -14.09 -25.35 -23.58
C ARG C 1977 -15.53 -24.90 -23.76
N LEU C 1978 -16.00 -25.03 -24.97
CA LEU C 1978 -17.39 -24.73 -25.34
C LEU C 1978 -17.99 -26.06 -25.78
N GLY C 1979 -18.86 -26.61 -24.94
CA GLY C 1979 -19.47 -27.88 -25.24
C GLY C 1979 -18.48 -29.01 -25.42
N GLY C 1980 -17.37 -28.95 -24.69
CA GLY C 1980 -16.31 -29.90 -24.84
C GLY C 1980 -15.34 -29.61 -25.96
N ILE C 1981 -15.47 -28.47 -26.63
CA ILE C 1981 -14.57 -28.09 -27.72
C ILE C 1981 -13.58 -27.08 -27.15
N PRO C 1982 -12.29 -27.40 -27.08
CA PRO C 1982 -11.32 -26.41 -26.61
C PRO C 1982 -11.19 -25.23 -27.55
N VAL C 1983 -11.09 -24.06 -26.95
CA VAL C 1983 -10.95 -22.82 -27.67
C VAL C 1983 -9.99 -21.93 -26.90
N GLY C 1984 -9.36 -21.02 -27.65
CA GLY C 1984 -8.69 -19.90 -27.06
C GLY C 1984 -9.69 -18.78 -26.87
N VAL C 1985 -9.46 -17.98 -25.83
CA VAL C 1985 -10.39 -16.98 -25.36
C VAL C 1985 -9.67 -15.66 -25.28
N VAL C 1986 -10.29 -14.63 -25.86
CA VAL C 1986 -9.88 -13.26 -25.63
C VAL C 1986 -11.10 -12.48 -25.18
N ALA C 1987 -10.91 -11.62 -24.18
CA ALA C 1987 -11.97 -10.84 -23.62
C ALA C 1987 -11.40 -9.53 -23.09
N VAL C 1988 -12.28 -8.61 -22.75
CA VAL C 1988 -11.92 -7.24 -22.46
C VAL C 1988 -12.41 -6.86 -21.09
N GLU C 1989 -11.53 -6.23 -20.33
CA GLU C 1989 -11.88 -5.68 -19.03
C GLU C 1989 -12.51 -4.32 -19.22
N THR C 1990 -13.60 -4.08 -18.50
CA THR C 1990 -14.32 -2.83 -18.53
C THR C 1990 -14.15 -2.03 -17.26
N ARG C 1991 -13.62 -2.63 -16.22
CA ARG C 1991 -13.27 -1.92 -15.01
C ARG C 1991 -11.92 -1.24 -15.19
N THR C 1992 -11.74 -0.19 -14.42
CA THR C 1992 -10.44 0.46 -14.34
C THR C 1992 -9.50 -0.36 -13.50
N VAL C 1993 -8.24 -0.42 -13.92
CA VAL C 1993 -7.20 -1.18 -13.23
C VAL C 1993 -6.04 -0.24 -12.94
N GLU C 1994 -5.22 -0.66 -11.99
CA GLU C 1994 -4.06 0.10 -11.54
C GLU C 1994 -2.80 -0.66 -11.90
N LEU C 1995 -1.97 -0.03 -12.72
CA LEU C 1995 -0.68 -0.59 -13.08
C LEU C 1995 0.36 -0.01 -12.14
N SER C 1996 1.04 -0.89 -11.41
CA SER C 1996 2.10 -0.51 -10.49
C SER C 1996 3.44 -0.80 -11.16
N ILE C 1997 4.28 0.23 -11.25
CA ILE C 1997 5.60 0.15 -11.86
C ILE C 1997 6.62 0.33 -10.75
N PRO C 1998 7.53 -0.64 -10.54
CA PRO C 1998 8.50 -0.51 -9.46
C PRO C 1998 9.64 0.41 -9.80
N ALA C 1999 10.37 0.77 -8.76
CA ALA C 1999 11.53 1.63 -8.85
C ALA C 1999 12.80 0.79 -8.93
N ASP C 2000 13.68 1.18 -9.82
CA ASP C 2000 14.94 0.47 -9.98
C ASP C 2000 15.86 0.84 -8.81
N PRO C 2001 16.35 -0.12 -8.02
CA PRO C 2001 17.29 0.23 -6.95
C PRO C 2001 18.64 0.68 -7.44
N ALA C 2002 18.96 0.50 -8.72
CA ALA C 2002 20.22 0.98 -9.27
C ALA C 2002 20.19 2.45 -9.63
N ASN C 2003 19.02 3.10 -9.57
CA ASN C 2003 18.87 4.51 -9.89
C ASN C 2003 18.15 5.13 -8.71
N LEU C 2004 18.91 5.78 -7.83
CA LEU C 2004 18.33 6.30 -6.60
C LEU C 2004 17.40 7.47 -6.84
N ASP C 2005 17.37 8.04 -8.05
CA ASP C 2005 16.47 9.11 -8.40
C ASP C 2005 15.20 8.62 -9.07
N SER C 2006 14.94 7.32 -9.06
CA SER C 2006 13.73 6.78 -9.65
C SER C 2006 12.65 6.66 -8.60
N GLU C 2007 11.42 6.54 -9.08
CA GLU C 2007 10.25 6.45 -8.21
C GLU C 2007 9.31 5.40 -8.78
N ALA C 2008 8.60 4.73 -7.89
CA ALA C 2008 7.53 3.85 -8.29
C ALA C 2008 6.31 4.68 -8.69
N LYS C 2009 5.51 4.12 -9.59
CA LYS C 2009 4.36 4.85 -10.12
C LYS C 2009 3.14 3.96 -10.21
N ILE C 2010 1.99 4.57 -10.01
CA ILE C 2010 0.70 3.93 -10.24
C ILE C 2010 0.04 4.68 -11.38
N ILE C 2011 -0.40 3.93 -12.38
CA ILE C 2011 -1.04 4.49 -13.56
C ILE C 2011 -2.42 3.87 -13.66
N GLN C 2012 -3.42 4.71 -13.85
CA GLN C 2012 -4.77 4.23 -14.04
C GLN C 2012 -4.97 3.88 -15.50
N GLN C 2013 -5.45 2.67 -15.74
CA GLN C 2013 -5.75 2.20 -17.08
C GLN C 2013 -7.24 1.93 -17.14
N ALA C 2014 -7.91 2.60 -18.06
CA ALA C 2014 -9.33 2.38 -18.25
C ALA C 2014 -9.57 1.11 -19.05
N GLY C 2015 -10.79 0.61 -18.94
CA GLY C 2015 -11.20 -0.52 -19.72
C GLY C 2015 -11.71 -0.11 -21.08
N GLN C 2016 -11.83 -1.09 -21.94
CA GLN C 2016 -12.29 -0.90 -23.31
C GLN C 2016 -11.33 -0.02 -24.10
N VAL C 2017 -10.04 -0.16 -23.81
CA VAL C 2017 -9.00 0.60 -24.48
C VAL C 2017 -7.84 -0.34 -24.72
N TRP C 2018 -7.17 -0.11 -25.84
CA TRP C 2018 -5.96 -0.84 -26.18
C TRP C 2018 -4.77 0.04 -25.87
N PHE C 2019 -4.00 -0.37 -25.03
CA PHE C 2019 -2.75 0.18 -24.61
C PHE C 2019 -1.61 -0.63 -25.24
N PRO C 2020 -0.38 -0.15 -25.16
CA PRO C 2020 0.73 -0.92 -25.72
C PRO C 2020 0.88 -2.29 -25.11
N ASP C 2021 0.79 -2.39 -23.80
CA ASP C 2021 0.93 -3.68 -23.14
C ASP C 2021 -0.20 -4.63 -23.51
N SER C 2022 -1.44 -4.17 -23.47
CA SER C 2022 -2.56 -5.05 -23.75
C SER C 2022 -2.61 -5.44 -25.21
N ALA C 2023 -2.22 -4.54 -26.10
CA ALA C 2023 -2.14 -4.88 -27.51
C ALA C 2023 -1.07 -5.93 -27.75
N PHE C 2024 0.07 -5.80 -27.09
CA PHE C 2024 1.13 -6.78 -27.28
C PHE C 2024 0.73 -8.13 -26.70
N LYS C 2025 0.03 -8.11 -25.58
CA LYS C 2025 -0.48 -9.34 -24.98
C LYS C 2025 -1.44 -10.05 -25.92
N THR C 2026 -2.33 -9.28 -26.53
CA THR C 2026 -3.28 -9.85 -27.48
C THR C 2026 -2.55 -10.47 -28.65
N TYR C 2027 -1.51 -9.81 -29.15
CA TYR C 2027 -0.72 -10.37 -30.24
C TYR C 2027 -0.10 -11.69 -29.83
N GLN C 2028 0.44 -11.73 -28.61
CA GLN C 2028 1.10 -12.93 -28.12
C GLN C 2028 0.10 -14.07 -28.03
N ALA C 2029 -1.09 -13.79 -27.51
CA ALA C 2029 -2.11 -14.81 -27.38
C ALA C 2029 -2.51 -15.36 -28.73
N ILE C 2030 -2.78 -14.47 -29.68
CA ILE C 2030 -3.19 -14.89 -31.00
C ILE C 2030 -2.13 -15.78 -31.62
N LYS C 2031 -0.87 -15.35 -31.57
CA LYS C 2031 0.19 -16.10 -32.23
C LYS C 2031 0.38 -17.45 -31.56
N ASP C 2032 0.28 -17.48 -30.24
CA ASP C 2032 0.49 -18.71 -29.49
C ASP C 2032 -0.62 -19.70 -29.74
N PHE C 2033 -1.87 -19.23 -29.81
CA PHE C 2033 -2.97 -20.13 -30.08
C PHE C 2033 -3.00 -20.58 -31.54
N ASN C 2034 -2.52 -19.75 -32.46
CA ASN C 2034 -2.43 -20.21 -33.84
C ASN C 2034 -1.44 -21.34 -33.95
N ARG C 2035 -0.35 -21.27 -33.19
CA ARG C 2035 0.62 -22.35 -33.23
C ARG C 2035 0.14 -23.55 -32.45
N GLU C 2036 -0.61 -23.31 -31.39
CA GLU C 2036 -1.12 -24.41 -30.57
C GLU C 2036 -2.13 -25.24 -31.34
N GLY C 2037 -2.95 -24.60 -32.16
CA GLY C 2037 -3.88 -25.28 -33.03
C GLY C 2037 -5.32 -25.16 -32.63
N LEU C 2038 -5.67 -24.09 -31.93
CA LEU C 2038 -7.00 -23.90 -31.38
C LEU C 2038 -7.75 -22.77 -32.07
N PRO C 2039 -9.06 -22.88 -32.20
CA PRO C 2039 -9.83 -21.73 -32.65
C PRO C 2039 -9.90 -20.66 -31.59
N LEU C 2040 -10.20 -19.45 -32.05
CA LEU C 2040 -10.27 -18.28 -31.20
C LEU C 2040 -11.71 -17.84 -31.08
N MET C 2041 -12.09 -17.50 -29.86
CA MET C 2041 -13.35 -16.87 -29.54
C MET C 2041 -12.99 -15.55 -28.89
N VAL C 2042 -13.35 -14.47 -29.58
CA VAL C 2042 -12.99 -13.12 -29.18
C VAL C 2042 -14.26 -12.42 -28.77
N PHE C 2043 -14.26 -11.84 -27.58
CA PHE C 2043 -15.36 -11.04 -27.07
C PHE C 2043 -14.89 -9.60 -27.11
N ALA C 2044 -15.17 -8.95 -28.23
CA ALA C 2044 -14.55 -7.68 -28.58
C ALA C 2044 -15.38 -6.51 -28.05
N ASN C 2045 -14.77 -5.72 -27.17
CA ASN C 2045 -15.41 -4.57 -26.56
C ASN C 2045 -14.45 -3.40 -26.41
N TRP C 2046 -13.73 -3.05 -27.46
CA TRP C 2046 -12.74 -1.98 -27.42
C TRP C 2046 -13.32 -0.72 -28.04
N ARG C 2047 -13.18 0.40 -27.33
CA ARG C 2047 -13.59 1.70 -27.83
C ARG C 2047 -12.52 2.39 -28.65
N GLY C 2048 -11.39 1.75 -28.86
CA GLY C 2048 -10.31 2.29 -29.66
C GLY C 2048 -8.99 2.19 -28.93
N PHE C 2049 -7.97 2.73 -29.58
CA PHE C 2049 -6.64 2.77 -29.03
C PHE C 2049 -6.40 4.05 -28.25
N SER C 2050 -5.48 3.97 -27.31
CA SER C 2050 -5.01 5.14 -26.61
C SER C 2050 -4.19 6.02 -27.54
N GLY C 2051 -4.56 7.29 -27.62
CA GLY C 2051 -3.85 8.26 -28.43
C GLY C 2051 -3.05 9.26 -27.64
N GLY C 2052 -2.92 9.11 -26.33
CA GLY C 2052 -2.18 10.04 -25.54
C GLY C 2052 -0.70 10.01 -25.87
N MET C 2053 -0.02 11.07 -25.43
CA MET C 2053 1.40 11.24 -25.73
C MET C 2053 2.22 10.05 -25.24
N LYS C 2054 1.89 9.53 -24.06
CA LYS C 2054 2.78 8.57 -23.44
C LYS C 2054 2.62 7.19 -24.06
N ASP C 2055 1.43 6.86 -24.52
CA ASP C 2055 1.23 5.59 -25.20
C ASP C 2055 1.68 5.66 -26.66
N MET C 2056 1.61 6.84 -27.26
CA MET C 2056 2.19 7.02 -28.59
C MET C 2056 3.71 6.94 -28.53
N TYR C 2057 4.31 7.47 -27.48
CA TYR C 2057 5.75 7.36 -27.30
C TYR C 2057 6.14 5.91 -27.02
N ASP C 2058 5.30 5.20 -26.29
CA ASP C 2058 5.54 3.80 -25.98
C ASP C 2058 4.97 2.87 -27.04
N GLN C 2059 4.86 3.33 -28.27
CA GLN C 2059 4.79 2.48 -29.45
C GLN C 2059 3.48 1.71 -29.54
N VAL C 2060 2.36 2.37 -29.27
CA VAL C 2060 1.08 1.68 -29.37
C VAL C 2060 0.77 1.33 -30.82
N LEU C 2061 1.18 2.18 -31.74
CA LEU C 2061 0.91 1.98 -33.16
C LEU C 2061 1.54 0.70 -33.69
N LYS C 2062 2.77 0.43 -33.26
CA LYS C 2062 3.49 -0.75 -33.71
C LYS C 2062 2.77 -2.03 -33.32
N PHE C 2063 2.37 -2.11 -32.06
CA PHE C 2063 1.69 -3.30 -31.57
C PHE C 2063 0.32 -3.46 -32.18
N GLY C 2064 -0.35 -2.34 -32.45
CA GLY C 2064 -1.60 -2.41 -33.19
C GLY C 2064 -1.43 -3.01 -34.57
N ALA C 2065 -0.30 -2.72 -35.21
CA ALA C 2065 -0.01 -3.36 -36.50
C ALA C 2065 0.27 -4.84 -36.33
N TYR C 2066 0.95 -5.20 -35.24
CA TYR C 2066 1.24 -6.60 -35.00
C TYR C 2066 -0.02 -7.43 -34.87
N ILE C 2067 -1.08 -6.84 -34.33
CA ILE C 2067 -2.34 -7.59 -34.22
C ILE C 2067 -2.81 -8.04 -35.59
N VAL C 2068 -2.75 -7.13 -36.56
CA VAL C 2068 -3.18 -7.43 -37.91
C VAL C 2068 -2.31 -8.54 -38.49
N ASP C 2069 -1.01 -8.43 -38.30
CA ASP C 2069 -0.13 -9.43 -38.87
C ASP C 2069 -0.33 -10.79 -38.21
N GLY C 2070 -0.77 -10.81 -36.95
CA GLY C 2070 -1.09 -12.07 -36.32
C GLY C 2070 -2.33 -12.70 -36.90
N LEU C 2071 -3.38 -11.90 -37.06
CA LEU C 2071 -4.64 -12.45 -37.55
C LEU C 2071 -4.54 -12.90 -38.99
N ARG C 2072 -3.69 -12.28 -39.79
CA ARG C 2072 -3.58 -12.69 -41.17
C ARG C 2072 -3.03 -14.11 -41.31
N GLU C 2073 -2.36 -14.63 -40.28
CA GLU C 2073 -1.74 -15.95 -40.36
C GLU C 2073 -2.50 -17.00 -39.57
N CYS C 2074 -3.76 -16.74 -39.22
CA CYS C 2074 -4.55 -17.76 -38.57
C CYS C 2074 -4.89 -18.86 -39.57
N CYS C 2075 -4.86 -20.10 -39.08
CA CYS C 2075 -5.30 -21.26 -39.85
C CYS C 2075 -6.50 -21.96 -39.23
N GLN C 2076 -6.97 -21.51 -38.07
CA GLN C 2076 -8.09 -22.07 -37.36
C GLN C 2076 -9.25 -21.07 -37.36
N PRO C 2077 -10.47 -21.53 -37.07
CA PRO C 2077 -11.60 -20.60 -37.04
C PRO C 2077 -11.45 -19.52 -35.99
N VAL C 2078 -11.81 -18.32 -36.38
CA VAL C 2078 -11.74 -17.14 -35.53
C VAL C 2078 -13.12 -16.53 -35.53
N LEU C 2079 -13.75 -16.55 -34.37
CA LEU C 2079 -15.11 -16.08 -34.22
C LEU C 2079 -15.11 -14.91 -33.26
N VAL C 2080 -15.49 -13.75 -33.77
CA VAL C 2080 -15.57 -12.52 -33.01
C VAL C 2080 -17.03 -12.29 -32.70
N TYR C 2081 -17.32 -12.00 -31.45
CA TYR C 2081 -18.67 -11.75 -30.99
C TYR C 2081 -18.65 -10.49 -30.16
N ILE C 2082 -19.56 -9.58 -30.47
CA ILE C 2082 -19.71 -8.35 -29.70
C ILE C 2082 -20.76 -8.63 -28.63
N PRO C 2083 -20.40 -8.66 -27.36
CA PRO C 2083 -21.40 -8.97 -26.35
C PRO C 2083 -22.41 -7.86 -26.20
N PRO C 2084 -23.44 -8.06 -25.41
CA PRO C 2084 -24.38 -6.98 -25.13
C PRO C 2084 -23.72 -5.88 -24.33
N GLN C 2085 -24.18 -4.66 -24.55
CA GLN C 2085 -23.61 -3.47 -23.91
C GLN C 2085 -22.13 -3.35 -24.23
N ALA C 2086 -21.77 -3.71 -25.45
CA ALA C 2086 -20.40 -3.61 -25.94
C ALA C 2086 -20.39 -2.89 -27.27
N GLU C 2087 -19.25 -2.27 -27.57
CA GLU C 2087 -19.12 -1.47 -28.77
C GLU C 2087 -17.74 -1.61 -29.35
N LEU C 2088 -17.68 -1.51 -30.68
CA LEU C 2088 -16.42 -1.36 -31.40
C LEU C 2088 -16.39 -0.07 -32.21
N ARG C 2089 -15.33 0.68 -32.00
CA ARG C 2089 -15.21 2.03 -32.50
C ARG C 2089 -13.90 2.19 -33.24
N GLY C 2090 -13.99 2.49 -34.52
CA GLY C 2090 -12.86 3.07 -35.22
C GLY C 2090 -11.70 2.13 -35.37
N GLY C 2091 -10.58 2.52 -34.75
CA GLY C 2091 -9.35 1.77 -34.92
C GLY C 2091 -9.44 0.35 -34.42
N SER C 2092 -10.31 0.11 -33.45
CA SER C 2092 -10.42 -1.21 -32.85
C SER C 2092 -11.15 -2.19 -33.75
N TRP C 2093 -11.91 -1.71 -34.72
CA TRP C 2093 -12.57 -2.59 -35.67
C TRP C 2093 -11.63 -3.00 -36.78
N VAL C 2094 -10.96 -2.01 -37.38
CA VAL C 2094 -10.18 -2.24 -38.59
C VAL C 2094 -9.02 -3.20 -38.40
N VAL C 2095 -8.68 -3.55 -37.16
CA VAL C 2095 -7.60 -4.48 -36.86
C VAL C 2095 -8.09 -5.89 -36.59
N ILE C 2096 -9.39 -6.11 -36.44
CA ILE C 2096 -9.95 -7.45 -36.24
C ILE C 2096 -11.05 -7.70 -37.26
N ASP C 2097 -11.12 -6.87 -38.29
CA ASP C 2097 -12.15 -7.04 -39.28
C ASP C 2097 -11.94 -8.33 -40.03
N SER C 2098 -13.03 -8.98 -40.39
CA SER C 2098 -12.98 -10.28 -41.06
C SER C 2098 -12.31 -10.21 -42.41
N SER C 2099 -12.16 -9.02 -43.00
CA SER C 2099 -11.50 -8.91 -44.28
C SER C 2099 -10.02 -9.24 -44.23
N ILE C 2100 -9.43 -9.26 -43.04
CA ILE C 2100 -8.02 -9.58 -42.90
C ILE C 2100 -7.77 -11.02 -43.34
N ASN C 2101 -8.56 -11.95 -42.83
CA ASN C 2101 -8.43 -13.37 -43.12
C ASN C 2101 -9.84 -13.87 -43.40
N PRO C 2102 -10.33 -13.65 -44.62
CA PRO C 2102 -11.74 -13.95 -44.89
C PRO C 2102 -12.10 -15.41 -44.81
N ARG C 2103 -11.13 -16.31 -44.97
CA ARG C 2103 -11.45 -17.72 -45.00
C ARG C 2103 -11.82 -18.26 -43.64
N HIS C 2104 -11.31 -17.65 -42.58
CA HIS C 2104 -11.42 -18.17 -41.22
C HIS C 2104 -12.15 -17.24 -40.27
N MET C 2105 -12.17 -15.94 -40.54
CA MET C 2105 -12.71 -14.98 -39.60
C MET C 2105 -14.18 -14.72 -39.85
N GLU C 2106 -14.93 -14.63 -38.76
CA GLU C 2106 -16.32 -14.23 -38.80
C GLU C 2106 -16.63 -13.32 -37.64
N MET C 2107 -17.60 -12.44 -37.86
CA MET C 2107 -18.05 -11.48 -36.87
C MET C 2107 -19.53 -11.62 -36.64
N TYR C 2108 -19.93 -11.60 -35.39
CA TYR C 2108 -21.32 -11.60 -34.98
C TYR C 2108 -21.52 -10.54 -33.91
N ALA C 2109 -22.75 -10.04 -33.86
CA ALA C 2109 -23.14 -8.98 -32.94
C ALA C 2109 -24.38 -9.37 -32.17
N ASP C 2110 -24.46 -8.92 -30.94
CA ASP C 2110 -25.68 -9.00 -30.17
C ASP C 2110 -26.63 -7.89 -30.60
N ARG C 2111 -27.85 -7.94 -30.08
CA ARG C 2111 -28.81 -6.88 -30.33
C ARG C 2111 -28.53 -5.63 -29.52
N GLU C 2112 -27.83 -5.76 -28.39
CA GLU C 2112 -27.44 -4.64 -27.55
C GLU C 2112 -26.01 -4.22 -27.81
N SER C 2113 -25.56 -4.32 -29.06
CA SER C 2113 -24.22 -3.99 -29.46
C SER C 2113 -24.21 -2.69 -30.23
N ARG C 2114 -23.01 -2.13 -30.39
CA ARG C 2114 -22.82 -0.97 -31.24
C ARG C 2114 -21.53 -1.07 -32.02
N GLY C 2115 -21.51 -0.44 -33.17
CA GLY C 2115 -20.29 -0.42 -33.91
C GLY C 2115 -20.25 0.65 -34.97
N SER C 2116 -19.18 1.42 -34.99
CA SER C 2116 -19.08 2.50 -35.95
C SER C 2116 -17.64 2.98 -35.98
N VAL C 2117 -17.43 4.08 -36.69
CA VAL C 2117 -16.13 4.72 -36.71
C VAL C 2117 -15.95 5.57 -35.46
N LEU C 2118 -16.91 6.43 -35.19
CA LEU C 2118 -16.88 7.35 -34.06
C LEU C 2118 -18.09 7.15 -33.17
N GLU C 2119 -17.87 7.34 -31.88
CA GLU C 2119 -18.95 7.34 -30.94
C GLU C 2119 -19.92 8.47 -31.27
N PRO C 2120 -21.13 8.44 -30.71
CA PRO C 2120 -22.10 9.50 -31.03
C PRO C 2120 -21.63 10.91 -30.72
N GLU C 2121 -20.96 11.11 -29.59
CA GLU C 2121 -20.46 12.43 -29.25
C GLU C 2121 -19.50 12.95 -30.30
N GLY C 2122 -18.57 12.11 -30.73
CA GLY C 2122 -17.62 12.51 -31.75
C GLY C 2122 -18.26 12.79 -33.09
N THR C 2123 -19.42 12.19 -33.35
CA THR C 2123 -20.12 12.44 -34.59
C THR C 2123 -20.88 13.75 -34.55
N VAL C 2124 -21.53 14.04 -33.43
CA VAL C 2124 -22.31 15.27 -33.35
C VAL C 2124 -21.39 16.47 -33.29
N GLU C 2125 -20.20 16.31 -32.71
CA GLU C 2125 -19.26 17.43 -32.67
C GLU C 2125 -18.80 17.84 -34.06
N ILE C 2126 -18.97 17.00 -35.06
CA ILE C 2126 -18.57 17.29 -36.42
C ILE C 2126 -19.75 17.69 -37.28
N LYS C 2127 -20.81 16.89 -37.26
CA LYS C 2127 -21.89 17.03 -38.20
C LYS C 2127 -23.14 17.70 -37.65
N PHE C 2128 -23.25 17.87 -36.33
CA PHE C 2128 -24.49 18.34 -35.71
C PHE C 2128 -24.16 19.39 -34.64
N ARG C 2129 -23.39 20.39 -35.04
CA ARG C 2129 -23.00 21.46 -34.15
C ARG C 2129 -24.21 22.34 -33.83
N ARG C 2130 -23.97 23.35 -32.98
CA ARG C 2130 -25.03 24.15 -32.40
C ARG C 2130 -25.93 24.80 -33.44
N LYS C 2131 -25.35 25.28 -34.53
CA LYS C 2131 -26.15 25.93 -35.57
C LYS C 2131 -27.26 25.02 -36.07
N ASP C 2132 -26.93 23.77 -36.33
CA ASP C 2132 -27.90 22.80 -36.81
C ASP C 2132 -28.87 22.38 -35.73
N LEU C 2133 -28.41 22.34 -34.48
CA LEU C 2133 -29.30 22.07 -33.36
C LEU C 2133 -30.38 23.14 -33.27
N VAL C 2134 -30.00 24.40 -33.43
CA VAL C 2134 -30.97 25.49 -33.43
C VAL C 2134 -31.94 25.33 -34.58
N LYS C 2135 -31.42 24.96 -35.75
CA LYS C 2135 -32.31 24.73 -36.89
C LYS C 2135 -33.34 23.66 -36.58
N THR C 2136 -32.93 22.62 -35.85
CA THR C 2136 -33.88 21.60 -35.45
C THR C 2136 -34.92 22.17 -34.51
N MET C 2137 -34.48 22.95 -33.51
CA MET C 2137 -35.41 23.52 -32.54
C MET C 2137 -36.43 24.40 -33.22
N ARG C 2138 -36.05 25.02 -34.34
CA ARG C 2138 -36.94 25.90 -35.07
C ARG C 2138 -38.26 25.23 -35.45
N ARG C 2139 -38.27 23.91 -35.63
CA ARG C 2139 -39.44 23.18 -36.10
C ARG C 2139 -40.02 22.22 -35.07
N VAL C 2140 -39.61 22.32 -33.80
CA VAL C 2140 -40.02 21.38 -32.77
C VAL C 2140 -40.67 22.08 -31.58
N ASP C 2141 -39.92 22.96 -30.92
CA ASP C 2141 -40.36 23.48 -29.63
C ASP C 2141 -41.53 24.43 -29.82
N PRO C 2142 -42.72 24.14 -29.27
CA PRO C 2142 -43.86 25.06 -29.47
C PRO C 2142 -43.60 26.47 -29.00
N VAL C 2143 -42.89 26.66 -27.90
CA VAL C 2143 -42.62 28.00 -27.40
C VAL C 2143 -41.74 28.76 -28.37
N TYR C 2144 -40.63 28.14 -28.78
CA TYR C 2144 -39.72 28.78 -29.71
C TYR C 2144 -40.42 29.04 -31.05
N ILE C 2145 -41.29 28.12 -31.47
CA ILE C 2145 -42.02 28.31 -32.71
C ILE C 2145 -42.94 29.52 -32.61
N HIS C 2146 -43.69 29.60 -31.50
CA HIS C 2146 -44.63 30.70 -31.33
C HIS C 2146 -43.89 32.03 -31.32
N LEU C 2147 -42.76 32.09 -30.62
CA LEU C 2147 -42.01 33.34 -30.56
C LEU C 2147 -41.43 33.69 -31.93
N ALA C 2148 -40.93 32.69 -32.65
CA ALA C 2148 -40.31 32.93 -33.94
C ALA C 2148 -41.34 33.40 -34.96
N GLU C 2149 -42.55 32.83 -34.89
CA GLU C 2149 -43.61 33.26 -35.78
C GLU C 2149 -44.10 34.65 -35.44
N ARG C 2150 -44.18 34.97 -34.15
CA ARG C 2150 -44.61 36.30 -33.75
C ARG C 2150 -43.63 37.35 -34.22
N LEU C 2151 -42.32 37.07 -34.09
CA LEU C 2151 -41.34 38.04 -34.55
C LEU C 2151 -41.34 38.19 -36.07
N GLY C 2152 -41.94 37.24 -36.79
CA GLY C 2152 -42.01 37.33 -38.23
C GLY C 2152 -43.07 38.28 -38.74
N THR C 2153 -43.90 38.85 -37.88
CA THR C 2153 -44.93 39.77 -38.31
C THR C 2153 -44.29 41.13 -38.62
N PRO C 2154 -44.54 41.73 -39.80
CA PRO C 2154 -43.91 43.01 -40.09
C PRO C 2154 -44.42 44.15 -39.21
N GLU C 2155 -43.47 44.95 -38.73
CA GLU C 2155 -43.72 46.25 -38.11
C GLU C 2155 -44.71 46.15 -36.95
N LEU C 2156 -44.35 45.36 -35.95
CA LEU C 2156 -45.15 45.31 -34.74
C LEU C 2156 -44.86 46.54 -33.89
N SER C 2157 -43.64 46.63 -33.38
CA SER C 2157 -43.12 47.77 -32.63
C SER C 2157 -41.68 47.46 -32.28
N THR C 2158 -40.92 48.52 -32.00
CA THR C 2158 -39.52 48.34 -31.63
C THR C 2158 -39.40 47.57 -30.32
N ALA C 2159 -40.12 48.01 -29.31
CA ALA C 2159 -40.07 47.39 -27.99
C ALA C 2159 -40.46 45.93 -28.05
N GLU C 2160 -41.53 45.64 -28.79
CA GLU C 2160 -42.02 44.26 -28.86
C GLU C 2160 -41.00 43.36 -29.54
N ARG C 2161 -40.39 43.85 -30.62
CA ARG C 2161 -39.37 43.06 -31.30
C ARG C 2161 -38.18 42.78 -30.39
N LYS C 2162 -37.75 43.79 -29.64
CA LYS C 2162 -36.66 43.57 -28.69
C LYS C 2162 -37.01 42.50 -27.67
N GLU C 2163 -38.20 42.60 -27.09
CA GLU C 2163 -38.62 41.59 -26.11
C GLU C 2163 -38.67 40.20 -26.73
N LEU C 2164 -39.23 40.10 -27.94
CA LEU C 2164 -39.32 38.80 -28.60
C LEU C 2164 -37.94 38.21 -28.85
N GLU C 2165 -36.99 39.05 -29.27
CA GLU C 2165 -35.65 38.56 -29.51
C GLU C 2165 -35.01 38.04 -28.23
N ASN C 2166 -35.19 38.76 -27.13
CA ASN C 2166 -34.62 38.27 -25.88
C ASN C 2166 -35.27 36.97 -25.44
N LYS C 2167 -36.59 36.86 -25.63
CA LYS C 2167 -37.27 35.62 -25.28
C LYS C 2167 -36.75 34.45 -26.13
N LEU C 2168 -36.51 34.71 -27.42
CA LEU C 2168 -35.99 33.66 -28.29
C LEU C 2168 -34.59 33.25 -27.87
N LYS C 2169 -33.74 34.21 -27.54
CA LYS C 2169 -32.39 33.89 -27.10
C LYS C 2169 -32.42 33.04 -25.85
N GLU C 2170 -33.22 33.44 -24.87
CA GLU C 2170 -33.28 32.68 -23.63
C GLU C 2170 -33.83 31.28 -23.85
N ARG C 2171 -34.86 31.15 -24.69
CA ARG C 2171 -35.48 29.85 -24.89
C ARG C 2171 -34.53 28.92 -25.63
N GLU C 2172 -33.94 29.39 -26.73
CA GLU C 2172 -33.04 28.55 -27.50
C GLU C 2172 -31.81 28.16 -26.68
N GLU C 2173 -31.31 29.05 -25.83
CA GLU C 2173 -30.16 28.67 -25.01
C GLU C 2173 -30.57 27.69 -23.94
N PHE C 2174 -31.78 27.85 -23.39
CA PHE C 2174 -32.22 26.98 -22.31
C PHE C 2174 -32.38 25.54 -22.79
N LEU C 2175 -32.73 25.36 -24.07
CA LEU C 2175 -33.06 24.05 -24.60
C LEU C 2175 -31.87 23.31 -25.19
N ILE C 2176 -30.65 23.81 -25.04
CA ILE C 2176 -29.53 23.17 -25.71
C ILE C 2176 -29.25 21.77 -25.14
N PRO C 2177 -29.12 21.57 -23.84
CA PRO C 2177 -28.73 20.25 -23.34
C PRO C 2177 -29.70 19.14 -23.74
N ILE C 2178 -30.98 19.44 -23.77
CA ILE C 2178 -31.97 18.41 -24.08
C ILE C 2178 -31.87 18.03 -25.56
N TYR C 2179 -31.73 19.02 -26.44
CA TYR C 2179 -31.62 18.69 -27.85
C TYR C 2179 -30.26 18.13 -28.19
N HIS C 2180 -29.26 18.38 -27.33
CA HIS C 2180 -27.98 17.71 -27.46
C HIS C 2180 -28.11 16.23 -27.18
N GLN C 2181 -28.81 15.88 -26.10
CA GLN C 2181 -29.10 14.47 -25.85
C GLN C 2181 -29.88 13.85 -27.01
N VAL C 2182 -30.82 14.60 -27.57
CA VAL C 2182 -31.55 14.12 -28.74
C VAL C 2182 -30.61 13.88 -29.90
N ALA C 2183 -29.66 14.78 -30.09
CA ALA C 2183 -28.75 14.69 -31.21
C ALA C 2183 -27.88 13.45 -31.10
N VAL C 2184 -27.36 13.18 -29.91
CA VAL C 2184 -26.52 11.99 -29.76
C VAL C 2184 -27.36 10.73 -29.87
N GLN C 2185 -28.63 10.78 -29.47
CA GLN C 2185 -29.53 9.66 -29.70
C GLN C 2185 -29.71 9.40 -31.19
N PHE C 2186 -29.90 10.46 -31.95
CA PHE C 2186 -30.05 10.37 -33.39
C PHE C 2186 -28.83 9.73 -34.01
N ALA C 2187 -27.66 10.19 -33.60
CA ALA C 2187 -26.41 9.63 -34.12
C ALA C 2187 -26.24 8.20 -33.67
N ASP C 2188 -26.77 7.85 -32.51
CA ASP C 2188 -26.68 6.47 -32.05
C ASP C 2188 -27.50 5.55 -32.93
N LEU C 2189 -28.58 6.06 -33.50
CA LEU C 2189 -29.38 5.23 -34.39
C LEU C 2189 -28.65 4.86 -35.68
N HIS C 2190 -27.51 5.46 -35.95
CA HIS C 2190 -26.68 5.13 -37.10
C HIS C 2190 -25.69 4.03 -36.82
N ASP C 2191 -25.53 3.64 -35.55
CA ASP C 2191 -24.51 2.70 -35.11
C ASP C 2191 -25.09 1.36 -34.71
N THR C 2192 -26.31 1.07 -35.12
CA THR C 2192 -26.99 -0.13 -34.68
C THR C 2192 -26.56 -1.33 -35.50
N PRO C 2193 -26.75 -2.54 -34.97
CA PRO C 2193 -26.43 -3.74 -35.76
C PRO C 2193 -27.35 -3.98 -36.92
N GLY C 2194 -28.53 -3.36 -36.94
CA GLY C 2194 -29.37 -3.46 -38.13
C GLY C 2194 -28.69 -2.91 -39.35
N ARG C 2195 -28.03 -1.76 -39.21
CA ARG C 2195 -27.30 -1.17 -40.31
C ARG C 2195 -26.13 -2.05 -40.74
N MET C 2196 -25.40 -2.59 -39.77
CA MET C 2196 -24.27 -3.47 -40.08
C MET C 2196 -24.74 -4.70 -40.81
N GLN C 2197 -25.91 -5.22 -40.44
CA GLN C 2197 -26.45 -6.38 -41.11
C GLN C 2197 -26.85 -6.05 -42.54
N GLU C 2198 -27.44 -4.88 -42.74
CA GLU C 2198 -27.84 -4.50 -44.09
C GLU C 2198 -26.64 -4.31 -44.98
N LYS C 2199 -25.56 -3.73 -44.44
CA LYS C 2199 -24.38 -3.44 -45.25
C LYS C 2199 -23.49 -4.66 -45.44
N GLY C 2200 -23.65 -5.70 -44.63
CA GLY C 2200 -22.93 -6.93 -44.85
C GLY C 2200 -21.58 -7.00 -44.19
N VAL C 2201 -21.37 -6.24 -43.11
CA VAL C 2201 -20.11 -6.27 -42.38
C VAL C 2201 -20.12 -7.28 -41.24
N ILE C 2202 -21.29 -7.74 -40.82
CA ILE C 2202 -21.42 -8.83 -39.86
C ILE C 2202 -22.19 -9.95 -40.53
N SER C 2203 -22.05 -11.13 -39.96
CA SER C 2203 -22.73 -12.30 -40.50
C SER C 2203 -24.17 -12.39 -40.02
N ASP C 2204 -24.41 -12.11 -38.74
CA ASP C 2204 -25.75 -12.26 -38.19
C ASP C 2204 -25.85 -11.47 -36.90
N ILE C 2205 -27.07 -11.38 -36.39
CA ILE C 2205 -27.35 -10.78 -35.09
C ILE C 2205 -27.86 -11.88 -34.19
N LEU C 2206 -27.22 -12.03 -33.04
CA LEU C 2206 -27.49 -13.11 -32.10
C LEU C 2206 -28.09 -12.59 -30.81
N ASP C 2207 -28.72 -13.49 -30.08
CA ASP C 2207 -29.17 -13.25 -28.73
C ASP C 2207 -28.14 -13.79 -27.74
N TRP C 2208 -27.98 -13.08 -26.64
CA TRP C 2208 -26.95 -13.44 -25.67
C TRP C 2208 -27.27 -14.76 -24.99
N LYS C 2209 -28.51 -14.91 -24.54
CA LYS C 2209 -28.88 -16.06 -23.72
C LYS C 2209 -28.64 -17.39 -24.43
N THR C 2210 -28.81 -17.41 -25.75
CA THR C 2210 -28.68 -18.62 -26.55
C THR C 2210 -27.41 -18.65 -27.37
N SER C 2211 -26.45 -17.78 -27.08
CA SER C 2211 -25.25 -17.74 -27.88
C SER C 2211 -24.41 -19.00 -27.72
N ARG C 2212 -24.45 -19.62 -26.53
CA ARG C 2212 -23.69 -20.84 -26.29
C ARG C 2212 -24.02 -21.90 -27.32
N THR C 2213 -25.31 -22.15 -27.53
CA THR C 2213 -25.75 -23.18 -28.44
C THR C 2213 -25.33 -22.86 -29.87
N PHE C 2214 -25.58 -21.61 -30.27
CA PHE C 2214 -25.26 -21.19 -31.63
C PHE C 2214 -23.79 -21.40 -31.92
N PHE C 2215 -22.93 -20.87 -31.06
CA PHE C 2215 -21.51 -20.93 -31.34
C PHE C 2215 -20.99 -22.35 -31.25
N TYR C 2216 -21.59 -23.18 -30.41
CA TYR C 2216 -21.20 -24.58 -30.40
C TYR C 2216 -21.43 -25.22 -31.76
N TRP C 2217 -22.65 -25.11 -32.27
CA TRP C 2217 -22.96 -25.80 -33.51
C TRP C 2217 -22.21 -25.18 -34.69
N ARG C 2218 -22.00 -23.87 -34.64
CA ARG C 2218 -21.26 -23.20 -35.71
C ARG C 2218 -19.81 -23.66 -35.73
N LEU C 2219 -19.16 -23.70 -34.58
CA LEU C 2219 -17.78 -24.12 -34.54
C LEU C 2219 -17.63 -25.56 -34.97
N ARG C 2220 -18.60 -26.39 -34.59
CA ARG C 2220 -18.56 -27.79 -35.00
C ARG C 2220 -18.63 -27.92 -36.52
N ARG C 2221 -19.55 -27.17 -37.13
CA ARG C 2221 -19.63 -27.11 -38.58
C ARG C 2221 -18.32 -26.69 -39.20
N LEU C 2222 -17.73 -25.63 -38.66
CA LEU C 2222 -16.56 -25.05 -39.31
C LEU C 2222 -15.38 -25.99 -39.23
N LEU C 2223 -15.24 -26.69 -38.11
CA LEU C 2223 -14.15 -27.64 -37.98
C LEU C 2223 -14.30 -28.81 -38.93
N LEU C 2224 -15.51 -29.36 -39.04
CA LEU C 2224 -15.73 -30.45 -40.00
C LEU C 2224 -15.48 -29.99 -41.43
N GLU C 2225 -15.94 -28.79 -41.77
CA GLU C 2225 -15.69 -28.23 -43.08
C GLU C 2225 -14.19 -28.08 -43.32
N ASP C 2226 -13.44 -27.69 -42.30
CA ASP C 2226 -12.01 -27.57 -42.46
C ASP C 2226 -11.38 -28.91 -42.81
N LEU C 2227 -11.85 -29.98 -42.16
CA LEU C 2227 -11.32 -31.30 -42.48
C LEU C 2227 -11.54 -31.65 -43.95
N VAL C 2228 -12.77 -31.51 -44.42
CA VAL C 2228 -13.04 -31.91 -45.79
C VAL C 2228 -12.35 -30.98 -46.78
N LYS C 2229 -12.23 -29.70 -46.43
CA LYS C 2229 -11.58 -28.75 -47.32
C LYS C 2229 -10.10 -29.05 -47.44
N LYS C 2230 -9.49 -29.48 -46.34
CA LYS C 2230 -8.09 -29.87 -46.40
C LYS C 2230 -7.90 -31.05 -47.32
N LYS C 2231 -8.81 -32.02 -47.25
CA LYS C 2231 -8.72 -33.15 -48.16
C LYS C 2231 -8.83 -32.70 -49.60
N ILE C 2232 -9.78 -31.81 -49.90
CA ILE C 2232 -9.93 -31.30 -51.26
C ILE C 2232 -8.65 -30.62 -51.71
N HIS C 2233 -8.07 -29.80 -50.84
CA HIS C 2233 -6.88 -29.05 -51.21
C HIS C 2233 -5.72 -29.96 -51.51
N ASN C 2234 -5.58 -31.02 -50.73
CA ASN C 2234 -4.51 -31.97 -50.99
C ASN C 2234 -4.75 -32.73 -52.28
N ALA C 2235 -6.01 -32.95 -52.65
CA ALA C 2235 -6.29 -33.61 -53.94
C ALA C 2235 -5.84 -32.74 -55.10
N ASN C 2236 -6.05 -31.42 -55.00
CA ASN C 2236 -5.65 -30.49 -56.04
C ASN C 2236 -5.18 -29.21 -55.36
N PRO C 2237 -3.89 -29.12 -55.02
CA PRO C 2237 -3.39 -27.92 -54.34
C PRO C 2237 -3.49 -26.64 -55.16
N GLU C 2238 -3.83 -26.71 -56.44
CA GLU C 2238 -3.93 -25.53 -57.28
C GLU C 2238 -5.31 -24.90 -57.28
N LEU C 2239 -6.24 -25.42 -56.49
CA LEU C 2239 -7.54 -24.79 -56.35
C LEU C 2239 -7.47 -23.63 -55.37
N THR C 2240 -8.38 -22.69 -55.54
CA THR C 2240 -8.53 -21.57 -54.62
C THR C 2240 -9.72 -21.85 -53.70
N ASP C 2241 -10.01 -20.87 -52.84
CA ASP C 2241 -10.97 -21.08 -51.77
C ASP C 2241 -12.40 -21.12 -52.31
N GLY C 2242 -12.72 -20.20 -53.21
CA GLY C 2242 -14.05 -20.19 -53.81
C GLY C 2242 -14.36 -21.50 -54.51
N GLN C 2243 -13.38 -22.05 -55.22
CA GLN C 2243 -13.58 -23.31 -55.91
C GLN C 2243 -13.89 -24.44 -54.94
N ILE C 2244 -13.12 -24.52 -53.85
CA ILE C 2244 -13.31 -25.57 -52.86
C ILE C 2244 -14.70 -25.47 -52.24
N GLN C 2245 -15.07 -24.27 -51.80
CA GLN C 2245 -16.37 -24.09 -51.17
C GLN C 2245 -17.51 -24.42 -52.13
N ALA C 2246 -17.34 -24.02 -53.40
CA ALA C 2246 -18.36 -24.31 -54.40
C ALA C 2246 -18.50 -25.81 -54.60
N MET C 2247 -17.38 -26.53 -54.63
CA MET C 2247 -17.42 -27.97 -54.76
C MET C 2247 -18.23 -28.60 -53.64
N LEU C 2248 -17.98 -28.16 -52.41
CA LEU C 2248 -18.71 -28.73 -51.29
C LEU C 2248 -20.20 -28.45 -51.37
N ARG C 2249 -20.55 -27.22 -51.74
CA ARG C 2249 -21.95 -26.85 -51.83
C ARG C 2249 -22.66 -27.68 -52.88
N ARG C 2250 -22.04 -27.79 -54.07
CA ARG C 2250 -22.63 -28.57 -55.15
C ARG C 2250 -22.76 -30.03 -54.76
N TRP C 2251 -21.75 -30.61 -54.12
CA TRP C 2251 -21.83 -32.02 -53.76
C TRP C 2251 -22.95 -32.26 -52.77
N PHE C 2252 -23.12 -31.35 -51.81
CA PHE C 2252 -24.22 -31.51 -50.86
C PHE C 2252 -25.56 -31.53 -51.58
N VAL C 2253 -25.78 -30.58 -52.48
CA VAL C 2253 -27.06 -30.55 -53.18
C VAL C 2253 -27.23 -31.78 -54.06
N GLU C 2254 -26.18 -32.13 -54.80
CA GLU C 2254 -26.27 -33.23 -55.76
C GLU C 2254 -26.59 -34.55 -55.06
N VAL C 2255 -26.03 -34.75 -53.88
CA VAL C 2255 -26.28 -36.01 -53.17
C VAL C 2255 -27.63 -35.98 -52.47
N GLU C 2256 -27.92 -34.91 -51.75
CA GLU C 2256 -29.16 -34.89 -50.96
C GLU C 2256 -30.38 -34.60 -51.81
N GLY C 2257 -30.24 -33.78 -52.84
CA GLY C 2257 -31.35 -33.36 -53.67
C GLY C 2257 -31.60 -31.87 -53.60
N THR C 2258 -32.29 -31.33 -54.59
CA THR C 2258 -32.49 -29.88 -54.65
C THR C 2258 -33.52 -29.40 -53.63
N VAL C 2259 -34.48 -30.26 -53.27
CA VAL C 2259 -35.47 -29.87 -52.29
C VAL C 2259 -34.80 -29.64 -50.94
N LYS C 2260 -33.77 -30.43 -50.64
CA LYS C 2260 -33.01 -30.30 -49.40
C LYS C 2260 -31.92 -29.25 -49.47
N ALA C 2261 -31.84 -28.51 -50.57
CA ALA C 2261 -30.76 -27.53 -50.73
C ALA C 2261 -30.84 -26.42 -49.70
N TYR C 2262 -32.01 -26.16 -49.13
CA TYR C 2262 -32.11 -25.14 -48.09
C TYR C 2262 -31.40 -25.56 -46.81
N VAL C 2263 -31.08 -26.85 -46.66
CA VAL C 2263 -30.48 -27.33 -45.43
C VAL C 2263 -28.99 -27.11 -45.58
N TRP C 2264 -28.59 -25.85 -45.51
CA TRP C 2264 -27.19 -25.46 -45.60
C TRP C 2264 -26.85 -24.42 -44.56
N ASP C 2265 -27.77 -23.49 -44.36
CA ASP C 2265 -27.65 -22.48 -43.32
C ASP C 2265 -28.33 -23.00 -42.07
N ASN C 2266 -27.96 -24.21 -41.69
CA ASN C 2266 -28.46 -24.90 -40.51
C ASN C 2266 -27.26 -25.67 -39.98
N ASN C 2267 -26.63 -25.14 -38.94
CA ASN C 2267 -25.34 -25.66 -38.53
C ASN C 2267 -25.44 -27.08 -38.00
N LYS C 2268 -26.50 -27.37 -37.25
CA LYS C 2268 -26.67 -28.70 -36.68
C LYS C 2268 -26.81 -29.75 -37.76
N ASP C 2269 -27.77 -29.56 -38.67
CA ASP C 2269 -28.07 -30.54 -39.69
C ASP C 2269 -26.88 -30.80 -40.59
N LEU C 2270 -26.22 -29.74 -41.03
CA LEU C 2270 -25.11 -29.90 -41.96
C LEU C 2270 -23.89 -30.46 -41.27
N ALA C 2271 -23.71 -30.15 -39.99
CA ALA C 2271 -22.62 -30.76 -39.25
C ALA C 2271 -22.81 -32.25 -39.16
N GLU C 2272 -24.05 -32.68 -38.91
CA GLU C 2272 -24.31 -34.12 -38.82
C GLU C 2272 -24.03 -34.81 -40.14
N TRP C 2273 -24.48 -34.20 -41.24
CA TRP C 2273 -24.20 -34.75 -42.56
C TRP C 2273 -22.70 -34.87 -42.83
N LEU C 2274 -21.94 -33.81 -42.54
CA LEU C 2274 -20.50 -33.85 -42.76
C LEU C 2274 -19.85 -34.92 -41.92
N GLU C 2275 -20.28 -35.04 -40.66
CA GLU C 2275 -19.72 -36.05 -39.78
C GLU C 2275 -19.95 -37.43 -40.34
N LYS C 2276 -21.15 -37.67 -40.87
CA LYS C 2276 -21.42 -38.97 -41.46
C LYS C 2276 -20.53 -39.24 -42.64
N GLN C 2277 -20.23 -38.22 -43.43
CA GLN C 2277 -19.33 -38.45 -44.56
C GLN C 2277 -17.88 -38.65 -44.13
N LEU C 2278 -17.47 -38.14 -42.97
CA LEU C 2278 -16.07 -38.19 -42.57
C LEU C 2278 -15.73 -39.33 -41.63
N THR C 2279 -16.67 -39.80 -40.82
CA THR C 2279 -16.38 -40.75 -39.75
C THR C 2279 -16.70 -42.20 -40.10
N GLU C 2280 -17.52 -42.43 -41.13
CA GLU C 2280 -18.00 -43.77 -41.47
C GLU C 2280 -17.25 -44.30 -42.67
N GLU C 2281 -16.73 -45.52 -42.56
CA GLU C 2281 -16.02 -46.21 -43.63
C GLU C 2281 -16.49 -47.65 -43.69
N ASP C 2282 -16.29 -48.27 -44.86
CA ASP C 2282 -16.63 -49.67 -45.08
C ASP C 2282 -18.09 -49.94 -44.74
N GLY C 2283 -18.97 -49.35 -45.54
CA GLY C 2283 -20.32 -49.08 -45.11
C GLY C 2283 -21.00 -48.20 -46.13
N VAL C 2284 -21.47 -47.04 -45.70
CA VAL C 2284 -21.91 -46.02 -46.65
C VAL C 2284 -20.81 -45.68 -47.66
N HIS C 2285 -19.53 -45.78 -47.26
CA HIS C 2285 -18.34 -45.55 -48.08
C HIS C 2285 -18.09 -44.08 -48.41
N SER C 2286 -18.92 -43.14 -47.93
CA SER C 2286 -18.59 -41.72 -48.00
C SER C 2286 -18.38 -41.19 -49.41
N VAL C 2287 -19.48 -41.08 -50.17
CA VAL C 2287 -19.47 -40.59 -51.56
C VAL C 2287 -18.59 -39.36 -51.76
N ILE C 2288 -18.52 -38.49 -50.76
CA ILE C 2288 -17.65 -37.32 -50.85
C ILE C 2288 -16.21 -37.75 -51.01
N GLU C 2289 -15.81 -38.84 -50.37
CA GLU C 2289 -14.44 -39.32 -50.54
C GLU C 2289 -14.21 -39.74 -51.98
N GLU C 2290 -15.21 -40.33 -52.62
CA GLU C 2290 -15.08 -40.72 -54.01
C GLU C 2290 -14.88 -39.51 -54.90
N ASN C 2291 -15.67 -38.45 -54.68
CA ASN C 2291 -15.45 -37.24 -55.47
C ASN C 2291 -14.06 -36.65 -55.23
N ILE C 2292 -13.57 -36.69 -53.99
CA ILE C 2292 -12.24 -36.16 -53.71
C ILE C 2292 -11.21 -36.98 -54.47
N LYS C 2293 -11.40 -38.30 -54.50
CA LYS C 2293 -10.48 -39.18 -55.20
C LYS C 2293 -10.47 -38.88 -56.69
N CYS C 2294 -11.64 -38.56 -57.25
CA CYS C 2294 -11.70 -38.15 -58.65
C CYS C 2294 -10.84 -36.92 -58.88
N ILE C 2295 -10.97 -35.92 -58.01
CA ILE C 2295 -10.15 -34.71 -58.14
C ILE C 2295 -8.67 -35.08 -58.12
N SER C 2296 -8.26 -35.92 -57.17
CA SER C 2296 -6.84 -36.26 -57.02
C SER C 2296 -6.30 -36.93 -58.26
N ARG C 2297 -7.06 -37.89 -58.77
CA ARG C 2297 -6.68 -38.62 -59.98
C ARG C 2297 -6.47 -37.67 -61.14
N ASP C 2298 -7.46 -36.81 -61.40
CA ASP C 2298 -7.33 -35.90 -62.53
C ASP C 2298 -6.18 -34.93 -62.33
N TYR C 2299 -5.91 -34.52 -61.09
CA TYR C 2299 -4.83 -33.57 -60.85
C TYR C 2299 -3.48 -34.18 -61.20
N VAL C 2300 -3.22 -35.38 -60.70
CA VAL C 2300 -1.93 -36.00 -61.02
C VAL C 2300 -1.82 -36.26 -62.51
N LEU C 2301 -2.95 -36.56 -63.17
CA LEU C 2301 -2.91 -36.77 -64.61
C LEU C 2301 -2.51 -35.49 -65.31
N LYS C 2302 -3.04 -34.36 -64.85
CA LYS C 2302 -2.70 -33.09 -65.45
C LYS C 2302 -1.23 -32.75 -65.24
N GLN C 2303 -0.69 -33.11 -64.08
CA GLN C 2303 0.73 -32.88 -63.85
C GLN C 2303 1.57 -33.67 -64.82
N ILE C 2304 1.21 -34.94 -65.04
CA ILE C 2304 1.95 -35.77 -65.98
C ILE C 2304 1.92 -35.14 -67.37
N ARG C 2305 0.72 -34.83 -67.85
CA ARG C 2305 0.59 -34.25 -69.17
C ARG C 2305 1.35 -32.93 -69.27
N SER C 2306 1.27 -32.11 -68.23
CA SER C 2306 1.94 -30.82 -68.24
C SER C 2306 3.44 -30.98 -68.36
N LEU C 2307 4.00 -31.91 -67.59
CA LEU C 2307 5.45 -32.08 -67.62
C LEU C 2307 5.92 -32.59 -68.98
N VAL C 2308 5.21 -33.56 -69.55
CA VAL C 2308 5.68 -34.08 -70.84
C VAL C 2308 5.48 -33.05 -71.93
N GLN C 2309 4.39 -32.29 -71.89
CA GLN C 2309 4.13 -31.33 -72.96
C GLN C 2309 5.06 -30.15 -72.88
N ALA C 2310 5.39 -29.70 -71.67
CA ALA C 2310 6.36 -28.65 -71.49
C ALA C 2310 7.77 -29.11 -71.77
N ASN C 2311 8.01 -30.42 -71.79
CA ASN C 2311 9.36 -30.97 -71.97
C ASN C 2311 9.25 -32.29 -72.71
N PRO C 2312 9.07 -32.24 -74.04
CA PRO C 2312 8.94 -33.50 -74.80
C PRO C 2312 10.19 -34.38 -74.74
N GLU C 2313 11.36 -33.81 -74.46
CA GLU C 2313 12.61 -34.56 -74.52
C GLU C 2313 12.70 -35.72 -73.54
N VAL C 2314 11.80 -35.81 -72.56
CA VAL C 2314 11.78 -36.90 -71.59
C VAL C 2314 10.67 -37.90 -71.88
N ALA C 2315 9.81 -37.61 -72.87
CA ALA C 2315 8.60 -38.40 -73.09
C ALA C 2315 8.92 -39.87 -73.30
N MET C 2316 10.01 -40.17 -73.99
CA MET C 2316 10.38 -41.54 -74.33
C MET C 2316 11.26 -42.19 -73.28
N ASP C 2317 11.64 -41.48 -72.22
CA ASP C 2317 12.37 -42.10 -71.12
C ASP C 2317 11.45 -42.68 -70.07
N SER C 2318 10.25 -42.12 -69.93
CA SER C 2318 9.23 -42.64 -69.02
C SER C 2318 8.22 -43.53 -69.70
N ILE C 2319 8.15 -43.50 -71.04
CA ILE C 2319 7.13 -44.24 -71.77
C ILE C 2319 7.23 -45.73 -71.48
N ILE C 2320 8.44 -46.22 -71.20
CA ILE C 2320 8.64 -47.64 -70.98
C ILE C 2320 8.09 -48.04 -69.62
N HIS C 2321 8.52 -47.33 -68.57
CA HIS C 2321 8.22 -47.75 -67.21
C HIS C 2321 6.72 -47.77 -66.93
N MET C 2322 5.97 -46.85 -67.53
CA MET C 2322 4.54 -46.79 -67.31
C MET C 2322 3.77 -47.79 -68.17
N THR C 2323 4.45 -48.52 -69.06
CA THR C 2323 3.85 -49.59 -69.84
C THR C 2323 4.32 -50.96 -69.38
N GLN C 2324 4.84 -51.06 -68.16
CA GLN C 2324 5.31 -52.32 -67.59
C GLN C 2324 4.28 -52.94 -66.66
N HIS C 2325 3.83 -52.19 -65.66
CA HIS C 2325 2.87 -52.69 -64.68
C HIS C 2325 1.45 -52.45 -65.16
N ILE C 2326 1.14 -53.04 -66.32
CA ILE C 2326 -0.15 -52.91 -66.95
C ILE C 2326 -0.65 -54.29 -67.36
N SER C 2327 -1.94 -54.38 -67.64
CA SER C 2327 -2.51 -55.62 -68.10
C SER C 2327 -2.07 -55.89 -69.54
N PRO C 2328 -2.05 -57.16 -69.98
CA PRO C 2328 -1.68 -57.42 -71.38
C PRO C 2328 -2.59 -56.75 -72.39
N THR C 2329 -3.89 -56.61 -72.09
CA THR C 2329 -4.78 -55.89 -73.00
C THR C 2329 -4.39 -54.42 -73.11
N GLN C 2330 -3.96 -53.81 -72.00
CA GLN C 2330 -3.49 -52.45 -72.04
C GLN C 2330 -2.24 -52.33 -72.91
N ARG C 2331 -1.36 -53.33 -72.81
CA ARG C 2331 -0.19 -53.35 -73.67
C ARG C 2331 -0.58 -53.50 -75.13
N ALA C 2332 -1.63 -54.29 -75.39
CA ALA C 2332 -2.11 -54.45 -76.75
C ALA C 2332 -2.61 -53.13 -77.30
N GLU C 2333 -3.28 -52.34 -76.46
CA GLU C 2333 -3.72 -51.02 -76.89
C GLU C 2333 -2.52 -50.12 -77.16
N VAL C 2334 -1.49 -50.20 -76.33
CA VAL C 2334 -0.29 -49.39 -76.55
C VAL C 2334 0.34 -49.74 -77.90
N ILE C 2335 0.45 -51.04 -78.19
CA ILE C 2335 1.06 -51.47 -79.45
C ILE C 2335 0.19 -51.06 -80.62
N ARG C 2336 -1.13 -51.21 -80.49
CA ARG C 2336 -2.03 -51.03 -81.62
C ARG C 2336 -2.05 -49.59 -82.08
N ILE C 2337 -2.17 -48.65 -81.15
CA ILE C 2337 -2.35 -47.26 -81.49
C ILE C 2337 -1.03 -46.70 -82.00
N ARG D 98 30.39 46.69 55.37
CA ARG D 98 30.91 46.20 54.10
C ARG D 98 32.00 45.19 54.37
N ASP D 99 31.70 44.29 55.32
CA ASP D 99 32.64 43.27 55.76
C ASP D 99 32.00 41.88 55.75
N PHE D 100 30.85 41.74 55.11
CA PHE D 100 30.17 40.45 55.05
C PHE D 100 30.78 39.64 53.94
N THR D 101 31.15 38.40 54.25
CA THR D 101 31.85 37.51 53.32
C THR D 101 31.16 36.16 53.37
N VAL D 102 30.11 36.03 52.55
CA VAL D 102 29.33 34.81 52.47
C VAL D 102 29.53 34.23 51.07
N ALA D 103 29.49 32.91 51.01
CA ALA D 103 29.64 32.18 49.75
C ALA D 103 28.59 31.09 49.60
N SER D 104 28.03 30.63 50.71
CA SER D 104 27.09 29.53 50.74
C SER D 104 25.90 29.93 51.59
N PRO D 105 24.73 29.33 51.35
CA PRO D 105 23.57 29.68 52.19
C PRO D 105 23.77 29.39 53.66
N ALA D 106 24.56 28.37 54.00
CA ALA D 106 24.81 28.03 55.39
C ALA D 106 25.42 29.21 56.13
N GLU D 107 26.48 29.79 55.58
CA GLU D 107 27.14 30.92 56.22
C GLU D 107 26.19 32.11 56.35
N PHE D 108 25.34 32.32 55.35
CA PHE D 108 24.39 33.42 55.40
C PHE D 108 23.42 33.24 56.56
N VAL D 109 22.89 32.03 56.69
CA VAL D 109 21.96 31.74 57.77
C VAL D 109 22.65 31.94 59.11
N THR D 110 23.90 31.50 59.22
CA THR D 110 24.62 31.67 60.47
C THR D 110 24.76 33.15 60.82
N ARG D 111 25.16 33.96 59.85
CA ARG D 111 25.49 35.34 60.16
C ARG D 111 24.24 36.16 60.45
N PHE D 112 23.14 35.88 59.75
CA PHE D 112 21.93 36.66 59.87
C PHE D 112 20.94 36.09 60.87
N GLY D 113 21.32 35.05 61.59
CA GLY D 113 20.48 34.58 62.68
C GLY D 113 19.25 33.83 62.25
N GLY D 114 19.38 32.92 61.28
CA GLY D 114 18.33 31.99 60.94
C GLY D 114 18.57 30.63 61.55
N ASN D 115 17.71 29.68 61.16
CA ASN D 115 17.74 28.34 61.74
C ASN D 115 17.50 27.23 60.72
N LYS D 116 17.40 27.55 59.44
CA LYS D 116 17.22 26.53 58.42
C LYS D 116 17.95 26.98 57.17
N VAL D 117 18.73 26.07 56.61
CA VAL D 117 19.49 26.32 55.39
C VAL D 117 18.68 25.78 54.24
N ILE D 118 18.57 26.57 53.18
CA ILE D 118 17.87 26.20 51.97
C ILE D 118 18.85 26.31 50.82
N GLU D 119 19.09 25.18 50.17
CA GLU D 119 19.93 25.12 48.97
C GLU D 119 19.17 24.67 47.74
N LYS D 120 18.03 24.01 47.91
CA LYS D 120 17.20 23.60 46.81
C LYS D 120 15.73 23.88 47.12
N VAL D 121 15.09 24.45 46.11
CA VAL D 121 13.72 24.89 46.16
C VAL D 121 13.00 24.22 45.03
N LEU D 122 11.86 23.62 45.33
CA LEU D 122 10.95 23.11 44.34
C LEU D 122 9.90 24.17 44.06
N ILE D 123 9.63 24.38 42.78
CA ILE D 123 8.55 25.24 42.33
C ILE D 123 7.42 24.34 41.89
N ALA D 124 6.31 24.43 42.62
CA ALA D 124 5.09 23.69 42.28
C ALA D 124 4.16 24.59 41.47
N ASN D 125 4.70 25.11 40.38
CA ASN D 125 3.98 26.04 39.55
C ASN D 125 4.61 26.03 38.18
N ASN D 126 4.04 26.82 37.28
CA ASN D 126 4.52 26.89 35.93
C ASN D 126 4.22 28.28 35.38
N GLY D 127 4.65 28.50 34.15
CA GLY D 127 4.40 29.75 33.49
C GLY D 127 5.07 30.91 34.20
N ILE D 128 4.28 31.95 34.40
CA ILE D 128 4.82 33.24 34.80
C ILE D 128 5.37 33.16 36.19
N ALA D 129 4.68 32.45 37.07
CA ALA D 129 5.07 32.33 38.45
C ALA D 129 6.45 31.71 38.56
N ALA D 130 6.68 30.65 37.81
CA ALA D 130 7.95 29.97 37.85
C ALA D 130 9.05 30.89 37.34
N VAL D 131 8.78 31.54 36.21
CA VAL D 131 9.74 32.49 35.64
C VAL D 131 10.13 33.53 36.69
N LYS D 132 9.13 34.16 37.31
CA LYS D 132 9.36 35.30 38.17
C LYS D 132 10.10 34.89 39.43
N CYS D 133 9.71 33.76 40.02
CA CYS D 133 10.38 33.27 41.20
C CYS D 133 11.86 33.07 40.93
N MET D 134 12.18 32.29 39.91
CA MET D 134 13.57 31.99 39.61
C MET D 134 14.36 33.26 39.37
N ARG D 135 13.81 34.17 38.59
CA ARG D 135 14.58 35.37 38.23
C ARG D 135 14.87 36.24 39.43
N SER D 136 13.84 36.57 40.23
CA SER D 136 14.05 37.47 41.35
C SER D 136 15.03 36.88 42.35
N ILE D 137 14.89 35.59 42.65
CA ILE D 137 15.75 35.00 43.65
C ILE D 137 17.16 34.92 43.15
N ARG D 138 17.34 34.65 41.86
CA ARG D 138 18.70 34.55 41.33
C ARG D 138 19.42 35.88 41.37
N ARG D 139 18.69 36.96 41.11
CA ARG D 139 19.27 38.28 41.27
C ARG D 139 19.76 38.47 42.69
N TRP D 140 18.91 38.16 43.66
CA TRP D 140 19.30 38.30 45.06
C TRP D 140 20.50 37.42 45.39
N SER D 141 20.54 36.22 44.82
CA SER D 141 21.60 35.27 45.08
C SER D 141 22.93 35.81 44.60
N TYR D 142 22.95 36.40 43.41
CA TYR D 142 24.18 37.03 42.95
C TYR D 142 24.57 38.16 43.88
N GLU D 143 23.58 38.92 44.35
CA GLU D 143 23.89 40.08 45.19
C GLU D 143 24.59 39.66 46.47
N MET D 144 24.16 38.57 47.09
CA MET D 144 24.73 38.17 48.37
C MET D 144 25.93 37.27 48.25
N PHE D 145 25.88 36.28 47.35
CA PHE D 145 26.89 35.24 47.26
C PHE D 145 27.88 35.43 46.14
N ARG D 146 27.65 36.37 45.23
CA ARG D 146 28.46 36.51 44.03
C ARG D 146 28.38 35.25 43.16
N ASN D 147 27.22 34.59 43.22
CA ASN D 147 26.95 33.38 42.48
C ASN D 147 25.48 33.43 42.13
N GLU D 148 25.17 33.60 40.85
CA GLU D 148 23.79 33.70 40.42
C GLU D 148 23.01 32.40 40.56
N ARG D 149 23.69 31.29 40.82
CA ARG D 149 23.09 29.96 40.86
C ARG D 149 23.42 29.27 42.18
N ALA D 150 23.37 30.05 43.25
CA ALA D 150 23.62 29.53 44.59
C ALA D 150 22.45 28.73 45.13
N ILE D 151 21.24 29.05 44.67
CA ILE D 151 20.02 28.35 45.04
C ILE D 151 19.50 27.68 43.78
N ARG D 152 19.40 26.38 43.84
CA ARG D 152 18.95 25.60 42.71
C ARG D 152 17.45 25.46 42.73
N PHE D 153 16.86 25.42 41.54
CA PHE D 153 15.41 25.39 41.38
C PHE D 153 15.03 24.18 40.57
N VAL D 154 14.12 23.39 41.12
CA VAL D 154 13.57 22.22 40.48
C VAL D 154 12.17 22.57 40.03
N VAL D 155 11.80 22.12 38.84
CA VAL D 155 10.49 22.39 38.27
C VAL D 155 9.89 21.08 37.81
N MET D 156 8.57 21.05 37.80
CA MET D 156 7.80 19.93 37.33
C MET D 156 7.25 20.24 35.96
N VAL D 157 7.51 19.36 35.01
CA VAL D 157 7.27 19.61 33.60
C VAL D 157 6.27 18.59 33.10
N THR D 158 5.19 19.08 32.55
CA THR D 158 4.27 18.24 31.82
C THR D 158 4.71 18.12 30.38
N PRO D 159 4.24 17.11 29.65
CA PRO D 159 4.54 17.05 28.22
C PRO D 159 3.97 18.22 27.45
N GLU D 160 2.86 18.79 27.90
CA GLU D 160 2.29 19.94 27.21
C GLU D 160 3.21 21.13 27.28
N ASP D 161 3.69 21.46 28.47
CA ASP D 161 4.60 22.59 28.63
C ASP D 161 5.92 22.36 27.91
N LEU D 162 6.35 21.10 27.81
CA LEU D 162 7.58 20.81 27.09
C LEU D 162 7.40 21.01 25.59
N LYS D 163 6.29 20.50 25.05
CA LYS D 163 6.04 20.67 23.63
C LYS D 163 5.81 22.12 23.27
N ALA D 164 5.21 22.87 24.17
CA ALA D 164 4.97 24.29 23.95
C ALA D 164 6.19 25.15 24.22
N ASN D 165 7.33 24.55 24.61
CA ASN D 165 8.57 25.26 24.86
C ASN D 165 8.35 26.37 25.89
N ALA D 166 7.75 25.99 27.01
CA ALA D 166 7.54 26.93 28.10
C ALA D 166 8.85 27.53 28.54
N GLU D 167 8.79 28.81 28.89
CA GLU D 167 10.01 29.58 29.13
C GLU D 167 10.72 29.11 30.39
N TYR D 168 9.97 28.70 31.41
CA TYR D 168 10.58 28.35 32.68
C TYR D 168 11.45 27.10 32.59
N ILE D 169 11.22 26.26 31.59
CA ILE D 169 11.95 25.00 31.49
C ILE D 169 13.43 25.26 31.31
N LYS D 170 13.77 26.16 30.39
CA LYS D 170 15.16 26.45 30.11
C LYS D 170 15.86 27.15 31.26
N MET D 171 15.12 27.89 32.09
CA MET D 171 15.72 28.60 33.20
C MET D 171 16.04 27.69 34.36
N ALA D 172 15.27 26.63 34.53
CA ALA D 172 15.41 25.78 35.70
C ALA D 172 16.76 25.09 35.71
N ASP D 173 17.17 24.71 36.90
CA ASP D 173 18.38 23.95 37.07
C ASP D 173 18.15 22.46 36.84
N HIS D 174 17.06 21.93 37.35
CA HIS D 174 16.70 20.54 37.18
C HIS D 174 15.21 20.51 36.85
N TYR D 175 14.80 19.50 36.10
CA TYR D 175 13.40 19.26 35.84
C TYR D 175 13.08 17.81 36.12
N VAL D 176 11.85 17.58 36.54
CA VAL D 176 11.32 16.24 36.70
C VAL D 176 10.02 16.17 35.91
N PRO D 177 9.79 15.13 35.10
CA PRO D 177 8.50 15.04 34.43
C PRO D 177 7.40 14.59 35.38
N VAL D 178 6.19 15.04 35.09
CA VAL D 178 5.00 14.63 35.82
C VAL D 178 3.90 14.34 34.83
N PRO D 179 2.82 13.68 35.25
CA PRO D 179 1.70 13.46 34.34
C PRO D 179 0.99 14.74 33.99
N GLY D 180 0.54 14.81 32.73
CA GLY D 180 -0.10 16.00 32.22
C GLY D 180 -1.59 15.97 32.41
N GLY D 181 -2.24 16.97 31.81
CA GLY D 181 -3.67 17.12 31.89
C GLY D 181 -4.07 18.25 32.81
N PRO D 182 -5.20 18.13 33.50
CA PRO D 182 -5.63 19.21 34.38
C PRO D 182 -4.71 19.35 35.58
N ASN D 183 -4.96 20.41 36.35
CA ASN D 183 -4.04 20.78 37.42
C ASN D 183 -3.96 19.72 38.51
N ASN D 184 -4.98 18.87 38.63
CA ASN D 184 -5.03 17.91 39.73
C ASN D 184 -4.12 16.71 39.52
N ASN D 185 -3.49 16.60 38.36
CA ASN D 185 -2.52 15.53 38.10
C ASN D 185 -1.08 15.98 38.23
N ASN D 186 -0.82 17.29 38.18
CA ASN D 186 0.53 17.80 38.02
C ASN D 186 0.98 18.77 39.10
N TYR D 187 0.10 19.70 39.47
CA TYR D 187 0.48 20.84 40.29
C TYR D 187 -0.43 21.08 41.47
N ALA D 188 -1.70 20.70 41.39
CA ALA D 188 -2.60 20.80 42.53
C ALA D 188 -2.63 19.53 43.36
N ASN D 189 -1.79 18.55 43.03
CA ASN D 189 -1.69 17.29 43.78
C ASN D 189 -0.63 17.47 44.84
N VAL D 190 -1.07 17.75 46.05
CA VAL D 190 -0.16 18.04 47.15
C VAL D 190 0.69 16.82 47.49
N GLU D 191 0.11 15.62 47.38
CA GLU D 191 0.86 14.42 47.73
C GLU D 191 1.97 14.18 46.73
N LEU D 192 1.69 14.48 45.46
CA LEU D 192 2.73 14.41 44.44
C LEU D 192 3.83 15.42 44.72
N ILE D 193 3.47 16.63 45.13
CA ILE D 193 4.47 17.63 45.46
C ILE D 193 5.38 17.14 46.56
N LEU D 194 4.80 16.53 47.59
CA LEU D 194 5.61 15.96 48.66
C LEU D 194 6.51 14.85 48.12
N ASP D 195 5.95 14.03 47.24
CA ASP D 195 6.69 12.90 46.71
C ASP D 195 7.91 13.36 45.96
N ILE D 196 7.78 14.43 45.19
CA ILE D 196 8.92 14.98 44.46
C ILE D 196 9.88 15.64 45.43
N ALA D 197 9.35 16.35 46.41
CA ALA D 197 10.20 17.09 47.34
C ALA D 197 11.09 16.16 48.14
N LYS D 198 10.63 14.93 48.39
CA LYS D 198 11.44 13.96 49.11
C LYS D 198 12.26 13.08 48.19
N ARG D 199 11.73 12.77 47.01
CA ARG D 199 12.49 12.01 46.02
C ARG D 199 13.75 12.77 45.63
N ILE D 200 13.58 14.03 45.26
CA ILE D 200 14.71 14.93 45.03
C ILE D 200 14.89 15.73 46.31
N PRO D 201 15.98 15.54 47.07
CA PRO D 201 16.04 16.20 48.37
C PRO D 201 16.15 17.70 48.23
N VAL D 202 15.03 18.35 48.53
CA VAL D 202 14.93 19.80 48.53
C VAL D 202 14.63 20.23 49.95
N GLN D 203 15.00 21.46 50.24
CA GLN D 203 14.73 22.06 51.54
C GLN D 203 13.50 22.94 51.55
N ALA D 204 13.02 23.40 50.40
CA ALA D 204 11.81 24.21 50.45
C ALA D 204 10.96 24.04 49.20
N VAL D 205 9.74 24.53 49.30
CA VAL D 205 8.73 24.46 48.25
C VAL D 205 8.03 25.80 48.17
N TRP D 206 8.06 26.40 46.99
CA TRP D 206 7.37 27.64 46.71
C TRP D 206 6.18 27.32 45.80
N ALA D 207 5.03 27.91 46.13
CA ALA D 207 3.80 27.68 45.39
C ALA D 207 3.26 28.92 44.70
N GLY D 208 3.45 30.09 45.31
CA GLY D 208 3.02 31.31 44.67
C GLY D 208 1.52 31.38 44.50
N TRP D 209 1.10 31.85 43.33
CA TRP D 209 -0.30 32.09 43.00
C TRP D 209 -0.81 31.08 41.99
N GLY D 210 -0.33 29.86 42.06
CA GLY D 210 -0.77 28.85 41.13
C GLY D 210 -2.01 28.16 41.64
N HIS D 211 -1.89 26.86 41.90
CA HIS D 211 -3.03 26.00 42.18
C HIS D 211 -2.97 25.32 43.53
N ALA D 212 -1.79 25.16 44.12
CA ALA D 212 -1.66 24.52 45.42
C ALA D 212 -1.69 25.48 46.58
N SER D 213 -1.54 26.78 46.36
CA SER D 213 -1.46 27.74 47.45
C SER D 213 -2.83 28.08 48.02
N GLU D 214 -3.88 27.49 47.49
CA GLU D 214 -5.22 27.59 48.05
C GLU D 214 -5.65 26.31 48.75
N ASN D 215 -4.74 25.36 48.93
CA ASN D 215 -5.01 24.08 49.56
C ASN D 215 -4.31 24.08 50.91
N PRO D 216 -5.03 24.20 52.04
CA PRO D 216 -4.35 24.26 53.34
C PRO D 216 -3.66 22.98 53.76
N LYS D 217 -3.80 21.88 53.02
CA LYS D 217 -3.22 20.63 53.42
C LYS D 217 -1.74 20.53 53.08
N LEU D 218 -1.26 21.35 52.16
CA LEU D 218 0.13 21.20 51.72
C LEU D 218 1.13 21.60 52.79
N PRO D 219 0.97 22.72 53.50
CA PRO D 219 1.94 23.04 54.56
C PRO D 219 2.05 21.95 55.60
N GLU D 220 0.96 21.28 55.94
CA GLU D 220 1.00 20.18 56.89
C GLU D 220 1.88 19.05 56.38
N LEU D 221 1.60 18.61 55.15
CA LEU D 221 2.34 17.51 54.57
C LEU D 221 3.82 17.82 54.48
N LEU D 222 4.16 19.08 54.25
CA LEU D 222 5.57 19.42 54.11
C LEU D 222 6.25 19.57 55.46
N LEU D 223 5.55 20.18 56.42
CA LEU D 223 6.16 20.42 57.72
C LEU D 223 6.36 19.11 58.47
N LYS D 224 5.50 18.13 58.23
CA LYS D 224 5.67 16.85 58.88
C LYS D 224 6.94 16.14 58.43
N ASN D 225 7.46 16.47 57.24
CA ASN D 225 8.68 15.86 56.72
C ASN D 225 9.88 16.80 56.77
N GLY D 226 9.78 17.93 57.47
CA GLY D 226 10.93 18.80 57.64
C GLY D 226 11.21 19.68 56.45
N ILE D 227 10.18 20.03 55.68
CA ILE D 227 10.31 20.83 54.48
C ILE D 227 9.66 22.17 54.73
N ALA D 228 10.39 23.24 54.44
CA ALA D 228 9.91 24.58 54.68
C ALA D 228 9.04 25.05 53.54
N PHE D 229 7.81 25.38 53.84
CA PHE D 229 6.90 25.97 52.88
C PHE D 229 7.08 27.47 52.93
N MET D 230 7.20 28.09 51.77
CA MET D 230 7.33 29.53 51.67
C MET D 230 5.92 30.13 51.68
N GLY D 231 5.28 30.01 52.81
CA GLY D 231 3.96 30.55 52.98
C GLY D 231 3.41 30.31 54.35
N PRO D 232 2.14 30.61 54.54
CA PRO D 232 1.57 30.54 55.87
C PRO D 232 1.49 29.10 56.35
N PRO D 233 1.37 28.88 57.65
CA PRO D 233 1.01 27.55 58.13
C PRO D 233 -0.44 27.25 57.85
N SER D 234 -0.77 25.98 57.96
CA SER D 234 -2.12 25.57 57.64
C SER D 234 -3.13 26.11 58.64
N GLN D 235 -2.71 26.37 59.88
CA GLN D 235 -3.65 26.85 60.88
C GLN D 235 -4.20 28.21 60.51
N ALA D 236 -3.36 29.08 59.97
CA ALA D 236 -3.84 30.34 59.46
C ALA D 236 -4.78 30.11 58.30
N MET D 237 -4.35 29.34 57.30
CA MET D 237 -5.19 29.08 56.13
C MET D 237 -6.54 28.47 56.51
N TRP D 238 -6.59 27.77 57.64
CA TRP D 238 -7.84 27.23 58.16
C TRP D 238 -8.67 28.34 58.78
N ALA D 239 -8.09 29.01 59.77
CA ALA D 239 -8.69 30.21 60.35
C ALA D 239 -9.08 31.22 59.29
N LEU D 240 -8.27 31.33 58.23
CA LEU D 240 -8.65 31.98 56.98
C LEU D 240 -9.32 31.00 56.03
N GLY D 241 -10.41 30.39 56.48
CA GLY D 241 -11.03 29.35 55.69
C GLY D 241 -11.92 29.92 54.63
N ASP D 242 -13.21 29.56 54.71
CA ASP D 242 -14.23 30.09 53.83
C ASP D 242 -14.58 31.49 54.29
N LYS D 243 -15.73 32.00 53.88
CA LYS D 243 -16.09 33.40 53.97
C LYS D 243 -16.70 33.78 55.30
N ILE D 244 -17.53 32.91 55.86
CA ILE D 244 -18.15 33.20 57.16
C ILE D 244 -17.06 33.34 58.22
N ALA D 245 -16.13 32.38 58.25
CA ALA D 245 -15.08 32.42 59.27
C ALA D 245 -14.21 33.65 59.08
N SER D 246 -13.98 34.04 57.83
CA SER D 246 -13.13 35.19 57.55
C SER D 246 -13.76 36.46 58.09
N SER D 247 -15.03 36.67 57.76
CA SER D 247 -15.75 37.84 58.24
C SER D 247 -15.85 37.85 59.76
N ILE D 248 -15.99 36.68 60.38
CA ILE D 248 -16.08 36.66 61.83
C ILE D 248 -14.74 37.01 62.44
N VAL D 249 -13.67 36.36 61.97
CA VAL D 249 -12.39 36.50 62.63
C VAL D 249 -11.83 37.89 62.46
N ALA D 250 -12.22 38.58 61.38
CA ALA D 250 -11.75 39.94 61.20
C ALA D 250 -12.20 40.88 62.31
N GLN D 251 -13.26 40.53 63.03
CA GLN D 251 -13.89 41.41 64.00
C GLN D 251 -13.40 41.20 65.42
N THR D 252 -12.40 40.34 65.63
CA THR D 252 -11.89 40.05 66.96
C THR D 252 -10.86 41.06 67.44
N ALA D 253 -10.30 41.84 66.50
CA ALA D 253 -9.37 42.92 66.81
C ALA D 253 -10.03 44.13 66.15
N GLY D 254 -9.24 45.20 65.94
CA GLY D 254 -9.75 46.44 65.39
C GLY D 254 -10.70 46.21 64.22
N ILE D 255 -11.97 46.47 64.49
CA ILE D 255 -13.06 45.87 63.72
C ILE D 255 -13.18 46.62 62.40
N PRO D 256 -12.90 45.99 61.26
CA PRO D 256 -13.24 46.63 60.00
C PRO D 256 -14.72 46.47 59.73
N THR D 257 -15.30 47.50 59.12
CA THR D 257 -16.69 47.43 58.72
C THR D 257 -16.88 46.27 57.76
N LEU D 258 -18.05 45.65 57.82
CA LEU D 258 -18.40 44.52 56.99
C LEU D 258 -19.84 44.68 56.53
N PRO D 259 -20.18 44.34 55.27
CA PRO D 259 -21.56 44.54 54.82
C PRO D 259 -22.48 43.37 55.17
N TRP D 260 -22.66 43.16 56.48
CA TRP D 260 -23.55 42.11 56.97
C TRP D 260 -23.25 40.72 56.43
N SER D 261 -22.10 40.17 56.79
CA SER D 261 -21.71 38.85 56.29
C SER D 261 -22.58 37.78 56.97
N GLY D 262 -23.83 37.75 56.55
CA GLY D 262 -24.86 36.98 57.21
C GLY D 262 -25.55 37.84 58.25
N SER D 263 -24.73 38.57 59.00
CA SER D 263 -25.19 39.62 59.91
C SER D 263 -23.97 40.41 60.33
N GLY D 264 -24.19 41.43 61.15
CA GLY D 264 -23.12 42.22 61.70
C GLY D 264 -22.67 41.76 63.06
N LEU D 265 -23.06 40.57 63.48
CA LEU D 265 -22.74 40.08 64.82
C LEU D 265 -21.34 39.50 64.85
N ARG D 266 -20.68 39.64 66.00
CA ARG D 266 -19.29 39.24 66.16
C ARG D 266 -19.15 38.35 67.39
N VAL D 267 -17.89 38.06 67.75
CA VAL D 267 -17.53 37.25 68.90
C VAL D 267 -16.74 38.13 69.86
N ASP D 268 -16.22 37.53 70.94
CA ASP D 268 -15.52 38.26 71.97
C ASP D 268 -14.24 38.88 71.40
N TRP D 269 -13.53 39.62 72.25
CA TRP D 269 -12.30 40.28 71.86
C TRP D 269 -11.11 39.37 72.06
N GLN D 270 -10.26 39.29 71.03
CA GLN D 270 -8.93 38.67 71.11
C GLN D 270 -8.02 39.57 70.27
N GLU D 271 -7.46 40.58 70.93
CA GLU D 271 -6.81 41.66 70.17
C GLU D 271 -5.51 41.17 69.54
N ASN D 272 -4.71 40.41 70.29
CA ASN D 272 -3.41 39.95 69.83
C ASN D 272 -3.13 38.51 70.23
N ASP D 273 -4.17 37.75 70.53
CA ASP D 273 -4.05 36.35 70.92
C ASP D 273 -4.36 35.45 69.74
N PHE D 274 -3.62 34.35 69.66
CA PHE D 274 -3.90 33.33 68.66
C PHE D 274 -5.13 32.53 69.07
N SER D 275 -5.98 32.21 68.09
CA SER D 275 -7.16 31.41 68.35
C SER D 275 -7.52 30.62 67.09
N LYS D 276 -8.14 29.48 67.31
CA LYS D 276 -8.70 28.67 66.24
C LYS D 276 -10.20 28.93 66.13
N ARG D 277 -10.75 28.57 64.98
CA ARG D 277 -12.18 28.74 64.70
C ARG D 277 -12.95 27.57 65.28
N ILE D 278 -13.04 27.55 66.59
CA ILE D 278 -13.79 26.51 67.28
C ILE D 278 -15.27 26.84 67.19
N LEU D 279 -16.08 25.83 66.84
CA LEU D 279 -17.52 26.03 66.65
C LEU D 279 -18.27 25.86 67.97
N ASN D 280 -17.91 26.69 68.95
CA ASN D 280 -18.63 26.78 70.21
C ASN D 280 -19.25 28.16 70.42
N VAL D 281 -18.45 29.22 70.35
CA VAL D 281 -18.95 30.60 70.41
C VAL D 281 -19.45 31.03 69.03
N PRO D 282 -18.64 30.98 67.97
CA PRO D 282 -19.12 31.48 66.68
C PRO D 282 -20.16 30.61 66.00
N GLN D 283 -20.44 29.42 66.54
CA GLN D 283 -21.50 28.58 65.98
C GLN D 283 -22.80 29.35 65.83
N GLU D 284 -23.17 30.14 66.85
CA GLU D 284 -24.32 31.04 66.74
C GLU D 284 -24.24 31.86 65.47
N LEU D 285 -23.11 32.53 65.26
CA LEU D 285 -22.91 33.30 64.03
C LEU D 285 -23.04 32.42 62.80
N TYR D 286 -22.47 31.21 62.81
CA TYR D 286 -22.66 30.32 61.67
C TYR D 286 -24.13 30.00 61.48
N GLU D 287 -24.85 29.79 62.59
CA GLU D 287 -26.28 29.52 62.49
C GLU D 287 -27.01 30.72 61.90
N LYS D 288 -26.51 31.93 62.17
CA LYS D 288 -27.05 33.11 61.52
C LYS D 288 -26.44 33.32 60.15
N GLY D 289 -25.19 32.87 59.96
CA GLY D 289 -24.55 33.05 58.67
C GLY D 289 -25.09 32.10 57.63
N TYR D 290 -25.57 30.94 58.06
CA TYR D 290 -26.22 29.97 57.18
C TYR D 290 -27.71 29.88 57.48
N VAL D 291 -28.46 29.50 56.45
CA VAL D 291 -29.91 29.47 56.47
C VAL D 291 -30.38 28.06 56.10
N LYS D 292 -31.54 27.67 56.64
CA LYS D 292 -32.14 26.36 56.40
C LYS D 292 -33.52 26.46 55.78
N ASP D 293 -34.40 27.28 56.35
CA ASP D 293 -35.78 27.38 55.89
C ASP D 293 -35.90 28.41 54.77
N VAL D 294 -37.11 28.52 54.22
CA VAL D 294 -37.38 29.43 53.12
C VAL D 294 -37.37 30.89 53.58
N ASP D 295 -37.80 31.15 54.81
CA ASP D 295 -37.92 32.50 55.34
C ASP D 295 -36.75 32.91 56.24
N ASP D 296 -35.70 32.09 56.32
CA ASP D 296 -34.54 32.48 57.12
C ASP D 296 -33.77 33.62 56.44
N GLY D 297 -33.59 33.53 55.12
CA GLY D 297 -32.82 34.55 54.42
C GLY D 297 -33.45 35.92 54.47
N LEU D 298 -34.79 35.99 54.47
CA LEU D 298 -35.49 37.27 54.54
C LEU D 298 -35.06 38.11 55.73
N GLN D 299 -34.70 37.49 56.86
CA GLN D 299 -34.25 38.22 58.03
C GLN D 299 -33.01 39.05 57.74
N ALA D 300 -32.19 38.67 56.77
CA ALA D 300 -31.10 39.52 56.33
C ALA D 300 -31.62 40.60 55.39
N ALA D 301 -32.50 40.23 54.47
CA ALA D 301 -32.99 41.17 53.47
C ALA D 301 -33.66 42.37 54.10
N GLU D 302 -34.29 42.17 55.26
CA GLU D 302 -34.97 43.26 55.93
C GLU D 302 -34.01 44.34 56.42
N GLU D 303 -32.75 43.97 56.69
CA GLU D 303 -31.76 44.90 57.22
C GLU D 303 -30.80 45.41 56.15
N VAL D 304 -30.38 44.57 55.21
CA VAL D 304 -29.38 44.98 54.24
C VAL D 304 -29.98 45.84 53.13
N GLY D 305 -31.21 45.56 52.73
CA GLY D 305 -31.88 46.30 51.68
C GLY D 305 -32.07 45.47 50.43
N TYR D 306 -32.37 46.17 49.34
CA TYR D 306 -32.69 45.52 48.07
C TYR D 306 -31.56 44.71 47.46
N PRO D 307 -30.33 45.21 47.34
CA PRO D 307 -29.32 44.46 46.57
C PRO D 307 -28.75 43.29 47.36
N VAL D 308 -29.46 42.16 47.34
CA VAL D 308 -29.13 41.01 48.18
C VAL D 308 -28.47 39.96 47.31
N MET D 309 -27.36 39.39 47.78
CA MET D 309 -26.66 38.32 47.07
C MET D 309 -26.76 37.05 47.90
N ILE D 310 -27.34 36.00 47.31
CA ILE D 310 -27.50 34.72 47.98
C ILE D 310 -26.62 33.71 47.27
N LYS D 311 -25.82 32.97 48.05
CA LYS D 311 -24.90 32.01 47.50
C LYS D 311 -24.85 30.77 48.38
N ALA D 312 -24.70 29.63 47.72
CA ALA D 312 -24.50 28.37 48.43
C ALA D 312 -23.08 28.28 48.93
N SER D 313 -22.89 27.45 49.96
CA SER D 313 -21.55 27.24 50.50
C SER D 313 -20.61 26.62 49.46
N GLU D 314 -21.15 25.96 48.44
CA GLU D 314 -20.39 25.40 47.34
C GLU D 314 -20.71 26.09 46.02
N GLY D 315 -21.28 27.29 46.07
CA GLY D 315 -21.63 28.00 44.87
C GLY D 315 -20.41 28.48 44.11
N GLY D 316 -20.58 28.65 42.81
CA GLY D 316 -19.52 29.11 41.94
C GLY D 316 -19.53 28.33 40.63
N GLY D 317 -18.92 28.93 39.61
CA GLY D 317 -18.91 28.32 38.30
C GLY D 317 -20.18 28.51 37.53
N GLY D 318 -20.90 29.60 37.76
CA GLY D 318 -22.13 29.89 37.08
C GLY D 318 -23.38 29.36 37.76
N LYS D 319 -23.24 28.48 38.76
CA LYS D 319 -24.36 27.93 39.49
C LYS D 319 -24.21 28.26 40.97
N GLY D 320 -25.34 28.19 41.69
CA GLY D 320 -25.35 28.42 43.11
C GLY D 320 -25.33 29.88 43.53
N ILE D 321 -25.51 30.80 42.59
CA ILE D 321 -25.41 32.24 42.85
C ILE D 321 -26.68 32.86 42.32
N ARG D 322 -27.34 33.69 43.13
CA ARG D 322 -28.48 34.44 42.66
C ARG D 322 -28.46 35.85 43.25
N LYS D 323 -28.69 36.83 42.38
CA LYS D 323 -28.69 38.24 42.72
C LYS D 323 -30.14 38.72 42.75
N VAL D 324 -30.59 39.14 43.92
CA VAL D 324 -31.93 39.66 44.12
C VAL D 324 -31.85 41.17 44.10
N ASN D 325 -32.62 41.78 43.20
CA ASN D 325 -32.72 43.22 43.06
C ASN D 325 -33.99 43.79 43.69
N ASN D 326 -35.01 42.97 43.87
CA ASN D 326 -36.27 43.39 44.45
C ASN D 326 -36.33 43.02 45.93
N ALA D 327 -37.42 43.39 46.59
CA ALA D 327 -37.72 42.96 47.95
C ALA D 327 -38.66 41.75 48.00
N ASP D 328 -39.67 41.72 47.14
CA ASP D 328 -40.67 40.66 47.16
C ASP D 328 -40.29 39.44 46.34
N ASP D 329 -39.31 39.56 45.44
CA ASP D 329 -38.83 38.43 44.65
C ASP D 329 -37.72 37.64 45.35
N PHE D 330 -37.31 38.04 46.56
CA PHE D 330 -36.29 37.28 47.30
C PHE D 330 -36.64 35.81 47.47
N PRO D 331 -37.86 35.42 47.85
CA PRO D 331 -38.12 33.99 48.04
C PRO D 331 -37.88 33.16 46.79
N ASN D 332 -38.18 33.70 45.61
CA ASN D 332 -37.99 32.94 44.37
C ASN D 332 -36.53 32.56 44.17
N LEU D 333 -35.65 33.56 44.01
CA LEU D 333 -34.23 33.29 43.79
C LEU D 333 -33.57 32.63 45.00
N PHE D 334 -34.09 32.89 46.20
CA PHE D 334 -33.57 32.26 47.41
C PHE D 334 -33.79 30.75 47.37
N ARG D 335 -35.03 30.34 47.12
CA ARG D 335 -35.34 28.93 46.98
C ARG D 335 -34.59 28.33 45.80
N GLN D 336 -34.35 29.13 44.76
CA GLN D 336 -33.55 28.64 43.65
C GLN D 336 -32.15 28.27 44.12
N VAL D 337 -31.48 29.16 44.87
CA VAL D 337 -30.15 28.83 45.38
C VAL D 337 -30.20 27.59 46.25
N GLN D 338 -31.26 27.46 47.06
CA GLN D 338 -31.38 26.26 47.89
C GLN D 338 -31.51 25.01 47.04
N ALA D 339 -32.04 25.14 45.81
CA ALA D 339 -32.09 24.02 44.88
C ALA D 339 -30.84 23.89 44.01
N GLU D 340 -29.99 24.92 43.95
CA GLU D 340 -28.80 24.85 43.11
C GLU D 340 -27.81 23.84 43.66
N VAL D 341 -27.68 23.79 44.98
CA VAL D 341 -26.81 22.85 45.67
C VAL D 341 -27.66 22.21 46.76
N PRO D 342 -28.50 21.22 46.42
CA PRO D 342 -29.39 20.64 47.45
C PRO D 342 -28.59 19.96 48.56
N GLY D 343 -29.08 20.16 49.78
CA GLY D 343 -28.48 19.55 50.95
C GLY D 343 -27.43 20.38 51.65
N SER D 344 -26.86 21.42 50.96
CA SER D 344 -25.76 22.20 51.51
C SER D 344 -26.28 23.46 52.19
N PRO D 345 -25.58 24.00 53.19
CA PRO D 345 -26.03 25.24 53.79
C PRO D 345 -25.81 26.42 52.86
N ILE D 346 -26.76 27.35 52.89
CA ILE D 346 -26.75 28.55 52.05
C ILE D 346 -26.47 29.74 52.94
N PHE D 347 -25.90 30.79 52.37
CA PHE D 347 -25.70 32.04 53.10
C PHE D 347 -26.14 33.22 52.26
N VAL D 348 -26.49 34.29 52.99
CA VAL D 348 -27.04 35.52 52.42
C VAL D 348 -26.15 36.66 52.86
N MET D 349 -25.78 37.52 51.92
CA MET D 349 -24.96 38.68 52.25
C MET D 349 -25.43 39.86 51.43
N ARG D 350 -25.02 41.04 51.87
CA ARG D 350 -25.36 42.27 51.16
C ARG D 350 -24.42 42.44 49.99
N LEU D 351 -24.97 42.86 48.87
CA LEU D 351 -24.17 43.05 47.68
C LEU D 351 -23.42 44.38 47.74
N ALA D 352 -22.25 44.40 47.12
CA ALA D 352 -21.39 45.57 47.16
C ALA D 352 -21.96 46.68 46.30
N LYS D 353 -21.60 47.91 46.64
CA LYS D 353 -21.87 49.06 45.79
C LYS D 353 -20.75 49.19 44.77
N GLN D 354 -20.94 50.12 43.83
CA GLN D 354 -19.94 50.37 42.79
C GLN D 354 -18.96 51.39 43.34
N SER D 355 -17.81 50.90 43.78
CA SER D 355 -16.78 51.70 44.40
C SER D 355 -15.43 51.06 44.10
N ARG D 356 -14.41 51.41 44.88
CA ARG D 356 -13.04 51.02 44.55
C ARG D 356 -12.62 49.79 45.33
N HIS D 357 -11.69 49.06 44.73
CA HIS D 357 -11.12 47.84 45.32
C HIS D 357 -9.66 48.10 45.60
N LEU D 358 -9.32 48.19 46.88
CA LEU D 358 -7.95 48.42 47.31
C LEU D 358 -7.39 47.17 47.98
N GLU D 359 -6.07 47.15 48.07
CA GLU D 359 -5.35 46.04 48.66
C GLU D 359 -4.23 46.57 49.51
N VAL D 360 -3.87 45.79 50.52
CA VAL D 360 -2.70 46.05 51.33
C VAL D 360 -1.84 44.80 51.29
N GLN D 361 -0.55 45.01 51.06
CA GLN D 361 0.42 43.93 51.02
C GLN D 361 1.04 43.82 52.40
N ILE D 362 0.93 42.64 52.98
CA ILE D 362 1.38 42.35 54.34
C ILE D 362 2.53 41.38 54.23
N LEU D 363 3.55 41.60 55.05
CA LEU D 363 4.72 40.73 55.06
C LEU D 363 5.07 40.43 56.49
N ALA D 364 5.41 39.17 56.78
CA ALA D 364 5.66 38.84 58.19
C ALA D 364 6.65 37.70 58.35
N ASP D 365 7.40 37.75 59.44
CA ASP D 365 8.38 36.73 59.76
C ASP D 365 7.78 35.70 60.72
N GLN D 366 8.57 34.69 61.02
CA GLN D 366 8.18 33.61 61.91
C GLN D 366 8.41 33.93 63.39
N TYR D 367 8.71 35.18 63.72
CA TYR D 367 8.92 35.62 65.09
C TYR D 367 7.86 36.61 65.56
N GLY D 368 6.71 36.66 64.90
CA GLY D 368 5.62 37.52 65.32
C GLY D 368 5.69 38.96 64.86
N ASN D 369 6.65 39.32 64.02
CA ASN D 369 6.74 40.67 63.47
C ASN D 369 6.04 40.72 62.12
N ALA D 370 5.07 41.61 61.99
CA ALA D 370 4.31 41.78 60.76
C ALA D 370 4.26 43.25 60.42
N ILE D 371 4.54 43.58 59.15
CA ILE D 371 4.53 44.95 58.69
C ILE D 371 3.69 45.05 57.43
N SER D 372 3.19 46.27 57.22
CA SER D 372 2.47 46.63 56.01
C SER D 372 3.46 47.28 55.06
N LEU D 373 3.51 46.77 53.84
CA LEU D 373 4.48 47.33 52.93
C LEU D 373 3.90 48.60 52.33
N PHE D 374 2.94 48.45 51.43
CA PHE D 374 2.17 49.54 50.83
C PHE D 374 0.94 48.88 50.21
N GLY D 375 0.09 49.71 49.60
CA GLY D 375 -1.15 49.24 49.02
C GLY D 375 -1.13 49.16 47.51
N ARG D 376 -2.30 48.86 46.97
CA ARG D 376 -2.56 48.80 45.55
C ARG D 376 -4.00 49.17 45.26
N ASP D 377 -4.21 49.81 44.14
CA ASP D 377 -5.53 50.13 43.61
C ASP D 377 -5.73 49.23 42.40
N CYS D 378 -6.74 48.36 42.48
CA CYS D 378 -6.95 47.30 41.51
C CYS D 378 -8.39 47.31 41.00
N SER D 379 -8.88 48.50 40.65
CA SER D 379 -10.28 48.71 40.36
C SER D 379 -10.61 48.63 38.88
N VAL D 380 -9.68 48.17 38.05
CA VAL D 380 -9.92 47.94 36.63
C VAL D 380 -10.14 46.44 36.48
N GLN D 381 -11.41 46.05 36.45
CA GLN D 381 -11.78 44.65 36.43
C GLN D 381 -12.89 44.38 35.44
N ARG D 382 -12.75 43.25 34.77
CA ARG D 382 -13.71 42.76 33.79
C ARG D 382 -14.24 41.43 34.30
N ARG D 383 -15.53 41.39 34.63
CA ARG D 383 -16.16 40.20 35.21
C ARG D 383 -15.38 39.72 36.42
N HIS D 384 -14.97 40.66 37.26
CA HIS D 384 -14.20 40.38 38.47
C HIS D 384 -12.85 39.76 38.16
N GLN D 385 -12.24 40.17 37.05
CA GLN D 385 -10.88 39.76 36.70
C GLN D 385 -10.03 41.00 36.53
N LYS D 386 -8.92 41.03 37.26
CA LYS D 386 -8.01 42.18 37.22
C LYS D 386 -7.40 42.34 35.84
N ILE D 387 -7.22 43.59 35.41
CA ILE D 387 -6.67 43.90 34.10
C ILE D 387 -5.48 44.85 34.23
N ILE D 388 -5.71 45.92 34.98
CA ILE D 388 -4.72 46.94 35.24
C ILE D 388 -4.67 47.16 36.74
N GLU D 389 -3.47 47.29 37.27
CA GLU D 389 -3.24 47.57 38.67
C GLU D 389 -2.34 48.79 38.79
N GLU D 390 -2.52 49.54 39.86
CA GLU D 390 -1.72 50.71 40.14
C GLU D 390 -1.25 50.71 41.59
N ALA D 391 -0.01 51.05 41.79
CA ALA D 391 0.64 50.80 43.07
C ALA D 391 0.31 51.81 44.16
N PRO D 392 0.60 53.11 44.01
CA PRO D 392 0.15 54.04 45.04
C PRO D 392 -1.37 54.09 45.10
N ALA D 393 -1.90 53.85 46.28
CA ALA D 393 -3.34 53.86 46.50
C ALA D 393 -3.76 55.32 46.70
N THR D 394 -3.81 56.04 45.58
CA THR D 394 -3.95 57.49 45.60
C THR D 394 -5.37 57.96 45.89
N ILE D 395 -6.36 57.08 45.78
CA ILE D 395 -7.73 57.48 46.02
C ILE D 395 -7.98 57.70 47.49
N ALA D 396 -7.41 56.87 48.35
CA ALA D 396 -7.64 56.95 49.77
C ALA D 396 -6.79 58.04 50.37
N THR D 397 -7.41 58.83 51.24
CA THR D 397 -6.67 59.87 51.93
C THR D 397 -5.70 59.24 52.93
N PRO D 398 -4.71 60.00 53.40
CA PRO D 398 -3.72 59.42 54.32
C PRO D 398 -4.31 58.82 55.59
N ALA D 399 -5.26 59.50 56.22
CA ALA D 399 -5.80 59.03 57.49
C ALA D 399 -6.47 57.67 57.32
N VAL D 400 -7.41 57.58 56.40
CA VAL D 400 -8.19 56.36 56.23
C VAL D 400 -7.30 55.25 55.72
N PHE D 401 -6.32 55.57 54.88
CA PHE D 401 -5.47 54.53 54.32
C PHE D 401 -4.56 53.94 55.38
N GLU D 402 -4.00 54.80 56.23
CA GLU D 402 -3.21 54.32 57.34
C GLU D 402 -4.06 53.45 58.26
N HIS D 403 -5.33 53.83 58.44
CA HIS D 403 -6.22 52.99 59.24
C HIS D 403 -6.37 51.61 58.62
N MET D 404 -6.52 51.56 57.30
CA MET D 404 -6.69 50.27 56.64
C MET D 404 -5.44 49.42 56.79
N GLU D 405 -4.28 50.07 56.72
CA GLU D 405 -3.02 49.34 56.93
C GLU D 405 -2.95 48.76 58.33
N GLN D 406 -3.30 49.56 59.33
CA GLN D 406 -3.28 49.10 60.71
C GLN D 406 -4.19 47.89 60.90
N CYS D 407 -5.39 47.95 60.34
CA CYS D 407 -6.32 46.84 60.47
C CYS D 407 -5.76 45.57 59.84
N ALA D 408 -5.21 45.69 58.63
CA ALA D 408 -4.64 44.54 57.96
C ALA D 408 -3.53 43.90 58.79
N VAL D 409 -2.66 44.73 59.38
CA VAL D 409 -1.56 44.18 60.16
C VAL D 409 -2.08 43.49 61.41
N LYS D 410 -3.06 44.10 62.09
CA LYS D 410 -3.61 43.48 63.29
C LYS D 410 -4.18 42.11 62.99
N LEU D 411 -4.87 41.98 61.86
CA LEU D 411 -5.38 40.68 61.47
C LEU D 411 -4.26 39.68 61.28
N ALA D 412 -3.23 40.06 60.52
CA ALA D 412 -2.11 39.15 60.28
C ALA D 412 -1.46 38.71 61.58
N LYS D 413 -1.33 39.63 62.53
CA LYS D 413 -0.64 39.29 63.77
C LYS D 413 -1.46 38.33 64.59
N MET D 414 -2.76 38.62 64.76
CA MET D 414 -3.54 37.80 65.66
C MET D 414 -3.79 36.41 65.09
N VAL D 415 -3.87 36.29 63.76
CA VAL D 415 -4.16 34.99 63.19
C VAL D 415 -2.91 34.12 63.08
N GLY D 416 -1.74 34.72 62.93
CA GLY D 416 -0.51 33.96 62.89
C GLY D 416 -0.08 33.67 61.47
N TYR D 417 0.01 34.71 60.67
CA TYR D 417 0.34 34.60 59.26
C TYR D 417 1.82 34.91 59.10
N VAL D 418 2.50 34.11 58.29
CA VAL D 418 3.87 34.37 57.91
C VAL D 418 4.00 34.46 56.41
N SER D 419 5.14 35.00 56.04
CA SER D 419 5.75 35.26 54.76
C SER D 419 5.17 36.42 53.99
N ALA D 420 3.90 36.39 53.62
CA ALA D 420 3.39 37.41 52.72
C ALA D 420 1.96 37.10 52.31
N GLY D 421 1.17 38.16 52.15
CA GLY D 421 -0.22 37.97 51.78
C GLY D 421 -0.85 39.31 51.50
N THR D 422 -2.12 39.25 51.11
CA THR D 422 -2.85 40.46 50.75
C THR D 422 -4.17 40.55 51.49
N VAL D 423 -4.52 41.76 51.89
CA VAL D 423 -5.82 42.06 52.50
C VAL D 423 -6.57 42.96 51.55
N GLU D 424 -7.78 42.56 51.20
CA GLU D 424 -8.62 43.32 50.29
C GLU D 424 -9.61 44.17 51.05
N TYR D 425 -9.82 45.38 50.58
CA TYR D 425 -10.82 46.28 51.12
C TYR D 425 -11.64 46.85 49.99
N LEU D 426 -12.88 47.16 50.31
CA LEU D 426 -13.78 47.87 49.42
C LEU D 426 -13.89 49.29 49.93
N TYR D 427 -13.43 50.23 49.14
CA TYR D 427 -13.33 51.63 49.52
C TYR D 427 -14.47 52.39 48.89
N SER D 428 -15.32 52.97 49.73
CA SER D 428 -16.43 53.79 49.28
C SER D 428 -15.98 55.22 49.10
N GLN D 429 -16.73 55.95 48.29
CA GLN D 429 -16.31 57.29 47.86
C GLN D 429 -16.35 58.30 48.99
N ASP D 430 -17.05 58.02 50.08
CA ASP D 430 -17.16 58.94 51.20
C ASP D 430 -16.11 58.68 52.28
N GLY D 431 -15.10 57.86 52.00
CA GLY D 431 -14.04 57.62 52.96
C GLY D 431 -14.36 56.54 53.97
N SER D 432 -15.04 55.48 53.52
CA SER D 432 -15.45 54.39 54.39
C SER D 432 -15.09 53.07 53.73
N PHE D 433 -14.31 52.25 54.41
CA PHE D 433 -13.85 50.98 53.88
C PHE D 433 -14.57 49.80 54.51
N TYR D 434 -14.62 48.71 53.76
CA TYR D 434 -15.21 47.46 54.18
C TYR D 434 -14.23 46.32 53.93
N PHE D 435 -14.20 45.37 54.86
CA PHE D 435 -13.36 44.20 54.72
C PHE D 435 -13.96 43.28 53.68
N LEU D 436 -13.10 42.69 52.84
CA LEU D 436 -13.52 41.71 51.85
C LEU D 436 -12.94 40.34 52.13
N GLU D 437 -11.62 40.21 52.18
CA GLU D 437 -11.01 38.91 52.36
C GLU D 437 -9.49 39.03 52.42
N LEU D 438 -8.86 38.01 52.99
CA LEU D 438 -7.42 37.86 53.02
C LEU D 438 -7.01 36.75 52.08
N ASN D 439 -6.10 37.06 51.17
CA ASN D 439 -5.53 36.08 50.26
C ASN D 439 -4.23 35.59 50.85
N PRO D 440 -4.11 34.29 51.21
CA PRO D 440 -2.91 33.79 51.90
C PRO D 440 -1.81 33.34 50.95
N ARG D 441 -1.33 34.26 50.13
CA ARG D 441 -0.29 33.92 49.19
C ARG D 441 0.12 35.17 48.44
N LEU D 442 1.31 35.09 47.85
CA LEU D 442 1.81 36.16 47.01
C LEU D 442 0.98 36.26 45.74
N GLN D 443 0.64 37.49 45.39
CA GLN D 443 -0.15 37.76 44.20
C GLN D 443 0.75 37.97 42.99
N VAL D 444 0.15 37.80 41.82
CA VAL D 444 0.88 38.01 40.56
C VAL D 444 1.27 39.46 40.41
N GLU D 445 0.41 40.38 40.85
CA GLU D 445 0.67 41.82 40.73
C GLU D 445 1.54 42.37 41.84
N HIS D 446 2.29 41.51 42.54
CA HIS D 446 3.17 41.98 43.59
C HIS D 446 4.33 42.88 43.14
N PRO D 447 4.81 42.87 41.87
CA PRO D 447 5.89 43.80 41.55
C PRO D 447 5.49 45.26 41.69
N CYS D 448 4.20 45.56 41.62
CA CYS D 448 3.71 46.92 41.78
C CYS D 448 4.22 47.55 43.06
N THR D 449 4.22 46.81 44.16
CA THR D 449 4.74 47.30 45.43
C THR D 449 6.23 47.11 45.58
N GLU D 450 6.84 46.22 44.80
CA GLU D 450 8.28 46.15 44.79
C GLU D 450 8.87 47.42 44.21
N MET D 451 8.33 47.83 43.06
CA MET D 451 8.92 48.90 42.28
C MET D 451 8.89 50.24 43.00
N VAL D 452 7.96 50.41 43.94
CA VAL D 452 7.84 51.65 44.71
C VAL D 452 8.37 51.50 46.14
N ALA D 453 8.80 50.31 46.53
CA ALA D 453 9.38 50.11 47.86
C ALA D 453 10.83 49.68 47.84
N ASP D 454 11.39 49.38 46.66
CA ASP D 454 12.76 48.91 46.54
C ASP D 454 12.98 47.67 47.42
N VAL D 455 12.10 46.70 47.25
CA VAL D 455 12.16 45.43 47.96
C VAL D 455 12.12 44.31 46.93
N ASN D 456 12.33 43.11 47.42
CA ASN D 456 12.23 41.88 46.63
C ASN D 456 11.42 40.90 47.47
N LEU D 457 10.20 40.63 47.05
CA LEU D 457 9.30 39.83 47.89
C LEU D 457 9.61 38.35 47.84
N PRO D 458 9.80 37.71 46.69
CA PRO D 458 10.10 36.28 46.71
C PRO D 458 11.41 35.95 47.41
N ALA D 459 12.43 36.79 47.26
CA ALA D 459 13.64 36.64 48.06
C ALA D 459 13.37 36.83 49.54
N ALA D 460 12.49 37.78 49.88
CA ALA D 460 12.11 37.96 51.27
C ALA D 460 11.42 36.72 51.81
N GLN D 461 10.61 36.06 50.98
CA GLN D 461 9.98 34.81 51.38
C GLN D 461 11.03 33.75 51.65
N LEU D 462 12.06 33.70 50.80
CA LEU D 462 13.12 32.73 51.02
C LEU D 462 13.83 33.00 52.33
N GLN D 463 14.12 34.27 52.61
CA GLN D 463 14.85 34.59 53.83
C GLN D 463 14.00 34.33 55.06
N ILE D 464 12.70 34.57 54.97
CA ILE D 464 11.81 34.25 56.06
C ILE D 464 11.79 32.74 56.29
N ALA D 465 11.73 31.97 55.21
CA ALA D 465 11.66 30.52 55.33
C ALA D 465 12.89 29.95 56.02
N MET D 466 14.02 30.63 55.90
CA MET D 466 15.23 30.24 56.60
C MET D 466 15.21 30.67 58.05
N GLY D 467 14.19 31.38 58.49
CA GLY D 467 14.06 31.75 59.88
C GLY D 467 14.74 33.04 60.24
N ILE D 468 14.85 33.97 59.29
CA ILE D 468 15.51 35.25 59.51
C ILE D 468 14.43 36.26 59.88
N PRO D 469 14.59 37.01 60.98
CA PRO D 469 13.57 38.01 61.30
C PRO D 469 13.68 39.22 60.40
N LEU D 470 12.65 40.06 60.48
CA LEU D 470 12.51 41.16 59.54
C LEU D 470 13.59 42.21 59.71
N TYR D 471 14.10 42.38 60.92
CA TYR D 471 15.07 43.43 61.19
C TYR D 471 16.48 43.07 60.76
N ARG D 472 16.67 41.91 60.14
CA ARG D 472 17.95 41.51 59.59
C ARG D 472 17.95 41.40 58.08
N ILE D 473 16.80 41.54 57.44
CA ILE D 473 16.74 41.53 55.98
C ILE D 473 17.11 42.92 55.50
N LYS D 474 17.98 42.97 54.49
CA LYS D 474 18.59 44.21 54.04
C LYS D 474 17.57 45.24 53.59
N ASP D 475 16.71 44.86 52.65
CA ASP D 475 15.83 45.84 52.03
C ASP D 475 14.86 46.45 53.03
N ILE D 476 14.34 45.64 53.95
CA ILE D 476 13.49 46.15 55.01
C ILE D 476 14.26 47.16 55.84
N ARG D 477 15.51 46.82 56.18
CA ARG D 477 16.32 47.70 57.00
C ARG D 477 16.52 49.05 56.33
N MET D 478 16.73 49.06 55.02
CA MET D 478 16.85 50.33 54.32
C MET D 478 15.52 51.06 54.30
N MET D 479 14.42 50.32 54.18
CA MET D 479 13.12 50.96 54.06
C MET D 479 12.78 51.78 55.29
N TYR D 480 13.25 51.35 56.46
CA TYR D 480 13.02 52.05 57.71
C TYR D 480 14.19 52.94 58.11
N GLY D 481 15.11 53.19 57.20
CA GLY D 481 16.15 54.17 57.46
C GLY D 481 17.24 53.69 58.38
N VAL D 482 17.58 52.42 58.30
CA VAL D 482 18.61 51.79 59.14
C VAL D 482 19.68 51.24 58.24
N SER D 483 20.91 51.24 58.73
CA SER D 483 22.03 50.77 57.95
C SER D 483 21.80 49.31 57.57
N PRO D 484 21.95 48.92 56.29
CA PRO D 484 21.70 47.52 55.94
C PRO D 484 22.63 46.55 56.62
N TRP D 485 23.89 46.91 56.79
CA TRP D 485 24.89 46.03 57.37
C TRP D 485 24.93 46.34 58.86
N GLY D 486 24.07 45.64 59.58
CA GLY D 486 23.97 45.73 61.02
C GLY D 486 22.97 44.71 61.49
N ASP D 487 22.76 44.70 62.81
CA ASP D 487 21.85 43.75 63.43
C ASP D 487 20.91 44.41 64.43
N SER D 488 20.91 45.74 64.52
CA SER D 488 20.08 46.42 65.48
C SER D 488 18.59 46.14 65.18
N PRO D 489 17.76 45.99 66.21
CA PRO D 489 16.33 45.78 65.95
C PRO D 489 15.67 47.06 65.47
N ILE D 490 14.52 46.85 64.83
CA ILE D 490 13.66 47.93 64.35
C ILE D 490 12.39 47.92 65.17
N ASP D 491 12.03 49.08 65.69
CA ASP D 491 10.74 49.28 66.34
C ASP D 491 9.73 49.61 65.25
N PHE D 492 9.04 48.59 64.76
CA PHE D 492 8.22 48.78 63.58
C PHE D 492 7.01 49.67 63.87
N GLU D 493 6.54 49.69 65.11
CA GLU D 493 5.39 50.53 65.43
C GLU D 493 5.80 51.99 65.54
N ASP D 494 6.99 52.26 66.06
CA ASP D 494 7.41 53.65 66.29
C ASP D 494 7.91 54.30 65.02
N SER D 495 8.44 53.52 64.08
CA SER D 495 9.01 54.02 62.84
C SER D 495 8.12 53.72 61.64
N ALA D 496 6.83 53.44 61.87
CA ALA D 496 5.92 53.09 60.79
C ALA D 496 5.63 54.23 59.83
N HIS D 497 6.01 55.46 60.18
CA HIS D 497 5.85 56.61 59.30
C HIS D 497 7.02 56.81 58.35
N VAL D 498 8.13 56.12 58.59
CA VAL D 498 9.34 56.25 57.78
C VAL D 498 9.13 55.75 56.34
N PRO D 499 8.51 54.59 56.11
CA PRO D 499 8.38 54.12 54.73
C PRO D 499 7.56 55.09 53.90
N CYS D 500 7.97 55.25 52.65
CA CYS D 500 7.30 56.16 51.77
C CYS D 500 7.43 55.65 50.34
N PRO D 501 6.35 55.62 49.56
CA PRO D 501 6.47 55.14 48.20
C PRO D 501 7.27 56.09 47.34
N ARG D 502 7.98 55.52 46.40
CA ARG D 502 8.78 56.26 45.44
C ARG D 502 8.11 56.11 44.09
N GLY D 503 7.41 57.15 43.66
CA GLY D 503 6.84 57.18 42.35
C GLY D 503 5.48 56.54 42.28
N HIS D 504 5.13 56.15 41.07
CA HIS D 504 3.85 55.59 40.74
C HIS D 504 4.05 54.60 39.63
N VAL D 505 3.39 53.46 39.74
CA VAL D 505 3.61 52.33 38.86
C VAL D 505 2.27 51.89 38.30
N ILE D 506 2.27 51.55 37.02
CA ILE D 506 1.12 50.94 36.38
C ILE D 506 1.55 49.58 35.87
N ALA D 507 0.73 48.59 36.14
CA ALA D 507 0.93 47.23 35.69
C ALA D 507 -0.24 46.85 34.82
N ALA D 508 0.07 46.47 33.59
CA ALA D 508 -0.94 46.07 32.62
C ALA D 508 -0.67 44.63 32.28
N ARG D 509 -1.68 43.79 32.40
CA ARG D 509 -1.49 42.39 32.08
C ARG D 509 -2.01 42.09 30.69
N ILE D 510 -1.24 41.30 29.96
CA ILE D 510 -1.55 40.93 28.59
C ILE D 510 -2.16 39.54 28.63
N THR D 511 -3.42 39.46 28.24
CA THR D 511 -4.18 38.23 28.25
C THR D 511 -4.27 37.64 26.86
N SER D 512 -4.79 36.44 26.78
CA SER D 512 -4.96 35.71 25.53
C SER D 512 -6.40 35.68 25.06
N GLU D 513 -7.27 36.49 25.64
CA GLU D 513 -8.67 36.49 25.24
C GLU D 513 -8.82 37.18 23.89
N ASN D 514 -10.04 37.17 23.39
CA ASN D 514 -10.40 37.76 22.09
C ASN D 514 -11.47 38.80 22.33
N PRO D 515 -11.12 40.10 22.34
CA PRO D 515 -12.15 41.13 22.47
C PRO D 515 -13.20 41.09 21.38
N ASP D 516 -12.87 40.53 20.22
CA ASP D 516 -13.86 40.36 19.16
C ASP D 516 -14.76 39.21 19.54
N GLU D 517 -16.06 39.45 19.56
CA GLU D 517 -17.04 38.45 19.98
C GLU D 517 -16.78 38.00 21.41
N GLY D 518 -16.85 38.95 22.33
CA GLY D 518 -16.74 38.63 23.73
C GLY D 518 -15.31 38.62 24.18
N PHE D 519 -14.96 37.64 25.02
CA PHE D 519 -13.60 37.48 25.52
C PHE D 519 -13.24 36.02 25.59
N LYS D 520 -13.52 35.27 24.54
CA LYS D 520 -13.25 33.84 24.56
C LYS D 520 -11.75 33.62 24.60
N PRO D 521 -11.24 32.79 25.51
CA PRO D 521 -9.80 32.48 25.48
C PRO D 521 -9.41 31.79 24.18
N SER D 522 -8.28 32.21 23.64
CA SER D 522 -7.71 31.66 22.42
C SER D 522 -6.37 31.04 22.72
N SER D 523 -5.87 30.26 21.75
CA SER D 523 -4.63 29.55 21.95
C SER D 523 -4.02 29.21 20.60
N GLY D 524 -2.73 28.92 20.63
CA GLY D 524 -2.01 28.56 19.43
C GLY D 524 -0.55 28.95 19.55
N THR D 525 0.10 28.97 18.41
CA THR D 525 1.54 29.17 18.32
C THR D 525 1.88 30.64 18.22
N VAL D 526 3.06 30.97 18.69
CA VAL D 526 3.64 32.30 18.58
C VAL D 526 4.52 32.34 17.35
N GLN D 527 4.49 33.47 16.66
CA GLN D 527 5.36 33.74 15.53
C GLN D 527 6.35 34.84 15.83
N GLU D 528 5.97 35.79 16.67
CA GLU D 528 6.87 36.85 17.08
C GLU D 528 6.44 37.38 18.43
N LEU D 529 7.43 37.63 19.29
CA LEU D 529 7.22 38.27 20.57
C LEU D 529 8.38 39.22 20.80
N ASN D 530 8.13 40.51 20.56
CA ASN D 530 9.15 41.54 20.68
C ASN D 530 8.58 42.63 21.57
N PHE D 531 9.06 42.69 22.79
CA PHE D 531 8.72 43.76 23.72
C PHE D 531 9.92 44.70 23.77
N ARG D 532 9.71 45.92 23.28
CA ARG D 532 10.76 46.91 23.23
C ARG D 532 10.77 47.65 24.55
N SER D 533 11.71 47.30 25.41
CA SER D 533 11.77 47.98 26.69
C SER D 533 12.39 49.35 26.52
N ASN D 534 12.28 50.14 27.57
CA ASN D 534 12.80 51.47 27.58
C ASN D 534 13.08 51.86 29.02
N LYS D 535 13.55 53.07 29.20
CA LYS D 535 13.72 53.63 30.53
C LYS D 535 12.40 53.59 31.27
N ASN D 536 12.42 53.03 32.47
CA ASN D 536 11.27 52.96 33.37
C ASN D 536 10.15 52.08 32.85
N VAL D 537 10.44 51.19 31.91
CA VAL D 537 9.46 50.23 31.42
C VAL D 537 10.12 48.88 31.34
N TRP D 538 9.40 47.85 31.73
CA TRP D 538 9.90 46.51 31.58
C TRP D 538 8.73 45.55 31.54
N GLY D 539 9.02 44.29 31.37
CA GLY D 539 7.98 43.31 31.29
C GLY D 539 8.55 41.95 30.97
N TYR D 540 7.71 40.96 31.13
CA TYR D 540 8.17 39.59 30.91
C TYR D 540 7.00 38.68 30.62
N PHE D 541 7.34 37.58 29.96
CA PHE D 541 6.39 36.68 29.35
C PHE D 541 6.79 35.25 29.66
N SER D 542 5.79 34.38 29.62
CA SER D 542 5.98 32.96 29.89
C SER D 542 6.18 32.15 28.63
N VAL D 543 6.28 32.80 27.47
CA VAL D 543 6.47 32.11 26.21
C VAL D 543 7.41 32.96 25.37
N ALA D 544 8.20 32.30 24.54
CA ALA D 544 9.12 32.95 23.64
C ALA D 544 8.56 32.90 22.23
N ALA D 545 9.31 33.48 21.29
CA ALA D 545 8.89 33.55 19.90
C ALA D 545 8.64 32.16 19.34
N ALA D 546 9.52 31.22 19.64
CA ALA D 546 9.27 29.83 19.38
C ALA D 546 8.54 29.25 20.57
N GLY D 547 7.45 28.55 20.32
CA GLY D 547 6.60 28.04 21.37
C GLY D 547 5.20 28.60 21.25
N GLY D 548 4.37 28.19 22.19
CA GLY D 548 2.98 28.56 22.10
C GLY D 548 2.25 28.38 23.40
N LEU D 549 0.93 28.48 23.29
CA LEU D 549 0.01 28.35 24.41
C LEU D 549 -0.94 27.21 24.10
N HIS D 550 -1.00 26.25 25.00
CA HIS D 550 -1.77 25.03 24.79
C HIS D 550 -3.06 25.12 25.61
N GLU D 551 -3.83 24.04 25.57
CA GLU D 551 -5.20 24.07 26.08
C GLU D 551 -5.22 24.32 27.58
N PHE D 552 -4.35 23.66 28.32
CA PHE D 552 -4.28 23.79 29.76
C PHE D 552 -3.40 24.95 30.21
N ALA D 553 -2.89 25.74 29.29
CA ALA D 553 -2.04 26.87 29.62
C ALA D 553 -2.93 28.08 29.80
N ASP D 554 -2.93 28.63 31.01
CA ASP D 554 -3.85 29.69 31.36
C ASP D 554 -3.60 30.92 30.50
N SER D 555 -4.53 31.86 30.59
CA SER D 555 -4.35 33.19 30.06
C SER D 555 -3.29 33.88 30.89
N GLN D 556 -3.10 35.17 30.64
CA GLN D 556 -2.08 35.94 31.32
C GLN D 556 -0.70 35.33 31.08
N PHE D 557 -0.26 35.53 29.85
CA PHE D 557 1.03 35.09 29.37
C PHE D 557 2.09 36.19 29.43
N GLY D 558 1.76 37.37 29.93
CA GLY D 558 2.79 38.37 30.12
C GLY D 558 2.30 39.56 30.91
N HIS D 559 3.28 40.27 31.47
CA HIS D 559 3.01 41.44 32.28
C HIS D 559 3.96 42.57 31.92
N CYS D 560 3.41 43.76 31.70
CA CYS D 560 4.17 44.97 31.46
C CYS D 560 4.02 45.90 32.64
N PHE D 561 5.10 46.57 32.99
CA PHE D 561 5.16 47.51 34.10
C PHE D 561 5.83 48.80 33.65
N SER D 562 5.30 49.92 34.14
CA SER D 562 5.87 51.22 33.86
C SER D 562 5.87 52.08 35.11
N TRP D 563 7.00 52.75 35.33
CA TRP D 563 7.21 53.65 36.45
C TRP D 563 7.24 55.10 35.98
N GLY D 564 6.72 55.98 36.82
CA GLY D 564 6.82 57.41 36.61
C GLY D 564 6.86 58.09 37.96
N GLU D 565 7.11 59.40 37.92
CA GLU D 565 7.10 60.17 39.15
C GLU D 565 5.70 60.35 39.69
N ASN D 566 4.70 60.34 38.81
CA ASN D 566 3.33 60.55 39.21
C ASN D 566 2.44 59.70 38.32
N ARG D 567 1.14 59.91 38.42
CA ARG D 567 0.19 59.12 37.64
C ARG D 567 0.36 59.36 36.15
N GLU D 568 0.47 60.61 35.75
CA GLU D 568 0.41 60.97 34.34
C GLU D 568 1.61 60.40 33.58
N GLU D 569 2.79 60.51 34.16
CA GLU D 569 4.00 60.02 33.51
C GLU D 569 3.94 58.52 33.33
N ALA D 570 3.42 57.82 34.33
CA ALA D 570 3.33 56.37 34.25
C ALA D 570 2.37 55.95 33.15
N ILE D 571 1.23 56.64 33.07
CA ILE D 571 0.29 56.37 31.99
C ILE D 571 0.98 56.56 30.64
N SER D 572 1.68 57.68 30.47
CA SER D 572 2.32 57.98 29.20
C SER D 572 3.29 56.88 28.80
N ASN D 573 4.15 56.48 29.74
CA ASN D 573 5.11 55.41 29.47
C ASN D 573 4.40 54.13 29.06
N MET D 574 3.35 53.76 29.78
CA MET D 574 2.67 52.52 29.49
C MET D 574 2.03 52.56 28.11
N VAL D 575 1.40 53.68 27.77
CA VAL D 575 0.71 53.77 26.50
C VAL D 575 1.69 53.64 25.34
N VAL D 576 2.78 54.39 25.41
CA VAL D 576 3.76 54.35 24.35
C VAL D 576 4.33 52.94 24.20
N ALA D 577 4.72 52.34 25.33
CA ALA D 577 5.33 51.02 25.28
C ALA D 577 4.38 49.99 24.70
N LEU D 578 3.11 50.05 25.08
CA LEU D 578 2.14 49.12 24.52
C LEU D 578 1.96 49.35 23.03
N LYS D 579 1.95 50.60 22.59
CA LYS D 579 1.84 50.86 21.17
C LYS D 579 3.06 50.40 20.39
N GLU D 580 4.18 50.17 21.05
CA GLU D 580 5.40 49.79 20.34
C GLU D 580 5.67 48.29 20.30
N LEU D 581 4.98 47.49 21.10
CA LEU D 581 5.27 46.06 21.10
C LEU D 581 4.58 45.35 19.95
N SER D 582 5.11 44.19 19.62
CA SER D 582 4.62 43.37 18.53
C SER D 582 4.42 41.96 19.03
N ILE D 583 3.17 41.51 19.00
CA ILE D 583 2.82 40.12 19.29
C ILE D 583 2.05 39.63 18.09
N ARG D 584 2.53 38.54 17.51
CA ARG D 584 1.88 37.93 16.36
C ARG D 584 1.85 36.43 16.57
N GLY D 585 0.70 35.83 16.29
CA GLY D 585 0.58 34.40 16.36
C GLY D 585 -0.78 33.96 15.89
N ASP D 586 -1.10 32.70 16.19
CA ASP D 586 -2.40 32.16 15.83
C ASP D 586 -3.50 32.66 16.74
N PHE D 587 -3.18 32.89 18.00
CA PHE D 587 -4.13 33.38 18.98
C PHE D 587 -4.27 34.89 18.83
N ARG D 588 -5.10 35.50 19.67
CA ARG D 588 -5.62 36.84 19.38
C ARG D 588 -4.93 37.99 20.11
N THR D 589 -4.55 37.84 21.38
CA THR D 589 -3.78 38.89 22.06
C THR D 589 -4.46 40.23 22.30
N THR D 590 -5.17 40.34 23.40
CA THR D 590 -5.72 41.59 23.92
C THR D 590 -4.62 42.55 24.35
N VAL D 591 -4.24 43.48 23.46
CA VAL D 591 -3.42 44.63 23.80
C VAL D 591 -4.10 45.94 23.42
N GLU D 592 -4.68 45.99 22.23
CA GLU D 592 -5.24 47.23 21.70
C GLU D 592 -6.36 47.74 22.60
N TYR D 593 -7.09 46.83 23.21
CA TYR D 593 -8.16 47.21 24.12
C TYR D 593 -7.58 47.91 25.33
N LEU D 594 -6.47 47.41 25.87
CA LEU D 594 -5.82 48.05 27.00
C LEU D 594 -5.41 49.48 26.65
N ILE D 595 -4.92 49.66 25.43
CA ILE D 595 -4.53 51.01 25.00
C ILE D 595 -5.74 51.91 24.98
N LYS D 596 -6.86 51.40 24.43
CA LYS D 596 -8.05 52.22 24.35
C LYS D 596 -8.54 52.61 25.73
N LEU D 597 -8.35 51.72 26.69
CA LEU D 597 -8.77 52.04 28.05
C LEU D 597 -7.89 53.11 28.66
N LEU D 598 -6.58 52.98 28.48
CA LEU D 598 -5.68 53.94 29.08
C LEU D 598 -5.81 55.34 28.49
N GLU D 599 -6.27 55.43 27.25
CA GLU D 599 -6.50 56.72 26.62
C GLU D 599 -7.87 57.30 26.95
N THR D 600 -8.70 56.56 27.67
CA THR D 600 -10.03 57.03 28.01
C THR D 600 -9.92 58.02 29.16
N GLU D 601 -10.66 59.13 29.05
CA GLU D 601 -10.56 60.19 30.04
C GLU D 601 -11.02 59.74 31.42
N SER D 602 -11.99 58.81 31.47
CA SER D 602 -12.48 58.36 32.76
C SER D 602 -11.38 57.70 33.57
N PHE D 603 -10.53 56.92 32.90
CA PHE D 603 -9.38 56.33 33.56
C PHE D 603 -8.40 57.41 33.98
N GLN D 604 -8.01 58.28 33.05
CA GLN D 604 -6.96 59.25 33.32
C GLN D 604 -7.33 60.21 34.43
N MET D 605 -8.61 60.55 34.55
CA MET D 605 -9.09 61.35 35.66
C MET D 605 -9.38 60.50 36.90
N ASN D 606 -9.23 59.18 36.79
CA ASN D 606 -9.31 58.30 37.95
C ASN D 606 -10.74 58.22 38.46
N ARG D 607 -11.69 58.36 37.55
CA ARG D 607 -13.12 58.28 37.82
C ARG D 607 -13.69 56.93 37.41
N ILE D 608 -13.27 55.87 38.07
CA ILE D 608 -13.62 54.52 37.69
C ILE D 608 -14.12 53.76 38.92
N ASP D 609 -14.74 52.63 38.66
CA ASP D 609 -15.15 51.72 39.71
C ASP D 609 -15.09 50.30 39.16
N THR D 610 -15.42 49.34 40.02
CA THR D 610 -15.34 47.93 39.67
C THR D 610 -16.32 47.52 38.58
N GLY D 611 -17.27 48.37 38.23
CA GLY D 611 -18.19 48.14 37.13
C GLY D 611 -17.95 48.98 35.91
N TRP D 612 -16.80 49.65 35.83
CA TRP D 612 -16.50 50.53 34.70
C TRP D 612 -16.45 49.74 33.39
N LEU D 613 -15.64 48.70 33.35
CA LEU D 613 -15.41 47.99 32.10
C LEU D 613 -16.64 47.24 31.66
N ASP D 614 -17.43 46.75 32.60
CA ASP D 614 -18.64 46.03 32.23
C ASP D 614 -19.58 46.94 31.43
N ARG D 615 -19.82 48.14 31.97
CA ARG D 615 -20.63 49.12 31.27
C ARG D 615 -20.04 49.43 29.91
N LEU D 616 -18.72 49.62 29.82
CA LEU D 616 -18.13 49.95 28.53
C LEU D 616 -18.26 48.81 27.54
N ILE D 617 -18.17 47.58 28.02
CA ILE D 617 -18.35 46.42 27.14
C ILE D 617 -19.74 46.43 26.54
N ALA D 618 -20.75 46.68 27.36
CA ALA D 618 -22.11 46.66 26.80
C ALA D 618 -22.35 47.80 25.82
N GLU D 619 -21.53 48.85 25.85
CA GLU D 619 -21.64 49.95 24.90
C GLU D 619 -20.88 49.72 23.61
N LYS D 620 -20.24 48.56 23.43
CA LYS D 620 -19.60 48.19 22.16
C LYS D 620 -18.49 49.18 21.79
N VAL D 621 -17.43 49.12 22.59
CA VAL D 621 -16.32 50.08 22.50
C VAL D 621 -15.10 49.48 21.80
N GLN D 622 -15.23 48.34 21.12
CA GLN D 622 -14.07 47.73 20.48
C GLN D 622 -13.73 48.56 19.24
N ALA D 623 -13.08 49.69 19.50
CA ALA D 623 -12.54 50.61 18.50
C ALA D 623 -11.08 50.28 18.22
N GLU D 624 -10.32 51.26 17.72
CA GLU D 624 -8.91 51.11 17.35
C GLU D 624 -8.78 50.27 16.08
N ARG D 625 -9.50 50.69 15.05
CA ARG D 625 -9.47 50.13 13.72
C ARG D 625 -8.80 51.10 12.76
N PRO D 626 -8.07 50.62 11.75
CA PRO D 626 -7.52 51.54 10.75
C PRO D 626 -8.62 52.09 9.86
N ASP D 627 -8.27 53.09 9.07
CA ASP D 627 -9.23 53.63 8.11
C ASP D 627 -9.57 52.56 7.09
N THR D 628 -10.81 52.58 6.62
CA THR D 628 -11.28 51.52 5.76
C THR D 628 -10.50 51.44 4.46
N MET D 629 -10.31 52.58 3.80
CA MET D 629 -9.66 52.59 2.49
C MET D 629 -8.28 51.96 2.55
N LEU D 630 -7.51 52.30 3.58
CA LEU D 630 -6.20 51.71 3.74
C LEU D 630 -6.30 50.21 3.96
N GLY D 631 -7.24 49.78 4.80
CA GLY D 631 -7.36 48.36 5.09
C GLY D 631 -7.73 47.56 3.85
N VAL D 632 -8.64 48.10 3.05
CA VAL D 632 -9.04 47.47 1.81
C VAL D 632 -7.83 47.29 0.91
N VAL D 633 -7.05 48.36 0.73
CA VAL D 633 -5.89 48.30 -0.14
C VAL D 633 -4.90 47.26 0.36
N CYS D 634 -4.62 47.26 1.65
CA CYS D 634 -3.62 46.36 2.22
C CYS D 634 -4.05 44.90 2.08
N GLY D 635 -5.31 44.62 2.38
CA GLY D 635 -5.80 43.26 2.26
C GLY D 635 -5.75 42.78 0.82
N ALA D 636 -6.10 43.67 -0.11
CA ALA D 636 -5.98 43.35 -1.52
C ALA D 636 -4.56 42.96 -1.87
N LEU D 637 -3.58 43.75 -1.41
CA LEU D 637 -2.20 43.47 -1.76
C LEU D 637 -1.74 42.14 -1.19
N HIS D 638 -2.15 41.82 0.03
CA HIS D 638 -1.70 40.56 0.62
C HIS D 638 -2.27 39.38 -0.14
N VAL D 639 -3.57 39.41 -0.43
CA VAL D 639 -4.19 38.31 -1.15
C VAL D 639 -3.55 38.13 -2.51
N ALA D 640 -3.43 39.22 -3.27
CA ALA D 640 -2.86 39.13 -4.60
C ALA D 640 -1.43 38.66 -4.58
N ASP D 641 -0.65 39.09 -3.59
CA ASP D 641 0.74 38.69 -3.55
C ASP D 641 0.88 37.21 -3.27
N VAL D 642 0.03 36.67 -2.40
CA VAL D 642 0.06 35.24 -2.16
C VAL D 642 -0.27 34.48 -3.44
N SER D 643 -1.32 34.93 -4.14
CA SER D 643 -1.71 34.23 -5.37
C SER D 643 -0.60 34.27 -6.41
N LEU D 644 0.00 35.43 -6.58
CA LEU D 644 1.07 35.59 -7.57
C LEU D 644 2.28 34.75 -7.22
N ARG D 645 2.69 34.73 -5.95
CA ARG D 645 3.84 33.93 -5.56
C ARG D 645 3.57 32.45 -5.72
N ASN D 646 2.36 32.00 -5.40
CA ASN D 646 2.03 30.60 -5.60
C ASN D 646 2.06 30.24 -7.07
N SER D 647 1.56 31.12 -7.93
CA SER D 647 1.60 30.86 -9.36
C SER D 647 3.02 30.69 -9.84
N VAL D 648 3.90 31.60 -9.43
CA VAL D 648 5.29 31.53 -9.82
C VAL D 648 5.93 30.23 -9.33
N SER D 649 5.68 29.89 -8.07
CA SER D 649 6.32 28.71 -7.49
C SER D 649 5.88 27.43 -8.20
N ASN D 650 4.58 27.29 -8.43
CA ASN D 650 4.07 26.07 -9.03
C ASN D 650 4.49 25.97 -10.48
N PHE D 651 4.47 27.08 -11.20
CA PHE D 651 4.87 27.07 -12.59
C PHE D 651 6.34 26.73 -12.73
N LEU D 652 7.17 27.30 -11.88
CA LEU D 652 8.60 27.05 -11.95
C LEU D 652 8.91 25.61 -11.58
N HIS D 653 8.18 25.09 -10.59
CA HIS D 653 8.35 23.69 -10.22
C HIS D 653 8.00 22.78 -11.37
N SER D 654 6.91 23.10 -12.08
CA SER D 654 6.55 22.32 -13.27
C SER D 654 7.67 22.37 -14.30
N LEU D 655 8.27 23.54 -14.51
CA LEU D 655 9.34 23.64 -15.50
C LEU D 655 10.54 22.81 -15.11
N GLU D 656 10.86 22.75 -13.82
CA GLU D 656 12.00 21.96 -13.38
C GLU D 656 11.80 20.49 -13.68
N ARG D 657 10.58 20.01 -13.55
CA ARG D 657 10.24 18.60 -13.76
C ARG D 657 10.08 18.24 -15.22
N GLY D 658 10.21 19.19 -16.13
CA GLY D 658 10.07 18.92 -17.54
C GLY D 658 8.69 19.12 -18.10
N GLN D 659 7.74 19.61 -17.31
CA GLN D 659 6.43 19.94 -17.81
C GLN D 659 6.36 21.40 -18.23
N VAL D 660 5.57 21.65 -19.25
CA VAL D 660 5.30 22.98 -19.76
C VAL D 660 3.83 23.25 -19.55
N LEU D 661 3.55 24.23 -18.81
CA LEU D 661 2.20 24.73 -18.65
C LEU D 661 1.96 25.90 -19.59
N PRO D 662 0.71 26.14 -19.98
CA PRO D 662 0.46 27.26 -20.89
C PRO D 662 0.66 28.59 -20.20
N ALA D 663 0.83 29.63 -21.02
CA ALA D 663 1.08 30.96 -20.50
C ALA D 663 -0.20 31.70 -20.12
N HIS D 664 -1.05 31.04 -19.36
CA HIS D 664 -2.16 31.70 -18.68
C HIS D 664 -2.34 31.18 -17.27
N THR D 665 -1.42 30.34 -16.78
CA THR D 665 -1.35 29.95 -15.39
C THR D 665 -0.27 30.69 -14.64
N LEU D 666 0.30 31.73 -15.25
CA LEU D 666 1.38 32.52 -14.67
C LEU D 666 0.94 33.97 -14.71
N LEU D 667 -0.23 34.21 -14.16
CA LEU D 667 -0.92 35.47 -14.37
C LEU D 667 -0.27 36.58 -13.57
N ASN D 668 -0.49 37.81 -14.03
CA ASN D 668 -0.03 39.01 -13.36
C ASN D 668 -1.17 39.85 -12.83
N THR D 669 -2.41 39.37 -12.91
CA THR D 669 -3.57 40.07 -12.39
C THR D 669 -4.34 39.12 -11.50
N VAL D 670 -4.77 39.62 -10.34
CA VAL D 670 -5.54 38.85 -9.38
C VAL D 670 -6.81 39.63 -9.04
N ASP D 671 -7.93 38.92 -9.01
CA ASP D 671 -9.19 39.47 -8.52
C ASP D 671 -9.33 39.15 -7.05
N VAL D 672 -9.65 40.16 -6.25
CA VAL D 672 -9.78 40.03 -4.81
C VAL D 672 -11.13 40.58 -4.40
N GLU D 673 -11.79 39.86 -3.50
CA GLU D 673 -13.08 40.25 -2.95
C GLU D 673 -12.98 40.23 -1.44
N LEU D 674 -13.45 41.30 -0.80
CA LEU D 674 -13.36 41.42 0.64
C LEU D 674 -14.57 42.15 1.17
N ILE D 675 -15.16 41.58 2.22
CA ILE D 675 -16.34 42.14 2.85
C ILE D 675 -15.91 42.75 4.17
N TYR D 676 -16.29 44.00 4.38
CA TYR D 676 -16.00 44.74 5.60
C TYR D 676 -17.28 45.41 6.06
N GLU D 677 -17.73 45.05 7.25
CA GLU D 677 -18.90 45.65 7.86
C GLU D 677 -20.13 45.54 6.96
N GLY D 678 -20.26 44.40 6.29
CA GLY D 678 -21.37 44.15 5.41
C GLY D 678 -21.19 44.64 3.98
N VAL D 679 -20.22 45.51 3.74
CA VAL D 679 -20.00 46.09 2.42
C VAL D 679 -18.99 45.24 1.68
N LYS D 680 -19.32 44.86 0.44
CA LYS D 680 -18.43 44.07 -0.38
C LYS D 680 -17.60 44.99 -1.28
N TYR D 681 -16.30 44.72 -1.34
CA TYR D 681 -15.38 45.44 -2.19
C TYR D 681 -14.74 44.45 -3.14
N VAL D 682 -14.72 44.82 -4.43
CA VAL D 682 -14.17 43.99 -5.48
C VAL D 682 -13.07 44.79 -6.14
N LEU D 683 -11.86 44.23 -6.16
CA LEU D 683 -10.69 44.92 -6.68
C LEU D 683 -9.89 44.01 -7.58
N LYS D 684 -9.14 44.63 -8.47
CA LYS D 684 -8.11 43.98 -9.27
C LYS D 684 -6.75 44.47 -8.83
N VAL D 685 -5.79 43.57 -8.80
CA VAL D 685 -4.43 43.90 -8.43
C VAL D 685 -3.51 43.44 -9.54
N THR D 686 -2.70 44.38 -10.03
CA THR D 686 -1.67 44.06 -11.02
C THR D 686 -0.36 44.71 -10.63
N ARG D 687 0.62 44.64 -11.52
CA ARG D 687 1.95 45.16 -11.26
C ARG D 687 2.48 45.89 -12.48
N GLN D 688 3.15 47.00 -12.23
CA GLN D 688 3.97 47.68 -13.21
C GLN D 688 5.44 47.36 -13.06
N SER D 689 5.82 46.68 -12.00
CA SER D 689 7.18 46.24 -11.79
C SER D 689 7.16 45.19 -10.70
N PRO D 690 8.28 44.53 -10.43
CA PRO D 690 8.30 43.57 -9.32
C PRO D 690 7.92 44.17 -7.98
N ASN D 691 8.13 45.48 -7.81
CA ASN D 691 7.83 46.18 -6.57
C ASN D 691 6.67 47.15 -6.66
N SER D 692 6.25 47.53 -7.86
CA SER D 692 5.20 48.52 -8.03
C SER D 692 3.89 47.81 -8.30
N TYR D 693 2.94 47.95 -7.39
CA TYR D 693 1.64 47.32 -7.51
C TYR D 693 0.59 48.38 -7.77
N VAL D 694 -0.46 47.96 -8.46
CA VAL D 694 -1.57 48.83 -8.82
C VAL D 694 -2.84 48.15 -8.38
N VAL D 695 -3.65 48.87 -7.61
CA VAL D 695 -4.93 48.39 -7.12
C VAL D 695 -5.99 49.18 -7.85
N ILE D 696 -6.94 48.46 -8.45
CA ILE D 696 -7.97 49.06 -9.29
C ILE D 696 -9.34 48.68 -8.73
N MET D 697 -10.18 49.69 -8.54
CA MET D 697 -11.56 49.50 -8.12
C MET D 697 -12.43 50.50 -8.84
N ASN D 698 -13.46 49.98 -9.52
CA ASN D 698 -14.49 50.79 -10.17
C ASN D 698 -13.89 51.82 -11.12
N GLY D 699 -12.85 51.40 -11.83
CA GLY D 699 -12.23 52.24 -12.83
C GLY D 699 -11.21 53.22 -12.31
N SER D 700 -10.99 53.26 -10.99
CA SER D 700 -9.97 54.12 -10.39
C SER D 700 -8.80 53.25 -9.95
N CYS D 701 -7.60 53.79 -10.08
CA CYS D 701 -6.37 53.07 -9.78
C CYS D 701 -5.53 53.84 -8.78
N VAL D 702 -4.82 53.10 -7.94
CA VAL D 702 -3.84 53.65 -7.02
C VAL D 702 -2.57 52.83 -7.14
N GLU D 703 -1.43 53.51 -7.04
CA GLU D 703 -0.12 52.89 -7.07
C GLU D 703 0.45 52.79 -5.67
N VAL D 704 1.09 51.66 -5.41
CA VAL D 704 1.69 51.37 -4.12
C VAL D 704 3.07 50.78 -4.37
N ASP D 705 4.04 51.24 -3.60
CA ASP D 705 5.37 50.63 -3.62
C ASP D 705 5.41 49.57 -2.55
N VAL D 706 5.68 48.34 -2.95
CA VAL D 706 5.63 47.18 -2.06
C VAL D 706 7.00 46.53 -2.07
N HIS D 707 7.49 46.21 -0.88
CA HIS D 707 8.71 45.47 -0.70
C HIS D 707 8.44 44.31 0.25
N ARG D 708 9.03 43.17 -0.06
CA ARG D 708 8.86 41.97 0.74
C ARG D 708 9.88 42.00 1.87
N LEU D 709 9.40 41.75 3.08
CA LEU D 709 10.24 41.69 4.25
C LEU D 709 10.59 40.23 4.54
N SER D 710 11.77 40.05 5.12
CA SER D 710 12.23 38.70 5.41
C SER D 710 11.39 38.01 6.47
N ASP D 711 10.61 38.75 7.25
CA ASP D 711 9.81 38.19 8.33
C ASP D 711 8.42 37.75 7.90
N GLY D 712 8.12 37.78 6.60
CA GLY D 712 6.82 37.38 6.09
C GLY D 712 5.85 38.52 5.82
N GLY D 713 6.17 39.74 6.26
CA GLY D 713 5.29 40.87 6.06
C GLY D 713 5.71 41.73 4.89
N LEU D 714 4.92 42.77 4.65
CA LEU D 714 5.11 43.68 3.54
C LEU D 714 5.34 45.10 4.03
N LEU D 715 6.26 45.78 3.36
CA LEU D 715 6.50 47.20 3.56
C LEU D 715 5.85 47.94 2.42
N LEU D 716 4.91 48.81 2.75
CA LEU D 716 4.13 49.57 1.79
C LEU D 716 4.49 51.04 1.86
N SER D 717 4.41 51.69 0.72
CA SER D 717 4.38 53.14 0.62
C SER D 717 3.18 53.48 -0.25
N TYR D 718 2.23 54.20 0.33
CA TYR D 718 0.89 54.32 -0.21
C TYR D 718 0.54 55.74 -0.65
N ASP D 719 0.59 56.70 0.27
CA ASP D 719 0.21 58.08 -0.01
C ASP D 719 1.23 59.00 0.63
N GLY D 720 2.51 58.66 0.46
CA GLY D 720 3.57 59.20 1.25
C GLY D 720 3.88 58.37 2.48
N SER D 721 2.86 58.08 3.28
CA SER D 721 3.07 57.32 4.51
C SER D 721 3.46 55.89 4.18
N SER D 722 4.40 55.38 4.95
CA SER D 722 4.78 53.98 4.87
C SER D 722 4.07 53.18 5.93
N TYR D 723 3.98 51.88 5.70
CA TYR D 723 3.30 50.97 6.60
C TYR D 723 3.99 49.61 6.56
N THR D 724 3.93 48.92 7.68
CA THR D 724 4.37 47.54 7.78
C THR D 724 3.13 46.71 8.07
N THR D 725 2.91 45.68 7.28
CA THR D 725 1.66 44.93 7.33
C THR D 725 1.92 43.44 7.32
N TYR D 726 0.96 42.72 7.90
CA TYR D 726 1.00 41.28 7.97
C TYR D 726 -0.40 40.75 7.74
N MET D 727 -0.49 39.55 7.20
CA MET D 727 -1.76 38.90 6.95
C MET D 727 -1.72 37.47 7.44
N LYS D 728 -2.83 37.03 8.02
CA LYS D 728 -3.06 35.63 8.30
C LYS D 728 -4.39 35.20 7.69
N GLU D 729 -4.35 34.16 6.88
CA GLU D 729 -5.54 33.61 6.25
C GLU D 729 -6.12 32.53 7.15
N GLU D 730 -7.38 32.70 7.51
CA GLU D 730 -8.14 31.73 8.27
C GLU D 730 -9.09 30.99 7.34
N VAL D 731 -9.92 30.14 7.92
CA VAL D 731 -10.87 29.35 7.14
C VAL D 731 -11.81 30.24 6.35
N ASP D 732 -12.35 31.28 7.01
CA ASP D 732 -13.35 32.13 6.39
C ASP D 732 -13.08 33.61 6.62
N ARG D 733 -11.86 33.98 7.03
CA ARG D 733 -11.54 35.35 7.35
C ARG D 733 -10.09 35.63 6.98
N TYR D 734 -9.82 36.90 6.76
CA TYR D 734 -8.49 37.42 6.57
C TYR D 734 -8.21 38.39 7.70
N ARG D 735 -7.13 38.15 8.44
CA ARG D 735 -6.72 39.01 9.54
C ARG D 735 -5.56 39.86 9.05
N ILE D 736 -5.79 41.16 8.93
CA ILE D 736 -4.83 42.10 8.38
C ILE D 736 -4.35 42.98 9.52
N THR D 737 -3.07 42.94 9.79
CA THR D 737 -2.43 43.80 10.76
C THR D 737 -1.73 44.92 10.01
N ILE D 738 -2.08 46.16 10.36
CA ILE D 738 -1.46 47.35 9.80
C ILE D 738 -0.84 48.07 10.98
N GLY D 739 0.48 48.08 11.02
CA GLY D 739 1.18 48.70 12.14
C GLY D 739 0.90 47.96 13.42
N ASN D 740 0.13 48.59 14.30
CA ASN D 740 -0.31 48.01 15.57
C ASN D 740 -1.83 47.96 15.67
N LYS D 741 -2.53 48.11 14.55
CA LYS D 741 -3.98 48.02 14.51
C LYS D 741 -4.36 46.83 13.64
N THR D 742 -5.51 46.24 13.95
CA THR D 742 -5.99 45.05 13.29
C THR D 742 -7.32 45.32 12.62
N CYS D 743 -7.48 44.76 11.43
CA CYS D 743 -8.71 44.82 10.66
C CYS D 743 -8.99 43.43 10.12
N VAL D 744 -10.24 43.01 10.26
CA VAL D 744 -10.66 41.66 9.89
C VAL D 744 -11.64 41.77 8.73
N PHE D 745 -11.36 41.05 7.66
CA PHE D 745 -12.22 40.98 6.50
C PHE D 745 -12.83 39.60 6.40
N GLU D 746 -14.09 39.54 6.00
CA GLU D 746 -14.80 38.28 5.83
C GLU D 746 -14.62 37.74 4.43
N LYS D 747 -14.35 36.45 4.34
CA LYS D 747 -14.27 35.75 3.08
C LYS D 747 -15.66 35.20 2.76
N GLU D 748 -16.22 35.61 1.63
CA GLU D 748 -17.60 35.29 1.31
C GLU D 748 -17.76 33.79 1.06
N ASN D 749 -18.59 33.15 1.89
CA ASN D 749 -19.04 31.79 1.65
C ASN D 749 -20.53 31.65 1.94
N ASP D 750 -21.25 32.76 2.03
CA ASP D 750 -22.61 32.87 2.52
C ASP D 750 -23.74 32.45 1.59
N PRO D 751 -23.68 32.71 0.27
CA PRO D 751 -24.88 32.50 -0.56
C PRO D 751 -25.42 31.07 -0.60
N SER D 752 -24.72 30.09 -0.02
CA SER D 752 -25.22 28.71 0.04
C SER D 752 -25.50 28.15 -1.35
N VAL D 753 -24.58 28.42 -2.27
CA VAL D 753 -24.64 27.90 -3.63
C VAL D 753 -23.65 26.76 -3.74
N MET D 754 -24.13 25.60 -4.15
CA MET D 754 -23.25 24.46 -4.34
C MET D 754 -22.43 24.69 -5.60
N ARG D 755 -21.13 24.45 -5.50
CA ARG D 755 -20.20 24.72 -6.59
C ARG D 755 -19.30 23.53 -6.83
N SER D 756 -18.89 23.37 -8.07
CA SER D 756 -18.01 22.27 -8.41
C SER D 756 -16.61 22.59 -7.91
N PRO D 757 -15.97 21.71 -7.13
CA PRO D 757 -14.61 22.04 -6.66
C PRO D 757 -13.57 22.03 -7.76
N SER D 758 -13.87 21.41 -8.90
CA SER D 758 -12.88 21.22 -9.95
C SER D 758 -13.56 21.37 -11.30
N ALA D 759 -12.75 21.32 -12.34
CA ALA D 759 -13.28 21.12 -13.68
C ALA D 759 -13.81 19.70 -13.82
N GLY D 760 -14.47 19.45 -14.94
CA GLY D 760 -14.86 18.11 -15.30
C GLY D 760 -16.18 18.11 -16.03
N LYS D 761 -16.94 17.05 -15.79
CA LYS D 761 -18.23 16.83 -16.42
C LYS D 761 -19.21 16.37 -15.36
N LEU D 762 -20.46 16.81 -15.48
CA LEU D 762 -21.55 16.32 -14.66
C LEU D 762 -22.13 15.09 -15.32
N ILE D 763 -22.27 14.00 -14.56
CA ILE D 763 -22.91 12.80 -15.07
C ILE D 763 -24.38 12.78 -14.72
N GLN D 764 -24.69 12.95 -13.45
CA GLN D 764 -26.07 12.88 -12.98
C GLN D 764 -26.16 13.55 -11.62
N TYR D 765 -27.39 13.71 -11.17
CA TYR D 765 -27.70 14.10 -9.80
C TYR D 765 -28.26 12.91 -9.06
N ILE D 766 -28.02 12.89 -7.75
CA ILE D 766 -28.41 11.74 -6.94
C ILE D 766 -29.83 11.88 -6.41
N VAL D 767 -30.29 13.11 -6.17
CA VAL D 767 -31.58 13.36 -5.52
C VAL D 767 -32.47 14.16 -6.46
N GLU D 768 -33.73 14.24 -6.10
CA GLU D 768 -34.71 14.91 -6.94
C GLU D 768 -34.54 16.42 -6.83
N ASP D 769 -34.82 17.11 -7.93
CA ASP D 769 -34.84 18.56 -7.92
C ASP D 769 -36.02 19.03 -7.08
N GLY D 770 -35.74 19.83 -6.06
CA GLY D 770 -36.74 20.23 -5.09
C GLY D 770 -36.81 19.37 -3.85
N GLY D 771 -36.08 18.26 -3.80
CA GLY D 771 -36.01 17.47 -2.60
C GLY D 771 -35.12 18.09 -1.54
N HIS D 772 -35.42 17.76 -0.29
CA HIS D 772 -34.60 18.20 0.82
C HIS D 772 -33.36 17.34 0.93
N VAL D 773 -32.23 17.97 1.21
CA VAL D 773 -30.96 17.29 1.39
C VAL D 773 -30.43 17.72 2.76
N PHE D 774 -29.65 16.83 3.37
CA PHE D 774 -29.02 17.08 4.66
C PHE D 774 -27.51 17.17 4.47
N ALA D 775 -26.88 17.96 5.34
CA ALA D 775 -25.44 18.15 5.26
C ALA D 775 -24.72 16.82 5.39
N GLY D 776 -23.72 16.62 4.53
CA GLY D 776 -23.00 15.36 4.46
C GLY D 776 -23.56 14.35 3.48
N GLN D 777 -24.79 14.54 3.00
CA GLN D 777 -25.37 13.65 2.01
C GLN D 777 -24.90 14.01 0.61
N CYS D 778 -24.60 12.98 -0.18
CA CYS D 778 -24.20 13.20 -1.56
C CYS D 778 -25.40 13.58 -2.41
N TYR D 779 -25.26 14.69 -3.15
CA TYR D 779 -26.33 15.19 -3.99
C TYR D 779 -26.05 15.08 -5.49
N ALA D 780 -24.81 14.85 -5.89
CA ALA D 780 -24.47 14.86 -7.31
C ALA D 780 -23.30 13.93 -7.57
N GLU D 781 -23.20 13.51 -8.84
CA GLU D 781 -22.11 12.68 -9.31
C GLU D 781 -21.47 13.35 -10.54
N ILE D 782 -20.19 13.68 -10.41
CA ILE D 782 -19.43 14.26 -11.49
C ILE D 782 -18.23 13.36 -11.75
N GLU D 783 -17.65 13.53 -12.93
CA GLU D 783 -16.41 12.86 -13.29
C GLU D 783 -15.45 13.88 -13.86
N VAL D 784 -14.26 13.90 -13.28
CA VAL D 784 -13.09 14.52 -13.86
C VAL D 784 -12.04 13.42 -13.87
N MET D 785 -10.99 13.60 -14.66
CA MET D 785 -9.84 12.69 -14.64
C MET D 785 -10.18 11.28 -15.11
N LYS D 786 -11.39 11.10 -15.62
CA LYS D 786 -11.85 9.78 -15.97
C LYS D 786 -12.03 8.99 -14.65
N MET D 787 -12.20 9.71 -13.55
CA MET D 787 -12.37 9.12 -12.23
C MET D 787 -13.50 9.83 -11.51
N VAL D 788 -14.45 9.07 -11.03
CA VAL D 788 -15.70 9.63 -10.56
C VAL D 788 -15.56 10.09 -9.13
N MET D 789 -16.15 11.25 -8.84
CA MET D 789 -16.09 11.87 -7.54
C MET D 789 -17.46 12.44 -7.23
N THR D 790 -18.00 12.06 -6.08
CA THR D 790 -19.33 12.52 -5.67
C THR D 790 -19.23 13.92 -5.09
N LEU D 791 -20.34 14.43 -4.57
CA LEU D 791 -20.39 15.78 -4.01
C LEU D 791 -21.34 15.81 -2.85
N THR D 792 -20.81 16.10 -1.66
CA THR D 792 -21.60 16.17 -0.44
C THR D 792 -22.13 17.57 -0.24
N ALA D 793 -23.35 17.66 0.26
CA ALA D 793 -23.92 18.95 0.61
C ALA D 793 -23.28 19.49 1.87
N VAL D 794 -23.18 20.82 1.94
CA VAL D 794 -22.61 21.49 3.10
C VAL D 794 -23.69 21.79 4.13
N GLU D 795 -24.85 22.23 3.68
CA GLU D 795 -25.95 22.65 4.54
C GLU D 795 -27.18 21.82 4.22
N SER D 796 -28.10 21.79 5.18
CA SER D 796 -29.36 21.09 5.02
C SER D 796 -30.43 22.05 4.52
N GLY D 797 -31.12 21.66 3.45
CA GLY D 797 -32.08 22.55 2.84
C GLY D 797 -32.61 21.94 1.56
N CYS D 798 -33.36 22.76 0.82
CA CYS D 798 -34.05 22.28 -0.38
C CYS D 798 -33.24 22.67 -1.61
N ILE D 799 -32.82 21.67 -2.37
CA ILE D 799 -31.88 21.85 -3.48
C ILE D 799 -32.64 21.98 -4.79
N HIS D 800 -32.27 22.99 -5.57
CA HIS D 800 -32.72 23.17 -6.95
C HIS D 800 -31.50 23.28 -7.84
N TYR D 801 -31.49 22.52 -8.93
CA TYR D 801 -30.33 22.38 -9.78
C TYR D 801 -30.35 23.37 -10.92
N VAL D 802 -29.18 23.91 -11.24
CA VAL D 802 -29.01 24.89 -12.30
C VAL D 802 -28.61 24.22 -13.60
N LYS D 803 -27.57 23.40 -13.56
CA LYS D 803 -27.11 22.68 -14.73
C LYS D 803 -27.90 21.40 -14.92
N ARG D 804 -28.17 21.08 -16.16
CA ARG D 804 -28.90 19.86 -16.46
C ARG D 804 -27.92 18.69 -16.50
N PRO D 805 -28.39 17.46 -16.26
CA PRO D 805 -27.48 16.31 -16.27
C PRO D 805 -26.78 16.16 -17.61
N GLY D 806 -25.45 16.20 -17.54
CA GLY D 806 -24.62 16.21 -18.72
C GLY D 806 -24.25 17.64 -19.02
N ALA D 807 -23.07 18.06 -18.59
CA ALA D 807 -22.70 19.45 -18.69
C ALA D 807 -21.23 19.59 -18.32
N ALA D 808 -20.61 20.61 -18.89
CA ALA D 808 -19.22 20.90 -18.58
C ALA D 808 -19.14 21.69 -17.29
N LEU D 809 -18.20 21.31 -16.44
CA LEU D 809 -18.00 21.90 -15.13
C LEU D 809 -16.68 22.63 -15.10
N ASP D 810 -16.72 23.84 -14.57
CA ASP D 810 -15.55 24.65 -14.27
C ASP D 810 -15.39 24.77 -12.76
N PRO D 811 -14.18 24.91 -12.25
CA PRO D 811 -14.01 25.07 -10.80
C PRO D 811 -14.64 26.36 -10.32
N GLY D 812 -15.41 26.26 -9.23
CA GLY D 812 -16.12 27.40 -8.70
C GLY D 812 -17.38 27.77 -9.46
N CYS D 813 -17.81 26.97 -10.43
CA CYS D 813 -19.01 27.26 -11.17
C CYS D 813 -20.25 26.99 -10.30
N VAL D 814 -21.39 27.45 -10.80
CA VAL D 814 -22.67 27.32 -10.12
C VAL D 814 -23.32 26.02 -10.57
N LEU D 815 -23.53 25.10 -9.64
CA LEU D 815 -24.16 23.82 -9.92
C LEU D 815 -25.58 23.73 -9.40
N ALA D 816 -25.81 24.14 -8.16
CA ALA D 816 -27.12 23.97 -7.56
C ALA D 816 -27.25 24.90 -6.38
N LYS D 817 -28.38 25.60 -6.32
CA LYS D 817 -28.69 26.44 -5.18
C LYS D 817 -29.49 25.64 -4.16
N MET D 818 -29.33 26.00 -2.90
CA MET D 818 -30.12 25.41 -1.82
C MET D 818 -30.79 26.52 -1.03
N GLN D 819 -32.07 26.31 -0.76
CA GLN D 819 -32.84 27.18 0.11
C GLN D 819 -32.65 26.71 1.54
N LEU D 820 -32.22 27.63 2.39
CA LEU D 820 -32.05 27.41 3.83
C LEU D 820 -33.01 28.33 4.57
N ASP D 821 -32.94 28.27 5.90
CA ASP D 821 -33.75 29.14 6.76
C ASP D 821 -33.11 30.51 6.98
N ASN D 822 -32.00 30.82 6.31
CA ASN D 822 -31.33 32.11 6.39
C ASN D 822 -31.13 32.60 7.83
N PRO D 823 -30.30 31.90 8.62
CA PRO D 823 -30.06 32.35 9.99
C PRO D 823 -29.53 33.78 10.08
N SER D 824 -28.66 34.15 9.16
CA SER D 824 -28.02 35.46 9.16
C SER D 824 -27.33 35.64 7.82
N LYS D 825 -26.51 36.68 7.70
CA LYS D 825 -25.71 36.94 6.50
C LYS D 825 -26.60 37.13 5.28
N VAL D 826 -27.69 37.87 5.48
CA VAL D 826 -28.62 38.20 4.41
C VAL D 826 -28.18 39.51 3.77
N GLN D 827 -28.03 39.47 2.44
CA GLN D 827 -27.76 40.67 1.63
C GLN D 827 -26.50 41.40 2.10
N GLN D 828 -25.44 40.63 2.31
CA GLN D 828 -24.15 41.19 2.71
C GLN D 828 -23.35 41.59 1.46
N ALA D 829 -23.97 42.39 0.60
CA ALA D 829 -23.28 42.84 -0.61
C ALA D 829 -23.08 44.35 -0.70
N GLU D 830 -24.17 45.09 -0.95
CA GLU D 830 -24.16 46.54 -1.18
C GLU D 830 -22.88 47.02 -1.85
N LEU D 831 -22.57 46.42 -2.99
CA LEU D 831 -21.28 46.55 -3.67
C LEU D 831 -20.82 47.99 -3.77
N HIS D 832 -19.67 48.27 -3.17
CA HIS D 832 -19.13 49.60 -3.17
C HIS D 832 -18.86 50.06 -4.59
N THR D 833 -19.33 51.26 -4.92
CA THR D 833 -19.15 51.86 -6.24
C THR D 833 -18.70 53.31 -6.02
N GLY D 834 -17.40 53.49 -5.86
CA GLY D 834 -16.85 54.80 -5.67
C GLY D 834 -15.49 54.93 -6.31
N SER D 835 -14.54 55.46 -5.56
CA SER D 835 -13.18 55.64 -6.05
C SER D 835 -12.18 55.74 -4.91
N LEU D 836 -11.09 54.99 -5.01
CA LEU D 836 -10.05 54.99 -3.99
C LEU D 836 -9.44 56.38 -3.82
N PRO D 837 -8.82 56.63 -2.61
CA PRO D 837 -8.25 57.98 -2.49
C PRO D 837 -7.31 58.30 -3.65
N ARG D 838 -7.05 59.59 -3.87
CA ARG D 838 -6.17 60.02 -4.95
C ARG D 838 -5.57 61.39 -4.66
N ILE D 839 -4.25 61.45 -4.58
CA ILE D 839 -3.55 62.70 -4.30
C ILE D 839 -2.14 62.69 -4.88
N GLN D 840 -1.30 61.79 -4.39
CA GLN D 840 0.07 61.67 -4.87
C GLN D 840 0.12 60.98 -6.22
N SER D 841 1.33 60.64 -6.67
CA SER D 841 1.52 59.97 -7.95
C SER D 841 2.96 59.53 -8.22
N THR D 842 3.95 60.20 -7.62
CA THR D 842 5.35 59.78 -7.74
C THR D 842 5.87 59.94 -9.16
N ALA D 843 5.31 60.87 -9.92
CA ALA D 843 5.63 61.01 -11.33
C ALA D 843 6.83 61.92 -11.58
N LEU D 844 7.36 62.57 -10.55
CA LEU D 844 8.54 63.44 -10.68
C LEU D 844 8.27 64.58 -11.65
N ARG D 845 7.15 65.26 -11.45
CA ARG D 845 6.73 66.31 -12.37
C ARG D 845 7.64 67.51 -12.19
N GLY D 846 8.62 67.66 -13.09
CA GLY D 846 9.54 68.76 -13.04
C GLY D 846 10.66 68.62 -12.04
N GLU D 847 10.96 67.42 -11.59
CA GLU D 847 11.97 67.18 -10.57
C GLU D 847 13.30 66.75 -11.22
N LYS D 848 14.17 67.73 -11.46
CA LYS D 848 15.59 67.57 -11.81
C LYS D 848 15.93 67.08 -13.21
N LEU D 849 14.97 66.48 -13.89
CA LEU D 849 15.08 65.98 -15.27
C LEU D 849 15.98 64.77 -15.51
N HIS D 850 16.94 64.48 -14.61
CA HIS D 850 17.79 63.30 -14.80
C HIS D 850 17.31 62.15 -13.94
N ARG D 851 16.51 62.44 -12.94
CA ARG D 851 15.79 61.41 -12.21
C ARG D 851 14.56 60.96 -12.99
N VAL D 852 13.97 61.88 -13.76
CA VAL D 852 12.86 61.53 -14.64
C VAL D 852 13.30 60.52 -15.68
N PHE D 853 14.52 60.68 -16.20
CA PHE D 853 15.08 59.73 -17.15
C PHE D 853 15.01 58.31 -16.61
N HIS D 854 15.54 58.12 -15.40
CA HIS D 854 15.55 56.80 -14.78
C HIS D 854 14.13 56.31 -14.53
N TYR D 855 13.26 57.19 -14.05
CA TYR D 855 11.88 56.80 -13.77
C TYR D 855 11.19 56.25 -15.02
N VAL D 856 11.16 57.04 -16.08
CA VAL D 856 10.42 56.66 -17.26
C VAL D 856 11.07 55.48 -17.95
N LEU D 857 12.40 55.46 -18.00
CA LEU D 857 13.08 54.38 -18.68
C LEU D 857 12.85 53.06 -17.98
N ASP D 858 12.87 53.07 -16.65
CA ASP D 858 12.64 51.83 -15.92
C ASP D 858 11.22 51.36 -16.09
N ASN D 859 10.25 52.27 -16.11
CA ASN D 859 8.89 51.86 -16.38
C ASN D 859 8.78 51.20 -17.75
N LEU D 860 9.47 51.75 -18.75
CA LEU D 860 9.37 51.19 -20.09
C LEU D 860 10.06 49.84 -20.18
N VAL D 861 11.19 49.70 -19.50
CA VAL D 861 11.88 48.41 -19.47
C VAL D 861 10.98 47.36 -18.83
N ASN D 862 10.33 47.72 -17.74
CA ASN D 862 9.45 46.77 -17.08
C ASN D 862 8.28 46.39 -17.96
N VAL D 863 7.82 47.33 -18.80
CA VAL D 863 6.83 46.96 -19.81
C VAL D 863 7.41 45.91 -20.74
N MET D 864 8.65 46.10 -21.17
CA MET D 864 9.25 45.12 -22.07
C MET D 864 9.50 43.77 -21.42
N ASN D 865 9.49 43.70 -20.10
CA ASN D 865 9.63 42.43 -19.40
C ASN D 865 8.31 41.82 -18.99
N GLY D 866 7.19 42.37 -19.46
CA GLY D 866 5.89 41.77 -19.26
C GLY D 866 5.03 42.37 -18.18
N TYR D 867 5.43 43.49 -17.59
CA TYR D 867 4.66 44.15 -16.54
C TYR D 867 3.86 45.26 -17.20
N CYS D 868 2.58 45.03 -17.37
CA CYS D 868 1.71 45.91 -18.13
C CYS D 868 0.39 46.09 -17.41
N LEU D 869 -0.14 47.29 -17.51
CA LEU D 869 -1.44 47.58 -16.93
C LEU D 869 -2.53 46.90 -17.75
N PRO D 870 -3.78 46.92 -17.26
CA PRO D 870 -4.88 46.36 -18.04
C PRO D 870 -5.31 47.25 -19.20
N ASP D 871 -6.43 46.90 -19.81
CA ASP D 871 -6.85 47.42 -21.11
C ASP D 871 -7.04 48.94 -21.11
N PRO D 872 -7.95 49.53 -20.34
CA PRO D 872 -8.14 50.98 -20.46
C PRO D 872 -7.00 51.79 -19.87
N PHE D 873 -6.15 51.18 -19.06
CA PHE D 873 -5.04 51.88 -18.42
C PHE D 873 -3.76 51.80 -19.23
N PHE D 874 -3.55 50.71 -19.94
CA PHE D 874 -2.38 50.60 -20.78
C PHE D 874 -2.55 51.47 -22.00
N SER D 875 -1.49 52.19 -22.37
CA SER D 875 -1.42 53.20 -23.42
C SER D 875 -2.09 54.49 -23.01
N SER D 876 -2.64 54.57 -21.80
CA SER D 876 -3.04 55.84 -21.23
C SER D 876 -1.90 56.51 -20.50
N LYS D 877 -0.92 55.73 -20.03
CA LYS D 877 0.28 56.23 -19.40
C LYS D 877 1.54 55.95 -20.19
N VAL D 878 1.54 54.92 -21.03
CA VAL D 878 2.76 54.53 -21.73
C VAL D 878 3.14 55.58 -22.75
N LYS D 879 2.14 56.11 -23.47
CA LYS D 879 2.41 57.20 -24.40
C LYS D 879 3.08 58.37 -23.70
N ASP D 880 2.67 58.67 -22.47
CA ASP D 880 3.29 59.76 -21.72
C ASP D 880 4.71 59.41 -21.35
N TRP D 881 4.95 58.17 -20.93
CA TRP D 881 6.31 57.73 -20.65
C TRP D 881 7.22 57.93 -21.85
N VAL D 882 6.72 57.57 -23.04
CA VAL D 882 7.52 57.73 -24.25
C VAL D 882 7.79 59.20 -24.51
N GLU D 883 6.75 60.03 -24.45
CA GLU D 883 6.93 61.46 -24.74
C GLU D 883 7.91 62.11 -23.80
N ARG D 884 7.79 61.79 -22.50
CA ARG D 884 8.68 62.37 -21.52
C ARG D 884 10.11 61.90 -21.72
N LEU D 885 10.30 60.63 -22.09
CA LEU D 885 11.63 60.16 -22.36
C LEU D 885 12.24 60.86 -23.56
N MET D 886 11.44 61.07 -24.61
CA MET D 886 11.95 61.72 -25.80
C MET D 886 12.34 63.17 -25.50
N LYS D 887 11.54 63.86 -24.68
CA LYS D 887 11.90 65.23 -24.32
C LYS D 887 13.16 65.25 -23.47
N THR D 888 13.28 64.30 -22.54
CA THR D 888 14.45 64.26 -21.67
C THR D 888 15.72 64.01 -22.47
N LEU D 889 15.67 63.10 -23.43
CA LEU D 889 16.86 62.68 -24.13
C LEU D 889 17.38 63.72 -25.10
N ARG D 890 16.57 64.71 -25.44
CA ARG D 890 16.99 65.80 -26.31
C ARG D 890 17.37 67.05 -25.54
N ASP D 891 17.31 67.02 -24.21
CA ASP D 891 17.65 68.18 -23.41
C ASP D 891 19.16 68.18 -23.19
N PRO D 892 19.90 69.22 -23.59
CA PRO D 892 21.35 69.19 -23.40
C PRO D 892 21.80 69.17 -21.95
N SER D 893 20.92 69.43 -20.99
CA SER D 893 21.32 69.52 -19.60
C SER D 893 21.39 68.18 -18.90
N LEU D 894 20.97 67.11 -19.54
CA LEU D 894 20.97 65.80 -18.90
C LEU D 894 22.35 65.31 -18.49
N PRO D 895 23.34 65.23 -19.39
CA PRO D 895 24.60 64.59 -19.02
C PRO D 895 25.36 65.32 -17.93
N LEU D 896 25.25 66.64 -17.87
CA LEU D 896 25.94 67.36 -16.81
C LEU D 896 25.29 67.10 -15.46
N LEU D 897 23.97 66.98 -15.40
CA LEU D 897 23.34 66.59 -14.15
C LEU D 897 23.84 65.25 -13.67
N GLU D 898 23.91 64.28 -14.59
CA GLU D 898 24.52 63.00 -14.25
C GLU D 898 25.93 63.18 -13.71
N LEU D 899 26.71 64.05 -14.35
CA LEU D 899 28.07 64.31 -13.92
C LEU D 899 28.09 64.88 -12.51
N GLN D 900 27.17 65.81 -12.23
CA GLN D 900 27.10 66.43 -10.91
C GLN D 900 26.92 65.36 -9.85
N ASP D 901 25.97 64.46 -10.07
CA ASP D 901 25.72 63.44 -9.06
C ASP D 901 26.93 62.54 -8.87
N ILE D 902 27.54 62.07 -9.96
CA ILE D 902 28.61 61.09 -9.78
C ILE D 902 29.88 61.74 -9.26
N MET D 903 30.08 63.02 -9.54
CA MET D 903 31.29 63.70 -9.08
C MET D 903 31.16 64.11 -7.62
N THR D 904 29.97 64.58 -7.23
CA THR D 904 29.76 65.02 -5.86
C THR D 904 29.79 63.85 -4.89
N SER D 905 29.32 62.69 -5.31
CA SER D 905 29.30 61.53 -4.42
C SER D 905 30.70 61.03 -4.08
N VAL D 906 31.71 61.45 -4.84
CA VAL D 906 33.10 61.06 -4.58
C VAL D 906 33.91 62.35 -4.61
N SER D 907 34.05 62.98 -3.45
CA SER D 907 34.93 64.13 -3.28
C SER D 907 36.34 63.69 -2.91
N GLY D 908 36.46 62.82 -1.90
CA GLY D 908 37.73 62.27 -1.55
C GLY D 908 38.16 61.17 -2.48
N ARG D 909 39.43 60.80 -2.37
CA ARG D 909 40.10 59.79 -3.19
C ARG D 909 40.25 60.21 -4.65
N ILE D 910 39.96 61.45 -4.98
CA ILE D 910 40.14 61.99 -6.32
C ILE D 910 41.30 62.99 -6.25
N PRO D 911 42.31 62.90 -7.12
CA PRO D 911 43.39 63.89 -7.09
C PRO D 911 42.85 65.29 -7.29
N PRO D 912 43.37 66.30 -6.59
CA PRO D 912 42.84 67.66 -6.78
C PRO D 912 42.97 68.19 -8.20
N ASN D 913 44.02 67.81 -8.91
CA ASN D 913 44.22 68.30 -10.27
C ASN D 913 43.05 67.92 -11.17
N VAL D 914 42.71 66.64 -11.21
CA VAL D 914 41.64 66.18 -12.09
C VAL D 914 40.30 66.75 -11.62
N GLU D 915 40.11 66.85 -10.31
CA GLU D 915 38.88 67.42 -9.76
C GLU D 915 38.67 68.84 -10.27
N LYS D 916 39.69 69.67 -10.15
CA LYS D 916 39.59 71.06 -10.58
C LYS D 916 39.31 71.14 -12.08
N SER D 917 40.04 70.34 -12.86
CA SER D 917 39.85 70.38 -14.31
C SER D 917 38.44 69.99 -14.70
N ILE D 918 37.89 68.95 -14.05
CA ILE D 918 36.55 68.48 -14.39
C ILE D 918 35.52 69.54 -14.06
N LYS D 919 35.64 70.16 -12.88
CA LYS D 919 34.70 71.21 -12.52
C LYS D 919 34.74 72.35 -13.53
N LYS D 920 35.94 72.70 -13.99
CA LYS D 920 36.05 73.78 -14.97
C LYS D 920 35.39 73.41 -16.29
N GLU D 921 35.64 72.19 -16.77
CA GLU D 921 35.11 71.79 -18.06
C GLU D 921 33.59 71.74 -18.04
N MET D 922 33.01 71.20 -16.98
CA MET D 922 31.56 71.14 -16.94
C MET D 922 30.95 72.53 -16.78
N ALA D 923 31.64 73.43 -16.09
CA ALA D 923 31.16 74.82 -16.03
C ALA D 923 31.12 75.46 -17.41
N GLN D 924 32.16 75.23 -18.22
CA GLN D 924 32.16 75.73 -19.58
C GLN D 924 30.98 75.18 -20.38
N TYR D 925 30.77 73.86 -20.29
CA TYR D 925 29.62 73.25 -20.95
C TYR D 925 28.32 73.92 -20.55
N ALA D 926 28.16 74.20 -19.26
CA ALA D 926 26.95 74.87 -18.80
C ALA D 926 26.84 76.26 -19.40
N SER D 927 27.97 76.95 -19.55
CA SER D 927 27.92 78.28 -20.12
C SER D 927 27.47 78.28 -21.57
N ASN D 928 27.70 77.18 -22.30
CA ASN D 928 27.34 77.14 -23.71
C ASN D 928 25.98 76.54 -24.02
N ILE D 929 25.12 76.32 -23.01
CA ILE D 929 23.82 75.72 -23.30
C ILE D 929 23.00 76.68 -24.16
N THR D 930 22.15 76.10 -25.01
CA THR D 930 21.41 76.84 -26.02
C THR D 930 22.38 77.47 -27.00
N SER D 931 23.20 76.62 -27.64
CA SER D 931 24.06 77.05 -28.72
C SER D 931 24.25 75.87 -29.66
N VAL D 932 24.21 76.12 -30.96
CA VAL D 932 24.30 75.05 -31.94
C VAL D 932 25.65 74.33 -31.90
N LEU D 933 26.68 74.99 -31.36
CA LEU D 933 28.00 74.40 -31.21
C LEU D 933 28.23 73.81 -29.83
N CYS D 934 27.18 73.69 -29.02
CA CYS D 934 27.28 73.17 -27.67
C CYS D 934 27.38 71.64 -27.73
N GLN D 935 28.47 71.11 -27.19
CA GLN D 935 28.72 69.67 -27.16
C GLN D 935 29.29 69.27 -25.82
N PHE D 936 28.87 68.12 -25.32
CA PHE D 936 29.27 67.70 -23.99
C PHE D 936 30.74 67.32 -23.99
N PRO D 937 31.57 67.90 -23.10
CA PRO D 937 33.01 67.63 -23.17
C PRO D 937 33.41 66.28 -22.56
N SER D 938 32.89 65.20 -23.15
CA SER D 938 33.26 63.88 -22.68
C SER D 938 34.73 63.60 -22.94
N GLN D 939 35.22 63.96 -24.12
CA GLN D 939 36.61 63.69 -24.47
C GLN D 939 37.57 64.45 -23.57
N GLN D 940 37.21 65.65 -23.15
CA GLN D 940 38.15 66.47 -22.37
C GLN D 940 38.28 65.92 -20.95
N ILE D 941 37.16 65.53 -20.35
CA ILE D 941 37.19 64.84 -19.07
C ILE D 941 38.03 63.58 -19.17
N ALA D 942 37.81 62.80 -20.23
CA ALA D 942 38.60 61.59 -20.43
C ALA D 942 40.08 61.94 -20.59
N ASN D 943 40.37 63.08 -21.21
CA ASN D 943 41.75 63.48 -21.45
C ASN D 943 42.47 63.77 -20.16
N ILE D 944 41.84 64.53 -19.26
CA ILE D 944 42.55 64.87 -18.03
C ILE D 944 42.71 63.63 -17.16
N LEU D 945 41.69 62.77 -17.11
CA LEU D 945 41.83 61.55 -16.32
C LEU D 945 42.92 60.65 -16.90
N ASP D 946 42.99 60.54 -18.22
CA ASP D 946 44.03 59.73 -18.84
C ASP D 946 45.40 60.38 -18.71
N SER D 947 45.45 61.70 -18.55
CA SER D 947 46.72 62.35 -18.29
C SER D 947 47.25 61.95 -16.92
N HIS D 948 46.38 61.99 -15.91
CA HIS D 948 46.80 61.53 -14.59
C HIS D 948 47.18 60.06 -14.62
N ALA D 949 46.43 59.25 -15.35
CA ALA D 949 46.77 57.85 -15.50
C ALA D 949 48.06 57.65 -16.29
N ALA D 950 48.42 58.63 -17.13
CA ALA D 950 49.69 58.56 -17.85
C ALA D 950 50.84 58.83 -16.91
N THR D 951 50.65 59.73 -15.94
CA THR D 951 51.61 59.83 -14.84
C THR D 951 51.72 58.49 -14.12
N LEU D 952 50.59 57.84 -13.88
CA LEU D 952 50.55 56.47 -13.36
C LEU D 952 51.28 56.34 -12.03
N ASN D 953 50.73 56.92 -10.97
CA ASN D 953 51.19 56.61 -9.64
C ASN D 953 51.10 55.10 -9.39
N ARG D 954 52.11 54.55 -8.73
CA ARG D 954 52.19 53.12 -8.44
C ARG D 954 51.69 52.82 -7.02
N LYS D 955 51.40 51.53 -6.79
CA LYS D 955 51.25 50.97 -5.45
C LYS D 955 50.14 51.59 -4.59
N SER D 956 48.89 51.26 -4.90
CA SER D 956 47.67 51.66 -4.17
C SER D 956 47.22 53.07 -4.48
N GLU D 957 48.11 53.86 -5.09
CA GLU D 957 47.73 55.10 -5.75
C GLU D 957 47.41 54.87 -7.21
N ARG D 958 47.71 53.67 -7.72
CA ARG D 958 47.25 53.27 -9.04
C ARG D 958 45.77 52.88 -8.99
N GLU D 959 45.45 51.86 -8.20
CA GLU D 959 44.12 51.24 -8.29
C GLU D 959 43.03 52.18 -7.78
N VAL D 960 43.36 52.98 -6.76
CA VAL D 960 42.38 53.91 -6.20
C VAL D 960 41.88 54.86 -7.28
N PHE D 961 42.79 55.35 -8.13
CA PHE D 961 42.40 56.29 -9.17
C PHE D 961 41.54 55.62 -10.22
N PHE D 962 41.94 54.42 -10.66
CA PHE D 962 41.18 53.73 -11.69
C PHE D 962 39.81 53.31 -11.19
N MET D 963 39.65 53.08 -9.89
CA MET D 963 38.38 52.60 -9.38
C MET D 963 37.44 53.74 -9.02
N ASN D 964 37.93 54.78 -8.34
CA ASN D 964 37.07 55.87 -7.93
C ASN D 964 36.72 56.83 -9.07
N THR D 965 37.16 56.53 -10.29
CA THR D 965 36.77 57.31 -11.47
C THR D 965 35.87 56.52 -12.42
N GLN D 966 35.43 55.32 -12.03
CA GLN D 966 34.70 54.46 -12.96
C GLN D 966 33.36 55.06 -13.36
N SER D 967 32.68 55.72 -12.42
CA SER D 967 31.41 56.36 -12.74
C SER D 967 31.59 57.39 -13.85
N ILE D 968 32.65 58.18 -13.77
CA ILE D 968 32.91 59.20 -14.78
C ILE D 968 33.20 58.54 -16.12
N VAL D 969 33.97 57.46 -16.11
CA VAL D 969 34.28 56.73 -17.33
C VAL D 969 33.00 56.25 -18.00
N GLN D 970 32.09 55.67 -17.21
CA GLN D 970 30.81 55.22 -17.75
C GLN D 970 30.05 56.38 -18.36
N LEU D 971 29.99 57.51 -17.66
CA LEU D 971 29.25 58.65 -18.17
C LEU D 971 29.80 59.13 -19.51
N VAL D 972 31.12 59.29 -19.59
CA VAL D 972 31.71 59.81 -20.81
C VAL D 972 31.56 58.81 -21.94
N GLN D 973 31.65 57.52 -21.62
CA GLN D 973 31.47 56.51 -22.65
C GLN D 973 30.06 56.55 -23.21
N ARG D 974 29.07 56.86 -22.37
CA ARG D 974 27.71 56.93 -22.87
C ARG D 974 27.52 58.11 -23.84
N TYR D 975 28.25 59.20 -23.61
CA TYR D 975 28.05 60.43 -24.35
C TYR D 975 29.27 60.76 -25.20
N ARG D 976 29.81 59.76 -25.88
CA ARG D 976 30.91 60.00 -26.81
C ARG D 976 30.43 60.74 -28.05
N SER D 977 29.20 60.46 -28.49
CA SER D 977 28.62 61.10 -29.67
C SER D 977 27.58 62.14 -29.31
N GLY D 978 27.47 62.50 -28.03
CA GLY D 978 26.53 63.51 -27.63
C GLY D 978 25.17 62.94 -27.31
N ILE D 979 24.28 63.89 -26.99
CA ILE D 979 22.93 63.53 -26.59
C ILE D 979 22.20 62.81 -27.72
N ARG D 980 22.56 63.15 -28.95
CA ARG D 980 21.95 62.52 -30.12
C ARG D 980 22.22 61.03 -30.11
N GLY D 981 23.50 60.66 -30.09
CA GLY D 981 23.89 59.26 -30.07
C GLY D 981 23.34 58.54 -28.86
N HIS D 982 23.32 59.21 -27.70
CA HIS D 982 22.81 58.56 -26.50
C HIS D 982 21.32 58.25 -26.62
N MET D 983 20.56 59.20 -27.17
CA MET D 983 19.14 59.00 -27.42
C MET D 983 18.90 57.75 -28.28
N LYS D 984 19.59 57.71 -29.41
CA LYS D 984 19.42 56.57 -30.31
C LYS D 984 19.82 55.28 -29.63
N ALA D 985 20.86 55.32 -28.80
CA ALA D 985 21.33 54.13 -28.11
C ALA D 985 20.27 53.57 -27.18
N VAL D 986 19.63 54.45 -26.41
CA VAL D 986 18.59 54.03 -25.48
C VAL D 986 17.47 53.33 -26.23
N VAL D 987 16.93 54.00 -27.25
CA VAL D 987 15.77 53.45 -27.94
C VAL D 987 16.11 52.12 -28.60
N MET D 988 17.29 52.06 -29.23
CA MET D 988 17.76 50.82 -29.82
C MET D 988 17.82 49.69 -28.80
N ASP D 989 18.28 50.00 -27.59
CA ASP D 989 18.41 48.95 -26.59
C ASP D 989 17.06 48.38 -26.23
N LEU D 990 16.05 49.23 -26.16
CA LEU D 990 14.70 48.71 -25.93
C LEU D 990 14.25 47.79 -27.04
N LEU D 991 14.51 48.19 -28.29
CA LEU D 991 14.14 47.35 -29.41
C LEU D 991 14.85 46.00 -29.36
N ARG D 992 16.10 46.00 -28.88
CA ARG D 992 16.84 44.76 -28.73
C ARG D 992 16.22 43.88 -27.66
N GLN D 993 15.67 44.48 -26.61
CA GLN D 993 14.97 43.69 -25.61
C GLN D 993 13.83 42.90 -26.24
N TYR D 994 13.02 43.61 -27.02
CA TYR D 994 11.96 42.97 -27.80
C TYR D 994 12.48 41.77 -28.57
N LEU D 995 13.50 41.98 -29.37
CA LEU D 995 14.00 40.88 -30.20
C LEU D 995 14.59 39.76 -29.36
N ARG D 996 15.22 40.10 -28.24
CA ARG D 996 15.83 39.09 -27.39
C ARG D 996 14.81 38.08 -26.94
N VAL D 997 13.57 38.51 -26.71
CA VAL D 997 12.53 37.57 -26.33
C VAL D 997 11.84 36.96 -27.55
N GLU D 998 11.41 37.77 -28.50
CA GLU D 998 10.45 37.29 -29.48
C GLU D 998 11.07 36.47 -30.59
N THR D 999 12.37 36.51 -30.78
CA THR D 999 13.00 35.61 -31.74
C THR D 999 13.11 34.18 -31.23
N GLN D 1000 12.87 33.94 -29.94
CA GLN D 1000 12.94 32.60 -29.39
C GLN D 1000 11.63 31.84 -29.51
N PHE D 1001 10.51 32.54 -29.71
CA PHE D 1001 9.20 31.92 -29.81
C PHE D 1001 8.67 31.90 -31.23
N GLN D 1002 9.54 32.10 -32.21
CA GLN D 1002 9.19 31.80 -33.58
C GLN D 1002 9.44 30.31 -33.78
N ASN D 1003 9.21 29.83 -35.00
CA ASN D 1003 9.56 28.46 -35.35
C ASN D 1003 8.82 27.45 -34.48
N GLY D 1004 7.50 27.46 -34.61
CA GLY D 1004 6.68 26.38 -34.11
C GLY D 1004 5.81 26.79 -32.94
N HIS D 1005 5.40 25.79 -32.18
CA HIS D 1005 4.41 25.94 -31.14
C HIS D 1005 5.05 26.36 -29.84
N TYR D 1006 4.19 26.77 -28.89
CA TYR D 1006 4.63 27.27 -27.60
C TYR D 1006 5.52 26.27 -26.88
N ASP D 1007 5.04 25.03 -26.72
CA ASP D 1007 5.76 24.06 -25.91
C ASP D 1007 7.10 23.70 -26.52
N LYS D 1008 7.18 23.62 -27.84
CA LYS D 1008 8.44 23.31 -28.49
C LYS D 1008 9.48 24.38 -28.20
N CYS D 1009 9.07 25.64 -28.33
CA CYS D 1009 9.97 26.75 -28.07
C CYS D 1009 10.40 26.77 -26.61
N VAL D 1010 9.47 26.49 -25.69
CA VAL D 1010 9.81 26.42 -24.28
C VAL D 1010 10.83 25.33 -24.03
N PHE D 1011 10.67 24.18 -24.68
CA PHE D 1011 11.61 23.09 -24.46
C PHE D 1011 12.97 23.45 -24.99
N ALA D 1012 13.01 24.17 -26.11
CA ALA D 1012 14.28 24.67 -26.62
C ALA D 1012 14.97 25.54 -25.59
N LEU D 1013 14.21 26.45 -24.97
CA LEU D 1013 14.78 27.30 -23.94
C LEU D 1013 15.24 26.50 -22.74
N ARG D 1014 14.44 25.51 -22.33
CA ARG D 1014 14.79 24.70 -21.18
C ARG D 1014 16.08 23.93 -21.44
N GLU D 1015 16.28 23.49 -22.67
CA GLU D 1015 17.47 22.72 -22.99
C GLU D 1015 18.67 23.60 -23.20
N GLU D 1016 18.47 24.88 -23.47
CA GLU D 1016 19.59 25.80 -23.52
C GLU D 1016 20.00 26.24 -22.12
N ASN D 1017 19.04 26.75 -21.35
CA ASN D 1017 19.31 27.23 -20.00
C ASN D 1017 19.07 26.10 -19.00
N LYS D 1018 20.03 25.18 -18.99
CA LYS D 1018 19.91 23.98 -18.17
C LYS D 1018 20.00 24.31 -16.69
N SER D 1019 20.86 25.26 -16.33
CA SER D 1019 21.20 25.51 -14.94
C SER D 1019 20.36 26.60 -14.28
N ASP D 1020 19.35 27.12 -14.96
CA ASP D 1020 18.50 28.16 -14.38
C ASP D 1020 17.16 28.16 -15.08
N MET D 1021 16.10 27.93 -14.30
CA MET D 1021 14.74 27.95 -14.82
C MET D 1021 14.05 29.30 -14.66
N ASN D 1022 14.66 30.24 -13.96
CA ASN D 1022 14.05 31.56 -13.85
C ASN D 1022 14.20 32.35 -15.13
N THR D 1023 15.29 32.12 -15.86
CA THR D 1023 15.45 32.70 -17.19
C THR D 1023 14.33 32.26 -18.12
N VAL D 1024 14.02 30.96 -18.10
CA VAL D 1024 12.96 30.41 -18.92
C VAL D 1024 11.64 31.06 -18.55
N LEU D 1025 11.40 31.18 -17.25
CA LEU D 1025 10.16 31.77 -16.79
C LEU D 1025 10.04 33.21 -17.24
N ASN D 1026 11.15 33.94 -17.21
CA ASN D 1026 11.12 35.33 -17.61
C ASN D 1026 10.76 35.45 -19.08
N TYR D 1027 11.34 34.59 -19.91
CA TYR D 1027 10.98 34.58 -21.32
C TYR D 1027 9.49 34.35 -21.51
N ILE D 1028 8.95 33.34 -20.83
CA ILE D 1028 7.53 33.03 -20.98
C ILE D 1028 6.67 34.20 -20.51
N PHE D 1029 6.99 34.74 -19.34
CA PHE D 1029 6.17 35.79 -18.76
C PHE D 1029 6.13 37.01 -19.65
N SER D 1030 7.28 37.41 -20.19
CA SER D 1030 7.29 38.58 -21.04
C SER D 1030 6.66 38.30 -22.38
N HIS D 1031 6.72 37.06 -22.85
CA HIS D 1031 6.08 36.71 -24.09
C HIS D 1031 4.57 36.75 -23.98
N ALA D 1032 4.04 36.49 -22.79
CA ALA D 1032 2.59 36.43 -22.65
C ALA D 1032 1.91 37.73 -23.00
N GLN D 1033 2.56 38.86 -22.73
CA GLN D 1033 2.03 40.19 -23.03
C GLN D 1033 2.61 40.75 -24.32
N VAL D 1034 2.46 40.00 -25.42
CA VAL D 1034 3.16 40.36 -26.64
C VAL D 1034 2.47 41.51 -27.36
N THR D 1035 1.14 41.56 -27.31
CA THR D 1035 0.41 42.57 -28.07
C THR D 1035 0.66 43.97 -27.51
N LYS D 1036 0.60 44.09 -26.19
CA LYS D 1036 0.91 45.35 -25.53
C LYS D 1036 2.34 45.80 -25.82
N LYS D 1037 3.27 44.86 -25.76
CA LYS D 1037 4.65 45.17 -26.13
C LYS D 1037 4.73 45.69 -27.55
N ASN D 1038 3.94 45.12 -28.46
CA ASN D 1038 3.99 45.56 -29.84
C ASN D 1038 3.52 46.99 -29.98
N LEU D 1039 2.49 47.37 -29.22
CA LEU D 1039 2.08 48.77 -29.20
C LEU D 1039 3.25 49.67 -28.82
N LEU D 1040 3.98 49.28 -27.78
CA LEU D 1040 5.13 50.09 -27.38
C LEU D 1040 6.17 50.14 -28.48
N VAL D 1041 6.38 49.02 -29.18
CA VAL D 1041 7.42 48.97 -30.20
C VAL D 1041 7.12 49.95 -31.30
N THR D 1042 5.86 50.00 -31.71
CA THR D 1042 5.50 50.91 -32.80
C THR D 1042 5.66 52.36 -32.36
N MET D 1043 5.28 52.66 -31.12
CA MET D 1043 5.47 54.03 -30.66
C MET D 1043 6.94 54.41 -30.62
N LEU D 1044 7.81 53.47 -30.27
CA LEU D 1044 9.23 53.78 -30.23
C LEU D 1044 9.86 53.82 -31.61
N ILE D 1045 9.29 53.15 -32.59
CA ILE D 1045 9.79 53.32 -33.95
C ILE D 1045 9.41 54.69 -34.47
N ASP D 1046 8.15 55.08 -34.28
CA ASP D 1046 7.69 56.34 -34.86
C ASP D 1046 8.42 57.54 -34.29
N GLN D 1047 8.85 57.48 -33.04
CA GLN D 1047 9.57 58.58 -32.43
C GLN D 1047 11.06 58.59 -32.74
N LEU D 1048 11.56 57.58 -33.42
CA LEU D 1048 12.98 57.46 -33.76
C LEU D 1048 13.24 57.61 -35.25
N CYS D 1049 12.43 56.98 -36.08
CA CYS D 1049 12.58 56.98 -37.53
C CYS D 1049 11.34 57.54 -38.18
N GLY D 1050 10.84 58.63 -37.63
CA GLY D 1050 9.65 59.28 -38.14
C GLY D 1050 10.04 60.30 -39.17
N ARG D 1051 9.95 61.58 -38.81
CA ARG D 1051 10.30 62.67 -39.73
C ARG D 1051 11.82 62.86 -39.81
N ASP D 1052 12.51 61.79 -40.21
CA ASP D 1052 13.94 61.79 -40.42
C ASP D 1052 14.31 60.55 -41.24
N PRO D 1053 14.02 60.52 -42.54
CA PRO D 1053 14.15 59.26 -43.30
C PRO D 1053 15.60 58.85 -43.56
N THR D 1054 16.31 58.51 -42.49
CA THR D 1054 17.68 58.02 -42.58
C THR D 1054 17.86 56.88 -41.59
N LEU D 1055 18.70 55.92 -41.97
CA LEU D 1055 18.92 54.71 -41.18
C LEU D 1055 20.40 54.39 -41.16
N THR D 1056 20.98 54.41 -39.97
CA THR D 1056 22.36 54.02 -39.78
C THR D 1056 22.48 52.50 -39.77
N ASP D 1057 23.71 52.01 -39.80
CA ASP D 1057 23.96 50.57 -39.80
C ASP D 1057 24.07 50.00 -38.40
N GLU D 1058 23.17 50.40 -37.55
CA GLU D 1058 22.83 49.79 -36.29
C GLU D 1058 21.33 49.60 -36.18
N LEU D 1059 20.56 50.55 -36.70
CA LEU D 1059 19.12 50.42 -36.80
C LEU D 1059 18.71 49.51 -37.94
N LEU D 1060 19.51 49.44 -39.00
CA LEU D 1060 19.17 48.57 -40.11
C LEU D 1060 19.17 47.12 -39.68
N ASN D 1061 20.15 46.74 -38.87
CA ASN D 1061 20.19 45.37 -38.36
C ASN D 1061 18.93 45.04 -37.57
N ILE D 1062 18.52 45.94 -36.68
CA ILE D 1062 17.32 45.72 -35.89
C ILE D 1062 16.10 45.63 -36.78
N LEU D 1063 15.97 46.55 -37.73
CA LEU D 1063 14.76 46.59 -38.54
C LEU D 1063 14.65 45.35 -39.42
N THR D 1064 15.78 44.93 -40.00
CA THR D 1064 15.76 43.77 -40.85
C THR D 1064 15.57 42.49 -40.05
N GLU D 1065 16.00 42.47 -38.80
CA GLU D 1065 15.71 41.33 -37.95
C GLU D 1065 14.25 41.35 -37.53
N LEU D 1066 13.69 42.54 -37.37
CA LEU D 1066 12.34 42.66 -36.84
C LEU D 1066 11.31 42.29 -37.89
N THR D 1067 11.61 42.57 -39.15
CA THR D 1067 10.70 42.18 -40.21
C THR D 1067 10.66 40.68 -40.45
N GLN D 1068 11.56 39.92 -39.85
CA GLN D 1068 11.61 38.47 -40.02
C GLN D 1068 10.74 37.73 -39.02
N LEU D 1069 10.03 38.41 -38.14
CA LEU D 1069 9.12 37.74 -37.22
C LEU D 1069 7.88 37.39 -38.00
N SER D 1070 7.78 36.12 -38.39
CA SER D 1070 6.76 35.68 -39.31
C SER D 1070 5.44 35.37 -38.62
N LYS D 1071 5.46 35.09 -37.33
CA LYS D 1071 4.23 34.75 -36.62
C LYS D 1071 3.28 35.94 -36.63
N THR D 1072 1.99 35.64 -36.75
CA THR D 1072 0.98 36.67 -36.95
C THR D 1072 0.76 37.54 -35.73
N THR D 1073 1.22 37.11 -34.56
CA THR D 1073 1.07 37.94 -33.37
C THR D 1073 1.92 39.19 -33.45
N ASN D 1074 3.05 39.11 -34.14
CA ASN D 1074 4.00 40.20 -34.29
C ASN D 1074 3.94 40.82 -35.67
N ALA D 1075 2.76 40.89 -36.25
CA ALA D 1075 2.63 41.46 -37.58
C ALA D 1075 2.79 42.97 -37.59
N LYS D 1076 2.10 43.67 -36.67
CA LYS D 1076 2.10 45.12 -36.67
C LYS D 1076 3.50 45.70 -36.60
N VAL D 1077 4.38 45.09 -35.81
CA VAL D 1077 5.74 45.59 -35.69
C VAL D 1077 6.51 45.28 -36.96
N ALA D 1078 6.28 44.11 -37.54
CA ALA D 1078 7.02 43.71 -38.72
C ALA D 1078 6.56 44.52 -39.93
N LEU D 1079 5.27 44.84 -39.95
CA LEU D 1079 4.75 45.72 -40.99
C LEU D 1079 5.37 47.10 -40.88
N ARG D 1080 5.22 47.74 -39.71
CA ARG D 1080 5.66 49.12 -39.57
C ARG D 1080 7.15 49.27 -39.84
N ALA D 1081 7.94 48.35 -39.29
CA ALA D 1081 9.37 48.34 -39.57
C ALA D 1081 9.63 48.31 -41.07
N ARG D 1082 8.92 47.44 -41.79
CA ARG D 1082 9.07 47.38 -43.24
C ARG D 1082 8.79 48.74 -43.85
N GLN D 1083 7.71 49.39 -43.42
CA GLN D 1083 7.36 50.70 -43.95
C GLN D 1083 8.48 51.70 -43.75
N VAL D 1084 9.17 51.59 -42.61
CA VAL D 1084 10.30 52.47 -42.39
C VAL D 1084 11.40 52.11 -43.38
N LEU D 1085 11.77 50.84 -43.42
CA LEU D 1085 12.98 50.43 -44.14
C LEU D 1085 12.85 50.71 -45.62
N ILE D 1086 11.66 50.53 -46.18
CA ILE D 1086 11.47 50.79 -47.59
C ILE D 1086 11.31 52.28 -47.83
N ALA D 1087 10.76 53.02 -46.86
CA ALA D 1087 10.54 54.44 -47.08
C ALA D 1087 11.82 55.22 -46.95
N SER D 1088 12.83 54.67 -46.29
CA SER D 1088 14.10 55.36 -46.11
C SER D 1088 15.05 55.07 -47.25
N HIS D 1089 14.57 55.24 -48.47
CA HIS D 1089 15.40 55.31 -49.66
C HIS D 1089 15.05 56.49 -50.54
N LEU D 1090 13.90 57.10 -50.36
CA LEU D 1090 13.46 58.19 -51.20
C LEU D 1090 14.01 59.49 -50.61
N PRO D 1091 14.54 60.40 -51.43
CA PRO D 1091 15.02 61.66 -50.85
C PRO D 1091 13.88 62.43 -50.21
N SER D 1092 14.18 63.13 -49.11
CA SER D 1092 13.15 63.78 -48.30
C SER D 1092 12.80 65.17 -48.83
N TYR D 1093 12.61 65.24 -50.15
CA TYR D 1093 11.99 66.33 -50.89
C TYR D 1093 12.79 67.61 -50.97
N GLU D 1094 13.84 67.76 -50.16
CA GLU D 1094 14.70 68.92 -50.29
C GLU D 1094 15.71 68.72 -51.40
N LEU D 1095 16.24 67.49 -51.48
CA LEU D 1095 17.20 67.17 -52.52
C LEU D 1095 16.56 67.28 -53.89
N ARG D 1096 15.36 66.73 -54.05
CA ARG D 1096 14.67 66.81 -55.33
C ARG D 1096 14.36 68.23 -55.70
N HIS D 1097 13.80 69.02 -54.77
CA HIS D 1097 13.56 70.44 -55.03
C HIS D 1097 14.82 71.13 -55.51
N ASN D 1098 15.92 70.96 -54.77
CA ASN D 1098 17.14 71.67 -55.10
C ASN D 1098 17.71 71.25 -56.43
N GLN D 1099 17.85 69.94 -56.68
CA GLN D 1099 18.43 69.49 -57.93
C GLN D 1099 17.58 69.91 -59.13
N VAL D 1100 16.27 69.65 -59.05
CA VAL D 1100 15.39 69.96 -60.17
C VAL D 1100 15.37 71.45 -60.45
N GLU D 1101 15.18 72.26 -59.41
CA GLU D 1101 15.13 73.69 -59.62
C GLU D 1101 16.47 74.24 -60.07
N SER D 1102 17.57 73.65 -59.60
CA SER D 1102 18.88 74.10 -60.04
C SER D 1102 19.03 73.95 -61.54
N ILE D 1103 18.68 72.77 -62.05
CA ILE D 1103 18.75 72.55 -63.49
C ILE D 1103 17.78 73.49 -64.22
N PHE D 1104 16.53 73.55 -63.75
CA PHE D 1104 15.52 74.29 -64.51
C PHE D 1104 15.73 75.80 -64.46
N LEU D 1105 16.45 76.31 -63.46
CA LEU D 1105 16.64 77.74 -63.30
C LEU D 1105 18.00 78.22 -63.78
N SER D 1106 19.02 77.35 -63.81
CA SER D 1106 20.32 77.77 -64.32
C SER D 1106 20.40 77.71 -65.83
N ALA D 1107 19.57 76.89 -66.47
CA ALA D 1107 19.52 76.87 -67.93
C ALA D 1107 18.94 78.16 -68.49
N ILE D 1108 18.25 78.96 -67.67
CA ILE D 1108 17.37 80.00 -68.18
C ILE D 1108 18.17 81.22 -68.61
N ASP D 1109 19.25 81.55 -67.89
CA ASP D 1109 20.02 82.77 -68.13
C ASP D 1109 20.40 82.94 -69.58
N MET D 1110 21.08 81.93 -70.14
CA MET D 1110 21.32 81.86 -71.58
C MET D 1110 21.30 80.39 -71.97
N TYR D 1111 20.17 79.94 -72.50
CA TYR D 1111 20.01 78.55 -72.89
C TYR D 1111 21.02 78.19 -73.96
N GLY D 1112 21.62 77.00 -73.81
CA GLY D 1112 22.60 76.49 -74.74
C GLY D 1112 24.02 76.62 -74.26
N HIS D 1113 24.27 76.31 -73.00
CA HIS D 1113 25.63 76.21 -72.47
C HIS D 1113 26.30 74.87 -72.77
N GLN D 1114 25.59 73.95 -73.43
CA GLN D 1114 26.08 72.61 -73.82
C GLN D 1114 26.24 71.66 -72.64
N PHE D 1115 25.90 72.07 -71.41
CA PHE D 1115 25.68 71.13 -70.32
C PHE D 1115 24.25 71.18 -69.80
N CYS D 1116 23.56 72.32 -69.93
CA CYS D 1116 22.18 72.42 -69.47
C CYS D 1116 21.26 71.50 -70.25
N ILE D 1117 21.54 71.32 -71.54
CA ILE D 1117 20.75 70.41 -72.37
C ILE D 1117 20.80 69.01 -71.80
N GLU D 1118 22.01 68.55 -71.46
CA GLU D 1118 22.17 67.20 -70.95
C GLU D 1118 21.51 67.05 -69.58
N ASN D 1119 21.54 68.10 -68.77
CA ASN D 1119 20.89 68.04 -67.47
C ASN D 1119 19.38 67.92 -67.61
N LEU D 1120 18.80 68.65 -68.56
CA LEU D 1120 17.37 68.50 -68.82
C LEU D 1120 17.06 67.08 -69.30
N GLN D 1121 17.92 66.54 -70.16
CA GLN D 1121 17.75 65.16 -70.60
C GLN D 1121 17.81 64.19 -69.43
N LYS D 1122 18.70 64.46 -68.48
CA LYS D 1122 18.79 63.62 -67.30
C LYS D 1122 17.50 63.68 -66.50
N LEU D 1123 16.90 64.86 -66.38
CA LEU D 1123 15.64 64.96 -65.69
C LEU D 1123 14.55 64.19 -66.40
N ILE D 1124 14.65 64.09 -67.72
CA ILE D 1124 13.69 63.24 -68.44
C ILE D 1124 13.98 61.77 -68.19
N LEU D 1125 15.25 61.37 -68.31
CA LEU D 1125 15.65 59.96 -68.37
C LEU D 1125 16.43 59.52 -67.14
N SER D 1126 15.99 59.91 -65.95
CA SER D 1126 16.55 59.43 -64.70
C SER D 1126 15.53 58.55 -63.99
N GLU D 1127 16.05 57.73 -63.08
CA GLU D 1127 15.20 56.82 -62.33
C GLU D 1127 14.25 57.58 -61.40
N THR D 1128 14.74 58.65 -60.79
CA THR D 1128 13.98 59.33 -59.75
C THR D 1128 12.79 60.06 -60.35
N SER D 1129 11.63 59.87 -59.72
CA SER D 1129 10.45 60.63 -60.11
C SER D 1129 10.59 62.06 -59.65
N ILE D 1130 10.37 62.99 -60.57
CA ILE D 1130 10.33 64.42 -60.28
C ILE D 1130 8.94 64.99 -60.52
N PHE D 1131 7.94 64.14 -60.70
CA PHE D 1131 6.58 64.59 -60.86
C PHE D 1131 5.99 65.21 -59.60
N ASP D 1132 6.70 65.14 -58.47
CA ASP D 1132 6.34 65.88 -57.28
C ASP D 1132 6.91 67.30 -57.27
N VAL D 1133 7.73 67.66 -58.26
CA VAL D 1133 8.36 68.97 -58.33
C VAL D 1133 7.98 69.71 -59.61
N LEU D 1134 7.89 69.00 -60.73
CA LEU D 1134 7.56 69.62 -62.01
C LEU D 1134 6.30 70.48 -62.00
N PRO D 1135 5.18 70.11 -61.36
CA PRO D 1135 4.02 71.02 -61.40
C PRO D 1135 4.23 72.33 -60.68
N ASN D 1136 5.29 72.46 -59.86
CA ASN D 1136 5.56 73.72 -59.19
C ASN D 1136 6.07 74.80 -60.12
N PHE D 1137 6.53 74.44 -61.32
CA PHE D 1137 6.92 75.43 -62.32
C PHE D 1137 5.70 75.88 -63.13
N PHE D 1138 4.68 76.32 -62.41
CA PHE D 1138 3.58 77.01 -63.08
C PHE D 1138 4.11 78.23 -63.82
N TYR D 1139 4.82 79.10 -63.11
CA TYR D 1139 5.63 80.17 -63.69
C TYR D 1139 6.96 80.39 -62.96
N HIS D 1140 6.88 80.27 -61.64
CA HIS D 1140 7.89 80.35 -60.59
C HIS D 1140 8.52 81.72 -60.32
N SER D 1141 9.08 82.36 -61.34
CA SER D 1141 9.13 83.81 -61.53
C SER D 1141 9.64 84.19 -62.92
N ASN D 1142 10.41 83.30 -63.56
CA ASN D 1142 11.17 83.64 -64.76
C ASN D 1142 10.29 83.75 -65.98
N GLN D 1143 9.23 82.93 -66.04
CA GLN D 1143 8.28 82.83 -67.14
C GLN D 1143 8.85 82.11 -68.36
N VAL D 1144 10.16 81.85 -68.36
CA VAL D 1144 10.79 81.03 -69.39
C VAL D 1144 10.92 79.60 -68.90
N VAL D 1145 10.99 79.41 -67.58
CA VAL D 1145 11.05 78.08 -67.00
C VAL D 1145 9.77 77.29 -67.24
N ARG D 1146 8.65 77.98 -67.50
CA ARG D 1146 7.44 77.30 -67.92
C ARG D 1146 7.71 76.40 -69.12
N MET D 1147 8.34 76.95 -70.14
CA MET D 1147 8.68 76.23 -71.35
C MET D 1147 9.51 74.98 -71.04
N ALA D 1148 10.59 75.16 -70.28
CA ALA D 1148 11.47 74.04 -69.95
C ALA D 1148 10.75 72.95 -69.17
N ALA D 1149 9.98 73.37 -68.15
CA ALA D 1149 9.30 72.41 -67.30
C ALA D 1149 8.25 71.63 -68.09
N LEU D 1150 7.50 72.31 -68.96
CA LEU D 1150 6.52 71.60 -69.77
C LEU D 1150 7.20 70.61 -70.70
N GLU D 1151 8.33 71.01 -71.29
CA GLU D 1151 9.08 70.09 -72.14
C GLU D 1151 9.44 68.83 -71.37
N VAL D 1152 10.06 68.99 -70.20
CA VAL D 1152 10.53 67.83 -69.45
C VAL D 1152 9.35 66.99 -68.99
N TYR D 1153 8.26 67.62 -68.56
CA TYR D 1153 7.11 66.89 -68.06
C TYR D 1153 6.53 66.00 -69.14
N VAL D 1154 6.22 66.59 -70.29
CA VAL D 1154 5.62 65.81 -71.35
C VAL D 1154 6.59 64.76 -71.86
N ARG D 1155 7.87 65.11 -72.00
CA ARG D 1155 8.83 64.15 -72.52
C ARG D 1155 9.03 62.97 -71.58
N ARG D 1156 8.93 63.20 -70.27
CA ARG D 1156 9.10 62.11 -69.32
C ARG D 1156 7.83 61.27 -69.25
N ALA D 1157 6.67 61.93 -69.23
CA ALA D 1157 5.40 61.21 -69.16
C ALA D 1157 5.12 60.45 -70.45
N TYR D 1158 5.40 61.07 -71.59
CA TYR D 1158 5.19 60.45 -72.90
C TYR D 1158 6.48 59.79 -73.37
N ILE D 1159 7.04 58.96 -72.50
CA ILE D 1159 8.25 58.26 -72.89
C ILE D 1159 7.94 57.29 -74.02
N ALA D 1160 6.78 56.64 -73.96
CA ALA D 1160 6.49 55.57 -74.87
C ALA D 1160 6.06 56.08 -76.24
N TYR D 1161 5.34 57.19 -76.26
CA TYR D 1161 4.96 57.81 -77.52
C TYR D 1161 6.21 58.36 -78.19
N GLU D 1162 6.28 58.16 -79.51
CA GLU D 1162 7.42 58.65 -80.30
C GLU D 1162 7.17 60.12 -80.65
N LEU D 1163 7.81 61.02 -79.91
CA LEU D 1163 7.73 62.44 -80.20
C LEU D 1163 8.69 62.82 -81.31
N ASN D 1164 8.27 63.77 -82.15
CA ASN D 1164 9.13 64.27 -83.21
C ASN D 1164 9.20 65.79 -83.26
N SER D 1165 8.09 66.50 -82.98
CA SER D 1165 8.06 67.95 -83.18
C SER D 1165 7.38 68.64 -82.01
N VAL D 1166 8.16 69.35 -81.20
CA VAL D 1166 7.67 70.09 -80.04
C VAL D 1166 7.93 71.56 -80.28
N GLN D 1167 7.03 72.42 -79.79
CA GLN D 1167 7.18 73.84 -79.99
C GLN D 1167 6.52 74.61 -78.86
N HIS D 1168 7.13 75.72 -78.49
CA HIS D 1168 6.69 76.57 -77.40
C HIS D 1168 6.00 77.82 -77.94
N ARG D 1169 4.78 78.07 -77.46
CA ARG D 1169 3.98 79.22 -77.85
C ARG D 1169 3.57 80.01 -76.62
N GLN D 1170 3.42 81.32 -76.81
CA GLN D 1170 3.18 82.27 -75.74
C GLN D 1170 1.94 83.09 -76.05
N LEU D 1171 1.35 83.65 -75.00
CA LEU D 1171 0.36 84.70 -75.09
C LEU D 1171 0.73 85.80 -74.09
N LYS D 1172 0.16 86.99 -74.25
CA LYS D 1172 0.64 88.19 -73.56
C LYS D 1172 -0.10 88.39 -72.24
N ASP D 1173 -0.14 87.29 -71.50
CA ASP D 1173 -0.90 87.13 -70.28
C ASP D 1173 -0.30 85.85 -69.69
N ASN D 1174 -1.09 85.05 -69.00
CA ASN D 1174 -0.59 83.92 -68.24
C ASN D 1174 -1.01 82.64 -68.94
N THR D 1175 -0.31 82.27 -70.03
CA THR D 1175 -0.74 81.10 -70.80
C THR D 1175 0.36 80.38 -71.57
N CYS D 1176 1.45 79.94 -70.93
CA CYS D 1176 2.44 79.18 -71.67
C CYS D 1176 1.82 77.91 -72.25
N VAL D 1177 1.78 77.83 -73.59
CA VAL D 1177 1.26 76.67 -74.30
C VAL D 1177 2.44 76.00 -74.98
N VAL D 1178 2.39 74.68 -75.07
CA VAL D 1178 3.39 73.92 -75.80
C VAL D 1178 2.67 72.86 -76.60
N GLU D 1179 2.95 72.82 -77.90
CA GLU D 1179 2.37 71.84 -78.79
C GLU D 1179 3.36 70.73 -79.07
N PHE D 1180 2.83 69.54 -79.28
CA PHE D 1180 3.58 68.31 -79.46
C PHE D 1180 2.98 67.54 -80.62
N GLN D 1181 3.85 67.00 -81.47
CA GLN D 1181 3.45 66.10 -82.53
C GLN D 1181 4.29 64.84 -82.43
N PHE D 1182 3.57 63.72 -82.31
CA PHE D 1182 4.13 62.40 -82.03
C PHE D 1182 3.36 61.39 -82.87
N MET D 1183 3.68 60.11 -82.68
CA MET D 1183 2.95 59.03 -83.31
C MET D 1183 2.92 57.84 -82.35
N LEU D 1184 2.15 56.81 -82.74
CA LEU D 1184 1.95 55.61 -81.92
C LEU D 1184 2.72 54.46 -82.54
N PRO D 1185 3.86 54.00 -81.94
CA PRO D 1185 4.65 52.95 -82.61
C PRO D 1185 3.92 51.64 -82.85
N THR D 1186 3.52 50.94 -81.77
CA THR D 1186 2.73 49.72 -81.89
C THR D 1186 1.62 49.74 -80.85
N SER D 1187 0.56 50.49 -81.13
CA SER D 1187 -0.64 50.47 -80.30
C SER D 1187 -1.73 51.21 -81.06
N HIS D 1188 -2.79 50.50 -81.42
CA HIS D 1188 -3.89 51.02 -82.24
C HIS D 1188 -3.38 51.82 -83.44
N PRO D 1189 -2.40 51.29 -84.20
CA PRO D 1189 -1.85 52.14 -85.26
C PRO D 1189 -2.76 52.20 -86.48
N GLN D 1231 -1.31 59.07 -86.40
CA GLN D 1231 -0.48 60.19 -85.98
C GLN D 1231 -1.32 61.22 -85.23
N ARG D 1232 -1.17 61.24 -83.92
CA ARG D 1232 -1.91 62.15 -83.06
C ARG D 1232 -1.06 63.38 -82.75
N MET D 1233 -1.72 64.37 -82.16
CA MET D 1233 -1.10 65.62 -81.77
C MET D 1233 -1.57 65.96 -80.37
N GLY D 1234 -0.88 66.89 -79.71
CA GLY D 1234 -1.29 67.27 -78.39
C GLY D 1234 -0.68 68.58 -77.96
N GLY D 1235 -0.96 68.94 -76.71
CA GLY D 1235 -0.38 70.14 -76.15
C GLY D 1235 -0.65 70.20 -74.66
N MET D 1236 0.01 71.17 -74.03
CA MET D 1236 -0.10 71.35 -72.59
C MET D 1236 -0.04 72.83 -72.23
N VAL D 1237 -0.80 73.18 -71.20
CA VAL D 1237 -0.93 74.54 -70.70
C VAL D 1237 -1.23 74.47 -69.21
N SER D 1238 -0.74 75.45 -68.45
CA SER D 1238 -1.06 75.59 -67.04
C SER D 1238 -2.01 76.76 -66.81
N PHE D 1239 -2.63 76.78 -65.62
CA PHE D 1239 -3.55 77.84 -65.24
C PHE D 1239 -3.44 78.08 -63.73
N ARG D 1240 -4.33 78.94 -63.22
CA ARG D 1240 -4.36 79.30 -61.81
C ARG D 1240 -5.78 79.21 -61.26
N THR D 1241 -5.90 78.48 -60.16
CA THR D 1241 -6.99 78.31 -59.21
C THR D 1241 -8.20 77.50 -59.65
N PHE D 1242 -8.92 77.93 -60.68
CA PHE D 1242 -9.76 77.11 -61.55
C PHE D 1242 -10.36 77.95 -62.67
N GLU D 1243 -10.72 79.20 -62.34
CA GLU D 1243 -11.53 80.03 -63.24
C GLU D 1243 -10.67 80.61 -64.34
N ASP D 1244 -9.36 80.71 -64.10
CA ASP D 1244 -8.44 81.08 -65.16
C ASP D 1244 -8.50 80.08 -66.31
N PHE D 1245 -8.87 78.83 -66.03
CA PHE D 1245 -9.00 77.86 -67.11
C PHE D 1245 -10.13 78.24 -68.06
N VAL D 1246 -11.33 78.46 -67.51
CA VAL D 1246 -12.46 78.76 -68.38
C VAL D 1246 -12.34 80.14 -68.98
N ARG D 1247 -11.59 81.04 -68.33
CA ARG D 1247 -11.55 82.44 -68.77
C ARG D 1247 -11.04 82.55 -70.20
N ILE D 1248 -10.01 81.79 -70.54
CA ILE D 1248 -9.35 81.88 -71.84
C ILE D 1248 -9.33 80.51 -72.47
N PHE D 1249 -10.31 79.67 -72.09
CA PHE D 1249 -10.37 78.31 -72.61
C PHE D 1249 -10.47 78.29 -74.12
N ASP D 1250 -11.24 79.21 -74.69
CA ASP D 1250 -11.39 79.26 -76.13
C ASP D 1250 -10.14 79.79 -76.81
N GLU D 1251 -9.31 80.55 -76.10
CA GLU D 1251 -8.11 81.10 -76.71
C GLU D 1251 -7.00 80.07 -76.81
N VAL D 1252 -6.81 79.28 -75.74
CA VAL D 1252 -5.74 78.29 -75.73
C VAL D 1252 -5.97 77.19 -76.76
N MET D 1253 -7.21 76.96 -77.15
CA MET D 1253 -7.51 75.95 -78.15
C MET D 1253 -7.24 76.43 -79.56
N GLY D 1254 -6.88 77.70 -79.75
CA GLY D 1254 -6.56 78.21 -81.06
C GLY D 1254 -5.12 77.91 -81.45
N CYS D 1255 -4.75 76.64 -81.43
CA CYS D 1255 -3.40 76.22 -81.80
C CYS D 1255 -3.30 75.97 -83.30
N GLU D 1284 -11.21 63.73 -87.51
CA GLU D 1284 -11.02 62.81 -86.39
C GLU D 1284 -10.51 63.58 -85.16
N PRO D 1285 -10.99 63.24 -83.94
CA PRO D 1285 -10.46 63.93 -82.75
C PRO D 1285 -9.13 63.35 -82.30
N ILE D 1286 -8.04 63.77 -82.96
CA ILE D 1286 -6.71 63.25 -82.64
C ILE D 1286 -5.98 64.08 -81.60
N HIS D 1287 -6.51 65.24 -81.21
CA HIS D 1287 -5.80 66.12 -80.30
C HIS D 1287 -5.93 65.64 -78.86
N ILE D 1288 -4.88 65.87 -78.08
CA ILE D 1288 -4.86 65.58 -76.65
C ILE D 1288 -4.43 66.86 -75.95
N LEU D 1289 -5.18 67.27 -74.92
CA LEU D 1289 -4.87 68.47 -74.17
C LEU D 1289 -4.62 68.12 -72.71
N ASN D 1290 -3.50 68.60 -72.19
CA ASN D 1290 -3.17 68.50 -70.78
C ASN D 1290 -3.33 69.87 -70.13
N VAL D 1291 -3.93 69.88 -68.95
CA VAL D 1291 -4.23 71.10 -68.21
C VAL D 1291 -3.75 70.92 -66.79
N ALA D 1292 -2.90 71.83 -66.32
CA ALA D 1292 -2.36 71.81 -64.97
C ALA D 1292 -2.83 73.06 -64.24
N ILE D 1293 -3.41 72.88 -63.06
CA ILE D 1293 -4.10 73.96 -62.37
C ILE D 1293 -3.58 74.01 -60.94
N LYS D 1294 -3.03 75.18 -60.58
CA LYS D 1294 -2.51 75.47 -59.25
C LYS D 1294 -3.62 75.58 -58.20
N THR D 1295 -3.77 74.54 -57.37
CA THR D 1295 -4.73 74.53 -56.28
C THR D 1295 -4.10 73.95 -55.01
N ASP D 1296 -2.93 74.49 -54.65
CA ASP D 1296 -2.06 73.85 -53.65
C ASP D 1296 -2.65 73.94 -52.24
N CYS D 1297 -3.77 73.24 -52.04
CA CYS D 1297 -4.42 73.18 -50.73
C CYS D 1297 -5.51 72.10 -50.66
N ASP D 1298 -5.43 71.21 -49.65
CA ASP D 1298 -6.59 70.41 -49.22
C ASP D 1298 -7.17 69.47 -50.27
N ILE D 1299 -6.55 68.30 -50.46
CA ILE D 1299 -7.07 67.29 -51.38
C ILE D 1299 -8.53 67.02 -51.07
N GLU D 1300 -9.41 67.37 -52.02
CA GLU D 1300 -10.84 67.08 -51.96
C GLU D 1300 -11.25 66.54 -53.31
N ASP D 1301 -11.10 65.23 -53.50
CA ASP D 1301 -11.27 64.63 -54.82
C ASP D 1301 -12.70 64.78 -55.33
N ASP D 1302 -13.68 64.61 -54.46
CA ASP D 1302 -15.08 64.70 -54.89
C ASP D 1302 -15.40 66.09 -55.44
N ARG D 1303 -15.00 67.13 -54.70
CA ARG D 1303 -15.26 68.49 -55.15
C ARG D 1303 -14.54 68.80 -56.45
N LEU D 1304 -13.28 68.36 -56.56
CA LEU D 1304 -12.51 68.58 -57.78
C LEU D 1304 -13.21 67.94 -58.97
N ALA D 1305 -13.60 66.67 -58.83
CA ALA D 1305 -14.25 65.97 -59.92
C ALA D 1305 -15.57 66.65 -60.31
N ALA D 1306 -16.34 67.09 -59.31
CA ALA D 1306 -17.59 67.79 -59.59
C ALA D 1306 -17.33 69.05 -60.43
N MET D 1307 -16.35 69.84 -60.00
CA MET D 1307 -16.00 71.07 -60.71
C MET D 1307 -15.62 70.79 -62.16
N PHE D 1308 -14.81 69.75 -62.38
CA PHE D 1308 -14.38 69.45 -63.75
C PHE D 1308 -15.54 68.94 -64.59
N ARG D 1309 -16.41 68.13 -63.98
CA ARG D 1309 -17.54 67.57 -64.72
C ARG D 1309 -18.45 68.67 -65.22
N GLU D 1310 -18.62 69.73 -64.43
CA GLU D 1310 -19.48 70.82 -64.88
C GLU D 1310 -18.98 71.40 -66.20
N PHE D 1311 -17.69 71.73 -66.27
CA PHE D 1311 -17.12 72.30 -67.49
C PHE D 1311 -17.26 71.31 -68.64
N THR D 1312 -16.87 70.06 -68.43
CA THR D 1312 -16.83 69.13 -69.54
C THR D 1312 -18.21 68.69 -70.00
N GLN D 1313 -19.24 68.85 -69.17
CA GLN D 1313 -20.61 68.54 -69.57
C GLN D 1313 -21.30 69.73 -70.22
N GLN D 1314 -20.94 70.95 -69.85
CA GLN D 1314 -21.56 72.12 -70.48
C GLN D 1314 -20.85 72.54 -71.75
N ASN D 1315 -19.53 72.70 -71.68
CA ASN D 1315 -18.73 73.19 -72.80
C ASN D 1315 -18.25 72.00 -73.61
N LYS D 1316 -18.64 71.97 -74.89
CA LYS D 1316 -18.23 70.92 -75.82
C LYS D 1316 -17.31 71.44 -76.90
N ALA D 1317 -16.44 72.40 -76.54
CA ALA D 1317 -15.43 72.87 -77.48
C ALA D 1317 -14.53 71.74 -77.95
N THR D 1318 -14.34 70.72 -77.10
CA THR D 1318 -13.48 69.59 -77.45
C THR D 1318 -13.97 68.84 -78.69
N LEU D 1319 -15.25 68.96 -79.04
CA LEU D 1319 -15.82 68.29 -80.20
C LEU D 1319 -16.00 69.21 -81.39
N VAL D 1320 -16.40 70.45 -81.14
CA VAL D 1320 -16.81 71.35 -82.22
C VAL D 1320 -15.66 72.19 -82.77
N ASP D 1321 -14.62 72.45 -81.98
CA ASP D 1321 -13.52 73.28 -82.46
C ASP D 1321 -12.64 72.51 -83.45
N HIS D 1322 -11.94 71.48 -82.97
CA HIS D 1322 -11.14 70.64 -83.84
C HIS D 1322 -11.24 69.15 -83.52
N GLY D 1323 -11.56 68.80 -82.27
CA GLY D 1323 -11.63 67.42 -81.85
C GLY D 1323 -10.51 67.00 -80.90
N ILE D 1324 -10.80 66.97 -79.60
CA ILE D 1324 -9.87 66.50 -78.58
C ILE D 1324 -10.39 65.16 -78.08
N ARG D 1325 -9.53 64.14 -78.09
CA ARG D 1325 -9.93 62.81 -77.66
C ARG D 1325 -10.16 62.77 -76.15
N ARG D 1326 -9.19 63.24 -75.38
CA ARG D 1326 -9.28 63.23 -73.93
C ARG D 1326 -8.73 64.54 -73.38
N LEU D 1327 -9.29 64.95 -72.25
CA LEU D 1327 -8.82 66.12 -71.52
C LEU D 1327 -8.39 65.66 -70.14
N THR D 1328 -7.13 65.89 -69.80
CA THR D 1328 -6.55 65.46 -68.54
C THR D 1328 -6.20 66.68 -67.69
N PHE D 1329 -6.68 66.67 -66.45
CA PHE D 1329 -6.42 67.73 -65.48
C PHE D 1329 -5.42 67.23 -64.45
N LEU D 1330 -4.38 68.01 -64.22
CA LEU D 1330 -3.39 67.73 -63.18
C LEU D 1330 -3.63 68.67 -62.01
N VAL D 1331 -3.95 68.09 -60.86
CA VAL D 1331 -4.12 68.83 -59.62
C VAL D 1331 -2.86 68.65 -58.81
N ALA D 1332 -2.32 69.75 -58.29
CA ALA D 1332 -1.11 69.71 -57.48
C ALA D 1332 -1.48 69.57 -56.01
N PHE D 1352 2.00 62.95 -54.66
CA PHE D 1352 1.54 64.33 -54.66
C PHE D 1352 0.54 64.65 -55.78
N PRO D 1353 0.90 64.43 -57.05
CA PRO D 1353 -0.03 64.82 -58.13
C PRO D 1353 -1.29 63.98 -58.10
N LYS D 1354 -2.40 64.62 -58.47
CA LYS D 1354 -3.72 63.99 -58.51
C LYS D 1354 -4.29 64.24 -59.90
N PHE D 1355 -4.25 63.22 -60.74
CA PHE D 1355 -4.77 63.30 -62.09
C PHE D 1355 -6.25 62.99 -62.14
N PHE D 1356 -6.97 63.71 -62.99
CA PHE D 1356 -8.38 63.45 -63.27
C PHE D 1356 -8.57 63.53 -64.78
N THR D 1357 -9.03 62.44 -65.37
CA THR D 1357 -9.17 62.33 -66.83
C THR D 1357 -10.64 62.34 -67.20
N PHE D 1358 -10.98 63.09 -68.25
CA PHE D 1358 -12.36 63.22 -68.72
C PHE D 1358 -12.35 63.12 -70.24
N ARG D 1359 -13.12 62.19 -70.77
CA ARG D 1359 -13.31 62.02 -72.21
C ARG D 1359 -14.72 62.50 -72.56
N ALA D 1360 -14.80 63.64 -73.24
CA ALA D 1360 -16.07 64.21 -73.67
C ALA D 1360 -16.31 63.86 -75.12
N ARG D 1361 -16.34 62.55 -75.42
CA ARG D 1361 -16.58 62.09 -76.77
C ARG D 1361 -17.73 61.09 -76.89
N ASP D 1362 -17.65 59.98 -76.15
CA ASP D 1362 -18.65 58.91 -76.26
C ASP D 1362 -19.19 58.46 -74.92
N LYS D 1363 -18.32 58.34 -73.93
CA LYS D 1363 -18.69 57.88 -72.60
C LYS D 1363 -18.89 59.07 -71.69
N PHE D 1364 -19.49 58.81 -70.53
CA PHE D 1364 -19.66 59.85 -69.53
C PHE D 1364 -18.30 60.43 -69.16
N GLU D 1365 -18.28 61.74 -68.93
CA GLU D 1365 -17.02 62.45 -68.69
C GLU D 1365 -16.53 62.07 -67.30
N GLU D 1366 -15.91 60.90 -67.22
CA GLU D 1366 -15.29 60.41 -66.01
C GLU D 1366 -14.41 59.23 -66.38
N ASP D 1367 -13.41 58.97 -65.55
CA ASP D 1367 -12.54 57.81 -65.71
C ASP D 1367 -12.10 57.40 -64.31
N ARG D 1368 -12.64 56.26 -63.85
CA ARG D 1368 -12.28 55.73 -62.54
C ARG D 1368 -10.99 54.93 -62.58
N ILE D 1369 -10.52 54.55 -63.77
CA ILE D 1369 -9.37 53.67 -63.88
C ILE D 1369 -8.07 54.46 -63.72
N TYR D 1370 -7.95 55.58 -64.43
CA TYR D 1370 -6.74 56.38 -64.41
C TYR D 1370 -6.81 57.52 -63.41
N ARG D 1371 -7.69 57.42 -62.42
CA ARG D 1371 -7.66 58.38 -61.32
C ARG D 1371 -6.31 58.32 -60.64
N HIS D 1372 -5.70 59.49 -60.46
CA HIS D 1372 -4.37 59.64 -59.88
C HIS D 1372 -3.29 58.98 -60.72
N LEU D 1373 -3.54 58.78 -62.01
CA LEU D 1373 -2.52 58.29 -62.93
C LEU D 1373 -2.71 58.95 -64.28
N GLU D 1374 -1.61 59.42 -64.84
CA GLU D 1374 -1.65 60.02 -66.16
C GLU D 1374 -1.88 58.93 -67.20
N PRO D 1375 -2.88 59.06 -68.10
CA PRO D 1375 -3.11 57.99 -69.08
C PRO D 1375 -2.16 58.02 -70.28
N ALA D 1376 -1.11 58.85 -70.20
CA ALA D 1376 0.00 58.74 -71.14
C ALA D 1376 0.81 57.47 -70.90
N LEU D 1377 0.70 56.87 -69.72
CA LEU D 1377 1.34 55.61 -69.38
C LEU D 1377 0.41 54.42 -69.59
N ALA D 1378 -0.57 54.55 -70.47
CA ALA D 1378 -1.51 53.48 -70.75
C ALA D 1378 -0.97 52.45 -71.74
N PHE D 1379 0.16 52.75 -72.38
CA PHE D 1379 0.87 51.79 -73.21
C PHE D 1379 2.15 51.29 -72.55
N GLN D 1380 2.78 52.13 -71.73
CA GLN D 1380 3.95 51.69 -70.98
C GLN D 1380 3.59 50.52 -70.07
N LEU D 1381 2.42 50.60 -69.45
CA LEU D 1381 1.90 49.54 -68.60
C LEU D 1381 0.65 48.96 -69.23
N GLU D 1382 0.68 47.66 -69.50
CA GLU D 1382 -0.33 47.00 -70.32
C GLU D 1382 -1.61 46.81 -69.50
N LEU D 1383 -2.35 47.89 -69.34
CA LEU D 1383 -3.60 47.85 -68.60
C LEU D 1383 -4.78 47.34 -69.43
N ASN D 1384 -4.61 47.18 -70.75
CA ASN D 1384 -5.69 46.63 -71.55
C ASN D 1384 -5.82 45.12 -71.40
N ARG D 1385 -4.87 44.48 -70.73
CA ARG D 1385 -4.90 43.04 -70.51
C ARG D 1385 -5.64 42.66 -69.23
N MET D 1386 -6.56 43.52 -68.78
CA MET D 1386 -7.24 43.37 -67.51
C MET D 1386 -8.74 43.52 -67.66
N ARG D 1387 -9.25 43.22 -68.86
CA ARG D 1387 -10.68 43.33 -69.10
C ARG D 1387 -11.49 42.42 -68.19
N ASN D 1388 -10.92 41.31 -67.74
CA ASN D 1388 -11.62 40.33 -66.93
C ASN D 1388 -11.63 40.65 -65.45
N PHE D 1389 -11.07 41.79 -65.04
CA PHE D 1389 -10.95 42.15 -63.63
C PHE D 1389 -11.48 43.55 -63.39
N ASP D 1390 -12.02 43.74 -62.19
CA ASP D 1390 -12.32 45.05 -61.65
C ASP D 1390 -11.17 45.44 -60.75
N LEU D 1391 -10.54 46.56 -61.05
CA LEU D 1391 -9.30 46.96 -60.40
C LEU D 1391 -9.54 48.12 -59.44
N THR D 1392 -8.78 48.09 -58.35
CA THR D 1392 -8.63 49.22 -57.46
C THR D 1392 -7.14 49.45 -57.29
N ALA D 1393 -6.68 50.66 -57.57
CA ALA D 1393 -5.29 50.99 -57.34
C ALA D 1393 -5.05 51.17 -55.85
N ILE D 1394 -3.87 50.75 -55.41
CA ILE D 1394 -3.44 50.89 -54.02
C ILE D 1394 -2.30 51.89 -54.00
N PRO D 1395 -2.37 52.99 -53.25
CA PRO D 1395 -1.23 53.88 -53.16
C PRO D 1395 -0.10 53.23 -52.40
N CYS D 1396 1.10 53.75 -52.64
CA CYS D 1396 2.29 53.21 -52.00
C CYS D 1396 3.40 54.23 -52.11
N ALA D 1397 4.41 54.06 -51.27
CA ALA D 1397 5.63 54.83 -51.43
C ALA D 1397 6.29 54.44 -52.75
N ASN D 1398 7.21 55.30 -53.20
CA ASN D 1398 7.91 55.17 -54.49
C ASN D 1398 6.94 54.76 -55.60
N HIS D 1399 6.07 55.70 -55.96
CA HIS D 1399 5.00 55.36 -56.90
C HIS D 1399 5.48 55.31 -58.35
N LYS D 1400 6.60 54.64 -58.58
CA LYS D 1400 6.93 53.99 -59.83
C LYS D 1400 6.47 52.54 -59.83
N MET D 1401 6.14 51.98 -58.67
CA MET D 1401 5.69 50.61 -58.51
C MET D 1401 4.18 50.65 -58.33
N HIS D 1402 3.45 50.78 -59.44
CA HIS D 1402 2.01 50.93 -59.39
C HIS D 1402 1.39 49.59 -59.04
N LEU D 1403 0.71 49.55 -57.90
CA LEU D 1403 0.06 48.35 -57.43
C LEU D 1403 -1.45 48.44 -57.65
N TYR D 1404 -2.03 47.37 -58.16
CA TYR D 1404 -3.46 47.24 -58.31
C TYR D 1404 -3.93 45.93 -57.69
N LEU D 1405 -5.09 45.97 -57.06
CA LEU D 1405 -5.78 44.77 -56.62
C LEU D 1405 -6.96 44.55 -57.55
N GLY D 1406 -7.00 43.38 -58.16
CA GLY D 1406 -8.00 43.04 -59.15
C GLY D 1406 -8.87 41.91 -58.63
N ALA D 1407 -10.16 42.01 -58.91
CA ALA D 1407 -11.13 40.98 -58.58
C ALA D 1407 -11.74 40.47 -59.87
N ALA D 1408 -11.80 39.17 -60.02
CA ALA D 1408 -12.36 38.58 -61.22
C ALA D 1408 -13.81 38.99 -61.39
N LYS D 1409 -14.17 39.32 -62.63
CA LYS D 1409 -15.55 39.63 -62.97
C LYS D 1409 -16.37 38.35 -62.99
N VAL D 1410 -17.47 38.36 -62.24
CA VAL D 1410 -18.36 37.22 -62.10
C VAL D 1410 -19.77 37.67 -62.43
N GLU D 1411 -20.65 36.70 -62.62
CA GLU D 1411 -22.05 37.02 -62.87
C GLU D 1411 -22.73 37.41 -61.57
N VAL D 1412 -24.03 37.75 -61.68
CA VAL D 1412 -24.87 38.04 -60.52
C VAL D 1412 -25.15 36.83 -59.66
N GLY D 1413 -24.70 35.65 -60.07
CA GLY D 1413 -24.92 34.43 -59.33
C GLY D 1413 -23.70 34.16 -58.49
N THR D 1414 -22.78 33.37 -59.02
CA THR D 1414 -21.55 33.03 -58.31
C THR D 1414 -20.83 34.27 -57.81
N GLU D 1415 -20.35 34.19 -56.59
CA GLU D 1415 -19.62 35.26 -55.93
C GLU D 1415 -18.20 35.36 -56.47
N VAL D 1416 -17.42 36.25 -55.87
CA VAL D 1416 -16.02 36.46 -56.25
C VAL D 1416 -15.14 35.64 -55.31
N THR D 1417 -14.26 34.83 -55.90
CA THR D 1417 -13.27 34.08 -55.15
C THR D 1417 -11.84 34.33 -55.62
N ASP D 1418 -11.64 34.92 -56.80
CA ASP D 1418 -10.32 35.20 -57.35
C ASP D 1418 -9.98 36.66 -57.12
N TYR D 1419 -8.98 36.90 -56.28
CA TYR D 1419 -8.42 38.22 -56.03
C TYR D 1419 -6.91 38.16 -56.26
N ARG D 1420 -6.36 39.14 -56.98
CA ARG D 1420 -4.96 39.10 -57.34
C ARG D 1420 -4.33 40.47 -57.30
N PHE D 1421 -3.10 40.52 -56.80
CA PHE D 1421 -2.29 41.74 -56.83
C PHE D 1421 -1.46 41.77 -58.09
N PHE D 1422 -1.35 42.96 -58.67
CA PHE D 1422 -0.55 43.19 -59.87
C PHE D 1422 0.37 44.36 -59.60
N VAL D 1423 1.67 44.11 -59.74
CA VAL D 1423 2.68 45.14 -59.65
C VAL D 1423 3.10 45.47 -61.08
N ARG D 1424 2.95 46.73 -61.44
CA ARG D 1424 3.28 47.22 -62.76
C ARG D 1424 4.24 48.38 -62.52
N ALA D 1425 5.50 48.16 -62.86
CA ALA D 1425 6.55 49.12 -62.60
C ALA D 1425 7.12 49.66 -63.90
N ILE D 1426 7.51 50.93 -63.85
CA ILE D 1426 8.18 51.60 -64.94
C ILE D 1426 9.60 51.89 -64.46
N ILE D 1427 10.57 51.49 -65.27
CA ILE D 1427 11.98 51.75 -65.00
C ILE D 1427 12.46 52.70 -66.07
N ARG D 1428 12.77 53.92 -65.67
CA ARG D 1428 13.30 54.93 -66.56
C ARG D 1428 14.80 55.03 -66.39
N HIS D 1429 15.50 55.09 -67.51
CA HIS D 1429 16.95 55.24 -67.54
C HIS D 1429 17.36 55.46 -68.98
N SER D 1430 18.52 56.08 -69.17
CA SER D 1430 19.02 56.31 -70.50
C SER D 1430 19.51 55.00 -71.10
N ASP D 1431 19.63 54.99 -72.43
CA ASP D 1431 20.06 53.79 -73.13
C ASP D 1431 21.50 53.45 -72.75
N LEU D 1432 21.83 52.16 -72.86
CA LEU D 1432 23.15 51.66 -72.52
C LEU D 1432 23.92 51.26 -73.76
N VAL D 1433 25.20 51.61 -73.78
CA VAL D 1433 26.16 51.10 -74.73
C VAL D 1433 26.95 50.01 -74.02
N THR D 1434 26.94 48.82 -74.59
CA THR D 1434 27.55 47.65 -73.95
C THR D 1434 28.96 47.48 -74.49
N LYS D 1435 29.92 47.42 -73.58
CA LYS D 1435 31.28 46.96 -73.85
C LYS D 1435 31.58 45.82 -72.90
N GLU D 1436 30.63 44.89 -72.82
CA GLU D 1436 30.53 43.88 -71.77
C GLU D 1436 30.43 44.53 -70.39
N ALA D 1437 29.79 45.70 -70.34
CA ALA D 1437 29.68 46.50 -69.13
C ALA D 1437 28.24 46.69 -68.67
N SER D 1438 27.28 46.05 -69.33
CA SER D 1438 25.87 46.14 -68.96
C SER D 1438 25.43 45.01 -68.05
N PHE D 1439 26.31 44.06 -67.73
CA PHE D 1439 25.93 42.96 -66.84
C PHE D 1439 25.58 43.48 -65.45
N GLU D 1440 26.39 44.39 -64.91
CA GLU D 1440 26.14 44.90 -63.58
C GLU D 1440 24.84 45.68 -63.54
N TYR D 1441 24.53 46.39 -64.62
CA TYR D 1441 23.28 47.14 -64.67
C TYR D 1441 22.10 46.19 -64.59
N LEU D 1442 22.11 45.16 -65.43
CA LEU D 1442 21.00 44.21 -65.45
C LEU D 1442 20.86 43.52 -64.10
N GLN D 1443 21.97 43.06 -63.54
CA GLN D 1443 21.91 42.36 -62.25
C GLN D 1443 21.43 43.27 -61.14
N ASN D 1444 22.00 44.48 -61.03
CA ASN D 1444 21.67 45.37 -59.95
C ASN D 1444 20.24 45.86 -60.05
N GLU D 1445 19.81 46.25 -61.26
CA GLU D 1445 18.45 46.70 -61.43
C GLU D 1445 17.47 45.57 -61.20
N GLY D 1446 17.78 44.37 -61.68
CA GLY D 1446 16.90 43.24 -61.44
C GLY D 1446 16.70 42.99 -59.96
N GLU D 1447 17.81 42.93 -59.22
CA GLU D 1447 17.74 42.69 -57.79
C GLU D 1447 16.98 43.80 -57.10
N ARG D 1448 17.31 45.06 -57.42
CA ARG D 1448 16.72 46.20 -56.75
C ARG D 1448 15.22 46.24 -56.97
N LEU D 1449 14.81 46.11 -58.22
CA LEU D 1449 13.38 46.22 -58.54
C LEU D 1449 12.62 45.03 -57.99
N LEU D 1450 13.21 43.84 -58.02
CA LEU D 1450 12.52 42.68 -57.48
C LEU D 1450 12.30 42.84 -55.98
N LEU D 1451 13.32 43.34 -55.28
CA LEU D 1451 13.18 43.53 -53.84
C LEU D 1451 12.16 44.61 -53.52
N GLU D 1452 12.16 45.71 -54.27
CA GLU D 1452 11.21 46.77 -54.01
C GLU D 1452 9.78 46.31 -54.29
N ALA D 1453 9.62 45.53 -55.36
CA ALA D 1453 8.32 44.96 -55.67
C ALA D 1453 7.82 44.08 -54.54
N MET D 1454 8.69 43.21 -54.04
CA MET D 1454 8.30 42.32 -52.96
C MET D 1454 7.95 43.10 -51.70
N ASP D 1455 8.68 44.18 -51.44
CA ASP D 1455 8.44 44.92 -50.20
C ASP D 1455 7.11 45.65 -50.25
N GLU D 1456 6.85 46.35 -51.35
CA GLU D 1456 5.57 47.05 -51.48
C GLU D 1456 4.42 46.07 -51.47
N LEU D 1457 4.60 44.94 -52.13
CA LEU D 1457 3.54 43.95 -52.14
C LEU D 1457 3.35 43.35 -50.77
N GLU D 1458 4.41 43.20 -49.99
CA GLU D 1458 4.29 42.68 -48.64
C GLU D 1458 3.40 43.59 -47.80
N VAL D 1459 3.70 44.89 -47.85
CA VAL D 1459 2.92 45.86 -47.11
C VAL D 1459 1.45 45.78 -47.52
N ALA D 1460 1.19 45.84 -48.82
CA ALA D 1460 -0.21 45.88 -49.25
C ALA D 1460 -0.89 44.54 -49.05
N PHE D 1461 -0.11 43.46 -49.01
CA PHE D 1461 -0.67 42.13 -48.85
C PHE D 1461 -1.15 41.93 -47.43
N ASN D 1462 -0.41 42.46 -46.47
CA ASN D 1462 -0.83 42.35 -45.08
C ASN D 1462 -1.89 43.37 -44.69
N ASN D 1463 -2.10 44.42 -45.48
CA ASN D 1463 -3.09 45.43 -45.13
C ASN D 1463 -4.52 45.02 -45.41
N THR D 1464 -4.74 43.93 -46.13
CA THR D 1464 -6.09 43.51 -46.51
C THR D 1464 -6.24 42.02 -46.27
N ASN D 1465 -7.49 41.57 -46.34
CA ASN D 1465 -7.83 40.15 -46.23
C ASN D 1465 -8.84 39.81 -47.32
N VAL D 1466 -8.30 39.43 -48.47
CA VAL D 1466 -9.06 38.87 -49.58
C VAL D 1466 -8.53 37.53 -50.03
N ARG D 1467 -7.38 37.11 -49.50
CA ARG D 1467 -6.80 35.79 -49.77
C ARG D 1467 -6.53 35.59 -51.25
N THR D 1468 -5.58 36.38 -51.74
CA THR D 1468 -5.16 36.27 -53.12
C THR D 1468 -4.34 35.01 -53.34
N ASP D 1469 -4.32 34.58 -54.60
CA ASP D 1469 -3.64 33.34 -54.99
C ASP D 1469 -2.48 33.59 -55.94
N CYS D 1470 -2.71 34.21 -57.08
CA CYS D 1470 -1.75 34.26 -58.17
C CYS D 1470 -1.33 35.70 -58.41
N ASN D 1471 -0.36 36.16 -57.65
CA ASN D 1471 0.13 37.51 -57.77
C ASN D 1471 1.18 37.60 -58.87
N HIS D 1472 1.21 38.76 -59.52
CA HIS D 1472 1.97 38.99 -60.74
C HIS D 1472 2.81 40.24 -60.60
N ILE D 1473 4.02 40.19 -61.14
CA ILE D 1473 4.93 41.31 -61.20
C ILE D 1473 5.28 41.56 -62.65
N PHE D 1474 5.20 42.82 -63.08
CA PHE D 1474 5.59 43.22 -64.43
C PHE D 1474 6.57 44.37 -64.31
N LEU D 1475 7.72 44.22 -64.95
CA LEU D 1475 8.79 45.23 -64.94
C LEU D 1475 9.08 45.62 -66.37
N ASN D 1476 8.66 46.82 -66.74
CA ASN D 1476 8.89 47.38 -68.06
C ASN D 1476 10.12 48.28 -67.99
N PHE D 1477 11.18 47.90 -68.69
CA PHE D 1477 12.40 48.68 -68.73
C PHE D 1477 12.41 49.52 -69.98
N VAL D 1478 12.48 50.84 -69.79
CA VAL D 1478 12.55 51.81 -70.87
C VAL D 1478 13.84 51.66 -71.67
N PRO D 1479 15.03 51.65 -71.05
CA PRO D 1479 16.24 51.70 -71.86
C PRO D 1479 16.47 50.42 -72.64
N THR D 1480 17.14 50.59 -73.75
CA THR D 1480 17.60 49.48 -74.55
C THR D 1480 19.01 49.08 -74.11
N VAL D 1481 19.25 47.78 -74.08
CA VAL D 1481 20.53 47.21 -73.66
C VAL D 1481 21.00 46.26 -74.75
N ILE D 1482 22.30 46.24 -74.98
CA ILE D 1482 22.91 45.28 -75.89
C ILE D 1482 23.36 44.12 -75.03
N MET D 1483 22.72 42.97 -75.22
CA MET D 1483 23.07 41.79 -74.46
C MET D 1483 22.49 40.58 -75.20
N ASP D 1484 23.17 39.46 -75.06
CA ASP D 1484 22.64 38.22 -75.60
C ASP D 1484 21.47 37.79 -74.73
N PRO D 1485 20.31 37.43 -75.31
CA PRO D 1485 19.15 37.06 -74.46
C PRO D 1485 19.42 35.93 -73.49
N SER D 1486 20.28 34.99 -73.83
CA SER D 1486 20.59 33.88 -72.94
C SER D 1486 21.22 34.36 -71.64
N LYS D 1487 22.04 35.40 -71.73
CA LYS D 1487 22.66 35.95 -70.53
C LYS D 1487 21.64 36.62 -69.63
N ILE D 1488 20.67 37.31 -70.22
CA ILE D 1488 19.57 37.88 -69.45
C ILE D 1488 18.80 36.76 -68.76
N GLU D 1489 18.60 35.65 -69.47
CA GLU D 1489 17.91 34.51 -68.87
C GLU D 1489 18.65 34.01 -67.64
N GLU D 1490 19.97 33.87 -67.75
CA GLU D 1490 20.78 33.40 -66.62
C GLU D 1490 20.67 34.36 -65.44
N SER D 1491 20.80 35.66 -65.70
CA SER D 1491 20.72 36.66 -64.64
C SER D 1491 19.39 36.58 -63.91
N VAL D 1492 18.29 36.60 -64.66
CA VAL D 1492 16.96 36.57 -64.05
C VAL D 1492 16.76 35.27 -63.30
N ARG D 1493 17.24 34.16 -63.85
CA ARG D 1493 17.11 32.87 -63.20
C ARG D 1493 17.74 32.89 -61.82
N SER D 1494 18.98 33.35 -61.73
CA SER D 1494 19.66 33.37 -60.44
C SER D 1494 18.93 34.29 -59.46
N MET D 1495 18.57 35.49 -59.91
CA MET D 1495 17.97 36.45 -59.01
C MET D 1495 16.64 35.94 -58.47
N VAL D 1496 15.87 35.26 -59.32
CA VAL D 1496 14.59 34.72 -58.87
C VAL D 1496 14.81 33.57 -57.91
N MET D 1497 15.79 32.71 -58.19
CA MET D 1497 15.97 31.51 -57.37
C MET D 1497 16.43 31.87 -55.97
N ARG D 1498 17.33 32.84 -55.85
CA ARG D 1498 17.84 33.16 -54.52
C ARG D 1498 16.76 33.75 -53.62
N TYR D 1499 15.84 34.52 -54.20
CA TYR D 1499 14.72 35.11 -53.48
C TYR D 1499 13.43 34.34 -53.71
N GLY D 1500 13.52 33.08 -54.12
CA GLY D 1500 12.33 32.31 -54.42
C GLY D 1500 11.47 32.04 -53.19
N SER D 1501 12.09 31.97 -52.03
CA SER D 1501 11.34 31.70 -50.81
C SER D 1501 10.39 32.84 -50.49
N ARG D 1502 10.86 34.08 -50.62
CA ARG D 1502 10.01 35.23 -50.35
C ARG D 1502 8.88 35.32 -51.35
N LEU D 1503 9.19 35.08 -52.62
CA LEU D 1503 8.15 35.12 -53.65
C LEU D 1503 7.11 34.06 -53.41
N TRP D 1504 7.53 32.91 -52.88
CA TRP D 1504 6.60 31.86 -52.53
C TRP D 1504 5.68 32.31 -51.41
N LYS D 1505 6.26 32.93 -50.38
CA LYS D 1505 5.45 33.37 -49.24
C LYS D 1505 4.46 34.44 -49.65
N LEU D 1506 4.82 35.27 -50.63
CA LEU D 1506 3.93 36.30 -51.12
C LEU D 1506 3.03 35.85 -52.26
N ARG D 1507 3.09 34.57 -52.62
CA ARG D 1507 2.18 33.99 -53.61
C ARG D 1507 2.35 34.66 -54.97
N VAL D 1508 3.59 34.99 -55.31
CA VAL D 1508 3.92 35.52 -56.62
C VAL D 1508 4.23 34.34 -57.51
N LEU D 1509 3.34 34.09 -58.47
CA LEU D 1509 3.46 32.91 -59.32
C LEU D 1509 3.86 33.22 -60.75
N GLN D 1510 3.53 34.40 -61.24
CA GLN D 1510 3.83 34.80 -62.59
C GLN D 1510 4.66 36.05 -62.56
N ALA D 1511 5.52 36.21 -63.56
CA ALA D 1511 6.31 37.43 -63.68
C ALA D 1511 6.63 37.67 -65.14
N GLU D 1512 6.64 38.94 -65.53
CA GLU D 1512 6.98 39.31 -66.89
C GLU D 1512 7.97 40.45 -66.89
N LEU D 1513 8.93 40.38 -67.80
CA LEU D 1513 9.92 41.43 -67.96
C LEU D 1513 10.00 41.78 -69.43
N LYS D 1514 9.88 43.07 -69.72
CA LYS D 1514 10.02 43.61 -71.06
C LYS D 1514 11.33 44.34 -71.16
N ILE D 1515 12.13 44.02 -72.18
CA ILE D 1515 13.38 44.73 -72.40
C ILE D 1515 13.71 44.70 -73.87
N ASN D 1516 14.32 45.77 -74.36
CA ASN D 1516 14.73 45.87 -75.75
C ASN D 1516 16.19 45.47 -75.89
N ILE D 1517 16.49 44.76 -76.97
CA ILE D 1517 17.84 44.34 -77.33
C ILE D 1517 18.34 45.29 -78.39
N ARG D 1518 19.47 45.93 -78.12
CA ARG D 1518 20.27 46.74 -79.05
C ARG D 1518 19.67 48.09 -79.42
N ALA D 1525 16.29 48.20 -82.56
CA ALA D 1525 16.17 47.42 -81.34
C ALA D 1525 14.98 46.49 -81.42
N ILE D 1526 15.13 45.26 -80.94
CA ILE D 1526 14.08 44.25 -80.98
C ILE D 1526 13.59 44.03 -79.55
N PRO D 1527 12.29 44.11 -79.27
CA PRO D 1527 11.82 43.80 -77.92
C PRO D 1527 11.83 42.32 -77.65
N ILE D 1528 12.13 41.97 -76.41
CA ILE D 1528 11.99 40.62 -75.91
C ILE D 1528 11.18 40.65 -74.63
N ARG D 1529 10.42 39.59 -74.42
CA ARG D 1529 9.54 39.45 -73.26
C ARG D 1529 9.81 38.13 -72.56
N LEU D 1530 10.25 38.22 -71.32
CA LEU D 1530 10.56 37.08 -70.49
C LEU D 1530 9.33 36.77 -69.65
N PHE D 1531 8.93 35.51 -69.66
CA PHE D 1531 7.74 35.05 -68.96
C PHE D 1531 8.17 33.96 -67.98
N LEU D 1532 7.90 34.18 -66.70
CA LEU D 1532 8.32 33.27 -65.66
C LEU D 1532 7.12 32.73 -64.91
N THR D 1533 7.12 31.42 -64.73
CA THR D 1533 6.14 30.71 -63.91
C THR D 1533 6.90 30.07 -62.77
N ASN D 1534 6.48 30.37 -61.55
CA ASN D 1534 7.11 29.86 -60.33
C ASN D 1534 6.00 29.35 -59.43
N GLU D 1535 5.61 28.12 -59.67
CA GLU D 1535 4.67 27.37 -58.85
C GLU D 1535 5.51 26.68 -57.78
N SER D 1536 5.06 25.51 -57.32
CA SER D 1536 5.69 24.72 -56.27
C SER D 1536 7.20 24.87 -56.21
N GLY D 1537 7.71 25.16 -55.01
CA GLY D 1537 9.06 25.63 -54.82
C GLY D 1537 10.13 24.59 -54.99
N TYR D 1538 10.21 24.01 -56.18
CA TYR D 1538 11.36 23.20 -56.57
C TYR D 1538 11.80 23.51 -57.99
N TYR D 1539 10.91 24.08 -58.81
CA TYR D 1539 11.15 24.25 -60.23
C TYR D 1539 10.70 25.63 -60.66
N LEU D 1540 11.56 26.31 -61.41
CA LEU D 1540 11.28 27.63 -61.97
C LEU D 1540 11.30 27.51 -63.48
N ASP D 1541 10.22 27.94 -64.12
CA ASP D 1541 10.09 27.87 -65.56
C ASP D 1541 10.26 29.25 -66.15
N ILE D 1542 11.19 29.36 -67.10
CA ILE D 1542 11.49 30.60 -67.79
C ILE D 1542 11.25 30.35 -69.26
N SER D 1543 10.43 31.18 -69.87
CA SER D 1543 10.23 31.21 -71.31
C SER D 1543 10.60 32.59 -71.82
N LEU D 1544 10.86 32.63 -73.13
CA LEU D 1544 11.32 33.83 -73.79
C LEU D 1544 10.63 33.92 -75.14
N TYR D 1545 10.09 35.10 -75.45
CA TYR D 1545 9.44 35.31 -76.73
C TYR D 1545 9.84 36.66 -77.30
N LYS D 1546 9.84 36.74 -78.63
CA LYS D 1546 9.97 37.98 -79.35
C LYS D 1546 8.59 38.42 -79.84
N GLU D 1547 8.39 39.72 -79.87
CA GLU D 1547 7.19 40.29 -80.47
C GLU D 1547 7.42 40.43 -81.96
N VAL D 1548 6.57 39.79 -82.76
CA VAL D 1548 6.69 39.80 -84.21
C VAL D 1548 5.43 40.43 -84.77
N THR D 1549 5.64 41.41 -85.65
CA THR D 1549 4.60 42.19 -86.30
C THR D 1549 4.27 41.68 -87.69
N ASP D 1550 4.98 40.66 -88.19
CA ASP D 1550 4.74 40.13 -89.53
C ASP D 1550 3.44 39.33 -89.49
N SER D 1551 2.34 40.06 -89.59
CA SER D 1551 1.00 39.49 -89.62
C SER D 1551 0.25 40.13 -90.78
N ARG D 1552 -0.95 39.63 -91.01
CA ARG D 1552 -1.80 40.19 -92.07
C ARG D 1552 -2.57 41.41 -91.61
N THR D 1553 -2.87 41.51 -90.33
CA THR D 1553 -3.62 42.61 -89.74
C THR D 1553 -2.67 43.46 -88.90
N ALA D 1554 -3.23 44.45 -88.20
CA ALA D 1554 -2.48 45.28 -87.28
C ALA D 1554 -2.22 44.60 -85.94
N GLN D 1555 -2.59 43.33 -85.77
CA GLN D 1555 -2.32 42.61 -84.54
C GLN D 1555 -0.90 42.07 -84.54
N ILE D 1556 -0.30 42.05 -83.35
CA ILE D 1556 1.06 41.59 -83.13
C ILE D 1556 1.00 40.32 -82.31
N MET D 1557 1.94 39.40 -82.54
CA MET D 1557 1.91 38.12 -81.85
C MET D 1557 3.31 37.72 -81.42
N PHE D 1558 3.37 36.78 -80.48
CA PHE D 1558 4.64 36.27 -80.01
C PHE D 1558 5.14 35.17 -80.92
N GLN D 1559 6.46 35.17 -81.10
CA GLN D 1559 7.16 34.08 -81.75
C GLN D 1559 8.34 33.73 -80.86
N ALA D 1560 8.48 32.45 -80.56
CA ALA D 1560 9.53 31.95 -79.70
C ALA D 1560 10.75 31.65 -80.57
N TYR D 1561 11.71 30.93 -80.01
CA TYR D 1561 12.98 30.66 -80.65
C TYR D 1561 13.06 29.23 -81.17
N GLY D 1562 11.93 28.57 -81.40
CA GLY D 1562 11.91 27.22 -81.92
C GLY D 1562 12.11 26.17 -80.84
N ASP D 1563 13.21 26.29 -80.10
CA ASP D 1563 13.50 25.38 -79.01
C ASP D 1563 12.60 25.75 -77.83
N LYS D 1564 11.67 24.86 -77.49
CA LYS D 1564 10.72 25.09 -76.40
C LYS D 1564 9.88 26.34 -76.70
N GLN D 1565 9.05 26.20 -77.73
CA GLN D 1565 8.22 27.31 -78.17
C GLN D 1565 7.33 27.82 -77.04
N GLY D 1566 6.67 26.91 -76.33
CA GLY D 1566 5.91 27.27 -75.16
C GLY D 1566 4.47 27.65 -75.45
N PRO D 1567 3.68 27.86 -74.39
CA PRO D 1567 2.23 28.08 -74.59
C PRO D 1567 1.86 29.35 -75.33
N LEU D 1568 2.71 30.38 -75.29
CA LEU D 1568 2.37 31.67 -75.88
C LEU D 1568 2.84 31.82 -77.31
N HIS D 1569 3.33 30.74 -77.92
CA HIS D 1569 3.80 30.79 -79.29
C HIS D 1569 2.63 31.08 -80.21
N GLY D 1570 2.79 32.10 -81.06
CA GLY D 1570 1.72 32.48 -81.96
C GLY D 1570 0.52 33.10 -81.29
N MET D 1571 0.62 33.45 -80.01
CA MET D 1571 -0.46 34.06 -79.27
C MET D 1571 -0.35 35.57 -79.35
N LEU D 1572 -1.50 36.25 -79.32
CA LEU D 1572 -1.51 37.70 -79.40
C LEU D 1572 -0.89 38.30 -78.15
N ILE D 1573 -0.14 39.38 -78.34
CA ILE D 1573 0.53 40.02 -77.22
C ILE D 1573 -0.44 40.69 -76.25
N ASN D 1574 -1.67 40.94 -76.68
CA ASN D 1574 -2.69 41.58 -75.87
C ASN D 1574 -3.63 40.57 -75.22
N THR D 1575 -3.21 39.32 -75.08
CA THR D 1575 -4.08 38.33 -74.45
C THR D 1575 -4.34 38.74 -73.00
N PRO D 1576 -5.59 38.85 -72.56
CA PRO D 1576 -5.83 39.25 -71.17
C PRO D 1576 -5.46 38.15 -70.19
N TYR D 1577 -5.39 38.55 -68.93
CA TYR D 1577 -5.17 37.60 -67.86
C TYR D 1577 -6.45 36.87 -67.54
N VAL D 1578 -6.34 35.55 -67.40
CA VAL D 1578 -7.46 34.67 -67.15
C VAL D 1578 -7.78 34.63 -65.65
N THR D 1579 -8.87 33.96 -65.37
CA THR D 1579 -9.44 33.82 -64.03
C THR D 1579 -9.48 32.35 -63.66
N LYS D 1580 -8.68 31.92 -62.67
CA LYS D 1580 -8.12 30.58 -62.47
C LYS D 1580 -8.74 29.38 -63.22
N ASP D 1581 -8.14 28.20 -63.09
CA ASP D 1581 -8.44 27.12 -64.01
C ASP D 1581 -8.83 25.84 -63.28
N LEU D 1582 -8.87 24.74 -64.03
CA LEU D 1582 -9.18 23.44 -63.47
C LEU D 1582 -8.31 23.14 -62.24
N LEU D 1583 -6.99 23.19 -62.42
CA LEU D 1583 -6.09 22.78 -61.35
C LEU D 1583 -6.10 23.76 -60.20
N GLN D 1584 -6.04 25.05 -60.48
CA GLN D 1584 -6.13 26.04 -59.44
C GLN D 1584 -7.48 25.97 -58.75
N SER D 1585 -7.50 26.49 -57.53
CA SER D 1585 -8.60 26.45 -56.56
C SER D 1585 -8.72 25.07 -55.91
N LYS D 1586 -7.96 24.09 -56.39
CA LYS D 1586 -7.70 22.85 -55.71
C LYS D 1586 -6.25 22.74 -55.31
N ARG D 1587 -5.36 23.16 -56.22
CA ARG D 1587 -3.96 23.32 -55.88
C ARG D 1587 -3.78 24.34 -54.77
N PHE D 1588 -4.57 25.40 -54.83
CA PHE D 1588 -4.44 26.47 -53.86
C PHE D 1588 -4.86 26.00 -52.47
N GLN D 1589 -5.93 25.22 -52.39
CA GLN D 1589 -6.38 24.69 -51.11
C GLN D 1589 -5.33 23.79 -50.50
N ALA D 1590 -4.78 22.89 -51.31
CA ALA D 1590 -3.78 21.96 -50.83
C ALA D 1590 -2.55 22.69 -50.32
N GLN D 1591 -2.09 23.69 -51.06
CA GLN D 1591 -0.95 24.47 -50.59
C GLN D 1591 -1.31 25.29 -49.36
N SER D 1592 -2.57 25.69 -49.24
CA SER D 1592 -3.02 26.40 -48.06
C SER D 1592 -3.04 25.53 -46.82
N LEU D 1593 -3.04 24.21 -46.99
CA LEU D 1593 -2.89 23.29 -45.87
C LEU D 1593 -1.46 22.86 -45.61
N GLY D 1594 -0.49 23.43 -46.32
CA GLY D 1594 0.90 23.05 -46.09
C GLY D 1594 1.30 21.76 -46.72
N THR D 1595 0.65 21.36 -47.81
CA THR D 1595 0.97 20.14 -48.51
C THR D 1595 0.85 20.39 -49.99
N THR D 1596 1.54 19.56 -50.76
CA THR D 1596 1.53 19.67 -52.19
C THR D 1596 0.28 19.03 -52.76
N TYR D 1597 -0.21 19.60 -53.85
CA TYR D 1597 -1.33 19.01 -54.56
C TYR D 1597 -0.88 17.74 -55.23
N ILE D 1598 -1.81 16.79 -55.30
CA ILE D 1598 -1.47 15.42 -55.65
C ILE D 1598 -0.92 15.35 -57.07
N TYR D 1599 -1.54 16.07 -58.00
CA TYR D 1599 -1.14 15.99 -59.40
C TYR D 1599 0.13 16.76 -59.70
N ASP D 1600 0.77 17.34 -58.69
CA ASP D 1600 2.11 17.87 -58.82
C ASP D 1600 3.18 16.85 -58.44
N ILE D 1601 2.77 15.67 -57.96
CA ILE D 1601 3.76 14.70 -57.51
C ILE D 1601 4.63 14.16 -58.64
N PRO D 1602 4.09 13.78 -59.80
CA PRO D 1602 4.95 13.27 -60.87
C PRO D 1602 6.08 14.20 -61.25
N GLU D 1603 5.77 15.48 -61.44
CA GLU D 1603 6.79 16.47 -61.76
C GLU D 1603 7.92 16.46 -60.74
N MET D 1604 7.57 16.45 -59.45
CA MET D 1604 8.59 16.40 -58.41
C MET D 1604 9.56 15.26 -58.65
N PHE D 1605 9.02 14.08 -58.96
CA PHE D 1605 9.87 12.92 -59.19
C PHE D 1605 10.90 13.22 -60.25
N ARG D 1606 10.43 13.77 -61.37
CA ARG D 1606 11.32 14.09 -62.47
C ARG D 1606 12.45 14.99 -62.00
N GLN D 1607 12.09 16.07 -61.32
CA GLN D 1607 13.11 17.02 -60.93
C GLN D 1607 14.03 16.38 -59.89
N SER D 1608 13.47 15.58 -59.01
CA SER D 1608 14.31 14.93 -58.01
C SER D 1608 15.30 13.99 -58.68
N LEU D 1609 14.85 13.31 -59.75
CA LEU D 1609 15.75 12.39 -60.42
C LEU D 1609 16.95 13.14 -60.98
N ILE D 1610 16.72 14.36 -61.47
CA ILE D 1610 17.83 15.14 -61.97
C ILE D 1610 18.84 15.33 -60.87
N LYS D 1611 18.36 15.78 -59.71
CA LYS D 1611 19.24 15.95 -58.56
C LYS D 1611 19.95 14.66 -58.21
N LEU D 1612 19.24 13.53 -58.31
CA LEU D 1612 19.86 12.25 -58.01
C LEU D 1612 21.03 11.99 -58.93
N TRP D 1613 20.82 12.17 -60.25
CA TRP D 1613 21.89 11.93 -61.19
C TRP D 1613 23.08 12.85 -60.93
N GLU D 1614 22.82 14.02 -60.35
CA GLU D 1614 23.93 14.89 -59.99
C GLU D 1614 24.60 14.38 -58.73
N SER D 1615 23.78 14.04 -57.72
CA SER D 1615 24.33 13.72 -56.41
C SER D 1615 25.23 12.50 -56.46
N MET D 1616 24.81 11.48 -57.20
CA MET D 1616 25.59 10.26 -57.31
C MET D 1616 26.74 10.37 -58.29
N SER D 1617 26.96 11.53 -58.91
CA SER D 1617 28.07 11.62 -59.85
C SER D 1617 29.41 11.61 -59.16
N THR D 1618 29.47 11.89 -57.86
CA THR D 1618 30.69 11.83 -57.09
C THR D 1618 30.97 10.46 -56.50
N GLN D 1619 30.06 9.50 -56.66
CA GLN D 1619 30.20 8.18 -56.07
C GLN D 1619 30.51 7.10 -57.09
N ALA D 1620 30.04 7.25 -58.32
CA ALA D 1620 30.16 6.20 -59.30
C ALA D 1620 30.35 6.78 -60.69
N PHE D 1621 30.91 5.95 -61.56
CA PHE D 1621 31.14 6.29 -62.97
C PHE D 1621 29.86 6.05 -63.74
N LEU D 1622 29.12 7.10 -63.96
CA LEU D 1622 27.80 7.01 -64.55
C LEU D 1622 27.83 7.40 -66.02
N PRO D 1623 26.94 6.85 -66.85
CA PRO D 1623 26.84 7.33 -68.22
C PRO D 1623 26.23 8.71 -68.27
N SER D 1624 26.24 9.29 -69.47
CA SER D 1624 25.64 10.60 -69.65
C SER D 1624 24.16 10.53 -69.36
N PRO D 1625 23.60 11.42 -68.53
CA PRO D 1625 22.19 11.32 -68.22
C PRO D 1625 21.34 11.67 -69.44
N PRO D 1626 20.19 11.04 -69.61
CA PRO D 1626 19.30 11.41 -70.70
C PRO D 1626 18.67 12.77 -70.42
N LEU D 1627 17.98 13.28 -71.43
CA LEU D 1627 17.30 14.55 -71.25
C LEU D 1627 16.12 14.35 -70.30
N PRO D 1628 15.69 15.42 -69.61
CA PRO D 1628 14.58 15.25 -68.66
C PRO D 1628 13.31 14.68 -69.26
N SER D 1629 13.07 14.90 -70.54
CA SER D 1629 11.85 14.40 -71.15
C SER D 1629 11.83 12.88 -71.25
N ASP D 1630 12.99 12.23 -71.12
CA ASP D 1630 13.11 10.79 -71.22
C ASP D 1630 13.40 10.13 -69.87
N MET D 1631 13.41 10.90 -68.78
CA MET D 1631 13.77 10.35 -67.49
C MET D 1631 12.60 9.73 -66.76
N LEU D 1632 11.38 10.13 -67.07
CA LEU D 1632 10.21 9.62 -66.39
C LEU D 1632 9.01 9.66 -67.32
N THR D 1633 8.29 8.56 -67.40
CA THR D 1633 7.00 8.51 -68.06
C THR D 1633 6.04 7.73 -67.20
N TYR D 1634 4.80 8.19 -67.13
CA TYR D 1634 3.83 7.61 -66.23
C TYR D 1634 2.47 7.49 -66.91
N THR D 1635 1.67 6.58 -66.39
CA THR D 1635 0.27 6.46 -66.78
C THR D 1635 -0.59 6.39 -65.54
N GLU D 1636 -1.73 7.06 -65.58
CA GLU D 1636 -2.59 7.10 -64.42
C GLU D 1636 -3.43 5.83 -64.37
N LEU D 1637 -3.64 5.34 -63.17
CA LEU D 1637 -4.42 4.15 -62.92
C LEU D 1637 -5.78 4.59 -62.40
N VAL D 1638 -6.83 4.21 -63.10
CA VAL D 1638 -8.18 4.58 -62.72
C VAL D 1638 -9.01 3.32 -62.62
N LEU D 1639 -10.16 3.44 -61.99
CA LEU D 1639 -11.09 2.34 -61.88
C LEU D 1639 -12.13 2.42 -62.99
N ASP D 1640 -12.48 1.27 -63.52
CA ASP D 1640 -13.56 1.16 -64.49
C ASP D 1640 -14.87 1.02 -63.73
N ASP D 1641 -15.94 0.70 -64.45
CA ASP D 1641 -17.24 0.52 -63.82
C ASP D 1641 -17.35 -0.80 -63.07
N GLN D 1642 -16.42 -1.74 -63.28
CA GLN D 1642 -16.44 -3.03 -62.61
C GLN D 1642 -15.57 -3.08 -61.37
N GLY D 1643 -14.61 -2.17 -61.23
CA GLY D 1643 -13.66 -2.19 -60.14
C GLY D 1643 -12.26 -2.58 -60.52
N GLN D 1644 -11.96 -2.71 -61.81
CA GLN D 1644 -10.64 -3.09 -62.29
C GLN D 1644 -9.87 -1.86 -62.73
N LEU D 1645 -8.56 -2.04 -62.84
CA LEU D 1645 -7.70 -0.93 -63.20
C LEU D 1645 -7.68 -0.72 -64.71
N VAL D 1646 -7.60 0.54 -65.09
CA VAL D 1646 -7.42 0.96 -66.46
C VAL D 1646 -6.24 1.91 -66.49
N HIS D 1647 -5.32 1.63 -67.42
CA HIS D 1647 -4.22 2.54 -67.72
C HIS D 1647 -4.76 3.63 -68.63
N MET D 1648 -4.74 4.86 -68.13
CA MET D 1648 -5.34 5.97 -68.83
C MET D 1648 -4.35 7.13 -68.87
N ASN D 1649 -4.39 7.85 -69.97
CA ASN D 1649 -3.66 9.09 -70.16
C ASN D 1649 -4.70 10.19 -70.29
N ARG D 1650 -4.73 11.10 -69.33
CA ARG D 1650 -5.70 12.18 -69.34
C ARG D 1650 -5.06 13.39 -68.70
N LEU D 1651 -5.81 14.47 -68.67
CA LEU D 1651 -5.30 15.69 -68.09
C LEU D 1651 -5.39 15.61 -66.57
N PRO D 1652 -4.49 16.29 -65.86
CA PRO D 1652 -4.55 16.26 -64.41
C PRO D 1652 -5.78 16.98 -63.88
N GLY D 1653 -6.17 16.59 -62.68
CA GLY D 1653 -7.30 17.20 -62.01
C GLY D 1653 -8.64 16.61 -62.36
N GLY D 1654 -8.68 15.45 -63.00
CA GLY D 1654 -9.92 14.84 -63.42
C GLY D 1654 -10.38 13.71 -62.53
N ASN D 1655 -9.84 13.63 -61.32
CA ASN D 1655 -10.24 12.58 -60.40
C ASN D 1655 -11.62 12.86 -59.82
N GLU D 1656 -12.45 11.83 -59.80
CA GLU D 1656 -13.76 11.88 -59.16
C GLU D 1656 -13.76 11.32 -57.74
N ILE D 1657 -12.65 10.72 -57.31
CA ILE D 1657 -12.50 10.18 -55.97
C ILE D 1657 -11.26 10.79 -55.34
N GLY D 1658 -11.10 10.52 -54.05
CA GLY D 1658 -10.04 11.11 -53.28
C GLY D 1658 -8.70 10.44 -53.35
N MET D 1659 -8.57 9.44 -54.21
CA MET D 1659 -7.36 8.63 -54.32
C MET D 1659 -6.91 8.65 -55.76
N VAL D 1660 -5.61 8.75 -55.96
CA VAL D 1660 -5.03 8.75 -57.28
C VAL D 1660 -3.80 7.85 -57.24
N ALA D 1661 -3.51 7.22 -58.36
CA ALA D 1661 -2.37 6.36 -58.46
C ALA D 1661 -1.80 6.39 -59.86
N TRP D 1662 -0.52 6.11 -59.93
CA TRP D 1662 0.22 6.08 -61.17
C TRP D 1662 1.14 4.88 -61.21
N LYS D 1663 1.37 4.40 -62.41
CA LYS D 1663 2.51 3.54 -62.68
C LYS D 1663 3.55 4.39 -63.37
N MET D 1664 4.72 4.49 -62.76
CA MET D 1664 5.82 5.31 -63.23
C MET D 1664 6.97 4.44 -63.65
N THR D 1665 7.54 4.77 -64.80
CA THR D 1665 8.76 4.16 -65.29
C THR D 1665 9.81 5.26 -65.39
N PHE D 1666 10.97 5.02 -64.80
CA PHE D 1666 12.01 6.03 -64.80
C PHE D 1666 13.39 5.40 -64.85
N LYS D 1667 14.33 6.20 -65.33
CA LYS D 1667 15.73 5.81 -65.46
C LYS D 1667 16.54 6.41 -64.34
N SER D 1668 17.25 5.57 -63.61
CA SER D 1668 18.08 5.97 -62.49
C SER D 1668 19.53 5.60 -62.77
N PRO D 1669 20.48 6.15 -62.01
CA PRO D 1669 21.89 5.84 -62.26
C PRO D 1669 22.24 4.37 -62.16
N GLU D 1670 21.64 3.69 -61.21
CA GLU D 1670 21.83 2.26 -61.03
C GLU D 1670 21.07 1.43 -62.06
N TYR D 1671 19.93 1.92 -62.56
CA TYR D 1671 19.13 1.23 -63.57
C TYR D 1671 18.79 2.22 -64.67
N PRO D 1672 19.73 2.48 -65.57
CA PRO D 1672 19.50 3.46 -66.63
C PRO D 1672 18.72 2.92 -67.83
N GLU D 1673 18.06 1.79 -67.66
CA GLU D 1673 17.18 1.22 -68.67
C GLU D 1673 15.71 1.30 -68.31
N GLY D 1674 15.37 1.71 -67.10
CA GLY D 1674 14.00 1.86 -66.68
C GLY D 1674 13.64 0.89 -65.57
N ARG D 1675 13.16 1.44 -64.48
CA ARG D 1675 12.55 0.67 -63.42
C ARG D 1675 11.16 1.23 -63.15
N ASP D 1676 10.30 0.37 -62.64
CA ASP D 1676 8.90 0.66 -62.43
C ASP D 1676 8.61 0.84 -60.96
N ILE D 1677 7.69 1.74 -60.65
CA ILE D 1677 7.10 1.85 -59.33
C ILE D 1677 5.62 2.15 -59.47
N ILE D 1678 4.90 1.90 -58.39
CA ILE D 1678 3.50 2.28 -58.24
C ILE D 1678 3.44 3.34 -57.17
N VAL D 1679 2.80 4.45 -57.49
CA VAL D 1679 2.64 5.57 -56.57
C VAL D 1679 1.16 5.69 -56.28
N ILE D 1680 0.84 5.83 -55.00
CA ILE D 1680 -0.54 5.99 -54.55
C ILE D 1680 -0.55 7.19 -53.63
N GLY D 1681 -1.57 8.04 -53.78
CA GLY D 1681 -1.68 9.22 -52.96
C GLY D 1681 -3.11 9.65 -52.74
N ASN D 1682 -3.28 10.28 -51.58
CA ASN D 1682 -4.53 10.90 -51.18
C ASN D 1682 -4.63 12.32 -51.73
N ASP D 1683 -5.84 12.68 -52.13
CA ASP D 1683 -6.18 14.05 -52.51
C ASP D 1683 -6.81 14.71 -51.30
N ILE D 1684 -6.05 15.61 -50.68
CA ILE D 1684 -6.49 16.23 -49.43
C ILE D 1684 -7.71 17.11 -49.64
N THR D 1685 -7.92 17.61 -50.85
CA THR D 1685 -8.99 18.56 -51.14
C THR D 1685 -10.31 17.91 -51.47
N TYR D 1686 -10.36 16.60 -51.65
CA TYR D 1686 -11.58 15.91 -52.03
C TYR D 1686 -12.26 15.40 -50.78
N ARG D 1687 -13.28 16.09 -50.33
CA ARG D 1687 -14.08 15.66 -49.18
C ARG D 1687 -13.18 15.40 -47.98
N ILE D 1688 -12.67 16.47 -47.39
CA ILE D 1688 -11.38 16.61 -46.73
C ILE D 1688 -10.82 15.25 -46.32
N GLY D 1689 -9.66 14.89 -46.87
CA GLY D 1689 -9.06 13.56 -46.69
C GLY D 1689 -10.01 12.41 -47.00
N SER D 1690 -10.29 11.58 -45.98
CA SER D 1690 -11.47 10.71 -45.94
C SER D 1690 -11.55 9.52 -46.91
N PHE D 1691 -10.91 8.41 -46.58
CA PHE D 1691 -11.10 7.14 -47.25
C PHE D 1691 -12.58 6.79 -47.38
N GLY D 1692 -13.04 6.61 -48.60
CA GLY D 1692 -14.32 6.00 -48.88
C GLY D 1692 -14.14 4.61 -49.42
N PRO D 1693 -15.24 3.97 -49.85
CA PRO D 1693 -15.11 2.62 -50.41
C PRO D 1693 -14.36 2.60 -51.73
N GLN D 1694 -14.58 3.60 -52.58
CA GLN D 1694 -13.92 3.62 -53.88
C GLN D 1694 -12.44 3.90 -53.74
N GLU D 1695 -12.09 4.80 -52.82
CA GLU D 1695 -10.69 5.07 -52.55
C GLU D 1695 -9.99 3.83 -52.03
N ASP D 1696 -10.64 3.12 -51.12
CA ASP D 1696 -10.12 1.85 -50.62
C ASP D 1696 -9.93 0.85 -51.74
N LEU D 1697 -10.89 0.79 -52.65
CA LEU D 1697 -10.80 -0.17 -53.74
C LEU D 1697 -9.63 0.14 -54.65
N LEU D 1698 -9.42 1.43 -54.96
CA LEU D 1698 -8.31 1.77 -55.83
C LEU D 1698 -6.98 1.45 -55.18
N PHE D 1699 -6.86 1.77 -53.89
CA PHE D 1699 -5.66 1.40 -53.16
C PHE D 1699 -5.41 -0.09 -53.27
N LEU D 1700 -6.45 -0.88 -53.03
CA LEU D 1700 -6.30 -2.33 -53.05
C LEU D 1700 -5.82 -2.81 -54.40
N ARG D 1701 -6.48 -2.34 -55.47
CA ARG D 1701 -6.16 -2.84 -56.79
C ARG D 1701 -4.76 -2.43 -57.22
N ALA D 1702 -4.33 -1.23 -56.84
CA ALA D 1702 -2.98 -0.81 -57.20
C ALA D 1702 -1.94 -1.60 -56.46
N SER D 1703 -2.20 -1.88 -55.18
CA SER D 1703 -1.29 -2.72 -54.41
C SER D 1703 -1.22 -4.11 -55.00
N GLU D 1704 -2.36 -4.63 -55.46
CA GLU D 1704 -2.37 -5.93 -56.13
C GLU D 1704 -1.52 -5.91 -57.37
N LEU D 1705 -1.59 -4.83 -58.14
CA LEU D 1705 -0.75 -4.71 -59.32
C LEU D 1705 0.71 -4.76 -58.96
N ALA D 1706 1.08 -4.02 -57.91
CA ALA D 1706 2.47 -4.00 -57.48
C ALA D 1706 2.95 -5.38 -57.07
N ARG D 1707 2.13 -6.11 -56.33
CA ARG D 1707 2.52 -7.44 -55.91
C ARG D 1707 2.63 -8.38 -57.10
N ALA D 1708 1.73 -8.24 -58.05
CA ALA D 1708 1.76 -9.10 -59.22
C ALA D 1708 3.02 -8.87 -60.03
N GLU D 1709 3.44 -7.62 -60.15
CA GLU D 1709 4.67 -7.31 -60.86
C GLU D 1709 5.91 -7.39 -59.99
N GLY D 1710 5.76 -7.42 -58.68
CA GLY D 1710 6.90 -7.51 -57.81
C GLY D 1710 7.73 -6.26 -57.72
N ILE D 1711 7.10 -5.09 -57.77
CA ILE D 1711 7.79 -3.82 -57.84
C ILE D 1711 7.41 -3.01 -56.60
N PRO D 1712 8.13 -1.92 -56.32
CA PRO D 1712 7.85 -1.16 -55.12
C PRO D 1712 6.50 -0.47 -55.14
N ARG D 1713 6.02 -0.16 -53.95
CA ARG D 1713 4.81 0.59 -53.74
C ARG D 1713 5.12 1.78 -52.87
N ILE D 1714 4.82 2.96 -53.38
CA ILE D 1714 5.03 4.23 -52.70
C ILE D 1714 3.68 4.81 -52.35
N TYR D 1715 3.49 5.14 -51.08
CA TYR D 1715 2.24 5.68 -50.58
C TYR D 1715 2.47 7.06 -50.02
N VAL D 1716 1.72 8.04 -50.51
CA VAL D 1716 1.79 9.42 -50.06
C VAL D 1716 0.55 9.69 -49.23
N SER D 1717 0.74 9.90 -47.94
CA SER D 1717 -0.35 10.01 -46.99
C SER D 1717 -0.70 11.46 -46.78
N ALA D 1718 -1.94 11.81 -47.09
CA ALA D 1718 -2.53 13.07 -46.68
C ALA D 1718 -4.03 12.86 -46.56
N ASN D 1719 -4.50 12.51 -45.38
CA ASN D 1719 -5.86 12.04 -45.22
C ASN D 1719 -6.32 12.35 -43.81
N SER D 1720 -7.57 11.97 -43.55
CA SER D 1720 -8.24 12.26 -42.30
C SER D 1720 -8.90 11.02 -41.72
N GLY D 1721 -8.43 9.85 -42.12
CA GLY D 1721 -8.98 8.63 -41.60
C GLY D 1721 -10.22 8.21 -42.36
N ALA D 1722 -10.97 7.34 -41.72
CA ALA D 1722 -12.16 6.78 -42.34
C ALA D 1722 -13.23 7.84 -42.50
N ARG D 1723 -13.94 7.74 -43.61
CA ARG D 1723 -15.01 8.68 -43.90
C ARG D 1723 -16.20 8.38 -43.01
N ILE D 1724 -16.82 9.44 -42.50
CA ILE D 1724 -18.01 9.34 -41.68
C ILE D 1724 -19.07 10.23 -42.29
N GLY D 1725 -20.27 10.10 -41.76
CA GLY D 1725 -21.34 10.98 -42.20
C GLY D 1725 -22.57 10.76 -41.35
N LEU D 1726 -23.59 11.52 -41.69
CA LEU D 1726 -24.88 11.46 -41.06
C LEU D 1726 -25.96 11.51 -42.12
N ALA D 1727 -27.07 10.86 -41.84
CA ALA D 1727 -28.18 10.72 -42.78
C ALA D 1727 -29.02 11.99 -42.73
N GLU D 1728 -28.69 12.94 -43.61
CA GLU D 1728 -29.32 14.24 -43.56
C GLU D 1728 -30.77 14.20 -44.01
N GLU D 1729 -31.14 13.22 -44.83
CA GLU D 1729 -32.52 13.08 -45.27
C GLU D 1729 -33.50 12.80 -44.14
N ILE D 1730 -33.00 12.35 -42.98
CA ILE D 1730 -33.82 12.06 -41.81
C ILE D 1730 -33.69 13.20 -40.81
N ARG D 1731 -32.55 13.88 -40.84
CA ARG D 1731 -32.23 14.87 -39.83
C ARG D 1731 -33.24 16.00 -39.79
N HIS D 1732 -33.86 16.30 -40.93
CA HIS D 1732 -34.80 17.40 -41.06
C HIS D 1732 -36.25 16.94 -41.04
N MET D 1733 -36.50 15.66 -40.79
CA MET D 1733 -37.85 15.11 -40.77
C MET D 1733 -38.31 14.64 -39.41
N PHE D 1734 -37.40 14.17 -38.55
CA PHE D 1734 -37.83 13.44 -37.38
C PHE D 1734 -38.47 14.36 -36.36
N HIS D 1735 -39.35 13.78 -35.55
CA HIS D 1735 -39.97 14.43 -34.43
C HIS D 1735 -39.70 13.63 -33.16
N VAL D 1736 -39.66 14.36 -32.06
CA VAL D 1736 -39.38 13.79 -30.74
C VAL D 1736 -40.71 13.49 -30.07
N ALA D 1737 -40.85 12.26 -29.60
CA ALA D 1737 -41.99 11.86 -28.79
C ALA D 1737 -41.62 12.12 -27.35
N TRP D 1738 -42.08 13.25 -26.83
CA TRP D 1738 -41.72 13.67 -25.49
C TRP D 1738 -42.51 12.93 -24.44
N VAL D 1739 -41.90 12.77 -23.26
CA VAL D 1739 -42.61 12.29 -22.10
C VAL D 1739 -43.65 13.30 -21.66
N ASP D 1740 -43.28 14.58 -21.62
CA ASP D 1740 -44.19 15.68 -21.35
C ASP D 1740 -43.99 16.70 -22.46
N PRO D 1741 -44.89 16.79 -23.45
CA PRO D 1741 -44.66 17.72 -24.56
C PRO D 1741 -44.56 19.18 -24.13
N GLU D 1742 -45.08 19.51 -22.95
CA GLU D 1742 -45.01 20.88 -22.45
C GLU D 1742 -43.74 21.12 -21.64
N ASP D 1743 -43.23 20.09 -20.97
CA ASP D 1743 -41.97 20.16 -20.22
C ASP D 1743 -41.01 19.15 -20.84
N PRO D 1744 -40.13 19.57 -21.76
CA PRO D 1744 -39.25 18.59 -22.40
C PRO D 1744 -38.11 18.08 -21.53
N TYR D 1745 -38.02 18.53 -20.28
CA TYR D 1745 -36.90 18.17 -19.40
C TYR D 1745 -37.21 16.99 -18.51
N LYS D 1746 -38.25 16.23 -18.81
CA LYS D 1746 -38.50 14.94 -18.17
C LYS D 1746 -38.34 13.81 -19.18
N GLY D 1747 -37.57 14.06 -20.23
CA GLY D 1747 -37.19 13.01 -21.14
C GLY D 1747 -38.06 12.95 -22.36
N TYR D 1748 -37.63 12.09 -23.26
CA TYR D 1748 -38.41 11.69 -24.42
C TYR D 1748 -38.31 10.18 -24.51
N ARG D 1749 -39.26 9.59 -25.22
CA ARG D 1749 -39.33 8.14 -25.34
C ARG D 1749 -38.71 7.63 -26.62
N TYR D 1750 -38.91 8.33 -27.73
CA TYR D 1750 -38.41 7.84 -29.00
C TYR D 1750 -38.44 8.97 -30.02
N LEU D 1751 -37.86 8.67 -31.17
CA LEU D 1751 -37.93 9.52 -32.34
C LEU D 1751 -38.75 8.83 -33.41
N TYR D 1752 -39.48 9.64 -34.19
CA TYR D 1752 -40.44 9.08 -35.11
C TYR D 1752 -40.60 9.96 -36.31
N LEU D 1753 -41.15 9.36 -37.36
CA LEU D 1753 -41.59 10.05 -38.55
C LEU D 1753 -43.10 10.03 -38.60
N THR D 1754 -43.62 11.04 -39.20
CA THR D 1754 -45.03 11.10 -39.52
C THR D 1754 -45.24 10.39 -40.85
N PRO D 1755 -46.49 10.01 -41.18
CA PRO D 1755 -46.74 9.35 -42.46
C PRO D 1755 -46.29 10.15 -43.66
N GLN D 1756 -46.41 11.47 -43.60
CA GLN D 1756 -46.04 12.32 -44.72
C GLN D 1756 -44.56 12.21 -45.03
N ASP D 1757 -43.75 11.92 -44.02
CA ASP D 1757 -42.32 11.75 -44.19
C ASP D 1757 -41.97 10.30 -44.48
N TYR D 1758 -42.62 9.38 -43.75
CA TYR D 1758 -42.30 7.96 -43.90
C TYR D 1758 -42.60 7.47 -45.31
N LYS D 1759 -43.69 7.96 -45.90
CA LYS D 1759 -44.05 7.52 -47.25
C LYS D 1759 -43.04 7.95 -48.29
N ARG D 1760 -42.24 8.96 -48.01
CA ARG D 1760 -41.26 9.48 -48.95
C ARG D 1760 -39.89 8.86 -48.81
N VAL D 1761 -39.69 7.98 -47.83
CA VAL D 1761 -38.40 7.34 -47.59
C VAL D 1761 -38.49 5.84 -47.52
N SER D 1762 -39.70 5.28 -47.34
CA SER D 1762 -39.84 3.85 -47.17
C SER D 1762 -39.43 3.09 -48.43
N ALA D 1763 -39.52 3.73 -49.59
CA ALA D 1763 -39.12 3.11 -50.84
C ALA D 1763 -37.61 3.15 -51.07
N LEU D 1764 -36.85 3.83 -50.22
CA LEU D 1764 -35.41 3.97 -50.38
C LEU D 1764 -34.61 3.02 -49.50
N ASN D 1765 -35.25 2.36 -48.54
CA ASN D 1765 -34.55 1.56 -47.54
C ASN D 1765 -33.53 2.40 -46.79
N SER D 1766 -33.87 3.67 -46.56
CA SER D 1766 -33.01 4.57 -45.81
C SER D 1766 -33.24 4.49 -44.32
N VAL D 1767 -34.42 4.07 -43.89
CA VAL D 1767 -34.77 4.01 -42.48
C VAL D 1767 -35.65 2.80 -42.25
N HIS D 1768 -35.52 2.22 -41.07
CA HIS D 1768 -36.40 1.16 -40.59
C HIS D 1768 -37.21 1.68 -39.43
N CYS D 1769 -38.53 1.67 -39.62
CA CYS D 1769 -39.46 2.11 -38.61
C CYS D 1769 -40.55 1.07 -38.45
N GLU D 1770 -41.28 1.20 -37.35
CA GLU D 1770 -42.45 0.37 -37.08
C GLU D 1770 -43.62 1.26 -36.74
N HIS D 1771 -44.79 0.91 -37.27
CA HIS D 1771 -45.98 1.71 -37.05
C HIS D 1771 -46.45 1.53 -35.62
N VAL D 1772 -46.75 2.65 -34.97
CA VAL D 1772 -47.32 2.68 -33.64
C VAL D 1772 -48.44 3.72 -33.60
N GLU D 1773 -49.31 3.55 -32.61
CA GLU D 1773 -50.36 4.50 -32.30
C GLU D 1773 -50.01 5.11 -30.96
N ASP D 1774 -49.81 6.42 -30.92
CA ASP D 1774 -49.46 7.07 -29.67
C ASP D 1774 -49.97 8.50 -29.67
N GLU D 1775 -50.54 8.88 -28.53
CA GLU D 1775 -51.13 10.21 -28.36
C GLU D 1775 -52.22 10.45 -29.38
N GLY D 1776 -52.91 9.39 -29.80
CA GLY D 1776 -53.92 9.50 -30.81
C GLY D 1776 -53.40 9.80 -32.19
N GLU D 1777 -52.12 9.60 -32.44
CA GLU D 1777 -51.48 9.86 -33.72
C GLU D 1777 -50.86 8.59 -34.28
N SER D 1778 -50.89 8.52 -35.61
CA SER D 1778 -50.19 7.50 -36.37
C SER D 1778 -48.74 7.90 -36.50
N ARG D 1779 -47.82 7.09 -35.98
CA ARG D 1779 -46.40 7.41 -35.97
C ARG D 1779 -45.61 6.21 -36.44
N TYR D 1780 -44.48 6.46 -37.08
CA TYR D 1780 -43.55 5.42 -37.46
C TYR D 1780 -42.30 5.61 -36.60
N LYS D 1781 -42.17 4.77 -35.60
CA LYS D 1781 -41.08 4.89 -34.65
C LYS D 1781 -39.81 4.38 -35.28
N ILE D 1782 -38.75 5.17 -35.19
CA ILE D 1782 -37.47 4.84 -35.81
C ILE D 1782 -36.76 3.84 -34.91
N THR D 1783 -36.31 2.73 -35.50
CA THR D 1783 -35.49 1.76 -34.78
C THR D 1783 -34.08 1.67 -35.31
N ASP D 1784 -33.91 1.82 -36.62
CA ASP D 1784 -32.61 1.83 -37.26
C ASP D 1784 -32.61 2.83 -38.40
N ILE D 1785 -31.48 3.48 -38.59
CA ILE D 1785 -31.25 4.36 -39.74
C ILE D 1785 -30.15 3.74 -40.58
N ILE D 1786 -30.41 3.58 -41.86
CA ILE D 1786 -29.46 3.03 -42.81
C ILE D 1786 -28.74 4.14 -43.55
N GLY D 1787 -29.50 5.04 -44.16
CA GLY D 1787 -28.95 6.11 -44.97
C GLY D 1787 -28.93 5.74 -46.45
N LYS D 1788 -29.49 6.61 -47.29
CA LYS D 1788 -29.49 6.37 -48.71
C LYS D 1788 -28.13 6.64 -49.35
N GLU D 1789 -27.28 7.42 -48.70
CA GLU D 1789 -25.98 7.77 -49.25
C GLU D 1789 -24.97 6.68 -48.91
N GLU D 1790 -24.29 6.18 -49.94
CA GLU D 1790 -23.25 5.18 -49.77
C GLU D 1790 -21.91 5.86 -49.51
N GLY D 1791 -21.11 5.21 -48.68
CA GLY D 1791 -19.78 5.68 -48.37
C GLY D 1791 -19.62 6.33 -47.02
N ILE D 1792 -20.68 6.35 -46.20
CA ILE D 1792 -20.63 6.96 -44.88
C ILE D 1792 -20.88 5.97 -43.76
N GLY D 1793 -21.29 4.75 -44.07
CA GLY D 1793 -21.71 3.82 -43.07
C GLY D 1793 -20.64 2.81 -42.73
N PRO D 1794 -21.04 1.69 -42.11
CA PRO D 1794 -20.06 0.69 -41.69
C PRO D 1794 -19.32 0.02 -42.82
N GLU D 1795 -19.73 0.22 -44.07
CA GLU D 1795 -18.99 -0.31 -45.20
C GLU D 1795 -17.58 0.25 -45.25
N ASN D 1796 -17.34 1.41 -44.64
CA ASN D 1796 -16.00 1.96 -44.57
C ASN D 1796 -15.14 1.27 -43.54
N LEU D 1797 -15.74 0.55 -42.61
CA LEU D 1797 -14.94 -0.20 -41.66
C LEU D 1797 -14.34 -1.41 -42.35
N ARG D 1798 -15.20 -2.22 -42.97
CA ARG D 1798 -14.75 -3.34 -43.78
C ARG D 1798 -13.65 -2.92 -44.74
N GLY D 1799 -13.96 -1.95 -45.60
CA GLY D 1799 -12.99 -1.44 -46.55
C GLY D 1799 -11.67 -1.09 -45.91
N SER D 1800 -11.71 -0.37 -44.78
CA SER D 1800 -10.47 0.01 -44.13
C SER D 1800 -9.69 -1.23 -43.74
N GLY D 1801 -10.37 -2.16 -43.06
CA GLY D 1801 -9.72 -3.39 -42.67
C GLY D 1801 -9.14 -4.12 -43.86
N MET D 1802 -9.90 -4.13 -44.97
CA MET D 1802 -9.45 -4.80 -46.17
C MET D 1802 -8.09 -4.29 -46.59
N ILE D 1803 -7.96 -2.96 -46.74
CA ILE D 1803 -6.71 -2.44 -47.26
C ILE D 1803 -5.61 -2.65 -46.25
N ALA D 1804 -5.94 -2.65 -44.95
CA ALA D 1804 -4.92 -2.88 -43.95
C ALA D 1804 -4.30 -4.24 -44.16
N GLY D 1805 -5.14 -5.24 -44.39
CA GLY D 1805 -4.64 -6.57 -44.67
C GLY D 1805 -3.73 -6.57 -45.87
N GLU D 1806 -4.12 -5.86 -46.93
CA GLU D 1806 -3.30 -5.78 -48.12
C GLU D 1806 -1.92 -5.26 -47.78
N SER D 1807 -1.84 -4.20 -46.99
CA SER D 1807 -0.55 -3.63 -46.67
C SER D 1807 0.30 -4.64 -45.93
N SER D 1808 -0.32 -5.41 -45.03
CA SER D 1808 0.42 -6.41 -44.28
C SER D 1808 1.00 -7.45 -45.20
N LEU D 1809 0.28 -7.75 -46.27
CA LEU D 1809 0.80 -8.70 -47.22
C LEU D 1809 1.90 -8.09 -48.06
N ALA D 1810 1.71 -6.83 -48.45
CA ALA D 1810 2.63 -6.21 -49.41
C ALA D 1810 4.03 -6.12 -48.83
N TYR D 1811 4.12 -5.88 -47.53
CA TYR D 1811 5.42 -5.74 -46.89
C TYR D 1811 6.23 -7.00 -46.98
N ASN D 1812 5.59 -8.15 -47.09
CA ASN D 1812 6.28 -9.42 -47.13
C ASN D 1812 6.55 -9.92 -48.53
N GLU D 1813 6.16 -9.18 -49.56
CA GLU D 1813 6.41 -9.55 -50.95
C GLU D 1813 7.17 -8.50 -51.72
N ILE D 1814 6.95 -7.22 -51.46
CA ILE D 1814 7.52 -6.16 -52.24
C ILE D 1814 8.14 -5.12 -51.30
N ILE D 1815 8.69 -4.08 -51.90
CA ILE D 1815 9.12 -2.91 -51.18
C ILE D 1815 7.94 -2.00 -50.96
N THR D 1816 7.80 -1.52 -49.74
CA THR D 1816 6.79 -0.53 -49.40
C THR D 1816 7.47 0.65 -48.75
N ILE D 1817 7.20 1.83 -49.27
CA ILE D 1817 7.72 3.06 -48.70
C ILE D 1817 6.55 4.02 -48.56
N SER D 1818 6.54 4.78 -47.49
CA SER D 1818 5.49 5.71 -47.16
C SER D 1818 6.07 7.07 -46.89
N LEU D 1819 5.43 8.09 -47.45
CA LEU D 1819 5.77 9.48 -47.23
C LEU D 1819 4.57 10.22 -46.65
N VAL D 1820 4.80 10.92 -45.56
CA VAL D 1820 3.78 11.66 -44.83
C VAL D 1820 4.00 13.13 -45.10
N THR D 1821 3.05 13.76 -45.78
CA THR D 1821 3.19 15.13 -46.24
C THR D 1821 2.30 16.11 -45.49
N CYS D 1822 1.07 15.72 -45.16
CA CYS D 1822 0.15 16.62 -44.45
C CYS D 1822 -0.22 16.10 -43.08
N ARG D 1823 -0.84 14.92 -43.03
CA ARG D 1823 -1.28 14.31 -41.79
C ARG D 1823 -1.86 12.95 -42.12
N ALA D 1824 -1.91 12.09 -41.11
CA ALA D 1824 -2.65 10.84 -41.20
C ALA D 1824 -3.37 10.58 -39.89
N ILE D 1825 -4.63 10.19 -39.97
CA ILE D 1825 -5.46 9.93 -38.81
C ILE D 1825 -6.01 8.52 -38.94
N GLY D 1826 -5.95 7.78 -37.85
CA GLY D 1826 -6.59 6.48 -37.78
C GLY D 1826 -5.99 5.52 -38.76
N ILE D 1827 -6.84 5.07 -39.68
CA ILE D 1827 -6.46 4.04 -40.65
C ILE D 1827 -5.25 4.48 -41.44
N GLY D 1828 -5.19 5.77 -41.79
CA GLY D 1828 -4.06 6.28 -42.54
C GLY D 1828 -2.75 5.98 -41.85
N ALA D 1829 -2.69 6.22 -40.54
CA ALA D 1829 -1.49 5.92 -39.78
C ALA D 1829 -1.12 4.46 -39.89
N TYR D 1830 -2.11 3.58 -39.76
CA TYR D 1830 -1.82 2.15 -39.85
C TYR D 1830 -1.26 1.82 -41.21
N LEU D 1831 -1.79 2.47 -42.25
CA LEU D 1831 -1.33 2.17 -43.59
C LEU D 1831 0.12 2.58 -43.75
N VAL D 1832 0.52 3.62 -43.03
CA VAL D 1832 1.92 4.01 -43.04
C VAL D 1832 2.73 2.97 -42.30
N ARG D 1833 2.26 2.61 -41.12
CA ARG D 1833 3.01 1.73 -40.24
C ARG D 1833 3.21 0.37 -40.86
N LEU D 1834 2.18 -0.15 -41.53
CA LEU D 1834 2.29 -1.47 -42.12
C LEU D 1834 3.28 -1.51 -43.26
N GLY D 1835 3.70 -0.36 -43.79
CA GLY D 1835 4.81 -0.33 -44.72
C GLY D 1835 6.17 -0.35 -44.05
N GLN D 1836 6.24 0.09 -42.80
CA GLN D 1836 7.43 0.04 -41.96
C GLN D 1836 8.61 0.81 -42.54
N ARG D 1837 8.38 1.70 -43.51
CA ARG D 1837 9.41 2.59 -44.00
C ARG D 1837 8.78 3.95 -44.22
N THR D 1838 8.92 4.81 -43.22
CA THR D 1838 8.20 6.05 -43.13
C THR D 1838 9.16 7.22 -43.27
N ILE D 1839 8.80 8.15 -44.13
CA ILE D 1839 9.41 9.47 -44.21
C ILE D 1839 8.36 10.46 -43.76
N GLN D 1840 8.75 11.35 -42.85
CA GLN D 1840 7.82 12.29 -42.24
C GLN D 1840 8.29 13.70 -42.51
N VAL D 1841 7.45 14.49 -43.14
CA VAL D 1841 7.78 15.89 -43.39
C VAL D 1841 7.64 16.66 -42.09
N GLU D 1842 8.47 17.67 -41.92
CA GLU D 1842 8.34 18.59 -40.80
C GLU D 1842 6.95 19.20 -40.76
N ASN D 1843 6.44 19.34 -39.55
CA ASN D 1843 5.09 19.86 -39.32
C ASN D 1843 4.06 18.97 -40.01
N SER D 1844 4.13 17.69 -39.72
CA SER D 1844 3.08 16.74 -40.02
C SER D 1844 3.01 15.76 -38.88
N HIS D 1845 1.90 15.03 -38.80
CA HIS D 1845 1.65 14.21 -37.63
C HIS D 1845 0.88 12.95 -37.98
N LEU D 1846 1.20 11.89 -37.27
CA LEU D 1846 0.55 10.59 -37.35
C LEU D 1846 -0.14 10.31 -36.04
N ILE D 1847 -1.46 10.34 -36.04
CA ILE D 1847 -2.23 10.20 -34.83
C ILE D 1847 -3.33 9.18 -35.05
N LEU D 1848 -3.88 8.73 -33.93
CA LEU D 1848 -5.08 7.93 -33.90
C LEU D 1848 -6.28 8.69 -33.37
N THR D 1849 -6.03 9.63 -32.46
CA THR D 1849 -7.05 10.47 -31.88
C THR D 1849 -6.56 11.90 -31.87
N GLY D 1850 -7.44 12.82 -32.20
CA GLY D 1850 -7.09 14.22 -32.20
C GLY D 1850 -7.05 14.80 -30.81
N ALA D 1851 -6.35 15.93 -30.71
CA ALA D 1851 -6.20 16.60 -29.44
C ALA D 1851 -7.54 17.07 -28.89
N GLY D 1852 -8.41 17.56 -29.76
CA GLY D 1852 -9.70 18.05 -29.30
C GLY D 1852 -10.54 16.95 -28.69
N ALA D 1853 -10.54 15.78 -29.33
CA ALA D 1853 -11.26 14.64 -28.80
C ALA D 1853 -10.72 14.24 -27.43
N LEU D 1854 -9.40 14.21 -27.28
CA LEU D 1854 -8.83 13.82 -26.00
C LEU D 1854 -9.15 14.83 -24.92
N ASN D 1855 -9.18 16.11 -25.29
CA ASN D 1855 -9.54 17.13 -24.32
C ASN D 1855 -11.00 16.98 -23.92
N LYS D 1856 -11.84 16.58 -24.86
CA LYS D 1856 -13.25 16.40 -24.54
C LYS D 1856 -13.43 15.22 -23.60
N VAL D 1857 -12.68 14.15 -23.84
CA VAL D 1857 -12.78 12.97 -23.00
C VAL D 1857 -12.25 13.24 -21.60
N LEU D 1858 -11.09 13.89 -21.51
CA LEU D 1858 -10.43 14.08 -20.23
C LEU D 1858 -11.04 15.20 -19.42
N GLY D 1859 -11.72 16.15 -20.07
CA GLY D 1859 -12.43 17.19 -19.38
C GLY D 1859 -11.69 18.50 -19.22
N ARG D 1860 -10.45 18.61 -19.71
CA ARG D 1860 -9.73 19.86 -19.64
C ARG D 1860 -8.84 19.98 -20.86
N GLU D 1861 -8.32 21.19 -21.07
CA GLU D 1861 -7.45 21.47 -22.23
C GLU D 1861 -6.06 20.95 -21.90
N VAL D 1862 -5.88 19.65 -22.14
CA VAL D 1862 -4.60 19.00 -21.89
C VAL D 1862 -3.65 19.26 -23.02
N TYR D 1863 -4.11 19.00 -24.25
CA TYR D 1863 -3.30 19.10 -25.44
C TYR D 1863 -3.73 20.32 -26.25
N THR D 1864 -2.75 20.92 -26.90
CA THR D 1864 -2.95 22.09 -27.72
C THR D 1864 -2.85 21.81 -29.20
N SER D 1865 -1.89 20.99 -29.60
CA SER D 1865 -1.62 20.70 -30.98
C SER D 1865 -1.60 19.20 -31.18
N ASN D 1866 -1.96 18.79 -32.39
CA ASN D 1866 -1.82 17.39 -32.75
C ASN D 1866 -0.35 16.99 -32.88
N ASN D 1867 0.55 17.94 -33.06
CA ASN D 1867 1.97 17.60 -33.13
C ASN D 1867 2.48 17.09 -31.80
N GLN D 1868 1.82 17.45 -30.71
CA GLN D 1868 2.14 16.88 -29.41
C GLN D 1868 1.85 15.40 -29.34
N LEU D 1869 0.96 14.91 -30.21
CA LEU D 1869 0.54 13.52 -30.20
C LEU D 1869 1.24 12.66 -31.23
N GLY D 1870 1.55 13.19 -32.39
CA GLY D 1870 2.13 12.40 -33.46
C GLY D 1870 3.16 13.08 -34.32
N GLY D 1871 3.76 14.15 -33.82
CA GLY D 1871 4.75 14.85 -34.57
C GLY D 1871 6.10 14.18 -34.51
N ILE D 1872 7.08 14.87 -35.11
CA ILE D 1872 8.41 14.30 -35.25
C ILE D 1872 9.02 13.98 -33.90
N GLN D 1873 8.81 14.86 -32.92
CA GLN D 1873 9.46 14.70 -31.64
C GLN D 1873 9.02 13.44 -30.91
N ILE D 1874 7.96 12.80 -31.37
CA ILE D 1874 7.51 11.51 -30.88
C ILE D 1874 7.82 10.40 -31.88
N MET D 1875 7.42 10.57 -33.12
CA MET D 1875 7.48 9.48 -34.09
C MET D 1875 8.91 9.16 -34.51
N HIS D 1876 9.79 10.17 -34.52
CA HIS D 1876 11.15 9.96 -34.97
C HIS D 1876 12.04 9.45 -33.85
N ASN D 1877 11.62 9.61 -32.59
CA ASN D 1877 12.38 9.18 -31.45
C ASN D 1877 11.95 7.85 -30.89
N ASN D 1878 10.75 7.37 -31.25
CA ASN D 1878 10.27 6.06 -30.85
C ASN D 1878 10.36 5.02 -31.95
N GLY D 1879 10.99 5.33 -33.06
CA GLY D 1879 11.29 4.33 -34.06
C GLY D 1879 10.24 4.11 -35.11
N VAL D 1880 9.26 4.99 -35.23
CA VAL D 1880 8.25 4.87 -36.25
C VAL D 1880 8.70 5.48 -37.56
N THR D 1881 9.14 6.73 -37.50
CA THR D 1881 9.70 7.42 -38.64
C THR D 1881 11.17 7.06 -38.78
N HIS D 1882 11.57 6.73 -39.99
CA HIS D 1882 12.96 6.44 -40.31
C HIS D 1882 13.75 7.70 -40.61
N CYS D 1883 13.16 8.63 -41.35
CA CYS D 1883 13.85 9.82 -41.80
C CYS D 1883 12.87 10.99 -41.81
N THR D 1884 13.39 12.17 -41.52
CA THR D 1884 12.65 13.40 -41.56
C THR D 1884 13.19 14.27 -42.67
N VAL D 1885 12.28 15.02 -43.29
CA VAL D 1885 12.62 15.92 -44.37
C VAL D 1885 11.89 17.22 -44.13
N CYS D 1886 12.34 18.25 -44.84
CA CYS D 1886 11.82 19.59 -44.61
C CYS D 1886 10.58 19.88 -45.42
N ASP D 1887 10.44 19.27 -46.59
CA ASP D 1887 9.30 19.54 -47.45
C ASP D 1887 8.97 18.29 -48.25
N ASP D 1888 8.00 18.44 -49.16
CA ASP D 1888 7.59 17.30 -49.98
C ASP D 1888 8.64 16.93 -51.01
N PHE D 1889 9.31 17.93 -51.57
CA PHE D 1889 10.27 17.67 -52.63
C PHE D 1889 11.45 16.87 -52.13
N GLU D 1890 11.96 17.26 -50.96
CA GLU D 1890 13.03 16.51 -50.32
C GLU D 1890 12.55 15.11 -49.97
N GLY D 1891 11.27 14.96 -49.64
CA GLY D 1891 10.74 13.64 -49.35
C GLY D 1891 10.80 12.73 -50.56
N VAL D 1892 10.36 13.25 -51.70
CA VAL D 1892 10.42 12.51 -52.96
C VAL D 1892 11.86 12.11 -53.26
N PHE D 1893 12.78 13.03 -53.02
CA PHE D 1893 14.18 12.75 -53.29
C PHE D 1893 14.70 11.65 -52.39
N THR D 1894 14.28 11.67 -51.13
CA THR D 1894 14.70 10.65 -50.19
C THR D 1894 14.21 9.29 -50.61
N VAL D 1895 12.98 9.24 -51.11
CA VAL D 1895 12.42 7.99 -51.60
C VAL D 1895 13.29 7.43 -52.72
N LEU D 1896 13.61 8.28 -53.68
CA LEU D 1896 14.42 7.82 -54.80
C LEU D 1896 15.82 7.41 -54.35
N HIS D 1897 16.34 8.12 -53.38
CA HIS D 1897 17.66 7.82 -52.84
C HIS D 1897 17.68 6.43 -52.24
N TRP D 1898 16.71 6.13 -51.39
CA TRP D 1898 16.59 4.79 -50.84
C TRP D 1898 16.47 3.74 -51.92
N LEU D 1899 15.68 4.03 -52.95
CA LEU D 1899 15.52 3.06 -54.02
C LEU D 1899 16.81 2.78 -54.76
N SER D 1900 17.77 3.71 -54.71
CA SER D 1900 19.00 3.44 -55.45
C SER D 1900 19.84 2.33 -54.85
N TYR D 1901 19.50 1.82 -53.67
CA TYR D 1901 20.29 0.77 -53.04
C TYR D 1901 19.75 -0.62 -53.28
N MET D 1902 18.54 -0.77 -53.77
CA MET D 1902 17.81 -2.02 -53.71
C MET D 1902 17.43 -2.51 -55.10
N PRO D 1903 17.02 -3.76 -55.22
CA PRO D 1903 16.67 -4.29 -56.53
C PRO D 1903 15.48 -3.57 -57.14
N LYS D 1904 15.43 -3.57 -58.47
CA LYS D 1904 14.31 -2.97 -59.16
C LYS D 1904 13.04 -3.78 -58.98
N SER D 1905 13.17 -5.07 -58.71
CA SER D 1905 12.03 -5.92 -58.50
C SER D 1905 12.44 -7.06 -57.57
N VAL D 1906 11.44 -7.77 -57.06
CA VAL D 1906 11.70 -8.89 -56.19
C VAL D 1906 12.39 -10.04 -56.92
N HIS D 1907 12.42 -10.03 -58.25
CA HIS D 1907 13.05 -11.06 -59.05
C HIS D 1907 14.38 -10.64 -59.63
N SER D 1908 14.96 -9.53 -59.16
CA SER D 1908 16.20 -9.01 -59.67
C SER D 1908 17.28 -9.08 -58.60
N SER D 1909 18.51 -8.92 -59.04
CA SER D 1909 19.64 -8.88 -58.14
C SER D 1909 19.85 -7.47 -57.63
N VAL D 1910 20.74 -7.36 -56.67
CA VAL D 1910 21.08 -6.05 -56.09
C VAL D 1910 21.82 -5.22 -57.14
N PRO D 1911 21.53 -3.93 -57.27
CA PRO D 1911 22.27 -3.11 -58.25
C PRO D 1911 23.68 -2.83 -57.80
N LEU D 1912 24.62 -3.06 -58.70
CA LEU D 1912 26.02 -2.75 -58.50
C LEU D 1912 26.40 -1.54 -59.33
N LEU D 1913 27.25 -0.70 -58.75
CA LEU D 1913 27.77 0.48 -59.41
C LEU D 1913 29.26 0.35 -59.65
N ASN D 1914 29.72 1.09 -60.65
CA ASN D 1914 31.15 1.26 -60.90
C ASN D 1914 31.60 2.43 -60.04
N SER D 1915 32.12 2.11 -58.86
CA SER D 1915 32.41 3.13 -57.87
C SER D 1915 33.68 3.87 -58.21
N LYS D 1916 33.71 5.14 -57.80
CA LYS D 1916 34.91 5.96 -57.86
C LYS D 1916 35.78 5.81 -56.64
N ASP D 1917 35.33 5.07 -55.62
CA ASP D 1917 36.17 4.76 -54.47
C ASP D 1917 36.82 3.41 -54.73
N PRO D 1918 38.14 3.32 -54.86
CA PRO D 1918 38.76 2.02 -55.17
C PRO D 1918 38.50 0.99 -54.09
N ILE D 1919 38.40 -0.25 -54.51
CA ILE D 1919 38.27 -1.36 -53.58
C ILE D 1919 39.61 -1.71 -52.95
N ASP D 1920 40.69 -1.51 -53.69
CA ASP D 1920 41.99 -2.01 -53.30
C ASP D 1920 42.71 -1.11 -52.29
N ARG D 1921 42.10 -0.01 -51.87
CA ARG D 1921 42.73 0.85 -50.89
C ARG D 1921 42.69 0.20 -49.52
N ILE D 1922 43.26 0.89 -48.56
CA ILE D 1922 43.23 0.50 -47.16
C ILE D 1922 42.33 1.47 -46.42
N ILE D 1923 42.01 1.12 -45.19
CA ILE D 1923 41.22 1.97 -44.31
C ILE D 1923 42.19 2.81 -43.50
N GLU D 1924 41.98 4.11 -43.52
CA GLU D 1924 42.88 5.06 -42.88
C GLU D 1924 42.49 5.34 -41.44
N PHE D 1925 41.24 5.13 -41.08
CA PHE D 1925 40.79 5.26 -39.71
C PHE D 1925 40.90 3.91 -39.03
N VAL D 1926 41.41 3.91 -37.81
CA VAL D 1926 41.62 2.70 -37.04
C VAL D 1926 40.80 2.83 -35.75
N PRO D 1927 39.88 1.90 -35.46
CA PRO D 1927 39.18 1.97 -34.18
C PRO D 1927 40.15 1.85 -33.02
N THR D 1928 39.92 2.65 -32.00
CA THR D 1928 40.79 2.74 -30.86
C THR D 1928 40.15 2.01 -29.70
N LYS D 1929 40.88 1.98 -28.61
CA LYS D 1929 40.39 1.36 -27.39
C LYS D 1929 39.44 2.28 -26.64
N THR D 1930 39.59 3.57 -26.84
CA THR D 1930 38.74 4.54 -26.18
C THR D 1930 37.47 4.73 -26.98
N PRO D 1931 36.46 5.36 -26.39
CA PRO D 1931 35.20 5.55 -27.12
C PRO D 1931 35.38 6.37 -28.38
N TYR D 1932 34.64 5.98 -29.41
CA TYR D 1932 34.71 6.66 -30.69
C TYR D 1932 33.34 6.61 -31.34
N ASP D 1933 33.15 7.47 -32.33
CA ASP D 1933 31.93 7.47 -33.10
C ASP D 1933 31.99 6.32 -34.10
N PRO D 1934 31.00 5.42 -34.14
CA PRO D 1934 31.03 4.33 -35.13
C PRO D 1934 31.02 4.81 -36.56
N ARG D 1935 30.52 6.01 -36.80
CA ARG D 1935 30.45 6.54 -38.15
C ARG D 1935 31.83 6.74 -38.73
N TRP D 1936 32.80 7.05 -37.87
CA TRP D 1936 34.16 7.29 -38.33
C TRP D 1936 34.73 6.06 -39.01
N MET D 1937 34.45 4.87 -38.47
CA MET D 1937 34.94 3.67 -39.15
C MET D 1937 34.03 3.27 -40.29
N LEU D 1938 32.74 3.60 -40.22
CA LEU D 1938 31.88 3.24 -41.33
C LEU D 1938 32.15 4.09 -42.56
N ALA D 1939 32.02 5.40 -42.44
CA ALA D 1939 32.14 6.31 -43.57
C ALA D 1939 33.47 7.03 -43.66
N GLY D 1940 34.14 7.25 -42.53
CA GLY D 1940 35.34 8.05 -42.48
C GLY D 1940 35.09 9.37 -41.80
N ARG D 1941 36.17 10.12 -41.62
CA ARG D 1941 36.09 11.41 -40.93
C ARG D 1941 36.97 12.43 -41.58
N PRO D 1942 36.70 13.73 -41.39
CA PRO D 1942 37.65 14.75 -41.82
C PRO D 1942 38.98 14.60 -41.09
N HIS D 1943 40.07 14.72 -41.84
CA HIS D 1943 41.39 14.54 -41.25
C HIS D 1943 41.61 15.59 -40.17
N PRO D 1944 41.68 15.21 -38.89
CA PRO D 1944 41.73 16.22 -37.83
C PRO D 1944 42.99 17.05 -37.82
N THR D 1945 44.08 16.56 -38.40
CA THR D 1945 45.33 17.31 -38.37
C THR D 1945 45.25 18.55 -39.24
N GLN D 1946 44.77 18.39 -40.48
CA GLN D 1946 44.75 19.42 -41.50
C GLN D 1946 43.34 20.04 -41.60
N LYS D 1947 43.11 20.81 -42.66
CA LYS D 1947 41.81 21.35 -43.00
C LYS D 1947 41.09 20.56 -44.08
N GLY D 1948 41.79 20.11 -45.11
CA GLY D 1948 41.26 19.16 -46.08
C GLY D 1948 41.46 17.73 -45.62
N GLN D 1949 41.66 16.82 -46.59
CA GLN D 1949 42.08 15.46 -46.25
C GLN D 1949 41.06 14.66 -45.46
N TRP D 1950 40.33 13.77 -46.12
CA TRP D 1950 39.40 12.86 -45.44
C TRP D 1950 40.06 11.51 -45.17
N LEU D 1951 39.96 11.05 -43.92
CA LEU D 1951 40.37 9.69 -43.56
C LEU D 1951 39.27 8.72 -43.95
N SER D 1952 39.62 7.77 -44.80
CA SER D 1952 38.66 6.84 -45.36
C SER D 1952 38.28 5.78 -44.35
N GLY D 1953 37.05 5.28 -44.51
CA GLY D 1953 36.52 4.24 -43.68
C GLY D 1953 36.29 2.95 -44.44
N PHE D 1954 35.44 2.10 -43.88
CA PHE D 1954 35.23 0.79 -44.45
C PHE D 1954 34.46 0.87 -45.76
N PHE D 1955 33.39 1.65 -45.77
CA PHE D 1955 32.47 1.70 -46.89
C PHE D 1955 32.86 2.80 -47.85
N ASP D 1956 32.27 2.73 -49.04
CA ASP D 1956 32.51 3.71 -50.08
C ASP D 1956 32.24 5.12 -49.57
N TYR D 1957 33.11 6.05 -49.95
CA TYR D 1957 32.97 7.42 -49.51
C TYR D 1957 31.66 8.01 -49.97
N GLY D 1958 30.92 8.58 -49.02
CA GLY D 1958 29.66 9.23 -49.29
C GLY D 1958 28.46 8.31 -49.44
N SER D 1959 28.64 7.00 -49.33
CA SER D 1959 27.55 6.07 -49.56
C SER D 1959 26.72 5.77 -48.33
N PHE D 1960 27.18 6.16 -47.14
CA PHE D 1960 26.50 5.79 -45.92
C PHE D 1960 25.31 6.69 -45.66
N SER D 1961 24.18 6.09 -45.27
CA SER D 1961 22.96 6.83 -44.95
C SER D 1961 22.28 6.16 -43.78
N GLU D 1962 22.27 6.86 -42.65
CA GLU D 1962 21.72 6.33 -41.42
C GLU D 1962 20.23 6.58 -41.35
N ILE D 1963 19.52 5.65 -40.71
CA ILE D 1963 18.09 5.75 -40.49
C ILE D 1963 17.82 5.58 -39.01
N MET D 1964 16.69 6.14 -38.58
CA MET D 1964 16.23 5.99 -37.20
C MET D 1964 17.27 6.50 -36.21
N GLN D 1965 17.95 7.57 -36.57
CA GLN D 1965 19.14 8.01 -35.85
C GLN D 1965 18.91 8.26 -34.37
N PRO D 1966 17.91 9.05 -33.94
CA PRO D 1966 17.80 9.38 -32.53
C PRO D 1966 17.12 8.34 -31.67
N TRP D 1967 16.66 7.25 -32.25
CA TRP D 1967 16.04 6.18 -31.48
C TRP D 1967 17.06 5.11 -31.14
N ALA D 1968 17.15 4.78 -29.87
CA ALA D 1968 18.02 3.72 -29.39
C ALA D 1968 19.43 3.95 -29.88
N GLN D 1969 20.03 5.03 -29.41
CA GLN D 1969 21.27 5.52 -29.98
C GLN D 1969 22.48 4.64 -29.65
N THR D 1970 22.33 3.57 -28.90
CA THR D 1970 23.44 2.69 -28.63
C THR D 1970 23.78 1.80 -29.81
N VAL D 1971 22.97 1.81 -30.85
CA VAL D 1971 23.20 0.99 -32.03
C VAL D 1971 22.94 1.87 -33.24
N VAL D 1972 23.74 1.67 -34.27
CA VAL D 1972 23.69 2.43 -35.50
C VAL D 1972 23.32 1.47 -36.62
N VAL D 1973 22.36 1.87 -37.42
CA VAL D 1973 21.88 1.05 -38.52
C VAL D 1973 21.74 1.94 -39.73
N GLY D 1974 21.97 1.35 -40.89
CA GLY D 1974 21.81 2.13 -42.10
C GLY D 1974 22.12 1.32 -43.32
N ARG D 1975 22.30 2.06 -44.40
CA ARG D 1975 22.63 1.51 -45.71
C ARG D 1975 23.96 2.07 -46.16
N ALA D 1976 24.62 1.34 -47.02
CA ALA D 1976 25.90 1.80 -47.52
C ALA D 1976 26.27 0.97 -48.73
N ARG D 1977 27.41 1.30 -49.33
CA ARG D 1977 27.96 0.54 -50.43
C ARG D 1977 29.40 0.18 -50.15
N LEU D 1978 29.74 -1.07 -50.46
CA LEU D 1978 31.09 -1.59 -50.39
C LEU D 1978 31.52 -1.91 -51.81
N GLY D 1979 32.42 -1.09 -52.35
CA GLY D 1979 32.89 -1.30 -53.70
C GLY D 1979 31.78 -1.24 -54.73
N GLY D 1980 30.75 -0.44 -54.47
CA GLY D 1980 29.60 -0.38 -55.33
C GLY D 1980 28.54 -1.41 -55.05
N ILE D 1981 28.73 -2.24 -54.03
CA ILE D 1981 27.76 -3.28 -53.66
C ILE D 1981 26.93 -2.75 -52.50
N PRO D 1982 25.64 -2.51 -52.67
CA PRO D 1982 24.83 -2.06 -51.54
C PRO D 1982 24.72 -3.11 -50.46
N VAL D 1983 24.74 -2.66 -49.22
CA VAL D 1983 24.66 -3.52 -48.05
C VAL D 1983 23.90 -2.79 -46.97
N GLY D 1984 23.26 -3.60 -46.12
CA GLY D 1984 22.79 -3.12 -44.86
C GLY D 1984 23.91 -3.15 -43.85
N VAL D 1985 23.83 -2.23 -42.89
CA VAL D 1985 24.91 -1.96 -41.96
C VAL D 1985 24.34 -1.97 -40.57
N VAL D 1986 24.95 -2.73 -39.68
CA VAL D 1986 24.70 -2.66 -38.26
C VAL D 1986 26.02 -2.44 -37.57
N ALA D 1987 26.03 -1.52 -36.61
CA ALA D 1987 27.23 -1.18 -35.88
C ALA D 1987 26.83 -0.73 -34.48
N VAL D 1988 27.83 -0.65 -33.61
CA VAL D 1988 27.61 -0.48 -32.18
C VAL D 1988 28.28 0.81 -31.73
N GLU D 1989 27.56 1.56 -30.92
CA GLU D 1989 28.10 2.73 -30.25
C GLU D 1989 28.85 2.29 -29.00
N THR D 1990 30.02 2.87 -28.78
CA THR D 1990 30.84 2.62 -27.62
C THR D 1990 30.86 3.79 -26.66
N ARG D 1991 30.42 4.96 -27.09
CA ARG D 1991 30.27 6.08 -26.19
C ARG D 1991 28.98 5.97 -25.41
N THR D 1992 28.95 6.64 -24.27
CA THR D 1992 27.75 6.72 -23.47
C THR D 1992 26.82 7.76 -24.07
N VAL D 1993 25.53 7.45 -24.06
CA VAL D 1993 24.51 8.33 -24.60
C VAL D 1993 23.48 8.59 -23.52
N GLU D 1994 22.71 9.65 -23.74
CA GLU D 1994 21.69 10.11 -22.81
C GLU D 1994 20.33 9.95 -23.48
N LEU D 1995 19.47 9.15 -22.87
CA LEU D 1995 18.10 9.00 -23.32
C LEU D 1995 17.22 9.93 -22.52
N SER D 1996 16.55 10.83 -23.22
CA SER D 1996 15.66 11.80 -22.61
C SER D 1996 14.23 11.35 -22.84
N ILE D 1997 13.50 11.15 -21.75
CA ILE D 1997 12.12 10.69 -21.77
C ILE D 1997 11.25 11.87 -21.37
N PRO D 1998 10.29 12.29 -22.20
CA PRO D 1998 9.46 13.43 -21.85
C PRO D 1998 8.40 13.08 -20.81
N ALA D 1999 7.78 14.12 -20.30
CA ALA D 1999 6.70 14.01 -19.35
C ALA D 1999 5.38 14.12 -20.08
N ASP D 2000 4.42 13.32 -19.66
CA ASP D 2000 3.10 13.37 -20.26
C ASP D 2000 2.34 14.54 -19.65
N PRO D 2001 1.87 15.51 -20.45
CA PRO D 2001 1.08 16.61 -19.87
C PRO D 2001 -0.27 16.21 -19.33
N ALA D 2002 -0.75 15.01 -19.63
CA ALA D 2002 -2.00 14.53 -19.09
C ALA D 2002 -1.88 13.94 -17.71
N ASN D 2003 -0.66 13.85 -17.18
CA ASN D 2003 -0.42 13.32 -15.84
C ASN D 2003 0.48 14.35 -15.16
N LEU D 2004 -0.12 15.21 -14.36
CA LEU D 2004 0.62 16.30 -13.74
C LEU D 2004 1.63 15.83 -12.71
N ASP D 2005 1.60 14.56 -12.32
CA ASP D 2005 2.55 14.00 -11.38
C ASP D 2005 3.71 13.28 -12.08
N SER D 2006 3.82 13.41 -13.39
CA SER D 2006 4.91 12.78 -14.12
C SER D 2006 6.09 13.74 -14.22
N GLU D 2007 7.24 13.16 -14.55
CA GLU D 2007 8.48 13.89 -14.65
C GLU D 2007 9.26 13.39 -15.85
N ALA D 2008 10.01 14.29 -16.45
CA ALA D 2008 10.96 13.92 -17.48
C ALA D 2008 12.18 13.31 -16.85
N LYS D 2009 12.82 12.40 -17.59
CA LYS D 2009 13.97 11.68 -17.05
C LYS D 2009 15.09 11.60 -18.07
N ILE D 2010 16.31 11.59 -17.57
CA ILE D 2010 17.50 11.34 -18.35
C ILE D 2010 18.10 10.05 -17.83
N ILE D 2011 18.36 9.12 -18.73
CA ILE D 2011 18.92 7.83 -18.39
C ILE D 2011 20.21 7.67 -19.18
N GLN D 2012 21.26 7.32 -18.49
CA GLN D 2012 22.53 7.05 -19.13
C GLN D 2012 22.51 5.65 -19.69
N GLN D 2013 22.83 5.52 -20.96
CA GLN D 2013 22.95 4.23 -21.63
C GLN D 2013 24.39 4.06 -22.06
N ALA D 2014 25.03 3.03 -21.51
CA ALA D 2014 26.38 2.68 -21.90
C ALA D 2014 26.41 2.03 -23.26
N GLY D 2015 27.56 2.11 -23.89
CA GLY D 2015 27.78 1.43 -25.14
C GLY D 2015 28.19 0.01 -24.93
N GLN D 2016 28.16 -0.74 -26.03
CA GLN D 2016 28.50 -2.16 -26.06
C GLN D 2016 27.54 -2.98 -25.21
N VAL D 2017 26.29 -2.54 -25.15
CA VAL D 2017 25.26 -3.21 -24.37
C VAL D 2017 24.00 -3.22 -25.22
N TRP D 2018 23.19 -4.25 -25.01
CA TRP D 2018 21.90 -4.38 -25.65
C TRP D 2018 20.81 -4.08 -24.64
N PHE D 2019 20.15 -3.10 -24.85
CA PHE D 2019 18.99 -2.66 -24.15
C PHE D 2019 17.74 -3.07 -24.92
N PRO D 2020 16.57 -2.97 -24.30
CA PRO D 2020 15.34 -3.30 -25.03
C PRO D 2020 15.14 -2.50 -26.29
N ASP D 2021 15.39 -1.20 -26.24
CA ASP D 2021 15.19 -0.34 -27.40
C ASP D 2021 16.16 -0.68 -28.52
N SER D 2022 17.43 -0.86 -28.18
CA SER D 2022 18.44 -1.15 -29.21
C SER D 2022 18.29 -2.55 -29.76
N ALA D 2023 17.87 -3.50 -28.93
CA ALA D 2023 17.62 -4.84 -29.42
C ALA D 2023 16.45 -4.83 -30.39
N PHE D 2024 15.39 -4.10 -30.06
CA PHE D 2024 14.24 -4.06 -30.93
C PHE D 2024 14.58 -3.35 -32.24
N LYS D 2025 15.38 -2.30 -32.15
CA LYS D 2025 15.82 -1.59 -33.36
C LYS D 2025 16.63 -2.51 -34.25
N THR D 2026 17.50 -3.31 -33.66
CA THR D 2026 18.27 -4.26 -34.44
C THR D 2026 17.39 -5.27 -35.12
N TYR D 2027 16.37 -5.75 -34.43
CA TYR D 2027 15.43 -6.70 -35.03
C TYR D 2027 14.72 -6.07 -36.21
N GLN D 2028 14.26 -4.83 -36.02
CA GLN D 2028 13.58 -4.11 -37.08
C GLN D 2028 14.48 -3.96 -38.30
N ALA D 2029 15.73 -3.58 -38.08
CA ALA D 2029 16.66 -3.42 -39.19
C ALA D 2029 16.87 -4.73 -39.92
N ILE D 2030 17.08 -5.81 -39.18
CA ILE D 2030 17.35 -7.10 -39.79
C ILE D 2030 16.17 -7.53 -40.65
N LYS D 2031 14.97 -7.46 -40.08
CA LYS D 2031 13.78 -7.87 -40.80
C LYS D 2031 13.57 -7.01 -42.04
N ASP D 2032 13.77 -5.70 -41.89
CA ASP D 2032 13.51 -4.79 -42.99
C ASP D 2032 14.49 -4.99 -44.13
N PHE D 2033 15.76 -5.25 -43.81
CA PHE D 2033 16.75 -5.47 -44.86
C PHE D 2033 16.60 -6.85 -45.47
N ASN D 2034 16.12 -7.83 -44.72
CA ASN D 2034 15.84 -9.12 -45.33
C ASN D 2034 14.75 -8.97 -46.38
N ARG D 2035 13.72 -8.20 -46.06
CA ARG D 2035 12.65 -8.00 -47.03
C ARG D 2035 13.11 -7.12 -48.18
N GLU D 2036 13.98 -6.17 -47.92
CA GLU D 2036 14.46 -5.28 -48.96
C GLU D 2036 15.35 -6.03 -49.94
N GLY D 2037 16.04 -7.07 -49.49
CA GLY D 2037 16.84 -7.90 -50.35
C GLY D 2037 18.30 -7.58 -50.39
N LEU D 2038 18.85 -7.10 -49.28
CA LEU D 2038 20.24 -6.70 -49.18
C LEU D 2038 21.01 -7.58 -48.21
N PRO D 2039 22.29 -7.81 -48.48
CA PRO D 2039 23.11 -8.49 -47.47
C PRO D 2039 23.39 -7.58 -46.30
N LEU D 2040 23.82 -8.20 -45.22
CA LEU D 2040 24.06 -7.53 -43.95
C LEU D 2040 25.53 -7.61 -43.62
N MET D 2041 26.07 -6.48 -43.19
CA MET D 2041 27.42 -6.36 -42.69
C MET D 2041 27.26 -5.87 -41.26
N VAL D 2042 27.66 -6.71 -40.32
CA VAL D 2042 27.45 -6.48 -38.91
C VAL D 2042 28.81 -6.28 -38.27
N PHE D 2043 28.97 -5.17 -37.58
CA PHE D 2043 30.19 -4.84 -36.87
C PHE D 2043 29.87 -5.00 -35.40
N ALA D 2044 30.07 -6.20 -34.90
CA ALA D 2044 29.51 -6.62 -33.64
C ALA D 2044 30.48 -6.36 -32.50
N ASN D 2045 30.07 -5.53 -31.56
CA ASN D 2045 30.89 -5.14 -30.42
C ASN D 2045 30.05 -5.07 -29.15
N TRP D 2046 29.28 -6.10 -28.86
CA TRP D 2046 28.40 -6.13 -27.70
C TRP D 2046 29.03 -6.95 -26.59
N ARG D 2047 29.05 -6.39 -25.39
CA ARG D 2047 29.54 -7.08 -24.20
C ARG D 2047 28.47 -7.88 -23.50
N GLY D 2048 27.24 -7.87 -24.02
CA GLY D 2048 26.15 -8.62 -23.44
C GLY D 2048 24.94 -7.76 -23.26
N PHE D 2049 23.91 -8.38 -22.70
CA PHE D 2049 22.64 -7.74 -22.47
C PHE D 2049 22.59 -7.11 -21.09
N SER D 2050 21.76 -6.09 -20.98
CA SER D 2050 21.50 -5.49 -19.70
C SER D 2050 20.65 -6.43 -18.86
N GLY D 2051 21.14 -6.75 -17.65
CA GLY D 2051 20.44 -7.59 -16.72
C GLY D 2051 19.83 -6.87 -15.55
N GLY D 2052 19.81 -5.53 -15.56
CA GLY D 2052 19.24 -4.81 -14.47
C GLY D 2052 17.74 -4.98 -14.38
N MET D 2053 17.22 -4.63 -13.20
CA MET D 2053 15.80 -4.80 -12.92
C MET D 2053 14.94 -4.09 -13.95
N LYS D 2054 15.34 -2.90 -14.37
CA LYS D 2054 14.43 -2.08 -15.15
C LYS D 2054 14.37 -2.53 -16.59
N ASP D 2055 15.48 -3.01 -17.13
CA ASP D 2055 15.49 -3.56 -18.47
C ASP D 2055 14.89 -4.95 -18.51
N MET D 2056 15.02 -5.72 -17.43
CA MET D 2056 14.34 -7.00 -17.35
C MET D 2056 12.83 -6.80 -17.28
N TYR D 2057 12.40 -5.76 -16.58
CA TYR D 2057 10.99 -5.44 -16.51
C TYR D 2057 10.47 -4.94 -17.84
N ASP D 2058 11.31 -4.22 -18.57
CA ASP D 2058 10.97 -3.69 -19.88
C ASP D 2058 11.29 -4.67 -21.00
N GLN D 2059 11.34 -5.96 -20.69
CA GLN D 2059 11.26 -7.03 -21.68
C GLN D 2059 12.49 -7.11 -22.58
N VAL D 2060 13.68 -7.07 -21.98
CA VAL D 2060 14.88 -7.19 -22.80
C VAL D 2060 14.99 -8.60 -23.37
N LEU D 2061 14.53 -9.58 -22.61
CA LEU D 2061 14.66 -10.98 -23.00
C LEU D 2061 13.86 -11.29 -24.26
N LYS D 2062 12.63 -10.77 -24.33
CA LYS D 2062 11.76 -10.97 -25.47
C LYS D 2062 12.40 -10.47 -26.76
N PHE D 2063 12.93 -9.26 -26.73
CA PHE D 2063 13.53 -8.69 -27.92
C PHE D 2063 14.83 -9.40 -28.29
N GLY D 2064 15.59 -9.85 -27.29
CA GLY D 2064 16.73 -10.68 -27.58
C GLY D 2064 16.37 -11.94 -28.32
N ALA D 2065 15.21 -12.51 -28.00
CA ALA D 2065 14.74 -13.68 -28.76
C ALA D 2065 14.35 -13.30 -30.18
N TYR D 2066 13.74 -12.13 -30.33
CA TYR D 2066 13.33 -11.66 -31.65
C TYR D 2066 14.51 -11.57 -32.58
N ILE D 2067 15.68 -11.20 -32.06
CA ILE D 2067 16.86 -11.11 -32.92
C ILE D 2067 17.16 -12.46 -33.56
N VAL D 2068 17.06 -13.51 -32.78
CA VAL D 2068 17.33 -14.86 -33.29
C VAL D 2068 16.32 -15.21 -34.36
N ASP D 2069 15.05 -14.96 -34.06
CA ASP D 2069 14.01 -15.29 -35.04
C ASP D 2069 14.18 -14.50 -36.31
N GLY D 2070 14.74 -13.30 -36.22
CA GLY D 2070 14.99 -12.53 -37.42
C GLY D 2070 16.10 -13.13 -38.25
N LEU D 2071 17.21 -13.48 -37.61
CA LEU D 2071 18.33 -14.02 -38.36
C LEU D 2071 18.03 -15.37 -38.97
N ARG D 2072 17.14 -16.14 -38.36
CA ARG D 2072 16.86 -17.46 -38.89
C ARG D 2072 16.18 -17.40 -40.24
N GLU D 2073 15.56 -16.27 -40.59
CA GLU D 2073 14.81 -16.11 -41.83
C GLU D 2073 15.57 -15.29 -42.87
N CYS D 2074 16.87 -15.11 -42.71
CA CYS D 2074 17.65 -14.41 -43.71
C CYS D 2074 17.78 -15.28 -44.94
N CYS D 2075 17.71 -14.65 -46.11
CA CYS D 2075 17.96 -15.28 -47.38
C CYS D 2075 19.14 -14.70 -48.12
N GLN D 2076 19.76 -13.65 -47.58
CA GLN D 2076 20.89 -12.97 -48.17
C GLN D 2076 22.14 -13.20 -47.32
N PRO D 2077 23.32 -12.95 -47.86
CA PRO D 2077 24.54 -13.14 -47.07
C PRO D 2077 24.60 -12.22 -45.87
N VAL D 2078 25.02 -12.80 -44.76
CA VAL D 2078 25.15 -12.11 -43.48
C VAL D 2078 26.57 -12.31 -43.03
N LEU D 2079 27.32 -11.22 -42.96
CA LEU D 2079 28.74 -11.26 -42.63
C LEU D 2079 28.95 -10.47 -41.37
N VAL D 2080 29.39 -11.17 -40.33
CA VAL D 2080 29.66 -10.58 -39.03
C VAL D 2080 31.16 -10.44 -38.92
N TYR D 2081 31.60 -9.26 -38.54
CA TYR D 2081 33.01 -8.96 -38.39
C TYR D 2081 33.20 -8.28 -37.05
N ILE D 2082 34.15 -8.80 -36.28
CA ILE D 2082 34.48 -8.21 -34.98
C ILE D 2082 35.60 -7.21 -35.21
N PRO D 2083 35.38 -5.92 -35.04
CA PRO D 2083 36.42 -4.97 -35.34
C PRO D 2083 37.55 -5.07 -34.35
N PRO D 2084 38.63 -4.34 -34.57
CA PRO D 2084 39.70 -4.30 -33.57
C PRO D 2084 39.26 -3.58 -32.31
N GLN D 2085 39.80 -4.00 -31.19
CA GLN D 2085 39.42 -3.49 -29.88
C GLN D 2085 37.93 -3.67 -29.64
N ALA D 2086 37.40 -4.80 -30.08
CA ALA D 2086 36.01 -5.16 -29.88
C ALA D 2086 35.93 -6.56 -29.32
N GLU D 2087 34.82 -6.82 -28.63
CA GLU D 2087 34.63 -8.11 -28.00
C GLU D 2087 33.18 -8.54 -28.06
N LEU D 2088 32.99 -9.86 -28.10
CA LEU D 2088 31.69 -10.48 -27.91
C LEU D 2088 31.69 -11.41 -26.72
N ARG D 2089 30.70 -11.23 -25.86
CA ARG D 2089 30.67 -11.89 -24.57
C ARG D 2089 29.30 -12.48 -24.32
N GLY D 2090 29.24 -13.80 -24.31
CA GLY D 2090 28.13 -14.49 -23.67
C GLY D 2090 26.86 -14.40 -24.49
N GLY D 2091 25.86 -13.75 -23.91
CA GLY D 2091 24.56 -13.68 -24.53
C GLY D 2091 24.60 -13.02 -25.89
N SER D 2092 25.53 -12.10 -26.09
CA SER D 2092 25.58 -11.37 -27.33
C SER D 2092 26.12 -12.19 -28.47
N TRP D 2093 26.86 -13.26 -28.18
CA TRP D 2093 27.31 -14.16 -29.24
C TRP D 2093 26.20 -15.10 -29.66
N VAL D 2094 25.58 -15.76 -28.70
CA VAL D 2094 24.66 -16.85 -28.98
C VAL D 2094 23.43 -16.43 -29.76
N VAL D 2095 23.20 -15.13 -29.93
CA VAL D 2095 22.07 -14.62 -30.71
C VAL D 2095 22.45 -14.26 -32.13
N ILE D 2096 23.73 -14.13 -32.45
CA ILE D 2096 24.19 -13.85 -33.80
C ILE D 2096 25.14 -14.93 -34.29
N ASP D 2097 25.19 -16.06 -33.59
CA ASP D 2097 26.10 -17.10 -34.00
C ASP D 2097 25.67 -17.66 -35.33
N SER D 2098 26.66 -18.05 -36.13
CA SER D 2098 26.40 -18.52 -37.49
C SER D 2098 25.59 -19.81 -37.52
N SER D 2099 25.47 -20.51 -36.41
CA SER D 2099 24.71 -21.75 -36.37
C SER D 2099 23.22 -21.51 -36.52
N ILE D 2100 22.75 -20.29 -36.31
CA ILE D 2100 21.35 -19.99 -36.49
C ILE D 2100 20.94 -20.21 -37.94
N ASN D 2101 21.71 -19.65 -38.87
CA ASN D 2101 21.45 -19.75 -40.30
C ASN D 2101 22.76 -20.11 -40.96
N PRO D 2102 23.14 -21.38 -40.94
CA PRO D 2102 24.48 -21.75 -41.43
C PRO D 2102 24.68 -21.52 -42.91
N ARG D 2103 23.62 -21.47 -43.70
CA ARG D 2103 23.78 -21.35 -45.13
C ARG D 2103 24.28 -19.98 -45.55
N HIS D 2104 23.92 -18.96 -44.78
CA HIS D 2104 24.15 -17.57 -45.14
C HIS D 2104 25.10 -16.85 -44.21
N MET D 2105 25.13 -17.20 -42.94
CA MET D 2105 25.87 -16.46 -41.95
C MET D 2105 27.32 -16.88 -41.89
N GLU D 2106 28.20 -15.90 -41.74
CA GLU D 2106 29.61 -16.13 -41.51
C GLU D 2106 30.11 -15.15 -40.46
N MET D 2107 31.15 -15.56 -39.75
CA MET D 2107 31.78 -14.75 -38.72
C MET D 2107 33.28 -14.65 -38.99
N TYR D 2108 33.80 -13.45 -38.82
CA TYR D 2108 35.21 -13.16 -38.96
C TYR D 2108 35.65 -12.26 -37.83
N ALA D 2109 36.91 -12.36 -37.48
CA ALA D 2109 37.47 -11.64 -36.35
C ALA D 2109 38.76 -10.96 -36.76
N ASP D 2110 39.02 -9.82 -36.15
CA ASP D 2110 40.29 -9.14 -36.31
C ASP D 2110 41.31 -9.80 -35.37
N ARG D 2111 42.56 -9.36 -35.45
CA ARG D 2111 43.57 -9.85 -34.53
C ARG D 2111 43.48 -9.19 -33.16
N GLU D 2112 42.91 -7.99 -33.08
CA GLU D 2112 42.71 -7.27 -31.84
C GLU D 2112 41.31 -7.47 -31.28
N SER D 2113 40.74 -8.64 -31.50
CA SER D 2113 39.38 -8.94 -31.08
C SER D 2113 39.38 -9.91 -29.93
N ARG D 2114 38.24 -10.01 -29.26
CA ARG D 2114 38.06 -10.95 -28.18
C ARG D 2114 36.69 -11.58 -28.23
N GLY D 2115 36.62 -12.82 -27.78
CA GLY D 2115 35.33 -13.44 -27.71
C GLY D 2115 35.27 -14.61 -26.77
N SER D 2116 34.29 -14.62 -25.90
CA SER D 2116 34.18 -15.71 -24.94
C SER D 2116 32.79 -15.64 -24.31
N VAL D 2117 32.61 -16.46 -23.27
CA VAL D 2117 31.38 -16.42 -22.50
C VAL D 2117 31.41 -15.29 -21.50
N LEU D 2118 32.50 -15.22 -20.73
CA LEU D 2118 32.67 -14.24 -19.67
C LEU D 2118 33.94 -13.46 -19.90
N GLU D 2119 33.89 -12.19 -19.53
CA GLU D 2119 35.07 -11.37 -19.54
C GLU D 2119 36.10 -11.93 -18.57
N PRO D 2120 37.35 -11.49 -18.65
CA PRO D 2120 38.39 -12.03 -17.76
C PRO D 2120 38.09 -11.85 -16.28
N GLU D 2121 37.54 -10.71 -15.90
CA GLU D 2121 37.23 -10.47 -14.49
C GLU D 2121 36.22 -11.48 -13.97
N GLY D 2122 35.17 -11.72 -14.75
CA GLY D 2122 34.17 -12.67 -14.34
C GLY D 2122 34.66 -14.09 -14.31
N THR D 2123 35.71 -14.38 -15.07
CA THR D 2123 36.28 -15.72 -15.05
C THR D 2123 37.16 -15.90 -13.82
N VAL D 2124 37.99 -14.91 -13.51
CA VAL D 2124 38.87 -15.07 -12.35
C VAL D 2124 38.07 -15.07 -11.07
N GLU D 2125 36.94 -14.37 -11.03
CA GLU D 2125 36.12 -14.39 -9.82
C GLU D 2125 35.54 -15.76 -9.53
N ILE D 2126 35.55 -16.67 -10.49
CA ILE D 2126 35.02 -18.01 -10.32
C ILE D 2126 36.14 -19.02 -10.16
N LYS D 2127 37.13 -18.98 -11.04
CA LYS D 2127 38.12 -20.04 -11.14
C LYS D 2127 39.48 -19.70 -10.56
N PHE D 2128 39.73 -18.42 -10.22
CA PHE D 2128 41.05 -17.98 -9.79
C PHE D 2128 40.93 -17.05 -8.59
N ARG D 2129 40.20 -17.50 -7.59
CA ARG D 2129 40.03 -16.71 -6.38
C ARG D 2129 41.36 -16.63 -5.61
N ARG D 2130 41.31 -15.89 -4.49
CA ARG D 2130 42.50 -15.53 -3.74
C ARG D 2130 43.34 -16.74 -3.35
N LYS D 2131 42.69 -17.84 -2.98
CA LYS D 2131 43.43 -19.02 -2.52
C LYS D 2131 44.40 -19.51 -3.61
N ASP D 2132 43.93 -19.56 -4.84
CA ASP D 2132 44.76 -19.99 -5.95
C ASP D 2132 45.79 -18.95 -6.32
N LEU D 2133 45.47 -17.67 -6.15
CA LEU D 2133 46.43 -16.61 -6.37
C LEU D 2133 47.62 -16.76 -5.43
N VAL D 2134 47.34 -17.02 -4.15
CA VAL D 2134 48.40 -17.25 -3.18
C VAL D 2134 49.21 -18.47 -3.59
N LYS D 2135 48.54 -19.53 -4.03
CA LYS D 2135 49.27 -20.71 -4.48
C LYS D 2135 50.21 -20.37 -5.63
N THR D 2136 49.81 -19.45 -6.49
CA THR D 2136 50.69 -19.01 -7.56
C THR D 2136 51.88 -18.28 -7.00
N MET D 2137 51.63 -17.36 -6.07
CA MET D 2137 52.70 -16.56 -5.48
C MET D 2137 53.73 -17.44 -4.80
N ARG D 2138 53.30 -18.59 -4.31
CA ARG D 2138 54.19 -19.50 -3.60
C ARG D 2138 55.38 -19.93 -4.45
N ARG D 2139 55.24 -19.91 -5.78
CA ARG D 2139 56.28 -20.41 -6.68
C ARG D 2139 56.88 -19.33 -7.57
N VAL D 2140 56.60 -18.05 -7.31
CA VAL D 2140 57.04 -16.95 -8.15
C VAL D 2140 57.87 -15.95 -7.37
N ASP D 2141 57.28 -15.33 -6.35
CA ASP D 2141 57.87 -14.17 -5.73
C ASP D 2141 59.12 -14.58 -4.94
N PRO D 2142 60.32 -14.09 -5.28
CA PRO D 2142 61.51 -14.51 -4.52
C PRO D 2142 61.44 -14.23 -3.04
N VAL D 2143 60.89 -13.08 -2.64
CA VAL D 2143 60.80 -12.73 -1.23
C VAL D 2143 59.90 -13.71 -0.50
N TYR D 2144 58.70 -13.95 -1.04
CA TYR D 2144 57.78 -14.87 -0.42
C TYR D 2144 58.33 -16.28 -0.42
N ILE D 2145 59.08 -16.65 -1.45
CA ILE D 2145 59.69 -17.98 -1.48
C ILE D 2145 60.72 -18.10 -0.37
N HIS D 2146 61.62 -17.12 -0.27
CA HIS D 2146 62.65 -17.16 0.76
C HIS D 2146 62.03 -17.25 2.15
N LEU D 2147 61.01 -16.46 2.42
CA LEU D 2147 60.36 -16.50 3.73
C LEU D 2147 59.67 -17.84 3.96
N ALA D 2148 59.00 -18.37 2.93
CA ALA D 2148 58.28 -19.63 3.09
C ALA D 2148 59.24 -20.78 3.32
N GLU D 2149 60.39 -20.74 2.64
CA GLU D 2149 61.39 -21.79 2.84
C GLU D 2149 62.04 -21.67 4.20
N ARG D 2150 62.27 -20.44 4.67
CA ARG D 2150 62.86 -20.28 5.99
C ARG D 2150 61.93 -20.78 7.07
N LEU D 2151 60.64 -20.48 6.98
CA LEU D 2151 59.70 -20.96 7.98
C LEU D 2151 59.57 -22.47 7.97
N GLY D 2152 59.96 -23.12 6.88
CA GLY D 2152 59.90 -24.58 6.80
C GLY D 2152 60.99 -25.30 7.57
N THR D 2153 61.94 -24.57 8.14
CA THR D 2153 63.01 -25.21 8.90
C THR D 2153 62.49 -25.65 10.26
N PRO D 2154 62.67 -26.92 10.66
CA PRO D 2154 62.14 -27.33 11.97
C PRO D 2154 62.84 -26.66 13.14
N GLU D 2155 62.03 -26.19 14.08
CA GLU D 2155 62.46 -25.76 15.42
C GLU D 2155 63.56 -24.71 15.36
N LEU D 2156 63.22 -23.57 14.76
CA LEU D 2156 64.14 -22.45 14.73
C LEU D 2156 64.07 -21.73 16.08
N SER D 2157 62.93 -21.14 16.35
CA SER D 2157 62.60 -20.50 17.62
C SER D 2157 61.18 -19.98 17.51
N THR D 2158 60.53 -19.79 18.65
CA THR D 2158 59.18 -19.27 18.67
C THR D 2158 59.13 -17.87 18.06
N ALA D 2159 60.01 -16.98 18.55
CA ALA D 2159 59.99 -15.59 18.13
C ALA D 2159 60.26 -15.48 16.63
N GLU D 2160 61.23 -16.23 16.12
CA GLU D 2160 61.55 -16.17 14.71
C GLU D 2160 60.39 -16.65 13.86
N ARG D 2161 59.72 -17.73 14.29
CA ARG D 2161 58.56 -18.21 13.54
C ARG D 2161 57.45 -17.16 13.49
N LYS D 2162 57.20 -16.50 14.62
CA LYS D 2162 56.19 -15.43 14.62
C LYS D 2162 56.56 -14.32 13.66
N GLU D 2163 57.82 -13.87 13.69
CA GLU D 2163 58.26 -12.83 12.77
C GLU D 2163 58.11 -13.27 11.32
N LEU D 2164 58.51 -14.51 11.00
CA LEU D 2164 58.40 -15.01 9.64
C LEU D 2164 56.95 -15.05 9.19
N GLU D 2165 56.04 -15.47 10.07
CA GLU D 2165 54.64 -15.53 9.71
C GLU D 2165 54.09 -14.16 9.40
N ASN D 2166 54.46 -13.17 10.22
CA ASN D 2166 53.98 -11.81 9.94
C ASN D 2166 54.56 -11.27 8.65
N LYS D 2167 55.83 -11.57 8.37
CA LYS D 2167 56.43 -11.14 7.11
C LYS D 2167 55.71 -11.78 5.93
N LEU D 2168 55.36 -13.06 6.04
CA LEU D 2168 54.67 -13.74 4.96
C LEU D 2168 53.30 -13.14 4.74
N LYS D 2169 52.57 -12.87 5.83
CA LYS D 2169 51.25 -12.27 5.71
C LYS D 2169 51.33 -10.92 5.02
N GLU D 2170 52.30 -10.10 5.40
CA GLU D 2170 52.39 -8.77 4.82
C GLU D 2170 52.79 -8.85 3.36
N ARG D 2171 53.71 -9.75 3.02
CA ARG D 2171 54.17 -9.84 1.64
C ARG D 2171 53.06 -10.37 0.73
N GLU D 2172 52.40 -11.44 1.16
CA GLU D 2172 51.34 -12.01 0.34
C GLU D 2172 50.18 -11.03 0.17
N GLU D 2173 49.85 -10.27 1.22
CA GLU D 2173 48.78 -9.30 1.06
C GLU D 2173 49.22 -8.16 0.15
N PHE D 2174 50.47 -7.74 0.26
CA PHE D 2174 50.94 -6.62 -0.52
C PHE D 2174 50.95 -6.93 -2.00
N LEU D 2175 51.12 -8.20 -2.36
CA LEU D 2175 51.28 -8.59 -3.75
C LEU D 2175 49.97 -8.96 -4.43
N ILE D 2176 48.83 -8.74 -3.80
CA ILE D 2176 47.58 -9.22 -4.39
C ILE D 2176 47.24 -8.44 -5.67
N PRO D 2177 47.21 -7.12 -5.70
CA PRO D 2177 46.75 -6.43 -6.92
C PRO D 2177 47.56 -6.76 -8.16
N ILE D 2178 48.86 -6.96 -8.01
CA ILE D 2178 49.69 -7.21 -9.17
C ILE D 2178 49.42 -8.62 -9.71
N TYR D 2179 49.30 -9.60 -8.83
CA TYR D 2179 48.99 -10.95 -9.26
C TYR D 2179 47.55 -11.07 -9.73
N HIS D 2180 46.68 -10.17 -9.30
CA HIS D 2180 45.33 -10.09 -9.82
C HIS D 2180 45.34 -9.65 -11.27
N GLN D 2181 46.09 -8.60 -11.58
CA GLN D 2181 46.27 -8.22 -12.97
C GLN D 2181 46.87 -9.35 -13.79
N VAL D 2182 47.81 -10.09 -13.20
CA VAL D 2182 48.39 -11.23 -13.89
C VAL D 2182 47.31 -12.26 -14.19
N ALA D 2183 46.45 -12.52 -13.21
CA ALA D 2183 45.40 -13.52 -13.36
C ALA D 2183 44.46 -13.16 -14.49
N VAL D 2184 44.02 -11.90 -14.55
CA VAL D 2184 43.09 -11.54 -15.60
C VAL D 2184 43.79 -11.56 -16.95
N GLN D 2185 45.09 -11.27 -16.99
CA GLN D 2185 45.84 -11.43 -18.23
C GLN D 2185 45.86 -12.89 -18.67
N PHE D 2186 46.07 -13.80 -17.71
CA PHE D 2186 46.06 -15.22 -17.99
C PHE D 2186 44.72 -15.65 -18.57
N ALA D 2187 43.64 -15.20 -17.95
CA ALA D 2187 42.31 -15.49 -18.45
C ALA D 2187 42.09 -14.89 -19.82
N ASP D 2188 42.67 -13.72 -20.07
CA ASP D 2188 42.52 -13.07 -21.36
C ASP D 2188 43.15 -13.90 -22.45
N LEU D 2189 44.24 -14.61 -22.14
CA LEU D 2189 44.85 -15.46 -23.15
C LEU D 2189 43.94 -16.60 -23.60
N HIS D 2190 42.84 -16.85 -22.90
CA HIS D 2190 41.88 -17.86 -23.29
C HIS D 2190 40.83 -17.34 -24.25
N ASP D 2191 40.73 -16.02 -24.41
CA ASP D 2191 39.67 -15.39 -25.18
C ASP D 2191 40.17 -14.85 -26.51
N THR D 2192 41.28 -15.36 -27.01
CA THR D 2192 41.86 -14.82 -28.21
C THR D 2192 41.24 -15.42 -29.45
N PRO D 2193 41.42 -14.78 -30.61
CA PRO D 2193 40.90 -15.37 -31.85
C PRO D 2193 41.67 -16.59 -32.33
N GLY D 2194 42.88 -16.82 -31.84
CA GLY D 2194 43.57 -18.03 -32.19
C GLY D 2194 42.82 -19.26 -31.71
N ARG D 2195 42.31 -19.20 -30.49
CA ARG D 2195 41.50 -20.29 -29.95
C ARG D 2195 40.24 -20.49 -30.77
N MET D 2196 39.55 -19.40 -31.09
CA MET D 2196 38.33 -19.49 -31.88
C MET D 2196 38.59 -20.09 -33.25
N GLN D 2197 39.76 -19.79 -33.81
CA GLN D 2197 40.11 -20.37 -35.09
C GLN D 2197 40.43 -21.85 -34.97
N GLU D 2198 41.06 -22.25 -33.87
CA GLU D 2198 41.38 -23.67 -33.71
C GLU D 2198 40.11 -24.47 -33.49
N LYS D 2199 39.13 -23.89 -32.78
CA LYS D 2199 37.90 -24.60 -32.48
C LYS D 2199 36.88 -24.54 -33.61
N GLY D 2200 37.07 -23.65 -34.56
CA GLY D 2200 36.21 -23.61 -35.74
C GLY D 2200 34.95 -22.80 -35.59
N VAL D 2201 34.92 -21.84 -34.66
CA VAL D 2201 33.74 -21.00 -34.44
C VAL D 2201 33.77 -19.74 -35.27
N ILE D 2202 34.92 -19.35 -35.80
CA ILE D 2202 35.03 -18.30 -36.80
C ILE D 2202 35.61 -18.91 -38.07
N SER D 2203 35.43 -18.19 -39.16
CA SER D 2203 35.95 -18.67 -40.43
C SER D 2203 37.42 -18.31 -40.61
N ASP D 2204 37.80 -17.08 -40.26
CA ASP D 2204 39.16 -16.64 -40.50
C ASP D 2204 39.48 -15.47 -39.59
N ILE D 2205 40.76 -15.11 -39.55
CA ILE D 2205 41.24 -13.94 -38.84
C ILE D 2205 41.73 -12.95 -39.87
N LEU D 2206 41.21 -11.74 -39.80
CA LEU D 2206 41.49 -10.69 -40.78
C LEU D 2206 42.26 -9.56 -40.17
N ASP D 2207 42.88 -8.78 -41.04
CA ASP D 2207 43.49 -7.52 -40.66
C ASP D 2207 42.53 -6.39 -40.99
N TRP D 2208 42.53 -5.37 -40.13
CA TRP D 2208 41.59 -4.26 -40.29
C TRP D 2208 41.87 -3.49 -41.57
N LYS D 2209 43.12 -3.11 -41.78
CA LYS D 2209 43.47 -2.16 -42.82
C LYS D 2209 43.07 -2.66 -44.21
N THR D 2210 43.01 -3.97 -44.41
CA THR D 2210 42.70 -4.57 -45.69
C THR D 2210 41.35 -5.25 -45.70
N SER D 2211 40.54 -5.04 -44.68
CA SER D 2211 39.26 -5.73 -44.60
C SER D 2211 38.33 -5.34 -45.75
N ARG D 2212 38.41 -4.08 -46.21
CA ARG D 2212 37.59 -3.62 -47.32
C ARG D 2212 37.71 -4.54 -48.53
N THR D 2213 38.95 -4.79 -48.96
CA THR D 2213 39.21 -5.64 -50.11
C THR D 2213 38.67 -7.04 -49.91
N PHE D 2214 38.99 -7.63 -48.74
CA PHE D 2214 38.58 -8.99 -48.46
C PHE D 2214 37.08 -9.13 -48.54
N PHE D 2215 36.36 -8.29 -47.82
CA PHE D 2215 34.91 -8.42 -47.78
C PHE D 2215 34.28 -8.09 -49.10
N TYR D 2216 34.89 -7.20 -49.89
CA TYR D 2216 34.37 -6.96 -51.23
C TYR D 2216 34.38 -8.24 -52.04
N TRP D 2217 35.54 -8.89 -52.12
CA TRP D 2217 35.63 -10.06 -52.99
C TRP D 2217 34.82 -11.22 -52.43
N ARG D 2218 34.75 -11.32 -51.11
CA ARG D 2218 33.96 -12.37 -50.49
C ARG D 2218 32.49 -12.21 -50.81
N LEU D 2219 31.97 -11.00 -50.63
CA LEU D 2219 30.57 -10.77 -50.88
C LEU D 2219 30.24 -10.97 -52.35
N ARG D 2220 31.14 -10.56 -53.23
CA ARG D 2220 30.95 -10.80 -54.66
C ARG D 2220 30.83 -12.29 -54.94
N ARG D 2221 31.75 -13.07 -54.38
CA ARG D 2221 31.71 -14.53 -54.50
C ARG D 2221 30.38 -15.07 -54.04
N LEU D 2222 29.95 -14.68 -52.84
CA LEU D 2222 28.77 -15.27 -52.25
C LEU D 2222 27.52 -14.94 -53.06
N LEU D 2223 27.45 -13.74 -53.60
CA LEU D 2223 26.30 -13.37 -54.41
C LEU D 2223 26.24 -14.19 -55.69
N LEU D 2224 27.37 -14.34 -56.37
CA LEU D 2224 27.38 -15.18 -57.58
C LEU D 2224 27.02 -16.62 -57.27
N GLU D 2225 27.57 -17.14 -56.17
CA GLU D 2225 27.22 -18.48 -55.73
C GLU D 2225 25.73 -18.60 -55.45
N ASP D 2226 25.12 -17.56 -54.88
CA ASP D 2226 23.69 -17.61 -54.63
C ASP D 2226 22.91 -17.72 -55.92
N LEU D 2227 23.34 -16.99 -56.95
CA LEU D 2227 22.66 -17.07 -58.24
C LEU D 2227 22.69 -18.50 -58.77
N VAL D 2228 23.87 -19.09 -58.84
CA VAL D 2228 23.96 -20.42 -59.43
C VAL D 2228 23.25 -21.45 -58.54
N LYS D 2229 23.30 -21.27 -57.22
CA LYS D 2229 22.64 -22.21 -56.33
C LYS D 2229 21.13 -22.14 -56.47
N LYS D 2230 20.58 -20.95 -56.69
CA LYS D 2230 19.16 -20.84 -56.94
C LYS D 2230 18.77 -21.56 -58.22
N LYS D 2231 19.61 -21.45 -59.25
CA LYS D 2231 19.33 -22.21 -60.46
C LYS D 2231 19.31 -23.70 -60.20
N ILE D 2232 20.30 -24.20 -59.46
CA ILE D 2232 20.34 -25.62 -59.14
C ILE D 2232 19.09 -26.03 -58.38
N HIS D 2233 18.69 -25.22 -57.41
CA HIS D 2233 17.56 -25.57 -56.57
C HIS D 2233 16.29 -25.63 -57.38
N ASN D 2234 16.13 -24.72 -58.34
CA ASN D 2234 14.96 -24.76 -59.19
C ASN D 2234 14.99 -25.96 -60.12
N ALA D 2235 16.19 -26.41 -60.53
CA ALA D 2235 16.26 -27.62 -61.35
C ALA D 2235 15.78 -28.84 -60.58
N ASN D 2236 16.11 -28.91 -59.29
CA ASN D 2236 15.68 -30.03 -58.45
C ASN D 2236 15.41 -29.48 -57.06
N PRO D 2237 14.17 -29.06 -56.79
CA PRO D 2237 13.86 -28.50 -55.47
C PRO D 2237 13.96 -29.50 -54.32
N GLU D 2238 14.21 -30.78 -54.58
CA GLU D 2238 14.32 -31.77 -53.53
C GLU D 2238 15.74 -31.97 -53.03
N LEU D 2239 16.70 -31.22 -53.54
CA LEU D 2239 18.06 -31.28 -53.06
C LEU D 2239 18.21 -30.44 -51.79
N THR D 2240 19.17 -30.83 -50.97
CA THR D 2240 19.51 -30.06 -49.78
C THR D 2240 20.74 -29.21 -50.07
N ASP D 2241 21.21 -28.52 -49.04
CA ASP D 2241 22.27 -27.53 -49.22
C ASP D 2241 23.61 -28.18 -49.49
N GLY D 2242 23.93 -29.22 -48.72
CA GLY D 2242 25.18 -29.92 -48.93
C GLY D 2242 25.30 -30.48 -50.33
N GLN D 2243 24.20 -31.04 -50.85
CA GLN D 2243 24.22 -31.59 -52.19
C GLN D 2243 24.51 -30.52 -53.23
N ILE D 2244 23.87 -29.36 -53.08
CA ILE D 2244 24.06 -28.26 -54.03
C ILE D 2244 25.52 -27.80 -54.01
N GLN D 2245 26.05 -27.56 -52.81
CA GLN D 2245 27.41 -27.06 -52.70
C GLN D 2245 28.40 -28.09 -53.24
N ALA D 2246 28.15 -29.36 -52.98
CA ALA D 2246 29.00 -30.43 -53.52
C ALA D 2246 28.99 -30.41 -55.04
N MET D 2247 27.81 -30.26 -55.64
CA MET D 2247 27.72 -30.20 -57.09
C MET D 2247 28.57 -29.08 -57.64
N LEU D 2248 28.50 -27.90 -57.02
CA LEU D 2248 29.28 -26.78 -57.52
C LEU D 2248 30.77 -27.05 -57.41
N ARG D 2249 31.20 -27.61 -56.28
CA ARG D 2249 32.61 -27.89 -56.07
C ARG D 2249 33.12 -28.88 -57.11
N ARG D 2250 32.37 -29.97 -57.31
CA ARG D 2250 32.76 -30.99 -58.26
C ARG D 2250 32.80 -30.43 -59.67
N TRP D 2251 31.83 -29.61 -60.04
CA TRP D 2251 31.81 -29.10 -61.40
C TRP D 2251 33.00 -28.19 -61.65
N PHE D 2252 33.34 -27.36 -60.67
CA PHE D 2252 34.53 -26.51 -60.81
C PHE D 2252 35.77 -27.36 -61.07
N VAL D 2253 35.97 -28.40 -60.26
CA VAL D 2253 37.17 -29.20 -60.42
C VAL D 2253 37.15 -29.94 -61.75
N GLU D 2254 36.01 -30.54 -62.09
CA GLU D 2254 35.92 -31.35 -63.30
C GLU D 2254 36.20 -30.51 -64.54
N VAL D 2255 35.75 -29.27 -64.55
CA VAL D 2255 35.91 -28.44 -65.73
C VAL D 2255 37.32 -27.86 -65.78
N GLU D 2256 37.78 -27.30 -64.67
CA GLU D 2256 39.08 -26.64 -64.69
C GLU D 2256 40.23 -27.63 -64.62
N GLY D 2257 40.06 -28.73 -63.87
CA GLY D 2257 41.10 -29.70 -63.67
C GLY D 2257 41.44 -29.88 -62.20
N THR D 2258 42.10 -31.00 -61.88
CA THR D 2258 42.44 -31.27 -60.49
C THR D 2258 43.63 -30.43 -60.03
N VAL D 2259 44.51 -30.04 -60.94
CA VAL D 2259 45.64 -29.21 -60.53
C VAL D 2259 45.14 -27.85 -60.09
N LYS D 2260 44.09 -27.35 -60.72
CA LYS D 2260 43.47 -26.08 -60.38
C LYS D 2260 42.46 -26.20 -59.25
N ALA D 2261 42.37 -27.36 -58.60
CA ALA D 2261 41.38 -27.55 -57.55
C ALA D 2261 41.66 -26.66 -56.34
N TYR D 2262 42.91 -26.26 -56.13
CA TYR D 2262 43.22 -25.37 -55.02
C TYR D 2262 42.62 -23.99 -55.22
N VAL D 2263 42.23 -23.64 -56.44
CA VAL D 2263 41.73 -22.29 -56.70
C VAL D 2263 40.26 -22.34 -56.35
N TRP D 2264 39.96 -22.40 -55.06
CA TRP D 2264 38.60 -22.39 -54.56
C TRP D 2264 38.46 -21.47 -53.37
N ASP D 2265 39.48 -21.47 -52.50
CA ASP D 2265 39.55 -20.57 -51.37
C ASP D 2265 40.29 -19.33 -51.80
N ASN D 2266 39.85 -18.76 -52.91
CA ASN D 2266 40.41 -17.55 -53.49
C ASN D 2266 39.21 -16.81 -54.06
N ASN D 2267 38.74 -15.81 -53.33
CA ASN D 2267 37.45 -15.21 -53.67
C ASN D 2267 37.49 -14.55 -55.03
N LYS D 2268 38.60 -13.89 -55.36
CA LYS D 2268 38.69 -13.16 -56.61
C LYS D 2268 38.63 -14.10 -57.81
N ASP D 2269 39.54 -15.06 -57.85
CA ASP D 2269 39.64 -15.99 -58.98
C ASP D 2269 38.33 -16.73 -59.20
N LEU D 2270 37.73 -17.23 -58.13
CA LEU D 2270 36.55 -18.05 -58.27
C LEU D 2270 35.34 -17.20 -58.63
N ALA D 2271 35.30 -15.96 -58.12
CA ALA D 2271 34.21 -15.08 -58.48
C ALA D 2271 34.27 -14.76 -59.96
N GLU D 2272 35.48 -14.57 -60.49
CA GLU D 2272 35.64 -14.33 -61.91
C GLU D 2272 35.15 -15.51 -62.74
N TRP D 2273 35.54 -16.72 -62.34
CA TRP D 2273 35.08 -17.92 -63.04
C TRP D 2273 33.56 -18.04 -63.03
N LEU D 2274 32.95 -17.83 -61.87
CA LEU D 2274 31.49 -17.91 -61.78
C LEU D 2274 30.83 -16.86 -62.65
N GLU D 2275 31.40 -15.66 -62.68
CA GLU D 2275 30.83 -14.60 -63.50
C GLU D 2275 30.87 -15.00 -64.96
N LYS D 2276 31.98 -15.60 -65.39
CA LYS D 2276 32.07 -16.04 -66.77
C LYS D 2276 31.00 -17.07 -67.08
N GLN D 2277 30.73 -17.97 -66.13
CA GLN D 2277 29.69 -18.96 -66.41
C GLN D 2277 28.29 -18.37 -66.41
N LEU D 2278 28.07 -17.26 -65.69
CA LEU D 2278 26.71 -16.73 -65.55
C LEU D 2278 26.36 -15.63 -66.53
N THR D 2279 27.34 -14.87 -67.03
CA THR D 2279 27.07 -13.67 -67.80
C THR D 2279 27.20 -13.87 -69.31
N GLU D 2280 27.90 -14.92 -69.75
CA GLU D 2280 28.23 -15.10 -71.15
C GLU D 2280 27.34 -16.17 -71.76
N GLU D 2281 26.71 -15.84 -72.88
CA GLU D 2281 25.83 -16.74 -73.60
C GLU D 2281 26.15 -16.67 -75.09
N ASP D 2282 25.77 -17.72 -75.80
CA ASP D 2282 25.94 -17.80 -77.25
C ASP D 2282 27.40 -17.56 -77.64
N GLY D 2283 28.24 -18.49 -77.23
CA GLY D 2283 29.65 -18.24 -77.07
C GLY D 2283 30.30 -19.43 -76.40
N VAL D 2284 30.92 -19.19 -75.24
CA VAL D 2284 31.35 -20.31 -74.39
C VAL D 2284 30.17 -21.25 -74.06
N HIS D 2285 28.94 -20.71 -73.99
CA HIS D 2285 27.69 -21.43 -73.73
C HIS D 2285 27.55 -21.94 -72.30
N SER D 2286 28.51 -21.65 -71.41
CA SER D 2286 28.32 -21.88 -69.98
C SER D 2286 28.02 -23.34 -69.60
N VAL D 2287 29.02 -24.21 -69.70
CA VAL D 2287 28.92 -25.64 -69.37
C VAL D 2287 28.12 -25.90 -68.08
N ILE D 2288 28.26 -25.02 -67.09
CA ILE D 2288 27.51 -25.18 -65.85
C ILE D 2288 26.01 -25.15 -66.14
N GLU D 2289 25.59 -24.33 -67.09
CA GLU D 2289 24.18 -24.30 -67.44
C GLU D 2289 23.74 -25.64 -68.00
N GLU D 2290 24.61 -26.29 -68.77
CA GLU D 2290 24.29 -27.61 -69.29
C GLU D 2290 24.11 -28.62 -68.17
N ASN D 2291 25.01 -28.59 -67.17
CA ASN D 2291 24.84 -29.52 -66.05
C ASN D 2291 23.53 -29.24 -65.30
N ILE D 2292 23.18 -27.96 -65.13
CA ILE D 2292 21.92 -27.63 -64.46
C ILE D 2292 20.75 -28.18 -65.27
N LYS D 2293 20.82 -28.06 -66.58
CA LYS D 2293 19.76 -28.56 -67.44
C LYS D 2293 19.62 -30.06 -67.33
N CYS D 2294 20.75 -30.76 -67.18
CA CYS D 2294 20.70 -32.20 -66.96
C CYS D 2294 19.94 -32.52 -65.69
N ILE D 2295 20.23 -31.79 -64.61
CA ILE D 2295 19.52 -32.00 -63.35
C ILE D 2295 18.03 -31.80 -63.55
N SER D 2296 17.65 -30.70 -64.22
CA SER D 2296 16.24 -30.36 -64.36
C SER D 2296 15.50 -31.45 -65.14
N ARG D 2297 16.11 -31.90 -66.23
CA ARG D 2297 15.54 -32.97 -67.04
C ARG D 2297 15.30 -34.22 -66.20
N ASP D 2298 16.33 -34.67 -65.48
CA ASP D 2298 16.17 -35.90 -64.71
C ASP D 2298 15.13 -35.74 -63.61
N TYR D 2299 15.02 -34.55 -63.04
CA TYR D 2299 14.07 -34.34 -61.96
C TYR D 2299 12.64 -34.47 -62.47
N VAL D 2300 12.33 -33.79 -63.58
CA VAL D 2300 10.96 -33.89 -64.09
C VAL D 2300 10.67 -35.33 -64.52
N LEU D 2301 11.69 -36.03 -65.02
CA LEU D 2301 11.49 -37.43 -65.38
C LEU D 2301 11.14 -38.26 -64.14
N LYS D 2302 11.84 -38.03 -63.04
CA LYS D 2302 11.55 -38.74 -61.80
C LYS D 2302 10.14 -38.44 -61.32
N GLN D 2303 9.70 -37.19 -61.46
CA GLN D 2303 8.34 -36.86 -61.06
C GLN D 2303 7.32 -37.65 -61.87
N ILE D 2304 7.54 -37.74 -63.18
CA ILE D 2304 6.62 -38.49 -64.04
C ILE D 2304 6.55 -39.94 -63.58
N ARG D 2305 7.72 -40.56 -63.43
CA ARG D 2305 7.77 -41.97 -63.04
C ARG D 2305 7.12 -42.15 -61.68
N SER D 2306 7.33 -41.21 -60.78
CA SER D 2306 6.83 -41.34 -59.42
C SER D 2306 5.31 -41.28 -59.40
N LEU D 2307 4.75 -40.39 -60.19
CA LEU D 2307 3.30 -40.27 -60.23
C LEU D 2307 2.66 -41.51 -60.84
N VAL D 2308 3.22 -42.02 -61.93
CA VAL D 2308 2.58 -43.18 -62.55
C VAL D 2308 2.76 -44.42 -61.68
N GLN D 2309 3.92 -44.57 -61.04
CA GLN D 2309 4.16 -45.76 -60.24
C GLN D 2309 3.37 -45.73 -58.95
N ALA D 2310 3.20 -44.54 -58.37
CA ALA D 2310 2.36 -44.41 -57.20
C ALA D 2310 0.88 -44.50 -57.54
N ASN D 2311 0.51 -44.32 -58.80
CA ASN D 2311 -0.89 -44.30 -59.22
C ASN D 2311 -0.98 -44.88 -60.62
N PRO D 2312 -0.95 -46.21 -60.76
CA PRO D 2312 -1.03 -46.81 -62.09
C PRO D 2312 -2.32 -46.53 -62.83
N GLU D 2313 -3.41 -46.22 -62.12
CA GLU D 2313 -4.73 -46.08 -62.72
C GLU D 2313 -4.82 -44.96 -63.76
N VAL D 2314 -3.85 -44.04 -63.79
CA VAL D 2314 -3.82 -42.94 -64.75
C VAL D 2314 -2.84 -43.20 -65.89
N ALA D 2315 -2.07 -44.30 -65.81
CA ALA D 2315 -0.97 -44.53 -66.74
C ALA D 2315 -1.43 -44.51 -68.19
N MET D 2316 -2.61 -45.08 -68.46
CA MET D 2316 -3.13 -45.18 -69.81
C MET D 2316 -3.96 -43.98 -70.23
N ASP D 2317 -4.16 -42.99 -69.35
CA ASP D 2317 -4.83 -41.76 -69.76
C ASP D 2317 -3.86 -40.74 -70.33
N SER D 2318 -2.60 -40.79 -69.89
CA SER D 2318 -1.54 -39.93 -70.39
C SER D 2318 -0.71 -40.58 -71.48
N ILE D 2319 -0.79 -41.90 -71.62
CA ILE D 2319 0.08 -42.63 -72.54
C ILE D 2319 -0.13 -42.14 -73.97
N ILE D 2320 -1.34 -41.69 -74.28
CA ILE D 2320 -1.64 -41.27 -75.64
C ILE D 2320 -1.00 -39.92 -75.93
N HIS D 2321 -1.22 -38.94 -75.05
CA HIS D 2321 -0.83 -37.57 -75.33
C HIS D 2321 0.68 -37.43 -75.49
N MET D 2322 1.45 -38.19 -74.74
CA MET D 2322 2.90 -38.12 -74.80
C MET D 2322 3.47 -38.91 -75.97
N THR D 2323 2.62 -39.63 -76.71
CA THR D 2323 3.02 -40.33 -77.93
C THR D 2323 2.46 -39.66 -79.18
N GLN D 2324 2.04 -38.39 -79.07
CA GLN D 2324 1.53 -37.62 -80.19
C GLN D 2324 2.59 -36.73 -80.82
N HIS D 2325 3.24 -35.91 -79.99
CA HIS D 2325 4.25 -34.96 -80.47
C HIS D 2325 5.64 -35.60 -80.46
N ILE D 2326 5.77 -36.66 -81.24
CA ILE D 2326 6.99 -37.45 -81.32
C ILE D 2326 7.31 -37.74 -82.77
N SER D 2327 8.56 -38.12 -83.02
CA SER D 2327 8.96 -38.45 -84.37
C SER D 2327 8.37 -39.81 -84.75
N PRO D 2328 8.18 -40.08 -86.05
CA PRO D 2328 7.64 -41.38 -86.45
C PRO D 2328 8.50 -42.56 -86.00
N THR D 2329 9.81 -42.40 -85.96
CA THR D 2329 10.68 -43.47 -85.45
C THR D 2329 10.42 -43.72 -83.96
N GLN D 2330 10.18 -42.66 -83.19
CA GLN D 2330 9.83 -42.84 -81.80
C GLN D 2330 8.51 -43.58 -81.66
N ARG D 2331 7.54 -43.28 -82.54
CA ARG D 2331 6.28 -44.00 -82.53
C ARG D 2331 6.50 -45.46 -82.89
N ALA D 2332 7.43 -45.72 -83.81
CA ALA D 2332 7.76 -47.08 -84.19
C ALA D 2332 8.32 -47.84 -82.99
N GLU D 2333 9.14 -47.18 -82.19
CA GLU D 2333 9.65 -47.81 -80.98
C GLU D 2333 8.53 -48.07 -79.98
N VAL D 2334 7.56 -47.15 -79.90
CA VAL D 2334 6.44 -47.37 -78.99
C VAL D 2334 5.64 -48.59 -79.42
N ILE D 2335 5.36 -48.70 -80.71
CA ILE D 2335 4.59 -49.83 -81.22
C ILE D 2335 5.39 -51.13 -81.04
N ARG D 2336 6.68 -51.10 -81.34
CA ARG D 2336 7.48 -52.31 -81.38
C ARG D 2336 7.57 -52.96 -80.02
N ILE D 2337 7.89 -52.17 -79.00
CA ILE D 2337 8.15 -52.71 -77.68
C ILE D 2337 6.83 -53.14 -77.06
N ARG E 98 21.81 93.09 -164.87
CA ARG E 98 22.71 92.50 -163.89
C ARG E 98 23.85 91.80 -164.61
N ASP E 99 24.38 92.48 -165.62
CA ASP E 99 25.45 91.95 -166.46
C ASP E 99 26.64 92.90 -166.53
N PHE E 100 26.70 93.88 -165.64
CA PHE E 100 27.77 94.86 -165.66
C PHE E 100 28.97 94.30 -164.90
N THR E 101 30.12 94.31 -165.57
CA THR E 101 31.35 93.71 -165.05
C THR E 101 32.46 94.73 -165.20
N VAL E 102 32.58 95.60 -164.20
CA VAL E 102 33.62 96.60 -164.15
C VAL E 102 34.56 96.26 -163.00
N ALA E 103 35.82 96.64 -163.17
CA ALA E 103 36.84 96.46 -162.15
C ALA E 103 37.70 97.70 -161.96
N SER E 104 37.74 98.57 -162.97
CA SER E 104 38.56 99.77 -162.97
C SER E 104 37.71 100.95 -163.38
N PRO E 105 38.07 102.17 -162.96
CA PRO E 105 37.28 103.33 -163.39
C PRO E 105 37.24 103.51 -164.90
N ALA E 106 38.29 103.09 -165.61
CA ALA E 106 38.32 103.23 -167.05
C ALA E 106 37.17 102.48 -167.70
N GLU E 107 36.95 101.24 -167.28
CA GLU E 107 35.86 100.43 -167.84
C GLU E 107 34.52 101.05 -167.52
N PHE E 108 34.37 101.57 -166.30
CA PHE E 108 33.12 102.20 -165.90
C PHE E 108 32.82 103.41 -166.79
N VAL E 109 33.83 104.23 -167.06
CA VAL E 109 33.64 105.40 -167.91
C VAL E 109 33.28 104.96 -169.31
N THR E 110 33.92 103.91 -169.80
CA THR E 110 33.63 103.44 -171.14
C THR E 110 32.18 102.98 -171.23
N ARG E 111 31.73 102.21 -170.25
CA ARG E 111 30.41 101.61 -170.33
C ARG E 111 29.32 102.65 -170.16
N PHE E 112 29.51 103.62 -169.27
CA PHE E 112 28.47 104.59 -168.94
C PHE E 112 28.56 105.86 -169.76
N GLY E 113 29.47 105.91 -170.73
CA GLY E 113 29.47 107.01 -171.68
C GLY E 113 30.08 108.30 -171.17
N GLY E 114 31.17 108.21 -170.42
CA GLY E 114 31.91 109.38 -169.99
C GLY E 114 33.11 109.64 -170.88
N ASN E 115 33.90 110.64 -170.46
CA ASN E 115 35.02 111.10 -171.26
C ASN E 115 36.27 111.42 -170.45
N LYS E 116 36.29 111.11 -169.16
CA LYS E 116 37.44 111.40 -168.33
C LYS E 116 37.48 110.37 -167.22
N VAL E 117 38.61 109.69 -167.09
CA VAL E 117 38.81 108.70 -166.06
C VAL E 117 39.46 109.37 -164.87
N ILE E 118 38.92 109.11 -163.69
CA ILE E 118 39.44 109.63 -162.44
C ILE E 118 39.83 108.45 -161.59
N GLU E 119 41.11 108.38 -161.21
CA GLU E 119 41.63 107.37 -160.31
C GLU E 119 42.17 107.96 -159.02
N LYS E 120 42.54 109.23 -159.03
CA LYS E 120 42.99 109.92 -157.82
C LYS E 120 42.30 111.27 -157.70
N VAL E 121 41.89 111.53 -156.47
CA VAL E 121 41.17 112.74 -156.10
C VAL E 121 41.95 113.39 -154.98
N LEU E 122 42.15 114.68 -155.09
CA LEU E 122 42.70 115.48 -154.02
C LEU E 122 41.57 116.14 -153.27
N ILE E 123 41.62 116.08 -151.96
CA ILE E 123 40.68 116.77 -151.09
C ILE E 123 41.38 118.00 -150.56
N ALA E 124 40.88 119.16 -150.95
CA ALA E 124 41.40 120.44 -150.49
C ALA E 124 40.58 120.94 -149.31
N ASN E 125 40.56 120.14 -148.26
CA ASN E 125 39.70 120.41 -147.13
C ASN E 125 40.16 119.53 -145.98
N ASN E 126 39.48 119.65 -144.86
CA ASN E 126 39.83 118.90 -143.68
C ASN E 126 38.61 118.70 -142.82
N GLY E 127 38.79 117.98 -141.73
CA GLY E 127 37.73 117.71 -140.82
C GLY E 127 36.61 116.92 -141.46
N ILE E 128 35.41 117.43 -141.21
CA ILE E 128 34.18 116.69 -141.52
C ILE E 128 34.06 116.49 -143.00
N ALA E 129 34.36 117.53 -143.76
CA ALA E 129 34.22 117.48 -145.21
C ALA E 129 35.06 116.37 -145.80
N ALA E 130 36.30 116.27 -145.36
CA ALA E 130 37.20 115.23 -145.83
C ALA E 130 36.66 113.86 -145.47
N VAL E 131 36.26 113.70 -144.21
CA VAL E 131 35.73 112.42 -143.74
C VAL E 131 34.55 112.00 -144.60
N LYS E 132 33.59 112.89 -144.79
CA LYS E 132 32.36 112.55 -145.47
C LYS E 132 32.61 112.20 -146.93
N CYS E 133 33.43 113.00 -147.61
CA CYS E 133 33.75 112.73 -149.00
C CYS E 133 34.33 111.34 -149.16
N MET E 134 35.37 111.04 -148.39
CA MET E 134 36.04 109.75 -148.53
C MET E 134 35.07 108.61 -148.27
N ARG E 135 34.25 108.73 -147.22
CA ARG E 135 33.39 107.63 -146.84
C ARG E 135 32.34 107.34 -147.89
N SER E 136 31.64 108.38 -148.35
CA SER E 136 30.55 108.17 -149.30
C SER E 136 31.08 107.59 -150.60
N ILE E 137 32.20 108.14 -151.08
CA ILE E 137 32.69 107.68 -152.37
C ILE E 137 33.23 106.27 -152.27
N ARG E 138 33.81 105.90 -151.13
CA ARG E 138 34.32 104.54 -151.00
C ARG E 138 33.18 103.53 -150.94
N ARG E 139 32.08 103.89 -150.28
CA ARG E 139 30.91 103.03 -150.32
C ARG E 139 30.47 102.78 -151.76
N TRP E 140 30.36 103.85 -152.53
CA TRP E 140 29.96 103.71 -153.92
C TRP E 140 30.96 102.88 -154.70
N SER E 141 32.24 103.06 -154.40
CA SER E 141 33.30 102.35 -155.12
C SER E 141 33.19 100.86 -154.91
N TYR E 142 32.92 100.44 -153.67
CA TYR E 142 32.71 99.03 -153.42
C TYR E 142 31.47 98.54 -154.14
N GLU E 143 30.43 99.36 -154.19
CA GLU E 143 29.21 98.94 -154.86
C GLU E 143 29.46 98.64 -156.33
N MET E 144 30.26 99.46 -157.00
CA MET E 144 30.44 99.32 -158.44
C MET E 144 31.58 98.41 -158.82
N PHE E 145 32.71 98.50 -158.11
CA PHE E 145 33.94 97.82 -158.48
C PHE E 145 34.27 96.61 -157.63
N ARG E 146 33.53 96.37 -156.56
CA ARG E 146 33.90 95.32 -155.60
C ARG E 146 35.29 95.57 -155.02
N ASN E 147 35.62 96.84 -154.86
CA ASN E 147 36.89 97.27 -154.31
C ASN E 147 36.62 98.58 -153.61
N GLU E 148 36.68 98.57 -152.28
CA GLU E 148 36.38 99.77 -151.51
C GLU E 148 37.43 100.86 -151.69
N ARG E 149 38.56 100.56 -152.32
CA ARG E 149 39.68 101.48 -152.46
C ARG E 149 40.09 101.60 -153.93
N ALA E 150 39.07 101.65 -154.80
CA ALA E 150 39.31 101.82 -156.22
C ALA E 150 39.63 103.25 -156.59
N ILE E 151 39.20 104.21 -155.78
CA ILE E 151 39.51 105.63 -155.96
C ILE E 151 40.34 106.07 -154.78
N ARG E 152 41.53 106.57 -155.07
CA ARG E 152 42.46 106.95 -154.03
C ARG E 152 42.32 108.42 -153.72
N PHE E 153 42.47 108.74 -152.44
CA PHE E 153 42.23 110.08 -151.93
C PHE E 153 43.51 110.61 -151.31
N VAL E 154 43.90 111.79 -151.74
CA VAL E 154 45.06 112.49 -151.20
C VAL E 154 44.53 113.63 -150.36
N VAL E 155 45.17 113.87 -149.22
CA VAL E 155 44.80 114.92 -148.31
C VAL E 155 46.02 115.75 -147.99
N MET E 156 45.78 117.00 -147.65
CA MET E 156 46.80 117.91 -147.20
C MET E 156 46.69 118.06 -145.70
N VAL E 157 47.81 117.86 -145.03
CA VAL E 157 47.86 117.76 -143.58
C VAL E 157 48.72 118.90 -143.07
N THR E 158 48.21 119.62 -142.13
CA THR E 158 48.97 120.57 -141.36
C THR E 158 49.52 119.92 -140.10
N PRO E 159 50.57 120.49 -139.50
CA PRO E 159 51.04 119.95 -138.22
C PRO E 159 50.00 120.05 -137.12
N GLU E 160 49.12 121.04 -137.18
CA GLU E 160 48.08 121.17 -136.17
C GLU E 160 47.10 120.01 -136.24
N ASP E 161 46.65 119.67 -137.45
CA ASP E 161 45.75 118.55 -137.60
C ASP E 161 46.41 117.24 -137.25
N LEU E 162 47.71 117.11 -137.53
CA LEU E 162 48.42 115.88 -137.19
C LEU E 162 48.53 115.72 -135.69
N LYS E 163 48.92 116.79 -135.00
CA LYS E 163 49.05 116.70 -133.55
C LYS E 163 47.72 116.48 -132.88
N ALA E 164 46.65 117.04 -133.43
CA ALA E 164 45.33 116.83 -132.90
C ALA E 164 44.73 115.48 -133.30
N ASN E 165 45.44 114.67 -134.08
CA ASN E 165 44.97 113.36 -134.50
C ASN E 165 43.63 113.46 -135.22
N ALA E 166 43.59 114.30 -136.23
CA ALA E 166 42.37 114.48 -137.02
C ALA E 166 41.95 113.17 -137.63
N GLU E 167 40.64 112.97 -137.72
CA GLU E 167 40.10 111.69 -138.10
C GLU E 167 40.37 111.38 -139.57
N TYR E 168 40.41 112.40 -140.40
CA TYR E 168 40.53 112.18 -141.83
C TYR E 168 41.90 111.66 -142.22
N ILE E 169 42.91 111.89 -141.39
CA ILE E 169 44.27 111.51 -141.73
C ILE E 169 44.38 110.00 -141.87
N LYS E 170 43.85 109.26 -140.89
CA LYS E 170 43.91 107.82 -140.90
C LYS E 170 43.10 107.20 -142.02
N MET E 171 42.06 107.88 -142.49
CA MET E 171 41.25 107.37 -143.58
C MET E 171 41.90 107.54 -144.94
N ALA E 172 42.73 108.55 -145.09
CA ALA E 172 43.29 108.87 -146.39
C ALA E 172 44.19 107.76 -146.88
N ASP E 173 44.35 107.71 -148.19
CA ASP E 173 45.30 106.80 -148.81
C ASP E 173 46.71 107.35 -148.78
N HIS E 174 46.85 108.63 -149.13
CA HIS E 174 48.13 109.32 -149.14
C HIS E 174 47.91 110.65 -148.47
N TYR E 175 48.97 111.15 -147.82
CA TYR E 175 48.97 112.49 -147.27
C TYR E 175 50.21 113.21 -147.73
N VAL E 176 50.07 114.54 -147.86
CA VAL E 176 51.20 115.42 -148.11
C VAL E 176 51.18 116.51 -147.05
N PRO E 177 52.30 116.83 -146.40
CA PRO E 177 52.28 117.93 -145.45
C PRO E 177 52.23 119.27 -146.16
N VAL E 178 51.65 120.26 -145.49
CA VAL E 178 51.58 121.63 -145.99
C VAL E 178 51.83 122.57 -144.82
N PRO E 179 52.15 123.84 -145.11
CA PRO E 179 52.34 124.79 -144.02
C PRO E 179 51.07 125.05 -143.24
N GLY E 180 51.22 125.16 -141.92
CA GLY E 180 50.10 125.37 -141.04
C GLY E 180 49.74 126.83 -140.89
N GLY E 181 48.81 127.07 -139.97
CA GLY E 181 48.36 128.40 -139.64
C GLY E 181 46.99 128.68 -140.23
N PRO E 182 46.71 129.93 -140.59
CA PRO E 182 45.39 130.23 -141.13
C PRO E 182 45.17 129.57 -142.48
N ASN E 183 43.93 129.68 -142.97
CA ASN E 183 43.53 128.90 -144.13
C ASN E 183 44.28 129.29 -145.39
N ASN E 184 44.80 130.52 -145.43
CA ASN E 184 45.42 131.02 -146.65
C ASN E 184 46.78 130.43 -146.92
N ASN E 185 47.33 129.66 -145.97
CA ASN E 185 48.60 128.96 -146.19
C ASN E 185 48.42 127.51 -146.61
N ASN E 186 47.25 126.91 -146.36
CA ASN E 186 47.12 125.47 -146.44
C ASN E 186 46.02 125.00 -147.39
N TYR E 187 44.86 125.65 -147.33
CA TYR E 187 43.66 125.16 -148.00
C TYR E 187 42.97 126.20 -148.86
N ALA E 188 43.07 127.47 -148.52
CA ALA E 188 42.53 128.53 -149.36
C ALA E 188 43.53 129.04 -150.38
N ASN E 189 44.73 128.47 -150.43
CA ASN E 189 45.73 128.80 -151.43
C ASN E 189 45.50 127.94 -152.66
N VAL E 190 44.87 128.54 -153.67
CA VAL E 190 44.52 127.82 -154.88
C VAL E 190 45.77 127.41 -155.66
N GLU E 191 46.79 128.26 -155.66
CA GLU E 191 48.01 127.92 -156.38
C GLU E 191 48.70 126.74 -155.71
N LEU E 192 48.64 126.67 -154.39
CA LEU E 192 49.18 125.53 -153.69
C LEU E 192 48.41 124.27 -154.03
N ILE E 193 47.08 124.39 -154.15
CA ILE E 193 46.27 123.24 -154.53
C ILE E 193 46.70 122.73 -155.89
N LEU E 194 46.90 123.63 -156.85
CA LEU E 194 47.36 123.22 -158.16
C LEU E 194 48.73 122.56 -158.07
N ASP E 195 49.61 123.14 -157.25
CA ASP E 195 50.96 122.63 -157.12
C ASP E 195 50.96 121.20 -156.62
N ILE E 196 50.10 120.91 -155.64
CA ILE E 196 49.98 119.54 -155.15
C ILE E 196 49.35 118.66 -156.21
N ALA E 197 48.33 119.16 -156.88
CA ALA E 197 47.57 118.36 -157.83
C ALA E 197 48.44 117.92 -158.99
N LYS E 198 49.45 118.70 -159.33
CA LYS E 198 50.36 118.35 -160.41
C LYS E 198 51.59 117.62 -159.91
N ARG E 199 52.06 117.97 -158.72
CA ARG E 199 53.16 117.25 -158.11
C ARG E 199 52.81 115.79 -157.92
N ILE E 200 51.67 115.54 -157.29
CA ILE E 200 51.11 114.19 -157.17
C ILE E 200 50.08 114.07 -158.29
N PRO E 201 50.30 113.24 -159.31
CA PRO E 201 49.37 113.25 -160.42
C PRO E 201 48.00 112.73 -160.02
N VAL E 202 47.08 113.67 -159.88
CA VAL E 202 45.69 113.39 -159.61
C VAL E 202 44.88 113.82 -160.80
N GLN E 203 43.70 113.24 -160.92
CA GLN E 203 42.78 113.57 -161.99
C GLN E 203 41.65 114.48 -161.56
N ALA E 204 41.36 114.58 -160.26
CA ALA E 204 40.36 115.56 -159.86
C ALA E 204 40.67 116.17 -158.50
N VAL E 205 39.96 117.25 -158.22
CA VAL E 205 40.03 117.98 -156.97
C VAL E 205 38.62 118.22 -156.47
N TRP E 206 38.38 117.89 -155.21
CA TRP E 206 37.11 118.12 -154.54
C TRP E 206 37.36 119.12 -153.43
N ALA E 207 36.52 120.15 -153.38
CA ALA E 207 36.64 121.22 -152.41
C ALA E 207 35.53 121.24 -151.38
N GLY E 208 34.30 120.96 -151.80
CA GLY E 208 33.20 120.90 -150.87
C GLY E 208 32.90 122.26 -150.28
N TRP E 209 32.60 122.27 -148.99
CA TRP E 209 32.17 123.47 -148.28
C TRP E 209 33.28 124.03 -147.39
N GLY E 210 34.51 123.91 -147.82
CA GLY E 210 35.61 124.37 -147.01
C GLY E 210 35.90 125.83 -147.27
N HIS E 211 37.10 126.11 -147.76
CA HIS E 211 37.60 127.47 -147.90
C HIS E 211 37.93 127.87 -149.31
N ALA E 212 38.11 126.93 -150.22
CA ALA E 212 38.47 127.22 -151.60
C ALA E 212 37.29 127.19 -152.56
N SER E 213 36.15 126.64 -152.16
CA SER E 213 34.99 126.54 -153.03
C SER E 213 34.24 127.85 -153.16
N GLU E 214 34.71 128.92 -152.52
CA GLU E 214 34.18 130.25 -152.70
C GLU E 214 35.11 131.13 -153.51
N ASN E 215 36.19 130.56 -154.06
CA ASN E 215 37.18 131.29 -154.84
C ASN E 215 37.00 130.91 -156.30
N PRO E 216 36.47 131.80 -157.15
CA PRO E 216 36.25 131.41 -158.55
C PRO E 216 37.50 131.17 -159.36
N LYS E 217 38.69 131.42 -158.81
CA LYS E 217 39.90 131.27 -159.59
C LYS E 217 40.39 129.84 -159.65
N LEU E 218 39.95 128.99 -158.72
CA LEU E 218 40.47 127.63 -158.68
C LEU E 218 40.06 126.79 -159.89
N PRO E 219 38.80 126.78 -160.33
CA PRO E 219 38.45 125.99 -161.51
C PRO E 219 39.23 126.37 -162.73
N GLU E 220 39.55 127.65 -162.89
CA GLU E 220 40.36 128.09 -164.03
C GLU E 220 41.75 127.46 -163.98
N LEU E 221 42.41 127.61 -162.84
CA LEU E 221 43.75 127.06 -162.68
C LEU E 221 43.76 125.56 -162.92
N LEU E 222 42.71 124.87 -162.51
CA LEU E 222 42.70 123.41 -162.65
C LEU E 222 42.36 122.98 -164.06
N LEU E 223 41.45 123.69 -164.72
CA LEU E 223 41.05 123.31 -166.06
C LEU E 223 42.16 123.59 -167.06
N LYS E 224 42.94 124.65 -166.82
CA LYS E 224 44.06 124.94 -167.71
C LYS E 224 45.11 123.84 -167.70
N ASN E 225 45.14 123.00 -166.68
CA ASN E 225 46.10 121.91 -166.57
C ASN E 225 45.47 120.53 -166.73
N GLY E 226 44.23 120.46 -167.20
CA GLY E 226 43.61 119.18 -167.47
C GLY E 226 43.13 118.46 -166.23
N ILE E 227 42.75 119.20 -165.20
CA ILE E 227 42.32 118.64 -163.93
C ILE E 227 40.85 118.98 -163.75
N ALA E 228 40.06 117.97 -163.40
CA ALA E 228 38.61 118.13 -163.30
C ALA E 228 38.24 118.58 -161.90
N PHE E 229 37.62 119.75 -161.82
CA PHE E 229 37.10 120.27 -160.56
C PHE E 229 35.69 119.77 -160.36
N MET E 230 35.43 119.18 -159.21
CA MET E 230 34.10 118.68 -158.87
C MET E 230 33.22 119.83 -158.40
N GLY E 231 32.91 120.69 -159.35
CA GLY E 231 32.08 121.83 -159.06
C GLY E 231 31.84 122.67 -160.29
N PRO E 232 31.30 123.86 -160.09
CA PRO E 232 30.92 124.68 -161.24
C PRO E 232 32.16 125.18 -161.94
N PRO E 233 32.03 125.57 -163.22
CA PRO E 233 33.09 126.35 -163.84
C PRO E 233 33.13 127.75 -163.26
N SER E 234 34.23 128.44 -163.52
CA SER E 234 34.42 129.76 -162.93
C SER E 234 33.45 130.77 -163.52
N GLN E 235 33.01 130.57 -164.76
CA GLN E 235 32.12 131.53 -165.38
C GLN E 235 30.81 131.62 -164.64
N ALA E 236 30.29 130.48 -164.19
CA ALA E 236 29.12 130.49 -163.34
C ALA E 236 29.40 131.24 -162.05
N MET E 237 30.48 130.85 -161.35
CA MET E 237 30.81 131.48 -160.06
C MET E 237 31.02 132.99 -160.22
N TRP E 238 31.41 133.44 -161.40
CA TRP E 238 31.50 134.87 -161.68
C TRP E 238 30.12 135.45 -161.86
N ALA E 239 29.36 134.89 -162.79
CA ALA E 239 27.97 135.29 -162.97
C ALA E 239 27.18 135.18 -161.67
N LEU E 240 27.50 134.19 -160.87
CA LEU E 240 27.10 134.13 -159.46
C LEU E 240 28.11 134.84 -158.58
N GLY E 241 28.34 136.11 -158.84
CA GLY E 241 29.39 136.83 -158.18
C GLY E 241 28.95 137.32 -156.83
N ASP E 242 28.99 138.64 -156.66
CA ASP E 242 28.52 139.30 -155.46
C ASP E 242 27.00 139.35 -155.54
N LYS E 243 26.38 140.24 -154.77
CA LYS E 243 24.96 140.22 -154.49
C LYS E 243 24.14 140.94 -155.54
N ILE E 244 24.64 142.06 -156.04
CA ILE E 244 23.92 142.82 -157.06
C ILE E 244 23.76 141.99 -158.32
N ALA E 245 24.86 141.38 -158.77
CA ALA E 245 24.82 140.57 -159.98
C ALA E 245 23.90 139.38 -159.80
N SER E 246 23.86 138.82 -158.60
CA SER E 246 23.01 137.67 -158.33
C SER E 246 21.53 138.05 -158.42
N SER E 247 21.16 139.14 -157.75
CA SER E 247 19.79 139.60 -157.79
C SER E 247 19.37 139.96 -159.20
N ILE E 248 20.27 140.55 -159.98
CA ILE E 248 19.93 140.90 -161.36
C ILE E 248 19.73 139.63 -162.18
N VAL E 249 20.70 138.72 -162.13
CA VAL E 249 20.69 137.59 -163.06
C VAL E 249 19.51 136.68 -162.76
N ALA E 250 19.04 136.65 -161.51
CA ALA E 250 17.89 135.81 -161.21
C ALA E 250 16.64 136.23 -161.98
N GLN E 251 16.60 137.48 -162.46
CA GLN E 251 15.41 138.05 -163.06
C GLN E 251 15.39 137.93 -164.58
N THR E 252 16.34 137.22 -165.17
CA THR E 252 16.41 137.08 -166.63
C THR E 252 15.55 135.92 -167.14
N ALA E 253 15.14 135.02 -166.27
CA ALA E 253 14.22 133.94 -166.59
C ALA E 253 13.08 134.11 -165.61
N GLY E 254 12.29 133.04 -165.40
CA GLY E 254 11.14 133.07 -164.51
C GLY E 254 11.46 133.77 -163.21
N ILE E 255 10.88 134.95 -163.07
CA ILE E 255 11.41 135.97 -162.17
C ILE E 255 10.99 135.62 -160.76
N PRO E 256 11.91 135.31 -159.85
CA PRO E 256 11.53 135.23 -158.45
C PRO E 256 11.39 136.63 -157.89
N THR E 257 10.50 136.76 -156.92
CA THR E 257 10.37 138.03 -156.22
C THR E 257 11.69 138.33 -155.51
N LEU E 258 12.00 139.61 -155.40
CA LEU E 258 13.20 140.08 -154.71
C LEU E 258 12.84 141.31 -153.88
N PRO E 259 13.38 141.45 -152.65
CA PRO E 259 13.01 142.64 -151.85
C PRO E 259 13.86 143.87 -152.17
N TRP E 260 13.71 144.37 -153.41
CA TRP E 260 14.39 145.58 -153.85
C TRP E 260 15.90 145.55 -153.66
N SER E 261 16.59 144.68 -154.39
CA SER E 261 18.03 144.54 -154.27
C SER E 261 18.71 145.77 -154.88
N GLY E 262 18.60 146.88 -154.15
CA GLY E 262 18.93 148.19 -154.68
C GLY E 262 17.71 148.81 -155.33
N SER E 263 17.00 147.98 -156.10
CA SER E 263 15.71 148.33 -156.68
C SER E 263 15.11 147.04 -157.23
N GLY E 264 13.90 147.15 -157.75
CA GLY E 264 13.23 146.04 -158.40
C GLY E 264 13.42 146.00 -159.90
N LEU E 265 14.36 146.77 -160.43
CA LEU E 265 14.55 146.86 -161.87
C LEU E 265 15.40 145.69 -162.36
N ARG E 266 15.18 145.31 -163.62
CA ARG E 266 15.81 144.12 -164.19
C ARG E 266 16.36 144.44 -165.57
N VAL E 267 16.78 143.39 -166.28
CA VAL E 267 17.36 143.48 -167.62
C VAL E 267 16.48 142.68 -168.57
N ASP E 268 16.91 142.56 -169.82
CA ASP E 268 16.14 141.89 -170.85
C ASP E 268 15.99 140.40 -170.53
N TRP E 269 15.21 139.71 -171.36
CA TRP E 269 14.89 138.31 -171.16
C TRP E 269 15.94 137.43 -171.82
N GLN E 270 16.47 136.47 -171.05
CA GLN E 270 17.31 135.40 -171.58
C GLN E 270 16.85 134.15 -170.83
N GLU E 271 15.85 133.48 -171.40
CA GLU E 271 15.15 132.42 -170.66
C GLU E 271 16.03 131.21 -170.47
N ASN E 272 16.75 130.79 -171.53
CA ASN E 272 17.58 129.60 -171.49
C ASN E 272 18.91 129.79 -172.20
N ASP E 273 19.34 131.03 -172.39
CA ASP E 273 20.60 131.34 -173.06
C ASP E 273 21.68 131.68 -172.05
N PHE E 274 22.90 131.22 -172.35
CA PHE E 274 24.04 131.58 -171.52
C PHE E 274 24.43 133.03 -171.75
N SER E 275 24.83 133.70 -170.68
CA SER E 275 25.25 135.10 -170.76
C SER E 275 26.19 135.42 -169.63
N LYS E 276 27.10 136.35 -169.89
CA LYS E 276 28.01 136.89 -168.89
C LYS E 276 27.50 138.23 -168.38
N ARG E 277 27.98 138.60 -167.19
CA ARG E 277 27.57 139.84 -166.54
C ARG E 277 28.36 141.01 -167.11
N ILE E 278 28.09 141.31 -168.37
CA ILE E 278 28.74 142.43 -169.02
C ILE E 278 28.13 143.72 -168.49
N LEU E 279 28.97 144.70 -168.17
CA LEU E 279 28.53 145.98 -167.60
C LEU E 279 28.21 146.98 -168.70
N ASN E 280 27.24 146.61 -169.55
CA ASN E 280 26.71 147.53 -170.55
C ASN E 280 25.23 147.80 -170.35
N VAL E 281 24.41 146.75 -170.27
CA VAL E 281 23.00 146.86 -169.92
C VAL E 281 22.82 146.95 -168.41
N PRO E 282 23.29 145.99 -167.61
CA PRO E 282 23.03 146.07 -166.16
C PRO E 282 23.80 147.15 -165.44
N GLN E 283 24.73 147.84 -166.11
CA GLN E 283 25.45 148.94 -165.49
C GLN E 283 24.49 149.94 -164.87
N GLU E 284 23.41 150.28 -165.59
CA GLU E 284 22.34 151.11 -165.03
C GLU E 284 21.89 150.58 -163.69
N LEU E 285 21.52 149.30 -163.64
CA LEU E 285 21.16 148.66 -162.38
C LEU E 285 22.26 148.77 -161.35
N TYR E 286 23.53 148.55 -161.74
CA TYR E 286 24.62 148.75 -160.79
C TYR E 286 24.65 150.19 -160.30
N GLU E 287 24.44 151.14 -161.21
CA GLU E 287 24.39 152.54 -160.80
C GLU E 287 23.25 152.78 -159.84
N LYS E 288 22.14 152.04 -159.99
CA LYS E 288 21.06 152.12 -159.02
C LYS E 288 21.31 151.20 -157.82
N GLY E 289 22.06 150.13 -158.04
CA GLY E 289 22.33 149.21 -156.95
C GLY E 289 23.34 149.78 -156.00
N TYR E 290 24.25 150.62 -156.49
CA TYR E 290 25.24 151.30 -155.68
C TYR E 290 24.96 152.79 -155.60
N VAL E 291 25.40 153.39 -154.49
CA VAL E 291 25.13 154.78 -154.16
C VAL E 291 26.44 155.51 -153.96
N LYS E 292 26.43 156.81 -154.25
CA LYS E 292 27.59 157.66 -154.13
C LYS E 292 27.40 158.82 -153.16
N ASP E 293 26.29 159.56 -153.30
CA ASP E 293 26.05 160.75 -152.51
C ASP E 293 25.34 160.39 -151.20
N VAL E 294 25.07 161.41 -150.39
CA VAL E 294 24.41 161.20 -149.10
C VAL E 294 22.92 160.91 -149.29
N ASP E 295 22.28 161.47 -150.32
CA ASP E 295 20.85 161.34 -150.54
C ASP E 295 20.49 160.33 -151.61
N ASP E 296 21.46 159.55 -152.10
CA ASP E 296 21.15 158.50 -153.06
C ASP E 296 20.38 157.36 -152.39
N GLY E 297 20.82 156.94 -151.21
CA GLY E 297 20.19 155.81 -150.54
C GLY E 297 18.75 156.06 -150.16
N LEU E 298 18.40 157.31 -149.87
CA LEU E 298 17.03 157.65 -149.51
C LEU E 298 16.03 157.25 -150.58
N GLN E 299 16.44 157.30 -151.85
CA GLN E 299 15.54 156.90 -152.93
C GLN E 299 15.09 155.45 -152.80
N ALA E 300 15.88 154.60 -152.16
CA ALA E 300 15.42 153.26 -151.83
C ALA E 300 14.50 153.28 -150.62
N ALA E 301 14.88 154.04 -149.59
CA ALA E 301 14.13 154.05 -148.34
C ALA E 301 12.69 154.49 -148.56
N GLU E 302 12.46 155.37 -149.54
CA GLU E 302 11.12 155.85 -149.79
C GLU E 302 10.19 154.76 -150.33
N GLU E 303 10.75 153.71 -150.94
CA GLU E 303 9.96 152.63 -151.51
C GLU E 303 9.93 151.38 -150.64
N VAL E 304 11.05 151.02 -150.01
CA VAL E 304 11.10 149.78 -149.25
C VAL E 304 10.40 149.94 -147.90
N GLY E 305 10.51 151.10 -147.27
CA GLY E 305 9.95 151.35 -145.96
C GLY E 305 11.01 151.47 -144.89
N TYR E 306 10.55 151.36 -143.65
CA TYR E 306 11.39 151.58 -142.48
C TYR E 306 12.55 150.60 -142.33
N PRO E 307 12.35 149.28 -142.42
CA PRO E 307 13.47 148.38 -142.09
C PRO E 307 14.50 148.31 -143.20
N VAL E 308 15.43 149.26 -143.21
CA VAL E 308 16.39 149.41 -144.30
C VAL E 308 17.73 148.87 -143.81
N MET E 309 18.40 148.08 -144.64
CA MET E 309 19.74 147.58 -144.35
C MET E 309 20.70 148.16 -145.36
N ILE E 310 21.74 148.83 -144.87
CA ILE E 310 22.75 149.45 -145.71
C ILE E 310 24.07 148.75 -145.46
N LYS E 311 24.73 148.35 -146.54
CA LYS E 311 25.98 147.62 -146.42
C LYS E 311 26.94 148.07 -147.51
N ALA E 312 28.21 148.10 -147.14
CA ALA E 312 29.27 148.39 -148.09
C ALA E 312 29.53 147.16 -148.96
N SER E 313 30.12 147.40 -150.13
CA SER E 313 30.47 146.30 -151.02
C SER E 313 31.50 145.38 -150.40
N GLU E 314 32.27 145.87 -149.42
CA GLU E 314 33.21 145.06 -148.65
C GLU E 314 32.81 144.94 -147.19
N GLY E 315 31.54 145.18 -146.87
CA GLY E 315 31.10 145.09 -145.49
C GLY E 315 31.06 143.66 -145.00
N GLY E 316 31.20 143.52 -143.69
CA GLY E 316 31.23 142.22 -143.04
C GLY E 316 32.24 142.21 -141.90
N GLY E 317 32.11 141.21 -141.04
CA GLY E 317 33.00 141.10 -139.90
C GLY E 317 32.71 142.08 -138.79
N GLY E 318 31.48 142.56 -138.66
CA GLY E 318 31.11 143.51 -137.63
C GLY E 318 31.15 144.97 -138.06
N LYS E 319 31.73 145.27 -139.22
CA LYS E 319 31.85 146.62 -139.73
C LYS E 319 31.19 146.71 -141.10
N GLY E 320 30.89 147.94 -141.52
CA GLY E 320 30.31 148.16 -142.83
C GLY E 320 28.86 147.80 -142.96
N ILE E 321 28.17 147.54 -141.84
CA ILE E 321 26.77 147.13 -141.83
C ILE E 321 26.04 148.07 -140.88
N ARG E 322 24.95 148.68 -141.35
CA ARG E 322 24.09 149.45 -140.48
C ARG E 322 22.63 149.16 -140.76
N LYS E 323 21.87 148.95 -139.69
CA LYS E 323 20.44 148.65 -139.74
C LYS E 323 19.68 149.89 -139.32
N VAL E 324 18.88 150.44 -140.23
CA VAL E 324 18.08 151.63 -140.00
C VAL E 324 16.65 151.16 -139.71
N ASN E 325 16.15 151.54 -138.55
CA ASN E 325 14.80 151.23 -138.12
C ASN E 325 13.84 152.40 -138.29
N ASN E 326 14.35 153.63 -138.42
CA ASN E 326 13.54 154.82 -138.56
C ASN E 326 13.52 155.26 -140.02
N ALA E 327 12.76 156.32 -140.30
CA ALA E 327 12.77 156.97 -141.60
C ALA E 327 13.70 158.19 -141.64
N ASP E 328 13.75 158.96 -140.55
CA ASP E 328 14.55 160.19 -140.53
C ASP E 328 15.97 159.98 -140.04
N ASP E 329 16.29 158.83 -139.45
CA ASP E 329 17.65 158.51 -139.04
C ASP E 329 18.45 157.81 -140.10
N PHE E 330 17.88 157.61 -141.30
CA PHE E 330 18.64 156.99 -142.40
C PHE E 330 19.91 157.74 -142.73
N PRO E 331 19.93 159.07 -142.88
CA PRO E 331 21.18 159.74 -143.27
C PRO E 331 22.32 159.47 -142.30
N ASN E 332 22.03 159.37 -141.01
CA ASN E 332 23.07 159.13 -140.02
C ASN E 332 23.79 157.81 -140.26
N LEU E 333 23.07 156.70 -140.16
CA LEU E 333 23.69 155.39 -140.35
C LEU E 333 24.15 155.17 -141.79
N PHE E 334 23.52 155.84 -142.74
CA PHE E 334 23.93 155.72 -144.14
C PHE E 334 25.32 156.33 -144.34
N ARG E 335 25.49 157.57 -143.87
CA ARG E 335 26.81 158.18 -143.92
C ARG E 335 27.82 157.40 -143.09
N GLN E 336 27.37 156.79 -142.00
CA GLN E 336 28.27 155.91 -141.24
C GLN E 336 28.80 154.79 -142.13
N VAL E 337 27.92 154.09 -142.85
CA VAL E 337 28.37 153.00 -143.72
C VAL E 337 29.30 153.54 -144.79
N GLN E 338 29.02 154.74 -145.30
CA GLN E 338 29.93 155.33 -146.28
C GLN E 338 31.31 155.60 -145.67
N ALA E 339 31.36 155.84 -144.35
CA ALA E 339 32.62 156.00 -143.65
C ALA E 339 33.24 154.69 -143.16
N GLU E 340 32.46 153.61 -143.10
CA GLU E 340 32.98 152.33 -142.62
C GLU E 340 34.00 151.76 -143.59
N VAL E 341 33.75 151.91 -144.88
CA VAL E 341 34.66 151.48 -145.93
C VAL E 341 34.82 152.66 -146.87
N PRO E 342 35.66 153.64 -146.53
CA PRO E 342 35.80 154.83 -147.39
C PRO E 342 36.30 154.48 -148.78
N GLY E 343 35.71 155.13 -149.78
CA GLY E 343 36.13 154.97 -151.15
C GLY E 343 35.47 153.84 -151.91
N SER E 344 34.72 152.92 -151.19
CA SER E 344 34.09 151.79 -151.85
C SER E 344 32.62 152.11 -152.14
N PRO E 345 32.02 151.49 -153.15
CA PRO E 345 30.59 151.70 -153.38
C PRO E 345 29.76 151.01 -152.30
N ILE E 346 28.65 151.64 -151.96
CA ILE E 346 27.74 151.19 -150.92
C ILE E 346 26.46 150.79 -151.62
N PHE E 347 25.72 149.86 -151.01
CA PHE E 347 24.41 149.48 -151.53
C PHE E 347 23.40 149.45 -150.40
N VAL E 348 22.14 149.58 -150.80
CA VAL E 348 21.00 149.68 -149.90
C VAL E 348 20.01 148.61 -150.32
N MET E 349 19.49 147.86 -149.35
CA MET E 349 18.48 146.84 -149.64
C MET E 349 17.47 146.82 -148.52
N ARG E 350 16.32 146.24 -148.82
CA ARG E 350 15.27 146.08 -147.85
C ARG E 350 15.59 144.90 -146.94
N LEU E 351 15.35 145.09 -145.65
CA LEU E 351 15.65 144.05 -144.68
C LEU E 351 14.54 143.01 -144.68
N ALA E 352 14.92 141.76 -144.41
CA ALA E 352 13.98 140.67 -144.43
C ALA E 352 13.02 140.75 -143.24
N LYS E 353 11.82 140.22 -143.43
CA LYS E 353 10.90 140.00 -142.33
C LYS E 353 11.27 138.70 -141.61
N GLN E 354 10.60 138.45 -140.49
CA GLN E 354 10.81 137.22 -139.72
C GLN E 354 9.92 136.15 -140.31
N SER E 355 10.50 135.26 -141.10
CA SER E 355 9.79 134.20 -141.78
C SER E 355 10.75 133.02 -141.94
N ARG E 356 10.45 132.13 -142.87
CA ARG E 356 11.19 130.88 -142.98
C ARG E 356 12.27 130.94 -144.05
N HIS E 357 13.32 130.16 -143.85
CA HIS E 357 14.44 130.02 -144.77
C HIS E 357 14.40 128.62 -145.36
N LEU E 358 14.11 128.54 -146.65
CA LEU E 358 14.06 127.28 -147.36
C LEU E 358 15.19 127.20 -148.36
N GLU E 359 15.48 125.98 -148.79
CA GLU E 359 16.55 125.70 -149.72
C GLU E 359 16.09 124.65 -150.70
N VAL E 360 16.60 124.76 -151.92
CA VAL E 360 16.43 123.75 -152.94
C VAL E 360 17.80 123.25 -153.32
N GLN E 361 17.93 121.94 -153.42
CA GLN E 361 19.16 121.28 -153.82
C GLN E 361 19.07 121.01 -155.31
N ILE E 362 20.03 121.53 -156.06
CA ILE E 362 20.08 121.41 -157.50
C ILE E 362 21.26 120.54 -157.84
N LEU E 363 21.08 119.67 -158.83
CA LEU E 363 22.14 118.81 -159.29
C LEU E 363 22.14 118.84 -160.81
N ALA E 364 23.33 118.93 -161.42
CA ALA E 364 23.35 119.05 -162.87
C ALA E 364 24.60 118.44 -163.49
N ASP E 365 24.45 117.96 -164.72
CA ASP E 365 25.56 117.36 -165.46
C ASP E 365 26.17 118.37 -166.41
N GLN E 366 27.20 117.94 -167.11
CA GLN E 366 27.95 118.78 -168.04
C GLN E 366 27.35 118.78 -169.44
N TYR E 367 26.15 118.22 -169.61
CA TYR E 367 25.45 118.20 -170.89
C TYR E 367 24.20 119.05 -170.89
N GLY E 368 24.02 119.93 -169.92
CA GLY E 368 22.89 120.83 -169.89
C GLY E 368 21.65 120.31 -169.19
N ASN E 369 21.69 119.13 -168.60
CA ASN E 369 20.58 118.58 -167.84
C ASN E 369 20.71 118.96 -166.38
N ALA E 370 19.73 119.69 -165.86
CA ALA E 370 19.69 120.12 -164.47
C ALA E 370 18.38 119.66 -163.87
N ILE E 371 18.44 119.11 -162.66
CA ILE E 371 17.24 118.67 -161.97
C ILE E 371 17.26 119.17 -160.53
N SER E 372 16.06 119.29 -159.98
CA SER E 372 15.86 119.59 -158.59
C SER E 372 15.71 118.29 -157.83
N LEU E 373 16.48 118.15 -156.75
CA LEU E 373 16.39 116.92 -156.01
C LEU E 373 15.20 117.01 -155.05
N PHE E 374 15.34 117.79 -153.98
CA PHE E 374 14.30 118.12 -153.03
C PHE E 374 14.79 119.31 -152.24
N GLY E 375 13.96 119.79 -151.32
CA GLY E 375 14.26 120.95 -150.53
C GLY E 375 14.72 120.64 -149.12
N ARG E 376 14.91 121.73 -148.37
CA ARG E 376 15.25 121.71 -146.97
C ARG E 376 14.66 122.92 -146.29
N ASP E 377 14.36 122.77 -145.01
CA ASP E 377 13.88 123.86 -144.16
C ASP E 377 14.93 124.08 -143.09
N CYS E 378 15.58 125.24 -143.13
CA CYS E 378 16.76 125.52 -142.34
C CYS E 378 16.54 126.77 -141.50
N SER E 379 15.40 126.85 -140.83
CA SER E 379 14.97 128.06 -140.15
C SER E 379 15.36 128.10 -138.68
N VAL E 380 16.18 127.17 -138.22
CA VAL E 380 16.70 127.17 -136.85
C VAL E 380 18.12 127.73 -136.93
N GLN E 381 18.23 129.02 -136.66
CA GLN E 381 19.48 129.74 -136.79
C GLN E 381 19.75 130.63 -135.61
N ARG E 382 21.03 130.72 -135.25
CA ARG E 382 21.52 131.55 -134.17
C ARG E 382 22.53 132.50 -134.77
N ARG E 383 22.21 133.80 -134.75
CA ARG E 383 23.06 134.82 -135.36
C ARG E 383 23.38 134.45 -136.81
N HIS E 384 22.36 133.99 -137.53
CA HIS E 384 22.47 133.58 -138.92
C HIS E 384 23.41 132.38 -139.11
N GLN E 385 23.49 131.51 -138.11
CA GLN E 385 24.25 130.26 -138.21
C GLN E 385 23.30 129.09 -138.04
N LYS E 386 23.34 128.16 -138.97
CA LYS E 386 22.44 127.01 -138.94
C LYS E 386 22.76 126.09 -137.78
N ILE E 387 21.72 125.50 -137.18
CA ILE E 387 21.85 124.65 -136.01
C ILE E 387 21.17 123.30 -136.26
N ILE E 388 19.94 123.38 -136.73
CA ILE E 388 19.08 122.24 -137.00
C ILE E 388 18.50 122.42 -138.39
N GLU E 389 18.54 121.37 -139.18
CA GLU E 389 17.96 121.36 -140.51
C GLU E 389 16.99 120.21 -140.62
N GLU E 390 15.97 120.39 -141.46
CA GLU E 390 14.96 119.38 -141.71
C GLU E 390 14.70 119.23 -143.18
N ALA E 391 14.64 118.00 -143.62
CA ALA E 391 14.68 117.68 -145.04
C ALA E 391 13.38 117.96 -145.79
N PRO E 392 12.25 117.29 -145.53
CA PRO E 392 11.03 117.71 -146.20
C PRO E 392 10.67 119.14 -145.83
N ALA E 393 10.45 119.95 -146.87
CA ALA E 393 10.10 121.35 -146.70
C ALA E 393 8.59 121.42 -146.51
N THR E 394 8.16 121.06 -145.29
CA THR E 394 6.75 120.82 -145.01
C THR E 394 5.93 122.08 -144.81
N ILE E 395 6.59 123.23 -144.71
CA ILE E 395 5.85 124.46 -144.50
C ILE E 395 5.23 124.95 -145.80
N ALA E 396 5.94 124.76 -146.91
CA ALA E 396 5.47 125.24 -148.19
C ALA E 396 4.48 124.26 -148.77
N THR E 397 3.38 124.80 -149.29
CA THR E 397 2.39 123.98 -149.92
C THR E 397 2.93 123.45 -151.25
N PRO E 398 2.33 122.38 -151.79
CA PRO E 398 2.88 121.78 -153.01
C PRO E 398 3.03 122.74 -154.19
N ALA E 399 2.02 123.58 -154.41
CA ALA E 399 2.04 124.47 -155.57
C ALA E 399 3.21 125.44 -155.50
N VAL E 400 3.30 126.18 -154.40
CA VAL E 400 4.33 127.20 -154.28
C VAL E 400 5.71 126.55 -154.23
N PHE E 401 5.82 125.39 -153.59
CA PHE E 401 7.12 124.75 -153.49
C PHE E 401 7.59 124.25 -154.84
N GLU E 402 6.68 123.67 -155.62
CA GLU E 402 7.05 123.25 -156.97
C GLU E 402 7.47 124.45 -157.80
N HIS E 403 6.79 125.58 -157.61
CA HIS E 403 7.21 126.80 -158.30
C HIS E 403 8.63 127.17 -157.94
N MET E 404 8.97 127.10 -156.65
CA MET E 404 10.32 127.45 -156.22
C MET E 404 11.34 126.52 -156.84
N GLU E 405 11.01 125.24 -156.93
CA GLU E 405 11.90 124.28 -157.57
C GLU E 405 12.12 124.64 -159.03
N GLN E 406 11.06 124.99 -159.72
CA GLN E 406 11.17 125.33 -161.14
C GLN E 406 12.06 126.54 -161.34
N CYS E 407 11.87 127.57 -160.51
CA CYS E 407 12.71 128.76 -160.60
C CYS E 407 14.18 128.41 -160.39
N ALA E 408 14.47 127.61 -159.36
CA ALA E 408 15.85 127.25 -159.09
C ALA E 408 16.48 126.53 -160.28
N VAL E 409 15.72 125.63 -160.89
CA VAL E 409 16.27 124.86 -162.01
C VAL E 409 16.50 125.77 -163.19
N LYS E 410 15.59 126.71 -163.44
CA LYS E 410 15.76 127.60 -164.57
C LYS E 410 17.02 128.43 -164.41
N LEU E 411 17.25 128.93 -163.20
CA LEU E 411 18.46 129.68 -162.93
C LEU E 411 19.69 128.85 -163.20
N ALA E 412 19.72 127.61 -162.69
CA ALA E 412 20.89 126.77 -162.88
C ALA E 412 21.13 126.48 -164.35
N LYS E 413 20.06 126.31 -165.13
CA LYS E 413 20.25 125.99 -166.54
C LYS E 413 20.78 127.19 -167.30
N MET E 414 20.20 128.36 -167.07
CA MET E 414 20.59 129.49 -167.89
C MET E 414 21.99 129.98 -167.55
N VAL E 415 22.40 129.83 -166.30
CA VAL E 415 23.72 130.33 -165.93
C VAL E 415 24.81 129.34 -166.30
N GLY E 416 24.51 128.05 -166.36
CA GLY E 416 25.47 127.05 -166.75
C GLY E 416 26.18 126.46 -165.54
N TYR E 417 25.41 125.95 -164.60
CA TYR E 417 25.93 125.39 -163.36
C TYR E 417 26.01 123.88 -163.51
N VAL E 418 27.11 123.31 -163.05
CA VAL E 418 27.28 121.87 -163.01
C VAL E 418 27.59 121.40 -161.61
N SER E 419 27.41 120.11 -161.46
CA SER E 419 27.60 119.21 -160.35
C SER E 419 26.55 119.32 -159.24
N ALA E 420 26.42 120.47 -158.60
CA ALA E 420 25.57 120.52 -157.41
C ALA E 420 25.65 121.86 -156.72
N GLY E 421 24.53 122.30 -156.18
CA GLY E 421 24.52 123.58 -155.50
C GLY E 421 23.18 123.79 -154.83
N THR E 422 23.06 124.92 -154.16
CA THR E 422 21.84 125.21 -153.41
C THR E 422 21.31 126.58 -153.77
N VAL E 423 19.99 126.68 -153.82
CA VAL E 423 19.29 127.94 -154.01
C VAL E 423 18.49 128.23 -152.76
N GLU E 424 18.70 129.41 -152.19
CA GLU E 424 18.00 129.80 -150.98
C GLU E 424 16.81 130.66 -151.33
N TYR E 425 15.75 130.49 -150.56
CA TYR E 425 14.55 131.30 -150.68
C TYR E 425 14.08 131.70 -149.30
N LEU E 426 13.46 132.86 -149.23
CA LEU E 426 12.82 133.36 -148.03
C LEU E 426 11.32 133.20 -148.20
N TYR E 427 10.73 132.34 -147.38
CA TYR E 427 9.34 131.95 -147.51
C TYR E 427 8.53 132.71 -146.48
N SER E 428 7.60 133.53 -146.96
CA SER E 428 6.72 134.28 -146.11
C SER E 428 5.48 133.46 -145.80
N GLN E 429 4.85 133.78 -144.66
CA GLN E 429 3.78 132.95 -144.13
C GLN E 429 2.55 132.94 -145.01
N ASP E 430 2.40 133.92 -145.91
CA ASP E 430 1.24 134.01 -146.78
C ASP E 430 1.44 133.31 -148.11
N GLY E 431 2.46 132.47 -148.23
CA GLY E 431 2.69 131.74 -149.46
C GLY E 431 3.39 132.53 -150.55
N SER E 432 4.36 133.37 -150.17
CA SER E 432 5.10 134.20 -151.10
C SER E 432 6.59 134.05 -150.80
N PHE E 433 7.37 133.67 -151.80
CA PHE E 433 8.79 133.45 -151.64
C PHE E 433 9.60 134.56 -152.28
N TYR E 434 10.82 134.74 -151.77
CA TYR E 434 11.77 135.72 -152.27
C TYR E 434 13.10 135.04 -152.51
N PHE E 435 13.78 135.43 -153.58
CA PHE E 435 15.11 134.94 -153.85
C PHE E 435 16.09 135.55 -152.87
N LEU E 436 17.04 134.72 -152.41
CA LEU E 436 18.12 135.17 -151.54
C LEU E 436 19.48 135.02 -152.20
N GLU E 437 19.88 133.82 -152.58
CA GLU E 437 21.20 133.62 -153.16
C GLU E 437 21.38 132.18 -153.58
N LEU E 438 22.32 131.99 -154.50
CA LEU E 438 22.77 130.67 -154.94
C LEU E 438 24.14 130.41 -154.33
N ASN E 439 24.27 129.26 -153.67
CA ASN E 439 25.52 128.82 -153.10
C ASN E 439 26.13 127.82 -154.08
N PRO E 440 27.29 128.12 -154.70
CA PRO E 440 27.84 127.23 -155.74
C PRO E 440 28.76 126.15 -155.18
N ARG E 441 28.20 125.29 -154.33
CA ARG E 441 28.96 124.20 -153.78
C ARG E 441 28.04 123.34 -152.93
N LEU E 442 28.49 122.12 -152.69
CA LEU E 442 27.79 121.19 -151.83
C LEU E 442 27.83 121.67 -150.39
N GLN E 443 26.69 121.58 -149.72
CA GLN E 443 26.55 122.05 -148.36
C GLN E 443 26.80 120.92 -147.38
N VAL E 444 27.13 121.30 -146.14
CA VAL E 444 27.41 120.33 -145.09
C VAL E 444 26.16 119.55 -144.73
N GLU E 445 25.00 120.19 -144.81
CA GLU E 445 23.73 119.56 -144.49
C GLU E 445 23.12 118.80 -145.66
N HIS E 446 23.91 118.49 -146.68
CA HIS E 446 23.40 117.74 -147.82
C HIS E 446 22.91 116.33 -147.50
N PRO E 447 23.33 115.63 -146.44
CA PRO E 447 22.76 114.30 -146.21
C PRO E 447 21.26 114.31 -145.99
N CYS E 448 20.72 115.45 -145.54
CA CYS E 448 19.28 115.58 -145.34
C CYS E 448 18.50 115.16 -146.57
N THR E 449 18.94 115.58 -147.75
CA THR E 449 18.28 115.23 -148.99
C THR E 449 18.74 113.90 -149.55
N GLU E 450 19.88 113.40 -149.09
CA GLU E 450 20.27 112.05 -149.45
C GLU E 450 19.32 111.04 -148.83
N MET E 451 19.12 111.17 -147.52
CA MET E 451 18.42 110.15 -146.76
C MET E 451 16.97 110.00 -147.20
N VAL E 452 16.37 111.05 -147.77
CA VAL E 452 14.99 111.00 -148.24
C VAL E 452 14.87 110.82 -149.74
N ALA E 453 15.99 110.80 -150.47
CA ALA E 453 15.97 110.57 -151.90
C ALA E 453 16.67 109.29 -152.31
N ASP E 454 17.38 108.64 -151.39
CA ASP E 454 18.16 107.45 -151.69
C ASP E 454 19.14 107.74 -152.82
N VAL E 455 19.91 108.79 -152.63
CA VAL E 455 20.97 109.19 -153.55
C VAL E 455 22.26 109.32 -152.77
N ASN E 456 23.34 109.55 -153.50
CA ASN E 456 24.66 109.81 -152.96
C ASN E 456 25.19 110.99 -153.76
N LEU E 457 25.29 112.13 -153.09
CA LEU E 457 25.66 113.36 -153.81
C LEU E 457 27.14 113.45 -154.13
N PRO E 458 28.08 113.18 -153.22
CA PRO E 458 29.49 113.28 -153.60
C PRO E 458 29.89 112.26 -154.66
N ALA E 459 29.33 111.07 -154.60
CA ALA E 459 29.56 110.11 -155.66
C ALA E 459 28.97 110.59 -156.97
N ALA E 460 27.82 111.27 -156.90
CA ALA E 460 27.23 111.83 -158.09
C ALA E 460 28.13 112.90 -158.67
N GLN E 461 28.81 113.64 -157.80
CA GLN E 461 29.76 114.65 -158.26
C GLN E 461 30.92 113.99 -158.97
N LEU E 462 31.40 112.88 -158.44
CA LEU E 462 32.49 112.16 -159.09
C LEU E 462 32.07 111.68 -160.47
N GLN E 463 30.87 111.12 -160.56
CA GLN E 463 30.40 110.61 -161.84
C GLN E 463 30.14 111.73 -162.83
N ILE E 464 29.71 112.89 -162.36
CA ILE E 464 29.55 114.03 -163.24
C ILE E 464 30.90 114.51 -163.74
N ALA E 465 31.89 114.57 -162.85
CA ALA E 465 33.22 115.01 -163.24
C ALA E 465 33.82 114.12 -164.31
N MET E 466 33.48 112.84 -164.31
CA MET E 466 33.90 111.94 -165.37
C MET E 466 33.10 112.13 -166.66
N GLY E 467 32.17 113.07 -166.69
CA GLY E 467 31.44 113.36 -167.90
C GLY E 467 30.29 112.41 -168.19
N ILE E 468 29.65 111.90 -167.14
CA ILE E 468 28.55 110.95 -167.28
C ILE E 468 27.24 111.75 -167.18
N PRO E 469 26.32 111.63 -168.13
CA PRO E 469 25.07 112.39 -168.00
C PRO E 469 24.17 111.80 -166.94
N LEU E 470 23.13 112.57 -166.60
CA LEU E 470 22.28 112.24 -165.47
C LEU E 470 21.48 110.97 -165.72
N TYR E 471 21.12 110.70 -166.96
CA TYR E 471 20.27 109.57 -167.26
C TYR E 471 21.01 108.25 -167.29
N ARG E 472 22.28 108.23 -166.89
CA ARG E 472 23.05 107.00 -166.76
C ARG E 472 23.47 106.72 -165.34
N ILE E 473 23.35 107.69 -164.44
CA ILE E 473 23.71 107.46 -163.05
C ILE E 473 22.59 106.66 -162.40
N LYS E 474 22.98 105.63 -161.66
CA LYS E 474 22.06 104.62 -161.17
C LYS E 474 20.96 105.22 -160.30
N ASP E 475 21.34 105.94 -159.25
CA ASP E 475 20.36 106.38 -158.26
C ASP E 475 19.35 107.34 -158.86
N ILE E 476 19.80 108.22 -159.76
CA ILE E 476 18.87 109.11 -160.45
C ILE E 476 17.88 108.30 -161.25
N ARG E 477 18.36 107.27 -161.94
CA ARG E 477 17.48 106.45 -162.76
C ARG E 477 16.42 105.78 -161.90
N MET E 478 16.81 105.30 -160.72
CA MET E 478 15.83 104.71 -159.83
C MET E 478 14.85 105.76 -159.33
N MET E 479 15.33 106.97 -159.10
CA MET E 479 14.48 108.01 -158.55
C MET E 479 13.34 108.36 -159.48
N TYR E 480 13.56 108.25 -160.79
CA TYR E 480 12.54 108.53 -161.79
C TYR E 480 11.86 107.27 -162.30
N GLY E 481 12.00 106.15 -161.60
CA GLY E 481 11.22 104.99 -161.92
C GLY E 481 11.69 104.25 -163.14
N VAL E 482 12.98 104.29 -163.42
CA VAL E 482 13.57 103.63 -164.58
C VAL E 482 14.52 102.57 -164.07
N SER E 483 14.68 101.51 -164.85
CA SER E 483 15.59 100.45 -164.48
C SER E 483 17.00 101.02 -164.34
N PRO E 484 17.73 100.70 -163.27
CA PRO E 484 19.11 101.21 -163.16
C PRO E 484 20.03 100.73 -164.25
N TRP E 485 19.93 99.45 -164.61
CA TRP E 485 20.85 98.84 -165.56
C TRP E 485 20.25 98.99 -166.96
N GLY E 486 20.54 100.13 -167.55
CA GLY E 486 20.08 100.47 -168.88
C GLY E 486 20.76 101.74 -169.32
N ASP E 487 20.34 102.22 -170.49
CA ASP E 487 20.88 103.47 -171.01
C ASP E 487 19.81 104.38 -171.60
N SER E 488 18.54 104.11 -171.34
CA SER E 488 17.48 104.89 -171.95
C SER E 488 17.48 106.31 -171.38
N PRO E 489 17.20 107.33 -172.19
CA PRO E 489 17.15 108.68 -171.66
C PRO E 489 15.92 108.89 -170.79
N ILE E 490 16.02 109.89 -169.92
CA ILE E 490 14.95 110.31 -169.04
C ILE E 490 14.49 111.69 -169.50
N ASP E 491 13.18 111.84 -169.66
CA ASP E 491 12.57 113.13 -169.94
C ASP E 491 12.30 113.79 -168.60
N PHE E 492 13.27 114.57 -168.11
CA PHE E 492 13.20 115.09 -166.75
C PHE E 492 12.03 116.05 -166.57
N GLU E 493 11.59 116.71 -167.64
CA GLU E 493 10.48 117.64 -167.50
C GLU E 493 9.14 116.91 -167.45
N ASP E 494 9.02 115.83 -168.20
CA ASP E 494 7.75 115.12 -168.25
C ASP E 494 7.54 114.22 -167.04
N SER E 495 8.62 113.77 -166.41
CA SER E 495 8.55 112.86 -165.27
C SER E 495 8.97 113.54 -163.97
N ALA E 496 8.90 114.87 -163.91
CA ALA E 496 9.30 115.60 -162.72
C ALA E 496 8.39 115.37 -161.52
N HIS E 497 7.22 114.77 -161.73
CA HIS E 497 6.30 114.46 -160.64
C HIS E 497 6.57 113.09 -160.02
N VAL E 498 7.43 112.28 -160.62
CA VAL E 498 7.74 110.94 -160.13
C VAL E 498 8.52 110.99 -158.82
N PRO E 499 9.56 111.81 -158.66
CA PRO E 499 10.30 111.79 -157.39
C PRO E 499 9.40 112.15 -156.23
N CYS E 500 9.64 111.51 -155.10
CA CYS E 500 8.84 111.71 -153.93
C CYS E 500 9.71 111.45 -152.70
N PRO E 501 9.70 112.34 -151.70
CA PRO E 501 10.51 112.07 -150.52
C PRO E 501 9.99 110.87 -149.74
N ARG E 502 10.91 110.19 -149.09
CA ARG E 502 10.61 109.04 -148.27
C ARG E 502 10.94 109.42 -146.84
N GLY E 503 9.92 109.74 -146.08
CA GLY E 503 10.09 110.00 -144.68
C GLY E 503 10.46 111.44 -144.40
N HIS E 504 11.06 111.62 -143.24
CA HIS E 504 11.41 112.94 -142.74
C HIS E 504 12.65 112.81 -141.90
N VAL E 505 13.56 113.75 -142.08
CA VAL E 505 14.89 113.68 -141.50
C VAL E 505 15.14 114.94 -140.72
N ILE E 506 15.79 114.78 -139.57
CA ILE E 506 16.27 115.90 -138.78
C ILE E 506 17.78 115.74 -138.64
N ALA E 507 18.48 116.82 -138.91
CA ALA E 507 19.92 116.89 -138.81
C ALA E 507 20.27 117.93 -137.77
N ALA E 508 20.96 117.50 -136.72
CA ALA E 508 21.37 118.38 -135.63
C ALA E 508 22.87 118.42 -135.65
N ARG E 509 23.43 119.64 -135.66
CA ARG E 509 24.86 119.77 -135.65
C ARG E 509 25.39 120.04 -134.26
N ILE E 510 26.49 119.38 -133.93
CA ILE E 510 27.13 119.52 -132.63
C ILE E 510 28.28 120.49 -132.79
N THR E 511 28.17 121.62 -132.13
CA THR E 511 29.19 122.65 -132.17
C THR E 511 30.05 122.61 -130.93
N SER E 512 31.12 123.37 -130.96
CA SER E 512 32.06 123.48 -129.86
C SER E 512 31.91 124.77 -129.06
N GLU E 513 30.79 125.48 -129.21
CA GLU E 513 30.59 126.71 -128.47
C GLU E 513 30.23 126.40 -127.03
N ASN E 514 30.11 127.46 -126.24
CA ASN E 514 29.80 127.38 -124.82
C ASN E 514 28.52 128.18 -124.58
N PRO E 515 27.37 127.53 -124.42
CA PRO E 515 26.15 128.29 -124.13
C PRO E 515 26.22 129.08 -122.83
N ASP E 516 27.07 128.68 -121.89
CA ASP E 516 27.28 129.46 -120.69
C ASP E 516 28.10 130.68 -121.05
N GLU E 517 27.61 131.86 -120.69
CA GLU E 517 28.26 133.13 -121.02
C GLU E 517 28.39 133.27 -122.53
N GLY E 518 27.25 133.27 -123.21
CA GLY E 518 27.23 133.50 -124.63
C GLY E 518 27.42 132.24 -125.43
N PHE E 519 28.21 132.32 -126.49
CA PHE E 519 28.53 131.16 -127.32
C PHE E 519 29.99 131.22 -127.75
N LYS E 520 30.88 131.52 -126.81
CA LYS E 520 32.29 131.66 -127.15
C LYS E 520 32.84 130.31 -127.61
N PRO E 521 33.48 130.22 -128.77
CA PRO E 521 34.09 128.94 -129.16
C PRO E 521 35.16 128.50 -128.18
N SER E 522 35.13 127.22 -127.84
CA SER E 522 36.08 126.61 -126.93
C SER E 522 36.88 125.54 -127.66
N SER E 523 37.92 125.07 -127.01
CA SER E 523 38.81 124.10 -127.64
C SER E 523 39.57 123.36 -126.55
N GLY E 524 40.12 122.23 -126.95
CA GLY E 524 40.88 121.39 -126.04
C GLY E 524 40.84 119.95 -126.48
N THR E 525 41.20 119.08 -125.54
CA THR E 525 41.34 117.66 -125.79
C THR E 525 40.04 116.92 -125.54
N VAL E 526 39.88 115.80 -126.24
CA VAL E 526 38.78 114.86 -126.06
C VAL E 526 39.23 113.78 -125.10
N GLN E 527 38.35 113.41 -124.18
CA GLN E 527 38.55 112.30 -123.27
C GLN E 527 37.65 111.12 -123.60
N GLU E 528 36.46 111.39 -124.10
CA GLU E 528 35.55 110.34 -124.52
C GLU E 528 34.61 110.87 -125.59
N LEU E 529 34.39 110.05 -126.61
CA LEU E 529 33.42 110.33 -127.66
C LEU E 529 32.71 109.02 -127.98
N ASN E 530 31.50 108.87 -127.47
CA ASN E 530 30.70 107.68 -127.66
C ASN E 530 29.33 108.12 -128.14
N PHE E 531 29.05 107.88 -129.42
CA PHE E 531 27.74 108.10 -130.00
C PHE E 531 27.08 106.76 -130.17
N ARG E 532 26.02 106.52 -129.41
CA ARG E 532 25.30 105.26 -129.44
C ARG E 532 24.30 105.33 -130.57
N SER E 533 24.61 104.70 -131.69
CA SER E 533 23.68 104.70 -132.79
C SER E 533 22.62 103.66 -132.57
N ASN E 534 21.59 103.75 -133.40
CA ASN E 534 20.42 102.92 -133.26
C ASN E 534 19.74 102.88 -134.61
N LYS E 535 18.63 102.18 -134.66
CA LYS E 535 17.82 102.14 -135.86
C LYS E 535 17.40 103.55 -136.24
N ASN E 536 17.62 103.90 -137.50
CA ASN E 536 17.25 105.18 -138.09
C ASN E 536 18.01 106.37 -137.53
N VAL E 537 19.09 106.16 -136.79
CA VAL E 537 19.89 107.25 -136.26
C VAL E 537 21.35 106.96 -136.54
N TRP E 538 22.08 107.96 -136.99
CA TRP E 538 23.50 107.80 -137.21
C TRP E 538 24.16 109.15 -137.04
N GLY E 539 25.47 109.16 -137.14
CA GLY E 539 26.20 110.39 -137.06
C GLY E 539 27.67 110.13 -137.12
N TYR E 540 28.40 111.22 -137.29
CA TYR E 540 29.83 111.10 -137.49
C TYR E 540 30.52 112.39 -137.09
N PHE E 541 31.79 112.22 -136.73
CA PHE E 541 32.58 113.24 -136.09
C PHE E 541 33.93 113.30 -136.76
N SER E 542 34.56 114.45 -136.64
CA SER E 542 35.88 114.69 -137.23
C SER E 542 37.01 114.41 -136.26
N VAL E 543 36.71 113.95 -135.05
CA VAL E 543 37.71 113.70 -134.03
C VAL E 543 37.30 112.45 -133.29
N ALA E 544 38.30 111.72 -132.81
CA ALA E 544 38.10 110.50 -132.05
C ALA E 544 38.33 110.77 -130.58
N ALA E 545 38.18 109.71 -129.78
CA ALA E 545 38.34 109.84 -128.33
C ALA E 545 39.73 110.33 -127.97
N ALA E 546 40.74 109.86 -128.68
CA ALA E 546 42.07 110.41 -128.61
C ALA E 546 42.18 111.44 -129.72
N GLY E 547 42.68 112.61 -129.38
CA GLY E 547 42.68 113.74 -130.28
C GLY E 547 41.93 114.90 -129.68
N GLY E 548 41.97 116.01 -130.41
CA GLY E 548 41.37 117.20 -129.89
C GLY E 548 41.05 118.21 -130.97
N LEU E 549 40.65 119.38 -130.49
CA LEU E 549 40.32 120.52 -131.32
C LEU E 549 41.30 121.63 -131.00
N HIS E 550 41.95 122.13 -132.05
CA HIS E 550 42.97 123.16 -131.91
C HIS E 550 42.42 124.50 -132.34
N GLU E 551 43.29 125.51 -132.34
CA GLU E 551 42.84 126.88 -132.49
C GLU E 551 42.23 127.13 -133.86
N PHE E 552 42.88 126.64 -134.90
CA PHE E 552 42.41 126.81 -136.27
C PHE E 552 41.38 125.79 -136.68
N ALA E 553 40.95 124.92 -135.77
CA ALA E 553 40.00 123.87 -136.08
C ALA E 553 38.62 124.43 -135.82
N ASP E 554 37.81 124.53 -136.87
CA ASP E 554 36.54 125.21 -136.79
C ASP E 554 35.62 124.47 -135.82
N SER E 555 34.53 125.14 -135.48
CA SER E 555 33.43 124.51 -134.77
C SER E 555 32.80 123.47 -135.69
N GLN E 556 31.70 122.89 -135.25
CA GLN E 556 31.01 121.86 -136.01
C GLN E 556 31.92 120.66 -136.23
N PHE E 557 32.15 119.97 -135.13
CA PHE E 557 32.97 118.77 -135.08
C PHE E 557 32.17 117.48 -135.19
N GLY E 558 30.88 117.55 -135.48
CA GLY E 558 30.13 116.34 -135.74
C GLY E 558 28.68 116.64 -136.03
N HIS E 559 28.04 115.65 -136.65
CA HIS E 559 26.66 115.78 -137.09
C HIS E 559 25.90 114.51 -136.76
N CYS E 560 24.69 114.69 -136.22
CA CYS E 560 23.76 113.60 -135.96
C CYS E 560 22.56 113.72 -136.88
N PHE E 561 22.07 112.59 -137.34
CA PHE E 561 20.92 112.52 -138.22
C PHE E 561 19.95 111.48 -137.72
N SER E 562 18.66 111.78 -137.85
CA SER E 562 17.60 110.87 -137.48
C SER E 562 16.50 110.87 -138.53
N TRP E 563 16.06 109.67 -138.91
CA TRP E 563 14.99 109.46 -139.85
C TRP E 563 13.73 108.99 -139.14
N GLY E 564 12.58 109.34 -139.71
CA GLY E 564 11.30 108.86 -139.24
C GLY E 564 10.33 108.88 -140.39
N GLU E 565 9.15 108.32 -140.15
CA GLU E 565 8.10 108.37 -141.17
C GLU E 565 7.52 109.76 -141.30
N ASN E 566 7.48 110.50 -140.19
CA ASN E 566 6.90 111.82 -140.18
C ASN E 566 7.74 112.69 -139.24
N ARG E 567 7.26 113.91 -139.03
CA ARG E 567 8.01 114.87 -138.21
C ARG E 567 8.18 114.36 -136.78
N GLU E 568 7.10 113.86 -136.17
CA GLU E 568 7.12 113.56 -134.75
C GLU E 568 8.08 112.43 -134.43
N GLU E 569 8.06 111.38 -135.26
CA GLU E 569 8.95 110.24 -135.04
C GLU E 569 10.40 110.66 -135.15
N ALA E 570 10.71 111.52 -136.12
CA ALA E 570 12.07 111.99 -136.31
C ALA E 570 12.54 112.77 -135.10
N ILE E 571 11.68 113.66 -134.60
CA ILE E 571 11.99 114.40 -133.39
C ILE E 571 12.30 113.45 -132.25
N SER E 572 11.44 112.45 -132.05
CA SER E 572 11.60 111.54 -130.92
C SER E 572 12.93 110.82 -130.99
N ASN E 573 13.27 110.31 -132.17
CA ASN E 573 14.53 109.62 -132.36
C ASN E 573 15.70 110.53 -132.04
N MET E 574 15.68 111.76 -132.57
CA MET E 574 16.77 112.69 -132.33
C MET E 574 16.93 113.00 -130.85
N VAL E 575 15.82 113.24 -130.16
CA VAL E 575 15.89 113.64 -128.76
C VAL E 575 16.50 112.53 -127.92
N VAL E 576 16.02 111.30 -128.13
CA VAL E 576 16.53 110.19 -127.34
C VAL E 576 18.01 109.99 -127.60
N ALA E 577 18.38 109.98 -128.89
CA ALA E 577 19.76 109.75 -129.26
C ALA E 577 20.68 110.79 -128.65
N LEU E 578 20.26 112.05 -128.68
CA LEU E 578 21.08 113.10 -128.08
C LEU E 578 21.19 112.92 -126.57
N LYS E 579 20.11 112.52 -125.92
CA LYS E 579 20.21 112.29 -124.49
C LYS E 579 21.10 111.11 -124.14
N GLU E 580 21.38 110.22 -125.07
CA GLU E 580 22.18 109.04 -124.78
C GLU E 580 23.66 109.16 -125.09
N LEU E 581 24.09 110.19 -125.82
CA LEU E 581 25.49 110.26 -126.20
C LEU E 581 26.30 110.86 -125.06
N SER E 582 27.60 110.61 -125.12
CA SER E 582 28.54 111.07 -124.11
C SER E 582 29.72 111.73 -124.80
N ILE E 583 29.89 113.02 -124.54
CA ILE E 583 31.05 113.77 -125.00
C ILE E 583 31.67 114.41 -123.78
N ARG E 584 32.93 114.10 -123.53
CA ARG E 584 33.65 114.63 -122.39
C ARG E 584 35.01 115.12 -122.85
N GLY E 585 35.38 116.32 -122.44
CA GLY E 585 36.71 116.82 -122.71
C GLY E 585 36.95 118.12 -121.99
N ASP E 586 37.98 118.83 -122.44
CA ASP E 586 38.29 120.14 -121.87
C ASP E 586 37.35 121.23 -122.37
N PHE E 587 36.91 121.11 -123.62
CA PHE E 587 36.01 122.06 -124.24
C PHE E 587 34.58 121.78 -123.76
N ARG E 588 33.62 122.56 -124.25
CA ARG E 588 32.32 122.65 -123.59
C ARG E 588 31.20 121.83 -124.24
N THR E 589 31.11 121.77 -125.56
CA THR E 589 30.11 120.90 -126.20
C THR E 589 28.64 121.25 -126.01
N THR E 590 28.12 122.09 -126.89
CA THR E 590 26.70 122.38 -127.02
C THR E 590 25.91 121.17 -127.52
N VAL E 591 25.34 120.40 -126.59
CA VAL E 591 24.35 119.38 -126.89
C VAL E 591 23.06 119.58 -126.11
N GLU E 592 23.17 119.89 -124.82
CA GLU E 592 22.00 120.00 -123.96
C GLU E 592 21.06 121.09 -124.44
N TYR E 593 21.62 122.16 -125.00
CA TYR E 593 20.81 123.24 -125.52
C TYR E 593 19.96 122.76 -126.69
N LEU E 594 20.54 121.93 -127.55
CA LEU E 594 19.80 121.36 -128.67
C LEU E 594 18.63 120.53 -128.18
N ILE E 595 18.84 119.78 -127.11
CA ILE E 595 17.77 118.98 -126.53
C ILE E 595 16.65 119.88 -126.06
N LYS E 596 17.02 120.94 -125.34
CA LYS E 596 16.01 121.85 -124.82
C LYS E 596 15.21 122.47 -125.95
N LEU E 597 15.87 122.75 -127.07
CA LEU E 597 15.17 123.34 -128.20
C LEU E 597 14.21 122.35 -128.82
N LEU E 598 14.63 121.10 -128.95
CA LEU E 598 13.78 120.12 -129.59
C LEU E 598 12.56 119.77 -128.73
N GLU E 599 12.66 119.93 -127.42
CA GLU E 599 11.54 119.69 -126.51
C GLU E 599 10.66 120.91 -126.34
N THR E 600 10.98 122.02 -127.00
CA THR E 600 10.17 123.22 -126.90
C THR E 600 8.98 123.09 -127.82
N GLU E 601 7.80 123.45 -127.31
CA GLU E 601 6.58 123.24 -128.08
C GLU E 601 6.56 124.05 -129.37
N SER E 602 7.18 125.23 -129.37
CA SER E 602 7.19 126.07 -130.57
C SER E 602 7.88 125.36 -131.71
N PHE E 603 8.97 124.66 -131.42
CA PHE E 603 9.62 123.86 -132.45
C PHE E 603 8.70 122.75 -132.91
N GLN E 604 8.20 121.95 -131.98
CA GLN E 604 7.44 120.76 -132.32
C GLN E 604 6.19 121.10 -133.10
N MET E 605 5.55 122.22 -132.78
CA MET E 605 4.43 122.69 -133.58
C MET E 605 4.86 123.44 -134.82
N ASN E 606 6.16 123.58 -135.05
CA ASN E 606 6.68 124.15 -136.28
C ASN E 606 6.29 125.61 -136.43
N ARG E 607 6.18 126.31 -135.29
CA ARG E 607 5.92 127.73 -135.22
C ARG E 607 7.18 128.53 -134.93
N ILE E 608 8.12 128.55 -135.87
CA ILE E 608 9.42 129.16 -135.66
C ILE E 608 9.75 130.04 -136.85
N ASP E 609 10.74 130.91 -136.65
CA ASP E 609 11.25 131.73 -137.72
C ASP E 609 12.74 131.97 -137.48
N THR E 610 13.37 132.67 -138.42
CA THR E 610 14.80 132.90 -138.37
C THR E 610 15.24 133.69 -137.14
N GLY E 611 14.33 134.34 -136.43
CA GLY E 611 14.63 135.06 -135.21
C GLY E 611 14.20 134.36 -133.95
N TRP E 612 13.76 133.10 -134.04
CA TRP E 612 13.32 132.34 -132.87
C TRP E 612 14.41 132.27 -131.80
N LEU E 613 15.58 131.76 -132.17
CA LEU E 613 16.59 131.47 -131.17
C LEU E 613 17.16 132.73 -130.57
N ASP E 614 17.22 133.81 -131.35
CA ASP E 614 17.76 135.04 -130.81
C ASP E 614 16.89 135.55 -129.68
N ARG E 615 15.58 135.57 -129.91
CA ARG E 615 14.63 135.92 -128.87
C ARG E 615 14.77 135.03 -127.65
N LEU E 616 14.88 133.72 -127.86
CA LEU E 616 15.02 132.82 -126.73
C LEU E 616 16.32 133.05 -125.97
N ILE E 617 17.38 133.40 -126.68
CA ILE E 617 18.66 133.67 -126.01
C ILE E 617 18.50 134.87 -125.10
N ALA E 618 17.85 135.92 -125.58
CA ALA E 618 17.71 137.09 -124.73
C ALA E 618 16.84 136.82 -123.50
N GLU E 619 16.00 135.79 -123.54
CA GLU E 619 15.16 135.41 -122.40
C GLU E 619 15.86 134.50 -121.40
N LYS E 620 17.15 134.18 -121.61
CA LYS E 620 17.93 133.42 -120.62
C LYS E 620 17.31 132.04 -120.36
N VAL E 621 17.41 131.20 -121.39
CA VAL E 621 16.75 129.89 -121.40
C VAL E 621 17.74 128.76 -121.15
N GLN E 622 18.95 129.05 -120.68
CA GLN E 622 19.94 128.01 -120.48
C GLN E 622 19.53 127.23 -119.23
N ALA E 623 18.55 126.35 -119.44
CA ALA E 623 18.03 125.41 -118.44
C ALA E 623 18.72 124.07 -118.59
N GLU E 624 18.09 123.00 -118.11
CA GLU E 624 18.60 121.63 -118.14
C GLU E 624 19.74 121.48 -117.13
N ARG E 625 19.43 121.84 -115.91
CA ARG E 625 20.29 121.70 -114.76
C ARG E 625 19.74 120.62 -113.83
N PRO E 626 20.59 119.87 -113.13
CA PRO E 626 20.08 118.92 -112.15
C PRO E 626 19.56 119.64 -110.92
N ASP E 627 18.87 118.89 -110.08
CA ASP E 627 18.41 119.44 -108.81
C ASP E 627 19.61 119.85 -107.96
N THR E 628 19.43 120.93 -107.21
CA THR E 628 20.53 121.51 -106.46
C THR E 628 21.08 120.54 -105.43
N MET E 629 20.21 119.89 -104.66
CA MET E 629 20.67 119.04 -103.57
C MET E 629 21.54 117.90 -104.10
N LEU E 630 21.12 117.27 -105.18
CA LEU E 630 21.92 116.22 -105.78
C LEU E 630 23.26 116.75 -106.26
N GLY E 631 23.26 117.91 -106.92
CA GLY E 631 24.50 118.47 -107.40
C GLY E 631 25.48 118.77 -106.29
N VAL E 632 24.97 119.32 -105.19
CA VAL E 632 25.81 119.63 -104.04
C VAL E 632 26.45 118.35 -103.51
N VAL E 633 25.64 117.30 -103.34
CA VAL E 633 26.17 116.05 -102.81
C VAL E 633 27.23 115.48 -103.74
N CYS E 634 26.95 115.48 -105.05
CA CYS E 634 27.88 114.88 -106.00
C CYS E 634 29.20 115.63 -106.05
N GLY E 635 29.15 116.95 -106.09
CA GLY E 635 30.38 117.73 -106.10
C GLY E 635 31.18 117.52 -104.84
N ALA E 636 30.50 117.48 -103.69
CA ALA E 636 31.17 117.19 -102.44
C ALA E 636 31.91 115.87 -102.50
N LEU E 637 31.26 114.84 -103.03
CA LEU E 637 31.89 113.54 -103.11
C LEU E 637 33.12 113.56 -104.01
N HIS E 638 33.04 114.25 -105.14
CA HIS E 638 34.19 114.27 -106.04
C HIS E 638 35.38 114.97 -105.40
N VAL E 639 35.15 116.15 -104.81
CA VAL E 639 36.22 116.88 -104.17
C VAL E 639 36.86 116.03 -103.08
N ALA E 640 36.04 115.50 -102.18
CA ALA E 640 36.55 114.72 -101.06
C ALA E 640 37.30 113.50 -101.55
N ASP E 641 36.81 112.84 -102.59
CA ASP E 641 37.47 111.64 -103.07
C ASP E 641 38.84 111.96 -103.64
N VAL E 642 38.97 113.08 -104.34
CA VAL E 642 40.28 113.44 -104.85
C VAL E 642 41.23 113.72 -103.71
N SER E 643 40.76 114.46 -102.70
CA SER E 643 41.63 114.79 -101.57
C SER E 643 42.07 113.53 -100.84
N LEU E 644 41.15 112.60 -100.63
CA LEU E 644 41.47 111.37 -99.92
C LEU E 644 42.45 110.51 -100.70
N ARG E 645 42.24 110.38 -102.02
CA ARG E 645 43.16 109.58 -102.81
C ARG E 645 44.55 110.20 -102.87
N ASN E 646 44.63 111.52 -102.95
CA ASN E 646 45.94 112.17 -102.94
C ASN E 646 46.64 111.95 -101.61
N SER E 647 45.90 112.05 -100.50
CA SER E 647 46.49 111.78 -99.20
C SER E 647 47.07 110.38 -99.15
N VAL E 648 46.29 109.40 -99.58
CA VAL E 648 46.74 108.01 -99.57
C VAL E 648 48.00 107.86 -100.42
N SER E 649 47.99 108.42 -101.62
CA SER E 649 49.09 108.22 -102.55
C SER E 649 50.37 108.84 -102.02
N ASN E 650 50.29 110.08 -101.53
CA ASN E 650 51.48 110.75 -101.04
C ASN E 650 52.02 110.07 -99.79
N PHE E 651 51.13 109.69 -98.88
CA PHE E 651 51.55 109.03 -97.66
C PHE E 651 52.23 107.70 -97.96
N LEU E 652 51.65 106.92 -98.87
CA LEU E 652 52.21 105.63 -99.20
C LEU E 652 53.54 105.79 -99.90
N HIS E 653 53.65 106.79 -100.77
CA HIS E 653 54.90 107.06 -101.44
C HIS E 653 55.99 107.41 -100.43
N SER E 654 55.64 108.20 -99.43
CA SER E 654 56.58 108.50 -98.36
C SER E 654 57.02 107.24 -97.63
N LEU E 655 56.08 106.33 -97.38
CA LEU E 655 56.46 105.10 -96.69
C LEU E 655 57.40 104.27 -97.52
N GLU E 656 57.22 104.25 -98.83
CA GLU E 656 58.09 103.45 -99.68
C GLU E 656 59.52 103.97 -99.65
N ARG E 657 59.68 105.28 -99.51
CA ARG E 657 60.99 105.91 -99.51
C ARG E 657 61.66 105.87 -98.16
N GLY E 658 61.01 105.31 -97.14
CA GLY E 658 61.59 105.24 -95.82
C GLY E 658 61.25 106.39 -94.90
N GLN E 659 60.37 107.30 -95.34
CA GLN E 659 59.90 108.38 -94.49
C GLN E 659 58.62 107.98 -93.79
N VAL E 660 58.46 108.50 -92.58
CA VAL E 660 57.28 108.29 -91.75
C VAL E 660 56.66 109.65 -91.54
N LEU E 661 55.52 109.81 -92.00
CA LEU E 661 54.71 110.98 -91.72
C LEU E 661 53.79 110.71 -90.54
N PRO E 662 53.39 111.74 -89.79
CA PRO E 662 52.51 111.51 -88.66
C PRO E 662 51.12 111.13 -89.12
N ALA E 663 50.36 110.53 -88.20
CA ALA E 663 49.03 110.06 -88.49
C ALA E 663 47.99 111.16 -88.34
N HIS E 664 48.22 112.28 -89.00
CA HIS E 664 47.19 113.28 -89.23
C HIS E 664 47.27 113.85 -90.64
N THR E 665 48.12 113.28 -91.50
CA THR E 665 48.17 113.58 -92.92
C THR E 665 47.51 112.52 -93.77
N LEU E 666 46.81 111.57 -93.13
CA LEU E 666 46.15 110.46 -93.80
C LEU E 666 44.70 110.51 -93.38
N LEU E 667 44.09 111.66 -93.57
CA LEU E 667 42.80 111.94 -92.98
C LEU E 667 41.68 111.21 -93.71
N ASN E 668 40.60 110.98 -92.98
CA ASN E 668 39.40 110.36 -93.51
C ASN E 668 38.24 111.33 -93.61
N THR E 669 38.45 112.60 -93.25
CA THR E 669 37.42 113.62 -93.32
C THR E 669 37.94 114.78 -94.16
N VAL E 670 37.10 115.25 -95.08
CA VAL E 670 37.42 116.38 -95.94
C VAL E 670 36.33 117.44 -95.77
N ASP E 671 36.74 118.69 -95.69
CA ASP E 671 35.84 119.83 -95.74
C ASP E 671 35.77 120.33 -97.16
N VAL E 672 34.54 120.50 -97.66
CA VAL E 672 34.30 120.96 -99.02
C VAL E 672 33.40 122.19 -98.96
N GLU E 673 33.72 123.17 -99.78
CA GLU E 673 32.96 124.40 -99.89
C GLU E 673 32.64 124.65 -101.35
N LEU E 674 31.37 124.91 -101.64
CA LEU E 674 30.92 125.07 -103.00
C LEU E 674 29.86 126.14 -103.08
N ILE E 675 30.03 127.06 -104.02
CA ILE E 675 29.08 128.14 -104.25
C ILE E 675 28.28 127.81 -105.49
N TYR E 676 26.96 127.90 -105.37
CA TYR E 676 26.03 127.66 -106.46
C TYR E 676 25.00 128.78 -106.44
N GLU E 677 24.94 129.53 -107.53
CA GLU E 677 23.97 130.62 -107.70
C GLU E 677 24.02 131.59 -106.52
N GLY E 678 25.23 131.92 -106.10
CA GLY E 678 25.42 132.87 -105.03
C GLY E 678 25.34 132.29 -103.63
N VAL E 679 24.84 131.06 -103.48
CA VAL E 679 24.65 130.45 -102.18
C VAL E 679 25.87 129.57 -101.89
N LYS E 680 26.47 129.77 -100.72
CA LYS E 680 27.60 128.95 -100.30
C LYS E 680 27.09 127.77 -99.50
N TYR E 681 27.63 126.59 -99.80
CA TYR E 681 27.36 125.36 -99.09
C TYR E 681 28.66 124.84 -98.52
N VAL E 682 28.64 124.46 -97.25
CA VAL E 682 29.80 123.96 -96.53
C VAL E 682 29.44 122.58 -96.02
N LEU E 683 30.26 121.60 -96.36
CA LEU E 683 29.98 120.21 -96.05
C LEU E 683 31.23 119.52 -95.54
N LYS E 684 30.99 118.49 -94.75
CA LYS E 684 32.00 117.52 -94.39
C LYS E 684 31.70 116.21 -95.07
N VAL E 685 32.74 115.52 -95.52
CA VAL E 685 32.61 114.22 -96.13
C VAL E 685 33.51 113.26 -95.36
N THR E 686 32.93 112.14 -94.94
CA THR E 686 33.68 111.07 -94.33
C THR E 686 33.26 109.74 -94.91
N ARG E 687 33.77 108.65 -94.35
CA ARG E 687 33.50 107.30 -94.83
C ARG E 687 33.22 106.37 -93.67
N GLN E 688 32.25 105.51 -93.85
CA GLN E 688 32.01 104.37 -92.98
C GLN E 688 32.59 103.08 -93.55
N SER E 689 33.01 103.10 -94.79
CA SER E 689 33.70 101.98 -95.40
C SER E 689 34.43 102.50 -96.63
N PRO E 690 35.22 101.67 -97.28
CA PRO E 690 35.86 102.11 -98.53
C PRO E 690 34.88 102.57 -99.59
N ASN E 691 33.64 102.08 -99.55
CA ASN E 691 32.61 102.41 -100.53
C ASN E 691 31.45 103.21 -99.97
N SER E 692 31.32 103.31 -98.67
CA SER E 692 30.20 103.99 -98.04
C SER E 692 30.67 105.36 -97.60
N TYR E 693 30.12 106.39 -98.22
CA TYR E 693 30.45 107.77 -97.91
C TYR E 693 29.28 108.41 -97.17
N VAL E 694 29.61 109.40 -96.36
CA VAL E 694 28.64 110.14 -95.58
C VAL E 694 28.91 111.61 -95.79
N VAL E 695 27.87 112.33 -96.18
CA VAL E 695 27.94 113.76 -96.42
C VAL E 695 27.15 114.44 -95.32
N ILE E 696 27.78 115.39 -94.64
CA ILE E 696 27.21 116.04 -93.47
C ILE E 696 27.16 117.54 -93.75
N MET E 697 25.98 118.11 -93.50
CA MET E 697 25.78 119.55 -93.60
C MET E 697 24.82 119.98 -92.50
N ASN E 698 25.25 120.96 -91.71
CA ASN E 698 24.42 121.60 -90.69
C ASN E 698 23.84 120.57 -89.71
N GLY E 699 24.63 119.55 -89.39
CA GLY E 699 24.22 118.55 -88.44
C GLY E 699 23.38 117.43 -89.01
N SER E 700 23.08 117.44 -90.30
CA SER E 700 22.32 116.38 -90.95
C SER E 700 23.25 115.58 -91.84
N CYS E 701 23.06 114.26 -91.88
CA CYS E 701 23.88 113.35 -92.65
C CYS E 701 23.06 112.59 -93.67
N VAL E 702 23.70 112.29 -94.80
CA VAL E 702 23.16 111.39 -95.80
C VAL E 702 24.24 110.37 -96.15
N GLU E 703 23.81 109.15 -96.43
CA GLU E 703 24.70 108.06 -96.82
C GLU E 703 24.59 107.82 -98.31
N VAL E 704 25.73 107.57 -98.94
CA VAL E 704 25.82 107.33 -100.37
C VAL E 704 26.74 106.16 -100.59
N ASP E 705 26.35 105.28 -101.52
CA ASP E 705 27.20 104.16 -101.91
C ASP E 705 27.96 104.58 -103.15
N VAL E 706 29.29 104.58 -103.05
CA VAL E 706 30.15 105.09 -104.09
C VAL E 706 31.08 103.99 -104.55
N HIS E 707 31.16 103.81 -105.86
CA HIS E 707 32.06 102.87 -106.49
C HIS E 707 32.87 103.60 -107.53
N ARG E 708 34.16 103.32 -107.56
CA ARG E 708 35.06 103.93 -108.50
C ARG E 708 34.98 103.19 -109.83
N LEU E 709 34.80 103.94 -110.90
CA LEU E 709 34.76 103.40 -112.24
C LEU E 709 36.14 103.51 -112.87
N SER E 710 36.44 102.57 -113.76
CA SER E 710 37.74 102.54 -114.39
C SER E 710 37.97 103.74 -115.32
N ASP E 711 36.91 104.42 -115.73
CA ASP E 711 37.01 105.52 -116.68
C ASP E 711 37.21 106.88 -116.01
N GLY E 712 37.43 106.92 -114.70
CA GLY E 712 37.65 108.15 -113.98
C GLY E 712 36.45 108.72 -113.27
N GLY E 713 35.24 108.24 -113.58
CA GLY E 713 34.04 108.73 -112.93
C GLY E 713 33.67 107.91 -111.71
N LEU E 714 32.53 108.27 -111.14
CA LEU E 714 32.00 107.61 -109.95
C LEU E 714 30.60 107.11 -110.21
N LEU E 715 30.31 105.94 -109.69
CA LEU E 715 28.98 105.37 -109.65
C LEU E 715 28.41 105.58 -108.26
N LEU E 716 27.30 106.29 -108.18
CA LEU E 716 26.64 106.63 -106.94
C LEU E 716 25.32 105.90 -106.83
N SER E 717 24.95 105.61 -105.60
CA SER E 717 23.58 105.28 -105.22
C SER E 717 23.22 106.15 -104.03
N TYR E 718 22.18 106.97 -104.19
CA TYR E 718 21.91 108.10 -103.32
C TYR E 718 20.61 107.96 -102.55
N ASP E 719 19.48 107.85 -103.25
CA ASP E 719 18.16 107.79 -102.63
C ASP E 719 17.34 106.71 -103.32
N GLY E 720 17.96 105.56 -103.51
CA GLY E 720 17.48 104.57 -104.44
C GLY E 720 18.08 104.73 -105.83
N SER E 721 17.91 105.90 -106.43
CA SER E 721 18.42 106.15 -107.77
C SER E 721 19.93 106.06 -107.79
N SER E 722 20.45 105.49 -108.88
CA SER E 722 21.87 105.47 -109.16
C SER E 722 22.22 106.55 -110.16
N TYR E 723 23.47 106.99 -110.12
CA TYR E 723 23.96 108.05 -110.98
C TYR E 723 25.40 107.77 -111.37
N THR E 724 25.74 108.16 -112.59
CA THR E 724 27.10 108.16 -113.08
C THR E 724 27.57 109.59 -113.20
N THR E 725 28.67 109.93 -112.55
CA THR E 725 29.11 111.30 -112.42
C THR E 725 30.58 111.46 -112.75
N TYR E 726 30.89 112.65 -113.24
CA TYR E 726 32.26 113.01 -113.57
C TYR E 726 32.53 114.43 -113.09
N MET E 727 33.79 114.71 -112.81
CA MET E 727 34.21 116.03 -112.36
C MET E 727 35.45 116.46 -113.10
N LYS E 728 35.50 117.75 -113.40
CA LYS E 728 36.72 118.37 -113.90
C LYS E 728 37.00 119.62 -113.08
N GLU E 729 38.21 119.69 -112.54
CA GLU E 729 38.65 120.82 -111.74
C GLU E 729 39.31 121.84 -112.66
N GLU E 730 38.80 123.06 -112.64
CA GLU E 730 39.35 124.18 -113.37
C GLU E 730 40.06 125.09 -112.38
N VAL E 731 40.47 126.26 -112.88
CA VAL E 731 41.24 127.19 -112.07
C VAL E 731 40.40 127.71 -110.91
N ASP E 732 39.14 128.07 -111.18
CA ASP E 732 38.27 128.65 -110.18
C ASP E 732 36.88 128.04 -110.18
N ARG E 733 36.71 126.90 -110.85
CA ARG E 733 35.40 126.28 -110.97
C ARG E 733 35.55 124.77 -110.90
N TYR E 734 34.45 124.13 -110.55
CA TYR E 734 34.30 122.69 -110.62
C TYR E 734 33.15 122.40 -111.58
N ARG E 735 33.43 121.60 -112.59
CA ARG E 735 32.43 121.20 -113.56
C ARG E 735 31.99 119.79 -113.20
N ILE E 736 30.74 119.65 -112.81
CA ILE E 736 30.18 118.39 -112.35
C ILE E 736 29.18 117.94 -113.40
N THR E 737 29.39 116.75 -113.93
CA THR E 737 28.47 116.13 -114.86
C THR E 737 27.74 115.03 -114.11
N ILE E 738 26.42 115.08 -114.15
CA ILE E 738 25.54 114.08 -113.56
C ILE E 738 24.71 113.52 -114.69
N GLY E 739 24.99 112.30 -115.08
CA GLY E 739 24.27 111.70 -116.18
C GLY E 739 24.62 112.44 -117.45
N ASN E 740 23.62 113.14 -117.99
CA ASN E 740 23.77 113.95 -119.19
C ASN E 740 23.51 115.42 -118.91
N LYS E 741 23.49 115.83 -117.65
CA LYS E 741 23.26 117.21 -117.27
C LYS E 741 24.50 117.74 -116.56
N THR E 742 24.73 119.03 -116.71
CA THR E 742 25.93 119.67 -116.20
C THR E 742 25.55 120.72 -115.17
N CYS E 743 26.34 120.79 -114.10
CA CYS E 743 26.21 121.76 -113.05
C CYS E 743 27.60 122.28 -112.71
N VAL E 744 27.71 123.60 -112.58
CA VAL E 744 28.99 124.26 -112.41
C VAL E 744 28.98 124.96 -111.06
N PHE E 745 29.99 124.65 -110.24
CA PHE E 745 30.16 125.24 -108.92
C PHE E 745 31.36 126.17 -108.94
N GLU E 746 31.23 127.31 -108.26
CA GLU E 746 32.32 128.27 -108.18
C GLU E 746 33.19 127.97 -106.98
N LYS E 747 34.50 128.04 -107.20
CA LYS E 747 35.48 127.90 -106.13
C LYS E 747 35.79 129.30 -105.61
N GLU E 748 35.51 129.51 -104.33
CA GLU E 748 35.63 130.84 -103.74
C GLU E 748 37.08 131.31 -103.77
N ASN E 749 37.31 132.45 -104.43
CA ASN E 749 38.57 133.18 -104.35
C ASN E 749 38.32 134.69 -104.28
N ASP E 750 37.10 135.09 -103.98
CA ASP E 750 36.58 136.44 -104.10
C ASP E 750 36.94 137.44 -103.00
N PRO E 751 37.04 137.05 -101.72
CA PRO E 751 37.19 138.07 -100.66
C PRO E 751 38.43 138.96 -100.77
N SER E 752 39.37 138.66 -101.67
CA SER E 752 40.56 139.49 -101.88
C SER E 752 41.35 139.64 -100.60
N VAL E 753 41.55 138.53 -99.90
CA VAL E 753 42.35 138.47 -98.68
C VAL E 753 43.68 137.82 -99.04
N MET E 754 44.78 138.48 -98.71
CA MET E 754 46.08 137.91 -98.97
C MET E 754 46.35 136.83 -97.93
N ARG E 755 46.84 135.69 -98.39
CA ARG E 755 47.03 134.53 -97.54
C ARG E 755 48.41 133.94 -97.77
N SER E 756 48.95 133.36 -96.73
CA SER E 756 50.24 132.72 -96.83
C SER E 756 50.08 131.42 -97.62
N PRO E 757 50.88 131.18 -98.67
CA PRO E 757 50.74 129.92 -99.40
C PRO E 757 51.24 128.72 -98.62
N SER E 758 52.04 128.93 -97.59
CA SER E 758 52.70 127.84 -96.88
C SER E 758 52.71 128.16 -95.39
N ALA E 759 53.24 127.22 -94.63
CA ALA E 759 53.62 127.50 -93.26
C ALA E 759 54.88 128.35 -93.25
N GLY E 760 55.26 128.80 -92.06
CA GLY E 760 56.53 129.47 -91.89
C GLY E 760 56.44 130.57 -90.87
N LYS E 761 57.19 131.63 -91.13
CA LYS E 761 57.29 132.78 -90.25
C LYS E 761 57.25 134.04 -91.11
N LEU E 762 56.61 135.07 -90.58
CA LEU E 762 56.63 136.39 -91.18
C LEU E 762 57.85 137.13 -90.65
N ILE E 763 58.64 137.71 -91.54
CA ILE E 763 59.77 138.52 -91.12
C ILE E 763 59.40 139.99 -91.09
N GLN E 764 58.85 140.49 -92.18
CA GLN E 764 58.54 141.91 -92.29
C GLN E 764 57.57 142.11 -93.43
N TYR E 765 57.03 143.31 -93.50
CA TYR E 765 56.24 143.78 -94.63
C TYR E 765 57.05 144.78 -95.44
N ILE E 766 56.83 144.77 -96.75
CA ILE E 766 57.63 145.59 -97.64
C ILE E 766 57.07 147.01 -97.77
N VAL E 767 55.75 147.16 -97.68
CA VAL E 767 55.09 148.44 -97.93
C VAL E 767 54.37 148.88 -96.65
N GLU E 768 53.91 150.12 -96.68
CA GLU E 768 53.28 150.70 -95.51
C GLU E 768 51.87 150.17 -95.34
N ASP E 769 51.45 150.03 -94.08
CA ASP E 769 50.08 149.68 -93.80
C ASP E 769 49.17 150.84 -94.20
N GLY E 770 48.24 150.58 -95.11
CA GLY E 770 47.42 151.61 -95.70
C GLY E 770 47.90 152.14 -97.03
N GLY E 771 49.09 151.71 -97.49
CA GLY E 771 49.55 152.11 -98.79
C GLY E 771 48.92 151.32 -99.91
N HIS E 772 48.89 151.93 -101.09
CA HIS E 772 48.36 151.26 -102.27
C HIS E 772 49.42 150.32 -102.83
N VAL E 773 48.96 149.14 -103.24
CA VAL E 773 49.82 148.14 -103.87
C VAL E 773 49.20 147.81 -105.21
N PHE E 774 50.05 147.44 -106.16
CA PHE E 774 49.64 147.02 -107.49
C PHE E 774 49.92 145.54 -107.66
N ALA E 775 49.14 144.90 -108.53
CA ALA E 775 49.27 143.47 -108.76
C ALA E 775 50.65 143.14 -109.32
N GLY E 776 51.27 142.12 -108.77
CA GLY E 776 52.63 141.75 -109.12
C GLY E 776 53.71 142.36 -108.26
N GLN E 777 53.40 143.39 -107.47
CA GLN E 777 54.35 143.98 -106.56
C GLN E 777 54.44 143.17 -105.27
N CYS E 778 55.66 142.98 -104.78
CA CYS E 778 55.85 142.29 -103.52
C CYS E 778 55.40 143.17 -102.36
N TYR E 779 54.61 142.59 -101.47
CA TYR E 779 54.08 143.29 -100.29
C TYR E 779 54.61 142.75 -98.97
N ALA E 780 55.19 141.56 -98.94
CA ALA E 780 55.60 140.96 -97.69
C ALA E 780 56.77 140.03 -97.91
N GLU E 781 57.53 139.81 -96.83
CA GLU E 781 58.67 138.90 -96.81
C GLU E 781 58.45 137.88 -95.70
N ILE E 782 58.43 136.62 -96.07
CA ILE E 782 58.28 135.52 -95.13
C ILE E 782 59.42 134.55 -95.36
N GLU E 783 59.66 133.73 -94.36
CA GLU E 783 60.66 132.69 -94.42
C GLU E 783 60.05 131.40 -93.92
N VAL E 784 60.11 130.39 -94.77
CA VAL E 784 59.93 129.01 -94.39
C VAL E 784 61.19 128.31 -94.86
N MET E 785 61.46 127.13 -94.31
CA MET E 785 62.56 126.27 -94.78
C MET E 785 63.93 126.88 -94.50
N LYS E 786 64.01 127.92 -93.67
CA LYS E 786 65.22 128.75 -93.56
C LYS E 786 65.60 129.38 -94.90
N MET E 787 64.63 129.51 -95.80
CA MET E 787 64.84 130.07 -97.13
C MET E 787 63.75 131.08 -97.42
N VAL E 788 64.17 132.29 -97.76
CA VAL E 788 63.26 133.42 -97.79
C VAL E 788 62.50 133.42 -99.11
N MET E 789 61.21 133.72 -99.00
CA MET E 789 60.30 133.77 -100.13
C MET E 789 59.43 135.01 -99.96
N THR E 790 59.38 135.84 -100.98
CA THR E 790 58.57 137.05 -100.95
C THR E 790 57.11 136.71 -101.24
N LEU E 791 56.27 137.73 -101.38
CA LEU E 791 54.85 137.52 -101.65
C LEU E 791 54.33 138.65 -102.52
N THR E 792 53.89 138.31 -103.72
CA THR E 792 53.36 139.27 -104.67
C THR E 792 51.86 139.45 -104.46
N ALA E 793 51.39 140.67 -104.65
CA ALA E 793 49.96 140.94 -104.58
C ALA E 793 49.27 140.45 -105.84
N VAL E 794 48.03 140.00 -105.66
CA VAL E 794 47.23 139.53 -106.79
C VAL E 794 46.48 140.67 -107.45
N GLU E 795 45.92 141.55 -106.64
CA GLU E 795 45.06 142.64 -107.10
C GLU E 795 45.65 143.96 -106.66
N SER E 796 45.24 145.01 -107.35
CA SER E 796 45.70 146.36 -107.03
C SER E 796 44.70 147.03 -106.09
N GLY E 797 45.19 147.49 -104.95
CA GLY E 797 44.31 148.08 -103.98
C GLY E 797 45.08 148.53 -102.76
N CYS E 798 44.34 148.92 -101.73
CA CYS E 798 44.92 149.47 -100.51
C CYS E 798 45.02 148.36 -99.47
N ILE E 799 46.25 148.06 -99.03
CA ILE E 799 46.52 146.91 -98.19
C ILE E 799 46.53 147.35 -96.73
N HIS E 800 45.86 146.57 -95.88
CA HIS E 800 45.95 146.68 -94.44
C HIS E 800 46.34 145.32 -93.88
N TYR E 801 47.33 145.30 -92.99
CA TYR E 801 47.90 144.06 -92.49
C TYR E 801 47.19 143.60 -91.22
N VAL E 802 47.00 142.30 -91.12
CA VAL E 802 46.38 141.66 -89.97
C VAL E 802 47.43 141.23 -88.96
N LYS E 803 48.43 140.47 -89.40
CA LYS E 803 49.47 139.98 -88.51
C LYS E 803 50.56 141.03 -88.36
N ARG E 804 51.10 141.13 -87.16
CA ARG E 804 52.18 142.08 -86.93
C ARG E 804 53.51 141.45 -87.36
N PRO E 805 54.51 142.25 -87.72
CA PRO E 805 55.78 141.68 -88.16
C PRO E 805 56.42 140.79 -87.10
N GLY E 806 56.65 139.55 -87.49
CA GLY E 806 57.10 138.52 -86.58
C GLY E 806 55.88 137.76 -86.14
N ALA E 807 55.63 136.62 -86.77
CA ALA E 807 54.42 135.88 -86.50
C ALA E 807 54.50 134.52 -87.17
N ALA E 808 53.77 133.58 -86.61
CA ALA E 808 53.73 132.24 -87.16
C ALA E 808 52.71 132.19 -88.27
N LEU E 809 53.08 131.57 -89.38
CA LEU E 809 52.23 131.47 -90.56
C LEU E 809 51.83 130.03 -90.78
N ASP E 810 50.56 129.85 -91.05
CA ASP E 810 49.96 128.61 -91.46
C ASP E 810 49.51 128.71 -92.91
N PRO E 811 49.51 127.62 -93.66
CA PRO E 811 49.03 127.71 -95.04
C PRO E 811 47.56 128.09 -95.10
N GLY E 812 47.24 129.02 -95.99
CA GLY E 812 45.89 129.53 -96.10
C GLY E 812 45.45 130.47 -95.00
N CYS E 813 46.37 130.92 -94.15
CA CYS E 813 46.00 131.82 -93.07
C CYS E 813 45.75 133.22 -93.63
N VAL E 814 45.23 134.08 -92.75
CA VAL E 814 44.91 135.47 -93.10
C VAL E 814 46.10 136.32 -92.72
N LEU E 815 46.71 136.95 -93.72
CA LEU E 815 47.86 137.82 -93.52
C LEU E 815 47.51 139.29 -93.67
N ALA E 816 46.80 139.64 -94.73
CA ALA E 816 46.55 141.04 -95.04
C ALA E 816 45.35 141.15 -95.95
N LYS E 817 44.44 142.06 -95.61
CA LYS E 817 43.30 142.34 -96.46
C LYS E 817 43.63 143.50 -97.38
N MET E 818 42.97 143.53 -98.53
CA MET E 818 43.12 144.63 -99.48
C MET E 818 41.75 145.14 -99.88
N GLN E 819 41.62 146.46 -99.85
CA GLN E 819 40.43 147.13 -100.33
C GLN E 819 40.57 147.34 -101.83
N LEU E 820 39.57 146.89 -102.58
CA LEU E 820 39.45 147.05 -104.02
C LEU E 820 38.20 147.87 -104.31
N ASP E 821 37.91 148.05 -105.60
CA ASP E 821 36.72 148.76 -106.04
C ASP E 821 35.50 147.86 -106.16
N ASN E 822 35.59 146.60 -105.74
CA ASN E 822 34.48 145.65 -105.75
C ASN E 822 33.74 145.62 -107.08
N PRO E 823 34.39 145.16 -108.16
CA PRO E 823 33.68 145.07 -109.44
C PRO E 823 32.43 144.21 -109.39
N SER E 824 32.48 143.11 -108.66
CA SER E 824 31.36 142.17 -108.55
C SER E 824 31.68 141.20 -107.43
N LYS E 825 30.88 140.13 -107.33
CA LYS E 825 31.09 139.07 -106.34
C LYS E 825 31.02 139.63 -104.93
N VAL E 826 30.02 140.47 -104.69
CA VAL E 826 29.79 141.06 -103.39
C VAL E 826 28.80 140.20 -102.62
N GLN E 827 29.21 139.76 -101.43
CA GLN E 827 28.33 139.04 -100.50
C GLN E 827 27.78 137.77 -101.13
N GLN E 828 28.67 136.98 -101.72
CA GLN E 828 28.29 135.72 -102.35
C GLN E 828 28.35 134.59 -101.32
N ALA E 829 27.70 134.81 -100.16
CA ALA E 829 27.72 133.81 -99.10
C ALA E 829 26.35 133.23 -98.76
N GLU E 830 25.51 134.03 -98.10
CA GLU E 830 24.18 133.62 -97.59
C GLU E 830 24.16 132.15 -97.18
N LEU E 831 25.07 131.78 -96.28
CA LEU E 831 25.40 130.40 -95.96
C LEU E 831 24.16 129.55 -95.72
N HIS E 832 24.03 128.50 -96.52
CA HIS E 832 22.87 127.62 -96.41
C HIS E 832 22.85 126.96 -95.04
N THR E 833 21.69 127.05 -94.38
CA THR E 833 21.49 126.46 -93.07
C THR E 833 20.16 125.72 -93.13
N GLY E 834 20.23 124.46 -93.52
CA GLY E 834 19.06 123.63 -93.62
C GLY E 834 19.40 122.19 -93.36
N SER E 835 18.88 121.31 -94.20
CA SER E 835 19.13 119.89 -94.04
C SER E 835 19.04 119.24 -95.41
N LEU E 836 19.86 118.22 -95.63
CA LEU E 836 19.87 117.52 -96.92
C LEU E 836 18.79 116.44 -96.97
N PRO E 837 18.36 116.07 -98.18
CA PRO E 837 17.33 115.04 -98.32
C PRO E 837 17.60 113.85 -97.42
N ARG E 838 16.55 113.12 -97.06
CA ARG E 838 16.68 111.95 -96.19
C ARG E 838 15.37 111.18 -96.09
N ILE E 839 15.33 110.00 -96.70
CA ILE E 839 14.14 109.17 -96.68
C ILE E 839 14.49 107.71 -96.39
N GLN E 840 15.23 107.10 -97.29
CA GLN E 840 15.65 105.70 -97.13
C GLN E 840 16.58 105.54 -95.94
N SER E 841 17.62 104.74 -96.12
CA SER E 841 18.60 104.49 -95.07
C SER E 841 19.39 103.21 -95.24
N THR E 842 18.82 102.20 -95.92
CA THR E 842 19.54 100.97 -96.23
C THR E 842 19.87 100.16 -94.98
N ALA E 843 19.02 100.27 -93.95
CA ALA E 843 19.30 99.64 -92.67
C ALA E 843 18.73 98.23 -92.55
N LEU E 844 17.98 97.76 -93.54
CA LEU E 844 17.44 96.41 -93.55
C LEU E 844 16.55 96.18 -92.33
N ARG E 845 15.62 97.10 -92.12
CA ARG E 845 14.76 97.05 -90.95
C ARG E 845 13.76 95.90 -91.13
N GLY E 846 14.06 94.76 -90.53
CA GLY E 846 13.18 93.61 -90.59
C GLY E 846 13.31 92.79 -91.84
N GLU E 847 14.42 92.88 -92.56
CA GLU E 847 14.62 92.19 -93.82
C GLU E 847 15.45 90.93 -93.60
N LYS E 848 14.77 89.80 -93.41
CA LYS E 848 15.31 88.43 -93.46
C LYS E 848 16.20 87.98 -92.31
N LEU E 849 16.73 88.92 -91.52
CA LEU E 849 17.55 88.68 -90.34
C LEU E 849 18.95 88.10 -90.55
N HIS E 850 19.23 87.44 -91.68
CA HIS E 850 20.57 86.92 -91.93
C HIS E 850 21.35 87.84 -92.83
N ARG E 851 20.66 88.69 -93.56
CA ARG E 851 21.28 89.79 -94.26
C ARG E 851 21.65 90.90 -93.30
N VAL E 852 20.84 91.08 -92.25
CA VAL E 852 21.14 92.06 -91.21
C VAL E 852 22.43 91.71 -90.49
N PHE E 853 22.66 90.41 -90.29
CA PHE E 853 23.91 89.94 -89.70
C PHE E 853 25.10 90.49 -90.47
N HIS E 854 25.12 90.24 -91.78
CA HIS E 854 26.21 90.71 -92.61
C HIS E 854 26.32 92.22 -92.58
N TYR E 855 25.19 92.90 -92.62
CA TYR E 855 25.20 94.37 -92.65
C TYR E 855 25.87 94.94 -91.41
N VAL E 856 25.35 94.60 -90.23
CA VAL E 856 25.87 95.17 -89.00
C VAL E 856 27.30 94.71 -88.75
N LEU E 857 27.60 93.44 -89.00
CA LEU E 857 28.93 92.94 -88.77
C LEU E 857 29.94 93.66 -89.64
N ASP E 858 29.63 93.86 -90.92
CA ASP E 858 30.57 94.53 -91.80
C ASP E 858 30.77 95.97 -91.37
N ASN E 859 29.71 96.62 -90.91
CA ASN E 859 29.89 97.98 -90.40
C ASN E 859 30.83 98.00 -89.22
N LEU E 860 30.72 97.01 -88.33
CA LEU E 860 31.54 97.02 -87.14
C LEU E 860 32.98 96.68 -87.46
N VAL E 861 33.17 95.77 -88.41
CA VAL E 861 34.51 95.46 -88.88
C VAL E 861 35.17 96.70 -89.46
N ASN E 862 34.41 97.46 -90.23
CA ASN E 862 34.98 98.67 -90.83
C ASN E 862 35.29 99.71 -89.77
N VAL E 863 34.52 99.73 -88.68
CA VAL E 863 34.89 100.57 -87.55
C VAL E 863 36.24 100.12 -87.01
N MET E 864 36.42 98.82 -86.86
CA MET E 864 37.69 98.31 -86.34
C MET E 864 38.85 98.60 -87.26
N ASN E 865 38.60 98.81 -88.55
CA ASN E 865 39.65 99.15 -89.50
C ASN E 865 39.85 100.65 -89.66
N GLY E 866 39.18 101.47 -88.87
CA GLY E 866 39.43 102.89 -88.84
C GLY E 866 38.39 103.77 -89.49
N TYR E 867 37.34 103.21 -90.04
CA TYR E 867 36.26 103.97 -90.68
C TYR E 867 35.21 104.29 -89.63
N CYS E 868 35.17 105.54 -89.22
CA CYS E 868 34.38 105.98 -88.09
C CYS E 868 33.77 107.34 -88.37
N LEU E 869 32.53 107.50 -87.94
CA LEU E 869 31.85 108.76 -88.10
C LEU E 869 32.48 109.81 -87.20
N PRO E 870 32.07 111.08 -87.35
CA PRO E 870 32.55 112.13 -86.44
C PRO E 870 31.92 112.06 -85.07
N ASP E 871 32.14 113.10 -84.27
CA ASP E 871 31.89 113.08 -82.84
C ASP E 871 30.42 112.86 -82.49
N PRO E 872 29.48 113.73 -82.88
CA PRO E 872 28.10 113.51 -82.46
C PRO E 872 27.40 112.36 -83.17
N PHE E 873 27.97 111.85 -84.26
CA PHE E 873 27.39 110.74 -84.99
C PHE E 873 27.94 109.39 -84.56
N PHE E 874 29.18 109.35 -84.11
CA PHE E 874 29.74 108.11 -83.61
C PHE E 874 29.17 107.81 -82.25
N SER E 875 28.86 106.54 -82.02
CA SER E 875 28.16 106.02 -80.85
C SER E 875 26.68 106.37 -80.84
N SER E 876 26.20 107.10 -81.84
CA SER E 876 24.77 107.26 -82.07
C SER E 876 24.20 106.15 -82.93
N LYS E 877 25.03 105.51 -83.77
CA LYS E 877 24.65 104.38 -84.58
C LYS E 877 25.37 103.10 -84.23
N VAL E 878 26.55 103.21 -83.62
CA VAL E 878 27.35 102.04 -83.31
C VAL E 878 26.68 101.20 -82.24
N LYS E 879 26.14 101.86 -81.22
CA LYS E 879 25.40 101.16 -80.18
C LYS E 879 24.27 100.34 -80.79
N ASP E 880 23.61 100.89 -81.81
CA ASP E 880 22.52 100.17 -82.46
C ASP E 880 23.06 98.99 -83.24
N TRP E 881 24.20 99.16 -83.90
CA TRP E 881 24.82 98.06 -84.60
C TRP E 881 25.12 96.91 -83.65
N VAL E 882 25.64 97.22 -82.47
CA VAL E 882 25.96 96.19 -81.49
C VAL E 882 24.68 95.49 -81.03
N GLU E 883 23.65 96.28 -80.67
CA GLU E 883 22.43 95.69 -80.17
C GLU E 883 21.78 94.79 -81.21
N ARG E 884 21.74 95.24 -82.45
CA ARG E 884 21.14 94.44 -83.51
C ARG E 884 21.94 93.18 -83.76
N LEU E 885 23.27 93.25 -83.65
CA LEU E 885 24.07 92.05 -83.83
C LEU E 885 23.81 91.05 -82.71
N MET E 886 23.71 91.54 -81.48
CA MET E 886 23.47 90.64 -80.36
C MET E 886 22.13 89.97 -80.49
N LYS E 887 21.12 90.71 -80.92
CA LYS E 887 19.80 90.10 -81.12
C LYS E 887 19.83 89.07 -82.23
N THR E 888 20.54 89.38 -83.33
CA THR E 888 20.59 88.44 -84.44
C THR E 888 21.30 87.15 -84.06
N LEU E 889 22.39 87.26 -83.32
CA LEU E 889 23.19 86.07 -83.04
C LEU E 889 22.53 85.13 -82.05
N ARG E 890 21.56 85.61 -81.28
CA ARG E 890 20.82 84.78 -80.36
C ARG E 890 19.52 84.25 -80.94
N ASP E 891 19.21 84.57 -82.19
CA ASP E 891 18.00 84.08 -82.82
C ASP E 891 18.27 82.70 -83.39
N PRO E 892 17.52 81.66 -83.02
CA PRO E 892 17.81 80.32 -83.56
C PRO E 892 17.57 80.18 -85.04
N SER E 893 16.89 81.12 -85.69
CA SER E 893 16.56 80.98 -87.10
C SER E 893 17.67 81.39 -88.03
N LEU E 894 18.76 81.94 -87.53
CA LEU E 894 19.84 82.42 -88.38
C LEU E 894 20.50 81.31 -89.21
N PRO E 895 21.01 80.24 -88.62
CA PRO E 895 21.78 79.27 -89.42
C PRO E 895 20.97 78.58 -90.48
N LEU E 896 19.69 78.34 -90.25
CA LEU E 896 18.89 77.71 -91.31
C LEU E 896 18.69 78.64 -92.48
N LEU E 897 18.53 79.95 -92.22
CA LEU E 897 18.45 80.91 -93.31
C LEU E 897 19.70 80.90 -94.16
N GLU E 898 20.87 80.90 -93.50
CA GLU E 898 22.12 80.73 -94.23
C GLU E 898 22.11 79.45 -95.05
N LEU E 899 21.62 78.36 -94.45
CA LEU E 899 21.57 77.09 -95.17
C LEU E 899 20.68 77.20 -96.40
N GLN E 900 19.54 77.88 -96.25
CA GLN E 900 18.62 78.05 -97.36
C GLN E 900 19.32 78.70 -98.53
N ASP E 901 20.01 79.81 -98.28
CA ASP E 901 20.68 80.50 -99.37
C ASP E 901 21.75 79.62 -100.00
N ILE E 902 22.58 78.96 -99.21
CA ILE E 902 23.70 78.24 -99.83
C ILE E 902 23.22 76.97 -100.53
N MET E 903 22.13 76.38 -100.07
CA MET E 903 21.64 75.15 -100.68
C MET E 903 20.87 75.46 -101.95
N THR E 904 20.07 76.53 -101.94
CA THR E 904 19.28 76.86 -103.11
C THR E 904 20.15 77.33 -104.26
N SER E 905 21.25 78.01 -103.96
CA SER E 905 22.12 78.51 -105.03
C SER E 905 22.76 77.37 -105.81
N VAL E 906 22.80 76.16 -105.25
CA VAL E 906 23.41 75.01 -105.90
C VAL E 906 22.36 73.89 -105.85
N SER E 907 21.52 73.83 -106.88
CA SER E 907 20.55 72.75 -107.03
C SER E 907 21.18 71.60 -107.82
N GLY E 908 21.78 71.92 -108.95
CA GLY E 908 22.48 70.91 -109.71
C GLY E 908 23.83 70.59 -109.12
N ARG E 909 24.44 69.53 -109.65
CA ARG E 909 25.73 69.02 -109.22
C ARG E 909 25.73 68.49 -107.79
N ILE E 910 24.56 68.33 -107.18
CA ILE E 910 24.41 67.78 -105.84
C ILE E 910 23.69 66.43 -106.00
N PRO E 911 24.22 65.33 -105.47
CA PRO E 911 23.51 64.05 -105.57
C PRO E 911 22.12 64.15 -104.96
N PRO E 912 21.09 63.55 -105.57
CA PRO E 912 19.74 63.66 -104.99
C PRO E 912 19.63 63.12 -103.58
N ASN E 913 20.39 62.08 -103.25
CA ASN E 913 20.31 61.48 -101.92
C ASN E 913 20.61 62.51 -100.83
N VAL E 914 21.76 63.16 -100.94
CA VAL E 914 22.17 64.13 -99.93
C VAL E 914 21.25 65.34 -99.93
N GLU E 915 20.78 65.73 -101.11
CA GLU E 915 19.86 66.87 -101.22
C GLU E 915 18.60 66.62 -100.42
N LYS E 916 17.98 65.45 -100.64
CA LYS E 916 16.75 65.13 -99.93
C LYS E 916 17.00 65.06 -98.43
N SER E 917 18.10 64.42 -98.02
CA SER E 917 18.37 64.30 -96.59
C SER E 917 18.53 65.66 -95.94
N ILE E 918 19.28 66.56 -96.59
CA ILE E 918 19.51 67.89 -96.02
C ILE E 918 18.20 68.64 -95.88
N LYS E 919 17.37 68.62 -96.92
CA LYS E 919 16.09 69.30 -96.85
C LYS E 919 15.26 68.77 -95.69
N LYS E 920 15.29 67.45 -95.49
CA LYS E 920 14.52 66.87 -94.40
C LYS E 920 15.03 67.33 -93.05
N GLU E 921 16.36 67.32 -92.86
CA GLU E 921 16.93 67.67 -91.58
C GLU E 921 16.66 69.12 -91.22
N MET E 922 16.84 70.03 -92.19
CA MET E 922 16.57 71.42 -91.89
C MET E 922 15.09 71.66 -91.63
N ALA E 923 14.21 70.89 -92.26
CA ALA E 923 12.79 71.02 -91.95
C ALA E 923 12.51 70.60 -90.51
N GLN E 924 13.14 69.52 -90.05
CA GLN E 924 12.98 69.12 -88.65
C GLN E 924 13.45 70.22 -87.71
N TYR E 925 14.62 70.79 -87.99
CA TYR E 925 15.13 71.89 -87.17
C TYR E 925 14.14 73.03 -87.11
N ALA E 926 13.50 73.34 -88.24
CA ALA E 926 12.52 74.42 -88.26
C ALA E 926 11.33 74.06 -87.39
N SER E 927 10.92 72.80 -87.42
CA SER E 927 9.78 72.38 -86.62
C SER E 927 10.05 72.52 -85.13
N ASN E 928 11.30 72.41 -84.70
CA ASN E 928 11.62 72.48 -83.27
C ASN E 928 12.00 73.87 -82.77
N ILE E 929 11.79 74.93 -83.55
CA ILE E 929 12.14 76.26 -83.07
C ILE E 929 11.27 76.61 -81.86
N THR E 930 11.84 77.41 -80.96
CA THR E 930 11.22 77.71 -79.68
C THR E 930 11.09 76.43 -78.87
N SER E 931 12.23 75.79 -78.59
CA SER E 931 12.27 74.67 -77.68
C SER E 931 13.67 74.60 -77.09
N VAL E 932 13.73 74.36 -75.78
CA VAL E 932 15.00 74.33 -75.08
C VAL E 932 15.95 73.25 -75.59
N LEU E 933 15.41 72.21 -76.20
CA LEU E 933 16.20 71.15 -76.79
C LEU E 933 16.47 71.39 -78.28
N CYS E 934 16.22 72.59 -78.77
CA CYS E 934 16.40 72.90 -80.18
C CYS E 934 17.87 73.16 -80.45
N GLN E 935 18.45 72.37 -81.34
CA GLN E 935 19.84 72.49 -81.73
C GLN E 935 19.98 72.34 -83.23
N PHE E 936 20.86 73.12 -83.81
CA PHE E 936 21.03 73.12 -85.25
C PHE E 936 21.70 71.81 -85.69
N PRO E 937 21.12 71.06 -86.64
CA PRO E 937 21.70 69.74 -86.97
C PRO E 937 22.91 69.82 -87.88
N SER E 938 23.97 70.47 -87.40
CA SER E 938 25.18 70.57 -88.19
C SER E 938 25.82 69.21 -88.39
N GLN E 939 25.85 68.40 -87.33
CA GLN E 939 26.50 67.10 -87.39
C GLN E 939 25.77 66.17 -88.35
N GLN E 940 24.45 66.28 -88.44
CA GLN E 940 23.69 65.35 -89.26
C GLN E 940 23.87 65.64 -90.75
N ILE E 941 23.89 66.92 -91.09
CA ILE E 941 24.23 67.34 -92.45
C ILE E 941 25.62 66.84 -92.80
N ALA E 942 26.58 67.04 -91.89
CA ALA E 942 27.94 66.58 -92.13
C ALA E 942 27.96 65.05 -92.27
N ASN E 943 27.10 64.36 -91.52
CA ASN E 943 27.08 62.90 -91.57
C ASN E 943 26.65 62.41 -92.93
N ILE E 944 25.57 62.98 -93.48
CA ILE E 944 25.11 62.46 -94.76
C ILE E 944 26.11 62.81 -95.86
N LEU E 945 26.70 64.00 -95.82
CA LEU E 945 27.68 64.34 -96.84
C LEU E 945 28.91 63.44 -96.74
N ASP E 946 29.32 63.12 -95.52
CA ASP E 946 30.47 62.23 -95.36
C ASP E 946 30.11 60.79 -95.69
N SER E 947 28.83 60.42 -95.58
CA SER E 947 28.41 59.11 -96.04
C SER E 947 28.58 58.99 -97.55
N HIS E 948 28.08 59.99 -98.29
CA HIS E 948 28.27 59.97 -99.72
C HIS E 948 29.76 60.01 -100.08
N ALA E 949 30.56 60.76 -99.33
CA ALA E 949 32.00 60.76 -99.58
C ALA E 949 32.65 59.45 -99.16
N ALA E 950 32.01 58.69 -98.28
CA ALA E 950 32.53 57.37 -97.91
C ALA E 950 32.27 56.37 -99.01
N THR E 951 31.16 56.53 -99.73
CA THR E 951 31.01 55.82 -100.99
C THR E 951 32.12 56.21 -101.95
N LEU E 952 32.45 57.51 -102.02
CA LEU E 952 33.59 58.00 -102.78
C LEU E 952 33.54 57.62 -104.24
N ASN E 953 32.61 58.21 -105.00
CA ASN E 953 32.69 58.11 -106.45
C ASN E 953 34.04 58.64 -106.93
N ARG E 954 34.62 57.96 -107.92
CA ARG E 954 35.91 58.31 -108.49
C ARG E 954 35.75 59.17 -109.75
N LYS E 955 36.83 59.83 -110.13
CA LYS E 955 37.01 60.35 -111.50
C LYS E 955 36.00 61.39 -111.95
N SER E 956 36.11 62.62 -111.42
CA SER E 956 35.27 63.78 -111.73
C SER E 956 33.91 63.74 -111.04
N GLU E 957 33.54 62.58 -110.52
CA GLU E 957 32.45 62.46 -109.58
C GLU E 957 32.95 62.50 -108.15
N ARG E 958 34.27 62.49 -107.95
CA ARG E 958 34.86 62.80 -106.66
C ARG E 958 34.89 64.30 -106.42
N GLU E 959 35.59 65.03 -107.28
CA GLU E 959 35.92 66.43 -106.99
C GLU E 959 34.69 67.31 -107.04
N VAL E 960 33.76 67.00 -107.95
CA VAL E 960 32.53 67.78 -108.07
C VAL E 960 31.78 67.81 -106.73
N PHE E 961 31.74 66.67 -106.04
CA PHE E 961 31.02 66.57 -104.78
C PHE E 961 31.73 67.35 -103.68
N PHE E 962 33.06 67.20 -103.60
CA PHE E 962 33.79 67.90 -102.55
C PHE E 962 33.77 69.41 -102.76
N MET E 963 33.66 69.87 -104.00
CA MET E 963 33.72 71.29 -104.28
C MET E 963 32.35 71.95 -104.19
N ASN E 964 31.31 71.34 -104.73
CA ASN E 964 29.99 71.96 -104.71
C ASN E 964 29.30 71.87 -103.36
N THR E 965 29.96 71.29 -102.36
CA THR E 965 29.43 71.18 -101.02
C THR E 965 30.21 72.04 -100.02
N GLN E 966 31.13 72.88 -100.50
CA GLN E 966 32.02 73.60 -99.60
C GLN E 966 31.28 74.63 -98.77
N SER E 967 30.29 75.29 -99.35
CA SER E 967 29.49 76.24 -98.58
C SER E 967 28.82 75.57 -97.41
N ILE E 968 28.27 74.37 -97.62
CA ILE E 968 27.60 73.65 -96.55
C ILE E 968 28.60 73.30 -95.46
N VAL E 969 29.80 72.88 -95.86
CA VAL E 969 30.84 72.54 -94.91
C VAL E 969 31.18 73.75 -94.05
N GLN E 970 31.34 74.91 -94.67
CA GLN E 970 31.63 76.12 -93.93
C GLN E 970 30.53 76.43 -92.93
N LEU E 971 29.27 76.32 -93.38
CA LEU E 971 28.16 76.63 -92.50
C LEU E 971 28.14 75.70 -91.29
N VAL E 972 28.28 74.40 -91.52
CA VAL E 972 28.22 73.47 -90.40
C VAL E 972 29.42 73.65 -89.49
N GLN E 973 30.57 74.02 -90.04
CA GLN E 973 31.73 74.23 -89.21
C GLN E 973 31.53 75.44 -88.31
N ARG E 974 30.83 76.45 -88.80
CA ARG E 974 30.60 77.62 -87.97
C ARG E 974 29.70 77.30 -86.79
N TYR E 975 28.75 76.38 -86.98
CA TYR E 975 27.74 76.09 -85.98
C TYR E 975 27.90 74.68 -85.40
N ARG E 976 29.14 74.29 -85.10
CA ARG E 976 29.37 73.02 -84.44
C ARG E 976 28.87 73.02 -83.02
N SER E 977 29.01 74.15 -82.31
CA SER E 977 28.56 74.29 -80.94
C SER E 977 27.24 75.06 -80.83
N GLY E 978 26.59 75.33 -81.94
CA GLY E 978 25.34 76.04 -81.90
C GLY E 978 25.52 77.54 -81.97
N ILE E 979 24.37 78.20 -81.88
CA ILE E 979 24.32 79.65 -82.00
C ILE E 979 25.12 80.31 -80.89
N ARG E 980 25.19 79.65 -79.74
CA ARG E 980 25.93 80.16 -78.61
C ARG E 980 27.41 80.31 -78.98
N GLY E 981 28.03 79.19 -79.36
CA GLY E 981 29.42 79.19 -79.74
C GLY E 981 29.70 80.13 -80.90
N HIS E 982 28.80 80.16 -81.89
CA HIS E 982 28.97 81.07 -83.00
C HIS E 982 28.98 82.54 -82.56
N MET E 983 28.04 82.92 -81.70
CA MET E 983 27.98 84.28 -81.17
C MET E 983 29.30 84.66 -80.51
N LYS E 984 29.78 83.79 -79.61
CA LYS E 984 31.02 84.07 -78.91
C LYS E 984 32.17 84.18 -79.90
N ALA E 985 32.14 83.35 -80.94
CA ALA E 985 33.21 83.35 -81.92
C ALA E 985 33.29 84.68 -82.64
N VAL E 986 32.14 85.22 -83.04
CA VAL E 986 32.09 86.48 -83.75
C VAL E 986 32.68 87.59 -82.91
N VAL E 987 32.19 87.71 -81.67
CA VAL E 987 32.63 88.84 -80.84
C VAL E 987 34.12 88.71 -80.53
N MET E 988 34.58 87.50 -80.24
CA MET E 988 36.00 87.27 -80.04
C MET E 988 36.81 87.70 -81.24
N ASP E 989 36.32 87.41 -82.44
CA ASP E 989 37.10 87.73 -83.63
C ASP E 989 37.28 89.23 -83.76
N LEU E 990 36.26 89.99 -83.40
CA LEU E 990 36.41 91.45 -83.39
C LEU E 990 37.47 91.90 -82.39
N LEU E 991 37.43 91.33 -81.19
CA LEU E 991 38.43 91.68 -80.19
C LEU E 991 39.84 91.35 -80.68
N ARG E 992 39.97 90.27 -81.45
CA ARG E 992 41.26 89.90 -81.99
C ARG E 992 41.73 90.92 -83.02
N GLN E 993 40.81 91.47 -83.79
CA GLN E 993 41.16 92.55 -84.71
C GLN E 993 41.83 93.70 -83.96
N TYR E 994 41.16 94.12 -82.88
CA TYR E 994 41.71 95.16 -82.03
C TYR E 994 43.15 94.85 -81.63
N LEU E 995 43.37 93.66 -81.07
CA LEU E 995 44.70 93.32 -80.61
C LEU E 995 45.69 93.20 -81.77
N ARG E 996 45.21 92.79 -82.93
CA ARG E 996 46.10 92.63 -84.07
C ARG E 996 46.74 93.94 -84.43
N VAL E 997 46.01 95.03 -84.28
CA VAL E 997 46.58 96.34 -84.53
C VAL E 997 47.30 96.90 -83.31
N GLU E 998 46.66 96.94 -82.16
CA GLU E 998 47.17 97.77 -81.07
C GLU E 998 48.33 97.15 -80.31
N THR E 999 48.64 95.88 -80.49
CA THR E 999 49.84 95.33 -79.90
C THR E 999 51.10 95.71 -80.66
N GLN E 1000 50.95 96.24 -81.87
CA GLN E 1000 52.09 96.65 -82.67
C GLN E 1000 52.56 98.05 -82.38
N PHE E 1001 51.71 98.90 -81.80
CA PHE E 1001 52.05 100.27 -81.49
C PHE E 1001 52.31 100.51 -80.02
N GLN E 1002 52.54 99.44 -79.26
CA GLN E 1002 53.11 99.58 -77.93
C GLN E 1002 54.62 99.65 -78.09
N ASN E 1003 55.32 99.78 -76.97
CA ASN E 1003 56.78 99.73 -76.97
C ASN E 1003 57.36 100.87 -77.81
N GLY E 1004 57.07 102.08 -77.37
CA GLY E 1004 57.81 103.24 -77.82
C GLY E 1004 56.96 104.19 -78.64
N HIS E 1005 57.65 104.99 -79.43
CA HIS E 1005 57.06 106.10 -80.14
C HIS E 1005 56.47 105.65 -81.47
N TYR E 1006 55.72 106.56 -82.07
CA TYR E 1006 55.00 106.26 -83.30
C TYR E 1006 55.94 105.81 -84.40
N ASP E 1007 56.97 106.61 -84.67
CA ASP E 1007 57.83 106.35 -85.81
C ASP E 1007 58.60 105.04 -85.63
N LYS E 1008 59.02 104.73 -84.41
CA LYS E 1008 59.74 103.49 -84.19
C LYS E 1008 58.87 102.28 -84.49
N CYS E 1009 57.63 102.33 -84.04
CA CYS E 1009 56.68 101.25 -84.31
C CYS E 1009 56.41 101.13 -85.81
N VAL E 1010 56.30 102.27 -86.50
CA VAL E 1010 56.07 102.22 -87.94
C VAL E 1010 57.27 101.62 -88.64
N PHE E 1011 58.47 101.91 -88.17
CA PHE E 1011 59.65 101.36 -88.81
C PHE E 1011 59.74 99.86 -88.59
N ALA E 1012 59.32 99.42 -87.41
CA ALA E 1012 59.23 97.99 -87.17
C ALA E 1012 58.28 97.33 -88.17
N LEU E 1013 57.12 97.94 -88.37
CA LEU E 1013 56.16 97.38 -89.32
C LEU E 1013 56.71 97.41 -90.75
N ARG E 1014 57.40 98.49 -91.10
CA ARG E 1014 57.98 98.59 -92.43
C ARG E 1014 59.01 97.50 -92.66
N GLU E 1015 59.81 97.20 -91.64
CA GLU E 1015 60.87 96.21 -91.78
C GLU E 1015 60.34 94.79 -91.71
N GLU E 1016 59.17 94.59 -91.12
CA GLU E 1016 58.54 93.28 -91.21
C GLU E 1016 57.88 93.08 -92.56
N ASN E 1017 56.99 93.99 -92.94
CA ASN E 1017 56.27 93.91 -94.20
C ASN E 1017 57.07 94.62 -95.29
N LYS E 1018 58.14 93.95 -95.72
CA LYS E 1018 59.04 94.53 -96.70
C LYS E 1018 58.39 94.64 -98.08
N SER E 1019 57.60 93.65 -98.45
CA SER E 1019 57.11 93.53 -99.82
C SER E 1019 55.74 94.17 -100.04
N ASP E 1020 55.18 94.85 -99.04
CA ASP E 1020 53.87 95.46 -99.19
C ASP E 1020 53.75 96.60 -98.18
N MET E 1021 53.53 97.81 -98.69
CA MET E 1021 53.36 98.99 -97.85
C MET E 1021 51.91 99.33 -97.57
N ASN E 1022 50.96 98.69 -98.27
CA ASN E 1022 49.56 98.93 -97.96
C ASN E 1022 49.18 98.36 -96.61
N THR E 1023 49.80 97.24 -96.23
CA THR E 1023 49.59 96.67 -94.92
C THR E 1023 49.98 97.65 -93.83
N VAL E 1024 51.17 98.25 -93.96
CA VAL E 1024 51.65 99.24 -93.01
C VAL E 1024 50.68 100.40 -92.92
N LEU E 1025 50.21 100.87 -94.08
CA LEU E 1025 49.28 101.97 -94.09
C LEU E 1025 47.99 101.61 -93.38
N ASN E 1026 47.54 100.38 -93.55
CA ASN E 1026 46.30 99.95 -92.90
C ASN E 1026 46.45 99.98 -91.40
N TYR E 1027 47.58 99.47 -90.90
CA TYR E 1027 47.86 99.55 -89.48
C TYR E 1027 47.81 100.98 -88.98
N ILE E 1028 48.47 101.89 -89.70
CA ILE E 1028 48.52 103.28 -89.25
C ILE E 1028 47.12 103.89 -89.27
N PHE E 1029 46.40 103.69 -90.36
CA PHE E 1029 45.08 104.29 -90.54
C PHE E 1029 44.14 103.85 -89.44
N SER E 1030 44.11 102.55 -89.15
CA SER E 1030 43.24 102.08 -88.10
C SER E 1030 43.70 102.53 -86.72
N HIS E 1031 45.01 102.64 -86.52
CA HIS E 1031 45.52 103.11 -85.23
C HIS E 1031 45.14 104.54 -84.97
N ALA E 1032 44.95 105.33 -86.03
CA ALA E 1032 44.67 106.75 -85.85
C ALA E 1032 43.39 106.98 -85.06
N GLN E 1033 42.40 106.14 -85.27
CA GLN E 1033 41.10 106.21 -84.58
C GLN E 1033 41.05 105.25 -83.41
N VAL E 1034 41.96 105.39 -82.46
CA VAL E 1034 42.07 104.39 -81.40
C VAL E 1034 41.00 104.59 -80.34
N THR E 1035 40.63 105.84 -80.07
CA THR E 1035 39.70 106.13 -78.98
C THR E 1035 38.29 105.62 -79.31
N LYS E 1036 37.84 105.91 -80.52
CA LYS E 1036 36.54 105.45 -80.98
C LYS E 1036 36.48 103.92 -80.98
N LYS E 1037 37.57 103.30 -81.41
CA LYS E 1037 37.69 101.85 -81.36
C LYS E 1037 37.54 101.34 -79.93
N ASN E 1038 38.14 102.04 -78.97
CA ASN E 1038 38.07 101.58 -77.59
C ASN E 1038 36.66 101.63 -77.06
N LEU E 1039 35.90 102.67 -77.44
CA LEU E 1039 34.48 102.70 -77.09
C LEU E 1039 33.78 101.44 -77.58
N LEU E 1040 34.01 101.08 -78.83
CA LEU E 1040 33.38 99.87 -79.34
C LEU E 1040 33.83 98.64 -78.56
N VAL E 1041 35.12 98.58 -78.20
CA VAL E 1041 35.63 97.42 -77.49
C VAL E 1041 34.90 97.22 -76.18
N THR E 1042 34.71 98.30 -75.44
CA THR E 1042 34.05 98.19 -74.15
C THR E 1042 32.60 97.75 -74.33
N MET E 1043 31.94 98.27 -75.37
CA MET E 1043 30.56 97.86 -75.60
C MET E 1043 30.48 96.38 -75.94
N LEU E 1044 31.50 95.86 -76.61
CA LEU E 1044 31.49 94.44 -76.96
C LEU E 1044 31.92 93.55 -75.82
N ILE E 1045 32.64 94.09 -74.83
CA ILE E 1045 32.93 93.30 -73.65
C ILE E 1045 31.68 93.20 -72.80
N ASP E 1046 30.99 94.31 -72.62
CA ASP E 1046 29.84 94.32 -71.72
C ASP E 1046 28.70 93.45 -72.22
N GLN E 1047 28.58 93.26 -73.53
CA GLN E 1047 27.52 92.42 -74.08
C GLN E 1047 27.91 90.96 -74.14
N LEU E 1048 29.15 90.61 -73.81
CA LEU E 1048 29.64 89.24 -73.85
C LEU E 1048 29.91 88.67 -72.48
N CYS E 1049 30.56 89.44 -71.61
CA CYS E 1049 30.94 89.03 -70.29
C CYS E 1049 30.30 89.92 -69.24
N GLY E 1050 29.02 90.21 -69.44
CA GLY E 1050 28.29 91.07 -68.53
C GLY E 1050 27.65 90.21 -67.46
N ARG E 1051 26.33 90.05 -67.51
CA ARG E 1051 25.62 89.25 -66.52
C ARG E 1051 25.78 87.75 -66.81
N ASP E 1052 27.03 87.31 -66.79
CA ASP E 1052 27.39 85.91 -66.97
C ASP E 1052 28.83 85.71 -66.52
N PRO E 1053 29.10 85.74 -65.21
CA PRO E 1053 30.51 85.80 -64.75
C PRO E 1053 31.24 84.47 -64.95
N THR E 1054 31.53 84.16 -66.21
CA THR E 1054 32.29 82.97 -66.56
C THR E 1054 33.15 83.27 -67.77
N LEU E 1055 34.32 82.64 -67.80
CA LEU E 1055 35.32 82.89 -68.85
C LEU E 1055 35.92 81.57 -69.28
N THR E 1056 35.75 81.26 -70.56
CA THR E 1056 36.36 80.09 -71.16
C THR E 1056 37.82 80.38 -71.50
N ASP E 1057 38.56 79.33 -71.84
CA ASP E 1057 39.98 79.49 -72.17
C ASP E 1057 40.20 79.81 -73.64
N GLU E 1058 39.43 80.72 -74.15
CA GLU E 1058 39.61 81.45 -75.39
C GLU E 1058 39.44 82.94 -75.17
N LEU E 1059 38.52 83.32 -74.26
CA LEU E 1059 38.36 84.70 -73.84
C LEU E 1059 39.40 85.09 -72.82
N LEU E 1060 39.90 84.14 -72.05
CA LEU E 1060 40.92 84.47 -71.06
C LEU E 1060 42.19 84.94 -71.74
N ASN E 1061 42.55 84.30 -72.84
CA ASN E 1061 43.74 84.71 -73.57
C ASN E 1061 43.59 86.14 -74.07
N ILE E 1062 42.42 86.47 -74.61
CA ILE E 1062 42.19 87.82 -75.12
C ILE E 1062 42.23 88.82 -74.00
N LEU E 1063 41.57 88.51 -72.88
CA LEU E 1063 41.49 89.48 -71.80
C LEU E 1063 42.85 89.72 -71.16
N THR E 1064 43.63 88.67 -70.98
CA THR E 1064 44.95 88.81 -70.39
C THR E 1064 45.93 89.46 -71.35
N GLU E 1065 45.72 89.32 -72.65
CA GLU E 1065 46.54 90.08 -73.59
C GLU E 1065 46.12 91.53 -73.62
N LEU E 1066 44.83 91.79 -73.45
CA LEU E 1066 44.31 93.13 -73.57
C LEU E 1066 44.70 93.98 -72.38
N THR E 1067 44.80 93.37 -71.20
CA THR E 1067 45.22 94.11 -70.03
C THR E 1067 46.69 94.49 -70.06
N GLN E 1068 47.46 93.98 -71.01
CA GLN E 1068 48.87 94.28 -71.12
C GLN E 1068 49.17 95.49 -72.00
N LEU E 1069 48.16 96.16 -72.52
CA LEU E 1069 48.35 97.36 -73.31
C LEU E 1069 48.63 98.50 -72.33
N SER E 1070 49.91 98.81 -72.16
CA SER E 1070 50.33 99.74 -71.12
C SER E 1070 50.20 101.19 -71.52
N LYS E 1071 50.09 101.49 -72.81
CA LYS E 1071 50.00 102.87 -73.24
C LYS E 1071 48.68 103.47 -72.74
N THR E 1072 48.73 104.75 -72.39
CA THR E 1072 47.59 105.38 -71.74
C THR E 1072 46.43 105.61 -72.68
N THR E 1073 46.66 105.52 -73.99
CA THR E 1073 45.57 105.70 -74.93
C THR E 1073 44.56 104.56 -74.83
N ASN E 1074 45.04 103.36 -74.49
CA ASN E 1074 44.23 102.17 -74.40
C ASN E 1074 43.95 101.78 -72.96
N ALA E 1075 43.72 102.76 -72.11
CA ALA E 1075 43.50 102.47 -70.69
C ALA E 1075 42.12 101.93 -70.42
N LYS E 1076 41.10 102.58 -70.99
CA LYS E 1076 39.71 102.19 -70.74
C LYS E 1076 39.47 100.72 -71.04
N VAL E 1077 40.03 100.22 -72.13
CA VAL E 1077 39.83 98.82 -72.47
C VAL E 1077 40.60 97.93 -71.52
N ALA E 1078 41.81 98.34 -71.14
CA ALA E 1078 42.62 97.51 -70.26
C ALA E 1078 42.04 97.50 -68.87
N LEU E 1079 41.43 98.61 -68.47
CA LEU E 1079 40.78 98.69 -67.18
C LEU E 1079 39.57 97.75 -67.15
N ARG E 1080 38.65 97.93 -68.08
CA ARG E 1080 37.40 97.19 -68.05
C ARG E 1080 37.66 95.69 -68.13
N ALA E 1081 38.59 95.28 -69.00
CA ALA E 1081 38.94 93.88 -69.10
C ALA E 1081 39.41 93.34 -67.76
N ARG E 1082 40.23 94.11 -67.07
CA ARG E 1082 40.68 93.71 -65.74
C ARG E 1082 39.47 93.50 -64.83
N GLN E 1083 38.52 94.44 -64.86
CA GLN E 1083 37.32 94.31 -64.03
C GLN E 1083 36.58 93.03 -64.35
N VAL E 1084 36.58 92.62 -65.60
CA VAL E 1084 35.93 91.37 -65.94
C VAL E 1084 36.73 90.23 -65.35
N LEU E 1085 38.03 90.22 -65.63
CA LEU E 1085 38.84 89.06 -65.32
C LEU E 1085 38.91 88.82 -63.83
N ILE E 1086 38.94 89.89 -63.04
CA ILE E 1086 39.00 89.73 -61.60
C ILE E 1086 37.63 89.45 -61.05
N ALA E 1087 36.57 89.95 -61.70
CA ALA E 1087 35.23 89.74 -61.18
C ALA E 1087 34.74 88.32 -61.46
N SER E 1088 35.35 87.63 -62.42
CA SER E 1088 34.89 86.30 -62.79
C SER E 1088 35.65 85.25 -62.01
N HIS E 1089 35.69 85.42 -60.69
CA HIS E 1089 36.09 84.38 -59.75
C HIS E 1089 35.11 84.24 -58.61
N LEU E 1090 34.22 85.19 -58.40
CA LEU E 1090 33.31 85.16 -57.29
C LEU E 1090 32.05 84.41 -57.74
N PRO E 1091 31.50 83.51 -56.93
CA PRO E 1091 30.27 82.84 -57.34
C PRO E 1091 29.14 83.84 -57.51
N SER E 1092 28.27 83.58 -58.49
CA SER E 1092 27.25 84.56 -58.89
C SER E 1092 25.99 84.45 -58.03
N TYR E 1093 26.21 84.39 -56.71
CA TYR E 1093 25.22 84.52 -55.66
C TYR E 1093 24.21 83.40 -55.53
N GLU E 1094 24.12 82.53 -56.54
CA GLU E 1094 23.22 81.39 -56.42
C GLU E 1094 23.91 80.27 -55.66
N LEU E 1095 25.19 80.09 -55.95
CA LEU E 1095 25.96 79.07 -55.26
C LEU E 1095 26.06 79.37 -53.79
N ARG E 1096 26.32 80.63 -53.44
CA ARG E 1096 26.42 80.99 -52.04
C ARG E 1096 25.08 80.83 -51.33
N HIS E 1097 23.99 81.30 -51.95
CA HIS E 1097 22.68 81.12 -51.35
C HIS E 1097 22.39 79.66 -51.10
N ASN E 1098 22.65 78.82 -52.09
CA ASN E 1098 22.30 77.42 -51.98
C ASN E 1098 23.14 76.71 -50.92
N GLN E 1099 24.46 76.88 -50.97
CA GLN E 1099 25.32 76.22 -50.00
C GLN E 1099 25.00 76.66 -48.57
N VAL E 1100 24.91 77.98 -48.38
CA VAL E 1100 24.72 78.53 -47.04
C VAL E 1100 23.37 78.11 -46.48
N GLU E 1101 22.32 78.23 -47.30
CA GLU E 1101 21.00 77.88 -46.82
C GLU E 1101 20.86 76.38 -46.63
N SER E 1102 21.56 75.59 -47.45
CA SER E 1102 21.54 74.15 -47.26
C SER E 1102 22.07 73.78 -45.88
N ILE E 1103 23.25 74.31 -45.53
CA ILE E 1103 23.82 74.01 -44.23
C ILE E 1103 22.91 74.54 -43.12
N PHE E 1104 22.46 75.79 -43.24
CA PHE E 1104 21.74 76.40 -42.13
C PHE E 1104 20.36 75.82 -41.93
N LEU E 1105 19.77 75.23 -42.97
CA LEU E 1105 18.42 74.69 -42.89
C LEU E 1105 18.38 73.19 -42.67
N SER E 1106 19.42 72.45 -43.07
CA SER E 1106 19.43 71.01 -42.84
C SER E 1106 19.86 70.63 -41.44
N ALA E 1107 20.64 71.48 -40.76
CA ALA E 1107 20.97 71.25 -39.37
C ALA E 1107 19.75 71.34 -38.47
N ILE E 1108 18.67 71.97 -38.94
CA ILE E 1108 17.62 72.45 -38.05
C ILE E 1108 16.74 71.30 -37.57
N ASP E 1109 16.43 70.36 -38.48
CA ASP E 1109 15.50 69.26 -38.21
C ASP E 1109 15.79 68.56 -36.89
N MET E 1110 17.03 68.11 -36.73
CA MET E 1110 17.52 67.61 -35.45
C MET E 1110 18.99 67.97 -35.36
N TYR E 1111 19.31 69.03 -34.63
CA TYR E 1111 20.68 69.47 -34.48
C TYR E 1111 21.51 68.40 -33.78
N GLY E 1112 22.72 68.18 -34.30
CA GLY E 1112 23.63 67.19 -33.76
C GLY E 1112 23.68 65.90 -34.54
N HIS E 1113 23.77 65.99 -35.86
CA HIS E 1113 24.01 64.82 -36.70
C HIS E 1113 25.49 64.47 -36.84
N GLN E 1114 26.39 65.25 -36.23
CA GLN E 1114 27.83 65.05 -36.24
C GLN E 1114 28.49 65.38 -37.57
N PHE E 1115 27.73 65.82 -38.58
CA PHE E 1115 28.30 66.48 -39.75
C PHE E 1115 27.81 67.92 -39.90
N CYS E 1116 26.65 68.25 -39.36
CA CYS E 1116 26.13 69.61 -39.43
C CYS E 1116 27.02 70.57 -38.65
N ILE E 1117 27.56 70.11 -37.52
CA ILE E 1117 28.44 70.92 -36.69
C ILE E 1117 29.65 71.37 -37.52
N GLU E 1118 30.28 70.41 -38.20
CA GLU E 1118 31.46 70.73 -39.00
C GLU E 1118 31.11 71.66 -40.15
N ASN E 1119 29.92 71.53 -40.71
CA ASN E 1119 29.54 72.40 -41.82
C ASN E 1119 29.35 73.83 -41.34
N LEU E 1120 28.77 74.00 -40.15
CA LEU E 1120 28.69 75.33 -39.57
C LEU E 1120 30.09 75.89 -39.33
N GLN E 1121 30.99 75.05 -38.84
CA GLN E 1121 32.36 75.48 -38.63
C GLN E 1121 33.00 75.92 -39.93
N LYS E 1122 32.74 75.18 -41.00
CA LYS E 1122 33.25 75.55 -42.31
C LYS E 1122 32.75 76.92 -42.72
N LEU E 1123 31.45 77.17 -42.50
CA LEU E 1123 30.93 78.50 -42.81
C LEU E 1123 31.63 79.57 -41.99
N ILE E 1124 32.06 79.24 -40.78
CA ILE E 1124 32.78 80.23 -39.98
C ILE E 1124 34.19 80.41 -40.52
N LEU E 1125 34.89 79.32 -40.84
CA LEU E 1125 36.31 79.31 -41.16
C LEU E 1125 36.58 78.91 -42.60
N SER E 1126 35.85 79.49 -43.53
CA SER E 1126 36.13 79.32 -44.94
C SER E 1126 36.58 80.65 -45.53
N GLU E 1127 37.17 80.56 -46.72
CA GLU E 1127 37.66 81.75 -47.39
C GLU E 1127 36.50 82.60 -47.90
N THR E 1128 35.46 81.96 -48.42
CA THR E 1128 34.39 82.70 -49.08
C THR E 1128 33.59 83.52 -48.08
N SER E 1129 33.36 84.78 -48.44
CA SER E 1129 32.52 85.64 -47.63
C SER E 1129 31.07 85.26 -47.84
N ILE E 1130 30.37 85.04 -46.73
CA ILE E 1130 28.95 84.73 -46.71
C ILE E 1130 28.15 85.86 -46.06
N PHE E 1131 28.79 86.98 -45.77
CA PHE E 1131 28.12 88.12 -45.18
C PHE E 1131 27.11 88.74 -46.13
N ASP E 1132 27.07 88.34 -47.38
CA ASP E 1132 26.00 88.71 -48.29
C ASP E 1132 24.78 87.81 -48.19
N VAL E 1133 24.85 86.74 -47.38
CA VAL E 1133 23.75 85.80 -47.21
C VAL E 1133 23.28 85.74 -45.76
N LEU E 1134 24.21 85.74 -44.81
CA LEU E 1134 23.86 85.65 -43.39
C LEU E 1134 22.79 86.62 -42.90
N PRO E 1135 22.72 87.88 -43.33
CA PRO E 1135 21.64 88.73 -42.83
C PRO E 1135 20.28 88.35 -43.34
N ASN E 1136 20.18 87.48 -44.34
CA ASN E 1136 18.88 87.03 -44.82
C ASN E 1136 18.18 86.09 -43.85
N PHE E 1137 18.91 85.49 -42.92
CA PHE E 1137 18.30 84.68 -41.86
C PHE E 1137 17.84 85.55 -40.71
N PHE E 1138 17.01 86.55 -41.04
CA PHE E 1138 16.30 87.26 -40.00
C PHE E 1138 15.43 86.29 -39.21
N TYR E 1139 14.60 85.51 -39.91
CA TYR E 1139 13.90 84.37 -39.33
C TYR E 1139 13.79 83.20 -40.31
N HIS E 1140 13.58 83.57 -41.57
CA HIS E 1140 13.45 82.79 -42.80
C HIS E 1140 12.23 81.89 -42.95
N SER E 1141 11.99 81.00 -41.99
CA SER E 1141 10.67 80.53 -41.56
C SER E 1141 10.75 79.69 -40.28
N ASN E 1142 11.92 79.07 -40.02
CA ASN E 1142 12.03 78.03 -39.00
C ASN E 1142 12.03 78.61 -37.60
N GLN E 1143 12.60 79.80 -37.44
CA GLN E 1143 12.76 80.51 -36.17
C GLN E 1143 13.86 79.92 -35.29
N VAL E 1144 14.39 78.77 -35.67
CA VAL E 1144 15.54 78.19 -35.02
C VAL E 1144 16.80 78.55 -35.79
N VAL E 1145 16.67 78.82 -37.09
CA VAL E 1145 17.82 79.20 -37.90
C VAL E 1145 18.36 80.55 -37.51
N ARG E 1146 17.54 81.39 -36.89
CA ARG E 1146 18.03 82.63 -36.31
C ARG E 1146 19.22 82.38 -35.41
N MET E 1147 19.06 81.41 -34.50
CA MET E 1147 20.13 81.04 -33.57
C MET E 1147 21.40 80.66 -34.30
N ALA E 1148 21.28 79.75 -35.28
CA ALA E 1148 22.45 79.26 -35.99
C ALA E 1148 23.13 80.38 -36.76
N ALA E 1149 22.35 81.17 -37.47
CA ALA E 1149 22.91 82.25 -38.28
C ALA E 1149 23.61 83.28 -37.41
N LEU E 1150 23.03 83.64 -36.27
CA LEU E 1150 23.68 84.59 -35.39
C LEU E 1150 24.98 84.01 -34.85
N GLU E 1151 24.99 82.71 -34.55
CA GLU E 1151 26.22 82.08 -34.08
C GLU E 1151 27.31 82.21 -35.12
N VAL E 1152 26.98 81.88 -36.37
CA VAL E 1152 28.00 81.88 -37.42
C VAL E 1152 28.45 83.30 -37.71
N TYR E 1153 27.51 84.23 -37.74
CA TYR E 1153 27.85 85.61 -38.03
C TYR E 1153 28.82 86.16 -37.01
N VAL E 1154 28.47 86.06 -35.74
CA VAL E 1154 29.32 86.64 -34.71
C VAL E 1154 30.64 85.90 -34.66
N ARG E 1155 30.62 84.58 -34.81
CA ARG E 1155 31.86 83.82 -34.71
C ARG E 1155 32.79 84.10 -35.88
N ARG E 1156 32.24 84.42 -37.06
CA ARG E 1156 33.08 84.73 -38.19
C ARG E 1156 33.59 86.15 -38.11
N ALA E 1157 32.73 87.07 -37.69
CA ALA E 1157 33.13 88.46 -37.59
C ALA E 1157 34.11 88.66 -36.43
N TYR E 1158 33.86 88.01 -35.30
CA TYR E 1158 34.71 88.12 -34.13
C TYR E 1158 35.72 86.99 -34.12
N ILE E 1159 36.40 86.84 -35.25
CA ILE E 1159 37.43 85.82 -35.32
C ILE E 1159 38.56 86.15 -34.36
N ALA E 1160 38.90 87.43 -34.24
CA ALA E 1160 40.10 87.80 -33.53
C ALA E 1160 39.86 87.80 -32.03
N TYR E 1161 38.69 88.24 -31.62
CA TYR E 1161 38.32 88.16 -30.22
C TYR E 1161 38.23 86.71 -29.82
N GLU E 1162 38.71 86.41 -28.62
CA GLU E 1162 38.67 85.05 -28.08
C GLU E 1162 37.32 84.83 -27.40
N LEU E 1163 36.43 84.12 -28.07
CA LEU E 1163 35.13 83.77 -27.52
C LEU E 1163 35.24 82.53 -26.64
N ASN E 1164 34.48 82.53 -25.55
CA ASN E 1164 34.45 81.38 -24.65
C ASN E 1164 33.04 80.92 -24.34
N SER E 1165 32.07 81.84 -24.21
CA SER E 1165 30.74 81.44 -23.75
C SER E 1165 29.66 82.16 -24.56
N VAL E 1166 28.94 81.39 -25.38
CA VAL E 1166 27.87 81.89 -26.22
C VAL E 1166 26.58 81.21 -25.77
N GLN E 1167 25.47 81.96 -25.85
CA GLN E 1167 24.20 81.40 -25.43
C GLN E 1167 23.06 82.05 -26.20
N HIS E 1168 22.04 81.25 -26.47
CA HIS E 1168 20.88 81.65 -27.25
C HIS E 1168 19.68 81.88 -26.32
N ARG E 1169 19.05 83.04 -26.44
CA ARG E 1169 17.89 83.41 -25.66
C ARG E 1169 16.76 83.85 -26.57
N GLN E 1170 15.53 83.62 -26.10
CA GLN E 1170 14.32 83.81 -26.88
C GLN E 1170 13.37 84.72 -26.12
N LEU E 1171 12.46 85.34 -26.87
CA LEU E 1171 11.27 85.97 -26.32
C LEU E 1171 10.07 85.54 -27.17
N LYS E 1172 8.87 85.75 -26.64
CA LYS E 1172 7.65 85.11 -27.18
C LYS E 1172 6.99 86.03 -28.21
N ASP E 1173 7.83 86.47 -29.13
CA ASP E 1173 7.52 87.49 -30.12
C ASP E 1173 8.69 87.34 -31.08
N ASN E 1174 9.12 88.44 -31.70
CA ASN E 1174 10.12 88.39 -32.76
C ASN E 1174 11.42 88.99 -32.21
N THR E 1175 12.16 88.21 -31.42
CA THR E 1175 13.37 88.74 -30.80
C THR E 1175 14.48 87.73 -30.49
N CYS E 1176 14.97 86.97 -31.45
CA CYS E 1176 16.09 86.08 -31.17
C CYS E 1176 17.30 86.88 -30.70
N VAL E 1177 17.69 86.68 -29.43
CA VAL E 1177 18.86 87.33 -28.85
C VAL E 1177 19.92 86.28 -28.65
N VAL E 1178 21.18 86.67 -28.78
CA VAL E 1178 22.30 85.81 -28.46
C VAL E 1178 23.33 86.62 -27.69
N GLU E 1179 23.78 86.07 -26.57
CA GLU E 1179 24.80 86.71 -25.74
C GLU E 1179 26.12 86.00 -25.92
N PHE E 1180 27.18 86.78 -25.82
CA PHE E 1180 28.55 86.34 -26.07
C PHE E 1180 29.42 86.88 -24.95
N GLN E 1181 30.33 86.04 -24.48
CA GLN E 1181 31.35 86.44 -23.51
C GLN E 1181 32.70 86.01 -24.03
N PHE E 1182 33.56 87.01 -24.23
CA PHE E 1182 34.86 86.88 -24.86
C PHE E 1182 35.86 87.71 -24.06
N MET E 1183 37.08 87.77 -24.57
CA MET E 1183 38.13 88.61 -24.01
C MET E 1183 39.01 89.13 -25.13
N LEU E 1184 39.93 90.02 -24.77
CA LEU E 1184 40.81 90.72 -25.71
C LEU E 1184 42.24 90.20 -25.53
N PRO E 1185 42.77 89.36 -26.45
CA PRO E 1185 44.09 88.76 -26.20
C PRO E 1185 45.22 89.76 -26.05
N THR E 1186 45.53 90.52 -27.10
CA THR E 1186 46.55 91.55 -27.04
C THR E 1186 46.04 92.80 -27.76
N SER E 1187 45.19 93.56 -27.09
CA SER E 1187 44.72 94.85 -27.60
C SER E 1187 43.97 95.53 -26.47
N HIS E 1188 44.50 96.66 -25.99
CA HIS E 1188 43.97 97.39 -24.83
C HIS E 1188 43.59 96.45 -23.68
N PRO E 1189 44.49 95.53 -23.28
CA PRO E 1189 44.04 94.58 -22.27
C PRO E 1189 44.07 95.16 -20.87
N GLN E 1231 37.89 92.02 -19.96
CA GLN E 1231 36.93 91.01 -20.40
C GLN E 1231 35.58 91.65 -20.71
N ARG E 1232 35.29 91.78 -22.01
CA ARG E 1232 34.08 92.39 -22.49
C ARG E 1232 33.01 91.33 -22.76
N MET E 1233 31.79 91.81 -22.93
CA MET E 1233 30.64 90.97 -23.22
C MET E 1233 29.87 91.62 -24.35
N GLY E 1234 29.01 90.85 -25.00
CA GLY E 1234 28.26 91.40 -26.10
C GLY E 1234 27.03 90.57 -26.42
N GLY E 1235 26.33 91.00 -27.46
CA GLY E 1235 25.18 90.24 -27.92
C GLY E 1235 24.67 90.81 -29.22
N MET E 1236 23.76 90.05 -29.83
CA MET E 1236 23.23 90.39 -31.13
C MET E 1236 21.77 89.99 -31.24
N VAL E 1237 21.00 90.82 -31.95
CA VAL E 1237 19.58 90.65 -32.14
C VAL E 1237 19.22 91.27 -33.49
N SER E 1238 18.20 90.70 -34.14
CA SER E 1238 17.65 91.24 -35.37
C SER E 1238 16.28 91.87 -35.13
N PHE E 1239 15.84 92.71 -36.07
CA PHE E 1239 14.54 93.37 -36.00
C PHE E 1239 13.96 93.47 -37.40
N ARG E 1240 12.85 94.19 -37.52
CA ARG E 1240 12.16 94.41 -38.79
C ARG E 1240 11.81 95.88 -38.97
N THR E 1241 12.19 96.40 -40.13
CA THR E 1241 11.91 97.67 -40.77
C THR E 1241 12.55 98.93 -40.20
N PHE E 1242 12.22 99.29 -38.96
CA PHE E 1242 13.03 100.15 -38.10
C PHE E 1242 12.39 100.29 -36.72
N GLU E 1243 11.04 100.35 -36.71
CA GLU E 1243 10.30 100.72 -35.51
C GLU E 1243 10.22 99.54 -34.57
N ASP E 1244 10.32 98.33 -35.09
CA ASP E 1244 10.40 97.16 -34.24
C ASP E 1244 11.62 97.24 -33.33
N PHE E 1245 12.67 97.94 -33.75
CA PHE E 1245 13.81 98.15 -32.86
C PHE E 1245 13.41 98.93 -31.62
N VAL E 1246 12.82 100.12 -31.80
CA VAL E 1246 12.52 100.95 -30.64
C VAL E 1246 11.38 100.34 -29.83
N ARG E 1247 10.53 99.52 -30.47
CA ARG E 1247 9.33 99.04 -29.80
C ARG E 1247 9.67 98.25 -28.55
N ILE E 1248 10.69 97.40 -28.64
CA ILE E 1248 11.07 96.51 -27.56
C ILE E 1248 12.54 96.74 -27.21
N PHE E 1249 13.02 97.96 -27.46
CA PHE E 1249 14.42 98.27 -27.24
C PHE E 1249 14.79 98.08 -25.77
N ASP E 1250 13.88 98.42 -24.86
CA ASP E 1250 14.16 98.28 -23.45
C ASP E 1250 14.11 96.82 -23.00
N GLU E 1251 13.38 95.98 -23.73
CA GLU E 1251 13.25 94.59 -23.35
C GLU E 1251 14.50 93.80 -23.73
N VAL E 1252 15.03 94.04 -24.93
CA VAL E 1252 16.19 93.30 -25.41
C VAL E 1252 17.43 93.61 -24.60
N MET E 1253 17.47 94.75 -23.93
CA MET E 1253 18.62 95.10 -23.11
C MET E 1253 18.58 94.42 -21.74
N GLY E 1254 17.51 93.74 -21.39
CA GLY E 1254 17.41 93.05 -20.12
C GLY E 1254 18.07 91.70 -20.14
N CYS E 1255 19.34 91.67 -20.52
CA CYS E 1255 20.11 90.44 -20.57
C CYS E 1255 20.74 90.14 -19.21
N GLU E 1284 31.62 99.92 -15.63
CA GLU E 1284 32.30 100.21 -16.89
C GLU E 1284 31.41 99.75 -18.07
N PRO E 1285 31.34 100.54 -19.16
CA PRO E 1285 30.52 100.08 -20.31
C PRO E 1285 31.24 99.07 -21.17
N ILE E 1286 31.22 97.80 -20.74
CA ILE E 1286 31.91 96.73 -21.45
C ILE E 1286 31.01 96.02 -22.44
N HIS E 1287 29.73 96.33 -22.49
CA HIS E 1287 28.81 95.60 -23.34
C HIS E 1287 28.87 96.14 -24.77
N ILE E 1288 28.69 95.23 -25.72
CA ILE E 1288 28.61 95.57 -27.14
C ILE E 1288 27.31 94.98 -27.66
N LEU E 1289 26.52 95.78 -28.36
CA LEU E 1289 25.27 95.33 -28.94
C LEU E 1289 25.32 95.49 -30.45
N ASN E 1290 24.98 94.42 -31.16
CA ASN E 1290 24.81 94.43 -32.59
C ASN E 1290 23.33 94.32 -32.92
N VAL E 1291 22.88 95.11 -33.89
CA VAL E 1291 21.48 95.19 -34.27
C VAL E 1291 21.42 95.07 -35.78
N ALA E 1292 20.57 94.16 -36.26
CA ALA E 1292 20.41 93.90 -37.69
C ALA E 1292 18.96 94.14 -38.07
N ILE E 1293 18.73 95.00 -39.05
CA ILE E 1293 17.39 95.50 -39.35
C ILE E 1293 17.10 95.27 -40.82
N LYS E 1294 16.04 94.52 -41.07
CA LYS E 1294 15.57 94.19 -42.41
C LYS E 1294 14.96 95.41 -43.10
N THR E 1295 15.70 96.02 -44.04
CA THR E 1295 15.22 97.14 -44.85
C THR E 1295 15.61 96.92 -46.32
N ASP E 1296 15.26 95.75 -46.85
CA ASP E 1296 15.80 95.29 -48.13
C ASP E 1296 15.27 96.10 -49.31
N CYS E 1297 15.66 97.38 -49.35
CA CYS E 1297 15.24 98.27 -50.43
C CYS E 1297 16.00 99.60 -50.43
N ASP E 1298 16.62 99.96 -51.57
CA ASP E 1298 17.04 101.34 -51.86
C ASP E 1298 18.06 101.94 -50.89
N ILE E 1299 19.34 101.62 -51.07
CA ILE E 1299 20.43 102.20 -50.27
C ILE E 1299 20.28 103.72 -50.24
N GLU E 1300 20.01 104.26 -49.05
CA GLU E 1300 19.94 105.70 -48.81
C GLU E 1300 20.70 105.98 -47.51
N ASP E 1301 22.01 106.17 -47.64
CA ASP E 1301 22.87 106.20 -46.46
C ASP E 1301 22.59 107.42 -45.59
N ASP E 1302 22.31 108.56 -46.20
CA ASP E 1302 22.01 109.76 -45.43
C ASP E 1302 20.77 109.58 -44.57
N ARG E 1303 19.68 109.10 -45.18
CA ARG E 1303 18.44 108.88 -44.44
C ARG E 1303 18.64 107.87 -43.32
N LEU E 1304 19.32 106.76 -43.62
CA LEU E 1304 19.59 105.75 -42.62
C LEU E 1304 20.33 106.34 -41.43
N ALA E 1305 21.40 107.09 -41.70
CA ALA E 1305 22.21 107.65 -40.63
C ALA E 1305 21.38 108.64 -39.80
N ALA E 1306 20.55 109.44 -40.46
CA ALA E 1306 19.70 110.38 -39.72
C ALA E 1306 18.78 109.64 -38.77
N MET E 1307 18.12 108.59 -39.28
CA MET E 1307 17.21 107.80 -38.45
C MET E 1307 17.93 107.24 -37.24
N PHE E 1308 19.14 106.71 -37.42
CA PHE E 1308 19.84 106.10 -36.30
C PHE E 1308 20.30 107.15 -35.30
N ARG E 1309 20.72 108.31 -35.81
CA ARG E 1309 21.17 109.38 -34.93
C ARG E 1309 20.05 109.85 -34.02
N GLU E 1310 18.81 109.87 -34.54
CA GLU E 1310 17.70 110.31 -33.70
C GLU E 1310 17.57 109.44 -32.46
N PHE E 1311 17.55 108.11 -32.66
CA PHE E 1311 17.44 107.19 -31.54
C PHE E 1311 18.63 107.33 -30.59
N THR E 1312 19.85 107.35 -31.13
CA THR E 1312 21.00 107.35 -30.23
C THR E 1312 21.19 108.68 -29.51
N GLN E 1313 20.65 109.77 -30.04
CA GLN E 1313 20.76 111.06 -29.38
C GLN E 1313 19.66 111.29 -28.37
N GLN E 1314 18.47 110.72 -28.60
CA GLN E 1314 17.38 110.89 -27.64
C GLN E 1314 17.45 109.85 -26.52
N ASN E 1315 17.63 108.58 -26.87
CA ASN E 1315 17.58 107.48 -25.92
C ASN E 1315 19.00 107.13 -25.47
N LYS E 1316 19.25 107.25 -24.18
CA LYS E 1316 20.56 106.99 -23.59
C LYS E 1316 20.54 105.75 -22.70
N ALA E 1317 19.72 104.77 -23.06
CA ALA E 1317 19.71 103.49 -22.34
C ALA E 1317 21.09 102.85 -22.34
N THR E 1318 21.89 103.10 -23.37
CA THR E 1318 23.23 102.52 -23.45
C THR E 1318 24.11 102.92 -22.29
N LEU E 1319 23.84 104.04 -21.64
CA LEU E 1319 24.63 104.53 -20.52
C LEU E 1319 24.01 104.20 -19.18
N VAL E 1320 22.69 104.31 -19.08
CA VAL E 1320 22.02 104.26 -17.79
C VAL E 1320 21.60 102.84 -17.40
N ASP E 1321 21.38 101.95 -18.37
CA ASP E 1321 20.95 100.60 -18.03
C ASP E 1321 22.10 99.78 -17.46
N HIS E 1322 23.11 99.49 -18.28
CA HIS E 1322 24.29 98.77 -17.82
C HIS E 1322 25.60 99.31 -18.35
N GLY E 1323 25.57 99.97 -19.52
CA GLY E 1323 26.77 100.48 -20.16
C GLY E 1323 27.16 99.72 -21.43
N ILE E 1324 26.80 100.27 -22.59
CA ILE E 1324 27.19 99.70 -23.89
C ILE E 1324 28.21 100.65 -24.50
N ARG E 1325 29.38 100.09 -24.85
CA ARG E 1325 30.44 100.90 -25.44
C ARG E 1325 30.05 101.41 -26.82
N ARG E 1326 29.60 100.52 -27.69
CA ARG E 1326 29.24 100.88 -29.06
C ARG E 1326 28.00 100.12 -29.49
N LEU E 1327 27.21 100.77 -30.34
CA LEU E 1327 26.02 100.16 -30.93
C LEU E 1327 26.19 100.18 -32.44
N THR E 1328 26.15 99.01 -33.05
CA THR E 1328 26.37 98.84 -34.47
C THR E 1328 25.11 98.34 -35.13
N PHE E 1329 24.69 99.04 -36.19
CA PHE E 1329 23.52 98.68 -36.98
C PHE E 1329 23.96 98.09 -38.30
N LEU E 1330 23.41 96.93 -38.63
CA LEU E 1330 23.61 96.29 -39.91
C LEU E 1330 22.38 96.56 -40.77
N VAL E 1331 22.58 97.16 -41.92
CA VAL E 1331 21.53 97.38 -42.90
C VAL E 1331 21.77 96.40 -44.03
N ALA E 1332 20.71 95.71 -44.44
CA ALA E 1332 20.79 94.74 -45.52
C ALA E 1332 20.48 95.37 -46.86
N PHE E 1352 27.24 94.15 -50.17
CA PHE E 1352 25.83 94.20 -49.83
C PHE E 1352 25.54 94.81 -48.45
N PRO E 1353 26.14 94.29 -47.38
CA PRO E 1353 25.82 94.85 -46.06
C PRO E 1353 26.35 96.27 -45.94
N LYS E 1354 25.59 97.08 -45.22
CA LYS E 1354 25.92 98.49 -44.98
C LYS E 1354 25.89 98.70 -43.48
N PHE E 1355 27.07 98.79 -42.88
CA PHE E 1355 27.22 98.96 -41.45
C PHE E 1355 27.24 100.43 -41.08
N PHE E 1356 26.61 100.76 -39.95
CA PHE E 1356 26.65 102.11 -39.39
C PHE E 1356 26.89 101.97 -37.89
N THR E 1357 27.97 102.57 -37.41
CA THR E 1357 28.41 102.43 -36.02
C THR E 1357 28.19 103.74 -35.29
N PHE E 1358 27.64 103.66 -34.08
CA PHE E 1358 27.36 104.83 -33.26
C PHE E 1358 27.83 104.55 -31.84
N ARG E 1359 28.68 105.43 -31.32
CA ARG E 1359 29.13 105.38 -29.94
C ARG E 1359 28.47 106.51 -29.18
N ALA E 1360 27.55 106.15 -28.28
CA ALA E 1360 26.84 107.11 -27.46
C ALA E 1360 27.48 107.15 -26.08
N ARG E 1361 28.77 107.47 -26.05
CA ARG E 1361 29.49 107.56 -24.77
C ARG E 1361 30.23 108.88 -24.56
N ASP E 1362 31.12 109.24 -25.50
CA ASP E 1362 31.97 110.42 -25.34
C ASP E 1362 31.95 111.32 -26.56
N LYS E 1363 31.98 110.72 -27.75
CA LYS E 1363 32.02 111.46 -28.99
C LYS E 1363 30.63 111.54 -29.58
N PHE E 1364 30.49 112.36 -30.61
CA PHE E 1364 29.21 112.45 -31.30
C PHE E 1364 28.86 111.09 -31.89
N GLU E 1365 27.57 110.76 -31.85
CA GLU E 1365 27.11 109.44 -32.26
C GLU E 1365 27.21 109.34 -33.78
N GLU E 1366 28.43 109.06 -34.23
CA GLU E 1366 28.71 108.86 -35.64
C GLU E 1366 30.11 108.27 -35.74
N ASP E 1367 30.34 107.53 -36.83
CA ASP E 1367 31.66 107.02 -37.12
C ASP E 1367 31.82 106.98 -38.63
N ARG E 1368 32.67 107.86 -39.16
CA ARG E 1368 32.95 107.93 -40.57
C ARG E 1368 34.00 106.94 -41.02
N ILE E 1369 34.76 106.39 -40.08
CA ILE E 1369 35.86 105.49 -40.43
C ILE E 1369 35.33 104.11 -40.76
N TYR E 1370 34.44 103.57 -39.92
CA TYR E 1370 33.94 102.22 -40.06
C TYR E 1370 32.61 102.14 -40.77
N ARG E 1371 32.26 103.18 -41.52
CA ARG E 1371 31.10 103.10 -42.38
C ARG E 1371 31.28 101.96 -43.37
N HIS E 1372 30.26 101.12 -43.47
CA HIS E 1372 30.25 99.93 -44.32
C HIS E 1372 31.30 98.91 -43.91
N LEU E 1373 31.81 98.99 -42.68
CA LEU E 1373 32.70 97.99 -42.13
C LEU E 1373 32.35 97.71 -40.68
N GLU E 1374 32.22 96.44 -40.35
CA GLU E 1374 31.98 96.05 -38.98
C GLU E 1374 33.22 96.34 -38.14
N PRO E 1375 33.13 97.09 -37.01
CA PRO E 1375 34.35 97.40 -36.24
C PRO E 1375 34.80 96.27 -35.32
N ALA E 1376 34.25 95.08 -35.51
CA ALA E 1376 34.83 93.87 -34.92
C ALA E 1376 36.15 93.51 -35.56
N LEU E 1377 36.39 93.98 -36.79
CA LEU E 1377 37.63 93.75 -37.51
C LEU E 1377 38.62 94.89 -37.33
N ALA E 1378 38.49 95.63 -36.23
CA ALA E 1378 39.40 96.74 -35.93
C ALA E 1378 40.74 96.29 -35.38
N PHE E 1379 40.85 95.03 -34.95
CA PHE E 1379 42.11 94.44 -34.50
C PHE E 1379 42.67 93.49 -35.52
N GLN E 1380 41.80 92.86 -36.30
CA GLN E 1380 42.26 91.99 -37.39
C GLN E 1380 43.07 92.80 -38.38
N LEU E 1381 42.62 94.02 -38.66
CA LEU E 1381 43.31 94.96 -39.53
C LEU E 1381 43.74 96.16 -38.70
N GLU E 1382 45.03 96.42 -38.70
CA GLU E 1382 45.63 97.39 -37.79
C GLU E 1382 45.34 98.80 -38.30
N LEU E 1383 44.13 99.26 -38.05
CA LEU E 1383 43.73 100.60 -38.45
C LEU E 1383 44.15 101.69 -37.48
N ASN E 1384 44.61 101.33 -36.28
CA ASN E 1384 45.11 102.32 -35.36
C ASN E 1384 46.47 102.88 -35.77
N ARG E 1385 47.13 102.26 -36.75
CA ARG E 1385 48.43 102.71 -37.23
C ARG E 1385 48.31 103.75 -38.33
N MET E 1386 47.21 104.51 -38.35
CA MET E 1386 46.91 105.44 -39.41
C MET E 1386 46.46 106.78 -38.84
N ARG E 1387 46.93 107.11 -37.64
CA ARG E 1387 46.60 108.38 -37.03
C ARG E 1387 47.08 109.57 -37.85
N ASN E 1388 48.13 109.40 -38.65
CA ASN E 1388 48.73 110.48 -39.40
C ASN E 1388 48.07 110.73 -40.74
N PHE E 1389 47.02 109.99 -41.07
CA PHE E 1389 46.39 110.05 -42.37
C PHE E 1389 44.90 110.24 -42.21
N ASP E 1390 44.30 110.89 -43.21
CA ASP E 1390 42.86 110.95 -43.39
C ASP E 1390 42.51 109.95 -44.47
N LEU E 1391 41.65 108.99 -44.13
CA LEU E 1391 41.37 107.86 -44.99
C LEU E 1391 40.00 107.96 -45.64
N THR E 1392 39.93 107.46 -46.86
CA THR E 1392 38.68 107.19 -47.54
C THR E 1392 38.73 105.76 -48.03
N ALA E 1393 37.74 104.97 -47.64
CA ALA E 1393 37.66 103.61 -48.14
C ALA E 1393 37.18 103.64 -49.58
N ILE E 1394 37.68 102.70 -50.36
CA ILE E 1394 37.32 102.54 -51.76
C ILE E 1394 36.62 101.18 -51.90
N PRO E 1395 35.38 101.12 -52.37
CA PRO E 1395 34.77 99.81 -52.57
C PRO E 1395 35.41 99.06 -53.71
N CYS E 1396 35.29 97.74 -53.65
CA CYS E 1396 35.86 96.89 -54.68
C CYS E 1396 35.15 95.56 -54.65
N ALA E 1397 35.29 94.82 -55.75
CA ALA E 1397 34.88 93.43 -55.76
C ALA E 1397 35.72 92.64 -54.75
N ASN E 1398 35.21 91.46 -54.39
CA ASN E 1398 35.79 90.59 -53.35
C ASN E 1398 36.26 91.40 -52.15
N HIS E 1399 35.27 91.91 -51.40
CA HIS E 1399 35.61 92.83 -50.32
C HIS E 1399 36.12 92.11 -49.06
N LYS E 1400 37.02 91.15 -49.25
CA LYS E 1400 38.03 90.76 -48.29
C LYS E 1400 39.31 91.55 -48.46
N MET E 1401 39.46 92.28 -49.56
CA MET E 1401 40.61 93.11 -49.83
C MET E 1401 40.16 94.56 -49.63
N HIS E 1402 40.19 95.01 -48.38
CA HIS E 1402 39.72 96.33 -48.03
C HIS E 1402 40.74 97.37 -48.44
N LEU E 1403 40.39 98.19 -49.41
CA LEU E 1403 41.27 99.22 -49.92
C LEU E 1403 40.92 100.57 -49.31
N TYR E 1404 41.94 101.29 -48.88
CA TYR E 1404 41.82 102.65 -48.40
C TYR E 1404 42.80 103.54 -49.13
N LEU E 1405 42.40 104.77 -49.40
CA LEU E 1405 43.29 105.82 -49.88
C LEU E 1405 43.47 106.80 -48.75
N GLY E 1406 44.72 107.06 -48.40
CA GLY E 1406 45.07 107.88 -47.25
C GLY E 1406 45.84 109.10 -47.72
N ALA E 1407 45.52 110.23 -47.13
CA ALA E 1407 46.20 111.48 -47.39
C ALA E 1407 46.83 111.96 -46.11
N ALA E 1408 48.11 112.30 -46.19
CA ALA E 1408 48.84 112.75 -45.01
C ALA E 1408 48.17 113.96 -44.40
N LYS E 1409 48.13 114.00 -43.07
CA LYS E 1409 47.61 115.15 -42.35
C LYS E 1409 48.64 116.27 -42.38
N VAL E 1410 48.22 117.44 -42.85
CA VAL E 1410 49.08 118.60 -42.96
C VAL E 1410 48.42 119.75 -42.20
N GLU E 1411 49.18 120.81 -41.99
CA GLU E 1411 48.67 121.99 -41.33
C GLU E 1411 47.82 122.80 -42.30
N VAL E 1412 47.31 123.93 -41.83
CA VAL E 1412 46.56 124.87 -42.66
C VAL E 1412 47.45 125.64 -43.62
N GLY E 1413 48.76 125.42 -43.58
CA GLY E 1413 49.70 126.08 -44.45
C GLY E 1413 50.01 125.19 -45.62
N THR E 1414 51.09 124.42 -45.49
CA THR E 1414 51.49 123.48 -46.53
C THR E 1414 50.33 122.57 -46.94
N GLU E 1415 50.20 122.38 -48.25
CA GLU E 1415 49.16 121.54 -48.82
C GLU E 1415 49.52 120.06 -48.65
N VAL E 1416 48.71 119.22 -49.27
CA VAL E 1416 48.87 117.77 -49.23
C VAL E 1416 49.60 117.33 -50.48
N THR E 1417 50.68 116.58 -50.31
CA THR E 1417 51.44 115.99 -51.40
C THR E 1417 51.62 114.49 -51.27
N ASP E 1418 51.38 113.91 -50.09
CA ASP E 1418 51.56 112.49 -49.85
C ASP E 1418 50.20 111.80 -49.85
N TYR E 1419 49.97 110.98 -50.87
CA TYR E 1419 48.78 110.15 -51.01
C TYR E 1419 49.23 108.71 -51.18
N ARG E 1420 48.63 107.79 -50.44
CA ARG E 1420 49.05 106.39 -50.50
C ARG E 1420 47.84 105.48 -50.43
N PHE E 1421 47.88 104.41 -51.21
CA PHE E 1421 46.93 103.33 -51.09
C PHE E 1421 47.39 102.34 -50.05
N PHE E 1422 46.43 101.76 -49.33
CA PHE E 1422 46.67 100.69 -48.38
C PHE E 1422 45.68 99.58 -48.67
N VAL E 1423 46.21 98.38 -48.91
CA VAL E 1423 45.42 97.19 -49.05
C VAL E 1423 45.52 96.43 -47.74
N ARG E 1424 44.39 96.22 -47.11
CA ARG E 1424 44.30 95.49 -45.86
C ARG E 1424 43.36 94.32 -46.10
N ALA E 1425 43.90 93.12 -46.06
CA ALA E 1425 43.15 91.92 -46.39
C ALA E 1425 43.06 90.99 -45.19
N ILE E 1426 41.98 90.21 -45.17
CA ILE E 1426 41.76 89.19 -44.17
C ILE E 1426 41.63 87.87 -44.89
N ILE E 1427 42.44 86.91 -44.45
CA ILE E 1427 42.45 85.57 -45.03
C ILE E 1427 41.93 84.63 -43.95
N ARG E 1428 40.75 84.09 -44.19
CA ARG E 1428 40.11 83.17 -43.29
C ARG E 1428 40.29 81.76 -43.81
N HIS E 1429 40.64 80.86 -42.91
CA HIS E 1429 40.83 79.45 -43.22
C HIS E 1429 41.08 78.72 -41.92
N SER E 1430 40.77 77.44 -41.91
CA SER E 1430 40.99 76.64 -40.72
C SER E 1430 42.47 76.43 -40.49
N ASP E 1431 42.81 76.03 -39.27
CA ASP E 1431 44.20 75.80 -38.93
C ASP E 1431 44.74 74.61 -39.70
N LEU E 1432 46.05 74.61 -39.91
CA LEU E 1432 46.73 73.56 -40.65
C LEU E 1432 47.54 72.69 -39.72
N VAL E 1433 47.53 71.38 -40.01
CA VAL E 1433 48.45 70.43 -39.43
C VAL E 1433 49.46 70.08 -40.50
N THR E 1434 50.72 70.32 -40.21
CA THR E 1434 51.80 70.15 -41.18
C THR E 1434 52.39 68.77 -41.05
N LYS E 1435 52.46 68.06 -42.17
CA LYS E 1435 53.24 66.85 -42.33
C LYS E 1435 54.17 67.04 -43.50
N GLU E 1436 54.83 68.21 -43.51
CA GLU E 1436 55.49 68.76 -44.69
C GLU E 1436 54.51 68.95 -45.83
N ALA E 1437 53.27 69.28 -45.49
CA ALA E 1437 52.16 69.39 -46.43
C ALA E 1437 51.55 70.79 -46.47
N SER E 1438 52.13 71.76 -45.77
CA SER E 1438 51.66 73.13 -45.79
C SER E 1438 52.41 74.02 -46.77
N PHE E 1439 53.41 73.49 -47.46
CA PHE E 1439 54.15 74.32 -48.41
C PHE E 1439 53.26 74.79 -49.54
N GLU E 1440 52.44 73.87 -50.06
CA GLU E 1440 51.57 74.23 -51.18
C GLU E 1440 50.56 75.27 -50.75
N TYR E 1441 50.08 75.18 -49.52
CA TYR E 1441 49.14 76.16 -49.02
C TYR E 1441 49.76 77.54 -48.99
N LEU E 1442 50.95 77.65 -48.39
CA LEU E 1442 51.60 78.93 -48.30
C LEU E 1442 51.90 79.50 -49.66
N GLN E 1443 52.43 78.67 -50.56
CA GLN E 1443 52.76 79.15 -51.89
C GLN E 1443 51.53 79.59 -52.66
N ASN E 1444 50.48 78.76 -52.65
CA ASN E 1444 49.30 79.06 -53.43
C ASN E 1444 48.57 80.27 -52.88
N GLU E 1445 48.41 80.34 -51.57
CA GLU E 1445 47.73 81.48 -50.98
C GLU E 1445 48.54 82.75 -51.16
N GLY E 1446 49.86 82.66 -51.01
CA GLY E 1446 50.69 83.82 -51.25
C GLY E 1446 50.51 84.37 -52.64
N GLU E 1447 50.62 83.48 -53.64
CA GLU E 1447 50.49 83.90 -55.02
C GLU E 1447 49.09 84.46 -55.29
N ARG E 1448 48.06 83.72 -54.90
CA ARG E 1448 46.68 84.14 -55.15
C ARG E 1448 46.39 85.49 -54.53
N LEU E 1449 46.71 85.65 -53.25
CA LEU E 1449 46.41 86.90 -52.56
C LEU E 1449 47.22 88.05 -53.12
N LEU E 1450 48.48 87.80 -53.47
CA LEU E 1450 49.30 88.87 -54.03
C LEU E 1450 48.74 89.33 -55.36
N LEU E 1451 48.33 88.39 -56.21
CA LEU E 1451 47.77 88.77 -57.50
C LEU E 1451 46.46 89.52 -57.33
N GLU E 1452 45.61 89.08 -56.41
CA GLU E 1452 44.35 89.78 -56.20
C GLU E 1452 44.57 91.18 -55.67
N ALA E 1453 45.53 91.31 -54.76
CA ALA E 1453 45.88 92.62 -54.23
C ALA E 1453 46.32 93.55 -55.34
N MET E 1454 47.20 93.05 -56.20
CA MET E 1454 47.70 93.88 -57.29
C MET E 1454 46.58 94.24 -58.25
N ASP E 1455 45.65 93.32 -58.50
CA ASP E 1455 44.59 93.60 -59.45
C ASP E 1455 43.63 94.67 -58.93
N GLU E 1456 43.16 94.50 -57.70
CA GLU E 1456 42.27 95.50 -57.12
C GLU E 1456 42.96 96.84 -57.03
N LEU E 1457 44.23 96.84 -56.67
CA LEU E 1457 44.95 98.09 -56.60
C LEU E 1457 45.13 98.71 -57.97
N GLU E 1458 45.32 97.89 -59.00
CA GLU E 1458 45.44 98.41 -60.36
C GLU E 1458 44.19 99.19 -60.74
N VAL E 1459 43.03 98.57 -60.51
CA VAL E 1459 41.77 99.22 -60.84
C VAL E 1459 41.64 100.53 -60.10
N ALA E 1460 41.85 100.52 -58.78
CA ALA E 1460 41.63 101.74 -58.02
C ALA E 1460 42.71 102.77 -58.28
N PHE E 1461 43.89 102.32 -58.68
CA PHE E 1461 44.99 103.23 -58.99
C PHE E 1461 44.70 104.01 -60.25
N ASN E 1462 44.14 103.35 -61.26
CA ASN E 1462 43.81 104.05 -62.50
C ASN E 1462 42.53 104.86 -62.41
N ASN E 1463 41.67 104.61 -61.43
CA ASN E 1463 40.41 105.35 -61.35
C ASN E 1463 40.57 106.75 -60.80
N THR E 1464 41.73 107.11 -60.25
CA THR E 1464 41.93 108.40 -59.63
C THR E 1464 43.26 108.99 -60.10
N ASN E 1465 43.44 110.27 -59.79
CA ASN E 1465 44.68 110.98 -60.11
C ASN E 1465 45.06 111.82 -58.89
N VAL E 1466 45.83 111.20 -57.99
CA VAL E 1466 46.45 111.86 -56.87
C VAL E 1466 47.95 111.62 -56.83
N ARG E 1467 48.47 110.76 -57.69
CA ARG E 1467 49.91 110.52 -57.82
C ARG E 1467 50.50 110.04 -56.50
N THR E 1468 50.10 108.82 -56.15
CA THR E 1468 50.61 108.19 -54.96
C THR E 1468 52.03 107.69 -55.16
N ASP E 1469 52.75 107.55 -54.05
CA ASP E 1469 54.14 107.11 -54.07
C ASP E 1469 54.35 105.76 -53.41
N CYS E 1470 54.00 105.60 -52.14
CA CYS E 1470 54.43 104.44 -51.36
C CYS E 1470 53.21 103.63 -50.96
N ASN E 1471 52.78 102.76 -51.86
CA ASN E 1471 51.65 101.91 -51.60
C ASN E 1471 52.09 100.69 -50.80
N HIS E 1472 51.15 100.22 -49.97
CA HIS E 1472 51.39 99.21 -48.96
C HIS E 1472 50.34 98.12 -49.07
N ILE E 1473 50.76 96.89 -48.84
CA ILE E 1473 49.89 95.73 -48.82
C ILE E 1473 50.09 95.03 -47.49
N PHE E 1474 48.98 94.74 -46.81
CA PHE E 1474 49.00 94.00 -45.56
C PHE E 1474 48.09 92.80 -45.68
N LEU E 1475 48.64 91.61 -45.46
CA LEU E 1475 47.92 90.35 -45.51
C LEU E 1475 47.96 89.71 -44.13
N ASN E 1476 46.82 89.65 -43.48
CA ASN E 1476 46.67 89.02 -42.19
C ASN E 1476 46.05 87.65 -42.40
N PHE E 1477 46.80 86.60 -42.07
CA PHE E 1477 46.35 85.23 -42.18
C PHE E 1477 45.86 84.78 -40.81
N VAL E 1478 44.58 84.40 -40.76
CA VAL E 1478 43.96 83.86 -39.56
C VAL E 1478 44.57 82.52 -39.16
N PRO E 1479 44.68 81.54 -40.06
CA PRO E 1479 45.09 80.21 -39.61
C PRO E 1479 46.53 80.18 -39.15
N THR E 1480 46.79 79.27 -38.23
CA THR E 1480 48.13 78.98 -37.78
C THR E 1480 48.70 77.84 -38.61
N VAL E 1481 49.96 77.98 -38.98
CA VAL E 1481 50.68 77.01 -39.79
C VAL E 1481 51.94 76.59 -39.05
N ILE E 1482 52.30 75.32 -39.15
CA ILE E 1482 53.55 74.81 -38.62
C ILE E 1482 54.54 74.85 -39.76
N MET E 1483 55.55 75.69 -39.62
CA MET E 1483 56.55 75.84 -40.66
C MET E 1483 57.76 76.55 -40.05
N ASP E 1484 58.92 76.24 -40.57
CA ASP E 1484 60.10 76.97 -40.15
C ASP E 1484 60.03 78.37 -40.77
N PRO E 1485 60.24 79.44 -40.00
CA PRO E 1485 60.13 80.78 -40.59
C PRO E 1485 61.04 81.02 -41.80
N SER E 1486 62.22 80.39 -41.84
CA SER E 1486 63.11 80.58 -42.97
C SER E 1486 62.48 80.10 -44.28
N LYS E 1487 61.69 79.04 -44.20
CA LYS E 1487 61.03 78.54 -45.40
C LYS E 1487 59.96 79.50 -45.88
N ILE E 1488 59.25 80.11 -44.94
CA ILE E 1488 58.28 81.14 -45.30
C ILE E 1488 59.00 82.29 -45.97
N GLU E 1489 60.19 82.63 -45.46
CA GLU E 1489 60.97 83.71 -46.07
C GLU E 1489 61.30 83.38 -47.51
N GLU E 1490 61.75 82.15 -47.76
CA GLU E 1490 62.09 81.75 -49.12
C GLU E 1490 60.89 81.82 -50.04
N SER E 1491 59.74 81.31 -49.58
CA SER E 1491 58.53 81.31 -50.39
C SER E 1491 58.12 82.73 -50.77
N VAL E 1492 58.03 83.62 -49.77
CA VAL E 1492 57.63 84.99 -50.02
C VAL E 1492 58.63 85.67 -50.93
N ARG E 1493 59.92 85.38 -50.74
CA ARG E 1493 60.95 86.00 -51.57
C ARG E 1493 60.74 85.67 -53.03
N SER E 1494 60.56 84.38 -53.34
CA SER E 1494 60.38 83.99 -54.72
C SER E 1494 59.12 84.60 -55.31
N MET E 1495 58.02 84.57 -54.56
CA MET E 1495 56.76 85.09 -55.08
C MET E 1495 56.86 86.58 -55.36
N VAL E 1496 57.54 87.32 -54.50
CA VAL E 1496 57.66 88.75 -54.70
C VAL E 1496 58.56 89.05 -55.88
N MET E 1497 59.67 88.31 -56.01
CA MET E 1497 60.62 88.59 -57.07
C MET E 1497 60.01 88.33 -58.44
N ARG E 1498 59.26 87.24 -58.59
CA ARG E 1498 58.75 86.92 -59.91
C ARG E 1498 57.73 87.95 -60.40
N TYR E 1499 56.96 88.54 -59.48
CA TYR E 1499 56.00 89.58 -59.79
C TYR E 1499 56.51 90.96 -59.38
N GLY E 1500 57.82 91.11 -59.26
CA GLY E 1500 58.37 92.38 -58.82
C GLY E 1500 58.13 93.51 -59.80
N SER E 1501 58.04 93.18 -61.09
CA SER E 1501 57.83 94.21 -62.11
C SER E 1501 56.47 94.88 -61.94
N ARG E 1502 55.43 94.08 -61.75
CA ARG E 1502 54.09 94.64 -61.57
C ARG E 1502 54.00 95.47 -60.31
N LEU E 1503 54.60 94.99 -59.23
CA LEU E 1503 54.59 95.75 -57.98
C LEU E 1503 55.32 97.07 -58.17
N TRP E 1504 56.38 97.06 -58.98
CA TRP E 1504 57.10 98.29 -59.26
C TRP E 1504 56.22 99.26 -60.02
N LYS E 1505 55.54 98.78 -61.04
CA LYS E 1505 54.66 99.64 -61.83
C LYS E 1505 53.55 100.24 -60.98
N LEU E 1506 53.05 99.49 -60.01
CA LEU E 1506 51.99 99.96 -59.14
C LEU E 1506 52.51 100.70 -57.92
N ARG E 1507 53.82 100.88 -57.81
CA ARG E 1507 54.41 101.67 -56.75
C ARG E 1507 54.16 101.07 -55.38
N VAL E 1508 54.21 99.74 -55.31
CA VAL E 1508 54.08 99.03 -54.06
C VAL E 1508 55.49 98.88 -53.49
N LEU E 1509 55.77 99.60 -52.42
CA LEU E 1509 57.11 99.65 -51.85
C LEU E 1509 57.24 98.92 -50.53
N GLN E 1510 56.18 98.86 -49.75
CA GLN E 1510 56.19 98.19 -48.46
C GLN E 1510 55.16 97.07 -48.49
N ALA E 1511 55.44 96.02 -47.74
CA ALA E 1511 54.46 94.96 -47.57
C ALA E 1511 54.66 94.32 -46.21
N GLU E 1512 53.56 93.87 -45.62
CA GLU E 1512 53.60 93.19 -44.34
C GLU E 1512 52.75 91.95 -44.39
N LEU E 1513 53.24 90.89 -43.75
CA LEU E 1513 52.51 89.64 -43.66
C LEU E 1513 52.55 89.17 -42.22
N LYS E 1514 51.37 88.88 -41.67
CA LYS E 1514 51.22 88.36 -40.34
C LYS E 1514 50.85 86.90 -40.44
N ILE E 1515 51.53 86.05 -39.68
CA ILE E 1515 51.17 84.64 -39.66
C ILE E 1515 51.65 84.04 -38.35
N ASN E 1516 50.86 83.13 -37.80
CA ASN E 1516 51.22 82.44 -36.57
C ASN E 1516 51.92 81.12 -36.89
N ILE E 1517 52.95 80.83 -36.10
CA ILE E 1517 53.69 79.57 -36.18
C ILE E 1517 53.13 78.66 -35.11
N ARG E 1518 52.71 77.46 -35.54
CA ARG E 1518 52.36 76.31 -34.70
C ARG E 1518 51.05 76.40 -33.92
N ALA E 1525 51.07 78.96 -30.06
CA ALA E 1525 51.45 79.54 -31.34
C ALA E 1525 52.08 80.90 -31.17
N ILE E 1526 53.17 81.16 -31.89
CA ILE E 1526 53.92 82.41 -31.77
C ILE E 1526 53.68 83.22 -33.05
N PRO E 1527 53.27 84.49 -32.97
CA PRO E 1527 53.13 85.26 -34.20
C PRO E 1527 54.46 85.70 -34.74
N ILE E 1528 54.55 85.73 -36.06
CA ILE E 1528 55.66 86.34 -36.77
C ILE E 1528 55.12 87.34 -37.76
N ARG E 1529 55.91 88.39 -37.97
CA ARG E 1529 55.57 89.47 -38.88
C ARG E 1529 56.71 89.73 -39.87
N LEU E 1530 56.42 89.49 -41.14
CA LEU E 1530 57.36 89.67 -42.23
C LEU E 1530 57.19 91.07 -42.78
N PHE E 1531 58.30 91.79 -42.89
CA PHE E 1531 58.31 93.18 -43.34
C PHE E 1531 59.19 93.27 -44.57
N LEU E 1532 58.61 93.68 -45.68
CA LEU E 1532 59.31 93.74 -46.95
C LEU E 1532 59.39 95.17 -47.44
N THR E 1533 60.59 95.55 -47.87
CA THR E 1533 60.86 96.80 -48.54
C THR E 1533 61.35 96.49 -49.94
N ASN E 1534 60.70 97.08 -50.94
CA ASN E 1534 60.99 96.83 -52.35
C ASN E 1534 60.99 98.18 -53.03
N GLU E 1535 62.15 98.82 -52.98
CA GLU E 1535 62.44 100.07 -53.66
C GLU E 1535 62.98 99.69 -55.02
N SER E 1536 63.90 100.51 -55.56
CA SER E 1536 64.56 100.31 -56.84
C SER E 1536 64.73 98.84 -57.20
N GLY E 1537 64.30 98.52 -58.41
CA GLY E 1537 64.04 97.14 -58.80
C GLY E 1537 65.27 96.34 -59.15
N TYR E 1538 66.16 96.19 -58.16
CA TYR E 1538 67.26 95.24 -58.25
C TYR E 1538 67.40 94.46 -56.94
N TYR E 1539 66.91 95.01 -55.84
CA TYR E 1539 67.15 94.47 -54.51
C TYR E 1539 65.87 94.46 -53.72
N LEU E 1540 65.58 93.33 -53.10
CA LEU E 1540 64.42 93.14 -52.26
C LEU E 1540 64.89 92.86 -50.85
N ASP E 1541 64.39 93.63 -49.89
CA ASP E 1541 64.78 93.49 -48.50
C ASP E 1541 63.66 92.85 -47.72
N ILE E 1542 63.96 91.72 -47.09
CA ILE E 1542 63.01 90.99 -46.27
C ILE E 1542 63.56 90.99 -44.85
N SER E 1543 62.73 91.40 -43.90
CA SER E 1543 63.01 91.31 -42.49
C SER E 1543 61.92 90.51 -41.82
N LEU E 1544 62.26 89.99 -40.65
CA LEU E 1544 61.38 89.14 -39.89
C LEU E 1544 61.48 89.51 -38.43
N TYR E 1545 60.34 89.65 -37.76
CA TYR E 1545 60.31 89.97 -36.35
C TYR E 1545 59.28 89.11 -35.67
N LYS E 1546 59.53 88.84 -34.39
CA LYS E 1546 58.54 88.25 -33.49
C LYS E 1546 57.97 89.35 -32.62
N GLU E 1547 56.71 89.20 -32.27
CA GLU E 1547 56.08 90.08 -31.30
C GLU E 1547 56.35 89.50 -29.92
N VAL E 1548 56.94 90.31 -29.05
CA VAL E 1548 57.29 89.91 -27.70
C VAL E 1548 56.58 90.84 -26.73
N THR E 1549 55.91 90.23 -25.76
CA THR E 1549 55.12 90.89 -24.74
C THR E 1549 55.88 91.08 -23.45
N ASP E 1550 57.09 90.52 -23.32
CA ASP E 1550 57.89 90.62 -22.11
C ASP E 1550 58.37 92.07 -21.99
N SER E 1551 57.48 92.92 -21.49
CA SER E 1551 57.76 94.31 -21.24
C SER E 1551 57.30 94.63 -19.82
N ARG E 1552 57.52 95.87 -19.39
CA ARG E 1552 57.09 96.30 -18.08
C ARG E 1552 55.66 96.81 -18.08
N THR E 1553 55.18 97.31 -19.21
CA THR E 1553 53.84 97.85 -19.35
C THR E 1553 53.03 96.89 -20.24
N ALA E 1554 51.81 97.29 -20.55
CA ALA E 1554 50.96 96.53 -21.46
C ALA E 1554 51.35 96.70 -22.93
N GLN E 1555 52.43 97.45 -23.22
CA GLN E 1555 52.87 97.63 -24.59
C GLN E 1555 53.66 96.42 -25.06
N ILE E 1556 53.52 96.11 -26.34
CA ILE E 1556 54.18 94.98 -26.98
C ILE E 1556 55.19 95.54 -27.97
N MET E 1557 56.30 94.84 -28.17
CA MET E 1557 57.34 95.33 -29.06
C MET E 1557 57.92 94.20 -29.89
N PHE E 1558 58.58 94.59 -30.96
CA PHE E 1558 59.22 93.63 -31.84
C PHE E 1558 60.58 93.24 -31.31
N GLN E 1559 60.90 91.97 -31.48
CA GLN E 1559 62.23 91.45 -31.24
C GLN E 1559 62.59 90.59 -32.44
N ALA E 1560 63.73 90.89 -33.04
CA ALA E 1560 64.21 90.18 -34.20
C ALA E 1560 64.97 88.95 -33.73
N TYR E 1561 65.72 88.33 -34.63
CA TYR E 1561 66.41 87.08 -34.39
C TYR E 1561 67.92 87.27 -34.19
N GLY E 1562 68.36 88.47 -33.83
CA GLY E 1562 69.76 88.71 -33.55
C GLY E 1562 70.56 89.00 -34.81
N ASP E 1563 70.46 88.10 -35.78
CA ASP E 1563 71.13 88.28 -37.06
C ASP E 1563 70.31 89.25 -37.89
N LYS E 1564 70.87 90.43 -38.16
CA LYS E 1564 70.18 91.48 -38.90
C LYS E 1564 68.90 91.90 -38.17
N GLN E 1565 69.11 92.50 -37.00
CA GLN E 1565 68.00 92.94 -36.16
C GLN E 1565 67.07 93.88 -36.91
N GLY E 1566 67.62 94.89 -37.57
CA GLY E 1566 66.84 95.73 -38.44
C GLY E 1566 66.23 96.92 -37.73
N PRO E 1567 65.59 97.81 -38.50
CA PRO E 1567 65.12 99.07 -37.92
C PRO E 1567 64.04 98.94 -36.87
N LEU E 1568 63.22 97.90 -36.94
CA LEU E 1568 62.06 97.78 -36.06
C LEU E 1568 62.38 97.02 -34.78
N HIS E 1569 63.64 96.67 -34.56
CA HIS E 1569 64.03 95.98 -33.36
C HIS E 1569 63.76 96.86 -32.14
N GLY E 1570 63.07 96.31 -31.15
CA GLY E 1570 62.71 97.04 -29.97
C GLY E 1570 61.67 98.12 -30.18
N MET E 1571 61.07 98.18 -31.36
CA MET E 1571 60.04 99.18 -31.67
C MET E 1571 58.67 98.63 -31.31
N LEU E 1572 57.77 99.55 -30.95
CA LEU E 1572 56.41 99.14 -30.61
C LEU E 1572 55.67 98.66 -31.85
N ILE E 1573 54.84 97.64 -31.66
CA ILE E 1573 54.11 97.06 -32.78
C ILE E 1573 53.03 98.00 -33.30
N ASN E 1574 52.63 99.00 -32.51
CA ASN E 1574 51.61 99.97 -32.91
C ASN E 1574 52.23 101.26 -33.46
N THR E 1575 53.45 101.21 -33.95
CA THR E 1575 54.04 102.40 -34.54
C THR E 1575 53.23 102.80 -35.77
N PRO E 1576 52.79 104.05 -35.87
CA PRO E 1576 52.01 104.45 -37.05
C PRO E 1576 52.90 104.54 -38.28
N TYR E 1577 52.23 104.71 -39.42
CA TYR E 1577 52.93 104.93 -40.67
C TYR E 1577 53.25 106.40 -40.84
N VAL E 1578 54.50 106.66 -41.20
CA VAL E 1578 55.02 108.00 -41.33
C VAL E 1578 54.62 108.60 -42.68
N THR E 1579 54.94 109.88 -42.80
CA THR E 1579 54.64 110.72 -43.95
C THR E 1579 55.93 111.18 -44.58
N LYS E 1580 56.27 110.73 -45.80
CA LYS E 1580 57.61 110.58 -46.38
C LYS E 1580 58.81 111.31 -45.72
N ASP E 1581 60.02 111.09 -46.24
CA ASP E 1581 61.20 111.48 -45.48
C ASP E 1581 62.13 112.34 -46.33
N LEU E 1582 63.34 112.52 -45.82
CA LEU E 1582 64.38 113.25 -46.53
C LEU E 1582 64.52 112.75 -47.97
N LEU E 1583 64.87 111.48 -48.12
CA LEU E 1583 65.17 110.93 -49.44
C LEU E 1583 63.95 110.90 -50.35
N GLN E 1584 62.82 110.47 -49.83
CA GLN E 1584 61.61 110.49 -50.61
C GLN E 1584 61.21 111.93 -50.93
N SER E 1585 60.40 112.06 -51.99
CA SER E 1585 59.99 113.30 -52.63
C SER E 1585 61.09 113.89 -53.49
N LYS E 1586 62.30 113.34 -53.41
CA LYS E 1586 63.37 113.54 -54.37
C LYS E 1586 63.65 112.27 -55.13
N ARG E 1587 63.65 111.14 -54.43
CA ARG E 1587 63.75 109.85 -55.08
C ARG E 1587 62.55 109.60 -55.97
N PHE E 1588 61.39 110.09 -55.53
CA PHE E 1588 60.16 109.90 -56.28
C PHE E 1588 60.19 110.67 -57.58
N GLN E 1589 60.64 111.92 -57.53
CA GLN E 1589 60.75 112.72 -58.74
C GLN E 1589 61.70 112.09 -59.75
N ALA E 1590 62.86 111.66 -59.28
CA ALA E 1590 63.85 111.05 -60.15
C ALA E 1590 63.30 109.81 -60.81
N GLN E 1591 62.64 108.94 -60.03
CA GLN E 1591 62.03 107.76 -60.62
C GLN E 1591 60.88 108.14 -61.55
N SER E 1592 60.22 109.25 -61.28
CA SER E 1592 59.15 109.71 -62.15
C SER E 1592 59.67 110.21 -63.49
N LEU E 1593 60.97 110.49 -63.57
CA LEU E 1593 61.58 110.82 -64.85
C LEU E 1593 62.19 109.63 -65.56
N GLY E 1594 62.08 108.44 -65.01
CA GLY E 1594 62.65 107.25 -65.64
C GLY E 1594 64.11 107.03 -65.35
N THR E 1595 64.63 107.62 -64.28
CA THR E 1595 66.03 107.46 -63.91
C THR E 1595 66.12 107.24 -62.42
N THR E 1596 67.22 106.62 -62.03
CA THR E 1596 67.48 106.32 -60.64
C THR E 1596 67.95 107.56 -59.91
N TYR E 1597 67.59 107.66 -58.64
CA TYR E 1597 68.07 108.74 -57.81
C TYR E 1597 69.55 108.55 -57.53
N ILE E 1598 70.25 109.67 -57.41
CA ILE E 1598 71.71 109.64 -57.40
C ILE E 1598 72.24 108.84 -56.22
N TYR E 1599 71.67 109.07 -55.04
CA TYR E 1599 72.16 108.42 -53.82
C TYR E 1599 71.78 106.97 -53.71
N ASP E 1600 71.12 106.40 -54.72
CA ASP E 1600 70.95 104.96 -54.83
C ASP E 1600 72.04 104.30 -55.65
N ILE E 1601 72.97 105.08 -56.20
CA ILE E 1601 73.99 104.51 -57.07
C ILE E 1601 74.96 103.61 -56.32
N PRO E 1602 75.48 103.98 -55.15
CA PRO E 1602 76.40 103.09 -54.44
C PRO E 1602 75.84 101.70 -54.21
N GLU E 1603 74.60 101.62 -53.72
CA GLU E 1603 73.97 100.33 -53.48
C GLU E 1603 73.95 99.47 -54.73
N MET E 1604 73.58 100.05 -55.87
CA MET E 1604 73.60 99.29 -57.12
C MET E 1604 74.94 98.65 -57.35
N PHE E 1605 76.02 99.41 -57.12
CA PHE E 1605 77.36 98.87 -57.33
C PHE E 1605 77.54 97.61 -56.51
N ARG E 1606 77.18 97.69 -55.23
CA ARG E 1606 77.35 96.54 -54.36
C ARG E 1606 76.63 95.34 -54.92
N GLN E 1607 75.36 95.51 -55.28
CA GLN E 1607 74.60 94.38 -55.73
C GLN E 1607 75.14 93.88 -57.06
N SER E 1608 75.59 94.80 -57.91
CA SER E 1608 76.14 94.38 -59.18
C SER E 1608 77.39 93.56 -58.97
N LEU E 1609 78.21 93.93 -57.99
CA LEU E 1609 79.42 93.18 -57.72
C LEU E 1609 79.08 91.75 -57.37
N ILE E 1610 78.01 91.56 -56.60
CA ILE E 1610 77.59 90.22 -56.25
C ILE E 1610 77.36 89.42 -57.52
N LYS E 1611 76.58 90.00 -58.43
CA LYS E 1611 76.32 89.34 -59.69
C LYS E 1611 77.61 89.07 -60.43
N LEU E 1612 78.55 90.02 -60.37
CA LEU E 1612 79.81 89.82 -61.05
C LEU E 1612 80.54 88.61 -60.51
N TRP E 1613 80.62 88.49 -59.18
CA TRP E 1613 81.32 87.36 -58.59
C TRP E 1613 80.64 86.05 -58.95
N GLU E 1614 79.35 86.08 -59.23
CA GLU E 1614 78.68 84.88 -59.69
C GLU E 1614 78.98 84.64 -61.15
N SER E 1615 78.90 85.71 -61.95
CA SER E 1615 78.97 85.57 -63.40
C SER E 1615 80.33 85.04 -63.82
N MET E 1616 81.39 85.53 -63.19
CA MET E 1616 82.73 85.10 -63.50
C MET E 1616 83.12 83.78 -62.86
N SER E 1617 82.23 83.14 -62.12
CA SER E 1617 82.61 81.88 -61.48
C SER E 1617 82.75 80.75 -62.49
N THR E 1618 82.18 80.87 -63.68
CA THR E 1618 82.28 79.86 -64.71
C THR E 1618 83.49 80.04 -65.62
N GLN E 1619 84.28 81.09 -65.40
CA GLN E 1619 85.40 81.42 -66.25
C GLN E 1619 86.74 81.19 -65.60
N ALA E 1620 86.80 81.34 -64.27
CA ALA E 1620 88.07 81.32 -63.56
C ALA E 1620 87.88 80.75 -62.18
N PHE E 1621 89.00 80.28 -61.62
CA PHE E 1621 89.05 79.71 -60.28
C PHE E 1621 89.17 80.85 -59.29
N LEU E 1622 88.09 81.25 -58.73
CA LEU E 1622 88.03 82.40 -57.85
C LEU E 1622 88.01 81.99 -56.39
N PRO E 1623 88.54 82.81 -55.49
CA PRO E 1623 88.42 82.51 -54.06
C PRO E 1623 86.99 82.71 -53.59
N SER E 1624 86.75 82.34 -52.35
CA SER E 1624 85.43 82.51 -51.77
C SER E 1624 85.11 83.99 -51.68
N PRO E 1625 83.94 84.45 -52.12
CA PRO E 1625 83.65 85.87 -52.08
C PRO E 1625 83.48 86.35 -50.65
N PRO E 1626 83.86 87.58 -50.33
CA PRO E 1626 83.57 88.11 -49.01
C PRO E 1626 82.10 88.42 -48.87
N LEU E 1627 81.71 88.73 -47.64
CA LEU E 1627 80.32 89.06 -47.40
C LEU E 1627 80.03 90.42 -48.04
N PRO E 1628 78.77 90.68 -48.40
CA PRO E 1628 78.45 91.96 -49.05
C PRO E 1628 78.87 93.19 -48.29
N SER E 1629 78.92 93.12 -46.97
CA SER E 1629 79.29 94.28 -46.17
C SER E 1629 80.76 94.64 -46.33
N ASP E 1630 81.58 93.75 -46.89
CA ASP E 1630 83.00 93.99 -47.11
C ASP E 1630 83.36 94.11 -48.58
N MET E 1631 82.37 94.16 -49.48
CA MET E 1631 82.64 94.24 -50.91
C MET E 1631 82.78 95.67 -51.41
N LEU E 1632 82.16 96.63 -50.75
CA LEU E 1632 82.24 98.02 -51.19
C LEU E 1632 82.17 98.95 -50.00
N THR E 1633 83.11 99.88 -49.94
CA THR E 1633 83.06 100.98 -48.99
C THR E 1633 83.38 102.27 -49.73
N TYR E 1634 82.68 103.33 -49.39
CA TYR E 1634 82.80 104.59 -50.10
C TYR E 1634 82.76 105.77 -49.15
N THR E 1635 83.33 106.86 -49.63
CA THR E 1635 83.25 108.13 -48.94
C THR E 1635 82.81 109.21 -49.91
N GLU E 1636 81.99 110.13 -49.44
CA GLU E 1636 81.47 111.17 -50.30
C GLU E 1636 82.50 112.27 -50.40
N LEU E 1637 82.59 112.84 -51.59
CA LEU E 1637 83.52 113.92 -51.88
C LEU E 1637 82.71 115.20 -51.97
N VAL E 1638 83.01 116.15 -51.09
CA VAL E 1638 82.27 117.40 -51.05
C VAL E 1638 83.27 118.54 -51.16
N LEU E 1639 82.75 119.72 -51.42
CA LEU E 1639 83.58 120.91 -51.49
C LEU E 1639 83.56 121.65 -50.18
N ASP E 1640 84.72 122.18 -49.82
CA ASP E 1640 84.82 123.04 -48.66
C ASP E 1640 84.47 124.46 -49.08
N ASP E 1641 84.72 125.43 -48.21
CA ASP E 1641 84.46 126.82 -48.55
C ASP E 1641 85.49 127.39 -49.51
N GLN E 1642 86.65 126.75 -49.67
CA GLN E 1642 87.70 127.23 -50.55
C GLN E 1642 87.63 126.66 -51.95
N GLY E 1643 86.93 125.53 -52.13
CA GLY E 1643 86.87 124.85 -53.40
C GLY E 1643 87.66 123.56 -53.47
N GLN E 1644 88.17 123.07 -52.35
CA GLN E 1644 88.92 121.83 -52.29
C GLN E 1644 88.02 120.69 -51.85
N LEU E 1645 88.50 119.48 -52.08
CA LEU E 1645 87.72 118.29 -51.76
C LEU E 1645 87.90 117.92 -50.31
N VAL E 1646 86.80 117.45 -49.71
CA VAL E 1646 86.77 116.92 -48.37
C VAL E 1646 86.16 115.53 -48.46
N HIS E 1647 86.81 114.58 -47.81
CA HIS E 1647 86.28 113.23 -47.63
C HIS E 1647 85.35 113.26 -46.44
N MET E 1648 84.07 113.04 -46.68
CA MET E 1648 83.04 113.18 -45.68
C MET E 1648 82.15 111.96 -45.67
N ASN E 1649 81.75 111.57 -44.47
CA ASN E 1649 80.78 110.52 -44.25
C ASN E 1649 79.56 111.19 -43.65
N ARG E 1650 78.44 111.12 -44.37
CA ARG E 1650 77.22 111.76 -43.93
C ARG E 1650 76.05 110.99 -44.49
N LEU E 1651 74.86 111.39 -44.08
CA LEU E 1651 73.68 110.70 -44.54
C LEU E 1651 73.38 111.10 -45.98
N PRO E 1652 72.73 110.22 -46.74
CA PRO E 1652 72.41 110.58 -48.12
C PRO E 1652 71.33 111.65 -48.20
N GLY E 1653 71.36 112.36 -49.32
CA GLY E 1653 70.38 113.38 -49.61
C GLY E 1653 70.72 114.75 -49.07
N GLY E 1654 71.96 114.98 -48.62
CA GLY E 1654 72.35 116.23 -48.03
C GLY E 1654 73.09 117.15 -48.97
N ASN E 1655 72.99 116.90 -50.26
CA ASN E 1655 73.69 117.73 -51.24
C ASN E 1655 73.00 119.07 -51.40
N GLU E 1656 73.80 120.13 -51.40
CA GLU E 1656 73.34 121.49 -51.67
C GLU E 1656 73.55 121.91 -53.11
N ILE E 1657 74.23 121.11 -53.92
CA ILE E 1657 74.44 121.37 -55.33
C ILE E 1657 73.96 120.16 -56.12
N GLY E 1658 73.92 120.31 -57.43
CA GLY E 1658 73.39 119.29 -58.30
C GLY E 1658 74.35 118.21 -58.69
N MET E 1659 75.55 118.20 -58.13
CA MET E 1659 76.59 117.24 -58.47
C MET E 1659 77.00 116.53 -57.21
N VAL E 1660 77.20 115.22 -57.31
CA VAL E 1660 77.67 114.42 -56.19
C VAL E 1660 78.76 113.50 -56.69
N ALA E 1661 79.71 113.21 -55.82
CA ALA E 1661 80.79 112.32 -56.16
C ALA E 1661 81.20 111.48 -54.98
N TRP E 1662 81.75 110.32 -55.28
CA TRP E 1662 82.24 109.38 -54.30
C TRP E 1662 83.57 108.81 -54.72
N LYS E 1663 84.37 108.48 -53.72
CA LYS E 1663 85.49 107.57 -53.89
C LYS E 1663 85.05 106.23 -53.36
N MET E 1664 85.13 105.22 -54.22
CA MET E 1664 84.67 103.87 -53.93
C MET E 1664 85.84 102.92 -53.98
N THR E 1665 85.94 102.10 -52.96
CA THR E 1665 86.88 100.99 -52.92
C THR E 1665 86.09 99.70 -52.87
N PHE E 1666 86.42 98.78 -53.76
CA PHE E 1666 85.69 97.54 -53.80
C PHE E 1666 86.57 96.38 -54.23
N LYS E 1667 86.13 95.18 -53.87
CA LYS E 1667 86.84 93.95 -54.18
C LYS E 1667 86.15 93.27 -55.35
N SER E 1668 86.92 92.94 -56.36
CA SER E 1668 86.46 92.29 -57.56
C SER E 1668 87.17 90.95 -57.73
N PRO E 1669 86.65 90.06 -58.55
CA PRO E 1669 87.30 88.76 -58.74
C PRO E 1669 88.75 88.84 -59.19
N GLU E 1670 89.05 89.80 -60.04
CA GLU E 1670 90.40 89.99 -60.55
C GLU E 1670 91.29 90.73 -59.57
N TYR E 1671 90.72 91.59 -58.72
CA TYR E 1671 91.46 92.32 -57.68
C TYR E 1671 90.72 92.15 -56.36
N PRO E 1672 90.87 91.02 -55.70
CA PRO E 1672 90.15 90.78 -54.45
C PRO E 1672 90.78 91.42 -53.23
N GLU E 1673 91.68 92.37 -53.42
CA GLU E 1673 92.26 93.15 -52.34
C GLU E 1673 91.75 94.58 -52.29
N GLY E 1674 91.04 95.04 -53.30
CA GLY E 1674 90.50 96.38 -53.33
C GLY E 1674 91.06 97.18 -54.48
N ARG E 1675 90.16 97.76 -55.26
CA ARG E 1675 90.50 98.70 -56.29
C ARG E 1675 89.62 99.92 -56.11
N ASP E 1676 90.16 101.07 -56.51
CA ASP E 1676 89.53 102.36 -56.31
C ASP E 1676 88.95 102.88 -57.60
N ILE E 1677 87.83 103.60 -57.49
CA ILE E 1677 87.27 104.35 -58.59
C ILE E 1677 86.67 105.63 -58.04
N ILE E 1678 86.53 106.61 -58.92
CA ILE E 1678 85.84 107.86 -58.65
C ILE E 1678 84.56 107.84 -59.45
N VAL E 1679 83.46 108.11 -58.77
CA VAL E 1679 82.14 108.13 -59.38
C VAL E 1679 81.61 109.54 -59.25
N ILE E 1680 81.15 110.10 -60.36
CA ILE E 1680 80.57 111.43 -60.40
C ILE E 1680 79.21 111.31 -61.06
N GLY E 1681 78.23 112.04 -60.50
CA GLY E 1681 76.88 111.96 -60.99
C GLY E 1681 76.11 113.25 -60.82
N ASN E 1682 75.18 113.45 -61.75
CA ASN E 1682 74.24 114.55 -61.73
C ASN E 1682 73.01 114.19 -60.92
N ASP E 1683 72.52 115.14 -60.16
CA ASP E 1683 71.25 115.03 -59.46
C ASP E 1683 70.21 115.66 -60.34
N ILE E 1684 69.36 114.83 -60.94
CA ILE E 1684 68.38 115.32 -61.90
C ILE E 1684 67.32 116.19 -61.24
N THR E 1685 67.14 116.06 -59.94
CA THR E 1685 66.07 116.74 -59.23
C THR E 1685 66.49 118.11 -58.69
N TYR E 1686 67.76 118.47 -58.77
CA TYR E 1686 68.24 119.73 -58.24
C TYR E 1686 68.28 120.76 -59.35
N ARG E 1687 67.32 121.67 -59.35
CA ARG E 1687 67.26 122.75 -60.33
C ARG E 1687 67.40 122.21 -61.75
N ILE E 1688 66.35 121.56 -62.23
CA ILE E 1688 66.34 120.42 -63.14
C ILE E 1688 67.66 120.33 -63.92
N GLY E 1689 68.37 119.21 -63.74
CA GLY E 1689 69.70 119.02 -64.32
C GLY E 1689 70.68 120.15 -64.01
N SER E 1690 71.12 120.85 -65.07
CA SER E 1690 71.71 122.19 -64.98
C SER E 1690 73.05 122.37 -64.27
N PHE E 1691 74.15 122.10 -64.96
CA PHE E 1691 75.48 122.51 -64.52
C PHE E 1691 75.49 123.97 -64.12
N GLY E 1692 75.84 124.23 -62.86
CA GLY E 1692 76.21 125.54 -62.40
C GLY E 1692 77.69 125.65 -62.21
N PRO E 1693 78.16 126.76 -61.64
CA PRO E 1693 79.59 126.91 -61.41
C PRO E 1693 80.13 125.96 -60.34
N GLN E 1694 79.37 125.71 -59.29
CA GLN E 1694 79.83 124.83 -58.23
C GLN E 1694 79.83 123.37 -58.67
N GLU E 1695 78.82 123.00 -59.47
CA GLU E 1695 78.78 121.65 -60.01
C GLU E 1695 79.98 121.40 -60.90
N ASP E 1696 80.31 122.40 -61.73
CA ASP E 1696 81.48 122.31 -62.58
C ASP E 1696 82.75 122.18 -61.74
N LEU E 1697 82.85 122.97 -60.67
CA LEU E 1697 84.04 122.90 -59.84
C LEU E 1697 84.20 121.54 -59.20
N LEU E 1698 83.12 120.96 -58.70
CA LEU E 1698 83.24 119.64 -58.09
C LEU E 1698 83.65 118.61 -59.11
N PHE E 1699 83.08 118.67 -60.31
CA PHE E 1699 83.47 117.76 -61.37
C PHE E 1699 84.97 117.86 -61.62
N LEU E 1700 85.46 119.09 -61.72
CA LEU E 1700 86.87 119.31 -62.00
C LEU E 1700 87.74 118.72 -60.92
N ARG E 1701 87.41 119.01 -59.66
CA ARG E 1701 88.29 118.59 -58.57
C ARG E 1701 88.29 117.08 -58.42
N ALA E 1702 87.15 116.44 -58.65
CA ALA E 1702 87.13 114.99 -58.58
C ALA E 1702 87.92 114.37 -59.72
N SER E 1703 87.84 114.97 -60.90
CA SER E 1703 88.62 114.46 -62.02
C SER E 1703 90.11 114.64 -61.75
N GLU E 1704 90.48 115.77 -61.15
CA GLU E 1704 91.85 115.99 -60.73
C GLU E 1704 92.32 114.92 -59.77
N LEU E 1705 91.47 114.56 -58.81
CA LEU E 1705 91.81 113.49 -57.89
C LEU E 1705 92.08 112.19 -58.64
N ALA E 1706 91.18 111.84 -59.56
CA ALA E 1706 91.33 110.60 -60.31
C ALA E 1706 92.64 110.59 -61.08
N ARG E 1707 93.01 111.71 -61.68
CA ARG E 1707 94.26 111.74 -62.42
C ARG E 1707 95.45 111.65 -61.50
N ALA E 1708 95.36 112.30 -60.34
CA ALA E 1708 96.46 112.30 -59.39
C ALA E 1708 96.73 110.91 -58.86
N GLU E 1709 95.67 110.13 -58.66
CA GLU E 1709 95.84 108.74 -58.23
C GLU E 1709 96.00 107.76 -59.38
N GLY E 1710 95.60 108.15 -60.59
CA GLY E 1710 95.75 107.26 -61.72
C GLY E 1710 94.71 106.18 -61.81
N ILE E 1711 93.49 106.46 -61.37
CA ILE E 1711 92.43 105.46 -61.25
C ILE E 1711 91.29 105.86 -62.17
N PRO E 1712 90.35 104.95 -62.42
CA PRO E 1712 89.27 105.26 -63.34
C PRO E 1712 88.32 106.32 -62.82
N ARG E 1713 87.65 106.96 -63.77
CA ARG E 1713 86.62 107.94 -63.51
C ARG E 1713 85.35 107.50 -64.19
N ILE E 1714 84.29 107.37 -63.41
CA ILE E 1714 82.98 106.99 -63.89
C ILE E 1714 82.07 108.19 -63.78
N TYR E 1715 81.38 108.50 -64.86
CA TYR E 1715 80.49 109.65 -64.93
C TYR E 1715 79.08 109.18 -65.27
N VAL E 1716 78.13 109.54 -64.42
CA VAL E 1716 76.73 109.19 -64.61
C VAL E 1716 76.00 110.45 -65.04
N SER E 1717 75.52 110.46 -66.27
CA SER E 1717 75.00 111.66 -66.90
C SER E 1717 73.50 111.68 -66.80
N ALA E 1718 72.97 112.67 -66.10
CA ALA E 1718 71.55 112.96 -66.15
C ALA E 1718 71.38 114.45 -65.91
N ASN E 1719 71.35 115.24 -66.97
CA ASN E 1719 71.44 116.67 -66.86
C ASN E 1719 70.73 117.32 -68.03
N SER E 1720 70.74 118.64 -68.01
CA SER E 1720 70.02 119.46 -68.96
C SER E 1720 70.92 120.51 -69.60
N GLY E 1721 72.23 120.33 -69.50
CA GLY E 1721 73.14 121.23 -70.12
C GLY E 1721 73.47 122.37 -69.19
N ALA E 1722 74.00 123.44 -69.79
CA ALA E 1722 74.42 124.58 -69.01
C ALA E 1722 73.22 125.24 -68.38
N ARG E 1723 73.45 125.80 -67.20
CA ARG E 1723 72.38 126.48 -66.49
C ARG E 1723 72.20 127.86 -67.07
N ILE E 1724 70.93 128.25 -67.19
CA ILE E 1724 70.57 129.56 -67.69
C ILE E 1724 69.63 130.21 -66.69
N GLY E 1725 69.37 131.48 -66.89
CA GLY E 1725 68.40 132.16 -66.07
C GLY E 1725 68.20 133.56 -66.56
N LEU E 1726 67.32 134.25 -65.85
CA LEU E 1726 66.96 135.62 -66.15
C LEU E 1726 66.96 136.42 -64.86
N ALA E 1727 67.29 137.70 -64.98
CA ALA E 1727 67.41 138.60 -63.83
C ALA E 1727 66.02 139.06 -63.43
N GLU E 1728 65.42 138.33 -62.50
CA GLU E 1728 64.03 138.59 -62.14
C GLU E 1728 63.85 139.89 -61.37
N GLU E 1729 64.90 140.35 -60.69
CA GLU E 1729 64.83 141.61 -59.96
C GLU E 1729 64.61 142.83 -60.86
N ILE E 1730 64.85 142.70 -62.16
CA ILE E 1730 64.69 143.79 -63.12
C ILE E 1730 63.41 143.56 -63.92
N ARG E 1731 63.01 142.30 -64.04
CA ARG E 1731 61.88 141.93 -64.88
C ARG E 1731 60.60 142.63 -64.43
N HIS E 1732 60.47 142.88 -63.14
CA HIS E 1732 59.29 143.48 -62.56
C HIS E 1732 59.44 144.97 -62.27
N MET E 1733 60.49 145.60 -62.78
CA MET E 1733 60.75 147.01 -62.53
C MET E 1733 60.81 147.85 -63.79
N PHE E 1734 61.24 147.29 -64.91
CA PHE E 1734 61.52 148.10 -66.08
C PHE E 1734 60.25 148.64 -66.72
N HIS E 1735 60.39 149.78 -67.36
CA HIS E 1735 59.36 150.40 -68.17
C HIS E 1735 59.87 150.61 -69.57
N VAL E 1736 58.94 150.53 -70.50
CA VAL E 1736 59.20 150.71 -71.93
C VAL E 1736 59.06 152.19 -72.26
N ALA E 1737 60.05 152.73 -72.97
CA ALA E 1737 59.97 154.07 -73.52
C ALA E 1737 59.44 153.93 -74.94
N TRP E 1738 58.15 154.19 -75.10
CA TRP E 1738 57.49 154.01 -76.38
C TRP E 1738 57.79 155.16 -77.31
N VAL E 1739 57.78 154.85 -78.61
CA VAL E 1739 57.83 155.89 -79.62
C VAL E 1739 56.55 156.71 -79.58
N ASP E 1740 55.41 156.03 -79.52
CA ASP E 1740 54.11 156.65 -79.32
C ASP E 1740 53.47 155.97 -78.10
N PRO E 1741 53.42 156.62 -76.94
CA PRO E 1741 52.85 155.94 -75.76
C PRO E 1741 51.40 155.56 -75.90
N GLU E 1742 50.67 156.18 -76.83
CA GLU E 1742 49.28 155.85 -77.08
C GLU E 1742 49.10 154.76 -78.10
N ASP E 1743 50.01 154.67 -79.08
CA ASP E 1743 50.01 153.61 -80.08
C ASP E 1743 51.31 152.84 -79.95
N PRO E 1744 51.34 151.73 -79.20
CA PRO E 1744 52.62 151.04 -78.99
C PRO E 1744 53.14 150.29 -80.21
N TYR E 1745 52.43 150.30 -81.33
CA TYR E 1745 52.80 149.50 -82.48
C TYR E 1745 53.65 150.26 -83.49
N LYS E 1746 54.23 151.39 -83.07
CA LYS E 1746 55.23 152.10 -83.86
C LYS E 1746 56.60 152.02 -83.18
N GLY E 1747 56.79 151.00 -82.35
CA GLY E 1747 58.09 150.75 -81.77
C GLY E 1747 58.29 151.41 -80.43
N TYR E 1748 59.37 150.97 -79.79
CA TYR E 1748 59.86 151.60 -78.59
C TYR E 1748 61.34 151.89 -78.80
N ARG E 1749 61.85 152.84 -78.03
CA ARG E 1749 63.24 153.25 -78.13
C ARG E 1749 64.15 152.54 -77.16
N TYR E 1750 63.72 152.34 -75.93
CA TYR E 1750 64.59 151.73 -74.93
C TYR E 1750 63.76 151.25 -73.76
N LEU E 1751 64.44 150.59 -72.84
CA LEU E 1751 63.91 150.19 -71.56
C LEU E 1751 64.66 150.93 -70.46
N TYR E 1752 63.93 151.27 -69.40
CA TYR E 1752 64.50 152.14 -68.39
C TYR E 1752 63.93 151.80 -67.03
N LEU E 1753 64.63 152.30 -66.02
CA LEU E 1753 64.17 152.29 -64.65
C LEU E 1753 63.90 153.70 -64.20
N THR E 1754 62.93 153.83 -63.34
CA THR E 1754 62.69 155.08 -62.67
C THR E 1754 63.63 155.21 -61.49
N PRO E 1755 63.81 156.41 -60.96
CA PRO E 1755 64.70 156.57 -59.80
C PRO E 1755 64.33 155.70 -58.62
N GLN E 1756 63.04 155.48 -58.40
CA GLN E 1756 62.59 154.70 -57.26
C GLN E 1756 63.10 153.26 -57.34
N ASP E 1757 63.25 152.74 -58.55
CA ASP E 1757 63.77 151.40 -58.76
C ASP E 1757 65.29 151.40 -58.84
N TYR E 1758 65.86 152.39 -59.54
CA TYR E 1758 67.30 152.43 -59.73
C TYR E 1758 68.04 152.56 -58.40
N LYS E 1759 67.48 153.36 -57.49
CA LYS E 1759 68.15 153.57 -56.21
C LYS E 1759 68.22 152.30 -55.39
N ARG E 1760 67.36 151.32 -55.66
CA ARG E 1760 67.33 150.08 -54.90
C ARG E 1760 68.19 148.97 -55.51
N VAL E 1761 68.76 149.19 -56.68
CA VAL E 1761 69.58 148.19 -57.35
C VAL E 1761 70.99 148.69 -57.66
N SER E 1762 71.20 150.01 -57.68
CA SER E 1762 72.49 150.55 -58.07
C SER E 1762 73.60 150.10 -57.13
N ALA E 1763 73.26 149.83 -55.88
CA ALA E 1763 74.23 149.38 -54.90
C ALA E 1763 74.55 147.90 -55.02
N LEU E 1764 73.90 147.17 -55.92
CA LEU E 1764 74.11 145.74 -56.10
C LEU E 1764 74.97 145.41 -57.30
N ASN E 1765 75.18 146.35 -58.22
CA ASN E 1765 75.84 146.08 -59.49
C ASN E 1765 75.09 145.00 -60.26
N SER E 1766 73.76 145.05 -60.17
CA SER E 1766 72.89 144.15 -60.93
C SER E 1766 72.54 144.69 -62.30
N VAL E 1767 72.64 146.00 -62.49
CA VAL E 1767 72.29 146.63 -63.76
C VAL E 1767 73.19 147.82 -63.98
N HIS E 1768 73.46 148.11 -65.24
CA HIS E 1768 74.19 149.30 -65.66
C HIS E 1768 73.26 150.19 -66.48
N CYS E 1769 73.02 151.38 -65.98
CA CYS E 1769 72.14 152.33 -66.61
C CYS E 1769 72.84 153.67 -66.72
N GLU E 1770 72.29 154.53 -67.57
CA GLU E 1770 72.76 155.90 -67.70
C GLU E 1770 71.59 156.85 -67.54
N HIS E 1771 71.82 157.94 -66.81
CA HIS E 1771 70.76 158.90 -66.58
C HIS E 1771 70.48 159.68 -67.84
N VAL E 1772 69.19 159.81 -68.16
CA VAL E 1772 68.72 160.59 -69.29
C VAL E 1772 67.50 161.38 -68.84
N GLU E 1773 67.24 162.44 -69.59
CA GLU E 1773 66.04 163.25 -69.46
C GLU E 1773 65.21 163.02 -70.70
N ASP E 1774 63.99 162.51 -70.53
CA ASP E 1774 63.16 162.23 -71.69
C ASP E 1774 61.70 162.35 -71.32
N GLU E 1775 60.93 163.01 -72.19
CA GLU E 1775 59.51 163.27 -71.96
C GLU E 1775 59.30 164.03 -70.65
N GLY E 1776 60.27 164.87 -70.29
CA GLY E 1776 60.19 165.60 -69.05
C GLY E 1776 60.34 164.76 -67.82
N GLU E 1777 60.88 163.54 -67.94
CA GLU E 1777 61.05 162.62 -66.84
C GLU E 1777 62.52 162.25 -66.69
N SER E 1778 62.90 162.04 -65.42
CA SER E 1778 64.20 161.49 -65.07
C SER E 1778 64.15 159.98 -65.24
N ARG E 1779 65.01 159.45 -66.10
CA ARG E 1779 65.02 158.02 -66.39
C ARG E 1779 66.45 157.51 -66.36
N TYR E 1780 66.60 156.25 -66.03
CA TYR E 1780 67.87 155.56 -66.08
C TYR E 1780 67.73 154.51 -67.17
N LYS E 1781 68.28 154.81 -68.34
CA LYS E 1781 68.17 153.92 -69.48
C LYS E 1781 69.09 152.73 -69.28
N ILE E 1782 68.55 151.54 -69.46
CA ILE E 1782 69.30 150.30 -69.25
C ILE E 1782 70.18 150.08 -70.47
N THR E 1783 71.47 149.81 -70.23
CA THR E 1783 72.38 149.43 -71.31
C THR E 1783 72.91 148.02 -71.15
N ASP E 1784 73.09 147.57 -69.92
CA ASP E 1784 73.53 146.21 -69.63
C ASP E 1784 72.86 145.71 -68.37
N ILE E 1785 72.53 144.43 -68.35
CA ILE E 1785 72.04 143.75 -67.17
C ILE E 1785 73.07 142.71 -66.79
N ILE E 1786 73.44 142.72 -65.51
CA ILE E 1786 74.39 141.78 -64.96
C ILE E 1786 73.70 140.66 -64.23
N GLY E 1787 72.81 141.02 -63.31
CA GLY E 1787 72.14 140.05 -62.47
C GLY E 1787 72.84 139.85 -61.15
N LYS E 1788 72.10 140.01 -60.05
CA LYS E 1788 72.68 139.81 -58.73
C LYS E 1788 72.88 138.34 -58.40
N GLU E 1789 72.14 137.46 -59.06
CA GLU E 1789 72.22 136.02 -58.80
C GLU E 1789 73.38 135.44 -59.59
N GLU E 1790 74.24 134.71 -58.87
CA GLU E 1790 75.37 134.03 -59.50
C GLU E 1790 74.96 132.63 -59.94
N GLY E 1791 75.54 132.20 -61.04
CA GLY E 1791 75.31 130.88 -61.58
C GLY E 1791 74.39 130.83 -62.76
N ILE E 1792 73.96 131.97 -63.28
CA ILE E 1792 73.08 132.04 -64.45
C ILE E 1792 73.72 132.78 -65.61
N GLY E 1793 74.85 133.44 -65.39
CA GLY E 1793 75.42 134.31 -66.40
C GLY E 1793 76.48 133.61 -67.21
N PRO E 1794 77.29 134.38 -67.93
CA PRO E 1794 78.32 133.78 -68.78
C PRO E 1794 79.39 133.01 -68.04
N GLU E 1795 79.45 133.11 -66.71
CA GLU E 1795 80.37 132.31 -65.93
C GLU E 1795 80.16 130.82 -66.16
N ASN E 1796 78.96 130.41 -66.56
CA ASN E 1796 78.69 129.02 -66.85
C ASN E 1796 79.26 128.57 -68.17
N LEU E 1797 79.59 129.51 -69.05
CA LEU E 1797 80.25 129.13 -70.29
C LEU E 1797 81.69 128.73 -70.01
N ARG E 1798 82.44 129.65 -69.38
CA ARG E 1798 83.79 129.36 -68.92
C ARG E 1798 83.85 128.02 -68.20
N GLY E 1799 83.12 127.92 -67.09
CA GLY E 1799 83.07 126.68 -66.33
C GLY E 1799 82.83 125.46 -67.20
N SER E 1800 81.87 125.55 -68.12
CA SER E 1800 81.61 124.38 -68.96
C SER E 1800 82.83 124.04 -69.78
N GLY E 1801 83.39 125.04 -70.46
CA GLY E 1801 84.61 124.83 -71.21
C GLY E 1801 85.71 124.27 -70.35
N MET E 1802 85.82 124.77 -69.12
CA MET E 1802 86.85 124.31 -68.20
C MET E 1802 86.75 122.80 -68.05
N ILE E 1803 85.57 122.30 -67.71
CA ILE E 1803 85.47 120.89 -67.42
C ILE E 1803 85.63 120.09 -68.69
N ALA E 1804 85.25 120.67 -69.83
CA ALA E 1804 85.43 119.96 -71.08
C ALA E 1804 86.89 119.68 -71.31
N GLY E 1805 87.73 120.69 -71.11
CA GLY E 1805 89.16 120.48 -71.22
C GLY E 1805 89.65 119.39 -70.30
N GLU E 1806 89.13 119.36 -69.07
CA GLU E 1806 89.54 118.36 -68.12
C GLU E 1806 89.27 116.97 -68.65
N SER E 1807 88.10 116.77 -69.25
CA SER E 1807 87.76 115.46 -69.76
C SER E 1807 88.74 115.07 -70.86
N SER E 1808 89.09 116.03 -71.71
CA SER E 1808 90.02 115.74 -72.80
C SER E 1808 91.36 115.30 -72.26
N LEU E 1809 91.74 115.82 -71.10
CA LEU E 1809 93.01 115.41 -70.52
C LEU E 1809 92.85 114.05 -69.86
N ALA E 1810 91.71 113.83 -69.21
CA ALA E 1810 91.53 112.63 -68.42
C ALA E 1810 91.60 111.39 -69.29
N TYR E 1811 91.05 111.48 -70.49
CA TYR E 1811 91.04 110.35 -71.41
C TYR E 1811 92.44 109.89 -71.75
N ASN E 1812 93.40 110.80 -71.72
CA ASN E 1812 94.77 110.46 -72.09
C ASN E 1812 95.64 110.08 -70.92
N GLU E 1813 95.09 110.00 -69.71
CA GLU E 1813 95.86 109.61 -68.54
C GLU E 1813 95.24 108.47 -67.77
N ILE E 1814 93.92 108.39 -67.71
CA ILE E 1814 93.22 107.42 -66.91
C ILE E 1814 92.16 106.74 -67.76
N ILE E 1815 91.44 105.84 -67.13
CA ILE E 1815 90.25 105.24 -67.71
C ILE E 1815 89.07 106.18 -67.45
N THR E 1816 88.26 106.37 -68.46
CA THR E 1816 87.06 107.18 -68.36
C THR E 1816 85.90 106.37 -68.92
N ILE E 1817 84.85 106.21 -68.13
CA ILE E 1817 83.65 105.52 -68.55
C ILE E 1817 82.46 106.38 -68.21
N SER E 1818 81.51 106.46 -69.13
CA SER E 1818 80.33 107.27 -68.98
C SER E 1818 79.09 106.40 -69.13
N LEU E 1819 78.11 106.65 -68.28
CA LEU E 1819 76.81 106.00 -68.33
C LEU E 1819 75.72 107.05 -68.44
N VAL E 1820 74.86 106.87 -69.42
CA VAL E 1820 73.77 107.79 -69.72
C VAL E 1820 72.48 107.15 -69.24
N THR E 1821 71.90 107.71 -68.19
CA THR E 1821 70.73 107.15 -67.54
C THR E 1821 69.44 107.87 -67.88
N CYS E 1822 69.44 109.20 -67.95
CA CYS E 1822 68.23 109.95 -68.23
C CYS E 1822 68.32 110.70 -69.55
N ARG E 1823 69.28 111.61 -69.65
CA ARG E 1823 69.46 112.45 -70.82
C ARG E 1823 70.69 113.30 -70.59
N ALA E 1824 71.28 113.74 -71.69
CA ALA E 1824 72.32 114.76 -71.65
C ALA E 1824 72.12 115.74 -72.78
N ILE E 1825 72.19 117.02 -72.46
CA ILE E 1825 71.98 118.11 -73.40
C ILE E 1825 73.24 118.95 -73.42
N GLY E 1826 73.75 119.23 -74.61
CA GLY E 1826 74.79 120.21 -74.76
C GLY E 1826 76.08 119.74 -74.16
N ILE E 1827 76.56 120.50 -73.19
CA ILE E 1827 77.84 120.21 -72.54
C ILE E 1827 77.84 118.80 -72.00
N GLY E 1828 76.72 118.36 -71.44
CA GLY E 1828 76.62 117.01 -70.94
C GLY E 1828 77.02 115.97 -71.97
N ALA E 1829 76.49 116.12 -73.19
CA ALA E 1829 76.84 115.19 -74.25
C ALA E 1829 78.34 115.21 -74.52
N TYR E 1830 78.92 116.40 -74.58
CA TYR E 1830 80.36 116.49 -74.81
C TYR E 1830 81.12 115.78 -73.72
N LEU E 1831 80.67 115.94 -72.47
CA LEU E 1831 81.35 115.30 -71.36
C LEU E 1831 81.31 113.79 -71.50
N VAL E 1832 80.23 113.29 -72.07
CA VAL E 1832 80.14 111.87 -72.37
C VAL E 1832 81.11 111.52 -73.47
N ARG E 1833 81.05 112.27 -74.56
CA ARG E 1833 81.85 111.97 -75.75
C ARG E 1833 83.33 112.01 -75.44
N LEU E 1834 83.76 112.98 -74.65
CA LEU E 1834 85.18 113.12 -74.37
C LEU E 1834 85.71 111.96 -73.55
N GLY E 1835 84.83 111.17 -72.92
CA GLY E 1835 85.26 109.92 -72.33
C GLY E 1835 85.40 108.79 -73.31
N GLN E 1836 84.69 108.86 -74.43
CA GLN E 1836 84.76 107.92 -75.53
C GLN E 1836 84.42 106.49 -75.14
N ARG E 1837 83.81 106.28 -73.97
CA ARG E 1837 83.35 104.96 -73.56
C ARG E 1837 81.97 105.16 -72.94
N THR E 1838 80.95 104.96 -73.75
CA THR E 1838 79.60 105.37 -73.43
C THR E 1838 78.70 104.15 -73.35
N ILE E 1839 77.96 104.07 -72.25
CA ILE E 1839 76.87 103.13 -72.09
C ILE E 1839 75.61 103.95 -72.07
N GLN E 1840 74.61 103.52 -72.83
CA GLN E 1840 73.39 104.29 -73.02
C GLN E 1840 72.20 103.43 -72.64
N VAL E 1841 71.43 103.89 -71.67
CA VAL E 1841 70.24 103.19 -71.25
C VAL E 1841 69.16 103.36 -72.30
N GLU E 1842 68.34 102.33 -72.45
CA GLU E 1842 67.17 102.41 -73.32
C GLU E 1842 66.27 103.55 -72.91
N ASN E 1843 65.76 104.25 -73.92
CA ASN E 1843 64.94 105.43 -73.72
C ASN E 1843 65.72 106.51 -72.97
N SER E 1844 66.88 106.83 -73.50
CA SER E 1844 67.66 108.00 -73.11
C SER E 1844 68.31 108.55 -74.35
N HIS E 1845 68.69 109.82 -74.30
CA HIS E 1845 69.16 110.49 -75.50
C HIS E 1845 70.27 111.48 -75.19
N LEU E 1846 71.18 111.60 -76.16
CA LEU E 1846 72.27 112.57 -76.16
C LEU E 1846 72.04 113.54 -77.30
N ILE E 1847 71.73 114.77 -76.97
CA ILE E 1847 71.41 115.79 -77.95
C ILE E 1847 72.20 117.05 -77.66
N LEU E 1848 72.27 117.89 -78.67
CA LEU E 1848 72.77 119.25 -78.53
C LEU E 1848 71.67 120.27 -78.60
N THR E 1849 70.62 119.98 -79.34
CA THR E 1849 69.46 120.84 -79.50
C THR E 1849 68.21 120.00 -79.38
N GLY E 1850 67.24 120.50 -78.65
CA GLY E 1850 66.00 119.78 -78.50
C GLY E 1850 65.13 119.87 -79.73
N ALA E 1851 64.19 118.94 -79.79
CA ALA E 1851 63.27 118.88 -80.92
C ALA E 1851 62.43 120.13 -81.01
N GLY E 1852 61.99 120.66 -79.88
CA GLY E 1852 61.15 121.84 -79.89
C GLY E 1852 61.84 123.04 -80.45
N ALA E 1853 63.10 123.26 -80.06
CA ALA E 1853 63.89 124.35 -80.61
C ALA E 1853 64.04 124.21 -82.11
N LEU E 1854 64.32 123.00 -82.59
CA LEU E 1854 64.47 122.81 -84.02
C LEU E 1854 63.17 123.07 -84.76
N ASN E 1855 62.05 122.66 -84.18
CA ASN E 1855 60.78 122.93 -84.82
C ASN E 1855 60.51 124.42 -84.88
N LYS E 1856 60.89 125.15 -83.82
CA LYS E 1856 60.71 126.59 -83.82
C LYS E 1856 61.56 127.24 -84.91
N VAL E 1857 62.79 126.77 -85.06
CA VAL E 1857 63.70 127.35 -86.04
C VAL E 1857 63.22 127.05 -87.45
N LEU E 1858 62.84 125.80 -87.71
CA LEU E 1858 62.51 125.40 -89.05
C LEU E 1858 61.13 125.86 -89.48
N GLY E 1859 60.22 126.08 -88.53
CA GLY E 1859 58.92 126.61 -88.81
C GLY E 1859 57.80 125.60 -88.90
N ARG E 1860 58.08 124.31 -88.71
CA ARG E 1860 57.02 123.31 -88.71
C ARG E 1860 57.40 122.18 -87.77
N GLU E 1861 56.41 121.37 -87.44
CA GLU E 1861 56.61 120.26 -86.53
C GLU E 1861 57.31 119.14 -87.28
N VAL E 1862 58.63 119.27 -87.34
CA VAL E 1862 59.46 118.29 -88.03
C VAL E 1862 59.68 117.09 -87.12
N TYR E 1863 60.11 117.36 -85.91
CA TYR E 1863 60.50 116.35 -84.94
C TYR E 1863 59.44 116.28 -83.85
N THR E 1864 59.23 115.06 -83.37
CA THR E 1864 58.28 114.77 -82.32
C THR E 1864 58.95 114.48 -80.99
N SER E 1865 60.01 113.69 -81.01
CA SER E 1865 60.68 113.23 -79.81
C SER E 1865 62.16 113.52 -79.91
N ASN E 1866 62.77 113.79 -78.76
CA ASN E 1866 64.20 113.93 -78.69
C ASN E 1866 64.93 112.64 -78.99
N ASN E 1867 64.26 111.49 -78.87
CA ASN E 1867 64.90 110.23 -79.21
C ASN E 1867 65.17 110.12 -80.70
N GLN E 1868 64.44 110.88 -81.51
CA GLN E 1868 64.76 110.93 -82.92
C GLN E 1868 66.08 111.61 -83.19
N LEU E 1869 66.55 112.44 -82.26
CA LEU E 1869 67.77 113.20 -82.42
C LEU E 1869 69.00 112.55 -81.79
N GLY E 1870 68.83 111.87 -80.65
CA GLY E 1870 69.95 111.36 -79.91
C GLY E 1870 69.74 110.02 -79.26
N GLY E 1871 68.73 109.29 -79.69
CA GLY E 1871 68.44 108.01 -79.10
C GLY E 1871 69.36 106.93 -79.59
N ILE E 1872 69.06 105.72 -79.13
CA ILE E 1872 69.92 104.57 -79.43
C ILE E 1872 70.00 104.33 -80.93
N GLN E 1873 68.90 104.52 -81.64
CA GLN E 1873 68.88 104.17 -83.06
C GLN E 1873 69.83 105.03 -83.88
N ILE E 1874 70.30 106.14 -83.31
CA ILE E 1874 71.31 106.99 -83.92
C ILE E 1874 72.67 106.78 -83.26
N MET E 1875 72.72 106.89 -81.94
CA MET E 1875 73.98 106.94 -81.23
C MET E 1875 74.71 105.60 -81.25
N HIS E 1876 73.97 104.50 -81.26
CA HIS E 1876 74.58 103.19 -81.23
C HIS E 1876 74.99 102.70 -82.60
N ASN E 1877 74.39 103.25 -83.65
CA ASN E 1877 74.68 102.85 -85.01
C ASN E 1877 75.72 103.72 -85.70
N ASN E 1878 76.01 104.90 -85.16
CA ASN E 1878 77.03 105.78 -85.69
C ASN E 1878 78.34 105.73 -84.93
N GLY E 1879 78.44 104.88 -83.92
CA GLY E 1879 79.69 104.68 -83.22
C GLY E 1879 79.91 105.49 -81.97
N VAL E 1880 78.91 106.17 -81.46
CA VAL E 1880 79.06 106.98 -80.26
C VAL E 1880 78.88 106.14 -79.01
N THR E 1881 77.82 105.37 -78.96
CA THR E 1881 77.55 104.47 -77.85
C THR E 1881 78.19 103.12 -78.14
N HIS E 1882 78.91 102.61 -77.15
CA HIS E 1882 79.54 101.30 -77.27
C HIS E 1882 78.58 100.18 -76.93
N CYS E 1883 77.80 100.34 -75.87
CA CYS E 1883 76.91 99.31 -75.38
C CYS E 1883 75.60 99.93 -74.93
N THR E 1884 74.53 99.19 -75.12
CA THR E 1884 73.19 99.57 -74.68
C THR E 1884 72.73 98.60 -73.61
N VAL E 1885 72.01 99.14 -72.63
CA VAL E 1885 71.49 98.37 -71.52
C VAL E 1885 70.04 98.77 -71.32
N CYS E 1886 69.32 97.92 -70.58
CA CYS E 1886 67.90 98.11 -70.40
C CYS E 1886 67.55 99.05 -69.26
N ASP E 1887 68.41 99.14 -68.25
CA ASP E 1887 68.12 99.97 -67.09
C ASP E 1887 69.43 100.43 -66.47
N ASP E 1888 69.31 101.17 -65.38
CA ASP E 1888 70.49 101.70 -64.70
C ASP E 1888 71.30 100.58 -64.06
N PHE E 1889 70.64 99.57 -63.51
CA PHE E 1889 71.33 98.54 -62.78
C PHE E 1889 72.21 97.72 -63.70
N GLU E 1890 71.67 97.34 -64.85
CA GLU E 1890 72.46 96.66 -65.86
C GLU E 1890 73.61 97.53 -66.33
N GLY E 1891 73.41 98.84 -66.35
CA GLY E 1891 74.48 99.73 -66.76
C GLY E 1891 75.64 99.69 -65.80
N VAL E 1892 75.34 99.77 -64.51
CA VAL E 1892 76.36 99.66 -63.48
C VAL E 1892 77.09 98.33 -63.63
N PHE E 1893 76.34 97.28 -63.88
CA PHE E 1893 76.95 95.97 -64.05
C PHE E 1893 77.91 95.95 -65.22
N THR E 1894 77.52 96.60 -66.31
CA THR E 1894 78.35 96.64 -67.50
C THR E 1894 79.64 97.39 -67.24
N VAL E 1895 79.55 98.48 -66.49
CA VAL E 1895 80.73 99.24 -66.10
C VAL E 1895 81.70 98.32 -65.37
N LEU E 1896 81.20 97.61 -64.37
CA LEU E 1896 82.06 96.73 -63.59
C LEU E 1896 82.63 95.61 -64.46
N HIS E 1897 81.83 95.12 -65.38
CA HIS E 1897 82.25 94.07 -66.29
C HIS E 1897 83.44 94.51 -67.13
N TRP E 1898 83.32 95.68 -67.74
CA TRP E 1898 84.43 96.24 -68.50
C TRP E 1898 85.65 96.41 -67.63
N LEU E 1899 85.47 96.91 -66.41
CA LEU E 1899 86.61 97.11 -65.52
C LEU E 1899 87.33 95.82 -65.19
N SER E 1900 86.65 94.68 -65.30
CA SER E 1900 87.33 93.44 -64.96
C SER E 1900 88.39 93.02 -65.96
N TYR E 1901 88.55 93.73 -67.08
CA TYR E 1901 89.56 93.36 -68.07
C TYR E 1901 90.83 94.17 -67.96
N MET E 1902 90.81 95.28 -67.24
CA MET E 1902 91.84 96.29 -67.34
C MET E 1902 92.55 96.51 -66.01
N PRO E 1903 93.69 97.20 -66.03
CA PRO E 1903 94.42 97.44 -64.79
C PRO E 1903 93.63 98.25 -63.79
N LYS E 1904 93.95 98.04 -62.51
CA LYS E 1904 93.32 98.82 -61.46
C LYS E 1904 93.76 100.27 -61.46
N SER E 1905 94.95 100.55 -61.98
CA SER E 1905 95.47 101.89 -62.04
C SER E 1905 96.40 101.98 -63.23
N VAL E 1906 96.73 103.21 -63.62
CA VAL E 1906 97.65 103.41 -64.73
C VAL E 1906 99.05 102.90 -64.43
N HIS E 1907 99.36 102.62 -63.17
CA HIS E 1907 100.67 102.14 -62.76
C HIS E 1907 100.69 100.64 -62.46
N SER E 1908 99.68 99.91 -62.88
CA SER E 1908 99.53 98.50 -62.58
C SER E 1908 99.51 97.70 -63.87
N SER E 1909 99.84 96.41 -63.74
CA SER E 1909 99.81 95.52 -64.87
C SER E 1909 98.40 95.06 -65.17
N VAL E 1910 98.26 94.33 -66.26
CA VAL E 1910 96.94 93.83 -66.66
C VAL E 1910 96.53 92.70 -65.70
N PRO E 1911 95.28 92.64 -65.25
CA PRO E 1911 94.89 91.57 -64.34
C PRO E 1911 94.79 90.22 -65.02
N LEU E 1912 95.46 89.24 -64.45
CA LEU E 1912 95.43 87.86 -64.92
C LEU E 1912 94.56 87.02 -64.00
N LEU E 1913 93.82 86.11 -64.61
CA LEU E 1913 92.96 85.18 -63.90
C LEU E 1913 93.46 83.76 -64.08
N ASN E 1914 93.13 82.92 -63.11
CA ASN E 1914 93.33 81.48 -63.21
C ASN E 1914 92.10 80.93 -63.91
N SER E 1915 92.23 80.72 -65.22
CA SER E 1915 91.09 80.37 -66.04
C SER E 1915 90.72 78.90 -65.89
N LYS E 1916 89.43 78.63 -66.04
CA LYS E 1916 88.91 77.28 -66.14
C LYS E 1916 88.93 76.74 -67.55
N ASP E 1917 89.34 77.53 -68.53
CA ASP E 1917 89.51 77.05 -69.89
C ASP E 1917 90.98 76.73 -70.08
N PRO E 1918 91.36 75.47 -70.32
CA PRO E 1918 92.79 75.16 -70.41
C PRO E 1918 93.47 75.88 -71.58
N ILE E 1919 94.74 76.18 -71.36
CA ILE E 1919 95.53 76.80 -72.41
C ILE E 1919 96.02 75.76 -73.41
N ASP E 1920 96.20 74.52 -72.97
CA ASP E 1920 96.84 73.51 -73.78
C ASP E 1920 95.90 72.80 -74.72
N ARG E 1921 94.64 73.23 -74.79
CA ARG E 1921 93.72 72.57 -75.69
C ARG E 1921 94.02 73.01 -77.11
N ILE E 1922 93.21 72.50 -78.04
CA ILE E 1922 93.25 72.92 -79.42
C ILE E 1922 91.95 73.66 -79.72
N ILE E 1923 91.94 74.29 -80.87
CA ILE E 1923 90.75 74.98 -81.35
C ILE E 1923 89.96 74.00 -82.19
N GLU E 1924 88.67 73.87 -81.87
CA GLU E 1924 87.82 72.90 -82.54
C GLU E 1924 87.11 73.48 -83.75
N PHE E 1925 87.00 74.80 -83.83
CA PHE E 1925 86.42 75.46 -84.99
C PHE E 1925 87.54 75.87 -85.91
N VAL E 1926 87.39 75.56 -87.19
CA VAL E 1926 88.38 75.86 -88.21
C VAL E 1926 87.77 76.86 -89.17
N PRO E 1927 88.40 78.01 -89.43
CA PRO E 1927 87.86 78.91 -90.45
C PRO E 1927 87.92 78.27 -91.82
N THR E 1928 86.84 78.45 -92.55
CA THR E 1928 86.68 77.83 -93.85
C THR E 1928 86.94 78.86 -94.94
N LYS E 1929 86.85 78.38 -96.17
CA LYS E 1929 87.03 79.24 -97.34
C LYS E 1929 85.77 80.02 -97.65
N THR E 1930 84.62 79.52 -97.24
CA THR E 1930 83.37 80.21 -97.47
C THR E 1930 83.11 81.20 -96.36
N PRO E 1931 82.15 82.10 -96.54
CA PRO E 1931 81.89 83.10 -95.50
C PRO E 1931 81.47 82.48 -94.19
N TYR E 1932 81.88 83.11 -93.11
CA TYR E 1932 81.57 82.63 -91.78
C TYR E 1932 81.47 83.81 -90.84
N ASP E 1933 80.83 83.58 -89.71
CA ASP E 1933 80.77 84.58 -88.67
C ASP E 1933 82.14 84.64 -87.97
N PRO E 1934 82.78 85.81 -87.87
CA PRO E 1934 84.06 85.87 -87.16
C PRO E 1934 83.99 85.53 -85.70
N ARG E 1935 82.80 85.55 -85.11
CA ARG E 1935 82.66 85.23 -83.70
C ARG E 1935 82.92 83.76 -83.44
N TRP E 1936 82.62 82.91 -84.41
CA TRP E 1936 82.77 81.48 -84.24
C TRP E 1936 84.22 81.10 -83.95
N MET E 1937 85.18 81.79 -84.57
CA MET E 1937 86.57 81.49 -84.29
C MET E 1937 87.06 82.18 -83.03
N LEU E 1938 86.45 83.31 -82.68
CA LEU E 1938 86.89 84.04 -81.49
C LEU E 1938 86.40 83.36 -80.22
N ALA E 1939 85.10 83.12 -80.13
CA ALA E 1939 84.47 82.58 -78.95
C ALA E 1939 84.14 81.11 -79.05
N GLY E 1940 83.74 80.66 -80.22
CA GLY E 1940 83.26 79.32 -80.44
C GLY E 1940 81.78 79.34 -80.76
N ARG E 1941 81.28 78.17 -81.12
CA ARG E 1941 79.88 78.04 -81.51
C ARG E 1941 79.25 76.83 -80.87
N PRO E 1942 77.92 76.78 -80.77
CA PRO E 1942 77.26 75.54 -80.38
C PRO E 1942 77.53 74.47 -81.44
N HIS E 1943 77.84 73.27 -80.97
CA HIS E 1943 78.14 72.17 -81.89
C HIS E 1943 76.92 71.91 -82.78
N PRO E 1944 76.99 72.15 -84.09
CA PRO E 1944 75.79 72.08 -84.92
C PRO E 1944 75.24 70.67 -85.09
N THR E 1945 76.07 69.66 -84.91
CA THR E 1945 75.62 68.28 -85.11
C THR E 1945 74.63 67.86 -84.03
N GLN E 1946 74.98 68.11 -82.77
CA GLN E 1946 74.27 67.65 -81.60
C GLN E 1946 73.40 68.79 -81.05
N LYS E 1947 72.89 68.60 -79.82
CA LYS E 1947 72.18 69.62 -79.08
C LYS E 1947 73.05 70.30 -78.02
N GLY E 1948 73.90 69.55 -77.32
CA GLY E 1948 74.91 70.11 -76.44
C GLY E 1948 76.19 70.39 -77.19
N GLN E 1949 77.33 70.28 -76.47
CA GLN E 1949 78.62 70.29 -77.15
C GLN E 1949 78.98 71.61 -77.82
N TRP E 1950 79.84 72.40 -77.20
CA TRP E 1950 80.33 73.65 -77.77
C TRP E 1950 81.68 73.44 -78.45
N LEU E 1951 81.78 73.89 -79.71
CA LEU E 1951 83.06 73.95 -80.42
C LEU E 1951 83.85 75.16 -79.96
N SER E 1952 85.03 74.91 -79.42
CA SER E 1952 85.83 75.94 -78.81
C SER E 1952 86.46 76.82 -79.88
N GLY E 1953 86.71 78.07 -79.50
CA GLY E 1953 87.39 79.03 -80.34
C GLY E 1953 88.77 79.36 -79.82
N PHE E 1954 89.29 80.48 -80.32
CA PHE E 1954 90.64 80.90 -79.95
C PHE E 1954 90.70 81.33 -78.50
N PHE E 1955 89.72 82.11 -78.06
CA PHE E 1955 89.77 82.75 -76.77
C PHE E 1955 89.03 81.94 -75.73
N ASP E 1956 89.25 82.30 -74.48
CA ASP E 1956 88.64 81.61 -73.36
C ASP E 1956 87.12 81.63 -73.50
N TYR E 1957 86.51 80.51 -73.19
CA TYR E 1957 85.07 80.36 -73.31
C TYR E 1957 84.34 81.35 -72.43
N GLY E 1958 83.40 82.09 -73.03
CA GLY E 1958 82.59 83.05 -72.33
C GLY E 1958 83.23 84.40 -72.06
N SER E 1959 84.48 84.59 -72.43
CA SER E 1959 85.18 85.84 -72.12
C SER E 1959 84.98 86.93 -73.16
N PHE E 1960 84.48 86.61 -74.35
CA PHE E 1960 84.39 87.58 -75.42
C PHE E 1960 83.21 88.52 -75.23
N SER E 1961 83.46 89.82 -75.35
CA SER E 1961 82.44 90.85 -75.24
C SER E 1961 82.63 91.85 -76.37
N GLU E 1962 81.68 91.91 -77.28
CA GLU E 1962 81.74 92.81 -78.42
C GLU E 1962 81.18 94.18 -78.06
N ILE E 1963 81.74 95.21 -78.69
CA ILE E 1963 81.31 96.59 -78.52
C ILE E 1963 81.06 97.20 -79.89
N MET E 1964 80.23 98.24 -79.91
CA MET E 1964 79.93 98.96 -81.13
C MET E 1964 79.45 98.03 -82.23
N GLN E 1965 78.64 97.04 -81.84
CA GLN E 1965 78.30 95.93 -82.73
C GLN E 1965 77.66 96.37 -84.04
N PRO E 1966 76.60 97.18 -84.05
CA PRO E 1966 75.92 97.45 -85.31
C PRO E 1966 76.57 98.51 -86.18
N TRP E 1967 77.59 99.20 -85.69
CA TRP E 1967 78.28 100.20 -86.47
C TRP E 1967 79.43 99.59 -87.24
N ALA E 1968 79.46 99.85 -88.54
CA ALA E 1968 80.53 99.38 -89.41
C ALA E 1968 80.73 97.89 -89.27
N GLN E 1969 79.70 97.15 -89.65
CA GLN E 1969 79.64 95.74 -89.32
C GLN E 1969 80.62 94.87 -90.10
N THR E 1970 81.45 95.44 -90.97
CA THR E 1970 82.45 94.67 -91.66
C THR E 1970 83.68 94.37 -90.82
N VAL E 1971 83.76 94.92 -89.62
CA VAL E 1971 84.86 94.68 -88.72
C VAL E 1971 84.26 94.44 -87.35
N VAL E 1972 84.90 93.56 -86.58
CA VAL E 1972 84.46 93.18 -85.26
C VAL E 1972 85.55 93.58 -84.29
N VAL E 1973 85.17 94.23 -83.21
CA VAL E 1973 86.10 94.64 -82.18
C VAL E 1973 85.51 94.27 -80.83
N GLY E 1974 86.40 93.97 -79.91
CA GLY E 1974 85.91 93.64 -78.59
C GLY E 1974 87.03 93.36 -77.63
N ARG E 1975 86.64 92.82 -76.50
CA ARG E 1975 87.53 92.41 -75.44
C ARG E 1975 87.40 90.92 -75.24
N ALA E 1976 88.49 90.29 -74.83
CA ALA E 1976 88.44 88.86 -74.55
C ALA E 1976 89.60 88.51 -73.65
N ARG E 1977 89.65 87.24 -73.26
CA ARG E 1977 90.75 86.71 -72.48
C ARG E 1977 91.34 85.48 -73.17
N LEU E 1978 92.66 85.43 -73.18
CA LEU E 1978 93.42 84.31 -73.70
C LEU E 1978 94.16 83.70 -72.53
N GLY E 1979 93.70 82.54 -72.08
CA GLY E 1979 94.32 81.89 -70.95
C GLY E 1979 94.26 82.71 -69.68
N GLY E 1980 93.22 83.52 -69.52
CA GLY E 1980 93.11 84.43 -68.42
C GLY E 1980 93.82 85.74 -68.61
N ILE E 1981 94.38 86.01 -69.79
CA ILE E 1981 95.08 87.27 -70.05
C ILE E 1981 94.12 88.14 -70.86
N PRO E 1982 93.67 89.28 -70.34
CA PRO E 1982 92.82 90.15 -71.13
C PRO E 1982 93.55 90.75 -72.31
N VAL E 1983 92.84 90.81 -73.43
CA VAL E 1983 93.34 91.36 -74.66
C VAL E 1983 92.22 92.12 -75.35
N GLY E 1984 92.63 93.07 -76.17
CA GLY E 1984 91.75 93.66 -77.13
C GLY E 1984 91.77 92.81 -78.40
N VAL E 1985 90.65 92.80 -79.09
CA VAL E 1985 90.41 91.91 -80.21
C VAL E 1985 89.97 92.73 -81.39
N VAL E 1986 90.60 92.51 -82.53
CA VAL E 1986 90.13 93.00 -83.80
C VAL E 1986 90.02 91.81 -84.75
N ALA E 1987 88.93 91.77 -85.51
CA ALA E 1987 88.68 90.70 -86.44
C ALA E 1987 87.86 91.24 -87.60
N VAL E 1988 87.73 90.43 -88.64
CA VAL E 1988 87.21 90.87 -89.92
C VAL E 1988 86.03 90.00 -90.31
N GLU E 1989 84.97 90.65 -90.75
CA GLU E 1989 83.82 89.97 -91.29
C GLU E 1989 84.07 89.63 -92.74
N THR E 1990 83.72 88.41 -93.12
CA THR E 1990 83.86 87.92 -94.48
C THR E 1990 82.52 87.76 -95.17
N ARG E 1991 81.43 87.82 -94.44
CA ARG E 1991 80.12 87.85 -95.03
C ARG E 1991 79.78 89.25 -95.49
N THR E 1992 78.89 89.32 -96.45
CA THR E 1992 78.34 90.59 -96.89
C THR E 1992 77.31 91.07 -95.87
N VAL E 1993 77.30 92.38 -95.64
CA VAL E 1993 76.40 93.02 -94.69
C VAL E 1993 75.65 94.13 -95.40
N GLU E 1994 74.54 94.51 -94.81
CA GLU E 1994 73.66 95.55 -95.35
C GLU E 1994 73.67 96.74 -94.41
N LEU E 1995 74.11 97.88 -94.93
CA LEU E 1995 74.08 99.12 -94.18
C LEU E 1995 72.80 99.85 -94.54
N SER E 1996 71.99 100.11 -93.53
CA SER E 1996 70.74 100.86 -93.69
C SER E 1996 70.95 102.28 -93.22
N ILE E 1997 70.67 103.23 -94.10
CA ILE E 1997 70.83 104.66 -93.84
C ILE E 1997 69.44 105.27 -93.79
N PRO E 1998 69.04 105.91 -92.69
CA PRO E 1998 67.69 106.46 -92.60
C PRO E 1998 67.56 107.77 -93.33
N ALA E 1999 66.29 108.15 -93.52
CA ALA E 1999 65.94 109.39 -94.18
C ALA E 1999 65.68 110.47 -93.15
N ASP E 2000 66.20 111.66 -93.43
CA ASP E 2000 66.00 112.78 -92.52
C ASP E 2000 64.57 113.30 -92.69
N PRO E 2001 63.77 113.35 -91.63
CA PRO E 2001 62.43 113.92 -91.76
C PRO E 2001 62.40 115.41 -92.01
N ALA E 2002 63.52 116.10 -91.84
CA ALA E 2002 63.57 117.53 -92.13
C ALA E 2002 63.79 117.82 -93.61
N ASN E 2003 64.04 116.81 -94.43
CA ASN E 2003 64.25 116.96 -95.86
C ASN E 2003 63.30 115.98 -96.55
N LEU E 2004 62.17 116.48 -97.00
CA LEU E 2004 61.15 115.62 -97.56
C LEU E 2004 61.57 114.98 -98.88
N ASP E 2005 62.65 115.44 -99.49
CA ASP E 2005 63.17 114.87 -100.72
C ASP E 2005 64.26 113.84 -100.48
N SER E 2006 64.47 113.43 -99.24
CA SER E 2006 65.47 112.41 -98.93
C SER E 2006 64.83 111.04 -98.94
N GLU E 2007 65.69 110.03 -99.05
CA GLU E 2007 65.27 108.64 -99.11
C GLU E 2007 66.22 107.81 -98.25
N ALA E 2008 65.68 106.76 -97.66
CA ALA E 2008 66.49 105.77 -96.99
C ALA E 2008 67.17 104.89 -98.03
N LYS E 2009 68.34 104.36 -97.65
CA LYS E 2009 69.14 103.58 -98.58
C LYS E 2009 69.70 102.34 -97.92
N ILE E 2010 69.83 101.28 -98.70
CA ILE E 2010 70.52 100.07 -98.29
C ILE E 2010 71.74 99.95 -99.19
N ARG F 98 -5.06 111.68 -132.45
CA ARG F 98 -3.98 112.52 -131.95
C ARG F 98 -4.50 113.30 -130.76
N ASP F 99 -5.20 112.59 -129.88
CA ASP F 99 -5.81 113.16 -128.70
C ASP F 99 -5.46 112.39 -127.44
N PHE F 100 -4.46 111.51 -127.51
CA PHE F 100 -4.07 110.72 -126.36
C PHE F 100 -3.14 111.55 -125.51
N THR F 101 -3.43 111.61 -124.22
CA THR F 101 -2.70 112.45 -123.27
C THR F 101 -2.38 111.60 -122.05
N VAL F 102 -1.27 110.88 -122.13
CA VAL F 102 -0.81 110.02 -121.05
C VAL F 102 0.50 110.59 -120.52
N ALA F 103 0.70 110.39 -119.23
CA ALA F 103 1.90 110.85 -118.55
C ALA F 103 2.51 109.77 -117.66
N SER F 104 1.68 108.81 -117.25
CA SER F 104 2.06 107.78 -116.31
C SER F 104 1.61 106.43 -116.85
N PRO F 105 2.27 105.33 -116.47
CA PRO F 105 1.82 104.03 -116.96
C PRO F 105 0.40 103.68 -116.57
N ALA F 106 -0.06 104.17 -115.42
CA ALA F 106 -1.43 103.88 -114.99
C ALA F 106 -2.45 104.36 -116.01
N GLU F 107 -2.31 105.62 -116.44
CA GLU F 107 -3.24 106.18 -117.42
C GLU F 107 -3.17 105.41 -118.74
N PHE F 108 -1.98 104.99 -119.13
CA PHE F 108 -1.83 104.23 -120.36
C PHE F 108 -2.58 102.93 -120.28
N VAL F 109 -2.42 102.21 -119.17
CA VAL F 109 -3.11 100.95 -118.98
C VAL F 109 -4.61 101.16 -119.01
N THR F 110 -5.08 102.24 -118.38
CA THR F 110 -6.50 102.51 -118.36
C THR F 110 -7.02 102.72 -119.77
N ARG F 111 -6.33 103.54 -120.56
CA ARG F 111 -6.85 103.93 -121.86
C ARG F 111 -6.80 102.79 -122.84
N PHE F 112 -5.76 101.96 -122.78
CA PHE F 112 -5.55 100.89 -123.75
C PHE F 112 -6.12 99.57 -123.30
N GLY F 113 -6.82 99.52 -122.17
CA GLY F 113 -7.53 98.32 -121.80
C GLY F 113 -6.65 97.21 -121.27
N GLY F 114 -5.69 97.53 -120.41
CA GLY F 114 -4.94 96.53 -119.68
C GLY F 114 -5.47 96.36 -118.27
N ASN F 115 -4.72 95.56 -117.49
CA ASN F 115 -5.14 95.20 -116.15
C ASN F 115 -4.00 95.17 -115.14
N LYS F 116 -2.79 95.55 -115.53
CA LYS F 116 -1.67 95.58 -114.60
C LYS F 116 -0.78 96.75 -114.98
N VAL F 117 -0.41 97.54 -113.99
CA VAL F 117 0.46 98.69 -114.17
C VAL F 117 1.87 98.24 -113.82
N ILE F 118 2.81 98.62 -114.67
CA ILE F 118 4.22 98.30 -114.48
C ILE F 118 4.97 99.62 -114.48
N GLU F 119 5.63 99.92 -113.35
CA GLU F 119 6.49 101.08 -113.21
C GLU F 119 7.93 100.72 -112.96
N LYS F 120 8.20 99.52 -112.48
CA LYS F 120 9.55 99.05 -112.26
C LYS F 120 9.71 97.63 -112.76
N VAL F 121 10.81 97.45 -113.48
CA VAL F 121 11.16 96.21 -114.15
C VAL F 121 12.53 95.82 -113.65
N LEU F 122 12.66 94.57 -113.23
CA LEU F 122 13.94 93.99 -112.93
C LEU F 122 14.45 93.26 -114.16
N ILE F 123 15.72 93.47 -114.47
CA ILE F 123 16.40 92.72 -115.52
C ILE F 123 17.28 91.69 -114.83
N ALA F 124 16.94 90.42 -115.06
CA ALA F 124 17.73 89.31 -114.56
C ALA F 124 18.70 88.84 -115.63
N ASN F 125 19.49 89.77 -116.10
CA ASN F 125 20.43 89.50 -117.17
C ASN F 125 21.51 90.55 -117.13
N ASN F 126 22.45 90.43 -118.05
CA ASN F 126 23.58 91.34 -118.10
C ASN F 126 24.05 91.44 -119.54
N GLY F 127 25.04 92.28 -119.75
CA GLY F 127 25.62 92.45 -121.05
C GLY F 127 24.62 93.00 -122.05
N ILE F 128 24.58 92.33 -123.19
CA ILE F 128 23.91 92.87 -124.36
C ILE F 128 22.42 92.92 -124.12
N ALA F 129 21.90 91.87 -123.49
CA ALA F 129 20.48 91.77 -123.25
C ALA F 129 19.99 92.93 -122.40
N ALA F 130 20.72 93.24 -121.36
CA ALA F 130 20.35 94.33 -120.48
C ALA F 130 20.37 95.64 -121.23
N VAL F 131 21.47 95.87 -121.98
CA VAL F 131 21.60 97.08 -122.78
C VAL F 131 20.39 97.23 -123.70
N LYS F 132 20.07 96.18 -124.45
CA LYS F 132 19.06 96.27 -125.49
C LYS F 132 17.68 96.48 -124.91
N CYS F 133 17.37 95.76 -123.83
CA CYS F 133 16.07 95.92 -123.17
C CYS F 133 15.87 97.35 -122.76
N MET F 134 16.82 97.89 -121.97
CA MET F 134 16.67 99.24 -121.46
C MET F 134 16.51 100.24 -122.60
N ARG F 135 17.34 100.12 -123.63
CA ARG F 135 17.31 101.12 -124.69
C ARG F 135 15.99 101.10 -125.46
N SER F 136 15.55 99.93 -125.91
CA SER F 136 14.33 99.87 -126.70
C SER F 136 13.14 100.37 -125.92
N ILE F 137 13.03 99.95 -124.66
CA ILE F 137 11.86 100.34 -123.90
C ILE F 137 11.89 101.82 -123.60
N ARG F 138 13.07 102.39 -123.37
CA ARG F 138 13.13 103.81 -123.06
C ARG F 138 12.75 104.65 -124.26
N ARG F 139 13.11 104.20 -125.45
CA ARG F 139 12.64 104.87 -126.65
C ARG F 139 11.12 104.89 -126.70
N TRP F 140 10.52 103.72 -126.47
CA TRP F 140 9.06 103.65 -126.49
C TRP F 140 8.44 104.52 -125.41
N SER F 141 9.09 104.58 -124.25
CA SER F 141 8.60 105.36 -123.14
C SER F 141 8.55 106.82 -123.47
N TYR F 142 9.62 107.33 -124.09
CA TYR F 142 9.59 108.72 -124.54
C TYR F 142 8.48 108.92 -125.55
N GLU F 143 8.28 107.94 -126.44
CA GLU F 143 7.28 108.12 -127.49
C GLU F 143 5.89 108.29 -126.90
N MET F 144 5.56 107.52 -125.87
CA MET F 144 4.20 107.56 -125.33
C MET F 144 4.03 108.60 -124.23
N PHE F 145 4.98 108.72 -123.32
CA PHE F 145 4.84 109.55 -122.14
C PHE F 145 5.55 110.88 -122.21
N ARG F 146 6.39 111.09 -123.22
CA ARG F 146 7.24 112.27 -123.27
C ARG F 146 8.21 112.31 -122.10
N ASN F 147 8.59 111.13 -121.63
CA ASN F 147 9.51 110.95 -120.52
C ASN F 147 10.31 109.70 -120.82
N GLU F 148 11.59 109.86 -121.10
CA GLU F 148 12.43 108.74 -121.45
C GLU F 148 12.68 107.79 -120.29
N ARG F 149 12.31 108.17 -119.07
CA ARG F 149 12.61 107.42 -117.85
C ARG F 149 11.33 107.19 -117.06
N ALA F 150 10.26 106.88 -117.77
CA ALA F 150 8.98 106.61 -117.16
C ALA F 150 8.93 105.22 -116.54
N ILE F 151 9.72 104.30 -117.07
CA ILE F 151 9.84 102.93 -116.57
C ILE F 151 11.25 102.78 -116.06
N ARG F 152 11.36 102.48 -114.78
CA ARG F 152 12.65 102.34 -114.15
C ARG F 152 13.13 100.91 -114.24
N PHE F 153 14.44 100.75 -114.36
CA PHE F 153 15.06 99.46 -114.59
C PHE F 153 16.07 99.21 -113.49
N VAL F 154 15.91 98.06 -112.84
CA VAL F 154 16.82 97.61 -111.81
C VAL F 154 17.66 96.50 -112.40
N VAL F 155 18.94 96.50 -112.08
CA VAL F 155 19.89 95.50 -112.58
C VAL F 155 20.64 94.91 -111.40
N MET F 156 21.07 93.67 -111.60
CA MET F 156 21.87 92.97 -110.63
C MET F 156 23.32 92.96 -111.10
N VAL F 157 24.21 93.39 -110.23
CA VAL F 157 25.59 93.68 -110.58
C VAL F 157 26.49 92.78 -109.77
N THR F 158 27.30 92.01 -110.46
CA THR F 158 28.37 91.28 -109.82
C THR F 158 29.60 92.16 -109.69
N PRO F 159 30.53 91.83 -108.80
CA PRO F 159 31.79 92.57 -108.77
C PRO F 159 32.58 92.47 -110.04
N GLU F 160 32.46 91.36 -110.76
CA GLU F 160 33.19 91.22 -112.03
C GLU F 160 32.70 92.23 -113.05
N ASP F 161 31.39 92.31 -113.24
CA ASP F 161 30.84 93.26 -114.19
C ASP F 161 31.10 94.71 -113.78
N LEU F 162 31.19 94.97 -112.49
CA LEU F 162 31.50 96.31 -112.03
C LEU F 162 32.94 96.67 -112.33
N LYS F 163 33.86 95.76 -112.03
CA LYS F 163 35.27 96.01 -112.30
C LYS F 163 35.53 96.13 -113.79
N ALA F 164 34.80 95.37 -114.58
CA ALA F 164 34.95 95.42 -116.02
C ALA F 164 34.21 96.58 -116.67
N ASN F 165 33.55 97.43 -115.87
CA ASN F 165 32.84 98.60 -116.36
C ASN F 165 31.83 98.20 -117.44
N ALA F 166 31.01 97.22 -117.11
CA ALA F 166 29.95 96.78 -118.01
C ALA F 166 29.05 97.94 -118.38
N GLU F 167 28.62 97.94 -119.62
CA GLU F 167 27.92 99.10 -120.17
C GLU F 167 26.55 99.28 -119.53
N TYR F 168 25.88 98.19 -119.20
CA TYR F 168 24.52 98.28 -118.70
C TYR F 168 24.45 98.95 -117.34
N ILE F 169 25.54 98.95 -116.58
CA ILE F 169 25.53 99.49 -115.23
C ILE F 169 25.20 100.97 -115.25
N LYS F 170 25.86 101.71 -116.13
CA LYS F 170 25.64 103.15 -116.20
C LYS F 170 24.26 103.50 -116.72
N MET F 171 23.65 102.65 -117.53
CA MET F 171 22.35 102.93 -118.08
C MET F 171 21.23 102.72 -117.07
N ALA F 172 21.42 101.79 -116.15
CA ALA F 172 20.37 101.41 -115.24
C ALA F 172 19.99 102.57 -114.33
N ASP F 173 18.78 102.50 -113.84
CA ASP F 173 18.30 103.47 -112.88
C ASP F 173 18.73 103.13 -111.47
N HIS F 174 18.66 101.87 -111.09
CA HIS F 174 19.08 101.40 -109.79
C HIS F 174 19.87 100.12 -110.01
N TYR F 175 20.82 99.85 -109.13
CA TYR F 175 21.53 98.59 -109.13
C TYR F 175 21.52 98.00 -107.75
N VAL F 176 21.54 96.67 -107.70
CA VAL F 176 21.70 95.94 -106.45
C VAL F 176 22.86 94.98 -106.64
N PRO F 177 23.80 94.88 -105.69
CA PRO F 177 24.87 93.91 -105.83
C PRO F 177 24.38 92.51 -105.54
N VAL F 178 24.99 91.54 -106.19
CA VAL F 178 24.72 90.12 -105.95
C VAL F 178 26.06 89.40 -105.89
N PRO F 179 26.06 88.16 -105.40
CA PRO F 179 27.30 87.38 -105.40
C PRO F 179 27.74 87.02 -106.80
N GLY F 180 29.05 87.03 -107.00
CA GLY F 180 29.64 86.77 -108.30
C GLY F 180 29.94 85.31 -108.51
N GLY F 181 30.61 85.04 -109.62
CA GLY F 181 30.99 83.71 -110.00
C GLY F 181 30.13 83.19 -111.13
N PRO F 182 29.87 81.89 -111.17
CA PRO F 182 29.07 81.33 -112.27
C PRO F 182 27.63 81.81 -112.19
N ASN F 183 26.88 81.47 -113.24
CA ASN F 183 25.54 82.02 -113.41
C ASN F 183 24.60 81.58 -112.30
N ASN F 184 24.90 80.48 -111.62
CA ASN F 184 23.97 79.93 -110.64
C ASN F 184 23.99 80.68 -109.32
N ASN F 185 24.90 81.64 -109.15
CA ASN F 185 24.93 82.47 -107.95
C ASN F 185 24.29 83.84 -108.16
N ASN F 186 24.12 84.27 -109.41
CA ASN F 186 23.80 85.67 -109.69
C ASN F 186 22.54 85.85 -110.53
N TYR F 187 22.38 85.03 -111.57
CA TYR F 187 21.37 85.27 -112.61
C TYR F 187 20.52 84.06 -112.92
N ALA F 188 21.05 82.86 -112.77
CA ALA F 188 20.26 81.65 -112.95
C ALA F 188 19.62 81.17 -111.66
N ASN F 189 19.75 81.92 -110.57
CA ASN F 189 19.15 81.59 -109.28
C ASN F 189 17.78 82.26 -109.24
N VAL F 190 16.75 81.47 -109.53
CA VAL F 190 15.40 81.99 -109.61
C VAL F 190 14.93 82.50 -108.25
N GLU F 191 15.33 81.83 -107.18
CA GLU F 191 14.89 82.24 -105.86
C GLU F 191 15.50 83.58 -105.49
N LEU F 192 16.74 83.79 -105.88
CA LEU F 192 17.37 85.09 -105.69
C LEU F 192 16.66 86.17 -106.49
N ILE F 193 16.27 85.86 -107.72
CA ILE F 193 15.54 86.81 -108.54
C ILE F 193 14.26 87.23 -107.84
N LEU F 194 13.52 86.25 -107.29
CA LEU F 194 12.32 86.58 -106.54
C LEU F 194 12.65 87.44 -105.34
N ASP F 195 13.73 87.10 -104.65
CA ASP F 195 14.10 87.81 -103.44
C ASP F 195 14.38 89.27 -103.73
N ILE F 196 15.04 89.54 -104.85
CA ILE F 196 15.30 90.93 -105.24
C ILE F 196 14.01 91.60 -105.69
N ALA F 197 13.18 90.87 -106.43
CA ALA F 197 11.96 91.45 -106.97
C ALA F 197 11.01 91.88 -105.87
N LYS F 198 11.05 91.20 -104.73
CA LYS F 198 10.20 91.58 -103.61
C LYS F 198 10.89 92.53 -102.65
N ARG F 199 12.21 92.38 -102.47
CA ARG F 199 12.96 93.32 -101.65
C ARG F 199 12.85 94.73 -102.22
N ILE F 200 13.12 94.87 -103.51
CA ILE F 200 12.89 96.13 -104.22
C ILE F 200 11.55 95.98 -104.92
N PRO F 201 10.50 96.70 -104.51
CA PRO F 201 9.19 96.43 -105.09
C PRO F 201 9.13 96.77 -106.56
N VAL F 202 9.15 95.73 -107.38
CA VAL F 202 9.04 95.84 -108.80
C VAL F 202 7.77 95.15 -109.22
N GLN F 203 7.24 95.56 -110.36
CA GLN F 203 6.06 94.95 -110.93
C GLN F 203 6.36 93.93 -112.00
N ALA F 204 7.55 93.93 -112.59
CA ALA F 204 7.81 92.90 -113.57
C ALA F 204 9.28 92.51 -113.61
N VAL F 205 9.53 91.38 -114.28
CA VAL F 205 10.85 90.80 -114.44
C VAL F 205 11.01 90.36 -115.88
N TRP F 206 12.06 90.86 -116.52
CA TRP F 206 12.44 90.48 -117.87
C TRP F 206 13.69 89.64 -117.79
N ALA F 207 13.70 88.54 -118.54
CA ALA F 207 14.82 87.61 -118.55
C ALA F 207 15.51 87.50 -119.89
N GLY F 208 14.78 87.64 -120.98
CA GLY F 208 15.40 87.62 -122.30
C GLY F 208 16.03 86.29 -122.61
N TRP F 209 17.22 86.36 -123.20
CA TRP F 209 17.96 85.20 -123.68
C TRP F 209 19.18 84.91 -122.82
N GLY F 210 19.07 85.18 -121.54
CA GLY F 210 20.19 84.94 -120.65
C GLY F 210 20.18 83.51 -120.15
N HIS F 211 20.03 83.37 -118.84
CA HIS F 211 20.22 82.10 -118.17
C HIS F 211 19.00 81.60 -117.42
N ALA F 212 18.08 82.47 -117.04
CA ALA F 212 16.88 82.08 -116.32
C ALA F 212 15.69 81.79 -117.21
N SER F 213 15.73 82.19 -118.49
CA SER F 213 14.58 82.02 -119.36
C SER F 213 14.45 80.61 -119.90
N GLU F 214 15.35 79.72 -119.51
CA GLU F 214 15.25 78.30 -119.82
C GLU F 214 14.86 77.48 -118.59
N ASN F 215 14.48 78.14 -117.49
CA ASN F 215 14.10 77.51 -116.25
C ASN F 215 12.60 77.70 -116.07
N PRO F 216 11.77 76.67 -116.25
CA PRO F 216 10.32 76.87 -116.14
C PRO F 216 9.82 77.19 -114.74
N LYS F 217 10.68 77.17 -113.72
CA LYS F 217 10.24 77.40 -112.36
C LYS F 217 10.09 78.88 -112.04
N LEU F 218 10.71 79.76 -112.81
CA LEU F 218 10.70 81.17 -112.47
C LEU F 218 9.33 81.80 -112.64
N PRO F 219 8.60 81.57 -113.74
CA PRO F 219 7.26 82.15 -113.85
C PRO F 219 6.35 81.76 -112.71
N GLU F 220 6.46 80.53 -112.20
CA GLU F 220 5.65 80.11 -111.08
C GLU F 220 5.96 80.93 -109.85
N LEU F 221 7.24 81.02 -109.51
CA LEU F 221 7.66 81.76 -108.33
C LEU F 221 7.23 83.22 -108.40
N LEU F 222 7.22 83.79 -109.60
CA LEU F 222 6.86 85.19 -109.72
C LEU F 222 5.35 85.38 -109.68
N LEU F 223 4.61 84.51 -110.35
CA LEU F 223 3.17 84.68 -110.42
C LEU F 223 2.53 84.42 -109.07
N LYS F 224 3.13 83.56 -108.26
CA LYS F 224 2.59 83.33 -106.93
C LYS F 224 2.68 84.56 -106.04
N ASN F 225 3.59 85.49 -106.34
CA ASN F 225 3.76 86.72 -105.58
C ASN F 225 3.22 87.95 -106.30
N GLY F 226 2.48 87.78 -107.39
CA GLY F 226 1.87 88.92 -108.05
C GLY F 226 2.80 89.70 -108.93
N ILE F 227 3.83 89.04 -109.48
CA ILE F 227 4.85 89.69 -110.30
C ILE F 227 4.68 89.18 -111.72
N ALA F 228 4.61 90.11 -112.66
CA ALA F 228 4.40 89.76 -114.06
C ALA F 228 5.72 89.40 -114.71
N PHE F 229 5.79 88.19 -115.23
CA PHE F 229 6.93 87.74 -116.00
C PHE F 229 6.69 88.10 -117.45
N MET F 230 7.68 88.70 -118.09
CA MET F 230 7.59 89.04 -119.50
C MET F 230 7.98 87.82 -120.33
N GLY F 231 7.13 86.82 -120.25
CA GLY F 231 7.36 85.61 -120.98
C GLY F 231 6.25 84.61 -120.79
N PRO F 232 6.46 83.40 -121.27
CA PRO F 232 5.39 82.41 -121.24
C PRO F 232 5.11 81.98 -119.81
N PRO F 233 3.95 81.40 -119.56
CA PRO F 233 3.74 80.73 -118.28
C PRO F 233 4.51 79.43 -118.23
N SER F 234 4.63 78.89 -117.03
CA SER F 234 5.42 77.69 -116.86
C SER F 234 4.75 76.49 -117.52
N GLN F 235 3.43 76.51 -117.64
CA GLN F 235 2.73 75.36 -118.21
C GLN F 235 3.14 75.15 -119.66
N ALA F 236 3.28 76.24 -120.40
CA ALA F 236 3.80 76.15 -121.75
C ALA F 236 5.22 75.62 -121.74
N MET F 237 6.10 76.25 -120.96
CA MET F 237 7.49 75.82 -120.89
C MET F 237 7.62 74.36 -120.48
N TRP F 238 6.65 73.83 -119.75
CA TRP F 238 6.62 72.42 -119.41
C TRP F 238 6.20 71.59 -120.61
N ALA F 239 5.01 71.90 -121.13
CA ALA F 239 4.54 71.30 -122.37
C ALA F 239 5.56 71.44 -123.49
N LEU F 240 6.28 72.56 -123.51
CA LEU F 240 7.51 72.72 -124.28
C LEU F 240 8.73 72.27 -123.46
N GLY F 241 8.72 71.03 -123.03
CA GLY F 241 9.76 70.57 -122.13
C GLY F 241 11.00 70.16 -122.89
N ASP F 242 11.37 68.90 -122.74
CA ASP F 242 12.48 68.31 -123.47
C ASP F 242 12.01 68.02 -124.89
N LYS F 243 12.73 67.16 -125.60
CA LYS F 243 12.62 67.00 -127.04
C LYS F 243 11.53 66.04 -127.44
N ILE F 244 11.35 64.94 -126.70
CA ILE F 244 10.31 63.98 -127.01
C ILE F 244 8.95 64.65 -126.93
N ALA F 245 8.70 65.37 -125.84
CA ALA F 245 7.41 66.02 -125.65
C ALA F 245 7.18 67.07 -126.73
N SER F 246 8.24 67.76 -127.14
CA SER F 246 8.11 68.79 -128.15
C SER F 246 7.69 68.21 -129.48
N SER F 247 8.38 67.16 -129.91
CA SER F 247 8.06 66.49 -131.14
C SER F 247 6.65 65.89 -131.10
N ILE F 248 6.24 65.39 -129.95
CA ILE F 248 4.89 64.82 -129.86
C ILE F 248 3.85 65.91 -129.97
N VAL F 249 4.01 66.97 -129.18
CA VAL F 249 2.96 67.96 -129.07
C VAL F 249 2.80 68.72 -130.37
N ALA F 250 3.88 68.83 -131.15
CA ALA F 250 3.77 69.52 -132.43
C ALA F 250 2.78 68.86 -133.38
N GLN F 251 2.47 67.59 -133.17
CA GLN F 251 1.68 66.78 -134.09
C GLN F 251 0.20 66.74 -133.73
N THR F 252 -0.23 67.47 -132.72
CA THR F 252 -1.62 67.46 -132.29
C THR F 252 -2.50 68.41 -133.09
N ALA F 253 -1.89 69.35 -133.81
CA ALA F 253 -2.57 70.26 -134.71
C ALA F 253 -1.87 70.04 -136.04
N GLY F 254 -2.02 70.99 -136.96
CA GLY F 254 -1.46 70.88 -138.31
C GLY F 254 -0.04 70.35 -138.28
N ILE F 255 0.10 69.12 -138.75
CA ILE F 255 1.22 68.27 -138.37
C ILE F 255 2.44 68.71 -139.18
N PRO F 256 3.49 69.27 -138.58
CA PRO F 256 4.72 69.46 -139.32
C PRO F 256 5.47 68.15 -139.41
N THR F 257 6.12 67.95 -140.55
CA THR F 257 6.96 66.79 -140.73
C THR F 257 8.04 66.77 -139.66
N LEU F 258 8.42 65.57 -139.24
CA LEU F 258 9.43 65.37 -138.23
C LEU F 258 10.31 64.21 -138.64
N PRO F 259 11.64 64.27 -138.42
CA PRO F 259 12.48 63.15 -138.86
C PRO F 259 12.58 62.02 -137.84
N TRP F 260 11.43 61.37 -137.60
CA TRP F 260 11.34 60.23 -136.70
C TRP F 260 11.90 60.51 -135.31
N SER F 261 11.25 61.39 -134.55
CA SER F 261 11.72 61.73 -133.21
C SER F 261 11.46 60.55 -132.28
N GLY F 262 12.28 59.51 -132.47
CA GLY F 262 12.06 58.23 -131.84
C GLY F 262 11.21 57.35 -132.76
N SER F 263 10.17 57.96 -133.31
CA SER F 263 9.37 57.38 -134.37
C SER F 263 8.49 58.48 -134.94
N GLY F 264 7.70 58.15 -135.94
CA GLY F 264 6.75 59.07 -136.52
C GLY F 264 5.37 58.98 -135.92
N LEU F 265 5.21 58.30 -134.78
CA LEU F 265 3.91 58.08 -134.20
C LEU F 265 3.48 59.29 -133.39
N ARG F 266 2.17 59.54 -133.37
CA ARG F 266 1.61 60.73 -132.74
C ARG F 266 0.49 60.33 -131.77
N VAL F 267 -0.22 61.34 -131.27
CA VAL F 267 -1.34 61.19 -130.35
C VAL F 267 -2.59 61.70 -131.05
N ASP F 268 -3.70 61.76 -130.32
CA ASP F 268 -4.98 62.16 -130.88
C ASP F 268 -4.93 63.62 -131.31
N TRP F 269 -6.02 64.11 -131.88
CA TRP F 269 -6.12 65.48 -132.36
C TRP F 269 -6.61 66.40 -131.24
N GLN F 270 -5.90 67.53 -131.07
CA GLN F 270 -6.34 68.65 -130.25
C GLN F 270 -5.94 69.90 -131.02
N GLU F 271 -6.84 70.35 -131.90
CA GLU F 271 -6.44 71.35 -132.89
C GLU F 271 -6.23 72.72 -132.23
N ASN F 272 -7.11 73.09 -131.30
CA ASN F 272 -7.06 74.41 -130.67
C ASN F 272 -7.38 74.32 -129.18
N ASP F 273 -7.25 73.15 -128.58
CA ASP F 273 -7.52 72.94 -127.17
C ASP F 273 -6.22 72.92 -126.39
N PHE F 274 -6.27 73.49 -125.19
CA PHE F 274 -5.14 73.41 -124.28
C PHE F 274 -5.05 72.02 -123.67
N SER F 275 -3.82 71.52 -123.54
CA SER F 275 -3.60 70.22 -122.93
C SER F 275 -2.23 70.21 -122.28
N LYS F 276 -2.11 69.39 -121.23
CA LYS F 276 -0.85 69.11 -120.58
C LYS F 276 -0.29 67.79 -121.09
N ARG F 277 1.01 67.60 -120.88
CA ARG F 277 1.72 66.40 -121.30
C ARG F 277 1.55 65.32 -120.24
N ILE F 278 0.34 64.79 -120.18
CA ILE F 278 0.03 63.72 -119.23
C ILE F 278 0.57 62.41 -119.81
N LEU F 279 1.25 61.64 -118.97
CA LEU F 279 1.88 60.38 -119.41
C LEU F 279 0.90 59.21 -119.30
N ASN F 280 -0.22 59.34 -120.01
CA ASN F 280 -1.18 58.25 -120.16
C ASN F 280 -1.32 57.80 -121.60
N VAL F 281 -1.62 58.71 -122.53
CA VAL F 281 -1.65 58.42 -123.96
C VAL F 281 -0.23 58.47 -124.54
N PRO F 282 0.51 59.58 -124.41
CA PRO F 282 1.84 59.64 -125.04
C PRO F 282 2.89 58.78 -124.38
N GLN F 283 2.60 58.16 -123.22
CA GLN F 283 3.54 57.25 -122.61
C GLN F 283 4.04 56.20 -123.58
N GLU F 284 3.12 55.62 -124.37
CA GLU F 284 3.50 54.71 -125.45
C GLU F 284 4.59 55.33 -126.31
N LEU F 285 4.36 56.55 -126.79
CA LEU F 285 5.37 57.25 -127.57
C LEU F 285 6.67 57.41 -126.80
N TYR F 286 6.58 57.78 -125.50
CA TYR F 286 7.81 57.86 -124.71
C TYR F 286 8.50 56.51 -124.65
N GLU F 287 7.71 55.43 -124.50
CA GLU F 287 8.29 54.11 -124.48
C GLU F 287 8.95 53.79 -125.80
N LYS F 288 8.43 54.33 -126.90
CA LYS F 288 9.09 54.20 -128.18
C LYS F 288 10.16 55.26 -128.35
N GLY F 289 9.99 56.43 -127.72
CA GLY F 289 10.97 57.48 -127.85
C GLY F 289 12.22 57.21 -127.05
N TYR F 290 12.09 56.44 -125.97
CA TYR F 290 13.21 56.00 -125.17
C TYR F 290 13.43 54.51 -125.30
N VAL F 291 14.68 54.09 -125.10
CA VAL F 291 15.13 52.72 -125.30
C VAL F 291 15.77 52.22 -124.01
N LYS F 292 15.68 50.90 -123.79
CA LYS F 292 16.24 50.25 -122.62
C LYS F 292 17.25 49.18 -122.97
N ASP F 293 16.93 48.28 -123.89
CA ASP F 293 17.80 47.17 -124.23
C ASP F 293 18.79 47.58 -125.32
N VAL F 294 19.68 46.63 -125.65
CA VAL F 294 20.71 46.89 -126.64
C VAL F 294 20.12 46.94 -128.05
N ASP F 295 19.07 46.16 -128.33
CA ASP F 295 18.49 46.07 -129.66
C ASP F 295 17.23 46.92 -129.82
N ASP F 296 16.88 47.74 -128.84
CA ASP F 296 15.73 48.62 -129.00
C ASP F 296 16.00 49.71 -130.03
N GLY F 297 17.19 50.32 -129.97
CA GLY F 297 17.51 51.40 -130.88
C GLY F 297 17.53 51.00 -132.34
N LEU F 298 17.95 49.76 -132.62
CA LEU F 298 17.98 49.26 -133.99
C LEU F 298 16.64 49.38 -134.69
N GLN F 299 15.53 49.24 -133.97
CA GLN F 299 14.20 49.37 -134.57
C GLN F 299 13.99 50.75 -135.20
N ALA F 300 14.67 51.77 -134.72
CA ALA F 300 14.66 53.06 -135.41
C ALA F 300 15.60 53.05 -136.61
N ALA F 301 16.79 52.47 -136.43
CA ALA F 301 17.81 52.49 -137.48
C ALA F 301 17.30 51.81 -138.75
N GLU F 302 16.43 50.81 -138.60
CA GLU F 302 15.91 50.10 -139.75
C GLU F 302 15.04 50.99 -140.63
N GLU F 303 14.41 52.01 -140.05
CA GLU F 303 13.50 52.89 -140.77
C GLU F 303 14.14 54.21 -141.17
N VAL F 304 14.98 54.80 -140.32
CA VAL F 304 15.53 56.12 -140.60
C VAL F 304 16.67 56.05 -141.60
N GLY F 305 17.49 55.00 -141.55
CA GLY F 305 18.62 54.83 -142.44
C GLY F 305 19.93 54.96 -141.70
N TYR F 306 20.99 55.14 -142.50
CA TYR F 306 22.36 55.18 -141.98
C TYR F 306 22.64 56.32 -141.01
N PRO F 307 22.31 57.58 -141.32
CA PRO F 307 22.77 58.68 -140.45
C PRO F 307 21.97 58.77 -139.16
N VAL F 308 22.31 57.96 -138.17
CA VAL F 308 21.54 57.83 -136.94
C VAL F 308 22.25 58.60 -135.83
N MET F 309 21.50 59.40 -135.08
CA MET F 309 22.06 60.13 -133.94
C MET F 309 21.42 59.59 -132.66
N ILE F 310 22.27 59.10 -131.76
CA ILE F 310 21.82 58.55 -130.48
C ILE F 310 22.31 59.47 -129.38
N LYS F 311 21.38 59.84 -128.49
CA LYS F 311 21.70 60.76 -127.41
C LYS F 311 20.98 60.34 -126.14
N ALA F 312 21.66 60.54 -125.02
CA ALA F 312 21.06 60.30 -123.72
C ALA F 312 20.13 61.46 -123.37
N SER F 313 19.19 61.18 -122.47
CA SER F 313 18.27 62.22 -122.02
C SER F 313 18.99 63.35 -121.30
N GLU F 314 20.20 63.10 -120.80
CA GLU F 314 21.05 64.10 -120.17
C GLU F 314 22.33 64.34 -120.97
N GLY F 315 22.34 63.95 -122.24
CA GLY F 315 23.52 64.13 -123.05
C GLY F 315 23.78 65.59 -123.36
N GLY F 316 25.04 65.88 -123.62
CA GLY F 316 25.48 67.24 -123.94
C GLY F 316 26.79 67.55 -123.23
N GLY F 317 27.49 68.54 -123.77
CA GLY F 317 28.77 68.92 -123.22
C GLY F 317 29.90 68.02 -123.66
N GLY F 318 29.80 67.42 -124.84
CA GLY F 318 30.82 66.53 -125.36
C GLY F 318 30.63 65.07 -125.01
N LYS F 319 29.74 64.75 -124.07
CA LYS F 319 29.46 63.38 -123.68
C LYS F 319 27.99 63.06 -123.92
N GLY F 320 27.69 61.76 -124.00
CA GLY F 320 26.33 61.31 -124.16
C GLY F 320 25.79 61.40 -125.56
N ILE F 321 26.64 61.68 -126.55
CA ILE F 321 26.22 61.87 -127.93
C ILE F 321 27.07 60.94 -128.79
N ARG F 322 26.43 60.18 -129.67
CA ARG F 322 27.17 59.38 -130.63
C ARG F 322 26.47 59.40 -131.98
N LYS F 323 27.27 59.61 -133.02
CA LYS F 323 26.81 59.69 -134.40
C LYS F 323 27.20 58.41 -135.10
N VAL F 324 26.20 57.65 -135.55
CA VAL F 324 26.40 56.39 -136.25
C VAL F 324 26.24 56.69 -137.74
N ASN F 325 27.28 56.36 -138.51
CA ASN F 325 27.30 56.51 -139.95
C ASN F 325 27.07 55.20 -140.69
N ASN F 326 27.31 54.07 -140.04
CA ASN F 326 27.13 52.76 -140.63
C ASN F 326 25.78 52.17 -140.20
N ALA F 327 25.49 50.97 -140.71
CA ALA F 327 24.35 50.18 -140.28
C ALA F 327 24.72 49.13 -139.25
N ASP F 328 25.87 48.45 -139.41
CA ASP F 328 26.27 47.37 -138.53
C ASP F 328 27.03 47.84 -137.31
N ASP F 329 27.55 49.07 -137.29
CA ASP F 329 28.25 49.62 -136.14
C ASP F 329 27.32 50.31 -135.16
N PHE F 330 26.01 50.34 -135.43
CA PHE F 330 25.05 50.93 -134.48
C PHE F 330 25.16 50.35 -133.09
N PRO F 331 25.22 49.03 -132.88
CA PRO F 331 25.27 48.53 -131.50
C PRO F 331 26.46 49.06 -130.70
N ASN F 332 27.61 49.26 -131.33
CA ASN F 332 28.78 49.74 -130.61
C ASN F 332 28.55 51.12 -130.01
N LEU F 333 28.30 52.12 -130.86
CA LEU F 333 28.08 53.48 -130.37
C LEU F 333 26.79 53.60 -129.55
N PHE F 334 25.81 52.74 -129.85
CA PHE F 334 24.57 52.75 -129.08
C PHE F 334 24.82 52.35 -127.64
N ARG F 335 25.50 51.21 -127.44
CA ARG F 335 25.88 50.78 -126.11
C ARG F 335 26.80 51.79 -125.45
N GLN F 336 27.63 52.47 -126.24
CA GLN F 336 28.46 53.52 -125.69
C GLN F 336 27.60 54.61 -125.07
N VAL F 337 26.59 55.10 -125.80
CA VAL F 337 25.71 56.14 -125.24
C VAL F 337 25.03 55.62 -123.99
N GLN F 338 24.62 54.34 -123.99
CA GLN F 338 24.00 53.79 -122.79
C GLN F 338 24.97 53.78 -121.61
N ALA F 339 26.28 53.72 -121.89
CA ALA F 339 27.29 53.83 -120.84
C ALA F 339 27.71 55.26 -120.54
N GLU F 340 27.40 56.22 -121.42
CA GLU F 340 27.80 57.59 -121.21
C GLU F 340 27.07 58.20 -120.02
N VAL F 341 25.79 57.87 -119.89
CA VAL F 341 24.95 58.32 -118.79
C VAL F 341 24.26 57.07 -118.24
N PRO F 342 24.94 56.26 -117.43
CA PRO F 342 24.33 55.02 -116.95
C PRO F 342 23.09 55.29 -116.10
N GLY F 343 22.08 54.45 -116.30
CA GLY F 343 20.84 54.53 -115.55
C GLY F 343 19.76 55.40 -116.17
N SER F 344 20.13 56.31 -117.14
CA SER F 344 19.17 57.25 -117.69
C SER F 344 18.58 56.71 -118.99
N PRO F 345 17.36 57.10 -119.35
CA PRO F 345 16.82 56.65 -120.64
C PRO F 345 17.50 57.34 -121.80
N ILE F 346 17.68 56.57 -122.87
CA ILE F 346 18.36 57.02 -124.09
C ILE F 346 17.31 57.15 -125.17
N PHE F 347 17.56 58.03 -126.15
CA PHE F 347 16.69 58.15 -127.30
C PHE F 347 17.50 58.17 -128.59
N VAL F 348 16.84 57.75 -129.66
CA VAL F 348 17.42 57.59 -130.98
C VAL F 348 16.60 58.44 -131.94
N MET F 349 17.28 59.22 -132.77
CA MET F 349 16.59 60.04 -133.76
C MET F 349 17.40 60.04 -135.05
N ARG F 350 16.73 60.42 -136.13
CA ARG F 350 17.39 60.52 -137.41
C ARG F 350 18.17 61.82 -137.49
N LEU F 351 19.36 61.74 -138.06
CA LEU F 351 20.20 62.92 -138.16
C LEU F 351 19.77 63.77 -139.35
N ALA F 352 19.97 65.07 -139.19
CA ALA F 352 19.53 66.02 -140.22
C ALA F 352 20.42 65.93 -141.45
N LYS F 353 19.86 66.33 -142.58
CA LYS F 353 20.64 66.52 -143.79
C LYS F 353 21.23 67.93 -143.80
N GLN F 354 22.08 68.20 -144.79
CA GLN F 354 22.71 69.50 -144.92
C GLN F 354 21.77 70.38 -145.73
N SER F 355 21.04 71.24 -145.03
CA SER F 355 20.04 72.10 -145.64
C SER F 355 19.95 73.36 -144.80
N ARG F 356 18.85 74.10 -144.94
CA ARG F 356 18.76 75.43 -144.35
C ARG F 356 18.01 75.40 -143.02
N HIS F 357 18.34 76.36 -142.17
CA HIS F 357 17.72 76.52 -140.87
C HIS F 357 16.95 77.83 -140.86
N LEU F 358 15.63 77.73 -140.84
CA LEU F 358 14.76 78.89 -140.82
C LEU F 358 14.08 79.02 -139.47
N GLU F 359 13.56 80.21 -139.22
CA GLU F 359 12.89 80.53 -137.99
C GLU F 359 11.68 81.37 -138.28
N VAL F 360 10.69 81.26 -137.41
CA VAL F 360 9.52 82.11 -137.43
C VAL F 360 9.40 82.75 -136.07
N GLN F 361 9.18 84.05 -136.07
CA GLN F 361 9.01 84.83 -134.86
C GLN F 361 7.52 84.93 -134.58
N ILE F 362 7.12 84.47 -133.39
CA ILE F 362 5.74 84.38 -132.98
C ILE F 362 5.56 85.36 -131.84
N LEU F 363 4.44 86.08 -131.84
CA LEU F 363 4.14 87.03 -130.80
C LEU F 363 2.70 86.84 -130.38
N ALA F 364 2.44 86.89 -129.07
CA ALA F 364 1.08 86.59 -128.64
C ALA F 364 0.72 87.31 -127.35
N ASP F 365 -0.56 87.65 -127.21
CA ASP F 365 -1.08 88.31 -126.04
C ASP F 365 -1.68 87.29 -125.08
N GLN F 366 -2.13 87.78 -123.94
CA GLN F 366 -2.73 86.97 -122.89
C GLN F 366 -4.22 86.74 -123.10
N TYR F 367 -4.75 87.08 -124.27
CA TYR F 367 -6.16 86.87 -124.60
C TYR F 367 -6.35 85.87 -125.73
N GLY F 368 -5.37 85.02 -126.00
CA GLY F 368 -5.49 83.99 -127.01
C GLY F 368 -5.23 84.40 -128.44
N ASN F 369 -4.78 85.63 -128.67
CA ASN F 369 -4.43 86.09 -130.02
C ASN F 369 -2.94 85.90 -130.23
N ALA F 370 -2.58 85.16 -131.28
CA ALA F 370 -1.20 84.89 -131.63
C ALA F 370 -1.00 85.16 -133.11
N ILE F 371 0.06 85.89 -133.45
CA ILE F 371 0.36 86.22 -134.81
C ILE F 371 1.82 85.89 -135.12
N SER F 372 2.05 85.65 -136.40
CA SER F 372 3.39 85.44 -136.94
C SER F 372 3.89 86.76 -137.46
N LEU F 373 5.08 87.15 -137.01
CA LEU F 373 5.57 88.44 -137.45
C LEU F 373 6.19 88.27 -138.82
N PHE F 374 7.35 87.65 -138.88
CA PHE F 374 8.06 87.29 -140.10
C PHE F 374 9.11 86.27 -139.68
N GLY F 375 9.88 85.80 -140.65
CA GLY F 375 10.87 84.78 -140.42
C GLY F 375 12.30 85.28 -140.42
N ARG F 376 13.21 84.32 -140.34
CA ARG F 376 14.64 84.56 -140.39
C ARG F 376 15.33 83.36 -141.01
N ASP F 377 16.41 83.64 -141.72
CA ASP F 377 17.29 82.62 -142.27
C ASP F 377 18.59 82.71 -141.49
N CYS F 378 18.93 81.63 -140.79
CA CYS F 378 20.02 81.61 -139.82
C CYS F 378 20.96 80.45 -140.10
N SER F 379 21.32 80.27 -141.36
CA SER F 379 22.04 79.09 -141.81
C SER F 379 23.54 79.27 -141.86
N VAL F 380 24.06 80.35 -141.30
CA VAL F 380 25.50 80.56 -141.17
C VAL F 380 25.86 80.21 -139.74
N GLN F 381 26.34 78.98 -139.55
CA GLN F 381 26.61 78.44 -138.24
C GLN F 381 27.93 77.71 -138.20
N ARG F 382 28.64 77.90 -137.09
CA ARG F 382 29.91 77.27 -136.82
C ARG F 382 29.74 76.42 -135.57
N ARG F 383 29.84 75.10 -135.73
CA ARG F 383 29.63 74.16 -134.64
C ARG F 383 28.28 74.41 -133.97
N HIS F 384 27.26 74.64 -134.80
CA HIS F 384 25.90 74.91 -134.34
C HIS F 384 25.82 76.19 -133.52
N GLN F 385 26.63 77.19 -133.87
CA GLN F 385 26.56 78.52 -133.27
C GLN F 385 26.31 79.54 -134.36
N LYS F 386 25.26 80.34 -134.18
CA LYS F 386 24.90 81.35 -135.14
C LYS F 386 25.98 82.41 -135.27
N ILE F 387 26.21 82.89 -136.50
CA ILE F 387 27.23 83.89 -136.78
C ILE F 387 26.63 85.08 -137.51
N ILE F 388 25.89 84.77 -138.57
CA ILE F 388 25.23 85.75 -139.40
C ILE F 388 23.78 85.32 -139.55
N GLU F 389 22.87 86.28 -139.44
CA GLU F 389 21.45 86.05 -139.62
C GLU F 389 20.93 87.02 -140.66
N GLU F 390 19.90 86.60 -141.38
CA GLU F 390 19.26 87.42 -142.39
C GLU F 390 17.76 87.36 -142.25
N ALA F 391 17.13 88.50 -142.38
CA ALA F 391 15.75 88.64 -141.96
C ALA F 391 14.73 88.11 -142.96
N PRO F 392 14.64 88.61 -144.20
CA PRO F 392 13.72 87.98 -145.13
C PRO F 392 14.15 86.55 -145.43
N ALA F 393 13.23 85.62 -145.23
CA ALA F 393 13.50 84.21 -145.47
C ALA F 393 13.30 83.96 -146.96
N THR F 394 14.30 84.39 -147.73
CA THR F 394 14.18 84.45 -149.18
C THR F 394 14.32 83.10 -149.86
N ILE F 395 14.83 82.09 -149.15
CA ILE F 395 15.02 80.79 -149.77
C ILE F 395 13.69 80.08 -149.96
N ALA F 396 12.78 80.22 -149.00
CA ALA F 396 11.51 79.53 -149.06
C ALA F 396 10.56 80.27 -149.97
N THR F 397 9.86 79.52 -150.80
CA THR F 397 8.88 80.13 -151.67
C THR F 397 7.69 80.60 -150.85
N PRO F 398 6.85 81.48 -151.41
CA PRO F 398 5.72 82.00 -150.63
C PRO F 398 4.78 80.95 -150.08
N ALA F 399 4.42 79.94 -150.87
CA ALA F 399 3.44 78.95 -150.43
C ALA F 399 3.95 78.20 -149.21
N VAL F 400 5.14 77.61 -149.33
CA VAL F 400 5.66 76.79 -148.26
C VAL F 400 5.97 77.63 -147.04
N PHE F 401 6.41 78.87 -147.23
CA PHE F 401 6.76 79.70 -146.10
C PHE F 401 5.53 80.10 -145.32
N GLU F 402 4.46 80.46 -146.04
CA GLU F 402 3.21 80.76 -145.37
C GLU F 402 2.70 79.54 -144.62
N HIS F 403 2.91 78.35 -145.19
CA HIS F 403 2.53 77.14 -144.48
C HIS F 403 3.30 77.01 -143.17
N MET F 404 4.59 77.31 -143.20
CA MET F 404 5.40 77.20 -142.00
C MET F 404 4.93 78.19 -140.94
N GLU F 405 4.55 79.39 -141.38
CA GLU F 405 4.03 80.38 -140.47
C GLU F 405 2.74 79.90 -139.81
N GLN F 406 1.83 79.35 -140.62
CA GLN F 406 0.58 78.84 -140.08
C GLN F 406 0.82 77.77 -139.04
N CYS F 407 1.74 76.85 -139.32
CA CYS F 407 2.02 75.77 -138.37
C CYS F 407 2.55 76.33 -137.06
N ALA F 408 3.50 77.27 -137.15
CA ALA F 408 4.06 77.88 -135.95
C ALA F 408 2.98 78.54 -135.09
N VAL F 409 2.07 79.26 -135.74
CA VAL F 409 1.02 79.95 -134.99
C VAL F 409 0.08 78.95 -134.34
N LYS F 410 -0.29 77.89 -135.06
CA LYS F 410 -1.19 76.89 -134.49
C LYS F 410 -0.59 76.28 -133.24
N LEU F 411 0.72 75.99 -133.29
CA LEU F 411 1.38 75.46 -132.11
C LEU F 411 1.29 76.44 -130.94
N ALA F 412 1.63 77.71 -131.18
CA ALA F 412 1.59 78.69 -130.12
C ALA F 412 0.20 78.81 -129.51
N LYS F 413 -0.83 78.73 -130.35
CA LYS F 413 -2.18 78.92 -129.85
C LYS F 413 -2.60 77.74 -128.99
N MET F 414 -2.37 76.53 -129.49
CA MET F 414 -2.88 75.38 -128.76
C MET F 414 -2.11 75.14 -127.47
N VAL F 415 -0.83 75.49 -127.43
CA VAL F 415 -0.07 75.24 -126.21
C VAL F 415 -0.29 76.32 -125.15
N GLY F 416 -0.59 77.54 -125.57
CA GLY F 416 -0.88 78.60 -124.62
C GLY F 416 0.35 79.43 -124.32
N TYR F 417 0.98 79.93 -125.37
CA TYR F 417 2.20 80.70 -125.28
C TYR F 417 1.85 82.18 -125.35
N VAL F 418 2.47 82.97 -124.48
CA VAL F 418 2.35 84.41 -124.54
C VAL F 418 3.72 85.05 -124.67
N SER F 419 3.63 86.31 -125.04
CA SER F 419 4.62 87.34 -125.25
C SER F 419 5.42 87.22 -126.53
N ALA F 420 6.18 86.14 -126.73
CA ALA F 420 7.09 86.12 -127.85
C ALA F 420 7.96 84.89 -127.81
N GLY F 421 8.28 84.35 -128.99
CA GLY F 421 9.09 83.14 -129.05
C GLY F 421 9.43 82.83 -130.48
N THR F 422 10.21 81.78 -130.65
CA THR F 422 10.67 81.40 -131.98
C THR F 422 10.39 79.93 -132.24
N VAL F 423 10.00 79.63 -133.48
CA VAL F 423 9.82 78.26 -133.95
C VAL F 423 10.87 78.00 -135.02
N GLU F 424 11.63 76.93 -134.84
CA GLU F 424 12.70 76.56 -135.76
C GLU F 424 12.21 75.50 -136.72
N TYR F 425 12.59 75.63 -137.97
CA TYR F 425 12.32 74.65 -138.99
C TYR F 425 13.60 74.34 -139.74
N LEU F 426 13.67 73.11 -140.24
CA LEU F 426 14.72 72.67 -141.13
C LEU F 426 14.14 72.59 -142.52
N TYR F 427 14.65 73.42 -143.41
CA TYR F 427 14.11 73.58 -144.75
C TYR F 427 15.01 72.83 -145.72
N SER F 428 14.43 71.84 -146.39
CA SER F 428 15.14 71.08 -147.40
C SER F 428 15.01 71.75 -148.75
N GLN F 429 15.95 71.42 -149.63
CA GLN F 429 16.08 72.14 -150.89
C GLN F 429 14.93 71.88 -151.85
N ASP F 430 14.16 70.81 -151.63
CA ASP F 430 13.05 70.46 -152.50
C ASP F 430 11.72 71.04 -152.03
N GLY F 431 11.74 71.97 -151.08
CA GLY F 431 10.52 72.59 -150.62
C GLY F 431 9.78 71.81 -149.56
N SER F 432 10.52 71.18 -148.64
CA SER F 432 9.94 70.35 -147.59
C SER F 432 10.59 70.73 -146.26
N PHE F 433 9.76 71.12 -145.29
CA PHE F 433 10.25 71.54 -143.99
C PHE F 433 10.00 70.49 -142.92
N TYR F 434 10.83 70.56 -141.89
CA TYR F 434 10.76 69.69 -140.73
C TYR F 434 10.77 70.52 -139.46
N PHE F 435 9.98 70.11 -138.49
CA PHE F 435 9.97 70.79 -137.20
C PHE F 435 11.23 70.44 -136.44
N LEU F 436 11.79 71.43 -135.76
CA LEU F 436 12.95 71.25 -134.90
C LEU F 436 12.64 71.50 -133.44
N GLU F 437 12.18 72.70 -133.10
CA GLU F 437 11.94 73.03 -131.71
C GLU F 437 11.38 74.44 -131.58
N LEU F 438 10.75 74.69 -130.44
CA LEU F 438 10.26 76.00 -130.06
C LEU F 438 11.14 76.54 -128.94
N ASN F 439 11.67 77.75 -129.14
CA ASN F 439 12.44 78.45 -128.13
C ASN F 439 11.50 79.39 -127.39
N PRO F 440 11.25 79.20 -126.08
CA PRO F 440 10.26 80.02 -125.37
C PRO F 440 10.84 81.30 -124.78
N ARG F 441 11.38 82.15 -125.65
CA ARG F 441 11.95 83.39 -125.19
C ARG F 441 12.40 84.20 -126.39
N LEU F 442 12.57 85.48 -126.15
CA LEU F 442 13.10 86.38 -127.15
C LEU F 442 14.55 86.05 -127.45
N GLN F 443 14.88 86.03 -128.72
CA GLN F 443 16.22 85.73 -129.18
C GLN F 443 17.04 87.00 -129.30
N VAL F 444 18.36 86.81 -129.28
CA VAL F 444 19.28 87.93 -129.43
C VAL F 444 19.16 88.55 -130.81
N GLU F 445 18.94 87.74 -131.84
CA GLU F 445 18.83 88.22 -133.21
C GLU F 445 17.44 88.73 -133.56
N HIS F 446 16.62 89.07 -132.57
CA HIS F 446 15.30 89.62 -132.82
C HIS F 446 15.27 90.96 -133.55
N PRO F 447 16.30 91.83 -133.52
CA PRO F 447 16.17 93.09 -134.28
C PRO F 447 16.01 92.87 -135.77
N CYS F 448 16.46 91.72 -136.27
CA CYS F 448 16.34 91.41 -137.70
C CYS F 448 14.91 91.54 -138.17
N THR F 449 13.95 91.07 -137.38
CA THR F 449 12.53 91.18 -137.72
C THR F 449 11.94 92.51 -137.29
N GLU F 450 12.56 93.20 -136.34
CA GLU F 450 12.11 94.56 -136.04
C GLU F 450 12.34 95.46 -137.22
N MET F 451 13.55 95.41 -137.77
CA MET F 451 13.99 96.36 -138.77
C MET F 451 13.19 96.28 -140.05
N VAL F 452 12.59 95.12 -140.34
CA VAL F 452 11.77 94.93 -141.53
C VAL F 452 10.28 94.93 -141.24
N ALA F 453 9.88 95.03 -139.97
CA ALA F 453 8.47 95.09 -139.61
C ALA F 453 8.06 96.39 -138.96
N ASP F 454 9.01 97.26 -138.64
CA ASP F 454 8.73 98.52 -137.94
C ASP F 454 7.97 98.26 -136.65
N VAL F 455 8.51 97.36 -135.84
CA VAL F 455 7.94 96.99 -134.55
C VAL F 455 9.04 97.15 -133.50
N ASN F 456 8.62 97.02 -132.25
CA ASN F 456 9.53 97.02 -131.11
C ASN F 456 9.09 95.85 -130.22
N LEU F 457 9.91 94.81 -130.19
CA LEU F 457 9.49 93.58 -129.51
C LEU F 457 9.58 93.69 -128.00
N PRO F 458 10.67 94.15 -127.39
CA PRO F 458 10.68 94.23 -125.92
C PRO F 458 9.63 95.18 -125.35
N ALA F 459 9.36 96.29 -126.03
CA ALA F 459 8.24 97.13 -125.64
C ALA F 459 6.92 96.40 -125.81
N ALA F 460 6.78 95.60 -126.86
CA ALA F 460 5.58 94.80 -127.04
C ALA F 460 5.42 93.81 -125.90
N GLN F 461 6.53 93.24 -125.42
CA GLN F 461 6.48 92.36 -124.27
C GLN F 461 5.99 93.09 -123.05
N LEU F 462 6.46 94.33 -122.87
CA LEU F 462 6.02 95.11 -121.74
C LEU F 462 4.52 95.37 -121.81
N GLN F 463 4.03 95.72 -123.00
CA GLN F 463 2.62 96.03 -123.15
C GLN F 463 1.76 94.80 -122.98
N ILE F 464 2.25 93.65 -123.42
CA ILE F 464 1.53 92.41 -123.20
C ILE F 464 1.48 92.10 -121.72
N ALA F 465 2.59 92.31 -121.01
CA ALA F 465 2.64 92.00 -119.59
C ALA F 465 1.66 92.83 -118.80
N MET F 466 1.33 94.02 -119.28
CA MET F 466 0.32 94.85 -118.67
C MET F 466 -1.09 94.42 -119.02
N GLY F 467 -1.23 93.41 -119.88
CA GLY F 467 -2.53 92.88 -120.20
C GLY F 467 -3.22 93.57 -121.33
N ILE F 468 -2.45 94.12 -122.27
CA ILE F 468 -3.00 94.84 -123.42
C ILE F 468 -3.11 93.85 -124.59
N PRO F 469 -4.26 93.74 -125.24
CA PRO F 469 -4.34 92.81 -126.37
C PRO F 469 -3.64 93.38 -127.60
N LEU F 470 -3.47 92.51 -128.59
CA LEU F 470 -2.64 92.85 -129.74
C LEU F 470 -3.27 93.95 -130.59
N TYR F 471 -4.58 94.04 -130.61
CA TYR F 471 -5.25 95.00 -131.48
C TYR F 471 -5.26 96.40 -130.92
N ARG F 472 -4.64 96.63 -129.76
CA ARG F 472 -4.49 97.96 -129.19
C ARG F 472 -3.05 98.45 -129.16
N ILE F 473 -2.09 97.60 -129.50
CA ILE F 473 -0.71 98.04 -129.58
C ILE F 473 -0.51 98.74 -130.92
N LYS F 474 0.15 99.89 -130.86
CA LYS F 474 0.25 100.79 -132.00
C LYS F 474 0.91 100.13 -133.21
N ASP F 475 2.11 99.59 -133.03
CA ASP F 475 2.88 99.11 -134.16
C ASP F 475 2.19 97.96 -134.87
N ILE F 476 1.58 97.05 -134.11
CA ILE F 476 0.81 95.97 -134.71
C ILE F 476 -0.33 96.55 -135.53
N ARG F 477 -1.01 97.55 -134.99
CA ARG F 477 -2.14 98.16 -135.68
C ARG F 477 -1.71 98.77 -137.01
N MET F 478 -0.54 99.39 -137.03
CA MET F 478 -0.04 99.91 -138.31
C MET F 478 0.33 98.78 -139.25
N MET F 479 0.87 97.69 -138.70
CA MET F 479 1.35 96.61 -139.56
C MET F 479 0.22 95.99 -140.36
N TYR F 480 -0.99 95.99 -139.80
CA TYR F 480 -2.16 95.45 -140.47
C TYR F 480 -3.01 96.53 -141.13
N GLY F 481 -2.48 97.74 -141.28
CA GLY F 481 -3.16 98.75 -142.06
C GLY F 481 -4.33 99.40 -141.36
N VAL F 482 -4.24 99.56 -140.05
CA VAL F 482 -5.30 100.13 -139.24
C VAL F 482 -4.74 101.37 -138.55
N SER F 483 -5.60 102.34 -138.34
CA SER F 483 -5.18 103.59 -137.73
C SER F 483 -4.61 103.30 -136.34
N PRO F 484 -3.42 103.81 -136.00
CA PRO F 484 -2.86 103.50 -134.68
C PRO F 484 -3.70 104.01 -133.53
N TRP F 485 -4.31 105.17 -133.68
CA TRP F 485 -5.10 105.78 -132.61
C TRP F 485 -6.54 105.37 -132.84
N GLY F 486 -6.88 104.23 -132.26
CA GLY F 486 -8.20 103.66 -132.30
C GLY F 486 -8.23 102.44 -131.43
N ASP F 487 -9.40 101.80 -131.39
CA ASP F 487 -9.59 100.60 -130.58
C ASP F 487 -10.29 99.50 -131.34
N SER F 488 -10.50 99.64 -132.63
CA SER F 488 -11.20 98.64 -133.40
C SER F 488 -10.42 97.33 -133.38
N PRO F 489 -11.09 96.17 -133.33
CA PRO F 489 -10.37 94.91 -133.36
C PRO F 489 -9.83 94.62 -134.75
N ILE F 490 -8.84 93.73 -134.77
CA ILE F 490 -8.21 93.26 -135.99
C ILE F 490 -8.58 91.79 -136.15
N ASP F 491 -9.06 91.44 -137.33
CA ASP F 491 -9.28 90.05 -137.71
C ASP F 491 -7.96 89.53 -138.25
N PHE F 492 -7.17 88.90 -137.38
CA PHE F 492 -5.80 88.55 -137.76
C PHE F 492 -5.78 87.46 -138.82
N GLU F 493 -6.79 86.61 -138.86
CA GLU F 493 -6.82 85.55 -139.86
C GLU F 493 -7.19 86.09 -141.22
N ASP F 494 -8.10 87.06 -141.28
CA ASP F 494 -8.58 87.57 -142.55
C ASP F 494 -7.61 88.55 -143.19
N SER F 495 -6.82 89.26 -142.37
CA SER F 495 -5.89 90.27 -142.84
C SER F 495 -4.43 89.80 -142.73
N ALA F 496 -4.21 88.48 -142.67
CA ALA F 496 -2.87 87.95 -142.51
C ALA F 496 -1.98 88.15 -143.73
N HIS F 497 -2.56 88.56 -144.87
CA HIS F 497 -1.78 88.87 -146.07
C HIS F 497 -1.31 90.31 -146.11
N VAL F 498 -1.82 91.17 -145.24
CA VAL F 498 -1.45 92.58 -145.21
C VAL F 498 0.01 92.80 -144.82
N PRO F 499 0.54 92.14 -143.79
CA PRO F 499 1.93 92.42 -143.41
C PRO F 499 2.89 92.06 -144.53
N CYS F 500 3.91 92.88 -144.69
CA CYS F 500 4.86 92.68 -145.75
C CYS F 500 6.21 93.21 -145.29
N PRO F 501 7.31 92.46 -145.46
CA PRO F 501 8.60 92.96 -145.04
C PRO F 501 9.05 94.13 -145.89
N ARG F 502 9.77 95.03 -145.25
CA ARG F 502 10.34 96.19 -145.89
C ARG F 502 11.85 96.00 -145.91
N GLY F 503 12.35 95.63 -147.08
CA GLY F 503 13.78 95.55 -147.27
C GLY F 503 14.35 94.22 -146.86
N HIS F 504 15.64 94.26 -146.59
CA HIS F 504 16.42 93.08 -146.25
C HIS F 504 17.50 93.50 -145.30
N VAL F 505 17.72 92.69 -144.28
CA VAL F 505 18.59 93.03 -143.18
C VAL F 505 19.59 91.91 -142.99
N ILE F 506 20.83 92.29 -142.71
CA ILE F 506 21.87 91.36 -142.33
C ILE F 506 22.34 91.75 -140.94
N ALA F 507 22.45 90.75 -140.08
CA ALA F 507 22.94 90.90 -138.74
C ALA F 507 24.18 90.04 -138.59
N ALA F 508 25.27 90.69 -138.22
CA ALA F 508 26.55 90.03 -138.05
C ALA F 508 26.93 90.20 -136.60
N ARG F 509 27.22 89.09 -135.93
CA ARG F 509 27.60 89.19 -134.55
C ARG F 509 29.11 89.13 -134.39
N ILE F 510 29.63 89.98 -133.52
CA ILE F 510 31.05 90.09 -133.27
C ILE F 510 31.35 89.31 -132.00
N THR F 511 32.14 88.26 -132.14
CA THR F 511 32.48 87.38 -131.05
C THR F 511 33.88 87.68 -130.57
N SER F 512 34.25 87.05 -129.46
CA SER F 512 35.55 87.22 -128.84
C SER F 512 36.47 86.03 -129.06
N GLU F 513 36.12 85.14 -129.97
CA GLU F 513 36.95 83.98 -130.22
C GLU F 513 38.20 84.38 -130.99
N ASN F 514 39.07 83.40 -131.20
CA ASN F 514 40.35 83.59 -131.90
C ASN F 514 40.36 82.66 -133.11
N PRO F 515 40.11 83.16 -134.32
CA PRO F 515 40.22 82.29 -135.50
C PRO F 515 41.59 81.67 -135.67
N ASP F 516 42.64 82.30 -135.14
CA ASP F 516 43.96 81.70 -135.18
C ASP F 516 44.01 80.58 -134.16
N GLU F 517 44.39 79.39 -134.62
CA GLU F 517 44.42 78.20 -133.77
C GLU F 517 43.03 77.92 -133.22
N GLY F 518 42.09 77.66 -134.13
CA GLY F 518 40.77 77.24 -133.73
C GLY F 518 39.88 78.42 -133.45
N PHE F 519 39.08 78.33 -132.39
CA PHE F 519 38.18 79.41 -132.00
C PHE F 519 38.15 79.52 -130.48
N LYS F 520 39.30 79.51 -129.85
CA LYS F 520 39.34 79.55 -128.40
C LYS F 520 38.83 80.91 -127.92
N PRO F 521 37.89 80.98 -126.98
CA PRO F 521 37.50 82.27 -126.45
C PRO F 521 38.65 82.98 -125.75
N SER F 522 38.75 84.27 -126.02
CA SER F 522 39.77 85.14 -125.45
C SER F 522 39.12 86.21 -124.59
N SER F 523 39.94 86.88 -123.79
CA SER F 523 39.42 87.87 -122.88
C SER F 523 40.53 88.84 -122.51
N GLY F 524 40.11 89.99 -122.01
CA GLY F 524 41.04 91.02 -121.60
C GLY F 524 40.41 92.40 -121.73
N THR F 525 41.28 93.39 -121.71
CA THR F 525 40.89 94.79 -121.66
C THR F 525 40.72 95.34 -123.06
N VAL F 526 39.85 96.33 -123.18
CA VAL F 526 39.64 97.09 -124.40
C VAL F 526 40.51 98.32 -124.34
N GLN F 527 41.05 98.68 -125.50
CA GLN F 527 41.82 99.91 -125.67
C GLN F 527 41.10 100.90 -126.58
N GLU F 528 40.35 100.38 -127.55
CA GLU F 528 39.56 101.23 -128.43
C GLU F 528 38.37 100.45 -128.95
N LEU F 529 37.22 101.12 -128.99
CA LEU F 529 36.01 100.58 -129.61
C LEU F 529 35.34 101.72 -130.33
N ASN F 530 35.50 101.74 -131.65
CA ASN F 530 34.97 102.80 -132.50
C ASN F 530 34.22 102.12 -133.63
N PHE F 531 32.90 102.16 -133.55
CA PHE F 531 32.03 101.70 -134.62
C PHE F 531 31.50 102.91 -135.34
N ARG F 532 31.90 103.06 -136.59
CA ARG F 532 31.51 104.20 -137.40
C ARG F 532 30.20 103.86 -138.07
N SER F 533 29.12 104.40 -137.54
CA SER F 533 27.82 104.12 -138.13
C SER F 533 27.66 104.94 -139.39
N ASN F 534 26.62 104.60 -140.13
CA ASN F 534 26.31 105.26 -141.37
C ASN F 534 24.83 105.09 -141.63
N LYS F 535 24.38 105.64 -142.74
CA LYS F 535 23.03 105.43 -143.20
C LYS F 535 22.76 103.95 -143.34
N ASN F 536 21.68 103.49 -142.73
CA ASN F 536 21.22 102.11 -142.81
C ASN F 536 22.16 101.12 -142.15
N VAL F 537 23.03 101.57 -141.27
CA VAL F 537 23.91 100.69 -140.50
C VAL F 537 23.90 101.15 -139.08
N TRP F 538 23.86 100.20 -138.16
CA TRP F 538 23.98 100.53 -136.75
C TRP F 538 24.49 99.32 -136.00
N GLY F 539 24.67 99.48 -134.72
CA GLY F 539 25.20 98.40 -133.93
C GLY F 539 25.44 98.86 -132.52
N TYR F 540 25.66 97.88 -131.66
CA TYR F 540 25.85 98.18 -130.26
C TYR F 540 26.59 97.06 -129.56
N PHE F 541 27.21 97.45 -128.46
CA PHE F 541 28.18 96.65 -127.75
C PHE F 541 27.90 96.72 -126.26
N SER F 542 28.35 95.68 -125.57
CA SER F 542 28.18 95.56 -124.13
C SER F 542 29.38 96.07 -123.36
N VAL F 543 30.38 96.63 -124.03
CA VAL F 543 31.56 97.15 -123.38
C VAL F 543 31.97 98.41 -124.10
N ALA F 544 32.56 99.34 -123.36
CA ALA F 544 33.04 100.59 -123.89
C ALA F 544 34.56 100.53 -124.01
N ALA F 545 35.13 101.63 -124.51
CA ALA F 545 36.58 101.70 -124.70
C ALA F 545 37.32 101.47 -123.41
N ALA F 546 36.85 102.06 -122.32
CA ALA F 546 37.32 101.72 -120.99
C ALA F 546 36.48 100.56 -120.50
N GLY F 547 37.14 99.53 -119.99
CA GLY F 547 36.49 98.32 -119.58
C GLY F 547 36.99 97.13 -120.36
N GLY F 548 36.42 95.98 -120.05
CA GLY F 548 36.91 94.77 -120.65
C GLY F 548 35.94 93.62 -120.53
N LEU F 549 36.46 92.46 -120.85
CA LEU F 549 35.73 91.21 -120.82
C LEU F 549 36.44 90.26 -119.86
N HIS F 550 35.70 89.77 -118.89
CA HIS F 550 36.27 88.96 -117.83
C HIS F 550 35.91 87.50 -118.09
N GLU F 551 36.30 86.64 -117.15
CA GLU F 551 36.26 85.20 -117.38
C GLU F 551 34.84 84.71 -117.56
N PHE F 552 33.93 85.18 -116.73
CA PHE F 552 32.53 84.78 -116.79
C PHE F 552 31.71 85.61 -117.76
N ALA F 553 32.34 86.50 -118.50
CA ALA F 553 31.64 87.34 -119.45
C ALA F 553 31.64 86.61 -120.78
N ASP F 554 30.44 86.28 -121.26
CA ASP F 554 30.29 85.46 -122.44
C ASP F 554 30.90 86.15 -123.66
N SER F 555 31.03 85.39 -124.72
CA SER F 555 31.35 85.92 -126.03
C SER F 555 30.14 86.73 -126.50
N GLN F 556 30.20 87.17 -127.75
CA GLN F 556 29.14 87.99 -128.32
C GLN F 556 28.98 89.27 -127.50
N PHE F 557 29.99 90.11 -127.69
CA PHE F 557 30.06 91.43 -127.06
C PHE F 557 29.54 92.55 -127.96
N GLY F 558 29.07 92.24 -129.16
CA GLY F 558 28.45 93.27 -129.97
C GLY F 558 27.75 92.72 -131.18
N HIS F 559 26.84 93.54 -131.70
CA HIS F 559 26.06 93.17 -132.86
C HIS F 559 25.96 94.35 -133.83
N CYS F 560 26.24 94.07 -135.10
CA CYS F 560 26.10 95.03 -136.19
C CYS F 560 24.95 94.62 -137.07
N PHE F 561 24.20 95.60 -137.54
CA PHE F 561 23.05 95.42 -138.40
C PHE F 561 23.11 96.36 -139.58
N SER F 562 22.72 95.86 -140.75
CA SER F 562 22.67 96.67 -141.95
C SER F 562 21.42 96.37 -142.74
N TRP F 563 20.78 97.44 -143.20
CA TRP F 563 19.57 97.38 -144.00
C TRP F 563 19.85 97.77 -145.44
N GLY F 564 19.14 97.12 -146.37
CA GLY F 564 19.16 97.48 -147.76
C GLY F 564 17.81 97.17 -148.37
N GLU F 565 17.64 97.58 -149.62
CA GLU F 565 16.41 97.28 -150.32
C GLU F 565 16.34 95.82 -150.70
N ASN F 566 17.49 95.18 -150.89
CA ASN F 566 17.55 93.80 -151.31
C ASN F 566 18.75 93.15 -150.65
N ARG F 567 19.06 91.94 -151.07
CA ARG F 567 20.17 91.20 -150.48
C ARG F 567 21.50 91.89 -150.76
N GLU F 568 21.72 92.31 -152.00
CA GLU F 568 23.03 92.77 -152.43
C GLU F 568 23.41 94.05 -151.71
N GLU F 569 22.47 94.98 -151.60
CA GLU F 569 22.74 96.26 -150.95
C GLU F 569 23.08 96.05 -149.48
N ALA F 570 22.37 95.14 -148.83
CA ALA F 570 22.61 94.88 -147.42
C ALA F 570 24.00 94.30 -147.22
N ILE F 571 24.38 93.36 -148.08
CA ILE F 571 25.73 92.82 -148.03
C ILE F 571 26.75 93.93 -148.16
N SER F 572 26.58 94.79 -149.17
CA SER F 572 27.54 95.86 -149.41
C SER F 572 27.71 96.75 -148.20
N ASN F 573 26.59 97.18 -147.61
CA ASN F 573 26.63 98.02 -146.42
C ASN F 573 27.37 97.32 -145.29
N MET F 574 27.08 96.04 -145.06
CA MET F 574 27.69 95.32 -143.96
C MET F 574 29.19 95.20 -144.17
N VAL F 575 29.61 94.89 -145.39
CA VAL F 575 31.02 94.68 -145.66
C VAL F 575 31.80 95.96 -145.42
N VAL F 576 31.31 97.05 -145.98
CA VAL F 576 31.99 98.32 -145.83
C VAL F 576 32.08 98.70 -144.36
N ALA F 577 30.96 98.61 -143.65
CA ALA F 577 30.94 99.01 -142.25
C ALA F 577 31.89 98.18 -141.41
N LEU F 578 31.94 96.88 -141.67
CA LEU F 578 32.88 96.04 -140.93
C LEU F 578 34.31 96.40 -141.25
N LYS F 579 34.60 96.70 -142.51
CA LYS F 579 35.95 97.11 -142.85
C LYS F 579 36.34 98.44 -142.24
N GLU F 580 35.37 99.24 -141.80
CA GLU F 580 35.68 100.56 -141.25
C GLU F 580 35.78 100.62 -139.74
N LEU F 581 35.34 99.60 -139.02
CA LEU F 581 35.38 99.68 -137.57
C LEU F 581 36.75 99.31 -137.04
N SER F 582 37.02 99.76 -135.82
CA SER F 582 38.29 99.55 -135.14
C SER F 582 38.01 99.00 -133.76
N ILE F 583 38.48 97.79 -133.52
CA ILE F 583 38.47 97.17 -132.20
C ILE F 583 39.90 96.78 -131.89
N ARG F 584 40.40 97.28 -130.78
CA ARG F 584 41.75 96.98 -130.33
C ARG F 584 41.71 96.66 -128.85
N GLY F 585 42.41 95.61 -128.46
CA GLY F 585 42.52 95.27 -127.07
C GLY F 585 43.45 94.10 -126.87
N ASP F 586 43.39 93.53 -125.68
CA ASP F 586 44.20 92.37 -125.37
C ASP F 586 43.65 91.10 -126.01
N PHE F 587 42.33 91.01 -126.12
CA PHE F 587 41.67 89.86 -126.71
C PHE F 587 41.71 89.99 -128.23
N ARG F 588 41.12 89.02 -128.93
CA ARG F 588 41.44 88.82 -130.34
C ARG F 588 40.41 89.38 -131.33
N THR F 589 39.11 89.28 -131.07
CA THR F 589 38.12 89.92 -131.94
C THR F 589 37.98 89.39 -133.36
N THR F 590 37.16 88.37 -133.53
CA THR F 590 36.73 87.86 -134.83
C THR F 590 35.86 88.88 -135.58
N VAL F 591 36.49 89.66 -136.47
CA VAL F 591 35.79 90.48 -137.45
C VAL F 591 36.24 90.14 -138.87
N GLU F 592 37.56 90.00 -139.07
CA GLU F 592 38.10 89.84 -140.41
C GLU F 592 37.57 88.57 -141.06
N TYR F 593 37.33 87.55 -140.24
CA TYR F 593 36.78 86.31 -140.75
C TYR F 593 35.37 86.53 -141.30
N LEU F 594 34.57 87.32 -140.59
CA LEU F 594 33.23 87.64 -141.06
C LEU F 594 33.28 88.33 -142.41
N ILE F 595 34.26 89.22 -142.59
CA ILE F 595 34.40 89.92 -143.85
C ILE F 595 34.72 88.92 -144.95
N LYS F 596 35.64 88.00 -144.66
CA LYS F 596 36.04 87.03 -145.66
C LYS F 596 34.86 86.16 -146.06
N LEU F 597 33.97 85.89 -145.11
CA LEU F 597 32.80 85.09 -145.43
C LEU F 597 31.83 85.85 -146.31
N LEU F 598 31.59 87.11 -145.98
CA LEU F 598 30.63 87.89 -146.76
C LEU F 598 31.10 88.15 -148.17
N GLU F 599 32.40 88.16 -148.40
CA GLU F 599 32.95 88.32 -149.74
C GLU F 599 33.01 87.02 -150.52
N THR F 600 32.70 85.90 -149.90
CA THR F 600 32.75 84.62 -150.56
C THR F 600 31.53 84.46 -151.46
N GLU F 601 31.77 83.98 -152.67
CA GLU F 601 30.69 83.88 -153.67
C GLU F 601 29.60 82.92 -153.23
N SER F 602 29.95 81.88 -152.47
CA SER F 602 28.95 80.92 -152.04
C SER F 602 27.90 81.60 -151.17
N PHE F 603 28.33 82.50 -150.30
CA PHE F 603 27.39 83.27 -149.50
C PHE F 603 26.56 84.18 -150.38
N GLN F 604 27.22 84.99 -151.22
CA GLN F 604 26.54 86.01 -151.99
C GLN F 604 25.52 85.42 -152.94
N MET F 605 25.80 84.24 -153.48
CA MET F 605 24.81 83.53 -154.29
C MET F 605 23.84 82.72 -153.45
N ASN F 606 24.01 82.71 -152.13
CA ASN F 606 23.04 82.14 -151.22
C ASN F 606 23.02 80.62 -151.35
N ARG F 607 24.18 80.06 -151.68
CA ARG F 607 24.39 78.62 -151.83
C ARG F 607 25.10 78.04 -150.62
N ILE F 608 24.44 78.06 -149.47
CA ILE F 608 25.06 77.68 -148.21
C ILE F 608 24.14 76.70 -147.49
N ASP F 609 24.69 76.04 -146.48
CA ASP F 609 23.93 75.18 -145.61
C ASP F 609 24.56 75.22 -144.22
N THR F 610 23.96 74.49 -143.29
CA THR F 610 24.39 74.51 -141.91
C THR F 610 25.78 73.90 -141.71
N GLY F 611 26.34 73.24 -142.72
CA GLY F 611 27.69 72.72 -142.69
C GLY F 611 28.67 73.47 -143.55
N TRP F 612 28.31 74.67 -144.03
CA TRP F 612 29.20 75.45 -144.89
C TRP F 612 30.49 75.82 -144.16
N LEU F 613 30.36 76.45 -143.01
CA LEU F 613 31.54 76.98 -142.33
C LEU F 613 32.42 75.88 -141.81
N ASP F 614 31.84 74.75 -141.41
CA ASP F 614 32.66 73.66 -140.92
C ASP F 614 33.61 73.16 -142.00
N ARG F 615 33.07 72.93 -143.20
CA ARG F 615 33.90 72.56 -144.34
C ARG F 615 34.96 73.60 -144.62
N LEU F 616 34.59 74.89 -144.58
CA LEU F 616 35.59 75.92 -144.88
C LEU F 616 36.68 75.97 -143.82
N ILE F 617 36.32 75.71 -142.57
CA ILE F 617 37.31 75.69 -141.51
C ILE F 617 38.33 74.60 -141.77
N ALA F 618 37.86 73.41 -142.14
CA ALA F 618 38.81 72.33 -142.37
C ALA F 618 39.71 72.59 -143.57
N GLU F 619 39.31 73.49 -144.48
CA GLU F 619 40.13 73.85 -145.63
C GLU F 619 41.13 74.97 -145.34
N LYS F 620 41.21 75.46 -144.09
CA LYS F 620 42.23 76.43 -143.68
C LYS F 620 42.11 77.73 -144.49
N VAL F 621 41.03 78.45 -144.23
CA VAL F 621 40.66 79.63 -144.99
C VAL F 621 40.98 80.93 -144.23
N GLN F 622 41.77 80.87 -143.17
CA GLN F 622 42.07 82.08 -142.41
C GLN F 622 43.03 82.93 -143.23
N ALA F 623 42.47 83.61 -144.22
CA ALA F 623 43.14 84.57 -145.09
C ALA F 623 42.97 85.99 -144.54
N GLU F 624 43.10 86.99 -145.41
CA GLU F 624 43.01 88.42 -145.04
C GLU F 624 44.24 88.85 -144.25
N ARG F 625 45.40 88.58 -144.84
CA ARG F 625 46.69 88.97 -144.33
C ARG F 625 47.29 90.05 -145.23
N PRO F 626 48.05 91.00 -144.68
CA PRO F 626 48.72 91.98 -145.55
C PRO F 626 49.86 91.33 -146.31
N ASP F 627 50.39 92.06 -147.28
CA ASP F 627 51.55 91.56 -148.01
C ASP F 627 52.72 91.44 -147.06
N THR F 628 53.58 90.45 -147.31
CA THR F 628 54.64 90.14 -146.38
C THR F 628 55.61 91.31 -146.24
N MET F 629 56.06 91.86 -147.37
CA MET F 629 57.08 92.90 -147.32
C MET F 629 56.64 94.08 -146.47
N LEU F 630 55.39 94.51 -146.64
CA LEU F 630 54.87 95.59 -145.83
C LEU F 630 54.85 95.21 -144.36
N GLY F 631 54.40 93.99 -144.04
CA GLY F 631 54.31 93.59 -142.66
C GLY F 631 55.67 93.54 -141.99
N VAL F 632 56.67 93.04 -142.71
CA VAL F 632 58.03 93.00 -142.21
C VAL F 632 58.51 94.40 -141.88
N VAL F 633 58.31 95.33 -142.81
CA VAL F 633 58.75 96.70 -142.61
C VAL F 633 58.07 97.31 -141.39
N CYS F 634 56.76 97.14 -141.29
CA CYS F 634 56.00 97.76 -140.21
C CYS F 634 56.41 97.20 -138.85
N GLY F 635 56.56 95.88 -138.76
CA GLY F 635 56.98 95.29 -137.51
C GLY F 635 58.36 95.74 -137.10
N ALA F 636 59.26 95.85 -138.08
CA ALA F 636 60.57 96.39 -137.80
C ALA F 636 60.49 97.79 -137.22
N LEU F 637 59.66 98.64 -137.81
CA LEU F 637 59.56 100.01 -137.31
C LEU F 637 59.01 100.06 -135.90
N HIS F 638 58.03 99.24 -135.60
CA HIS F 638 57.46 99.27 -134.26
C HIS F 638 58.47 98.84 -133.22
N VAL F 639 59.16 97.73 -133.48
CA VAL F 639 60.15 97.23 -132.53
C VAL F 639 61.24 98.27 -132.31
N ALA F 640 61.81 98.78 -133.41
CA ALA F 640 62.89 99.74 -133.29
C ALA F 640 62.45 101.01 -132.59
N ASP F 641 61.22 101.46 -132.84
CA ASP F 641 60.77 102.69 -132.22
C ASP F 641 60.61 102.52 -130.71
N VAL F 642 60.13 101.36 -130.29
CA VAL F 642 60.03 101.12 -128.86
C VAL F 642 61.42 101.13 -128.23
N SER F 643 62.37 100.45 -128.87
CA SER F 643 63.72 100.39 -128.30
C SER F 643 64.33 101.78 -128.21
N LEU F 644 64.19 102.58 -129.26
CA LEU F 644 64.76 103.91 -129.29
C LEU F 644 64.12 104.81 -128.24
N ARG F 645 62.79 104.77 -128.11
CA ARG F 645 62.13 105.60 -127.11
C ARG F 645 62.51 105.19 -125.70
N ASN F 646 62.65 103.89 -125.44
CA ASN F 646 63.09 103.45 -124.12
C ASN F 646 64.50 103.93 -123.84
N SER F 647 65.39 103.87 -124.83
CA SER F 647 66.75 104.35 -124.63
C SER F 647 66.74 105.82 -124.25
N VAL F 648 65.98 106.62 -124.99
CA VAL F 648 65.90 108.04 -124.71
C VAL F 648 65.37 108.29 -123.31
N SER F 649 64.30 107.59 -122.94
CA SER F 649 63.65 107.83 -121.64
C SER F 649 64.59 107.47 -120.50
N ASN F 650 65.25 106.32 -120.59
CA ASN F 650 66.09 105.88 -119.49
C ASN F 650 67.33 106.74 -119.38
N PHE F 651 67.90 107.12 -120.53
CA PHE F 651 69.10 107.96 -120.52
C PHE F 651 68.79 109.33 -119.94
N LEU F 652 67.65 109.89 -120.34
CA LEU F 652 67.29 111.21 -119.85
C LEU F 652 66.98 111.17 -118.36
N HIS F 653 66.33 110.10 -117.92
CA HIS F 653 66.07 109.93 -116.51
C HIS F 653 67.37 109.87 -115.72
N SER F 654 68.35 109.14 -116.24
CA SER F 654 69.66 109.10 -115.59
C SER F 654 70.27 110.49 -115.51
N LEU F 655 70.15 111.28 -116.57
CA LEU F 655 70.72 112.61 -116.54
C LEU F 655 70.04 113.49 -115.50
N GLU F 656 68.74 113.34 -115.33
CA GLU F 656 68.03 114.16 -114.35
C GLU F 656 68.53 113.87 -112.95
N ARG F 657 68.84 112.61 -112.66
CA ARG F 657 69.29 112.19 -111.35
C ARG F 657 70.76 112.47 -111.10
N GLY F 658 71.48 113.03 -112.05
CA GLY F 658 72.87 113.34 -111.86
C GLY F 658 73.83 112.27 -112.31
N GLN F 659 73.35 111.19 -112.92
CA GLN F 659 74.21 110.17 -113.49
C GLN F 659 74.47 110.46 -114.94
N VAL F 660 75.67 110.09 -115.37
CA VAL F 660 76.11 110.20 -116.74
C VAL F 660 76.36 108.80 -117.25
N LEU F 661 75.66 108.43 -118.23
CA LEU F 661 75.89 107.18 -118.92
C LEU F 661 76.74 107.43 -120.16
N PRO F 662 77.49 106.44 -120.63
CA PRO F 662 78.31 106.66 -121.81
C PRO F 662 77.47 106.80 -123.06
N ALA F 663 78.07 107.37 -124.09
CA ALA F 663 77.37 107.62 -125.35
C ALA F 663 77.37 106.39 -126.26
N HIS F 664 76.98 105.26 -125.71
CA HIS F 664 76.65 104.09 -126.51
C HIS F 664 75.42 103.38 -125.96
N THR F 665 74.75 103.95 -124.96
CA THR F 665 73.45 103.49 -124.50
C THR F 665 72.32 104.36 -125.03
N LEU F 666 72.61 105.24 -125.98
CA LEU F 666 71.65 106.15 -126.56
C LEU F 666 71.68 105.96 -128.06
N LEU F 667 71.51 104.72 -128.46
CA LEU F 667 71.81 104.32 -129.82
C LEU F 667 70.74 104.82 -130.77
N ASN F 668 71.12 104.93 -132.04
CA ASN F 668 70.22 105.30 -133.12
C ASN F 668 70.00 104.18 -134.12
N THR F 669 70.53 102.99 -133.84
CA THR F 669 70.35 101.83 -134.69
C THR F 669 69.85 100.68 -133.84
N VAL F 670 68.86 99.95 -134.36
CA VAL F 670 68.27 98.81 -133.68
C VAL F 670 68.28 97.63 -134.62
N ASP F 671 68.69 96.48 -134.12
CA ASP F 671 68.59 95.22 -134.84
C ASP F 671 67.28 94.54 -134.47
N VAL F 672 66.53 94.12 -135.50
CA VAL F 672 65.23 93.49 -135.31
C VAL F 672 65.23 92.18 -136.05
N GLU F 673 64.67 91.16 -135.41
CA GLU F 673 64.53 89.83 -135.98
C GLU F 673 63.08 89.41 -135.88
N LEU F 674 62.53 88.91 -136.96
CA LEU F 674 61.12 88.53 -137.01
C LEU F 674 60.94 87.32 -137.90
N ILE F 675 60.21 86.34 -137.39
CA ILE F 675 59.94 85.11 -138.11
C ILE F 675 58.49 85.15 -138.57
N TYR F 676 58.30 84.91 -139.85
CA TYR F 676 56.99 84.87 -140.48
C TYR F 676 56.90 83.61 -141.33
N GLU F 677 55.96 82.74 -140.98
CA GLU F 677 55.70 81.51 -141.74
C GLU F 677 56.97 80.68 -141.89
N GLY F 678 57.75 80.61 -140.81
CA GLY F 678 58.96 79.84 -140.79
C GLY F 678 60.20 80.55 -141.31
N VAL F 679 60.02 81.65 -142.02
CA VAL F 679 61.14 82.38 -142.62
C VAL F 679 61.60 83.47 -141.65
N LYS F 680 62.90 83.51 -141.39
CA LYS F 680 63.48 84.52 -140.51
C LYS F 680 63.95 85.71 -141.32
N TYR F 681 63.61 86.90 -140.84
CA TYR F 681 64.04 88.15 -141.44
C TYR F 681 64.83 88.93 -140.40
N VAL F 682 66.00 89.42 -140.82
CA VAL F 682 66.90 90.18 -139.97
C VAL F 682 67.08 91.54 -140.60
N LEU F 683 66.76 92.59 -139.86
CA LEU F 683 66.79 93.95 -140.37
C LEU F 683 67.47 94.87 -139.38
N LYS F 684 68.02 95.96 -139.92
CA LYS F 684 68.50 97.09 -139.15
C LYS F 684 67.60 98.28 -139.39
N VAL F 685 67.34 99.04 -138.34
CA VAL F 685 66.51 100.24 -138.42
C VAL F 685 67.32 101.40 -137.88
N THR F 686 67.43 102.45 -138.68
CA THR F 686 68.06 103.69 -138.25
C THR F 686 67.20 104.87 -138.65
N ARG F 687 67.72 106.08 -138.47
CA ARG F 687 67.00 107.30 -138.76
C ARG F 687 67.90 108.30 -139.44
N GLN F 688 67.33 109.00 -140.42
CA GLN F 688 67.92 110.18 -141.00
C GLN F 688 67.35 111.47 -140.43
N SER F 689 66.29 111.37 -139.65
CA SER F 689 65.69 112.51 -138.98
C SER F 689 64.77 111.97 -137.90
N PRO F 690 64.23 112.83 -137.05
CA PRO F 690 63.26 112.34 -136.06
C PRO F 690 62.08 111.62 -136.66
N ASN F 691 61.72 111.95 -137.89
CA ASN F 691 60.57 111.35 -138.57
C ASN F 691 60.94 110.43 -139.73
N SER F 692 62.16 110.49 -140.23
CA SER F 692 62.57 109.71 -141.38
C SER F 692 63.32 108.49 -140.91
N TYR F 693 62.76 107.31 -141.16
CA TYR F 693 63.35 106.06 -140.76
C TYR F 693 63.84 105.31 -141.98
N VAL F 694 64.87 104.51 -141.77
CA VAL F 694 65.48 103.71 -142.82
C VAL F 694 65.54 102.28 -142.34
N VAL F 695 65.01 101.37 -143.15
CA VAL F 695 65.01 99.95 -142.86
C VAL F 695 65.96 99.31 -143.85
N ILE F 696 66.91 98.54 -143.33
CA ILE F 696 67.97 97.93 -144.13
C ILE F 696 67.92 96.42 -143.95
N MET F 697 67.92 95.71 -145.08
CA MET F 697 67.98 94.26 -145.10
C MET F 697 68.85 93.83 -146.26
N ASN F 698 69.87 93.03 -145.94
CA ASN F 698 70.74 92.39 -146.94
C ASN F 698 71.33 93.41 -147.90
N GLY F 699 71.71 94.56 -147.36
CA GLY F 699 72.36 95.60 -148.12
C GLY F 699 71.43 96.50 -148.89
N SER F 700 70.13 96.28 -148.85
CA SER F 700 69.15 97.14 -149.49
C SER F 700 68.44 97.97 -148.43
N CYS F 701 68.12 99.21 -148.76
CA CYS F 701 67.51 100.15 -147.84
C CYS F 701 66.23 100.70 -148.41
N VAL F 702 65.28 100.98 -147.53
CA VAL F 702 64.05 101.66 -147.87
C VAL F 702 63.82 102.77 -146.86
N GLU F 703 63.29 103.88 -147.34
CA GLU F 703 62.97 105.04 -146.51
C GLU F 703 61.48 105.09 -146.25
N VAL F 704 61.12 105.44 -145.02
CA VAL F 704 59.75 105.53 -144.58
C VAL F 704 59.60 106.81 -143.79
N ASP F 705 58.51 107.53 -144.04
CA ASP F 705 58.16 108.68 -143.23
C ASP F 705 57.24 108.21 -142.13
N VAL F 706 57.65 108.43 -140.89
CA VAL F 706 56.95 107.93 -139.71
C VAL F 706 56.58 109.11 -138.85
N HIS F 707 55.33 109.13 -138.40
CA HIS F 707 54.84 110.10 -137.45
C HIS F 707 54.15 109.37 -136.31
N ARG F 708 54.37 109.87 -135.11
CA ARG F 708 53.78 109.28 -133.92
C ARG F 708 52.39 109.85 -133.71
N LEU F 709 51.44 108.96 -133.50
CA LEU F 709 50.06 109.35 -133.23
C LEU F 709 49.82 109.37 -131.74
N SER F 710 48.91 110.25 -131.33
CA SER F 710 48.62 110.39 -129.92
C SER F 710 47.96 109.16 -129.32
N ASP F 711 47.40 108.27 -130.15
CA ASP F 711 46.71 107.09 -129.67
C ASP F 711 47.61 105.88 -129.48
N GLY F 712 48.92 106.03 -129.63
CA GLY F 712 49.86 104.94 -129.48
C GLY F 712 50.32 104.30 -130.76
N GLY F 713 49.68 104.60 -131.89
CA GLY F 713 50.04 104.01 -133.16
C GLY F 713 50.92 104.92 -134.00
N LEU F 714 51.30 104.40 -135.16
CA LEU F 714 52.19 105.09 -136.08
C LEU F 714 51.52 105.33 -137.41
N LEU F 715 51.78 106.50 -137.97
CA LEU F 715 51.38 106.85 -139.32
C LEU F 715 52.59 106.74 -140.21
N LEU F 716 52.50 105.87 -141.21
CA LEU F 716 53.57 105.57 -142.13
C LEU F 716 53.25 106.09 -143.51
N SER F 717 54.29 106.48 -144.23
CA SER F 717 54.25 106.70 -145.66
C SER F 717 55.41 105.91 -146.22
N TYR F 718 55.11 104.92 -147.07
CA TYR F 718 56.04 103.87 -147.44
C TYR F 718 56.42 103.89 -148.90
N ASP F 719 55.45 103.76 -149.81
CA ASP F 719 55.70 103.70 -151.24
C ASP F 719 54.67 104.56 -151.95
N GLY F 720 54.46 105.76 -151.41
CA GLY F 720 53.31 106.56 -151.74
C GLY F 720 52.15 106.32 -150.80
N SER F 721 51.74 105.07 -150.65
CA SER F 721 50.59 104.75 -149.81
C SER F 721 50.92 105.02 -148.36
N SER F 722 49.95 105.57 -147.65
CA SER F 722 50.03 105.76 -146.22
C SER F 722 49.33 104.62 -145.49
N TYR F 723 49.72 104.43 -144.24
CA TYR F 723 49.18 103.39 -143.41
C TYR F 723 49.14 103.84 -141.96
N THR F 724 48.16 103.33 -141.23
CA THR F 724 48.06 103.50 -139.80
C THR F 724 48.27 102.13 -139.18
N THR F 725 49.20 102.05 -138.23
CA THR F 725 49.62 100.77 -137.70
C THR F 725 49.69 100.81 -136.19
N TYR F 726 49.53 99.62 -135.60
CA TYR F 726 49.59 99.44 -134.17
C TYR F 726 50.32 98.13 -133.89
N MET F 727 50.97 98.06 -132.74
CA MET F 727 51.69 96.87 -132.32
C MET F 727 51.35 96.55 -130.89
N LYS F 728 51.22 95.25 -130.61
CA LYS F 728 51.16 94.75 -129.25
C LYS F 728 52.20 93.66 -129.09
N GLU F 729 53.06 93.82 -128.09
CA GLU F 729 54.08 92.85 -127.76
C GLU F 729 53.54 91.86 -126.76
N GLU F 730 53.59 90.58 -127.12
CA GLU F 730 53.22 89.49 -126.24
C GLU F 730 54.47 88.82 -125.72
N VAL F 731 54.27 87.72 -124.98
CA VAL F 731 55.39 86.99 -124.40
C VAL F 731 56.35 86.50 -125.47
N ASP F 732 55.82 85.92 -126.56
CA ASP F 732 56.64 85.32 -127.59
C ASP F 732 56.17 85.70 -129.00
N ARG F 733 55.36 86.75 -129.13
CA ARG F 733 54.82 87.14 -130.42
C ARG F 733 54.67 88.64 -130.47
N TYR F 734 54.67 89.15 -131.69
CA TYR F 734 54.36 90.53 -131.99
C TYR F 734 53.11 90.54 -132.85
N ARG F 735 52.09 91.26 -132.41
CA ARG F 735 50.84 91.39 -133.14
C ARG F 735 50.83 92.76 -133.80
N ILE F 736 50.90 92.77 -135.12
CA ILE F 736 51.01 93.98 -135.92
C ILE F 736 49.70 94.16 -136.66
N THR F 737 49.03 95.26 -136.39
CA THR F 737 47.83 95.65 -137.09
C THR F 737 48.19 96.71 -138.11
N ILE F 738 47.86 96.44 -139.37
CA ILE F 738 48.07 97.36 -140.47
C ILE F 738 46.68 97.65 -141.02
N GLY F 739 46.21 98.87 -140.82
CA GLY F 739 44.87 99.22 -141.26
C GLY F 739 43.84 98.43 -140.52
N ASN F 740 43.20 97.52 -141.23
CA ASN F 740 42.21 96.60 -140.67
C ASN F 740 42.61 95.14 -140.85
N LYS F 741 43.87 94.88 -141.18
CA LYS F 741 44.39 93.54 -141.33
C LYS F 741 45.44 93.30 -140.26
N THR F 742 45.58 92.04 -139.86
CA THR F 742 46.49 91.66 -138.79
C THR F 742 47.52 90.68 -139.31
N CYS F 743 48.74 90.86 -138.83
CA CYS F 743 49.85 89.97 -139.13
C CYS F 743 50.59 89.69 -137.84
N VAL F 744 50.91 88.43 -137.62
CA VAL F 744 51.53 87.97 -136.38
C VAL F 744 52.92 87.46 -136.70
N PHE F 745 53.91 87.99 -135.98
CA PHE F 745 55.29 87.56 -136.11
C PHE F 745 55.72 86.83 -134.85
N GLU F 746 56.51 85.79 -135.02
CA GLU F 746 57.01 85.01 -133.91
C GLU F 746 58.33 85.57 -133.41
N ILE F 1598 112.46 114.62 -113.50
CA ILE F 1598 112.82 114.86 -112.11
C ILE F 1598 113.98 115.84 -112.01
N TYR F 1599 114.98 115.69 -112.87
CA TYR F 1599 116.18 116.51 -112.80
C TYR F 1599 115.98 117.90 -113.36
N ASP F 1600 114.76 118.25 -113.78
CA ASP F 1600 114.39 119.61 -114.08
C ASP F 1600 113.79 120.33 -112.89
N ILE F 1601 113.60 119.64 -111.77
CA ILE F 1601 112.95 120.27 -110.63
C ILE F 1601 113.78 121.38 -110.01
N PRO F 1602 115.08 121.21 -109.79
CA PRO F 1602 115.86 122.30 -109.18
C PRO F 1602 115.77 123.61 -109.93
N GLU F 1603 115.91 123.56 -111.26
CA GLU F 1603 115.79 124.76 -112.07
C GLU F 1603 114.46 125.46 -111.83
N MET F 1604 113.37 124.71 -111.81
CA MET F 1604 112.06 125.30 -111.55
C MET F 1604 112.08 126.12 -110.29
N PHE F 1605 112.67 125.57 -109.22
CA PHE F 1605 112.72 126.27 -107.95
C PHE F 1605 113.35 127.62 -108.13
N ARG F 1606 114.50 127.65 -108.81
CA ARG F 1606 115.22 128.90 -109.02
C ARG F 1606 114.33 129.90 -109.70
N GLN F 1607 113.70 129.50 -110.80
CA GLN F 1607 112.90 130.45 -111.54
C GLN F 1607 111.70 130.88 -110.72
N SER F 1608 111.12 129.94 -109.97
CA SER F 1608 109.98 130.30 -109.15
C SER F 1608 110.38 131.31 -108.10
N LEU F 1609 111.59 131.16 -107.55
CA LEU F 1609 112.03 132.10 -106.53
C LEU F 1609 112.08 133.50 -107.10
N ILE F 1610 112.50 133.62 -108.35
CA ILE F 1610 112.54 134.93 -108.98
C ILE F 1610 111.16 135.53 -108.94
N LYS F 1611 110.17 134.76 -109.41
CA LYS F 1611 108.79 135.21 -109.38
C LYS F 1611 108.37 135.58 -107.97
N LEU F 1612 108.79 134.79 -106.99
CA LEU F 1612 108.43 135.09 -105.60
C LEU F 1612 108.96 136.45 -105.20
N TRP F 1613 110.25 136.72 -105.48
CA TRP F 1613 110.81 138.02 -105.10
C TRP F 1613 110.09 139.15 -105.80
N GLU F 1614 109.52 138.89 -106.98
CA GLU F 1614 108.73 139.92 -107.63
C GLU F 1614 107.38 140.04 -106.97
N SER F 1615 106.72 138.91 -106.71
CA SER F 1615 105.35 138.92 -106.24
C SER F 1615 105.22 139.62 -104.90
N MET F 1616 106.14 139.33 -104.00
CA MET F 1616 106.13 139.93 -102.67
C MET F 1616 106.66 141.34 -102.64
N SER F 1617 107.06 141.91 -103.78
CA SER F 1617 107.57 143.27 -103.73
C SER F 1617 106.49 144.30 -103.47
N THR F 1618 105.22 143.94 -103.66
CA THR F 1618 104.11 144.81 -103.38
C THR F 1618 103.60 144.70 -101.94
N GLN F 1619 104.14 143.77 -101.17
CA GLN F 1619 103.67 143.52 -99.81
C GLN F 1619 104.63 143.99 -98.75
N ALA F 1620 105.93 143.99 -99.02
CA ALA F 1620 106.92 144.29 -98.01
C ALA F 1620 108.11 145.00 -98.62
N PHE F 1621 108.84 145.71 -97.76
CA PHE F 1621 110.05 146.45 -98.12
C PHE F 1621 111.21 145.48 -98.13
N LEU F 1622 111.54 145.00 -99.30
CA LEU F 1622 112.54 143.97 -99.45
C LEU F 1622 113.88 144.54 -99.89
N PRO F 1623 115.00 143.91 -99.55
CA PRO F 1623 116.28 144.35 -100.10
C PRO F 1623 116.39 143.98 -101.57
N SER F 1624 117.45 144.46 -102.18
CA SER F 1624 117.68 144.16 -103.58
C SER F 1624 117.90 142.67 -103.75
N PRO F 1625 117.23 141.99 -104.67
CA PRO F 1625 117.39 140.56 -104.79
C PRO F 1625 118.77 140.23 -105.32
N PRO F 1626 119.37 139.12 -104.90
CA PRO F 1626 120.65 138.72 -105.48
C PRO F 1626 120.46 138.22 -106.90
N LEU F 1627 121.57 137.99 -107.56
CA LEU F 1627 121.50 137.47 -108.91
C LEU F 1627 121.01 136.03 -108.87
N PRO F 1628 120.39 135.54 -109.95
CA PRO F 1628 119.88 134.17 -109.94
C PRO F 1628 120.90 133.11 -109.60
N SER F 1629 122.17 133.33 -109.92
CA SER F 1629 123.19 132.33 -109.65
C SER F 1629 123.43 132.14 -108.16
N ASP F 1630 123.01 133.09 -107.33
CA ASP F 1630 123.20 133.04 -105.89
C ASP F 1630 121.91 132.76 -105.13
N MET F 1631 120.81 132.51 -105.83
CA MET F 1631 119.52 132.33 -105.18
C MET F 1631 119.27 130.91 -104.72
N LEU F 1632 119.92 129.94 -105.34
CA LEU F 1632 119.71 128.54 -104.99
C LEU F 1632 120.97 127.76 -105.27
N THR F 1633 121.38 126.95 -104.30
CA THR F 1633 122.43 125.97 -104.50
C THR F 1633 122.00 124.67 -103.84
N TYR F 1634 122.30 123.56 -104.50
CA TYR F 1634 121.83 122.27 -104.04
C TYR F 1634 122.91 121.22 -104.18
N THR F 1635 122.78 120.17 -103.39
CA THR F 1635 123.61 118.98 -103.52
C THR F 1635 122.72 117.76 -103.53
N GLU F 1636 123.07 116.79 -104.37
CA GLU F 1636 122.26 115.61 -104.50
C GLU F 1636 122.60 114.64 -103.39
N LEU F 1637 121.59 113.97 -102.89
CA LEU F 1637 121.73 112.99 -101.83
C LEU F 1637 121.63 111.62 -102.45
N VAL F 1638 122.67 110.82 -102.28
CA VAL F 1638 122.72 109.48 -102.86
C VAL F 1638 123.01 108.50 -101.74
N LEU F 1639 122.77 107.24 -102.03
CA LEU F 1639 123.09 106.17 -101.09
C LEU F 1639 124.47 105.60 -101.39
N ASP F 1640 125.20 105.29 -100.33
CA ASP F 1640 126.46 104.59 -100.45
C ASP F 1640 126.18 103.09 -100.48
N ASP F 1641 127.23 102.29 -100.39
CA ASP F 1641 127.07 100.84 -100.39
C ASP F 1641 126.54 100.30 -99.07
N GLN F 1642 126.53 101.12 -98.01
CA GLN F 1642 126.03 100.69 -96.71
C GLN F 1642 124.59 101.09 -96.45
N GLY F 1643 124.06 102.06 -97.19
CA GLY F 1643 122.74 102.57 -96.97
C GLY F 1643 122.67 103.96 -96.37
N GLN F 1644 123.80 104.64 -96.24
CA GLN F 1644 123.86 105.98 -95.68
C GLN F 1644 123.90 107.01 -96.79
N LEU F 1645 123.61 108.25 -96.41
CA LEU F 1645 123.55 109.33 -97.37
C LEU F 1645 124.94 109.88 -97.65
N VAL F 1646 125.15 110.26 -98.90
CA VAL F 1646 126.35 110.94 -99.35
C VAL F 1646 125.90 112.18 -100.08
N HIS F 1647 126.49 113.31 -99.71
CA HIS F 1647 126.33 114.57 -100.42
C HIS F 1647 127.25 114.52 -101.64
N MET F 1648 126.67 114.54 -102.82
CA MET F 1648 127.41 114.37 -104.06
C MET F 1648 127.01 115.46 -105.04
N ASN F 1649 127.99 115.90 -105.81
CA ASN F 1649 127.81 116.81 -106.92
C ASN F 1649 128.16 116.04 -108.18
N ARG F 1650 127.17 115.82 -109.04
CA ARG F 1650 127.39 115.07 -110.26
C ARG F 1650 126.45 115.61 -111.31
N LEU F 1651 126.57 115.05 -112.50
CA LEU F 1651 125.74 115.50 -113.59
C LEU F 1651 124.34 114.90 -113.45
N PRO F 1652 123.32 115.59 -113.94
CA PRO F 1652 121.97 115.05 -113.85
C PRO F 1652 121.79 113.83 -114.74
N GLY F 1653 120.84 113.00 -114.36
CA GLY F 1653 120.51 111.81 -115.12
C GLY F 1653 121.33 110.60 -114.77
N GLY F 1654 122.06 110.62 -113.67
CA GLY F 1654 122.92 109.52 -113.28
C GLY F 1654 122.34 108.63 -112.20
N ASN F 1655 121.03 108.71 -111.98
CA ASN F 1655 120.41 107.89 -110.96
C ASN F 1655 120.28 106.46 -111.45
N GLU F 1656 120.62 105.53 -110.56
CA GLU F 1656 120.45 104.10 -110.78
C GLU F 1656 119.17 103.55 -110.18
N ILE F 1657 118.47 104.36 -109.38
CA ILE F 1657 117.21 103.97 -108.76
C ILE F 1657 116.15 105.00 -109.13
N GLY F 1658 114.91 104.69 -108.77
CA GLY F 1658 113.78 105.49 -109.15
C GLY F 1658 113.49 106.67 -108.27
N MET F 1659 114.35 106.94 -107.30
CA MET F 1659 114.14 107.98 -106.32
C MET F 1659 115.34 108.90 -106.33
N VAL F 1660 115.10 110.19 -106.23
CA VAL F 1660 116.17 111.18 -106.19
C VAL F 1660 115.81 112.18 -105.11
N ALA F 1661 116.84 112.74 -104.50
CA ALA F 1661 116.64 113.72 -103.47
C ALA F 1661 117.77 114.72 -103.46
N TRP F 1662 117.46 115.90 -102.97
CA TRP F 1662 118.39 117.01 -102.89
C TRP F 1662 118.24 117.69 -101.56
N LYS F 1663 119.35 118.25 -101.09
CA LYS F 1663 119.32 119.28 -100.08
C LYS F 1663 119.55 120.61 -100.78
N MET F 1664 118.58 121.51 -100.66
CA MET F 1664 118.59 122.80 -101.32
C MET F 1664 118.69 123.90 -100.28
N THR F 1665 119.56 124.85 -100.56
CA THR F 1665 119.68 126.07 -99.80
C THR F 1665 119.33 127.23 -100.71
N PHE F 1666 118.42 128.09 -100.25
CA PHE F 1666 118.00 129.20 -101.08
C PHE F 1666 117.65 130.41 -100.24
N LYS F 1667 117.70 131.56 -100.89
CA LYS F 1667 117.43 132.84 -100.28
C LYS F 1667 116.05 133.32 -100.70
N SER F 1668 115.22 133.62 -99.71
CA SER F 1668 113.86 134.07 -99.92
C SER F 1668 113.68 135.46 -99.33
N PRO F 1669 112.61 136.17 -99.68
CA PRO F 1669 112.42 137.53 -99.16
C PRO F 1669 112.35 137.61 -97.66
N GLU F 1670 111.72 136.64 -97.04
CA GLU F 1670 111.63 136.56 -95.59
C GLU F 1670 112.93 136.08 -94.94
N TYR F 1671 113.71 135.25 -95.63
CA TYR F 1671 114.99 134.75 -95.13
C TYR F 1671 116.05 134.94 -96.21
N PRO F 1672 116.57 136.16 -96.36
CA PRO F 1672 117.55 136.43 -97.42
C PRO F 1672 118.97 136.03 -97.07
N GLU F 1673 119.14 135.20 -96.04
CA GLU F 1673 120.43 134.64 -95.68
C GLU F 1673 120.57 133.16 -95.99
N GLY F 1674 119.49 132.50 -96.38
CA GLY F 1674 119.53 131.10 -96.73
C GLY F 1674 118.69 130.27 -95.78
N ARG F 1675 117.77 129.52 -96.35
CA ARG F 1675 117.05 128.49 -95.65
C ARG F 1675 117.19 127.19 -96.41
N ASP F 1676 117.06 126.10 -95.67
CA ASP F 1676 117.29 124.76 -96.19
C ASP F 1676 115.98 124.02 -96.34
N ILE F 1677 115.91 123.18 -97.37
CA ILE F 1677 114.85 122.21 -97.50
C ILE F 1677 115.43 120.91 -98.06
N ILE F 1678 114.67 119.86 -97.87
CA ILE F 1678 114.95 118.55 -98.47
C ILE F 1678 113.84 118.27 -99.47
N VAL F 1679 114.24 117.94 -100.68
CA VAL F 1679 113.34 117.65 -101.77
C VAL F 1679 113.51 116.18 -102.12
N ILE F 1680 112.41 115.47 -102.25
CA ILE F 1680 112.41 114.07 -102.61
C ILE F 1680 111.43 113.90 -103.75
N GLY F 1681 111.82 113.12 -104.76
CA GLY F 1681 110.96 112.92 -105.90
C GLY F 1681 111.17 111.57 -106.56
N ASN F 1682 110.09 111.11 -107.15
CA ASN F 1682 110.04 109.90 -107.96
C ASN F 1682 110.45 110.18 -109.38
N ASP F 1683 111.19 109.24 -109.96
CA ASP F 1683 111.53 109.24 -111.37
C ASP F 1683 110.52 108.34 -112.08
N ILE F 1684 109.60 108.95 -112.81
CA ILE F 1684 108.52 108.22 -113.43
C ILE F 1684 109.02 107.27 -114.51
N THR F 1685 110.18 107.55 -115.10
CA THR F 1685 110.68 106.79 -116.22
C THR F 1685 111.50 105.57 -115.82
N TYR F 1686 111.80 105.41 -114.53
CA TYR F 1686 112.63 104.30 -114.07
C TYR F 1686 111.73 103.18 -113.62
N ARG F 1687 111.57 102.16 -114.46
CA ARG F 1687 110.79 100.99 -114.10
C ARG F 1687 109.39 101.38 -113.63
N ILE F 1688 108.56 101.81 -114.58
CA ILE F 1688 107.52 102.81 -114.48
C ILE F 1688 107.08 103.01 -113.03
N GLY F 1689 107.26 104.23 -112.51
CA GLY F 1689 107.03 104.54 -111.10
C GLY F 1689 107.74 103.59 -110.12
N SER F 1690 106.95 102.87 -109.32
CA SER F 1690 107.38 101.64 -108.63
C SER F 1690 108.44 101.73 -107.54
N PHE F 1691 108.02 102.06 -106.32
CA PHE F 1691 108.85 101.92 -105.12
C PHE F 1691 109.48 100.54 -105.04
N GLY F 1692 110.80 100.50 -104.99
CA GLY F 1692 111.54 99.31 -104.61
C GLY F 1692 112.12 99.46 -103.23
N PRO F 1693 112.95 98.51 -102.81
CA PRO F 1693 113.57 98.63 -101.49
C PRO F 1693 114.56 99.76 -101.40
N GLN F 1694 115.34 99.98 -102.45
CA GLN F 1694 116.34 101.03 -102.43
C GLN F 1694 115.71 102.41 -102.46
N GLU F 1695 114.64 102.55 -103.25
CA GLU F 1695 113.90 103.80 -103.28
C GLU F 1695 113.32 104.10 -101.90
N ASP F 1696 112.74 103.10 -101.27
CA ASP F 1696 112.22 103.24 -99.92
C ASP F 1696 113.31 103.65 -98.95
N LEU F 1697 114.49 103.05 -99.09
CA LEU F 1697 115.58 103.37 -98.18
C LEU F 1697 116.03 104.81 -98.34
N LEU F 1698 116.12 105.29 -99.59
CA LEU F 1698 116.55 106.66 -99.79
C LEU F 1698 115.54 107.64 -99.23
N PHE F 1699 114.26 107.37 -99.46
CA PHE F 1699 113.21 108.18 -98.87
C PHE F 1699 113.39 108.25 -97.36
N LEU F 1700 113.57 107.09 -96.74
CA LEU F 1700 113.69 107.03 -95.29
C LEU F 1700 114.86 107.87 -94.80
N ARG F 1701 116.02 107.67 -95.42
CA ARG F 1701 117.21 108.35 -94.93
C ARG F 1701 117.12 109.86 -95.13
N ALA F 1702 116.50 110.29 -96.23
CA ALA F 1702 116.38 111.73 -96.44
C ALA F 1702 115.40 112.34 -95.44
N SER F 1703 114.31 111.63 -95.16
CA SER F 1703 113.39 112.09 -94.14
C SER F 1703 114.06 112.18 -92.79
N GLU F 1704 114.91 111.19 -92.48
CA GLU F 1704 115.67 111.23 -91.24
C GLU F 1704 116.56 112.45 -91.18
N LEU F 1705 117.19 112.79 -92.30
CA LEU F 1705 118.03 113.98 -92.33
C LEU F 1705 117.22 115.21 -92.02
N ALA F 1706 116.03 115.31 -92.63
CA ALA F 1706 115.18 116.46 -92.42
C ALA F 1706 114.77 116.58 -90.96
N ARG F 1707 114.42 115.47 -90.34
CA ARG F 1707 114.03 115.51 -88.94
C ARG F 1707 115.20 115.88 -88.06
N ALA F 1708 116.38 115.38 -88.38
CA ALA F 1708 117.56 115.67 -87.58
C ALA F 1708 117.89 117.15 -87.64
N GLU F 1709 117.74 117.76 -88.81
CA GLU F 1709 117.99 119.19 -88.96
C GLU F 1709 116.77 120.05 -88.63
N GLY F 1710 115.58 119.45 -88.55
CA GLY F 1710 114.40 120.21 -88.25
C GLY F 1710 113.93 121.14 -89.34
N ILE F 1711 114.06 120.72 -90.59
CA ILE F 1711 113.77 121.56 -91.74
C ILE F 1711 112.67 120.91 -92.55
N PRO F 1712 112.05 121.64 -93.47
CA PRO F 1712 110.93 121.07 -94.22
C PRO F 1712 111.32 119.91 -95.12
N ARG F 1713 110.33 119.11 -95.44
CA ARG F 1713 110.45 118.02 -96.38
C ARG F 1713 109.41 118.20 -97.46
N ILE F 1714 109.87 118.24 -98.70
CA ILE F 1714 109.04 118.39 -99.88
C ILE F 1714 109.09 117.09 -100.66
N TYR F 1715 107.92 116.53 -100.94
CA TYR F 1715 107.81 115.27 -101.66
C TYR F 1715 107.06 115.49 -102.96
N VAL F 1716 107.68 115.09 -104.06
CA VAL F 1716 107.09 115.20 -105.40
C VAL F 1716 106.69 113.80 -105.83
N SER F 1717 105.38 113.58 -105.93
CA SER F 1717 104.83 112.27 -106.18
C SER F 1717 104.61 112.06 -107.67
N ALA F 1718 105.27 111.07 -108.22
CA ALA F 1718 104.95 110.55 -109.54
C ALA F 1718 105.34 109.08 -109.57
N ASN F 1719 104.41 108.20 -109.25
CA ASN F 1719 104.74 106.81 -109.01
C ASN F 1719 103.55 105.95 -109.32
N SER F 1720 103.74 104.65 -109.14
CA SER F 1720 102.76 103.64 -109.47
C SER F 1720 102.55 102.67 -108.33
N GLY F 1721 102.89 103.07 -107.12
CA GLY F 1721 102.69 102.23 -105.98
C GLY F 1721 103.85 101.26 -105.81
N ALA F 1722 103.58 100.22 -105.03
CA ALA F 1722 104.60 99.25 -104.71
C ALA F 1722 105.00 98.45 -105.94
N ARG F 1723 106.28 98.15 -106.02
CA ARG F 1723 106.81 97.38 -107.13
C ARG F 1723 106.38 95.92 -106.98
N ILE F 1724 106.01 95.32 -108.10
CA ILE F 1724 105.62 93.93 -108.16
C ILE F 1724 106.46 93.27 -109.24
N GLY F 1725 106.36 91.96 -109.29
CA GLY F 1725 107.03 91.23 -110.34
C GLY F 1725 106.66 89.76 -110.29
N LEU F 1726 107.23 89.04 -111.23
CA LEU F 1726 107.05 87.61 -111.34
C LEU F 1726 108.41 86.97 -111.63
N ALA F 1727 108.56 85.74 -111.15
CA ALA F 1727 109.82 85.01 -111.24
C ALA F 1727 109.91 84.40 -112.63
N GLU F 1728 110.54 85.12 -113.55
CA GLU F 1728 110.58 84.71 -114.93
C GLU F 1728 111.47 83.49 -115.15
N GLU F 1729 112.45 83.28 -114.28
CA GLU F 1729 113.33 82.13 -114.39
C GLU F 1729 112.61 80.79 -114.22
N ILE F 1730 111.40 80.81 -113.64
CA ILE F 1730 110.60 79.62 -113.43
C ILE F 1730 109.51 79.56 -114.49
N ARG F 1731 109.09 80.73 -114.98
CA ARG F 1731 107.94 80.83 -115.85
C ARG F 1731 108.13 80.03 -117.13
N HIS F 1732 109.36 79.88 -117.58
CA HIS F 1732 109.68 79.20 -118.82
C HIS F 1732 110.17 77.77 -118.60
N MET F 1733 110.16 77.28 -117.37
CA MET F 1733 110.63 75.94 -117.05
C MET F 1733 109.54 74.99 -116.59
N PHE F 1734 108.48 75.48 -115.95
CA PHE F 1734 107.59 74.59 -115.24
C PHE F 1734 106.75 73.77 -116.21
N HIS F 1735 106.34 72.60 -115.73
CA HIS F 1735 105.40 71.74 -116.44
C HIS F 1735 104.21 71.46 -115.54
N VAL F 1736 103.08 71.22 -116.19
CA VAL F 1736 101.81 70.96 -115.53
C VAL F 1736 101.63 69.46 -115.41
N ALA F 1737 101.37 69.00 -114.20
CA ALA F 1737 101.02 67.60 -113.96
C ALA F 1737 99.51 67.51 -114.09
N TRP F 1738 99.06 67.06 -115.26
CA TRP F 1738 97.64 67.02 -115.55
C TRP F 1738 96.98 65.81 -114.89
N VAL F 1739 95.70 65.97 -114.58
CA VAL F 1739 94.87 64.85 -114.16
C VAL F 1739 94.70 63.87 -115.32
N ASP F 1740 94.42 64.38 -116.50
CA ASP F 1740 94.34 63.59 -117.73
C ASP F 1740 95.22 64.29 -118.76
N PRO F 1741 96.44 63.80 -119.03
CA PRO F 1741 97.31 64.53 -119.97
C PRO F 1741 96.74 64.66 -121.37
N GLU F 1742 95.76 63.84 -121.74
CA GLU F 1742 95.12 63.93 -123.03
C GLU F 1742 93.93 64.87 -123.03
N ASP F 1743 93.24 64.97 -121.91
CA ASP F 1743 92.13 65.90 -121.73
C ASP F 1743 92.49 66.86 -120.61
N PRO F 1744 93.03 68.05 -120.92
CA PRO F 1744 93.44 68.96 -119.84
C PRO F 1744 92.31 69.65 -119.12
N TYR F 1745 91.05 69.38 -119.47
CA TYR F 1745 89.91 70.08 -118.91
C TYR F 1745 89.28 69.33 -117.74
N LYS F 1746 89.98 68.35 -117.17
CA LYS F 1746 89.58 67.73 -115.92
C LYS F 1746 90.59 68.05 -114.83
N GLY F 1747 91.30 69.16 -115.00
CA GLY F 1747 92.15 69.69 -113.95
C GLY F 1747 93.58 69.27 -114.08
N TYR F 1748 94.38 69.86 -113.21
CA TYR F 1748 95.76 69.46 -113.00
C TYR F 1748 95.96 69.37 -111.50
N ARG F 1749 96.99 68.63 -111.11
CA ARG F 1749 97.27 68.41 -109.71
C ARG F 1749 98.33 69.35 -109.15
N TYR F 1750 99.37 69.64 -109.92
CA TYR F 1750 100.44 70.45 -109.43
C TYR F 1750 101.30 70.94 -110.58
N LEU F 1751 102.23 71.82 -110.25
CA LEU F 1751 103.27 72.27 -111.16
C LEU F 1751 104.61 71.76 -110.66
N TYR F 1752 105.49 71.46 -111.61
CA TYR F 1752 106.73 70.78 -111.25
C TYR F 1752 107.83 71.16 -112.22
N LEU F 1753 109.05 70.92 -111.76
CA LEU F 1753 110.24 71.01 -112.57
C LEU F 1753 110.79 69.61 -112.80
N THR F 1754 111.41 69.46 -113.92
CA THR F 1754 112.18 68.27 -114.21
C THR F 1754 113.56 68.41 -113.61
N PRO F 1755 114.30 67.32 -113.47
CA PRO F 1755 115.66 67.42 -112.91
C PRO F 1755 116.56 68.36 -113.68
N GLN F 1756 116.42 68.40 -115.00
CA GLN F 1756 117.27 69.24 -115.83
C GLN F 1756 117.09 70.71 -115.49
N ASP F 1757 115.91 71.09 -115.03
CA ASP F 1757 115.63 72.46 -114.64
C ASP F 1757 115.92 72.67 -113.16
N TYR F 1758 115.54 71.70 -112.32
CA TYR F 1758 115.72 71.84 -110.89
C TYR F 1758 117.19 71.97 -110.53
N LYS F 1759 118.05 71.22 -111.21
CA LYS F 1759 119.47 71.27 -110.89
C LYS F 1759 120.09 72.63 -111.19
N ARG F 1760 119.46 73.42 -112.06
CA ARG F 1760 119.99 74.71 -112.45
C ARG F 1760 119.46 75.86 -111.61
N VAL F 1761 118.56 75.60 -110.66
CA VAL F 1761 117.98 76.63 -109.82
C VAL F 1761 118.10 76.31 -108.35
N SER F 1762 118.38 75.06 -107.98
CA SER F 1762 118.40 74.67 -106.58
C SER F 1762 119.53 75.37 -105.83
N ALA F 1763 120.58 75.77 -106.53
CA ALA F 1763 121.70 76.47 -105.92
C ALA F 1763 121.43 77.95 -105.71
N LEU F 1764 120.31 78.48 -106.22
CA LEU F 1764 119.97 79.89 -106.13
C LEU F 1764 118.97 80.21 -105.03
N ASN F 1765 118.35 79.19 -104.43
CA ASN F 1765 117.27 79.40 -103.47
C ASN F 1765 116.14 80.22 -104.11
N SER F 1766 115.91 80.00 -105.39
CA SER F 1766 114.84 80.68 -106.11
C SER F 1766 113.52 79.96 -106.00
N VAL F 1767 113.55 78.64 -105.76
CA VAL F 1767 112.33 77.84 -105.70
C VAL F 1767 112.52 76.77 -104.64
N HIS F 1768 111.42 76.41 -103.98
CA HIS F 1768 111.37 75.30 -103.06
C HIS F 1768 110.48 74.21 -103.65
N CYS F 1769 111.09 73.05 -103.86
CA CYS F 1769 110.40 71.90 -104.41
C CYS F 1769 110.70 70.69 -103.55
N GLU F 1770 109.89 69.66 -103.74
CA GLU F 1770 110.09 68.37 -103.10
C GLU F 1770 110.07 67.28 -104.16
N HIS F 1771 110.98 66.33 -104.02
CA HIS F 1771 111.07 65.26 -105.00
C HIS F 1771 109.90 64.31 -104.84
N VAL F 1772 109.27 63.97 -105.97
CA VAL F 1772 108.20 62.99 -106.01
C VAL F 1772 108.43 62.09 -107.22
N GLU F 1773 107.81 60.92 -107.15
CA GLU F 1773 107.76 59.97 -108.24
C GLU F 1773 106.32 59.92 -108.73
N ASP F 1774 106.09 60.27 -109.98
CA ASP F 1774 104.73 60.28 -110.50
C ASP F 1774 104.75 60.01 -111.99
N GLU F 1775 103.82 59.15 -112.42
CA GLU F 1775 103.72 58.72 -113.81
C GLU F 1775 105.02 58.08 -114.28
N GLY F 1776 105.74 57.43 -113.36
CA GLY F 1776 107.01 56.84 -113.68
C GLY F 1776 108.11 57.83 -113.95
N GLU F 1777 107.94 59.08 -113.55
CA GLU F 1777 108.93 60.14 -113.77
C GLU F 1777 109.37 60.73 -112.45
N SER F 1778 110.64 61.14 -112.45
CA SER F 1778 111.23 61.91 -111.36
C SER F 1778 110.84 63.37 -111.54
N ARG F 1779 110.13 63.92 -110.54
CA ARG F 1779 109.64 65.28 -110.64
C ARG F 1779 109.94 66.01 -109.34
N TYR F 1780 110.15 67.32 -109.44
CA TYR F 1780 110.31 68.18 -108.27
C TYR F 1780 109.08 69.07 -108.22
N LYS F 1781 108.18 68.75 -107.32
CA LYS F 1781 106.91 69.46 -107.22
C LYS F 1781 107.15 70.78 -106.53
N ILE F 1782 106.65 71.85 -107.14
CA ILE F 1782 106.85 73.21 -106.64
C ILE F 1782 105.87 73.42 -105.49
N THR F 1783 106.38 73.89 -104.35
CA THR F 1783 105.54 74.28 -103.23
C THR F 1783 105.60 75.76 -102.93
N ASP F 1784 106.76 76.37 -103.12
CA ASP F 1784 106.93 77.80 -102.94
C ASP F 1784 107.91 78.32 -103.98
N ILE F 1785 107.67 79.54 -104.45
CA ILE F 1785 108.58 80.26 -105.32
C ILE F 1785 109.07 81.47 -104.57
N ILE F 1786 110.39 81.63 -104.53
CA ILE F 1786 111.02 82.76 -103.88
C ILE F 1786 111.37 83.84 -104.87
N GLY F 1787 112.10 83.46 -105.92
CA GLY F 1787 112.59 84.39 -106.92
C GLY F 1787 114.00 84.85 -106.63
N LYS F 1788 114.88 84.73 -107.62
CA LYS F 1788 116.26 85.18 -107.44
C LYS F 1788 116.39 86.69 -107.51
N GLU F 1789 115.43 87.37 -108.12
CA GLU F 1789 115.49 88.83 -108.27
C GLU F 1789 114.95 89.49 -107.02
N GLU F 1790 115.74 90.41 -106.46
CA GLU F 1790 115.34 91.18 -105.31
C GLU F 1790 114.60 92.43 -105.74
N GLY F 1791 113.62 92.82 -104.93
CA GLY F 1791 112.86 94.01 -105.16
C GLY F 1791 111.47 93.80 -105.71
N ILE F 1792 111.04 92.54 -105.87
CA ILE F 1792 109.72 92.22 -106.40
C ILE F 1792 108.84 91.48 -105.40
N GLY F 1793 109.38 91.04 -104.29
CA GLY F 1793 108.68 90.18 -103.39
C GLY F 1793 108.11 90.92 -102.20
N PRO F 1794 107.77 90.18 -101.14
CA PRO F 1794 107.15 90.82 -99.97
C PRO F 1794 108.05 91.80 -99.24
N GLU F 1795 109.34 91.86 -99.57
CA GLU F 1795 110.21 92.86 -98.98
C GLU F 1795 109.75 94.27 -99.30
N ASN F 1796 108.99 94.45 -100.39
CA ASN F 1796 108.43 95.75 -100.71
C ASN F 1796 107.25 96.11 -99.83
N LEU F 1797 106.64 95.14 -99.18
CA LEU F 1797 105.56 95.46 -98.27
C LEU F 1797 106.13 96.09 -97.00
N ARG F 1798 107.07 95.38 -96.37
CA ARG F 1798 107.81 95.91 -95.23
C ARG F 1798 108.30 97.32 -95.52
N GLY F 1799 109.12 97.45 -96.56
CA GLY F 1799 109.64 98.75 -96.94
C GLY F 1799 108.58 99.81 -97.05
N SER F 1800 107.47 99.49 -97.72
CA SER F 1800 106.41 100.49 -97.85
C SER F 1800 105.91 100.91 -96.49
N GLY F 1801 105.59 99.92 -95.64
CA GLY F 1801 105.12 100.22 -94.32
C GLY F 1801 106.14 101.06 -93.55
N MET F 1802 107.42 100.72 -93.72
CA MET F 1802 108.48 101.45 -93.04
C MET F 1802 108.38 102.94 -93.34
N ILE F 1803 108.34 103.27 -94.63
CA ILE F 1803 108.38 104.69 -94.96
C ILE F 1803 107.10 105.36 -94.54
N ALA F 1804 105.99 104.62 -94.53
CA ALA F 1804 104.74 105.19 -94.08
C ALA F 1804 104.87 105.65 -92.66
N GLY F 1805 105.44 104.80 -91.81
CA GLY F 1805 105.69 105.18 -90.45
C GLY F 1805 106.52 106.44 -90.34
N GLU F 1806 107.56 106.52 -91.17
CA GLU F 1806 108.42 107.69 -91.16
C GLU F 1806 107.60 108.95 -91.44
N SER F 1807 106.73 108.90 -92.43
CA SER F 1807 105.95 110.08 -92.77
C SER F 1807 105.08 110.48 -91.59
N SER F 1808 104.52 109.49 -90.89
CA SER F 1808 103.65 109.79 -89.76
C SER F 1808 104.45 110.49 -88.68
N LEU F 1809 105.72 110.15 -88.54
CA LEU F 1809 106.54 110.82 -87.56
C LEU F 1809 106.91 112.21 -88.03
N ALA F 1810 107.22 112.34 -89.32
CA ALA F 1810 107.75 113.59 -89.83
C ALA F 1810 106.75 114.72 -89.66
N TYR F 1811 105.48 114.41 -89.83
CA TYR F 1811 104.42 115.41 -89.71
C TYR F 1811 104.39 116.04 -88.34
N ASN F 1812 104.81 115.31 -87.32
CA ASN F 1812 104.74 115.79 -85.96
C ASN F 1812 106.03 116.45 -85.49
N GLU F 1813 107.05 116.52 -86.33
CA GLU F 1813 108.30 117.17 -85.99
C GLU F 1813 108.69 118.28 -86.93
N ILE F 1814 108.38 118.17 -88.22
CA ILE F 1814 108.82 119.11 -89.22
C ILE F 1814 107.64 119.52 -90.09
N ILE F 1815 107.93 120.37 -91.05
CA ILE F 1815 107.00 120.71 -92.10
C ILE F 1815 107.08 119.65 -93.18
N THR F 1816 105.93 119.18 -93.62
CA THR F 1816 105.83 118.25 -94.74
C THR F 1816 104.89 118.84 -95.76
N ILE F 1817 105.35 118.93 -97.00
CA ILE F 1817 104.53 119.39 -98.10
C ILE F 1817 104.67 118.38 -99.22
N SER F 1818 103.58 118.13 -99.92
CA SER F 1818 103.53 117.16 -101.00
C SER F 1818 102.95 117.80 -102.24
N LEU F 1819 103.59 117.52 -103.37
CA LEU F 1819 103.13 117.96 -104.68
C LEU F 1819 102.91 116.76 -105.57
N VAL F 1820 101.73 116.71 -106.16
CA VAL F 1820 101.30 115.61 -107.02
C VAL F 1820 101.34 116.11 -108.45
N THR F 1821 102.23 115.54 -109.26
CA THR F 1821 102.48 116.01 -110.61
C THR F 1821 101.97 115.07 -111.69
N CYS F 1822 102.09 113.76 -111.50
CA CYS F 1822 101.64 112.79 -112.49
C CYS F 1822 100.51 111.92 -111.98
N ARG F 1823 100.78 111.16 -110.91
CA ARG F 1823 99.81 110.25 -110.32
C ARG F 1823 100.45 109.63 -109.10
N ALA F 1824 99.60 109.12 -108.21
CA ALA F 1824 100.04 108.29 -107.11
C ALA F 1824 99.07 107.15 -106.91
N ILE F 1825 99.60 105.95 -106.73
CA ILE F 1825 98.80 104.75 -106.56
C ILE F 1825 99.24 104.07 -105.26
N GLY F 1826 98.26 103.66 -104.47
CA GLY F 1826 98.54 102.86 -103.29
C GLY F 1826 99.37 103.63 -102.29
N ILE F 1827 100.55 103.07 -102.03
CA ILE F 1827 101.44 103.61 -101.00
C ILE F 1827 101.76 105.07 -101.27
N GLY F 1828 101.94 105.42 -102.55
CA GLY F 1828 102.22 106.79 -102.90
C GLY F 1828 101.17 107.74 -102.37
N ALA F 1829 99.90 107.39 -102.52
CA ALA F 1829 98.82 108.22 -102.00
C ALA F 1829 98.96 108.39 -100.51
N TYR F 1830 99.24 107.30 -99.79
CA TYR F 1830 99.37 107.41 -98.34
C TYR F 1830 100.51 108.33 -97.99
N LEU F 1831 101.59 108.28 -98.76
CA LEU F 1831 102.73 109.13 -98.46
C LEU F 1831 102.37 110.58 -98.64
N VAL F 1832 101.46 110.86 -99.55
CA VAL F 1832 100.99 112.22 -99.70
C VAL F 1832 100.12 112.58 -98.51
N ARG F 1833 99.20 111.70 -98.18
CA ARG F 1833 98.21 111.98 -97.15
C ARG F 1833 98.87 112.19 -95.80
N LEU F 1834 99.89 111.39 -95.51
CA LEU F 1834 100.54 111.49 -94.22
C LEU F 1834 101.29 112.79 -94.06
N GLY F 1835 101.54 113.52 -95.15
CA GLY F 1835 102.05 114.87 -95.04
C GLY F 1835 100.99 115.92 -94.76
N GLN F 1836 99.75 115.61 -95.12
CA GLN F 1836 98.58 116.44 -94.85
C GLN F 1836 98.67 117.84 -95.45
N ARG F 1837 99.55 118.07 -96.40
CA ARG F 1837 99.59 119.33 -97.13
C ARG F 1837 99.87 119.00 -98.59
N THR F 1838 98.80 118.91 -99.36
CA THR F 1838 98.83 118.38 -100.71
C THR F 1838 98.53 119.48 -101.70
N ILE F 1839 99.37 119.57 -102.72
CA ILE F 1839 99.11 120.35 -103.92
C ILE F 1839 98.93 119.36 -105.04
N GLN F 1840 97.87 119.53 -105.82
CA GLN F 1840 97.49 118.60 -106.87
C GLN F 1840 97.45 119.32 -108.19
N VAL F 1841 98.25 118.87 -109.14
CA VAL F 1841 98.24 119.44 -110.48
C VAL F 1841 96.99 118.98 -111.20
N GLU F 1842 96.45 119.85 -112.05
CA GLU F 1842 95.35 119.47 -112.92
C GLU F 1842 95.70 118.25 -113.75
N ASN F 1843 94.71 117.39 -113.93
CA ASN F 1843 94.88 116.13 -114.63
C ASN F 1843 95.95 115.27 -113.98
N SER F 1844 95.78 115.06 -112.68
CA SER F 1844 96.51 114.05 -111.93
C SER F 1844 95.54 113.46 -110.92
N HIS F 1845 95.91 112.30 -110.38
CA HIS F 1845 94.97 111.57 -109.55
C HIS F 1845 95.68 110.79 -108.46
N LEU F 1846 95.00 110.71 -107.32
CA LEU F 1846 95.42 109.95 -106.16
C LEU F 1846 94.43 108.83 -105.93
N ILE F 1847 94.87 107.60 -106.17
CA ILE F 1847 93.99 106.45 -106.10
C ILE F 1847 94.65 105.36 -105.29
N LEU F 1848 93.82 104.41 -104.88
CA LEU F 1848 94.26 103.17 -104.29
C LEU F 1848 94.07 101.99 -105.21
N THR F 1849 93.04 102.04 -106.04
CA THR F 1849 92.75 101.01 -107.03
C THR F 1849 92.43 101.66 -108.35
N GLY F 1850 92.94 101.08 -109.42
CA GLY F 1850 92.69 101.60 -110.73
C GLY F 1850 91.31 101.26 -111.24
N ALA F 1851 90.88 102.03 -112.23
CA ALA F 1851 89.56 101.84 -112.81
C ALA F 1851 89.43 100.48 -113.46
N GLY F 1852 90.49 100.02 -114.13
CA GLY F 1852 90.42 98.74 -114.80
C GLY F 1852 90.24 97.60 -113.82
N ALA F 1853 90.96 97.65 -112.70
CA ALA F 1853 90.79 96.63 -111.66
C ALA F 1853 89.37 96.62 -111.12
N LEU F 1854 88.81 97.80 -110.87
CA LEU F 1854 87.47 97.85 -110.34
C LEU F 1854 86.45 97.33 -111.34
N ASN F 1855 86.67 97.60 -112.62
CA ASN F 1855 85.78 97.08 -113.63
C ASN F 1855 85.88 95.58 -113.71
N LYS F 1856 87.08 95.03 -113.50
CA LYS F 1856 87.26 93.60 -113.53
C LYS F 1856 86.56 92.95 -112.35
N VAL F 1857 86.63 93.59 -111.18
CA VAL F 1857 85.99 93.04 -110.00
C VAL F 1857 84.48 93.11 -110.11
N LEU F 1858 83.96 94.25 -110.56
CA LEU F 1858 82.53 94.46 -110.58
C LEU F 1858 81.84 93.77 -111.75
N GLY F 1859 82.58 93.49 -112.81
CA GLY F 1859 82.06 92.75 -113.93
C GLY F 1859 81.54 93.57 -115.09
N ARG F 1860 81.59 94.89 -115.02
CA ARG F 1860 81.17 95.72 -116.14
C ARG F 1860 82.01 96.98 -116.16
N GLU F 1861 81.92 97.70 -117.28
CA GLU F 1861 82.70 98.92 -117.47
C GLU F 1861 82.00 100.05 -116.71
N VAL F 1862 82.29 100.12 -115.42
CA VAL F 1862 81.71 101.12 -114.55
C VAL F 1862 82.44 102.44 -114.70
N TYR F 1863 83.76 102.39 -114.59
CA TYR F 1863 84.62 103.54 -114.61
C TYR F 1863 85.39 103.59 -115.91
N THR F 1864 85.63 104.80 -116.38
CA THR F 1864 86.35 105.05 -117.61
C THR F 1864 87.75 105.59 -117.37
N SER F 1865 87.89 106.51 -116.43
CA SER F 1865 89.13 107.19 -116.16
C SER F 1865 89.46 107.08 -114.70
N ASN F 1866 90.75 107.09 -114.40
CA ASN F 1866 91.19 107.15 -113.03
C ASN F 1866 90.87 108.49 -112.39
N ASN F 1867 90.65 109.53 -113.20
CA ASN F 1867 90.29 110.82 -112.63
C ASN F 1867 88.92 110.79 -111.98
N GLN F 1868 88.08 109.84 -112.39
CA GLN F 1868 86.82 109.64 -111.72
C GLN F 1868 86.99 109.14 -110.30
N LEU F 1869 88.14 108.54 -110.00
CA LEU F 1869 88.40 107.94 -108.70
C LEU F 1869 89.22 108.82 -107.78
N GLY F 1870 90.18 109.58 -108.32
CA GLY F 1870 91.06 110.37 -107.48
C GLY F 1870 91.47 111.71 -108.03
N GLY F 1871 90.70 112.25 -108.96
CA GLY F 1871 91.02 113.53 -109.53
C GLY F 1871 90.60 114.67 -108.65
N ILE F 1872 90.77 115.87 -109.19
CA ILE F 1872 90.53 117.09 -108.43
C ILE F 1872 89.09 117.15 -107.95
N GLN F 1873 88.16 116.75 -108.80
CA GLN F 1873 86.75 116.91 -108.48
C GLN F 1873 86.33 116.08 -107.27
N ILE F 1874 87.18 115.15 -106.84
CA ILE F 1874 86.99 114.39 -105.61
C ILE F 1874 87.93 114.87 -104.52
N MET F 1875 89.23 114.92 -104.81
CA MET F 1875 90.22 115.16 -103.77
C MET F 1875 90.18 116.59 -103.25
N HIS F 1876 89.82 117.55 -104.09
CA HIS F 1876 89.80 118.94 -103.68
C HIS F 1876 88.51 119.32 -102.99
N ASN F 1877 87.46 118.53 -103.15
CA ASN F 1877 86.17 118.79 -102.56
C ASN F 1877 85.92 118.01 -101.28
N ASN F 1878 86.70 116.96 -101.02
CA ASN F 1878 86.60 116.19 -99.80
C ASN F 1878 87.71 116.50 -98.80
N GLY F 1879 88.52 117.51 -99.05
CA GLY F 1879 89.47 117.99 -98.08
C GLY F 1879 90.81 117.32 -98.07
N VAL F 1880 91.15 116.58 -99.11
CA VAL F 1880 92.46 115.95 -99.20
C VAL F 1880 93.48 116.91 -99.80
N THR F 1881 93.16 117.47 -100.95
CA THR F 1881 93.97 118.47 -101.59
C THR F 1881 93.67 119.84 -101.01
N HIS F 1882 94.72 120.57 -100.67
CA HIS F 1882 94.59 121.93 -100.17
C HIS F 1882 94.50 122.93 -101.31
N CYS F 1883 95.30 122.76 -102.34
CA CYS F 1883 95.38 123.72 -103.43
C CYS F 1883 95.59 122.97 -104.73
N THR F 1884 95.03 123.54 -105.79
CA THR F 1884 95.18 123.02 -107.13
C THR F 1884 95.98 124.01 -107.96
N VAL F 1885 96.77 123.48 -108.88
CA VAL F 1885 97.59 124.28 -109.76
C VAL F 1885 97.47 123.71 -111.16
N CYS F 1886 97.88 124.51 -112.13
CA CYS F 1886 97.71 124.14 -113.52
C CYS F 1886 98.85 123.28 -114.05
N ASP F 1887 100.05 123.46 -113.52
CA ASP F 1887 101.21 122.72 -114.01
C ASP F 1887 102.19 122.51 -112.88
N ASP F 1888 103.34 121.95 -113.22
CA ASP F 1888 104.36 121.66 -112.21
C ASP F 1888 105.02 122.94 -111.72
N PHE F 1889 105.23 123.90 -112.62
CA PHE F 1889 105.95 125.11 -112.26
C PHE F 1889 105.16 125.93 -111.26
N GLU F 1890 103.87 126.07 -111.51
CA GLU F 1890 103.00 126.74 -110.55
C GLU F 1890 102.96 125.99 -109.24
N GLY F 1891 103.08 124.67 -109.28
CA GLY F 1891 103.10 123.89 -108.05
C GLY F 1891 104.32 124.23 -107.21
N VAL F 1892 105.48 124.26 -107.85
CA VAL F 1892 106.71 124.64 -107.16
C VAL F 1892 106.57 126.03 -106.55
N PHE F 1893 105.96 126.94 -107.30
CA PHE F 1893 105.78 128.29 -106.81
C PHE F 1893 104.89 128.31 -105.59
N THR F 1894 103.83 127.52 -105.63
CA THR F 1894 102.90 127.45 -104.51
C THR F 1894 103.60 126.93 -103.26
N VAL F 1895 104.48 125.96 -103.44
CA VAL F 1895 105.24 125.42 -102.32
C VAL F 1895 106.06 126.53 -101.68
N LEU F 1896 106.79 127.27 -102.51
CA LEU F 1896 107.63 128.34 -101.97
C LEU F 1896 106.80 129.44 -101.32
N HIS F 1897 105.62 129.70 -101.89
CA HIS F 1897 104.72 130.69 -101.35
C HIS F 1897 104.30 130.33 -99.95
N TRP F 1898 103.84 129.09 -99.78
CA TRP F 1898 103.48 128.62 -98.45
C TRP F 1898 104.66 128.72 -97.49
N LEU F 1899 105.85 128.37 -97.95
CA LEU F 1899 107.00 128.44 -97.07
C LEU F 1899 107.31 129.85 -96.62
N SER F 1900 106.87 130.86 -97.38
CA SER F 1900 107.18 132.21 -96.94
C SER F 1900 106.46 132.64 -95.68
N TYR F 1901 105.51 131.86 -95.19
CA TYR F 1901 104.76 132.23 -93.99
C TYR F 1901 105.30 131.63 -92.71
N MET F 1902 106.17 130.64 -92.80
CA MET F 1902 106.47 129.77 -91.68
C MET F 1902 107.95 129.81 -91.33
N PRO F 1903 108.32 129.30 -90.16
CA PRO F 1903 109.73 129.33 -89.76
C PRO F 1903 110.61 128.53 -90.70
N LYS F 1904 111.87 128.93 -90.76
CA LYS F 1904 112.83 128.20 -91.57
C LYS F 1904 113.14 126.85 -90.97
N SER F 1905 112.98 126.70 -89.66
CA SER F 1905 113.23 125.43 -89.00
C SER F 1905 112.35 125.36 -87.78
N VAL F 1906 112.25 124.16 -87.22
CA VAL F 1906 111.46 123.95 -86.02
C VAL F 1906 112.04 124.68 -84.80
N HIS F 1907 113.28 125.15 -84.88
CA HIS F 1907 113.93 125.86 -83.80
C HIS F 1907 114.00 127.36 -84.02
N SER F 1908 113.26 127.89 -84.99
CA SER F 1908 113.29 129.29 -85.33
C SER F 1908 111.94 129.93 -85.04
N SER F 1909 111.94 131.25 -85.02
CA SER F 1909 110.73 132.01 -84.83
C SER F 1909 110.03 132.22 -86.15
N VAL F 1910 108.83 132.75 -86.07
CA VAL F 1910 108.06 133.05 -87.28
C VAL F 1910 108.72 134.20 -88.03
N PRO F 1911 108.80 134.16 -89.36
CA PRO F 1911 109.41 135.28 -90.08
C PRO F 1911 108.49 136.49 -90.11
N LEU F 1912 109.07 137.64 -89.77
CA LEU F 1912 108.39 138.92 -89.84
C LEU F 1912 108.93 139.72 -91.01
N LEU F 1913 108.03 140.44 -91.66
CA LEU F 1913 108.37 141.30 -92.77
C LEU F 1913 108.12 142.76 -92.42
N ASN F 1914 108.84 143.63 -93.12
CA ASN F 1914 108.60 145.06 -93.06
C ASN F 1914 107.52 145.36 -94.10
N SER F 1915 106.28 145.40 -93.64
CA SER F 1915 105.15 145.48 -94.56
C SER F 1915 104.98 146.89 -95.10
N LYS F 1916 104.47 146.95 -96.32
CA LYS F 1916 104.05 148.19 -96.93
C LYS F 1916 102.63 148.58 -96.59
N ASP F 1917 101.90 147.72 -95.88
CA ASP F 1917 100.58 148.07 -95.38
C ASP F 1917 100.74 148.58 -93.96
N PRO F 1918 100.44 149.84 -93.66
CA PRO F 1918 100.66 150.33 -92.30
C PRO F 1918 99.83 149.59 -91.27
N ILE F 1919 100.39 149.47 -90.08
CA ILE F 1919 99.67 148.88 -88.97
C ILE F 1919 98.67 149.87 -88.37
N ASP F 1920 98.99 151.16 -88.43
CA ASP F 1920 98.25 152.17 -87.71
C ASP F 1920 96.98 152.62 -88.42
N ARG F 1921 96.68 152.06 -89.60
CA ARG F 1921 95.47 152.44 -90.29
C ARG F 1921 94.26 151.85 -89.59
N ILE F 1922 93.09 152.16 -90.14
CA ILE F 1922 91.83 151.60 -89.69
C ILE F 1922 91.33 150.65 -90.77
N ILE F 1923 90.31 149.90 -90.41
CA ILE F 1923 89.65 148.99 -91.33
C ILE F 1923 88.50 149.74 -91.96
N GLU F 1924 88.45 149.73 -93.28
CA GLU F 1924 87.46 150.47 -94.04
C GLU F 1924 86.20 149.67 -94.32
N PHE F 1925 86.30 148.36 -94.28
CA PHE F 1925 85.13 147.50 -94.42
C PHE F 1925 84.60 147.18 -93.03
N VAL F 1926 83.28 147.25 -92.90
CA VAL F 1926 82.60 147.02 -91.63
C VAL F 1926 81.66 145.84 -91.83
N PRO F 1927 81.77 144.76 -91.07
CA PRO F 1927 80.78 143.69 -91.19
C PRO F 1927 79.39 144.19 -90.85
N THR F 1928 78.44 143.74 -91.64
CA THR F 1928 77.06 144.19 -91.52
C THR F 1928 76.25 143.09 -90.86
N LYS F 1929 74.98 143.40 -90.64
CA LYS F 1929 74.06 142.45 -90.07
C LYS F 1929 73.57 141.45 -91.09
N THR F 1930 73.58 141.83 -92.36
CA THR F 1930 73.14 140.95 -93.42
C THR F 1930 74.29 140.06 -93.85
N PRO F 1931 74.00 139.01 -94.61
CA PRO F 1931 75.07 138.11 -95.03
C PRO F 1931 76.12 138.82 -95.87
N TYR F 1932 77.36 138.41 -95.66
CA TYR F 1932 78.48 139.00 -96.38
C TYR F 1932 79.55 137.93 -96.59
N ASP F 1933 80.45 138.21 -97.51
CA ASP F 1933 81.57 137.33 -97.74
C ASP F 1933 82.60 137.56 -96.64
N PRO F 1934 83.05 136.52 -95.93
CA PRO F 1934 84.08 136.73 -94.90
C PRO F 1934 85.38 137.28 -95.43
N ARG F 1935 85.65 137.06 -96.71
CA ARG F 1935 86.89 137.51 -97.30
C ARG F 1935 86.96 139.02 -97.31
N TRP F 1936 85.82 139.68 -97.42
CA TRP F 1936 85.78 141.13 -97.45
C TRP F 1936 86.37 141.73 -96.18
N MET F 1937 86.07 141.12 -95.02
CA MET F 1937 86.66 141.63 -93.79
C MET F 1937 88.06 141.12 -93.60
N LEU F 1938 88.38 139.94 -94.13
CA LEU F 1938 89.75 139.45 -93.98
C LEU F 1938 90.73 140.25 -94.82
N ALA F 1939 90.53 140.26 -96.14
CA ALA F 1939 91.46 140.87 -97.06
C ALA F 1939 91.04 142.24 -97.55
N GLY F 1940 89.76 142.52 -97.62
CA GLY F 1940 89.24 143.74 -98.20
C GLY F 1940 88.54 143.45 -99.51
N ARG F 1941 87.95 144.50 -100.06
CA ARG F 1941 87.19 144.39 -101.30
C ARG F 1941 87.43 145.56 -102.21
N PRO F 1942 87.20 145.42 -103.52
CA PRO F 1942 87.20 146.59 -104.39
C PRO F 1942 86.10 147.56 -103.99
N HIS F 1943 86.44 148.85 -103.98
CA HIS F 1943 85.48 149.85 -103.55
C HIS F 1943 84.28 149.84 -104.50
N PRO F 1944 83.10 149.43 -104.04
CA PRO F 1944 81.98 149.26 -104.98
C PRO F 1944 81.48 150.55 -105.60
N THR F 1945 81.73 151.69 -104.95
CA THR F 1945 81.23 152.95 -105.49
C THR F 1945 81.95 153.34 -106.77
N GLN F 1946 83.27 153.29 -106.76
CA GLN F 1946 84.14 153.75 -107.82
C GLN F 1946 84.62 152.56 -108.66
N LYS F 1947 85.62 152.81 -109.52
CA LYS F 1947 86.32 151.78 -110.28
C LYS F 1947 87.64 151.36 -109.66
N GLY F 1948 88.43 152.30 -109.16
CA GLY F 1948 89.61 151.99 -108.35
C GLY F 1948 89.24 151.83 -106.88
N GLN F 1949 90.18 152.22 -106.00
CA GLN F 1949 89.87 152.30 -104.58
C GLN F 1949 89.53 150.97 -103.91
N TRP F 1950 90.47 150.40 -103.18
CA TRP F 1950 90.24 149.18 -102.41
C TRP F 1950 89.90 149.51 -100.97
N LEU F 1951 88.80 148.94 -100.46
CA LEU F 1951 88.46 149.00 -99.05
C LEU F 1951 89.29 147.98 -98.29
N SER F 1952 90.05 148.46 -97.34
CA SER F 1952 90.99 147.63 -96.60
C SER F 1952 90.26 146.78 -95.57
N GLY F 1953 90.86 145.63 -95.28
CA GLY F 1953 90.36 144.71 -94.31
C GLY F 1953 91.28 144.58 -93.11
N PHE F 1954 91.11 143.48 -92.39
CA PHE F 1954 91.84 143.28 -91.15
C PHE F 1954 93.31 143.01 -91.42
N PHE F 1955 93.59 142.13 -92.37
CA PHE F 1955 94.94 141.66 -92.62
C PHE F 1955 95.61 142.50 -93.69
N ASP F 1956 96.93 142.34 -93.77
CA ASP F 1956 97.73 143.04 -94.75
C ASP F 1956 97.20 142.81 -96.16
N TYR F 1957 97.18 143.88 -96.94
CA TYR F 1957 96.68 143.81 -98.30
C TYR F 1957 97.47 142.81 -99.11
N GLY F 1958 96.76 141.89 -99.75
CA GLY F 1958 97.36 140.89 -100.61
C GLY F 1958 97.98 139.70 -99.92
N SER F 1959 97.94 139.64 -98.59
CA SER F 1959 98.62 138.58 -97.86
C SER F 1959 97.75 137.35 -97.65
N PHE F 1960 96.46 137.43 -97.89
CA PHE F 1960 95.56 136.33 -97.58
C PHE F 1960 95.60 135.26 -98.66
N SER F 1961 95.67 134.00 -98.22
CA SER F 1961 95.69 132.86 -99.13
C SER F 1961 94.86 131.74 -98.54
N GLU F 1962 93.74 131.44 -99.17
CA GLU F 1962 92.81 130.45 -98.68
C GLU F 1962 93.21 129.07 -99.17
N ILE F 1963 92.93 128.07 -98.34
CA ILE F 1963 93.19 126.67 -98.67
C ILE F 1963 91.89 125.89 -98.48
N MET F 1964 91.78 124.78 -99.18
CA MET F 1964 90.66 123.87 -99.05
C MET F 1964 89.34 124.58 -99.33
N GLN F 1965 89.35 125.48 -100.30
CA GLN F 1965 88.24 126.41 -100.49
C GLN F 1965 86.90 125.73 -100.71
N PRO F 1966 86.75 124.78 -101.63
CA PRO F 1966 85.41 124.25 -101.91
C PRO F 1966 84.94 123.18 -100.96
N TRP F 1967 85.74 122.78 -99.97
CA TRP F 1967 85.32 121.80 -98.99
C TRP F 1967 84.78 122.49 -97.76
N ALA F 1968 83.58 122.10 -97.35
CA ALA F 1968 82.96 122.61 -96.15
C ALA F 1968 82.93 124.13 -96.16
N GLN F 1969 82.20 124.66 -97.11
CA GLN F 1969 82.27 126.08 -97.41
C GLN F 1969 81.66 126.97 -96.35
N THR F 1970 81.11 126.43 -95.27
CA THR F 1970 80.59 127.27 -94.21
C THR F 1970 81.67 127.85 -93.33
N VAL F 1971 82.91 127.44 -93.51
CA VAL F 1971 84.03 127.94 -92.74
C VAL F 1971 85.16 128.22 -93.71
N VAL F 1972 85.89 129.29 -93.42
CA VAL F 1972 87.00 129.76 -94.24
C VAL F 1972 88.25 129.66 -93.40
N VAL F 1973 89.29 129.09 -93.99
CA VAL F 1973 90.55 128.89 -93.31
C VAL F 1973 91.66 129.29 -94.28
N GLY F 1974 92.73 129.82 -93.72
CA GLY F 1974 93.84 130.18 -94.56
C GLY F 1974 94.97 130.76 -93.77
N ARG F 1975 95.86 131.40 -94.51
CA ARG F 1975 97.02 132.06 -93.99
C ARG F 1975 96.96 133.53 -94.34
N ALA F 1976 97.63 134.34 -93.55
CA ALA F 1976 97.65 135.76 -93.82
C ALA F 1976 98.76 136.39 -93.00
N ARG F 1977 98.92 137.70 -93.17
CA ARG F 1977 99.86 138.48 -92.38
C ARG F 1977 99.16 139.68 -91.77
N LEU F 1978 99.45 139.92 -90.51
CA LEU F 1978 99.00 141.09 -89.77
C LEU F 1978 100.23 141.92 -89.45
N GLY F 1979 100.37 143.05 -90.13
CA GLY F 1979 101.52 143.91 -89.92
C GLY F 1979 102.83 143.24 -90.20
N GLY F 1980 102.85 142.30 -91.15
CA GLY F 1980 104.02 141.52 -91.44
C GLY F 1980 104.20 140.30 -90.58
N ILE F 1981 103.26 140.01 -89.69
CA ILE F 1981 103.34 138.85 -88.80
C ILE F 1981 102.45 137.76 -89.40
N PRO F 1982 103.01 136.64 -89.87
CA PRO F 1982 102.16 135.58 -90.39
C PRO F 1982 101.28 134.97 -89.32
N VAL F 1983 100.06 134.64 -89.70
CA VAL F 1983 99.08 134.05 -88.81
C VAL F 1983 98.23 133.07 -89.60
N GLY F 1984 97.72 132.09 -88.88
CA GLY F 1984 96.64 131.27 -89.35
C GLY F 1984 95.32 131.99 -89.10
N VAL F 1985 94.36 131.72 -89.96
CA VAL F 1985 93.11 132.46 -90.02
C VAL F 1985 91.99 131.45 -90.04
N VAL F 1986 91.03 131.63 -89.14
CA VAL F 1986 89.77 130.91 -89.18
C VAL F 1986 88.66 131.95 -89.15
N ALA F 1987 87.67 131.77 -90.01
CA ALA F 1987 86.56 132.69 -90.12
C ALA F 1987 85.33 131.91 -90.57
N VAL F 1988 84.18 132.55 -90.42
CA VAL F 1988 82.90 131.89 -90.58
C VAL F 1988 82.12 132.54 -91.70
N GLU F 1989 81.52 131.70 -92.54
CA GLU F 1989 80.59 132.15 -93.56
C GLU F 1989 79.22 132.36 -92.95
N THR F 1990 78.59 133.47 -93.32
CA THR F 1990 77.24 133.80 -92.88
C THR F 1990 76.22 133.67 -93.99
N ARG F 1991 76.65 133.56 -95.24
CA ARG F 1991 75.74 133.28 -96.32
C ARG F 1991 75.44 131.79 -96.37
N THR F 1992 74.31 131.48 -96.99
CA THR F 1992 73.94 130.11 -97.23
C THR F 1992 74.70 129.58 -98.43
N VAL F 1993 75.14 128.34 -98.34
CA VAL F 1993 75.89 127.68 -99.39
C VAL F 1993 75.18 126.40 -99.78
N GLU F 1994 75.53 125.90 -100.96
CA GLU F 1994 74.95 124.70 -101.52
C GLU F 1994 76.02 123.64 -101.63
N LEU F 1995 75.81 122.52 -100.96
CA LEU F 1995 76.70 121.38 -101.04
C LEU F 1995 76.13 120.42 -102.07
N SER F 1996 76.93 120.15 -103.10
CA SER F 1996 76.55 119.25 -104.18
C SER F 1996 77.26 117.93 -103.98
N ILE F 1997 76.49 116.87 -103.84
CA ILE F 1997 77.00 115.52 -103.61
C ILE F 1997 76.79 114.73 -104.91
N PRO F 1998 77.84 114.18 -105.52
CA PRO F 1998 77.67 113.44 -106.76
C PRO F 1998 77.07 112.07 -106.54
N ALA F 1999 76.68 111.47 -107.64
CA ALA F 1999 76.16 110.12 -107.67
C ALA F 1999 77.26 109.15 -108.03
N ASP F 2000 77.25 108.01 -107.36
CA ASP F 2000 78.23 106.99 -107.67
C ASP F 2000 77.79 106.23 -108.91
N PRO F 2001 78.61 106.19 -109.98
CA PRO F 2001 78.21 105.42 -111.17
C PRO F 2001 78.17 103.93 -110.97
N ALA F 2002 78.73 103.42 -109.88
CA ALA F 2002 78.68 101.99 -109.58
C ALA F 2002 77.38 101.57 -108.92
N ASN F 2003 76.50 102.50 -108.61
CA ASN F 2003 75.21 102.21 -107.99
C ASN F 2003 74.19 102.97 -108.81
N LEU F 2004 73.54 102.26 -109.73
CA LEU F 2004 72.61 102.88 -110.66
C LEU F 2004 71.37 103.42 -109.98
N ASP F 2005 71.14 103.09 -108.71
CA ASP F 2005 70.01 103.59 -107.95
C ASP F 2005 70.35 104.79 -107.09
N SER F 2006 71.53 105.36 -107.26
CA SER F 2006 71.93 106.53 -106.51
C SER F 2006 71.55 107.79 -107.26
N GLU F 2007 71.54 108.89 -106.52
CA GLU F 2007 71.17 110.19 -107.04
C GLU F 2007 72.09 111.24 -106.47
N ALA F 2008 72.33 112.27 -107.26
CA ALA F 2008 73.03 113.44 -106.79
C ALA F 2008 72.09 114.29 -105.95
N LYS F 2009 72.67 115.02 -105.00
CA LYS F 2009 71.86 115.80 -104.07
C LYS F 2009 72.47 117.18 -103.86
N ILE F 2010 71.59 118.14 -103.62
CA ILE F 2010 71.97 119.48 -103.22
C ILE F 2010 71.42 119.68 -101.84
N ILE F 2011 72.28 120.09 -100.91
CA ILE F 2011 71.91 120.33 -99.53
C ILE F 2011 72.25 121.77 -99.20
N GLN F 2012 71.28 122.47 -98.66
CA GLN F 2012 71.52 123.83 -98.21
C GLN F 2012 72.18 123.80 -96.85
N GLN F 2013 73.29 124.51 -96.73
CA GLN F 2013 74.00 124.67 -95.47
C GLN F 2013 73.95 126.13 -95.08
N ALA F 2014 73.34 126.40 -93.94
CA ALA F 2014 73.30 127.74 -93.40
C ALA F 2014 74.64 128.13 -92.82
N GLY F 2015 74.85 129.43 -92.73
CA GLY F 2015 76.01 129.96 -92.09
C GLY F 2015 75.84 130.07 -90.61
N GLN F 2016 76.95 130.31 -89.93
CA GLN F 2016 77.00 130.44 -88.49
C GLN F 2016 76.60 129.15 -87.79
N VAL F 2017 76.90 128.02 -88.42
CA VAL F 2017 76.57 126.70 -87.90
C VAL F 2017 77.78 125.81 -88.13
N TRP F 2018 77.95 124.86 -87.24
CA TRP F 2018 78.98 123.85 -87.35
C TRP F 2018 78.36 122.53 -87.78
N PHE F 2019 78.67 122.13 -88.87
CA PHE F 2019 78.34 120.87 -89.46
C PHE F 2019 79.50 119.90 -89.30
N PRO F 2020 79.30 118.61 -89.56
CA PRO F 2020 80.41 117.67 -89.46
C PRO F 2020 81.59 118.02 -90.35
N ASP F 2021 81.32 118.42 -91.59
CA ASP F 2021 82.40 118.74 -92.52
C ASP F 2021 83.16 119.97 -92.07
N SER F 2022 82.46 121.02 -91.67
CA SER F 2022 83.13 122.25 -91.28
C SER F 2022 83.84 122.11 -89.94
N ALA F 2023 83.28 121.31 -89.04
CA ALA F 2023 83.96 121.05 -87.78
C ALA F 2023 85.24 120.29 -88.02
N PHE F 2024 85.21 119.29 -88.91
CA PHE F 2024 86.40 118.52 -89.17
C PHE F 2024 87.44 119.37 -89.88
N LYS F 2025 87.00 120.25 -90.78
CA LYS F 2025 87.91 121.15 -91.46
C LYS F 2025 88.59 122.07 -90.47
N THR F 2026 87.83 122.58 -89.51
CA THR F 2026 88.41 123.44 -88.48
C THR F 2026 89.44 122.69 -87.66
N TYR F 2027 89.16 121.43 -87.32
CA TYR F 2027 90.13 120.64 -86.57
C TYR F 2027 91.41 120.46 -87.37
N GLN F 2028 91.26 120.14 -88.65
CA GLN F 2028 92.41 119.97 -89.53
C GLN F 2028 93.24 121.23 -89.57
N ALA F 2029 92.60 122.37 -89.75
CA ALA F 2029 93.32 123.64 -89.79
C ALA F 2029 94.07 123.90 -88.50
N ILE F 2030 93.40 123.69 -87.37
CA ILE F 2030 94.03 123.97 -86.08
C ILE F 2030 95.25 123.10 -85.90
N LYS F 2031 95.10 121.80 -86.13
CA LYS F 2031 96.20 120.87 -85.96
C LYS F 2031 97.35 121.21 -86.90
N ASP F 2032 97.03 121.52 -88.15
CA ASP F 2032 98.04 121.78 -89.15
C ASP F 2032 98.83 123.05 -88.84
N PHE F 2033 98.13 124.09 -88.36
CA PHE F 2033 98.83 125.33 -88.03
C PHE F 2033 99.58 125.21 -86.72
N ASN F 2034 99.14 124.38 -85.80
CA ASN F 2034 99.93 124.13 -84.60
C ASN F 2034 101.25 123.50 -84.98
N ARG F 2035 101.21 122.53 -85.89
CA ARG F 2035 102.45 121.89 -86.32
C ARG F 2035 103.30 122.83 -87.15
N GLU F 2036 102.66 123.68 -87.94
CA GLU F 2036 103.41 124.60 -88.78
C GLU F 2036 104.13 125.65 -87.95
N GLY F 2037 103.57 126.00 -86.80
CA GLY F 2037 104.21 126.91 -85.88
C GLY F 2037 103.73 128.34 -85.97
N LEU F 2038 102.47 128.55 -86.29
CA LEU F 2038 101.89 129.86 -86.45
C LEU F 2038 100.82 130.14 -85.41
N PRO F 2039 100.67 131.39 -84.99
CA PRO F 2039 99.53 131.71 -84.15
C PRO F 2039 98.24 131.72 -84.94
N LEU F 2040 97.14 131.66 -84.20
CA LEU F 2040 95.82 131.55 -84.76
C LEU F 2040 95.03 132.80 -84.43
N MET F 2041 94.35 133.32 -85.43
CA MET F 2041 93.42 134.42 -85.31
C MET F 2041 92.08 133.87 -85.75
N VAL F 2042 91.15 133.80 -84.80
CA VAL F 2042 89.87 133.17 -85.01
C VAL F 2042 88.81 134.25 -84.95
N PHE F 2043 88.00 134.33 -85.98
CA PHE F 2043 86.90 135.27 -86.08
C PHE F 2043 85.63 134.45 -85.90
N ALA F 2044 85.22 134.31 -84.66
CA ALA F 2044 84.25 133.30 -84.28
C ALA F 2044 82.84 133.87 -84.32
N ASN F 2045 82.00 133.27 -85.16
CA ASN F 2045 80.64 133.71 -85.37
C ASN F 2045 79.70 132.51 -85.51
N TRP F 2046 79.78 131.55 -84.61
CA TRP F 2046 78.97 130.35 -84.66
C TRP F 2046 77.81 130.44 -83.69
N ARG F 2047 76.62 130.14 -84.19
CA ARG F 2047 75.41 130.11 -83.37
C ARG F 2047 75.17 128.76 -82.73
N GLY F 2048 76.06 127.79 -82.96
CA GLY F 2048 75.94 126.48 -82.37
C GLY F 2048 76.08 125.40 -83.41
N PHE F 2049 75.95 124.18 -82.94
CA PHE F 2049 76.08 123.00 -83.78
C PHE F 2049 74.73 122.58 -84.33
N SER F 2050 74.79 121.91 -85.48
CA SER F 2050 73.61 121.32 -86.04
C SER F 2050 73.19 120.12 -85.22
N GLY F 2051 71.93 120.13 -84.77
CA GLY F 2051 71.37 119.05 -84.01
C GLY F 2051 70.40 118.18 -84.77
N GLY F 2052 70.28 118.36 -86.08
CA GLY F 2052 69.35 117.55 -86.84
C GLY F 2052 69.77 116.11 -86.91
N MET F 2053 68.81 115.28 -87.28
CA MET F 2053 69.01 113.84 -87.34
C MET F 2053 70.19 113.48 -88.22
N LYS F 2054 70.34 114.16 -89.35
CA LYS F 2054 71.29 113.68 -90.35
C LYS F 2054 72.71 114.04 -89.97
N ASP F 2055 72.90 115.20 -89.36
CA ASP F 2055 74.22 115.58 -88.87
C ASP F 2055 74.59 114.85 -87.60
N MET F 2056 73.61 114.50 -86.77
CA MET F 2056 73.87 113.65 -85.62
C MET F 2056 74.27 112.25 -86.06
N TYR F 2057 73.65 111.76 -87.12
CA TYR F 2057 74.00 110.47 -87.66
C TYR F 2057 75.38 110.50 -88.30
N ASP F 2058 75.73 111.63 -88.92
CA ASP F 2058 77.02 111.81 -89.55
C ASP F 2058 78.06 112.36 -88.59
N GLN F 2059 77.89 112.12 -87.29
CA GLN F 2059 78.95 112.23 -86.30
C GLN F 2059 79.40 113.67 -86.06
N VAL F 2060 78.45 114.59 -85.88
CA VAL F 2060 78.84 115.96 -85.59
C VAL F 2060 79.49 116.06 -84.22
N LEU F 2061 79.03 115.23 -83.29
CA LEU F 2061 79.48 115.29 -81.91
C LEU F 2061 80.96 114.93 -81.80
N LYS F 2062 81.37 113.88 -82.51
CA LYS F 2062 82.75 113.42 -82.50
C LYS F 2062 83.70 114.52 -82.95
N PHE F 2063 83.38 115.16 -84.06
CA PHE F 2063 84.24 116.21 -84.58
C PHE F 2063 84.24 117.45 -83.69
N GLY F 2064 83.11 117.75 -83.08
CA GLY F 2064 83.08 118.80 -82.08
C GLY F 2064 84.03 118.54 -80.93
N ALA F 2065 84.16 117.27 -80.54
CA ALA F 2065 85.14 116.92 -79.51
C ALA F 2065 86.57 117.09 -80.01
N TYR F 2066 86.79 116.73 -81.27
CA TYR F 2066 88.11 116.86 -81.86
C TYR F 2066 88.60 118.29 -81.81
N ILE F 2067 87.70 119.26 -81.95
CA ILE F 2067 88.12 120.65 -81.89
C ILE F 2067 88.75 120.96 -80.54
N VAL F 2068 88.15 120.47 -79.48
CA VAL F 2068 88.69 120.69 -78.14
C VAL F 2068 90.04 120.07 -78.01
N ASP F 2069 90.16 118.81 -78.45
CA ASP F 2069 91.44 118.13 -78.33
C ASP F 2069 92.51 118.82 -79.15
N GLY F 2070 92.13 119.47 -80.24
CA GLY F 2070 93.09 120.23 -81.01
C GLY F 2070 93.58 121.46 -80.28
N LEU F 2071 92.65 122.22 -79.71
CA LEU F 2071 93.05 123.45 -79.04
C LEU F 2071 93.85 123.18 -77.78
N ARG F 2072 93.64 122.04 -77.15
CA ARG F 2072 94.37 121.78 -75.91
C ARG F 2072 95.86 121.60 -76.15
N GLU F 2073 96.26 121.29 -77.38
CA GLU F 2073 97.65 121.04 -77.73
C GLU F 2073 98.31 122.21 -78.45
N CYS F 2074 97.71 123.39 -78.40
CA CYS F 2074 98.34 124.54 -79.03
C CYS F 2074 99.54 124.96 -78.20
N CYS F 2075 100.60 125.37 -78.89
CA CYS F 2075 101.78 125.95 -78.28
C CYS F 2075 102.03 127.38 -78.71
N GLN F 2076 101.22 127.92 -79.61
CA GLN F 2076 101.35 129.26 -80.12
C GLN F 2076 100.17 130.10 -79.64
N PRO F 2077 100.26 131.43 -79.73
CA PRO F 2077 99.14 132.27 -79.30
C PRO F 2077 97.90 132.05 -80.14
N VAL F 2078 96.77 131.99 -79.45
CA VAL F 2078 95.48 131.77 -80.05
C VAL F 2078 94.60 132.93 -79.59
N LEU F 2079 94.18 133.74 -80.53
CA LEU F 2079 93.43 134.96 -80.25
C LEU F 2079 92.08 134.84 -80.94
N VAL F 2080 91.03 134.80 -80.13
CA VAL F 2080 89.66 134.70 -80.60
C VAL F 2080 89.06 136.08 -80.49
N TYR F 2081 88.44 136.53 -81.56
CA TYR F 2081 87.82 137.83 -81.63
C TYR F 2081 86.44 137.66 -82.19
N ILE F 2082 85.44 138.21 -81.50
CA ILE F 2082 84.06 138.17 -81.96
C ILE F 2082 83.83 139.42 -82.77
N PRO F 2083 83.61 139.34 -84.08
CA PRO F 2083 83.45 140.54 -84.86
C PRO F 2083 82.16 141.26 -84.52
N PRO F 2084 81.94 142.43 -85.08
CA PRO F 2084 80.66 143.09 -84.89
C PRO F 2084 79.55 142.36 -85.62
N GLN F 2085 78.36 142.44 -85.06
CA GLN F 2085 77.20 141.71 -85.57
C GLN F 2085 77.47 140.22 -85.62
N ALA F 2086 78.18 139.72 -84.60
CA ALA F 2086 78.47 138.30 -84.48
C ALA F 2086 78.10 137.85 -83.09
N GLU F 2087 77.84 136.54 -82.98
CA GLU F 2087 77.43 135.98 -81.71
C GLU F 2087 78.01 134.59 -81.52
N LEU F 2088 78.23 134.25 -80.25
CA LEU F 2088 78.54 132.88 -79.85
C LEU F 2088 77.51 132.35 -78.87
N ARG F 2089 77.00 131.16 -79.18
CA ARG F 2089 75.86 130.61 -78.47
C ARG F 2089 76.13 129.17 -78.09
N GLY F 2090 76.27 128.93 -76.81
CA GLY F 2090 76.10 127.59 -76.28
C GLY F 2090 77.27 126.69 -76.61
N GLY F 2091 76.98 125.65 -77.39
CA GLY F 2091 77.99 124.66 -77.70
C GLY F 2091 79.19 125.24 -78.42
N SER F 2092 78.98 126.30 -79.18
CA SER F 2092 80.06 126.87 -79.95
C SER F 2092 81.04 127.65 -79.10
N TRP F 2093 80.64 128.08 -77.90
CA TRP F 2093 81.57 128.74 -77.00
C TRP F 2093 82.43 127.71 -76.27
N VAL F 2094 81.78 126.71 -75.68
CA VAL F 2094 82.45 125.79 -74.77
C VAL F 2094 83.54 124.98 -75.42
N VAL F 2095 83.65 124.99 -76.75
CA VAL F 2095 84.70 124.28 -77.48
C VAL F 2095 85.87 125.16 -77.84
N ILE F 2096 85.74 126.48 -77.76
CA ILE F 2096 86.84 127.40 -78.03
C ILE F 2096 87.10 128.29 -76.83
N ASP F 2097 86.53 127.95 -75.69
CA ASP F 2097 86.73 128.78 -74.51
C ASP F 2097 88.18 128.75 -74.10
N SER F 2098 88.66 129.90 -73.60
CA SER F 2098 90.06 130.04 -73.25
C SER F 2098 90.48 129.13 -72.11
N SER F 2099 89.54 128.54 -71.38
CA SER F 2099 89.87 127.65 -70.28
C SER F 2099 90.48 126.35 -70.76
N ILE F 2100 90.30 126.00 -72.04
CA ILE F 2100 90.89 124.80 -72.58
C ILE F 2100 92.41 124.88 -72.49
N ASN F 2101 92.99 125.99 -72.96
CA ASN F 2101 94.43 126.20 -72.97
C ASN F 2101 94.66 127.60 -72.45
N PRO F 2102 94.64 127.77 -71.12
CA PRO F 2102 94.71 129.12 -70.56
C PRO F 2102 96.01 129.85 -70.82
N ARG F 2103 97.09 129.13 -71.08
CA ARG F 2103 98.38 129.78 -71.24
C ARG F 2103 98.47 130.56 -72.54
N HIS F 2104 97.76 130.12 -73.57
CA HIS F 2104 97.89 130.64 -74.91
C HIS F 2104 96.65 131.32 -75.42
N MET F 2105 95.47 130.87 -75.01
CA MET F 2105 94.22 131.33 -75.58
C MET F 2105 93.74 132.61 -74.91
N GLU F 2106 93.22 133.52 -75.73
CA GLU F 2106 92.56 134.71 -75.26
C GLU F 2106 91.33 134.97 -76.09
N MET F 2107 90.36 135.66 -75.49
CA MET F 2107 89.11 136.00 -76.14
C MET F 2107 88.86 137.49 -76.01
N TYR F 2108 88.41 138.10 -77.09
CA TYR F 2108 88.06 139.49 -77.15
C TYR F 2108 86.77 139.64 -77.92
N ALA F 2109 86.03 140.69 -77.59
CA ALA F 2109 84.72 140.94 -78.16
C ALA F 2109 84.62 142.37 -78.63
N ASP F 2110 83.85 142.56 -79.70
CA ASP F 2110 83.51 143.89 -80.16
C ASP F 2110 82.39 144.43 -79.29
N ARG F 2111 82.00 145.68 -79.53
CA ARG F 2111 80.85 146.26 -78.84
C ARG F 2111 79.54 145.79 -79.44
N GLU F 2112 79.53 145.41 -80.71
CA GLU F 2112 78.35 144.91 -81.39
C GLU F 2112 78.29 143.39 -81.39
N SER F 2113 78.80 142.77 -80.35
CA SER F 2113 78.88 141.32 -80.27
C SER F 2113 77.89 140.80 -79.25
N ARG F 2114 77.65 139.50 -79.31
CA ARG F 2114 76.77 138.85 -78.35
C ARG F 2114 77.33 137.49 -77.96
N GLY F 2115 77.05 137.10 -76.73
CA GLY F 2115 77.46 135.79 -76.32
C GLY F 2115 76.71 135.26 -75.13
N SER F 2116 76.22 134.05 -75.24
CA SER F 2116 75.45 133.47 -74.15
C SER F 2116 75.30 131.98 -74.41
N VAL F 2117 74.47 131.35 -73.59
CA VAL F 2117 74.14 129.95 -73.79
C VAL F 2117 73.06 129.81 -74.85
N LEU F 2118 71.99 130.56 -74.70
CA LEU F 2118 70.84 130.51 -75.59
C LEU F 2118 70.56 131.88 -76.16
N GLU F 2119 70.12 131.88 -77.40
CA GLU F 2119 69.66 133.11 -78.02
C GLU F 2119 68.47 133.66 -77.24
N PRO F 2120 68.10 134.91 -77.49
CA PRO F 2120 66.97 135.50 -76.74
C PRO F 2120 65.66 134.76 -76.90
N GLU F 2121 65.36 134.27 -78.09
CA GLU F 2121 64.11 133.54 -78.32
C GLU F 2121 64.05 132.29 -77.46
N GLY F 2122 65.15 131.55 -77.42
CA GLY F 2122 65.19 130.33 -76.64
C GLY F 2122 65.14 130.58 -75.16
N THR F 2123 65.55 131.77 -74.74
CA THR F 2123 65.47 132.12 -73.33
C THR F 2123 64.04 132.50 -72.94
N VAL F 2124 63.37 133.31 -73.76
CA VAL F 2124 62.02 133.72 -73.42
C VAL F 2124 61.08 132.54 -73.48
N GLU F 2125 61.34 131.57 -74.36
CA GLU F 2125 60.47 130.40 -74.41
C GLU F 2125 60.52 129.58 -73.14
N ILE F 2126 61.51 129.78 -72.29
CA ILE F 2126 61.65 129.04 -71.05
C ILE F 2126 61.24 129.89 -69.86
N LYS F 2127 61.74 131.12 -69.78
CA LYS F 2127 61.62 131.92 -68.59
C LYS F 2127 60.60 133.05 -68.68
N PHE F 2128 60.08 133.34 -69.87
CA PHE F 2128 59.21 134.49 -70.06
C PHE F 2128 58.03 134.10 -70.95
N ARG F 2129 57.35 133.02 -70.59
CA ARG F 2129 56.19 132.58 -71.33
C ARG F 2129 55.04 133.56 -71.16
N ARG F 2130 53.93 133.24 -71.83
CA ARG F 2130 52.80 134.15 -71.96
C ARG F 2130 52.28 134.64 -70.62
N LYS F 2131 52.25 133.76 -69.61
CA LYS F 2131 51.69 134.12 -68.32
C LYS F 2131 52.44 135.32 -67.73
N ASP F 2132 53.76 135.29 -67.81
CA ASP F 2132 54.59 136.38 -67.30
C ASP F 2132 54.50 137.61 -68.18
N LEU F 2133 54.31 137.42 -69.48
CA LEU F 2133 54.10 138.55 -70.37
C LEU F 2133 52.85 139.31 -69.99
N VAL F 2134 51.76 138.59 -69.71
CA VAL F 2134 50.53 139.22 -69.26
C VAL F 2134 50.77 139.95 -67.96
N LYS F 2135 51.51 139.32 -67.04
CA LYS F 2135 51.81 139.98 -65.78
C LYS F 2135 52.55 141.29 -66.01
N THR F 2136 53.41 141.33 -67.02
CA THR F 2136 54.08 142.57 -67.36
C THR F 2136 53.10 143.60 -67.88
N MET F 2137 52.20 143.18 -68.78
CA MET F 2137 51.23 144.09 -69.36
C MET F 2137 50.35 144.71 -68.29
N ARG F 2138 50.14 143.97 -67.20
CA ARG F 2138 49.27 144.44 -66.13
C ARG F 2138 49.74 145.78 -65.55
N ARG F 2139 51.02 146.10 -65.65
CA ARG F 2139 51.58 147.30 -65.04
C ARG F 2139 52.12 148.31 -66.05
N VAL F 2140 51.84 148.13 -67.34
CA VAL F 2140 52.39 148.98 -68.39
C VAL F 2140 51.27 149.63 -69.21
N ASP F 2141 50.45 148.83 -69.86
CA ASP F 2141 49.55 149.33 -70.87
C ASP F 2141 48.45 150.17 -70.23
N PRO F 2142 48.34 151.47 -70.53
CA PRO F 2142 47.28 152.27 -69.90
C PRO F 2142 45.88 151.74 -70.11
N VAL F 2143 45.57 151.27 -71.32
CA VAL F 2143 44.23 150.75 -71.61
C VAL F 2143 43.93 149.53 -70.76
N TYR F 2144 44.86 148.57 -70.74
CA TYR F 2144 44.66 147.36 -69.95
C TYR F 2144 44.62 147.69 -68.46
N ILE F 2145 45.39 148.68 -68.03
CA ILE F 2145 45.35 149.07 -66.62
C ILE F 2145 43.98 149.64 -66.28
N HIS F 2146 43.49 150.57 -67.10
CA HIS F 2146 42.21 151.19 -66.85
C HIS F 2146 41.09 150.14 -66.78
N LEU F 2147 41.10 149.20 -67.74
CA LEU F 2147 40.09 148.15 -67.72
C LEU F 2147 40.22 147.25 -66.51
N ALA F 2148 41.45 146.89 -66.15
CA ALA F 2148 41.66 145.99 -65.02
C ALA F 2148 41.25 146.66 -63.72
N GLU F 2149 41.52 147.95 -63.59
CA GLU F 2149 41.11 148.68 -62.39
C GLU F 2149 39.60 148.85 -62.35
N ARG F 2150 38.96 149.07 -63.49
CA ARG F 2150 37.51 149.21 -63.49
C ARG F 2150 36.85 147.90 -63.09
N LEU F 2151 37.34 146.77 -63.61
CA LEU F 2151 36.73 145.50 -63.24
C LEU F 2151 36.94 145.17 -61.77
N GLY F 2152 37.91 145.81 -61.12
CA GLY F 2152 38.13 145.58 -59.70
C GLY F 2152 37.13 146.22 -58.78
N THR F 2153 36.21 147.03 -59.30
CA THR F 2153 35.23 147.69 -58.46
C THR F 2153 34.16 146.67 -58.05
N PRO F 2154 33.84 146.54 -56.75
CA PRO F 2154 32.83 145.55 -56.37
C PRO F 2154 31.42 145.90 -56.87
N GLU F 2155 30.76 144.89 -57.41
CA GLU F 2155 29.32 144.90 -57.70
C GLU F 2155 28.92 146.10 -58.57
N LEU F 2156 29.48 146.14 -59.77
CA LEU F 2156 29.09 147.16 -60.73
C LEU F 2156 27.78 146.76 -61.38
N SER F 2157 27.83 145.67 -62.15
CA SER F 2157 26.68 145.03 -62.76
C SER F 2157 27.20 143.81 -63.51
N THR F 2158 26.30 142.86 -63.75
CA THR F 2158 26.68 141.66 -64.49
C THR F 2158 27.12 142.02 -65.91
N ALA F 2159 26.29 142.78 -66.61
CA ALA F 2159 26.56 143.12 -68.00
C ALA F 2159 27.87 143.88 -68.15
N GLU F 2160 28.10 144.85 -67.26
CA GLU F 2160 29.32 145.63 -67.34
C GLU F 2160 30.55 144.76 -67.09
N ARG F 2161 30.48 143.84 -66.12
CA ARG F 2161 31.61 142.96 -65.87
C ARG F 2161 31.90 142.08 -67.09
N LYS F 2162 30.86 141.56 -67.74
CA LYS F 2162 31.07 140.77 -68.94
C LYS F 2162 31.76 141.59 -70.03
N GLU F 2163 31.27 142.81 -70.26
CA GLU F 2163 31.89 143.68 -71.26
C GLU F 2163 33.35 143.97 -70.91
N LEU F 2164 33.64 144.26 -69.65
CA LEU F 2164 35.02 144.55 -69.25
C LEU F 2164 35.91 143.35 -69.46
N GLU F 2165 35.41 142.15 -69.15
CA GLU F 2165 36.21 140.95 -69.33
C GLU F 2165 36.53 140.73 -70.79
N ASN F 2166 35.56 140.94 -71.68
CA ASN F 2166 35.84 140.78 -73.10
C ASN F 2166 36.81 141.83 -73.59
N LYS F 2167 36.69 143.06 -73.11
CA LYS F 2167 37.64 144.11 -73.49
C LYS F 2167 39.04 143.74 -73.03
N LEU F 2168 39.18 143.20 -71.82
CA LEU F 2168 40.49 142.82 -71.31
C LEU F 2168 41.08 141.70 -72.16
N LYS F 2169 40.26 140.71 -72.49
CA LYS F 2169 40.75 139.59 -73.29
C LYS F 2169 41.24 140.08 -74.64
N GLU F 2170 40.47 140.97 -75.28
CA GLU F 2170 40.87 141.44 -76.60
C GLU F 2170 42.13 142.28 -76.52
N ARG F 2171 42.23 143.13 -75.50
CA ARG F 2171 43.39 144.00 -75.41
C ARG F 2171 44.65 143.21 -75.11
N GLU F 2172 44.58 142.30 -74.14
CA GLU F 2172 45.75 141.51 -73.79
C GLU F 2172 46.18 140.62 -74.94
N GLU F 2173 45.24 140.07 -75.71
CA GLU F 2173 45.63 139.26 -76.85
C GLU F 2173 46.24 140.13 -77.94
N PHE F 2174 45.68 141.31 -78.14
CA PHE F 2174 46.14 142.17 -79.21
C PHE F 2174 47.57 142.64 -78.98
N LEU F 2175 47.98 142.74 -77.71
CA LEU F 2175 49.28 143.29 -77.37
C LEU F 2175 50.37 142.25 -77.23
N ILE F 2176 50.14 141.01 -77.62
CA ILE F 2176 51.14 139.98 -77.38
C ILE F 2176 52.38 140.19 -78.26
N PRO F 2177 52.28 140.36 -79.57
CA PRO F 2177 53.51 140.44 -80.39
C PRO F 2177 54.45 141.56 -79.98
N ILE F 2178 53.91 142.70 -79.56
CA ILE F 2178 54.75 143.83 -79.23
C ILE F 2178 55.50 143.56 -77.93
N TYR F 2179 54.79 143.02 -76.93
CA TYR F 2179 55.44 142.69 -75.67
C TYR F 2179 56.36 141.49 -75.81
N HIS F 2180 56.13 140.65 -76.82
CA HIS F 2180 57.06 139.58 -77.14
C HIS F 2180 58.39 140.13 -77.64
N GLN F 2181 58.32 141.09 -78.57
CA GLN F 2181 59.54 141.77 -78.99
C GLN F 2181 60.22 142.45 -77.81
N VAL F 2182 59.44 143.03 -76.90
CA VAL F 2182 60.02 143.63 -75.71
C VAL F 2182 60.74 142.58 -74.88
N ALA F 2183 60.13 141.42 -74.73
CA ALA F 2183 60.71 140.36 -73.93
C ALA F 2183 62.04 139.91 -74.49
N VAL F 2184 62.11 139.70 -75.80
CA VAL F 2184 63.37 139.24 -76.36
C VAL F 2184 64.42 140.32 -76.28
N GLN F 2185 64.00 141.59 -76.36
CA GLN F 2185 64.93 142.70 -76.14
C GLN F 2185 65.49 142.65 -74.72
N PHE F 2186 64.61 142.40 -73.75
CA PHE F 2186 65.02 142.29 -72.35
C PHE F 2186 66.04 141.18 -72.19
N ALA F 2187 65.76 140.02 -72.78
CA ALA F 2187 66.69 138.90 -72.72
C ALA F 2187 67.99 139.25 -73.42
N ASP F 2188 67.93 140.03 -74.49
CA ASP F 2188 69.13 140.41 -75.21
C ASP F 2188 70.03 141.25 -74.34
N LEU F 2189 69.45 142.07 -73.46
CA LEU F 2189 70.29 142.85 -72.56
C LEU F 2189 71.11 142.01 -71.61
N HIS F 2190 70.84 140.71 -71.50
CA HIS F 2190 71.62 139.80 -70.68
C HIS F 2190 72.82 139.22 -71.42
N ASP F 2191 72.87 139.36 -72.75
CA ASP F 2191 73.87 138.72 -73.58
C ASP F 2191 74.92 139.70 -74.09
N THR F 2192 75.07 140.83 -73.42
CA THR F 2192 75.95 141.86 -73.93
C THR F 2192 77.39 141.61 -73.49
N PRO F 2193 78.36 142.26 -74.14
CA PRO F 2193 79.74 142.10 -73.71
C PRO F 2193 80.07 142.80 -72.41
N GLY F 2194 79.24 143.74 -71.97
CA GLY F 2194 79.47 144.33 -70.66
C GLY F 2194 79.38 143.31 -69.55
N ARG F 2195 78.40 142.43 -69.64
CA ARG F 2195 78.25 141.35 -68.67
C ARG F 2195 79.45 140.41 -68.71
N MET F 2196 79.87 140.03 -69.92
CA MET F 2196 81.01 139.14 -70.06
C MET F 2196 82.28 139.77 -69.50
N GLN F 2197 82.40 141.08 -69.63
CA GLN F 2197 83.55 141.77 -69.06
C GLN F 2197 83.47 141.82 -67.55
N GLU F 2198 82.27 141.98 -67.00
CA GLU F 2198 82.16 142.02 -65.54
C GLU F 2198 82.44 140.65 -64.95
N LYS F 2199 82.04 139.59 -65.64
CA LYS F 2199 82.22 138.24 -65.14
C LYS F 2199 83.60 137.68 -65.41
N GLY F 2200 84.36 138.30 -66.31
CA GLY F 2200 85.73 137.89 -66.54
C GLY F 2200 85.92 136.78 -67.54
N VAL F 2201 84.97 136.57 -68.44
CA VAL F 2201 85.07 135.53 -69.45
C VAL F 2201 85.71 136.00 -70.73
N ILE F 2202 85.80 137.31 -70.94
CA ILE F 2202 86.59 137.90 -72.01
C ILE F 2202 87.65 138.76 -71.38
N SER F 2203 88.68 139.07 -72.17
CA SER F 2203 89.75 139.91 -71.68
C SER F 2203 89.40 141.39 -71.79
N ASP F 2204 88.83 141.80 -72.92
CA ASP F 2204 88.58 143.21 -73.15
C ASP F 2204 87.50 143.35 -74.22
N ILE F 2205 87.01 144.59 -74.35
CA ILE F 2205 86.06 144.95 -75.39
C ILE F 2205 86.78 145.90 -76.34
N LEU F 2206 86.77 145.57 -77.62
CA LEU F 2206 87.50 146.29 -78.63
C LEU F 2206 86.55 146.97 -79.61
N ASP F 2207 87.10 147.95 -80.31
CA ASP F 2207 86.42 148.57 -81.45
C ASP F 2207 86.93 147.94 -82.72
N TRP F 2208 86.03 147.78 -83.69
CA TRP F 2208 86.37 147.13 -84.94
C TRP F 2208 87.40 147.91 -85.71
N LYS F 2209 87.14 149.20 -85.89
CA LYS F 2209 87.94 150.01 -86.82
C LYS F 2209 89.42 150.04 -86.46
N THR F 2210 89.75 149.87 -85.18
CA THR F 2210 91.12 149.91 -84.71
C THR F 2210 91.64 148.57 -84.27
N SER F 2211 90.91 147.49 -84.56
CA SER F 2211 91.32 146.19 -84.08
C SER F 2211 92.66 145.76 -84.67
N ARG F 2212 92.94 146.15 -85.91
CA ARG F 2212 94.22 145.83 -86.56
C ARG F 2212 95.41 146.23 -85.69
N THR F 2213 95.43 147.49 -85.26
CA THR F 2213 96.51 148.00 -84.43
C THR F 2213 96.64 147.23 -83.13
N PHE F 2214 95.50 147.06 -82.45
CA PHE F 2214 95.49 146.39 -81.16
C PHE F 2214 96.08 145.00 -81.27
N PHE F 2215 95.55 144.21 -82.19
CA PHE F 2215 95.98 142.83 -82.29
C PHE F 2215 97.41 142.73 -82.78
N TYR F 2216 97.86 143.68 -83.59
CA TYR F 2216 99.27 143.68 -83.98
C TYR F 2216 100.16 143.79 -82.76
N TRP F 2217 99.91 144.81 -81.93
CA TRP F 2217 100.82 145.01 -80.81
C TRP F 2217 100.66 143.92 -79.77
N ARG F 2218 99.45 143.39 -79.62
CA ARG F 2218 99.24 142.30 -78.67
C ARG F 2218 99.99 141.06 -79.10
N LEU F 2219 99.88 140.69 -80.36
CA LEU F 2219 100.55 139.49 -80.83
C LEU F 2219 102.05 139.65 -80.75
N ARG F 2220 102.55 140.84 -81.06
CA ARG F 2220 103.98 141.11 -80.92
C ARG F 2220 104.43 140.89 -79.48
N ARG F 2221 103.68 141.45 -78.53
CA ARG F 2221 103.96 141.25 -77.12
C ARG F 2221 104.01 139.78 -76.77
N LEU F 2222 102.98 139.04 -77.18
CA LEU F 2222 102.86 137.65 -76.76
C LEU F 2222 103.99 136.81 -77.32
N LEU F 2223 104.41 137.10 -78.54
CA LEU F 2223 105.51 136.34 -79.13
C LEU F 2223 106.82 136.60 -78.40
N LEU F 2224 107.10 137.86 -78.09
CA LEU F 2224 108.32 138.15 -77.33
C LEU F 2224 108.28 137.51 -75.95
N GLU F 2225 107.12 137.59 -75.30
CA GLU F 2225 106.95 136.92 -74.01
C GLU F 2225 107.19 135.43 -74.12
N ASP F 2226 106.74 134.82 -75.21
CA ASP F 2226 106.97 133.39 -75.39
C ASP F 2226 108.46 133.09 -75.48
N LEU F 2227 109.21 133.94 -76.17
CA LEU F 2227 110.65 133.72 -76.26
C LEU F 2227 111.29 133.72 -74.88
N VAL F 2228 111.03 134.77 -74.10
CA VAL F 2228 111.68 134.86 -72.80
C VAL F 2228 111.19 133.76 -71.86
N LYS F 2229 109.91 133.39 -71.97
CA LYS F 2229 109.36 132.35 -71.11
C LYS F 2229 109.98 131.00 -71.43
N LYS F 2230 110.25 130.72 -72.71
CA LYS F 2230 110.95 129.50 -73.06
C LYS F 2230 112.33 129.47 -72.47
N LYS F 2231 113.02 130.60 -72.49
CA LYS F 2231 114.33 130.65 -71.86
C LYS F 2231 114.24 130.33 -70.36
N ILE F 2232 113.27 130.93 -69.69
CA ILE F 2232 113.10 130.68 -68.26
C ILE F 2232 112.83 129.20 -68.03
N HIS F 2233 111.96 128.61 -68.85
CA HIS F 2233 111.57 127.22 -68.65
C HIS F 2233 112.76 126.30 -68.84
N ASN F 2234 113.61 126.61 -69.80
CA ASN F 2234 114.81 125.79 -69.99
C ASN F 2234 115.79 125.97 -68.84
N ALA F 2235 115.82 127.16 -68.23
CA ALA F 2235 116.70 127.33 -67.07
C ALA F 2235 116.25 126.46 -65.91
N ASN F 2236 114.94 126.32 -65.72
CA ASN F 2236 114.39 125.49 -64.64
C ASN F 2236 113.13 124.84 -65.17
N PRO F 2237 113.22 123.66 -65.77
CA PRO F 2237 112.03 122.99 -66.31
C PRO F 2237 111.02 122.57 -65.26
#